data_4V45
#
_entry.id   4V45
#
_cell.length_a   107.500
_cell.length_b   207.200
_cell.length_c   510.200
_cell.angle_alpha   90.00
_cell.angle_beta   95.00
_cell.angle_gamma   90.00
#
_symmetry.space_group_name_H-M   'P 1 21 1'
#
loop_
_entity.id
_entity.type
_entity.pdbx_description
1 polymer Beta-Galactosidase
2 non-polymer 2-deoxy-2-fluoro-beta-D-galactopyranose
3 non-polymer 'MAGNESIUM ION'
4 non-polymer 'SODIUM ION'
5 water water
#
_entity_poly.entity_id   1
_entity_poly.type   'polypeptide(L)'
_entity_poly.pdbx_seq_one_letter_code
;TMITDSLAVVLQRRDWENPGVTQLNRLAAHPPFASWRNSEEARTDRPSQQLRSLNGEWRFAWFPAPEAVPESWLECDLPE
ADTVVVPSNWQMHGYDAPIYTNVTYPITVNPPFVPTENPTGCYSLTFNVDESWLQEGQTRIIFDGVNSAFHLWCNGRWVG
YGQDSRLPSEFDLSAFLRAGENRLAVMVLRWSDGSYLEDQDMWRMSGIFRDVSLLHKPTTQISDFHVATRFNDDFSRAVL
EAEVQMCGELRDYLRVTVSLWQGETQVASGTAPFGGEIIDERGGYADRVTLRLNVENPKLWSAEIPNLYRAVVELHTADG
TLIEAEACDVGFREVRIENGLLLLNGKPLLIRGVNRHEHHPLHGQVMDEQTMVQDILLMKQNNFNAVRCSHYPNHPLWYT
LCDRYGLYVVDEANIETHGMVPMNRLTDDPRWLPAMSERVTRMVQRDRNHPSVIIWSLGNESGHGANHDALYRWIKSVDP
SRPVQYEGGGADTTATDIICPMYARVDEDQPFPAVPKWSIKKWLSLPGETRPLILCEYAHAMGNSLGGFAKYWQAFRQYP
RLQGGFVWDWVDQSLIKYDENGNPWSAYGGDFGDTPNDRQFCMNGLVFADRTPHPALTEAKHQQQFFQFRLSGQTIEVTS
EYLFRHSDNELLHWMVALDGKPLASGEVPLDVAPQGKQLIELPELPQPESAGQLWLTVRVVQPNATAWSEAGHISAWQQW
RLAENLSVTLPAASHAIPHLTTSEMDF(CME)IELGNKRWQFNRQSGFLSQMWIGDKKQLLTPLRDQFTRAPLDNDIGVS
EATRIDPNAWVERWKAAGHYQAEAALLQCTADTLADAVLITTAHAWQHQGKTLFISRKTYRIDGSGQMAITVDVEVASDT
PHPARIGLNCQLAQVAERVNWLGLGPQENYPDRLTAA(CME)FDRWDLPLSDMYTPYVFPSENGLRCGTRELNYGPHQWR
GDFQFNISRYSQQQLMETSHRHLLHAEEGTWLNIDGFHMGIGGDDSWSPSVSAEFQLSAGRYHYQLVW(CME)QK
;
_entity_poly.pdbx_strand_id   A,B,C,D,E,F,G,H,I,J,K,L,M,N,O,P
#
loop_
_chem_comp.id
_chem_comp.type
_chem_comp.name
_chem_comp.formula
2FG D-saccharide, beta linking 2-deoxy-2-fluoro-beta-D-galactopyranose 'C6 H11 F O5'
MG non-polymer 'MAGNESIUM ION' 'Mg 2'
NA non-polymer 'SODIUM ION' 'Na 1'
#
# COMPACT_ATOMS: atom_id res chain seq x y z
N ILE A 3 144.06 19.98 155.49
CA ILE A 3 145.03 21.11 155.70
C ILE A 3 144.43 22.55 155.72
N THR A 4 143.49 22.71 154.84
CA THR A 4 142.83 23.96 154.77
C THR A 4 141.72 23.81 155.76
N ASP A 5 141.58 22.61 156.30
CA ASP A 5 140.63 22.30 157.35
C ASP A 5 141.31 22.57 158.69
N SER A 6 142.56 22.93 158.56
CA SER A 6 143.34 23.20 159.72
C SER A 6 142.92 24.47 160.45
N LEU A 7 142.89 24.33 161.75
CA LEU A 7 142.62 25.43 162.60
C LEU A 7 143.47 26.61 162.18
N ALA A 8 144.72 26.33 162.09
CA ALA A 8 145.66 27.36 161.79
C ALA A 8 145.20 28.25 160.68
N VAL A 9 144.63 27.55 159.73
CA VAL A 9 144.12 28.13 158.53
C VAL A 9 142.75 28.79 158.77
N VAL A 10 141.80 28.01 159.23
CA VAL A 10 140.49 28.48 159.53
C VAL A 10 140.49 29.75 160.40
N LEU A 11 141.08 29.65 161.55
CA LEU A 11 141.09 30.80 162.45
C LEU A 11 141.93 31.94 161.96
N GLN A 12 142.45 31.74 160.80
CA GLN A 12 143.29 32.77 160.34
C GLN A 12 142.45 34.01 160.04
N ARG A 13 141.34 33.69 159.39
CA ARG A 13 140.38 34.65 158.96
C ARG A 13 139.79 35.50 160.11
N ARG A 14 139.53 34.87 161.26
CA ARG A 14 138.99 35.66 162.36
C ARG A 14 137.64 36.28 161.98
N ASP A 15 136.79 35.37 161.55
CA ASP A 15 135.45 35.64 161.12
C ASP A 15 134.60 36.28 162.18
N TRP A 16 134.94 35.92 163.39
CA TRP A 16 134.30 36.41 164.59
C TRP A 16 134.74 37.82 164.92
N GLU A 17 135.52 38.44 164.05
CA GLU A 17 135.83 39.83 164.28
C GLU A 17 135.49 40.60 163.01
N ASN A 18 134.47 40.10 162.35
CA ASN A 18 134.03 40.71 161.14
C ASN A 18 132.55 40.63 160.87
N PRO A 19 131.91 41.77 161.12
CA PRO A 19 130.50 42.03 160.91
C PRO A 19 130.12 41.67 159.49
N GLY A 20 131.11 41.68 158.62
CA GLY A 20 130.87 41.30 157.24
C GLY A 20 130.67 39.79 157.14
N VAL A 21 131.16 39.04 158.11
CA VAL A 21 130.91 37.63 157.99
C VAL A 21 130.05 37.16 159.11
N THR A 22 128.89 36.75 158.74
CA THR A 22 128.02 36.33 159.80
C THR A 22 127.66 34.86 159.73
N GLN A 23 128.04 34.27 158.62
CA GLN A 23 127.82 32.88 158.40
C GLN A 23 128.69 32.42 157.25
N LEU A 24 128.82 31.08 157.10
CA LEU A 24 129.52 30.45 155.99
C LEU A 24 128.88 29.13 155.70
N ASN A 25 128.39 29.00 154.51
CA ASN A 25 127.75 27.72 154.16
C ASN A 25 126.56 27.33 154.97
N ARG A 26 125.93 28.31 155.57
CA ARG A 26 124.75 28.04 156.35
C ARG A 26 123.57 28.02 155.42
N LEU A 27 122.69 27.05 155.59
CA LEU A 27 121.52 27.02 154.74
C LEU A 27 120.53 28.15 155.02
N ALA A 28 119.52 28.15 154.19
CA ALA A 28 118.49 29.14 154.34
C ALA A 28 117.49 28.78 155.39
N ALA A 29 116.88 29.86 155.91
CA ALA A 29 115.87 29.80 156.96
C ALA A 29 114.48 29.35 156.52
N HIS A 30 113.69 28.86 157.45
CA HIS A 30 112.37 28.41 157.05
C HIS A 30 111.69 27.92 158.29
N PRO A 31 110.41 27.74 158.09
CA PRO A 31 109.65 27.23 159.16
C PRO A 31 110.10 25.80 159.32
N PRO A 32 109.77 25.33 160.44
CA PRO A 32 110.06 24.03 160.92
C PRO A 32 109.60 22.88 160.05
N PHE A 33 110.59 22.02 159.79
CA PHE A 33 110.36 20.82 159.01
C PHE A 33 110.60 19.55 159.80
N ALA A 34 109.90 18.48 159.40
CA ALA A 34 110.00 17.12 159.97
C ALA A 34 110.30 16.10 158.86
N SER A 35 109.88 16.41 157.65
CA SER A 35 110.09 15.51 156.58
C SER A 35 109.32 14.23 156.76
N TRP A 36 108.11 14.31 157.26
CA TRP A 36 107.36 13.10 157.36
C TRP A 36 107.32 12.45 156.01
N ARG A 37 107.08 11.14 156.09
CA ARG A 37 106.92 10.37 154.90
C ARG A 37 105.58 9.68 154.88
N ASN A 38 104.77 10.07 155.85
CA ASN A 38 103.42 9.58 155.92
C ASN A 38 102.51 10.70 156.36
N SER A 39 101.54 10.94 155.50
CA SER A 39 100.57 11.96 155.74
C SER A 39 99.97 11.93 157.16
N GLU A 40 99.37 10.81 157.51
CA GLU A 40 98.77 10.68 158.80
C GLU A 40 99.65 11.12 159.93
N GLU A 41 100.89 10.66 159.87
CA GLU A 41 101.85 10.98 160.89
C GLU A 41 101.99 12.46 161.02
N ALA A 42 102.23 13.05 159.88
CA ALA A 42 102.35 14.48 159.84
C ALA A 42 101.05 15.08 160.32
N ARG A 43 99.98 14.58 159.80
CA ARG A 43 98.72 15.11 160.18
C ARG A 43 98.48 15.08 161.66
N THR A 44 99.01 14.07 162.31
CA THR A 44 98.74 13.97 163.74
C THR A 44 99.92 14.34 164.54
N ASP A 45 100.85 14.97 163.87
CA ASP A 45 102.01 15.39 164.56
C ASP A 45 102.74 14.25 165.23
N ARG A 46 102.91 13.15 164.55
CA ARG A 46 103.71 12.13 165.19
C ARG A 46 105.14 12.49 165.04
N PRO A 47 106.00 11.56 165.35
CA PRO A 47 107.38 11.92 165.26
C PRO A 47 107.97 11.39 164.01
N SER A 48 108.78 12.23 163.42
CA SER A 48 109.34 11.80 162.19
C SER A 48 110.71 11.26 162.40
N GLN A 49 110.86 10.18 161.70
CA GLN A 49 112.08 9.46 161.73
C GLN A 49 113.18 10.16 160.95
N GLN A 50 112.83 11.14 160.06
CA GLN A 50 113.86 11.83 159.28
C GLN A 50 114.49 12.94 160.09
N LEU A 51 113.99 12.93 161.29
CA LEU A 51 114.40 13.86 162.25
C LEU A 51 114.93 13.20 163.50
N ARG A 52 116.18 13.52 163.75
CA ARG A 52 116.86 12.90 164.85
C ARG A 52 117.62 13.84 165.73
N SER A 53 117.41 13.62 167.05
CA SER A 53 118.09 14.45 168.02
C SER A 53 119.46 13.97 168.38
N LEU A 54 120.36 14.92 168.56
CA LEU A 54 121.72 14.64 168.95
C LEU A 54 121.99 15.10 170.36
N ASN A 55 120.89 15.34 171.02
CA ASN A 55 121.00 15.80 172.38
C ASN A 55 121.42 14.65 173.22
N GLY A 56 122.32 14.96 174.15
CA GLY A 56 122.79 13.97 175.09
C GLY A 56 124.20 14.22 175.58
N GLU A 57 124.90 13.11 175.84
CA GLU A 57 126.24 13.24 176.32
C GLU A 57 127.15 13.55 175.19
N TRP A 58 128.03 14.48 175.45
CA TRP A 58 128.95 14.94 174.42
C TRP A 58 130.25 15.20 175.10
N ARG A 59 131.26 15.45 174.33
CA ARG A 59 132.51 15.69 175.00
C ARG A 59 132.90 17.12 174.90
N PHE A 60 133.35 17.60 176.04
CA PHE A 60 133.64 18.99 176.12
C PHE A 60 135.00 19.35 176.64
N ALA A 61 135.54 20.43 176.10
CA ALA A 61 136.78 20.95 176.65
C ALA A 61 136.87 22.45 176.46
N TRP A 62 137.32 23.09 177.49
CA TRP A 62 137.38 24.52 177.51
C TRP A 62 138.76 25.15 177.36
N PHE A 63 138.82 26.25 176.65
CA PHE A 63 140.08 26.97 176.49
C PHE A 63 139.85 28.42 176.57
N PRO A 64 140.83 29.02 177.14
CA PRO A 64 140.94 30.45 177.34
C PRO A 64 140.97 31.19 176.03
N ALA A 65 141.23 30.46 174.97
CA ALA A 65 141.31 31.06 173.67
C ALA A 65 141.30 30.04 172.57
N PRO A 66 140.86 30.51 171.44
CA PRO A 66 140.74 29.70 170.25
C PRO A 66 142.12 29.14 169.82
N GLU A 67 143.11 30.02 169.88
CA GLU A 67 144.49 29.69 169.54
C GLU A 67 145.01 28.47 170.29
N ALA A 68 144.80 28.47 171.58
CA ALA A 68 145.12 27.36 172.43
C ALA A 68 144.50 26.04 171.94
N VAL A 69 143.54 26.06 171.05
CA VAL A 69 143.06 24.77 170.66
C VAL A 69 144.12 24.03 169.85
N PRO A 70 144.26 22.75 170.16
CA PRO A 70 145.23 21.88 169.56
C PRO A 70 144.69 21.13 168.36
N GLU A 71 145.56 21.18 167.33
CA GLU A 71 145.22 20.58 166.09
C GLU A 71 144.58 19.17 166.10
N SER A 72 145.04 18.36 167.02
CA SER A 72 144.57 17.00 167.17
C SER A 72 143.09 16.92 167.37
N TRP A 73 142.63 17.99 168.05
CA TRP A 73 141.25 18.06 168.42
C TRP A 73 140.37 17.63 167.27
N LEU A 74 140.81 18.05 166.08
CA LEU A 74 140.07 17.79 164.86
C LEU A 74 139.87 16.36 164.55
N GLU A 75 140.97 15.71 164.89
CA GLU A 75 141.15 14.32 164.66
C GLU A 75 140.64 13.44 165.75
N CYS A 76 141.11 13.75 166.94
CA CYS A 76 140.81 12.91 168.04
C CYS A 76 140.36 13.68 169.19
N ASP A 77 139.48 12.99 169.95
CA ASP A 77 138.95 13.51 171.20
C ASP A 77 140.08 13.74 172.15
N LEU A 78 139.86 14.60 173.10
CA LEU A 78 140.95 14.81 174.01
C LEU A 78 140.91 13.86 175.16
N PRO A 79 142.06 13.78 175.76
CA PRO A 79 142.22 12.93 176.91
C PRO A 79 141.50 13.60 178.06
N GLU A 80 141.83 14.89 178.17
CA GLU A 80 141.34 15.81 179.18
C GLU A 80 139.93 16.35 178.94
N ALA A 81 139.24 15.73 178.00
CA ALA A 81 137.90 16.12 177.71
C ALA A 81 136.98 15.58 178.77
N ASP A 82 135.84 16.25 178.96
CA ASP A 82 134.85 15.82 179.91
C ASP A 82 133.62 15.43 179.17
N THR A 83 132.83 14.64 179.84
CA THR A 83 131.61 14.26 179.25
C THR A 83 130.58 15.20 179.81
N VAL A 84 129.76 15.75 178.92
CA VAL A 84 128.78 16.76 179.26
C VAL A 84 127.47 16.57 178.57
N VAL A 85 126.47 17.16 179.20
CA VAL A 85 125.17 17.15 178.59
C VAL A 85 124.91 18.35 177.71
N VAL A 86 124.32 18.03 176.57
CA VAL A 86 123.97 19.02 175.62
C VAL A 86 122.49 18.87 175.33
N PRO A 87 121.77 20.00 175.34
CA PRO A 87 122.36 21.33 175.45
C PRO A 87 122.56 21.85 176.84
N SER A 88 123.37 22.88 176.87
CA SER A 88 123.69 23.51 178.13
C SER A 88 124.58 24.72 177.93
N ASN A 89 124.78 25.41 179.05
CA ASN A 89 125.64 26.58 179.15
C ASN A 89 126.80 26.18 179.99
N TRP A 90 127.93 26.38 179.43
CA TRP A 90 129.10 25.97 180.12
C TRP A 90 129.40 26.69 181.42
N GLN A 91 128.95 27.93 181.57
CA GLN A 91 129.23 28.58 182.84
C GLN A 91 128.53 27.81 183.93
N MET A 92 127.47 27.13 183.49
CA MET A 92 126.62 26.34 184.39
C MET A 92 127.30 25.09 184.89
N HIS A 93 128.49 24.83 184.36
CA HIS A 93 129.21 23.65 184.71
C HIS A 93 130.52 23.97 185.32
N GLY A 94 130.67 25.20 185.70
CA GLY A 94 131.88 25.63 186.32
C GLY A 94 132.99 26.04 185.40
N TYR A 95 132.79 25.83 184.08
CA TYR A 95 133.88 26.24 183.23
C TYR A 95 134.45 27.63 183.35
N ASP A 96 133.55 28.58 183.50
CA ASP A 96 133.89 29.98 183.71
C ASP A 96 132.67 30.58 184.30
N ALA A 97 132.81 31.88 184.54
CA ALA A 97 131.77 32.69 185.14
C ALA A 97 130.73 33.25 184.20
N PRO A 98 129.52 33.28 184.72
CA PRO A 98 128.46 33.91 184.01
C PRO A 98 128.55 35.34 184.47
N ILE A 99 128.23 36.27 183.57
CA ILE A 99 128.28 37.66 183.94
C ILE A 99 126.91 38.31 183.89
N TYR A 100 126.70 39.10 184.93
CA TYR A 100 125.52 39.87 185.03
C TYR A 100 125.83 41.36 184.98
N THR A 101 125.78 41.86 183.75
CA THR A 101 125.89 43.27 183.45
C THR A 101 124.62 43.63 182.65
N ASN A 102 124.18 44.86 182.81
CA ASN A 102 122.97 45.38 182.17
C ASN A 102 123.17 46.05 180.80
N VAL A 103 123.84 47.21 180.90
CA VAL A 103 124.09 48.07 179.76
C VAL A 103 125.48 47.91 179.26
N THR A 104 126.35 48.07 180.23
CA THR A 104 127.73 47.97 179.95
C THR A 104 128.15 46.62 179.41
N TYR A 105 128.81 46.69 178.27
CA TYR A 105 129.31 45.52 177.60
C TYR A 105 130.36 44.85 178.47
N PRO A 106 130.30 43.54 178.48
CA PRO A 106 131.20 42.68 179.22
C PRO A 106 132.61 42.80 178.70
N ILE A 107 132.71 43.04 177.41
CA ILE A 107 134.00 43.20 176.85
C ILE A 107 134.24 44.65 176.52
N THR A 108 135.43 44.93 176.08
CA THR A 108 135.79 46.29 175.77
C THR A 108 135.19 46.75 174.48
N VAL A 109 134.78 48.00 174.51
CA VAL A 109 134.14 48.53 173.34
C VAL A 109 135.03 48.97 172.23
N ASN A 110 135.17 48.07 171.27
CA ASN A 110 136.01 48.34 170.16
C ASN A 110 135.66 47.49 168.99
N PRO A 111 134.47 47.69 168.58
CA PRO A 111 133.96 46.96 167.46
C PRO A 111 134.87 47.20 166.27
N PRO A 112 134.98 46.14 165.50
CA PRO A 112 134.26 44.90 165.70
C PRO A 112 135.11 43.89 166.43
N PHE A 113 135.95 44.43 167.26
CA PHE A 113 136.84 43.58 167.98
C PHE A 113 136.43 43.13 169.33
N VAL A 114 136.64 41.85 169.42
CA VAL A 114 136.47 41.01 170.58
C VAL A 114 137.85 40.90 171.28
N PRO A 115 137.86 40.61 172.58
CA PRO A 115 139.10 40.47 173.31
C PRO A 115 139.87 39.20 172.93
N THR A 116 141.18 39.32 173.06
CA THR A 116 142.10 38.26 172.68
C THR A 116 141.87 36.92 173.41
N GLU A 117 141.52 37.05 174.67
CA GLU A 117 141.21 35.93 175.53
C GLU A 117 139.75 35.68 175.40
N ASN A 118 139.44 34.71 174.61
CA ASN A 118 138.08 34.47 174.39
C ASN A 118 137.75 32.99 174.55
N PRO A 119 137.09 32.81 175.61
CA PRO A 119 136.67 31.52 176.05
C PRO A 119 136.10 30.67 174.99
N THR A 120 136.88 29.68 174.62
CA THR A 120 136.47 28.74 173.63
C THR A 120 136.00 27.41 174.21
N GLY A 121 134.94 26.87 173.65
CA GLY A 121 134.40 25.62 174.11
C GLY A 121 134.36 24.60 172.99
N CYS A 122 135.16 23.55 173.12
CA CYS A 122 135.20 22.53 172.09
C CYS A 122 134.33 21.37 172.42
N TYR A 123 133.31 21.25 171.61
CA TYR A 123 132.33 20.20 171.76
C TYR A 123 132.55 19.23 170.65
N SER A 124 132.37 17.96 170.99
CA SER A 124 132.62 16.92 170.02
C SER A 124 131.65 15.82 170.23
N LEU A 125 131.36 15.19 169.14
CA LEU A 125 130.44 14.12 169.21
C LEU A 125 130.54 13.15 168.05
N THR A 126 130.57 11.93 168.54
CA THR A 126 130.73 10.80 167.69
C THR A 126 129.45 10.03 167.58
N PHE A 127 129.09 9.75 166.36
CA PHE A 127 127.83 9.07 166.18
C PHE A 127 127.77 8.34 164.87
N ASN A 128 126.71 7.56 164.88
CA ASN A 128 126.37 6.67 163.82
C ASN A 128 125.26 7.15 162.97
N VAL A 129 125.35 6.73 161.72
CA VAL A 129 124.41 7.08 160.70
C VAL A 129 123.90 5.91 159.89
N ASP A 130 122.58 5.76 159.80
CA ASP A 130 122.14 4.68 158.97
C ASP A 130 122.57 5.03 157.54
N GLU A 131 123.10 4.05 156.81
CA GLU A 131 123.50 4.42 155.48
C GLU A 131 122.33 4.62 154.56
N SER A 132 121.19 4.05 154.92
CA SER A 132 120.04 4.29 154.09
C SER A 132 119.99 5.80 153.75
N TRP A 133 120.27 6.60 154.78
CA TRP A 133 120.31 8.04 154.67
C TRP A 133 121.42 8.51 153.77
N LEU A 134 122.47 7.75 153.86
CA LEU A 134 123.66 8.04 153.15
C LEU A 134 123.49 7.76 151.67
N GLN A 135 122.54 6.90 151.33
CA GLN A 135 122.37 6.62 149.93
C GLN A 135 121.72 7.76 149.23
N GLU A 136 120.41 7.78 149.38
CA GLU A 136 119.60 8.81 148.78
C GLU A 136 119.32 9.99 149.72
N GLY A 137 118.74 11.06 149.15
CA GLY A 137 118.35 12.23 149.90
C GLY A 137 119.43 13.14 150.45
N GLN A 138 118.98 13.99 151.38
CA GLN A 138 119.85 14.94 151.99
C GLN A 138 119.78 15.06 153.48
N THR A 139 120.99 15.17 153.98
CA THR A 139 121.16 15.21 155.38
C THR A 139 121.85 16.42 155.95
N ARG A 140 121.05 17.06 156.77
CA ARG A 140 121.56 18.21 157.39
C ARG A 140 121.40 18.19 158.89
N ILE A 141 122.27 19.02 159.42
CA ILE A 141 122.31 19.22 160.82
C ILE A 141 121.82 20.61 161.20
N ILE A 142 121.24 20.62 162.40
CA ILE A 142 120.69 21.84 162.91
C ILE A 142 120.90 22.14 164.35
N PHE A 143 121.49 23.31 164.53
CA PHE A 143 121.69 23.87 165.84
C PHE A 143 120.66 24.93 166.14
N ASP A 144 119.75 24.60 167.03
CA ASP A 144 118.74 25.56 167.41
C ASP A 144 119.25 26.78 168.15
N GLY A 145 120.43 26.67 168.73
CA GLY A 145 121.02 27.79 169.43
C GLY A 145 122.41 27.49 170.00
N VAL A 146 123.34 28.37 169.61
CA VAL A 146 124.77 28.39 169.97
C VAL A 146 125.25 29.82 170.22
N ASN A 147 125.69 30.06 171.42
CA ASN A 147 126.09 31.40 171.75
C ASN A 147 127.56 31.49 172.00
N SER A 148 128.24 32.44 171.35
CA SER A 148 127.69 33.43 170.45
C SER A 148 127.97 33.16 168.99
N ALA A 149 129.10 32.52 168.73
CA ALA A 149 129.56 32.19 167.38
C ALA A 149 130.22 30.82 167.29
N PHE A 150 130.38 30.29 166.08
CA PHE A 150 131.05 29.01 166.00
C PHE A 150 131.37 28.47 164.64
N HIS A 151 132.43 27.63 164.67
CA HIS A 151 132.97 26.89 163.53
C HIS A 151 132.61 25.45 163.60
N LEU A 152 132.55 24.86 162.46
CA LEU A 152 132.16 23.49 162.56
C LEU A 152 132.86 22.49 161.61
N TRP A 153 133.19 21.32 162.18
CA TRP A 153 133.80 20.27 161.41
C TRP A 153 133.09 18.96 161.49
N CYS A 154 133.22 18.23 160.40
CA CYS A 154 132.62 16.95 160.35
C CYS A 154 133.59 16.02 159.72
N ASN A 155 133.90 15.02 160.55
CA ASN A 155 134.85 14.01 160.20
C ASN A 155 136.14 14.68 159.73
N GLY A 156 136.64 15.63 160.51
CA GLY A 156 137.90 16.30 160.21
C GLY A 156 137.80 17.42 159.20
N ARG A 157 136.65 17.41 158.56
CA ARG A 157 136.43 18.39 157.56
C ARG A 157 135.69 19.63 158.02
N TRP A 158 136.27 20.76 157.62
CA TRP A 158 135.65 22.02 157.94
C TRP A 158 134.33 22.19 157.21
N VAL A 159 133.32 22.62 157.93
CA VAL A 159 132.01 22.75 157.30
C VAL A 159 131.50 24.17 157.17
N GLY A 160 131.42 24.89 158.25
CA GLY A 160 130.93 26.23 158.14
C GLY A 160 131.04 27.00 159.43
N TYR A 161 130.40 28.14 159.38
CA TYR A 161 130.41 29.07 160.47
C TYR A 161 129.08 29.75 160.59
N GLY A 162 128.81 30.27 161.79
CA GLY A 162 127.54 30.94 162.08
C GLY A 162 127.56 31.93 163.24
N GLN A 163 126.66 32.94 163.15
CA GLN A 163 126.46 33.95 164.18
C GLN A 163 124.96 34.09 164.52
N ASP A 164 124.67 34.88 165.58
CA ASP A 164 123.33 35.08 166.08
C ASP A 164 122.92 33.93 166.96
N SER A 165 123.14 34.15 168.25
CA SER A 165 122.81 33.14 169.23
C SER A 165 121.39 32.70 169.30
N ARG A 166 120.46 33.44 168.73
CA ARG A 166 119.10 33.04 168.94
C ARG A 166 118.39 32.34 167.84
N LEU A 167 119.03 32.24 166.70
CA LEU A 167 118.37 31.50 165.66
C LEU A 167 119.16 30.28 165.27
N PRO A 168 118.46 29.37 164.64
CA PRO A 168 118.96 28.13 164.15
C PRO A 168 119.96 28.29 163.06
N SER A 169 120.89 27.33 163.06
CA SER A 169 121.90 27.24 162.03
C SER A 169 121.85 25.90 161.36
N GLU A 170 121.82 25.92 160.04
CA GLU A 170 121.74 24.66 159.35
C GLU A 170 122.77 24.48 158.33
N PHE A 171 123.21 23.20 158.33
CA PHE A 171 124.15 22.74 157.36
C PHE A 171 123.90 21.37 156.81
N ASP A 172 124.31 21.32 155.54
CA ASP A 172 124.24 20.13 154.73
C ASP A 172 125.40 19.22 155.05
N LEU A 173 125.09 18.08 155.60
CA LEU A 173 126.19 17.24 155.96
C LEU A 173 126.56 16.21 154.93
N SER A 174 125.55 16.03 154.09
CA SER A 174 125.48 15.13 153.01
C SER A 174 126.83 14.67 152.46
N ALA A 175 127.71 15.63 152.22
CA ALA A 175 129.00 15.25 151.68
C ALA A 175 130.09 14.92 152.67
N PHE A 176 129.80 14.86 153.98
CA PHE A 176 130.91 14.58 154.86
C PHE A 176 130.69 13.36 155.67
N LEU A 177 129.50 12.90 155.54
CA LEU A 177 129.16 11.75 156.26
C LEU A 177 129.65 10.49 155.63
N ARG A 178 129.96 9.58 156.53
CA ARG A 178 130.42 8.25 156.21
C ARG A 178 129.46 7.33 156.86
N ALA A 179 129.37 6.12 156.35
CA ALA A 179 128.49 5.23 157.05
C ALA A 179 129.13 4.82 158.36
N GLY A 180 128.23 4.62 159.30
CA GLY A 180 128.63 4.27 160.62
C GLY A 180 129.10 5.49 161.41
N GLU A 181 130.32 5.37 161.83
CA GLU A 181 130.89 6.31 162.72
C GLU A 181 131.29 7.66 162.26
N ASN A 182 130.61 8.68 162.79
CA ASN A 182 131.03 10.00 162.43
C ASN A 182 131.35 10.83 163.63
N ARG A 183 132.11 11.86 163.37
CA ARG A 183 132.47 12.74 164.43
C ARG A 183 132.42 14.22 164.09
N LEU A 184 131.64 14.92 164.96
CA LEU A 184 131.52 16.36 164.89
C LEU A 184 132.40 17.06 165.88
N ALA A 185 132.94 18.15 165.39
CA ALA A 185 133.73 19.01 166.23
C ALA A 185 133.31 20.45 166.00
N VAL A 186 132.73 20.96 167.08
CA VAL A 186 132.22 22.29 167.12
C VAL A 186 133.00 23.18 168.02
N MET A 187 133.53 24.21 167.43
CA MET A 187 134.23 25.12 168.27
C MET A 187 133.36 26.35 168.46
N VAL A 188 133.01 26.62 169.71
CA VAL A 188 132.12 27.71 170.09
C VAL A 188 132.80 28.88 170.77
N LEU A 189 132.48 30.14 170.39
CA LEU A 189 133.12 31.27 171.06
C LEU A 189 132.26 32.19 171.88
N ARG A 190 132.83 32.63 172.99
CA ARG A 190 132.09 33.51 173.85
C ARG A 190 131.76 34.79 173.14
N TRP A 191 132.81 35.49 172.75
CA TRP A 191 132.69 36.74 172.07
C TRP A 191 132.84 36.64 170.58
N SER A 192 132.10 37.50 169.88
CA SER A 192 132.13 37.58 168.43
C SER A 192 131.69 38.96 168.04
N ASP A 193 131.74 39.30 166.76
CA ASP A 193 131.27 40.62 166.41
C ASP A 193 129.75 40.67 166.74
N GLY A 194 129.08 39.47 166.71
CA GLY A 194 127.65 39.31 167.04
C GLY A 194 127.30 39.80 168.43
N SER A 195 128.32 39.74 169.24
CA SER A 195 128.21 40.16 170.60
C SER A 195 127.82 41.62 170.68
N TYR A 196 128.35 42.41 169.78
CA TYR A 196 127.96 43.80 169.84
C TYR A 196 126.46 44.00 169.64
N LEU A 197 125.77 43.02 169.06
CA LEU A 197 124.35 43.12 168.85
C LEU A 197 123.58 42.36 169.87
N GLU A 198 124.28 41.98 170.91
CA GLU A 198 123.58 41.19 171.90
C GLU A 198 123.73 41.75 173.31
N ASP A 199 123.54 43.06 173.49
CA ASP A 199 123.73 43.66 174.80
C ASP A 199 122.54 43.64 175.76
N GLN A 200 121.73 42.59 175.68
CA GLN A 200 120.56 42.47 176.55
C GLN A 200 120.92 42.43 178.03
N ASP A 201 120.08 43.09 178.86
CA ASP A 201 120.24 43.11 180.31
C ASP A 201 119.89 41.74 180.90
N MET A 202 120.88 40.86 180.88
CA MET A 202 120.70 39.49 181.34
C MET A 202 122.05 38.90 181.66
N TRP A 203 122.03 37.66 182.10
CA TRP A 203 123.26 36.97 182.40
C TRP A 203 123.90 36.66 181.08
N ARG A 204 125.21 36.87 181.03
CA ARG A 204 125.96 36.60 179.84
C ARG A 204 126.58 35.21 179.94
N MET A 205 126.03 34.31 179.17
CA MET A 205 126.47 32.94 179.17
C MET A 205 126.99 32.46 177.82
N SER A 206 127.10 31.13 177.62
CA SER A 206 127.60 30.56 176.33
C SER A 206 127.48 29.08 176.20
N GLY A 207 127.56 28.66 174.93
CA GLY A 207 127.48 27.26 174.60
C GLY A 207 126.39 26.86 173.64
N ILE A 208 126.11 25.56 173.68
CA ILE A 208 125.10 24.94 172.84
C ILE A 208 123.95 24.70 173.72
N PHE A 209 123.15 25.75 173.76
CA PHE A 209 122.06 25.83 174.67
C PHE A 209 120.72 25.46 174.14
N ARG A 210 120.66 25.16 172.87
CA ARG A 210 119.40 24.69 172.31
C ARG A 210 119.72 23.41 171.58
N ASP A 211 118.67 22.69 171.26
CA ASP A 211 118.73 21.43 170.57
C ASP A 211 119.62 21.32 169.36
N VAL A 212 120.10 20.07 169.19
CA VAL A 212 120.91 19.63 168.06
C VAL A 212 120.25 18.48 167.37
N SER A 213 120.15 18.60 166.04
CA SER A 213 119.40 17.58 165.34
C SER A 213 119.83 17.33 163.91
N LEU A 214 119.25 16.23 163.43
CA LEU A 214 119.51 15.80 162.09
C LEU A 214 118.28 15.58 161.32
N LEU A 215 118.45 16.10 160.13
CA LEU A 215 117.37 15.99 159.24
C LEU A 215 117.70 15.47 157.87
N HIS A 216 116.91 14.44 157.59
CA HIS A 216 116.97 13.71 156.36
C HIS A 216 115.83 14.11 155.50
N LYS A 217 116.20 14.66 154.36
CA LYS A 217 115.22 15.10 153.41
C LYS A 217 115.53 14.59 152.01
N PRO A 218 114.45 14.41 151.22
CA PRO A 218 114.56 13.97 149.85
C PRO A 218 115.36 15.00 149.07
N THR A 219 115.84 14.62 147.91
CA THR A 219 116.64 15.56 147.14
C THR A 219 115.76 16.59 146.51
N THR A 220 114.58 16.10 146.21
CA THR A 220 113.59 16.92 145.65
C THR A 220 112.57 17.10 146.78
N GLN A 221 112.60 18.28 147.37
CA GLN A 221 111.76 18.52 148.52
C GLN A 221 111.09 19.87 148.58
N ILE A 222 110.27 19.96 149.62
CA ILE A 222 109.59 21.17 149.99
C ILE A 222 110.59 22.06 150.68
N SER A 223 110.91 23.21 150.10
CA SER A 223 111.92 24.07 150.69
C SER A 223 111.36 25.15 151.62
N ASP A 224 110.06 25.42 151.46
CA ASP A 224 109.45 26.47 152.22
C ASP A 224 107.99 26.61 151.92
N PHE A 225 107.28 27.13 152.91
CA PHE A 225 105.88 27.39 152.71
C PHE A 225 105.30 28.43 153.64
N HIS A 226 104.29 29.13 153.14
CA HIS A 226 103.65 30.14 153.93
C HIS A 226 102.19 30.01 153.83
N VAL A 227 101.63 30.37 154.95
CA VAL A 227 100.21 30.36 155.08
C VAL A 227 99.71 31.74 155.36
N ALA A 228 98.45 31.99 154.90
CA ALA A 228 97.73 33.25 155.07
C ALA A 228 96.21 33.13 155.06
N THR A 229 95.56 33.92 155.92
CA THR A 229 94.10 33.91 155.99
C THR A 229 93.48 35.24 155.67
N ARG A 230 92.50 35.19 154.80
CA ARG A 230 91.78 36.39 154.43
C ARG A 230 90.31 36.22 154.76
N PHE A 231 89.60 37.30 155.14
CA PHE A 231 88.18 37.12 155.45
C PHE A 231 87.26 38.11 154.81
N ASN A 232 85.96 37.79 154.88
CA ASN A 232 84.97 38.75 154.47
C ASN A 232 84.82 39.72 155.63
N ASP A 233 84.00 40.71 155.39
CA ASP A 233 83.77 41.74 156.36
C ASP A 233 83.29 41.20 157.70
N ASP A 234 82.69 40.04 157.70
CA ASP A 234 82.15 39.55 158.95
C ASP A 234 82.71 38.24 159.40
N PHE A 235 83.82 37.84 158.79
CA PHE A 235 84.45 36.60 159.20
C PHE A 235 83.56 35.40 159.03
N SER A 236 82.57 35.56 158.20
CA SER A 236 81.68 34.47 157.94
C SER A 236 82.32 33.51 156.94
N ARG A 237 83.39 33.99 156.36
CA ARG A 237 84.06 33.22 155.38
C ARG A 237 85.50 33.63 155.18
N ALA A 238 86.32 32.60 154.99
CA ALA A 238 87.75 32.80 154.82
C ALA A 238 88.41 32.09 153.67
N VAL A 239 89.60 32.60 153.41
CA VAL A 239 90.42 31.99 152.44
C VAL A 239 91.76 31.65 152.99
N LEU A 240 92.06 30.39 152.87
CA LEU A 240 93.36 30.01 153.26
C LEU A 240 94.23 29.97 152.03
N GLU A 241 95.34 30.66 152.08
CA GLU A 241 96.18 30.68 150.97
C GLU A 241 97.58 30.26 151.33
N ALA A 242 98.02 29.21 150.65
CA ALA A 242 99.34 28.64 150.90
C ALA A 242 100.27 28.69 149.73
N GLU A 243 101.47 29.09 150.05
CA GLU A 243 102.46 29.19 149.04
C GLU A 243 103.57 28.27 149.37
N VAL A 244 103.83 27.45 148.39
CA VAL A 244 104.83 26.45 148.55
C VAL A 244 105.94 26.51 147.56
N GLN A 245 107.11 26.31 148.10
CA GLN A 245 108.27 26.28 147.28
C GLN A 245 109.02 25.00 147.45
N MET A 246 109.59 24.59 146.32
CA MET A 246 110.35 23.37 146.25
C MET A 246 111.79 23.59 145.84
N CYS A 247 112.58 22.62 146.23
CA CYS A 247 113.98 22.53 145.88
C CYS A 247 114.17 21.22 145.16
N GLY A 248 115.13 21.15 144.28
CA GLY A 248 115.37 19.90 143.59
C GLY A 248 115.12 19.91 142.10
N GLU A 249 115.02 18.71 141.49
CA GLU A 249 114.67 18.97 140.10
C GLU A 249 113.28 18.61 139.74
N LEU A 250 112.88 19.67 139.08
CA LEU A 250 111.58 19.89 138.62
C LEU A 250 111.15 18.98 137.52
N ARG A 251 109.96 18.42 137.69
CA ARG A 251 109.36 17.51 136.74
C ARG A 251 107.87 17.66 136.73
N ASP A 252 107.34 17.73 135.56
CA ASP A 252 105.93 17.88 135.31
C ASP A 252 104.99 16.90 136.02
N TYR A 253 105.51 15.85 136.65
CA TYR A 253 104.54 14.96 137.27
C TYR A 253 104.36 15.27 138.72
N LEU A 254 105.07 16.32 139.12
CA LEU A 254 105.01 16.78 140.47
C LEU A 254 103.75 17.51 140.75
N ARG A 255 103.32 17.24 141.98
CA ARG A 255 102.12 17.82 142.48
C ARG A 255 102.22 18.22 143.93
N VAL A 256 101.25 19.05 144.30
CA VAL A 256 101.20 19.51 145.65
C VAL A 256 99.82 19.49 146.17
N THR A 257 99.74 18.96 147.35
CA THR A 257 98.46 18.94 147.97
C THR A 257 98.45 19.53 149.33
N VAL A 258 97.38 20.28 149.53
CA VAL A 258 97.21 20.95 150.76
C VAL A 258 95.84 20.72 151.23
N SER A 259 95.82 20.20 152.45
CA SER A 259 94.62 19.83 153.09
C SER A 259 94.51 20.40 154.49
N LEU A 260 93.27 20.73 154.75
CA LEU A 260 92.93 21.30 155.97
C LEU A 260 92.05 20.41 156.76
N TRP A 261 92.49 20.27 157.98
CA TRP A 261 91.84 19.44 158.92
C TRP A 261 91.42 20.10 160.20
N GLN A 262 90.27 19.64 160.60
CA GLN A 262 89.65 20.03 161.83
C GLN A 262 89.54 18.76 162.66
N GLY A 263 90.66 18.45 163.24
CA GLY A 263 90.69 17.25 164.00
C GLY A 263 90.64 16.08 163.03
N GLU A 264 89.53 15.38 163.09
CA GLU A 264 89.36 14.21 162.28
C GLU A 264 88.82 14.55 160.94
N THR A 265 88.27 15.72 160.89
CA THR A 265 87.66 16.12 159.69
C THR A 265 88.51 16.86 158.70
N GLN A 266 88.34 16.42 157.48
CA GLN A 266 89.04 17.10 156.46
C GLN A 266 88.11 18.14 155.98
N VAL A 267 88.60 19.34 156.10
CA VAL A 267 87.83 20.51 155.85
C VAL A 267 87.95 21.03 154.44
N ALA A 268 89.16 20.89 153.92
CA ALA A 268 89.40 21.34 152.59
C ALA A 268 90.70 20.82 152.10
N SER A 269 90.73 20.69 150.78
CA SER A 269 91.91 20.22 150.12
C SER A 269 92.02 20.84 148.77
N GLY A 270 93.25 20.82 148.28
CA GLY A 270 93.57 21.35 147.00
C GLY A 270 94.87 20.76 146.48
N THR A 271 94.86 20.55 145.19
CA THR A 271 96.03 19.98 144.57
C THR A 271 96.45 20.70 143.32
N ALA A 272 97.74 20.74 143.12
CA ALA A 272 98.26 21.39 141.94
C ALA A 272 99.70 21.09 141.69
N PRO A 273 100.05 21.51 140.52
CA PRO A 273 101.38 21.36 139.97
C PRO A 273 102.09 22.67 140.09
N PHE A 274 103.40 22.59 140.16
CA PHE A 274 104.20 23.77 140.30
C PHE A 274 104.04 24.75 139.17
N GLY A 275 104.43 25.98 139.46
CA GLY A 275 104.34 27.03 138.48
C GLY A 275 103.31 28.04 138.90
N GLY A 276 103.83 29.26 139.09
CA GLY A 276 103.07 30.43 139.49
C GLY A 276 102.56 31.32 138.34
N GLU A 277 101.90 32.38 138.76
CA GLU A 277 101.34 33.36 137.88
C GLU A 277 102.43 34.30 137.51
N ILE A 278 102.21 34.98 136.41
CA ILE A 278 103.21 35.90 135.98
C ILE A 278 103.40 36.95 137.01
N ILE A 279 104.65 37.24 137.23
CA ILE A 279 104.90 38.24 138.20
C ILE A 279 105.53 39.43 137.53
N ASP A 280 106.29 39.17 136.48
CA ASP A 280 106.91 40.29 135.84
C ASP A 280 107.23 39.99 134.41
N GLU A 281 108.01 40.86 133.84
CA GLU A 281 108.35 40.69 132.43
C GLU A 281 108.98 39.35 132.07
N ARG A 282 109.68 38.74 133.03
CA ARG A 282 110.32 37.46 132.81
C ARG A 282 109.45 36.27 133.09
N GLY A 283 108.29 36.46 133.70
CA GLY A 283 107.42 35.34 133.98
C GLY A 283 107.12 35.21 135.45
N GLY A 284 106.98 33.94 135.87
CA GLY A 284 106.72 33.59 137.26
C GLY A 284 107.75 32.64 137.87
N TYR A 285 107.34 32.02 138.98
CA TYR A 285 108.13 31.05 139.70
C TYR A 285 107.69 29.69 139.27
N ALA A 286 108.59 29.02 138.61
CA ALA A 286 108.30 27.71 138.11
C ALA A 286 108.21 26.68 139.22
N ASP A 287 108.99 26.97 140.23
CA ASP A 287 109.17 26.15 141.36
C ASP A 287 108.40 26.59 142.56
N ARG A 288 107.26 27.22 142.32
CA ARG A 288 106.44 27.56 143.46
C ARG A 288 105.06 27.36 143.01
N VAL A 289 104.20 27.30 143.98
CA VAL A 289 102.81 27.17 143.68
C VAL A 289 102.00 27.69 144.86
N THR A 290 100.88 28.33 144.56
CA THR A 290 100.07 28.87 145.61
C THR A 290 98.67 28.31 145.58
N LEU A 291 98.18 27.78 146.69
CA LEU A 291 96.82 27.28 146.67
C LEU A 291 95.96 28.12 147.54
N ARG A 292 94.71 28.14 147.16
CA ARG A 292 93.73 28.91 147.88
C ARG A 292 92.57 28.06 148.28
N LEU A 293 92.36 27.89 149.57
CA LEU A 293 91.25 27.10 150.07
C LEU A 293 90.21 27.96 150.70
N ASN A 294 88.98 27.65 150.35
CA ASN A 294 87.89 28.39 150.90
C ASN A 294 87.38 27.73 152.14
N VAL A 295 87.03 28.54 153.12
CA VAL A 295 86.49 28.01 154.35
C VAL A 295 85.29 28.76 154.85
N GLU A 296 84.20 28.02 154.97
CA GLU A 296 83.02 28.68 155.46
C GLU A 296 82.97 28.64 156.96
N ASN A 297 82.44 29.71 157.52
CA ASN A 297 82.32 29.80 158.96
C ASN A 297 83.48 29.18 159.70
N PRO A 298 84.65 29.71 159.42
CA PRO A 298 85.82 29.20 160.09
C PRO A 298 85.70 29.53 161.56
N LYS A 299 86.46 28.78 162.33
CA LYS A 299 86.54 28.95 163.76
C LYS A 299 87.79 29.75 164.04
N LEU A 300 87.56 30.85 164.71
CA LEU A 300 88.65 31.73 164.94
C LEU A 300 89.58 31.49 166.09
N TRP A 301 90.79 31.84 165.80
CA TRP A 301 91.75 31.70 166.82
C TRP A 301 91.87 32.98 167.64
N SER A 302 92.02 32.88 168.96
CA SER A 302 92.15 34.02 169.87
C SER A 302 92.84 33.52 171.08
N ALA A 303 93.33 34.45 171.88
CA ALA A 303 93.94 34.01 173.10
C ALA A 303 92.79 33.55 173.97
N GLU A 304 91.58 34.06 173.72
CA GLU A 304 90.40 33.62 174.47
C GLU A 304 90.06 32.17 174.07
N ILE A 305 90.19 31.83 172.79
CA ILE A 305 89.86 30.48 172.32
C ILE A 305 90.68 30.12 171.15
N PRO A 306 91.72 29.46 171.44
CA PRO A 306 92.71 29.07 170.49
C PRO A 306 92.24 28.00 169.54
N ASN A 307 91.26 28.32 168.74
CA ASN A 307 90.84 27.35 167.79
C ASN A 307 91.89 27.13 166.78
N LEU A 308 92.28 25.85 166.63
CA LEU A 308 93.29 25.49 165.63
C LEU A 308 92.85 24.52 164.54
N TYR A 309 93.59 24.59 163.44
CA TYR A 309 93.36 23.70 162.35
C TYR A 309 94.70 23.12 161.97
N ARG A 310 94.65 21.98 161.28
CA ARG A 310 95.88 21.39 160.86
C ARG A 310 96.01 21.37 159.38
N ALA A 311 97.19 21.79 158.98
CA ALA A 311 97.43 21.87 157.58
C ALA A 311 98.54 20.96 157.13
N VAL A 312 98.19 20.24 156.04
CA VAL A 312 99.12 19.33 155.42
C VAL A 312 99.50 19.61 154.00
N VAL A 313 100.81 19.61 153.91
CA VAL A 313 101.46 19.86 152.67
C VAL A 313 102.19 18.64 152.20
N GLU A 314 101.65 18.10 151.14
CA GLU A 314 102.22 16.93 150.54
C GLU A 314 102.68 17.18 149.14
N LEU A 315 103.94 16.82 149.01
CA LEU A 315 104.70 16.86 147.80
C LEU A 315 104.67 15.45 147.22
N HIS A 316 103.99 15.32 146.12
CA HIS A 316 103.90 14.01 145.55
C HIS A 316 103.88 14.01 144.02
N THR A 317 103.84 12.82 143.47
CA THR A 317 103.80 12.68 142.04
C THR A 317 102.38 12.54 141.64
N ALA A 318 102.18 12.75 140.36
CA ALA A 318 100.86 12.69 139.83
C ALA A 318 100.18 11.36 140.02
N ASP A 319 100.99 10.29 140.06
CA ASP A 319 100.44 8.95 140.23
C ASP A 319 99.90 8.74 141.62
N GLY A 320 100.44 9.50 142.56
CA GLY A 320 99.96 9.37 143.92
C GLY A 320 101.07 9.10 144.91
N THR A 321 102.19 8.76 144.38
CA THR A 321 103.30 8.48 145.22
C THR A 321 103.79 9.70 145.98
N LEU A 322 103.78 9.61 147.30
CA LEU A 322 104.21 10.73 148.10
C LEU A 322 105.70 10.88 148.23
N ILE A 323 106.22 12.07 148.03
CA ILE A 323 107.65 12.29 148.19
C ILE A 323 107.97 12.64 149.65
N GLU A 324 107.13 13.52 150.20
CA GLU A 324 107.25 13.96 151.59
C GLU A 324 106.13 14.87 151.97
N ALA A 325 106.11 15.11 153.27
CA ALA A 325 105.10 15.97 153.88
C ALA A 325 105.62 16.86 155.00
N GLU A 326 104.93 17.99 155.09
CA GLU A 326 105.18 18.94 156.14
C GLU A 326 103.83 19.41 156.55
N ALA A 327 103.80 19.89 157.77
CA ALA A 327 102.54 20.37 158.29
C ALA A 327 102.71 21.47 159.31
N CYS A 328 101.54 22.02 159.69
CA CYS A 328 101.49 23.05 160.69
C CYS A 328 100.11 23.29 161.21
N ASP A 329 100.11 23.92 162.38
CA ASP A 329 98.83 24.27 162.96
C ASP A 329 98.41 25.59 162.40
N VAL A 330 97.13 25.75 162.20
CA VAL A 330 96.70 26.98 161.62
C VAL A 330 95.63 27.69 162.42
N GLY A 331 95.77 29.02 162.51
CA GLY A 331 94.80 29.82 163.21
C GLY A 331 94.18 30.89 162.34
N PHE A 332 92.90 30.90 162.33
CA PHE A 332 92.20 31.90 161.58
C PHE A 332 91.99 33.13 162.42
N ARG A 333 92.73 34.17 162.07
CA ARG A 333 92.65 35.43 162.76
C ARG A 333 93.25 36.52 161.94
N GLU A 334 92.70 37.69 162.15
CA GLU A 334 93.11 38.91 161.47
C GLU A 334 93.58 39.96 162.44
N VAL A 335 94.76 40.45 162.21
CA VAL A 335 95.28 41.46 163.10
C VAL A 335 95.40 42.71 162.30
N ARG A 336 94.80 43.79 162.75
CA ARG A 336 94.96 44.99 162.01
C ARG A 336 94.79 46.24 162.83
N ILE A 337 95.42 47.26 162.31
CA ILE A 337 95.31 48.53 162.93
C ILE A 337 94.42 49.40 162.10
N GLU A 338 93.36 49.82 162.74
CA GLU A 338 92.50 50.64 161.99
C GLU A 338 92.02 51.83 162.75
N ASN A 339 92.22 52.96 162.14
CA ASN A 339 91.76 54.15 162.78
C ASN A 339 92.27 54.33 164.19
N GLY A 340 93.57 54.16 164.38
CA GLY A 340 94.20 54.34 165.67
C GLY A 340 94.06 53.12 166.53
N LEU A 341 93.34 52.10 166.06
CA LEU A 341 93.24 50.97 166.95
C LEU A 341 93.70 49.65 166.43
N LEU A 342 94.20 48.92 167.38
CA LEU A 342 94.67 47.61 167.09
C LEU A 342 93.55 46.60 167.28
N LEU A 343 93.25 45.94 166.18
CA LEU A 343 92.17 44.98 166.23
C LEU A 343 92.57 43.60 165.94
N LEU A 344 91.79 42.79 166.55
CA LEU A 344 91.92 41.41 166.35
C LEU A 344 90.58 40.85 166.02
N ASN A 345 90.52 40.25 164.85
CA ASN A 345 89.26 39.71 164.40
C ASN A 345 88.19 40.72 164.57
N GLY A 346 88.56 41.93 164.25
CA GLY A 346 87.62 43.01 164.29
C GLY A 346 87.45 43.71 165.59
N LYS A 347 87.97 43.14 166.65
CA LYS A 347 87.82 43.82 167.90
C LYS A 347 89.15 44.30 168.40
N PRO A 348 89.01 45.37 169.11
CA PRO A 348 90.08 46.13 169.71
C PRO A 348 90.57 45.42 170.92
N LEU A 349 91.86 45.17 170.92
CA LEU A 349 92.43 44.45 172.03
C LEU A 349 92.79 45.28 173.20
N LEU A 350 92.99 44.54 174.26
CA LEU A 350 93.45 45.06 175.51
C LEU A 350 94.47 44.07 176.05
N ILE A 351 95.70 44.45 175.87
CA ILE A 351 96.82 43.63 176.19
C ILE A 351 97.17 43.60 177.62
N ARG A 352 97.02 42.41 178.20
CA ARG A 352 97.42 42.13 179.56
C ARG A 352 98.73 41.36 179.43
N GLY A 353 99.79 42.10 179.13
CA GLY A 353 101.06 41.50 178.83
C GLY A 353 102.17 41.55 179.84
N VAL A 354 103.12 40.70 179.50
CA VAL A 354 104.32 40.60 180.30
C VAL A 354 105.47 40.24 179.43
N ASN A 355 106.61 40.77 179.79
CA ASN A 355 107.85 40.45 179.09
C ASN A 355 108.42 39.24 179.80
N ARG A 356 109.01 38.35 179.02
CA ARG A 356 109.61 37.16 179.58
C ARG A 356 110.90 36.68 178.95
N HIS A 357 111.89 36.45 179.78
CA HIS A 357 113.14 35.88 179.29
C HIS A 357 113.16 34.34 179.40
N GLU A 358 114.07 33.74 178.64
CA GLU A 358 114.27 32.30 178.68
C GLU A 358 115.36 32.07 179.75
N HIS A 359 114.89 31.77 180.98
CA HIS A 359 115.73 31.63 182.18
C HIS A 359 115.28 30.61 183.21
N HIS A 360 116.29 29.83 183.59
CA HIS A 360 116.22 28.74 184.52
C HIS A 360 117.32 28.86 185.55
N PRO A 361 116.88 28.91 186.80
CA PRO A 361 117.71 29.06 188.00
C PRO A 361 118.86 28.06 188.03
N LEU A 362 118.53 26.87 187.52
CA LEU A 362 119.43 25.72 187.41
C LEU A 362 120.10 25.55 186.07
N HIS A 363 119.32 25.54 185.00
CA HIS A 363 119.87 25.36 183.69
C HIS A 363 120.40 26.58 183.00
N GLY A 364 120.31 27.75 183.61
CA GLY A 364 120.77 28.98 182.96
C GLY A 364 119.81 29.33 181.81
N GLN A 365 120.35 29.46 180.60
CA GLN A 365 119.49 29.80 179.48
C GLN A 365 118.89 28.63 178.72
N VAL A 366 118.91 27.48 179.33
CA VAL A 366 118.35 26.33 178.64
C VAL A 366 116.89 26.05 178.98
N MET A 367 116.09 25.99 177.94
CA MET A 367 114.64 25.79 178.10
C MET A 367 114.13 24.38 177.91
N ASP A 368 112.95 24.10 178.45
CA ASP A 368 112.29 22.83 178.33
C ASP A 368 110.79 22.91 178.47
N GLU A 369 110.19 21.97 177.81
CA GLU A 369 108.75 21.88 177.78
C GLU A 369 108.11 22.14 179.11
N GLN A 370 108.57 21.37 180.03
CA GLN A 370 108.01 21.44 181.32
C GLN A 370 107.88 22.85 181.91
N THR A 371 108.98 23.55 181.86
CA THR A 371 109.02 24.90 182.36
C THR A 371 108.09 25.83 181.58
N MET A 372 108.31 25.79 180.27
CA MET A 372 107.52 26.58 179.38
C MET A 372 106.05 26.50 179.79
N VAL A 373 105.60 25.29 179.87
CA VAL A 373 104.22 25.12 180.23
C VAL A 373 103.86 25.72 181.56
N GLN A 374 104.76 25.54 182.46
CA GLN A 374 104.51 26.09 183.74
C GLN A 374 104.21 27.58 183.66
N ASP A 375 105.13 28.25 182.99
CA ASP A 375 104.98 29.66 182.82
C ASP A 375 103.63 30.02 182.23
N ILE A 376 103.36 29.33 181.18
CA ILE A 376 102.12 29.60 180.53
C ILE A 376 100.94 29.46 181.44
N LEU A 377 100.93 28.37 182.15
CA LEU A 377 99.81 28.13 183.01
C LEU A 377 99.60 29.24 183.98
N LEU A 378 100.69 29.59 184.61
CA LEU A 378 100.66 30.66 185.54
C LEU A 378 100.13 31.94 184.95
N MET A 379 100.73 32.32 183.83
CA MET A 379 100.29 33.52 183.21
C MET A 379 98.82 33.53 183.00
N LYS A 380 98.40 32.48 182.34
CA LYS A 380 97.00 32.35 182.05
C LYS A 380 96.19 32.43 183.31
N GLN A 381 96.68 31.80 184.32
CA GLN A 381 95.93 31.83 185.55
C GLN A 381 95.91 33.18 186.23
N ASN A 382 96.86 34.02 185.89
CA ASN A 382 96.89 35.34 186.45
C ASN A 382 96.35 36.44 185.57
N ASN A 383 95.62 36.04 184.57
CA ASN A 383 94.97 37.00 183.73
C ASN A 383 95.83 37.68 182.74
N PHE A 384 96.94 37.05 182.42
CA PHE A 384 97.74 37.59 181.36
C PHE A 384 97.27 37.06 179.98
N ASN A 385 97.46 37.83 178.89
CA ASN A 385 97.00 37.27 177.61
C ASN A 385 98.03 37.41 176.54
N ALA A 386 99.15 38.00 176.93
CA ALA A 386 100.15 38.21 175.95
C ALA A 386 101.51 38.26 176.54
N VAL A 387 102.46 37.95 175.69
CA VAL A 387 103.83 37.99 176.11
C VAL A 387 104.74 38.47 175.00
N ARG A 388 105.77 39.15 175.47
CA ARG A 388 106.79 39.68 174.61
C ARG A 388 108.08 38.91 174.82
N CYS A 389 108.66 38.41 173.73
CA CYS A 389 109.92 37.69 173.77
C CYS A 389 111.12 38.58 173.97
N SER A 390 111.22 39.18 175.16
CA SER A 390 112.37 40.05 175.40
C SER A 390 113.61 39.19 175.50
N HIS A 391 114.55 39.35 174.58
CA HIS A 391 114.55 40.25 173.46
C HIS A 391 115.26 39.49 172.33
N TYR A 392 114.65 38.41 171.89
CA TYR A 392 115.22 37.56 170.87
C TYR A 392 114.23 36.47 170.68
N PRO A 393 114.40 35.82 169.57
CA PRO A 393 113.51 34.75 169.22
C PRO A 393 113.68 33.66 170.23
N ASN A 394 112.58 33.06 170.50
CA ASN A 394 112.64 32.05 171.50
C ASN A 394 112.78 30.67 170.95
N HIS A 395 113.00 29.77 171.85
CA HIS A 395 112.96 28.40 171.53
C HIS A 395 111.57 28.13 170.91
N PRO A 396 111.65 27.48 169.83
CA PRO A 396 110.61 27.11 168.91
C PRO A 396 109.38 26.51 169.50
N LEU A 397 109.58 25.72 170.48
CA LEU A 397 108.43 25.08 171.00
C LEU A 397 107.42 26.06 171.62
N TRP A 398 108.03 27.08 172.14
CA TRP A 398 107.31 28.12 172.78
C TRP A 398 106.09 28.56 171.99
N TYR A 399 106.40 28.87 170.72
CA TYR A 399 105.38 29.34 169.83
C TYR A 399 104.24 28.38 169.67
N THR A 400 104.62 27.15 169.65
CA THR A 400 103.59 26.19 169.48
C THR A 400 102.66 26.15 170.67
N LEU A 401 103.30 26.18 171.81
CA LEU A 401 102.58 26.16 173.03
C LEU A 401 101.63 27.30 173.08
N CYS A 402 102.18 28.47 172.73
CA CYS A 402 101.31 29.63 172.77
C CYS A 402 100.18 29.47 171.80
N ASP A 403 100.52 28.85 170.69
CA ASP A 403 99.51 28.67 169.68
C ASP A 403 98.39 27.85 170.24
N ARG A 404 98.81 26.83 170.96
CA ARG A 404 97.86 25.88 171.51
C ARG A 404 97.12 26.31 172.72
N TYR A 405 97.84 26.95 173.63
CA TYR A 405 97.24 27.41 174.86
C TYR A 405 96.46 28.69 174.75
N GLY A 406 96.89 29.54 173.83
CA GLY A 406 96.23 30.80 173.60
C GLY A 406 96.89 31.99 174.27
N LEU A 407 97.94 32.55 173.66
CA LEU A 407 98.57 33.75 174.21
C LEU A 407 99.03 34.61 173.07
N TYR A 408 98.79 35.91 173.12
CA TYR A 408 99.30 36.72 172.03
C TYR A 408 100.79 36.89 172.22
N VAL A 409 101.52 36.83 171.12
CA VAL A 409 102.95 36.99 171.20
C VAL A 409 103.55 38.04 170.27
N VAL A 410 104.56 38.67 170.86
CA VAL A 410 105.36 39.62 170.14
C VAL A 410 106.72 38.98 169.90
N ASP A 411 107.04 38.69 168.66
CA ASP A 411 108.30 38.10 168.30
C ASP A 411 109.35 39.19 168.09
N GLU A 412 110.49 39.02 168.72
CA GLU A 412 111.45 40.08 168.64
C GLU A 412 112.82 39.71 168.15
N ALA A 413 113.32 40.53 167.26
CA ALA A 413 114.63 40.23 166.74
C ALA A 413 115.71 40.36 167.79
N ASN A 414 116.72 39.52 167.65
CA ASN A 414 117.83 39.50 168.53
C ASN A 414 118.80 40.68 168.32
N ILE A 415 118.42 41.89 168.69
CA ILE A 415 119.36 42.99 168.54
C ILE A 415 119.25 44.01 169.64
N GLU A 416 120.32 44.20 170.43
CA GLU A 416 120.37 45.19 171.50
C GLU A 416 121.77 45.72 171.48
N THR A 417 121.94 47.04 171.38
CA THR A 417 123.25 47.66 171.35
C THR A 417 123.26 48.73 172.38
N HIS A 418 122.53 48.41 173.39
CA HIS A 418 122.34 49.29 174.47
C HIS A 418 123.61 50.04 174.96
N GLY A 419 124.76 49.38 175.01
CA GLY A 419 125.97 49.98 175.53
C GLY A 419 126.66 50.93 174.59
N MET A 420 126.23 50.97 173.35
CA MET A 420 126.88 51.87 172.43
C MET A 420 126.70 53.31 172.80
N VAL A 421 127.42 54.18 172.13
CA VAL A 421 127.25 55.59 172.43
C VAL A 421 127.52 56.52 171.26
N PRO A 422 126.51 57.25 170.83
CA PRO A 422 125.18 57.12 171.36
C PRO A 422 124.63 55.75 170.99
N MET A 423 123.52 55.43 171.62
CA MET A 423 122.91 54.16 171.41
C MET A 423 122.80 53.70 169.97
N ASN A 424 122.69 54.60 169.02
CA ASN A 424 122.51 54.09 167.66
C ASN A 424 123.74 54.07 166.75
N ARG A 425 124.90 54.14 167.42
CA ARG A 425 126.17 54.13 166.74
C ARG A 425 126.23 53.10 165.62
N LEU A 426 125.80 51.88 165.92
CA LEU A 426 125.80 50.85 164.88
C LEU A 426 124.59 50.83 163.99
N THR A 427 123.39 51.02 164.58
CA THR A 427 122.11 50.97 163.86
C THR A 427 121.96 51.96 162.77
N ASP A 428 122.77 52.98 162.92
CA ASP A 428 122.76 53.96 161.90
C ASP A 428 123.91 53.74 160.89
N ASP A 429 124.53 52.58 160.94
CA ASP A 429 125.63 52.32 160.06
C ASP A 429 125.41 51.13 159.15
N PRO A 430 125.47 51.52 157.92
CA PRO A 430 125.28 50.68 156.77
C PRO A 430 126.09 49.45 156.90
N ARG A 431 127.32 49.65 157.34
CA ARG A 431 128.20 48.51 157.50
C ARG A 431 127.59 47.44 158.37
N TRP A 432 126.67 47.83 159.22
CA TRP A 432 126.07 46.83 160.08
C TRP A 432 124.72 46.34 159.64
N LEU A 433 124.33 46.96 158.59
CA LEU A 433 123.05 46.63 158.07
C LEU A 433 122.81 45.15 157.71
N PRO A 434 123.77 44.58 157.12
CA PRO A 434 123.62 43.20 156.70
C PRO A 434 123.46 42.27 157.87
N ALA A 435 124.33 42.51 158.82
CA ALA A 435 124.24 41.76 160.06
C ALA A 435 122.84 41.90 160.66
N MET A 436 122.45 43.16 160.82
CA MET A 436 121.14 43.38 161.38
C MET A 436 120.08 42.69 160.56
N SER A 437 120.26 42.85 159.29
CA SER A 437 119.28 42.33 158.39
C SER A 437 118.92 40.87 158.66
N GLU A 438 119.98 40.11 158.82
CA GLU A 438 119.91 38.68 158.99
C GLU A 438 119.12 38.30 160.18
N ARG A 439 119.37 39.13 161.17
CA ARG A 439 118.67 38.97 162.39
C ARG A 439 117.14 39.15 162.22
N VAL A 440 116.72 40.00 161.31
CA VAL A 440 115.28 40.11 161.21
C VAL A 440 114.66 39.08 160.27
N THR A 441 115.28 39.07 159.10
CA THR A 441 114.78 38.25 158.03
C THR A 441 114.56 36.84 158.43
N ARG A 442 115.57 36.34 159.10
CA ARG A 442 115.56 34.97 159.50
C ARG A 442 114.45 34.63 160.46
N MET A 443 114.24 35.56 161.38
CA MET A 443 113.18 35.37 162.33
C MET A 443 111.84 35.18 161.64
N VAL A 444 111.64 36.12 160.77
CA VAL A 444 110.40 36.16 160.07
C VAL A 444 110.18 34.88 159.32
N GLN A 445 111.26 34.49 158.67
CA GLN A 445 111.23 33.31 157.86
C GLN A 445 110.88 32.08 158.67
N ARG A 446 111.35 32.11 159.88
CA ARG A 446 111.09 31.00 160.68
C ARG A 446 109.73 30.96 161.31
N ASP A 447 109.25 32.11 161.79
CA ASP A 447 108.06 32.10 162.60
C ASP A 447 106.75 32.53 162.07
N ARG A 448 106.82 32.99 160.87
CA ARG A 448 105.65 33.56 160.32
C ARG A 448 104.40 32.72 160.22
N ASN A 449 104.51 31.43 160.38
CA ASN A 449 103.27 30.73 160.27
C ASN A 449 102.49 30.57 161.55
N HIS A 450 103.07 31.00 162.69
CA HIS A 450 102.31 30.85 163.92
C HIS A 450 101.30 31.94 164.20
N PRO A 451 100.08 31.53 164.39
CA PRO A 451 98.99 32.46 164.69
C PRO A 451 99.23 33.27 165.95
N SER A 452 99.91 32.75 166.93
CA SER A 452 100.10 33.53 168.14
C SER A 452 101.00 34.73 167.94
N VAL A 453 101.82 34.67 166.90
CA VAL A 453 102.64 35.83 166.75
C VAL A 453 101.76 36.87 166.13
N ILE A 454 101.63 38.00 166.79
CA ILE A 454 100.78 39.02 166.19
C ILE A 454 101.48 40.32 165.93
N ILE A 455 102.68 40.46 166.44
CA ILE A 455 103.43 41.65 166.19
C ILE A 455 104.88 41.30 166.08
N TRP A 456 105.53 41.99 165.18
CA TRP A 456 106.94 41.81 165.01
C TRP A 456 107.62 42.99 165.65
N SER A 457 108.76 42.70 166.26
CA SER A 457 109.55 43.71 166.90
C SER A 457 110.97 43.68 166.37
N LEU A 458 111.48 44.86 166.05
CA LEU A 458 112.82 44.98 165.51
C LEU A 458 113.91 44.82 166.52
N GLY A 459 113.62 44.60 167.78
CA GLY A 459 114.75 44.53 168.66
C GLY A 459 114.52 45.36 169.88
N ASN A 460 115.61 45.82 170.51
CA ASN A 460 115.49 46.57 171.74
C ASN A 460 116.69 47.44 172.07
N GLU A 461 116.40 48.55 172.68
CA GLU A 461 117.40 49.52 173.10
C GLU A 461 118.62 49.58 172.23
N SER A 462 118.42 50.03 170.99
CA SER A 462 119.51 50.18 170.04
C SER A 462 119.39 51.51 169.34
N GLY A 463 118.79 52.46 170.04
CA GLY A 463 118.55 53.77 169.50
C GLY A 463 117.64 53.65 168.27
N HIS A 464 117.79 54.62 167.40
CA HIS A 464 117.05 54.58 166.17
C HIS A 464 117.97 54.94 165.03
N GLY A 465 118.11 54.02 164.07
CA GLY A 465 118.98 54.29 162.94
C GLY A 465 118.30 53.86 161.67
N ALA A 466 118.90 54.33 160.61
CA ALA A 466 118.36 54.03 159.30
C ALA A 466 118.20 52.55 159.06
N ASN A 467 119.07 51.78 159.69
CA ASN A 467 118.96 50.35 159.45
C ASN A 467 117.59 49.88 159.87
N HIS A 468 117.09 50.57 160.88
CA HIS A 468 115.78 50.25 161.40
C HIS A 468 114.67 50.51 160.39
N ASP A 469 114.73 51.69 159.82
CA ASP A 469 113.71 52.04 158.87
C ASP A 469 113.68 51.07 157.73
N ALA A 470 114.87 50.79 157.29
CA ALA A 470 114.95 49.85 156.20
C ALA A 470 114.33 48.50 156.53
N LEU A 471 114.58 48.06 157.74
CA LEU A 471 114.09 46.76 158.14
C LEU A 471 112.62 46.70 158.38
N TYR A 472 112.17 47.79 158.95
CA TYR A 472 110.77 47.95 159.18
C TYR A 472 110.03 47.76 157.85
N ARG A 473 110.52 48.50 156.90
CA ARG A 473 109.93 48.44 155.60
C ARG A 473 109.89 47.04 155.00
N TRP A 474 111.02 46.40 155.11
CA TRP A 474 111.17 45.09 154.59
C TRP A 474 110.06 44.18 155.09
N ILE A 475 109.89 44.21 156.37
CA ILE A 475 108.88 43.35 156.88
C ILE A 475 107.53 43.70 156.35
N LYS A 476 107.28 44.99 156.36
CA LYS A 476 105.99 45.44 155.91
C LYS A 476 105.69 44.84 154.58
N SER A 477 106.73 44.74 153.81
CA SER A 477 106.50 44.23 152.47
C SER A 477 106.31 42.77 152.44
N VAL A 478 107.07 42.13 153.23
CA VAL A 478 107.00 40.71 153.20
C VAL A 478 105.81 40.14 153.98
N ASP A 479 105.49 40.78 155.09
CA ASP A 479 104.42 40.33 155.94
C ASP A 479 103.64 41.49 156.48
N PRO A 480 102.65 41.69 155.74
CA PRO A 480 101.72 42.74 155.92
C PRO A 480 100.65 42.36 156.91
N SER A 481 100.62 41.10 157.28
CA SER A 481 99.63 40.55 158.19
C SER A 481 99.81 41.01 159.63
N ARG A 482 100.99 41.52 159.93
CA ARG A 482 101.27 41.96 161.27
C ARG A 482 101.98 43.26 161.27
N PRO A 483 101.67 43.97 162.31
CA PRO A 483 102.22 45.26 162.57
C PRO A 483 103.59 45.08 163.15
N VAL A 484 104.35 46.14 163.01
CA VAL A 484 105.70 46.17 163.50
C VAL A 484 105.90 47.23 164.54
N GLN A 485 106.64 46.89 165.58
CA GLN A 485 106.93 47.91 166.57
C GLN A 485 108.37 47.95 166.97
N TYR A 486 108.77 49.10 167.51
CA TYR A 486 110.14 49.32 167.95
C TYR A 486 110.20 50.57 168.79
N GLU A 487 110.73 50.46 170.00
CA GLU A 487 110.74 51.56 170.93
C GLU A 487 111.91 52.55 170.79
N GLY A 488 113.02 52.04 170.33
CA GLY A 488 114.21 52.84 170.28
C GLY A 488 114.01 54.21 169.66
N GLY A 489 114.80 55.11 170.18
CA GLY A 489 114.82 56.45 169.71
C GLY A 489 113.58 57.29 169.97
N GLY A 490 112.88 57.04 171.05
CA GLY A 490 111.72 57.86 171.34
C GLY A 490 110.35 57.18 171.34
N ALA A 491 110.29 55.90 170.95
CA ALA A 491 109.04 55.11 170.98
C ALA A 491 107.97 55.54 169.99
N ASP A 492 108.28 56.54 169.18
CA ASP A 492 107.27 56.98 168.22
C ASP A 492 107.83 57.27 166.85
N THR A 493 108.97 56.66 166.53
CA THR A 493 109.59 56.91 165.25
C THR A 493 108.82 56.34 164.11
N THR A 494 109.43 56.61 162.96
CA THR A 494 108.94 56.16 161.66
C THR A 494 109.02 54.64 161.57
N ALA A 495 109.81 54.08 162.45
CA ALA A 495 110.00 52.66 162.44
C ALA A 495 109.01 51.93 163.32
N THR A 496 107.96 52.57 163.80
CA THR A 496 107.09 51.76 164.61
C THR A 496 105.66 52.03 164.27
N ASP A 497 104.88 50.99 164.32
CA ASP A 497 103.47 51.16 164.02
C ASP A 497 102.68 51.48 165.24
N ILE A 498 103.32 51.34 166.38
CA ILE A 498 102.65 51.57 167.64
C ILE A 498 103.53 52.36 168.54
N ILE A 499 102.92 53.24 169.32
CA ILE A 499 103.69 53.98 170.26
C ILE A 499 103.89 53.01 171.41
N CYS A 500 105.15 52.67 171.62
CA CYS A 500 105.48 51.64 172.60
C CYS A 500 106.58 52.03 173.52
N PRO A 501 106.32 52.99 174.31
CA PRO A 501 107.32 53.42 175.24
C PRO A 501 107.51 52.42 176.37
N MET A 502 108.58 52.69 177.10
CA MET A 502 108.91 51.93 178.27
C MET A 502 108.92 52.85 179.48
N TYR A 503 108.12 52.52 180.47
CA TYR A 503 108.09 53.30 181.69
C TYR A 503 107.52 54.71 181.68
N ALA A 504 106.69 55.01 180.70
CA ALA A 504 106.03 56.32 180.71
C ALA A 504 104.95 56.33 181.79
N ARG A 505 104.83 57.46 182.46
CA ARG A 505 103.87 57.54 183.53
C ARG A 505 102.47 57.82 183.07
N VAL A 506 101.53 57.49 183.94
CA VAL A 506 100.16 57.71 183.58
C VAL A 506 99.88 59.19 183.40
N ASP A 507 100.23 59.95 184.42
CA ASP A 507 99.96 61.36 184.27
C ASP A 507 101.17 62.25 184.27
N GLU A 508 102.35 61.73 184.56
CA GLU A 508 103.45 62.67 184.57
C GLU A 508 104.36 62.55 183.40
N ASP A 509 104.84 63.69 182.96
CA ASP A 509 105.76 63.72 181.86
C ASP A 509 107.18 63.67 182.39
N GLN A 510 108.03 63.02 181.63
CA GLN A 510 109.46 62.88 181.88
C GLN A 510 110.10 63.28 180.56
N PRO A 511 110.36 64.52 180.55
CA PRO A 511 110.84 65.25 179.43
C PRO A 511 112.34 65.24 179.20
N PHE A 512 112.85 64.08 179.00
CA PHE A 512 114.21 64.07 178.64
C PHE A 512 114.34 64.60 177.24
N PRO A 513 115.48 65.20 177.10
CA PRO A 513 115.94 65.77 175.88
C PRO A 513 116.05 64.67 174.87
N ALA A 514 115.61 65.03 173.66
CA ALA A 514 115.64 64.13 172.56
C ALA A 514 114.66 62.98 172.66
N VAL A 515 114.46 62.45 173.84
CA VAL A 515 113.63 61.28 173.96
C VAL A 515 112.87 61.34 175.25
N PRO A 516 112.03 62.34 175.29
CA PRO A 516 111.17 62.57 176.43
C PRO A 516 110.15 61.46 176.45
N LYS A 517 109.61 61.24 177.64
CA LYS A 517 108.55 60.30 177.89
C LYS A 517 107.34 61.06 178.45
N TRP A 518 106.39 61.32 177.61
CA TRP A 518 105.22 62.02 178.02
C TRP A 518 104.28 61.17 178.83
N SER A 519 103.42 61.81 179.62
CA SER A 519 102.40 61.03 180.27
C SER A 519 101.71 60.32 179.11
N ILE A 520 101.36 59.08 179.37
CA ILE A 520 100.75 58.42 178.25
C ILE A 520 99.45 59.04 177.81
N LYS A 521 98.68 59.65 178.73
CA LYS A 521 97.45 60.23 178.20
C LYS A 521 97.76 61.40 177.26
N LYS A 522 98.81 62.11 177.59
CA LYS A 522 99.18 63.22 176.77
C LYS A 522 99.79 62.79 175.45
N TRP A 523 100.56 61.74 175.51
CA TRP A 523 101.22 61.31 174.34
C TRP A 523 100.26 61.11 173.20
N LEU A 524 99.15 60.50 173.49
CA LEU A 524 98.24 60.24 172.37
C LEU A 524 97.75 61.43 171.55
N SER A 525 97.61 62.57 172.23
CA SER A 525 97.00 63.80 171.75
C SER A 525 97.94 64.74 171.04
N LEU A 526 99.21 64.42 171.08
CA LEU A 526 100.14 65.25 170.39
C LEU A 526 99.70 65.41 168.96
N PRO A 527 99.90 66.62 168.50
CA PRO A 527 99.49 67.02 167.19
C PRO A 527 100.02 66.12 166.15
N GLY A 528 99.06 65.57 165.44
CA GLY A 528 99.35 64.64 164.37
C GLY A 528 99.47 63.20 164.84
N GLU A 529 99.52 62.95 166.15
CA GLU A 529 99.66 61.57 166.54
C GLU A 529 98.39 60.76 166.32
N THR A 530 98.45 59.57 165.75
CA THR A 530 97.20 58.83 165.58
C THR A 530 97.24 57.39 166.02
N ARG A 531 98.46 56.92 166.30
CA ARG A 531 98.68 55.55 166.65
C ARG A 531 98.15 55.14 167.97
N PRO A 532 98.07 53.84 168.12
CA PRO A 532 97.69 53.27 169.36
C PRO A 532 98.95 53.26 170.21
N LEU A 533 98.75 53.13 171.50
CA LEU A 533 99.87 53.10 172.40
C LEU A 533 99.78 51.90 173.31
N ILE A 534 100.88 51.17 173.33
CA ILE A 534 101.02 50.00 174.17
C ILE A 534 102.40 50.00 174.77
N LEU A 535 102.48 49.98 176.09
CA LEU A 535 103.83 50.05 176.60
C LEU A 535 104.57 48.76 176.44
N CYS A 536 105.78 48.90 175.95
CA CYS A 536 106.62 47.72 175.76
C CYS A 536 107.16 47.29 177.10
N GLU A 537 107.27 48.23 178.01
CA GLU A 537 107.68 47.91 179.36
C GLU A 537 107.02 48.88 180.30
N TYR A 538 106.44 48.32 181.37
CA TYR A 538 105.88 49.14 182.39
C TYR A 538 105.78 48.38 183.70
N ALA A 539 105.63 49.18 184.76
CA ALA A 539 105.50 48.70 186.12
C ALA A 539 106.64 47.76 186.52
N HIS A 540 107.86 48.32 186.62
CA HIS A 540 109.03 47.57 186.99
C HIS A 540 108.81 46.72 188.25
N ALA A 541 108.75 45.38 188.08
CA ALA A 541 108.44 44.52 189.22
C ALA A 541 109.58 44.13 190.14
N MET A 542 110.53 45.02 190.30
CA MET A 542 111.67 44.71 191.11
C MET A 542 111.48 44.78 192.62
N GLY A 543 111.54 43.60 193.22
CA GLY A 543 111.39 43.49 194.65
C GLY A 543 110.00 43.84 195.11
N ASN A 544 109.94 44.58 196.21
CA ASN A 544 108.64 45.01 196.71
C ASN A 544 108.15 46.15 195.81
N SER A 545 107.39 45.80 194.80
CA SER A 545 107.00 46.78 193.83
C SER A 545 105.58 46.59 193.34
N LEU A 546 105.35 47.19 192.18
CA LEU A 546 104.06 47.21 191.54
C LEU A 546 103.12 48.26 192.15
N GLY A 547 103.68 49.20 192.90
CA GLY A 547 102.85 50.24 193.43
C GLY A 547 102.39 51.14 192.28
N GLY A 548 101.08 51.35 192.20
CA GLY A 548 100.53 52.23 191.17
C GLY A 548 99.96 51.51 189.98
N PHE A 549 100.04 50.20 190.05
CA PHE A 549 99.55 49.38 188.99
C PHE A 549 98.14 49.75 188.53
N ALA A 550 97.29 49.93 189.50
CA ALA A 550 95.92 50.28 189.20
C ALA A 550 95.67 51.54 188.40
N LYS A 551 96.55 52.55 188.63
CA LYS A 551 96.44 53.79 187.85
C LYS A 551 96.45 53.47 186.36
N TYR A 552 97.39 52.61 185.97
CA TYR A 552 97.51 52.19 184.60
C TYR A 552 96.24 51.55 184.12
N TRP A 553 95.79 50.57 184.88
CA TRP A 553 94.62 49.85 184.47
C TRP A 553 93.43 50.71 184.21
N GLN A 554 93.33 51.64 185.09
CA GLN A 554 92.22 52.52 184.94
C GLN A 554 92.31 53.35 183.70
N ALA A 555 93.49 53.84 183.45
CA ALA A 555 93.63 54.63 182.26
C ALA A 555 93.39 53.81 181.04
N PHE A 556 94.00 52.62 181.08
CA PHE A 556 93.84 51.78 179.91
C PHE A 556 92.39 51.64 179.64
N ARG A 557 91.66 51.41 180.71
CA ARG A 557 90.24 51.21 180.55
C ARG A 557 89.50 52.44 180.06
N GLN A 558 89.98 53.60 180.38
CA GLN A 558 89.23 54.76 179.94
C GLN A 558 89.63 55.31 178.59
N TYR A 559 90.83 55.04 178.11
CA TYR A 559 91.24 55.56 176.85
C TYR A 559 91.39 54.46 175.84
N PRO A 560 90.57 54.58 174.89
CA PRO A 560 90.47 53.68 173.76
C PRO A 560 91.80 53.33 173.16
N ARG A 561 92.56 54.36 172.81
CA ARG A 561 93.85 54.21 172.18
C ARG A 561 94.93 53.71 173.14
N LEU A 562 94.63 53.63 174.44
CA LEU A 562 95.60 53.06 175.34
C LEU A 562 95.26 51.59 175.38
N GLN A 563 96.04 50.76 174.69
CA GLN A 563 95.68 49.35 174.63
C GLN A 563 96.41 48.37 175.51
N GLY A 564 97.01 48.84 176.59
CA GLY A 564 97.69 47.97 177.54
C GLY A 564 99.21 48.08 177.51
N GLY A 565 99.86 47.00 177.91
CA GLY A 565 101.33 46.97 177.95
C GLY A 565 101.82 45.64 178.48
N PHE A 566 103.13 45.55 178.58
CA PHE A 566 103.84 44.40 179.04
C PHE A 566 104.63 44.76 180.25
N VAL A 567 104.29 44.03 181.29
CA VAL A 567 104.99 44.27 182.50
C VAL A 567 106.41 43.76 182.41
N TRP A 568 107.27 44.47 183.10
CA TRP A 568 108.64 44.07 183.16
C TRP A 568 109.00 43.70 184.59
N ASP A 569 109.21 42.41 184.85
CA ASP A 569 109.08 41.31 183.90
C ASP A 569 108.61 40.04 184.62
N TRP A 570 108.53 38.92 183.91
CA TRP A 570 108.03 37.68 184.52
C TRP A 570 108.73 37.06 185.72
N VAL A 571 109.97 36.57 185.54
CA VAL A 571 110.75 35.91 186.61
C VAL A 571 112.08 36.54 186.89
N ASP A 572 112.47 36.44 188.17
CA ASP A 572 113.77 36.94 188.56
C ASP A 572 114.84 36.14 187.87
N GLN A 573 115.91 36.84 187.49
CA GLN A 573 117.00 36.15 186.83
C GLN A 573 118.03 35.77 187.87
N SER A 574 117.62 34.90 188.77
CA SER A 574 118.54 34.45 189.80
C SER A 574 118.98 33.04 189.55
N LEU A 575 120.21 32.86 189.99
CA LEU A 575 120.83 31.56 189.88
C LEU A 575 121.08 30.94 191.24
N ILE A 576 121.11 29.62 191.24
CA ILE A 576 121.39 28.87 192.45
C ILE A 576 122.88 28.67 192.72
N LYS A 577 123.25 28.71 193.99
CA LYS A 577 124.60 28.47 194.42
C LYS A 577 124.54 27.60 195.65
N TYR A 578 125.70 27.11 196.05
CA TYR A 578 125.69 26.33 197.27
C TYR A 578 126.67 26.76 198.29
N ASP A 579 126.23 26.51 199.51
CA ASP A 579 127.09 26.80 200.60
C ASP A 579 127.84 25.50 200.83
N GLU A 580 128.82 25.59 201.73
CA GLU A 580 129.65 24.49 202.17
C GLU A 580 128.79 23.31 202.62
N ASN A 581 127.65 23.61 203.23
CA ASN A 581 126.76 22.54 203.68
C ASN A 581 125.91 22.02 202.53
N GLY A 582 126.34 22.40 201.30
CA GLY A 582 125.68 22.02 200.07
C GLY A 582 124.26 22.54 200.06
N ASN A 583 124.17 23.74 200.59
CA ASN A 583 122.91 24.41 200.64
C ASN A 583 122.85 25.39 199.52
N PRO A 584 121.74 25.28 198.83
CA PRO A 584 121.44 26.08 197.66
C PRO A 584 120.98 27.47 198.06
N TRP A 585 121.37 28.44 197.28
CA TRP A 585 120.89 29.75 197.56
C TRP A 585 120.87 30.62 196.33
N SER A 586 119.95 31.57 196.34
CA SER A 586 119.78 32.45 195.21
C SER A 586 120.82 33.55 195.09
N ALA A 587 121.47 33.50 193.93
CA ALA A 587 122.54 34.40 193.61
C ALA A 587 122.18 35.38 192.51
N TYR A 588 122.87 36.51 192.60
CA TYR A 588 122.69 37.54 191.64
C TYR A 588 124.00 38.12 191.20
N GLY A 589 123.92 39.23 190.49
CA GLY A 589 125.09 39.89 189.97
C GLY A 589 126.19 40.01 190.99
N GLY A 590 127.38 39.64 190.53
CA GLY A 590 128.62 39.65 191.30
C GLY A 590 128.83 38.43 192.18
N ASP A 591 127.79 37.59 192.31
CA ASP A 591 127.86 36.40 193.13
C ASP A 591 128.77 35.32 192.57
N PHE A 592 129.33 35.57 191.39
CA PHE A 592 130.23 34.62 190.75
C PHE A 592 131.56 35.27 190.53
N GLY A 593 131.74 36.38 191.22
CA GLY A 593 132.95 37.15 191.09
C GLY A 593 133.00 37.80 189.74
N ASP A 594 131.83 37.74 189.06
CA ASP A 594 131.65 38.33 187.75
C ASP A 594 131.79 39.83 187.85
N THR A 595 132.60 40.35 186.95
CA THR A 595 132.86 41.76 186.81
C THR A 595 132.93 42.17 185.34
N PRO A 596 132.27 43.30 185.02
CA PRO A 596 131.61 44.11 186.03
C PRO A 596 130.19 43.57 186.28
N ASN A 597 129.48 44.07 187.27
CA ASN A 597 128.12 43.53 187.46
C ASN A 597 127.14 44.58 187.96
N ASP A 598 125.84 44.27 187.79
CA ASP A 598 124.73 45.17 188.15
C ASP A 598 123.86 44.68 189.30
N ARG A 599 124.39 43.68 190.01
CA ARG A 599 123.81 43.07 191.21
C ARG A 599 122.39 42.55 191.07
N GLN A 600 121.48 43.02 191.97
CA GLN A 600 120.04 42.62 191.99
C GLN A 600 119.25 42.98 190.71
N PHE A 601 119.81 43.96 189.99
CA PHE A 601 119.17 44.41 188.80
C PHE A 601 118.55 43.37 187.89
N CYS A 602 119.08 42.16 187.94
CA CYS A 602 118.56 41.06 187.12
C CYS A 602 117.30 40.46 187.74
N MET A 603 116.87 40.96 188.93
CA MET A 603 115.67 40.44 189.57
C MET A 603 114.55 41.47 189.59
N ASN A 604 113.62 41.27 188.65
CA ASN A 604 112.51 42.18 188.43
C ASN A 604 111.24 41.42 188.16
N GLY A 605 111.21 40.16 188.52
CA GLY A 605 110.08 39.36 188.20
C GLY A 605 108.93 39.42 189.14
N LEU A 606 107.85 38.93 188.60
CA LEU A 606 106.62 38.79 189.35
C LEU A 606 106.67 37.47 190.12
N VAL A 607 107.58 36.63 189.68
CA VAL A 607 107.78 35.37 190.34
C VAL A 607 109.23 35.13 190.53
N PHE A 608 109.44 34.33 191.52
CA PHE A 608 110.74 33.88 191.89
C PHE A 608 111.19 32.88 190.83
N ALA A 609 112.51 32.79 190.67
CA ALA A 609 113.06 31.85 189.67
C ALA A 609 112.44 30.44 189.65
N ASP A 610 111.99 29.99 190.80
CA ASP A 610 111.37 28.69 190.92
C ASP A 610 109.94 28.76 190.54
N ARG A 611 109.57 29.94 190.06
CA ARG A 611 108.20 30.15 189.70
C ARG A 611 107.31 30.24 190.91
N THR A 612 107.85 30.86 191.93
CA THR A 612 107.00 31.10 193.03
C THR A 612 106.83 32.57 193.04
N PRO A 613 105.58 32.85 193.13
CA PRO A 613 105.01 34.16 193.08
C PRO A 613 105.47 35.09 194.12
N HIS A 614 105.55 36.31 193.69
CA HIS A 614 105.74 37.42 194.54
C HIS A 614 104.29 37.85 194.83
N PRO A 615 104.15 38.66 195.84
CA PRO A 615 102.82 39.09 196.20
C PRO A 615 102.19 39.95 195.12
N ALA A 616 103.05 40.72 194.44
CA ALA A 616 102.59 41.61 193.40
C ALA A 616 101.71 40.94 192.36
N LEU A 617 102.05 39.70 192.13
CA LEU A 617 101.34 38.96 191.14
C LEU A 617 99.83 39.04 191.27
N THR A 618 99.43 39.12 192.49
CA THR A 618 98.04 39.16 192.78
C THR A 618 97.39 40.46 192.41
N GLU A 619 98.12 41.52 192.70
CA GLU A 619 97.63 42.81 192.36
C GLU A 619 97.39 42.77 190.86
N ALA A 620 98.36 42.20 190.17
CA ALA A 620 98.19 42.10 188.72
C ALA A 620 96.98 41.29 188.32
N LYS A 621 96.89 40.13 188.93
CA LYS A 621 95.80 39.28 188.59
C LYS A 621 94.48 39.99 188.71
N HIS A 622 94.34 40.70 189.79
CA HIS A 622 93.11 41.41 190.05
C HIS A 622 92.86 42.54 189.07
N GLN A 623 93.85 43.40 188.86
CA GLN A 623 93.62 44.50 187.92
C GLN A 623 93.36 44.02 186.52
N GLN A 624 93.86 42.82 186.19
CA GLN A 624 93.67 42.35 184.85
C GLN A 624 92.44 41.51 184.66
N GLN A 625 91.64 41.35 185.70
CA GLN A 625 90.48 40.50 185.53
C GLN A 625 89.59 40.89 184.38
N PHE A 626 88.94 39.88 183.83
CA PHE A 626 88.06 40.06 182.69
C PHE A 626 86.66 40.43 183.04
N PHE A 627 86.35 40.46 184.31
CA PHE A 627 85.00 40.85 184.65
C PHE A 627 85.03 42.05 185.51
N GLN A 628 84.13 42.96 185.24
CA GLN A 628 84.09 44.15 186.04
C GLN A 628 82.76 44.30 186.69
N PHE A 629 82.82 44.79 187.93
CA PHE A 629 81.62 44.95 188.72
C PHE A 629 81.27 46.32 189.18
N ARG A 630 79.97 46.52 189.25
CA ARG A 630 79.38 47.74 189.72
C ARG A 630 78.29 47.37 190.67
N LEU A 631 78.25 48.11 191.73
CA LEU A 631 77.20 47.79 192.66
C LEU A 631 76.18 48.88 192.77
N SER A 632 74.93 48.53 192.59
CA SER A 632 73.94 49.56 192.71
C SER A 632 72.76 49.15 193.52
N GLY A 633 72.73 49.68 194.72
CA GLY A 633 71.66 49.25 195.56
C GLY A 633 71.84 47.77 195.90
N GLN A 634 70.89 46.93 195.47
CA GLN A 634 71.00 45.52 195.80
C GLN A 634 71.39 44.78 194.57
N THR A 635 71.77 45.58 193.59
CA THR A 635 72.12 45.05 192.31
C THR A 635 73.53 45.17 191.91
N ILE A 636 73.98 44.05 191.42
CA ILE A 636 75.29 44.02 190.87
C ILE A 636 75.31 43.99 189.37
N GLU A 637 76.12 44.88 188.83
CA GLU A 637 76.27 44.94 187.42
C GLU A 637 77.56 44.29 187.00
N VAL A 638 77.45 43.33 186.12
CA VAL A 638 78.65 42.67 185.68
C VAL A 638 78.95 42.98 184.27
N THR A 639 80.22 43.22 184.05
CA THR A 639 80.65 43.54 182.73
C THR A 639 81.76 42.65 182.28
N SER A 640 81.59 42.18 181.05
CA SER A 640 82.55 41.28 180.45
C SER A 640 83.54 42.00 179.57
N GLU A 641 84.81 41.66 179.80
CA GLU A 641 85.89 42.20 179.01
C GLU A 641 86.40 41.15 178.03
N TYR A 642 85.60 40.11 177.84
CA TYR A 642 85.93 39.13 176.85
C TYR A 642 85.40 39.68 175.54
N LEU A 643 86.18 39.50 174.51
CA LEU A 643 85.82 39.98 173.20
C LEU A 643 85.11 38.92 172.47
N PHE A 644 85.47 37.72 172.78
CA PHE A 644 84.93 36.62 172.02
C PHE A 644 84.19 35.57 172.78
N ARG A 645 84.47 35.35 174.05
CA ARG A 645 83.70 34.29 174.64
C ARG A 645 82.59 34.70 175.52
N HIS A 646 81.75 33.72 175.73
CA HIS A 646 80.63 33.90 176.58
C HIS A 646 81.00 33.35 177.95
N SER A 647 80.39 33.83 179.04
CA SER A 647 80.77 33.37 180.38
C SER A 647 80.27 31.97 180.64
N ASP A 648 80.80 31.07 179.86
CA ASP A 648 80.36 29.70 179.94
C ASP A 648 81.03 28.79 180.96
N ASN A 649 81.83 29.33 181.85
CA ASN A 649 82.40 28.48 182.88
C ASN A 649 82.57 29.35 184.08
N GLU A 650 81.46 30.03 184.34
CA GLU A 650 81.49 30.99 185.39
C GLU A 650 80.38 31.00 186.38
N LEU A 651 80.87 30.93 187.59
CA LEU A 651 80.08 30.99 188.75
C LEU A 651 80.43 32.16 189.63
N LEU A 652 79.39 32.85 189.99
CA LEU A 652 79.56 33.97 190.86
C LEU A 652 79.12 33.72 192.28
N HIS A 653 80.06 33.69 193.17
CA HIS A 653 79.71 33.48 194.55
C HIS A 653 79.71 34.79 195.30
N TRP A 654 78.69 35.04 196.08
CA TRP A 654 78.77 36.26 196.82
C TRP A 654 78.59 36.02 198.29
N MET A 655 78.86 37.05 199.07
CA MET A 655 78.74 36.89 200.47
C MET A 655 78.92 38.13 201.33
N VAL A 656 78.15 38.11 202.40
CA VAL A 656 78.08 39.20 203.33
C VAL A 656 78.54 38.89 204.70
N ALA A 657 79.37 39.79 205.22
CA ALA A 657 79.90 39.59 206.54
C ALA A 657 80.02 40.87 207.32
N LEU A 658 79.94 40.67 208.62
CA LEU A 658 80.03 41.75 209.51
C LEU A 658 81.30 41.60 210.24
N ASP A 659 82.20 42.54 210.02
CA ASP A 659 83.47 42.40 210.68
C ASP A 659 84.02 40.98 210.62
N GLY A 660 83.82 40.29 209.50
CA GLY A 660 84.36 38.94 209.42
C GLY A 660 83.31 37.89 209.66
N LYS A 661 82.25 38.29 210.30
CA LYS A 661 81.23 37.30 210.52
C LYS A 661 80.30 37.32 209.36
N PRO A 662 80.27 36.17 208.76
CA PRO A 662 79.51 35.86 207.58
C PRO A 662 78.09 35.73 207.95
N LEU A 663 77.26 36.44 207.26
CA LEU A 663 75.85 36.44 207.54
C LEU A 663 75.03 35.82 206.46
N ALA A 664 75.57 35.84 205.25
CA ALA A 664 74.84 35.33 204.11
C ALA A 664 75.76 35.17 202.95
N SER A 665 75.45 34.16 202.18
CA SER A 665 76.22 33.85 201.02
C SER A 665 75.31 33.36 199.93
N GLY A 666 75.79 33.46 198.70
CA GLY A 666 75.00 33.03 197.57
C GLY A 666 75.86 32.60 196.43
N GLU A 667 75.17 32.17 195.39
CA GLU A 667 75.83 31.68 194.19
C GLU A 667 75.03 31.91 192.95
N VAL A 668 75.68 32.45 191.96
CA VAL A 668 74.98 32.68 190.74
C VAL A 668 75.84 32.52 189.57
N PRO A 669 75.27 31.80 188.68
CA PRO A 669 75.91 31.51 187.44
C PRO A 669 75.84 32.70 186.53
N LEU A 670 76.97 32.92 185.89
CA LEU A 670 77.12 33.98 184.94
C LEU A 670 76.76 33.56 183.56
N ASP A 671 76.15 34.52 182.93
CA ASP A 671 75.71 34.40 181.57
C ASP A 671 75.86 35.75 180.91
N VAL A 672 77.09 36.05 180.52
CA VAL A 672 77.37 37.32 179.89
C VAL A 672 78.07 37.14 178.61
N ALA A 673 77.63 37.94 177.65
CA ALA A 673 78.29 37.89 176.40
C ALA A 673 79.52 38.75 176.42
N PRO A 674 80.45 38.37 175.57
CA PRO A 674 81.64 39.15 175.44
C PRO A 674 81.17 40.56 175.34
N GLN A 675 81.82 41.42 176.12
CA GLN A 675 81.49 42.82 176.13
C GLN A 675 80.10 43.18 176.59
N GLY A 676 79.43 42.24 177.21
CA GLY A 676 78.12 42.55 177.70
C GLY A 676 78.05 42.76 179.21
N LYS A 677 76.84 43.08 179.64
CA LYS A 677 76.48 43.31 181.03
C LYS A 677 75.48 42.28 181.50
N GLN A 678 75.52 41.99 182.79
CA GLN A 678 74.59 41.08 183.41
C GLN A 678 74.23 41.69 184.75
N LEU A 679 72.92 41.74 185.01
CA LEU A 679 72.41 42.26 186.28
C LEU A 679 72.09 41.22 187.28
N ILE A 680 72.54 41.53 188.47
CA ILE A 680 72.32 40.61 189.51
C ILE A 680 71.65 41.21 190.67
N GLU A 681 70.48 40.63 190.81
CA GLU A 681 69.57 41.00 191.82
C GLU A 681 69.82 40.32 193.13
N LEU A 682 69.99 41.16 194.12
CA LEU A 682 70.22 40.62 195.41
C LEU A 682 68.98 40.49 196.27
N PRO A 683 69.00 39.38 196.97
CA PRO A 683 67.98 39.03 197.90
C PRO A 683 68.12 39.98 199.04
N GLU A 684 67.02 40.24 199.68
CA GLU A 684 67.06 41.11 200.81
C GLU A 684 68.21 40.79 201.74
N LEU A 685 68.96 41.85 201.98
CA LEU A 685 70.11 41.74 202.82
C LEU A 685 69.81 42.03 204.24
N PRO A 686 70.55 41.31 205.02
CA PRO A 686 70.54 41.33 206.46
C PRO A 686 70.92 42.69 207.01
N GLN A 687 70.19 43.13 208.04
CA GLN A 687 70.43 44.43 208.62
C GLN A 687 70.84 44.38 210.07
N PRO A 688 71.91 43.63 210.32
CA PRO A 688 72.51 43.46 211.63
C PRO A 688 72.39 44.71 212.51
N GLU A 689 72.26 44.44 213.77
CA GLU A 689 72.12 45.52 214.72
C GLU A 689 73.43 45.94 215.30
N SER A 690 74.16 44.88 215.59
CA SER A 690 75.49 44.88 216.15
C SER A 690 76.36 45.91 215.46
N ALA A 691 77.38 46.31 216.14
CA ALA A 691 78.23 47.31 215.56
C ALA A 691 79.30 46.67 214.73
N GLY A 692 79.70 47.44 213.72
CA GLY A 692 80.74 47.01 212.81
C GLY A 692 80.52 47.43 211.38
N GLN A 693 81.38 46.84 210.54
CA GLN A 693 81.39 47.08 209.13
C GLN A 693 80.84 45.90 208.38
N LEU A 694 79.94 46.26 207.51
CA LEU A 694 79.29 45.32 206.69
C LEU A 694 79.87 45.31 205.30
N TRP A 695 80.32 44.14 204.91
CA TRP A 695 80.93 44.06 203.63
C TRP A 695 80.44 42.98 202.73
N LEU A 696 80.35 43.39 201.48
CA LEU A 696 79.95 42.49 200.46
C LEU A 696 81.11 42.03 199.61
N THR A 697 81.18 40.73 199.36
CA THR A 697 82.24 40.22 198.53
C THR A 697 81.80 39.22 197.47
N VAL A 698 82.32 39.42 196.27
CA VAL A 698 82.06 38.52 195.16
C VAL A 698 83.31 37.93 194.55
N ARG A 699 83.13 36.70 194.14
CA ARG A 699 84.19 35.97 193.51
C ARG A 699 83.65 35.27 192.29
N VAL A 700 84.55 35.08 191.34
CA VAL A 700 84.22 34.36 190.16
C VAL A 700 84.99 33.08 190.09
N VAL A 701 84.16 32.04 189.98
CA VAL A 701 84.70 30.72 189.90
C VAL A 701 84.38 29.93 188.70
N GLN A 702 85.42 29.17 188.36
CA GLN A 702 85.41 28.25 187.27
C GLN A 702 85.24 26.86 187.78
N PRO A 703 84.00 26.47 187.68
CA PRO A 703 83.51 25.21 188.10
C PRO A 703 84.29 24.08 187.47
N ASN A 704 84.41 24.12 186.16
CA ASN A 704 85.13 23.08 185.47
C ASN A 704 86.56 23.42 185.17
N ALA A 705 87.40 22.40 185.12
CA ALA A 705 88.77 22.70 184.81
C ALA A 705 88.93 23.04 183.35
N THR A 706 90.07 23.64 183.07
CA THR A 706 90.40 24.01 181.70
C THR A 706 91.74 23.49 181.45
N ALA A 707 92.18 23.77 180.28
CA ALA A 707 93.48 23.30 179.96
C ALA A 707 94.55 23.98 180.72
N TRP A 708 94.23 25.11 181.33
CA TRP A 708 95.29 25.81 182.02
C TRP A 708 94.87 26.14 183.40
N SER A 709 93.71 25.62 183.78
CA SER A 709 93.19 25.86 185.10
C SER A 709 92.42 24.66 185.61
N GLU A 710 92.47 24.56 186.93
CA GLU A 710 91.77 23.54 187.69
C GLU A 710 90.34 23.88 187.92
N ALA A 711 89.60 22.89 188.33
CA ALA A 711 88.24 23.26 188.60
C ALA A 711 88.22 24.06 189.87
N GLY A 712 87.27 25.00 189.91
CA GLY A 712 87.13 25.88 191.02
C GLY A 712 88.17 26.99 191.06
N HIS A 713 88.69 27.36 189.91
CA HIS A 713 89.65 28.40 189.90
C HIS A 713 88.97 29.74 190.06
N ILE A 714 89.61 30.63 190.81
CA ILE A 714 89.04 31.96 191.00
C ILE A 714 89.62 32.90 190.01
N SER A 715 88.77 33.52 189.26
CA SER A 715 89.35 34.38 188.27
C SER A 715 89.14 35.86 188.51
N ALA A 716 88.23 36.18 189.42
CA ALA A 716 87.97 37.57 189.63
C ALA A 716 87.27 37.77 190.92
N TRP A 717 87.46 38.94 191.48
CA TRP A 717 86.78 39.26 192.69
C TRP A 717 86.65 40.73 192.90
N GLN A 718 85.82 41.05 193.88
CA GLN A 718 85.58 42.43 194.18
C GLN A 718 84.80 42.55 195.47
N GLN A 719 85.14 43.58 196.24
CA GLN A 719 84.38 43.74 197.45
C GLN A 719 83.82 45.15 197.70
N TRP A 720 82.82 45.27 198.53
CA TRP A 720 82.29 46.59 198.82
C TRP A 720 81.88 46.75 200.27
N ARG A 721 82.04 47.96 200.81
CA ARG A 721 81.58 48.11 202.18
C ARG A 721 80.17 48.61 202.17
N LEU A 722 79.28 47.79 202.66
CA LEU A 722 77.89 48.16 202.65
C LEU A 722 77.50 49.14 203.69
N ALA A 723 77.83 48.86 204.92
CA ALA A 723 77.44 49.78 205.94
C ALA A 723 78.34 49.74 207.10
N GLU A 724 78.05 50.71 207.95
CA GLU A 724 78.80 50.87 209.17
C GLU A 724 77.90 51.16 210.32
N ASN A 725 78.08 50.45 211.38
CA ASN A 725 77.29 50.72 212.58
C ASN A 725 78.27 51.14 213.62
N LEU A 726 78.30 52.44 213.89
CA LEU A 726 79.25 52.92 214.90
C LEU A 726 78.89 52.45 216.29
N SER A 727 79.95 52.15 217.06
CA SER A 727 79.75 51.72 218.44
C SER A 727 79.64 52.87 219.38
N VAL A 728 78.52 52.88 220.06
CA VAL A 728 78.22 53.91 221.01
C VAL A 728 78.29 53.37 222.40
N THR A 729 78.82 52.21 222.51
CA THR A 729 78.81 51.75 223.84
C THR A 729 80.03 52.09 224.62
N LEU A 730 79.74 51.99 225.90
CA LEU A 730 80.67 52.24 226.93
C LEU A 730 80.98 50.99 227.68
N PRO A 731 82.23 51.05 228.10
CA PRO A 731 82.87 50.05 228.93
C PRO A 731 82.23 50.09 230.31
N ALA A 732 82.03 48.89 230.83
CA ALA A 732 81.47 48.79 232.14
C ALA A 732 82.56 49.10 233.17
N ALA A 733 82.07 49.47 234.35
CA ALA A 733 82.96 49.78 235.45
C ALA A 733 83.85 48.61 235.82
N SER A 734 85.01 49.02 236.29
CA SER A 734 86.03 48.15 236.77
C SER A 734 85.88 48.26 238.26
N HIS A 735 86.23 47.20 238.96
CA HIS A 735 86.06 47.28 240.39
C HIS A 735 87.29 47.79 241.03
N ALA A 736 88.23 48.14 240.18
CA ALA A 736 89.46 48.61 240.69
C ALA A 736 90.16 49.43 239.72
N ILE A 737 91.19 50.07 240.18
CA ILE A 737 91.94 50.85 239.28
C ILE A 737 93.41 50.66 239.51
N PRO A 738 94.14 50.80 238.45
CA PRO A 738 95.54 50.58 238.50
C PRO A 738 96.23 51.39 239.57
N HIS A 739 97.34 50.83 239.95
CA HIS A 739 98.08 51.42 240.98
C HIS A 739 99.44 51.90 240.52
N LEU A 740 99.61 53.20 240.66
CA LEU A 740 100.83 53.82 240.24
C LEU A 740 101.97 53.85 241.22
N THR A 741 103.17 53.61 240.79
CA THR A 741 104.25 53.67 241.74
C THR A 741 105.40 54.39 241.12
N THR A 742 105.92 55.31 241.87
CA THR A 742 106.98 56.09 241.30
C THR A 742 108.34 55.90 241.84
N SER A 743 109.18 55.25 241.06
CA SER A 743 110.58 55.16 241.43
C SER A 743 111.24 56.45 240.95
N GLU A 744 112.52 56.49 240.90
CA GLU A 744 113.15 57.70 240.46
C GLU A 744 113.51 57.55 239.01
N MET A 745 113.60 56.27 238.70
CA MET A 745 113.96 55.69 237.44
C MET A 745 112.80 55.42 236.59
N ASP A 746 111.66 55.33 237.24
CA ASP A 746 110.54 55.04 236.43
C ASP A 746 109.26 55.09 237.15
N PHE A 747 108.26 54.67 236.39
CA PHE A 747 106.92 54.61 236.87
C PHE A 747 106.43 53.20 236.68
N CME A 748 105.71 52.72 237.71
CA CME A 748 105.16 51.39 237.68
CB CME A 748 105.69 50.57 238.82
SG CME A 748 107.01 49.58 238.15
SD CME A 748 105.98 48.01 237.65
CE CME A 748 107.37 46.98 237.12
CZ CME A 748 107.91 46.14 238.30
OH CME A 748 109.11 46.74 238.77
C CME A 748 103.70 51.30 237.77
O CME A 748 103.08 51.69 238.75
N ILE A 749 103.13 50.67 236.79
CA ILE A 749 101.71 50.53 236.89
C ILE A 749 101.36 49.09 237.12
N GLU A 750 100.55 48.91 238.12
CA GLU A 750 100.17 47.59 238.44
C GLU A 750 98.69 47.43 238.45
N LEU A 751 98.30 46.21 238.14
CA LEU A 751 96.91 45.88 238.17
C LEU A 751 96.74 44.40 238.01
N GLY A 752 96.55 43.73 239.13
CA GLY A 752 96.44 42.29 239.13
C GLY A 752 97.84 41.75 238.86
N ASN A 753 97.89 40.73 238.03
CA ASN A 753 99.14 40.10 237.59
C ASN A 753 99.89 41.01 236.62
N LYS A 754 99.12 41.92 236.02
CA LYS A 754 99.65 42.86 235.08
C LYS A 754 100.47 44.01 235.66
N ARG A 755 101.52 44.35 234.91
CA ARG A 755 102.43 45.40 235.27
C ARG A 755 103.08 46.05 234.06
N TRP A 756 103.24 47.36 234.19
CA TRP A 756 103.83 48.12 233.13
C TRP A 756 104.85 49.05 233.63
N GLN A 757 105.96 49.11 232.93
CA GLN A 757 106.93 50.04 233.38
C GLN A 757 107.42 51.04 232.36
N PHE A 758 107.44 52.29 232.79
CA PHE A 758 107.95 53.31 231.90
C PHE A 758 109.21 53.86 232.42
N ASN A 759 110.22 53.80 231.61
CA ASN A 759 111.48 54.36 232.03
C ASN A 759 111.43 55.86 232.00
N ARG A 760 111.86 56.44 233.10
CA ARG A 760 111.82 57.86 233.24
C ARG A 760 112.89 58.59 232.50
N GLN A 761 113.93 57.92 232.08
CA GLN A 761 114.87 58.77 231.38
C GLN A 761 114.67 58.68 229.91
N SER A 762 114.15 57.54 229.46
CA SER A 762 113.94 57.30 228.06
C SER A 762 112.58 57.82 227.68
N GLY A 763 111.71 57.75 228.65
CA GLY A 763 110.38 58.19 228.34
C GLY A 763 109.63 57.11 227.57
N PHE A 764 110.09 55.86 227.58
CA PHE A 764 109.35 54.85 226.88
C PHE A 764 108.88 53.78 227.77
N LEU A 765 107.89 53.10 227.24
CA LEU A 765 107.38 51.95 227.91
C LEU A 765 108.47 50.91 227.77
N SER A 766 109.12 50.59 228.86
CA SER A 766 110.26 49.69 228.85
C SER A 766 110.01 48.23 229.04
N GLN A 767 109.00 47.89 229.79
CA GLN A 767 108.74 46.49 229.97
C GLN A 767 107.37 46.33 230.50
N MET A 768 106.88 45.15 230.34
CA MET A 768 105.62 44.84 230.86
C MET A 768 105.55 43.37 231.18
N TRP A 769 104.80 43.06 232.23
CA TRP A 769 104.70 41.69 232.66
C TRP A 769 103.30 41.28 232.80
N ILE A 770 103.18 40.02 232.54
CA ILE A 770 101.96 39.33 232.78
C ILE A 770 102.40 38.28 233.73
N GLY A 771 101.83 38.27 234.91
CA GLY A 771 102.37 37.33 235.85
C GLY A 771 103.81 37.78 236.09
N ASP A 772 104.71 36.84 236.04
CA ASP A 772 106.11 37.09 236.26
C ASP A 772 106.86 37.01 234.97
N LYS A 773 106.10 37.04 233.89
CA LYS A 773 106.70 36.97 232.58
C LYS A 773 106.82 38.33 231.92
N LYS A 774 108.05 38.60 231.55
CA LYS A 774 108.34 39.84 230.86
C LYS A 774 107.80 39.68 229.46
N GLN A 775 107.40 40.77 228.83
CA GLN A 775 106.82 40.58 227.53
C GLN A 775 107.60 41.12 226.37
N LEU A 776 108.51 42.02 226.68
CA LEU A 776 109.27 42.65 225.64
C LEU A 776 110.74 42.52 225.77
N LEU A 777 111.42 42.34 224.64
CA LEU A 777 112.87 42.35 224.67
C LEU A 777 113.35 43.76 224.32
N THR A 778 112.46 44.53 223.75
CA THR A 778 112.79 45.89 223.38
C THR A 778 111.63 46.78 223.72
N PRO A 779 111.98 47.97 224.17
CA PRO A 779 111.00 48.98 224.51
C PRO A 779 110.20 49.45 223.29
N LEU A 780 109.00 49.89 223.55
CA LEU A 780 108.13 50.36 222.51
C LEU A 780 108.52 51.74 222.08
N ARG A 781 108.81 51.93 220.79
CA ARG A 781 109.15 53.28 220.40
C ARG A 781 108.83 53.66 219.00
N ASP A 782 108.85 54.97 218.81
CA ASP A 782 108.52 55.52 217.54
C ASP A 782 109.50 55.08 216.52
N GLN A 783 108.97 54.98 215.33
CA GLN A 783 109.77 54.61 214.20
C GLN A 783 109.37 55.38 212.97
N PHE A 784 110.36 56.01 212.35
CA PHE A 784 110.09 56.80 211.15
C PHE A 784 110.73 56.29 209.86
N THR A 785 111.40 55.16 209.91
CA THR A 785 112.07 54.71 208.71
C THR A 785 111.74 53.29 208.33
N ARG A 786 112.29 52.89 207.20
CA ARG A 786 112.17 51.52 206.76
C ARG A 786 113.43 51.00 206.09
N ALA A 787 113.57 49.66 206.08
CA ALA A 787 114.64 48.99 205.40
C ALA A 787 114.29 49.18 203.93
N PRO A 788 115.08 50.01 203.27
CA PRO A 788 114.88 50.43 201.90
C PRO A 788 114.51 49.37 200.94
N LEU A 789 113.61 49.74 200.09
CA LEU A 789 113.17 48.87 199.05
C LEU A 789 114.04 49.10 197.86
N ASP A 790 113.97 48.14 196.98
CA ASP A 790 114.72 48.34 195.78
C ASP A 790 114.37 49.68 195.19
N ASN A 791 113.07 49.94 195.10
CA ASN A 791 112.59 51.20 194.61
C ASN A 791 113.13 52.38 195.39
N ASP A 792 113.34 52.25 196.72
CA ASP A 792 113.83 53.38 197.50
C ASP A 792 115.26 53.71 197.22
N ILE A 793 115.93 52.66 196.82
CA ILE A 793 117.33 52.76 196.57
C ILE A 793 117.59 53.32 195.20
N GLY A 794 116.76 52.84 194.31
CA GLY A 794 116.68 53.27 192.94
C GLY A 794 117.95 53.53 192.16
N VAL A 795 118.57 52.43 191.79
CA VAL A 795 119.72 52.50 190.92
C VAL A 795 119.52 51.41 189.86
N SER A 796 119.91 51.72 188.62
CA SER A 796 119.80 50.75 187.51
C SER A 796 121.19 50.20 187.10
N GLU A 797 122.20 50.98 187.47
CA GLU A 797 123.59 50.71 187.23
C GLU A 797 124.32 50.88 188.54
N ALA A 798 124.96 49.79 188.99
CA ALA A 798 125.73 49.75 190.22
C ALA A 798 126.60 51.00 190.49
N THR A 799 127.11 51.52 189.37
CA THR A 799 127.99 52.68 189.18
C THR A 799 127.40 54.04 189.56
N ARG A 800 126.18 54.27 189.07
CA ARG A 800 125.49 55.53 189.25
C ARG A 800 124.45 55.58 190.35
N ILE A 801 124.78 56.44 191.36
CA ILE A 801 123.94 56.72 192.52
C ILE A 801 123.13 58.02 192.36
N ASP A 802 121.86 57.98 192.80
CA ASP A 802 120.96 59.11 192.67
C ASP A 802 120.72 59.79 194.00
N PRO A 803 121.29 60.96 194.10
CA PRO A 803 121.15 61.78 195.28
C PRO A 803 119.67 62.04 195.56
N ASN A 804 118.85 61.81 194.55
CA ASN A 804 117.42 62.01 194.67
C ASN A 804 116.67 60.78 195.13
N ALA A 805 117.37 59.68 195.19
CA ALA A 805 116.72 58.51 195.66
C ALA A 805 116.31 58.77 197.10
N TRP A 806 115.15 58.23 197.41
CA TRP A 806 114.57 58.35 198.72
C TRP A 806 115.59 58.04 199.76
N VAL A 807 116.18 56.89 199.55
CA VAL A 807 117.14 56.46 200.51
C VAL A 807 118.26 57.45 200.73
N GLU A 808 118.68 58.00 199.62
CA GLU A 808 119.72 58.97 199.64
C GLU A 808 119.32 60.15 200.47
N ARG A 809 118.14 60.58 200.20
CA ARG A 809 117.63 61.71 200.92
C ARG A 809 117.43 61.44 202.39
N TRP A 810 116.90 60.28 202.69
CA TRP A 810 116.63 59.94 204.05
C TRP A 810 117.88 59.88 204.84
N LYS A 811 118.88 59.32 204.18
CA LYS A 811 120.16 59.17 204.83
C LYS A 811 120.74 60.50 205.17
N ALA A 812 120.82 61.27 204.13
CA ALA A 812 121.37 62.59 204.24
C ALA A 812 120.67 63.45 205.23
N ALA A 813 119.39 63.16 205.43
CA ALA A 813 118.62 63.94 206.35
C ALA A 813 118.85 63.52 207.79
N GLY A 814 119.42 62.32 207.96
CA GLY A 814 119.72 61.81 209.28
C GLY A 814 118.56 61.03 209.82
N HIS A 815 117.63 60.72 208.94
CA HIS A 815 116.49 59.96 209.40
C HIS A 815 116.90 58.69 210.05
N TYR A 816 117.90 58.11 209.44
CA TYR A 816 118.35 56.85 209.92
C TYR A 816 119.13 56.93 211.19
N GLN A 817 119.58 58.13 211.53
CA GLN A 817 120.34 58.22 212.74
C GLN A 817 119.98 59.35 213.70
N ALA A 818 118.72 59.72 213.68
CA ALA A 818 118.35 60.77 214.56
C ALA A 818 118.19 60.21 215.93
N GLU A 819 118.43 61.12 216.84
CA GLU A 819 118.41 60.91 218.25
C GLU A 819 117.19 61.47 218.91
N ALA A 820 116.54 60.57 219.63
CA ALA A 820 115.38 61.02 220.37
C ALA A 820 115.76 61.80 221.63
N ALA A 821 114.94 62.75 221.99
CA ALA A 821 115.17 63.57 223.16
C ALA A 821 113.89 63.73 223.98
N LEU A 822 113.95 63.35 225.24
CA LEU A 822 112.76 63.50 226.04
C LEU A 822 112.51 64.95 226.37
N LEU A 823 111.35 65.38 226.01
CA LEU A 823 110.97 66.72 226.30
C LEU A 823 110.16 66.70 227.54
N GLN A 824 109.44 65.60 227.71
CA GLN A 824 108.61 65.50 228.88
C GLN A 824 107.95 64.16 229.07
N CYS A 825 107.76 63.84 230.35
CA CYS A 825 107.18 62.56 230.74
C CYS A 825 106.48 62.72 232.05
N THR A 826 105.18 62.49 232.07
CA THR A 826 104.46 62.68 233.30
C THR A 826 103.42 61.63 233.56
N ALA A 827 103.16 61.49 234.84
CA ALA A 827 102.20 60.51 235.28
C ALA A 827 101.17 61.13 236.18
N ASP A 828 99.95 60.61 236.08
CA ASP A 828 98.86 61.19 236.83
C ASP A 828 97.77 60.16 237.07
N THR A 829 97.13 60.33 238.21
CA THR A 829 96.07 59.42 238.56
C THR A 829 94.75 60.07 238.50
N LEU A 830 93.97 59.40 237.69
CA LEU A 830 92.64 59.82 237.48
C LEU A 830 91.74 58.93 238.26
N ALA A 831 90.50 59.28 238.23
CA ALA A 831 89.55 58.51 238.94
C ALA A 831 89.44 57.09 238.47
N ASP A 832 89.58 56.90 237.16
CA ASP A 832 89.35 55.58 236.62
C ASP A 832 90.52 55.00 235.94
N ALA A 833 91.61 55.75 235.98
CA ALA A 833 92.77 55.27 235.32
C ALA A 833 94.01 56.04 235.66
N VAL A 834 95.08 55.53 235.08
CA VAL A 834 96.35 56.15 235.17
C VAL A 834 96.71 56.73 233.81
N LEU A 835 97.30 57.90 233.87
CA LEU A 835 97.63 58.62 232.68
C LEU A 835 99.07 59.04 232.54
N ILE A 836 99.65 58.59 231.44
CA ILE A 836 101.02 58.92 231.15
C ILE A 836 101.15 59.80 229.95
N THR A 837 102.03 60.77 230.13
CA THR A 837 102.24 61.71 229.08
C THR A 837 103.67 61.96 228.70
N THR A 838 103.97 61.80 227.42
CA THR A 838 105.32 62.02 226.95
C THR A 838 105.42 62.91 225.73
N ALA A 839 106.64 63.38 225.54
CA ALA A 839 106.93 64.17 224.39
C ALA A 839 108.37 64.04 224.08
N HIS A 840 108.65 63.67 222.87
CA HIS A 840 110.02 63.54 222.44
C HIS A 840 110.27 64.29 221.16
N ALA A 841 111.54 64.58 220.96
CA ALA A 841 111.96 65.24 219.76
C ALA A 841 113.09 64.45 219.10
N TRP A 842 113.04 64.32 217.78
CA TRP A 842 114.15 63.67 217.14
C TRP A 842 114.92 64.72 216.40
N GLN A 843 116.19 64.74 216.70
CA GLN A 843 117.01 65.72 216.06
C GLN A 843 118.20 65.14 215.41
N HIS A 844 118.79 66.01 214.63
CA HIS A 844 119.96 65.66 213.91
C HIS A 844 120.72 66.89 213.55
N GLN A 845 121.89 67.00 214.17
CA GLN A 845 122.68 68.16 213.91
C GLN A 845 121.95 69.45 214.16
N GLY A 846 121.21 69.46 215.28
CA GLY A 846 120.51 70.65 215.66
C GLY A 846 119.18 70.84 214.99
N LYS A 847 118.86 69.99 214.04
CA LYS A 847 117.57 70.15 213.45
C LYS A 847 116.60 69.18 214.08
N THR A 848 115.43 69.69 214.34
CA THR A 848 114.40 68.83 214.87
C THR A 848 113.58 68.34 213.70
N LEU A 849 113.59 67.03 213.50
CA LEU A 849 112.89 66.42 212.39
C LEU A 849 111.49 66.10 212.78
N PHE A 850 111.36 65.53 213.97
CA PHE A 850 110.05 65.17 214.38
C PHE A 850 109.83 65.35 215.82
N ILE A 851 108.56 65.49 216.09
CA ILE A 851 108.08 65.58 217.42
C ILE A 851 106.96 64.60 217.61
N SER A 852 107.12 63.85 218.66
CA SER A 852 106.14 62.88 219.02
C SER A 852 105.57 63.11 220.40
N ARG A 853 104.25 63.22 220.43
CA ARG A 853 103.56 63.44 221.68
C ARG A 853 102.55 62.34 221.96
N LYS A 854 102.68 61.73 223.11
CA LYS A 854 101.77 60.65 223.42
C LYS A 854 101.09 60.72 224.76
N THR A 855 100.10 59.84 224.84
CA THR A 855 99.36 59.58 226.05
C THR A 855 99.05 58.12 226.12
N TYR A 856 99.24 57.67 227.33
CA TYR A 856 98.96 56.31 227.60
C TYR A 856 98.00 56.31 228.72
N ARG A 857 96.95 55.57 228.49
CA ARG A 857 95.97 55.50 229.51
C ARG A 857 95.53 54.09 229.82
N ILE A 858 95.78 53.75 231.09
CA ILE A 858 95.47 52.45 231.64
C ILE A 858 94.37 52.47 232.63
N ASP A 859 93.40 51.66 232.31
CA ASP A 859 92.23 51.59 233.12
C ASP A 859 92.09 50.30 233.87
N GLY A 860 91.00 50.30 234.61
CA GLY A 860 90.64 49.22 235.45
C GLY A 860 90.41 47.94 234.70
N SER A 861 90.19 48.06 233.41
CA SER A 861 89.97 46.84 232.67
C SER A 861 91.29 46.28 232.18
N GLY A 862 92.38 46.99 232.43
CA GLY A 862 93.71 46.53 232.03
C GLY A 862 94.01 46.77 230.56
N GLN A 863 93.40 47.81 230.04
CA GLN A 863 93.64 48.14 228.67
C GLN A 863 94.47 49.37 228.60
N MET A 864 95.34 49.33 227.64
CA MET A 864 96.19 50.44 227.44
C MET A 864 95.93 51.12 226.14
N ALA A 865 95.54 52.36 226.30
CA ALA A 865 95.22 53.15 225.16
C ALA A 865 96.31 54.17 224.88
N ILE A 866 96.69 54.14 223.64
CA ILE A 866 97.72 55.00 223.19
C ILE A 866 97.31 55.98 222.16
N THR A 867 97.83 57.13 222.38
CA THR A 867 97.54 58.16 221.48
C THR A 867 98.80 58.83 221.02
N VAL A 868 98.91 58.90 219.70
CA VAL A 868 100.06 59.50 219.11
C VAL A 868 99.77 60.63 218.19
N ASP A 869 100.57 61.67 218.38
CA ASP A 869 100.48 62.83 217.55
C ASP A 869 101.85 63.29 217.20
N VAL A 870 102.09 63.27 215.89
CA VAL A 870 103.36 63.63 215.33
C VAL A 870 103.38 64.85 214.44
N GLU A 871 104.47 65.57 214.60
CA GLU A 871 104.73 66.72 213.81
C GLU A 871 105.99 66.44 213.04
N VAL A 872 105.98 66.75 211.74
CA VAL A 872 107.11 66.58 210.86
C VAL A 872 107.54 67.87 210.19
N ALA A 873 108.83 68.16 210.27
CA ALA A 873 109.34 69.37 209.67
C ALA A 873 109.07 69.37 208.21
N SER A 874 108.47 70.43 207.80
CA SER A 874 108.07 70.62 206.44
C SER A 874 109.27 70.47 205.51
N ASP A 875 110.43 70.84 206.02
CA ASP A 875 111.59 70.79 205.18
C ASP A 875 112.41 69.53 205.28
N THR A 876 111.87 68.53 205.90
CA THR A 876 112.58 67.30 205.88
C THR A 876 111.90 66.43 204.85
N PRO A 877 112.60 65.46 204.32
CA PRO A 877 112.00 64.57 203.35
C PRO A 877 110.95 63.75 204.03
N HIS A 878 109.88 63.50 203.30
CA HIS A 878 108.83 62.72 203.87
C HIS A 878 109.37 61.39 204.20
N PRO A 879 109.06 61.03 205.38
CA PRO A 879 109.45 59.80 206.01
C PRO A 879 108.68 58.65 205.44
N ALA A 880 109.33 57.52 205.53
CA ALA A 880 108.85 56.27 205.04
C ALA A 880 107.63 55.81 205.78
N ARG A 881 107.62 56.13 207.06
CA ARG A 881 106.49 55.67 207.82
C ARG A 881 106.40 56.39 209.13
N ILE A 882 105.28 56.16 209.79
CA ILE A 882 105.00 56.74 211.08
C ILE A 882 104.28 55.75 211.94
N GLY A 883 105.07 55.22 212.88
CA GLY A 883 104.55 54.21 213.75
C GLY A 883 105.47 53.92 214.91
N LEU A 884 105.24 52.74 215.43
CA LEU A 884 106.00 52.31 216.54
C LEU A 884 106.49 50.93 216.35
N ASN A 885 107.40 50.60 217.23
CA ASN A 885 107.90 49.27 217.18
C ASN A 885 108.52 48.78 218.46
N CYS A 886 108.64 47.47 218.48
CA CYS A 886 109.23 46.85 219.62
C CYS A 886 109.47 45.36 219.34
N GLN A 887 110.32 44.81 220.18
CA GLN A 887 110.61 43.42 220.05
C GLN A 887 109.92 42.65 221.15
N LEU A 888 109.01 41.80 220.76
CA LEU A 888 108.36 41.01 221.79
C LEU A 888 109.15 39.79 222.12
N ALA A 889 109.06 39.47 223.38
CA ALA A 889 109.71 38.32 223.93
C ALA A 889 109.15 37.00 223.40
N GLN A 890 107.87 37.00 223.26
CA GLN A 890 107.15 35.84 222.80
C GLN A 890 107.29 35.56 221.31
N VAL A 891 107.01 34.31 221.00
CA VAL A 891 107.02 33.81 219.65
C VAL A 891 105.87 32.82 219.47
N ALA A 892 104.96 33.09 218.54
CA ALA A 892 103.83 32.20 218.33
C ALA A 892 103.73 31.64 216.92
N GLU A 893 102.77 30.76 216.75
CA GLU A 893 102.60 30.08 215.48
C GLU A 893 101.78 30.81 214.44
N ARG A 894 100.67 31.33 214.91
CA ARG A 894 99.77 32.00 214.06
C ARG A 894 99.67 33.48 214.30
N VAL A 895 99.01 34.08 213.32
CA VAL A 895 98.77 35.48 213.29
C VAL A 895 97.38 35.67 212.78
N ASN A 896 96.66 36.45 213.54
CA ASN A 896 95.30 36.60 213.17
C ASN A 896 94.91 38.04 213.19
N TRP A 897 94.27 38.44 212.11
CA TRP A 897 93.87 39.80 212.07
C TRP A 897 92.66 40.03 211.25
N LEU A 898 92.14 41.20 211.53
CA LEU A 898 90.99 41.71 210.85
C LEU A 898 91.41 42.97 210.13
N GLY A 899 91.58 42.77 208.84
CA GLY A 899 92.03 43.81 207.97
C GLY A 899 92.19 43.25 206.56
N LEU A 900 93.06 43.91 205.82
CA LEU A 900 93.28 43.55 204.46
C LEU A 900 94.20 42.41 204.32
N GLY A 901 93.80 41.46 203.53
CA GLY A 901 94.63 40.33 203.34
C GLY A 901 94.15 39.50 202.19
N PRO A 902 94.76 38.36 202.11
CA PRO A 902 95.74 37.94 203.08
C PRO A 902 97.17 38.22 202.72
N GLN A 903 97.43 38.58 201.48
CA GLN A 903 98.83 38.84 201.20
C GLN A 903 99.35 40.20 201.59
N GLU A 904 100.67 40.25 201.53
CA GLU A 904 101.39 41.50 201.76
C GLU A 904 100.74 42.59 200.90
N ASN A 905 100.50 43.75 201.51
CA ASN A 905 99.89 44.84 200.78
C ASN A 905 100.34 46.20 201.27
N TYR A 906 100.49 47.08 200.33
CA TYR A 906 100.92 48.41 200.64
C TYR A 906 99.91 49.41 200.14
N PRO A 907 100.04 50.58 200.65
CA PRO A 907 99.13 51.65 200.37
C PRO A 907 98.88 51.86 198.90
N ASP A 908 99.93 51.83 198.10
CA ASP A 908 99.74 51.99 196.66
C ASP A 908 99.70 50.64 195.95
N ARG A 909 99.52 49.59 196.74
CA ARG A 909 99.39 48.27 196.16
C ARG A 909 98.51 47.42 197.05
N LEU A 910 97.22 47.71 197.04
CA LEU A 910 96.32 46.96 197.91
C LEU A 910 94.93 46.74 197.34
N THR A 911 94.78 46.99 196.07
CA THR A 911 93.49 46.78 195.50
C THR A 911 93.11 45.33 195.43
N ALA A 912 94.08 44.47 195.33
CA ALA A 912 93.71 43.08 195.22
C ALA A 912 93.33 42.47 196.56
N ALA A 913 93.73 43.18 197.61
CA ALA A 913 93.47 42.68 198.97
C ALA A 913 92.03 42.80 199.43
N CME A 914 91.69 41.89 200.33
CA CME A 914 90.39 41.87 200.94
CB CME A 914 89.51 40.77 200.49
SG CME A 914 89.13 40.98 198.74
SD CME A 914 88.89 39.09 198.32
CE CME A 914 90.57 38.52 198.59
CZ CME A 914 90.64 37.02 198.27
OH CME A 914 89.33 36.54 198.01
C CME A 914 90.35 42.06 202.41
O CME A 914 91.18 41.64 203.21
N PHE A 915 89.31 42.76 202.74
CA PHE A 915 89.10 43.05 204.11
C PHE A 915 88.35 41.92 204.73
N ASP A 916 89.03 41.24 205.62
CA ASP A 916 88.38 40.15 206.28
C ASP A 916 89.15 39.74 207.50
N ARG A 917 88.82 38.56 207.96
CA ARG A 917 89.54 38.02 209.06
C ARG A 917 90.50 36.98 208.57
N TRP A 918 91.78 37.21 208.83
CA TRP A 918 92.78 36.30 208.36
C TRP A 918 93.55 35.69 209.48
N ASP A 919 93.99 34.47 209.19
CA ASP A 919 94.79 33.70 210.12
C ASP A 919 95.83 32.92 209.37
N LEU A 920 97.08 33.21 209.67
CA LEU A 920 98.18 32.53 209.04
C LEU A 920 99.26 32.28 210.04
N PRO A 921 100.16 31.51 209.56
CA PRO A 921 101.34 31.19 210.27
C PRO A 921 102.28 32.32 210.05
N LEU A 922 102.94 32.56 211.14
CA LEU A 922 103.90 33.58 211.22
C LEU A 922 104.80 33.62 210.00
N SER A 923 105.16 32.45 209.56
CA SER A 923 106.07 32.37 208.41
C SER A 923 105.54 33.16 207.22
N ASP A 924 104.24 33.02 207.03
CA ASP A 924 103.61 33.67 205.93
C ASP A 924 103.58 35.18 206.04
N MET A 925 103.91 35.68 207.20
CA MET A 925 103.91 37.09 207.35
C MET A 925 105.21 37.69 206.90
N TYR A 926 106.01 36.87 206.24
CA TYR A 926 107.27 37.39 205.77
C TYR A 926 107.52 37.08 204.30
N THR A 927 108.01 38.10 203.60
CA THR A 927 108.29 38.00 202.18
C THR A 927 109.78 37.99 201.94
N PRO A 928 110.19 36.83 201.53
CA PRO A 928 111.57 36.42 201.24
C PRO A 928 112.12 37.00 199.95
N TYR A 929 112.03 38.30 199.83
CA TYR A 929 112.59 38.91 198.66
C TYR A 929 114.07 38.54 198.68
N VAL A 930 114.61 38.07 197.56
CA VAL A 930 116.03 37.69 197.55
C VAL A 930 116.92 38.78 198.12
N PHE A 931 116.69 39.97 197.64
CA PHE A 931 117.42 41.06 198.21
C PHE A 931 116.47 41.58 199.28
N PRO A 932 116.88 41.50 200.52
CA PRO A 932 115.98 41.85 201.58
C PRO A 932 115.79 43.33 201.85
N SER A 933 114.54 43.63 202.30
CA SER A 933 114.06 44.96 202.69
C SER A 933 112.70 44.90 203.44
N GLU A 934 112.17 46.09 203.80
CA GLU A 934 110.86 46.18 204.42
C GLU A 934 109.86 45.33 203.63
N ASN A 935 109.09 44.46 204.28
CA ASN A 935 108.12 43.62 203.55
C ASN A 935 107.07 43.11 204.50
N GLY A 936 106.13 42.35 203.96
CA GLY A 936 105.06 41.73 204.73
C GLY A 936 103.96 42.61 205.27
N LEU A 937 104.06 43.91 205.05
CA LEU A 937 103.00 44.75 205.54
C LEU A 937 101.57 44.36 205.13
N ARG A 938 100.68 44.65 206.05
CA ARG A 938 99.25 44.56 205.81
C ARG A 938 98.61 45.82 206.34
N CYS A 939 97.74 46.38 205.51
CA CYS A 939 97.08 47.62 205.82
C CYS A 939 95.64 47.43 206.21
N GLY A 940 95.09 48.57 206.65
CA GLY A 940 93.70 48.70 207.04
C GLY A 940 93.25 47.67 208.04
N THR A 941 94.08 47.60 209.05
CA THR A 941 93.85 46.66 210.09
C THR A 941 93.28 47.32 211.28
N ARG A 942 92.29 46.61 211.77
CA ARG A 942 91.56 47.08 212.92
C ARG A 942 91.78 46.31 214.18
N GLU A 943 92.16 45.06 213.99
CA GLU A 943 92.41 44.17 215.10
C GLU A 943 93.46 43.18 214.71
N LEU A 944 94.42 43.06 215.62
CA LEU A 944 95.53 42.17 215.45
C LEU A 944 95.79 41.37 216.70
N ASN A 945 95.99 40.08 216.50
CA ASN A 945 96.19 39.10 217.56
C ASN A 945 97.41 38.25 217.45
N TYR A 946 98.21 38.28 218.49
CA TYR A 946 99.41 37.47 218.53
C TYR A 946 99.72 37.12 219.96
N GLY A 947 99.66 35.84 220.20
CA GLY A 947 99.85 35.36 221.55
C GLY A 947 98.63 35.78 222.36
N PRO A 948 98.96 36.22 223.54
CA PRO A 948 98.04 36.72 224.54
C PRO A 948 97.66 38.15 224.19
N HIS A 949 98.35 38.72 223.21
CA HIS A 949 98.12 40.07 222.80
C HIS A 949 97.10 40.33 221.77
N GLN A 950 96.61 41.55 221.93
CA GLN A 950 95.66 42.08 221.05
C GLN A 950 95.78 43.57 220.91
N TRP A 951 95.71 43.97 219.66
CA TRP A 951 95.78 45.37 219.36
C TRP A 951 94.61 45.78 218.52
N ARG A 952 94.13 46.97 218.85
CA ARG A 952 93.01 47.48 218.10
C ARG A 952 93.20 48.92 217.80
N GLY A 953 92.68 49.21 216.61
CA GLY A 953 92.70 50.54 216.06
C GLY A 953 92.53 50.54 214.56
N ASP A 954 93.34 51.36 213.95
CA ASP A 954 93.28 51.42 212.52
C ASP A 954 94.69 51.60 212.00
N PHE A 955 95.33 50.48 211.72
CA PHE A 955 96.70 50.63 211.33
C PHE A 955 97.09 49.62 210.32
N GLN A 956 98.40 49.67 210.09
CA GLN A 956 99.09 48.76 209.23
C GLN A 956 100.20 48.22 210.06
N PHE A 957 100.56 46.99 209.73
CA PHE A 957 101.62 46.39 210.46
C PHE A 957 102.33 45.31 209.70
N ASN A 958 103.40 44.92 210.33
CA ASN A 958 104.17 43.79 209.87
C ASN A 958 104.74 43.11 211.10
N ILE A 959 105.06 41.84 210.91
CA ILE A 959 105.57 41.09 212.01
C ILE A 959 106.38 39.88 211.57
N SER A 960 107.56 39.79 212.14
CA SER A 960 108.49 38.72 211.78
C SER A 960 109.62 38.63 212.79
N ARG A 961 110.67 37.87 212.43
CA ARG A 961 111.81 37.69 213.30
C ARG A 961 112.99 38.51 212.89
N TYR A 962 112.76 39.50 212.06
CA TYR A 962 113.91 40.25 211.67
C TYR A 962 113.73 41.69 211.92
N SER A 963 114.74 42.29 212.47
CA SER A 963 114.66 43.69 212.69
C SER A 963 114.83 44.36 211.34
N GLN A 964 114.34 45.60 211.29
CA GLN A 964 114.49 46.40 210.10
C GLN A 964 115.98 46.57 209.87
N GLN A 965 116.70 46.70 210.96
CA GLN A 965 118.11 46.86 210.84
C GLN A 965 118.79 45.67 210.23
N GLN A 966 118.39 44.50 210.67
CA GLN A 966 118.97 43.31 210.10
C GLN A 966 118.75 43.30 208.62
N LEU A 967 117.50 43.52 208.24
CA LEU A 967 117.13 43.51 206.84
C LEU A 967 117.90 44.48 206.01
N MET A 968 118.03 45.61 206.61
CA MET A 968 118.67 46.65 205.94
C MET A 968 120.13 46.34 205.78
N GLU A 969 120.67 45.57 206.69
CA GLU A 969 122.09 45.29 206.62
C GLU A 969 122.50 44.03 205.91
N THR A 970 121.57 43.15 205.62
CA THR A 970 121.83 41.90 204.93
C THR A 970 121.51 41.96 203.45
N SER A 971 122.45 41.53 202.63
CA SER A 971 122.26 41.57 201.18
C SER A 971 121.56 40.36 200.58
N HIS A 972 121.48 39.25 201.30
CA HIS A 972 120.82 38.14 200.68
C HIS A 972 119.95 37.48 201.66
N ARG A 973 118.83 37.02 201.16
CA ARG A 973 117.89 36.35 202.01
C ARG A 973 118.50 35.21 202.83
N HIS A 974 119.38 34.45 202.20
CA HIS A 974 119.97 33.31 202.84
C HIS A 974 120.79 33.64 204.07
N LEU A 975 121.26 34.87 204.15
CA LEU A 975 122.00 35.32 205.34
C LEU A 975 121.18 35.82 206.53
N LEU A 976 119.88 35.85 206.43
CA LEU A 976 119.24 36.35 207.61
C LEU A 976 119.01 35.21 208.52
N HIS A 977 118.93 35.56 209.79
CA HIS A 977 118.67 34.60 210.80
C HIS A 977 117.66 35.18 211.76
N ALA A 978 116.78 34.32 212.22
CA ALA A 978 115.79 34.81 213.14
C ALA A 978 116.38 35.47 214.36
N GLU A 979 115.72 36.53 214.79
CA GLU A 979 116.18 37.21 215.97
C GLU A 979 115.47 36.60 217.15
N GLU A 980 115.88 37.05 218.32
CA GLU A 980 115.34 36.53 219.53
C GLU A 980 113.84 36.36 219.74
N GLY A 981 113.03 37.37 219.52
CA GLY A 981 111.62 37.12 219.76
C GLY A 981 110.86 37.40 218.51
N THR A 982 109.90 38.29 218.62
CA THR A 982 109.14 38.70 217.48
C THR A 982 109.19 40.21 217.33
N TRP A 983 109.53 40.64 216.14
CA TRP A 983 109.56 42.06 215.85
C TRP A 983 108.24 42.52 215.28
N LEU A 984 107.80 43.60 215.88
CA LEU A 984 106.54 44.16 215.51
C LEU A 984 106.57 45.61 215.15
N ASN A 985 106.06 45.84 213.95
CA ASN A 985 105.95 47.17 213.46
C ASN A 985 104.52 47.54 213.23
N ILE A 986 104.13 48.60 213.96
CA ILE A 986 102.80 49.16 213.88
C ILE A 986 102.83 50.58 213.41
N ASP A 987 102.25 50.71 212.23
CA ASP A 987 102.22 51.94 211.55
C ASP A 987 100.88 52.60 211.50
N GLY A 988 100.97 53.87 211.88
CA GLY A 988 99.82 54.70 211.78
C GLY A 988 99.71 55.07 210.30
N PHE A 989 100.88 55.24 209.70
CA PHE A 989 100.97 55.60 208.32
C PHE A 989 102.23 55.06 207.72
N HIS A 990 102.12 54.80 206.42
CA HIS A 990 103.22 54.27 205.69
C HIS A 990 103.25 54.73 204.26
N MET A 991 104.44 55.12 203.82
CA MET A 991 104.64 55.59 202.47
C MET A 991 104.38 54.53 201.41
N GLY A 992 103.98 54.95 200.23
CA GLY A 992 103.74 54.02 199.13
C GLY A 992 105.07 53.40 198.71
N ILE A 993 105.02 52.42 197.80
CA ILE A 993 106.24 51.75 197.38
C ILE A 993 106.70 52.09 195.99
N GLY A 994 105.81 52.59 195.14
CA GLY A 994 106.20 52.95 193.79
C GLY A 994 106.47 51.76 192.91
N GLY A 995 107.19 52.07 191.83
CA GLY A 995 107.55 51.05 190.87
C GLY A 995 107.40 51.44 189.41
N ASP A 996 106.99 52.69 189.14
CA ASP A 996 106.80 53.11 187.76
C ASP A 996 108.06 52.82 186.98
N ASP A 997 109.14 52.86 187.75
CA ASP A 997 110.49 52.52 187.38
C ASP A 997 111.25 52.40 188.64
N SER A 998 112.38 51.74 188.55
CA SER A 998 113.12 51.56 189.78
C SER A 998 114.41 52.31 189.78
N TRP A 999 114.51 53.41 189.08
CA TRP A 999 115.76 54.10 189.14
C TRP A 999 115.56 55.58 189.23
N SER A 1000 114.43 55.87 189.81
CA SER A 1000 113.95 57.18 190.10
C SER A 1000 112.80 57.04 191.05
N PRO A 1001 112.53 58.18 191.65
CA PRO A 1001 111.46 58.36 192.61
C PRO A 1001 110.17 58.19 191.82
N SER A 1002 109.45 57.15 192.21
CA SER A 1002 108.30 56.71 191.49
C SER A 1002 107.05 56.56 192.35
N VAL A 1003 107.15 57.15 193.55
CA VAL A 1003 106.03 57.13 194.47
C VAL A 1003 105.16 58.35 194.26
N SER A 1004 103.89 58.14 193.88
CA SER A 1004 103.07 59.29 193.70
C SER A 1004 102.75 60.09 194.93
N ALA A 1005 102.58 61.35 194.65
CA ALA A 1005 102.36 62.28 195.71
C ALA A 1005 101.32 61.90 196.71
N GLU A 1006 100.24 61.29 196.22
CA GLU A 1006 99.15 60.88 197.08
C GLU A 1006 99.63 59.84 198.02
N PHE A 1007 100.81 59.31 197.74
CA PHE A 1007 101.32 58.29 198.60
C PHE A 1007 102.44 58.68 199.50
N GLN A 1008 102.84 59.93 199.45
CA GLN A 1008 103.87 60.42 200.33
C GLN A 1008 103.29 60.99 201.64
N LEU A 1009 104.08 60.92 202.73
CA LEU A 1009 103.65 61.37 204.04
C LEU A 1009 104.02 62.81 204.16
N SER A 1010 103.23 63.60 203.54
CA SER A 1010 103.52 65.01 203.45
C SER A 1010 102.65 65.95 204.29
N ALA A 1011 101.70 65.40 205.01
CA ALA A 1011 100.76 66.17 205.80
C ALA A 1011 101.33 67.10 206.86
N GLY A 1012 102.47 66.74 207.40
CA GLY A 1012 103.05 67.57 208.42
C GLY A 1012 102.56 67.18 209.80
N ARG A 1013 101.33 66.72 209.87
CA ARG A 1013 100.81 66.34 211.14
C ARG A 1013 100.05 65.07 211.03
N TYR A 1014 100.38 64.19 211.95
CA TYR A 1014 99.76 62.89 211.99
C TYR A 1014 99.30 62.51 213.36
N HIS A 1015 98.19 61.83 213.35
CA HIS A 1015 97.60 61.40 214.56
C HIS A 1015 97.13 59.97 214.50
N TYR A 1016 97.38 59.20 215.55
CA TYR A 1016 96.85 57.86 215.55
C TYR A 1016 96.69 57.31 216.94
N GLN A 1017 95.85 56.27 217.00
CA GLN A 1017 95.56 55.64 218.27
C GLN A 1017 95.40 54.17 218.25
N LEU A 1018 95.67 53.65 219.42
CA LEU A 1018 95.72 52.26 219.63
C LEU A 1018 95.35 51.75 220.97
N VAL A 1019 94.89 50.51 220.92
CA VAL A 1019 94.59 49.83 222.12
C VAL A 1019 95.21 48.49 222.23
N TRP A 1020 95.87 48.33 223.34
CA TRP A 1020 96.57 47.13 223.61
C TRP A 1020 96.10 46.40 224.85
N CME A 1021 95.82 45.11 224.67
CA CME A 1021 95.41 44.23 225.73
CB CME A 1021 93.95 44.24 226.02
SG CME A 1021 93.17 45.24 224.80
SD CME A 1021 92.01 43.93 224.03
CE CME A 1021 92.93 42.52 224.70
CZ CME A 1021 92.17 41.82 225.85
OH CME A 1021 91.30 40.82 225.30
C CME A 1021 95.84 42.82 225.53
O CME A 1021 96.39 42.43 224.51
N GLN A 1022 95.52 42.10 226.59
CA GLN A 1022 95.82 40.72 226.74
C GLN A 1022 94.65 39.95 227.20
N LYS A 1023 94.80 38.68 226.93
CA LYS A 1023 93.88 37.63 227.28
C LYS A 1023 94.72 36.63 228.07
N ILE B 3 45.64 104.57 153.84
CA ILE B 3 44.68 103.44 154.05
C ILE B 3 45.28 102.01 154.11
N THR B 4 46.24 101.83 153.25
CA THR B 4 46.92 100.58 153.22
C THR B 4 48.00 100.75 154.22
N ASP B 5 48.12 101.98 154.75
CA ASP B 5 49.06 102.30 155.80
C ASP B 5 48.35 102.06 157.13
N SER B 6 47.11 101.68 157.00
CA SER B 6 46.30 101.43 158.14
C SER B 6 46.72 100.19 158.90
N LEU B 7 46.72 100.36 160.20
CA LEU B 7 46.97 99.26 161.08
C LEU B 7 46.14 98.09 160.67
N ALA B 8 44.89 98.35 160.55
CA ALA B 8 43.96 97.31 160.26
C ALA B 8 44.44 96.40 159.17
N VAL B 9 45.03 97.08 158.23
CA VAL B 9 45.57 96.49 157.03
C VAL B 9 46.93 95.83 157.32
N VAL B 10 47.87 96.64 157.78
CA VAL B 10 49.19 96.17 158.12
C VAL B 10 49.17 94.93 159.01
N LEU B 11 48.55 95.04 160.15
CA LEU B 11 48.53 93.91 161.08
C LEU B 11 47.72 92.75 160.59
N GLN B 12 47.21 92.94 159.42
CA GLN B 12 46.39 91.88 158.95
C GLN B 12 47.24 90.65 158.69
N ARG B 13 48.36 90.96 158.06
CA ARG B 13 49.33 89.98 157.67
C ARG B 13 49.90 89.17 158.85
N ARG B 14 50.14 89.83 160.00
CA ARG B 14 50.65 89.06 161.11
C ARG B 14 52.01 88.44 160.78
N ASP B 15 52.88 89.34 160.34
CA ASP B 15 54.23 89.07 159.95
C ASP B 15 55.06 88.46 161.04
N TRP B 16 54.69 88.84 162.23
CA TRP B 16 55.30 88.38 163.45
C TRP B 16 54.87 86.96 163.80
N GLU B 17 54.11 86.34 162.93
CA GLU B 17 53.79 84.94 163.18
C GLU B 17 54.16 84.15 161.94
N ASN B 18 55.20 84.64 161.29
CA ASN B 18 55.66 84.01 160.10
C ASN B 18 57.15 84.10 159.85
N PRO B 19 57.79 82.96 160.13
CA PRO B 19 59.20 82.70 159.96
C PRO B 19 59.61 83.04 158.55
N GLY B 20 58.63 83.01 157.64
CA GLY B 20 58.89 83.36 156.27
C GLY B 20 59.10 84.86 156.15
N VAL B 21 58.58 85.63 157.10
CA VAL B 21 58.83 87.04 156.96
C VAL B 21 59.66 87.54 158.07
N THR B 22 60.84 87.95 157.72
CA THR B 22 61.68 88.40 158.78
C THR B 22 62.03 89.86 158.69
N GLN B 23 61.67 90.42 157.56
CA GLN B 23 61.89 91.82 157.33
C GLN B 23 61.05 92.25 156.14
N LEU B 24 60.90 93.58 155.97
CA LEU B 24 60.22 94.19 154.83
C LEU B 24 60.87 95.51 154.53
N ASN B 25 61.38 95.62 153.34
CA ASN B 25 62.01 96.88 152.98
C ASN B 25 63.19 97.30 153.80
N ARG B 26 63.81 96.33 154.43
CA ARG B 26 64.98 96.62 155.23
C ARG B 26 66.18 96.64 154.32
N LEU B 27 67.05 97.61 154.49
CA LEU B 27 68.24 97.63 153.67
C LEU B 27 69.22 96.52 153.99
N ALA B 28 70.26 96.51 153.18
CA ALA B 28 71.28 95.52 153.36
C ALA B 28 72.26 95.90 154.43
N ALA B 29 72.86 94.84 154.99
CA ALA B 29 73.85 94.93 156.04
C ALA B 29 75.24 95.37 155.63
N HIS B 30 76.02 95.89 156.56
CA HIS B 30 77.34 96.33 156.17
C HIS B 30 78.00 96.86 157.42
N PRO B 31 79.27 97.03 157.25
CA PRO B 31 80.02 97.57 158.33
C PRO B 31 79.56 99.00 158.44
N PRO B 32 79.85 99.50 159.56
CA PRO B 32 79.56 100.80 160.01
C PRO B 32 80.02 101.93 159.12
N PHE B 33 79.03 102.79 158.82
CA PHE B 33 79.28 103.97 158.01
C PHE B 33 79.02 105.26 158.79
N ALA B 34 79.72 106.32 158.37
CA ALA B 34 79.60 107.68 158.92
C ALA B 34 79.32 108.69 157.78
N SER B 35 79.77 108.36 156.59
CA SER B 35 79.57 109.24 155.50
C SER B 35 80.33 110.52 155.66
N TRP B 36 81.53 110.45 156.19
CA TRP B 36 82.27 111.67 156.28
C TRP B 36 82.35 112.29 154.93
N ARG B 37 82.58 113.60 154.98
CA ARG B 37 82.75 114.37 153.78
C ARG B 37 84.08 115.05 153.77
N ASN B 38 84.87 114.69 154.76
CA ASN B 38 86.22 115.18 154.85
C ASN B 38 87.13 114.08 155.33
N SER B 39 88.11 113.82 154.49
CA SER B 39 89.09 112.81 154.77
C SER B 39 89.66 112.88 156.21
N GLU B 40 90.24 114.01 156.54
CA GLU B 40 90.82 114.17 157.84
C GLU B 40 89.92 113.74 158.96
N GLU B 41 88.69 114.19 158.87
CA GLU B 41 87.70 113.90 159.87
C GLU B 41 87.57 112.41 160.03
N ALA B 42 87.36 111.80 158.90
CA ALA B 42 87.25 110.37 158.88
C ALA B 42 88.53 109.79 159.39
N ARG B 43 89.61 110.27 158.89
CA ARG B 43 90.87 109.76 159.31
C ARG B 43 91.08 109.83 160.79
N THR B 44 90.54 110.84 161.40
CA THR B 44 90.77 110.98 162.84
C THR B 44 89.57 110.61 163.62
N ASP B 45 88.67 109.97 162.95
CA ASP B 45 87.49 109.55 163.63
C ASP B 45 86.74 110.70 164.26
N ARG B 46 86.58 111.79 163.55
CA ARG B 46 85.77 112.80 164.16
C ARG B 46 84.33 112.45 163.98
N PRO B 47 83.47 113.37 164.27
CA PRO B 47 82.09 113.01 164.14
C PRO B 47 81.52 113.51 162.88
N SER B 48 80.74 112.66 162.29
CA SER B 48 80.19 113.06 161.05
C SER B 48 78.82 113.59 161.22
N GLN B 49 78.67 114.66 160.48
CA GLN B 49 77.46 115.37 160.48
C GLN B 49 76.38 114.66 159.69
N GLN B 50 76.74 113.65 158.83
CA GLN B 50 75.73 112.95 158.04
C GLN B 50 75.09 111.86 158.86
N LEU B 51 75.57 111.89 160.08
CA LEU B 51 75.14 110.97 161.05
C LEU B 51 74.59 111.64 162.28
N ARG B 52 73.33 111.34 162.51
CA ARG B 52 72.63 111.97 163.58
C ARG B 52 71.86 111.04 164.47
N SER B 53 72.03 111.30 165.77
CA SER B 53 71.35 110.49 166.75
C SER B 53 69.98 110.96 167.08
N LEU B 54 69.07 110.01 167.26
CA LEU B 54 67.70 110.29 167.62
C LEU B 54 67.40 109.86 169.02
N ASN B 55 68.49 109.64 169.72
CA ASN B 55 68.36 109.21 171.08
C ASN B 55 67.92 110.37 171.88
N GLY B 56 67.00 110.08 172.81
CA GLY B 56 66.50 111.08 173.73
C GLY B 56 65.09 110.83 174.19
N GLU B 57 64.39 111.94 174.40
CA GLU B 57 63.03 111.82 174.86
C GLU B 57 62.15 111.48 173.73
N TRP B 58 61.26 110.55 173.99
CA TRP B 58 60.37 110.06 172.96
C TRP B 58 59.04 109.81 173.62
N ARG B 59 58.06 109.54 172.82
CA ARG B 59 56.80 109.30 173.48
C ARG B 59 56.42 107.88 173.41
N PHE B 60 55.96 107.42 174.54
CA PHE B 60 55.66 106.03 174.64
C PHE B 60 54.30 105.67 175.14
N ALA B 61 53.77 104.58 174.62
CA ALA B 61 52.53 104.07 175.14
C ALA B 61 52.45 102.56 174.99
N TRP B 62 51.97 101.93 176.02
CA TRP B 62 51.92 100.51 176.07
C TRP B 62 50.56 99.87 175.90
N PHE B 63 50.50 98.76 175.22
CA PHE B 63 49.25 98.03 175.04
C PHE B 63 49.49 96.57 175.16
N PRO B 64 48.51 95.99 175.73
CA PRO B 64 48.40 94.56 175.95
C PRO B 64 48.40 93.78 174.65
N ALA B 65 48.15 94.50 173.57
CA ALA B 65 48.09 93.86 172.28
C ALA B 65 48.13 94.87 171.17
N PRO B 66 48.59 94.38 170.06
CA PRO B 66 48.73 95.17 168.85
C PRO B 66 47.36 95.71 168.38
N GLU B 67 46.37 94.83 168.43
CA GLU B 67 45.00 95.14 168.07
C GLU B 67 44.45 96.38 168.78
N ALA B 68 44.64 96.40 170.07
CA ALA B 68 44.30 97.52 170.89
C ALA B 68 44.92 98.84 170.40
N VAL B 69 45.90 98.80 169.53
CA VAL B 69 46.38 100.10 169.12
C VAL B 69 45.33 100.81 168.27
N PRO B 70 45.18 102.09 168.55
CA PRO B 70 44.22 102.95 167.92
C PRO B 70 44.77 103.68 166.72
N GLU B 71 43.93 103.60 165.67
CA GLU B 71 44.29 104.18 164.42
C GLU B 71 44.92 105.59 164.41
N SER B 72 44.43 106.41 165.31
CA SER B 72 44.90 107.79 165.44
C SER B 72 46.37 107.86 165.68
N TRP B 73 46.83 106.82 166.38
CA TRP B 73 48.20 106.77 166.79
C TRP B 73 49.11 107.18 165.64
N LEU B 74 48.69 106.73 164.44
CA LEU B 74 49.45 106.97 163.23
C LEU B 74 49.65 108.40 162.90
N GLU B 75 48.54 109.04 163.21
CA GLU B 75 48.35 110.43 162.95
C GLU B 75 48.84 111.34 164.03
N CYS B 76 48.35 111.04 165.21
CA CYS B 76 48.62 111.91 166.30
C CYS B 76 49.06 111.16 167.49
N ASP B 77 49.91 111.88 168.24
CA ASP B 77 50.43 111.39 169.51
C ASP B 77 49.28 111.17 170.44
N LEU B 78 49.48 110.32 171.41
CA LEU B 78 48.37 110.13 172.30
C LEU B 78 48.39 111.09 173.45
N PRO B 79 47.23 111.19 174.02
CA PRO B 79 47.04 112.05 175.14
C PRO B 79 47.74 111.41 176.31
N GLU B 80 47.41 110.12 176.45
CA GLU B 80 47.89 109.23 177.49
C GLU B 80 49.31 108.69 177.29
N ALA B 81 50.02 109.30 176.35
CA ALA B 81 51.37 108.90 176.09
C ALA B 81 52.26 109.47 177.16
N ASP B 82 53.39 108.81 177.38
CA ASP B 82 54.37 109.25 178.34
C ASP B 82 55.61 109.66 177.62
N THR B 83 56.38 110.45 178.29
CA THR B 83 57.62 110.83 177.71
C THR B 83 58.63 109.91 178.32
N VAL B 84 59.46 109.34 177.45
CA VAL B 84 60.45 108.35 177.83
C VAL B 84 61.77 108.52 177.16
N VAL B 85 62.77 107.95 177.82
CA VAL B 85 64.08 107.95 177.23
C VAL B 85 64.36 106.74 176.38
N VAL B 86 64.96 107.04 175.26
CA VAL B 86 65.33 106.04 174.33
C VAL B 86 66.82 106.18 174.07
N PRO B 87 67.55 105.06 174.12
CA PRO B 87 66.97 103.73 174.23
C PRO B 87 66.74 103.24 175.63
N SER B 88 65.92 102.20 175.66
CA SER B 88 65.59 101.60 176.93
C SER B 88 64.71 100.37 176.74
N ASN B 89 64.49 99.71 177.87
CA ASN B 89 63.64 98.53 177.97
C ASN B 89 62.46 98.95 178.78
N TRP B 90 61.34 98.73 178.21
CA TRP B 90 60.16 99.15 178.87
C TRP B 90 59.84 98.46 180.18
N GLN B 91 60.29 97.21 180.36
CA GLN B 91 59.98 96.60 181.64
C GLN B 91 60.67 97.39 182.72
N MET B 92 61.73 98.07 182.28
CA MET B 92 62.55 98.88 183.18
C MET B 92 61.86 100.13 183.66
N HIS B 93 60.69 100.37 183.09
CA HIS B 93 59.94 101.56 183.41
C HIS B 93 58.62 101.24 183.99
N GLY B 94 58.47 100.02 184.40
CA GLY B 94 57.26 99.60 185.01
C GLY B 94 56.17 99.17 184.08
N TYR B 95 56.39 99.35 182.76
CA TYR B 95 55.32 98.93 181.89
C TYR B 95 54.75 97.52 182.02
N ASP B 96 55.65 96.59 182.21
CA ASP B 96 55.33 95.19 182.44
C ASP B 96 56.53 94.60 183.07
N ALA B 97 56.39 93.30 183.33
CA ALA B 97 57.42 92.51 183.97
C ALA B 97 58.49 91.95 183.07
N PRO B 98 59.68 91.92 183.61
CA PRO B 98 60.76 91.29 182.93
C PRO B 98 60.67 89.87 183.41
N ILE B 99 61.00 88.93 182.54
CA ILE B 99 60.96 87.54 182.93
C ILE B 99 62.34 86.90 182.92
N TYR B 100 62.52 86.14 183.98
CA TYR B 100 63.71 85.37 184.12
C TYR B 100 63.41 83.87 184.09
N THR B 101 63.48 83.36 182.88
CA THR B 101 63.38 81.94 182.61
C THR B 101 64.66 81.57 181.85
N ASN B 102 65.12 80.34 182.04
CA ASN B 102 66.34 79.81 181.43
C ASN B 102 66.16 79.12 180.07
N VAL B 103 65.50 77.96 180.18
CA VAL B 103 65.27 77.07 179.06
C VAL B 103 63.90 77.22 178.53
N THR B 104 63.01 77.07 179.48
CA THR B 104 61.63 77.17 179.16
C THR B 104 61.22 78.50 178.59
N TYR B 105 60.57 78.41 177.44
CA TYR B 105 60.08 79.55 176.74
C TYR B 105 59.01 80.24 177.57
N PRO B 106 59.07 81.55 177.55
CA PRO B 106 58.16 82.41 178.26
C PRO B 106 56.76 82.28 177.72
N ILE B 107 56.68 82.02 176.44
CA ILE B 107 55.40 81.84 175.85
C ILE B 107 55.17 80.38 175.55
N THR B 108 53.99 80.08 175.10
CA THR B 108 53.65 78.71 174.79
C THR B 108 54.27 78.23 173.52
N VAL B 109 54.69 76.98 173.60
CA VAL B 109 55.36 76.44 172.44
C VAL B 109 54.49 75.97 171.32
N ASN B 110 54.36 76.86 170.36
CA ASN B 110 53.55 76.55 169.22
C ASN B 110 53.91 77.38 168.05
N PRO B 111 55.11 77.18 167.66
CA PRO B 111 55.64 77.88 166.54
C PRO B 111 54.76 77.62 165.33
N PRO B 112 54.66 78.66 164.54
CA PRO B 112 55.37 79.91 164.74
C PRO B 112 54.50 80.93 165.42
N PHE B 113 53.64 80.40 166.25
CA PHE B 113 52.74 81.26 166.94
C PHE B 113 53.11 81.74 168.28
N VAL B 114 52.90 83.03 168.35
CA VAL B 114 53.04 83.89 169.48
C VAL B 114 51.65 84.01 170.17
N PRO B 115 51.62 84.32 171.45
CA PRO B 115 50.35 84.47 172.16
C PRO B 115 49.58 85.73 171.74
N THR B 116 48.27 85.60 171.85
CA THR B 116 47.37 86.65 171.43
C THR B 116 47.57 87.99 172.13
N GLU B 117 47.90 87.90 173.41
CA GLU B 117 48.18 89.04 174.25
C GLU B 117 49.65 89.30 174.14
N ASN B 118 49.97 90.26 173.33
CA ASN B 118 51.33 90.49 173.14
C ASN B 118 51.65 91.97 173.27
N PRO B 119 52.29 92.19 174.34
CA PRO B 119 52.69 93.49 174.76
C PRO B 119 53.28 94.31 173.69
N THR B 120 52.50 95.29 173.29
CA THR B 120 52.92 96.21 172.29
C THR B 120 53.38 97.55 172.85
N GLY B 121 54.45 98.09 172.30
CA GLY B 121 54.98 99.36 172.76
C GLY B 121 55.03 100.35 171.61
N CYS B 122 54.23 101.41 171.71
CA CYS B 122 54.20 102.40 170.66
C CYS B 122 55.05 103.57 170.97
N TYR B 123 56.09 103.68 170.19
CA TYR B 123 57.07 104.74 170.33
C TYR B 123 56.86 105.69 169.20
N SER B 124 57.02 106.96 169.52
CA SER B 124 56.79 107.98 168.53
C SER B 124 57.75 109.09 168.73
N LEU B 125 58.06 109.69 167.63
CA LEU B 125 58.98 110.78 167.70
C LEU B 125 58.89 111.73 166.52
N THR B 126 58.84 112.94 166.97
CA THR B 126 58.70 114.06 166.11
C THR B 126 59.98 114.83 166.01
N PHE B 127 60.37 115.10 164.79
CA PHE B 127 61.61 115.77 164.62
C PHE B 127 61.70 116.48 163.30
N ASN B 128 62.76 117.27 163.31
CA ASN B 128 63.11 118.13 162.24
C ASN B 128 64.24 117.65 161.42
N VAL B 129 64.17 118.04 160.16
CA VAL B 129 65.13 117.67 159.17
C VAL B 129 65.65 118.82 158.35
N ASP B 130 66.98 118.97 158.28
CA ASP B 130 67.43 120.04 157.43
C ASP B 130 67.03 119.68 156.00
N GLU B 131 66.51 120.63 155.24
CA GLU B 131 66.13 120.24 153.91
C GLU B 131 67.33 120.02 153.02
N SER B 132 68.45 120.60 153.39
CA SER B 132 69.62 120.35 152.59
C SER B 132 69.69 118.84 152.28
N TRP B 133 69.39 118.06 153.31
CA TRP B 133 69.36 116.62 153.24
C TRP B 133 68.26 116.12 152.34
N LEU B 134 67.21 116.87 152.38
CA LEU B 134 66.04 116.57 151.65
C LEU B 134 66.22 116.81 150.17
N GLN B 135 67.19 117.68 149.83
CA GLN B 135 67.38 117.92 148.43
C GLN B 135 68.05 116.78 147.77
N GLU B 136 69.36 116.76 147.94
CA GLU B 136 70.18 115.74 147.39
C GLU B 136 70.45 114.56 148.34
N GLY B 137 71.04 113.49 147.81
CA GLY B 137 71.44 112.34 148.59
C GLY B 137 70.33 111.43 149.14
N GLN B 138 70.78 110.61 150.10
CA GLN B 138 69.90 109.67 150.71
C GLN B 138 69.94 109.57 152.20
N THR B 139 68.72 109.47 152.68
CA THR B 139 68.52 109.46 154.08
C THR B 139 67.84 108.26 154.65
N ARG B 140 68.62 107.63 155.51
CA ARG B 140 68.10 106.49 156.14
C ARG B 140 68.24 106.55 157.64
N ILE B 141 67.36 105.72 158.17
CA ILE B 141 67.28 105.55 159.57
C ILE B 141 67.78 104.17 159.99
N ILE B 142 68.33 104.18 161.19
CA ILE B 142 68.88 102.98 161.74
C ILE B 142 68.63 102.70 163.19
N PHE B 143 68.05 101.54 163.38
CA PHE B 143 67.83 101.00 164.70
C PHE B 143 68.87 99.96 165.04
N ASP B 144 69.75 100.30 165.94
CA ASP B 144 70.75 99.36 166.36
C ASP B 144 70.24 98.16 167.12
N GLY B 145 69.05 98.26 167.66
CA GLY B 145 68.46 97.16 168.37
C GLY B 145 67.05 97.47 168.91
N VAL B 146 66.13 96.56 168.52
CA VAL B 146 64.69 96.55 168.85
C VAL B 146 64.21 95.12 169.12
N ASN B 147 63.75 94.91 170.32
CA ASN B 147 63.36 93.58 170.68
C ASN B 147 61.88 93.48 170.90
N SER B 148 61.23 92.52 170.24
CA SER B 148 61.79 91.51 169.37
C SER B 148 61.54 91.74 167.91
N ALA B 149 60.42 92.38 167.62
CA ALA B 149 59.98 92.67 166.25
C ALA B 149 59.31 94.05 166.12
N PHE B 150 59.16 94.54 164.90
CA PHE B 150 58.50 95.82 164.77
C PHE B 150 58.20 96.33 163.40
N HIS B 151 57.14 97.16 163.40
CA HIS B 151 56.62 97.87 162.23
C HIS B 151 56.96 99.32 162.28
N LEU B 152 57.04 99.89 161.12
CA LEU B 152 57.43 101.26 161.20
C LEU B 152 56.75 102.23 160.23
N TRP B 153 56.39 103.42 160.77
CA TRP B 153 55.79 104.46 159.97
C TRP B 153 56.50 105.77 160.02
N CYS B 154 56.38 106.47 158.93
CA CYS B 154 56.99 107.77 158.86
C CYS B 154 56.02 108.67 158.20
N ASN B 155 55.69 109.68 158.99
CA ASN B 155 54.74 110.68 158.61
C ASN B 155 53.47 109.99 158.12
N GLY B 156 52.95 109.05 158.91
CA GLY B 156 51.69 108.38 158.60
C GLY B 156 51.82 107.24 157.62
N ARG B 157 52.98 107.24 156.99
CA ARG B 157 53.24 106.24 156.02
C ARG B 157 53.97 105.02 156.52
N TRP B 158 53.41 103.87 156.14
CA TRP B 158 54.02 102.62 156.50
C TRP B 158 55.35 102.45 155.79
N VAL B 159 56.36 102.03 156.54
CA VAL B 159 57.68 101.90 155.94
C VAL B 159 58.20 100.48 155.84
N GLY B 160 58.25 99.78 156.94
CA GLY B 160 58.76 98.45 156.86
C GLY B 160 58.62 97.70 158.17
N TYR B 161 59.27 96.56 158.15
CA TYR B 161 59.24 95.66 159.26
C TYR B 161 60.58 94.98 159.42
N GLY B 162 60.83 94.49 160.63
CA GLY B 162 62.09 93.84 160.96
C GLY B 162 62.05 92.86 162.14
N GLN B 163 62.97 91.86 162.09
CA GLN B 163 63.14 90.86 163.14
C GLN B 163 64.64 90.73 163.52
N ASP B 164 64.90 89.98 164.60
CA ASP B 164 66.23 89.79 165.12
C ASP B 164 66.63 90.96 165.99
N SER B 165 66.39 90.76 167.28
CA SER B 165 66.68 91.80 168.25
C SER B 165 68.10 92.24 168.34
N ARG B 166 69.05 91.49 167.80
CA ARG B 166 70.41 91.91 168.03
C ARG B 166 71.14 92.59 166.93
N LEU B 167 70.52 92.66 165.77
CA LEU B 167 71.19 93.38 164.73
C LEU B 167 70.40 94.59 164.31
N PRO B 168 71.12 95.49 163.67
CA PRO B 168 70.61 96.72 163.15
C PRO B 168 69.63 96.54 162.04
N SER B 169 68.70 97.49 162.00
CA SER B 169 67.71 97.55 160.94
C SER B 169 67.77 98.89 160.26
N GLU B 170 67.83 98.84 158.95
CA GLU B 170 67.92 100.08 158.22
C GLU B 170 66.89 100.24 157.17
N PHE B 171 66.46 101.51 157.14
CA PHE B 171 65.52 101.96 156.15
C PHE B 171 65.79 103.31 155.57
N ASP B 172 65.40 103.33 154.30
CA ASP B 172 65.48 104.51 153.47
C ASP B 172 64.31 105.41 153.75
N LEU B 173 64.60 106.57 154.28
CA LEU B 173 63.50 107.41 154.60
C LEU B 173 63.14 108.42 153.54
N SER B 174 64.17 108.58 152.72
CA SER B 174 64.25 109.47 151.62
C SER B 174 62.91 109.89 151.04
N ALA B 175 62.04 108.94 150.80
CA ALA B 175 60.76 109.30 150.22
C ALA B 175 59.65 109.65 151.20
N PHE B 176 59.91 109.73 152.50
CA PHE B 176 58.79 110.02 153.35
C PHE B 176 58.98 111.27 154.14
N LEU B 177 60.18 111.73 154.03
CA LEU B 177 60.50 112.90 154.73
C LEU B 177 60.01 114.13 154.07
N ARG B 178 59.67 115.06 154.95
CA ARG B 178 59.22 116.39 154.59
C ARG B 178 60.16 117.32 155.25
N ALA B 179 60.25 118.52 154.71
CA ALA B 179 61.12 119.43 155.41
C ALA B 179 60.45 119.86 156.70
N GLY B 180 61.33 120.09 157.65
CA GLY B 180 60.90 120.45 158.94
C GLY B 180 60.42 119.26 159.74
N GLU B 181 59.18 119.38 160.15
CA GLU B 181 58.61 118.46 161.04
C GLU B 181 58.23 117.09 160.61
N ASN B 182 58.89 116.09 161.17
CA ASN B 182 58.50 114.75 160.83
C ASN B 182 58.16 113.95 162.04
N ARG B 183 57.41 112.90 161.77
CA ARG B 183 57.02 112.05 162.85
C ARG B 183 57.09 110.56 162.55
N LEU B 184 57.86 109.88 163.44
CA LEU B 184 57.99 108.44 163.40
C LEU B 184 57.09 107.76 164.38
N ALA B 185 56.57 106.65 163.91
CA ALA B 185 55.77 105.80 164.75
C ALA B 185 56.19 104.37 164.56
N VAL B 186 56.76 103.88 165.66
CA VAL B 186 57.27 102.56 165.75
C VAL B 186 56.48 101.69 166.65
N MET B 187 55.97 100.64 166.07
CA MET B 187 55.26 99.74 166.91
C MET B 187 56.12 98.51 167.14
N VAL B 188 56.46 98.28 168.40
CA VAL B 188 57.34 97.20 168.81
C VAL B 188 56.66 96.04 169.51
N LEU B 189 56.99 94.77 169.16
CA LEU B 189 56.33 93.66 169.84
C LEU B 189 57.18 92.75 170.70
N ARG B 190 56.59 92.33 171.80
CA ARG B 190 57.32 91.47 172.69
C ARG B 190 57.67 90.18 172.01
N TRP B 191 56.63 89.47 171.62
CA TRP B 191 56.77 88.21 170.97
C TRP B 191 56.66 88.27 169.48
N SER B 192 57.41 87.41 168.80
CA SER B 192 57.40 87.30 167.36
C SER B 192 57.86 85.91 167.00
N ASP B 193 57.84 85.55 165.73
CA ASP B 193 58.33 84.21 165.42
C ASP B 193 59.84 84.18 165.78
N GLY B 194 60.50 85.38 165.73
CA GLY B 194 61.92 85.57 166.08
C GLY B 194 62.24 85.10 167.50
N SER B 195 61.22 85.17 168.29
CA SER B 195 61.30 84.77 169.66
C SER B 195 61.70 83.32 169.77
N TYR B 196 61.19 82.51 168.87
CA TYR B 196 61.57 81.13 168.96
C TYR B 196 63.09 80.92 168.80
N LEU B 197 63.78 81.90 168.21
CA LEU B 197 65.20 81.80 168.04
C LEU B 197 65.95 82.59 169.05
N GLU B 198 65.23 82.99 170.08
CA GLU B 198 65.91 83.80 171.06
C GLU B 198 65.73 83.27 172.48
N ASP B 199 65.92 81.96 172.69
CA ASP B 199 65.71 81.38 174.01
C ASP B 199 66.87 81.43 174.99
N GLN B 200 67.69 82.48 174.90
CA GLN B 200 68.84 82.61 175.80
C GLN B 200 68.46 82.70 177.27
N ASP B 201 69.27 82.06 178.13
CA ASP B 201 69.10 82.06 179.58
C ASP B 201 69.42 83.44 180.14
N MET B 202 68.44 84.32 180.08
CA MET B 202 68.59 85.70 180.53
C MET B 202 67.23 86.28 180.80
N TRP B 203 67.24 87.54 181.21
CA TRP B 203 66.00 88.22 181.48
C TRP B 203 65.38 88.51 180.14
N ARG B 204 64.08 88.29 180.07
CA ARG B 204 63.36 88.54 178.87
C ARG B 204 62.72 89.93 178.92
N MET B 205 63.28 90.82 178.15
CA MET B 205 62.84 92.18 178.11
C MET B 205 62.34 92.63 176.73
N SER B 206 62.23 93.96 176.51
CA SER B 206 61.75 94.50 175.21
C SER B 206 61.87 95.97 175.05
N GLY B 207 61.81 96.37 173.77
CA GLY B 207 61.89 97.76 173.40
C GLY B 207 63.00 98.15 172.45
N ILE B 208 63.27 99.44 172.47
CA ILE B 208 64.29 100.05 171.64
C ILE B 208 65.42 100.32 172.54
N PHE B 209 66.23 99.26 172.62
CA PHE B 209 67.30 99.22 173.56
C PHE B 209 68.65 99.58 173.04
N ARG B 210 68.73 99.86 171.76
CA ARG B 210 69.99 100.32 171.23
C ARG B 210 69.69 101.59 170.46
N ASP B 211 70.74 102.30 170.16
CA ASP B 211 70.69 103.55 169.44
C ASP B 211 69.82 103.63 168.20
N VAL B 212 69.34 104.88 168.00
CA VAL B 212 68.56 105.29 166.84
C VAL B 212 69.22 106.42 166.14
N SER B 213 69.34 106.29 164.82
CA SER B 213 70.09 107.29 164.12
C SER B 213 69.70 107.52 162.68
N LEU B 214 70.29 108.61 162.18
CA LEU B 214 70.05 109.01 160.83
C LEU B 214 71.28 109.21 160.07
N LEU B 215 71.15 108.67 158.89
CA LEU B 215 72.25 108.77 158.02
C LEU B 215 71.93 109.26 156.64
N HIS B 216 72.73 110.29 156.35
CA HIS B 216 72.68 110.99 155.11
C HIS B 216 73.85 110.59 154.28
N LYS B 217 73.51 110.00 153.14
CA LYS B 217 74.50 109.54 152.22
C LYS B 217 74.22 110.03 150.81
N PRO B 218 75.31 110.20 150.03
CA PRO B 218 75.22 110.61 148.64
C PRO B 218 74.45 109.57 147.88
N THR B 219 73.99 109.92 146.70
CA THR B 219 73.21 108.97 145.93
C THR B 219 74.10 107.92 145.34
N THR B 220 75.28 108.41 145.05
CA THR B 220 76.30 107.59 144.54
C THR B 220 77.29 107.44 145.68
N GLN B 221 77.26 106.27 146.29
CA GLN B 221 78.07 106.06 147.46
C GLN B 221 78.75 104.71 147.56
N ILE B 222 79.55 104.64 148.62
CA ILE B 222 80.23 103.44 149.03
C ILE B 222 79.22 102.56 149.72
N SER B 223 78.91 101.40 149.16
CA SER B 223 77.90 100.55 149.75
C SER B 223 78.44 99.49 150.70
N ASP B 224 79.75 99.23 150.58
CA ASP B 224 80.35 98.19 151.38
C ASP B 224 81.82 98.06 151.11
N PHE B 225 82.52 97.55 152.12
CA PHE B 225 83.92 97.30 151.95
C PHE B 225 84.48 96.28 152.91
N HIS B 226 85.49 95.58 152.44
CA HIS B 226 86.13 94.59 153.27
C HIS B 226 87.59 94.73 153.20
N VAL B 227 88.13 94.40 154.33
CA VAL B 227 89.55 94.41 154.48
C VAL B 227 90.06 93.03 154.81
N ALA B 228 91.31 92.79 154.37
CA ALA B 228 92.04 91.53 154.58
C ALA B 228 93.56 91.66 154.59
N THR B 229 94.20 90.90 155.48
CA THR B 229 95.64 90.91 155.58
C THR B 229 96.29 89.58 155.30
N ARG B 230 97.28 89.60 154.46
CA ARG B 230 98.01 88.40 154.12
C ARG B 230 99.48 88.60 154.47
N PHE B 231 100.18 87.52 154.88
CA PHE B 231 101.59 87.71 155.23
C PHE B 231 102.54 86.71 154.63
N ASN B 232 103.84 87.05 154.71
CA ASN B 232 104.83 86.07 154.34
C ASN B 232 104.97 85.14 155.53
N ASP B 233 105.80 84.14 155.31
CA ASP B 233 106.02 83.14 156.31
C ASP B 233 106.47 83.70 157.63
N ASP B 234 107.06 84.87 157.63
CA ASP B 234 107.57 85.39 158.88
C ASP B 234 107.00 86.70 159.30
N PHE B 235 105.90 87.08 158.65
CA PHE B 235 105.25 88.32 159.03
C PHE B 235 106.13 89.53 158.85
N SER B 236 107.14 89.36 158.04
CA SER B 236 108.04 90.45 157.78
C SER B 236 107.40 91.39 156.76
N ARG B 237 106.35 90.88 156.16
CA ARG B 237 105.71 91.64 155.15
C ARG B 237 104.26 91.22 154.93
N ALA B 238 103.44 92.24 154.70
CA ALA B 238 102.03 92.03 154.51
C ALA B 238 101.38 92.70 153.34
N VAL B 239 100.21 92.18 153.07
CA VAL B 239 99.40 92.77 152.07
C VAL B 239 98.05 93.11 152.59
N LEU B 240 97.73 94.37 152.43
CA LEU B 240 96.43 94.75 152.80
C LEU B 240 95.58 94.76 151.54
N GLU B 241 94.49 94.07 151.59
CA GLU B 241 93.66 94.03 150.46
C GLU B 241 92.25 94.44 150.79
N ALA B 242 91.81 95.47 150.07
CA ALA B 242 90.50 96.04 150.29
C ALA B 242 89.59 95.97 149.10
N GLU B 243 88.38 95.57 149.41
CA GLU B 243 87.41 95.44 148.38
C GLU B 243 86.29 96.37 148.68
N VAL B 244 86.05 97.17 147.67
CA VAL B 244 85.04 98.16 147.79
C VAL B 244 83.94 98.08 146.78
N GLN B 245 82.76 98.28 147.30
CA GLN B 245 81.62 98.28 146.45
C GLN B 245 80.86 99.57 146.58
N MET B 246 80.31 99.95 145.43
CA MET B 246 79.55 101.16 145.32
C MET B 246 78.13 100.93 144.88
N CYS B 247 77.31 101.90 145.24
CA CYS B 247 75.93 101.97 144.86
C CYS B 247 75.75 103.28 144.11
N GLY B 248 74.79 103.32 143.22
CA GLY B 248 74.55 104.56 142.50
C GLY B 248 74.85 104.52 141.02
N GLU B 249 74.95 105.70 140.37
CA GLU B 249 75.33 105.42 139.00
C GLU B 249 76.71 105.79 138.66
N LEU B 250 77.14 104.71 138.04
CA LEU B 250 78.45 104.49 137.60
C LEU B 250 78.90 105.38 136.49
N ARG B 251 80.09 105.95 136.68
CA ARG B 251 80.70 106.85 135.72
C ARG B 251 82.19 106.69 135.74
N ASP B 252 82.74 106.61 134.57
CA ASP B 252 84.16 106.46 134.36
C ASP B 252 85.07 107.46 135.07
N TYR B 253 84.53 108.51 135.67
CA TYR B 253 85.49 109.42 136.29
C TYR B 253 85.64 109.15 137.75
N LEU B 254 84.94 108.11 138.15
CA LEU B 254 84.97 107.66 139.51
C LEU B 254 86.23 106.96 139.84
N ARG B 255 86.63 107.24 141.07
CA ARG B 255 87.82 106.69 141.61
C ARG B 255 87.70 106.31 143.05
N VAL B 256 88.66 105.49 143.46
CA VAL B 256 88.69 105.07 144.82
C VAL B 256 90.06 105.10 145.37
N THR B 257 90.12 105.65 146.55
CA THR B 257 91.38 105.69 147.18
C THR B 257 91.37 105.13 148.56
N VAL B 258 92.44 104.39 148.79
CA VAL B 258 92.59 103.75 150.03
C VAL B 258 93.95 104.00 150.53
N SER B 259 93.93 104.54 151.74
CA SER B 259 95.13 104.93 152.40
C SER B 259 95.21 104.38 153.79
N LEU B 260 96.45 104.07 154.09
CA LEU B 260 96.76 103.52 155.34
C LEU B 260 97.63 104.42 156.12
N TRP B 261 97.16 104.59 157.33
CA TRP B 261 97.79 105.44 158.26
C TRP B 261 98.19 104.81 159.57
N GLN B 262 99.33 105.29 159.98
CA GLN B 262 99.92 104.93 161.22
C GLN B 262 100.02 106.21 162.03
N GLY B 263 98.88 106.51 162.60
CA GLY B 263 98.83 107.74 163.31
C GLY B 263 98.90 108.89 162.32
N GLU B 264 100.00 109.59 162.40
CA GLU B 264 100.18 110.75 161.57
C GLU B 264 100.75 110.40 160.24
N THR B 265 101.30 109.22 160.24
CA THR B 265 101.94 108.80 159.06
C THR B 265 101.11 108.04 158.06
N GLN B 266 101.31 108.45 156.83
CA GLN B 266 100.63 107.75 155.81
C GLN B 266 101.57 106.70 155.38
N VAL B 267 101.08 105.51 155.51
CA VAL B 267 101.87 104.33 155.29
C VAL B 267 101.78 103.78 153.90
N ALA B 268 100.58 103.90 153.36
CA ALA B 268 100.37 103.44 152.02
C ALA B 268 99.06 103.93 151.49
N SER B 269 99.07 104.03 150.18
CA SER B 269 97.90 104.48 149.48
C SER B 269 97.82 103.84 148.15
N GLY B 270 96.58 103.84 147.64
CA GLY B 270 96.29 103.28 146.35
C GLY B 270 95.02 103.86 145.81
N THR B 271 95.04 104.05 144.49
CA THR B 271 93.89 104.60 143.85
C THR B 271 93.50 103.85 142.61
N ALA B 272 92.19 103.79 142.38
CA ALA B 272 91.71 103.12 141.21
C ALA B 272 90.28 103.42 140.92
N PRO B 273 89.94 102.96 139.76
CA PRO B 273 88.63 103.10 139.17
C PRO B 273 87.93 101.78 139.32
N PHE B 274 86.61 101.86 139.35
CA PHE B 274 85.82 100.67 139.50
C PHE B 274 86.00 99.67 138.40
N GLY B 275 85.61 98.46 138.70
CA GLY B 275 85.72 97.39 137.75
C GLY B 275 86.75 96.39 138.20
N GLY B 276 86.23 95.16 138.41
CA GLY B 276 86.99 94.01 138.85
C GLY B 276 87.52 93.11 137.72
N GLU B 277 88.18 92.05 138.18
CA GLU B 277 88.77 91.06 137.33
C GLU B 277 87.68 90.11 136.96
N ILE B 278 87.93 89.40 135.87
CA ILE B 278 86.95 88.47 135.45
C ILE B 278 86.74 87.45 136.49
N ILE B 279 85.49 87.15 136.69
CA ILE B 279 85.23 86.17 137.68
C ILE B 279 84.61 84.97 137.01
N ASP B 280 83.87 85.19 135.95
CA ASP B 280 83.26 84.05 135.33
C ASP B 280 82.99 84.33 133.89
N GLU B 281 82.21 83.45 133.30
CA GLU B 281 81.91 83.59 131.89
C GLU B 281 81.28 84.91 131.49
N ARG B 282 80.55 85.54 132.43
CA ARG B 282 79.90 86.81 132.17
C ARG B 282 80.76 88.02 132.44
N GLY B 283 81.90 87.84 133.07
CA GLY B 283 82.77 88.97 133.34
C GLY B 283 83.04 89.13 134.83
N GLY B 284 83.16 90.41 135.22
CA GLY B 284 83.40 90.78 136.61
C GLY B 284 82.35 91.74 137.18
N TYR B 285 82.74 92.38 138.29
CA TYR B 285 81.93 93.37 138.98
C TYR B 285 82.38 94.73 138.52
N ALA B 286 81.48 95.37 137.82
CA ALA B 286 81.78 96.67 137.32
C ALA B 286 81.84 97.73 138.40
N ASP B 287 81.04 97.46 139.39
CA ASP B 287 80.84 98.30 140.52
C ASP B 287 81.59 97.88 141.73
N ARG B 288 82.73 97.25 141.53
CA ARG B 288 83.53 96.94 142.69
C ARG B 288 84.91 97.15 142.27
N VAL B 289 85.76 97.23 143.24
CA VAL B 289 87.15 97.35 142.98
C VAL B 289 87.95 96.86 144.18
N THR B 290 89.07 96.22 143.91
CA THR B 290 89.87 95.71 145.00
C THR B 290 91.27 96.28 144.97
N LEU B 291 91.72 96.83 146.08
CA LEU B 291 93.08 97.34 146.09
C LEU B 291 93.94 96.51 146.98
N ARG B 292 95.20 96.50 146.63
CA ARG B 292 96.15 95.75 147.38
C ARG B 292 97.31 96.60 147.78
N LEU B 293 97.49 96.80 149.08
CA LEU B 293 98.58 97.61 149.59
C LEU B 293 99.62 96.77 150.25
N ASN B 294 100.84 97.07 149.92
CA ASN B 294 101.94 96.36 150.51
C ASN B 294 102.42 97.05 151.74
N VAL B 295 102.76 96.25 152.75
CA VAL B 295 103.26 96.81 153.97
C VAL B 295 104.47 96.09 154.51
N GLU B 296 105.54 96.82 154.64
CA GLU B 296 106.73 96.18 155.16
C GLU B 296 106.75 96.25 156.66
N ASN B 297 107.25 95.19 157.26
CA ASN B 297 107.36 95.14 158.70
C ASN B 297 106.17 95.76 159.40
N PRO B 298 105.02 95.22 159.12
CA PRO B 298 103.83 95.73 159.75
C PRO B 298 103.93 95.44 161.23
N LYS B 299 103.16 96.21 161.97
CA LYS B 299 103.04 96.05 163.40
C LYS B 299 101.79 95.26 163.66
N LEU B 300 102.02 94.17 164.37
CA LEU B 300 100.92 93.30 164.59
C LEU B 300 99.97 93.55 165.71
N TRP B 301 98.76 93.19 165.41
CA TRP B 301 97.78 93.34 166.42
C TRP B 301 97.65 92.08 167.25
N SER B 302 97.48 92.21 168.56
CA SER B 302 97.35 91.09 169.50
C SER B 302 96.62 91.60 170.69
N ALA B 303 96.12 90.69 171.49
CA ALA B 303 95.49 91.14 172.70
C ALA B 303 96.62 91.63 173.58
N GLU B 304 97.82 91.13 173.36
CA GLU B 304 98.98 91.59 174.11
C GLU B 304 99.34 93.02 173.70
N ILE B 305 99.23 93.34 172.41
CA ILE B 305 99.56 94.68 171.93
C ILE B 305 98.77 95.01 170.72
N PRO B 306 97.71 95.68 170.99
CA PRO B 306 96.75 96.04 170.01
C PRO B 306 97.22 97.09 169.05
N ASN B 307 98.22 96.77 168.27
CA ASN B 307 98.67 97.72 167.31
C ASN B 307 97.61 97.92 166.28
N LEU B 308 97.22 99.18 166.09
CA LEU B 308 96.24 99.53 165.07
C LEU B 308 96.69 100.47 163.97
N TYR B 309 95.98 100.39 162.86
CA TYR B 309 96.22 101.25 161.74
C TYR B 309 94.90 101.81 161.33
N ARG B 310 94.95 102.94 160.62
CA ARG B 310 93.72 103.52 160.17
C ARG B 310 93.63 103.50 158.68
N ALA B 311 92.45 103.07 158.27
CA ALA B 311 92.24 102.96 156.87
C ALA B 311 91.14 103.85 156.37
N VAL B 312 91.51 104.55 155.28
CA VAL B 312 90.58 105.44 154.63
C VAL B 312 90.23 105.14 153.20
N VAL B 313 88.92 105.12 153.10
CA VAL B 313 88.29 104.85 151.84
C VAL B 313 87.57 106.05 151.34
N GLU B 314 88.13 106.58 150.27
CA GLU B 314 87.57 107.73 149.63
C GLU B 314 87.13 107.46 148.23
N LEU B 315 85.87 107.81 148.08
CA LEU B 315 85.14 107.73 146.85
C LEU B 315 85.17 109.13 146.24
N HIS B 316 85.87 109.25 145.15
CA HIS B 316 85.97 110.55 144.55
C HIS B 316 86.02 110.51 143.04
N THR B 317 86.06 111.69 142.45
CA THR B 317 86.13 111.80 141.02
C THR B 317 87.55 111.94 140.65
N ALA B 318 87.78 111.72 139.38
CA ALA B 318 89.11 111.76 138.87
C ALA B 318 89.78 113.11 139.05
N ASP B 319 88.97 114.16 139.06
CA ASP B 319 89.50 115.50 139.20
C ASP B 319 90.01 115.76 140.61
N GLY B 320 89.46 115.01 141.55
CA GLY B 320 89.91 115.17 142.91
C GLY B 320 88.79 115.45 143.87
N THR B 321 87.67 115.78 143.31
CA THR B 321 86.54 116.08 144.13
C THR B 321 86.05 114.86 144.90
N LEU B 322 86.03 114.98 146.22
CA LEU B 322 85.60 113.87 147.04
C LEU B 322 84.10 113.72 147.15
N ILE B 323 83.59 112.52 146.95
CA ILE B 323 82.16 112.30 147.10
C ILE B 323 81.81 111.98 148.55
N GLU B 324 82.64 111.11 149.14
CA GLU B 324 82.50 110.71 150.53
C GLU B 324 83.62 109.81 150.94
N ALA B 325 83.61 109.59 152.25
CA ALA B 325 84.62 108.75 152.90
C ALA B 325 84.07 107.88 154.03
N GLU B 326 84.77 106.75 154.16
CA GLU B 326 84.51 105.83 155.22
C GLU B 326 85.86 105.37 155.67
N ALA B 327 85.87 104.90 156.89
CA ALA B 327 87.11 104.45 157.44
C ALA B 327 86.92 103.37 158.48
N CYS B 328 88.08 102.83 158.90
CA CYS B 328 88.12 101.82 159.91
C CYS B 328 89.50 101.60 160.48
N ASP B 329 89.48 100.99 161.66
CA ASP B 329 90.74 100.66 162.27
C ASP B 329 91.18 99.33 161.74
N VAL B 330 92.46 99.17 161.56
CA VAL B 330 92.91 97.92 161.02
C VAL B 330 93.98 97.25 161.85
N GLY B 331 93.83 95.92 161.97
CA GLY B 331 94.80 95.14 162.70
C GLY B 331 95.43 94.05 161.86
N PHE B 332 96.73 94.05 161.89
CA PHE B 332 97.43 93.04 161.17
C PHE B 332 97.64 91.82 162.04
N ARG B 333 96.91 90.77 161.69
CA ARG B 333 96.97 89.53 162.42
C ARG B 333 96.39 88.42 161.60
N GLU B 334 96.96 87.25 161.83
CA GLU B 334 96.56 86.03 161.18
C GLU B 334 96.08 84.99 162.16
N VAL B 335 94.90 84.49 161.92
CA VAL B 335 94.37 83.49 162.82
C VAL B 335 94.27 82.22 162.04
N ARG B 336 94.86 81.17 162.53
CA ARG B 336 94.72 79.94 161.82
C ARG B 336 94.89 78.72 162.65
N ILE B 337 94.27 77.69 162.14
CA ILE B 337 94.38 76.42 162.78
C ILE B 337 95.29 75.54 162.00
N GLU B 338 96.33 75.14 162.66
CA GLU B 338 97.22 74.31 161.95
C GLU B 338 97.68 73.14 162.74
N ASN B 339 97.49 71.99 162.15
CA ASN B 339 97.96 70.82 162.82
C ASN B 339 97.42 70.67 164.23
N GLY B 340 96.12 70.84 164.38
CA GLY B 340 95.47 70.68 165.66
C GLY B 340 95.58 71.91 166.51
N LEU B 341 96.30 72.92 166.03
CA LEU B 341 96.38 74.07 166.90
C LEU B 341 95.92 75.37 166.34
N LEU B 342 95.40 76.13 167.26
CA LEU B 342 94.94 77.44 166.94
C LEU B 342 96.04 78.45 167.13
N LEU B 343 96.37 79.09 166.03
CA LEU B 343 97.43 80.06 166.07
C LEU B 343 97.03 81.42 165.76
N LEU B 344 97.80 82.25 166.36
CA LEU B 344 97.67 83.61 166.14
C LEU B 344 99.01 84.19 165.81
N ASN B 345 99.09 84.77 164.64
CA ASN B 345 100.35 85.31 164.20
C ASN B 345 101.43 84.30 164.41
N GLY B 346 101.07 83.08 164.11
CA GLY B 346 102.02 82.01 164.19
C GLY B 346 102.16 81.34 165.51
N LYS B 347 101.62 81.92 166.55
CA LYS B 347 101.75 81.26 167.81
C LYS B 347 100.41 80.79 168.29
N PRO B 348 100.54 79.73 169.02
CA PRO B 348 99.46 78.98 169.63
C PRO B 348 98.94 79.71 170.81
N LEU B 349 97.65 79.96 170.78
CA LEU B 349 97.07 80.69 171.86
C LEU B 349 96.69 79.89 173.04
N LEU B 350 96.47 80.65 174.09
CA LEU B 350 95.97 80.16 175.33
C LEU B 350 94.94 81.14 175.84
N ILE B 351 93.72 80.76 175.64
CA ILE B 351 92.59 81.58 175.92
C ILE B 351 92.21 81.64 177.34
N ARG B 352 92.34 82.85 177.89
CA ARG B 352 91.92 83.14 179.24
C ARG B 352 90.61 83.90 179.07
N GLY B 353 89.55 83.15 178.77
CA GLY B 353 88.29 83.73 178.44
C GLY B 353 87.16 83.71 179.41
N VAL B 354 86.22 84.54 179.05
CA VAL B 354 85.00 84.65 179.82
C VAL B 354 83.86 84.99 178.92
N ASN B 355 82.72 84.46 179.27
CA ASN B 355 81.50 84.77 178.54
C ASN B 355 80.90 85.98 179.21
N ARG B 356 80.31 86.85 178.41
CA ARG B 356 79.69 88.05 178.93
C ARG B 356 78.42 88.51 178.26
N HIS B 357 77.41 88.76 179.08
CA HIS B 357 76.18 89.31 178.55
C HIS B 357 76.14 90.85 178.63
N GLU B 358 75.25 91.42 177.83
CA GLU B 358 75.03 92.87 177.84
C GLU B 358 73.93 93.11 178.89
N HIS B 359 74.37 93.44 180.12
CA HIS B 359 73.51 93.59 181.30
C HIS B 359 73.93 94.63 182.32
N HIS B 360 72.91 95.42 182.67
CA HIS B 360 72.96 96.53 183.57
C HIS B 360 71.85 96.44 184.58
N PRO B 361 72.26 96.41 185.84
CA PRO B 361 71.40 96.28 187.02
C PRO B 361 70.25 97.27 187.02
N LEU B 362 70.59 98.46 186.48
CA LEU B 362 69.68 99.59 186.34
C LEU B 362 69.04 99.73 184.98
N HIS B 363 69.84 99.73 183.92
CA HIS B 363 69.31 99.88 182.59
C HIS B 363 68.80 98.65 181.93
N GLY B 364 68.88 97.48 182.56
CA GLY B 364 68.43 96.25 181.93
C GLY B 364 69.42 95.87 180.81
N GLN B 365 68.92 95.71 179.59
CA GLN B 365 69.80 95.36 178.49
C GLN B 365 70.40 96.51 177.72
N VAL B 366 70.35 97.68 178.30
CA VAL B 366 70.93 98.82 177.60
C VAL B 366 72.38 99.11 177.97
N MET B 367 73.21 99.14 176.94
CA MET B 367 74.65 99.36 177.13
C MET B 367 75.15 100.77 176.91
N ASP B 368 76.33 101.06 177.47
CA ASP B 368 76.99 102.34 177.33
C ASP B 368 78.48 102.26 177.51
N GLU B 369 79.09 103.21 176.85
CA GLU B 369 80.53 103.29 176.84
C GLU B 369 81.14 103.06 178.19
N GLN B 370 80.66 103.84 179.08
CA GLN B 370 81.20 103.81 180.38
C GLN B 370 81.32 102.42 181.01
N THR B 371 80.22 101.71 180.95
CA THR B 371 80.18 100.37 181.46
C THR B 371 81.14 99.43 180.73
N MET B 372 80.94 99.44 179.42
CA MET B 372 81.75 98.63 178.57
C MET B 372 83.20 98.73 178.99
N VAL B 373 83.66 99.95 179.06
CA VAL B 373 85.03 100.14 179.44
C VAL B 373 85.38 99.55 180.79
N GLN B 374 84.44 99.75 181.67
CA GLN B 374 84.67 99.23 182.98
C GLN B 374 84.98 97.74 182.93
N ASP B 375 84.08 97.05 182.25
CA ASP B 375 84.23 95.63 182.11
C ASP B 375 85.61 95.26 181.55
N ILE B 376 85.89 95.94 180.49
CA ILE B 376 87.13 95.66 179.88
C ILE B 376 88.30 95.82 180.81
N LEU B 377 88.29 96.94 181.48
CA LEU B 377 89.39 97.20 182.37
C LEU B 377 89.58 96.11 183.36
N LEU B 378 88.50 95.77 183.97
CA LEU B 378 88.50 94.71 184.92
C LEU B 378 89.05 93.43 184.38
N MET B 379 88.48 93.03 183.25
CA MET B 379 88.93 91.81 182.66
C MET B 379 90.41 91.79 182.48
N LYS B 380 90.84 92.84 181.81
CA LYS B 380 92.25 92.97 181.54
C LYS B 380 93.02 92.92 182.82
N GLN B 381 92.51 93.57 183.81
CA GLN B 381 93.23 93.56 185.06
C GLN B 381 93.26 92.23 185.75
N ASN B 382 92.32 91.38 185.42
CA ASN B 382 92.27 90.07 186.01
C ASN B 382 92.84 88.96 185.16
N ASN B 383 93.60 89.34 184.17
CA ASN B 383 94.26 88.36 183.36
C ASN B 383 93.43 87.67 182.36
N PHE B 384 92.32 88.29 182.01
CA PHE B 384 91.54 87.71 180.94
C PHE B 384 92.03 88.22 179.56
N ASN B 385 91.87 87.43 178.48
CA ASN B 385 92.35 87.97 177.21
C ASN B 385 91.34 87.80 176.12
N ALA B 386 90.22 87.22 176.50
CA ALA B 386 89.23 86.98 175.50
C ALA B 386 87.87 86.93 176.07
N VAL B 387 86.93 87.22 175.20
CA VAL B 387 85.56 87.18 175.59
C VAL B 387 84.67 86.68 174.47
N ARG B 388 83.62 86.00 174.93
CA ARG B 388 82.63 85.45 174.06
C ARG B 388 81.33 86.22 174.24
N CYS B 389 80.79 86.69 173.13
CA CYS B 389 79.51 87.41 173.12
C CYS B 389 78.31 86.50 173.32
N SER B 390 78.19 85.94 174.52
CA SER B 390 77.05 85.07 174.76
C SER B 390 75.79 85.91 174.81
N HIS B 391 74.87 85.73 173.88
CA HIS B 391 74.90 84.81 172.76
C HIS B 391 74.21 85.54 171.61
N TYR B 392 74.82 86.62 171.17
CA TYR B 392 74.27 87.45 170.12
C TYR B 392 75.26 88.54 169.93
N PRO B 393 75.10 89.17 168.81
CA PRO B 393 75.99 90.23 168.45
C PRO B 393 75.80 91.34 169.44
N ASN B 394 76.88 91.96 169.72
CA ASN B 394 76.81 92.99 170.70
C ASN B 394 76.67 94.35 170.11
N HIS B 395 76.43 95.26 170.99
CA HIS B 395 76.48 96.63 170.63
C HIS B 395 77.88 96.90 170.04
N PRO B 396 77.80 97.53 168.94
CA PRO B 396 78.88 97.88 168.04
C PRO B 396 80.09 98.50 168.64
N LEU B 397 79.85 99.31 169.60
CA LEU B 397 80.99 99.97 170.14
C LEU B 397 81.99 99.01 170.79
N TRP B 398 81.37 97.98 171.33
CA TRP B 398 82.09 96.96 172.01
C TRP B 398 83.33 96.52 171.24
N TYR B 399 83.05 96.19 169.97
CA TYR B 399 84.09 95.68 169.11
C TYR B 399 85.22 96.65 168.95
N THR B 400 84.84 97.88 168.90
CA THR B 400 85.87 98.86 168.74
C THR B 400 86.78 98.91 169.94
N LEU B 401 86.10 98.91 171.07
CA LEU B 401 86.82 98.95 172.30
C LEU B 401 87.77 97.82 172.40
N CYS B 402 87.24 96.64 172.05
CA CYS B 402 88.11 95.48 172.13
C CYS B 402 89.24 95.63 171.18
N ASP B 403 88.93 96.22 170.05
CA ASP B 403 89.95 96.39 169.06
C ASP B 403 91.06 97.23 169.61
N ARG B 404 90.63 98.26 170.32
CA ARG B 404 91.56 99.22 170.85
C ARG B 404 92.28 98.81 172.10
N TYR B 405 91.54 98.21 173.00
CA TYR B 405 92.12 97.77 174.26
C TYR B 405 92.90 96.50 174.19
N GLY B 406 92.50 95.61 173.28
CA GLY B 406 93.17 94.36 173.08
C GLY B 406 92.50 93.18 173.76
N LEU B 407 91.47 92.60 173.15
CA LEU B 407 90.84 91.41 173.71
C LEU B 407 90.40 90.52 172.58
N TYR B 408 90.65 89.22 172.65
CA TYR B 408 90.16 88.39 171.57
C TYR B 408 88.67 88.22 171.74
N VAL B 409 87.96 88.25 170.61
CA VAL B 409 86.52 88.09 170.67
C VAL B 409 85.94 87.02 169.76
N VAL B 410 84.93 86.39 170.34
CA VAL B 410 84.15 85.43 169.62
C VAL B 410 82.78 86.06 169.35
N ASP B 411 82.49 86.32 168.08
CA ASP B 411 81.23 86.89 167.69
C ASP B 411 80.19 85.80 167.49
N GLU B 412 79.04 85.97 168.09
CA GLU B 412 78.09 84.90 168.02
C GLU B 412 76.74 85.27 167.49
N ALA B 413 76.25 84.42 166.61
CA ALA B 413 74.95 84.70 166.06
C ALA B 413 73.84 84.58 167.09
N ASN B 414 72.83 85.42 166.91
CA ASN B 414 71.72 85.45 167.77
C ASN B 414 70.75 84.26 167.57
N ILE B 415 71.14 83.05 167.97
CA ILE B 415 70.20 81.95 167.82
C ILE B 415 70.29 80.96 168.95
N GLU B 416 69.21 80.78 169.72
CA GLU B 416 69.15 79.81 170.80
C GLU B 416 67.75 79.27 170.78
N THR B 417 67.59 77.96 170.69
CA THR B 417 66.27 77.32 170.65
C THR B 417 66.25 76.26 171.70
N HIS B 418 66.95 76.63 172.72
CA HIS B 418 67.13 75.76 173.83
C HIS B 418 65.86 75.00 174.30
N GLY B 419 64.70 75.67 174.32
CA GLY B 419 63.48 75.07 174.83
C GLY B 419 62.81 74.09 173.89
N MET B 420 63.27 74.04 172.66
CA MET B 420 62.65 73.12 171.75
C MET B 420 62.83 71.69 172.15
N VAL B 421 62.13 70.80 171.49
CA VAL B 421 62.29 69.39 171.81
C VAL B 421 62.05 68.44 170.66
N PRO B 422 63.07 67.71 170.26
CA PRO B 422 64.39 67.85 170.81
C PRO B 422 64.96 69.22 170.42
N MET B 423 66.03 69.55 171.06
CA MET B 423 66.64 70.83 170.85
C MET B 423 66.77 71.26 169.40
N ASN B 424 66.92 70.34 168.47
CA ASN B 424 67.13 70.82 167.10
C ASN B 424 65.90 70.81 166.17
N ARG B 425 64.73 70.75 166.81
CA ARG B 425 63.48 70.75 166.12
C ARG B 425 63.42 71.76 164.97
N LEU B 426 63.85 72.98 165.25
CA LEU B 426 63.88 73.98 164.20
C LEU B 426 65.10 73.99 163.32
N THR B 427 66.29 73.83 163.95
CA THR B 427 67.57 73.86 163.25
C THR B 427 67.75 72.85 162.18
N ASP B 428 66.94 71.83 162.34
CA ASP B 428 66.98 70.83 161.34
C ASP B 428 65.85 71.03 160.30
N ASP B 429 65.22 72.19 160.31
CA ASP B 429 64.14 72.43 159.41
C ASP B 429 64.37 73.59 158.49
N PRO B 430 64.33 73.19 157.25
CA PRO B 430 64.54 74.00 156.09
C PRO B 430 63.72 75.24 156.19
N ARG B 431 62.48 75.02 156.61
CA ARG B 431 61.60 76.17 156.74
C ARG B 431 62.19 77.26 157.58
N TRP B 432 63.09 76.90 158.47
CA TRP B 432 63.67 77.91 159.32
C TRP B 432 65.02 78.40 158.89
N LEU B 433 65.44 77.76 157.85
CA LEU B 433 66.74 78.08 157.36
C LEU B 433 66.98 79.56 156.97
N PRO B 434 66.03 80.11 156.35
CA PRO B 434 66.18 81.49 155.90
C PRO B 434 66.30 82.44 157.06
N ALA B 435 65.42 82.21 158.00
CA ALA B 435 65.48 82.99 159.22
C ALA B 435 66.87 82.87 159.85
N MET B 436 67.26 81.61 160.05
CA MET B 436 68.55 81.41 160.64
C MET B 436 69.64 82.09 159.83
N SER B 437 69.47 81.91 158.55
CA SER B 437 70.47 82.40 157.66
C SER B 437 70.82 83.87 157.91
N GLU B 438 69.74 84.64 158.04
CA GLU B 438 69.82 86.07 158.18
C GLU B 438 70.58 86.47 159.37
N ARG B 439 70.31 85.66 160.38
CA ARG B 439 70.99 85.85 161.61
C ARG B 439 72.51 85.68 161.47
N VAL B 440 72.96 84.81 160.58
CA VAL B 440 74.40 84.71 160.51
C VAL B 440 75.04 85.71 159.57
N THR B 441 74.45 85.71 158.39
CA THR B 441 74.96 86.50 157.32
C THR B 441 75.17 87.93 157.68
N ARG B 442 74.14 88.44 158.32
CA ARG B 442 74.13 89.81 158.70
C ARG B 442 75.23 90.17 159.68
N MET B 443 75.42 89.25 160.62
CA MET B 443 76.46 89.49 161.59
C MET B 443 77.82 89.66 160.91
N VAL B 444 78.04 88.70 160.06
CA VAL B 444 79.29 88.65 159.39
C VAL B 444 79.53 89.92 158.63
N GLN B 445 78.46 90.29 157.95
CA GLN B 445 78.49 91.47 157.11
C GLN B 445 78.82 92.71 157.90
N ARG B 446 78.32 92.70 159.09
CA ARG B 446 78.56 93.82 159.89
C ARG B 446 79.92 93.88 160.55
N ASP B 447 80.39 92.74 161.05
CA ASP B 447 81.56 92.78 161.88
C ASP B 447 82.89 92.35 161.39
N ARG B 448 82.84 91.86 160.20
CA ARG B 448 84.02 91.29 159.68
C ARG B 448 85.26 92.13 159.58
N ASN B 449 85.15 93.43 159.72
CA ASN B 449 86.39 94.13 159.62
C ASN B 449 87.15 94.32 160.92
N HIS B 450 86.54 93.91 162.04
CA HIS B 450 87.27 94.08 163.29
C HIS B 450 88.28 93.00 163.62
N PRO B 451 89.50 93.42 163.82
CA PRO B 451 90.58 92.50 164.15
C PRO B 451 90.34 91.72 165.42
N SER B 452 89.62 92.25 166.38
CA SER B 452 89.42 91.50 167.61
C SER B 452 88.53 90.29 167.41
N VAL B 453 87.73 90.32 166.36
CA VAL B 453 86.93 89.16 166.22
C VAL B 453 87.81 88.12 165.63
N ILE B 454 87.94 86.99 166.32
CA ILE B 454 88.80 85.96 165.75
C ILE B 454 88.11 84.66 165.50
N ILE B 455 86.90 84.53 165.99
CA ILE B 455 86.16 83.33 165.75
C ILE B 455 84.72 83.67 165.61
N TRP B 456 84.08 82.96 164.71
CA TRP B 456 82.67 83.12 164.51
C TRP B 456 82.00 81.96 165.17
N SER B 457 80.85 82.26 165.74
CA SER B 457 80.04 81.24 166.38
C SER B 457 78.64 81.26 165.83
N LEU B 458 78.13 80.07 165.54
CA LEU B 458 76.81 79.93 164.96
C LEU B 458 75.69 80.10 165.94
N GLY B 459 75.96 80.36 167.20
CA GLY B 459 74.81 80.44 168.06
C GLY B 459 75.02 79.64 169.31
N ASN B 460 73.93 79.18 169.93
CA ASN B 460 74.02 78.46 171.16
C ASN B 460 72.82 77.59 171.49
N GLU B 461 73.10 76.49 172.13
CA GLU B 461 72.11 75.53 172.55
C GLU B 461 70.90 75.44 171.65
N SER B 462 71.12 74.97 170.44
CA SER B 462 70.05 74.80 169.46
C SER B 462 70.19 73.44 168.79
N GLY B 463 70.78 72.52 169.52
CA GLY B 463 71.05 71.19 169.01
C GLY B 463 71.97 71.29 167.80
N HIS B 464 71.84 70.31 166.94
CA HIS B 464 72.61 70.32 165.74
C HIS B 464 71.71 69.93 164.58
N GLY B 465 71.57 70.84 163.60
CA GLY B 465 70.75 70.55 162.46
C GLY B 465 71.44 70.95 161.19
N ALA B 466 70.86 70.45 160.13
CA ALA B 466 71.43 70.74 158.84
C ALA B 466 71.60 72.21 158.56
N ASN B 467 70.70 73.00 159.16
CA ASN B 467 70.82 74.41 158.89
C ASN B 467 72.18 74.90 159.33
N HIS B 468 72.64 74.23 160.36
CA HIS B 468 73.95 74.57 160.89
C HIS B 468 75.08 74.30 159.92
N ASP B 469 75.04 73.10 159.37
CA ASP B 469 76.08 72.74 158.44
C ASP B 469 76.12 73.69 157.30
N ALA B 470 74.94 73.96 156.82
CA ALA B 470 74.88 74.88 155.71
C ALA B 470 75.48 76.24 156.03
N LEU B 471 75.21 76.69 157.22
CA LEU B 471 75.69 78.01 157.60
C LEU B 471 77.15 78.08 157.87
N TYR B 472 77.60 77.00 158.48
CA TYR B 472 78.99 76.85 158.73
C TYR B 472 79.75 77.01 157.41
N ARG B 473 79.29 76.25 156.47
CA ARG B 473 79.91 76.29 155.18
C ARG B 473 79.95 77.67 154.56
N TRP B 474 78.80 78.31 154.63
CA TRP B 474 78.67 79.62 154.07
C TRP B 474 79.76 80.55 154.58
N ILE B 475 79.91 80.53 155.87
CA ILE B 475 80.91 81.41 156.38
C ILE B 475 82.26 81.06 155.89
N LYS B 476 82.53 79.77 155.92
CA LYS B 476 83.83 79.33 155.50
C LYS B 476 84.15 79.89 154.17
N SER B 477 83.11 79.97 153.37
CA SER B 477 83.38 80.45 152.04
C SER B 477 83.55 81.91 151.97
N VAL B 478 82.78 82.58 152.74
CA VAL B 478 82.84 83.98 152.68
C VAL B 478 84.02 84.58 153.46
N ASP B 479 84.32 83.97 154.60
CA ASP B 479 85.37 84.43 155.46
C ASP B 479 86.14 83.29 156.05
N PRO B 480 87.15 83.08 155.32
CA PRO B 480 88.09 82.04 155.55
C PRO B 480 89.12 82.44 156.55
N SER B 481 89.15 83.71 156.89
CA SER B 481 90.11 84.28 157.81
C SER B 481 89.90 83.85 159.26
N ARG B 482 88.72 83.34 159.54
CA ARG B 482 88.42 82.93 160.88
C ARG B 482 87.72 81.62 160.90
N PRO B 483 88.01 80.93 161.95
CA PRO B 483 87.46 79.64 162.23
C PRO B 483 86.09 79.84 162.78
N VAL B 484 85.32 78.77 162.65
CA VAL B 484 83.97 78.74 163.11
C VAL B 484 83.75 77.70 164.17
N GLN B 485 82.99 78.05 165.18
CA GLN B 485 82.69 77.06 166.19
C GLN B 485 81.23 77.02 166.56
N TYR B 486 80.83 75.88 167.12
CA TYR B 486 79.46 75.66 167.53
C TYR B 486 79.39 74.42 168.41
N GLU B 487 78.83 74.57 169.60
CA GLU B 487 78.81 73.47 170.55
C GLU B 487 77.65 72.47 170.41
N GLY B 488 76.54 72.97 169.92
CA GLY B 488 75.35 72.16 169.85
C GLY B 488 75.57 70.79 169.28
N GLY B 489 74.79 69.89 169.80
CA GLY B 489 74.78 68.54 169.34
C GLY B 489 76.01 67.71 169.64
N GLY B 490 76.70 68.00 170.74
CA GLY B 490 77.85 67.18 171.06
C GLY B 490 79.22 67.87 171.07
N ALA B 491 79.29 69.15 170.67
CA ALA B 491 80.52 69.93 170.70
C ALA B 491 81.61 69.49 169.75
N ASP B 492 81.32 68.47 168.95
CA ASP B 492 82.35 68.02 168.01
C ASP B 492 81.82 67.70 166.64
N THR B 493 80.70 68.30 166.29
CA THR B 493 80.09 68.02 165.00
C THR B 493 80.88 68.57 163.86
N THR B 494 80.31 68.27 162.70
CA THR B 494 80.81 68.70 161.42
C THR B 494 80.72 70.21 161.29
N ALA B 495 79.91 70.79 162.14
CA ALA B 495 79.73 72.21 162.09
C ALA B 495 80.69 72.95 162.99
N THR B 496 81.73 72.34 163.49
CA THR B 496 82.59 73.16 164.31
C THR B 496 84.02 72.90 164.00
N ASP B 497 84.79 73.95 164.04
CA ASP B 497 86.20 73.77 163.77
C ASP B 497 86.98 73.48 165.02
N ILE B 498 86.33 73.65 166.14
CA ILE B 498 86.96 73.44 167.41
C ILE B 498 86.08 72.67 168.31
N ILE B 499 86.67 71.80 169.12
CA ILE B 499 85.88 71.08 170.07
C ILE B 499 85.65 72.05 171.20
N CYS B 500 84.40 72.41 171.37
CA CYS B 500 84.04 73.46 172.32
C CYS B 500 82.92 73.08 173.24
N PRO B 501 83.17 72.14 174.05
CA PRO B 501 82.15 71.72 174.97
C PRO B 501 81.93 72.74 176.06
N MET B 502 80.85 72.48 176.78
CA MET B 502 80.50 73.26 177.92
C MET B 502 80.47 72.36 179.15
N TYR B 503 81.25 72.71 180.16
CA TYR B 503 81.26 71.96 181.39
C TYR B 503 81.83 70.55 181.42
N ALA B 504 82.68 70.23 180.46
CA ALA B 504 83.36 68.94 180.50
C ALA B 504 84.40 68.96 181.62
N ARG B 505 84.52 67.83 182.32
CA ARG B 505 85.45 67.78 183.40
C ARG B 505 86.87 67.49 182.97
N VAL B 506 87.79 67.85 183.85
CA VAL B 506 89.17 67.64 183.53
C VAL B 506 89.46 66.15 183.38
N ASP B 507 89.10 65.41 184.40
CA ASP B 507 89.37 63.99 184.28
C ASP B 507 88.17 63.11 184.28
N GLU B 508 86.99 63.62 184.54
CA GLU B 508 85.89 62.69 184.55
C GLU B 508 85.00 62.77 183.36
N ASP B 509 84.53 61.61 182.93
CA ASP B 509 83.63 61.56 181.82
C ASP B 509 82.21 61.61 182.32
N GLN B 510 81.36 62.25 181.54
CA GLN B 510 79.93 62.39 181.74
C GLN B 510 79.32 61.96 180.42
N PRO B 511 79.06 60.71 180.43
CA PRO B 511 78.61 59.96 179.32
C PRO B 511 77.12 59.95 179.06
N PHE B 512 76.60 61.12 178.82
CA PHE B 512 75.25 61.11 178.44
C PHE B 512 75.14 60.55 177.05
N PRO B 513 74.02 59.93 176.90
CA PRO B 513 73.58 59.34 175.67
C PRO B 513 73.48 60.41 174.65
N ALA B 514 73.95 60.03 173.46
CA ALA B 514 73.94 60.92 172.33
C ALA B 514 74.90 62.07 172.42
N VAL B 515 75.09 62.63 173.62
CA VAL B 515 75.90 63.80 173.72
C VAL B 515 76.65 63.78 175.03
N PRO B 516 77.48 62.78 175.10
CA PRO B 516 78.33 62.57 176.26
C PRO B 516 79.34 63.69 176.28
N LYS B 517 79.85 63.93 177.48
CA LYS B 517 80.91 64.89 177.73
C LYS B 517 82.10 64.15 178.32
N TRP B 518 83.07 63.88 177.50
CA TRP B 518 84.24 63.19 177.95
C TRP B 518 85.16 64.05 178.76
N SER B 519 86.01 63.44 179.58
CA SER B 519 87.01 64.23 180.24
C SER B 519 87.72 64.93 179.08
N ILE B 520 88.06 66.16 179.32
CA ILE B 520 88.68 66.81 178.19
C ILE B 520 90.00 66.20 177.80
N LYS B 521 90.75 65.61 178.74
CA LYS B 521 91.99 65.01 178.25
C LYS B 521 91.71 63.84 177.32
N LYS B 522 90.66 63.12 177.66
CA LYS B 522 90.31 61.99 176.84
C LYS B 522 89.73 62.39 175.51
N TRP B 523 88.95 63.44 175.54
CA TRP B 523 88.31 63.85 174.34
C TRP B 523 89.28 64.02 173.22
N LEU B 524 90.39 64.65 173.51
CA LEU B 524 91.31 64.89 172.41
C LEU B 524 91.84 63.68 171.62
N SER B 525 91.97 62.56 172.32
CA SER B 525 92.59 61.31 171.88
C SER B 525 91.66 60.36 171.17
N LEU B 526 90.40 60.69 171.18
CA LEU B 526 89.49 59.83 170.49
C LEU B 526 89.95 59.64 169.07
N PRO B 527 89.77 58.42 168.64
CA PRO B 527 90.20 57.99 167.34
C PRO B 527 89.69 58.88 166.27
N GLY B 528 90.67 59.42 165.57
CA GLY B 528 90.39 60.31 164.47
C GLY B 528 90.25 61.77 164.91
N GLU B 529 90.18 62.05 166.22
CA GLU B 529 90.02 63.43 166.57
C GLU B 529 91.29 64.25 166.37
N THR B 530 91.24 65.42 165.77
CA THR B 530 92.49 66.17 165.60
C THR B 530 92.43 67.62 166.03
N ARG B 531 91.21 68.08 166.28
CA ARG B 531 90.96 69.46 166.58
C ARG B 531 91.46 69.90 167.90
N PRO B 532 91.54 71.20 168.03
CA PRO B 532 91.90 71.79 169.27
C PRO B 532 90.62 71.83 170.09
N LEU B 533 90.78 71.98 171.38
CA LEU B 533 89.65 72.02 172.26
C LEU B 533 89.73 73.24 173.15
N ILE B 534 88.62 73.97 173.14
CA ILE B 534 88.46 75.15 173.95
C ILE B 534 87.07 75.14 174.52
N LEU B 535 86.96 75.20 175.84
CA LEU B 535 85.61 75.13 176.32
C LEU B 535 84.86 76.41 176.12
N CYS B 536 83.65 76.26 175.61
CA CYS B 536 82.82 77.43 175.38
C CYS B 536 82.24 77.89 176.70
N GLU B 537 82.12 76.96 177.62
CA GLU B 537 81.69 77.31 178.96
C GLU B 537 82.34 76.37 179.93
N TYR B 538 82.89 76.94 181.00
CA TYR B 538 83.44 76.15 182.06
C TYR B 538 83.50 76.93 183.35
N ALA B 539 83.64 76.15 184.42
CA ALA B 539 83.74 76.66 185.78
C ALA B 539 82.59 77.59 186.14
N HIS B 540 81.37 77.04 186.23
CA HIS B 540 80.19 77.80 186.56
C HIS B 540 80.39 78.68 187.81
N ALA B 541 80.43 80.00 187.60
CA ALA B 541 80.72 80.89 188.73
C ALA B 541 79.55 81.29 189.62
N MET B 542 78.61 80.40 189.79
CA MET B 542 77.46 80.72 190.57
C MET B 542 77.62 80.68 192.08
N GLY B 543 77.54 81.86 192.66
CA GLY B 543 77.66 82.02 194.08
C GLY B 543 79.05 81.68 194.57
N ASN B 544 79.10 80.96 195.70
CA ASN B 544 80.38 80.55 196.23
C ASN B 544 80.89 79.39 195.36
N SER B 545 81.67 79.73 194.36
CA SER B 545 82.08 78.74 193.42
C SER B 545 83.51 78.92 192.95
N LEU B 546 83.77 78.29 191.80
CA LEU B 546 85.07 78.26 191.19
C LEU B 546 86.00 77.23 191.84
N GLY B 547 85.43 76.31 192.60
CA GLY B 547 86.25 75.28 193.17
C GLY B 547 86.74 74.36 192.04
N GLY B 548 88.05 74.15 191.99
CA GLY B 548 88.62 73.26 190.99
C GLY B 548 89.22 73.96 189.81
N PHE B 549 89.13 75.27 189.85
CA PHE B 549 89.63 76.07 188.77
C PHE B 549 91.05 75.70 188.35
N ALA B 550 91.89 75.54 189.35
CA ALA B 550 93.27 75.20 189.07
C ALA B 550 93.53 73.92 188.31
N LYS B 551 92.65 72.91 188.54
CA LYS B 551 92.79 71.66 187.79
C LYS B 551 92.81 71.95 186.28
N TYR B 552 91.86 72.79 185.87
CA TYR B 552 91.78 73.18 184.48
C TYR B 552 93.05 73.82 184.01
N TRP B 553 93.48 74.82 184.76
CA TRP B 553 94.65 75.54 184.36
C TRP B 553 95.85 74.68 184.14
N GLN B 554 95.94 73.77 185.04
CA GLN B 554 97.06 72.89 184.94
C GLN B 554 97.00 72.03 183.70
N ALA B 555 95.82 71.54 183.45
CA ALA B 555 95.71 70.71 182.27
C ALA B 555 95.96 71.51 181.04
N PHE B 556 95.36 72.70 181.03
CA PHE B 556 95.52 73.51 179.86
C PHE B 556 96.99 73.66 179.61
N ARG B 557 97.70 73.91 180.69
CA ARG B 557 99.12 74.12 180.55
C ARG B 557 99.88 72.89 180.10
N GLN B 558 99.40 71.73 180.44
CA GLN B 558 100.15 70.57 180.04
C GLN B 558 99.79 69.98 178.68
N TYR B 559 98.58 70.23 178.19
CA TYR B 559 98.20 69.69 176.93
C TYR B 559 98.08 70.78 175.89
N PRO B 560 98.91 70.63 174.95
CA PRO B 560 99.02 71.52 173.82
C PRO B 560 97.71 71.86 173.17
N ARG B 561 96.96 70.81 172.83
CA ARG B 561 95.68 70.93 172.18
C ARG B 561 94.58 71.44 173.11
N LEU B 562 94.86 71.55 174.41
CA LEU B 562 93.87 72.14 175.29
C LEU B 562 94.20 73.62 175.29
N GLN B 563 93.43 74.43 174.58
CA GLN B 563 93.78 75.83 174.49
C GLN B 563 93.03 76.83 175.34
N GLY B 564 92.40 76.37 176.42
CA GLY B 564 91.70 77.26 177.34
C GLY B 564 90.20 77.13 177.27
N GLY B 565 89.53 78.23 177.65
CA GLY B 565 88.07 78.25 177.66
C GLY B 565 87.56 79.59 178.15
N PHE B 566 86.25 79.67 178.21
CA PHE B 566 85.52 80.83 178.64
C PHE B 566 84.70 80.50 179.85
N VAL B 567 85.02 81.24 180.88
CA VAL B 567 84.30 81.03 182.08
C VAL B 567 82.88 81.52 181.95
N TRP B 568 82.01 80.82 182.63
CA TRP B 568 80.64 81.21 182.65
C TRP B 568 80.24 81.62 184.08
N ASP B 569 80.02 82.91 184.31
CA ASP B 569 80.17 83.99 183.34
C ASP B 569 80.62 85.27 184.05
N TRP B 570 80.72 86.38 183.32
CA TRP B 570 81.19 87.63 183.91
C TRP B 570 80.46 88.28 185.09
N VAL B 571 79.23 88.75 184.86
CA VAL B 571 78.42 89.43 185.91
C VAL B 571 77.09 88.81 186.18
N ASP B 572 76.68 88.92 187.44
CA ASP B 572 75.37 88.42 187.81
C ASP B 572 74.30 89.21 187.09
N GLN B 573 73.25 88.49 186.71
CA GLN B 573 72.16 89.16 186.01
C GLN B 573 71.11 89.56 187.03
N SER B 574 71.51 90.46 187.92
CA SER B 574 70.57 90.91 188.92
C SER B 574 70.12 92.32 188.64
N LEU B 575 68.89 92.51 189.04
CA LEU B 575 68.26 93.79 188.90
C LEU B 575 67.98 94.44 190.24
N ILE B 576 67.95 95.77 190.22
CA ILE B 576 67.64 96.52 191.41
C ILE B 576 66.14 96.73 191.64
N LYS B 577 65.75 96.71 192.90
CA LYS B 577 64.39 96.97 193.30
C LYS B 577 64.42 97.85 194.52
N TYR B 578 63.24 98.35 194.88
CA TYR B 578 63.23 99.16 196.08
C TYR B 578 62.24 98.73 197.09
N ASP B 579 62.65 99.00 198.31
CA ASP B 579 61.77 98.73 199.39
C ASP B 579 61.00 100.04 199.58
N GLU B 580 60.02 99.96 200.47
CA GLU B 580 59.18 101.07 200.86
C GLU B 580 60.02 102.26 201.31
N ASN B 581 61.15 101.98 201.95
CA ASN B 581 62.03 103.06 202.38
C ASN B 581 62.90 103.56 201.25
N GLY B 582 62.48 103.15 200.03
CA GLY B 582 63.17 103.52 198.80
C GLY B 582 64.59 103.01 198.82
N ASN B 583 64.68 101.81 199.38
CA ASN B 583 65.94 101.15 199.47
C ASN B 583 66.02 100.15 198.37
N PRO B 584 67.15 100.25 197.69
CA PRO B 584 67.47 99.42 196.55
C PRO B 584 67.93 98.05 196.98
N TRP B 585 67.56 97.07 196.22
CA TRP B 585 68.04 95.77 196.54
C TRP B 585 68.09 94.87 195.32
N SER B 586 69.01 93.92 195.36
CA SER B 586 69.21 93.02 194.26
C SER B 586 68.18 91.92 194.15
N ALA B 587 67.56 91.93 192.97
CA ALA B 587 66.49 91.03 192.64
C ALA B 587 66.88 90.02 191.58
N TYR B 588 66.19 88.91 191.67
CA TYR B 588 66.39 87.84 190.74
C TYR B 588 65.10 87.24 190.29
N GLY B 589 65.20 86.12 189.60
CA GLY B 589 64.03 85.45 189.07
C GLY B 589 62.92 85.34 190.08
N GLY B 590 61.74 85.71 189.59
CA GLY B 590 60.48 85.69 190.34
C GLY B 590 60.26 86.94 191.18
N ASP B 591 61.28 87.78 191.30
CA ASP B 591 61.19 88.99 192.11
C ASP B 591 60.29 90.05 191.50
N PHE B 592 59.75 89.78 190.32
CA PHE B 592 58.86 90.71 189.64
C PHE B 592 57.54 90.05 189.42
N GLY B 593 57.35 88.95 190.12
CA GLY B 593 56.14 88.17 189.99
C GLY B 593 56.13 87.49 188.65
N ASP B 594 57.31 87.54 187.99
CA ASP B 594 57.52 86.93 186.69
C ASP B 594 57.38 85.43 186.83
N THR B 595 56.59 84.90 185.91
CA THR B 595 56.34 83.48 185.81
C THR B 595 56.30 83.04 184.34
N PRO B 596 56.96 81.91 184.06
CA PRO B 596 57.62 81.12 185.09
C PRO B 596 59.03 81.67 185.36
N ASN B 597 59.72 81.20 186.37
CA ASN B 597 61.06 81.74 186.58
C ASN B 597 62.05 80.71 187.12
N ASP B 598 63.35 81.02 186.97
CA ASP B 598 64.45 80.14 187.37
C ASP B 598 65.32 80.66 188.52
N ARG B 599 64.76 81.67 189.20
CA ARG B 599 65.31 82.30 190.39
C ARG B 599 66.73 82.83 190.28
N GLN B 600 67.64 82.38 191.20
CA GLN B 600 69.07 82.79 191.24
C GLN B 600 69.87 82.40 189.99
N PHE B 601 69.34 81.41 189.28
CA PHE B 601 70.00 80.93 188.11
C PHE B 601 70.64 81.96 187.19
N CYS B 602 70.10 83.17 187.20
CA CYS B 602 70.63 84.25 186.37
C CYS B 602 71.88 84.87 187.01
N MET B 603 72.28 84.40 188.20
CA MET B 603 73.47 84.93 188.86
C MET B 603 74.60 83.92 188.93
N ASN B 604 75.53 84.10 188.00
CA ASN B 604 76.64 83.20 187.82
C ASN B 604 77.92 83.95 187.57
N GLY B 605 77.94 85.22 187.90
CA GLY B 605 79.08 86.02 187.57
C GLY B 605 80.21 85.99 188.55
N LEU B 606 81.30 86.46 188.02
CA LEU B 606 82.50 86.63 188.79
C LEU B 606 82.44 87.96 189.52
N VAL B 607 81.53 88.80 189.05
CA VAL B 607 81.32 90.07 189.68
C VAL B 607 79.86 90.29 189.84
N PHE B 608 79.62 91.13 190.81
CA PHE B 608 78.31 91.57 191.14
C PHE B 608 77.88 92.55 190.06
N ALA B 609 76.57 92.63 189.87
CA ALA B 609 76.04 93.54 188.83
C ALA B 609 76.64 94.95 188.81
N ASP B 610 77.07 95.42 189.95
CA ASP B 610 77.68 96.74 190.07
C ASP B 610 79.13 96.66 189.72
N ARG B 611 79.51 95.48 189.26
CA ARG B 611 80.88 95.26 188.93
C ARG B 611 81.75 95.21 190.16
N THR B 612 81.19 94.60 191.17
CA THR B 612 82.02 94.39 192.30
C THR B 612 82.20 92.92 192.35
N PRO B 613 83.44 92.64 192.47
CA PRO B 613 84.02 91.34 192.46
C PRO B 613 83.56 90.42 193.50
N HIS B 614 83.48 89.20 193.09
CA HIS B 614 83.29 88.11 193.97
C HIS B 614 84.72 87.68 194.30
N PRO B 615 84.86 86.91 195.33
CA PRO B 615 86.19 86.50 195.71
C PRO B 615 86.84 85.61 194.66
N ALA B 616 85.99 84.82 193.98
CA ALA B 616 86.47 83.91 192.98
C ALA B 616 87.37 84.58 191.94
N LEU B 617 87.02 85.80 191.67
CA LEU B 617 87.75 86.52 190.68
C LEU B 617 89.26 86.45 190.84
N THR B 618 89.63 86.39 192.07
CA THR B 618 91.03 86.38 192.39
C THR B 618 91.70 85.07 192.06
N GLU B 619 90.95 84.02 192.36
CA GLU B 619 91.46 82.72 192.05
C GLU B 619 91.74 82.72 190.55
N ALA B 620 90.78 83.28 189.84
CA ALA B 620 90.97 83.35 188.40
C ALA B 620 92.18 84.16 187.99
N LYS B 621 92.26 85.32 188.58
CA LYS B 621 93.35 86.18 188.24
C LYS B 621 94.67 85.48 188.40
N HIS B 622 94.79 84.79 189.50
CA HIS B 622 96.01 84.10 189.80
C HIS B 622 96.29 82.94 188.85
N GLN B 623 95.31 82.07 188.63
CA GLN B 623 95.57 80.95 187.73
C GLN B 623 95.85 81.42 186.31
N GLN B 624 95.35 82.60 185.96
CA GLN B 624 95.57 83.05 184.61
C GLN B 624 96.79 83.89 184.42
N GLN B 625 97.58 84.07 185.48
CA GLN B 625 98.72 84.93 185.31
C GLN B 625 99.64 84.52 184.20
N PHE B 626 100.30 85.51 183.63
CA PHE B 626 101.20 85.31 182.52
C PHE B 626 102.60 84.96 182.89
N PHE B 627 102.88 84.96 184.18
CA PHE B 627 104.23 84.60 184.56
C PHE B 627 104.19 83.41 185.42
N GLN B 628 105.10 82.49 185.20
CA GLN B 628 105.13 81.32 186.03
C GLN B 628 106.44 81.18 186.70
N PHE B 629 106.36 80.73 187.95
CA PHE B 629 107.55 80.58 188.75
C PHE B 629 107.90 79.23 189.26
N ARG B 630 109.19 79.03 189.35
CA ARG B 630 109.77 77.83 189.86
C ARG B 630 110.84 78.22 190.82
N LEU B 631 110.88 77.50 191.91
CA LEU B 631 111.90 77.84 192.84
C LEU B 631 112.92 76.77 193.00
N SER B 632 114.18 77.12 192.82
CA SER B 632 115.17 76.09 192.99
C SER B 632 116.32 76.53 193.82
N GLY B 633 116.34 76.02 195.03
CA GLY B 633 117.40 76.47 195.88
C GLY B 633 117.21 77.95 196.18
N GLN B 634 118.15 78.78 195.77
CA GLN B 634 118.03 80.21 196.06
C GLN B 634 117.66 80.92 194.81
N THR B 635 117.31 80.10 193.84
CA THR B 635 116.99 80.60 192.54
C THR B 635 115.56 80.46 192.11
N ILE B 636 115.12 81.57 191.59
CA ILE B 636 113.81 81.59 191.01
C ILE B 636 113.84 81.59 189.52
N GLU B 637 113.04 80.69 188.98
CA GLU B 637 112.92 80.60 187.56
C GLU B 637 111.63 81.23 187.11
N VAL B 638 111.76 82.18 186.21
CA VAL B 638 110.57 82.82 185.73
C VAL B 638 110.29 82.47 184.32
N THR B 639 109.02 82.23 184.09
CA THR B 639 108.63 81.88 182.76
C THR B 639 107.53 82.75 182.27
N SER B 640 107.71 83.21 181.03
CA SER B 640 106.76 84.09 180.40
C SER B 640 105.80 83.35 179.53
N GLU B 641 104.51 83.67 179.72
CA GLU B 641 103.45 83.13 178.92
C GLU B 641 102.96 84.14 177.92
N TYR B 642 103.76 85.19 177.72
CA TYR B 642 103.44 86.14 176.69
C TYR B 642 104.00 85.57 175.42
N LEU B 643 103.24 85.73 174.36
CA LEU B 643 103.63 85.22 173.07
C LEU B 643 104.34 86.27 172.33
N PHE B 644 103.97 87.48 172.60
CA PHE B 644 104.53 88.56 171.84
C PHE B 644 105.24 89.63 172.58
N ARG B 645 104.93 89.88 173.84
CA ARG B 645 105.68 90.96 174.44
C ARG B 645 106.78 90.57 175.34
N HIS B 646 107.61 91.55 175.55
CA HIS B 646 108.73 91.40 176.43
C HIS B 646 108.32 91.97 177.79
N SER B 647 108.91 91.51 178.89
CA SER B 647 108.51 92.01 180.21
C SER B 647 108.99 93.41 180.45
N ASP B 648 108.47 94.29 179.65
CA ASP B 648 108.91 95.66 179.71
C ASP B 648 108.22 96.58 180.70
N ASN B 649 107.40 96.07 181.58
CA ASN B 649 106.80 96.94 182.58
C ASN B 649 106.61 96.08 183.79
N GLU B 650 107.72 95.41 184.10
CA GLU B 650 107.67 94.48 185.16
C GLU B 650 108.77 94.49 186.16
N LEU B 651 108.26 94.59 187.36
CA LEU B 651 109.03 94.55 188.55
C LEU B 651 108.66 93.40 189.44
N LEU B 652 109.69 92.71 189.83
CA LEU B 652 109.51 91.62 190.72
C LEU B 652 109.93 91.90 192.16
N HIS B 653 108.97 91.94 193.02
CA HIS B 653 109.29 92.17 194.39
C HIS B 653 109.29 90.88 195.16
N TRP B 654 110.28 90.66 195.99
CA TRP B 654 110.19 89.45 196.75
C TRP B 654 110.35 89.72 198.21
N MET B 655 110.07 88.70 199.00
CA MET B 655 110.17 88.89 200.41
C MET B 655 109.97 87.67 201.29
N VAL B 656 110.72 87.72 202.37
CA VAL B 656 110.77 86.64 203.32
C VAL B 656 110.28 86.98 204.68
N ALA B 657 109.45 86.09 205.19
CA ALA B 657 108.90 86.30 206.50
C ALA B 657 108.76 85.04 207.31
N LEU B 658 108.82 85.27 208.60
CA LEU B 658 108.71 84.21 209.52
C LEU B 658 107.42 84.36 210.21
N ASP B 659 106.54 83.42 210.00
CA ASP B 659 105.26 83.56 210.63
C ASP B 659 104.71 84.98 210.53
N GLY B 660 104.93 85.65 209.40
CA GLY B 660 104.37 86.98 209.28
C GLY B 660 105.41 88.05 209.52
N LYS B 661 106.47 87.68 210.19
CA LYS B 661 107.48 88.67 210.41
C LYS B 661 108.43 88.63 209.27
N PRO B 662 108.46 89.77 208.64
CA PRO B 662 109.25 90.06 207.47
C PRO B 662 110.67 90.19 207.87
N LEU B 663 111.51 89.48 207.21
CA LEU B 663 112.91 89.50 207.52
C LEU B 663 113.75 90.10 206.44
N ALA B 664 113.24 90.05 205.23
CA ALA B 664 113.97 90.54 204.09
C ALA B 664 113.08 90.69 202.91
N SER B 665 113.41 91.68 202.13
CA SER B 665 112.66 91.95 200.95
C SER B 665 113.58 92.43 199.86
N GLY B 666 113.13 92.31 198.62
CA GLY B 666 113.94 92.71 197.50
C GLY B 666 113.10 93.11 196.33
N GLU B 667 113.80 93.53 195.30
CA GLU B 667 113.17 93.99 194.07
C GLU B 667 114.00 93.74 192.86
N VAL B 668 113.37 93.18 191.87
CA VAL B 668 114.09 92.92 190.67
C VAL B 668 113.25 93.06 189.48
N PRO B 669 113.84 93.76 188.58
CA PRO B 669 113.21 94.03 187.32
C PRO B 669 113.31 92.81 186.44
N LEU B 670 112.19 92.58 185.79
CA LEU B 670 112.07 91.50 184.86
C LEU B 670 112.45 91.89 183.47
N ASP B 671 113.09 90.93 182.87
CA ASP B 671 113.55 91.02 181.52
C ASP B 671 113.42 89.65 180.88
N VAL B 672 112.19 89.34 180.48
CA VAL B 672 111.94 88.05 179.87
C VAL B 672 111.26 88.21 178.57
N ALA B 673 111.72 87.40 177.64
CA ALA B 673 111.08 87.41 176.37
C ALA B 673 109.85 86.55 176.38
N PRO B 674 108.94 86.91 175.50
CA PRO B 674 107.76 86.11 175.37
C PRO B 674 108.24 84.71 175.30
N GLN B 675 107.58 83.87 176.09
CA GLN B 675 107.91 82.46 176.14
C GLN B 675 109.29 82.12 176.63
N GLY B 676 109.94 83.08 177.24
CA GLY B 676 111.25 82.77 177.77
C GLY B 676 111.28 82.60 179.28
N LYS B 677 112.50 82.29 179.74
CA LYS B 677 112.82 82.10 181.13
C LYS B 677 113.82 83.14 181.62
N GLN B 678 113.74 83.45 182.90
CA GLN B 678 114.66 84.38 183.52
C GLN B 678 114.99 83.81 184.87
N LEU B 679 116.30 83.76 185.16
CA LEU B 679 116.79 83.27 186.44
C LEU B 679 117.08 84.33 187.44
N ILE B 680 116.61 84.05 188.62
CA ILE B 680 116.81 84.99 189.65
C ILE B 680 117.46 84.42 190.84
N GLU B 681 118.61 85.00 190.98
CA GLU B 681 119.52 84.65 192.02
C GLU B 681 119.24 85.36 193.31
N LEU B 682 119.05 84.54 194.32
CA LEU B 682 118.79 85.11 195.59
C LEU B 682 120.02 85.26 196.47
N PRO B 683 119.98 86.38 197.13
CA PRO B 683 120.97 86.75 198.09
C PRO B 683 120.82 85.83 199.24
N GLU B 684 121.91 85.58 199.91
CA GLU B 684 121.84 84.73 201.06
C GLU B 684 120.68 85.07 201.95
N LEU B 685 119.93 84.01 202.20
CA LEU B 685 118.76 84.14 203.03
C LEU B 685 119.03 83.87 204.45
N PRO B 686 118.28 84.61 205.20
CA PRO B 686 118.27 84.61 206.64
C PRO B 686 117.88 83.25 207.20
N GLN B 687 118.60 82.85 208.26
CA GLN B 687 118.36 81.56 208.87
C GLN B 687 117.90 81.64 210.31
N PRO B 688 116.83 82.38 210.52
CA PRO B 688 116.20 82.57 211.81
C PRO B 688 116.31 81.35 212.71
N GLU B 689 116.42 81.64 213.98
CA GLU B 689 116.54 80.59 214.95
C GLU B 689 115.22 80.16 215.51
N SER B 690 114.47 81.23 215.77
CA SER B 690 113.15 81.23 216.30
C SER B 690 112.29 80.19 215.62
N ALA B 691 111.26 79.79 216.28
CA ALA B 691 110.43 78.79 215.70
C ALA B 691 109.37 79.39 214.85
N GLY B 692 108.99 78.61 213.84
CA GLY B 692 107.96 79.01 212.90
C GLY B 692 108.22 78.57 211.48
N GLN B 693 107.38 79.13 210.62
CA GLN B 693 107.39 78.86 209.21
C GLN B 693 107.95 80.04 208.45
N LEU B 694 108.86 79.65 207.61
CA LEU B 694 109.52 80.59 206.78
C LEU B 694 108.98 80.57 205.38
N TRP B 695 108.53 81.72 204.96
CA TRP B 695 107.95 81.77 203.66
C TRP B 695 108.44 82.84 202.75
N LEU B 696 108.57 82.41 201.51
CA LEU B 696 108.98 83.29 200.49
C LEU B 696 107.83 83.73 199.60
N THR B 697 107.76 85.03 199.33
CA THR B 697 106.72 85.52 198.46
C THR B 697 107.17 86.49 197.40
N VAL B 698 106.66 86.25 196.18
CA VAL B 698 106.95 87.13 195.06
C VAL B 698 105.72 87.72 194.42
N ARG B 699 105.90 88.94 193.98
CA ARG B 699 104.84 89.64 193.31
C ARG B 699 105.40 90.33 192.10
N VAL B 700 104.52 90.49 191.12
CA VAL B 700 104.87 91.19 189.94
C VAL B 700 104.09 92.47 189.83
N VAL B 701 104.92 93.51 189.71
CA VAL B 701 104.38 94.82 189.60
C VAL B 701 104.73 95.59 188.39
N GLN B 702 103.68 96.34 188.02
CA GLN B 702 103.70 97.23 186.90
C GLN B 702 103.86 98.63 187.39
N PRO B 703 105.10 99.03 187.30
CA PRO B 703 105.59 100.30 187.71
C PRO B 703 104.81 101.41 187.04
N ASN B 704 104.71 101.34 185.73
CA ASN B 704 104.00 102.37 185.01
C ASN B 704 102.57 102.01 184.68
N ALA B 705 101.74 103.03 184.61
CA ALA B 705 100.37 102.72 184.27
C ALA B 705 100.24 102.35 182.81
N THR B 706 99.11 101.73 182.52
CA THR B 706 98.81 101.33 181.16
C THR B 706 97.46 101.85 180.87
N ALA B 707 97.06 101.53 179.69
CA ALA B 707 95.76 102.00 179.34
C ALA B 707 94.67 101.34 180.10
N TRP B 708 94.99 100.21 180.73
CA TRP B 708 93.92 99.52 181.42
C TRP B 708 94.31 99.21 182.81
N SER B 709 95.46 99.75 183.20
CA SER B 709 95.96 99.55 184.53
C SER B 709 96.72 100.75 185.04
N GLU B 710 96.64 100.88 186.36
CA GLU B 710 97.32 101.92 187.10
C GLU B 710 98.75 101.59 187.37
N ALA B 711 99.48 102.60 187.77
CA ALA B 711 100.83 102.25 188.08
C ALA B 711 100.82 101.46 189.37
N GLY B 712 101.78 100.53 189.43
CA GLY B 712 101.91 99.66 190.58
C GLY B 712 100.87 98.55 190.62
N HIS B 713 100.37 98.16 189.47
CA HIS B 713 99.42 97.12 189.45
C HIS B 713 100.11 95.77 189.65
N ILE B 714 99.44 94.90 190.41
CA ILE B 714 100.02 93.58 190.64
C ILE B 714 99.47 92.62 189.66
N SER B 715 100.34 91.99 188.94
CA SER B 715 99.77 91.10 187.96
C SER B 715 100.00 89.63 188.22
N ALA B 716 100.88 89.34 189.16
CA ALA B 716 101.15 87.95 189.40
C ALA B 716 101.83 87.78 190.71
N TRP B 717 101.63 86.62 191.30
CA TRP B 717 102.28 86.33 192.52
C TRP B 717 102.42 84.86 192.76
N GLN B 718 103.23 84.57 193.76
CA GLN B 718 103.46 83.21 194.10
C GLN B 718 104.23 83.09 195.40
N GLN B 719 103.87 82.09 196.19
CA GLN B 719 104.61 81.95 197.41
C GLN B 719 105.18 80.55 197.70
N TRP B 720 106.16 80.45 198.56
CA TRP B 720 106.70 79.14 198.88
C TRP B 720 107.07 79.01 200.34
N ARG B 721 106.90 77.82 200.90
CA ARG B 721 107.34 77.69 202.28
C ARG B 721 108.75 77.21 202.31
N LEU B 722 109.63 78.04 202.80
CA LEU B 722 111.02 77.69 202.83
C LEU B 722 111.40 76.71 203.89
N ALA B 723 111.04 77.02 205.11
CA ALA B 723 111.41 76.12 206.15
C ALA B 723 110.49 76.17 207.30
N GLU B 724 110.77 75.22 208.17
CA GLU B 724 109.99 75.10 209.38
C GLU B 724 110.87 74.82 210.55
N ASN B 725 110.68 75.56 211.60
CA ASN B 725 111.44 75.32 212.81
C ASN B 725 110.44 74.91 213.85
N LEU B 726 110.41 73.60 214.14
CA LEU B 726 109.44 73.15 215.13
C LEU B 726 109.76 73.65 216.52
N SER B 727 108.70 73.96 217.27
CA SER B 727 108.87 74.42 218.65
C SER B 727 108.96 73.29 219.62
N VAL B 728 110.08 73.29 220.31
CA VAL B 728 110.37 72.28 221.29
C VAL B 728 110.27 72.85 222.66
N THR B 729 109.72 74.01 222.75
CA THR B 729 109.71 74.51 224.06
C THR B 729 108.48 74.17 224.83
N LEU B 730 108.73 74.30 226.11
CA LEU B 730 107.78 74.07 227.12
C LEU B 730 107.46 75.32 227.84
N PRO B 731 106.21 75.27 228.25
CA PRO B 731 105.54 76.28 229.03
C PRO B 731 106.15 76.27 230.43
N ALA B 732 106.33 77.49 230.92
CA ALA B 732 106.86 77.61 232.25
C ALA B 732 105.76 77.33 233.26
N ALA B 733 106.23 76.98 234.46
CA ALA B 733 105.32 76.68 235.55
C ALA B 733 104.42 77.85 235.88
N SER B 734 103.25 77.45 236.33
CA SER B 734 102.22 78.33 236.76
C SER B 734 102.35 78.25 238.27
N HIS B 735 101.96 79.30 238.94
CA HIS B 735 102.12 79.27 240.37
C HIS B 735 100.87 78.76 241.01
N ALA B 736 99.96 78.39 240.14
CA ALA B 736 98.71 77.93 240.65
C ALA B 736 98.04 77.07 239.67
N ILE B 737 97.00 76.44 240.11
CA ILE B 737 96.27 75.64 239.22
C ILE B 737 94.80 75.83 239.42
N PRO B 738 94.09 75.66 238.35
CA PRO B 738 92.68 75.88 238.37
C PRO B 738 91.98 75.09 239.44
N HIS B 739 90.86 75.65 239.79
CA HIS B 739 90.10 75.08 240.82
C HIS B 739 88.76 74.59 240.35
N LEU B 740 88.59 73.29 240.50
CA LEU B 740 87.38 72.64 240.06
C LEU B 740 86.22 72.63 241.03
N THR B 741 85.02 72.86 240.58
CA THR B 741 83.92 72.81 241.50
C THR B 741 82.81 72.07 240.88
N THR B 742 82.27 71.17 241.63
CA THR B 742 81.22 70.38 241.06
C THR B 742 79.85 70.56 241.56
N SER B 743 79.02 71.18 240.75
CA SER B 743 77.62 71.29 241.10
C SER B 743 76.98 69.98 240.62
N GLU B 744 75.69 69.93 240.56
CA GLU B 744 75.07 68.71 240.12
C GLU B 744 74.74 68.83 238.67
N MET B 745 74.66 70.11 238.33
CA MET B 745 74.32 70.67 237.06
C MET B 745 75.48 70.92 236.23
N ASP B 746 76.62 71.03 236.90
CA ASP B 746 77.76 71.31 236.10
C ASP B 746 79.03 71.28 236.84
N PHE B 747 80.04 71.69 236.10
CA PHE B 747 81.36 71.76 236.60
C PHE B 747 81.85 73.18 236.40
N CME B 748 82.55 73.68 237.42
CA CME B 748 83.09 74.99 237.38
CB CME B 748 82.53 75.84 238.48
SG CME B 748 81.22 76.81 237.79
SD CME B 748 82.26 78.38 237.26
CE CME B 748 80.88 79.39 236.70
CZ CME B 748 80.30 80.25 237.83
OH CME B 748 79.09 79.66 238.30
C CME B 748 84.55 75.12 237.50
O CME B 748 85.15 74.73 238.49
N ILE B 749 85.14 75.72 236.51
CA ILE B 749 86.55 75.87 236.64
C ILE B 749 86.89 77.31 236.85
N GLU B 750 87.68 77.51 237.86
CA GLU B 750 88.06 78.85 238.16
C GLU B 750 89.52 79.02 238.20
N LEU B 751 89.91 80.23 237.87
CA LEU B 751 91.30 80.56 237.91
C LEU B 751 91.46 82.04 237.73
N GLY B 752 91.64 82.74 238.85
CA GLY B 752 91.73 84.18 238.82
C GLY B 752 90.35 84.70 238.51
N ASN B 753 90.31 85.71 237.66
CA ASN B 753 89.07 86.32 237.18
C ASN B 753 88.33 85.39 236.20
N LYS B 754 89.12 84.47 235.64
CA LYS B 754 88.61 83.52 234.72
C LYS B 754 87.79 82.37 235.29
N ARG B 755 86.76 82.01 234.54
CA ARG B 755 85.84 80.96 234.90
C ARG B 755 85.21 80.28 233.69
N TRP B 756 85.07 78.98 233.84
CA TRP B 756 84.50 78.19 232.78
C TRP B 756 83.47 77.26 233.29
N GLN B 757 82.38 77.19 232.57
CA GLN B 757 81.40 76.26 233.02
C GLN B 757 80.93 75.23 232.01
N PHE B 758 80.91 73.99 232.46
CA PHE B 758 80.43 72.96 231.59
C PHE B 758 79.15 72.41 232.09
N ASN B 759 78.16 72.44 231.27
CA ASN B 759 76.89 71.89 231.67
C ASN B 759 76.94 70.39 231.68
N ARG B 760 76.50 69.84 232.77
CA ARG B 760 76.54 68.41 232.94
C ARG B 760 75.50 67.66 232.20
N GLN B 761 74.46 68.31 231.75
CA GLN B 761 73.54 67.46 231.05
C GLN B 761 73.77 67.52 229.57
N SER B 762 74.28 68.65 229.11
CA SER B 762 74.53 68.86 227.71
C SER B 762 75.90 68.35 227.36
N GLY B 763 76.75 68.43 228.35
CA GLY B 763 78.08 68.00 228.07
C GLY B 763 78.84 69.06 227.30
N PHE B 764 78.37 70.31 227.28
CA PHE B 764 79.12 71.32 226.58
C PHE B 764 79.58 72.40 227.44
N LEU B 765 80.58 73.07 226.93
CA LEU B 765 81.07 74.24 227.58
C LEU B 765 79.97 75.27 227.39
N SER B 766 79.30 75.60 228.47
CA SER B 766 78.15 76.50 228.42
C SER B 766 78.40 77.97 228.59
N GLN B 767 79.38 78.33 229.35
CA GLN B 767 79.63 79.73 229.51
C GLN B 767 80.99 79.91 230.06
N MET B 768 81.49 81.09 229.88
CA MET B 768 82.73 81.41 230.42
C MET B 768 82.79 82.89 230.71
N TRP B 769 83.51 83.23 231.78
CA TRP B 769 83.61 84.61 232.17
C TRP B 769 84.99 85.02 232.33
N ILE B 770 85.12 86.28 232.05
CA ILE B 770 86.33 86.97 232.30
C ILE B 770 85.86 88.05 233.22
N GLY B 771 86.41 88.08 234.41
CA GLY B 771 85.85 89.04 235.32
C GLY B 771 84.40 88.58 235.54
N ASP B 772 83.50 89.53 235.45
CA ASP B 772 82.10 89.27 235.65
C ASP B 772 81.37 89.31 234.35
N LYS B 773 82.16 89.28 233.28
CA LYS B 773 81.58 89.30 231.97
C LYS B 773 81.49 87.94 231.34
N LYS B 774 80.25 87.65 230.94
CA LYS B 774 79.98 86.41 230.26
C LYS B 774 80.56 86.53 228.88
N GLN B 775 80.97 85.43 228.28
CA GLN B 775 81.58 85.61 226.98
C GLN B 775 80.83 85.04 225.82
N LEU B 776 79.91 84.13 226.14
CA LEU B 776 79.18 83.50 225.08
C LEU B 776 77.70 83.61 225.19
N LEU B 777 77.04 83.75 224.05
CA LEU B 777 75.59 83.74 224.04
C LEU B 777 75.12 82.33 223.72
N THR B 778 76.02 81.54 223.18
CA THR B 778 75.72 80.18 222.82
C THR B 778 76.87 79.30 223.21
N PRO B 779 76.53 78.12 223.67
CA PRO B 779 77.49 77.12 224.06
C PRO B 779 78.32 76.63 222.86
N LEU B 780 79.52 76.19 223.15
CA LEU B 780 80.41 75.72 222.14
C LEU B 780 80.03 74.33 221.72
N ARG B 781 79.78 74.11 220.44
CA ARG B 781 79.45 72.75 220.08
C ARG B 781 79.80 72.35 218.69
N ASP B 782 79.78 71.03 218.52
CA ASP B 782 80.14 70.45 217.26
C ASP B 782 79.18 70.87 216.21
N GLN B 783 79.73 70.94 215.03
CA GLN B 783 78.96 71.29 213.88
C GLN B 783 79.38 70.49 212.67
N PHE B 784 78.41 69.86 212.05
CA PHE B 784 78.71 69.05 210.87
C PHE B 784 78.09 69.52 209.56
N THR B 785 77.41 70.65 209.58
CA THR B 785 76.76 71.07 208.35
C THR B 785 77.09 72.49 207.96
N ARG B 786 76.56 72.86 206.80
CA ARG B 786 76.69 74.22 206.34
C ARG B 786 75.42 74.73 205.63
N ALA B 787 75.29 76.06 205.59
CA ALA B 787 74.22 76.71 204.88
C ALA B 787 74.61 76.50 203.43
N PRO B 788 73.84 75.65 202.77
CA PRO B 788 74.06 75.20 201.41
C PRO B 788 74.44 76.25 200.43
N LEU B 789 75.37 75.86 199.60
CA LEU B 789 75.82 76.72 198.56
C LEU B 789 74.98 76.46 197.36
N ASP B 790 75.06 77.40 196.46
CA ASP B 790 74.33 77.17 195.24
C ASP B 790 74.70 75.81 194.69
N ASN B 791 76.01 75.57 194.64
CA ASN B 791 76.51 74.31 194.18
C ASN B 791 75.94 73.13 194.98
N ASP B 792 75.72 73.29 196.29
CA ASP B 792 75.21 72.18 197.09
C ASP B 792 73.79 71.83 196.79
N ILE B 793 73.13 72.87 196.36
CA ILE B 793 71.72 72.76 196.07
C ILE B 793 71.50 72.17 194.71
N GLY B 794 72.35 72.62 193.82
CA GLY B 794 72.45 72.18 192.47
C GLY B 794 71.20 71.90 191.68
N VAL B 795 70.58 72.99 191.27
CA VAL B 795 69.46 72.89 190.38
C VAL B 795 69.66 73.95 189.30
N SER B 796 69.29 73.62 188.06
CA SER B 796 69.42 74.56 186.93
C SER B 796 68.04 75.10 186.47
N GLU B 797 67.02 74.33 186.86
CA GLU B 797 65.63 74.59 186.58
C GLU B 797 64.88 74.44 187.87
N ALA B 798 64.22 75.53 188.28
CA ALA B 798 63.43 75.60 189.51
C ALA B 798 62.57 74.34 189.78
N THR B 799 62.07 73.80 188.66
CA THR B 799 61.22 72.63 188.48
C THR B 799 61.80 71.29 188.90
N ARG B 800 63.04 71.05 188.44
CA ARG B 800 63.73 69.79 188.65
C ARG B 800 64.74 69.77 189.78
N ILE B 801 64.40 68.94 190.79
CA ILE B 801 65.22 68.68 191.99
C ILE B 801 66.04 67.37 191.86
N ASP B 802 67.30 67.43 192.32
CA ASP B 802 68.20 66.32 192.24
C ASP B 802 68.41 65.65 193.58
N PRO B 803 67.85 64.48 193.70
CA PRO B 803 67.97 63.70 194.88
C PRO B 803 69.45 63.44 195.21
N ASN B 804 70.29 63.66 194.21
CA ASN B 804 71.72 63.47 194.36
C ASN B 804 72.46 64.70 194.81
N ALA B 805 71.75 65.81 194.84
CA ALA B 805 72.38 66.99 195.30
C ALA B 805 72.76 66.75 196.74
N TRP B 806 73.92 67.31 197.06
CA TRP B 806 74.46 67.22 198.39
C TRP B 806 73.43 67.55 199.40
N VAL B 807 72.84 68.69 199.16
CA VAL B 807 71.85 69.14 200.10
C VAL B 807 70.75 68.14 200.31
N GLU B 808 70.35 67.57 199.20
CA GLU B 808 69.31 66.59 199.23
C GLU B 808 69.69 65.43 200.08
N ARG B 809 70.89 65.00 199.84
CA ARG B 809 71.39 63.90 200.59
C ARG B 809 71.55 64.19 202.07
N TRP B 810 72.07 65.36 202.35
CA TRP B 810 72.32 65.73 203.71
C TRP B 810 71.05 65.80 204.48
N LYS B 811 70.06 66.34 203.79
CA LYS B 811 68.77 66.50 204.40
C LYS B 811 68.19 65.17 204.76
N ALA B 812 68.12 64.38 203.74
CA ALA B 812 67.59 63.05 203.85
C ALA B 812 68.27 62.22 204.89
N ALA B 813 69.54 62.52 205.11
CA ALA B 813 70.30 61.76 206.06
C ALA B 813 70.04 62.21 207.48
N GLY B 814 69.47 63.41 207.61
CA GLY B 814 69.14 63.94 208.92
C GLY B 814 70.28 64.75 209.47
N HIS B 815 71.23 65.04 208.60
CA HIS B 815 72.35 65.81 209.07
C HIS B 815 71.93 67.10 209.68
N TYR B 816 70.93 67.66 209.05
CA TYR B 816 70.46 68.93 209.49
C TYR B 816 69.66 68.86 210.74
N GLN B 817 69.21 67.67 211.09
CA GLN B 817 68.42 67.60 212.30
C GLN B 817 68.78 66.49 213.28
N ALA B 818 70.03 66.13 213.29
CA ALA B 818 70.40 65.10 214.20
C ALA B 818 70.53 65.69 215.56
N GLU B 819 70.27 64.80 216.48
CA GLU B 819 70.26 65.03 217.88
C GLU B 819 71.47 64.50 218.58
N ALA B 820 72.11 65.41 219.30
CA ALA B 820 73.26 64.98 220.07
C ALA B 820 72.85 64.23 221.33
N ALA B 821 73.67 63.28 221.73
CA ALA B 821 73.43 62.49 222.92
C ALA B 821 74.69 62.35 223.76
N LEU B 822 74.60 62.74 225.02
CA LEU B 822 75.77 62.62 225.84
C LEU B 822 76.02 61.19 226.20
N LEU B 823 77.20 60.75 225.87
CA LEU B 823 77.57 59.42 226.21
C LEU B 823 78.36 59.46 227.46
N GLN B 824 79.07 60.58 227.62
CA GLN B 824 79.88 60.70 228.80
C GLN B 824 80.52 62.05 228.97
N CYS B 825 80.70 62.40 230.25
CA CYS B 825 81.26 63.69 230.63
C CYS B 825 81.93 63.55 231.95
N THR B 826 83.23 63.80 231.99
CA THR B 826 83.93 63.65 233.25
C THR B 826 84.96 64.70 233.49
N ALA B 827 85.20 64.86 234.79
CA ALA B 827 86.15 65.86 235.22
C ALA B 827 87.15 65.26 236.15
N ASP B 828 88.37 65.77 236.07
CA ASP B 828 89.45 65.22 236.85
C ASP B 828 90.53 66.26 237.09
N THR B 829 91.15 66.13 238.24
CA THR B 829 92.19 67.05 238.60
C THR B 829 93.53 66.40 238.57
N LEU B 830 94.31 67.04 237.77
CA LEU B 830 95.65 66.63 237.59
C LEU B 830 96.52 67.55 238.37
N ALA B 831 97.77 67.20 238.36
CA ALA B 831 98.70 67.98 239.08
C ALA B 831 98.82 69.39 238.58
N ASP B 832 98.70 69.56 237.28
CA ASP B 832 98.93 70.87 236.71
C ASP B 832 97.78 71.43 235.99
N ALA B 833 96.69 70.67 236.03
CA ALA B 833 95.53 71.14 235.34
C ALA B 833 94.30 70.37 235.66
N VAL B 834 93.24 70.87 235.06
CA VAL B 834 91.98 70.24 235.13
C VAL B 834 91.64 69.64 233.78
N LEU B 835 91.05 68.45 233.85
CA LEU B 835 90.75 67.72 232.67
C LEU B 835 89.31 67.28 232.51
N ILE B 836 88.75 67.71 231.39
CA ILE B 836 87.39 67.37 231.07
C ILE B 836 87.29 66.47 229.89
N THR B 837 86.41 65.50 230.08
CA THR B 837 86.22 64.53 229.05
C THR B 837 84.80 64.27 228.65
N THR B 838 84.53 64.41 227.36
CA THR B 838 83.19 64.16 226.86
C THR B 838 83.12 63.26 225.66
N ALA B 839 81.90 62.77 225.45
CA ALA B 839 81.65 61.95 224.31
C ALA B 839 80.20 62.07 223.97
N HIS B 840 79.94 62.42 222.74
CA HIS B 840 78.58 62.53 222.29
C HIS B 840 78.36 61.76 221.02
N ALA B 841 77.10 61.45 220.81
CA ALA B 841 76.70 60.77 219.61
C ALA B 841 75.59 61.53 218.91
N TRP B 842 75.66 61.65 217.60
CA TRP B 842 74.57 62.27 216.92
C TRP B 842 73.82 61.21 216.20
N GLN B 843 72.53 61.19 216.46
CA GLN B 843 71.72 60.19 215.83
C GLN B 843 70.55 60.75 215.14
N HIS B 844 69.99 59.86 214.36
CA HIS B 844 68.82 60.20 213.62
C HIS B 844 68.06 58.95 213.28
N GLN B 845 66.90 58.84 213.87
CA GLN B 845 66.11 57.68 213.62
C GLN B 845 66.85 56.40 213.91
N GLY B 846 67.56 56.42 215.03
CA GLY B 846 68.26 55.23 215.46
C GLY B 846 69.61 55.04 214.82
N LYS B 847 69.94 55.87 213.85
CA LYS B 847 71.24 55.71 213.31
C LYS B 847 72.19 56.69 213.93
N THR B 848 73.37 56.19 214.22
CA THR B 848 74.38 57.06 214.75
C THR B 848 75.22 57.53 213.59
N LEU B 849 75.21 58.84 213.36
CA LEU B 849 75.93 59.43 212.25
C LEU B 849 77.32 59.77 212.66
N PHE B 850 77.42 60.36 213.83
CA PHE B 850 78.72 60.74 214.28
C PHE B 850 78.90 60.60 215.72
N ILE B 851 80.17 60.46 216.02
CA ILE B 851 80.63 60.41 217.34
C ILE B 851 81.75 61.38 217.54
N SER B 852 81.56 62.16 218.58
CA SER B 852 82.52 63.15 218.93
C SER B 852 83.08 62.94 220.34
N ARG B 853 84.39 62.84 220.39
CA ARG B 853 85.05 62.64 221.65
C ARG B 853 86.05 63.76 221.92
N LYS B 854 85.90 64.39 223.07
CA LYS B 854 86.79 65.48 223.38
C LYS B 854 87.45 65.44 224.73
N THR B 855 88.42 66.33 224.81
CA THR B 855 89.15 66.61 226.02
C THR B 855 89.45 68.07 226.08
N TYR B 856 89.23 68.55 227.28
CA TYR B 856 89.51 69.91 227.52
C TYR B 856 90.44 69.94 228.66
N ARG B 857 91.50 70.69 228.45
CA ARG B 857 92.46 70.79 229.47
C ARG B 857 92.88 72.20 229.76
N ILE B 858 92.61 72.57 231.02
CA ILE B 858 92.90 73.87 231.55
C ILE B 858 93.98 73.88 232.57
N ASP B 859 94.96 74.69 232.25
CA ASP B 859 96.11 74.78 233.08
C ASP B 859 96.22 76.08 233.80
N GLY B 860 97.30 76.10 234.56
CA GLY B 860 97.64 77.21 235.39
C GLY B 860 97.88 78.47 234.61
N SER B 861 98.13 78.33 233.34
CA SER B 861 98.35 79.52 232.57
C SER B 861 97.04 80.07 232.04
N GLY B 862 95.94 79.36 232.30
CA GLY B 862 94.63 79.81 231.86
C GLY B 862 94.36 79.54 230.38
N GLN B 863 94.98 78.49 229.89
CA GLN B 863 94.77 78.13 228.53
C GLN B 863 93.95 76.90 228.47
N MET B 864 93.09 76.92 227.49
CA MET B 864 92.25 75.80 227.30
C MET B 864 92.55 75.09 226.01
N ALA B 865 92.93 73.86 226.20
CA ALA B 865 93.27 73.04 225.09
C ALA B 865 92.21 72.02 224.81
N ILE B 866 91.84 72.02 223.56
CA ILE B 866 90.84 71.14 223.11
C ILE B 866 91.27 70.15 222.11
N THR B 867 90.74 69.00 222.34
CA THR B 867 91.05 67.95 221.47
C THR B 867 89.81 67.27 221.00
N VAL B 868 89.72 67.17 219.68
CA VAL B 868 88.58 66.55 219.07
C VAL B 868 88.90 65.41 218.18
N ASP B 869 88.10 64.37 218.39
CA ASP B 869 88.21 63.18 217.58
C ASP B 869 86.85 62.72 217.21
N VAL B 870 86.63 62.71 215.89
CA VAL B 870 85.37 62.33 215.32
C VAL B 870 85.39 61.10 214.45
N GLU B 871 84.29 60.37 214.60
CA GLU B 871 84.05 59.20 213.83
C GLU B 871 82.80 59.47 213.03
N VAL B 872 82.85 59.13 211.73
CA VAL B 872 81.73 59.28 210.84
C VAL B 872 81.33 57.97 210.18
N ALA B 873 80.04 57.68 210.25
CA ALA B 873 79.54 56.45 209.66
C ALA B 873 79.84 56.43 208.20
N SER B 874 80.46 55.36 207.84
CA SER B 874 80.87 55.15 206.48
C SER B 874 79.69 55.26 205.52
N ASP B 875 78.53 54.90 206.01
CA ASP B 875 77.38 54.94 205.16
C ASP B 875 76.55 56.18 205.21
N THR B 876 77.09 57.20 205.82
CA THR B 876 76.36 58.42 205.77
C THR B 876 77.06 59.29 204.73
N PRO B 877 76.36 60.23 204.17
CA PRO B 877 76.97 61.11 203.20
C PRO B 877 78.01 61.94 203.87
N HIS B 878 79.09 62.18 203.16
CA HIS B 878 80.13 62.99 203.73
C HIS B 878 79.58 64.33 204.03
N PRO B 879 79.86 64.70 205.22
CA PRO B 879 79.45 65.95 205.80
C PRO B 879 80.23 67.09 205.22
N ALA B 880 79.57 68.22 205.28
CA ALA B 880 80.06 69.46 204.78
C ALA B 880 81.26 69.95 205.54
N ARG B 881 81.25 69.64 206.82
CA ARG B 881 82.36 70.13 207.59
C ARG B 881 82.43 69.43 208.91
N ILE B 882 83.53 69.69 209.60
CA ILE B 882 83.79 69.13 210.90
C ILE B 882 84.49 70.15 211.76
N GLY B 883 83.68 70.69 212.66
CA GLY B 883 84.18 71.71 213.53
C GLY B 883 83.24 72.03 214.66
N LEU B 884 83.46 73.21 215.17
CA LEU B 884 82.66 73.66 216.25
C LEU B 884 82.17 75.03 216.03
N ASN B 885 81.24 75.38 216.88
CA ASN B 885 80.75 76.71 216.79
C ASN B 885 80.09 77.22 218.05
N CYS B 886 79.97 78.52 218.04
CA CYS B 886 79.36 79.16 219.15
C CYS B 886 79.10 80.64 218.84
N GLN B 887 78.24 81.21 219.65
CA GLN B 887 77.94 82.59 219.50
C GLN B 887 78.61 83.39 220.59
N LEU B 888 79.53 84.23 220.20
CA LEU B 888 80.15 85.05 221.22
C LEU B 888 79.35 86.27 221.52
N ALA B 889 79.41 86.62 222.77
CA ALA B 889 78.74 87.78 223.28
C ALA B 889 79.32 89.08 222.74
N GLN B 890 80.60 89.09 222.62
CA GLN B 890 81.31 90.24 222.15
C GLN B 890 81.21 90.50 220.65
N VAL B 891 81.49 91.74 220.32
CA VAL B 891 81.50 92.20 218.97
C VAL B 891 82.64 93.20 218.78
N ALA B 892 83.57 92.92 217.89
CA ALA B 892 84.71 93.81 217.68
C ALA B 892 84.83 94.34 216.27
N GLU B 893 85.79 95.22 216.08
CA GLU B 893 85.99 95.88 214.81
C GLU B 893 86.82 95.13 213.80
N ARG B 894 87.93 94.64 214.30
CA ARG B 894 88.85 93.95 213.48
C ARG B 894 88.95 92.48 213.76
N VAL B 895 89.63 91.86 212.80
CA VAL B 895 89.88 90.45 212.79
C VAL B 895 91.28 90.27 212.33
N ASN B 896 91.99 89.51 213.10
CA ASN B 896 93.35 89.35 212.77
C ASN B 896 93.75 87.91 212.83
N TRP B 897 94.42 87.50 211.78
CA TRP B 897 94.81 86.14 211.77
C TRP B 897 96.05 85.90 210.98
N LEU B 898 96.57 84.74 211.28
CA LEU B 898 97.73 84.23 210.65
C LEU B 898 97.33 82.94 209.94
N GLY B 899 97.20 83.12 208.64
CA GLY B 899 96.76 82.05 207.78
C GLY B 899 96.63 82.58 206.37
N LEU B 900 95.78 81.91 205.62
CA LEU B 900 95.58 82.24 204.24
C LEU B 900 94.65 83.38 204.07
N GLY B 901 95.07 84.31 203.25
CA GLY B 901 94.23 85.43 203.03
C GLY B 901 94.74 86.24 201.88
N PRO B 902 94.12 87.37 201.76
CA PRO B 902 93.12 87.81 202.70
C PRO B 902 91.69 87.52 202.31
N GLN B 903 91.45 87.14 201.09
CA GLN B 903 90.07 86.86 200.79
C GLN B 903 89.54 85.51 201.19
N GLU B 904 88.23 85.45 201.11
CA GLU B 904 87.51 84.20 201.34
C GLU B 904 88.18 83.09 200.53
N ASN B 905 88.42 81.95 201.16
CA ASN B 905 89.05 80.84 200.46
C ASN B 905 88.60 79.49 200.97
N TYR B 906 88.46 78.59 200.05
CA TYR B 906 88.03 77.27 200.37
C TYR B 906 89.07 76.26 199.92
N PRO B 907 88.92 75.10 200.44
CA PRO B 907 89.85 74.03 200.20
C PRO B 907 90.13 73.80 198.76
N ASP B 908 89.09 73.80 197.93
CA ASP B 908 89.32 73.62 196.50
C ASP B 908 89.36 74.95 195.76
N ARG B 909 89.52 76.01 196.53
CA ARG B 909 89.65 77.32 195.92
C ARG B 909 90.51 78.19 196.82
N LEU B 910 91.81 77.92 196.82
CA LEU B 910 92.68 78.69 197.71
C LEU B 910 94.08 78.91 197.16
N THR B 911 94.26 78.63 195.90
CA THR B 911 95.56 78.83 195.34
C THR B 911 95.93 80.27 195.26
N ALA B 912 94.96 81.14 195.13
CA ALA B 912 95.33 82.53 194.99
C ALA B 912 95.67 83.15 196.33
N ALA B 913 95.26 82.47 197.38
CA ALA B 913 95.50 82.99 198.73
C ALA B 913 96.92 82.90 199.23
N CME B 914 97.24 83.83 200.12
CA CME B 914 98.53 83.87 200.75
CB CME B 914 99.42 84.96 200.29
SG CME B 914 99.83 84.71 198.56
SD CME B 914 100.07 86.60 198.10
CE CME B 914 98.38 87.17 198.33
CZ CME B 914 98.30 88.65 197.98
OH CME B 914 99.62 89.14 197.73
C CME B 914 98.55 83.70 202.22
O CME B 914 97.69 84.14 202.99
N PHE B 915 99.57 83.01 202.59
CA PHE B 915 99.76 82.75 203.96
C PHE B 915 100.49 83.90 204.58
N ASP B 916 99.79 84.60 205.44
CA ASP B 916 100.43 85.70 206.09
C ASP B 916 99.63 86.12 207.28
N ARG B 917 99.95 87.32 207.73
CA ARG B 917 99.20 87.89 208.80
C ARG B 917 98.25 88.91 208.27
N TRP B 918 96.97 88.67 208.51
CA TRP B 918 95.97 89.56 208.01
C TRP B 918 95.18 90.20 209.10
N ASP B 919 94.73 91.41 208.78
CA ASP B 919 93.91 92.20 209.67
C ASP B 919 92.88 92.96 208.88
N LEU B 920 91.64 92.67 209.17
CA LEU B 920 90.54 93.32 208.52
C LEU B 920 89.44 93.59 209.48
N PRO B 921 88.54 94.35 208.98
CA PRO B 921 87.35 94.67 209.64
C PRO B 921 86.42 93.54 209.43
N LEU B 922 85.74 93.32 210.51
CA LEU B 922 84.78 92.30 210.58
C LEU B 922 83.89 92.21 209.37
N SER B 923 83.54 93.38 208.88
CA SER B 923 82.67 93.43 207.72
C SER B 923 83.22 92.62 206.56
N ASP B 924 84.52 92.76 206.38
CA ASP B 924 85.18 92.10 205.31
C ASP B 924 85.21 90.59 205.45
N MET B 925 84.85 90.12 206.62
CA MET B 925 84.87 88.70 206.80
C MET B 925 83.58 88.09 206.33
N TYR B 926 82.78 88.88 205.65
CA TYR B 926 81.53 88.36 205.15
C TYR B 926 81.32 88.63 203.68
N THR B 927 80.85 87.59 202.98
CA THR B 927 80.59 87.66 201.57
C THR B 927 79.10 87.66 201.30
N PRO B 928 78.69 88.82 200.86
CA PRO B 928 77.32 89.20 200.54
C PRO B 928 76.80 88.61 199.24
N TYR B 929 76.89 87.30 199.15
CA TYR B 929 76.36 86.67 197.98
C TYR B 929 74.87 87.03 197.96
N VAL B 930 74.35 87.48 196.82
CA VAL B 930 72.94 87.85 196.78
C VAL B 930 72.04 86.77 197.35
N PHE B 931 72.29 85.56 196.91
CA PHE B 931 71.55 84.48 197.48
C PHE B 931 72.48 83.99 198.58
N PRO B 932 72.05 84.10 199.80
CA PRO B 932 72.93 83.77 200.90
C PRO B 932 73.12 82.30 201.20
N SER B 933 74.36 82.01 201.67
CA SER B 933 74.84 80.69 202.10
C SER B 933 76.18 80.77 202.87
N GLU B 934 76.72 79.60 203.27
CA GLU B 934 78.01 79.52 203.91
C GLU B 934 79.02 80.36 203.13
N ASN B 935 79.78 81.24 203.77
CA ASN B 935 80.75 82.08 203.05
C ASN B 935 81.78 82.61 204.01
N GLY B 936 82.73 83.36 203.47
CA GLY B 936 83.78 84.01 204.26
C GLY B 936 84.87 83.13 204.83
N LEU B 937 84.79 81.84 204.63
CA LEU B 937 85.85 81.02 205.16
C LEU B 937 87.28 81.40 204.78
N ARG B 938 88.15 81.13 205.72
CA ARG B 938 89.59 81.22 205.50
C ARG B 938 90.23 79.98 206.06
N CYS B 939 91.10 79.40 205.27
CA CYS B 939 91.78 78.18 205.60
C CYS B 939 93.20 78.38 206.02
N GLY B 940 93.75 77.26 206.50
CA GLY B 940 95.13 77.15 206.92
C GLY B 940 95.55 78.19 207.91
N THR B 941 94.71 78.29 208.91
CA THR B 941 94.90 79.25 209.92
C THR B 941 95.47 78.61 211.14
N ARG B 942 96.45 79.33 211.64
CA ARG B 942 97.15 78.89 212.79
C ARG B 942 96.91 79.68 214.04
N GLU B 943 96.51 80.92 213.83
CA GLU B 943 96.24 81.84 214.91
C GLU B 943 95.20 82.82 214.48
N LEU B 944 94.22 82.96 215.36
CA LEU B 944 93.10 83.83 215.15
C LEU B 944 92.82 84.66 216.40
N ASN B 945 92.62 85.94 216.16
CA ASN B 945 92.40 86.93 217.19
C ASN B 945 91.17 87.77 217.04
N TYR B 946 90.36 87.77 218.08
CA TYR B 946 89.15 88.57 218.07
C TYR B 946 88.81 88.94 219.49
N GLY B 947 88.86 90.23 219.71
CA GLY B 947 88.64 90.73 221.03
C GLY B 947 89.84 90.34 221.88
N PRO B 948 89.50 89.93 223.07
CA PRO B 948 90.40 89.44 224.09
C PRO B 948 90.79 88.01 223.77
N HIS B 949 90.12 87.42 222.78
CA HIS B 949 90.37 86.06 222.42
C HIS B 949 91.41 85.79 221.41
N GLN B 950 91.90 84.58 221.60
CA GLN B 950 92.88 84.03 220.75
C GLN B 950 92.76 82.54 220.64
N TRP B 951 92.85 82.10 219.40
CA TRP B 951 92.81 80.70 219.12
C TRP B 951 93.98 80.28 218.32
N ARG B 952 94.47 79.11 218.67
CA ARG B 952 95.59 78.58 217.97
C ARG B 952 95.43 77.14 217.68
N GLY B 953 95.97 76.83 216.52
CA GLY B 953 95.96 75.48 215.99
C GLY B 953 96.17 75.45 214.50
N ASP B 954 95.37 74.62 213.89
CA ASP B 954 95.45 74.53 212.46
C ASP B 954 94.06 74.34 211.92
N PHE B 955 93.42 75.45 211.60
CA PHE B 955 92.06 75.28 211.19
C PHE B 955 91.68 76.26 210.14
N GLN B 956 90.38 76.21 209.90
CA GLN B 956 89.70 77.10 209.00
C GLN B 956 88.58 77.65 209.80
N PHE B 957 88.21 78.87 209.44
CA PHE B 957 87.13 79.48 210.14
C PHE B 957 86.44 80.54 209.34
N ASN B 958 85.35 80.94 209.94
CA ASN B 958 84.58 82.06 209.45
C ASN B 958 83.98 82.76 210.65
N ILE B 959 83.67 84.01 210.43
CA ILE B 959 83.13 84.79 211.50
C ILE B 959 82.32 85.98 211.02
N SER B 960 81.13 86.09 211.57
CA SER B 960 80.20 87.13 211.17
C SER B 960 79.06 87.25 212.16
N ARG B 961 78.01 88.00 211.76
CA ARG B 961 76.84 88.17 212.61
C ARG B 961 75.68 87.35 212.19
N TYR B 962 75.94 86.35 211.39
CA TYR B 962 74.80 85.59 210.99
C TYR B 962 74.97 84.15 211.26
N SER B 963 73.96 83.55 211.81
CA SER B 963 74.04 82.16 212.07
C SER B 963 73.90 81.46 210.72
N GLN B 964 74.40 80.22 210.70
CA GLN B 964 74.27 79.40 209.52
C GLN B 964 72.79 79.22 209.28
N GLN B 965 72.06 79.10 210.36
CA GLN B 965 70.64 78.93 210.21
C GLN B 965 69.97 80.10 209.56
N GLN B 966 70.35 81.29 209.98
CA GLN B 966 69.78 82.46 209.38
C GLN B 966 70.04 82.44 207.90
N LEU B 967 71.29 82.22 207.56
CA LEU B 967 71.68 82.21 206.16
C LEU B 967 70.93 81.21 205.33
N MET B 968 70.80 80.09 205.96
CA MET B 968 70.17 79.04 205.30
C MET B 968 68.71 79.34 205.10
N GLU B 969 68.15 80.14 205.98
CA GLU B 969 66.74 80.40 205.87
C GLU B 969 66.34 81.64 205.13
N THR B 970 67.26 82.53 204.85
CA THR B 970 67.01 83.76 204.13
C THR B 970 67.36 83.67 202.65
N SER B 971 66.44 84.08 201.81
CA SER B 971 66.65 84.02 200.37
C SER B 971 67.36 85.21 199.76
N HIS B 972 67.42 86.34 200.45
CA HIS B 972 68.10 87.43 199.83
C HIS B 972 68.95 88.12 200.80
N ARG B 973 70.07 88.58 200.32
CA ARG B 973 70.98 89.27 201.18
C ARG B 973 70.36 90.42 201.96
N HIS B 974 69.49 91.15 201.30
CA HIS B 974 68.87 92.32 201.90
C HIS B 974 68.04 92.00 203.13
N LEU B 975 67.57 90.77 203.22
CA LEU B 975 66.80 90.35 204.40
C LEU B 975 67.60 89.87 205.62
N LEU B 976 68.91 89.85 205.55
CA LEU B 976 69.53 89.37 206.75
C LEU B 976 69.74 90.54 207.64
N HIS B 977 69.79 90.20 208.91
CA HIS B 977 70.03 91.19 209.91
C HIS B 977 71.02 90.63 210.90
N ALA B 978 71.89 91.50 211.36
CA ALA B 978 72.87 91.04 212.31
C ALA B 978 72.25 90.39 213.53
N GLU B 979 72.91 89.35 214.00
CA GLU B 979 72.42 88.69 215.17
C GLU B 979 73.10 89.33 216.36
N GLU B 980 72.68 88.89 217.53
CA GLU B 980 73.19 89.45 218.74
C GLU B 980 74.69 89.63 218.98
N GLY B 981 75.50 88.62 218.79
CA GLY B 981 76.92 88.88 219.05
C GLY B 981 77.70 88.58 217.81
N THR B 982 78.65 87.70 217.97
CA THR B 982 79.45 87.27 216.85
C THR B 982 79.41 85.76 216.74
N TRP B 983 79.10 85.30 215.55
CA TRP B 983 79.08 83.88 215.28
C TRP B 983 80.40 83.41 214.74
N LEU B 984 80.84 82.34 215.39
CA LEU B 984 82.11 81.79 215.05
C LEU B 984 82.09 80.33 214.72
N ASN B 985 82.62 80.08 213.53
CA ASN B 985 82.75 78.73 213.07
C ASN B 985 84.19 78.36 212.87
N ILE B 986 84.57 77.33 213.63
CA ILE B 986 85.90 76.77 213.58
C ILE B 986 85.88 75.34 213.14
N ASP B 987 86.49 75.20 211.98
CA ASP B 987 86.54 73.95 211.33
C ASP B 987 87.88 73.31 211.32
N GLY B 988 87.79 72.04 211.71
CA GLY B 988 88.96 71.20 211.66
C GLY B 988 89.09 70.80 210.19
N PHE B 989 87.94 70.62 209.57
CA PHE B 989 87.86 70.23 208.19
C PHE B 989 86.62 70.75 207.56
N HIS B 990 86.75 70.99 206.26
CA HIS B 990 85.66 71.49 205.50
C HIS B 990 85.65 71.00 204.07
N MET B 991 84.49 70.60 203.62
CA MET B 991 84.31 70.11 202.27
C MET B 991 84.59 71.15 201.20
N GLY B 992 85.02 70.70 200.04
CA GLY B 992 85.27 71.61 198.93
C GLY B 992 83.95 72.21 198.46
N ILE B 993 84.01 73.18 197.54
CA ILE B 993 82.79 73.84 197.09
C ILE B 993 82.36 73.47 195.68
N GLY B 994 83.27 72.95 194.87
CA GLY B 994 82.91 72.56 193.52
C GLY B 994 82.66 73.73 192.60
N GLY B 995 81.95 73.41 191.51
CA GLY B 995 81.60 74.39 190.54
C GLY B 995 81.80 73.98 189.08
N ASP B 996 82.20 72.73 188.85
CA ASP B 996 82.43 72.28 187.47
C ASP B 996 81.19 72.55 186.68
N ASP B 997 80.09 72.52 187.42
CA ASP B 997 78.76 72.84 187.01
C ASP B 997 77.96 72.98 188.26
N SER B 998 76.83 73.63 188.14
CA SER B 998 76.06 73.84 189.34
C SER B 998 74.77 73.08 189.34
N TRP B 999 74.70 71.97 188.66
CA TRP B 999 73.44 71.27 188.71
C TRP B 999 73.65 69.80 188.83
N SER B 1000 74.78 69.53 189.44
CA SER B 1000 75.25 68.22 189.77
C SER B 1000 76.38 68.40 190.73
N PRO B 1001 76.65 67.26 191.36
CA PRO B 1001 77.70 67.10 192.34
C PRO B 1001 79.00 67.27 191.58
N SER B 1002 79.71 68.32 191.96
CA SER B 1002 80.89 68.76 191.25
C SER B 1002 82.11 68.93 192.14
N VAL B 1003 81.98 68.37 193.34
CA VAL B 1003 83.09 68.40 194.28
C VAL B 1003 83.97 67.19 194.11
N SER B 1004 85.24 67.39 193.76
CA SER B 1004 86.08 66.23 193.62
C SER B 1004 86.37 65.46 194.87
N ALA B 1005 86.55 64.20 194.62
CA ALA B 1005 86.76 63.30 195.70
C ALA B 1005 87.78 63.69 196.72
N GLU B 1006 88.86 64.31 196.23
CA GLU B 1006 89.93 64.74 197.10
C GLU B 1006 89.42 65.80 198.01
N PHE B 1007 88.25 66.31 197.69
CA PHE B 1007 87.72 67.34 198.53
C PHE B 1007 86.59 66.97 199.40
N GLN B 1008 86.20 65.71 199.39
CA GLN B 1008 85.14 65.23 200.26
C GLN B 1008 85.70 64.70 201.58
N LEU B 1009 84.89 64.79 202.66
CA LEU B 1009 85.29 64.36 203.99
C LEU B 1009 84.93 62.93 204.12
N SER B 1010 85.75 62.13 203.53
CA SER B 1010 85.46 60.72 203.47
C SER B 1010 86.31 59.79 204.33
N ALA B 1011 87.25 60.37 205.07
CA ALA B 1011 88.18 59.62 205.90
C ALA B 1011 87.59 58.71 206.95
N GLY B 1012 86.45 59.07 207.47
CA GLY B 1012 85.84 58.25 208.50
C GLY B 1012 86.30 58.68 209.88
N ARG B 1013 87.54 59.14 209.96
CA ARG B 1013 88.03 59.56 211.24
C ARG B 1013 88.79 60.83 211.11
N TYR B 1014 88.43 61.72 212.02
CA TYR B 1014 89.04 63.02 212.03
C TYR B 1014 89.48 63.44 213.40
N HIS B 1015 90.58 64.12 213.39
CA HIS B 1015 91.15 64.58 214.62
C HIS B 1015 91.61 66.01 214.52
N TYR B 1016 91.34 66.79 215.56
CA TYR B 1016 91.86 68.14 215.55
C TYR B 1016 91.99 68.72 216.93
N GLN B 1017 92.82 69.76 216.99
CA GLN B 1017 93.09 70.42 218.25
C GLN B 1017 93.24 71.90 218.21
N LEU B 1018 92.94 72.42 219.35
CA LEU B 1018 92.89 73.81 219.53
C LEU B 1018 93.22 74.36 220.88
N VAL B 1019 93.67 75.59 220.81
CA VAL B 1019 93.96 76.31 222.00
C VAL B 1019 93.32 77.65 222.07
N TRP B 1020 92.64 77.81 223.16
CA TRP B 1020 91.93 79.02 223.40
C TRP B 1020 92.38 79.78 224.63
N CME B 1021 92.65 81.06 224.43
CA CME B 1021 93.03 81.97 225.48
CB CME B 1021 94.49 81.99 225.80
SG CME B 1021 95.29 80.95 224.61
SD CME B 1021 96.47 82.25 223.83
CE CME B 1021 95.53 83.67 224.46
CZ CME B 1021 96.26 84.40 225.60
OH CME B 1021 97.14 85.39 225.06
C CME B 1021 92.61 83.37 225.24
O CME B 1021 92.07 83.75 224.20
N GLN B 1022 92.90 84.11 226.29
CA GLN B 1022 92.59 85.50 226.41
C GLN B 1022 93.75 86.28 226.87
N LYS B 1023 93.59 87.56 226.58
CA LYS B 1023 94.50 88.61 226.93
C LYS B 1023 93.65 89.62 227.68
N ILE C 3 37.42 92.35 152.76
CA ILE C 3 38.11 93.67 152.56
C ILE C 3 39.66 93.64 152.52
N THR C 4 40.18 92.82 153.40
CA THR C 4 41.58 92.66 153.46
C THR C 4 41.84 91.58 152.47
N ASP C 5 40.76 91.02 151.92
CA ASP C 5 40.82 90.02 150.88
C ASP C 5 40.82 90.76 149.54
N SER C 6 40.70 92.05 149.67
CA SER C 6 40.65 92.88 148.52
C SER C 6 41.97 92.96 147.78
N LEU C 7 41.84 92.89 146.49
CA LEU C 7 42.97 93.06 145.63
C LEU C 7 43.75 94.27 146.04
N ALA C 8 43.03 95.33 146.14
CA ALA C 8 43.64 96.58 146.45
C ALA C 8 44.65 96.48 147.55
N VAL C 9 44.22 95.69 148.49
CA VAL C 9 44.95 95.42 149.69
C VAL C 9 46.07 94.40 149.44
N VAL C 10 45.68 93.22 148.97
CA VAL C 10 46.61 92.18 148.67
C VAL C 10 47.77 92.65 147.79
N LEU C 11 47.46 93.17 146.64
CA LEU C 11 48.52 93.61 145.73
C LEU C 11 49.28 94.80 146.23
N GLN C 12 48.90 95.20 147.39
CA GLN C 12 49.56 96.36 147.85
C GLN C 12 51.02 96.04 148.15
N ARG C 13 51.13 94.89 148.78
CA ARG C 13 52.39 94.35 149.20
C ARG C 13 53.39 94.13 148.04
N ARG C 14 52.90 93.64 146.89
CA ARG C 14 53.81 93.45 145.79
C ARG C 14 54.89 92.42 146.15
N ASP C 15 54.36 91.28 146.58
CA ASP C 15 55.11 90.13 147.01
C ASP C 15 56.02 89.58 145.93
N TRP C 16 55.54 89.78 144.73
CA TRP C 16 56.22 89.38 143.53
C TRP C 16 57.38 90.30 143.19
N GLU C 17 57.66 91.25 144.07
CA GLU C 17 58.84 92.06 143.83
C GLU C 17 59.69 92.02 145.09
N ASN C 18 59.61 90.87 145.75
CA ASN C 18 60.35 90.69 146.95
C ASN C 18 60.81 89.27 147.21
N PRO C 19 62.11 89.12 146.96
CA PRO C 19 62.87 87.89 147.14
C PRO C 19 62.69 87.40 148.57
N GLY C 20 62.34 88.33 149.45
CA GLY C 20 62.09 87.96 150.83
C GLY C 20 60.76 87.21 150.92
N VAL C 21 59.88 87.38 149.96
CA VAL C 21 58.66 86.65 150.08
C VAL C 21 58.52 85.68 148.97
N THR C 22 58.57 84.43 149.33
CA THR C 22 58.50 83.48 148.27
C THR C 22 57.27 82.60 148.35
N GLN C 23 56.58 82.73 149.46
CA GLN C 23 55.37 82.02 149.68
C GLN C 23 54.63 82.64 150.84
N LEU C 24 53.34 82.28 151.00
CA LEU C 24 52.50 82.69 152.11
C LEU C 24 51.51 81.61 152.41
N ASN C 25 51.59 81.10 153.60
CA ASN C 25 50.64 80.03 153.95
C ASN C 25 50.71 78.78 153.14
N ARG C 26 51.85 78.57 152.52
CA ARG C 26 52.02 77.38 151.73
C ARG C 26 52.43 76.25 152.66
N LEU C 27 51.87 75.08 152.49
CA LEU C 27 52.28 73.98 153.33
C LEU C 27 53.68 73.47 153.03
N ALA C 28 54.07 72.53 153.86
CA ALA C 28 55.37 71.95 153.70
C ALA C 28 55.39 70.89 152.64
N ALA C 29 56.61 70.72 152.10
CA ALA C 29 56.93 69.76 151.06
C ALA C 29 57.02 68.31 151.48
N HIS C 30 56.85 67.40 150.56
CA HIS C 30 56.93 66.00 150.95
C HIS C 30 56.70 65.19 149.71
N PRO C 31 57.01 63.93 149.89
CA PRO C 31 56.81 63.05 148.82
C PRO C 31 55.32 62.94 148.68
N PRO C 32 54.99 62.47 147.56
CA PRO C 32 53.67 62.25 147.08
C PRO C 32 52.78 61.41 147.96
N PHE C 33 51.61 62.00 148.23
CA PHE C 33 50.60 61.34 149.02
C PHE C 33 49.32 61.10 148.23
N ALA C 34 48.59 60.06 148.64
CA ALA C 34 47.28 59.66 148.07
C ALA C 34 46.23 59.55 149.19
N SER C 35 46.69 59.26 150.38
CA SER C 35 45.77 59.12 151.47
C SER C 35 44.86 57.93 151.29
N TRP C 36 45.39 56.85 150.77
CA TRP C 36 44.54 55.71 150.68
C TRP C 36 43.95 55.41 152.03
N ARG C 37 42.83 54.71 151.96
CA ARG C 37 42.17 54.27 153.14
C ARG C 37 42.03 52.77 153.16
N ASN C 38 42.68 52.17 152.19
CA ASN C 38 42.73 50.73 152.11
C ASN C 38 44.10 50.30 151.65
N SER C 39 44.68 49.49 152.51
CA SER C 39 45.99 48.96 152.26
C SER C 39 46.17 48.40 150.82
N GLU C 40 45.34 47.44 150.49
CA GLU C 40 45.45 46.83 149.19
C GLU C 40 45.52 47.82 148.06
N GLU C 41 44.63 48.79 148.13
CA GLU C 41 44.57 49.82 147.12
C GLU C 41 45.90 50.49 146.98
N ALA C 42 46.37 50.92 148.13
CA ALA C 42 47.65 51.56 148.16
C ALA C 42 48.68 50.58 147.67
N ARG C 43 48.61 49.41 148.18
CA ARG C 43 49.57 48.42 147.79
C ARG C 43 49.62 48.20 146.30
N THR C 44 48.48 48.32 145.67
CA THR C 44 48.47 48.04 144.24
C THR C 44 48.38 49.28 143.45
N ASP C 45 48.63 50.37 144.12
CA ASP C 45 48.58 51.61 143.43
C ASP C 45 47.26 51.88 142.77
N ARG C 46 46.17 51.61 143.46
CA ARG C 46 44.93 51.99 142.83
C ARG C 46 44.72 53.46 142.99
N PRO C 47 43.55 53.91 142.68
CA PRO C 47 43.37 55.32 142.79
C PRO C 47 42.68 55.68 144.04
N SER C 48 43.16 56.73 144.63
CA SER C 48 42.56 57.08 145.87
C SER C 48 41.56 58.16 145.67
N GLN C 49 40.50 57.91 146.38
CA GLN C 49 39.38 58.78 146.36
C GLN C 49 39.63 60.03 147.15
N GLN C 50 40.68 60.08 148.03
CA GLN C 50 40.94 61.29 148.81
C GLN C 50 41.73 62.28 148.01
N LEU C 51 41.91 61.81 146.78
CA LEU C 51 42.61 62.55 145.83
C LEU C 51 41.80 62.80 144.59
N ARG C 52 41.63 64.08 144.34
CA ARG C 52 40.80 64.49 143.26
C ARG C 52 41.39 65.55 142.37
N SER C 53 41.24 65.29 141.06
CA SER C 53 41.76 66.22 140.09
C SER C 53 40.80 67.32 139.73
N LEU C 54 41.36 68.50 139.56
CA LEU C 54 40.59 69.67 139.18
C LEU C 54 40.92 70.11 137.77
N ASN C 55 41.53 69.17 137.10
CA ASN C 55 41.91 69.44 135.74
C ASN C 55 40.68 69.41 134.91
N GLY C 56 40.62 70.37 133.98
CA GLY C 56 39.53 70.45 133.05
C GLY C 56 39.24 71.85 132.57
N GLU C 57 37.96 72.09 132.32
CA GLU C 57 37.58 73.39 131.85
C GLU C 57 37.53 74.35 132.98
N TRP C 58 38.07 75.51 132.73
CA TRP C 58 38.18 76.53 133.75
C TRP C 58 37.92 77.85 133.09
N ARG C 59 37.79 78.87 133.87
CA ARG C 59 37.56 80.12 133.20
C ARG C 59 38.74 81.01 133.29
N PHE C 60 39.01 81.60 132.15
CA PHE C 60 40.19 82.39 132.07
C PHE C 60 40.03 83.79 131.57
N ALA C 61 40.82 84.68 132.10
CA ALA C 61 40.85 86.03 131.56
C ALA C 61 42.21 86.66 131.73
N TRP C 62 42.63 87.33 130.72
CA TRP C 62 43.94 87.91 130.68
C TRP C 62 44.03 89.41 130.84
N PHE C 63 45.02 89.89 131.54
CA PHE C 63 45.24 91.32 131.72
C PHE C 63 46.66 91.65 131.62
N PRO C 64 46.86 92.77 131.05
CA PRO C 64 48.15 93.41 130.85
C PRO C 64 48.84 93.70 132.15
N ALA C 65 48.07 93.67 133.22
CA ALA C 65 48.61 93.96 134.53
C ALA C 65 47.67 93.57 135.63
N PRO C 66 48.27 93.31 136.75
CA PRO C 66 47.58 92.91 137.94
C PRO C 66 46.55 93.98 138.38
N GLU C 67 47.01 95.22 138.33
CA GLU C 67 46.19 96.38 138.67
C GLU C 67 44.85 96.43 137.95
N ALA C 68 44.93 96.23 136.65
CA ALA C 68 43.78 96.13 135.80
C ALA C 68 42.78 95.06 136.30
N VAL C 69 43.15 94.18 137.17
CA VAL C 69 42.13 93.24 137.57
C VAL C 69 41.05 93.95 138.39
N PRO C 70 39.82 93.62 138.09
CA PRO C 70 38.65 94.20 138.70
C PRO C 70 38.16 93.41 139.90
N GLU C 71 37.90 94.23 140.93
CA GLU C 71 37.47 93.69 142.17
C GLU C 71 36.40 92.58 142.17
N SER C 72 35.47 92.73 141.26
CA SER C 72 34.38 91.77 141.11
C SER C 72 34.85 90.38 140.89
N TRP C 73 36.01 90.33 140.22
CA TRP C 73 36.57 89.08 139.82
C TRP C 73 36.52 88.10 140.97
N LEU C 74 36.75 88.66 142.16
CA LEU C 74 36.79 87.87 143.38
C LEU C 74 35.53 87.15 143.70
N GLU C 75 34.52 87.94 143.38
CA GLU C 75 33.16 87.60 143.61
C GLU C 75 32.53 86.80 142.52
N CYS C 76 32.63 87.36 141.33
CA CYS C 76 31.96 86.78 140.23
C CYS C 76 32.83 86.64 139.06
N ASP C 77 32.50 85.58 138.31
CA ASP C 77 33.17 85.28 137.06
C ASP C 77 32.97 86.42 136.11
N LEU C 78 33.84 86.54 135.15
CA LEU C 78 33.63 87.64 134.26
C LEU C 78 32.76 87.25 133.10
N PRO C 79 32.25 88.29 132.51
CA PRO C 79 31.40 88.15 131.38
C PRO C 79 32.28 87.72 130.21
N GLU C 80 33.36 88.50 130.10
CA GLU C 80 34.38 88.39 129.08
C GLU C 80 35.41 87.27 129.31
N ALA C 81 35.09 86.41 130.24
CA ALA C 81 35.95 85.29 130.52
C ALA C 81 35.78 84.25 129.45
N ASP C 82 36.82 83.44 129.27
CA ASP C 82 36.79 82.36 128.31
C ASP C 82 36.86 81.07 129.04
N THR C 83 36.43 80.05 128.36
CA THR C 83 36.52 78.77 128.95
C THR C 83 37.77 78.17 128.37
N VAL C 84 38.60 77.60 129.26
CA VAL C 84 39.89 77.07 128.91
C VAL C 84 40.21 75.77 129.59
N VAL C 85 41.12 75.06 128.95
CA VAL C 85 41.59 73.84 129.55
C VAL C 85 42.81 74.05 130.43
N VAL C 86 42.74 73.37 131.56
CA VAL C 86 43.78 73.41 132.50
C VAL C 86 44.20 71.98 132.78
N PRO C 87 45.52 71.72 132.75
CA PRO C 87 46.53 72.76 132.65
C PRO C 87 46.93 73.14 131.26
N SER C 88 47.60 74.29 131.24
CA SER C 88 48.05 74.81 129.98
C SER C 88 48.85 76.09 130.17
N ASN C 89 49.41 76.53 129.05
CA ASN C 89 50.18 77.76 128.96
C ASN C 89 49.37 78.70 128.12
N TRP C 90 49.15 79.82 128.69
CA TRP C 90 48.34 80.76 128.00
C TRP C 90 48.88 81.31 126.70
N GLN C 91 50.19 81.35 126.54
CA GLN C 91 50.69 81.86 125.27
C GLN C 91 50.22 80.93 124.19
N MET C 92 49.98 79.68 124.62
CA MET C 92 49.55 78.62 123.72
C MET C 92 48.14 78.79 123.22
N HIS C 93 47.47 79.79 123.77
CA HIS C 93 46.09 80.03 123.42
C HIS C 93 45.91 81.37 122.84
N GLY C 94 46.99 81.96 122.44
CA GLY C 94 46.94 83.24 121.83
C GLY C 94 46.92 84.43 122.75
N TYR C 95 46.82 84.15 124.07
CA TYR C 95 46.79 85.32 124.93
C TYR C 95 47.88 86.37 124.81
N ASP C 96 49.09 85.87 124.66
CA ASP C 96 50.27 86.70 124.44
C ASP C 96 51.27 85.79 123.83
N ALA C 97 52.43 86.41 123.59
CA ALA C 97 53.56 85.74 122.97
C ALA C 97 54.46 84.98 123.90
N PRO C 98 54.94 83.87 123.38
CA PRO C 98 55.92 83.10 124.08
C PRO C 98 57.21 83.72 123.61
N ILE C 99 58.19 83.77 124.50
CA ILE C 99 59.47 84.33 124.13
C ILE C 99 60.58 83.29 124.17
N TYR C 100 61.37 83.40 123.12
CA TYR C 100 62.54 82.58 123.01
C TYR C 100 63.80 83.41 123.05
N THR C 101 64.30 83.55 124.28
CA THR C 101 65.56 84.16 124.57
C THR C 101 66.37 83.13 125.36
N ASN C 102 67.69 83.16 125.19
CA ASN C 102 68.62 82.23 125.82
C ASN C 102 69.18 82.66 127.19
N VAL C 103 70.00 83.70 127.10
CA VAL C 103 70.72 84.25 128.22
C VAL C 103 70.07 85.47 128.73
N THR C 104 69.89 86.35 127.78
CA THR C 104 69.28 87.60 128.07
C THR C 104 67.87 87.47 128.62
N TYR C 105 67.71 88.13 129.76
CA TYR C 105 66.44 88.15 130.44
C TYR C 105 65.42 88.89 129.57
N PRO C 106 64.23 88.34 129.58
CA PRO C 106 63.09 88.86 128.84
C PRO C 106 62.69 90.22 129.38
N ILE C 107 62.88 90.39 130.66
CA ILE C 107 62.55 91.66 131.23
C ILE C 107 63.82 92.41 131.55
N THR C 108 63.65 93.62 132.00
CA THR C 108 64.78 94.44 132.32
C THR C 108 65.44 94.05 133.59
N VAL C 109 66.76 94.13 133.56
CA VAL C 109 67.48 93.73 134.72
C VAL C 109 67.58 94.71 135.83
N ASN C 110 66.69 94.51 136.78
CA ASN C 110 66.65 95.39 137.91
C ASN C 110 65.99 94.74 139.08
N PRO C 111 66.62 93.71 139.48
CA PRO C 111 66.15 92.95 140.60
C PRO C 111 66.04 93.88 141.80
N PRO C 112 65.02 93.59 142.58
CA PRO C 112 64.13 92.46 142.37
C PRO C 112 62.87 92.89 141.66
N PHE C 113 63.05 93.88 140.82
CA PHE C 113 61.93 94.39 140.12
C PHE C 113 61.66 93.85 138.76
N VAL C 114 60.38 93.57 138.69
CA VAL C 114 59.66 93.11 137.53
C VAL C 114 59.04 94.36 136.83
N PRO C 115 58.76 94.27 135.54
CA PRO C 115 58.17 95.37 134.81
C PRO C 115 56.70 95.62 135.21
N THR C 116 56.34 96.89 135.09
CA THR C 116 55.01 97.33 135.48
C THR C 116 53.85 96.64 134.76
N GLU C 117 54.09 96.36 133.48
CA GLU C 117 53.15 95.67 132.63
C GLU C 117 53.46 94.21 132.76
N ASN C 118 52.67 93.56 133.55
CA ASN C 118 52.96 92.21 133.76
C ASN C 118 51.71 91.37 133.61
N PRO C 119 51.78 90.69 132.55
CA PRO C 119 50.72 89.83 132.11
C PRO C 119 50.16 88.97 133.16
N THR C 120 48.95 89.33 133.55
CA THR C 120 48.23 88.60 134.53
C THR C 120 47.17 87.69 133.97
N GLY C 121 47.05 86.49 134.52
CA GLY C 121 46.09 85.52 134.05
C GLY C 121 45.18 85.10 135.17
N CYS C 122 43.89 85.46 135.06
CA CYS C 122 42.94 85.12 136.09
C CYS C 122 42.18 83.89 135.77
N TYR C 123 42.46 82.89 136.57
CA TYR C 123 41.83 81.60 136.42
C TYR C 123 40.86 81.43 137.53
N SER C 124 39.73 80.81 137.20
CA SER C 124 38.69 80.65 138.17
C SER C 124 38.03 79.35 137.97
N LEU C 125 37.56 78.84 139.05
CA LEU C 125 36.89 77.58 138.98
C LEU C 125 35.96 77.32 140.14
N THR C 126 34.82 76.90 139.67
CA THR C 126 33.72 76.63 140.51
C THR C 126 33.47 75.15 140.62
N PHE C 127 33.35 74.70 141.84
CA PHE C 127 33.18 73.29 142.02
C PHE C 127 32.53 72.96 143.33
N ASN C 128 32.20 71.68 143.32
CA ASN C 128 31.50 71.04 144.38
C ASN C 128 32.36 70.18 145.22
N VAL C 129 31.94 70.10 146.47
CA VAL C 129 32.64 69.34 147.48
C VAL C 129 31.75 68.44 148.29
N ASP C 130 32.10 67.16 148.37
CA ASP C 130 31.25 66.35 149.21
C ASP C 130 31.42 66.87 150.64
N GLU C 131 30.33 66.99 151.37
CA GLU C 131 30.53 67.49 152.72
C GLU C 131 31.15 66.47 153.63
N SER C 132 31.04 65.22 153.25
CA SER C 132 31.69 64.22 154.07
C SER C 132 33.11 64.73 154.41
N TRP C 133 33.74 65.28 153.38
CA TRP C 133 35.07 65.86 153.48
C TRP C 133 35.11 67.07 154.38
N LEU C 134 34.01 67.76 154.30
CA LEU C 134 33.85 68.97 155.03
C LEU C 134 33.66 68.71 156.50
N GLN C 135 33.22 67.50 156.84
CA GLN C 135 33.03 67.23 158.24
C GLN C 135 34.33 67.04 158.93
N GLU C 136 34.83 65.84 158.77
CA GLU C 136 36.09 65.45 159.35
C GLU C 136 37.30 65.64 158.42
N GLY C 137 38.49 65.49 158.97
CA GLY C 137 39.72 65.56 158.21
C GLY C 137 40.17 66.90 157.67
N GLN C 138 41.12 66.80 156.73
CA GLN C 138 41.68 67.96 156.12
C GLN C 138 41.81 67.95 154.63
N THR C 139 41.46 69.12 154.14
CA THR C 139 41.42 69.30 152.73
C THR C 139 42.29 70.39 152.18
N ARG C 140 43.18 69.88 151.34
CA ARG C 140 44.05 70.79 150.72
C ARG C 140 44.09 70.63 149.22
N ILE C 141 44.53 71.75 148.69
CA ILE C 141 44.69 71.87 147.29
C ILE C 141 46.16 71.93 146.90
N ILE C 142 46.39 71.40 145.71
CA ILE C 142 47.70 71.34 145.18
C ILE C 142 47.91 71.67 143.74
N PHE C 143 48.77 72.64 143.55
CA PHE C 143 49.21 73.03 142.24
C PHE C 143 50.57 72.47 141.93
N ASP C 144 50.59 71.51 141.04
CA ASP C 144 51.85 70.91 140.65
C ASP C 144 52.79 71.84 139.90
N GLY C 145 52.26 72.91 139.33
CA GLY C 145 53.07 73.86 138.63
C GLY C 145 52.28 75.06 138.07
N VAL C 146 52.76 76.25 138.47
CA VAL C 146 52.25 77.58 138.12
C VAL C 146 53.39 78.56 137.86
N ASN C 147 53.45 79.06 136.67
CA ASN C 147 54.54 79.92 136.32
C ASN C 147 54.08 81.33 136.09
N SER C 148 54.72 82.30 136.74
CA SER C 148 55.85 82.16 137.64
C SER C 148 55.50 82.31 139.10
N ALA C 149 54.49 83.12 139.36
CA ALA C 149 54.03 83.42 140.72
C ALA C 149 52.51 83.53 140.82
N PHE C 150 51.97 83.48 142.04
CA PHE C 150 50.54 83.62 142.13
C PHE C 150 49.93 83.73 143.50
N HIS C 151 48.76 84.40 143.47
CA HIS C 151 47.88 84.62 144.62
C HIS C 151 46.66 83.75 144.55
N LEU C 152 46.14 83.48 145.70
CA LEU C 152 45.02 82.60 145.60
C LEU C 152 43.85 82.88 146.56
N TRP C 153 42.62 82.76 145.99
CA TRP C 153 41.43 82.94 146.77
C TRP C 153 40.46 81.79 146.70
N CYS C 154 39.76 81.65 147.79
CA CYS C 154 38.78 80.61 147.84
C CYS C 154 37.57 81.17 148.48
N ASN C 155 36.51 81.10 147.67
CA ASN C 155 35.22 81.60 148.03
C ASN C 155 35.38 83.05 148.50
N GLY C 156 36.09 83.87 147.72
CA GLY C 156 36.23 85.29 148.02
C GLY C 156 37.31 85.61 149.02
N ARG C 157 37.74 84.53 149.66
CA ARG C 157 38.74 84.67 150.66
C ARG C 157 40.16 84.44 150.18
N TRP C 158 41.00 85.40 150.58
CA TRP C 158 42.40 85.29 150.25
C TRP C 158 43.05 84.12 150.97
N VAL C 159 43.82 83.34 150.25
CA VAL C 159 44.41 82.17 150.86
C VAL C 159 45.93 82.22 150.99
N GLY C 160 46.62 82.42 149.90
CA GLY C 160 48.04 82.45 150.00
C GLY C 160 48.71 82.84 148.71
N TYR C 161 50.01 82.67 148.75
CA TYR C 161 50.86 83.03 147.64
C TYR C 161 51.99 82.04 147.52
N GLY C 162 52.56 81.99 146.32
CA GLY C 162 53.64 81.06 146.02
C GLY C 162 54.56 81.45 144.85
N GLN C 163 55.83 80.97 144.92
CA GLN C 163 56.83 81.18 143.89
C GLN C 163 57.52 79.83 143.54
N ASP C 164 58.34 79.86 142.47
CA ASP C 164 59.02 78.70 141.96
C ASP C 164 58.09 77.88 141.08
N SER C 165 58.22 78.18 139.80
CA SER C 165 57.37 77.51 138.82
C SER C 165 57.50 76.03 138.74
N ARG C 166 58.54 75.44 139.30
CA ARG C 166 58.67 74.01 139.09
C ARG C 166 58.29 73.09 140.18
N LEU C 167 57.96 73.65 141.33
CA LEU C 167 57.53 72.75 142.37
C LEU C 167 56.10 73.04 142.77
N PRO C 168 55.52 72.05 143.40
CA PRO C 168 54.18 72.05 143.90
C PRO C 168 53.97 73.04 144.99
N SER C 169 52.73 73.55 145.00
CA SER C 169 52.29 74.45 146.05
C SER C 169 51.06 73.90 146.72
N GLU C 170 51.11 73.88 148.03
CA GLU C 170 49.97 73.34 148.73
C GLU C 170 49.42 74.23 149.77
N PHE C 171 48.08 74.16 149.77
CA PHE C 171 47.30 74.87 150.74
C PHE C 171 46.13 74.12 151.30
N ASP C 172 45.94 74.48 152.57
CA ASP C 172 44.87 73.97 153.39
C ASP C 172 43.60 74.72 153.08
N LEU C 173 42.64 74.02 152.53
CA LEU C 173 41.45 74.72 152.19
C LEU C 173 40.37 74.68 153.23
N SER C 174 40.58 73.68 154.05
CA SER C 174 39.77 73.28 155.15
C SER C 174 38.86 74.36 155.70
N ALA C 175 39.42 75.52 155.95
CA ALA C 175 38.59 76.57 156.50
C ALA C 175 37.88 77.48 155.51
N PHE C 176 37.92 77.20 154.21
CA PHE C 176 37.25 78.13 153.33
C PHE C 176 36.19 77.48 152.53
N LEU C 177 36.20 76.20 152.65
CA LEU C 177 35.25 75.46 151.93
C LEU C 177 33.91 75.46 152.57
N ARG C 178 32.94 75.41 151.68
CA ARG C 178 31.54 75.34 152.01
C ARG C 178 31.03 74.12 151.35
N ALA C 179 29.94 73.59 151.88
CA ALA C 179 29.44 72.44 151.17
C ALA C 179 28.81 72.89 149.86
N GLY C 180 28.95 71.98 148.92
CA GLY C 180 28.47 72.24 147.61
C GLY C 180 29.42 73.13 146.82
N GLU C 181 28.84 74.22 146.40
CA GLU C 181 29.50 75.10 145.52
C GLU C 181 30.63 75.97 145.96
N ASN C 182 31.82 75.72 145.43
CA ASN C 182 32.90 76.58 145.78
C ASN C 182 33.54 77.19 144.58
N ARG C 183 34.22 78.28 144.85
CA ARG C 183 34.90 78.95 143.78
C ARG C 183 36.29 79.44 144.12
N LEU C 184 37.22 78.98 143.24
CA LEU C 184 38.60 79.40 143.30
C LEU C 184 38.92 80.48 142.31
N ALA C 185 39.75 81.37 142.79
CA ALA C 185 40.25 82.43 141.96
C ALA C 185 41.74 82.58 142.19
N VAL C 186 42.43 82.22 141.11
CA VAL C 186 43.84 82.25 141.03
C VAL C 186 44.38 83.30 140.14
N MET C 187 45.14 84.17 140.73
CA MET C 187 45.74 85.16 139.89
C MET C 187 47.20 84.81 139.69
N VAL C 188 47.56 84.59 138.44
CA VAL C 188 48.90 84.16 138.05
C VAL C 188 49.73 85.23 137.36
N LEU C 189 51.02 85.40 137.74
CA LEU C 189 51.83 86.41 137.06
C LEU C 189 53.01 85.95 136.24
N ARG C 190 53.19 86.66 135.14
CA ARG C 190 54.28 86.29 134.26
C ARG C 190 55.59 86.45 134.96
N TRP C 191 55.86 87.69 135.36
CA TRP C 191 57.07 88.03 136.03
C TRP C 191 56.93 88.12 137.52
N SER C 192 58.01 87.75 138.22
CA SER C 192 58.08 87.81 139.66
C SER C 192 59.53 87.90 140.04
N ASP C 193 59.84 88.07 141.32
CA ASP C 193 61.25 88.11 141.66
C ASP C 193 61.85 86.71 141.31
N GLY C 194 60.98 85.66 141.35
CA GLY C 194 61.35 84.26 141.01
C GLY C 194 61.93 84.13 139.62
N SER C 195 61.50 85.05 138.81
CA SER C 195 61.91 85.12 137.46
C SER C 195 63.40 85.29 137.37
N TYR C 196 63.96 86.08 138.27
CA TYR C 196 65.39 86.23 138.20
C TYR C 196 66.14 84.90 138.39
N LEU C 197 65.47 83.90 138.97
CA LEU C 197 66.10 82.61 139.17
C LEU C 197 65.67 81.63 138.14
N GLU C 198 65.04 82.14 137.11
CA GLU C 198 64.57 81.20 136.13
C GLU C 198 65.02 81.56 134.70
N ASP C 199 66.31 81.85 134.52
CA ASP C 199 66.79 82.26 133.21
C ASP C 199 67.20 81.16 132.23
N GLN C 200 66.53 80.01 132.32
CA GLN C 200 66.84 78.89 131.44
C GLN C 200 66.65 79.21 129.96
N ASP C 201 67.57 78.69 129.12
CA ASP C 201 67.52 78.84 127.67
C ASP C 201 66.38 78.01 127.09
N MET C 202 65.19 78.60 127.12
CA MET C 202 63.99 77.94 126.66
C MET C 202 62.94 78.99 126.35
N TRP C 203 61.79 78.51 125.92
CA TRP C 203 60.70 79.39 125.64
C TRP C 203 60.17 79.88 126.96
N ARG C 204 59.89 81.17 127.02
CA ARG C 204 59.37 81.75 128.22
C ARG C 204 57.84 81.82 128.12
N MET C 205 57.21 80.97 128.89
CA MET C 205 55.78 80.87 128.91
C MET C 205 55.15 81.19 130.26
N SER C 206 53.88 80.79 130.47
CA SER C 206 53.17 81.04 131.76
C SER C 206 51.84 80.38 131.91
N GLY C 207 51.43 80.30 133.17
CA GLY C 207 50.16 79.70 133.52
C GLY C 207 50.20 78.54 134.47
N ILE C 208 49.09 77.80 134.43
CA ILE C 208 48.90 76.63 135.27
C ILE C 208 49.09 75.47 134.39
N PHE C 209 50.37 75.12 134.32
CA PHE C 209 50.82 74.14 133.40
C PHE C 209 50.98 72.75 133.93
N ARG C 210 50.74 72.58 135.21
CA ARG C 210 50.77 71.24 135.75
C ARG C 210 49.46 71.04 136.50
N ASP C 211 49.18 69.81 136.81
CA ASP C 211 48.00 69.41 137.51
C ASP C 211 47.58 70.19 138.72
N VAL C 212 46.23 70.17 138.90
CA VAL C 212 45.53 70.75 140.04
C VAL C 212 44.72 69.71 140.73
N SER C 213 44.86 69.66 142.06
CA SER C 213 44.21 68.59 142.76
C SER C 213 43.82 68.88 144.19
N LEU C 214 43.02 67.94 144.68
CA LEU C 214 42.53 68.01 146.02
C LEU C 214 42.79 66.79 146.79
N LEU C 215 43.22 67.13 147.98
CA LEU C 215 43.52 66.08 148.86
C LEU C 215 42.93 66.20 150.23
N HIS C 216 42.26 65.07 150.51
CA HIS C 216 41.57 64.85 151.73
C HIS C 216 42.37 63.94 152.59
N LYS C 217 42.75 64.48 153.74
CA LYS C 217 43.53 63.73 154.67
C LYS C 217 42.95 63.81 156.06
N PRO C 218 43.19 62.76 156.87
CA PRO C 218 42.75 62.69 158.24
C PRO C 218 43.40 63.80 159.01
N THR C 219 42.90 64.10 160.18
CA THR C 219 43.47 65.19 160.95
C THR C 219 44.76 64.75 161.57
N THR C 220 44.74 63.47 161.86
CA THR C 220 45.87 62.85 162.40
C THR C 220 46.40 61.97 161.28
N GLN C 221 47.49 62.43 160.69
CA GLN C 221 48.01 61.76 159.53
C GLN C 221 49.51 61.63 159.45
N ILE C 222 49.90 60.90 158.41
CA ILE C 222 51.27 60.70 158.03
C ILE C 222 51.73 61.97 157.34
N SER C 223 52.67 62.69 157.91
CA SER C 223 53.10 63.95 157.32
C SER C 223 54.30 63.84 156.39
N ASP C 224 55.03 62.72 156.53
CA ASP C 224 56.23 62.55 155.76
C ASP C 224 56.90 61.24 156.05
N PHE C 225 57.64 60.77 155.05
CA PHE C 225 58.40 59.57 155.24
C PHE C 225 59.57 59.42 154.32
N HIS C 226 60.59 58.74 154.80
CA HIS C 226 61.76 58.51 154.01
C HIS C 226 62.18 57.11 154.08
N VAL C 227 62.71 56.73 152.97
CA VAL C 227 63.23 55.41 152.83
C VAL C 227 64.70 55.45 152.54
N ALA C 228 65.39 54.38 152.98
CA ALA C 228 66.83 54.16 152.81
C ALA C 228 67.28 52.71 152.81
N THR C 229 68.24 52.40 151.94
CA THR C 229 68.77 51.05 151.86
C THR C 229 70.24 50.95 152.17
N ARG C 230 70.58 50.01 153.02
CA ARG C 230 71.95 49.79 153.39
C ARG C 230 72.33 48.36 153.05
N PHE C 231 73.59 48.11 152.66
CA PHE C 231 73.94 46.72 152.34
C PHE C 231 75.22 46.22 152.96
N ASN C 232 75.39 44.89 152.89
CA ASN C 232 76.66 44.33 153.30
C ASN C 232 77.60 44.55 152.12
N ASP C 233 78.83 44.15 152.36
CA ASP C 233 79.86 44.32 151.38
C ASP C 233 79.54 43.69 150.05
N ASP C 234 78.67 42.70 150.04
CA ASP C 234 78.41 42.03 148.79
C ASP C 234 76.98 42.06 148.34
N PHE C 235 76.20 42.95 148.97
CA PHE C 235 74.82 43.08 148.57
C PHE C 235 74.02 41.82 148.74
N SER C 236 74.54 40.94 149.57
CA SER C 236 73.85 39.71 149.82
C SER C 236 72.73 39.95 150.82
N ARG C 237 72.80 41.13 151.41
CA ARG C 237 71.84 41.45 152.40
C ARG C 237 71.68 42.94 152.61
N ALA C 238 70.42 43.32 152.81
CA ALA C 238 70.09 44.72 152.98
C ALA C 238 69.20 45.07 154.15
N VAL C 239 69.24 46.36 154.41
CA VAL C 239 68.37 46.90 155.39
C VAL C 239 67.56 48.01 154.85
N LEU C 240 66.28 47.83 154.98
CA LEU C 240 65.44 48.91 154.59
C LEU C 240 65.10 49.69 155.84
N GLU C 241 65.33 50.97 155.78
CA GLU C 241 65.04 51.76 156.91
C GLU C 241 64.13 52.90 156.56
N ALA C 242 63.00 52.93 157.25
CA ALA C 242 61.99 53.94 157.01
C ALA C 242 61.69 54.82 158.18
N GLU C 243 61.63 56.09 157.87
CA GLU C 243 61.36 57.04 158.89
C GLU C 243 60.09 57.73 158.57
N VAL C 244 59.24 57.67 159.55
CA VAL C 244 57.94 58.23 159.41
C VAL C 244 57.59 59.28 160.40
N GLN C 245 56.98 60.29 159.87
CA GLN C 245 56.52 61.36 160.70
C GLN C 245 55.06 61.58 160.54
N MET C 246 54.47 61.96 161.68
CA MET C 246 53.06 62.22 161.75
C MET C 246 52.74 63.63 162.18
N CYS C 247 51.54 64.01 161.80
CA CYS C 247 50.94 65.28 162.16
C CYS C 247 49.66 64.96 162.89
N GLY C 248 49.24 65.85 163.77
CA GLY C 248 48.00 65.60 164.47
C GLY C 248 48.12 65.35 165.96
N GLU C 249 47.04 64.82 166.58
CA GLU C 249 47.42 64.58 167.96
C GLU C 249 47.59 63.16 168.31
N LEU C 250 48.74 63.17 168.96
CA LEU C 250 49.42 62.04 169.41
C LEU C 250 48.73 61.30 170.52
N ARG C 251 48.66 59.98 170.34
CA ARG C 251 48.04 59.09 171.28
C ARG C 251 48.74 57.76 171.29
N ASP C 252 48.99 57.30 172.47
CA ASP C 252 49.66 56.03 172.70
C ASP C 252 49.08 54.80 171.98
N TYR C 253 47.92 54.90 171.36
CA TYR C 253 47.45 53.69 170.74
C TYR C 253 47.79 53.63 169.28
N LEU C 254 48.49 54.67 168.89
CA LEU C 254 48.93 54.79 167.53
C LEU C 254 50.07 53.89 167.24
N ARG C 255 49.98 53.40 166.02
CA ARG C 255 50.95 52.50 165.50
C ARG C 255 51.28 52.75 164.05
N VAL C 256 52.41 52.16 163.67
CA VAL C 256 52.84 52.28 162.31
C VAL C 256 53.33 51.00 161.79
N THR C 257 52.86 50.73 160.60
CA THR C 257 53.31 49.53 159.99
C THR C 257 53.85 49.75 158.61
N VAL C 258 54.94 49.03 158.41
CA VAL C 258 55.62 49.13 157.17
C VAL C 258 55.90 47.77 156.69
N SER C 259 55.42 47.58 155.48
CA SER C 259 55.51 46.32 154.83
C SER C 259 56.07 46.43 153.43
N LEU C 260 56.83 45.41 153.16
CA LEU C 260 57.49 45.31 151.93
C LEU C 260 56.98 44.16 151.14
N TRP C 261 56.68 44.53 149.93
CA TRP C 261 56.14 43.62 148.98
C TRP C 261 56.89 43.48 147.70
N GLN C 262 56.89 42.24 147.28
CA GLN C 262 57.46 41.82 146.05
C GLN C 262 56.33 41.24 145.23
N GLY C 263 55.63 42.18 144.65
CA GLY C 263 54.49 41.77 143.91
C GLY C 263 53.44 41.28 144.88
N GLU C 264 53.19 40.00 144.81
CA GLU C 264 52.18 39.40 145.63
C GLU C 264 52.69 39.01 146.97
N THR C 265 53.98 38.95 147.00
CA THR C 265 54.59 38.52 148.19
C THR C 265 54.97 39.57 149.19
N GLN C 266 54.62 39.24 150.42
CA GLN C 266 55.01 40.13 151.43
C GLN C 266 56.33 39.66 151.90
N VAL C 267 57.25 40.56 151.77
CA VAL C 267 58.63 40.27 152.03
C VAL C 267 59.09 40.56 153.42
N ALA C 268 58.51 41.64 153.95
CA ALA C 268 58.84 42.02 155.29
C ALA C 268 57.89 43.04 155.79
N SER C 269 57.77 43.01 157.11
CA SER C 269 56.90 43.93 157.78
C SER C 269 57.45 44.26 159.12
N GLY C 270 56.98 45.39 159.61
CA GLY C 270 57.35 45.88 160.91
C GLY C 270 56.34 46.87 161.43
N THR C 271 56.14 46.77 162.73
CA THR C 271 55.19 47.65 163.36
C THR C 271 55.71 48.29 164.61
N ALA C 272 55.28 49.52 164.82
CA ALA C 272 55.70 50.22 166.00
C ALA C 272 54.89 51.46 166.25
N PRO C 273 55.16 51.93 167.43
CA PRO C 273 54.53 53.10 167.99
C PRO C 273 55.49 54.24 167.87
N PHE C 274 54.94 55.43 167.81
CA PHE C 274 55.75 56.61 167.68
C PHE C 274 56.72 56.83 168.79
N GLY C 275 57.71 57.64 168.49
CA GLY C 275 58.73 57.95 169.46
C GLY C 275 60.05 57.36 169.04
N GLY C 276 60.98 58.29 168.85
CA GLY C 276 62.35 58.02 168.44
C GLY C 276 63.36 57.86 169.58
N GLU C 277 64.60 57.65 169.14
CA GLU C 277 65.72 57.49 170.02
C GLU C 277 66.19 58.85 170.40
N ILE C 278 66.92 58.89 171.49
CA ILE C 278 67.40 60.15 171.92
C ILE C 278 68.31 60.72 170.89
N ILE C 279 68.12 61.98 170.68
CA ILE C 279 68.94 62.59 169.70
C ILE C 279 69.82 63.61 170.38
N ASP C 280 69.31 64.22 171.43
CA ASP C 280 70.12 65.21 172.06
C ASP C 280 69.74 65.38 173.49
N GLU C 281 70.26 66.43 174.08
CA GLU C 281 69.99 66.67 175.48
C GLU C 281 68.52 66.75 175.86
N ARG C 282 67.69 67.19 174.90
CA ARG C 282 66.26 67.33 175.13
C ARG C 282 65.47 66.08 174.85
N GLY C 283 66.07 65.07 174.23
CA GLY C 283 65.35 63.84 173.95
C GLY C 283 65.32 63.53 172.49
N GLY C 284 64.20 62.93 172.07
CA GLY C 284 63.96 62.57 170.68
C GLY C 284 62.69 63.18 170.08
N TYR C 285 62.27 62.57 168.96
CA TYR C 285 61.06 62.95 168.25
C TYR C 285 59.96 62.03 168.70
N ALA C 286 59.02 62.63 169.36
CA ALA C 286 57.91 61.87 169.86
C ALA C 286 56.98 61.41 168.76
N ASP C 287 56.95 62.25 167.76
CA ASP C 287 56.11 62.12 166.62
C ASP C 287 56.81 61.56 165.42
N ARG C 288 57.81 60.75 165.65
CA ARG C 288 58.41 60.12 164.51
C ARG C 288 58.73 58.75 164.94
N VAL C 289 58.99 57.94 163.97
CA VAL C 289 59.39 56.60 164.26
C VAL C 289 60.16 56.04 163.08
N THR C 290 61.17 55.24 163.36
CA THR C 290 61.96 54.67 162.30
C THR C 290 61.96 53.18 162.33
N LEU C 291 61.64 52.54 161.21
CA LEU C 291 61.67 51.09 161.22
C LEU C 291 62.77 50.60 160.35
N ARG C 292 63.25 49.44 160.72
CA ARG C 292 64.31 48.82 159.99
C ARG C 292 63.95 47.42 159.59
N LEU C 293 63.87 47.17 158.28
CA LEU C 293 63.53 45.86 157.79
C LEU C 293 64.71 45.20 157.14
N ASN C 294 64.88 43.95 157.48
CA ASN C 294 65.97 43.21 156.93
C ASN C 294 65.53 42.49 155.69
N VAL C 295 66.42 42.47 154.71
CA VAL C 295 66.11 41.78 153.48
C VAL C 295 67.24 40.94 152.97
N GLU C 296 66.96 39.67 152.84
CA GLU C 296 68.00 38.80 152.34
C GLU C 296 67.98 38.75 150.84
N ASN C 297 69.16 38.66 150.26
CA ASN C 297 69.27 38.59 148.82
C ASN C 297 68.26 39.44 148.10
N PRO C 298 68.33 40.73 148.38
CA PRO C 298 67.42 41.62 147.73
C PRO C 298 67.76 41.64 146.25
N LYS C 299 66.78 42.07 145.49
CA LYS C 299 66.90 42.22 144.06
C LYS C 299 67.18 43.67 143.78
N LEU C 300 68.29 43.87 143.10
CA LEU C 300 68.69 45.21 142.88
C LEU C 300 68.12 45.99 141.75
N TRP C 301 68.00 47.24 142.04
CA TRP C 301 67.51 48.10 141.02
C TRP C 301 68.66 48.67 140.21
N SER C 302 68.48 48.78 138.88
CA SER C 302 69.50 49.32 137.96
C SER C 302 68.77 49.79 136.75
N ALA C 303 69.46 50.59 135.96
CA ALA C 303 68.82 51.01 134.74
C ALA C 303 68.80 49.77 133.87
N GLU C 304 69.72 48.84 134.11
CA GLU C 304 69.74 47.58 133.36
C GLU C 304 68.53 46.72 133.76
N ILE C 305 68.16 46.71 135.04
CA ILE C 305 67.04 45.91 135.51
C ILE C 305 66.41 46.54 136.71
N PRO C 306 65.41 47.26 136.41
CA PRO C 306 64.69 48.03 137.38
C PRO C 306 63.88 47.20 138.33
N ASN C 307 64.54 46.40 139.12
CA ASN C 307 63.80 45.64 140.07
C ASN C 307 63.20 46.55 141.09
N LEU C 308 61.89 46.43 141.25
CA LEU C 308 61.18 47.23 142.25
C LEU C 308 60.45 46.46 143.34
N TYR C 309 60.24 47.17 144.44
CA TYR C 309 59.51 46.62 145.55
C TYR C 309 58.48 47.64 145.93
N ARG C 310 57.45 47.18 146.62
CA ARG C 310 56.44 48.11 147.06
C ARG C 310 56.39 48.21 148.54
N ALA C 311 56.35 49.46 148.94
CA ALA C 311 56.35 49.70 150.35
C ALA C 311 55.10 50.40 150.82
N VAL C 312 54.57 49.80 151.90
CA VAL C 312 53.38 50.33 152.53
C VAL C 312 53.50 50.77 153.95
N VAL C 313 53.03 51.99 154.04
CA VAL C 313 53.02 52.69 155.28
C VAL C 313 51.63 52.92 155.77
N GLU C 314 51.32 52.20 156.84
CA GLU C 314 50.04 52.30 157.44
C GLU C 314 50.10 52.82 158.85
N LEU C 315 49.32 53.85 158.98
CA LEU C 315 49.08 54.57 160.20
C LEU C 315 47.80 54.02 160.78
N HIS C 316 47.91 53.34 161.89
CA HIS C 316 46.74 52.76 162.46
C HIS C 316 46.76 52.74 163.99
N THR C 317 45.67 52.26 164.55
CA THR C 317 45.56 52.17 165.98
C THR C 317 45.96 50.80 166.36
N ALA C 318 46.23 50.68 167.64
CA ALA C 318 46.67 49.43 168.17
C ALA C 318 45.68 48.31 167.98
N ASP C 319 44.39 48.67 167.94
CA ASP C 319 43.35 47.66 167.78
C ASP C 319 43.34 47.09 166.38
N GLY C 320 43.84 47.88 165.45
CA GLY C 320 43.90 47.39 164.09
C GLY C 320 43.22 48.32 163.10
N THR C 321 42.49 49.24 163.65
CA THR C 321 41.82 50.17 162.81
C THR C 321 42.77 51.08 162.05
N LEU C 322 42.68 51.05 160.73
CA LEU C 322 43.56 51.85 159.92
C LEU C 322 43.15 53.30 159.80
N ILE C 323 44.07 54.22 160.00
CA ILE C 323 43.74 55.63 159.85
C ILE C 323 43.93 56.06 158.40
N GLU C 324 45.05 55.61 157.83
CA GLU C 324 45.41 55.88 156.45
C GLU C 324 46.67 55.18 156.05
N ALA C 325 46.89 55.26 154.75
CA ALA C 325 48.05 54.65 154.13
C ALA C 325 48.68 55.46 153.01
N GLU C 326 49.99 55.24 152.91
CA GLU C 326 50.77 55.81 151.85
C GLU C 326 51.71 54.74 151.44
N ALA C 327 52.17 54.89 150.20
CA ALA C 327 53.07 53.91 149.68
C ALA C 327 54.02 54.48 148.65
N CYS C 328 54.95 53.60 148.26
CA CYS C 328 55.93 53.92 147.26
C CYS C 328 56.65 52.73 146.73
N ASP C 329 57.23 52.97 145.55
CA ASP C 329 58.02 51.91 144.97
C ASP C 329 59.42 52.01 145.52
N VAL C 330 60.04 50.88 145.71
CA VAL C 330 61.35 50.93 146.28
C VAL C 330 62.39 50.19 145.47
N GLY C 331 63.56 50.82 145.37
CA GLY C 331 64.67 50.21 144.66
C GLY C 331 65.89 50.04 145.53
N PHE C 332 66.37 48.84 145.52
CA PHE C 332 67.57 48.56 146.27
C PHE C 332 68.79 48.82 145.42
N ARG C 333 69.48 49.89 145.78
CA ARG C 333 70.67 50.28 145.06
C ARG C 333 71.47 51.24 145.89
N GLU C 334 72.77 51.16 145.68
CA GLU C 334 73.75 51.99 146.35
C GLU C 334 74.55 52.82 145.37
N VAL C 335 74.56 54.10 145.61
CA VAL C 335 75.31 54.96 144.72
C VAL C 335 76.43 55.53 145.51
N ARG C 336 77.65 55.36 145.05
CA ARG C 336 78.71 55.96 145.78
C ARG C 336 79.93 56.26 144.96
N ILE C 337 80.65 57.22 145.48
CA ILE C 337 81.88 57.59 144.86
C ILE C 337 83.02 57.08 145.67
N GLU C 338 83.78 56.25 145.03
CA GLU C 338 84.87 55.74 145.77
C GLU C 338 86.14 55.74 145.01
N ASN C 339 87.13 56.35 145.60
CA ASN C 339 88.41 56.36 144.96
C ASN C 339 88.37 56.91 143.55
N GLY C 340 87.73 58.06 143.37
CA GLY C 340 87.66 58.70 142.09
C GLY C 340 86.57 58.13 141.22
N LEU C 341 85.89 57.09 141.69
CA LEU C 341 84.87 56.57 140.82
C LEU C 341 83.49 56.52 141.34
N LEU C 342 82.60 56.72 140.40
CA LEU C 342 81.22 56.67 140.70
C LEU C 342 80.69 55.26 140.50
N LEU C 343 80.20 54.73 141.60
CA LEU C 343 79.71 53.39 141.56
C LEU C 343 78.28 53.23 141.85
N LEU C 344 77.81 52.21 141.24
CA LEU C 344 76.49 51.83 141.44
C LEU C 344 76.45 50.37 141.77
N ASN C 345 75.93 50.09 142.94
CA ASN C 345 75.89 48.72 143.39
C ASN C 345 77.23 48.09 143.20
N GLY C 346 78.22 48.89 143.52
CA GLY C 346 79.57 48.40 143.48
C GLY C 346 80.27 48.51 142.16
N LYS C 347 79.54 48.80 141.11
CA LYS C 347 80.22 48.91 139.86
C LYS C 347 80.18 50.33 139.37
N PRO C 348 81.21 50.60 138.65
CA PRO C 348 81.52 51.87 138.05
C PRO C 348 80.68 52.07 136.85
N LEU C 349 79.96 53.19 136.86
CA LEU C 349 79.08 53.45 135.77
C LEU C 349 79.71 54.10 134.59
N LEU C 350 78.94 54.00 133.53
CA LEU C 350 79.24 54.63 132.28
C LEU C 350 77.95 55.22 131.76
N ILE C 351 77.84 56.50 131.94
CA ILE C 351 76.67 57.25 131.63
C ILE C 351 76.50 57.57 130.19
N ARG C 352 75.44 56.99 129.64
CA ARG C 352 75.03 57.26 128.28
C ARG C 352 73.82 58.19 128.42
N GLY C 353 74.14 59.45 128.72
CA GLY C 353 73.11 60.41 129.03
C GLY C 353 72.74 61.46 128.04
N VAL C 354 71.60 62.04 128.37
CA VAL C 354 71.07 63.12 127.59
C VAL C 354 70.30 64.05 128.47
N ASN C 355 70.38 65.31 128.10
CA ASN C 355 69.62 66.33 128.82
C ASN C 355 68.29 66.43 128.12
N ARG C 356 67.25 66.65 128.91
CA ARG C 356 65.92 66.77 128.36
C ARG C 356 64.99 67.79 129.01
N HIS C 357 64.41 68.62 128.17
CA HIS C 357 63.43 69.57 128.68
C HIS C 357 61.98 69.02 128.58
N GLU C 358 61.11 69.65 129.35
CA GLU C 358 59.68 69.30 129.32
C GLU C 358 59.07 70.24 128.25
N HIS C 359 58.95 69.69 127.01
CA HIS C 359 58.51 70.42 125.83
C HIS C 359 57.72 69.64 124.80
N HIS C 360 56.62 70.30 124.43
CA HIS C 360 55.63 69.84 123.51
C HIS C 360 55.32 70.88 122.48
N PRO C 361 55.51 70.51 121.23
CA PRO C 361 55.33 71.35 120.04
C PRO C 361 53.98 72.05 120.02
N LEU C 362 53.00 71.30 120.53
CA LEU C 362 51.61 71.72 120.66
C LEU C 362 51.21 72.26 122.01
N HIS C 363 51.50 71.53 123.07
CA HIS C 363 51.14 71.97 124.38
C HIS C 363 52.07 72.91 125.06
N GLY C 364 53.20 73.26 124.45
CA GLY C 364 54.16 74.15 125.09
C GLY C 364 54.86 73.38 126.23
N GLN C 365 54.80 73.91 127.45
CA GLN C 365 55.44 73.23 128.56
C GLN C 365 54.58 72.24 129.32
N VAL C 366 53.49 71.84 128.72
CA VAL C 366 52.64 70.90 129.41
C VAL C 366 52.92 69.44 129.07
N MET C 367 53.17 68.66 130.09
CA MET C 367 53.51 67.25 129.92
C MET C 367 52.39 66.25 130.12
N ASP C 368 52.56 65.05 129.58
CA ASP C 368 51.62 63.96 129.70
C ASP C 368 52.26 62.60 129.55
N GLU C 369 51.59 61.69 130.20
CA GLU C 369 52.04 60.33 130.23
C GLU C 369 52.51 59.83 128.90
N GLN C 370 51.62 59.98 127.98
CA GLN C 370 51.88 59.49 126.69
C GLN C 370 53.23 59.89 126.08
N THR C 371 53.48 61.18 126.14
CA THR C 371 54.71 61.71 125.64
C THR C 371 55.93 61.18 126.40
N MET C 372 55.82 61.36 127.72
CA MET C 372 56.85 60.92 128.59
C MET C 372 57.32 59.53 128.18
N VAL C 373 56.36 58.66 128.10
CA VAL C 373 56.71 57.32 127.74
C VAL C 373 57.40 57.20 126.39
N GLN C 374 56.88 57.99 125.50
CA GLN C 374 57.48 57.96 124.20
C GLN C 374 58.97 58.23 124.29
N ASP C 375 59.27 59.34 124.96
CA ASP C 375 60.63 59.71 125.12
C ASP C 375 61.47 58.59 125.70
N ILE C 376 60.93 58.08 126.76
CA ILE C 376 61.64 57.03 127.39
C ILE C 376 61.94 55.88 126.47
N LEU C 377 60.93 55.47 125.78
CA LEU C 377 61.10 54.35 124.91
C LEU C 377 62.20 54.56 123.93
N LEU C 378 62.13 55.70 123.32
CA LEU C 378 63.13 56.07 122.38
C LEU C 378 64.52 56.05 122.94
N MET C 379 64.66 56.74 124.06
CA MET C 379 65.94 56.78 124.68
C MET C 379 66.50 55.42 124.89
N LYS C 380 65.68 54.63 125.54
CA LYS C 380 66.08 53.28 125.82
C LYS C 380 66.44 52.56 124.56
N GLN C 381 65.67 52.80 123.56
CA GLN C 381 65.96 52.12 122.32
C GLN C 381 67.22 52.60 121.64
N ASN C 382 67.66 53.78 121.98
CA ASN C 382 68.86 54.31 121.41
C ASN C 382 70.09 54.20 122.28
N ASN C 383 70.00 53.37 123.28
CA ASN C 383 71.14 53.12 124.11
C ASN C 383 71.45 54.16 125.10
N PHE C 384 70.46 54.95 125.42
CA PHE C 384 70.68 55.90 126.51
C PHE C 384 70.37 55.27 127.88
N ASN C 385 71.02 55.71 128.96
CA ASN C 385 70.68 55.08 130.24
C ASN C 385 70.43 56.08 131.32
N ALA C 386 70.57 57.34 130.92
CA ALA C 386 70.39 58.35 131.93
C ALA C 386 69.94 59.62 131.33
N VAL C 387 69.31 60.39 132.20
CA VAL C 387 68.84 61.68 131.78
C VAL C 387 68.96 62.70 132.90
N ARG C 388 69.20 63.91 132.44
CA ARG C 388 69.32 65.04 133.30
C ARG C 388 68.13 65.96 133.10
N CYS C 389 67.48 66.31 134.19
CA CYS C 389 66.33 67.22 134.17
C CYS C 389 66.73 68.67 133.97
N SER C 390 67.23 68.98 132.78
CA SER C 390 67.61 70.37 132.54
C SER C 390 66.36 71.22 132.46
N HIS C 391 66.17 72.15 133.38
CA HIS C 391 67.01 72.46 134.51
C HIS C 391 66.05 72.84 135.64
N TYR C 392 65.28 71.88 136.09
CA TYR C 392 64.27 72.08 137.11
C TYR C 392 63.63 70.75 137.30
N PRO C 393 62.96 70.68 138.40
CA PRO C 393 62.31 69.46 138.76
C PRO C 393 61.23 69.21 137.75
N ASN C 394 61.07 67.97 137.48
CA ASN C 394 60.10 67.67 136.47
C ASN C 394 58.78 67.28 137.04
N HIS C 395 57.85 67.16 136.14
CA HIS C 395 56.60 66.61 136.48
C HIS C 395 56.86 65.21 137.09
N PRO C 396 56.23 65.05 138.17
CA PRO C 396 56.29 63.93 139.09
C PRO C 396 56.18 62.57 138.49
N LEU C 397 55.36 62.47 137.52
CA LEU C 397 55.18 61.17 136.98
C LEU C 397 56.45 60.60 136.36
N TRP C 398 57.18 61.55 135.83
CA TRP C 398 58.41 61.27 135.18
C TRP C 398 59.27 60.29 135.97
N TYR C 399 59.45 60.68 137.24
CA TYR C 399 60.29 59.91 138.12
C TYR C 399 59.80 58.49 138.27
N THR C 400 58.53 58.38 138.31
CA THR C 400 58.00 57.07 138.46
C THR C 400 58.30 56.21 137.27
N LEU C 401 58.09 56.82 136.14
CA LEU C 401 58.33 56.14 134.92
C LEU C 401 59.74 55.68 134.85
N CYS C 402 60.63 56.61 135.19
CA CYS C 402 62.03 56.24 135.15
C CYS C 402 62.29 55.13 136.11
N ASP C 403 61.61 55.21 137.23
CA ASP C 403 61.81 54.21 138.23
C ASP C 403 61.47 52.86 137.67
N ARG C 404 60.36 52.87 136.95
CA ARG C 404 59.82 51.65 136.41
C ARG C 404 60.48 51.12 135.18
N TYR C 405 60.80 52.03 134.27
CA TYR C 405 61.44 51.65 133.04
C TYR C 405 62.91 51.39 133.13
N GLY C 406 63.56 52.11 134.06
CA GLY C 406 64.97 51.95 134.28
C GLY C 406 65.84 53.02 133.61
N LEU C 407 65.97 54.19 134.22
CA LEU C 407 66.86 55.21 133.67
C LEU C 407 67.49 55.96 134.81
N TYR C 408 68.79 56.21 134.76
CA TYR C 408 69.37 56.98 135.84
C TYR C 408 68.97 58.43 135.66
N VAL C 409 68.65 59.08 136.77
CA VAL C 409 68.27 60.47 136.70
C VAL C 409 69.02 61.42 137.63
N VAL C 410 69.24 62.58 137.04
CA VAL C 410 69.83 63.67 137.76
C VAL C 410 68.74 64.71 138.00
N ASP C 411 68.36 64.88 139.26
CA ASP C 411 67.36 65.84 139.63
C ASP C 411 67.97 67.22 139.84
N GLU C 412 67.40 68.22 139.22
CA GLU C 412 68.04 69.50 139.30
C GLU C 412 67.18 70.63 139.81
N ALA C 413 67.76 71.40 140.69
CA ALA C 413 67.01 72.50 141.22
C ALA C 413 66.73 73.57 140.18
N ASN C 414 65.57 74.19 140.34
CA ASN C 414 65.14 75.22 139.45
C ASN C 414 65.88 76.55 139.66
N ILE C 415 67.15 76.65 139.28
CA ILE C 415 67.82 77.92 139.45
C ILE C 415 68.80 78.21 138.33
N GLU C 416 68.57 79.27 137.54
CA GLU C 416 69.47 79.68 136.47
C GLU C 416 69.46 81.19 136.50
N THR C 417 70.61 81.82 136.60
CA THR C 417 70.71 83.28 136.63
C THR C 417 71.69 83.69 135.60
N HIS C 418 71.65 82.89 134.58
CA HIS C 418 72.54 83.04 133.49
C HIS C 418 72.77 84.50 133.02
N GLY C 419 71.72 85.33 132.97
CA GLY C 419 71.82 86.69 132.46
C GLY C 419 72.48 87.68 133.40
N MET C 420 72.67 87.27 134.64
CA MET C 420 73.27 88.20 135.56
C MET C 420 74.67 88.56 135.17
N VAL C 421 75.22 89.55 135.85
CA VAL C 421 76.60 89.92 135.54
C VAL C 421 77.37 90.51 136.71
N PRO C 422 78.42 89.83 137.13
CA PRO C 422 78.79 88.56 136.60
C PRO C 422 77.73 87.53 136.96
N MET C 423 77.83 86.40 136.33
CA MET C 423 76.87 85.36 136.53
C MET C 423 76.49 85.08 137.98
N ASN C 424 77.38 85.30 138.92
CA ASN C 424 76.99 84.93 140.29
C ASN C 424 76.52 86.08 141.21
N ARG C 425 76.16 87.18 140.55
CA ARG C 425 75.67 88.36 141.23
C ARG C 425 74.69 88.03 142.36
N LEU C 426 73.72 87.17 142.07
CA LEU C 426 72.78 86.79 143.10
C LEU C 426 73.22 85.65 144.00
N THR C 427 73.83 84.61 143.39
CA THR C 427 74.26 83.41 144.10
C THR C 427 75.24 83.63 145.19
N ASP C 428 75.89 84.75 145.04
CA ASP C 428 76.81 85.11 146.05
C ASP C 428 76.19 86.08 147.07
N ASP C 429 74.88 86.23 147.03
CA ASP C 429 74.24 87.15 147.92
C ASP C 429 73.22 86.51 148.83
N PRO C 430 73.57 86.71 150.07
CA PRO C 430 72.88 86.22 151.21
C PRO C 430 71.42 86.51 151.10
N ARG C 431 71.16 87.74 150.66
CA ARG C 431 69.77 88.12 150.50
C ARG C 431 69.00 87.17 149.65
N TRP C 432 69.69 86.46 148.78
CA TRP C 432 68.97 85.54 147.92
C TRP C 432 69.01 84.10 148.35
N LEU C 433 69.75 83.96 149.41
CA LEU C 433 69.92 82.65 149.91
C LEU C 433 68.63 81.87 150.28
N PRO C 434 67.76 82.56 150.89
CA PRO C 434 66.53 81.90 151.31
C PRO C 434 65.71 81.43 150.14
N ALA C 435 65.61 82.33 149.20
CA ALA C 435 64.94 81.97 147.96
C ALA C 435 65.58 80.72 147.35
N MET C 436 66.89 80.82 147.18
CA MET C 436 67.57 79.70 146.61
C MET C 436 67.33 78.44 147.42
N SER C 437 67.42 78.67 148.69
CA SER C 437 67.31 77.56 149.59
C SER C 437 66.07 76.69 149.33
N GLU C 438 64.97 77.41 149.17
CA GLU C 438 63.68 76.80 149.02
C GLU C 438 63.61 75.93 147.82
N ARG C 439 64.28 76.48 146.83
CA ARG C 439 64.38 75.77 145.60
C ARG C 439 65.11 74.42 145.76
N VAL C 440 66.07 74.34 146.67
CA VAL C 440 66.69 73.04 146.75
C VAL C 440 65.99 72.08 147.70
N THR C 441 65.75 72.63 148.87
CA THR C 441 65.19 71.87 149.93
C THR C 441 63.94 71.14 149.55
N ARG C 442 63.10 71.91 148.90
CA ARG C 442 61.82 71.39 148.49
C ARG C 442 61.92 70.24 147.52
N MET C 443 62.86 70.40 146.60
CA MET C 443 63.05 69.34 145.64
C MET C 443 63.37 68.02 146.32
N VAL C 444 64.34 68.18 147.19
CA VAL C 444 64.83 67.04 147.88
C VAL C 444 63.73 66.36 148.63
N GLN C 445 62.98 67.21 149.29
CA GLN C 445 61.89 66.75 150.10
C GLN C 445 60.87 65.97 149.31
N ARG C 446 60.72 66.44 148.10
CA ARG C 446 59.77 65.79 147.29
C ARG C 446 60.24 64.51 146.66
N ASP C 447 61.48 64.49 146.17
CA ASP C 447 61.90 63.38 145.36
C ASP C 447 62.79 62.31 145.87
N ARG C 448 63.19 62.55 147.07
CA ARG C 448 64.16 61.66 147.61
C ARG C 448 63.85 60.20 147.70
N ASN C 449 62.60 59.83 147.55
CA ASN C 449 62.41 58.40 147.65
C ASN C 449 62.55 57.64 146.37
N HIS C 450 62.72 58.34 145.24
CA HIS C 450 62.85 57.59 144.00
C HIS C 450 64.24 57.05 143.70
N PRO C 451 64.31 55.76 143.51
CA PRO C 451 65.56 55.10 143.19
C PRO C 451 66.22 55.62 141.93
N SER C 452 65.48 56.07 140.96
CA SER C 452 66.12 56.53 139.75
C SER C 452 66.91 57.81 139.96
N VAL C 453 66.56 58.54 141.00
CA VAL C 453 67.34 59.72 141.15
C VAL C 453 68.63 59.30 141.75
N ILE C 454 69.73 59.60 141.08
CA ILE C 454 70.99 59.18 141.68
C ILE C 454 71.95 60.31 141.94
N ILE C 455 71.62 61.48 141.43
CA ILE C 455 72.46 62.62 141.69
C ILE C 455 71.60 63.83 141.81
N TRP C 456 72.00 64.68 142.71
CA TRP C 456 71.32 65.93 142.89
C TRP C 456 72.17 67.00 142.24
N SER C 457 71.47 67.94 141.65
CA SER C 457 72.12 69.06 141.01
C SER C 457 71.57 70.37 141.55
N LEU C 458 72.48 71.28 141.86
CA LEU C 458 72.11 72.57 142.41
C LEU C 458 71.54 73.53 141.41
N GLY C 459 71.44 73.17 140.15
CA GLY C 459 70.95 74.21 139.28
C GLY C 459 71.80 74.30 138.05
N ASN C 460 71.81 75.49 137.42
CA ASN C 460 72.55 75.66 136.19
C ASN C 460 72.92 77.10 135.87
N GLU C 461 74.06 77.24 135.25
CA GLU C 461 74.59 78.52 134.83
C GLU C 461 74.20 79.68 135.71
N SER C 462 74.68 79.66 136.95
CA SER C 462 74.43 80.71 137.91
C SER C 462 75.72 81.10 138.60
N GLY C 463 76.82 80.89 137.89
CA GLY C 463 78.14 81.15 138.42
C GLY C 463 78.37 80.26 139.65
N HIS C 464 79.22 80.75 140.52
CA HIS C 464 79.46 80.04 141.73
C HIS C 464 79.46 81.01 142.88
N GLY C 465 78.57 80.82 143.84
CA GLY C 465 78.51 81.70 144.98
C GLY C 465 78.36 80.93 146.25
N ALA C 466 78.59 81.64 147.31
CA ALA C 466 78.52 81.02 148.61
C ALA C 466 77.20 80.32 148.86
N ASN C 467 76.15 80.85 148.24
CA ASN C 467 74.88 80.22 148.50
C ASN C 467 74.94 78.77 148.06
N HIS C 468 75.76 78.58 147.05
CA HIS C 468 75.94 77.24 146.52
C HIS C 468 76.59 76.30 147.52
N ASP C 469 77.68 76.79 148.08
CA ASP C 469 78.38 75.97 149.03
C ASP C 469 77.50 75.57 150.16
N ALA C 470 76.80 76.57 150.61
CA ALA C 470 75.90 76.29 151.72
C ALA C 470 74.88 75.23 151.38
N LEU C 471 74.37 75.30 150.19
CA LEU C 471 73.35 74.37 149.79
C LEU C 471 73.82 72.98 149.53
N TYR C 472 75.00 72.96 148.95
CA TYR C 472 75.66 71.73 148.71
C TYR C 472 75.76 70.96 150.04
N ARG C 473 76.28 71.68 151.00
CA ARG C 473 76.46 71.11 152.28
C ARG C 473 75.18 70.55 152.89
N TRP C 474 74.15 71.38 152.79
CA TRP C 474 72.88 71.01 153.33
C TRP C 474 72.44 69.65 152.82
N ILE C 475 72.53 69.52 151.54
CA ILE C 475 72.10 68.26 151.03
C ILE C 475 72.92 67.14 151.54
N LYS C 476 74.21 67.37 151.53
CA LYS C 476 75.11 66.34 151.97
C LYS C 476 74.68 65.84 153.29
N SER C 477 74.21 66.77 154.08
CA SER C 477 73.83 66.35 155.40
C SER C 477 72.54 65.65 155.45
N VAL C 478 71.65 66.11 154.67
CA VAL C 478 70.37 65.53 154.71
C VAL C 478 70.27 64.21 153.92
N ASP C 479 70.97 64.15 152.80
CA ASP C 479 70.94 63.00 151.96
C ASP C 479 72.30 62.71 151.39
N PRO C 480 72.86 61.86 152.13
CA PRO C 480 74.18 61.37 151.93
C PRO C 480 74.21 60.25 150.94
N SER C 481 73.05 59.75 150.58
CA SER C 481 72.89 58.64 149.66
C SER C 481 73.25 58.98 148.22
N ARG C 482 73.28 60.27 147.93
CA ARG C 482 73.58 60.69 146.59
C ARG C 482 74.53 61.84 146.59
N PRO C 483 75.29 61.81 145.54
CA PRO C 483 76.29 62.80 145.27
C PRO C 483 75.61 64.00 144.71
N VAL C 484 76.32 65.11 144.85
CA VAL C 484 75.84 66.37 144.37
C VAL C 484 76.75 66.97 143.32
N GLN C 485 76.16 67.53 142.29
CA GLN C 485 76.99 68.18 141.30
C GLN C 485 76.49 69.54 140.90
N TYR C 486 77.41 70.32 140.36
CA TYR C 486 77.10 71.68 139.94
C TYR C 486 78.25 72.20 139.10
N GLU C 487 77.93 72.66 137.89
CA GLU C 487 78.96 73.09 136.96
C GLU C 487 79.44 74.53 137.09
N GLY C 488 78.56 75.38 137.56
CA GLY C 488 78.87 76.78 137.62
C GLY C 488 80.20 77.09 138.22
N GLY C 489 80.76 78.16 137.72
CA GLY C 489 82.00 78.67 138.18
C GLY C 489 83.23 77.83 137.91
N GLY C 490 83.25 77.09 136.82
CA GLY C 490 84.44 76.31 136.52
C GLY C 490 84.30 74.79 136.52
N ALA C 491 83.14 74.25 136.90
CA ALA C 491 82.87 72.81 136.87
C ALA C 491 83.67 71.98 137.85
N ASP C 492 84.49 72.62 138.67
CA ASP C 492 85.29 71.85 139.61
C ASP C 492 85.36 72.47 140.98
N THR C 493 84.38 73.29 141.31
CA THR C 493 84.38 73.96 142.60
C THR C 493 84.14 73.04 143.74
N THR C 494 84.19 73.69 144.89
CA THR C 494 83.96 73.06 146.18
C THR C 494 82.51 72.58 146.29
N ALA C 495 81.69 73.11 145.41
CA ALA C 495 80.30 72.76 145.44
C ALA C 495 79.98 71.57 144.54
N THR C 496 80.96 70.83 144.05
CA THR C 496 80.53 69.73 143.25
C THR C 496 81.30 68.50 143.57
N ASP C 497 80.62 67.39 143.53
CA ASP C 497 81.30 66.15 143.81
C ASP C 497 81.89 65.54 142.58
N ILE C 498 81.51 66.08 141.45
CA ILE C 498 81.96 65.55 140.18
C ILE C 498 82.36 66.66 139.29
N ILE C 499 83.40 66.42 138.50
CA ILE C 499 83.80 67.42 137.56
C ILE C 499 82.82 67.26 136.42
N CYS C 500 82.03 68.29 136.22
CA CYS C 500 80.95 68.23 135.24
C CYS C 500 80.90 69.40 134.32
N PRO C 501 81.88 69.51 133.52
CA PRO C 501 81.90 70.61 132.60
C PRO C 501 80.89 70.42 131.49
N MET C 502 80.74 71.52 130.76
CA MET C 502 79.91 71.55 129.59
C MET C 502 80.76 71.91 128.38
N TYR C 503 80.75 71.04 127.39
CA TYR C 503 81.47 71.32 126.16
C TYR C 503 82.98 71.30 126.16
N ALA C 504 83.59 70.64 127.14
CA ALA C 504 85.04 70.50 127.12
C ALA C 504 85.44 69.52 126.02
N ARG C 505 86.53 69.81 125.34
CA ARG C 505 86.95 68.96 124.26
C ARG C 505 87.73 67.77 124.72
N VAL C 506 87.77 66.77 123.85
CA VAL C 506 88.47 65.57 124.19
C VAL C 506 89.95 65.86 124.37
N ASP C 507 90.53 66.46 123.35
CA ASP C 507 91.93 66.74 123.49
C ASP C 507 92.31 68.19 123.49
N GLU C 508 91.40 69.10 123.21
CA GLU C 508 91.86 70.45 123.20
C GLU C 508 91.42 71.26 124.38
N ASP C 509 92.32 72.12 124.83
CA ASP C 509 92.02 72.99 125.92
C ASP C 509 91.45 74.29 125.40
N GLN C 510 90.52 74.85 126.18
CA GLN C 510 89.86 76.12 125.94
C GLN C 510 90.00 76.85 127.26
N PRO C 511 91.08 77.56 127.27
CA PRO C 511 91.58 78.26 128.39
C PRO C 511 91.01 79.65 128.62
N PHE C 512 89.74 79.70 128.83
CA PHE C 512 89.24 80.95 129.21
C PHE C 512 89.70 81.27 130.61
N PRO C 513 89.84 82.55 130.75
CA PRO C 513 90.21 83.18 131.98
C PRO C 513 89.15 82.87 132.99
N ALA C 514 89.66 82.59 134.19
CA ALA C 514 88.81 82.28 135.30
C ALA C 514 88.10 80.95 135.20
N VAL C 515 87.68 80.57 134.01
CA VAL C 515 86.90 79.37 133.89
C VAL C 515 87.22 78.68 132.59
N PRO C 516 88.46 78.28 132.55
CA PRO C 516 88.98 77.57 131.40
C PRO C 516 88.32 76.21 131.38
N LYS C 517 88.32 75.63 130.18
CA LYS C 517 87.83 74.29 129.93
C LYS C 517 88.98 73.46 129.37
N TRP C 518 89.58 72.67 130.20
CA TRP C 518 90.66 71.83 129.78
C TRP C 518 90.20 70.66 128.97
N SER C 519 91.11 70.10 128.15
CA SER C 519 90.76 68.86 127.50
C SER C 519 90.36 67.95 128.66
N ILE C 520 89.34 67.17 128.41
CA ILE C 520 88.95 66.36 129.54
C ILE C 520 90.00 65.37 129.95
N LYS C 521 90.85 64.89 129.03
CA LYS C 521 91.85 63.96 129.55
C LYS C 521 92.83 64.67 130.49
N LYS C 522 93.11 65.91 130.15
CA LYS C 522 94.00 66.67 130.98
C LYS C 522 93.39 67.06 132.30
N TRP C 523 92.13 67.39 132.24
CA TRP C 523 91.49 67.84 133.42
C TRP C 523 91.67 66.88 134.55
N LEU C 524 91.51 65.61 134.26
CA LEU C 524 91.60 64.67 135.38
C LEU C 524 92.91 64.64 136.19
N SER C 525 94.01 64.93 135.51
CA SER C 525 95.39 64.83 135.98
C SER C 525 95.92 66.04 136.69
N LEU C 526 95.14 67.10 136.66
CA LEU C 526 95.59 68.27 137.35
C LEU C 526 95.91 67.92 138.78
N PRO C 527 96.96 68.55 139.22
CA PRO C 527 97.49 68.32 140.54
C PRO C 527 96.47 68.46 141.59
N GLY C 528 96.31 67.36 142.29
CA GLY C 528 95.35 67.29 143.36
C GLY C 528 93.97 66.87 142.92
N GLU C 529 93.70 66.83 141.59
CA GLU C 529 92.37 66.45 141.22
C GLU C 529 92.07 64.97 141.42
N THR C 530 90.96 64.59 142.01
CA THR C 530 90.73 63.16 142.18
C THR C 530 89.37 62.66 141.73
N ARG C 531 88.49 63.62 141.46
CA ARG C 531 87.12 63.32 141.13
C ARG C 531 86.94 62.69 139.81
N PRO C 532 85.75 62.13 139.66
CA PRO C 532 85.36 61.58 138.41
C PRO C 532 84.87 62.74 137.58
N LEU C 533 84.82 62.53 136.28
CA LEU C 533 84.37 63.56 135.40
C LEU C 533 83.28 63.03 134.48
N ILE C 534 82.20 63.78 134.48
CA ILE C 534 81.05 63.49 133.65
C ILE C 534 80.55 64.77 133.06
N LEU C 535 80.48 64.85 131.75
CA LEU C 535 80.05 66.13 131.24
C LEU C 535 78.58 66.35 131.41
N CYS C 536 78.26 67.52 131.91
CA CYS C 536 76.87 67.86 132.10
C CYS C 536 76.25 68.21 130.78
N GLU C 537 77.08 68.66 129.87
CA GLU C 537 76.62 68.93 128.52
C GLU C 537 77.76 68.68 127.57
N TYR C 538 77.44 67.95 126.50
CA TYR C 538 78.41 67.73 125.46
C TYR C 538 77.73 67.36 124.16
N ALA C 539 78.52 67.52 123.10
CA ALA C 539 78.12 67.23 121.73
C ALA C 539 76.82 67.95 121.35
N HIS C 540 76.89 69.28 121.25
CA HIS C 540 75.75 70.10 120.89
C HIS C 540 75.03 69.58 119.64
N ALA C 541 73.82 69.04 119.82
CA ALA C 541 73.13 68.43 118.68
C ALA C 541 72.33 69.36 117.77
N MET C 542 72.81 70.57 117.61
CA MET C 542 72.10 71.51 116.80
C MET C 542 72.22 71.37 115.30
N GLY C 543 71.10 71.00 114.71
CA GLY C 543 71.04 70.82 113.27
C GLY C 543 71.87 69.66 112.81
N ASN C 544 72.58 69.88 111.69
CA ASN C 544 73.45 68.83 111.18
C ASN C 544 74.70 68.80 112.08
N SER C 545 74.66 67.96 113.09
CA SER C 545 75.72 67.95 114.05
C SER C 545 76.07 66.56 114.52
N LEU C 546 76.72 66.56 115.69
CA LEU C 546 77.23 65.37 116.32
C LEU C 546 78.55 64.88 115.70
N GLY C 547 79.19 65.75 114.94
CA GLY C 547 80.46 65.37 114.40
C GLY C 547 81.49 65.27 115.54
N GLY C 548 82.16 64.12 115.61
CA GLY C 548 83.19 63.94 116.64
C GLY C 548 82.73 63.12 117.82
N PHE C 549 81.50 62.72 117.76
CA PHE C 549 80.91 61.96 118.82
C PHE C 549 81.79 60.79 119.27
N ALA C 550 82.26 60.07 118.30
CA ALA C 550 83.09 58.92 118.58
C ALA C 550 84.36 59.15 119.37
N LYS C 551 84.98 60.34 119.15
CA LYS C 551 86.17 60.68 119.92
C LYS C 551 85.88 60.57 121.42
N TYR C 552 84.74 61.14 121.80
CA TYR C 552 84.31 61.09 123.18
C TYR C 552 84.19 59.66 123.66
N TRP C 553 83.43 58.89 122.90
CA TRP C 553 83.21 57.53 123.32
C TRP C 553 84.44 56.75 123.56
N GLN C 554 85.34 57.00 122.67
CA GLN C 554 86.58 56.28 122.81
C GLN C 554 87.31 56.67 124.05
N ALA C 555 87.33 57.95 124.30
CA ALA C 555 88.03 58.36 125.48
C ALA C 555 87.36 57.84 126.71
N PHE C 556 86.04 57.95 126.69
CA PHE C 556 85.31 57.50 127.85
C PHE C 556 85.72 56.09 128.12
N ARG C 557 85.77 55.34 127.04
CA ARG C 557 86.11 53.94 127.20
C ARG C 557 87.52 53.69 127.67
N GLN C 558 88.43 54.58 127.35
CA GLN C 558 89.78 54.31 127.78
C GLN C 558 90.17 54.88 129.13
N TYR C 559 89.47 55.90 129.61
CA TYR C 559 89.82 56.46 130.87
C TYR C 559 88.74 56.19 131.89
N PRO C 560 89.16 55.47 132.84
CA PRO C 560 88.36 55.04 133.96
C PRO C 560 87.55 56.14 134.59
N ARG C 561 88.24 57.22 134.93
CA ARG C 561 87.62 58.37 135.56
C ARG C 561 86.76 59.20 134.61
N LEU C 562 86.79 58.89 133.32
CA LEU C 562 85.89 59.58 132.43
C LEU C 562 84.64 58.72 132.40
N GLN C 563 83.58 59.14 133.09
CA GLN C 563 82.42 58.29 133.16
C GLN C 563 81.22 58.60 132.29
N GLY C 564 81.44 59.35 131.21
CA GLY C 564 80.36 59.67 130.27
C GLY C 564 79.93 61.12 130.31
N GLY C 565 78.67 61.33 129.91
CA GLY C 565 78.10 62.67 129.88
C GLY C 565 76.67 62.64 129.37
N PHE C 566 76.12 63.83 129.29
CA PHE C 566 74.78 64.06 128.83
C PHE C 566 74.81 64.94 127.62
N VAL C 567 74.25 64.37 126.59
CA VAL C 567 74.21 65.10 125.37
C VAL C 567 73.22 66.24 125.48
N TRP C 568 73.56 67.30 124.79
CA TRP C 568 72.68 68.43 124.75
C TRP C 568 72.18 68.64 123.32
N ASP C 569 70.91 68.35 123.07
CA ASP C 569 69.95 67.82 124.02
C ASP C 569 68.93 66.92 123.30
N TRP C 570 67.92 66.43 124.01
CA TRP C 570 66.95 65.51 123.41
C TRP C 570 66.11 65.94 122.21
N VAL C 571 65.20 66.91 122.40
CA VAL C 571 64.28 67.39 121.35
C VAL C 571 64.38 68.86 121.06
N ASP C 572 64.14 69.20 119.80
CA ASP C 572 64.12 70.60 119.42
C ASP C 572 62.98 71.30 120.11
N GLN C 573 63.24 72.54 120.50
CA GLN C 573 62.21 73.30 121.16
C GLN C 573 61.46 74.12 120.14
N SER C 574 60.80 73.42 119.24
CA SER C 574 60.04 74.12 118.21
C SER C 574 58.56 74.01 118.47
N LEU C 575 57.93 75.08 118.04
CA LEU C 575 56.52 75.18 118.17
C LEU C 575 55.83 75.19 116.80
N ILE C 576 54.58 74.73 116.81
CA ILE C 576 53.78 74.72 115.61
C ILE C 576 53.04 76.04 115.35
N LYS C 577 52.93 76.39 114.09
CA LYS C 577 52.21 77.56 113.66
C LYS C 577 51.42 77.19 112.43
N TYR C 578 50.53 78.10 112.05
CA TYR C 578 49.79 77.81 110.84
C TYR C 578 49.83 78.87 109.82
N ASP C 579 49.76 78.39 108.59
CA ASP C 579 49.70 79.29 107.51
C ASP C 579 48.21 79.52 107.29
N GLU C 580 47.93 80.45 106.40
CA GLU C 580 46.59 80.82 105.97
C GLU C 580 45.82 79.60 105.52
N ASN C 581 46.50 78.64 104.89
CA ASN C 581 45.85 77.43 104.46
C ASN C 581 45.68 76.44 105.59
N GLY C 582 45.89 76.97 106.82
CA GLY C 582 45.78 76.22 108.05
C GLY C 582 46.78 75.09 108.06
N ASN C 583 47.93 75.45 107.52
CA ASN C 583 49.02 74.53 107.45
C ASN C 583 49.96 74.84 108.57
N PRO C 584 50.27 73.75 109.26
CA PRO C 584 51.13 73.76 110.42
C PRO C 584 52.59 73.84 110.01
N TRP C 585 53.34 74.56 110.79
CA TRP C 585 54.74 74.61 110.50
C TRP C 585 55.57 74.91 111.72
N SER C 586 56.79 74.39 111.70
CA SER C 586 57.68 74.56 112.84
C SER C 586 58.32 75.91 112.94
N ALA C 587 58.05 76.50 114.10
CA ALA C 587 58.48 77.83 114.44
C ALA C 587 59.54 77.86 115.53
N TYR C 588 60.33 78.90 115.44
CA TYR C 588 61.37 79.12 116.39
C TYR C 588 61.43 80.55 116.83
N GLY C 589 62.49 80.88 117.53
CA GLY C 589 62.68 82.21 118.07
C GLY C 589 62.37 83.28 117.05
N GLY C 590 61.60 84.25 117.51
CA GLY C 590 61.15 85.40 116.75
C GLY C 590 59.92 85.16 115.89
N ASP C 591 59.53 83.88 115.75
CA ASP C 591 58.39 83.52 114.93
C ASP C 591 57.06 83.96 115.51
N PHE C 592 57.09 84.57 116.70
CA PHE C 592 55.88 85.05 117.34
C PHE C 592 55.99 86.52 117.57
N GLY C 593 56.96 87.10 116.88
CA GLY C 593 57.22 88.51 117.01
C GLY C 593 57.83 88.78 118.36
N ASP C 594 58.21 87.68 119.03
CA ASP C 594 58.82 87.72 120.34
C ASP C 594 60.16 88.40 120.23
N THR C 595 60.35 89.34 121.14
CA THR C 595 61.57 90.11 121.27
C THR C 595 61.93 90.32 122.73
N PRO C 596 63.24 90.12 123.04
CA PRO C 596 64.22 89.80 122.03
C PRO C 596 64.24 88.29 121.77
N ASN C 597 64.97 87.82 120.77
CA ASN C 597 64.97 86.36 120.58
C ASN C 597 66.30 85.84 120.06
N ASP C 598 66.50 84.51 120.23
CA ASP C 598 67.73 83.82 119.86
C ASP C 598 67.59 82.82 118.70
N ARG C 599 66.46 82.95 118.01
CA ARG C 599 66.10 82.19 116.81
C ARG C 599 66.13 80.69 116.93
N GLN C 600 66.90 80.01 116.02
CA GLN C 600 67.06 78.53 116.01
C GLN C 600 67.69 77.93 117.26
N PHE C 601 68.41 78.80 117.99
CA PHE C 601 69.08 78.37 119.16
C PHE C 601 68.34 77.41 120.08
N CYS C 602 67.02 77.45 120.04
CA CYS C 602 66.20 76.56 120.86
C CYS C 602 66.09 75.16 120.23
N MET C 603 66.72 74.96 119.05
CA MET C 603 66.67 73.65 118.39
C MET C 603 68.03 72.99 118.36
N ASN C 604 68.20 72.05 119.30
CA ASN C 604 69.45 71.36 119.51
C ASN C 604 69.22 69.89 119.76
N GLY C 605 68.05 69.41 119.41
CA GLY C 605 67.72 68.05 119.73
C GLY C 605 68.20 67.01 118.78
N LEU C 606 68.15 65.82 119.31
CA LEU C 606 68.47 64.64 118.56
C LEU C 606 67.22 64.20 117.81
N VAL C 607 66.09 64.73 118.25
CA VAL C 607 64.84 64.45 117.60
C VAL C 607 64.10 65.72 117.42
N PHE C 608 63.26 65.62 116.43
CA PHE C 608 62.36 66.67 116.08
C PHE C 608 61.28 66.71 117.14
N ALA C 609 60.71 67.91 117.31
CA ALA C 609 59.64 68.07 118.32
C ALA C 609 58.56 66.97 118.34
N ASP C 610 58.30 66.40 117.19
CA ASP C 610 57.31 65.34 117.07
C ASP C 610 57.92 64.03 117.44
N ARG C 611 59.15 64.12 117.93
CA ARG C 611 59.86 62.93 118.27
C ARG C 611 60.25 62.12 117.05
N THR C 612 60.63 62.86 116.04
CA THR C 612 61.15 62.18 114.93
C THR C 612 62.58 62.55 114.90
N PRO C 613 63.30 61.49 114.80
CA PRO C 613 64.73 61.45 114.84
C PRO C 613 65.42 62.22 113.80
N HIS C 614 66.53 62.74 114.23
CA HIS C 614 67.48 63.33 113.38
C HIS C 614 68.42 62.15 113.07
N PRO C 615 69.20 62.31 112.05
CA PRO C 615 70.09 61.23 111.68
C PRO C 615 71.14 60.97 112.75
N ALA C 616 71.54 62.05 113.43
CA ALA C 616 72.55 61.95 114.46
C ALA C 616 72.25 60.88 115.51
N LEU C 617 70.98 60.73 115.75
CA LEU C 617 70.56 59.79 116.74
C LEU C 617 71.19 58.42 116.59
N THR C 618 71.41 58.09 115.37
CA THR C 618 71.95 56.80 115.06
C THR C 618 73.40 56.68 115.43
N GLU C 619 74.11 57.76 115.13
CA GLU C 619 75.49 57.77 115.48
C GLU C 619 75.56 57.52 116.97
N ALA C 620 74.68 58.21 117.66
CA ALA C 620 74.65 58.02 119.11
C ALA C 620 74.35 56.59 119.51
N LYS C 621 73.31 56.08 118.91
CA LYS C 621 72.91 54.76 119.25
C LYS C 621 74.07 53.79 119.12
N HIS C 622 74.77 53.93 118.03
CA HIS C 622 75.88 53.05 117.76
C HIS C 622 77.02 53.22 118.73
N GLN C 623 77.46 54.46 118.95
CA GLN C 623 78.58 54.65 119.88
C GLN C 623 78.23 54.22 121.28
N GLN C 624 76.94 54.24 121.61
CA GLN C 624 76.58 53.88 122.95
C GLN C 624 76.25 52.43 123.14
N GLN C 625 76.40 51.63 122.10
CA GLN C 625 76.03 50.25 122.26
C GLN C 625 76.73 49.55 123.40
N PHE C 626 76.04 48.58 123.96
CA PHE C 626 76.54 47.82 125.08
C PHE C 626 77.40 46.65 124.73
N PHE C 627 77.52 46.38 123.44
CA PHE C 627 78.37 45.27 123.10
C PHE C 627 79.48 45.75 122.24
N GLN C 628 80.67 45.24 122.50
CA GLN C 628 81.78 45.64 121.69
C GLN C 628 82.40 44.48 121.04
N PHE C 629 82.82 44.71 119.79
CA PHE C 629 83.41 43.65 118.99
C PHE C 629 84.81 43.84 118.52
N ARG C 630 85.48 42.72 118.45
CA ARG C 630 86.82 42.61 117.96
C ARG C 630 86.87 41.46 117.01
N LEU C 631 87.57 41.70 115.94
CA LEU C 631 87.65 40.62 115.00
C LEU C 631 89.04 40.07 114.88
N SER C 632 89.17 38.78 115.07
CA SER C 632 90.50 38.24 114.93
C SER C 632 90.54 37.00 114.11
N GLY C 633 91.04 37.17 112.91
CA GLY C 633 91.03 36.02 112.06
C GLY C 633 89.59 35.64 111.74
N GLN C 634 89.17 34.44 112.15
CA GLN C 634 87.81 34.04 111.83
C GLN C 634 86.99 34.11 113.07
N THR C 635 87.60 34.76 114.05
CA THR C 635 86.99 34.88 115.33
C THR C 635 86.58 36.25 115.75
N ILE C 636 85.37 36.25 116.25
CA ILE C 636 84.86 37.45 116.80
C ILE C 636 84.84 37.44 118.30
N GLU C 637 85.36 38.52 118.84
CA GLU C 637 85.38 38.68 120.26
C GLU C 637 84.31 39.65 120.69
N VAL C 638 83.45 39.18 121.57
CA VAL C 638 82.41 40.05 122.02
C VAL C 638 82.59 40.43 123.44
N THR C 639 82.35 41.70 123.66
CA THR C 639 82.51 42.21 124.98
C THR C 639 81.27 42.91 125.44
N SER C 640 80.89 42.57 126.68
CA SER C 640 79.71 43.13 127.28
C SER C 640 80.02 44.31 128.16
N GLU C 641 79.25 45.37 127.95
CA GLU C 641 79.34 46.58 128.75
C GLU C 641 78.19 46.65 129.72
N TYR C 642 77.52 45.53 129.91
CA TYR C 642 76.49 45.47 130.92
C TYR C 642 77.21 45.17 132.22
N LEU C 643 76.77 45.82 133.26
CA LEU C 643 77.36 45.65 134.57
C LEU C 643 76.64 44.61 135.29
N PHE C 644 75.37 44.50 135.00
CA PHE C 644 74.57 43.59 135.75
C PHE C 644 73.85 42.52 134.99
N ARG C 645 73.53 42.70 133.73
CA ARG C 645 72.83 41.61 133.13
C ARG C 645 73.61 40.72 132.25
N HIS C 646 73.02 39.58 132.03
CA HIS C 646 73.58 38.60 131.17
C HIS C 646 72.93 38.76 129.81
N SER C 647 73.59 38.38 128.71
CA SER C 647 73.02 38.56 127.38
C SER C 647 71.90 37.59 127.13
N ASP C 648 70.87 37.74 127.91
CA ASP C 648 69.76 36.84 127.83
C ASP C 648 68.66 37.12 126.83
N ASN C 649 68.86 38.06 125.93
CA ASN C 649 67.85 38.29 124.92
C ASN C 649 68.59 38.77 123.71
N GLU C 650 69.64 37.99 123.43
CA GLU C 650 70.51 38.39 122.39
C GLU C 650 70.92 37.35 121.39
N LEU C 651 70.65 37.79 120.19
CA LEU C 651 71.01 37.08 119.01
C LEU C 651 71.94 37.83 118.13
N LEU C 652 72.98 37.13 117.77
CA LEU C 652 73.94 37.71 116.89
C LEU C 652 73.87 37.20 115.47
N HIS C 653 73.48 38.08 114.58
CA HIS C 653 73.41 37.68 113.21
C HIS C 653 74.63 38.16 112.45
N TRP C 654 75.22 37.32 111.65
CA TRP C 654 76.32 37.85 110.90
C TRP C 654 76.16 37.59 109.44
N MET C 655 77.01 38.22 108.67
CA MET C 655 76.90 38.07 107.26
C MET C 655 77.98 38.70 106.39
N VAL C 656 78.24 37.97 105.31
CA VAL C 656 79.27 38.33 104.38
C VAL C 656 78.80 38.64 103.02
N ALA C 657 79.33 39.74 102.51
CA ALA C 657 78.95 40.17 101.19
C ALA C 657 80.08 40.76 100.39
N LEU C 658 79.91 40.61 99.11
CA LEU C 658 80.87 41.10 98.20
C LEU C 658 80.26 42.23 97.49
N ASP C 659 80.80 43.40 97.70
CA ASP C 659 80.21 44.54 97.06
C ASP C 659 78.68 44.52 97.13
N GLY C 660 78.12 44.08 98.24
CA GLY C 660 76.68 44.09 98.34
C GLY C 660 76.08 42.74 98.10
N LYS C 661 76.83 41.89 97.44
CA LYS C 661 76.29 40.58 97.22
C LYS C 661 76.66 39.72 98.37
N PRO C 662 75.61 39.26 98.99
CA PRO C 662 75.60 38.43 100.17
C PRO C 662 76.02 37.07 99.78
N LEU C 663 76.98 36.56 100.47
CA LEU C 663 77.50 35.24 100.17
C LEU C 663 77.23 34.25 101.25
N ALA C 664 77.06 34.76 102.46
CA ALA C 664 76.85 33.89 103.60
C ALA C 664 76.37 34.68 104.76
N SER C 665 75.56 34.00 105.53
CA SER C 665 75.00 34.60 106.70
C SER C 665 74.88 33.58 107.80
N GLY C 666 74.80 34.05 109.03
CA GLY C 666 74.71 33.15 110.15
C GLY C 666 74.00 33.79 111.30
N GLU C 667 73.85 32.98 112.34
CA GLU C 667 73.17 33.40 113.55
C GLU C 667 73.68 32.74 114.77
N VAL C 668 73.96 33.54 115.77
CA VAL C 668 74.44 32.97 116.97
C VAL C 668 73.98 33.71 118.16
N PRO C 669 73.53 32.91 119.05
CA PRO C 669 73.03 33.39 120.30
C PRO C 669 74.18 33.76 121.20
N LEU C 670 73.96 34.90 121.84
CA LEU C 670 74.90 35.42 122.79
C LEU C 670 74.65 34.92 124.17
N ASP C 671 75.77 34.70 124.79
CA ASP C 671 75.83 34.24 126.15
C ASP C 671 77.04 34.88 126.80
N VAL C 672 76.87 36.13 127.20
CA VAL C 672 77.95 36.84 127.83
C VAL C 672 77.52 37.43 129.12
N ALA C 673 78.44 37.32 130.05
CA ALA C 673 78.16 37.91 131.32
C ALA C 673 78.51 39.36 131.31
N PRO C 674 77.82 40.09 132.17
CA PRO C 674 78.11 41.48 132.30
C PRO C 674 79.59 41.56 132.39
N GLN C 675 80.14 42.49 131.61
CA GLN C 675 81.57 42.69 131.59
C GLN C 675 82.40 41.54 131.12
N GLY C 676 81.78 40.57 130.50
CA GLY C 676 82.55 39.47 130.00
C GLY C 676 82.75 39.49 128.49
N LYS C 677 83.50 38.49 128.05
CA LYS C 677 83.83 38.25 126.67
C LYS C 677 83.24 36.93 126.17
N GLN C 678 82.95 36.87 124.89
CA GLN C 678 82.44 35.68 124.27
C GLN C 678 83.12 35.58 122.94
N LEU C 679 83.66 34.37 122.66
CA LEU C 679 84.32 34.09 121.39
C LEU C 679 83.46 33.41 120.38
N ILE C 680 83.58 33.96 119.20
CA ILE C 680 82.80 33.42 118.15
C ILE C 680 83.59 33.02 116.99
N GLU C 681 83.49 31.73 116.85
CA GLU C 681 84.16 31.02 115.83
C GLU C 681 83.42 31.00 114.52
N LEU C 682 84.13 31.47 113.52
CA LEU C 682 83.54 31.50 112.24
C LEU C 682 83.87 30.31 111.38
N PRO C 683 82.82 29.92 110.68
CA PRO C 683 82.87 28.85 109.75
C PRO C 683 83.69 29.33 108.60
N GLU C 684 84.34 28.40 107.95
CA GLU C 684 85.12 28.77 106.83
C GLU C 684 84.40 29.73 105.90
N LEU C 685 85.09 30.81 105.65
CA LEU C 685 84.56 31.84 104.82
C LEU C 685 84.93 31.68 103.40
N PRO C 686 83.99 32.11 102.63
CA PRO C 686 84.01 32.11 101.19
C PRO C 686 85.13 32.96 100.64
N GLN C 687 85.80 32.45 99.60
CA GLN C 687 86.92 33.15 99.01
C GLN C 687 86.70 33.53 97.57
N PRO C 688 85.62 34.24 97.33
CA PRO C 688 85.23 34.75 96.03
C PRO C 688 86.42 35.11 95.14
N GLU C 689 86.22 34.89 93.87
CA GLU C 689 87.26 35.15 92.92
C GLU C 689 87.18 36.54 92.36
N SER C 690 85.91 36.83 92.07
CA SER C 690 85.42 38.06 91.53
C SER C 690 86.06 39.25 92.21
N ALA C 691 86.05 40.36 91.54
CA ALA C 691 86.66 41.50 92.11
C ALA C 691 85.69 42.26 92.96
N GLY C 692 86.25 42.91 93.98
CA GLY C 692 85.48 43.71 94.88
C GLY C 692 85.96 43.65 96.32
N GLN C 693 85.11 44.23 97.15
CA GLN C 693 85.33 44.33 98.57
C GLN C 693 84.45 43.38 99.32
N LEU C 694 85.13 42.67 100.18
CA LEU C 694 84.49 41.71 101.00
C LEU C 694 84.28 42.24 102.39
N TRP C 695 83.03 42.23 102.80
CA TRP C 695 82.74 42.76 104.09
C TRP C 695 81.91 41.90 104.98
N LEU C 696 82.34 41.95 106.23
CA LEU C 696 81.65 41.25 107.24
C LEU C 696 80.81 42.17 108.12
N THR C 697 79.57 41.75 108.37
CA THR C 697 78.72 42.53 109.21
C THR C 697 77.96 41.75 110.26
N VAL C 698 77.96 42.31 111.47
CA VAL C 698 77.23 41.74 112.59
C VAL C 698 76.22 42.67 113.21
N ARG C 699 75.14 42.04 113.62
CA ARG C 699 74.07 42.76 114.27
C ARG C 699 73.63 42.00 115.48
N VAL C 700 73.14 42.76 116.43
CA VAL C 700 72.60 42.19 117.62
C VAL C 700 71.12 42.42 117.70
N VAL C 701 70.46 41.27 117.81
CA VAL C 701 69.03 41.29 117.90
C VAL C 701 68.43 40.69 119.11
N GLN C 702 67.34 41.38 119.44
CA GLN C 702 66.50 41.02 120.56
C GLN C 702 65.26 40.35 120.04
N PRO C 703 65.37 39.06 120.14
CA PRO C 703 64.37 38.13 119.71
C PRO C 703 63.04 38.45 120.35
N ASN C 704 63.04 38.57 121.67
CA ASN C 704 61.81 38.85 122.37
C ASN C 704 61.60 40.30 122.68
N ALA C 705 60.34 40.71 122.73
CA ALA C 705 60.11 42.09 123.06
C ALA C 705 60.38 42.35 124.51
N THR C 706 60.53 43.63 124.81
CA THR C 706 60.76 44.07 126.17
C THR C 706 59.78 45.12 126.43
N ALA C 707 59.89 45.63 127.61
CA ALA C 707 58.98 46.66 127.94
C ALA C 707 59.19 47.92 127.18
N TRP C 708 60.37 48.03 126.56
CA TRP C 708 60.62 49.28 125.87
C TRP C 708 61.08 49.02 124.49
N SER C 709 61.02 47.75 124.11
CA SER C 709 61.42 47.35 122.79
C SER C 709 60.59 46.20 122.27
N GLU C 710 60.48 46.22 120.96
CA GLU C 710 59.77 45.20 120.21
C GLU C 710 60.62 44.00 119.95
N ALA C 711 59.97 42.94 119.54
CA ALA C 711 60.80 41.81 119.25
C ALA C 711 61.55 42.10 117.98
N GLY C 712 62.77 41.57 117.94
CA GLY C 712 63.65 41.76 116.81
C GLY C 712 64.28 43.14 116.78
N HIS C 713 64.44 43.75 117.92
CA HIS C 713 65.05 45.04 117.95
C HIS C 713 66.56 44.88 117.78
N ILE C 714 67.13 45.82 117.02
CA ILE C 714 68.58 45.79 116.82
C ILE C 714 69.25 46.67 117.81
N SER C 715 70.15 46.10 118.55
CA SER C 715 70.74 46.96 119.54
C SER C 715 72.20 47.29 119.30
N ALA C 716 72.81 46.58 118.38
CA ALA C 716 74.21 46.85 118.17
C ALA C 716 74.63 46.27 116.86
N TRP C 717 75.65 46.89 116.29
CA TRP C 717 76.19 46.38 115.07
C TRP C 717 77.61 46.80 114.87
N GLN C 718 78.19 46.15 113.88
CA GLN C 718 79.56 46.43 113.56
C GLN C 718 79.97 45.76 112.28
N GLN C 719 80.79 46.46 111.49
CA GLN C 719 81.21 45.82 110.28
C GLN C 719 82.72 45.82 110.03
N TRP C 720 83.19 44.94 109.19
CA TRP C 720 84.62 44.93 108.89
C TRP C 720 84.91 44.61 107.43
N ARG C 721 85.97 45.22 106.89
CA ARG C 721 86.27 44.85 105.52
C ARG C 721 87.25 43.72 105.51
N LEU C 722 86.81 42.59 105.02
CA LEU C 722 87.66 41.44 105.02
C LEU C 722 88.72 41.45 103.97
N ALA C 723 88.33 41.65 102.74
CA ALA C 723 89.33 41.63 101.73
C ALA C 723 88.94 42.47 100.56
N GLU C 724 89.95 42.56 99.71
CA GLU C 724 89.80 43.31 98.50
C GLU C 724 90.41 42.59 97.34
N ASN C 725 89.67 42.49 96.28
CA ASN C 725 90.20 41.86 95.08
C ASN C 725 90.23 42.94 94.04
N LEU C 726 91.42 43.45 93.76
CA LEU C 726 91.51 44.52 92.76
C LEU C 726 91.19 44.02 91.36
N SER C 727 90.52 44.89 90.60
CA SER C 727 90.19 44.55 89.23
C SER C 727 91.29 44.89 88.28
N VAL C 728 91.71 43.85 87.59
CA VAL C 728 92.77 43.96 86.64
C VAL C 728 92.24 43.83 85.25
N THR C 729 90.95 43.90 85.15
CA THR C 729 90.51 43.72 83.82
C THR C 729 90.39 44.97 83.04
N LEU C 730 90.38 44.68 81.77
CA LEU C 730 90.27 45.64 80.74
C LEU C 730 88.99 45.47 80.00
N PRO C 731 88.58 46.65 79.58
CA PRO C 731 87.41 46.88 78.77
C PRO C 731 87.67 46.31 77.38
N ALA C 732 86.62 45.69 76.87
CA ALA C 732 86.73 45.14 75.55
C ALA C 732 86.60 46.27 74.53
N ALA C 733 87.13 45.97 73.34
CA ALA C 733 87.09 46.91 72.25
C ALA C 733 85.67 47.30 71.89
N SER C 734 85.62 48.53 71.42
CA SER C 734 84.43 49.16 70.96
C SER C 734 84.57 49.07 69.46
N HIS C 735 83.45 49.01 68.78
CA HIS C 735 83.58 48.89 67.35
C HIS C 735 83.59 50.22 66.71
N ALA C 736 83.58 51.22 67.56
CA ALA C 736 83.56 52.54 67.06
C ALA C 736 84.08 53.49 68.04
N ILE C 737 84.28 54.68 67.58
CA ILE C 737 84.74 55.67 68.48
C ILE C 737 84.02 56.95 68.25
N PRO C 738 83.90 57.69 69.32
CA PRO C 738 83.17 58.91 69.28
C PRO C 738 83.65 59.86 68.21
N HIS C 739 82.73 60.68 67.84
CA HIS C 739 83.00 61.59 66.81
C HIS C 739 82.94 63.02 67.29
N LEU C 740 84.09 63.66 67.13
CA LEU C 740 84.23 65.03 67.57
C LEU C 740 83.82 66.11 66.59
N THR C 741 83.15 67.13 67.02
CA THR C 741 82.81 68.17 66.08
C THR C 741 83.06 69.49 66.71
N THR C 742 83.72 70.32 65.96
CA THR C 742 84.05 71.58 66.53
C THR C 742 83.38 72.78 66.01
N SER C 743 82.47 73.33 66.80
CA SER C 743 81.86 74.58 66.43
C SER C 743 82.82 75.67 66.91
N GLU C 744 82.39 76.88 66.97
CA GLU C 744 83.28 77.91 67.42
C GLU C 744 83.02 78.19 68.87
N MET C 745 81.80 77.79 69.17
CA MET C 745 81.13 77.91 70.44
C MET C 745 81.32 76.73 71.28
N ASP C 746 81.65 75.64 70.63
CA ASP C 746 81.80 74.48 71.43
C ASP C 746 82.32 73.31 70.71
N PHE C 747 82.30 72.23 71.45
CA PHE C 747 82.72 70.96 70.97
C PHE C 747 81.60 69.98 71.16
N CME C 748 81.42 69.14 70.13
CA CME C 748 80.38 68.14 70.16
CB CME C 748 79.42 68.34 69.04
SG CME C 748 78.01 69.20 69.71
SD CME C 748 76.94 67.65 70.22
CE CME C 748 75.48 68.57 70.75
CZ CME C 748 74.48 68.77 69.58
OH CME C 748 74.60 70.11 69.12
C CME C 748 80.82 66.75 70.06
O CME C 748 81.43 66.33 69.08
N ILE C 749 80.47 65.98 71.04
CA ILE C 749 80.86 64.61 70.94
C ILE C 749 79.65 63.76 70.71
N GLU C 750 79.77 62.95 69.70
CA GLU C 750 78.68 62.10 69.38
C GLU C 750 79.07 60.67 69.36
N LEU C 751 78.10 59.87 69.68
CA LEU C 751 78.29 58.44 69.65
C LEU C 751 76.99 57.75 69.81
N GLY C 752 76.42 57.33 68.69
CA GLY C 752 75.12 56.69 68.70
C GLY C 752 74.11 57.79 68.98
N ASN C 753 73.15 57.45 69.81
CA ASN C 753 72.10 58.37 70.26
C ASN C 753 72.68 59.41 71.24
N LYS C 754 73.82 59.03 71.83
CA LYS C 754 74.49 59.86 72.77
C LYS C 754 75.26 61.05 72.19
N ARG C 755 75.20 62.14 72.94
CA ARG C 755 75.84 63.39 72.58
C ARG C 755 76.21 64.23 73.79
N TRP C 756 77.37 64.85 73.67
CA TRP C 756 77.86 65.68 74.72
C TRP C 756 78.35 66.98 74.23
N GLN C 757 78.00 68.02 74.94
CA GLN C 757 78.50 69.27 74.47
C GLN C 757 79.26 70.09 75.50
N PHE C 758 80.41 70.58 75.07
CA PHE C 758 81.19 71.41 75.95
C PHE C 758 81.22 72.80 75.44
N ASN C 759 80.81 73.71 76.25
CA ASN C 759 80.84 75.09 75.85
C ASN C 759 82.26 75.60 75.86
N ARG C 760 82.63 76.21 74.77
CA ARG C 760 83.96 76.70 74.63
C ARG C 760 84.27 77.96 75.36
N GLN C 761 83.27 78.68 75.79
CA GLN C 761 83.70 79.87 76.49
C GLN C 761 83.71 79.63 77.97
N SER C 762 82.84 78.73 78.41
CA SER C 762 82.71 78.44 79.82
C SER C 762 83.69 77.36 80.19
N GLY C 763 83.95 76.54 79.21
CA GLY C 763 84.84 75.46 79.51
C GLY C 763 84.12 74.36 80.27
N PHE C 764 82.79 74.33 80.28
CA PHE C 764 82.12 73.26 80.97
C PHE C 764 81.30 72.43 80.09
N LEU C 765 81.04 71.26 80.61
CA LEU C 765 80.15 70.36 79.95
C LEU C 765 78.79 71.00 80.11
N SER C 766 78.24 71.49 79.01
CA SER C 766 76.99 72.22 79.04
C SER C 766 75.71 71.45 78.85
N GLN C 767 75.77 70.38 78.09
CA GLN C 767 74.56 69.64 77.91
C GLN C 767 74.91 68.30 77.38
N MET C 768 74.00 67.41 77.55
CA MET C 768 74.17 66.13 77.02
C MET C 768 72.83 65.52 76.70
N TRP C 769 72.80 64.72 75.64
CA TRP C 769 71.57 64.11 75.24
C TRP C 769 71.70 62.67 75.09
N ILE C 770 70.57 62.09 75.35
CA ILE C 770 70.39 60.70 75.10
C ILE C 770 69.24 60.73 74.16
N GLY C 771 69.43 60.20 72.97
CA GLY C 771 68.36 60.36 72.04
C GLY C 771 68.24 61.87 71.81
N ASP C 772 67.03 62.35 71.88
CA ASP C 772 66.74 63.75 71.65
C ASP C 772 66.41 64.42 72.96
N LYS C 773 66.72 63.71 74.03
CA LYS C 773 66.45 64.23 75.34
C LYS C 773 67.67 64.84 75.99
N LYS C 774 67.48 66.10 76.37
CA LYS C 774 68.51 66.80 77.06
C LYS C 774 68.58 66.24 78.45
N GLN C 775 69.75 66.27 79.08
CA GLN C 775 69.78 65.66 80.38
C GLN C 775 70.01 66.57 81.53
N LEU C 776 70.51 67.75 81.22
CA LEU C 776 70.81 68.68 82.28
C LEU C 776 70.16 70.01 82.15
N LEU C 777 69.76 70.57 83.28
CA LEU C 777 69.23 71.92 83.28
C LEU C 777 70.36 72.89 83.61
N THR C 778 71.41 72.34 84.17
CA THR C 778 72.55 73.13 84.54
C THR C 778 73.81 72.39 84.19
N PRO C 779 74.78 73.15 83.74
CA PRO C 779 76.09 72.62 83.38
C PRO C 779 76.82 72.05 84.60
N LEU C 780 77.67 71.09 84.33
CA LEU C 780 78.43 70.45 85.35
C LEU C 780 79.58 71.33 85.79
N ARG C 781 79.66 71.65 87.07
CA ARG C 781 80.78 72.47 87.45
C ARG C 781 81.26 72.30 88.86
N ASP C 782 82.48 72.81 89.04
CA ASP C 782 83.12 72.70 90.31
C ASP C 782 82.35 73.44 91.33
N GLN C 783 82.47 72.91 92.52
CA GLN C 783 81.84 73.50 93.66
C GLN C 783 82.72 73.42 94.88
N PHE C 784 82.93 74.56 95.51
CA PHE C 784 83.77 74.59 96.70
C PHE C 784 83.08 74.99 98.00
N THR C 785 81.78 75.20 97.96
CA THR C 785 81.12 75.66 99.15
C THR C 785 79.92 74.82 99.54
N ARG C 786 79.36 75.18 100.68
CA ARG C 786 78.13 74.55 101.14
C ARG C 786 77.18 75.54 101.81
N ALA C 787 75.90 75.17 101.83
CA ALA C 787 74.88 75.93 102.52
C ALA C 787 75.20 75.65 103.98
N PRO C 788 75.68 76.70 104.64
CA PRO C 788 76.15 76.66 106.01
C PRO C 788 75.30 75.92 106.98
N LEU C 789 76.00 75.21 107.82
CA LEU C 789 75.34 74.48 108.86
C LEU C 789 75.25 75.37 110.04
N ASP C 790 74.40 74.94 110.93
CA ASP C 790 74.31 75.71 112.15
C ASP C 790 75.70 75.88 112.73
N ASN C 791 76.41 74.76 112.80
CA ASN C 791 77.76 74.77 113.29
C ASN C 791 78.66 75.72 112.50
N ASP C 792 78.45 75.87 111.18
CA ASP C 792 79.32 76.76 110.39
C ASP C 792 79.10 78.20 110.68
N ILE C 793 77.88 78.43 111.08
CA ILE C 793 77.45 79.78 111.36
C ILE C 793 77.89 80.20 112.72
N GLY C 794 77.76 79.26 113.61
CA GLY C 794 78.19 79.33 114.97
C GLY C 794 77.97 80.61 115.75
N VAL C 795 76.72 80.78 116.14
CA VAL C 795 76.37 81.87 117.02
C VAL C 795 75.44 81.28 118.08
N SER C 796 75.59 81.76 119.32
CA SER C 796 74.73 81.29 120.44
C SER C 796 73.72 82.37 120.86
N GLU C 797 74.07 83.60 120.49
CA GLU C 797 73.31 84.79 120.74
C GLU C 797 73.19 85.54 119.43
N ALA C 798 71.94 85.74 119.00
CA ALA C 798 71.61 86.45 117.77
C ALA C 798 72.45 87.72 117.50
N THR C 799 72.75 88.37 118.63
CA THR C 799 73.50 89.61 118.82
C THR C 799 74.98 89.57 118.42
N ARG C 800 75.65 88.51 118.91
CA ARG C 800 77.07 88.34 118.71
C ARG C 800 77.49 87.41 117.61
N ILE C 801 78.16 88.03 116.60
CA ILE C 801 78.73 87.35 115.42
C ILE C 801 80.24 87.08 115.58
N ASP C 802 80.66 85.89 115.13
CA ASP C 802 82.04 85.47 115.24
C ASP C 802 82.77 85.51 113.91
N PRO C 803 83.64 86.46 113.81
CA PRO C 803 84.44 86.63 112.63
C PRO C 803 85.23 85.36 112.32
N ASN C 804 85.32 84.51 113.34
CA ASN C 804 86.03 83.25 113.21
C ASN C 804 85.17 82.11 112.75
N ALA C 805 83.88 82.35 112.70
CA ALA C 805 83.03 81.32 112.23
C ALA C 805 83.42 81.04 110.79
N TRP C 806 83.33 79.76 110.48
CA TRP C 806 83.65 79.28 109.16
C TRP C 806 82.98 80.11 108.13
N VAL C 807 81.70 80.23 108.34
CA VAL C 807 80.93 80.97 107.38
C VAL C 807 81.45 82.38 107.17
N GLU C 808 81.81 82.96 108.29
CA GLU C 808 82.33 84.29 108.27
C GLU C 808 83.56 84.37 107.43
N ARG C 809 84.39 83.41 107.70
CA ARG C 809 85.63 83.37 106.96
C ARG C 809 85.45 83.09 105.49
N TRP C 810 84.56 82.17 105.19
CA TRP C 810 84.33 81.80 103.83
C TRP C 810 83.81 82.95 103.05
N LYS C 811 82.93 83.66 103.72
CA LYS C 811 82.31 84.79 103.08
C LYS C 811 83.34 85.83 102.74
N ALA C 812 84.03 86.18 103.77
CA ALA C 812 85.05 87.18 103.67
C ALA C 812 86.11 86.86 102.65
N ALA C 813 86.30 85.56 102.45
CA ALA C 813 87.31 85.13 101.52
C ALA C 813 86.82 85.20 100.09
N GLY C 814 85.49 85.28 99.93
CA GLY C 814 84.91 85.38 98.62
C GLY C 814 84.60 84.02 98.06
N HIS C 815 84.65 83.04 98.94
CA HIS C 815 84.38 81.70 98.48
C HIS C 815 83.03 81.62 97.84
N TYR C 816 82.13 82.33 98.45
CA TYR C 816 80.79 82.29 97.98
C TYR C 816 80.57 83.05 96.72
N GLN C 817 81.52 83.91 96.38
CA GLN C 817 81.31 84.66 95.17
C GLN C 817 82.48 84.74 94.20
N ALA C 818 83.28 83.71 94.22
CA ALA C 818 84.40 83.75 93.33
C ALA C 818 83.93 83.40 91.96
N GLU C 819 84.68 83.97 91.05
CA GLU C 819 84.48 83.89 89.64
C GLU C 819 85.45 82.95 88.97
N ALA C 820 84.85 82.03 88.24
CA ALA C 820 85.69 81.11 87.50
C ALA C 820 86.26 81.76 86.24
N ALA C 821 87.45 81.35 85.87
CA ALA C 821 88.11 81.87 84.69
C ALA C 821 88.74 80.74 83.87
N LEU C 822 88.36 80.66 82.61
CA LEU C 822 88.92 79.62 81.80
C LEU C 822 90.35 79.91 81.46
N LEU C 823 91.19 79.00 81.81
CA LEU C 823 92.57 79.15 81.51
C LEU C 823 92.84 78.39 80.26
N GLN C 824 92.08 77.32 80.08
CA GLN C 824 92.29 76.51 78.93
C GLN C 824 91.28 75.41 78.73
N CYS C 825 91.05 75.10 77.45
CA CYS C 825 90.07 74.10 77.06
C CYS C 825 90.47 73.52 75.75
N THR C 826 90.74 72.23 75.71
CA THR C 826 91.15 71.63 74.48
C THR C 826 90.57 70.27 74.22
N ALA C 827 90.52 69.99 72.93
CA ALA C 827 89.97 68.74 72.50
C ALA C 827 90.91 68.02 71.59
N ASP C 828 90.89 66.69 71.69
CA ASP C 828 91.82 65.89 70.93
C ASP C 828 91.26 64.51 70.68
N THR C 829 91.64 63.98 69.53
CA THR C 829 91.19 62.67 69.18
C THR C 829 92.27 61.66 69.23
N LEU C 830 91.96 60.69 70.04
CA LEU C 830 92.84 59.61 70.24
C LEU C 830 92.32 58.46 69.46
N ALA C 831 93.12 57.43 69.48
CA ALA C 831 92.74 56.26 68.77
C ALA C 831 91.47 55.64 69.24
N ASP C 832 91.25 55.70 70.55
CA ASP C 832 90.11 54.99 71.09
C ASP C 832 89.14 55.86 71.78
N ALA C 833 89.43 57.15 71.75
CA ALA C 833 88.57 58.05 72.42
C ALA C 833 88.83 59.48 72.09
N VAL C 834 87.95 60.28 72.67
CA VAL C 834 88.07 61.70 72.60
C VAL C 834 88.48 62.23 73.95
N LEU C 835 89.36 63.22 73.89
CA LEU C 835 89.91 63.79 75.07
C LEU C 835 89.77 65.28 75.22
N ILE C 836 89.15 65.65 76.33
CA ILE C 836 88.95 67.04 76.64
C ILE C 836 89.73 67.48 77.83
N THR C 837 90.30 68.65 77.65
CA THR C 837 91.10 69.19 78.69
C THR C 837 90.81 70.61 79.07
N THR C 838 90.56 70.82 80.36
CA THR C 838 90.28 72.16 80.84
C THR C 838 91.07 72.57 82.06
N ALA C 839 91.07 73.88 82.27
CA ALA C 839 91.71 74.44 83.41
C ALA C 839 91.05 75.73 83.72
N HIS C 840 90.61 75.85 84.95
CA HIS C 840 89.99 77.07 85.39
C HIS C 840 90.60 77.57 86.66
N ALA C 841 90.41 78.85 86.86
CA ALA C 841 90.86 79.49 88.06
C ALA C 841 89.73 80.23 88.73
N TRP C 842 89.64 80.14 90.05
CA TRP C 842 88.63 80.93 90.71
C TRP C 842 89.32 82.02 91.43
N GLN C 843 88.87 83.22 91.15
CA GLN C 843 89.48 84.34 91.79
C GLN C 843 88.51 85.23 92.46
N HIS C 844 89.11 86.09 93.24
CA HIS C 844 88.36 87.05 93.97
C HIS C 844 89.21 88.22 94.32
N GLN C 845 88.89 89.34 93.71
CA GLN C 845 89.67 90.50 93.97
C GLN C 845 91.14 90.29 93.70
N GLY C 846 91.42 89.62 92.59
CA GLY C 846 92.78 89.41 92.20
C GLY C 846 93.45 88.23 92.85
N LYS C 847 92.78 87.62 93.81
CA LYS C 847 93.41 86.48 94.38
C LYS C 847 92.87 85.24 93.76
N THR C 848 93.78 84.32 93.49
CA THR C 848 93.35 83.06 92.95
C THR C 848 93.21 82.11 94.12
N LEU C 849 91.98 81.63 94.33
CA LEU C 849 91.69 80.74 95.43
C LEU C 849 91.89 79.33 95.04
N PHE C 850 91.41 79.01 93.85
CA PHE C 850 91.55 77.65 93.43
C PHE C 850 91.78 77.53 91.98
N ILE C 851 92.39 76.40 91.71
CA ILE C 851 92.63 75.99 90.39
C ILE C 851 92.14 74.58 90.19
N SER C 852 91.37 74.47 89.14
CA SER C 852 90.82 73.20 88.78
C SER C 852 91.25 72.76 87.39
N ARG C 853 91.83 71.58 87.34
CA ARG C 853 92.28 71.02 86.10
C ARG C 853 91.63 69.68 85.82
N LYS C 854 91.01 69.59 84.66
CA LYS C 854 90.34 68.34 84.35
C LYS C 854 90.64 67.74 83.01
N THR C 855 90.18 66.50 82.93
CA THR C 855 90.21 65.72 81.71
C THR C 855 88.98 64.90 81.65
N TYR C 856 88.48 64.91 80.44
CA TYR C 856 87.32 64.15 80.18
C TYR C 856 87.65 63.26 79.05
N ARG C 857 87.35 62.01 79.26
CA ARG C 857 87.64 61.08 78.24
C ARG C 857 86.50 60.16 77.94
N ILE C 858 86.07 60.26 76.69
CA ILE C 858 84.98 59.49 76.13
C ILE C 858 85.39 58.48 75.13
N ASP C 859 85.00 57.28 75.44
CA ASP C 859 85.37 56.18 74.63
C ASP C 859 84.21 55.58 73.89
N GLY C 860 84.61 54.56 73.14
CA GLY C 860 83.72 53.83 72.30
C GLY C 860 82.64 53.14 73.06
N SER C 861 82.83 52.98 74.34
CA SER C 861 81.79 52.33 75.10
C SER C 861 80.78 53.33 75.59
N GLY C 862 81.04 54.62 75.34
CA GLY C 862 80.12 55.68 75.76
C GLY C 862 80.25 56.05 77.23
N GLN C 863 81.44 55.86 77.74
CA GLN C 863 81.66 56.20 79.11
C GLN C 863 82.50 57.41 79.18
N MET C 864 82.15 58.21 80.15
CA MET C 864 82.87 59.41 80.34
C MET C 864 83.61 59.41 81.65
N ALA C 865 84.90 59.51 81.47
CA ALA C 865 85.76 59.50 82.61
C ALA C 865 86.32 60.87 82.89
N ILE C 866 86.15 61.22 84.14
CA ILE C 866 86.59 62.48 84.59
C ILE C 866 87.65 62.46 85.60
N THR C 867 88.53 63.38 85.38
CA THR C 867 89.60 63.48 86.28
C THR C 867 89.76 64.89 86.75
N VAL C 868 89.79 65.01 88.06
CA VAL C 868 89.93 66.31 88.66
C VAL C 868 91.09 66.45 89.58
N ASP C 869 91.76 67.57 89.38
CA ASP C 869 92.88 67.92 90.21
C ASP C 869 92.80 69.36 90.57
N VAL C 870 92.71 69.57 91.88
CA VAL C 870 92.58 70.87 92.44
C VAL C 870 93.70 71.34 93.33
N GLU C 871 93.98 72.62 93.18
CA GLU C 871 94.97 73.29 93.96
C GLU C 871 94.23 74.35 94.74
N VAL C 872 94.54 74.44 96.04
CA VAL C 872 93.97 75.43 96.93
C VAL C 872 95.01 76.31 97.60
N ALA C 873 94.81 77.61 97.51
CA ALA C 873 95.75 78.53 98.12
C ALA C 873 95.86 78.27 99.58
N SER C 874 97.07 78.10 99.96
CA SER C 874 97.39 77.80 101.34
C SER C 874 96.83 78.85 102.27
N ASP C 875 96.74 80.06 101.77
CA ASP C 875 96.26 81.12 102.61
C ASP C 875 94.80 81.42 102.53
N THR C 876 94.06 80.54 101.91
CA THR C 876 92.66 80.76 101.94
C THR C 876 92.10 79.80 102.97
N PRO C 877 90.95 80.09 103.51
CA PRO C 877 90.35 79.21 104.47
C PRO C 877 89.97 77.93 103.80
N HIS C 878 90.13 76.84 104.52
CA HIS C 878 89.80 75.58 103.95
C HIS C 878 88.35 75.58 103.63
N PRO C 879 88.13 75.17 102.44
CA PRO C 879 86.83 75.09 101.83
C PRO C 879 86.05 73.94 102.40
N ALA C 880 84.77 74.13 102.31
CA ALA C 880 83.78 73.21 102.81
C ALA C 880 83.79 71.91 102.06
N ARG C 881 84.09 72.03 100.78
CA ARG C 881 84.08 70.82 100.01
C ARG C 881 84.77 71.01 98.70
N ILE C 882 84.95 69.88 98.03
CA ILE C 882 85.60 69.84 96.73
C ILE C 882 84.93 68.81 95.87
N GLY C 883 84.14 69.35 94.95
CA GLY C 883 83.40 68.50 94.07
C GLY C 883 82.77 69.25 92.93
N LEU C 884 81.77 68.61 92.41
CA LEU C 884 81.07 69.17 91.30
C LEU C 884 79.61 69.12 91.50
N ASN C 885 78.96 69.85 90.63
CA ASN C 885 77.54 69.81 90.69
C ASN C 885 76.85 70.21 89.42
N CYS C 886 75.59 69.84 89.41
CA CYS C 886 74.78 70.16 88.28
C CYS C 886 73.32 69.85 88.56
N GLN C 887 72.48 70.43 87.73
CA GLN C 887 71.08 70.19 87.86
C GLN C 887 70.62 69.27 86.77
N LEU C 888 70.17 68.11 87.15
CA LEU C 888 69.67 67.22 86.12
C LEU C 888 68.24 67.51 85.81
N ALA C 889 67.97 67.31 84.54
CA ALA C 889 66.65 67.49 84.01
C ALA C 889 65.64 66.48 84.54
N GLN C 890 66.10 65.29 84.68
CA GLN C 890 65.29 64.20 85.13
C GLN C 890 65.00 64.21 86.62
N VAL C 891 63.94 63.49 86.94
CA VAL C 891 63.48 63.30 88.29
C VAL C 891 62.98 61.88 88.47
N ALA C 892 63.58 61.12 89.38
CA ALA C 892 63.17 59.75 89.60
C ALA C 892 62.69 59.44 91.00
N GLU C 893 62.24 58.22 91.18
CA GLU C 893 61.67 57.79 92.45
C GLU C 893 62.66 57.31 93.48
N ARG C 894 63.54 56.47 93.00
CA ARG C 894 64.51 55.87 93.84
C ARG C 894 65.91 56.33 93.59
N VAL C 895 66.73 55.94 94.56
CA VAL C 895 68.12 56.22 94.59
C VAL C 895 68.81 54.99 95.08
N ASN C 896 69.79 54.62 94.32
CA ASN C 896 70.44 53.41 94.68
C ASN C 896 71.92 53.58 94.64
N TRP C 897 72.53 53.11 95.72
CA TRP C 897 73.94 53.26 95.75
C TRP C 897 74.62 52.21 96.55
N LEU C 898 75.88 52.16 96.28
CA LEU C 898 76.78 51.28 96.93
C LEU C 898 77.81 52.14 97.66
N GLY C 899 77.57 52.20 98.95
CA GLY C 899 78.38 53.00 99.82
C GLY C 899 77.81 52.94 101.23
N LEU C 900 78.12 53.98 101.97
CA LEU C 900 77.70 54.06 103.34
C LEU C 900 76.30 54.50 103.49
N GLY C 901 75.57 53.76 104.29
CA GLY C 901 74.22 54.13 104.49
C GLY C 901 73.63 53.36 105.63
N PRO C 902 72.36 53.52 105.73
CA PRO C 902 71.59 54.26 104.76
C PRO C 902 71.33 55.70 105.14
N GLN C 903 71.57 56.07 106.37
CA GLN C 903 71.30 57.47 106.66
C GLN C 903 72.37 58.46 106.27
N GLU C 904 71.94 59.69 106.34
CA GLU C 904 72.83 60.82 106.11
C GLU C 904 74.09 60.62 106.96
N ASN C 905 75.24 60.83 106.34
CA ASN C 905 76.50 60.66 107.05
C ASN C 905 77.58 61.58 106.56
N TYR C 906 78.35 62.04 107.51
CA TYR C 906 79.42 62.93 107.19
C TYR C 906 80.74 62.36 107.68
N PRO C 907 81.77 62.91 107.16
CA PRO C 907 83.11 62.47 107.43
C PRO C 907 83.41 62.29 108.89
N ASP C 908 82.99 63.26 109.71
CA ASP C 908 83.22 63.14 111.13
C ASP C 908 81.99 62.60 111.86
N ARG C 909 81.07 62.05 111.07
CA ARG C 909 79.90 61.43 111.65
C ARG C 909 79.43 60.31 110.76
N LEU C 910 80.17 59.22 110.77
CA LEU C 910 79.80 58.11 109.89
C LEU C 910 80.10 56.73 110.45
N THR C 911 80.40 56.68 111.72
CA THR C 911 80.69 55.40 112.29
C THR C 911 79.49 54.51 112.35
N ALA C 912 78.32 55.09 112.47
CA ALA C 912 77.17 54.23 112.58
C ALA C 912 76.74 53.67 111.24
N ALA C 913 77.25 54.30 110.19
CA ALA C 913 76.87 53.88 108.84
C ALA C 913 77.50 52.60 108.36
N CME C 914 76.77 51.95 107.46
CA CME C 914 77.24 50.74 106.85
CB CME C 914 76.54 49.50 107.29
SG CME C 914 76.89 49.22 109.04
SD CME C 914 75.22 48.30 109.47
CE CME C 914 74.06 49.66 109.21
CZ CME C 914 72.65 49.17 109.54
OH CME C 914 72.68 47.76 109.80
C CME C 914 77.42 50.77 105.37
O CME C 914 76.71 51.39 104.58
N PHE C 915 78.45 50.07 105.03
CA PHE C 915 78.78 49.99 103.66
C PHE C 915 78.00 48.88 103.04
N ASP C 916 77.12 49.26 102.16
CA ASP C 916 76.34 48.25 101.50
C ASP C 916 75.67 48.83 100.29
N ARG C 917 74.69 48.09 99.83
CA ARG C 917 73.90 48.56 98.74
C ARG C 917 72.59 49.07 99.24
N TRP C 918 72.34 50.34 98.99
CA TRP C 918 71.13 50.94 99.47
C TRP C 918 70.26 51.43 98.36
N ASP C 919 68.97 51.40 98.66
CA ASP C 919 67.94 51.86 97.74
C ASP C 919 66.84 52.53 98.50
N LEU C 920 66.65 53.80 98.21
CA LEU C 920 65.62 54.57 98.83
C LEU C 920 64.98 55.48 97.85
N PRO C 921 63.94 56.04 98.34
CA PRO C 921 63.20 57.02 97.65
C PRO C 921 63.91 58.31 97.86
N LEU C 922 63.88 59.01 96.78
CA LEU C 922 64.47 60.29 96.70
C LEU C 922 64.18 61.14 97.92
N SER C 923 62.96 61.04 98.38
CA SER C 923 62.58 61.84 99.53
C SER C 923 63.50 61.63 100.72
N ASP C 924 63.86 60.38 100.90
CA ASP C 924 64.70 60.02 101.99
C ASP C 924 66.12 60.55 101.87
N MET C 925 66.45 61.05 100.71
CA MET C 925 67.76 61.56 100.55
C MET C 925 67.85 62.99 101.01
N TYR C 926 66.79 63.44 101.68
CA TYR C 926 66.81 64.80 102.16
C TYR C 926 66.44 64.90 103.62
N THR C 927 67.21 65.73 104.33
CA THR C 927 67.03 65.95 105.74
C THR C 927 66.48 67.33 106.00
N PRO C 928 65.24 67.28 106.40
CA PRO C 928 64.37 68.42 106.71
C PRO C 928 64.70 69.13 108.01
N TYR C 929 65.94 69.53 108.13
CA TYR C 929 66.31 70.27 109.30
C TYR C 929 65.42 71.52 109.29
N VAL C 930 64.78 71.83 110.41
CA VAL C 930 63.92 73.01 110.44
C VAL C 930 64.59 74.24 109.87
N PHE C 931 65.79 74.46 110.32
CA PHE C 931 66.53 75.54 109.77
C PHE C 931 67.36 74.86 108.69
N PRO C 932 67.13 75.21 107.46
CA PRO C 932 67.77 74.51 106.37
C PRO C 932 69.21 74.89 106.10
N SER C 933 69.95 73.85 105.64
CA SER C 933 71.36 73.88 105.24
C SER C 933 71.80 72.61 104.49
N GLU C 934 73.10 72.55 104.12
CA GLU C 934 73.67 71.37 103.48
C GLU C 934 73.25 70.13 104.27
N ASN C 935 72.73 69.09 103.62
CA ASN C 935 72.30 67.88 104.35
C ASN C 935 72.21 66.70 103.39
N GLY C 936 71.85 65.55 103.93
CA GLY C 936 71.66 64.34 103.15
C GLY C 936 72.89 63.65 102.61
N LEU C 937 74.06 64.21 102.83
CA LEU C 937 75.22 63.53 102.32
C LEU C 937 75.40 62.07 102.72
N ARG C 938 75.99 61.35 101.79
CA ARG C 938 76.43 59.98 102.03
C ARG C 938 77.84 59.84 101.48
N CYS C 939 78.68 59.26 102.31
CA CYS C 939 80.07 59.10 101.99
C CYS C 939 80.43 57.69 101.58
N GLY C 940 81.68 57.59 101.13
CA GLY C 940 82.31 56.36 100.74
C GLY C 940 81.51 55.57 99.74
N THR C 941 81.13 56.31 98.73
CA THR C 941 80.34 55.76 97.70
C THR C 941 81.16 55.48 96.50
N ARG C 942 80.87 54.29 96.00
CA ARG C 942 81.56 53.80 94.86
C ARG C 942 80.76 53.72 93.59
N GLU C 943 79.45 53.62 93.79
CA GLU C 943 78.53 53.53 92.69
C GLU C 943 77.21 54.13 93.08
N LEU C 944 76.74 54.99 92.19
CA LEU C 944 75.50 55.70 92.37
C LEU C 944 74.67 55.64 91.12
N ASN C 945 73.39 55.35 91.34
CA ASN C 945 72.40 55.18 90.28
C ASN C 945 71.16 56.01 90.40
N TYR C 946 70.89 56.76 89.36
CA TYR C 946 69.69 57.58 89.34
C TYR C 946 69.24 57.75 87.92
N GLY C 947 68.07 57.22 87.67
CA GLY C 947 67.55 57.22 86.34
C GLY C 947 68.37 56.25 85.51
N PRO C 948 68.67 56.72 84.33
CA PRO C 948 69.46 56.05 83.33
C PRO C 948 70.94 56.23 83.66
N HIS C 949 71.22 57.08 84.66
CA HIS C 949 72.56 57.36 85.04
C HIS C 949 73.18 56.50 86.07
N GLN C 950 74.49 56.49 85.89
CA GLN C 950 75.34 55.80 86.78
C GLN C 950 76.68 56.46 86.91
N TRP C 951 77.09 56.55 88.15
CA TRP C 951 78.37 57.12 88.46
C TRP C 951 79.19 56.18 89.28
N ARG C 952 80.46 56.17 88.94
CA ARG C 952 81.35 55.32 89.67
C ARG C 952 82.63 56.02 89.97
N GLY C 953 83.10 55.64 91.16
CA GLY C 953 84.34 56.14 91.70
C GLY C 953 84.41 55.98 93.20
N ASP C 954 84.88 57.04 93.81
CA ASP C 954 84.97 57.00 95.25
C ASP C 954 84.61 58.36 95.77
N PHE C 955 83.34 58.55 96.06
CA PHE C 955 82.98 59.87 96.46
C PHE C 955 81.90 59.86 97.48
N GLN C 956 81.46 61.10 97.72
CA GLN C 956 80.37 61.39 98.59
C GLN C 956 79.45 62.23 97.76
N PHE C 957 78.18 62.12 98.11
CA PHE C 957 77.23 62.88 97.37
C PHE C 957 75.97 63.14 98.15
N ASN C 958 75.19 63.99 97.53
CA ASN C 958 73.87 64.30 97.99
C ASN C 958 73.02 64.58 96.78
N ILE C 959 71.73 64.40 96.98
CA ILE C 959 70.83 64.61 95.88
C ILE C 959 69.42 64.92 96.34
N SER C 960 68.88 65.98 95.78
CA SER C 960 67.56 66.46 96.15
C SER C 960 67.05 67.47 95.14
N ARG C 961 65.96 68.16 95.52
CA ARG C 961 65.37 69.17 94.65
C ARG C 961 65.69 70.56 95.06
N TYR C 962 66.70 70.70 95.89
CA TYR C 962 66.97 72.05 96.29
C TYR C 962 68.38 72.43 96.03
N SER C 963 68.56 73.58 95.48
CA SER C 963 69.89 74.02 95.26
C SER C 963 70.47 74.42 96.60
N GLN C 964 71.80 74.41 96.64
CA GLN C 964 72.49 74.85 97.83
C GLN C 964 72.10 76.30 98.07
N GLN C 965 71.95 77.01 96.98
CA GLN C 965 71.59 78.39 97.11
C GLN C 965 70.24 78.58 97.74
N GLN C 966 69.28 77.77 97.30
CA GLN C 966 67.97 77.88 97.87
C GLN C 966 68.06 77.66 99.37
N LEU C 967 68.72 76.58 99.71
CA LEU C 967 68.87 76.22 101.13
C LEU C 967 69.48 77.30 101.96
N MET C 968 70.48 77.82 101.35
CA MET C 968 71.21 78.82 102.02
C MET C 968 70.40 80.06 102.19
N GLU C 969 69.46 80.28 101.28
CA GLU C 969 68.69 81.49 101.37
C GLU C 969 67.36 81.40 102.09
N THR C 970 66.89 80.22 102.37
CA THR C 970 65.63 79.99 103.07
C THR C 970 65.82 79.71 104.55
N SER C 971 65.08 80.42 105.37
CA SER C 971 65.20 80.25 106.82
C SER C 971 64.34 79.16 107.42
N HIS C 972 63.33 78.68 106.71
CA HIS C 972 62.55 77.64 107.33
C HIS C 972 62.25 76.60 106.35
N ARG C 973 62.23 75.38 106.85
CA ARG C 973 61.94 74.26 105.99
C ARG C 973 60.67 74.41 105.17
N HIS C 974 59.64 74.96 105.82
CA HIS C 974 58.35 75.08 105.19
C HIS C 974 58.35 75.97 103.96
N LEU C 975 59.33 76.86 103.88
CA LEU C 975 59.45 77.72 102.70
C LEU C 975 60.22 77.15 101.50
N LEU C 976 60.73 75.95 101.59
CA LEU C 976 61.42 75.54 100.40
C LEU C 976 60.44 74.92 99.48
N HIS C 977 60.79 74.98 98.23
CA HIS C 977 59.99 74.38 97.22
C HIS C 977 60.89 73.67 96.25
N ALA C 978 60.41 72.53 95.78
CA ALA C 978 61.23 71.80 94.86
C ALA C 978 61.62 72.60 93.64
N GLU C 979 62.83 72.38 93.19
CA GLU C 979 63.28 73.07 92.02
C GLU C 979 62.97 72.19 90.83
N GLU C 980 63.24 72.73 89.66
CA GLU C 980 62.94 72.05 88.45
C GLU C 980 63.33 70.60 88.24
N GLY C 981 64.57 70.21 88.44
CA GLY C 981 64.86 68.80 88.20
C GLY C 981 65.41 68.19 89.45
N THR C 982 66.59 67.64 89.32
CA THR C 982 67.27 67.07 90.45
C THR C 982 68.65 67.67 90.58
N TRP C 983 68.94 68.14 91.79
CA TRP C 983 70.24 68.69 92.08
C TRP C 983 71.16 67.63 92.63
N LEU C 984 72.33 67.62 92.01
CA LEU C 984 73.30 66.65 92.38
C LEU C 984 74.64 67.22 92.72
N ASN C 985 75.05 66.82 93.92
CA ASN C 985 76.34 67.22 94.41
C ASN C 985 77.21 66.02 94.63
N ILE C 986 78.33 66.05 93.89
CA ILE C 986 79.35 65.02 93.96
C ILE C 986 80.65 65.57 94.42
N ASP C 987 81.00 65.07 95.59
CA ASP C 987 82.16 65.49 96.27
C ASP C 987 83.26 64.49 96.29
N GLY C 988 84.40 65.04 95.93
CA GLY C 988 85.60 64.27 96.01
C GLY C 988 86.01 64.31 97.49
N PHE C 989 85.73 65.44 98.10
CA PHE C 989 86.04 65.67 99.48
C PHE C 989 85.08 66.63 100.10
N HIS C 990 84.90 66.43 101.38
CA HIS C 990 83.99 67.25 102.12
C HIS C 990 84.43 67.45 103.56
N MET C 991 84.35 68.68 104.01
CA MET C 991 84.72 69.05 105.35
C MET C 991 83.84 68.40 106.41
N GLY C 992 84.39 68.19 107.59
CA GLY C 992 83.62 67.61 108.69
C GLY C 992 82.56 68.62 109.13
N ILE C 993 81.67 68.21 110.03
CA ILE C 993 80.59 69.09 110.46
C ILE C 993 80.75 69.64 111.85
N GLY C 994 81.55 68.99 112.70
CA GLY C 994 81.76 69.48 114.04
C GLY C 994 80.56 69.29 114.95
N GLY C 995 80.58 70.07 116.03
CA GLY C 995 79.51 70.03 117.00
C GLY C 995 79.94 70.01 118.44
N ASP C 996 81.24 70.10 118.71
CA ASP C 996 81.72 70.07 120.09
C ASP C 996 81.00 71.13 120.87
N ASP C 997 80.63 72.15 120.11
CA ASP C 997 79.82 73.28 120.50
C ASP C 997 79.42 73.94 119.24
N SER C 998 78.40 74.76 119.34
CA SER C 998 77.93 75.38 118.12
C SER C 998 78.16 76.86 118.12
N TRP C 999 79.15 77.35 118.81
CA TRP C 999 79.34 78.78 118.77
C TRP C 999 80.78 79.13 118.66
N SER C 1000 81.46 78.19 118.07
CA SER C 1000 82.86 78.22 117.77
C SER C 1000 83.13 77.11 116.82
N PRO C 1001 84.29 77.29 116.22
CA PRO C 1001 84.85 76.36 115.24
C PRO C 1001 85.17 75.09 116.02
N SER C 1002 84.47 74.05 115.63
CA SER C 1002 84.49 72.80 116.34
C SER C 1002 84.80 71.60 115.48
N VAL C 1003 85.30 71.91 114.28
CA VAL C 1003 85.69 70.86 113.35
C VAL C 1003 87.16 70.50 113.55
N SER C 1004 87.42 69.26 113.92
CA SER C 1004 88.80 68.91 114.09
C SER C 1004 89.65 68.91 112.85
N ALA C 1005 90.88 69.22 113.12
CA ALA C 1005 91.82 69.36 112.06
C ALA C 1005 91.86 68.25 111.05
N GLU C 1006 91.68 67.03 111.55
CA GLU C 1006 91.69 65.87 110.67
C GLU C 1006 90.54 65.94 109.75
N PHE C 1007 89.62 66.83 110.04
CA PHE C 1007 88.48 66.93 109.18
C PHE C 1007 88.41 68.12 108.29
N GLN C 1008 89.44 68.96 108.33
CA GLN C 1008 89.52 70.11 107.45
C GLN C 1008 90.24 69.77 106.14
N LEU C 1009 89.88 70.49 105.06
CA LEU C 1009 90.45 70.26 103.73
C LEU C 1009 91.65 71.15 103.62
N SER C 1010 92.68 70.69 104.23
CA SER C 1010 93.89 71.47 104.31
C SER C 1010 95.07 71.02 103.47
N ALA C 1011 94.90 69.94 102.74
CA ALA C 1011 95.95 69.35 101.94
C ALA C 1011 96.60 70.23 100.88
N GLY C 1012 95.85 71.16 100.35
CA GLY C 1012 96.40 72.01 99.32
C GLY C 1012 96.21 71.41 97.94
N ARG C 1013 96.24 70.10 97.87
CA ARG C 1013 96.06 69.48 96.60
C ARG C 1013 95.16 68.30 96.71
N TYR C 1014 94.22 68.29 95.79
CA TYR C 1014 93.25 67.24 95.76
C TYR C 1014 93.04 66.68 94.39
N HIS C 1015 92.82 65.39 94.40
CA HIS C 1015 92.63 64.70 93.18
C HIS C 1015 91.48 63.73 93.25
N TYR C 1016 90.67 63.68 92.21
CA TYR C 1016 89.62 62.70 92.20
C TYR C 1016 89.14 62.35 90.82
N GLN C 1017 88.50 61.19 90.76
CA GLN C 1017 88.01 60.69 89.48
C GLN C 1017 86.69 60.00 89.51
N LEU C 1018 86.11 60.07 88.35
CA LEU C 1018 84.80 59.60 88.15
C LEU C 1018 84.45 59.08 86.80
N VAL C 1019 83.47 58.20 86.85
CA VAL C 1019 82.93 57.67 85.65
C VAL C 1019 81.46 57.76 85.56
N TRP C 1020 81.07 58.31 84.46
CA TRP C 1020 79.69 58.52 84.20
C TRP C 1020 79.17 57.83 82.95
N CME C 1021 78.08 57.09 83.13
CA CME C 1021 77.40 56.39 82.08
CB CME C 1021 77.94 55.03 81.78
SG CME C 1021 79.18 54.68 82.99
SD CME C 1021 78.39 53.11 83.76
CE CME C 1021 76.73 53.43 83.10
CZ CME C 1021 76.34 52.49 81.95
OH CME C 1021 75.75 51.31 82.50
C CME C 1021 75.94 56.26 82.30
O CME C 1021 75.38 56.63 83.32
N GLN C 1022 75.38 55.71 81.23
CA GLN C 1022 73.98 55.48 81.09
C GLN C 1022 73.69 54.10 80.62
N LYS C 1023 72.45 53.78 80.91
CA LYS C 1023 71.82 52.54 80.54
C LYS C 1023 70.58 52.95 79.77
N ILE D 3 152.24 31.92 153.51
CA ILE D 3 151.54 30.61 153.29
C ILE D 3 149.99 30.65 153.23
N THR D 4 149.48 31.46 154.10
CA THR D 4 148.07 31.62 154.14
C THR D 4 147.83 32.71 153.15
N ASP D 5 148.91 33.27 152.63
CA ASP D 5 148.87 34.28 151.58
C ASP D 5 148.89 33.54 150.24
N SER D 6 149.01 32.25 150.37
CA SER D 6 149.06 31.42 149.21
C SER D 6 147.75 31.34 148.46
N LEU D 7 147.90 31.42 147.16
CA LEU D 7 146.78 31.26 146.29
C LEU D 7 145.99 30.05 146.70
N ALA D 8 146.70 28.99 146.80
CA ALA D 8 146.08 27.73 147.09
C ALA D 8 145.07 27.84 148.18
N VAL D 9 145.48 28.63 149.14
CA VAL D 9 144.74 28.90 150.32
C VAL D 9 143.63 29.92 150.06
N VAL D 10 144.03 31.09 149.60
CA VAL D 10 143.11 32.15 149.29
C VAL D 10 141.95 31.68 148.39
N LEU D 11 142.27 31.16 147.25
CA LEU D 11 141.23 30.72 146.32
C LEU D 11 140.46 29.54 146.81
N GLN D 12 140.82 29.14 147.97
CA GLN D 12 140.14 27.98 148.43
C GLN D 12 138.69 28.31 148.71
N ARG D 13 138.57 29.45 149.34
CA ARG D 13 137.31 29.99 149.74
C ARG D 13 136.33 30.24 148.57
N ARG D 14 136.84 30.71 147.43
CA ARG D 14 135.94 30.92 146.32
C ARG D 14 134.86 31.95 146.66
N ASP D 15 135.39 33.08 147.11
CA ASP D 15 134.63 34.23 147.52
C ASP D 15 133.75 34.79 146.43
N TRP D 16 134.24 34.60 145.24
CA TRP D 16 133.57 35.01 144.03
C TRP D 16 132.42 34.08 143.68
N GLU D 17 132.11 33.14 144.55
CA GLU D 17 130.94 32.34 144.30
C GLU D 17 130.08 32.37 145.54
N ASN D 18 130.15 33.52 146.20
CA ASN D 18 129.40 33.69 147.41
C ASN D 18 128.93 35.11 147.66
N PRO D 19 127.65 35.29 147.38
CA PRO D 19 126.88 36.50 147.58
C PRO D 19 127.05 36.99 148.99
N GLY D 20 127.39 36.06 149.88
CA GLY D 20 127.62 36.42 151.26
C GLY D 20 128.95 37.17 151.38
N VAL D 21 129.85 36.99 150.42
CA VAL D 21 131.06 37.73 150.57
C VAL D 21 131.22 38.70 149.46
N THR D 22 131.16 39.94 149.82
CA THR D 22 131.26 40.90 148.76
C THR D 22 132.49 41.76 148.86
N GLN D 23 133.16 41.63 149.98
CA GLN D 23 134.38 42.33 150.21
C GLN D 23 135.10 41.71 151.39
N LEU D 24 136.38 42.07 151.56
CA LEU D 24 137.22 41.65 152.69
C LEU D 24 138.20 42.73 152.99
N ASN D 25 138.12 43.23 154.18
CA ASN D 25 139.06 44.29 154.55
C ASN D 25 139.01 45.55 153.74
N ARG D 26 137.88 45.77 153.11
CA ARG D 26 137.72 46.97 152.33
C ARG D 26 137.30 48.09 153.25
N LEU D 27 137.87 49.25 153.09
CA LEU D 27 137.47 50.36 153.93
C LEU D 27 136.06 50.87 153.61
N ALA D 28 135.67 51.81 154.43
CA ALA D 28 134.38 52.40 154.26
C ALA D 28 134.37 53.46 153.21
N ALA D 29 133.16 53.63 152.66
CA ALA D 29 132.86 54.60 151.61
C ALA D 29 132.77 56.05 152.03
N HIS D 30 132.95 56.97 151.10
CA HIS D 30 132.88 58.36 151.51
C HIS D 30 133.12 59.18 150.28
N PRO D 31 132.81 60.42 150.45
CA PRO D 31 133.02 61.31 149.38
C PRO D 31 134.53 61.43 149.26
N PRO D 32 134.87 61.89 148.15
CA PRO D 32 136.20 62.10 147.70
C PRO D 32 137.07 62.95 148.58
N PHE D 33 138.24 62.34 148.86
CA PHE D 33 139.25 62.99 149.67
C PHE D 33 140.54 63.24 148.89
N ALA D 34 141.27 64.28 149.31
CA ALA D 34 142.58 64.67 148.77
C ALA D 34 143.62 64.77 149.90
N SER D 35 143.15 65.05 151.09
CA SER D 35 144.05 65.19 152.18
C SER D 35 144.97 66.38 152.02
N TRP D 36 144.46 67.46 151.50
CA TRP D 36 145.32 68.60 151.42
C TRP D 36 145.88 68.88 152.78
N ARG D 37 147.00 69.59 152.73
CA ARG D 37 147.66 70.01 153.92
C ARG D 37 147.80 71.51 153.94
N ASN D 38 147.17 72.12 152.96
CA ASN D 38 147.12 73.56 152.89
C ASN D 38 145.77 74.00 152.42
N SER D 39 145.17 74.81 153.27
CA SER D 39 143.87 75.35 152.99
C SER D 39 143.71 75.92 151.57
N GLU D 40 144.55 76.88 151.24
CA GLU D 40 144.47 77.48 149.95
C GLU D 40 144.40 76.50 148.82
N GLU D 41 145.28 75.52 148.89
CA GLU D 41 145.36 74.50 147.87
C GLU D 41 144.03 73.84 147.72
N ALA D 42 143.54 73.40 148.86
CA ALA D 42 142.25 72.77 148.87
C ALA D 42 141.23 73.75 148.37
N ARG D 43 141.30 74.93 148.89
CA ARG D 43 140.35 75.91 148.48
C ARG D 43 140.32 76.14 147.01
N THR D 44 141.47 76.03 146.38
CA THR D 44 141.49 76.30 144.95
C THR D 44 141.60 75.06 144.15
N ASP D 45 141.33 73.98 144.82
CA ASP D 45 141.38 72.74 144.13
C ASP D 45 142.71 72.47 143.48
N ARG D 46 143.80 72.72 144.19
CA ARG D 46 145.04 72.34 143.58
C ARG D 46 145.23 70.88 143.74
N PRO D 47 146.41 70.41 143.44
CA PRO D 47 146.58 69.01 143.55
C PRO D 47 147.26 68.64 144.80
N SER D 48 146.76 67.58 145.39
CA SER D 48 147.34 67.23 146.63
C SER D 48 148.34 66.15 146.45
N GLN D 49 149.40 66.40 147.17
CA GLN D 49 150.51 65.52 147.17
C GLN D 49 150.24 64.26 147.95
N GLN D 50 149.19 64.22 148.81
CA GLN D 50 148.91 63.01 149.59
C GLN D 50 148.13 62.02 148.76
N LEU D 51 147.97 62.49 147.54
CA LEU D 51 147.27 61.76 146.58
C LEU D 51 148.10 61.51 145.34
N ARG D 52 148.26 60.23 145.10
CA ARG D 52 149.11 59.81 144.03
C ARG D 52 148.52 58.76 143.13
N SER D 53 148.69 59.03 141.82
CA SER D 53 148.19 58.11 140.84
C SER D 53 149.13 57.00 140.49
N LEU D 54 148.58 55.82 140.31
CA LEU D 54 149.35 54.65 139.94
C LEU D 54 149.03 54.22 138.53
N ASN D 55 148.43 55.16 137.85
CA ASN D 55 148.07 54.89 136.48
C ASN D 55 149.31 54.92 135.67
N GLY D 56 149.38 53.97 134.74
CA GLY D 56 150.48 53.88 133.82
C GLY D 56 150.77 52.47 133.34
N GLU D 57 152.06 52.23 133.11
CA GLU D 57 152.44 50.93 132.64
C GLU D 57 152.46 49.97 133.77
N TRP D 58 151.92 48.81 133.50
CA TRP D 58 151.80 47.80 134.52
C TRP D 58 152.06 46.48 133.86
N ARG D 59 152.17 45.45 134.64
CA ARG D 59 152.41 44.20 133.97
C ARG D 59 151.23 43.32 134.04
N PHE D 60 150.96 42.72 132.90
CA PHE D 60 149.78 41.95 132.80
C PHE D 60 149.95 40.55 132.30
N ALA D 61 149.14 39.66 132.81
CA ALA D 61 149.11 38.31 132.27
C ALA D 61 147.74 37.69 132.43
N TRP D 62 147.34 37.02 131.40
CA TRP D 62 146.03 36.45 131.35
C TRP D 62 145.93 34.94 131.50
N PHE D 63 144.92 34.48 132.19
CA PHE D 63 144.71 33.05 132.35
C PHE D 63 143.27 32.72 132.24
N PRO D 64 143.08 31.60 131.67
CA PRO D 64 141.79 30.97 131.45
C PRO D 64 141.08 30.67 132.75
N ALA D 65 141.84 30.70 133.83
CA ALA D 65 141.28 30.41 135.11
C ALA D 65 142.21 30.80 136.23
N PRO D 66 141.59 31.05 137.35
CA PRO D 66 142.28 31.44 138.55
C PRO D 66 143.29 30.37 139.00
N GLU D 67 142.83 29.13 138.94
CA GLU D 67 143.63 27.97 139.29
C GLU D 67 144.98 27.92 138.57
N ALA D 68 144.93 28.11 137.28
CA ALA D 68 146.09 28.21 136.45
C ALA D 68 147.09 29.28 136.96
N VAL D 69 146.70 30.17 137.83
CA VAL D 69 147.72 31.08 138.24
C VAL D 69 148.79 30.36 139.08
N PRO D 70 150.03 30.70 138.79
CA PRO D 70 151.19 30.12 139.41
C PRO D 70 151.66 30.89 140.62
N GLU D 71 151.90 30.08 141.65
CA GLU D 71 152.32 30.61 142.91
C GLU D 71 153.40 31.72 142.93
N SER D 72 154.34 31.57 142.02
CA SER D 72 155.44 32.52 141.89
C SER D 72 154.98 33.91 141.67
N TRP D 73 153.82 33.97 140.98
CA TRP D 73 153.27 35.21 140.58
C TRP D 73 153.32 36.20 141.73
N LEU D 74 153.07 35.64 142.92
CA LEU D 74 153.01 36.42 144.14
C LEU D 74 154.27 37.13 144.47
N GLU D 75 155.28 36.35 144.16
CA GLU D 75 156.64 36.68 144.41
C GLU D 75 157.29 37.48 143.34
N CYS D 76 157.20 36.92 142.15
CA CYS D 76 157.89 37.50 141.05
C CYS D 76 157.03 37.64 139.88
N ASP D 77 157.37 38.71 139.13
CA ASP D 77 156.72 39.02 137.87
C ASP D 77 156.93 37.88 136.92
N LEU D 78 156.07 37.76 135.96
CA LEU D 78 156.30 36.67 135.07
C LEU D 78 157.18 37.06 133.91
N PRO D 79 157.69 36.01 133.34
CA PRO D 79 158.56 36.16 132.20
C PRO D 79 157.70 36.58 131.04
N GLU D 80 156.62 35.81 130.90
CA GLU D 80 155.61 35.93 129.87
C GLU D 80 154.58 37.05 130.09
N ALA D 81 154.89 37.92 131.03
CA ALA D 81 154.03 39.03 131.30
C ALA D 81 154.22 40.07 130.24
N ASP D 82 153.19 40.89 130.04
CA ASP D 82 153.24 41.97 129.09
C ASP D 82 153.15 43.26 129.82
N THR D 83 153.61 44.29 129.15
CA THR D 83 153.51 45.56 129.74
C THR D 83 152.27 46.17 129.15
N VAL D 84 151.43 46.73 130.03
CA VAL D 84 150.15 47.27 129.65
C VAL D 84 149.83 48.58 130.34
N VAL D 85 148.93 49.30 129.69
CA VAL D 85 148.46 50.50 130.29
C VAL D 85 147.23 50.31 131.15
N VAL D 86 147.29 50.97 132.28
CA VAL D 86 146.22 50.94 133.21
C VAL D 86 145.81 52.37 133.49
N PRO D 87 144.49 52.64 133.45
CA PRO D 87 143.47 51.60 133.33
C PRO D 87 143.09 51.23 131.93
N SER D 88 142.43 50.09 131.89
CA SER D 88 141.99 49.56 130.62
C SER D 88 141.18 48.29 130.81
N ASN D 89 140.62 47.85 129.68
CA ASN D 89 139.85 46.62 129.57
C ASN D 89 140.68 45.69 128.74
N TRP D 90 140.88 44.56 129.30
CA TRP D 90 141.70 43.63 128.63
C TRP D 90 141.17 43.08 127.32
N GLN D 91 139.86 43.05 127.14
CA GLN D 91 139.38 42.54 125.87
C GLN D 91 139.85 43.48 124.79
N MET D 92 140.10 44.72 125.23
CA MET D 92 140.54 45.79 124.34
C MET D 92 141.96 45.61 123.86
N HIS D 93 142.63 44.60 124.42
CA HIS D 93 143.99 44.36 124.08
C HIS D 93 144.19 43.01 123.49
N GLY D 94 143.10 42.43 123.09
CA GLY D 94 143.15 41.15 122.47
C GLY D 94 143.16 39.96 123.39
N TYR D 95 143.25 40.23 124.72
CA TYR D 95 143.27 39.07 125.57
C TYR D 95 142.17 38.02 125.43
N ASP D 96 140.97 38.52 125.26
CA ASP D 96 139.78 37.71 125.02
C ASP D 96 138.79 38.61 124.41
N ALA D 97 137.64 38.00 124.15
CA ALA D 97 136.52 38.67 123.52
C ALA D 97 135.61 39.44 124.43
N PRO D 98 135.14 40.55 123.92
CA PRO D 98 134.16 41.32 124.60
C PRO D 98 132.86 40.72 124.12
N ILE D 99 131.87 40.67 125.00
CA ILE D 99 130.60 40.12 124.60
C ILE D 99 129.49 41.16 124.63
N TYR D 100 128.71 41.07 123.58
CA TYR D 100 127.56 41.89 123.45
C TYR D 100 126.28 41.05 123.48
N THR D 101 125.77 40.92 124.70
CA THR D 101 124.50 40.31 124.97
C THR D 101 123.69 41.35 125.75
N ASN D 102 122.37 41.32 125.56
CA ASN D 102 121.43 42.25 126.19
C ASN D 102 120.86 41.82 127.55
N VAL D 103 120.03 40.78 127.44
CA VAL D 103 119.29 40.24 128.55
C VAL D 103 119.94 39.00 129.07
N THR D 104 120.13 38.14 128.12
CA THR D 104 120.73 36.88 128.41
C THR D 104 122.13 36.99 128.98
N TYR D 105 122.28 36.34 130.12
CA TYR D 105 123.53 36.30 130.81
C TYR D 105 124.55 35.57 129.97
N PRO D 106 125.75 36.10 129.98
CA PRO D 106 126.90 35.58 129.26
C PRO D 106 127.29 34.23 129.80
N ILE D 107 127.08 34.05 131.08
CA ILE D 107 127.39 32.78 131.65
C ILE D 107 126.11 32.04 131.95
N THR D 108 126.28 30.83 132.40
CA THR D 108 125.13 30.00 132.70
C THR D 108 124.46 30.39 133.97
N VAL D 109 123.15 30.32 133.91
CA VAL D 109 122.41 30.72 135.06
C VAL D 109 122.29 29.74 136.18
N ASN D 110 123.17 29.94 137.14
CA ASN D 110 123.20 29.05 138.27
C ASN D 110 123.83 29.69 139.45
N PRO D 111 123.21 30.74 139.84
CA PRO D 111 123.67 31.48 140.97
C PRO D 111 123.76 30.55 142.18
N PRO D 112 124.78 30.83 142.96
CA PRO D 112 125.68 31.96 142.77
C PRO D 112 126.93 31.53 142.07
N PHE D 113 126.75 30.54 141.23
CA PHE D 113 127.89 30.03 140.54
C PHE D 113 128.18 30.57 139.19
N VAL D 114 129.46 30.84 139.12
CA VAL D 114 130.20 31.30 137.99
C VAL D 114 130.82 30.05 137.28
N PRO D 115 131.12 30.15 136.00
CA PRO D 115 131.71 29.03 135.27
C PRO D 115 133.17 28.79 135.69
N THR D 116 133.54 27.52 135.57
CA THR D 116 134.85 27.05 135.98
C THR D 116 136.03 27.75 135.27
N GLU D 117 135.81 28.03 134.00
CA GLU D 117 136.75 28.72 133.15
C GLU D 117 136.45 30.18 133.29
N ASN D 118 137.24 30.82 134.09
CA ASN D 118 136.95 32.18 134.30
C ASN D 118 138.20 33.02 134.16
N PRO D 119 138.15 33.70 133.10
CA PRO D 119 139.22 34.56 132.68
C PRO D 119 139.77 35.40 133.75
N THR D 120 140.98 35.03 134.15
CA THR D 120 141.68 35.77 135.14
C THR D 120 142.75 36.69 134.59
N GLY D 121 142.87 37.87 135.15
CA GLY D 121 143.84 38.83 134.70
C GLY D 121 144.75 39.24 135.84
N CYS D 122 146.03 38.88 135.73
CA CYS D 122 146.98 39.22 136.78
C CYS D 122 147.74 40.45 136.47
N TYR D 123 147.46 41.45 137.27
CA TYR D 123 148.08 42.74 137.13
C TYR D 123 149.06 42.89 138.25
N SER D 124 150.18 43.51 137.94
CA SER D 124 151.21 43.67 138.93
C SER D 124 151.88 44.97 138.73
N LEU D 125 152.34 45.47 139.83
CA LEU D 125 153.01 46.73 139.77
C LEU D 125 153.93 46.98 140.94
N THR D 126 155.09 47.39 140.48
CA THR D 126 156.17 47.66 141.34
C THR D 126 156.42 49.13 141.46
N PHE D 127 156.53 49.58 142.68
CA PHE D 127 156.70 50.99 142.86
C PHE D 127 157.33 51.32 144.18
N ASN D 128 157.67 52.60 144.18
CA ASN D 128 158.36 53.23 145.24
C ASN D 128 157.49 54.09 146.08
N VAL D 129 157.90 54.17 147.34
CA VAL D 129 157.19 54.92 148.35
C VAL D 129 158.07 55.81 149.16
N ASP D 130 157.74 57.10 149.24
CA ASP D 130 158.57 57.90 150.10
C ASP D 130 158.38 57.39 151.52
N GLU D 131 159.46 57.25 152.27
CA GLU D 131 159.24 56.74 153.60
C GLU D 131 158.61 57.76 154.51
N SER D 132 158.73 59.03 154.14
CA SER D 132 158.08 60.02 154.96
C SER D 132 156.64 59.52 155.27
N TRP D 133 156.03 58.96 154.24
CA TRP D 133 154.70 58.39 154.32
C TRP D 133 154.65 57.19 155.21
N LEU D 134 155.73 56.49 155.14
CA LEU D 134 155.89 55.28 155.87
C LEU D 134 156.06 55.54 157.36
N GLN D 135 156.50 56.75 157.69
CA GLN D 135 156.68 57.01 159.11
C GLN D 135 155.35 57.20 159.77
N GLU D 136 154.87 58.40 159.61
CA GLU D 136 153.60 58.80 160.18
C GLU D 136 152.41 58.62 159.23
N GLY D 137 151.20 58.77 159.77
CA GLY D 137 149.97 58.71 158.99
C GLY D 137 149.54 57.36 158.44
N GLN D 138 148.61 57.48 157.48
CA GLN D 138 148.04 56.32 156.87
C GLN D 138 147.94 56.33 155.37
N THR D 139 148.29 55.17 154.89
CA THR D 139 148.35 54.99 153.49
C THR D 139 147.47 53.91 152.91
N ARG D 140 146.61 54.42 152.07
CA ARG D 140 145.73 53.51 151.43
C ARG D 140 145.72 53.68 149.93
N ILE D 141 145.28 52.56 149.40
CA ILE D 141 145.14 52.45 147.99
C ILE D 141 143.67 52.40 147.58
N ILE D 142 143.46 52.92 146.39
CA ILE D 142 142.14 53.00 145.84
C ILE D 142 141.97 52.68 144.39
N PHE D 143 141.10 51.71 144.19
CA PHE D 143 140.68 51.32 142.88
C PHE D 143 139.32 51.89 142.54
N ASP D 144 139.31 52.85 141.66
CA ASP D 144 138.06 53.44 141.25
C ASP D 144 137.13 52.53 140.50
N GLY D 145 137.66 51.47 139.94
CA GLY D 145 136.86 50.51 139.22
C GLY D 145 137.65 49.32 138.67
N VAL D 146 137.15 48.13 139.05
CA VAL D 146 137.67 46.80 138.70
C VAL D 146 136.52 45.82 138.43
N ASN D 147 136.48 45.32 137.24
CA ASN D 147 135.38 44.47 136.87
C ASN D 147 135.84 43.07 136.64
N SER D 148 135.20 42.10 137.29
CA SER D 148 134.06 42.24 138.17
C SER D 148 134.38 42.08 139.63
N ALA D 149 135.39 41.26 139.91
CA ALA D 149 135.83 40.96 141.27
C ALA D 149 137.35 40.84 141.39
N PHE D 150 137.86 40.88 142.61
CA PHE D 150 139.31 40.73 142.72
C PHE D 150 139.90 40.62 144.09
N HIS D 151 141.06 39.95 144.09
CA HIS D 151 141.93 39.71 145.24
C HIS D 151 143.14 40.58 145.19
N LEU D 152 143.66 40.85 146.34
CA LEU D 152 144.78 41.72 146.27
C LEU D 152 145.94 41.44 147.23
N TRP D 153 147.17 41.55 146.69
CA TRP D 153 148.36 41.37 147.48
C TRP D 153 149.32 42.51 147.43
N CYS D 154 150.02 42.65 148.52
CA CYS D 154 151.00 43.69 148.60
C CYS D 154 152.20 43.11 149.25
N ASN D 155 153.26 43.18 148.44
CA ASN D 155 154.54 42.67 148.82
C ASN D 155 154.38 41.23 149.29
N GLY D 156 153.68 40.41 148.50
CA GLY D 156 153.52 38.98 148.80
C GLY D 156 152.43 38.68 149.78
N ARG D 157 152.00 39.76 150.42
CA ARG D 157 150.99 39.61 151.40
C ARG D 157 149.57 39.85 150.91
N TRP D 158 148.72 38.89 151.29
CA TRP D 158 147.32 39.01 150.94
C TRP D 158 146.68 40.18 151.65
N VAL D 159 145.92 40.96 150.92
CA VAL D 159 145.31 42.13 151.54
C VAL D 159 143.80 42.09 151.64
N GLY D 160 143.12 41.90 150.55
CA GLY D 160 141.70 41.87 150.63
C GLY D 160 141.04 41.49 149.33
N TYR D 161 139.74 41.67 149.35
CA TYR D 161 138.90 41.32 148.24
C TYR D 161 137.79 42.31 148.09
N GLY D 162 137.23 42.37 146.88
CA GLY D 162 136.16 43.30 146.58
C GLY D 162 135.25 42.92 145.40
N GLN D 163 133.99 43.41 145.45
CA GLN D 163 133.00 43.20 144.41
C GLN D 163 132.32 44.56 144.05
N ASP D 164 131.51 44.53 142.98
CA ASP D 164 130.84 45.69 142.46
C ASP D 164 131.79 46.51 141.59
N SER D 165 131.67 46.21 140.31
CA SER D 165 132.53 46.89 139.34
C SER D 165 132.41 48.37 139.26
N ARG D 166 131.38 48.97 139.81
CA ARG D 166 131.25 50.39 139.60
C ARG D 166 131.62 51.30 140.70
N LEU D 167 131.94 50.75 141.85
CA LEU D 167 132.36 51.63 142.90
C LEU D 167 133.77 51.34 143.31
N PRO D 168 134.35 52.32 143.96
CA PRO D 168 135.68 52.32 144.47
C PRO D 168 135.88 51.33 145.56
N SER D 169 137.11 50.81 145.60
CA SER D 169 137.53 49.90 146.64
C SER D 169 138.76 50.44 147.32
N GLU D 170 138.70 50.47 148.64
CA GLU D 170 139.83 51.00 149.35
C GLU D 170 140.36 50.10 150.39
N PHE D 171 141.70 50.17 150.42
CA PHE D 171 142.46 49.45 151.40
C PHE D 171 143.63 50.20 151.97
N ASP D 172 143.80 49.83 153.25
CA ASP D 172 144.87 50.33 154.08
C ASP D 172 146.15 49.58 153.79
N LEU D 173 147.10 50.28 153.26
CA LEU D 173 148.30 49.57 152.92
C LEU D 173 149.37 49.60 153.97
N SER D 174 149.15 50.61 154.80
CA SER D 174 149.94 51.00 155.91
C SER D 174 150.84 49.90 156.47
N ALA D 175 150.28 48.75 156.71
CA ALA D 175 151.09 47.69 157.26
C ALA D 175 151.81 46.79 156.28
N PHE D 176 151.79 47.07 154.98
CA PHE D 176 152.47 46.14 154.11
C PHE D 176 153.54 46.79 153.32
N LEU D 177 153.54 48.07 153.45
CA LEU D 177 154.50 48.80 152.75
C LEU D 177 155.83 48.80 153.40
N ARG D 178 156.81 48.85 152.51
CA ARG D 178 158.21 48.90 152.86
C ARG D 178 158.73 50.13 152.22
N ALA D 179 159.82 50.66 152.75
CA ALA D 179 160.33 51.80 152.06
C ALA D 179 160.98 51.34 150.76
N GLY D 180 160.85 52.26 149.82
CA GLY D 180 161.35 52.00 148.52
C GLY D 180 160.41 51.13 147.71
N GLU D 181 160.98 50.03 147.30
CA GLU D 181 160.32 49.16 146.40
C GLU D 181 159.20 48.30 146.84
N ASN D 182 158.01 48.55 146.28
CA ASN D 182 156.92 47.69 146.61
C ASN D 182 156.29 47.08 145.41
N ARG D 183 155.61 46.00 145.67
CA ARG D 183 154.94 45.33 144.60
C ARG D 183 153.53 44.85 144.90
N LEU D 184 152.62 45.32 144.01
CA LEU D 184 151.23 44.90 144.05
C LEU D 184 150.92 43.83 143.07
N ALA D 185 150.09 42.93 143.54
CA ALA D 185 149.59 41.88 142.70
C ALA D 185 148.10 41.74 142.89
N VAL D 186 147.43 42.10 141.80
CA VAL D 186 146.01 42.09 141.72
C VAL D 186 145.49 41.04 140.81
N MET D 187 144.70 40.17 141.39
CA MET D 187 144.13 39.18 140.54
C MET D 187 142.67 39.54 140.33
N VAL D 188 142.32 39.77 139.07
CA VAL D 188 140.99 40.20 138.66
C VAL D 188 140.16 39.14 137.97
N LEU D 189 138.87 38.98 138.32
CA LEU D 189 138.06 37.96 137.64
C LEU D 189 136.90 38.43 136.79
N ARG D 190 136.73 37.73 135.70
CA ARG D 190 135.65 38.10 134.80
C ARG D 190 134.33 37.95 135.49
N TRP D 191 134.05 36.71 135.87
CA TRP D 191 132.83 36.37 136.53
C TRP D 191 132.94 36.27 138.02
N SER D 192 131.86 36.65 138.70
CA SER D 192 131.76 36.60 140.14
C SER D 192 130.32 36.50 140.51
N ASP D 193 129.99 36.33 141.79
CA ASP D 193 128.58 36.29 142.10
C ASP D 193 127.99 37.69 141.76
N GLY D 194 128.86 38.75 141.80
CA GLY D 194 128.50 40.15 141.48
C GLY D 194 127.94 40.28 140.07
N SER D 195 128.39 39.36 139.27
CA SER D 195 127.98 39.31 137.89
C SER D 195 126.49 39.13 137.79
N TYR D 196 125.92 38.35 138.68
CA TYR D 196 124.49 38.20 138.60
C TYR D 196 123.74 39.53 138.78
N LEU D 197 124.41 40.53 139.37
CA LEU D 197 123.79 41.81 139.56
C LEU D 197 124.23 42.81 138.55
N GLU D 198 124.86 42.30 137.51
CA GLU D 198 125.35 43.23 136.54
C GLU D 198 124.92 42.89 135.12
N ASP D 199 123.63 42.59 134.91
CA ASP D 199 123.17 42.19 133.59
C ASP D 199 122.78 43.29 132.62
N GLN D 200 123.46 44.44 132.72
CA GLN D 200 123.15 45.56 131.83
C GLN D 200 123.36 45.25 130.36
N ASP D 201 122.46 45.78 129.50
CA ASP D 201 122.52 45.63 128.06
C ASP D 201 123.68 46.45 127.49
N MET D 202 124.86 45.86 127.55
CA MET D 202 126.08 46.51 127.09
C MET D 202 127.12 45.47 126.80
N TRP D 203 128.28 45.94 126.39
CA TRP D 203 129.38 45.05 126.11
C TRP D 203 129.88 44.56 127.44
N ARG D 204 130.16 43.27 127.49
CA ARG D 204 130.66 42.68 128.71
C ARG D 204 132.18 42.60 128.64
N MET D 205 132.81 43.45 129.41
CA MET D 205 134.24 43.54 129.44
C MET D 205 134.86 43.22 130.80
N SER D 206 136.12 43.61 131.03
CA SER D 206 136.81 43.36 132.32
C SER D 206 138.14 44.01 132.49
N GLY D 207 138.54 44.09 133.76
CA GLY D 207 139.81 44.68 134.13
C GLY D 207 139.76 45.84 135.08
N ILE D 208 140.87 46.58 135.06
CA ILE D 208 141.06 47.74 135.90
C ILE D 208 140.88 48.89 135.02
N PHE D 209 139.61 49.26 134.94
CA PHE D 209 139.17 50.24 134.02
C PHE D 209 139.01 51.62 134.54
N ARG D 210 139.24 51.79 135.83
CA ARG D 210 139.21 53.13 136.37
C ARG D 210 140.50 53.32 137.14
N ASP D 211 140.78 54.56 137.45
CA ASP D 211 141.97 54.96 138.17
C ASP D 211 142.36 54.16 139.39
N VAL D 212 143.71 54.18 139.59
CA VAL D 212 144.39 53.58 140.74
C VAL D 212 145.19 54.62 141.44
N SER D 213 145.03 54.67 142.76
CA SER D 213 145.69 55.74 143.47
C SER D 213 146.06 55.44 144.91
N LEU D 214 146.85 56.38 145.41
CA LEU D 214 147.33 56.30 146.76
C LEU D 214 147.07 57.52 147.52
N LEU D 215 146.61 57.18 148.71
CA LEU D 215 146.31 58.23 149.58
C LEU D 215 146.89 58.11 150.96
N HIS D 216 147.55 59.23 151.26
CA HIS D 216 148.23 59.44 152.49
C HIS D 216 147.42 60.35 153.34
N LYS D 217 147.02 59.82 154.48
CA LYS D 217 146.24 60.56 155.41
C LYS D 217 146.80 60.47 156.80
N PRO D 218 146.55 61.54 157.60
CA PRO D 218 146.98 61.59 158.99
C PRO D 218 146.30 60.48 159.74
N THR D 219 146.80 60.17 160.92
CA THR D 219 146.20 59.09 161.69
C THR D 219 144.91 59.53 162.30
N THR D 220 144.93 60.81 162.58
CA THR D 220 143.80 61.44 163.11
C THR D 220 143.29 62.32 161.98
N GLN D 221 142.20 61.87 161.37
CA GLN D 221 141.70 62.55 160.21
C GLN D 221 140.20 62.68 160.11
N ILE D 222 139.83 63.41 159.06
CA ILE D 222 138.46 63.61 158.67
C ILE D 222 138.00 62.35 157.97
N SER D 223 137.05 61.63 158.53
CA SER D 223 136.63 60.38 157.93
C SER D 223 135.44 60.50 156.98
N ASP D 224 134.71 61.62 157.12
CA ASP D 224 133.53 61.80 156.33
C ASP D 224 132.86 63.11 156.62
N PHE D 225 132.13 63.58 155.61
CA PHE D 225 131.38 64.79 155.80
C PHE D 225 130.22 64.95 154.85
N HIS D 226 129.19 65.63 155.33
CA HIS D 226 128.03 65.86 154.51
C HIS D 226 127.63 67.27 154.60
N VAL D 227 127.11 67.66 153.47
CA VAL D 227 126.60 68.98 153.33
C VAL D 227 125.13 68.94 153.01
N ALA D 228 124.44 70.02 153.46
CA ALA D 228 123.00 70.24 153.26
C ALA D 228 122.56 71.69 153.27
N THR D 229 121.60 72.01 152.38
CA THR D 229 121.09 73.36 152.30
C THR D 229 119.61 73.46 152.59
N ARG D 230 119.28 74.40 153.44
CA ARG D 230 117.89 74.63 153.79
C ARG D 230 117.53 76.06 153.46
N PHE D 231 116.27 76.33 153.06
CA PHE D 231 115.92 77.71 152.72
C PHE D 231 114.65 78.22 153.34
N ASN D 232 114.47 79.55 153.26
CA ASN D 232 113.21 80.11 153.65
C ASN D 232 112.28 79.90 152.46
N ASP D 233 111.05 80.30 152.69
CA ASP D 233 110.03 80.14 151.70
C ASP D 233 110.38 80.78 150.37
N ASP D 234 111.26 81.76 150.38
CA ASP D 234 111.53 82.45 149.13
C ASP D 234 112.96 82.39 148.70
N PHE D 235 113.73 81.51 149.34
CA PHE D 235 115.12 81.37 148.95
C PHE D 235 115.92 82.63 149.14
N SER D 236 115.39 83.50 149.96
CA SER D 236 116.08 84.74 150.23
C SER D 236 117.18 84.48 151.24
N ARG D 237 117.10 83.31 151.83
CA ARG D 237 118.05 82.98 152.83
C ARG D 237 118.20 81.48 153.04
N ALA D 238 119.46 81.10 153.25
CA ALA D 238 119.78 79.70 153.43
C ALA D 238 120.65 79.34 154.60
N VAL D 239 120.60 78.05 154.86
CA VAL D 239 121.45 77.51 155.85
C VAL D 239 122.27 76.38 155.32
N LEU D 240 123.55 76.56 155.47
CA LEU D 240 124.38 75.49 155.09
C LEU D 240 124.72 74.70 156.33
N GLU D 241 124.48 73.42 156.27
CA GLU D 241 124.75 72.62 157.40
C GLU D 241 125.66 71.47 157.05
N ALA D 242 126.78 71.44 157.77
CA ALA D 242 127.79 70.43 157.53
C ALA D 242 128.07 69.55 158.71
N GLU D 243 128.13 68.28 158.39
CA GLU D 243 128.39 67.32 159.41
C GLU D 243 129.65 66.63 159.10
N VAL D 244 130.49 66.69 160.10
CA VAL D 244 131.79 66.12 159.97
C VAL D 244 132.12 65.06 160.97
N GLN D 245 132.74 64.05 160.44
CA GLN D 245 133.18 62.97 161.27
C GLN D 245 134.65 62.75 161.13
N MET D 246 135.21 62.37 162.28
CA MET D 246 136.62 62.10 162.37
C MET D 246 136.93 60.69 162.80
N CYS D 247 138.13 60.30 162.43
CA CYS D 247 138.72 59.03 162.79
C CYS D 247 139.99 59.33 163.54
N GLY D 248 140.39 58.46 164.42
CA GLY D 248 141.63 58.69 165.14
C GLY D 248 141.50 58.94 166.63
N GLU D 249 142.57 59.46 167.26
CA GLU D 249 142.18 59.70 168.64
C GLU D 249 142.00 61.12 169.00
N LEU D 250 140.85 61.12 169.63
CA LEU D 250 140.16 62.24 170.07
C LEU D 250 140.84 62.98 171.19
N ARG D 251 140.92 64.29 171.01
CA ARG D 251 141.54 65.18 171.98
C ARG D 251 140.84 66.52 171.98
N ASP D 252 140.57 66.98 173.14
CA ASP D 252 139.90 68.25 173.37
C ASP D 252 140.50 69.47 172.67
N TYR D 253 141.67 69.37 172.06
CA TYR D 253 142.15 70.59 171.45
C TYR D 253 141.83 70.64 169.99
N LEU D 254 141.12 69.61 169.58
CA LEU D 254 140.70 69.49 168.22
C LEU D 254 139.57 70.40 167.91
N ARG D 255 139.69 70.88 166.69
CA ARG D 255 138.73 71.79 166.17
C ARG D 255 138.41 71.56 164.71
N VAL D 256 137.29 72.15 164.32
CA VAL D 256 136.87 72.03 162.96
C VAL D 256 136.40 73.32 162.43
N THR D 257 136.88 73.59 161.25
CA THR D 257 136.45 74.78 160.62
C THR D 257 135.93 74.58 159.25
N VAL D 258 134.85 75.30 159.03
CA VAL D 258 134.19 75.22 157.79
C VAL D 258 133.90 76.58 157.30
N SER D 259 134.40 76.77 156.10
CA SER D 259 134.33 78.03 155.45
C SER D 259 133.78 77.92 154.05
N LEU D 260 133.03 78.95 153.77
CA LEU D 260 132.39 79.06 152.52
C LEU D 260 132.92 80.21 151.75
N TRP D 261 133.23 79.83 150.54
CA TRP D 261 133.78 80.74 149.60
C TRP D 261 133.05 80.89 148.31
N GLN D 262 133.06 82.13 147.91
CA GLN D 262 132.51 82.57 146.67
C GLN D 262 133.65 83.13 145.86
N GLY D 263 134.36 82.20 145.29
CA GLY D 263 135.52 82.61 144.57
C GLY D 263 136.56 83.08 145.55
N GLU D 264 136.81 84.37 145.49
CA GLU D 264 137.82 84.95 146.32
C GLU D 264 137.29 85.34 147.65
N THR D 265 136.00 85.41 147.66
CA THR D 265 135.38 85.84 148.85
C THR D 265 134.97 84.79 149.84
N GLN D 266 135.30 85.11 151.07
CA GLN D 266 134.90 84.22 152.08
C GLN D 266 133.58 84.70 152.53
N VAL D 267 132.65 83.80 152.39
CA VAL D 267 131.27 84.09 152.63
C VAL D 267 130.80 83.80 154.01
N ALA D 268 131.36 82.73 154.55
CA ALA D 268 131.00 82.34 155.88
C ALA D 268 131.95 81.31 156.39
N SER D 269 132.06 81.34 157.71
CA SER D 269 132.91 80.41 158.39
C SER D 269 132.35 80.09 159.73
N GLY D 270 132.81 78.94 160.22
CA GLY D 270 132.41 78.46 161.51
C GLY D 270 133.41 77.47 162.04
N THR D 271 133.58 77.56 163.35
CA THR D 271 134.53 76.68 163.98
C THR D 271 133.99 76.04 165.23
N ALA D 272 134.41 74.80 165.43
CA ALA D 272 133.98 74.09 166.61
C ALA D 272 134.78 72.86 166.88
N PRO D 273 134.50 72.39 168.04
CA PRO D 273 135.11 71.20 168.60
C PRO D 273 134.14 70.07 168.47
N PHE D 274 134.70 68.87 168.41
CA PHE D 274 133.89 67.70 168.27
C PHE D 274 132.90 67.49 169.37
N GLY D 275 131.91 66.68 169.06
CA GLY D 275 130.88 66.38 170.02
C GLY D 275 129.57 66.97 169.58
N GLY D 276 128.62 66.04 169.38
CA GLY D 276 127.26 66.33 168.94
C GLY D 276 126.24 66.48 170.07
N GLU D 277 125.01 66.70 169.62
CA GLU D 277 123.87 66.87 170.48
C GLU D 277 123.39 65.51 170.86
N ILE D 278 122.65 65.47 171.93
CA ILE D 278 122.16 64.21 172.35
C ILE D 278 121.26 63.65 171.30
N ILE D 279 121.45 62.39 171.09
CA ILE D 279 120.63 61.78 170.12
C ILE D 279 119.75 60.76 170.77
N ASP D 280 120.24 60.14 171.83
CA ASP D 280 119.41 59.15 172.44
C ASP D 280 119.77 58.99 173.88
N GLU D 281 119.25 57.93 174.46
CA GLU D 281 119.49 57.69 175.86
C GLU D 281 120.96 57.59 176.26
N ARG D 282 121.80 57.16 175.31
CA ARG D 282 123.22 57.02 175.56
C ARG D 282 124.03 58.27 175.29
N GLY D 283 123.44 59.27 174.68
CA GLY D 283 124.16 60.50 174.40
C GLY D 283 124.21 60.81 172.94
N GLY D 284 125.34 61.42 172.54
CA GLY D 284 125.61 61.78 171.15
C GLY D 284 126.88 61.16 170.56
N TYR D 285 127.32 61.77 169.46
CA TYR D 285 128.53 61.39 168.75
C TYR D 285 129.63 62.30 169.22
N ALA D 286 130.56 61.70 169.90
CA ALA D 286 131.67 62.45 170.41
C ALA D 286 132.62 62.91 169.33
N ASP D 287 132.65 62.07 168.33
CA ASP D 287 133.51 62.20 167.19
C ASP D 287 132.83 62.76 165.99
N ARG D 288 131.83 63.58 166.20
CA ARG D 288 131.25 64.22 165.05
C ARG D 288 130.92 65.59 165.49
N VAL D 289 130.69 66.40 164.52
CA VAL D 289 130.29 67.74 164.81
C VAL D 289 129.53 68.31 163.61
N THR D 290 128.52 69.11 163.89
CA THR D 290 127.75 69.68 162.82
C THR D 290 127.75 71.18 162.85
N LEU D 291 128.10 71.82 161.75
CA LEU D 291 128.07 73.27 161.75
C LEU D 291 126.99 73.77 160.87
N ARG D 292 126.50 74.93 161.24
CA ARG D 292 125.45 75.55 160.49
C ARG D 292 125.82 76.95 160.10
N LEU D 293 125.93 77.20 158.81
CA LEU D 293 126.26 78.52 158.31
C LEU D 293 125.10 79.19 157.65
N ASN D 294 124.94 80.43 158.00
CA ASN D 294 123.86 81.18 157.43
C ASN D 294 124.32 81.89 156.19
N VAL D 295 123.45 81.92 155.20
CA VAL D 295 123.77 82.61 153.97
C VAL D 295 122.66 83.47 153.46
N GLU D 296 122.94 84.74 153.33
CA GLU D 296 121.91 85.60 152.82
C GLU D 296 121.95 85.67 151.32
N ASN D 297 120.78 85.75 150.73
CA ASN D 297 120.68 85.83 149.29
C ASN D 297 121.70 84.97 148.58
N PRO D 298 121.62 83.69 148.85
CA PRO D 298 122.53 82.79 148.21
C PRO D 298 122.22 82.78 146.73
N LYS D 299 123.20 82.36 145.98
CA LYS D 299 123.10 82.21 144.55
C LYS D 299 122.82 80.75 144.27
N LEU D 300 121.72 80.57 143.58
CA LEU D 300 121.31 79.23 143.34
C LEU D 300 121.89 78.45 142.21
N TRP D 301 122.00 77.18 142.50
CA TRP D 301 122.50 76.34 141.49
C TRP D 301 121.36 75.77 140.65
N SER D 302 121.55 75.66 139.34
CA SER D 302 120.55 75.13 138.40
C SER D 302 121.29 74.66 137.20
N ALA D 303 120.61 73.87 136.40
CA ALA D 303 121.26 73.46 135.19
C ALA D 303 121.30 74.69 134.31
N GLU D 304 120.38 75.62 134.54
CA GLU D 304 120.37 76.88 133.79
C GLU D 304 121.59 77.73 134.21
N ILE D 305 121.93 77.73 135.51
CA ILE D 305 123.05 78.53 135.99
C ILE D 305 123.66 77.90 137.19
N PRO D 306 124.67 77.18 136.91
CA PRO D 306 125.36 76.40 137.88
C PRO D 306 126.17 77.23 138.85
N ASN D 307 125.51 78.03 139.62
CA ASN D 307 126.24 78.78 140.58
C ASN D 307 126.81 77.87 141.61
N LEU D 308 128.13 77.98 141.79
CA LEU D 308 128.82 77.18 142.80
C LEU D 308 129.54 77.94 143.90
N TYR D 309 129.73 77.23 145.01
CA TYR D 309 130.45 77.77 146.13
C TYR D 309 131.47 76.74 146.52
N ARG D 310 132.49 77.20 147.23
CA ARG D 310 133.49 76.27 147.66
C ARG D 310 133.52 76.16 149.15
N ALA D 311 133.56 74.91 149.55
CA ALA D 311 133.54 74.66 150.96
C ALA D 311 134.78 73.96 151.44
N VAL D 312 135.30 74.55 152.53
CA VAL D 312 136.47 74.01 153.17
C VAL D 312 136.33 73.57 154.59
N VAL D 313 136.79 72.35 154.68
CA VAL D 313 136.79 71.64 155.93
C VAL D 313 138.17 71.41 156.43
N GLU D 314 138.46 72.12 157.50
CA GLU D 314 139.74 72.01 158.12
C GLU D 314 139.65 71.50 159.53
N LEU D 315 140.44 70.45 159.66
CA LEU D 315 140.66 69.74 160.88
C LEU D 315 141.94 70.27 161.49
N HIS D 316 141.80 70.96 162.59
CA HIS D 316 142.97 71.53 163.19
C HIS D 316 142.93 71.54 164.71
N THR D 317 144.01 72.02 165.28
CA THR D 317 144.11 72.11 166.72
C THR D 317 143.71 73.49 167.10
N ALA D 318 143.42 73.60 168.37
CA ALA D 318 142.98 74.85 168.90
C ALA D 318 143.98 75.96 168.73
N ASP D 319 145.27 75.60 168.70
CA ASP D 319 146.31 76.60 168.55
C ASP D 319 146.35 77.17 167.16
N GLY D 320 145.86 76.40 166.22
CA GLY D 320 145.82 76.87 164.85
C GLY D 320 146.50 75.95 163.88
N THR D 321 147.22 75.02 164.43
CA THR D 321 147.90 74.10 163.61
C THR D 321 146.95 73.20 162.83
N LEU D 322 147.06 73.23 161.50
CA LEU D 322 146.19 72.42 160.68
C LEU D 322 146.60 70.98 160.57
N ILE D 323 145.68 70.06 160.76
CA ILE D 323 146.00 68.65 160.60
C ILE D 323 145.82 68.22 159.15
N GLU D 324 144.70 68.68 158.57
CA GLU D 324 144.36 68.42 157.17
C GLU D 324 143.12 69.13 156.77
N ALA D 325 142.91 69.05 155.46
CA ALA D 325 141.76 69.67 154.83
C ALA D 325 141.13 68.87 153.70
N GLU D 326 139.84 69.08 153.58
CA GLU D 326 139.07 68.52 152.51
C GLU D 326 138.14 69.61 152.09
N ALA D 327 137.69 69.45 150.85
CA ALA D 327 136.81 70.45 150.32
C ALA D 327 135.87 69.88 149.28
N CYS D 328 134.93 70.77 148.88
CA CYS D 328 133.98 70.44 147.86
C CYS D 328 133.27 71.64 147.32
N ASP D 329 132.70 71.41 146.13
CA ASP D 329 131.92 72.47 145.55
C ASP D 329 130.53 72.37 146.08
N VAL D 330 129.90 73.51 146.27
CA VAL D 330 128.59 73.46 146.82
C VAL D 330 127.56 74.21 146.00
N GLY D 331 126.38 73.59 145.89
CA GLY D 331 125.29 74.21 145.16
C GLY D 331 124.06 74.38 146.02
N PHE D 332 123.57 75.58 146.00
CA PHE D 332 122.37 75.85 146.73
C PHE D 332 121.16 75.61 145.86
N ARG D 333 120.46 74.54 146.21
CA ARG D 333 119.28 74.15 145.49
C ARG D 333 118.46 73.20 146.30
N GLU D 334 117.17 73.29 146.07
CA GLU D 334 116.18 72.45 146.73
C GLU D 334 115.39 71.64 145.73
N VAL D 335 115.36 70.36 145.97
CA VAL D 335 114.62 69.50 145.07
C VAL D 335 113.49 68.94 145.85
N ARG D 336 112.28 69.11 145.37
CA ARG D 336 111.20 68.52 146.09
C ARG D 336 109.99 68.23 145.25
N ILE D 337 109.27 67.26 145.75
CA ILE D 337 108.04 66.90 145.12
C ILE D 337 106.89 67.41 145.92
N GLU D 338 106.14 68.25 145.27
CA GLU D 338 105.04 68.75 145.99
C GLU D 338 103.78 68.77 145.21
N ASN D 339 102.79 68.16 145.80
CA ASN D 339 101.51 68.16 145.13
C ASN D 339 101.57 67.61 143.71
N GLY D 340 102.20 66.47 143.55
CA GLY D 340 102.29 65.82 142.26
C GLY D 340 103.39 66.39 141.41
N LEU D 341 104.07 67.42 141.90
CA LEU D 341 105.10 67.93 141.04
C LEU D 341 106.48 67.98 141.58
N LEU D 342 107.38 67.79 140.65
CA LEU D 342 108.76 67.83 140.97
C LEU D 342 109.29 69.23 140.78
N LEU D 343 109.78 69.77 141.88
CA LEU D 343 110.28 71.11 141.85
C LEU D 343 111.69 71.24 142.16
N LEU D 344 112.18 72.27 141.56
CA LEU D 344 113.50 72.64 141.79
C LEU D 344 113.54 74.10 142.12
N ASN D 345 114.05 74.38 143.29
CA ASN D 345 114.10 75.75 143.74
C ASN D 345 112.76 76.38 143.55
N GLY D 346 111.76 75.59 143.85
CA GLY D 346 110.42 76.08 143.78
C GLY D 346 109.73 75.97 142.46
N LYS D 347 110.47 75.69 141.42
CA LYS D 347 109.80 75.58 140.16
C LYS D 347 109.85 74.17 139.66
N PRO D 348 108.82 73.91 138.93
CA PRO D 348 108.51 72.64 138.33
C PRO D 348 109.37 72.43 137.14
N LEU D 349 110.08 71.32 137.15
CA LEU D 349 110.97 71.06 136.07
C LEU D 349 110.36 70.41 134.88
N LEU D 350 111.14 70.50 133.83
CA LEU D 350 110.85 69.88 132.58
C LEU D 350 112.15 69.28 132.07
N ILE D 351 112.25 68.00 132.25
CA ILE D 351 113.43 67.26 131.95
C ILE D 351 113.61 66.94 130.52
N ARG D 352 114.68 67.51 129.98
CA ARG D 352 115.10 67.24 128.62
C ARG D 352 116.30 66.30 128.78
N GLY D 353 115.99 65.04 129.07
CA GLY D 353 117.00 64.08 129.39
C GLY D 353 117.38 63.02 128.40
N VAL D 354 118.51 62.45 128.75
CA VAL D 354 119.06 61.37 127.97
C VAL D 354 119.80 60.43 128.86
N ASN D 355 119.73 59.17 128.50
CA ASN D 355 120.46 58.15 129.22
C ASN D 355 121.81 58.04 128.53
N ARG D 356 122.84 57.81 129.33
CA ARG D 356 124.18 57.69 128.80
C ARG D 356 125.09 56.67 129.46
N HIS D 357 125.68 55.83 128.63
CA HIS D 357 126.65 54.88 129.14
C HIS D 357 128.09 55.41 129.06
N GLU D 358 128.96 54.79 129.85
CA GLU D 358 130.39 55.12 129.83
C GLU D 358 131.01 54.20 128.77
N HIS D 359 131.15 54.74 127.54
CA HIS D 359 131.60 54.01 126.35
C HIS D 359 132.41 54.79 125.34
N HIS D 360 133.51 54.13 124.98
CA HIS D 360 134.52 54.59 124.08
C HIS D 360 134.83 53.54 123.04
N PRO D 361 134.65 53.92 121.80
CA PRO D 361 134.84 53.08 120.60
C PRO D 361 136.19 52.39 120.61
N LEU D 362 137.16 53.13 121.13
CA LEU D 362 138.55 52.70 121.27
C LEU D 362 138.94 52.14 122.61
N HIS D 363 138.63 52.88 123.67
CA HIS D 363 138.99 52.43 125.00
C HIS D 363 138.04 51.50 125.67
N GLY D 364 136.91 51.15 125.04
CA GLY D 364 135.93 50.27 125.68
C GLY D 364 135.23 51.04 126.80
N GLN D 365 135.28 50.50 128.01
CA GLN D 365 134.62 51.18 129.12
C GLN D 365 135.48 52.17 129.89
N VAL D 366 136.58 52.56 129.31
CA VAL D 366 137.43 53.50 130.02
C VAL D 366 137.15 54.96 129.66
N MET D 367 136.90 55.74 130.70
CA MET D 367 136.57 57.15 130.52
C MET D 367 137.68 58.14 130.74
N ASP D 368 137.52 59.34 130.19
CA ASP D 368 138.47 60.44 130.33
C ASP D 368 137.84 61.79 130.17
N GLU D 369 138.50 62.70 130.84
CA GLU D 369 138.05 64.07 130.86
C GLU D 369 137.61 64.56 129.52
N GLN D 370 138.51 64.41 128.63
CA GLN D 370 138.26 64.91 127.33
C GLN D 370 136.93 64.52 126.70
N THR D 371 136.66 63.23 126.76
CA THR D 371 135.43 62.70 126.24
C THR D 371 134.22 63.24 126.99
N MET D 372 134.30 63.06 128.30
CA MET D 372 133.26 63.50 129.15
C MET D 372 132.80 64.89 128.75
N VAL D 373 133.77 65.76 128.68
CA VAL D 373 133.44 67.11 128.32
C VAL D 373 132.76 67.22 126.96
N GLN D 374 133.29 66.43 126.09
CA GLN D 374 132.70 66.47 124.79
C GLN D 374 131.20 66.21 124.84
N ASP D 375 130.90 65.11 125.50
CA ASP D 375 129.53 64.74 125.64
C ASP D 375 128.69 65.86 126.22
N ILE D 376 129.22 66.36 127.29
CA ILE D 376 128.51 67.42 127.91
C ILE D 376 128.21 68.56 127.00
N LEU D 377 129.26 68.97 126.31
CA LEU D 377 129.09 70.10 125.44
C LEU D 377 128.00 69.89 124.45
N LEU D 378 128.08 68.76 123.83
CA LEU D 378 127.08 68.39 122.89
C LEU D 378 125.69 68.42 123.43
N MET D 379 125.54 67.73 124.55
CA MET D 379 124.25 67.70 125.15
C MET D 379 123.68 69.05 125.35
N LYS D 380 124.50 69.83 126.02
CA LYS D 380 124.11 71.19 126.30
C LYS D 380 123.76 71.91 125.04
N GLN D 381 124.55 71.68 124.04
CA GLN D 381 124.27 72.36 122.80
C GLN D 381 123.03 71.89 122.11
N ASN D 382 122.57 70.70 122.43
CA ASN D 382 121.37 70.19 121.85
C ASN D 382 120.14 70.29 122.70
N ASN D 383 120.22 71.13 123.70
CA ASN D 383 119.07 71.38 124.51
C ASN D 383 118.74 70.33 125.50
N PHE D 384 119.73 69.54 125.84
CA PHE D 384 119.48 68.58 126.91
C PHE D 384 119.78 69.21 128.29
N ASN D 385 119.11 68.77 129.37
CA ASN D 385 119.44 69.40 130.64
C ASN D 385 119.67 68.39 131.73
N ALA D 386 119.53 67.14 131.34
CA ALA D 386 119.68 66.13 132.34
C ALA D 386 120.14 64.84 131.74
N VAL D 387 120.77 64.08 132.61
CA VAL D 387 121.23 62.79 132.20
C VAL D 387 121.10 61.76 133.30
N ARG D 388 120.85 60.55 132.85
CA ARG D 388 120.70 59.42 133.70
C ARG D 388 121.90 58.50 133.51
N CYS D 389 122.54 58.15 134.61
CA CYS D 389 123.69 57.23 134.60
C CYS D 389 123.28 55.78 134.39
N SER D 390 122.80 55.47 133.20
CA SER D 390 122.40 54.09 132.95
C SER D 390 123.66 53.23 132.88
N HIS D 391 123.84 52.31 133.81
CA HIS D 391 122.98 51.98 134.92
C HIS D 391 123.92 51.60 136.06
N TYR D 392 124.69 52.56 136.52
CA TYR D 392 125.69 52.34 137.56
C TYR D 392 126.33 53.67 137.76
N PRO D 393 126.97 53.75 138.87
CA PRO D 393 127.64 54.96 139.24
C PRO D 393 128.73 55.20 138.25
N ASN D 394 128.90 56.44 137.98
CA ASN D 394 129.88 56.74 136.99
C ASN D 394 131.20 57.12 137.58
N HIS D 395 132.14 57.25 136.68
CA HIS D 395 133.39 57.79 137.04
C HIS D 395 133.13 59.19 137.65
N PRO D 396 133.74 59.34 138.75
CA PRO D 396 133.68 60.46 139.65
C PRO D 396 133.80 61.82 139.07
N LEU D 397 134.63 61.91 138.10
CA LEU D 397 134.82 63.22 137.57
C LEU D 397 133.56 63.80 136.93
N TRP D 398 132.83 62.85 136.40
CA TRP D 398 131.61 63.15 135.73
C TRP D 398 130.76 64.13 136.51
N TYR D 399 130.55 63.73 137.77
CA TYR D 399 129.71 64.50 138.65
C TYR D 399 130.19 65.91 138.81
N THR D 400 131.48 66.01 138.86
CA THR D 400 132.00 67.33 139.03
C THR D 400 131.72 68.19 137.84
N LEU D 401 131.95 67.59 136.71
CA LEU D 401 131.72 68.27 135.48
C LEU D 401 130.31 68.74 135.40
N CYS D 402 129.42 67.81 135.73
CA CYS D 402 128.03 68.18 135.67
C CYS D 402 127.75 69.29 136.63
N ASP D 403 128.42 69.20 137.76
CA ASP D 403 128.20 70.21 138.76
C ASP D 403 128.57 71.56 138.21
N ARG D 404 129.68 71.54 137.49
CA ARG D 404 130.23 72.77 136.97
C ARG D 404 129.58 73.30 135.74
N TYR D 405 129.28 72.40 134.82
CA TYR D 405 128.66 72.78 133.57
C TYR D 405 127.18 73.04 133.65
N GLY D 406 126.52 72.32 134.57
CA GLY D 406 125.11 72.48 134.77
C GLY D 406 124.25 71.44 134.09
N LEU D 407 124.10 70.26 134.69
CA LEU D 407 123.22 69.24 134.13
C LEU D 407 122.57 68.48 135.25
N TYR D 408 121.26 68.25 135.19
CA TYR D 408 120.67 67.47 136.26
C TYR D 408 121.07 66.02 136.08
N VAL D 409 121.36 65.38 137.19
CA VAL D 409 121.74 63.97 137.12
C VAL D 409 120.97 63.04 138.03
N VAL D 410 120.76 61.87 137.45
CA VAL D 410 120.15 60.78 138.16
C VAL D 410 121.24 59.74 138.41
N ASP D 411 121.60 59.55 139.68
CA ASP D 411 122.60 58.60 140.05
C ASP D 411 121.97 57.22 140.25
N GLU D 412 122.55 56.21 139.64
CA GLU D 412 121.91 54.94 139.70
C GLU D 412 122.75 53.81 140.21
N ALA D 413 122.15 53.04 141.09
CA ALA D 413 122.89 51.92 141.63
C ALA D 413 123.18 50.87 140.59
N ASN D 414 124.33 50.24 140.76
CA ASN D 414 124.77 49.21 139.88
C ASN D 414 124.03 47.87 140.07
N ILE D 415 122.76 47.79 139.69
CA ILE D 415 122.08 46.52 139.83
C ILE D 415 121.12 46.24 138.71
N GLU D 416 121.35 45.18 137.92
CA GLU D 416 120.46 44.78 136.84
C GLU D 416 120.47 43.26 136.86
N THR D 417 119.31 42.64 136.94
CA THR D 417 119.20 41.18 136.97
C THR D 417 118.24 40.77 135.92
N HIS D 418 118.29 41.58 134.91
CA HIS D 418 117.42 41.43 133.81
C HIS D 418 117.19 39.98 133.33
N GLY D 419 118.23 39.14 133.28
CA GLY D 419 118.12 37.79 132.76
C GLY D 419 117.46 36.80 133.70
N MET D 420 117.25 37.20 134.94
CA MET D 420 116.63 36.27 135.85
C MET D 420 115.23 35.92 135.45
N VAL D 421 114.67 34.93 136.10
CA VAL D 421 113.30 34.57 135.78
C VAL D 421 112.51 33.98 136.94
N PRO D 422 111.45 34.66 137.36
CA PRO D 422 111.10 35.94 136.82
C PRO D 422 112.17 36.96 137.20
N MET D 423 112.08 38.09 136.57
CA MET D 423 113.03 39.13 136.78
C MET D 423 113.40 39.40 138.24
N ASN D 424 112.49 39.19 139.17
CA ASN D 424 112.88 39.55 140.54
C ASN D 424 113.33 38.39 141.45
N ARG D 425 113.70 37.29 140.80
CA ARG D 425 114.16 36.12 141.49
C ARG D 425 115.13 36.44 142.63
N LEU D 426 116.10 37.29 142.35
CA LEU D 426 117.03 37.66 143.40
C LEU D 426 116.59 38.80 144.29
N THR D 427 116.00 39.85 143.68
CA THR D 427 115.56 41.05 144.39
C THR D 427 114.56 40.83 145.46
N ASP D 428 113.91 39.71 145.30
CA ASP D 428 112.98 39.36 146.31
C ASP D 428 113.58 38.38 147.33
N ASP D 429 114.89 38.22 147.31
CA ASP D 429 115.51 37.30 148.20
C ASP D 429 116.52 37.93 149.12
N PRO D 430 116.16 37.73 150.36
CA PRO D 430 116.84 38.22 151.52
C PRO D 430 118.30 37.92 151.41
N ARG D 431 118.55 36.70 150.97
CA ARG D 431 119.94 36.30 150.83
C ARG D 431 120.74 37.25 149.99
N TRP D 432 120.07 37.97 149.12
CA TRP D 432 120.78 38.88 148.27
C TRP D 432 120.75 40.31 148.72
N LEU D 433 119.99 40.46 149.75
CA LEU D 433 119.83 41.78 150.26
C LEU D 433 121.11 42.55 150.64
N PRO D 434 121.98 41.86 151.26
CA PRO D 434 123.20 42.50 151.70
C PRO D 434 124.04 42.98 150.54
N ALA D 435 124.14 42.08 149.60
CA ALA D 435 124.84 42.44 148.37
C ALA D 435 124.21 43.69 147.76
N MET D 436 122.89 43.59 147.57
CA MET D 436 122.23 44.73 146.99
C MET D 436 122.47 45.97 147.81
N SER D 437 122.36 45.75 149.08
CA SER D 437 122.46 46.85 149.99
C SER D 437 123.69 47.72 149.74
N GLU D 438 124.80 47.00 149.59
CA GLU D 438 126.10 47.60 149.46
C GLU D 438 126.18 48.47 148.27
N ARG D 439 125.53 47.93 147.26
CA ARG D 439 125.45 48.64 146.04
C ARG D 439 124.73 49.99 146.19
N VAL D 440 123.76 50.08 147.09
CA VAL D 440 123.14 51.37 147.17
C VAL D 440 123.84 52.33 148.12
N THR D 441 124.05 51.77 149.29
CA THR D 441 124.61 52.53 150.38
C THR D 441 125.86 53.25 150.00
N ARG D 442 126.71 52.49 149.35
CA ARG D 442 127.99 52.99 148.97
C ARG D 442 127.91 54.15 148.00
N MET D 443 126.98 54.00 147.07
CA MET D 443 126.80 55.07 146.11
C MET D 443 126.48 56.38 146.79
N VAL D 444 125.51 56.22 147.64
CA VAL D 444 125.01 57.36 148.33
C VAL D 444 126.10 58.04 149.10
N GLN D 445 126.84 57.19 149.76
CA GLN D 445 127.92 57.63 150.59
C GLN D 445 128.95 58.41 149.81
N ARG D 446 129.13 57.95 148.61
CA ARG D 446 130.08 58.59 147.82
C ARG D 446 129.63 59.89 147.18
N ASP D 447 128.39 59.90 146.67
CA ASP D 447 127.98 61.02 145.85
C ASP D 447 127.10 62.09 146.36
N ARG D 448 126.68 61.85 147.55
CA ARG D 448 125.70 62.74 148.09
C ARG D 448 126.03 64.21 148.19
N ASN D 449 127.28 64.57 148.05
CA ASN D 449 127.47 65.99 148.16
C ASN D 449 127.36 66.77 146.87
N HIS D 450 127.20 66.07 145.75
CA HIS D 450 127.08 66.81 144.50
C HIS D 450 125.70 67.37 144.19
N PRO D 451 125.64 68.66 144.00
CA PRO D 451 124.39 69.33 143.67
C PRO D 451 123.74 68.82 142.40
N SER D 452 124.50 68.36 141.43
CA SER D 452 123.87 67.90 140.21
C SER D 452 123.07 66.62 140.41
N VAL D 453 123.40 65.89 141.44
CA VAL D 453 122.62 64.71 141.58
C VAL D 453 121.33 65.14 142.18
N ILE D 454 120.23 64.85 141.50
CA ILE D 454 118.96 65.26 142.07
C ILE D 454 117.99 64.14 142.31
N ILE D 455 118.32 62.98 141.81
CA ILE D 455 117.49 61.84 142.06
C ILE D 455 118.33 60.62 142.19
N TRP D 456 117.91 59.76 143.07
CA TRP D 456 118.59 58.52 143.25
C TRP D 456 117.75 57.46 142.61
N SER D 457 118.44 56.51 142.01
CA SER D 457 117.79 55.39 141.37
C SER D 457 118.33 54.08 141.90
N LEU D 458 117.42 53.17 142.20
CA LEU D 458 117.78 51.88 142.75
C LEU D 458 118.35 50.92 141.76
N GLY D 459 118.47 51.28 140.50
CA GLY D 459 118.97 50.24 139.64
C GLY D 459 118.14 50.15 138.40
N ASN D 460 118.12 48.98 137.77
CA ASN D 460 117.40 48.80 136.53
C ASN D 460 117.03 47.38 136.20
N GLU D 461 115.90 47.24 135.56
CA GLU D 461 115.38 45.96 135.13
C GLU D 461 115.74 44.80 136.02
N SER D 462 115.24 44.82 137.24
CA SER D 462 115.48 43.75 138.21
C SER D 462 114.17 43.37 138.88
N GLY D 463 113.08 43.59 138.16
CA GLY D 463 111.77 43.34 138.67
C GLY D 463 111.51 44.22 139.89
N HIS D 464 110.65 43.74 140.75
CA HIS D 464 110.39 44.45 141.96
C HIS D 464 110.38 43.46 143.11
N GLY D 465 111.27 43.65 144.08
CA GLY D 465 111.31 42.78 145.22
C GLY D 465 111.44 43.55 146.49
N ALA D 466 111.19 42.82 147.55
CA ALA D 466 111.25 43.44 148.85
C ALA D 466 112.58 44.14 149.12
N ASN D 467 113.62 43.61 148.52
CA ASN D 467 114.89 44.23 148.78
C ASN D 467 114.85 45.68 148.35
N HIS D 468 114.04 45.88 147.33
CA HIS D 468 113.87 47.22 146.81
C HIS D 468 113.21 48.16 147.80
N ASP D 469 112.12 47.67 148.34
CA ASP D 469 111.40 48.49 149.28
C ASP D 469 112.28 48.89 150.43
N ALA D 470 112.97 47.88 150.89
CA ALA D 470 113.85 48.15 152.00
C ALA D 470 114.89 49.22 151.68
N LEU D 471 115.40 49.14 150.49
CA LEU D 471 116.44 50.08 150.11
C LEU D 471 115.97 51.47 149.85
N TYR D 472 114.80 51.49 149.26
CA TYR D 472 114.15 52.72 149.01
C TYR D 472 114.03 53.49 150.34
N ARG D 473 113.50 52.76 151.28
CA ARG D 473 113.32 53.34 152.58
C ARG D 473 114.58 53.89 153.20
N TRP D 474 115.61 53.06 153.11
CA TRP D 474 116.87 53.41 153.66
C TRP D 474 117.33 54.77 153.16
N ILE D 475 117.25 54.91 151.88
CA ILE D 475 117.70 56.17 151.38
C ILE D 475 116.87 57.30 151.89
N LYS D 476 115.58 57.07 151.86
CA LYS D 476 114.68 58.11 152.29
C LYS D 476 115.10 58.60 153.63
N SER D 477 115.55 57.66 154.40
CA SER D 477 115.91 58.07 155.74
C SER D 477 117.21 58.77 155.81
N VAL D 478 118.10 58.31 155.04
CA VAL D 478 119.39 58.89 155.09
C VAL D 478 119.50 60.20 154.32
N ASP D 479 118.82 60.27 153.18
CA ASP D 479 118.87 61.43 152.34
C ASP D 479 117.51 61.72 151.76
N PRO D 480 116.95 62.58 152.50
CA PRO D 480 115.63 63.06 152.28
C PRO D 480 115.62 64.19 151.29
N SER D 481 116.79 64.68 150.95
CA SER D 481 116.96 65.79 150.03
C SER D 481 116.63 65.46 148.58
N ARG D 482 116.59 64.17 148.29
CA ARG D 482 116.30 63.76 146.94
C ARG D 482 115.34 62.61 146.93
N PRO D 483 114.59 62.64 145.88
CA PRO D 483 113.60 61.66 145.59
C PRO D 483 114.28 60.46 145.03
N VAL D 484 113.58 59.35 145.16
CA VAL D 484 114.04 58.09 144.68
C VAL D 484 113.14 57.51 143.62
N GLN D 485 113.75 56.95 142.60
CA GLN D 485 112.93 56.30 141.59
C GLN D 485 113.43 54.94 141.20
N TYR D 486 112.51 54.15 140.65
CA TYR D 486 112.81 52.79 140.22
C TYR D 486 111.68 52.28 139.36
N GLU D 487 112.02 51.83 138.16
CA GLU D 487 111.00 51.41 137.21
C GLU D 487 110.50 49.97 137.33
N GLY D 488 111.38 49.11 137.81
CA GLY D 488 111.07 47.71 137.87
C GLY D 488 109.71 47.40 138.45
N GLY D 489 109.17 46.35 137.92
CA GLY D 489 107.92 45.83 138.39
C GLY D 489 106.69 46.68 138.10
N GLY D 490 106.69 47.43 137.00
CA GLY D 490 105.51 48.20 136.70
C GLY D 490 105.65 49.73 136.70
N ALA D 491 106.81 50.26 137.11
CA ALA D 491 107.08 51.70 137.08
C ALA D 491 106.27 52.54 138.04
N ASP D 492 105.44 51.89 138.85
CA ASP D 492 104.64 52.67 139.78
C ASP D 492 104.55 52.05 141.16
N THR D 493 105.52 51.22 141.50
CA THR D 493 105.49 50.55 142.78
C THR D 493 105.73 51.47 143.92
N THR D 494 105.67 50.82 145.07
CA THR D 494 105.88 51.44 146.37
C THR D 494 107.33 51.91 146.49
N ALA D 495 108.15 51.38 145.64
CA ALA D 495 109.54 51.72 145.67
C ALA D 495 109.88 52.90 144.79
N THR D 496 108.92 53.65 144.29
CA THR D 496 109.37 54.76 143.49
C THR D 496 108.59 55.98 143.80
N ASP D 497 109.27 57.09 143.78
CA ASP D 497 108.60 58.34 144.06
C ASP D 497 108.03 58.96 142.82
N ILE D 498 108.42 58.42 141.68
CA ILE D 498 107.99 58.95 140.43
C ILE D 498 107.59 57.85 139.51
N ILE D 499 106.56 58.09 138.72
CA ILE D 499 106.17 57.10 137.76
C ILE D 499 107.16 57.26 136.64
N CYS D 500 107.95 56.22 136.44
CA CYS D 500 109.04 56.28 135.48
C CYS D 500 109.11 55.11 134.56
N PRO D 501 108.14 55.01 133.75
CA PRO D 501 108.12 53.90 132.82
C PRO D 501 109.14 54.09 131.73
N MET D 502 109.29 53.01 130.99
CA MET D 502 110.14 52.97 129.84
C MET D 502 109.31 52.62 128.62
N TYR D 503 109.35 53.48 127.62
CA TYR D 503 108.63 53.22 126.39
C TYR D 503 107.11 53.24 126.37
N ALA D 504 106.50 53.90 127.35
CA ALA D 504 105.06 54.04 127.31
C ALA D 504 104.68 55.04 126.21
N ARG D 505 103.58 54.74 125.51
CA ARG D 505 103.19 55.60 124.43
C ARG D 505 102.40 56.80 124.88
N VAL D 506 102.39 57.80 124.01
CA VAL D 506 101.68 59.00 124.35
C VAL D 506 100.20 58.71 124.50
N ASP D 507 99.63 58.12 123.47
CA ASP D 507 98.22 57.85 123.60
C ASP D 507 97.84 56.40 123.60
N GLU D 508 98.75 55.49 123.31
CA GLU D 508 98.28 54.13 123.31
C GLU D 508 98.70 53.32 124.49
N ASP D 509 97.80 52.46 124.91
CA ASP D 509 98.08 51.59 126.01
C ASP D 509 98.66 50.30 125.49
N GLN D 510 99.56 49.73 126.28
CA GLN D 510 100.22 48.46 126.06
C GLN D 510 100.05 47.72 127.36
N PRO D 511 98.99 47.02 127.36
CA PRO D 511 98.47 46.31 128.47
C PRO D 511 99.01 44.93 128.71
N PHE D 512 100.28 44.87 128.94
CA PHE D 512 100.78 43.60 129.31
C PHE D 512 100.30 43.29 130.70
N PRO D 513 100.15 42.01 130.84
CA PRO D 513 99.77 41.38 132.06
C PRO D 513 100.81 41.69 133.09
N ALA D 514 100.30 41.96 134.28
CA ALA D 514 101.12 42.27 135.41
C ALA D 514 101.84 43.60 135.31
N VAL D 515 102.29 43.97 134.13
CA VAL D 515 103.07 45.17 134.03
C VAL D 515 102.77 45.86 132.73
N PRO D 516 101.53 46.27 132.67
CA PRO D 516 101.03 47.00 131.51
C PRO D 516 101.68 48.35 131.50
N LYS D 517 101.71 48.91 130.31
CA LYS D 517 102.21 50.26 130.08
C LYS D 517 101.07 51.10 129.49
N TRP D 518 100.47 51.89 130.32
CA TRP D 518 99.39 52.73 129.89
C TRP D 518 99.87 53.91 129.08
N SER D 519 98.97 54.48 128.26
CA SER D 519 99.34 55.71 127.62
C SER D 519 99.73 56.61 128.78
N ILE D 520 100.75 57.39 128.55
CA ILE D 520 101.12 58.20 129.68
C ILE D 520 100.08 59.19 130.09
N LYS D 521 99.24 59.68 129.16
CA LYS D 521 98.24 60.62 129.66
C LYS D 521 97.25 59.90 130.59
N LYS D 522 96.97 58.66 130.25
CA LYS D 522 96.06 57.92 131.06
C LYS D 522 96.65 57.51 132.38
N TRP D 523 97.91 57.18 132.34
CA TRP D 523 98.53 56.72 133.53
C TRP D 523 98.34 57.68 134.66
N LEU D 524 98.51 58.94 134.38
CA LEU D 524 98.41 59.89 135.49
C LEU D 524 97.09 59.91 136.29
N SER D 525 96.00 59.63 135.59
CA SER D 525 94.62 59.74 136.05
C SER D 525 94.08 58.53 136.75
N LEU D 526 94.85 57.47 136.72
CA LEU D 526 94.39 56.30 137.41
C LEU D 526 94.05 56.66 138.83
N PRO D 527 92.98 56.03 139.26
CA PRO D 527 92.45 56.26 140.57
C PRO D 527 93.44 56.11 141.63
N GLY D 528 93.60 57.20 142.34
CA GLY D 528 94.54 57.26 143.43
C GLY D 528 95.94 57.68 142.99
N GLU D 529 96.23 57.72 141.68
CA GLU D 529 97.57 58.09 141.32
C GLU D 529 97.85 59.57 141.53
N THR D 530 98.96 59.95 142.13
CA THR D 530 99.19 61.38 142.30
C THR D 530 100.57 61.87 141.88
N ARG D 531 101.45 60.91 141.61
CA ARG D 531 102.82 61.20 141.30
C ARG D 531 103.04 61.84 139.98
N PRO D 532 104.21 62.38 139.86
CA PRO D 532 104.63 62.95 138.61
C PRO D 532 105.12 61.78 137.79
N LEU D 533 105.19 62.00 136.50
CA LEU D 533 105.65 60.97 135.61
C LEU D 533 106.74 61.49 134.71
N ILE D 534 107.83 60.73 134.72
CA ILE D 534 108.98 61.03 133.90
C ILE D 534 109.49 59.75 133.32
N LEU D 535 109.57 59.67 132.00
CA LEU D 535 110.01 58.39 131.49
C LEU D 535 111.48 58.17 131.69
N CYS D 536 111.78 56.99 132.18
CA CYS D 536 113.17 56.65 132.41
C CYS D 536 113.81 56.29 131.09
N GLU D 537 112.98 55.84 130.15
CA GLU D 537 113.45 55.57 128.82
C GLU D 537 112.34 55.84 127.85
N TYR D 538 112.66 56.57 126.79
CA TYR D 538 111.72 56.79 125.73
C TYR D 538 112.42 57.16 124.45
N ALA D 539 111.63 57.01 123.38
CA ALA D 539 112.06 57.30 122.01
C ALA D 539 113.35 56.59 121.64
N HIS D 540 113.29 55.26 121.54
CA HIS D 540 114.42 54.43 121.20
C HIS D 540 115.16 54.94 119.95
N ALA D 541 116.37 55.48 120.16
CA ALA D 541 117.09 56.09 119.02
C ALA D 541 117.89 55.15 118.12
N MET D 542 117.41 53.94 117.95
CA MET D 542 118.12 53.01 117.15
C MET D 542 118.02 53.15 115.65
N GLY D 543 119.15 53.53 115.07
CA GLY D 543 119.23 53.70 113.64
C GLY D 543 118.41 54.87 113.16
N ASN D 544 117.71 54.66 112.04
CA ASN D 544 116.85 55.70 111.53
C ASN D 544 115.59 55.74 112.40
N SER D 545 115.62 56.58 113.41
CA SER D 545 114.55 56.59 114.35
C SER D 545 114.19 57.98 114.84
N LEU D 546 113.54 57.98 115.99
CA LEU D 546 113.02 59.17 116.62
C LEU D 546 111.72 59.67 115.98
N GLY D 547 111.07 58.80 115.22
CA GLY D 547 109.82 59.20 114.65
C GLY D 547 108.78 59.29 115.79
N GLY D 548 108.11 60.44 115.85
CA GLY D 548 107.07 60.63 116.86
C GLY D 548 107.51 61.43 118.06
N PHE D 549 108.75 61.83 118.01
CA PHE D 549 109.32 62.59 119.09
C PHE D 549 108.45 63.77 119.52
N ALA D 550 107.99 64.49 118.54
CA ALA D 550 107.16 65.65 118.82
C ALA D 550 105.88 65.41 119.60
N LYS D 551 105.27 64.23 119.36
CA LYS D 551 104.06 63.88 120.11
C LYS D 551 104.33 63.99 121.62
N TYR D 552 105.46 63.43 122.02
CA TYR D 552 105.87 63.47 123.40
C TYR D 552 106.00 64.89 123.88
N TRP D 553 106.77 65.66 123.14
CA TRP D 553 107.00 67.02 123.55
C TRP D 553 105.77 67.81 123.79
N GLN D 554 104.87 67.57 122.89
CA GLN D 554 103.64 68.28 123.01
C GLN D 554 102.88 67.90 124.24
N ALA D 555 102.85 66.62 124.49
CA ALA D 555 102.14 66.20 125.66
C ALA D 555 102.79 66.72 126.89
N PHE D 556 104.12 66.59 126.89
CA PHE D 556 104.82 67.04 128.06
C PHE D 556 104.42 68.47 128.33
N ARG D 557 104.38 69.22 127.25
CA ARG D 557 104.06 70.61 127.41
C ARG D 557 102.64 70.86 127.87
N GLN D 558 101.72 69.98 127.53
CA GLN D 558 100.38 70.26 127.94
C GLN D 558 99.97 69.69 129.29
N TYR D 559 100.66 68.66 129.78
CA TYR D 559 100.29 68.10 131.03
C TYR D 559 101.36 68.36 132.06
N PRO D 560 100.93 69.09 133.02
CA PRO D 560 101.71 69.51 134.14
C PRO D 560 102.52 68.40 134.77
N ARG D 561 101.82 67.32 135.11
CA ARG D 561 102.41 66.17 135.75
C ARG D 561 103.29 65.34 134.81
N LEU D 562 103.28 65.66 133.51
CA LEU D 562 104.18 64.96 132.63
C LEU D 562 105.43 65.81 132.62
N GLN D 563 106.48 65.39 133.33
CA GLN D 563 107.65 66.23 133.41
C GLN D 563 108.85 65.91 132.55
N GLY D 564 108.65 65.17 131.46
CA GLY D 564 109.73 64.86 130.54
C GLY D 564 110.17 63.40 130.59
N GLY D 565 111.43 63.18 130.20
CA GLY D 565 111.99 61.83 130.18
C GLY D 565 113.42 61.87 129.68
N PHE D 566 113.98 60.67 129.60
CA PHE D 566 115.32 60.43 129.16
C PHE D 566 115.30 59.57 127.95
N VAL D 567 115.87 60.14 126.93
CA VAL D 567 115.93 59.40 125.71
C VAL D 567 116.93 58.26 125.82
N TRP D 568 116.58 57.21 125.13
CA TRP D 568 117.46 56.07 125.10
C TRP D 568 117.96 55.86 123.67
N ASP D 569 119.25 56.15 123.44
CA ASP D 569 120.20 56.67 124.40
C ASP D 569 121.23 57.57 123.70
N TRP D 570 122.22 58.06 124.42
CA TRP D 570 123.21 58.97 123.84
C TRP D 570 124.07 58.54 122.65
N VAL D 571 124.97 57.56 122.86
CA VAL D 571 125.89 57.08 121.81
C VAL D 571 125.80 55.62 121.52
N ASP D 572 126.06 55.27 120.26
CA ASP D 572 126.07 53.88 119.86
C ASP D 572 127.20 53.17 120.58
N GLN D 573 126.93 51.93 120.95
CA GLN D 573 127.95 51.17 121.63
C GLN D 573 128.70 50.34 120.62
N SER D 574 129.38 51.04 119.72
CA SER D 574 130.15 50.35 118.71
C SER D 574 131.61 50.45 118.99
N LEU D 575 132.25 49.37 118.57
CA LEU D 575 133.68 49.26 118.71
C LEU D 575 134.38 49.26 117.35
N ILE D 576 135.62 49.71 117.38
CA ILE D 576 136.43 49.72 116.19
C ILE D 576 137.18 48.40 115.93
N LYS D 577 137.30 48.04 114.67
CA LYS D 577 138.03 46.87 114.26
C LYS D 577 138.83 47.25 113.03
N TYR D 578 139.73 46.33 112.66
CA TYR D 578 140.48 46.63 111.46
C TYR D 578 140.44 45.56 110.43
N ASP D 579 140.54 46.06 109.22
CA ASP D 579 140.60 45.15 108.13
C ASP D 579 142.09 44.92 107.92
N GLU D 580 142.38 43.98 107.04
CA GLU D 580 143.72 43.61 106.63
C GLU D 580 144.52 44.84 106.19
N ASN D 581 143.83 45.79 105.55
CA ASN D 581 144.51 47.00 105.13
C ASN D 581 144.66 47.99 106.27
N GLY D 582 144.43 47.45 107.49
CA GLY D 582 144.54 48.21 108.73
C GLY D 582 143.53 49.34 108.72
N ASN D 583 142.39 48.98 108.18
CA ASN D 583 141.31 49.91 108.10
C ASN D 583 140.36 49.61 109.19
N PRO D 584 140.04 50.68 109.89
CA PRO D 584 139.16 50.67 111.04
C PRO D 584 137.70 50.61 110.61
N TRP D 585 136.94 49.88 111.37
CA TRP D 585 135.55 49.84 111.06
C TRP D 585 134.70 49.56 112.27
N SER D 586 133.48 50.06 112.25
CA SER D 586 132.58 49.90 113.36
C SER D 586 131.93 48.54 113.46
N ALA D 587 132.19 47.96 114.62
CA ALA D 587 131.74 46.63 114.95
C ALA D 587 130.67 46.61 116.02
N TYR D 588 129.87 45.56 115.92
CA TYR D 588 128.82 45.36 116.86
C TYR D 588 128.75 43.91 117.30
N GLY D 589 127.67 43.60 117.98
CA GLY D 589 127.48 42.26 118.51
C GLY D 589 127.79 41.19 117.49
N GLY D 590 128.57 40.22 117.97
CA GLY D 590 129.01 39.06 117.21
C GLY D 590 130.25 39.31 116.36
N ASP D 591 130.65 40.57 116.23
CA ASP D 591 131.80 40.95 115.44
C ASP D 591 133.13 40.49 116.03
N PHE D 592 133.08 39.88 117.21
CA PHE D 592 134.27 39.39 117.87
C PHE D 592 134.15 37.92 118.08
N GLY D 593 133.19 37.35 117.38
CA GLY D 593 132.92 35.94 117.50
C GLY D 593 132.29 35.67 118.85
N ASP D 594 131.92 36.77 119.51
CA ASP D 594 131.27 36.73 120.81
C ASP D 594 129.94 36.05 120.68
N THR D 595 129.73 35.11 121.60
CA THR D 595 128.51 34.35 121.70
C THR D 595 128.12 34.14 123.16
N PRO D 596 126.83 34.34 123.46
CA PRO D 596 125.84 34.67 122.43
C PRO D 596 125.83 36.18 122.18
N ASN D 597 125.13 36.67 121.17
CA ASN D 597 125.14 38.11 120.98
C ASN D 597 123.82 38.64 120.44
N ASP D 598 123.62 39.97 120.61
CA ASP D 598 122.40 40.67 120.23
C ASP D 598 122.55 41.67 119.08
N ARG D 599 123.69 41.54 118.40
CA ARG D 599 124.07 42.30 117.20
C ARG D 599 124.04 43.81 117.34
N GLN D 600 123.29 44.48 116.42
CA GLN D 600 123.13 45.97 116.39
C GLN D 600 122.49 46.56 117.65
N PHE D 601 121.76 45.70 118.37
CA PHE D 601 121.08 46.14 119.53
C PHE D 601 121.82 47.08 120.46
N CYS D 602 123.14 47.04 120.44
CA CYS D 602 123.95 47.92 121.27
C CYS D 602 124.06 49.32 120.64
N MET D 603 123.46 49.53 119.46
CA MET D 603 123.53 50.84 118.81
C MET D 603 122.16 51.50 118.77
N ASN D 604 122.00 52.45 119.70
CA ASN D 604 120.74 53.14 119.89
C ASN D 604 120.97 54.60 120.15
N GLY D 605 122.15 55.09 119.82
CA GLY D 605 122.47 56.45 120.16
C GLY D 605 122.02 57.49 119.19
N LEU D 606 122.07 58.67 119.72
CA LEU D 606 121.76 59.86 118.98
C LEU D 606 123.02 60.29 118.24
N VAL D 607 124.14 59.76 118.69
CA VAL D 607 125.40 60.03 118.06
C VAL D 607 126.14 58.76 117.89
N PHE D 608 126.99 58.86 116.92
CA PHE D 608 127.89 57.80 116.56
C PHE D 608 128.95 57.76 117.65
N ALA D 609 129.52 56.56 117.82
CA ALA D 609 130.57 56.39 118.84
C ALA D 609 131.66 57.48 118.88
N ASP D 610 131.94 58.06 117.73
CA ASP D 610 132.93 59.11 117.62
C ASP D 610 132.33 60.42 118.00
N ARG D 611 131.09 60.34 118.45
CA ARG D 611 130.38 61.53 118.80
C ARG D 611 130.00 62.34 117.57
N THR D 612 129.64 61.61 116.56
CA THR D 612 129.13 62.30 115.44
C THR D 612 127.71 61.93 115.39
N PRO D 613 126.99 62.98 115.29
CA PRO D 613 125.56 63.05 115.31
C PRO D 613 124.88 62.29 114.25
N HIS D 614 123.76 61.75 114.68
CA HIS D 614 122.82 61.18 113.80
C HIS D 614 121.89 62.36 113.48
N PRO D 615 121.12 62.20 112.46
CA PRO D 615 120.24 63.28 112.09
C PRO D 615 119.19 63.55 113.15
N ALA D 616 118.77 62.48 113.81
CA ALA D 616 117.74 62.58 114.83
C ALA D 616 118.04 63.65 115.87
N LEU D 617 119.31 63.78 116.15
CA LEU D 617 119.71 64.71 117.14
C LEU D 617 119.09 66.09 116.98
N THR D 618 118.89 66.43 115.77
CA THR D 618 118.36 67.72 115.46
C THR D 618 116.91 67.85 115.80
N GLU D 619 116.19 66.77 115.49
CA GLU D 619 114.81 66.77 115.82
C GLU D 619 114.72 67.01 117.31
N ALA D 620 115.60 66.32 118.01
CA ALA D 620 115.59 66.51 119.47
C ALA D 620 115.90 67.93 119.88
N LYS D 621 116.95 68.43 119.28
CA LYS D 621 117.35 69.77 119.63
C LYS D 621 116.21 70.74 119.49
N HIS D 622 115.51 70.60 118.39
CA HIS D 622 114.41 71.48 118.10
C HIS D 622 113.25 71.32 119.06
N GLN D 623 112.81 70.07 119.27
CA GLN D 623 111.67 69.89 120.18
C GLN D 623 112.01 70.31 121.60
N GLN D 624 113.29 70.28 121.94
CA GLN D 624 113.64 70.63 123.29
C GLN D 624 113.97 72.09 123.48
N GLN D 625 113.84 72.89 122.44
CA GLN D 625 114.22 74.28 122.62
C GLN D 625 113.50 74.97 123.75
N PHE D 626 114.19 75.94 124.31
CA PHE D 626 113.67 76.70 125.44
C PHE D 626 112.83 77.87 125.08
N PHE D 627 112.72 78.14 123.80
CA PHE D 627 111.88 79.26 123.43
C PHE D 627 110.78 78.79 122.56
N GLN D 628 109.60 79.30 122.80
CA GLN D 628 108.49 78.90 121.98
C GLN D 628 107.88 80.08 121.32
N PHE D 629 107.49 79.85 120.08
CA PHE D 629 106.90 80.91 119.27
C PHE D 629 105.52 80.73 118.78
N ARG D 630 104.86 81.86 118.69
CA ARG D 630 103.51 81.96 118.20
C ARG D 630 103.48 83.11 117.25
N LEU D 631 102.79 82.89 116.17
CA LEU D 631 102.73 83.96 115.23
C LEU D 631 101.35 84.53 115.09
N SER D 632 101.22 85.82 115.29
CA SER D 632 99.89 86.37 115.13
C SER D 632 99.87 87.61 114.31
N GLY D 633 99.39 87.45 113.10
CA GLY D 633 99.41 88.60 112.26
C GLY D 633 100.85 88.96 111.95
N GLN D 634 101.28 90.15 112.38
CA GLN D 634 102.64 90.56 112.08
C GLN D 634 103.44 90.48 113.32
N THR D 635 102.83 89.84 114.29
CA THR D 635 103.42 89.71 115.59
C THR D 635 103.81 88.34 116.00
N ILE D 636 105.01 88.32 116.52
CA ILE D 636 105.51 87.12 117.08
C ILE D 636 105.52 87.13 118.57
N GLU D 637 104.98 86.05 119.11
CA GLU D 637 104.94 85.89 120.52
C GLU D 637 106.01 84.93 120.97
N VAL D 638 106.85 85.39 121.86
CA VAL D 638 107.89 84.51 122.32
C VAL D 638 107.68 84.11 123.73
N THR D 639 107.92 82.85 123.96
CA THR D 639 107.75 82.34 125.27
C THR D 639 108.96 81.63 125.75
N SER D 640 109.32 81.96 126.99
CA SER D 640 110.50 81.39 127.60
C SER D 640 110.17 80.21 128.48
N GLU D 641 110.95 79.15 128.27
CA GLU D 641 110.83 77.94 129.07
C GLU D 641 111.97 77.86 130.06
N TYR D 642 112.65 78.98 130.26
CA TYR D 642 113.66 79.03 131.28
C TYR D 642 112.93 79.34 132.57
N LEU D 643 113.36 78.67 133.61
CA LEU D 643 112.74 78.84 134.91
C LEU D 643 113.46 79.88 135.65
N PHE D 644 114.73 79.98 135.37
CA PHE D 644 115.53 80.89 136.14
C PHE D 644 116.27 81.96 135.40
N ARG D 645 116.60 81.78 134.14
CA ARG D 645 117.31 82.87 133.55
C ARG D 645 116.54 83.76 132.66
N HIS D 646 117.15 84.90 132.45
CA HIS D 646 116.60 85.89 131.59
C HIS D 646 117.27 85.73 130.23
N SER D 647 116.62 86.11 129.13
CA SER D 647 117.21 85.94 127.79
C SER D 647 118.34 86.90 127.57
N ASP D 648 119.36 86.75 128.36
CA ASP D 648 120.47 87.65 128.30
C ASP D 648 121.58 87.36 127.30
N ASN D 649 121.39 86.42 126.42
CA ASN D 649 122.41 86.19 125.41
C ASN D 649 121.68 85.72 124.20
N GLU D 650 120.65 86.50 123.90
CA GLU D 650 119.80 86.11 122.84
C GLU D 650 119.39 87.15 121.84
N LEU D 651 119.67 86.71 120.64
CA LEU D 651 119.34 87.43 119.47
C LEU D 651 118.41 86.67 118.57
N LEU D 652 117.38 87.38 118.19
CA LEU D 652 116.43 86.81 117.30
C LEU D 652 116.52 87.33 115.88
N HIS D 653 116.91 86.46 115.00
CA HIS D 653 117.00 86.86 113.63
C HIS D 653 115.79 86.38 112.85
N TRP D 654 115.21 87.23 112.04
CA TRP D 654 114.12 86.71 111.29
C TRP D 654 114.30 86.96 109.83
N MET D 655 113.46 86.34 109.05
CA MET D 655 113.59 86.50 107.64
C MET D 655 112.52 85.88 106.75
N VAL D 656 112.27 86.60 105.67
CA VAL D 656 111.26 86.26 104.73
C VAL D 656 111.74 85.94 103.37
N ALA D 657 111.22 84.85 102.84
CA ALA D 657 111.61 84.42 101.53
C ALA D 657 110.49 83.84 100.73
N LEU D 658 110.68 83.99 99.44
CA LEU D 658 109.72 83.50 98.52
C LEU D 658 110.33 82.36 97.81
N ASP D 659 109.79 81.20 98.02
CA ASP D 659 110.39 80.06 97.37
C ASP D 659 111.91 80.07 97.47
N GLY D 660 112.47 80.51 98.59
CA GLY D 660 113.91 80.49 98.71
C GLY D 660 114.51 81.85 98.47
N LYS D 661 113.77 82.70 97.81
CA LYS D 661 114.31 84.00 97.61
C LYS D 661 113.94 84.87 98.75
N PRO D 662 114.99 85.31 99.38
CA PRO D 662 114.97 86.14 100.56
C PRO D 662 114.58 87.51 100.17
N LEU D 663 113.60 88.02 100.84
CA LEU D 663 113.10 89.34 100.54
C LEU D 663 113.35 90.33 101.63
N ALA D 664 113.51 89.83 102.85
CA ALA D 664 113.69 90.68 103.98
C ALA D 664 114.16 89.89 105.16
N SER D 665 114.97 90.56 105.94
CA SER D 665 115.51 89.95 107.11
C SER D 665 115.63 90.97 108.21
N GLY D 666 115.68 90.50 109.45
CA GLY D 666 115.76 91.39 110.57
C GLY D 666 116.45 90.75 111.72
N GLU D 667 116.59 91.55 112.77
CA GLU D 667 117.27 91.12 113.98
C GLU D 667 116.73 91.78 115.20
N VAL D 668 116.44 90.99 116.20
CA VAL D 668 115.95 91.56 117.39
C VAL D 668 116.39 90.81 118.58
N PRO D 669 116.83 91.61 119.49
CA PRO D 669 117.32 91.12 120.74
C PRO D 669 116.16 90.75 121.62
N LEU D 670 116.36 89.62 122.26
CA LEU D 670 115.41 89.10 123.20
C LEU D 670 115.64 89.59 124.58
N ASP D 671 114.51 89.81 125.19
CA ASP D 671 114.43 90.27 126.54
C ASP D 671 113.21 89.64 127.19
N VAL D 672 113.38 88.38 127.58
CA VAL D 672 112.29 87.66 128.19
C VAL D 672 112.68 87.07 129.49
N ALA D 673 111.76 87.19 130.41
CA ALA D 673 112.02 86.60 131.67
C ALA D 673 111.68 85.14 131.65
N PRO D 674 112.35 84.42 132.53
CA PRO D 674 112.05 83.03 132.65
C PRO D 674 110.55 82.95 132.72
N GLN D 675 110.02 82.03 131.93
CA GLN D 675 108.60 81.83 131.89
C GLN D 675 107.77 82.98 131.41
N GLY D 676 108.40 83.95 130.81
CA GLY D 676 107.64 85.06 130.28
C GLY D 676 107.46 85.04 128.78
N LYS D 677 106.72 86.06 128.34
CA LYS D 677 106.41 86.30 126.95
C LYS D 677 107.01 87.61 126.47
N GLN D 678 107.32 87.67 125.19
CA GLN D 678 107.85 88.87 124.57
C GLN D 678 107.18 88.97 123.23
N LEU D 679 106.65 90.18 122.95
CA LEU D 679 106.00 90.46 121.68
C LEU D 679 106.88 91.14 120.69
N ILE D 680 106.78 90.60 119.50
CA ILE D 680 107.57 91.15 118.46
C ILE D 680 106.80 91.55 117.29
N GLU D 681 106.91 92.84 117.15
CA GLU D 681 106.26 93.56 116.13
C GLU D 681 107.01 93.57 114.83
N LEU D 682 106.31 93.10 113.82
CA LEU D 682 106.93 93.08 112.54
C LEU D 682 106.61 94.28 111.68
N PRO D 683 107.66 94.66 111.01
CA PRO D 683 107.63 95.74 110.07
C PRO D 683 106.82 95.26 108.91
N GLU D 684 106.19 96.19 108.26
CA GLU D 684 105.41 95.83 107.11
C GLU D 684 106.15 94.88 106.20
N LEU D 685 105.45 93.79 105.94
CA LEU D 685 105.98 92.76 105.11
C LEU D 685 105.63 92.92 103.69
N PRO D 686 106.58 92.50 102.92
CA PRO D 686 106.59 92.51 101.49
C PRO D 686 105.46 91.65 100.92
N GLN D 687 104.82 92.17 99.87
CA GLN D 687 103.71 91.48 99.27
C GLN D 687 103.93 91.10 97.84
N PRO D 688 105.02 90.39 97.61
CA PRO D 688 105.42 89.87 96.30
C PRO D 688 104.24 89.52 95.40
N GLU D 689 104.47 89.75 94.14
CA GLU D 689 103.43 89.50 93.17
C GLU D 689 103.51 88.11 92.60
N SER D 690 104.79 87.82 92.33
CA SER D 690 105.28 86.58 91.79
C SER D 690 104.63 85.40 92.46
N ALA D 691 104.64 84.29 91.79
CA ALA D 691 104.01 83.15 92.36
C ALA D 691 104.97 82.38 93.20
N GLY D 692 104.38 81.73 94.21
CA GLY D 692 105.15 80.92 95.14
C GLY D 692 104.65 80.98 96.56
N GLN D 693 105.48 80.39 97.41
CA GLN D 693 105.24 80.29 98.83
C GLN D 693 106.13 81.24 99.59
N LEU D 694 105.44 81.95 100.44
CA LEU D 694 106.07 82.89 101.27
C LEU D 694 106.26 82.37 102.66
N TRP D 695 107.50 82.38 103.08
CA TRP D 695 107.78 81.84 104.38
C TRP D 695 108.59 82.69 105.28
N LEU D 696 108.15 82.63 106.52
CA LEU D 696 108.83 83.32 107.55
C LEU D 696 109.65 82.42 108.43
N THR D 697 110.89 82.83 108.69
CA THR D 697 111.73 82.04 109.55
C THR D 697 112.48 82.80 110.61
N VAL D 698 112.46 82.24 111.82
CA VAL D 698 113.18 82.82 112.95
C VAL D 698 114.18 81.88 113.58
N ARG D 699 115.25 82.50 114.01
CA ARG D 699 116.30 81.77 114.67
C ARG D 699 116.73 82.53 115.89
N VAL D 700 117.21 81.77 116.84
CA VAL D 700 117.74 82.33 118.04
C VAL D 700 119.22 82.09 118.13
N VAL D 701 119.88 83.24 118.26
CA VAL D 701 121.30 83.22 118.36
C VAL D 701 121.90 83.81 119.58
N GLN D 702 122.97 83.12 119.94
CA GLN D 702 123.81 83.47 121.06
C GLN D 702 125.04 84.12 120.56
N PRO D 703 124.96 85.42 120.65
CA PRO D 703 125.96 86.34 120.25
C PRO D 703 127.28 86.02 120.91
N ASN D 704 127.27 85.90 122.22
CA ASN D 704 128.49 85.62 122.94
C ASN D 704 128.68 84.16 123.23
N ALA D 705 129.94 83.74 123.31
CA ALA D 705 130.16 82.36 123.64
C ALA D 705 129.87 82.09 125.10
N THR D 706 129.71 80.82 125.38
CA THR D 706 129.46 80.37 126.73
C THR D 706 130.44 79.31 127.02
N ALA D 707 130.30 78.80 128.18
CA ALA D 707 131.21 77.77 128.52
C ALA D 707 130.99 76.52 127.75
N TRP D 708 129.83 76.41 127.12
CA TRP D 708 129.57 75.16 126.43
C TRP D 708 129.14 75.43 125.04
N SER D 709 129.21 76.70 124.66
CA SER D 709 128.83 77.10 123.33
C SER D 709 129.66 78.25 122.83
N GLU D 710 129.80 78.24 121.51
CA GLU D 710 130.52 79.26 120.78
C GLU D 710 129.68 80.46 120.51
N ALA D 711 130.35 81.51 120.12
CA ALA D 711 129.52 82.65 119.82
C ALA D 711 128.78 82.37 118.54
N GLY D 712 127.57 82.91 118.48
CA GLY D 712 126.71 82.72 117.35
C GLY D 712 126.06 81.34 117.30
N HIS D 713 125.88 80.73 118.44
CA HIS D 713 125.26 79.45 118.45
C HIS D 713 123.77 79.60 118.27
N ILE D 714 123.19 78.67 117.50
CA ILE D 714 121.75 78.72 117.29
C ILE D 714 121.06 77.84 118.27
N SER D 715 120.16 78.40 118.99
CA SER D 715 119.55 77.55 119.97
C SER D 715 118.10 77.21 119.71
N ALA D 716 117.50 77.94 118.78
CA ALA D 716 116.11 77.67 118.55
C ALA D 716 115.70 78.26 117.24
N TRP D 717 114.69 77.64 116.66
CA TRP D 717 114.16 78.16 115.44
C TRP D 717 112.75 77.75 115.21
N GLN D 718 112.17 78.40 114.22
CA GLN D 718 110.81 78.12 113.88
C GLN D 718 110.42 78.81 112.59
N GLN D 719 109.61 78.11 111.80
CA GLN D 719 109.21 78.76 110.59
C GLN D 719 107.70 78.76 110.31
N TRP D 720 107.24 79.65 109.46
CA TRP D 720 105.82 79.66 109.15
C TRP D 720 105.55 79.98 107.69
N ARG D 721 104.50 79.39 107.13
CA ARG D 721 104.22 79.75 105.75
C ARG D 721 103.24 80.89 105.74
N LEU D 722 103.68 82.02 105.26
CA LEU D 722 102.84 83.18 105.25
C LEU D 722 101.79 83.19 104.19
N ALA D 723 102.20 82.97 102.97
CA ALA D 723 101.22 83.00 101.94
C ALA D 723 101.61 82.17 100.76
N GLU D 724 100.62 82.08 99.91
CA GLU D 724 100.78 81.33 98.69
C GLU D 724 100.18 82.05 97.53
N ASN D 725 100.95 82.15 96.48
CA ASN D 725 100.43 82.78 95.27
C ASN D 725 100.42 81.71 94.24
N LEU D 726 99.22 81.21 93.94
CA LEU D 726 99.14 80.14 92.93
C LEU D 726 99.48 80.65 91.54
N SER D 727 100.15 79.77 90.78
CA SER D 727 100.51 80.11 89.41
C SER D 727 99.42 79.79 88.45
N VAL D 728 99.01 80.83 87.76
CA VAL D 728 97.96 80.73 86.79
C VAL D 728 98.52 80.86 85.42
N THR D 729 99.80 80.79 85.32
CA THR D 729 100.26 80.96 84.01
C THR D 729 100.40 79.71 83.23
N LEU D 730 100.41 80.01 81.96
CA LEU D 730 100.53 79.05 80.93
C LEU D 730 101.81 79.21 80.20
N PRO D 731 102.24 78.03 79.79
CA PRO D 731 103.40 77.80 78.99
C PRO D 731 103.16 78.38 77.60
N ALA D 732 104.23 78.99 77.11
CA ALA D 732 104.15 79.55 75.78
C ALA D 732 104.27 78.42 74.76
N ALA D 733 103.76 78.73 73.56
CA ALA D 733 103.81 77.78 72.48
C ALA D 733 105.25 77.39 72.13
N SER D 734 105.29 76.15 71.67
CA SER D 734 106.48 75.53 71.22
C SER D 734 106.36 75.62 69.71
N HIS D 735 107.48 75.67 69.04
CA HIS D 735 107.39 75.80 67.61
C HIS D 735 107.37 74.47 66.97
N ALA D 736 107.37 73.47 67.82
CA ALA D 736 107.40 72.15 67.30
C ALA D 736 106.85 71.21 68.28
N ILE D 737 106.64 70.01 67.82
CA ILE D 737 106.17 69.03 68.71
C ILE D 737 106.90 67.73 68.50
N PRO D 738 106.99 67.00 69.56
CA PRO D 738 107.72 65.78 69.52
C PRO D 738 107.25 64.84 68.45
N HIS D 739 108.17 64.01 68.08
CA HIS D 739 107.91 63.10 67.05
C HIS D 739 107.96 61.67 67.52
N LEU D 740 106.81 61.04 67.35
CA LEU D 740 106.65 59.67 67.79
C LEU D 740 107.07 58.59 66.80
N THR D 741 107.73 57.57 67.25
CA THR D 741 108.08 56.53 66.30
C THR D 741 107.82 55.21 66.93
N THR D 742 107.17 54.38 66.17
CA THR D 742 106.81 53.12 66.73
C THR D 742 107.50 51.91 66.21
N SER D 743 108.39 51.36 67.01
CA SER D 743 109.00 50.11 66.66
C SER D 743 108.02 49.02 67.12
N GLU D 744 108.45 47.80 67.18
CA GLU D 744 107.55 46.77 67.61
C GLU D 744 107.79 46.50 69.07
N MET D 745 109.01 46.89 69.39
CA MET D 745 109.65 46.77 70.67
C MET D 745 109.47 47.94 71.51
N ASP D 746 109.15 49.04 70.84
CA ASP D 746 108.99 50.19 71.65
C ASP D 746 108.49 51.37 70.92
N PHE D 747 108.51 52.45 71.68
CA PHE D 747 108.09 53.72 71.19
C PHE D 747 109.21 54.70 71.39
N CME D 748 109.42 55.54 70.38
CA CME D 748 110.45 56.52 70.41
CB CME D 748 111.44 56.33 69.31
SG CME D 748 112.83 55.46 70.00
SD CME D 748 113.90 57.01 70.52
CE CME D 748 115.35 56.08 71.07
CZ CME D 748 116.36 55.88 69.91
OH CME D 748 116.24 54.53 69.45
C CME D 748 110.02 57.93 70.31
O CME D 748 109.44 58.35 69.33
N ILE D 749 110.36 58.69 71.30
CA ILE D 749 109.98 60.06 71.20
C ILE D 749 111.20 60.90 70.99
N GLU D 750 111.09 61.72 69.98
CA GLU D 750 112.19 62.57 69.68
C GLU D 750 111.81 64.00 69.65
N LEU D 751 112.80 64.80 69.99
CA LEU D 751 112.59 66.22 69.95
C LEU D 751 113.91 66.91 70.14
N GLY D 752 114.48 67.33 69.03
CA GLY D 752 115.79 67.96 69.05
C GLY D 752 116.79 66.86 69.34
N ASN D 753 117.74 67.19 70.19
CA ASN D 753 118.77 66.25 70.65
C ASN D 753 118.18 65.22 71.62
N LYS D 754 117.04 65.61 72.20
CA LYS D 754 116.35 64.78 73.12
C LYS D 754 115.58 63.60 72.54
N ARG D 755 115.63 62.50 73.28
CA ARG D 755 114.99 61.26 72.92
C ARG D 755 114.60 60.41 74.11
N TRP D 756 113.45 59.80 73.96
CA TRP D 756 112.92 58.97 75.02
C TRP D 756 112.44 57.68 74.51
N GLN D 757 112.77 56.63 75.22
CA GLN D 757 112.27 55.38 74.75
C GLN D 757 111.49 54.56 75.77
N PHE D 758 110.35 54.08 75.32
CA PHE D 758 109.56 53.25 76.18
C PHE D 758 109.53 51.86 75.67
N ASN D 759 109.94 50.95 76.49
CA ASN D 759 109.89 49.57 76.08
C ASN D 759 108.46 49.07 76.07
N ARG D 760 108.10 48.46 74.97
CA ARG D 760 106.77 47.97 74.81
C ARG D 760 106.46 46.71 75.54
N GLN D 761 107.45 46.00 75.98
CA GLN D 761 107.00 44.81 76.67
C GLN D 761 106.98 45.04 78.15
N SER D 762 107.85 45.93 78.61
CA SER D 762 107.96 46.22 80.01
C SER D 762 106.98 47.30 80.38
N GLY D 763 106.73 48.13 79.40
CA GLY D 763 105.85 49.21 79.69
C GLY D 763 106.56 50.31 80.47
N PHE D 764 107.89 50.33 80.48
CA PHE D 764 108.56 51.39 81.19
C PHE D 764 109.39 52.23 80.32
N LEU D 765 109.65 53.39 80.85
CA LEU D 765 110.55 54.29 80.20
C LEU D 765 111.91 53.64 80.37
N SER D 766 112.46 53.15 79.29
CA SER D 766 113.72 52.41 79.32
C SER D 766 115.00 53.19 79.15
N GLN D 767 114.95 54.25 78.40
CA GLN D 767 116.17 55.00 78.24
C GLN D 767 115.83 56.32 77.71
N MET D 768 116.74 57.22 77.88
CA MET D 768 116.58 58.50 77.36
C MET D 768 117.93 59.10 77.06
N TRP D 769 117.98 59.90 76.01
CA TRP D 769 119.21 60.50 75.61
C TRP D 769 119.10 61.95 75.46
N ILE D 770 120.22 62.53 75.74
CA ILE D 770 120.42 63.92 75.50
C ILE D 770 121.58 63.88 74.58
N GLY D 771 121.40 64.42 73.39
CA GLY D 771 122.49 64.25 72.48
C GLY D 771 122.60 62.74 72.24
N ASP D 772 123.81 62.25 72.32
CA ASP D 772 124.10 60.86 72.10
C ASP D 772 124.40 60.18 73.40
N LYS D 773 124.09 60.89 74.47
CA LYS D 773 124.33 60.36 75.79
C LYS D 773 123.11 59.76 76.42
N LYS D 774 123.29 58.50 76.80
CA LYS D 774 122.24 57.79 77.47
C LYS D 774 122.16 58.36 78.87
N GLN D 775 120.98 58.33 79.48
CA GLN D 775 120.94 58.94 80.78
C GLN D 775 120.68 58.03 81.93
N LEU D 776 120.18 56.84 81.61
CA LEU D 776 119.86 55.92 82.66
C LEU D 776 120.51 54.59 82.53
N LEU D 777 120.90 54.02 83.67
CA LEU D 777 121.42 52.67 83.66
C LEU D 777 120.29 51.71 83.98
N THR D 778 119.23 52.26 84.53
CA THR D 778 118.07 51.47 84.89
C THR D 778 116.83 52.21 84.51
N PRO D 779 115.85 51.46 84.05
CA PRO D 779 114.56 52.00 83.68
C PRO D 779 113.81 52.57 84.89
N LEU D 780 112.96 53.53 84.61
CA LEU D 780 112.20 54.17 85.63
C LEU D 780 111.05 53.30 86.04
N ARG D 781 110.95 52.98 87.32
CA ARG D 781 109.81 52.16 87.69
C ARG D 781 109.31 52.33 89.08
N ASP D 782 108.10 51.82 89.26
CA ASP D 782 107.44 51.93 90.52
C ASP D 782 108.19 51.19 91.55
N GLN D 783 108.05 51.71 92.74
CA GLN D 783 108.67 51.12 93.88
C GLN D 783 107.78 51.20 95.09
N PHE D 784 107.55 50.06 95.71
CA PHE D 784 106.69 50.03 96.90
C PHE D 784 107.37 49.62 98.19
N THR D 785 108.66 49.40 98.17
CA THR D 785 109.31 48.94 99.39
C THR D 785 110.51 49.78 99.78
N ARG D 786 111.06 49.40 100.94
CA ARG D 786 112.28 50.03 101.40
C ARG D 786 113.21 49.03 102.09
N ALA D 787 114.50 49.40 102.12
CA ALA D 787 115.51 48.63 102.83
C ALA D 787 115.17 48.91 104.29
N PRO D 788 114.67 47.87 104.93
CA PRO D 788 114.18 47.91 106.30
C PRO D 788 115.02 48.63 107.27
N LEU D 789 114.32 49.34 108.12
CA LEU D 789 114.96 50.07 109.16
C LEU D 789 115.04 49.19 110.35
N ASP D 790 115.88 49.59 111.25
CA ASP D 790 115.95 48.82 112.46
C ASP D 790 114.56 48.67 113.02
N ASN D 791 113.85 49.79 113.08
CA ASN D 791 112.49 49.77 113.55
C ASN D 791 111.60 48.83 112.75
N ASP D 792 111.83 48.69 111.44
CA ASP D 792 110.97 47.81 110.63
C ASP D 792 111.17 46.36 110.93
N ILE D 793 112.39 46.13 111.34
CA ILE D 793 112.81 44.79 111.62
C ILE D 793 112.35 44.34 112.98
N GLY D 794 112.46 45.29 113.87
CA GLY D 794 112.02 45.22 115.22
C GLY D 794 112.23 43.93 116.00
N VAL D 795 113.47 43.76 116.40
CA VAL D 795 113.81 42.67 117.29
C VAL D 795 114.72 43.25 118.36
N SER D 796 114.55 42.77 119.60
CA SER D 796 115.39 43.23 120.73
C SER D 796 116.40 42.14 121.16
N GLU D 797 116.05 40.91 120.78
CA GLU D 797 116.82 39.72 121.04
C GLU D 797 116.94 38.98 119.74
N ALA D 798 118.19 38.77 119.32
CA ALA D 798 118.54 38.06 118.08
C ALA D 798 117.70 36.80 117.80
N THR D 799 117.37 36.13 118.92
CA THR D 799 116.61 34.90 119.10
C THR D 799 115.14 34.96 118.68
N ARG D 800 114.47 36.01 119.16
CA ARG D 800 113.05 36.20 118.96
C ARG D 800 112.65 37.13 117.84
N ILE D 801 111.99 36.52 116.83
CA ILE D 801 111.44 37.20 115.64
C ILE D 801 109.92 37.48 115.78
N ASP D 802 109.52 38.67 115.33
CA ASP D 802 108.14 39.11 115.43
C ASP D 802 107.43 39.07 114.08
N PRO D 803 106.56 38.11 113.97
CA PRO D 803 105.77 37.94 112.78
C PRO D 803 104.99 39.22 112.47
N ASN D 804 104.89 40.08 113.47
CA ASN D 804 104.19 41.34 113.34
C ASN D 804 105.05 42.48 112.90
N ALA D 805 106.34 42.23 112.87
CA ALA D 805 107.21 43.25 112.41
C ALA D 805 106.84 43.54 110.97
N TRP D 806 106.93 44.82 110.66
CA TRP D 806 106.64 45.31 109.34
C TRP D 806 107.31 44.48 108.32
N VAL D 807 108.60 44.35 108.54
CA VAL D 807 109.37 43.60 107.59
C VAL D 807 108.85 42.20 107.38
N GLU D 808 108.47 41.61 108.49
CA GLU D 808 107.95 40.28 108.44
C GLU D 808 106.73 40.23 107.60
N ARG D 809 105.89 41.18 107.85
CA ARG D 809 104.67 41.24 107.11
C ARG D 809 104.87 41.51 105.64
N TRP D 810 105.76 42.43 105.36
CA TRP D 810 106.01 42.81 103.99
C TRP D 810 106.54 41.66 103.23
N LYS D 811 107.40 40.93 103.90
CA LYS D 811 108.03 39.80 103.26
C LYS D 811 107.00 38.77 102.91
N ALA D 812 106.29 38.42 103.93
CA ALA D 812 105.27 37.42 103.81
C ALA D 812 104.23 37.76 102.78
N ALA D 813 104.04 39.06 102.57
CA ALA D 813 103.05 39.49 101.64
C ALA D 813 103.56 39.42 100.21
N GLY D 814 104.88 39.33 100.07
CA GLY D 814 105.49 39.24 98.77
C GLY D 814 105.81 40.60 98.23
N HIS D 815 105.74 41.58 99.10
CA HIS D 815 106.03 42.92 98.64
C HIS D 815 107.39 43.00 98.03
N TYR D 816 108.28 42.28 98.64
CA TYR D 816 109.64 42.32 98.19
C TYR D 816 109.86 41.56 96.93
N GLN D 817 108.92 40.69 96.58
CA GLN D 817 109.14 39.95 95.37
C GLN D 817 107.98 39.88 94.39
N ALA D 818 107.17 40.92 94.40
CA ALA D 818 106.07 40.89 93.49
C ALA D 818 106.56 41.22 92.13
N GLU D 819 105.82 40.67 91.20
CA GLU D 819 106.04 40.75 89.80
C GLU D 819 105.08 41.69 89.12
N ALA D 820 105.69 42.63 88.41
CA ALA D 820 104.87 43.54 87.65
C ALA D 820 104.32 42.90 86.39
N ALA D 821 103.13 43.32 86.00
CA ALA D 821 102.48 42.80 84.81
C ALA D 821 101.87 43.93 83.99
N LEU D 822 102.26 44.00 82.73
CA LEU D 822 101.72 45.06 81.91
C LEU D 822 100.29 44.77 81.55
N LEU D 823 99.45 45.70 81.90
CA LEU D 823 98.07 45.55 81.58
C LEU D 823 97.82 46.32 80.33
N GLN D 824 98.59 47.39 80.17
CA GLN D 824 98.40 48.19 79.00
C GLN D 824 99.42 49.29 78.83
N CYS D 825 99.66 49.59 77.55
CA CYS D 825 100.65 50.59 77.18
C CYS D 825 100.26 51.18 75.86
N THR D 826 100.01 52.48 75.83
CA THR D 826 99.61 53.08 74.59
C THR D 826 100.21 54.44 74.35
N ALA D 827 100.27 54.73 73.05
CA ALA D 827 100.83 55.97 72.63
C ALA D 827 99.91 56.70 71.71
N ASP D 828 99.93 58.02 71.81
CA ASP D 828 99.02 58.82 71.04
C ASP D 828 99.59 60.21 70.80
N THR D 829 99.22 60.75 69.65
CA THR D 829 99.69 62.06 69.31
C THR D 829 98.61 63.06 69.35
N LEU D 830 98.91 64.03 70.16
CA LEU D 830 98.04 65.12 70.36
C LEU D 830 98.57 66.27 69.59
N ALA D 831 97.78 67.30 69.60
CA ALA D 831 98.17 68.46 68.90
C ALA D 831 99.43 69.09 69.39
N ASP D 832 99.64 69.02 70.68
CA ASP D 832 100.78 69.72 71.26
C ASP D 832 101.73 68.85 71.96
N ALA D 833 101.43 67.56 71.92
CA ALA D 833 102.28 66.66 72.59
C ALA D 833 102.02 65.22 72.25
N VAL D 834 102.88 64.42 72.85
CA VAL D 834 102.76 63.00 72.76
C VAL D 834 102.33 62.47 74.12
N LEU D 835 101.45 61.48 74.04
CA LEU D 835 100.89 60.91 75.22
C LEU D 835 101.02 59.42 75.37
N ILE D 836 101.62 59.05 76.48
CA ILE D 836 101.81 57.66 76.78
C ILE D 836 101.01 57.21 77.96
N THR D 837 100.44 56.04 77.77
CA THR D 837 99.62 55.50 78.80
C THR D 837 99.90 54.08 79.19
N THR D 838 100.13 53.87 80.48
CA THR D 838 100.40 52.53 80.96
C THR D 838 99.60 52.11 82.17
N ALA D 839 99.60 50.81 82.37
CA ALA D 839 98.93 50.25 83.50
C ALA D 839 99.58 48.96 83.82
N HIS D 840 100.00 48.83 85.05
CA HIS D 840 100.61 47.61 85.49
C HIS D 840 99.98 47.11 86.76
N ALA D 841 100.16 45.81 86.96
CA ALA D 841 99.69 45.19 88.15
C ALA D 841 100.82 44.43 88.84
N TRP D 842 100.90 44.52 90.15
CA TRP D 842 101.88 43.73 90.82
C TRP D 842 101.18 42.63 91.54
N GLN D 843 101.63 41.44 91.25
CA GLN D 843 101.01 40.32 91.88
C GLN D 843 101.97 39.42 92.56
N HIS D 844 101.35 38.56 93.33
CA HIS D 844 102.10 37.60 94.07
C HIS D 844 101.23 36.44 94.41
N GLN D 845 101.55 35.32 93.81
CA GLN D 845 100.76 34.14 94.05
C GLN D 845 99.29 34.37 93.77
N GLY D 846 99.05 35.05 92.65
CA GLY D 846 97.68 35.27 92.24
C GLY D 846 97.01 36.44 92.88
N LYS D 847 97.66 37.04 93.85
CA LYS D 847 97.03 38.19 94.42
C LYS D 847 97.59 39.44 93.81
N THR D 848 96.69 40.36 93.52
CA THR D 848 97.12 41.61 93.00
C THR D 848 97.27 42.56 94.17
N LEU D 849 98.48 43.03 94.40
CA LEU D 849 98.77 43.91 95.50
C LEU D 849 98.58 45.33 95.11
N PHE D 850 99.08 45.66 93.94
CA PHE D 850 98.94 47.01 93.51
C PHE D 850 98.74 47.14 92.07
N ILE D 851 98.14 48.26 91.79
CA ILE D 851 97.91 48.69 90.46
C ILE D 851 98.41 50.09 90.28
N SER D 852 99.19 50.21 89.23
CA SER D 852 99.75 51.47 88.89
C SER D 852 99.35 51.91 87.49
N ARG D 853 98.77 53.10 87.44
CA ARG D 853 98.34 53.66 86.19
C ARG D 853 99.00 55.01 85.93
N LYS D 854 99.64 55.09 84.78
CA LYS D 854 100.32 56.34 84.47
C LYS D 854 100.02 56.95 83.13
N THR D 855 100.50 58.18 83.06
CA THR D 855 100.49 58.97 81.85
C THR D 855 101.73 59.79 81.80
N TYR D 856 102.25 59.77 80.60
CA TYR D 856 103.41 60.53 80.35
C TYR D 856 103.10 61.42 79.22
N ARG D 857 103.39 62.68 79.45
CA ARG D 857 103.13 63.60 78.43
C ARG D 857 104.28 64.53 78.14
N ILE D 858 104.71 64.42 76.88
CA ILE D 858 105.82 65.19 76.35
C ILE D 858 105.43 66.20 75.35
N ASP D 859 105.82 67.40 75.67
CA ASP D 859 105.47 68.51 74.85
C ASP D 859 106.63 69.10 74.13
N GLY D 860 106.25 70.12 73.38
CA GLY D 860 107.15 70.84 72.55
C GLY D 860 108.23 71.53 73.32
N SER D 861 108.02 71.70 74.61
CA SER D 861 109.06 72.34 75.38
C SER D 861 110.05 71.32 75.89
N GLY D 862 109.78 70.04 75.63
CA GLY D 862 110.69 68.98 76.05
C GLY D 862 110.55 68.62 77.52
N GLN D 863 109.35 68.81 78.02
CA GLN D 863 109.11 68.46 79.37
C GLN D 863 108.26 67.25 79.43
N MET D 864 108.61 66.44 80.40
CA MET D 864 107.88 65.25 80.59
C MET D 864 107.12 65.25 81.88
N ALA D 865 105.82 65.16 81.70
CA ALA D 865 104.95 65.16 82.82
C ALA D 865 104.39 63.79 83.09
N ILE D 866 104.53 63.45 84.33
CA ILE D 866 104.10 62.18 84.78
C ILE D 866 103.01 62.20 85.78
N THR D 867 102.14 61.29 85.55
CA THR D 867 101.05 61.18 86.43
C THR D 867 100.87 59.78 86.88
N VAL D 868 100.83 59.65 88.20
CA VAL D 868 100.67 58.36 88.80
C VAL D 868 99.51 58.22 89.69
N ASP D 869 98.82 57.11 89.49
CA ASP D 869 97.69 56.76 90.29
C ASP D 869 97.77 55.31 90.65
N VAL D 870 97.85 55.11 91.97
CA VAL D 870 97.96 53.79 92.53
C VAL D 870 96.82 53.33 93.41
N GLU D 871 96.54 52.05 93.25
CA GLU D 871 95.55 51.39 94.01
C GLU D 871 96.27 50.32 94.79
N VAL D 872 95.94 50.22 96.09
CA VAL D 872 96.50 49.23 96.99
C VAL D 872 95.44 48.36 97.64
N ALA D 873 95.64 47.07 97.56
CA ALA D 873 94.68 46.15 98.14
C ALA D 873 94.56 46.40 99.60
N SER D 874 93.34 46.57 99.98
CA SER D 874 93.00 46.87 101.34
C SER D 874 93.55 45.81 102.28
N ASP D 875 93.63 44.60 101.78
CA ASP D 875 94.09 43.54 102.63
C ASP D 875 95.56 43.24 102.56
N THR D 876 96.31 44.11 101.95
CA THR D 876 97.71 43.88 102.00
C THR D 876 98.26 44.84 103.04
N PRO D 877 99.41 44.54 103.60
CA PRO D 877 100.00 45.43 104.57
C PRO D 877 100.39 46.71 103.90
N HIS D 878 100.22 47.79 104.63
CA HIS D 878 100.57 49.06 104.06
C HIS D 878 102.01 49.04 103.76
N PRO D 879 102.26 49.45 102.57
CA PRO D 879 103.56 49.54 101.98
C PRO D 879 104.35 50.67 102.56
N ALA D 880 105.63 50.47 102.49
CA ALA D 880 106.61 51.39 103.00
C ALA D 880 106.61 52.69 102.26
N ARG D 881 106.32 52.58 100.97
CA ARG D 881 106.36 53.80 100.21
C ARG D 881 105.69 53.62 98.89
N ILE D 882 105.51 54.75 98.22
CA ILE D 882 104.88 54.79 96.91
C ILE D 882 105.57 55.82 96.06
N GLY D 883 106.38 55.27 95.15
CA GLY D 883 107.14 56.13 94.28
C GLY D 883 107.76 55.37 93.15
N LEU D 884 108.78 56.02 92.64
CA LEU D 884 109.50 55.45 91.55
C LEU D 884 110.94 55.50 91.77
N ASN D 885 111.61 54.78 90.90
CA ASN D 885 113.02 54.80 90.98
C ASN D 885 113.73 54.40 89.71
N CYS D 886 114.99 54.76 89.72
CA CYS D 886 115.81 54.44 88.60
C CYS D 886 117.27 54.75 88.91
N GLN D 887 118.12 54.16 88.08
CA GLN D 887 119.51 54.40 88.23
C GLN D 887 120.00 55.31 87.13
N LEU D 888 120.45 56.47 87.54
CA LEU D 888 120.96 57.36 86.52
C LEU D 888 122.40 57.08 86.22
N ALA D 889 122.69 57.27 84.96
CA ALA D 889 124.01 57.08 84.44
C ALA D 889 125.02 58.09 84.98
N GLN D 890 124.55 59.28 85.13
CA GLN D 890 125.37 60.37 85.59
C GLN D 890 125.64 60.35 87.08
N VAL D 891 126.71 61.07 87.41
CA VAL D 891 127.14 61.25 88.77
C VAL D 891 127.64 62.66 88.96
N ALA D 892 127.05 63.42 89.88
CA ALA D 892 127.46 64.80 90.09
C ALA D 892 127.92 65.10 91.51
N GLU D 893 128.37 66.32 91.70
CA GLU D 893 128.92 66.74 92.97
C GLU D 893 127.92 67.22 93.99
N ARG D 894 127.05 68.06 93.50
CA ARG D 894 126.08 68.67 94.33
C ARG D 894 124.68 68.22 94.06
N VAL D 895 123.85 68.62 95.02
CA VAL D 895 122.46 68.33 95.04
C VAL D 895 121.76 69.56 95.51
N ASN D 896 120.78 69.94 94.75
CA ASN D 896 120.15 71.16 95.09
C ASN D 896 118.67 70.99 95.04
N TRP D 897 118.04 71.45 96.11
CA TRP D 897 116.63 71.31 96.13
C TRP D 897 115.95 72.36 96.93
N LEU D 898 114.69 72.42 96.62
CA LEU D 898 113.78 73.31 97.28
C LEU D 898 112.75 72.45 97.98
N GLY D 899 112.96 72.38 99.28
CA GLY D 899 112.14 71.59 100.14
C GLY D 899 112.68 71.64 101.55
N LEU D 900 112.38 70.59 102.29
CA LEU D 900 112.76 70.52 103.67
C LEU D 900 114.16 70.08 103.83
N GLY D 901 114.88 70.81 104.64
CA GLY D 901 116.25 70.43 104.85
C GLY D 901 116.82 71.19 106.01
N PRO D 902 118.09 71.03 106.12
CA PRO D 902 118.87 70.27 105.17
C PRO D 902 119.12 68.85 105.54
N GLN D 903 118.85 68.47 106.75
CA GLN D 903 119.11 67.07 107.05
C GLN D 903 118.05 66.09 106.64
N GLU D 904 118.47 64.85 106.72
CA GLU D 904 117.58 63.72 106.47
C GLU D 904 116.31 63.93 107.30
N ASN D 905 115.16 63.72 106.68
CA ASN D 905 113.90 63.90 107.38
C ASN D 905 112.82 62.99 106.87
N TYR D 906 112.03 62.53 107.79
CA TYR D 906 110.96 61.64 107.47
C TYR D 906 109.65 62.22 107.94
N PRO D 907 108.61 61.67 107.41
CA PRO D 907 107.27 62.12 107.66
C PRO D 907 106.96 62.29 109.12
N ASP D 908 107.36 61.32 109.94
CA ASP D 908 107.11 61.45 111.36
C ASP D 908 108.34 61.98 112.10
N ARG D 909 109.26 62.53 111.33
CA ARG D 909 110.43 63.13 111.93
C ARG D 909 110.92 64.26 111.05
N LEU D 910 110.18 65.35 111.05
CA LEU D 910 110.57 66.47 110.18
C LEU D 910 110.26 67.84 110.74
N THR D 911 109.95 67.89 112.00
CA THR D 911 109.66 69.17 112.57
C THR D 911 110.87 70.04 112.65
N ALA D 912 112.03 69.46 112.78
CA ALA D 912 113.18 70.32 112.91
C ALA D 912 113.64 70.88 111.57
N ALA D 913 113.14 70.25 110.52
CA ALA D 913 113.53 70.67 109.17
C ALA D 913 112.91 71.96 108.70
N CME D 914 113.65 72.62 107.80
CA CME D 914 113.22 73.83 107.19
CB CME D 914 113.90 75.06 107.64
SG CME D 914 113.53 75.33 109.39
SD CME D 914 115.20 76.25 109.84
CE CME D 914 116.35 74.89 109.59
CZ CME D 914 117.77 75.36 109.94
OH CME D 914 117.73 76.78 110.21
C CME D 914 113.04 73.80 105.71
O CME D 914 113.76 73.18 104.92
N PHE D 915 112.02 74.51 105.36
CA PHE D 915 111.71 74.59 103.98
C PHE D 915 112.50 75.70 103.37
N ASP D 916 113.39 75.32 102.50
CA ASP D 916 114.18 76.33 101.86
C ASP D 916 114.86 75.74 100.65
N ARG D 917 115.86 76.48 100.21
CA ARG D 917 116.65 76.01 99.13
C ARG D 917 117.96 75.50 99.65
N TRP D 918 118.21 74.22 99.40
CA TRP D 918 119.41 73.61 99.89
C TRP D 918 120.28 73.13 98.79
N ASP D 919 121.57 73.15 99.10
CA ASP D 919 122.61 72.70 98.20
C ASP D 919 123.70 72.01 98.97
N LEU D 920 123.89 70.74 98.67
CA LEU D 920 124.90 69.97 99.32
C LEU D 920 125.55 69.05 98.34
N PRO D 921 126.59 68.49 98.83
CA PRO D 921 127.33 67.51 98.15
C PRO D 921 126.62 66.22 98.35
N LEU D 922 126.66 65.52 97.28
CA LEU D 922 126.06 64.25 97.19
C LEU D 922 126.32 63.39 98.40
N SER D 923 127.54 63.48 98.87
CA SER D 923 127.91 62.68 100.03
C SER D 923 126.96 62.88 101.20
N ASP D 924 126.61 64.15 101.39
CA ASP D 924 125.77 64.50 102.46
C ASP D 924 124.35 63.97 102.32
N MET D 925 124.03 63.48 101.16
CA MET D 925 122.71 62.97 100.98
C MET D 925 122.62 61.55 101.43
N TYR D 926 123.65 61.10 102.11
CA TYR D 926 123.63 59.73 102.60
C TYR D 926 123.98 59.62 104.07
N THR D 927 123.19 58.80 104.75
CA THR D 927 123.35 58.58 106.18
C THR D 927 123.91 57.18 106.43
N PRO D 928 125.13 57.23 106.86
CA PRO D 928 126.00 56.09 107.17
C PRO D 928 125.64 55.37 108.46
N TYR D 929 124.40 54.98 108.56
CA TYR D 929 124.01 54.24 109.73
C TYR D 929 124.90 52.99 109.72
N VAL D 930 125.52 52.66 110.85
CA VAL D 930 126.36 51.49 110.89
C VAL D 930 125.70 50.26 110.30
N PHE D 931 124.50 50.05 110.75
CA PHE D 931 123.77 48.96 110.17
C PHE D 931 122.95 49.65 109.09
N PRO D 932 123.20 49.30 107.86
CA PRO D 932 122.57 50.00 106.77
C PRO D 932 121.12 49.65 106.48
N SER D 933 120.40 50.70 106.01
CA SER D 933 118.99 50.66 105.60
C SER D 933 118.57 51.95 104.84
N GLU D 934 117.28 52.00 104.45
CA GLU D 934 116.72 53.19 103.82
C GLU D 934 117.13 54.43 104.61
N ASN D 935 117.68 55.47 103.97
CA ASN D 935 118.09 56.67 104.70
C ASN D 935 118.20 57.84 103.75
N GLY D 936 118.56 58.99 104.30
CA GLY D 936 118.77 60.20 103.52
C GLY D 936 117.55 60.91 102.97
N LEU D 937 116.37 60.36 103.17
CA LEU D 937 115.22 61.03 102.64
C LEU D 937 115.05 62.50 103.05
N ARG D 938 114.47 63.22 102.12
CA ARG D 938 114.02 64.59 102.35
C ARG D 938 112.63 64.73 101.80
N CYS D 939 111.78 65.33 102.60
CA CYS D 939 110.39 65.49 102.27
C CYS D 939 110.05 66.90 101.86
N GLY D 940 108.80 67.01 101.40
CA GLY D 940 108.18 68.25 100.99
C GLY D 940 108.99 69.03 100.01
N THR D 941 109.38 68.29 99.00
CA THR D 941 110.20 68.83 97.98
C THR D 941 109.40 69.13 96.77
N ARG D 942 109.71 70.31 96.29
CA ARG D 942 109.03 70.81 95.14
C ARG D 942 109.84 70.90 93.88
N GLU D 943 111.14 70.99 94.09
CA GLU D 943 112.08 71.08 93.00
C GLU D 943 113.39 70.47 93.41
N LEU D 944 113.86 69.62 92.52
CA LEU D 944 115.09 68.90 92.72
C LEU D 944 115.96 68.96 91.48
N ASN D 945 117.23 69.24 91.71
CA ASN D 945 118.23 69.41 90.67
C ASN D 945 119.47 68.58 90.81
N TYR D 946 119.74 67.82 89.77
CA TYR D 946 120.94 67.00 89.76
C TYR D 946 121.41 66.83 88.35
N GLY D 947 122.58 67.36 88.11
CA GLY D 947 123.12 67.34 86.79
C GLY D 947 122.32 68.33 85.95
N PRO D 948 122.04 67.86 84.76
CA PRO D 948 121.26 68.53 83.75
C PRO D 948 119.77 68.37 84.07
N HIS D 949 119.49 67.52 85.06
CA HIS D 949 118.13 67.25 85.42
C HIS D 949 117.49 68.10 86.45
N GLN D 950 116.19 68.11 86.25
CA GLN D 950 115.33 68.81 87.14
C GLN D 950 113.99 68.15 87.24
N TRP D 951 113.56 68.06 88.48
CA TRP D 951 112.28 67.50 88.76
C TRP D 951 111.45 68.43 89.58
N ARG D 952 110.19 68.45 89.23
CA ARG D 952 109.29 69.30 89.94
C ARG D 952 108.00 68.61 90.23
N GLY D 953 107.52 68.99 91.41
CA GLY D 953 106.27 68.49 91.93
C GLY D 953 106.18 68.65 93.43
N ASP D 954 105.70 67.60 94.03
CA ASP D 954 105.60 67.63 95.47
C ASP D 954 105.94 66.26 96.00
N PHE D 955 107.20 66.07 96.30
CA PHE D 955 107.56 64.74 96.70
C PHE D 955 108.62 64.74 97.74
N GLN D 956 109.05 63.51 97.98
CA GLN D 956 110.13 63.20 98.85
C GLN D 956 111.06 62.37 98.04
N PHE D 957 112.32 62.47 98.40
CA PHE D 957 113.28 61.71 97.68
C PHE D 957 114.52 61.44 98.48
N ASN D 958 115.30 60.59 97.87
CA ASN D 958 116.63 60.28 98.34
C ASN D 958 117.49 60.00 97.14
N ILE D 959 118.77 60.17 97.35
CA ILE D 959 119.70 59.96 96.27
C ILE D 959 121.09 59.64 96.74
N SER D 960 121.63 58.58 96.19
CA SER D 960 122.94 58.10 96.58
C SER D 960 123.47 57.08 95.57
N ARG D 961 124.56 56.39 95.96
CA ARG D 961 125.14 55.38 95.10
C ARG D 961 124.81 53.98 95.50
N TYR D 962 123.79 53.84 96.31
CA TYR D 962 123.50 52.50 96.70
C TYR D 962 122.10 52.13 96.43
N SER D 963 121.92 50.98 95.88
CA SER D 963 120.59 50.54 95.62
C SER D 963 120.00 50.14 96.97
N GLN D 964 118.67 50.15 96.99
CA GLN D 964 117.96 49.72 98.18
C GLN D 964 118.34 48.27 98.41
N GLN D 965 118.50 47.56 97.32
CA GLN D 965 118.86 46.18 97.45
C GLN D 965 120.20 45.98 98.09
N GLN D 966 121.16 46.78 97.67
CA GLN D 966 122.47 46.67 98.26
C GLN D 966 122.36 46.88 99.75
N LEU D 967 121.70 47.97 100.10
CA LEU D 967 121.54 48.33 101.51
C LEU D 967 120.91 47.24 102.33
N MET D 968 119.91 46.72 101.70
CA MET D 968 119.16 45.73 102.36
C MET D 968 119.97 44.49 102.54
N GLU D 969 120.92 44.27 101.65
CA GLU D 969 121.69 43.05 101.74
C GLU D 969 122.99 43.13 102.48
N THR D 970 123.47 44.32 102.77
CA THR D 970 124.72 44.53 103.48
C THR D 970 124.51 44.81 104.96
N SER D 971 125.24 44.10 105.79
CA SER D 971 125.11 44.26 107.24
C SER D 971 125.96 45.36 107.86
N HIS D 972 126.98 45.83 107.16
CA HIS D 972 127.77 46.86 107.78
C HIS D 972 128.08 47.90 106.81
N ARG D 973 128.09 49.12 107.32
CA ARG D 973 128.40 50.23 106.46
C ARG D 973 129.69 50.09 105.67
N HIS D 974 130.71 49.53 106.33
CA HIS D 974 132.00 49.40 105.71
C HIS D 974 132.01 48.52 104.49
N LEU D 975 131.03 47.63 104.38
CA LEU D 975 130.92 46.78 103.19
C LEU D 975 130.17 47.35 101.98
N LEU D 976 129.68 48.56 102.07
CA LEU D 976 129.00 48.96 100.88
C LEU D 976 129.99 49.59 99.98
N HIS D 977 129.65 49.53 98.72
CA HIS D 977 130.47 50.13 97.72
C HIS D 977 129.59 50.85 96.74
N ALA D 978 130.08 51.99 96.28
CA ALA D 978 129.27 52.73 95.35
C ALA D 978 128.90 51.93 94.12
N GLU D 979 127.69 52.16 93.65
CA GLU D 979 127.25 51.47 92.48
C GLU D 979 127.58 52.36 91.30
N GLU D 980 127.32 51.82 90.12
CA GLU D 980 127.64 52.49 88.92
C GLU D 980 127.26 53.96 88.70
N GLY D 981 126.02 54.35 88.89
CA GLY D 981 125.74 55.76 88.65
C GLY D 981 125.18 56.36 89.89
N THR D 982 124.00 56.93 89.75
CA THR D 982 123.31 57.49 90.88
C THR D 982 121.93 56.89 90.99
N TRP D 983 121.62 56.43 92.19
CA TRP D 983 120.32 55.88 92.45
C TRP D 983 119.39 56.94 93.00
N LEU D 984 118.23 56.95 92.37
CA LEU D 984 117.25 57.93 92.72
C LEU D 984 115.91 57.37 93.06
N ASN D 985 115.48 57.76 94.24
CA ASN D 985 114.19 57.38 94.72
C ASN D 985 113.32 58.58 94.93
N ILE D 986 112.22 58.56 94.17
CA ILE D 986 111.20 59.59 94.24
C ILE D 986 109.88 59.04 94.67
N ASP D 987 109.53 59.54 95.85
CA ASP D 987 108.35 59.12 96.51
C ASP D 987 107.26 60.13 96.52
N GLY D 988 106.11 59.58 96.14
CA GLY D 988 104.91 60.36 96.20
C GLY D 988 104.49 60.32 97.68
N PHE D 989 104.76 59.18 98.29
CA PHE D 989 104.43 58.95 99.66
C PHE D 989 105.38 57.98 100.29
N HIS D 990 105.55 58.19 101.58
CA HIS D 990 106.44 57.35 102.33
C HIS D 990 105.98 57.15 103.77
N MET D 991 106.05 55.92 104.20
CA MET D 991 105.66 55.55 105.54
C MET D 991 106.53 56.19 106.62
N GLY D 992 105.97 56.41 107.79
CA GLY D 992 106.72 56.98 108.91
C GLY D 992 107.78 55.97 109.36
N ILE D 993 108.66 56.37 110.26
CA ILE D 993 109.72 55.48 110.71
C ILE D 993 109.54 54.93 112.11
N GLY D 994 108.73 55.58 112.93
CA GLY D 994 108.51 55.09 114.27
C GLY D 994 109.70 55.27 115.19
N GLY D 995 109.66 54.48 116.28
CA GLY D 995 110.72 54.53 117.25
C GLY D 995 110.27 54.53 118.70
N ASP D 996 108.95 54.45 118.94
CA ASP D 996 108.46 54.48 120.32
C ASP D 996 109.18 53.42 121.11
N ASP D 997 109.55 52.39 120.34
CA ASP D 997 110.35 51.27 120.74
C ASP D 997 110.76 50.60 119.48
N SER D 998 111.78 49.78 119.60
CA SER D 998 112.25 49.16 118.38
C SER D 998 112.02 47.68 118.37
N TRP D 999 111.02 47.19 119.06
CA TRP D 999 110.83 45.76 119.00
C TRP D 999 109.38 45.42 118.88
N SER D 1000 108.71 46.37 118.29
CA SER D 1000 107.32 46.33 117.96
C SER D 1000 107.06 47.46 117.01
N PRO D 1001 105.91 47.28 116.40
CA PRO D 1001 105.36 48.23 115.42
C PRO D 1001 105.04 49.49 116.19
N SER D 1002 105.76 50.54 115.82
CA SER D 1002 105.73 51.77 116.53
C SER D 1002 105.44 52.98 115.66
N VAL D 1003 104.95 52.68 114.47
CA VAL D 1003 104.58 53.72 113.53
C VAL D 1003 103.11 54.10 113.71
N SER D 1004 102.84 55.34 114.08
CA SER D 1004 101.46 55.70 114.23
C SER D 1004 100.63 55.69 112.98
N ALA D 1005 99.40 55.40 113.23
CA ALA D 1005 98.47 55.26 112.17
C ALA D 1005 98.46 56.37 111.16
N GLU D 1006 98.63 57.58 111.65
CA GLU D 1006 98.63 58.74 110.79
C GLU D 1006 99.79 58.68 109.87
N PHE D 1007 100.71 57.77 110.17
CA PHE D 1007 101.85 57.67 109.33
C PHE D 1007 101.93 56.49 108.44
N GLN D 1008 100.90 55.66 108.46
CA GLN D 1008 100.83 54.52 107.59
C GLN D 1008 100.13 54.85 106.26
N LEU D 1009 100.50 54.13 105.18
CA LEU D 1009 99.94 54.37 103.86
C LEU D 1009 98.74 53.49 103.72
N SER D 1010 97.71 53.95 104.33
CA SER D 1010 96.50 53.17 104.39
C SER D 1010 95.33 53.64 103.53
N ALA D 1011 95.51 54.72 102.80
CA ALA D 1011 94.47 55.31 101.99
C ALA D 1011 93.83 54.44 100.92
N GLY D 1012 94.59 53.51 100.40
CA GLY D 1012 94.04 52.66 99.37
C GLY D 1012 94.26 53.26 97.99
N ARG D 1013 94.23 54.57 97.91
CA ARG D 1013 94.43 55.20 96.65
C ARG D 1013 95.33 56.37 96.78
N TYR D 1014 96.28 56.38 95.87
CA TYR D 1014 97.26 57.42 95.85
C TYR D 1014 97.49 57.99 94.48
N HIS D 1015 97.72 59.27 94.50
CA HIS D 1015 97.92 59.98 93.28
C HIS D 1015 99.08 60.93 93.37
N TYR D 1016 99.91 60.98 92.34
CA TYR D 1016 100.96 61.96 92.35
C TYR D 1016 101.45 62.30 90.97
N GLN D 1017 102.11 63.47 90.93
CA GLN D 1017 102.61 63.97 89.66
C GLN D 1017 103.93 64.65 89.70
N LEU D 1018 104.52 64.58 88.56
CA LEU D 1018 105.84 65.05 88.36
C LEU D 1018 106.21 65.57 87.03
N VAL D 1019 107.19 66.44 87.09
CA VAL D 1019 107.75 66.98 85.90
C VAL D 1019 109.23 66.88 85.83
N TRP D 1020 109.63 66.32 84.73
CA TRP D 1020 111.02 66.11 84.48
C TRP D 1020 111.54 66.81 83.25
N CME D 1021 112.63 67.54 83.45
CA CME D 1021 113.34 68.24 82.40
CB CME D 1021 112.80 69.61 82.10
SG CME D 1021 111.56 69.96 83.30
SD CME D 1021 112.34 71.52 84.09
CE CME D 1021 114.00 71.18 83.44
CZ CME D 1021 114.40 72.14 82.30
OH CME D 1021 115.01 73.31 82.86
C CME D 1021 114.79 68.37 82.63
O CME D 1021 115.34 67.98 83.67
N GLN D 1022 115.37 68.92 81.58
CA GLN D 1022 116.77 69.14 81.46
C GLN D 1022 117.07 70.51 81.01
N LYS D 1023 118.31 70.83 81.31
CA LYS D 1023 118.95 72.07 80.95
C LYS D 1023 120.20 71.65 80.18
N ILE E 3 30.85 -51.81 -49.91
CA ILE E 3 30.22 -53.17 -50.09
C ILE E 3 28.67 -53.22 -50.18
N THR E 4 28.09 -52.39 -49.35
CA THR E 4 26.68 -52.29 -49.36
C THR E 4 26.40 -51.27 -50.40
N ASP E 5 27.47 -50.67 -50.93
CA ASP E 5 27.42 -49.72 -52.02
C ASP E 5 27.52 -50.51 -53.32
N SER E 6 27.68 -51.79 -53.14
CA SER E 6 27.81 -52.66 -54.25
C SER E 6 26.53 -52.83 -55.03
N LEU E 7 26.71 -52.81 -56.33
CA LEU E 7 25.62 -53.06 -57.22
C LEU E 7 24.89 -54.30 -56.78
N ALA E 8 25.65 -55.31 -56.61
CA ALA E 8 25.09 -56.57 -56.29
C ALA E 8 24.03 -56.48 -55.23
N VAL E 9 24.38 -55.63 -54.31
CA VAL E 9 23.60 -55.35 -53.15
C VAL E 9 22.44 -54.40 -53.49
N VAL E 10 22.79 -53.22 -53.98
CA VAL E 10 21.84 -52.23 -54.37
C VAL E 10 20.73 -52.80 -55.26
N LEU E 11 21.10 -53.35 -56.38
CA LEU E 11 20.11 -53.87 -57.31
C LEU E 11 19.38 -55.07 -56.80
N GLN E 12 19.74 -55.41 -55.61
CA GLN E 12 19.10 -56.58 -55.12
C GLN E 12 17.63 -56.32 -54.90
N ARG E 13 17.43 -55.15 -54.30
CA ARG E 13 16.13 -54.66 -53.96
C ARG E 13 15.18 -54.52 -55.17
N ARG E 14 15.70 -54.07 -56.32
CA ARG E 14 14.82 -53.96 -57.47
C ARG E 14 13.67 -52.97 -57.19
N ASP E 15 14.13 -51.80 -56.79
CA ASP E 15 13.32 -50.67 -56.44
C ASP E 15 12.44 -50.20 -57.57
N TRP E 16 12.97 -50.42 -58.76
CA TRP E 16 12.33 -50.10 -59.98
C TRP E 16 11.22 -51.09 -60.33
N GLU E 17 10.94 -52.02 -59.42
CA GLU E 17 9.82 -52.89 -59.68
C GLU E 17 8.91 -52.84 -58.45
N ASN E 18 8.91 -51.66 -57.84
CA ASN E 18 8.12 -51.47 -56.67
C ASN E 18 7.58 -50.07 -56.49
N PRO E 19 6.29 -49.98 -56.80
CA PRO E 19 5.46 -48.79 -56.69
C PRO E 19 5.56 -48.23 -55.29
N GLY E 20 5.93 -49.10 -54.35
CA GLY E 20 6.10 -48.68 -52.99
C GLY E 20 7.39 -47.86 -52.87
N VAL E 21 8.31 -48.04 -53.79
CA VAL E 21 9.49 -47.23 -53.64
C VAL E 21 9.62 -46.30 -54.80
N THR E 22 9.51 -45.05 -54.49
CA THR E 22 9.59 -44.13 -55.59
C THR E 22 10.77 -43.20 -55.49
N GLN E 23 11.41 -43.25 -54.35
CA GLN E 23 12.59 -42.48 -54.11
C GLN E 23 13.30 -43.01 -52.89
N LEU E 24 14.56 -42.58 -52.71
CA LEU E 24 15.37 -42.91 -51.55
C LEU E 24 16.30 -41.77 -51.26
N ASN E 25 16.16 -41.22 -50.09
CA ASN E 25 17.04 -40.10 -49.75
C ASN E 25 16.94 -38.89 -50.62
N ARG E 26 15.83 -38.74 -51.28
CA ARG E 26 15.62 -37.60 -52.13
C ARG E 26 15.12 -36.47 -51.26
N LEU E 27 15.65 -35.28 -51.46
CA LEU E 27 15.15 -34.16 -50.68
C LEU E 27 13.73 -33.74 -51.06
N ALA E 28 13.28 -32.78 -50.29
CA ALA E 28 11.96 -32.26 -50.52
C ALA E 28 11.93 -31.25 -51.62
N ALA E 29 10.72 -31.16 -52.21
CA ALA E 29 10.42 -30.26 -53.30
C ALA E 29 10.24 -28.79 -52.94
N HIS E 30 10.40 -27.91 -53.90
CA HIS E 30 10.24 -26.51 -53.57
C HIS E 30 10.48 -25.73 -54.83
N PRO E 31 10.10 -24.49 -54.72
CA PRO E 31 10.31 -23.64 -55.82
C PRO E 31 11.80 -23.46 -55.91
N PRO E 32 12.15 -23.03 -57.03
CA PRO E 32 13.48 -22.77 -57.45
C PRO E 32 14.29 -21.84 -56.58
N PHE E 33 15.48 -22.38 -56.25
CA PHE E 33 16.43 -21.63 -55.44
C PHE E 33 17.72 -21.37 -56.19
N ALA E 34 18.40 -20.27 -55.81
CA ALA E 34 19.69 -19.83 -56.33
C ALA E 34 20.69 -19.63 -55.19
N SER E 35 20.18 -19.32 -54.02
CA SER E 35 21.05 -19.10 -52.91
C SER E 35 21.90 -17.87 -53.10
N TRP E 36 21.35 -16.84 -53.68
CA TRP E 36 22.15 -15.65 -53.79
C TRP E 36 22.67 -15.29 -52.43
N ARG E 37 23.76 -14.53 -52.48
CA ARG E 37 24.35 -14.02 -51.28
C ARG E 37 24.42 -12.52 -51.33
N ASN E 38 23.78 -11.98 -52.36
CA ASN E 38 23.68 -10.56 -52.49
C ASN E 38 22.30 -10.21 -53.02
N SER E 39 21.64 -9.39 -52.23
CA SER E 39 20.33 -8.93 -52.55
C SER E 39 20.18 -8.44 -54.00
N GLU E 40 20.98 -7.44 -54.35
CA GLU E 40 20.91 -6.90 -55.68
C GLU E 40 20.92 -7.94 -56.77
N GLU E 41 21.84 -8.87 -56.61
CA GLU E 41 22.00 -9.92 -57.58
C GLU E 41 20.72 -10.66 -57.75
N ALA E 42 20.22 -11.07 -56.60
CA ALA E 42 18.96 -11.77 -56.59
C ALA E 42 17.90 -10.86 -57.16
N ARG E 43 17.90 -9.65 -56.69
CA ARG E 43 16.91 -8.75 -57.17
C ARG E 43 16.92 -8.57 -58.66
N THR E 44 18.07 -8.67 -59.25
CA THR E 44 18.14 -8.45 -60.69
C THR E 44 18.33 -9.72 -61.42
N ASP E 45 18.09 -10.78 -60.72
CA ASP E 45 18.22 -12.05 -61.35
C ASP E 45 19.59 -12.27 -61.95
N ARG E 46 20.63 -11.94 -61.23
CA ARG E 46 21.91 -12.28 -61.79
C ARG E 46 22.18 -13.72 -61.56
N PRO E 47 23.39 -14.13 -61.81
CA PRO E 47 23.62 -15.53 -61.63
C PRO E 47 24.28 -15.80 -60.34
N SER E 48 23.83 -16.85 -59.73
CA SER E 48 24.38 -17.13 -58.45
C SER E 48 25.44 -18.16 -58.57
N GLN E 49 26.45 -17.84 -57.83
CA GLN E 49 27.61 -18.65 -57.77
C GLN E 49 27.39 -19.89 -56.94
N GLN E 50 26.32 -19.94 -56.10
CA GLN E 50 26.07 -21.13 -55.28
C GLN E 50 25.36 -22.19 -56.08
N LEU E 51 25.21 -21.78 -57.32
CA LEU E 51 24.58 -22.59 -58.26
C LEU E 51 25.45 -22.85 -59.47
N ARG E 52 25.70 -24.13 -59.65
CA ARG E 52 26.59 -24.55 -60.68
C ARG E 52 26.08 -25.66 -61.55
N SER E 53 26.27 -25.44 -62.86
CA SER E 53 25.84 -26.43 -63.81
C SER E 53 26.84 -27.51 -64.09
N LEU E 54 26.36 -28.72 -64.23
CA LEU E 54 27.20 -29.87 -64.53
C LEU E 54 26.96 -30.37 -65.93
N ASN E 55 26.32 -29.49 -66.67
CA ASN E 55 26.00 -29.83 -68.03
C ASN E 55 27.27 -29.78 -68.80
N GLY E 56 27.41 -30.77 -69.69
CA GLY E 56 28.54 -30.84 -70.59
C GLY E 56 28.92 -32.24 -70.99
N GLU E 57 30.22 -32.43 -71.18
CA GLU E 57 30.68 -33.73 -71.57
C GLU E 57 30.71 -34.64 -70.40
N TRP E 58 30.24 -35.83 -70.64
CA TRP E 58 30.15 -36.81 -69.57
C TRP E 58 30.48 -38.14 -70.17
N ARG E 59 30.63 -39.12 -69.35
CA ARG E 59 30.95 -40.38 -69.95
C ARG E 59 29.81 -41.32 -69.86
N PHE E 60 29.61 -41.98 -70.99
CA PHE E 60 28.47 -42.82 -71.08
C PHE E 60 28.72 -44.23 -71.53
N ALA E 61 27.94 -45.14 -70.99
CA ALA E 61 28.00 -46.51 -71.47
C ALA E 61 26.66 -47.19 -71.33
N TRP E 62 26.30 -47.92 -72.33
CA TRP E 62 25.03 -48.57 -72.40
C TRP E 62 25.01 -50.06 -72.17
N PHE E 63 24.01 -50.56 -71.49
CA PHE E 63 23.86 -51.98 -71.27
C PHE E 63 22.44 -52.38 -71.41
N PRO E 64 22.34 -53.54 -71.94
CA PRO E 64 21.08 -54.23 -72.16
C PRO E 64 20.34 -54.51 -70.87
N ALA E 65 21.07 -54.40 -69.78
CA ALA E 65 20.49 -54.67 -68.49
C ALA E 65 21.37 -54.19 -67.37
N PRO E 66 20.71 -53.92 -66.29
CA PRO E 66 21.34 -53.44 -65.08
C PRO E 66 22.39 -54.44 -64.55
N GLU E 67 22.00 -55.70 -64.58
CA GLU E 67 22.84 -56.81 -64.14
C GLU E 67 24.22 -56.82 -64.82
N ALA E 68 24.18 -56.68 -66.13
CA ALA E 68 25.37 -56.56 -66.93
C ALA E 68 26.29 -55.42 -66.45
N VAL E 69 25.84 -54.52 -65.62
CA VAL E 69 26.80 -53.53 -65.23
C VAL E 69 27.88 -54.16 -64.33
N PRO E 70 29.10 -53.77 -64.60
CA PRO E 70 30.27 -54.27 -63.92
C PRO E 70 30.67 -53.42 -62.73
N GLU E 71 30.93 -54.18 -61.66
CA GLU E 71 31.29 -53.57 -60.43
C GLU E 71 32.31 -52.42 -60.43
N SER E 72 33.28 -52.55 -61.31
CA SER E 72 34.34 -51.55 -61.45
C SER E 72 33.81 -50.19 -61.74
N TRP E 73 32.67 -50.23 -62.47
CA TRP E 73 32.07 -49.02 -62.93
C TRP E 73 32.03 -47.99 -61.82
N LEU E 74 31.79 -48.52 -60.62
CA LEU E 74 31.65 -47.68 -59.44
C LEU E 74 32.87 -46.90 -59.11
N GLU E 75 33.91 -47.65 -59.36
CA GLU E 75 35.25 -47.24 -59.08
C GLU E 75 35.89 -46.45 -60.18
N CYS E 76 35.85 -47.06 -61.34
CA CYS E 76 36.56 -46.49 -62.44
C CYS E 76 35.72 -46.45 -63.64
N ASP E 77 36.03 -45.40 -64.43
CA ASP E 77 35.40 -45.18 -65.71
C ASP E 77 35.70 -46.34 -66.61
N LEU E 78 34.87 -46.54 -67.59
CA LEU E 78 35.17 -47.66 -68.43
C LEU E 78 36.07 -47.28 -69.57
N PRO E 79 36.65 -48.32 -70.10
CA PRO E 79 37.54 -48.18 -71.20
C PRO E 79 36.69 -47.84 -72.41
N GLU E 80 35.65 -48.68 -72.53
CA GLU E 80 34.67 -48.64 -73.60
C GLU E 80 33.59 -47.58 -73.46
N ALA E 81 33.82 -46.65 -72.55
CA ALA E 81 32.90 -45.58 -72.35
C ALA E 81 33.07 -44.57 -73.45
N ASP E 82 32.00 -43.82 -73.71
CA ASP E 82 32.02 -42.78 -74.71
C ASP E 82 31.85 -41.46 -74.04
N THR E 83 32.27 -40.45 -74.73
CA THR E 83 32.09 -39.16 -74.20
C THR E 83 30.84 -38.63 -74.85
N VAL E 84 29.95 -38.08 -74.02
CA VAL E 84 28.66 -37.62 -74.46
C VAL E 84 28.26 -36.31 -73.84
N VAL E 85 27.34 -35.67 -74.54
CA VAL E 85 26.79 -34.46 -74.00
C VAL E 85 25.54 -34.68 -73.17
N VAL E 86 25.54 -33.97 -72.06
CA VAL E 86 24.45 -34.01 -71.17
C VAL E 86 23.96 -32.59 -70.97
N PRO E 87 22.63 -32.40 -71.05
CA PRO E 87 21.67 -33.49 -71.15
C PRO E 87 21.35 -33.94 -72.54
N SER E 88 20.74 -35.11 -72.55
CA SER E 88 20.37 -35.71 -73.80
C SER E 88 19.62 -37.01 -73.59
N ASN E 89 19.12 -37.53 -74.71
CA ASN E 89 18.41 -38.79 -74.78
C ASN E 89 19.30 -39.73 -75.55
N TRP E 90 19.56 -40.82 -74.92
CA TRP E 90 20.43 -41.74 -75.53
C TRP E 90 19.96 -42.37 -76.83
N GLN E 91 18.66 -42.47 -77.04
CA GLN E 91 18.25 -43.06 -78.31
C GLN E 91 18.71 -42.14 -79.41
N MET E 92 18.88 -40.88 -79.02
CA MET E 92 19.29 -39.82 -79.94
C MET E 92 20.73 -39.94 -80.38
N HIS E 93 21.43 -40.89 -79.77
CA HIS E 93 22.82 -41.09 -80.05
C HIS E 93 23.09 -42.44 -80.58
N GLY E 94 22.05 -43.09 -80.98
CA GLY E 94 22.18 -44.39 -81.54
C GLY E 94 22.22 -45.54 -80.57
N TYR E 95 22.26 -45.21 -79.26
CA TYR E 95 22.31 -46.34 -78.35
C TYR E 95 21.28 -47.45 -78.48
N ASP E 96 20.05 -47.01 -78.70
CA ASP E 96 18.92 -47.90 -78.93
C ASP E 96 17.90 -47.06 -79.61
N ALA E 97 16.78 -47.75 -79.87
CA ALA E 97 15.65 -47.16 -80.56
C ALA E 97 14.68 -46.40 -79.70
N PRO E 98 14.17 -45.34 -80.28
CA PRO E 98 13.13 -44.59 -79.65
C PRO E 98 11.88 -45.29 -80.15
N ILE E 99 10.87 -45.34 -79.29
CA ILE E 99 9.64 -45.97 -79.69
C ILE E 99 8.48 -45.00 -79.74
N TYR E 100 7.73 -45.18 -80.81
CA TYR E 100 6.55 -44.42 -81.00
C TYR E 100 5.31 -45.31 -80.97
N THR E 101 4.77 -45.42 -79.75
CA THR E 101 3.53 -46.09 -79.50
C THR E 101 2.64 -45.06 -78.78
N ASN E 102 1.34 -45.16 -79.00
CA ASN E 102 0.35 -44.25 -78.45
C ASN E 102 -0.25 -44.65 -77.08
N VAL E 103 -1.02 -45.73 -77.16
CA VAL E 103 -1.77 -46.27 -76.05
C VAL E 103 -1.07 -47.44 -75.46
N THR E 104 -0.81 -48.34 -76.37
CA THR E 104 -0.16 -49.55 -76.01
C THR E 104 1.21 -49.34 -75.41
N TYR E 105 1.37 -49.93 -74.24
CA TYR E 105 2.61 -49.88 -73.50
C TYR E 105 3.68 -50.60 -74.29
N PRO E 106 4.85 -50.00 -74.27
CA PRO E 106 6.04 -50.48 -74.94
C PRO E 106 6.48 -51.80 -74.33
N ILE E 107 6.24 -51.94 -73.06
CA ILE E 107 6.61 -53.16 -72.41
C ILE E 107 5.36 -53.96 -72.12
N THR E 108 5.57 -55.14 -71.61
CA THR E 108 4.46 -56.01 -71.31
C THR E 108 3.74 -55.59 -70.07
N VAL E 109 2.43 -55.74 -70.16
CA VAL E 109 1.63 -55.33 -69.04
C VAL E 109 1.54 -56.27 -67.89
N ASN E 110 2.39 -55.98 -66.92
CA ASN E 110 2.42 -56.81 -65.75
C ASN E 110 2.99 -56.09 -64.59
N PRO E 111 2.31 -55.06 -64.25
CA PRO E 111 2.69 -54.26 -63.15
C PRO E 111 2.80 -55.13 -61.91
N PRO E 112 3.77 -54.76 -61.10
CA PRO E 112 4.62 -53.60 -61.32
C PRO E 112 5.92 -53.99 -61.96
N PHE E 113 5.82 -55.02 -62.76
CA PHE E 113 6.98 -55.51 -63.40
C PHE E 113 7.29 -55.01 -64.76
N VAL E 114 8.56 -54.67 -64.81
CA VAL E 114 9.30 -54.22 -65.96
C VAL E 114 10.01 -55.46 -66.57
N PRO E 115 10.33 -55.41 -67.86
CA PRO E 115 11.00 -56.52 -68.51
C PRO E 115 12.46 -56.68 -68.06
N THR E 116 12.89 -57.93 -68.11
CA THR E 116 14.21 -58.30 -67.65
C THR E 116 15.37 -57.58 -68.35
N GLU E 117 15.18 -57.36 -69.64
CA GLU E 117 16.11 -56.67 -70.49
C GLU E 117 15.74 -55.22 -70.44
N ASN E 118 16.45 -54.50 -69.64
CA ASN E 118 16.10 -53.16 -69.50
C ASN E 118 17.31 -52.27 -69.64
N PRO E 119 17.27 -51.64 -70.72
CA PRO E 119 18.30 -50.74 -71.16
C PRO E 119 18.78 -49.82 -70.11
N THR E 120 19.98 -50.11 -69.67
CA THR E 120 20.63 -49.30 -68.68
C THR E 120 21.67 -48.36 -69.25
N GLY E 121 21.70 -47.14 -68.74
CA GLY E 121 22.65 -46.15 -69.22
C GLY E 121 23.49 -45.65 -68.06
N CYS E 122 24.79 -45.94 -68.12
CA CYS E 122 25.69 -45.52 -67.07
C CYS E 122 26.41 -44.26 -67.41
N TYR E 123 26.05 -43.25 -66.67
CA TYR E 123 26.62 -41.93 -66.84
C TYR E 123 27.54 -41.68 -65.70
N SER E 124 28.64 -41.02 -66.02
CA SER E 124 29.64 -40.77 -65.01
C SER E 124 30.25 -39.44 -65.25
N LEU E 125 30.64 -38.88 -64.16
CA LEU E 125 31.26 -37.60 -64.26
C LEU E 125 32.13 -37.24 -63.08
N THR E 126 33.28 -36.79 -63.52
CA THR E 126 34.32 -36.42 -62.65
C THR E 126 34.50 -34.94 -62.59
N PHE E 127 34.54 -34.44 -61.38
CA PHE E 127 34.64 -33.01 -61.26
C PHE E 127 35.23 -32.60 -59.94
N ASN E 128 35.50 -31.31 -59.99
CA ASN E 128 36.11 -30.59 -58.93
C ASN E 128 35.18 -29.74 -58.16
N VAL E 129 35.55 -29.59 -56.90
CA VAL E 129 34.78 -28.83 -55.94
C VAL E 129 35.60 -27.86 -55.15
N ASP E 130 35.19 -26.59 -55.13
CA ASP E 130 35.96 -25.71 -54.29
C ASP E 130 35.76 -26.18 -52.85
N GLU E 131 36.82 -26.22 -52.06
CA GLU E 131 36.58 -26.68 -50.72
C GLU E 131 35.88 -25.65 -49.87
N SER E 132 35.95 -24.41 -50.29
CA SER E 132 35.22 -23.42 -49.54
C SER E 132 33.80 -23.98 -49.24
N TRP E 133 33.25 -24.60 -50.27
CA TRP E 133 31.95 -25.24 -50.20
C TRP E 133 31.93 -26.40 -49.26
N LEU E 134 33.05 -27.05 -49.26
CA LEU E 134 33.25 -28.21 -48.48
C LEU E 134 33.36 -27.89 -47.01
N GLN E 135 33.74 -26.64 -46.70
CA GLN E 135 33.86 -26.31 -45.30
C GLN E 135 32.51 -26.16 -44.68
N GLU E 136 31.97 -24.99 -44.91
CA GLU E 136 30.68 -24.64 -44.38
C GLU E 136 29.52 -24.92 -45.36
N GLY E 137 28.29 -24.81 -44.86
CA GLY E 137 27.09 -24.96 -45.66
C GLY E 137 26.74 -26.36 -46.17
N GLN E 138 25.82 -26.33 -47.15
CA GLN E 138 25.34 -27.54 -47.73
C GLN E 138 25.27 -27.60 -49.22
N THR E 139 25.70 -28.77 -49.65
CA THR E 139 25.80 -29.00 -51.05
C THR E 139 25.00 -30.14 -51.59
N ARG E 140 24.13 -29.72 -52.49
CA ARG E 140 23.32 -30.69 -53.10
C ARG E 140 23.34 -30.59 -54.61
N ILE E 141 22.98 -31.75 -55.10
CA ILE E 141 22.88 -31.94 -56.51
C ILE E 141 21.43 -32.07 -56.95
N ILE E 142 21.23 -31.62 -58.17
CA ILE E 142 19.93 -31.63 -58.75
C ILE E 142 19.80 -32.02 -60.19
N PHE E 143 18.99 -33.03 -60.36
CA PHE E 143 18.63 -33.51 -61.67
C PHE E 143 17.25 -33.01 -62.07
N ASP E 144 17.22 -32.09 -63.00
CA ASP E 144 15.96 -31.59 -63.46
C ASP E 144 15.09 -32.58 -64.20
N GLY E 145 15.69 -33.64 -64.70
CA GLY E 145 14.96 -34.67 -65.39
C GLY E 145 15.83 -35.84 -65.87
N VAL E 146 15.39 -37.04 -65.44
CA VAL E 146 15.97 -38.35 -65.72
C VAL E 146 14.88 -39.40 -65.98
N ASN E 147 14.90 -39.94 -67.16
CA ASN E 147 13.86 -40.87 -67.51
C ASN E 147 14.39 -42.26 -67.67
N SER E 148 13.78 -43.23 -67.00
CA SER E 148 12.61 -43.10 -66.15
C SER E 148 12.89 -43.18 -64.68
N ALA E 149 13.93 -43.93 -64.33
CA ALA E 149 14.35 -44.16 -62.95
C ALA E 149 15.87 -44.20 -62.78
N PHE E 150 16.35 -44.08 -61.55
CA PHE E 150 17.79 -44.15 -61.40
C PHE E 150 18.35 -44.16 -60.01
N HIS E 151 19.54 -44.78 -59.96
CA HIS E 151 20.38 -44.92 -58.77
C HIS E 151 21.57 -44.00 -58.82
N LEU E 152 22.02 -43.65 -57.67
CA LEU E 152 23.11 -42.73 -57.75
C LEU E 152 24.25 -42.92 -56.75
N TRP E 153 25.49 -42.77 -57.27
CA TRP E 153 26.66 -42.85 -56.44
C TRP E 153 27.57 -41.66 -56.52
N CYS E 154 28.23 -41.44 -55.40
CA CYS E 154 29.15 -40.35 -55.35
C CYS E 154 30.37 -40.82 -54.65
N ASN E 155 31.45 -40.74 -55.43
CA ASN E 155 32.74 -41.17 -55.00
C ASN E 155 32.62 -42.60 -54.47
N GLY E 156 32.00 -43.48 -55.25
CA GLY E 156 31.90 -44.90 -54.89
C GLY E 156 30.79 -45.22 -53.92
N ARG E 157 30.30 -44.14 -53.35
CA ARG E 157 29.27 -44.29 -52.39
C ARG E 157 27.85 -44.15 -52.92
N TRP E 158 27.04 -45.13 -52.53
CA TRP E 158 25.65 -45.10 -52.91
C TRP E 158 24.93 -43.94 -52.26
N VAL E 159 24.15 -43.22 -53.05
CA VAL E 159 23.47 -42.06 -52.50
C VAL E 159 21.96 -42.18 -52.43
N GLY E 160 21.32 -42.46 -53.54
CA GLY E 160 19.90 -42.54 -53.50
C GLY E 160 19.30 -43.01 -54.80
N TYR E 161 17.99 -42.91 -54.81
CA TYR E 161 17.21 -43.35 -55.93
C TYR E 161 16.05 -42.42 -56.14
N GLY E 162 15.52 -42.45 -57.36
CA GLY E 162 14.41 -41.58 -57.74
C GLY E 162 13.56 -42.05 -58.94
N GLN E 163 12.28 -41.64 -58.93
CA GLN E 163 11.33 -41.93 -59.99
C GLN E 163 10.59 -40.63 -60.43
N ASP E 164 9.81 -40.75 -61.52
CA ASP E 164 9.10 -39.64 -62.10
C ASP E 164 10.03 -38.81 -62.97
N SER E 165 9.97 -39.17 -64.25
CA SER E 165 10.82 -38.49 -65.22
C SER E 165 10.63 -37.03 -65.37
N ARG E 166 9.55 -36.46 -64.87
CA ARG E 166 9.36 -35.05 -65.15
C ARG E 166 9.65 -34.08 -64.08
N LEU E 167 9.95 -34.57 -62.90
CA LEU E 167 10.30 -33.61 -61.88
C LEU E 167 11.72 -33.82 -61.42
N PRO E 168 12.23 -32.78 -60.81
CA PRO E 168 13.55 -32.70 -60.25
C PRO E 168 13.77 -33.62 -59.11
N SER E 169 15.01 -34.08 -59.03
CA SER E 169 15.46 -34.92 -57.93
C SER E 169 16.63 -34.29 -57.25
N GLU E 170 16.53 -34.20 -55.93
CA GLU E 170 17.62 -33.59 -55.21
C GLU E 170 18.16 -34.41 -54.13
N PHE E 171 19.49 -34.28 -54.06
CA PHE E 171 20.26 -34.91 -53.03
C PHE E 171 21.38 -34.08 -52.47
N ASP E 172 21.53 -34.39 -51.17
CA ASP E 172 22.55 -33.79 -50.34
C ASP E 172 23.86 -34.50 -50.56
N LEU E 173 24.81 -33.77 -51.10
CA LEU E 173 26.04 -34.43 -51.37
C LEU E 173 27.08 -34.30 -50.30
N SER E 174 26.77 -33.28 -49.51
CA SER E 174 27.52 -32.79 -48.40
C SER E 174 28.46 -33.81 -47.78
N ALA E 175 27.95 -34.99 -47.50
CA ALA E 175 28.79 -35.98 -46.88
C ALA E 175 29.59 -36.88 -47.80
N PHE E 176 29.59 -36.65 -49.11
CA PHE E 176 30.34 -37.59 -49.92
C PHE E 176 31.40 -36.92 -50.70
N LEU E 177 31.32 -35.64 -50.64
CA LEU E 177 32.27 -34.88 -51.36
C LEU E 177 33.59 -34.79 -50.66
N ARG E 178 34.59 -34.73 -51.52
CA ARG E 178 35.97 -34.59 -51.14
C ARG E 178 36.45 -33.37 -51.83
N ALA E 179 37.49 -32.77 -51.28
CA ALA E 179 37.97 -31.63 -52.01
C ALA E 179 38.67 -32.10 -53.27
N GLY E 180 38.53 -31.24 -54.25
CA GLY E 180 39.07 -31.52 -55.53
C GLY E 180 38.19 -32.48 -56.33
N GLU E 181 38.84 -33.57 -56.67
CA GLU E 181 38.25 -34.51 -57.55
C GLU E 181 37.16 -35.41 -57.11
N ASN E 182 35.97 -35.24 -57.70
CA ASN E 182 34.92 -36.14 -57.36
C ASN E 182 34.36 -36.83 -58.55
N ARG E 183 33.72 -37.93 -58.27
CA ARG E 183 33.12 -38.67 -59.33
C ARG E 183 31.73 -39.21 -59.03
N LEU E 184 30.81 -38.83 -59.97
CA LEU E 184 29.46 -39.31 -59.94
C LEU E 184 29.23 -40.45 -60.89
N ALA E 185 28.42 -41.36 -60.40
CA ALA E 185 28.00 -42.47 -61.22
C ALA E 185 26.52 -42.68 -61.05
N VAL E 186 25.86 -42.40 -62.17
CA VAL E 186 24.44 -42.49 -62.29
C VAL E 186 24.00 -43.60 -63.15
N MET E 187 23.25 -44.49 -62.56
CA MET E 187 22.74 -45.54 -63.38
C MET E 187 21.28 -45.27 -63.66
N VAL E 188 20.95 -45.10 -64.92
CA VAL E 188 19.61 -44.76 -65.38
C VAL E 188 18.86 -45.90 -66.06
N LEU E 189 17.56 -46.11 -65.72
CA LEU E 189 16.83 -47.19 -66.38
C LEU E 189 15.67 -46.82 -67.28
N ARG E 190 15.56 -47.57 -68.35
CA ARG E 190 14.50 -47.29 -69.28
C ARG E 190 13.17 -47.49 -68.63
N TRP E 191 12.94 -48.72 -68.20
CA TRP E 191 11.72 -49.09 -67.56
C TRP E 191 11.79 -49.12 -66.07
N SER E 192 10.68 -48.77 -65.43
CA SER E 192 10.55 -48.78 -63.99
C SER E 192 9.09 -48.92 -63.66
N ASP E 193 8.75 -49.05 -62.38
CA ASP E 193 7.32 -49.15 -62.11
C ASP E 193 6.67 -47.79 -62.53
N GLY E 194 7.49 -46.70 -62.50
CA GLY E 194 7.07 -45.33 -62.90
C GLY E 194 6.54 -45.29 -64.33
N SER E 195 7.06 -46.23 -65.07
CA SER E 195 6.70 -46.36 -66.45
C SER E 195 5.21 -46.60 -66.58
N TYR E 196 4.66 -47.38 -65.68
CA TYR E 196 3.24 -47.61 -65.79
C TYR E 196 2.42 -46.31 -65.69
N LEU E 197 3.02 -45.25 -65.13
CA LEU E 197 2.33 -43.99 -65.01
C LEU E 197 2.76 -43.02 -66.05
N GLU E 198 3.44 -43.54 -67.04
CA GLU E 198 3.91 -42.63 -68.05
C GLU E 198 3.53 -43.05 -69.46
N ASP E 199 2.28 -43.43 -69.69
CA ASP E 199 1.87 -43.90 -71.00
C ASP E 199 1.45 -42.87 -72.02
N GLN E 200 2.06 -41.68 -71.96
CA GLN E 200 1.73 -40.62 -72.91
C GLN E 200 2.00 -40.98 -74.37
N ASP E 201 1.09 -40.53 -75.25
CA ASP E 201 1.20 -40.74 -76.70
C ASP E 201 2.33 -39.90 -77.27
N MET E 202 3.54 -40.41 -77.16
CA MET E 202 4.74 -39.72 -77.60
C MET E 202 5.84 -40.72 -77.82
N TRP E 203 6.98 -40.20 -78.23
CA TRP E 203 8.13 -41.05 -78.44
C TRP E 203 8.62 -41.46 -77.08
N ARG E 204 8.96 -42.73 -76.96
CA ARG E 204 9.46 -43.25 -75.72
C ARG E 204 10.99 -43.24 -75.74
N MET E 205 11.54 -42.33 -74.98
CA MET E 205 12.97 -42.18 -74.92
C MET E 205 13.56 -42.40 -73.53
N SER E 206 14.80 -41.93 -73.28
CA SER E 206 15.46 -42.10 -71.96
C SER E 206 16.76 -41.37 -71.80
N GLY E 207 17.11 -41.21 -70.52
CA GLY E 207 18.34 -40.55 -70.14
C GLY E 207 18.20 -39.35 -69.24
N ILE E 208 19.28 -38.57 -69.26
CA ILE E 208 19.38 -37.35 -68.47
C ILE E 208 19.18 -36.25 -69.41
N PHE E 209 17.89 -35.96 -69.53
CA PHE E 209 17.42 -35.03 -70.52
C PHE E 209 17.19 -33.64 -70.05
N ARG E 210 17.37 -33.40 -68.77
CA ARG E 210 17.25 -32.05 -68.29
C ARG E 210 18.51 -31.76 -67.50
N ASP E 211 18.73 -30.50 -67.23
CA ASP E 211 19.86 -30.01 -66.51
C ASP E 211 20.26 -30.73 -65.24
N VAL E 212 21.60 -30.63 -65.00
CA VAL E 212 22.28 -31.14 -63.82
C VAL E 212 23.02 -30.04 -63.14
N SER E 213 22.81 -29.94 -61.83
CA SER E 213 23.39 -28.82 -61.15
C SER E 213 23.73 -29.04 -59.69
N LEU E 214 24.47 -28.03 -59.21
CA LEU E 214 24.91 -28.03 -57.85
C LEU E 214 24.57 -26.79 -57.15
N LEU E 215 24.10 -27.11 -55.96
CA LEU E 215 23.72 -26.03 -55.13
C LEU E 215 24.26 -26.07 -53.74
N HIS E 216 24.86 -24.90 -53.48
CA HIS E 216 25.49 -24.61 -52.24
C HIS E 216 24.61 -23.70 -51.45
N LYS E 217 24.21 -24.21 -50.30
CA LYS E 217 23.36 -23.47 -49.43
C LYS E 217 23.88 -23.47 -48.00
N PRO E 218 23.57 -22.38 -47.27
CA PRO E 218 23.95 -22.24 -45.88
C PRO E 218 23.31 -23.34 -45.08
N THR E 219 23.79 -23.58 -43.89
CA THR E 219 23.23 -24.67 -43.10
C THR E 219 21.89 -24.26 -42.54
N THR E 220 21.85 -22.97 -42.31
CA THR E 220 20.66 -22.38 -41.84
C THR E 220 20.14 -21.58 -43.02
N GLN E 221 19.10 -22.11 -43.63
CA GLN E 221 18.60 -21.50 -44.83
C GLN E 221 17.10 -21.45 -44.97
N ILE E 222 16.72 -20.79 -46.06
CA ILE E 222 15.36 -20.68 -46.50
C ILE E 222 14.99 -21.99 -47.17
N SER E 223 14.05 -22.73 -46.59
CA SER E 223 13.71 -24.03 -47.14
C SER E 223 12.55 -24.01 -48.14
N ASP E 224 11.76 -22.93 -48.06
CA ASP E 224 10.58 -22.84 -48.89
C ASP E 224 9.85 -21.55 -48.68
N PHE E 225 9.12 -21.16 -49.72
CA PHE E 225 8.31 -19.99 -49.60
C PHE E 225 7.16 -19.93 -50.59
N HIS E 226 6.09 -19.29 -50.17
CA HIS E 226 4.95 -19.15 -51.02
C HIS E 226 4.46 -17.76 -51.01
N VAL E 227 3.96 -17.45 -52.17
CA VAL E 227 3.39 -16.16 -52.38
C VAL E 227 1.94 -16.28 -52.73
N ALA E 228 1.18 -15.22 -52.35
CA ALA E 228 -0.25 -15.09 -52.60
C ALA E 228 -0.77 -13.66 -52.66
N THR E 229 -1.71 -13.43 -53.59
CA THR E 229 -2.30 -12.10 -53.74
C THR E 229 -3.78 -12.06 -53.50
N ARG E 230 -4.19 -11.11 -52.69
CA ARG E 230 -5.58 -10.94 -52.39
C ARG E 230 -6.01 -9.55 -52.81
N PHE E 231 -7.27 -9.36 -53.26
CA PHE E 231 -7.68 -8.02 -53.65
C PHE E 231 -9.00 -7.54 -53.09
N ASN E 232 -9.23 -6.24 -53.24
CA ASN E 232 -10.54 -5.72 -52.90
C ASN E 232 -11.42 -6.03 -54.09
N ASP E 233 -12.67 -5.68 -53.93
CA ASP E 233 -13.65 -5.94 -54.94
C ASP E 233 -13.30 -5.34 -56.28
N ASP E 234 -12.47 -4.32 -56.29
CA ASP E 234 -12.20 -3.67 -57.56
C ASP E 234 -10.75 -3.66 -57.94
N PHE E 235 -9.97 -4.49 -57.25
CA PHE E 235 -8.56 -4.57 -57.60
C PHE E 235 -7.83 -3.26 -57.45
N SER E 236 -8.42 -2.38 -56.68
CA SER E 236 -7.80 -1.11 -56.45
C SER E 236 -6.71 -1.26 -55.39
N ARG E 237 -6.76 -2.41 -54.76
CA ARG E 237 -5.82 -2.65 -53.72
C ARG E 237 -5.61 -4.12 -53.44
N ALA E 238 -4.34 -4.44 -53.18
CA ALA E 238 -3.95 -5.81 -52.93
C ALA E 238 -3.09 -6.07 -51.72
N VAL E 239 -3.08 -7.35 -51.41
CA VAL E 239 -2.24 -7.80 -50.38
C VAL E 239 -1.36 -8.90 -50.84
N LEU E 240 -0.08 -8.66 -50.66
CA LEU E 240 0.82 -9.71 -50.98
C LEU E 240 1.15 -10.42 -49.68
N GLU E 241 0.98 -11.71 -49.70
CA GLU E 241 1.25 -12.44 -48.53
C GLU E 241 2.23 -13.55 -48.79
N ALA E 242 3.32 -13.50 -48.05
CA ALA E 242 4.40 -14.48 -48.21
C ALA E 242 4.68 -15.29 -47.00
N GLU E 243 4.83 -16.56 -47.26
CA GLU E 243 5.09 -17.46 -46.20
C GLU E 243 6.40 -18.09 -46.43
N VAL E 244 7.20 -17.96 -45.42
CA VAL E 244 8.54 -18.46 -45.49
C VAL E 244 8.88 -19.46 -44.43
N GLN E 245 9.57 -20.46 -44.91
CA GLN E 245 10.04 -21.47 -44.01
C GLN E 245 11.52 -21.64 -44.10
N MET E 246 12.07 -21.93 -42.93
CA MET E 246 13.49 -22.12 -42.79
C MET E 246 13.86 -23.50 -42.29
N CYS E 247 15.09 -23.84 -42.62
CA CYS E 247 15.72 -25.06 -42.18
C CYS E 247 16.96 -24.66 -41.42
N GLY E 248 17.38 -25.48 -40.48
CA GLY E 248 18.58 -25.15 -39.74
C GLY E 248 18.39 -24.85 -38.27
N GLU E 249 19.42 -24.24 -37.63
CA GLU E 249 18.98 -23.97 -36.27
C GLU E 249 18.72 -22.55 -35.99
N LEU E 250 17.56 -22.58 -35.39
CA LEU E 250 16.79 -21.47 -35.01
C LEU E 250 17.41 -20.65 -33.91
N ARG E 251 17.43 -19.35 -34.14
CA ARG E 251 17.96 -18.38 -33.21
C ARG E 251 17.22 -17.09 -33.28
N ASP E 252 16.89 -16.59 -32.14
CA ASP E 252 16.15 -15.35 -31.98
C ASP E 252 16.70 -14.13 -32.73
N TYR E 253 17.89 -14.20 -33.30
CA TYR E 253 18.34 -12.98 -33.95
C TYR E 253 18.05 -13.00 -35.42
N LEU E 254 17.41 -14.10 -35.80
CA LEU E 254 17.02 -14.29 -37.17
C LEU E 254 15.86 -13.45 -37.55
N ARG E 255 15.99 -13.02 -38.78
CA ARG E 255 15.00 -12.18 -39.37
C ARG E 255 14.74 -12.50 -40.82
N VAL E 256 13.60 -11.98 -41.27
CA VAL E 256 13.23 -12.17 -42.63
C VAL E 256 12.71 -10.93 -43.23
N THR E 257 13.20 -10.69 -44.41
CA THR E 257 12.73 -9.54 -45.09
C THR E 257 12.26 -9.83 -46.48
N VAL E 258 11.15 -9.19 -46.75
CA VAL E 258 10.52 -9.36 -48.01
C VAL E 258 10.20 -8.04 -48.55
N SER E 259 10.72 -7.87 -49.75
CA SER E 259 10.60 -6.64 -50.46
C SER E 259 10.10 -6.84 -51.87
N LEU E 260 9.31 -5.85 -52.22
CA LEU E 260 8.70 -5.84 -53.48
C LEU E 260 9.19 -4.71 -54.30
N TRP E 261 9.56 -5.10 -55.48
CA TRP E 261 10.08 -4.21 -56.44
C TRP E 261 9.38 -4.15 -57.74
N GLN E 262 9.34 -2.94 -58.21
CA GLN E 262 8.80 -2.58 -59.48
C GLN E 262 9.94 -2.00 -60.28
N GLY E 263 10.71 -2.91 -60.79
CA GLY E 263 11.86 -2.48 -61.50
C GLY E 263 12.85 -1.91 -60.51
N GLU E 264 13.03 -0.61 -60.63
CA GLU E 264 13.99 0.06 -59.80
C GLU E 264 13.41 0.47 -58.50
N THR E 265 12.11 0.48 -58.52
CA THR E 265 11.44 0.92 -57.37
C THR E 265 11.07 -0.10 -56.34
N GLN E 266 11.35 0.28 -55.12
CA GLN E 266 10.96 -0.58 -54.08
C GLN E 266 9.60 -0.14 -53.69
N VAL E 267 8.72 -1.10 -53.81
CA VAL E 267 7.33 -0.87 -53.63
C VAL E 267 6.83 -1.12 -52.24
N ALA E 268 7.43 -2.14 -51.64
CA ALA E 268 7.06 -2.50 -50.31
C ALA E 268 8.04 -3.45 -49.73
N SER E 269 8.10 -3.36 -48.41
CA SER E 269 8.98 -4.21 -47.67
C SER E 269 8.40 -4.50 -46.33
N GLY E 270 8.90 -5.60 -45.78
CA GLY E 270 8.49 -6.06 -44.48
C GLY E 270 9.53 -6.96 -43.87
N THR E 271 9.66 -6.81 -42.58
CA THR E 271 10.63 -7.61 -41.88
C THR E 271 10.08 -8.23 -40.62
N ALA E 272 10.57 -9.43 -40.34
CA ALA E 272 10.14 -10.10 -39.16
C ALA E 272 10.98 -11.29 -38.81
N PRO E 273 10.69 -11.73 -37.64
CA PRO E 273 11.35 -12.84 -37.01
C PRO E 273 10.44 -14.04 -37.11
N PHE E 274 11.06 -15.21 -37.10
CA PHE E 274 10.31 -16.42 -37.22
C PHE E 274 9.30 -16.63 -36.13
N GLY E 275 8.36 -17.50 -36.43
CA GLY E 275 7.32 -17.82 -35.49
C GLY E 275 6.01 -17.31 -35.99
N GLY E 276 5.11 -18.30 -36.18
CA GLY E 276 3.75 -18.10 -36.65
C GLY E 276 2.68 -17.96 -35.56
N GLU E 277 1.46 -17.81 -36.05
CA GLU E 277 0.29 -17.66 -35.23
C GLU E 277 -0.13 -19.03 -34.82
N ILE E 278 -0.89 -19.07 -33.75
CA ILE E 278 -1.34 -20.33 -33.29
C ILE E 278 -2.17 -20.97 -34.33
N ILE E 279 -1.91 -22.24 -34.48
CA ILE E 279 -2.67 -22.93 -35.45
C ILE E 279 -3.52 -23.96 -34.78
N ASP E 280 -3.03 -24.51 -33.69
CA ASP E 280 -3.83 -25.51 -33.04
C ASP E 280 -3.50 -25.59 -31.60
N GLU E 281 -3.99 -26.65 -30.99
CA GLU E 281 -3.77 -26.82 -29.56
C GLU E 281 -2.31 -26.83 -29.13
N ARG E 282 -1.42 -27.26 -30.03
CA ARG E 282 0.00 -27.31 -29.74
C ARG E 282 0.74 -26.04 -30.04
N GLY E 283 0.12 -25.09 -30.72
CA GLY E 283 0.79 -23.84 -31.03
C GLY E 283 0.86 -23.59 -32.50
N GLY E 284 1.98 -22.95 -32.90
CA GLY E 284 2.26 -22.63 -34.29
C GLY E 284 3.58 -23.21 -34.82
N TYR E 285 4.02 -22.62 -35.94
CA TYR E 285 5.27 -22.97 -36.58
C TYR E 285 6.31 -21.99 -36.14
N ALA E 286 7.26 -22.52 -35.40
CA ALA E 286 8.30 -21.68 -34.89
C ALA E 286 9.26 -21.22 -35.99
N ASP E 287 9.37 -22.11 -36.95
CA ASP E 287 10.24 -21.97 -38.05
C ASP E 287 9.57 -21.51 -39.31
N ARG E 288 8.53 -20.73 -39.15
CA ARG E 288 7.95 -20.16 -40.34
C ARG E 288 7.54 -18.80 -39.98
N VAL E 289 7.29 -18.03 -40.99
CA VAL E 289 6.81 -16.71 -40.77
C VAL E 289 6.06 -16.24 -42.01
N THR E 290 5.01 -15.47 -41.79
CA THR E 290 4.24 -14.99 -42.91
C THR E 290 4.17 -13.49 -42.94
N LEU E 291 4.51 -12.88 -44.06
CA LEU E 291 4.41 -11.44 -44.12
C LEU E 291 3.32 -11.03 -45.05
N ARG E 292 2.78 -9.89 -44.75
CA ARG E 292 1.72 -9.35 -45.55
C ARG E 292 2.02 -7.95 -45.99
N LEU E 293 2.16 -7.76 -47.29
CA LEU E 293 2.45 -6.45 -47.84
C LEU E 293 1.26 -5.87 -48.55
N ASN E 294 1.03 -4.62 -48.26
CA ASN E 294 -0.07 -3.95 -48.90
C ASN E 294 0.39 -3.26 -50.14
N VAL E 295 -0.45 -3.32 -51.17
CA VAL E 295 -0.13 -2.67 -52.41
C VAL E 295 -1.27 -1.90 -53.00
N GLU E 296 -1.04 -0.62 -53.17
CA GLU E 296 -2.11 0.17 -53.75
C GLU E 296 -2.02 0.17 -55.24
N ASN E 297 -3.19 0.17 -55.86
CA ASN E 297 -3.24 0.19 -57.31
C ASN E 297 -2.16 -0.65 -57.96
N PRO E 298 -2.18 -1.93 -57.63
CA PRO E 298 -1.21 -2.81 -58.21
C PRO E 298 -1.49 -2.89 -59.69
N LYS E 299 -0.46 -3.30 -60.41
CA LYS E 299 -0.52 -3.51 -61.83
C LYS E 299 -0.72 -4.99 -62.05
N LEU E 300 -1.78 -5.27 -62.76
CA LEU E 300 -2.12 -6.63 -62.95
C LEU E 300 -1.46 -7.43 -64.03
N TRP E 301 -1.29 -8.67 -63.68
CA TRP E 301 -0.73 -9.53 -64.64
C TRP E 301 -1.82 -10.19 -65.48
N SER E 302 -1.59 -10.34 -66.78
CA SER E 302 -2.53 -10.97 -67.72
C SER E 302 -1.74 -11.45 -68.87
N ALA E 303 -2.35 -12.31 -69.67
CA ALA E 303 -1.65 -12.74 -70.84
C ALA E 303 -1.64 -11.54 -71.75
N GLU E 304 -2.62 -10.65 -71.60
CA GLU E 304 -2.66 -9.43 -72.40
C GLU E 304 -1.51 -8.50 -71.99
N ILE E 305 -1.20 -8.42 -70.69
CA ILE E 305 -0.14 -7.54 -70.21
C ILE E 305 0.47 -8.09 -68.97
N PRO E 306 1.52 -8.78 -69.19
CA PRO E 306 2.23 -9.47 -68.17
C PRO E 306 2.97 -8.57 -67.23
N ASN E 307 2.25 -7.77 -66.50
CA ASN E 307 2.90 -6.94 -65.55
C ASN E 307 3.49 -7.77 -64.47
N LEU E 308 4.80 -7.59 -64.26
CA LEU E 308 5.50 -8.31 -63.20
C LEU E 308 6.15 -7.47 -62.11
N TYR E 309 6.34 -8.12 -60.97
CA TYR E 309 7.00 -7.50 -59.87
C TYR E 309 8.06 -8.45 -59.39
N ARG E 310 9.04 -7.91 -58.69
CA ARG E 310 10.07 -8.78 -58.18
C ARG E 310 10.06 -8.82 -56.69
N ALA E 311 10.15 -10.05 -56.23
CA ALA E 311 10.11 -10.24 -54.83
C ALA E 311 11.37 -10.85 -54.28
N VAL E 312 11.82 -10.19 -53.20
CA VAL E 312 13.00 -10.63 -52.50
C VAL E 312 12.85 -11.04 -51.07
N VAL E 313 13.37 -12.22 -50.91
CA VAL E 313 13.36 -12.87 -49.63
C VAL E 313 14.74 -13.01 -49.09
N GLU E 314 14.96 -12.24 -48.05
CA GLU E 314 16.23 -12.26 -47.38
C GLU E 314 16.13 -12.71 -45.97
N LEU E 315 16.97 -13.70 -45.76
CA LEU E 315 17.17 -14.36 -44.50
C LEU E 315 18.42 -13.73 -43.89
N HIS E 316 18.21 -13.00 -42.83
CA HIS E 316 19.34 -12.35 -42.23
C HIS E 316 19.26 -12.28 -40.71
N THR E 317 20.29 -11.72 -40.12
CA THR E 317 20.34 -11.57 -38.70
C THR E 317 19.86 -10.20 -38.38
N ALA E 318 19.54 -10.05 -37.13
CA ALA E 318 19.02 -8.80 -36.67
C ALA E 318 19.97 -7.64 -36.86
N ASP E 319 21.27 -7.94 -36.83
CA ASP E 319 22.27 -6.90 -37.00
C ASP E 319 22.32 -6.38 -38.41
N GLY E 320 21.88 -7.22 -39.34
CA GLY E 320 21.86 -6.80 -40.72
C GLY E 320 22.62 -7.74 -41.64
N THR E 321 23.37 -8.59 -41.03
CA THR E 321 24.12 -9.52 -41.79
C THR E 321 23.23 -10.50 -42.56
N LEU E 322 23.38 -10.51 -43.87
CA LEU E 322 22.57 -11.41 -44.68
C LEU E 322 23.06 -12.83 -44.72
N ILE E 323 22.18 -13.79 -44.52
CA ILE E 323 22.57 -15.18 -44.60
C ILE E 323 22.45 -15.68 -46.04
N GLU E 324 21.34 -15.30 -46.67
CA GLU E 324 21.06 -15.65 -48.06
C GLU E 324 19.78 -15.02 -48.52
N ALA E 325 19.61 -15.16 -49.83
CA ALA E 325 18.45 -14.62 -50.52
C ALA E 325 17.91 -15.51 -51.63
N GLU E 326 16.60 -15.37 -51.79
CA GLU E 326 15.89 -16.02 -52.85
C GLU E 326 14.92 -15.00 -53.35
N ALA E 327 14.52 -15.23 -54.59
CA ALA E 327 13.60 -14.30 -55.19
C ALA E 327 12.72 -14.96 -56.23
N CYS E 328 11.76 -14.14 -56.69
CA CYS E 328 10.84 -14.56 -57.72
C CYS E 328 10.09 -13.42 -58.32
N ASP E 329 9.57 -13.73 -59.52
CA ASP E 329 8.75 -12.74 -60.17
C ASP E 329 7.34 -12.87 -59.67
N VAL E 330 6.67 -11.77 -59.55
CA VAL E 330 5.34 -11.86 -59.03
C VAL E 330 4.31 -11.20 -59.91
N GLY E 331 3.16 -11.89 -60.03
CA GLY E 331 2.05 -11.36 -60.81
C GLY E 331 0.79 -11.21 -59.99
N PHE E 332 0.25 -10.04 -60.07
CA PHE E 332 -0.99 -9.79 -59.38
C PHE E 332 -2.15 -10.14 -60.27
N ARG E 333 -2.81 -11.23 -59.90
CA ARG E 333 -3.96 -11.71 -60.63
C ARG E 333 -4.74 -12.67 -59.80
N GLU E 334 -6.03 -12.65 -60.06
CA GLU E 334 -6.99 -13.50 -59.41
C GLU E 334 -7.72 -14.40 -60.38
N VAL E 335 -7.68 -15.67 -60.09
CA VAL E 335 -8.36 -16.59 -60.96
C VAL E 335 -9.48 -17.19 -60.19
N ARG E 336 -10.69 -17.11 -60.71
CA ARG E 336 -11.75 -17.72 -60.00
C ARG E 336 -12.92 -18.11 -60.86
N ILE E 337 -13.61 -19.08 -60.31
CA ILE E 337 -14.80 -19.53 -60.97
C ILE E 337 -16.00 -19.04 -60.23
N GLU E 338 -16.77 -18.28 -60.93
CA GLU E 338 -17.90 -17.79 -60.26
C GLU E 338 -19.14 -17.88 -61.07
N ASN E 339 -20.13 -18.51 -60.48
CA ASN E 339 -21.37 -18.60 -61.18
C ASN E 339 -21.25 -19.21 -62.58
N GLY E 340 -20.55 -20.33 -62.67
CA GLY E 340 -20.40 -21.02 -63.92
C GLY E 340 -19.31 -20.43 -64.76
N LEU E 341 -18.69 -19.35 -64.31
CA LEU E 341 -17.66 -18.82 -65.17
C LEU E 341 -16.31 -18.68 -64.60
N LEU E 342 -15.38 -18.87 -65.49
CA LEU E 342 -14.01 -18.74 -65.13
C LEU E 342 -13.54 -17.33 -65.38
N LEU E 343 -13.12 -16.73 -64.28
CA LEU E 343 -12.68 -15.36 -64.36
C LEU E 343 -11.29 -15.14 -64.02
N LEU E 344 -10.83 -14.11 -64.66
CA LEU E 344 -9.54 -13.66 -64.42
C LEU E 344 -9.58 -12.19 -64.14
N ASN E 345 -9.11 -11.84 -62.97
CA ASN E 345 -9.16 -10.46 -62.58
C ASN E 345 -10.52 -9.90 -62.84
N GLY E 346 -11.48 -10.73 -62.53
CA GLY E 346 -12.85 -10.31 -62.64
C GLY E 346 -13.49 -10.50 -63.98
N LYS E 347 -12.71 -10.79 -64.99
CA LYS E 347 -13.34 -10.99 -66.26
C LYS E 347 -13.21 -12.42 -66.70
N PRO E 348 -14.19 -12.77 -67.44
CA PRO E 348 -14.42 -14.07 -68.00
C PRO E 348 -13.52 -14.29 -69.15
N LEU E 349 -12.76 -15.36 -69.07
CA LEU E 349 -11.82 -15.62 -70.11
C LEU E 349 -12.37 -16.35 -71.29
N LEU E 350 -11.57 -16.26 -72.33
CA LEU E 350 -11.78 -16.95 -73.56
C LEU E 350 -10.44 -17.50 -74.00
N ILE E 351 -10.29 -18.77 -73.76
CA ILE E 351 -9.06 -19.47 -73.99
C ILE E 351 -8.82 -19.84 -75.41
N ARG E 352 -7.77 -19.24 -75.95
CA ARG E 352 -7.30 -19.54 -77.27
C ARG E 352 -6.06 -20.41 -77.06
N GLY E 353 -6.33 -21.67 -76.71
CA GLY E 353 -5.26 -22.57 -76.32
C GLY E 353 -4.81 -23.63 -77.25
N VAL E 354 -3.66 -24.13 -76.84
CA VAL E 354 -3.04 -25.22 -77.56
C VAL E 354 -2.28 -26.08 -76.61
N ASN E 355 -2.28 -27.35 -76.93
CA ASN E 355 -1.51 -28.31 -76.14
C ASN E 355 -0.14 -28.38 -76.79
N ARG E 356 0.87 -28.52 -75.95
CA ARG E 356 2.24 -28.59 -76.44
C ARG E 356 3.17 -29.54 -75.72
N HIS E 357 3.83 -30.37 -76.49
CA HIS E 357 4.83 -31.25 -75.92
C HIS E 357 6.25 -30.65 -75.98
N GLU E 358 7.12 -31.19 -75.15
CA GLU E 358 8.53 -30.80 -75.14
C GLU E 358 9.24 -31.74 -76.14
N HIS E 359 9.37 -31.24 -77.39
CA HIS E 359 9.90 -31.99 -78.54
C HIS E 359 10.70 -31.21 -79.56
N HIS E 360 11.84 -31.82 -79.86
CA HIS E 360 12.84 -31.35 -80.75
C HIS E 360 13.24 -32.44 -81.73
N PRO E 361 13.08 -32.12 -83.00
CA PRO E 361 13.34 -32.99 -84.15
C PRO E 361 14.72 -33.63 -84.08
N LEU E 362 15.64 -32.81 -83.57
CA LEU E 362 17.05 -33.15 -83.38
C LEU E 362 17.42 -33.63 -81.98
N HIS E 363 17.05 -32.87 -80.97
CA HIS E 363 17.39 -33.24 -79.62
C HIS E 363 16.46 -34.20 -78.94
N GLY E 364 15.37 -34.63 -79.58
CA GLY E 364 14.43 -35.52 -78.94
C GLY E 364 13.65 -34.75 -77.86
N GLN E 365 13.69 -35.23 -76.63
CA GLN E 365 12.98 -34.54 -75.57
C GLN E 365 13.76 -33.48 -74.82
N VAL E 366 14.85 -33.06 -75.39
CA VAL E 366 15.63 -32.05 -74.70
C VAL E 366 15.30 -30.62 -75.12
N MET E 367 14.97 -29.81 -74.13
CA MET E 367 14.58 -28.42 -74.38
C MET E 367 15.64 -27.37 -74.18
N ASP E 368 15.44 -26.20 -74.78
CA ASP E 368 16.31 -25.06 -74.66
C ASP E 368 15.64 -23.74 -74.90
N GLU E 369 16.22 -22.77 -74.25
CA GLU E 369 15.71 -21.43 -74.31
C GLU E 369 15.27 -21.02 -75.67
N GLN E 370 16.20 -21.16 -76.54
CA GLN E 370 15.97 -20.73 -77.87
C GLN E 370 14.67 -21.22 -78.51
N THR E 371 14.48 -22.51 -78.40
CA THR E 371 13.29 -23.12 -78.93
C THR E 371 12.02 -22.62 -78.23
N MET E 372 12.09 -22.74 -76.92
CA MET E 372 11.00 -22.31 -76.10
C MET E 372 10.49 -20.97 -76.59
N VAL E 373 11.41 -20.05 -76.68
CA VAL E 373 11.02 -18.74 -77.10
C VAL E 373 10.39 -18.72 -78.47
N GLN E 374 10.97 -19.51 -79.31
CA GLN E 374 10.42 -19.56 -80.63
C GLN E 374 8.94 -19.91 -80.59
N ASP E 375 8.67 -20.99 -79.90
CA ASP E 375 7.31 -21.42 -79.77
C ASP E 375 6.40 -20.33 -79.26
N ILE E 376 6.87 -19.74 -78.21
CA ILE E 376 6.09 -18.71 -77.65
C ILE E 376 5.78 -17.61 -78.62
N LEU E 377 6.81 -17.19 -79.30
CA LEU E 377 6.61 -16.10 -80.22
C LEU E 377 5.56 -16.41 -81.22
N LEU E 378 5.71 -17.56 -81.79
CA LEU E 378 4.76 -18.03 -82.75
C LEU E 378 3.36 -18.04 -82.24
N MET E 379 3.21 -18.70 -81.09
CA MET E 379 1.90 -18.77 -80.52
C MET E 379 1.27 -17.42 -80.41
N LYS E 380 2.02 -16.57 -79.75
CA LYS E 380 1.56 -15.24 -79.54
C LYS E 380 1.22 -14.59 -80.84
N GLN E 381 2.04 -14.82 -81.81
CA GLN E 381 1.76 -14.21 -83.09
C GLN E 381 0.56 -14.77 -83.79
N ASN E 382 0.16 -15.97 -83.42
CA ASN E 382 -1.00 -16.56 -84.01
C ASN E 382 -2.26 -16.48 -83.19
N ASN E 383 -2.25 -15.61 -82.23
CA ASN E 383 -3.44 -15.38 -81.46
C ASN E 383 -3.73 -16.39 -80.43
N PHE E 384 -2.72 -17.13 -80.04
CA PHE E 384 -2.94 -18.05 -78.94
C PHE E 384 -2.72 -17.35 -77.58
N ASN E 385 -3.40 -17.77 -76.50
CA ASN E 385 -3.13 -17.07 -75.24
C ASN E 385 -2.88 -18.02 -74.11
N ALA E 386 -2.95 -19.30 -74.46
CA ALA E 386 -2.77 -20.26 -73.41
C ALA E 386 -2.23 -21.54 -73.93
N VAL E 387 -1.61 -22.24 -73.01
CA VAL E 387 -1.06 -23.51 -73.36
C VAL E 387 -1.17 -24.50 -72.20
N ARG E 388 -1.34 -25.73 -72.62
CA ARG E 388 -1.45 -26.83 -71.71
C ARG E 388 -0.21 -27.71 -71.84
N CYS E 389 0.41 -27.98 -70.70
CA CYS E 389 1.60 -28.83 -70.64
C CYS E 389 1.28 -30.30 -70.79
N SER E 390 0.84 -30.69 -71.99
CA SER E 390 0.53 -32.10 -72.19
C SER E 390 1.82 -32.89 -72.18
N HIS E 391 2.02 -33.77 -71.22
CA HIS E 391 1.14 -34.08 -70.12
C HIS E 391 2.07 -34.37 -68.93
N TYR E 392 2.79 -33.36 -68.49
CA TYR E 392 3.75 -33.47 -67.43
C TYR E 392 4.32 -32.11 -67.27
N PRO E 393 4.94 -31.96 -66.14
CA PRO E 393 5.53 -30.69 -65.81
C PRO E 393 6.64 -30.44 -66.78
N ASN E 394 6.75 -29.20 -67.11
CA ASN E 394 7.74 -28.89 -68.07
C ASN E 394 9.02 -28.43 -67.48
N HIS E 395 9.98 -28.30 -68.34
CA HIS E 395 11.19 -27.68 -67.98
C HIS E 395 10.85 -26.26 -67.44
N PRO E 396 11.42 -26.03 -66.34
CA PRO E 396 11.28 -24.89 -65.48
C PRO E 396 11.35 -23.54 -66.12
N LEU E 397 12.21 -23.45 -67.07
CA LEU E 397 12.35 -22.16 -67.65
C LEU E 397 11.06 -21.67 -68.34
N TRP E 398 10.40 -22.68 -68.86
CA TRP E 398 9.19 -22.47 -69.57
C TRP E 398 8.27 -21.50 -68.86
N TYR E 399 8.04 -21.86 -67.58
CA TYR E 399 7.15 -21.09 -66.77
C TYR E 399 7.54 -19.66 -66.65
N THR E 400 8.83 -19.49 -66.57
CA THR E 400 9.27 -18.13 -66.44
C THR E 400 8.98 -17.34 -67.68
N LEU E 401 9.28 -17.99 -68.78
CA LEU E 401 9.05 -17.37 -70.04
C LEU E 401 7.62 -16.98 -70.18
N CYS E 402 6.77 -17.94 -69.83
CA CYS E 402 5.35 -17.63 -69.95
C CYS E 402 4.99 -16.50 -69.05
N ASP E 403 5.64 -16.50 -67.90
CA ASP E 403 5.35 -15.47 -66.95
C ASP E 403 5.67 -14.13 -67.55
N ARG E 404 6.79 -14.12 -68.23
CA ARG E 404 7.30 -12.89 -68.79
C ARG E 404 6.66 -12.44 -70.07
N TYR E 405 6.42 -13.41 -70.95
CA TYR E 405 5.82 -13.11 -72.22
C TYR E 405 4.33 -12.92 -72.19
N GLY E 406 3.68 -13.62 -71.27
CA GLY E 406 2.25 -13.53 -71.10
C GLY E 406 1.47 -14.65 -71.77
N LEU E 407 1.36 -15.80 -71.12
CA LEU E 407 0.55 -16.88 -71.65
C LEU E 407 -0.10 -17.63 -70.51
N TYR E 408 -1.38 -17.94 -70.61
CA TYR E 408 -1.96 -18.70 -69.52
C TYR E 408 -1.49 -20.13 -69.62
N VAL E 409 -1.19 -20.71 -68.47
CA VAL E 409 -0.75 -22.09 -68.47
C VAL E 409 -1.50 -23.03 -67.54
N VAL E 410 -1.63 -24.23 -68.08
CA VAL E 410 -2.21 -25.32 -67.33
C VAL E 410 -1.07 -26.29 -67.01
N ASP E 411 -0.74 -26.40 -65.73
CA ASP E 411 0.30 -27.29 -65.29
C ASP E 411 -0.27 -28.68 -65.05
N GLU E 412 0.37 -29.69 -65.60
CA GLU E 412 -0.21 -30.99 -65.50
C GLU E 412 0.68 -32.05 -64.91
N ALA E 413 0.09 -32.82 -64.01
CA ALA E 413 0.87 -33.86 -63.41
C ALA E 413 1.25 -34.95 -64.39
N ASN E 414 2.42 -35.51 -64.17
CA ASN E 414 2.93 -36.55 -64.99
C ASN E 414 2.25 -37.91 -64.75
N ILE E 415 1.01 -38.08 -65.18
CA ILE E 415 0.38 -39.38 -64.99
C ILE E 415 -0.52 -39.74 -66.13
N GLU E 416 -0.22 -40.83 -66.86
CA GLU E 416 -1.07 -41.33 -67.95
C GLU E 416 -0.97 -42.83 -67.86
N THR E 417 -2.11 -43.51 -67.77
CA THR E 417 -2.14 -44.97 -67.68
C THR E 417 -3.05 -45.47 -68.75
N HIS E 418 -3.00 -44.71 -69.79
CA HIS E 418 -3.84 -44.95 -70.90
C HIS E 418 -3.99 -46.43 -71.33
N GLY E 419 -2.90 -47.20 -71.30
CA GLY E 419 -2.93 -48.58 -71.76
C GLY E 419 -3.57 -49.57 -70.81
N MET E 420 -3.83 -49.14 -69.59
CA MET E 420 -4.43 -50.04 -68.66
C MET E 420 -5.80 -50.49 -69.09
N VAL E 421 -6.33 -51.47 -68.39
CA VAL E 421 -7.67 -51.92 -68.73
C VAL E 421 -8.45 -52.51 -67.57
N PRO E 422 -9.56 -51.86 -67.22
CA PRO E 422 -9.96 -50.63 -67.82
C PRO E 422 -8.96 -49.53 -67.45
N MET E 423 -9.09 -48.43 -68.14
CA MET E 423 -8.18 -47.35 -67.94
C MET E 423 -7.89 -46.99 -66.50
N ASN E 424 -8.79 -47.21 -65.58
CA ASN E 424 -8.47 -46.77 -64.21
C ASN E 424 -8.00 -47.86 -63.23
N ARG E 425 -7.55 -48.97 -63.83
CA ARG E 425 -7.05 -50.09 -63.08
C ARG E 425 -6.13 -49.67 -61.93
N LEU E 426 -5.20 -48.78 -62.22
CA LEU E 426 -4.32 -48.32 -61.17
C LEU E 426 -4.84 -47.17 -60.34
N THR E 427 -5.46 -46.18 -61.01
CA THR E 427 -5.98 -44.97 -60.36
C THR E 427 -7.00 -45.20 -59.31
N ASP E 428 -7.59 -46.35 -59.44
CA ASP E 428 -8.53 -46.71 -58.44
C ASP E 428 -7.90 -47.61 -57.36
N ASP E 429 -6.59 -47.71 -57.34
CA ASP E 429 -5.94 -48.56 -56.40
C ASP E 429 -5.00 -47.83 -55.47
N PRO E 430 -5.39 -47.99 -54.25
CA PRO E 430 -4.76 -47.43 -53.09
C PRO E 430 -3.28 -47.66 -53.14
N ARG E 431 -2.96 -48.89 -53.52
CA ARG E 431 -1.55 -49.21 -53.60
C ARG E 431 -0.79 -48.26 -54.47
N TRP E 432 -1.46 -47.61 -55.39
CA TRP E 432 -0.76 -46.69 -56.26
C TRP E 432 -0.88 -45.25 -55.89
N LEU E 433 -1.67 -45.10 -54.87
CA LEU E 433 -1.92 -43.78 -54.43
C LEU E 433 -0.69 -42.93 -54.04
N PRO E 434 0.20 -43.54 -53.37
CA PRO E 434 1.37 -42.82 -52.93
C PRO E 434 2.22 -42.35 -54.09
N ALA E 435 2.39 -43.28 -54.98
CA ALA E 435 3.11 -42.94 -56.20
C ALA E 435 2.43 -41.75 -56.89
N MET E 436 1.12 -41.92 -57.12
CA MET E 436 0.42 -40.85 -57.75
C MET E 436 0.58 -39.56 -56.99
N SER E 437 0.44 -39.74 -55.71
CA SER E 437 0.46 -38.59 -54.86
C SER E 437 1.66 -37.67 -55.11
N GLU E 438 2.81 -38.33 -55.19
CA GLU E 438 4.08 -37.68 -55.32
C GLU E 438 4.15 -36.86 -56.54
N ARG E 439 3.56 -37.48 -57.54
CA ARG E 439 3.47 -36.83 -58.80
C ARG E 439 2.67 -35.51 -58.73
N VAL E 440 1.68 -35.43 -57.86
CA VAL E 440 0.99 -34.17 -57.85
C VAL E 440 1.61 -33.13 -56.93
N THR E 441 1.82 -33.63 -55.72
CA THR E 441 2.31 -32.80 -54.66
C THR E 441 3.53 -32.02 -55.03
N ARG E 442 4.44 -32.78 -55.62
CA ARG E 442 5.70 -32.22 -56.00
C ARG E 442 5.60 -31.11 -57.01
N MET E 443 4.70 -31.36 -57.97
CA MET E 443 4.51 -30.33 -58.97
C MET E 443 4.08 -29.01 -58.35
N VAL E 444 3.10 -29.18 -57.52
CA VAL E 444 2.53 -28.04 -56.90
C VAL E 444 3.56 -27.28 -56.14
N GLN E 445 4.33 -28.07 -55.42
CA GLN E 445 5.36 -27.52 -54.58
C GLN E 445 6.37 -26.73 -55.37
N ARG E 446 6.60 -27.23 -56.54
CA ARG E 446 7.54 -26.58 -57.34
C ARG E 446 7.05 -25.34 -58.05
N ASP E 447 5.83 -25.40 -58.58
CA ASP E 447 5.39 -24.34 -59.46
C ASP E 447 4.44 -23.30 -59.03
N ARG E 448 3.99 -23.51 -57.84
CA ARG E 448 2.96 -22.65 -57.36
C ARG E 448 3.21 -21.18 -57.33
N ASN E 449 4.44 -20.74 -57.45
CA ASN E 449 4.55 -19.32 -57.39
C ASN E 449 4.44 -18.60 -58.72
N HIS E 450 4.36 -19.36 -59.82
CA HIS E 450 4.24 -18.67 -61.09
C HIS E 450 2.83 -18.20 -61.46
N PRO E 451 2.72 -16.93 -61.72
CA PRO E 451 1.44 -16.34 -62.10
C PRO E 451 0.86 -16.93 -63.36
N SER E 452 1.66 -17.39 -64.29
CA SER E 452 1.09 -17.93 -65.50
C SER E 452 0.36 -19.24 -65.28
N VAL E 453 0.70 -19.91 -64.20
CA VAL E 453 -0.03 -21.13 -64.03
C VAL E 453 -1.36 -20.73 -63.49
N ILE E 454 -2.43 -21.11 -64.19
CA ILE E 454 -3.73 -20.74 -63.66
C ILE E 454 -4.64 -21.89 -63.39
N ILE E 455 -4.24 -23.06 -63.83
CA ILE E 455 -5.03 -24.23 -63.55
C ILE E 455 -4.13 -25.40 -63.36
N TRP E 456 -4.52 -26.23 -62.44
CA TRP E 456 -3.80 -27.43 -62.18
C TRP E 456 -4.56 -28.57 -62.82
N SER E 457 -3.80 -29.51 -63.35
CA SER E 457 -4.38 -30.68 -63.96
C SER E 457 -3.79 -31.92 -63.35
N LEU E 458 -4.67 -32.87 -63.04
CA LEU E 458 -4.25 -34.11 -62.42
C LEU E 458 -3.61 -35.09 -63.35
N GLY E 459 -3.47 -34.78 -64.62
CA GLY E 459 -2.90 -35.83 -65.43
C GLY E 459 -3.69 -36.01 -66.69
N ASN E 460 -3.63 -37.22 -67.27
CA ASN E 460 -4.31 -37.48 -68.51
C ASN E 460 -4.59 -38.93 -68.79
N GLU E 461 -5.70 -39.16 -69.44
CA GLU E 461 -6.15 -40.48 -69.83
C GLU E 461 -5.74 -41.58 -68.89
N SER E 462 -6.28 -41.54 -67.68
CA SER E 462 -6.03 -42.54 -66.66
C SER E 462 -7.33 -42.96 -66.01
N GLY E 463 -8.40 -42.83 -66.77
CA GLY E 463 -9.72 -43.12 -66.28
C GLY E 463 -10.05 -42.20 -65.11
N HIS E 464 -10.91 -42.69 -64.25
CA HIS E 464 -11.24 -41.95 -63.08
C HIS E 464 -11.23 -42.88 -61.89
N GLY E 465 -10.39 -42.60 -60.89
CA GLY E 465 -10.34 -43.43 -59.72
C GLY E 465 -10.28 -42.59 -58.48
N ALA E 466 -10.52 -43.29 -57.40
CA ALA E 466 -10.52 -42.62 -56.13
C ALA E 466 -9.25 -41.84 -55.85
N ASN E 467 -8.15 -42.34 -56.40
CA ASN E 467 -6.92 -41.65 -56.14
C ASN E 467 -7.04 -40.22 -56.63
N HIS E 468 -7.81 -40.10 -57.68
CA HIS E 468 -8.03 -38.80 -58.26
C HIS E 468 -8.77 -37.85 -57.33
N ASP E 469 -9.86 -38.37 -56.80
CA ASP E 469 -10.64 -37.54 -55.91
C ASP E 469 -9.81 -37.06 -54.76
N ALA E 470 -9.09 -38.01 -54.24
CA ALA E 470 -8.26 -37.65 -53.12
C ALA E 470 -7.26 -36.55 -53.45
N LEU E 471 -6.71 -36.64 -54.63
CA LEU E 471 -5.71 -35.68 -55.02
C LEU E 471 -6.24 -34.32 -55.35
N TYR E 472 -7.39 -34.39 -55.98
CA TYR E 472 -8.10 -33.20 -56.30
C TYR E 472 -8.29 -32.38 -55.01
N ARG E 473 -8.81 -33.09 -54.05
CA ARG E 473 -9.07 -32.47 -52.79
C ARG E 473 -7.84 -31.84 -52.16
N TRP E 474 -6.78 -32.61 -52.19
CA TRP E 474 -5.55 -32.18 -51.61
C TRP E 474 -5.15 -30.81 -52.16
N ILE E 475 -5.19 -30.73 -53.44
CA ILE E 475 -4.81 -29.48 -54.00
C ILE E 475 -5.70 -28.37 -53.56
N LYS E 476 -6.98 -28.67 -53.61
CA LYS E 476 -7.94 -27.66 -53.25
C LYS E 476 -7.58 -27.09 -51.93
N SER E 477 -7.10 -27.97 -51.09
CA SER E 477 -6.79 -27.48 -49.77
C SER E 477 -5.54 -26.71 -49.70
N VAL E 478 -4.60 -27.18 -50.42
CA VAL E 478 -3.34 -26.52 -50.36
C VAL E 478 -3.28 -25.24 -51.19
N ASP E 479 -3.93 -25.26 -52.35
CA ASP E 479 -3.92 -24.14 -53.24
C ASP E 479 -5.27 -23.93 -53.87
N PRO E 480 -5.89 -23.06 -53.19
CA PRO E 480 -7.23 -22.67 -53.46
C PRO E 480 -7.27 -21.58 -54.49
N SER E 481 -6.12 -21.05 -54.83
CA SER E 481 -5.98 -19.97 -55.78
C SER E 481 -6.26 -20.39 -57.23
N ARG E 482 -6.22 -21.68 -57.47
CA ARG E 482 -6.45 -22.17 -58.79
C ARG E 482 -7.34 -23.36 -58.78
N PRO E 483 -8.06 -23.41 -59.85
CA PRO E 483 -9.00 -24.45 -60.13
C PRO E 483 -8.24 -25.65 -60.61
N VAL E 484 -8.90 -26.77 -60.46
CA VAL E 484 -8.36 -28.03 -60.86
C VAL E 484 -9.18 -28.71 -61.91
N GLN E 485 -8.53 -29.28 -62.90
CA GLN E 485 -9.29 -30.01 -63.89
C GLN E 485 -8.71 -31.36 -64.21
N TYR E 486 -9.57 -32.21 -64.76
CA TYR E 486 -9.19 -33.57 -65.12
C TYR E 486 -10.27 -34.17 -65.98
N GLU E 487 -9.88 -34.67 -67.16
CA GLU E 487 -10.85 -35.17 -68.11
C GLU E 487 -11.27 -36.63 -67.94
N GLY E 488 -10.37 -37.43 -67.40
CA GLY E 488 -10.61 -38.83 -67.29
C GLY E 488 -11.96 -39.18 -66.73
N GLY E 489 -12.44 -40.29 -67.21
CA GLY E 489 -13.68 -40.84 -66.78
C GLY E 489 -14.94 -40.08 -67.13
N GLY E 490 -14.94 -39.38 -68.25
CA GLY E 490 -16.16 -38.67 -68.62
C GLY E 490 -16.09 -37.15 -68.69
N ALA E 491 -14.97 -36.54 -68.27
CA ALA E 491 -14.77 -35.09 -68.35
C ALA E 491 -15.64 -34.26 -67.45
N ASP E 492 -16.46 -34.90 -66.64
CA ASP E 492 -17.33 -34.12 -65.76
C ASP E 492 -17.43 -34.70 -64.36
N THR E 493 -16.43 -35.46 -63.96
CA THR E 493 -16.46 -36.07 -62.65
C THR E 493 -16.30 -35.10 -61.54
N THR E 494 -16.37 -35.70 -60.37
CA THR E 494 -16.21 -35.02 -59.10
C THR E 494 -14.80 -34.47 -58.96
N ALA E 495 -13.92 -34.99 -59.77
CA ALA E 495 -12.55 -34.57 -59.71
C ALA E 495 -12.25 -33.41 -60.64
N THR E 496 -13.24 -32.74 -61.19
CA THR E 496 -12.82 -31.65 -62.03
C THR E 496 -13.67 -30.44 -61.79
N ASP E 497 -13.04 -29.31 -61.85
CA ASP E 497 -13.79 -28.09 -61.64
C ASP E 497 -14.34 -27.56 -62.92
N ILE E 498 -13.90 -28.12 -64.02
CA ILE E 498 -14.32 -27.66 -65.31
C ILE E 498 -14.64 -28.82 -66.18
N ILE E 499 -15.65 -28.68 -67.01
CA ILE E 499 -15.96 -29.72 -67.94
C ILE E 499 -14.96 -29.56 -69.04
N CYS E 500 -14.10 -30.56 -69.17
CA CYS E 500 -12.99 -30.49 -70.10
C CYS E 500 -12.84 -31.70 -70.97
N PRO E 501 -13.79 -31.88 -71.79
CA PRO E 501 -13.72 -33.02 -72.68
C PRO E 501 -12.68 -32.82 -73.76
N MET E 502 -12.46 -33.94 -74.44
CA MET E 502 -11.57 -33.98 -75.56
C MET E 502 -12.35 -34.42 -76.80
N TYR E 503 -12.34 -33.60 -77.82
CA TYR E 503 -12.99 -33.95 -79.06
C TYR E 503 -14.52 -34.01 -79.11
N ALA E 504 -15.17 -33.34 -78.19
CA ALA E 504 -16.64 -33.27 -78.27
C ALA E 504 -17.03 -32.34 -79.43
N ARG E 505 -18.09 -32.73 -80.13
CA ARG E 505 -18.49 -31.94 -81.26
C ARG E 505 -19.35 -30.76 -80.88
N VAL E 506 -19.39 -29.81 -81.81
CA VAL E 506 -20.17 -28.62 -81.54
C VAL E 506 -21.64 -28.98 -81.41
N ASP E 507 -22.14 -29.64 -82.42
CA ASP E 507 -23.54 -29.98 -82.32
C ASP E 507 -23.85 -31.44 -82.27
N GLU E 508 -22.89 -32.32 -82.49
CA GLU E 508 -23.29 -33.70 -82.46
C GLU E 508 -22.85 -34.44 -81.23
N ASP E 509 -23.74 -35.32 -80.79
CA ASP E 509 -23.43 -36.14 -79.63
C ASP E 509 -22.78 -37.42 -80.08
N GLN E 510 -21.87 -37.90 -79.25
CA GLN E 510 -21.15 -39.15 -79.41
C GLN E 510 -21.31 -39.84 -78.07
N PRO E 511 -22.34 -40.59 -78.07
CA PRO E 511 -22.85 -41.27 -76.95
C PRO E 511 -22.25 -42.62 -76.62
N PHE E 512 -20.98 -42.60 -76.37
CA PHE E 512 -20.43 -43.82 -75.92
C PHE E 512 -20.93 -44.10 -74.53
N PRO E 513 -21.03 -45.38 -74.34
CA PRO E 513 -21.41 -45.98 -73.10
C PRO E 513 -20.42 -45.58 -72.07
N ALA E 514 -20.98 -45.27 -70.90
CA ALA E 514 -20.20 -44.88 -69.77
C ALA E 514 -19.54 -43.52 -69.89
N VAL E 515 -19.09 -43.18 -71.09
CA VAL E 515 -18.37 -41.95 -71.22
C VAL E 515 -18.67 -41.32 -72.55
N PRO E 516 -19.92 -40.98 -72.66
CA PRO E 516 -20.42 -40.33 -73.86
C PRO E 516 -19.83 -38.95 -73.92
N LYS E 517 -19.81 -38.43 -75.13
CA LYS E 517 -19.36 -37.08 -75.42
C LYS E 517 -20.52 -36.33 -76.06
N TRP E 518 -21.19 -35.53 -75.28
CA TRP E 518 -22.29 -34.76 -75.78
C TRP E 518 -21.86 -33.59 -76.63
N SER E 519 -22.76 -33.11 -77.49
CA SER E 519 -22.43 -31.89 -78.18
C SER E 519 -22.12 -30.92 -77.04
N ILE E 520 -21.14 -30.09 -77.29
CA ILE E 520 -20.83 -29.23 -76.19
C ILE E 520 -21.94 -28.28 -75.86
N LYS E 521 -22.78 -27.87 -76.83
CA LYS E 521 -23.84 -26.97 -76.38
C LYS E 521 -24.81 -27.69 -75.46
N LYS E 522 -25.02 -28.95 -75.75
CA LYS E 522 -25.91 -29.71 -74.93
C LYS E 522 -25.34 -30.02 -73.57
N TRP E 523 -24.06 -30.30 -73.56
CA TRP E 523 -23.46 -30.67 -72.34
C TRP E 523 -23.72 -29.67 -71.26
N LEU E 524 -23.61 -28.42 -71.59
CA LEU E 524 -23.79 -27.44 -70.52
C LEU E 524 -25.12 -27.44 -69.77
N SER E 525 -26.19 -27.81 -70.47
CA SER E 525 -27.59 -27.75 -70.06
C SER E 525 -28.08 -28.96 -69.33
N LEU E 526 -27.27 -29.98 -69.29
CA LEU E 526 -27.68 -31.14 -68.56
C LEU E 526 -28.08 -30.75 -67.16
N PRO E 527 -29.12 -31.40 -66.74
CA PRO E 527 -29.71 -31.14 -65.45
C PRO E 527 -28.73 -31.19 -64.37
N GLY E 528 -28.65 -30.07 -63.69
CA GLY E 528 -27.74 -29.91 -62.59
C GLY E 528 -26.36 -29.44 -63.01
N GLU E 529 -26.04 -29.44 -64.31
CA GLU E 529 -24.71 -29.02 -64.65
C GLU E 529 -24.50 -27.52 -64.49
N THR E 530 -23.42 -27.06 -63.89
CA THR E 530 -23.27 -25.60 -63.77
C THR E 530 -21.92 -25.07 -64.18
N ARG E 531 -20.98 -26.00 -64.38
CA ARG E 531 -19.62 -25.65 -64.66
C ARG E 531 -19.40 -25.06 -66.00
N PRO E 532 -18.25 -24.46 -66.13
CA PRO E 532 -17.82 -23.93 -67.39
C PRO E 532 -17.25 -25.11 -68.14
N LEU E 533 -17.16 -24.94 -69.44
CA LEU E 533 -16.62 -25.98 -70.27
C LEU E 533 -15.53 -25.44 -71.16
N ILE E 534 -14.41 -26.14 -71.09
CA ILE E 534 -13.24 -25.82 -71.89
C ILE E 534 -12.66 -27.10 -72.41
N LEU E 535 -12.53 -27.23 -73.72
CA LEU E 535 -12.02 -28.50 -74.15
C LEU E 535 -10.55 -28.65 -73.91
N CYS E 536 -10.21 -29.79 -73.35
CA CYS E 536 -8.80 -30.05 -73.08
C CYS E 536 -8.12 -30.42 -74.37
N GLU E 537 -8.89 -30.96 -75.30
CA GLU E 537 -8.37 -31.25 -76.62
C GLU E 537 -9.47 -31.08 -77.62
N TYR E 538 -9.14 -30.39 -78.70
CA TYR E 538 -10.07 -30.25 -79.79
C TYR E 538 -9.36 -29.90 -81.07
N ALA E 539 -10.10 -30.14 -82.16
CA ALA E 539 -9.65 -29.89 -83.51
C ALA E 539 -8.32 -30.56 -83.82
N HIS E 540 -8.32 -31.89 -83.86
CA HIS E 540 -7.13 -32.68 -84.14
C HIS E 540 -6.39 -32.17 -85.40
N ALA E 541 -5.21 -31.57 -85.19
CA ALA E 541 -4.49 -30.97 -86.32
C ALA E 541 -3.62 -31.91 -87.15
N MET E 542 -4.03 -33.14 -87.29
CA MET E 542 -3.25 -34.08 -88.02
C MET E 542 -3.31 -34.00 -89.55
N GLY E 543 -2.19 -33.60 -90.10
CA GLY E 543 -2.08 -33.48 -91.53
C GLY E 543 -2.94 -32.37 -92.08
N ASN E 544 -3.60 -32.68 -93.21
CA ASN E 544 -4.49 -31.70 -93.80
C ASN E 544 -5.78 -31.68 -92.96
N SER E 545 -5.82 -30.79 -91.98
CA SER E 545 -6.91 -30.79 -91.07
C SER E 545 -7.35 -29.40 -90.66
N LEU E 546 -8.05 -29.39 -89.52
CA LEU E 546 -8.63 -28.20 -88.96
C LEU E 546 -9.94 -27.80 -89.66
N GLY E 547 -10.53 -28.74 -90.40
CA GLY E 547 -11.78 -28.43 -91.01
C GLY E 547 -12.85 -28.35 -89.91
N GLY E 548 -13.58 -27.22 -89.91
CA GLY E 548 -14.66 -27.05 -88.94
C GLY E 548 -14.29 -26.17 -87.78
N PHE E 549 -13.07 -25.71 -87.81
CA PHE E 549 -12.57 -24.88 -86.74
C PHE E 549 -13.51 -23.74 -86.39
N ALA E 550 -13.98 -23.07 -87.41
CA ALA E 550 -14.86 -21.95 -87.20
C ALA E 550 -16.15 -22.21 -86.45
N LYS E 551 -16.70 -23.44 -86.65
CA LYS E 551 -17.92 -23.81 -85.91
C LYS E 551 -17.69 -23.62 -84.41
N TYR E 552 -16.55 -24.12 -83.96
CA TYR E 552 -16.18 -23.99 -82.56
C TYR E 552 -16.14 -22.55 -82.14
N TRP E 553 -15.39 -21.77 -82.90
CA TRP E 553 -15.24 -20.39 -82.54
C TRP E 553 -16.51 -19.66 -82.38
N GLN E 554 -17.36 -19.98 -83.29
CA GLN E 554 -18.64 -19.32 -83.23
C GLN E 554 -19.41 -19.69 -82.01
N ALA E 555 -19.39 -20.96 -81.70
CA ALA E 555 -20.11 -21.36 -80.53
C ALA E 555 -19.52 -20.76 -79.30
N PHE E 556 -18.18 -20.81 -79.26
CA PHE E 556 -17.54 -20.28 -78.10
C PHE E 556 -18.02 -18.88 -77.91
N ARG E 557 -18.06 -18.17 -79.02
CA ARG E 557 -18.46 -16.79 -78.93
C ARG E 557 -19.91 -16.59 -78.52
N GLN E 558 -20.76 -17.53 -78.84
CA GLN E 558 -22.13 -17.31 -78.47
C GLN E 558 -22.55 -17.84 -77.11
N TYR E 559 -21.83 -18.80 -76.56
CA TYR E 559 -22.20 -19.33 -75.29
C TYR E 559 -21.17 -18.98 -74.25
N PRO E 560 -21.66 -18.23 -73.34
CA PRO E 560 -20.94 -17.73 -72.21
C PRO E 560 -20.10 -18.76 -71.52
N ARG E 561 -20.75 -19.86 -71.15
CA ARG E 561 -20.12 -20.95 -70.44
C ARG E 561 -19.17 -21.77 -71.33
N LEU E 562 -19.17 -21.51 -72.63
CA LEU E 562 -18.21 -22.20 -73.47
C LEU E 562 -17.00 -21.29 -73.48
N GLN E 563 -15.95 -21.62 -72.73
CA GLN E 563 -14.82 -20.72 -72.65
C GLN E 563 -13.58 -21.01 -73.46
N GLY E 564 -13.72 -21.81 -74.52
CA GLY E 564 -12.60 -22.11 -75.39
C GLY E 564 -12.09 -23.53 -75.28
N GLY E 565 -10.81 -23.70 -75.62
CA GLY E 565 -10.18 -25.02 -75.57
C GLY E 565 -8.74 -24.94 -76.03
N PHE E 566 -8.13 -26.11 -76.04
CA PHE E 566 -6.76 -26.30 -76.44
C PHE E 566 -6.70 -27.21 -77.61
N VAL E 567 -6.13 -26.65 -78.64
CA VAL E 567 -5.99 -27.44 -79.81
C VAL E 567 -4.96 -28.52 -79.63
N TRP E 568 -5.22 -29.62 -80.28
CA TRP E 568 -4.29 -30.71 -80.25
C TRP E 568 -3.73 -30.95 -81.64
N ASP E 569 -2.46 -30.62 -81.85
CA ASP E 569 -1.57 -30.01 -80.89
C ASP E 569 -0.56 -29.09 -81.61
N TRP E 570 0.39 -28.52 -80.88
CA TRP E 570 1.34 -27.58 -81.48
C TRP E 570 2.26 -28.01 -82.62
N VAL E 571 3.19 -28.93 -82.35
CA VAL E 571 4.17 -29.41 -83.35
C VAL E 571 4.16 -30.90 -83.58
N ASP E 572 4.47 -31.27 -84.82
CA ASP E 572 4.56 -32.68 -85.14
C ASP E 572 5.71 -33.30 -84.37
N GLN E 573 5.49 -34.53 -83.95
CA GLN E 573 6.52 -35.21 -83.21
C GLN E 573 7.36 -36.05 -84.18
N SER E 574 8.02 -35.35 -85.08
CA SER E 574 8.84 -36.05 -86.04
C SER E 574 10.30 -35.86 -85.73
N LEU E 575 11.00 -36.92 -86.09
CA LEU E 575 12.42 -36.95 -85.90
C LEU E 575 13.16 -36.98 -87.23
N ILE E 576 14.38 -36.46 -87.19
CA ILE E 576 15.22 -36.46 -88.37
C ILE E 576 16.04 -37.75 -88.55
N LYS E 577 16.21 -38.15 -89.79
CA LYS E 577 17.01 -39.30 -90.13
C LYS E 577 17.83 -38.94 -91.35
N TYR E 578 18.78 -39.81 -91.66
CA TYR E 578 19.55 -39.54 -92.85
C TYR E 578 19.59 -40.64 -93.83
N ASP E 579 19.70 -40.20 -95.06
CA ASP E 579 19.84 -41.15 -96.11
C ASP E 579 21.35 -41.31 -96.27
N GLU E 580 21.71 -42.27 -97.10
CA GLU E 580 23.07 -42.59 -97.46
C GLU E 580 23.81 -41.34 -97.93
N ASN E 581 23.10 -40.45 -98.62
CA ASN E 581 23.73 -39.22 -99.08
C ASN E 581 23.80 -38.19 -97.98
N GLY E 582 23.57 -38.68 -96.75
CA GLY E 582 23.60 -37.88 -95.55
C GLY E 582 22.54 -36.80 -95.62
N ASN E 583 21.43 -37.24 -96.19
CA ASN E 583 20.31 -36.37 -96.34
C ASN E 583 19.34 -36.67 -95.24
N PRO E 584 18.95 -35.58 -94.62
CA PRO E 584 18.04 -35.59 -93.49
C PRO E 584 16.61 -35.75 -93.96
N TRP E 585 15.85 -36.48 -93.18
CA TRP E 585 14.47 -36.60 -93.52
C TRP E 585 13.61 -36.88 -92.31
N SER E 586 12.37 -36.43 -92.40
CA SER E 586 11.44 -36.59 -91.30
C SER E 586 10.87 -37.98 -91.16
N ALA E 587 11.11 -38.50 -89.97
CA ALA E 587 10.73 -39.83 -89.60
C ALA E 587 9.62 -39.86 -88.55
N TYR E 588 8.88 -40.95 -88.62
CA TYR E 588 7.82 -41.17 -87.71
C TYR E 588 7.81 -42.59 -87.21
N GLY E 589 6.73 -42.94 -86.53
CA GLY E 589 6.59 -44.26 -85.96
C GLY E 589 6.98 -45.35 -86.92
N GLY E 590 7.79 -46.26 -86.38
CA GLY E 590 8.32 -47.43 -87.07
C GLY E 590 9.57 -47.15 -87.90
N ASP E 591 9.91 -45.87 -88.07
CA ASP E 591 11.06 -45.48 -88.86
C ASP E 591 12.38 -45.84 -88.21
N PHE E 592 12.33 -46.39 -87.01
CA PHE E 592 13.53 -46.80 -86.30
C PHE E 592 13.49 -48.27 -86.01
N GLY E 593 12.58 -48.92 -86.71
CA GLY E 593 12.36 -50.33 -86.54
C GLY E 593 11.72 -50.58 -85.20
N ASP E 594 11.26 -49.46 -84.60
CA ASP E 594 10.60 -49.49 -83.31
C ASP E 594 9.30 -50.24 -83.44
N THR E 595 9.11 -51.15 -82.50
CA THR E 595 7.93 -51.96 -82.39
C THR E 595 7.51 -52.13 -80.93
N PRO E 596 6.20 -51.98 -80.69
CA PRO E 596 5.23 -51.75 -81.75
C PRO E 596 5.15 -50.25 -82.07
N ASN E 597 4.45 -49.86 -83.11
CA ASN E 597 4.39 -48.41 -83.37
C ASN E 597 3.06 -47.97 -83.96
N ASP E 598 2.79 -46.65 -83.85
CA ASP E 598 1.55 -46.03 -84.30
C ASP E 598 1.69 -45.07 -85.48
N ARG E 599 2.85 -45.18 -86.14
CA ARG E 599 3.23 -44.45 -87.35
C ARG E 599 3.11 -42.94 -87.29
N GLN E 600 2.36 -42.34 -88.25
CA GLN E 600 2.13 -40.87 -88.34
C GLN E 600 1.42 -40.25 -87.13
N PHE E 601 0.72 -41.12 -86.40
CA PHE E 601 -0.03 -40.68 -85.27
C PHE E 601 0.64 -39.65 -84.37
N CYS E 602 1.96 -39.63 -84.35
CA CYS E 602 2.71 -38.67 -83.54
C CYS E 602 2.76 -37.30 -84.22
N MET E 603 2.19 -37.18 -85.43
CA MET E 603 2.20 -35.89 -86.14
C MET E 603 0.82 -35.29 -86.24
N ASN E 604 0.57 -34.33 -85.35
CA ASN E 604 -0.72 -33.69 -85.23
C ASN E 604 -0.57 -32.21 -85.02
N GLY E 605 0.59 -31.68 -85.35
CA GLY E 605 0.84 -30.29 -85.07
C GLY E 605 0.35 -29.32 -86.08
N LEU E 606 0.33 -28.11 -85.60
CA LEU E 606 -0.01 -26.97 -86.41
C LEU E 606 1.24 -26.51 -87.14
N VAL E 607 2.37 -26.97 -86.63
CA VAL E 607 3.63 -26.66 -87.24
C VAL E 607 4.44 -27.89 -87.34
N PHE E 608 5.32 -27.79 -88.30
CA PHE E 608 6.28 -28.81 -88.57
C PHE E 608 7.31 -28.76 -87.46
N ALA E 609 7.94 -29.92 -87.22
CA ALA E 609 8.96 -29.98 -86.17
C ALA E 609 9.99 -28.84 -86.15
N ASP E 610 10.28 -28.30 -87.31
CA ASP E 610 11.21 -27.20 -87.45
C ASP E 610 10.54 -25.91 -87.15
N ARG E 611 9.29 -26.04 -86.71
CA ARG E 611 8.52 -24.87 -86.45
C ARG E 611 8.14 -24.14 -87.71
N THR E 612 7.84 -24.92 -88.70
CA THR E 612 7.33 -24.31 -89.87
C THR E 612 5.92 -24.76 -89.92
N PRO E 613 5.16 -23.75 -90.10
CA PRO E 613 3.73 -23.76 -90.12
C PRO E 613 3.12 -24.60 -91.15
N HIS E 614 2.01 -25.17 -90.75
CA HIS E 614 1.13 -25.82 -91.61
C HIS E 614 0.15 -24.71 -92.00
N PRO E 615 -0.59 -24.95 -93.04
CA PRO E 615 -1.51 -23.93 -93.48
C PRO E 615 -2.60 -23.66 -92.46
N ALA E 616 -2.98 -24.74 -91.77
CA ALA E 616 -4.04 -24.64 -90.78
C ALA E 616 -3.84 -23.51 -89.77
N LEU E 617 -2.57 -23.31 -89.48
CA LEU E 617 -2.24 -22.31 -88.52
C LEU E 617 -2.93 -20.98 -88.75
N THR E 618 -3.11 -20.71 -89.98
CA THR E 618 -3.70 -19.45 -90.37
C THR E 618 -5.18 -19.39 -90.07
N GLU E 619 -5.81 -20.50 -90.34
CA GLU E 619 -7.21 -20.57 -90.05
C GLU E 619 -7.35 -20.27 -88.58
N ALA E 620 -6.46 -20.88 -87.82
CA ALA E 620 -6.51 -20.63 -86.37
C ALA E 620 -6.28 -19.18 -86.03
N LYS E 621 -5.25 -18.65 -86.61
CA LYS E 621 -4.93 -17.29 -86.31
C LYS E 621 -6.11 -16.38 -86.52
N HIS E 622 -6.77 -16.60 -87.64
CA HIS E 622 -7.90 -15.78 -87.98
C HIS E 622 -9.08 -15.97 -87.06
N GLN E 623 -9.47 -17.23 -86.80
CA GLN E 623 -10.62 -17.42 -85.91
C GLN E 623 -10.33 -16.93 -84.51
N GLN E 624 -9.07 -16.87 -84.13
CA GLN E 624 -8.78 -16.44 -82.79
C GLN E 624 -8.52 -14.97 -82.66
N GLN E 625 -8.66 -14.23 -83.74
CA GLN E 625 -8.37 -12.81 -83.61
C GLN E 625 -9.14 -12.11 -82.53
N PHE E 626 -8.53 -11.09 -81.99
CA PHE E 626 -9.10 -10.31 -80.92
C PHE E 626 -9.99 -9.19 -81.35
N PHE E 627 -10.08 -8.99 -82.65
CA PHE E 627 -10.96 -7.93 -83.08
C PHE E 627 -12.01 -8.49 -83.95
N GLN E 628 -13.23 -8.03 -83.77
CA GLN E 628 -14.29 -8.53 -84.60
C GLN E 628 -14.95 -7.41 -85.32
N PHE E 629 -15.29 -7.72 -86.57
CA PHE E 629 -15.90 -6.72 -87.44
C PHE E 629 -17.26 -6.99 -87.95
N ARG E 630 -17.98 -5.89 -88.10
CA ARG E 630 -19.30 -5.89 -88.64
C ARG E 630 -19.38 -4.78 -89.64
N LEU E 631 -20.03 -5.09 -90.73
CA LEU E 631 -20.11 -4.05 -91.71
C LEU E 631 -21.52 -3.57 -91.91
N SER E 632 -21.72 -2.28 -91.78
CA SER E 632 -23.07 -1.81 -91.99
C SER E 632 -23.12 -0.61 -92.87
N GLY E 633 -23.57 -0.85 -94.08
CA GLY E 633 -23.57 0.27 -94.96
C GLY E 633 -22.14 0.70 -95.26
N GLN E 634 -21.78 1.92 -94.87
CA GLN E 634 -20.43 2.39 -95.15
C GLN E 634 -19.67 2.40 -93.89
N THR E 635 -20.27 1.77 -92.91
CA THR E 635 -19.72 1.73 -91.59
C THR E 635 -19.27 0.40 -91.11
N ILE E 636 -18.08 0.47 -90.56
CA ILE E 636 -17.54 -0.68 -89.94
C ILE E 636 -17.59 -0.61 -88.44
N GLU E 637 -18.08 -1.70 -87.88
CA GLU E 637 -18.15 -1.79 -86.46
C GLU E 637 -17.05 -2.68 -85.95
N VAL E 638 -16.25 -2.15 -85.05
CA VAL E 638 -15.19 -2.95 -84.53
C VAL E 638 -15.42 -3.29 -83.10
N THR E 639 -15.12 -4.53 -82.81
CA THR E 639 -15.31 -4.99 -81.48
C THR E 639 -14.07 -5.62 -80.94
N SER E 640 -13.75 -5.21 -79.71
CA SER E 640 -12.58 -5.69 -79.04
C SER E 640 -12.86 -6.85 -78.13
N GLU E 641 -12.03 -7.88 -78.26
CA GLU E 641 -12.10 -9.06 -77.42
C GLU E 641 -10.99 -9.04 -76.39
N TYR E 642 -10.38 -7.88 -76.23
CA TYR E 642 -9.41 -7.73 -75.18
C TYR E 642 -10.18 -7.41 -73.93
N LEU E 643 -9.75 -8.00 -72.84
CA LEU E 643 -10.41 -7.82 -71.58
C LEU E 643 -9.77 -6.71 -70.85
N PHE E 644 -8.49 -6.55 -71.11
CA PHE E 644 -7.76 -5.58 -70.36
C PHE E 644 -7.06 -4.50 -71.13
N ARG E 645 -6.69 -4.72 -72.37
CA ARG E 645 -6.01 -3.61 -72.99
C ARG E 645 -6.80 -2.81 -73.94
N HIS E 646 -6.24 -1.65 -74.18
CA HIS E 646 -6.82 -0.73 -75.10
C HIS E 646 -6.11 -0.91 -76.44
N SER E 647 -6.74 -0.60 -77.56
CA SER E 647 -6.10 -0.81 -78.87
C SER E 647 -5.02 0.20 -79.12
N ASP E 648 -4.02 0.13 -78.29
CA ASP E 648 -2.95 1.08 -78.36
C ASP E 648 -1.81 0.81 -79.31
N ASN E 649 -1.92 -0.18 -80.16
CA ASN E 649 -0.85 -0.39 -81.14
C ASN E 649 -1.53 -0.96 -82.34
N GLU E 650 -2.59 -0.23 -82.71
CA GLU E 650 -3.40 -0.71 -83.76
C GLU E 650 -3.82 0.26 -84.81
N LEU E 651 -3.49 -0.21 -85.99
CA LEU E 651 -3.82 0.44 -87.20
C LEU E 651 -4.69 -0.40 -88.09
N LEU E 652 -5.73 0.23 -88.53
CA LEU E 652 -6.64 -0.43 -89.41
C LEU E 652 -6.52 0.03 -90.85
N HIS E 653 -6.07 -0.86 -91.69
CA HIS E 653 -5.96 -0.51 -93.07
C HIS E 653 -7.11 -1.08 -93.85
N TRP E 654 -7.72 -0.30 -94.71
CA TRP E 654 -8.76 -0.90 -95.48
C TRP E 654 -8.54 -0.70 -96.94
N MET E 655 -9.35 -1.41 -97.72
CA MET E 655 -9.18 -1.29 -99.12
C MET E 655 -10.18 -2.01 -100.01
N VAL E 656 -10.44 -1.35 -101.13
CA VAL E 656 -11.41 -1.77 -102.08
C VAL E 656 -10.87 -2.13 -103.41
N ALA E 657 -11.33 -3.28 -103.90
CA ALA E 657 -10.88 -3.74 -105.18
C ALA E 657 -11.95 -4.41 -106.00
N LEU E 658 -11.73 -4.31 -107.28
CA LEU E 658 -12.64 -4.87 -108.20
C LEU E 658 -11.95 -6.01 -108.84
N ASP E 659 -12.45 -7.19 -108.60
CA ASP E 659 -11.77 -8.32 -109.17
C ASP E 659 -10.26 -8.23 -109.04
N GLY E 660 -9.75 -7.72 -107.93
CA GLY E 660 -8.31 -7.65 -107.78
C GLY E 660 -7.77 -6.28 -108.06
N LYS E 661 -8.54 -5.49 -108.77
CA LYS E 661 -8.05 -4.18 -109.02
C LYS E 661 -8.50 -3.28 -107.91
N PRO E 662 -7.49 -2.76 -107.29
CA PRO E 662 -7.58 -1.89 -106.15
C PRO E 662 -8.03 -0.56 -106.60
N LEU E 663 -9.06 -0.06 -105.98
CA LEU E 663 -9.61 1.21 -106.34
C LEU E 663 -9.43 2.26 -105.29
N ALA E 664 -9.29 1.81 -104.05
CA ALA E 664 -9.17 2.72 -102.96
C ALA E 664 -8.70 2.01 -101.74
N SER E 665 -7.95 2.75 -100.96
CA SER E 665 -7.42 2.22 -99.75
C SER E 665 -7.39 3.29 -98.70
N GLY E 666 -7.35 2.87 -97.44
CA GLY E 666 -7.34 3.82 -96.36
C GLY E 666 -6.64 3.27 -95.15
N GLU E 667 -6.58 4.12 -94.15
CA GLU E 667 -5.92 3.78 -92.90
C GLU E 667 -6.52 4.47 -91.73
N VAL E 668 -6.79 3.70 -90.70
CA VAL E 668 -7.35 4.29 -89.54
C VAL E 668 -6.91 3.62 -88.31
N PRO E 669 -6.53 4.48 -87.43
CA PRO E 669 -6.05 4.06 -86.15
C PRO E 669 -7.23 3.68 -85.28
N LEU E 670 -6.98 2.59 -84.59
CA LEU E 670 -7.94 2.06 -83.65
C LEU E 670 -7.77 2.62 -82.28
N ASP E 671 -8.92 2.81 -81.72
CA ASP E 671 -9.06 3.32 -80.38
C ASP E 671 -10.26 2.65 -79.75
N VAL E 672 -10.04 1.43 -79.30
CA VAL E 672 -11.12 0.68 -78.68
C VAL E 672 -10.73 0.17 -77.36
N ALA E 673 -11.68 0.28 -76.46
CA ALA E 673 -11.43 -0.25 -75.16
C ALA E 673 -11.70 -1.73 -75.13
N PRO E 674 -11.02 -2.37 -74.21
CA PRO E 674 -11.25 -3.77 -74.04
C PRO E 674 -12.73 -3.92 -74.00
N GLN E 675 -13.20 -4.90 -74.76
CA GLN E 675 -14.62 -5.18 -74.82
C GLN E 675 -15.49 -4.09 -75.38
N GLY E 676 -14.88 -3.11 -76.01
CA GLY E 676 -15.69 -2.06 -76.59
C GLY E 676 -15.83 -2.16 -78.10
N LYS E 677 -16.59 -1.20 -78.61
CA LYS E 677 -16.88 -1.04 -80.02
C LYS E 677 -16.33 0.29 -80.54
N GLN E 678 -15.98 0.30 -81.82
CA GLN E 678 -15.51 1.51 -82.46
C GLN E 678 -16.14 1.51 -83.82
N LEU E 679 -16.72 2.67 -84.18
CA LEU E 679 -17.35 2.87 -85.47
C LEU E 679 -16.49 3.55 -86.48
N ILE E 680 -16.52 2.96 -87.65
CA ILE E 680 -15.72 3.49 -88.67
C ILE E 680 -16.49 3.80 -89.89
N GLU E 681 -16.43 5.10 -90.08
CA GLU E 681 -17.09 5.74 -91.15
C GLU E 681 -16.31 5.73 -92.42
N LEU E 682 -16.95 5.19 -93.42
CA LEU E 682 -16.30 5.14 -94.69
C LEU E 682 -16.65 6.28 -95.61
N PRO E 683 -15.61 6.69 -96.28
CA PRO E 683 -15.66 7.72 -97.27
C PRO E 683 -16.41 7.15 -98.41
N GLU E 684 -17.07 8.02 -99.13
CA GLU E 684 -17.79 7.57 -100.27
C GLU E 684 -16.98 6.62 -101.12
N LEU E 685 -17.62 5.49 -101.35
CA LEU E 685 -17.02 4.45 -102.12
C LEU E 685 -17.33 4.54 -103.56
N PRO E 686 -16.33 4.13 -104.28
CA PRO E 686 -16.30 4.07 -105.72
C PRO E 686 -17.36 3.15 -106.27
N GLN E 687 -18.00 3.59 -107.35
CA GLN E 687 -19.06 2.80 -107.96
C GLN E 687 -18.78 2.38 -109.37
N PRO E 688 -17.65 1.71 -109.54
CA PRO E 688 -17.18 1.17 -110.81
C PRO E 688 -18.32 0.72 -111.71
N GLU E 689 -18.07 0.90 -112.98
CA GLU E 689 -19.07 0.55 -113.96
C GLU E 689 -18.89 -0.85 -114.47
N SER E 690 -17.59 -1.09 -114.69
CA SER E 690 -17.04 -2.32 -115.17
C SER E 690 -17.65 -3.50 -114.46
N ALA E 691 -17.56 -4.63 -115.09
CA ALA E 691 -18.14 -5.78 -114.48
C ALA E 691 -17.17 -6.47 -113.58
N GLY E 692 -17.76 -7.10 -112.56
CA GLY E 692 -16.98 -7.83 -111.58
C GLY E 692 -17.52 -7.73 -110.18
N GLN E 693 -16.67 -8.24 -109.28
CA GLN E 693 -16.96 -8.29 -107.87
C GLN E 693 -16.15 -7.27 -107.13
N LEU E 694 -16.88 -6.56 -106.33
CA LEU E 694 -16.33 -5.54 -105.53
C LEU E 694 -16.15 -6.00 -104.09
N TRP E 695 -14.93 -5.92 -103.65
CA TRP E 695 -14.66 -6.38 -102.33
C TRP E 695 -13.91 -5.45 -101.44
N LEU E 696 -14.39 -5.47 -100.21
CA LEU E 696 -13.78 -4.70 -99.20
C LEU E 696 -12.93 -5.54 -98.25
N THR E 697 -11.72 -5.05 -97.97
CA THR E 697 -10.87 -5.76 -97.06
C THR E 697 -10.19 -4.91 -96.02
N VAL E 698 -10.22 -5.42 -94.79
CA VAL E 698 -9.56 -4.76 -93.67
C VAL E 698 -8.53 -5.62 -92.97
N ARG E 699 -7.50 -4.93 -92.54
CA ARG E 699 -6.44 -5.58 -91.83
C ARG E 699 -6.08 -4.74 -90.63
N VAL E 700 -5.58 -5.43 -89.62
CA VAL E 700 -5.12 -4.79 -88.45
C VAL E 700 -3.64 -4.96 -88.30
N VAL E 701 -3.03 -3.77 -88.21
CA VAL E 701 -1.61 -3.72 -88.07
C VAL E 701 -1.08 -3.04 -86.86
N GLN E 702 0.01 -3.67 -86.44
CA GLN E 702 0.79 -3.23 -85.33
C GLN E 702 2.01 -2.53 -85.82
N PRO E 703 1.85 -1.23 -85.78
CA PRO E 703 2.82 -0.28 -86.19
C PRO E 703 4.14 -0.50 -85.50
N ASN E 704 4.09 -0.57 -84.17
CA ASN E 704 5.30 -0.76 -83.42
C ASN E 704 5.56 -2.20 -83.05
N ALA E 705 6.84 -2.53 -82.92
CA ALA E 705 7.11 -3.90 -82.53
C ALA E 705 6.80 -4.11 -81.08
N THR E 706 6.70 -5.39 -80.74
CA THR E 706 6.42 -5.78 -79.37
C THR E 706 7.45 -6.77 -79.02
N ALA E 707 7.31 -7.24 -77.84
CA ALA E 707 8.26 -8.21 -77.43
C ALA E 707 8.13 -9.50 -78.16
N TRP E 708 6.98 -9.70 -78.80
CA TRP E 708 6.82 -10.99 -79.45
C TRP E 708 6.41 -10.81 -80.85
N SER E 709 6.42 -9.54 -81.28
CA SER E 709 6.06 -9.23 -82.64
C SER E 709 6.85 -8.06 -83.17
N GLU E 710 7.02 -8.12 -84.48
CA GLU E 710 7.71 -7.09 -85.24
C GLU E 710 6.82 -5.95 -85.57
N ALA E 711 7.45 -4.87 -86.00
CA ALA E 711 6.57 -3.80 -86.37
C ALA E 711 5.89 -4.18 -87.66
N GLY E 712 4.65 -3.70 -87.76
CA GLY E 712 3.83 -3.98 -88.91
C GLY E 712 3.25 -5.40 -88.92
N HIS E 713 3.07 -5.96 -87.76
CA HIS E 713 2.52 -7.27 -87.71
C HIS E 713 1.02 -7.20 -87.94
N ILE E 714 0.53 -8.19 -88.68
CA ILE E 714 -0.92 -8.23 -88.93
C ILE E 714 -1.59 -9.10 -87.93
N SER E 715 -2.53 -8.55 -87.25
CA SER E 715 -3.13 -9.39 -86.26
C SER E 715 -4.55 -9.81 -86.54
N ALA E 716 -5.16 -9.16 -87.51
CA ALA E 716 -6.53 -9.50 -87.77
C ALA E 716 -6.93 -8.99 -89.11
N TRP E 717 -7.90 -9.68 -89.70
CA TRP E 717 -8.41 -9.25 -90.95
C TRP E 717 -9.79 -9.75 -91.20
N GLN E 718 -10.38 -9.16 -92.23
CA GLN E 718 -11.71 -9.53 -92.59
C GLN E 718 -12.10 -8.92 -93.91
N GLN E 719 -12.85 -9.69 -94.70
CA GLN E 719 -13.25 -9.11 -95.95
C GLN E 719 -14.75 -9.20 -96.26
N TRP E 720 -15.22 -8.37 -97.17
CA TRP E 720 -16.64 -8.45 -97.52
C TRP E 720 -16.88 -8.20 -98.99
N ARG E 721 -17.89 -8.87 -99.55
CA ARG E 721 -18.14 -8.58 -100.95
C ARG E 721 -19.18 -7.50 -101.04
N LEU E 722 -18.78 -6.38 -101.56
CA LEU E 722 -19.68 -5.26 -101.65
C LEU E 722 -20.69 -5.35 -102.74
N ALA E 723 -20.23 -5.60 -103.93
CA ALA E 723 -21.19 -5.66 -104.99
C ALA E 723 -20.73 -6.52 -106.11
N GLU E 724 -21.69 -6.69 -106.99
CA GLU E 724 -21.46 -7.49 -108.17
C GLU E 724 -22.05 -6.85 -109.37
N ASN E 725 -21.27 -6.75 -110.41
CA ASN E 725 -21.78 -6.20 -111.65
C ASN E 725 -21.72 -7.31 -112.64
N LEU E 726 -22.88 -7.90 -112.95
CA LEU E 726 -22.87 -9.00 -113.90
C LEU E 726 -22.52 -8.55 -115.31
N SER E 727 -21.79 -9.41 -116.00
CA SER E 727 -21.40 -9.11 -117.38
C SER E 727 -22.45 -9.53 -118.36
N VAL E 728 -22.89 -8.55 -119.10
CA VAL E 728 -23.91 -8.74 -120.10
C VAL E 728 -23.33 -8.64 -121.46
N THR E 729 -22.04 -8.65 -121.51
CA THR E 729 -21.55 -8.51 -122.83
C THR E 729 -21.33 -9.78 -123.54
N LEU E 730 -21.29 -9.54 -124.84
CA LEU E 730 -21.08 -10.54 -125.81
C LEU E 730 -19.79 -10.34 -126.51
N PRO E 731 -19.31 -11.52 -126.85
CA PRO E 731 -18.11 -11.72 -127.62
C PRO E 731 -18.34 -11.22 -129.04
N ALA E 732 -17.29 -10.57 -129.52
CA ALA E 732 -17.37 -10.07 -130.88
C ALA E 732 -17.15 -11.25 -131.84
N ALA E 733 -17.64 -11.01 -133.07
CA ALA E 733 -17.52 -11.98 -134.12
C ALA E 733 -16.06 -12.33 -134.39
N SER E 734 -15.94 -13.57 -134.80
CA SER E 734 -14.70 -14.16 -135.20
C SER E 734 -14.79 -14.13 -136.71
N HIS E 735 -13.65 -14.06 -137.35
CA HIS E 735 -13.71 -13.99 -138.79
C HIS E 735 -13.65 -15.35 -139.38
N ALA E 736 -13.62 -16.31 -138.48
CA ALA E 736 -13.52 -17.65 -138.93
C ALA E 736 -14.04 -18.58 -137.93
N ILE E 737 -14.17 -19.81 -138.34
CA ILE E 737 -14.61 -20.77 -137.42
C ILE E 737 -13.82 -22.03 -137.56
N PRO E 738 -13.71 -22.71 -136.47
CA PRO E 738 -12.93 -23.90 -136.42
C PRO E 738 -13.33 -24.91 -137.47
N HIS E 739 -12.35 -25.70 -137.77
CA HIS E 739 -12.54 -26.66 -138.78
C HIS E 739 -12.43 -28.08 -138.25
N LEU E 740 -13.54 -28.77 -138.41
CA LEU E 740 -13.64 -30.13 -137.92
C LEU E 740 -13.14 -31.22 -138.84
N THR E 741 -12.44 -32.19 -138.34
CA THR E 741 -12.02 -33.24 -139.22
C THR E 741 -12.23 -34.55 -138.55
N THR E 742 -12.82 -35.44 -139.29
CA THR E 742 -13.12 -36.69 -138.67
C THR E 742 -12.37 -37.88 -139.14
N SER E 743 -11.48 -38.36 -138.28
CA SER E 743 -10.79 -39.60 -138.57
C SER E 743 -11.73 -40.71 -138.08
N GLU E 744 -11.24 -41.90 -137.96
CA GLU E 744 -12.10 -42.94 -137.51
C GLU E 744 -11.88 -43.15 -136.04
N MET E 745 -10.70 -42.69 -135.69
CA MET E 745 -10.08 -42.71 -134.40
C MET E 745 -10.36 -41.52 -133.62
N ASP E 746 -10.71 -40.48 -134.33
CA ASP E 746 -10.94 -39.29 -133.58
C ASP E 746 -11.48 -38.18 -134.37
N PHE E 747 -11.54 -37.07 -133.67
CA PHE E 747 -12.01 -35.84 -134.22
C PHE E 747 -10.94 -34.80 -134.04
N CME E 748 -10.75 -33.99 -135.08
CA CME E 748 -9.77 -32.95 -135.05
CB CME E 748 -8.74 -33.14 -136.13
SG CME E 748 -7.33 -33.91 -135.37
SD CME E 748 -6.36 -32.30 -134.88
CE CME E 748 -4.87 -33.12 -134.26
CZ CME E 748 -3.82 -33.32 -135.37
OH CME E 748 -3.86 -34.68 -135.78
C CME E 748 -10.26 -31.59 -135.23
O CME E 748 -10.84 -31.23 -136.25
N ILE E 749 -9.98 -30.76 -134.26
CA ILE E 749 -10.43 -29.42 -134.44
C ILE E 749 -9.26 -28.52 -134.66
N GLU E 750 -9.38 -27.75 -135.71
CA GLU E 750 -8.31 -26.87 -136.01
C GLU E 750 -8.76 -25.47 -136.11
N LEU E 751 -7.83 -24.60 -135.79
CA LEU E 751 -8.11 -23.20 -135.89
C LEU E 751 -6.84 -22.43 -135.70
N GLY E 752 -6.25 -22.02 -136.82
CA GLY E 752 -4.97 -21.33 -136.78
C GLY E 752 -3.92 -22.37 -136.42
N ASN E 753 -3.02 -21.95 -135.56
CA ASN E 753 -1.95 -22.80 -135.04
C ASN E 753 -2.51 -23.83 -134.04
N LYS E 754 -3.69 -23.48 -133.51
CA LYS E 754 -4.37 -24.31 -132.57
C LYS E 754 -5.06 -25.55 -133.12
N ARG E 755 -4.97 -26.61 -132.33
CA ARG E 755 -5.55 -27.89 -132.66
C ARG E 755 -5.92 -28.70 -131.43
N TRP E 756 -7.04 -29.38 -131.58
CA TRP E 756 -7.55 -30.19 -130.50
C TRP E 756 -7.96 -31.53 -130.97
N GLN E 757 -7.59 -32.53 -130.20
CA GLN E 757 -8.01 -33.82 -130.62
C GLN E 757 -8.77 -34.63 -129.60
N PHE E 758 -9.88 -35.19 -130.06
CA PHE E 758 -10.65 -36.02 -129.18
C PHE E 758 -10.61 -37.43 -129.63
N ASN E 759 -10.18 -38.29 -128.76
CA ASN E 759 -10.14 -39.68 -129.11
C ASN E 759 -11.53 -40.25 -129.13
N ARG E 760 -11.83 -40.93 -130.21
CA ARG E 760 -13.13 -41.48 -130.39
C ARG E 760 -13.40 -42.73 -129.61
N GLN E 761 -12.39 -43.38 -129.12
CA GLN E 761 -12.80 -44.55 -128.38
C GLN E 761 -12.87 -44.26 -126.92
N SER E 762 -12.06 -43.31 -126.48
CA SER E 762 -12.01 -42.94 -125.08
C SER E 762 -13.05 -41.91 -124.80
N GLY E 763 -13.31 -41.14 -125.82
CA GLY E 763 -14.26 -40.10 -125.59
C GLY E 763 -13.63 -38.93 -124.85
N PHE E 764 -12.30 -38.84 -124.79
CA PHE E 764 -11.71 -37.72 -124.11
C PHE E 764 -10.89 -36.88 -125.00
N LEU E 765 -10.71 -35.68 -124.52
CA LEU E 765 -9.83 -34.76 -125.19
C LEU E 765 -8.45 -35.33 -124.94
N SER E 766 -7.84 -35.83 -125.99
CA SER E 766 -6.56 -36.51 -125.89
C SER E 766 -5.31 -35.68 -126.06
N GLN E 767 -5.38 -34.66 -126.86
CA GLN E 767 -4.20 -33.86 -127.02
C GLN E 767 -4.59 -32.57 -127.63
N MET E 768 -3.73 -31.62 -127.47
CA MET E 768 -3.94 -30.36 -128.05
C MET E 768 -2.61 -29.71 -128.34
N TRP E 769 -2.58 -28.96 -129.43
CA TRP E 769 -1.37 -28.31 -129.82
C TRP E 769 -1.55 -26.89 -130.02
N ILE E 770 -0.47 -26.23 -129.74
CA ILE E 770 -0.33 -24.86 -130.04
C ILE E 770 0.86 -24.87 -130.94
N GLY E 771 0.69 -24.39 -132.15
CA GLY E 771 1.81 -24.54 -133.03
C GLY E 771 2.00 -26.05 -133.19
N ASP E 772 3.23 -26.47 -133.07
CA ASP E 772 3.59 -27.86 -133.22
C ASP E 772 3.89 -28.46 -131.87
N LYS E 773 3.52 -27.73 -130.85
CA LYS E 773 3.75 -28.19 -129.50
C LYS E 773 2.54 -28.82 -128.88
N LYS E 774 2.77 -30.05 -128.43
CA LYS E 774 1.74 -30.78 -127.76
C LYS E 774 1.58 -30.16 -126.40
N GLN E 775 0.41 -30.23 -125.81
CA GLN E 775 0.29 -29.56 -124.55
C GLN E 775 0.05 -30.44 -123.36
N LEU E 776 -0.38 -31.65 -123.64
CA LEU E 776 -0.70 -32.56 -122.56
C LEU E 776 0.03 -33.85 -122.61
N LEU E 777 0.42 -34.35 -121.44
CA LEU E 777 1.00 -35.67 -121.37
C LEU E 777 -0.09 -36.67 -121.04
N THR E 778 -1.20 -36.16 -120.54
CA THR E 778 -2.31 -36.99 -120.19
C THR E 778 -3.59 -36.33 -120.62
N PRO E 779 -4.50 -37.14 -121.07
CA PRO E 779 -5.81 -36.69 -121.50
C PRO E 779 -6.62 -36.11 -120.35
N LEU E 780 -7.50 -35.21 -120.69
CA LEU E 780 -8.33 -34.56 -119.71
C LEU E 780 -9.45 -35.47 -119.29
N ARG E 781 -9.57 -35.75 -118.00
CA ARG E 781 -10.68 -36.60 -117.63
C ARG E 781 -11.21 -36.40 -116.25
N ASP E 782 -12.42 -36.96 -116.10
CA ASP E 782 -13.11 -36.83 -114.86
C ASP E 782 -12.36 -37.49 -113.78
N GLN E 783 -12.54 -36.92 -112.61
CA GLN E 783 -11.93 -37.44 -111.43
C GLN E 783 -12.87 -37.35 -110.24
N PHE E 784 -13.05 -38.47 -109.58
CA PHE E 784 -13.94 -38.49 -108.42
C PHE E 784 -13.27 -38.81 -107.09
N THR E 785 -11.98 -38.96 -107.07
CA THR E 785 -11.35 -39.34 -105.82
C THR E 785 -10.20 -38.43 -105.43
N ARG E 786 -9.67 -38.73 -104.25
CA ARG E 786 -8.49 -38.02 -103.77
C ARG E 786 -7.53 -38.94 -103.02
N ALA E 787 -6.26 -38.50 -102.97
CA ALA E 787 -5.24 -39.18 -102.21
C ALA E 787 -5.63 -38.86 -100.78
N PRO E 788 -6.09 -39.90 -100.09
CA PRO E 788 -6.62 -39.83 -98.74
C PRO E 788 -5.85 -39.02 -97.78
N LEU E 789 -6.60 -38.31 -96.99
CA LEU E 789 -6.03 -37.50 -95.96
C LEU E 789 -5.94 -38.33 -94.73
N ASP E 790 -5.15 -37.84 -93.84
CA ASP E 790 -5.08 -38.55 -92.59
C ASP E 790 -6.48 -38.77 -92.06
N ASN E 791 -7.24 -37.68 -92.06
CA ASN E 791 -8.61 -37.74 -91.62
C ASN E 791 -9.43 -38.77 -92.41
N ASP E 792 -9.16 -38.95 -93.71
CA ASP E 792 -9.94 -39.90 -94.49
C ASP E 792 -9.68 -41.33 -94.13
N ILE E 793 -8.47 -41.48 -93.68
CA ILE E 793 -7.98 -42.79 -93.33
C ILE E 793 -8.47 -43.19 -91.96
N GLY E 794 -8.42 -42.20 -91.11
CA GLY E 794 -8.90 -42.25 -89.77
C GLY E 794 -8.65 -43.47 -88.92
N VAL E 795 -7.41 -43.57 -88.49
CA VAL E 795 -7.06 -44.60 -87.55
C VAL E 795 -6.19 -43.93 -86.48
N SER E 796 -6.37 -44.36 -85.22
CA SER E 796 -5.59 -43.82 -84.10
C SER E 796 -4.54 -44.83 -83.58
N GLU E 797 -4.81 -46.09 -83.92
CA GLU E 797 -4.00 -47.23 -83.60
C GLU E 797 -3.80 -48.03 -84.86
N ALA E 798 -2.53 -48.18 -85.23
CA ALA E 798 -2.11 -48.92 -86.43
C ALA E 798 -2.89 -50.24 -86.67
N THR E 799 -3.20 -50.87 -85.54
CA THR E 799 -3.91 -52.13 -85.33
C THR E 799 -5.37 -52.17 -85.78
N ARG E 800 -6.10 -51.13 -85.36
CA ARG E 800 -7.52 -51.03 -85.62
C ARG E 800 -7.94 -50.17 -86.79
N ILE E 801 -8.54 -50.86 -87.78
CA ILE E 801 -9.09 -50.26 -89.01
C ILE E 801 -10.62 -50.05 -88.93
N ASP E 802 -11.07 -48.89 -89.43
CA ASP E 802 -12.48 -48.53 -89.39
C ASP E 802 -13.14 -48.66 -90.75
N PRO E 803 -13.96 -49.67 -90.85
CA PRO E 803 -14.70 -49.92 -92.04
C PRO E 803 -15.54 -48.70 -92.43
N ASN E 804 -15.71 -47.81 -91.47
CA ASN E 804 -16.47 -46.59 -91.68
C ASN E 804 -15.65 -45.43 -92.14
N ALA E 805 -14.35 -45.62 -92.14
CA ALA E 805 -13.53 -44.56 -92.61
C ALA E 805 -13.87 -44.36 -94.08
N TRP E 806 -13.83 -43.09 -94.45
CA TRP E 806 -14.11 -42.67 -95.78
C TRP E 806 -13.36 -43.52 -96.75
N VAL E 807 -12.08 -43.57 -96.49
CA VAL E 807 -11.26 -44.31 -97.38
C VAL E 807 -11.70 -45.74 -97.55
N GLU E 808 -12.07 -46.31 -96.43
CA GLU E 808 -12.53 -47.66 -96.42
C GLU E 808 -13.71 -47.81 -97.30
N ARG E 809 -14.61 -46.90 -97.11
CA ARG E 809 -15.81 -46.94 -97.89
C ARG E 809 -15.58 -46.71 -99.36
N TRP E 810 -14.72 -45.76 -99.66
CA TRP E 810 -14.47 -45.43 -101.03
C TRP E 810 -13.86 -46.59 -101.74
N LYS E 811 -12.97 -47.23 -101.01
CA LYS E 811 -12.27 -48.36 -101.57
C LYS E 811 -13.24 -49.46 -101.92
N ALA E 812 -13.96 -49.80 -100.89
CA ALA E 812 -14.93 -50.85 -100.99
C ALA E 812 -15.95 -50.61 -102.06
N ALA E 813 -16.20 -49.33 -102.33
CA ALA E 813 -17.19 -48.99 -103.32
C ALA E 813 -16.64 -49.10 -104.72
N GLY E 814 -15.31 -49.13 -104.83
CA GLY E 814 -14.66 -49.24 -106.12
C GLY E 814 -14.38 -47.89 -106.70
N HIS E 815 -14.53 -46.88 -105.87
CA HIS E 815 -14.29 -45.55 -106.38
C HIS E 815 -12.93 -45.42 -106.97
N TYR E 816 -12.02 -46.07 -106.29
CA TYR E 816 -10.66 -45.99 -106.71
C TYR E 816 -10.35 -46.78 -107.93
N GLN E 817 -11.25 -47.70 -108.27
CA GLN E 817 -10.96 -48.49 -109.44
C GLN E 817 -12.08 -48.66 -110.45
N ALA E 818 -12.94 -47.68 -110.51
CA ALA E 818 -14.01 -47.80 -111.44
C ALA E 818 -13.50 -47.49 -112.80
N GLU E 819 -14.18 -48.12 -113.71
CA GLU E 819 -13.94 -48.09 -115.12
C GLU E 819 -14.91 -47.23 -115.86
N ALA E 820 -14.33 -46.30 -116.60
CA ALA E 820 -15.18 -45.45 -117.42
C ALA E 820 -15.66 -46.18 -118.67
N ALA E 821 -16.86 -45.84 -119.10
CA ALA E 821 -17.45 -46.44 -120.28
C ALA E 821 -18.09 -45.37 -121.17
N LEU E 822 -17.66 -45.34 -122.42
CA LEU E 822 -18.23 -44.36 -123.30
C LEU E 822 -19.64 -44.73 -123.68
N LEU E 823 -20.54 -43.83 -123.40
CA LEU E 823 -21.90 -44.06 -123.74
C LEU E 823 -22.15 -43.36 -125.03
N GLN E 824 -21.43 -42.27 -125.22
CA GLN E 824 -21.63 -41.51 -126.42
C GLN E 824 -20.66 -40.38 -126.62
N CYS E 825 -20.39 -40.12 -127.91
CA CYS E 825 -19.44 -39.09 -128.30
C CYS E 825 -19.82 -38.57 -129.65
N THR E 826 -20.14 -37.30 -129.74
CA THR E 826 -20.53 -36.76 -131.02
C THR E 826 -20.00 -35.40 -131.31
N ALA E 827 -19.92 -35.16 -132.61
CA ALA E 827 -19.40 -33.90 -133.07
C ALA E 827 -20.34 -33.26 -134.04
N ASP E 828 -20.38 -31.94 -134.00
CA ASP E 828 -21.31 -31.21 -134.83
C ASP E 828 -20.81 -29.82 -135.11
N THR E 829 -21.17 -29.34 -136.30
CA THR E 829 -20.76 -28.03 -136.69
C THR E 829 -21.89 -27.08 -136.71
N LEU E 830 -21.65 -26.07 -135.94
CA LEU E 830 -22.58 -25.02 -135.82
C LEU E 830 -22.09 -23.87 -136.63
N ALA E 831 -22.93 -22.88 -136.67
CA ALA E 831 -22.59 -21.73 -137.42
C ALA E 831 -21.36 -21.03 -136.92
N ASP E 832 -21.20 -21.02 -135.62
CA ASP E 832 -20.11 -20.24 -135.05
C ASP E 832 -19.14 -21.04 -134.29
N ALA E 833 -19.37 -22.34 -134.28
CA ALA E 833 -18.49 -23.18 -133.54
C ALA E 833 -18.67 -24.63 -133.82
N VAL E 834 -17.79 -25.36 -133.17
CA VAL E 834 -17.84 -26.79 -133.19
C VAL E 834 -18.27 -27.28 -131.83
N LEU E 835 -19.10 -28.32 -131.89
CA LEU E 835 -19.67 -28.86 -130.70
C LEU E 835 -19.47 -30.33 -130.48
N ILE E 836 -18.88 -30.63 -129.34
CA ILE E 836 -18.64 -32.00 -128.97
C ILE E 836 -19.44 -32.43 -127.79
N THR E 837 -19.95 -33.64 -127.96
CA THR E 837 -20.77 -34.16 -126.92
C THR E 837 -20.43 -35.56 -126.46
N THR E 838 -20.22 -35.70 -125.16
CA THR E 838 -19.90 -37.00 -124.61
C THR E 838 -20.72 -37.41 -123.41
N ALA E 839 -20.66 -38.70 -123.15
CA ALA E 839 -21.32 -39.24 -122.00
C ALA E 839 -20.63 -40.48 -121.62
N HIS E 840 -20.22 -40.54 -120.37
CA HIS E 840 -19.57 -41.71 -119.86
C HIS E 840 -20.21 -42.18 -118.59
N ALA E 841 -19.97 -43.46 -118.33
CA ALA E 841 -20.44 -44.06 -117.12
C ALA E 841 -19.31 -44.73 -116.38
N TRP E 842 -19.26 -44.57 -115.06
CA TRP E 842 -18.26 -45.29 -114.34
C TRP E 842 -18.92 -46.39 -113.59
N GLN E 843 -18.41 -47.56 -113.80
CA GLN E 843 -18.99 -48.69 -113.14
C GLN E 843 -18.00 -49.51 -112.41
N HIS E 844 -18.60 -50.36 -111.61
CA HIS E 844 -17.83 -51.26 -110.82
C HIS E 844 -18.65 -52.45 -110.45
N GLN E 845 -18.25 -53.58 -110.99
CA GLN E 845 -19.00 -54.77 -110.73
C GLN E 845 -20.46 -54.64 -111.05
N GLY E 846 -20.71 -54.01 -112.20
CA GLY E 846 -22.07 -53.89 -112.66
C GLY E 846 -22.82 -52.72 -112.08
N LYS E 847 -22.22 -52.04 -111.13
CA LYS E 847 -22.92 -50.91 -110.62
C LYS E 847 -22.41 -49.66 -111.28
N THR E 848 -23.35 -48.80 -111.62
CA THR E 848 -22.96 -47.54 -112.20
C THR E 848 -22.90 -46.55 -111.06
N LEU E 849 -21.71 -46.01 -110.82
CA LEU E 849 -21.50 -45.07 -109.74
C LEU E 849 -21.76 -43.68 -110.21
N PHE E 850 -21.24 -43.38 -111.38
CA PHE E 850 -21.43 -42.05 -111.87
C PHE E 850 -21.61 -42.00 -113.32
N ILE E 851 -22.24 -40.91 -113.67
CA ILE E 851 -22.46 -40.56 -115.02
C ILE E 851 -22.02 -39.15 -115.25
N SER E 852 -21.22 -39.03 -116.28
CA SER E 852 -20.71 -37.76 -116.66
C SER E 852 -21.11 -37.39 -118.09
N ARG E 853 -21.74 -36.25 -118.20
CA ARG E 853 -22.16 -35.76 -119.49
C ARG E 853 -21.56 -34.39 -119.79
N LYS E 854 -20.90 -34.31 -120.93
CA LYS E 854 -20.27 -33.05 -121.27
C LYS E 854 -20.55 -32.52 -122.65
N THR E 855 -20.15 -31.27 -122.76
CA THR E 855 -20.16 -30.53 -124.00
C THR E 855 -18.96 -29.66 -124.06
N TYR E 856 -18.41 -29.70 -125.25
CA TYR E 856 -17.27 -28.89 -125.49
C TYR E 856 -17.60 -28.07 -126.67
N ARG E 857 -17.38 -26.79 -126.49
CA ARG E 857 -17.66 -25.92 -127.56
C ARG E 857 -16.55 -24.96 -127.86
N ILE E 858 -16.07 -25.09 -129.09
CA ILE E 858 -14.99 -24.30 -129.64
C ILE E 858 -15.41 -23.35 -130.69
N ASP E 859 -15.08 -22.12 -130.41
CA ASP E 859 -15.47 -21.06 -131.29
C ASP E 859 -14.31 -20.44 -132.00
N GLY E 860 -14.72 -19.47 -132.81
CA GLY E 860 -13.84 -18.74 -133.64
C GLY E 860 -12.81 -17.97 -132.87
N SER E 861 -13.06 -17.76 -131.61
CA SER E 861 -12.09 -17.03 -130.83
C SER E 861 -11.06 -17.98 -130.27
N GLY E 862 -11.25 -19.28 -130.47
CA GLY E 862 -10.31 -20.28 -129.98
C GLY E 862 -10.47 -20.58 -128.50
N GLN E 863 -11.70 -20.44 -128.03
CA GLN E 863 -11.95 -20.73 -126.67
C GLN E 863 -12.75 -21.99 -126.57
N MET E 864 -12.39 -22.72 -125.57
CA MET E 864 -13.06 -23.95 -125.35
C MET E 864 -13.86 -23.93 -124.08
N ALA E 865 -15.13 -24.10 -124.29
CA ALA E 865 -16.04 -24.09 -123.20
C ALA E 865 -16.53 -25.47 -122.89
N ILE E 866 -16.41 -25.76 -121.62
CA ILE E 866 -16.80 -27.02 -121.13
C ILE E 866 -17.90 -27.02 -120.15
N THR E 867 -18.73 -27.97 -120.37
CA THR E 867 -19.84 -28.10 -119.52
C THR E 867 -19.95 -29.49 -119.01
N VAL E 868 -20.04 -29.56 -117.68
CA VAL E 868 -20.13 -30.84 -117.04
C VAL E 868 -21.32 -30.99 -116.16
N ASP E 869 -21.93 -32.15 -116.33
CA ASP E 869 -23.07 -32.52 -115.54
C ASP E 869 -22.93 -33.95 -115.12
N VAL E 870 -22.88 -34.09 -113.79
CA VAL E 870 -22.72 -35.38 -113.18
C VAL E 870 -23.86 -35.85 -112.31
N GLU E 871 -24.07 -37.15 -112.43
CA GLU E 871 -25.06 -37.83 -111.65
C GLU E 871 -24.31 -38.83 -110.80
N VAL E 872 -24.66 -38.88 -109.52
CA VAL E 872 -24.08 -39.81 -108.57
C VAL E 872 -25.12 -40.69 -107.90
N ALA E 873 -24.84 -41.99 -107.91
CA ALA E 873 -25.77 -42.93 -107.31
C ALA E 873 -25.95 -42.62 -105.87
N SER E 874 -27.19 -42.49 -105.54
CA SER E 874 -27.58 -42.16 -104.19
C SER E 874 -27.00 -43.14 -103.20
N ASP E 875 -26.85 -44.37 -103.64
CA ASP E 875 -26.35 -45.36 -102.74
C ASP E 875 -24.87 -45.60 -102.75
N THR E 876 -24.16 -44.72 -103.38
CA THR E 876 -22.74 -44.87 -103.29
C THR E 876 -22.26 -43.84 -102.28
N PRO E 877 -21.13 -44.06 -101.68
CA PRO E 877 -20.61 -43.10 -100.73
C PRO E 877 -20.26 -41.83 -101.44
N HIS E 878 -20.51 -40.73 -100.77
CA HIS E 878 -20.20 -39.48 -101.38
C HIS E 878 -18.75 -39.43 -101.65
N PRO E 879 -18.49 -39.05 -102.84
CA PRO E 879 -17.17 -38.93 -103.40
C PRO E 879 -16.48 -37.73 -102.85
N ALA E 880 -15.18 -37.86 -102.88
CA ALA E 880 -14.26 -36.88 -102.38
C ALA E 880 -14.31 -35.62 -103.19
N ARG E 881 -14.55 -35.80 -104.47
CA ARG E 881 -14.55 -34.62 -105.29
C ARG E 881 -15.18 -34.88 -106.62
N ILE E 882 -15.39 -33.80 -107.34
CA ILE E 882 -15.98 -33.84 -108.66
C ILE E 882 -15.32 -32.82 -109.54
N GLY E 883 -14.47 -33.35 -110.41
CA GLY E 883 -13.73 -32.50 -111.29
C GLY E 883 -13.03 -33.26 -112.38
N LEU E 884 -12.03 -32.60 -112.88
CA LEU E 884 -11.27 -33.18 -113.93
C LEU E 884 -9.82 -33.04 -113.68
N ASN E 885 -9.10 -33.77 -114.49
CA ASN E 885 -7.69 -33.67 -114.38
C ASN E 885 -6.93 -34.08 -115.61
N CYS E 886 -5.70 -33.66 -115.58
CA CYS E 886 -4.82 -33.98 -116.67
C CYS E 886 -3.39 -33.59 -116.34
N GLN E 887 -2.49 -34.16 -117.11
CA GLN E 887 -1.11 -33.85 -116.93
C GLN E 887 -0.64 -32.96 -118.06
N LEU E 888 -0.26 -31.76 -117.70
CA LEU E 888 0.23 -30.89 -118.74
C LEU E 888 1.69 -31.12 -118.98
N ALA E 889 2.01 -30.97 -120.24
CA ALA E 889 3.34 -31.11 -120.72
C ALA E 889 4.29 -30.02 -120.20
N GLN E 890 3.76 -28.85 -120.12
CA GLN E 890 4.50 -27.71 -119.68
C GLN E 890 4.74 -27.64 -118.19
N VAL E 891 5.75 -26.86 -117.86
CA VAL E 891 6.14 -26.60 -116.50
C VAL E 891 6.57 -25.16 -116.35
N ALA E 892 5.91 -24.39 -115.50
CA ALA E 892 6.24 -22.98 -115.33
C ALA E 892 6.64 -22.60 -113.91
N GLU E 893 7.03 -21.36 -113.77
CA GLU E 893 7.53 -20.86 -112.51
C GLU E 893 6.48 -20.38 -111.53
N ARG E 894 5.58 -19.60 -112.08
CA ARG E 894 4.56 -19.01 -111.31
C ARG E 894 3.18 -19.55 -111.58
N VAL E 895 2.31 -19.16 -110.67
CA VAL E 895 0.93 -19.51 -110.68
C VAL E 895 0.17 -18.29 -110.28
N ASN E 896 -0.80 -18.00 -111.08
CA ASN E 896 -1.51 -16.81 -110.80
C ASN E 896 -2.99 -17.05 -110.88
N TRP E 897 -3.66 -16.57 -109.86
CA TRP E 897 -5.06 -16.78 -109.87
C TRP E 897 -5.81 -15.73 -109.14
N LEU E 898 -7.07 -15.75 -109.47
CA LEU E 898 -8.04 -14.89 -108.88
C LEU E 898 -9.05 -15.77 -108.17
N GLY E 899 -8.86 -15.77 -106.86
CA GLY E 899 -9.67 -16.57 -105.99
C GLY E 899 -9.17 -16.43 -104.57
N LEU E 900 -9.45 -17.45 -103.79
CA LEU E 900 -9.09 -17.45 -102.40
C LEU E 900 -7.68 -17.81 -102.19
N GLY E 901 -7.02 -17.01 -101.40
CA GLY E 901 -5.65 -17.30 -101.13
C GLY E 901 -5.14 -16.48 -99.99
N PRO E 902 -3.88 -16.56 -99.85
CA PRO E 902 -3.03 -17.31 -100.74
C PRO E 902 -2.72 -18.71 -100.29
N GLN E 903 -3.00 -19.05 -99.07
CA GLN E 903 -2.68 -20.43 -98.71
C GLN E 903 -3.68 -21.47 -99.09
N GLU E 904 -3.19 -22.69 -98.96
CA GLU E 904 -4.03 -23.86 -99.18
C GLU E 904 -5.33 -23.69 -98.40
N ASN E 905 -6.45 -23.98 -99.04
CA ASN E 905 -7.74 -23.83 -98.38
C ASN E 905 -8.76 -24.82 -98.87
N TYR E 906 -9.55 -25.28 -97.95
CA TYR E 906 -10.57 -26.25 -98.27
C TYR E 906 -11.91 -25.70 -97.85
N PRO E 907 -12.90 -26.33 -98.39
CA PRO E 907 -14.27 -25.94 -98.18
C PRO E 907 -14.63 -25.72 -96.75
N ASP E 908 -14.21 -26.64 -95.89
CA ASP E 908 -14.50 -26.46 -94.47
C ASP E 908 -13.32 -25.84 -93.72
N ARG E 909 -12.41 -25.28 -94.49
CA ARG E 909 -11.28 -24.59 -93.89
C ARG E 909 -10.83 -23.49 -94.81
N LEU E 910 -11.62 -22.42 -94.88
CA LEU E 910 -11.27 -21.33 -95.78
C LEU E 910 -11.66 -19.96 -95.29
N THR E 911 -12.00 -19.86 -94.04
CA THR E 911 -12.38 -18.58 -93.53
C THR E 911 -11.22 -17.63 -93.46
N ALA E 912 -10.03 -18.15 -93.28
CA ALA E 912 -8.93 -17.23 -93.15
C ALA E 912 -8.47 -16.71 -94.50
N ALA E 913 -8.90 -17.41 -95.54
CA ALA E 913 -8.49 -17.02 -96.89
C ALA E 913 -9.16 -15.79 -97.45
N CME E 914 -8.43 -15.14 -98.35
CA CME E 914 -8.91 -13.97 -99.03
CB CME E 914 -8.30 -12.69 -98.61
SG CME E 914 -8.73 -12.37 -96.89
SD CME E 914 -7.12 -11.35 -96.43
CE CME E 914 -5.90 -12.66 -96.59
CZ CME E 914 -4.52 -12.09 -96.23
OH CME E 914 -4.63 -10.68 -96.03
C CME E 914 -9.04 -14.08 -100.50
O CME E 914 -8.27 -14.69 -101.24
N PHE E 915 -10.08 -13.44 -100.91
CA PHE E 915 -10.37 -13.43 -102.30
C PHE E 915 -9.60 -12.31 -102.94
N ASP E 916 -8.67 -12.68 -103.77
CA ASP E 916 -7.92 -11.66 -104.43
C ASP E 916 -7.18 -12.26 -105.59
N ARG E 917 -6.20 -11.49 -106.05
CA ARG E 917 -5.36 -11.97 -107.08
C ARG E 917 -4.04 -12.39 -106.51
N TRP E 918 -3.72 -13.66 -106.69
CA TRP E 918 -2.51 -14.19 -106.14
C TRP E 918 -1.58 -14.68 -107.21
N ASP E 919 -0.30 -14.57 -106.85
CA ASP E 919 0.78 -15.01 -107.72
C ASP E 919 1.88 -15.61 -106.88
N LEU E 920 2.14 -16.87 -107.12
CA LEU E 920 3.18 -17.57 -106.41
C LEU E 920 3.89 -18.49 -107.33
N PRO E 921 4.95 -18.98 -106.78
CA PRO E 921 5.75 -19.94 -107.41
C PRO E 921 5.10 -21.26 -107.17
N LEU E 922 5.20 -22.00 -108.21
CA LEU E 922 4.68 -23.31 -108.26
C LEU E 922 4.95 -24.10 -107.01
N SER E 923 6.15 -23.92 -106.50
CA SER E 923 6.52 -24.66 -105.30
C SER E 923 5.53 -24.44 -104.17
N ASP E 924 5.12 -23.20 -104.04
CA ASP E 924 4.22 -22.84 -103.00
C ASP E 924 2.83 -23.44 -103.15
N MET E 925 2.58 -24.01 -104.30
CA MET E 925 1.29 -24.59 -104.50
C MET E 925 1.26 -26.00 -103.98
N TYR E 926 2.29 -26.37 -103.26
CA TYR E 926 2.32 -27.70 -102.72
C TYR E 926 2.64 -27.73 -101.24
N THR E 927 1.87 -28.57 -100.53
CA THR E 927 2.00 -28.72 -99.10
C THR E 927 2.61 -30.07 -98.77
N PRO E 928 3.83 -29.94 -98.31
CA PRO E 928 4.74 -31.02 -97.93
C PRO E 928 4.39 -31.70 -96.61
N TYR E 929 3.16 -32.15 -96.53
CA TYR E 929 2.78 -32.86 -95.35
C TYR E 929 3.73 -34.06 -95.27
N VAL E 930 4.33 -34.30 -94.11
CA VAL E 930 5.24 -35.44 -94.00
C VAL E 930 4.65 -36.72 -94.54
N PHE E 931 3.44 -36.98 -94.12
CA PHE E 931 2.79 -38.11 -94.67
C PHE E 931 1.96 -37.52 -95.80
N PRO E 932 2.27 -37.91 -97.02
CA PRO E 932 1.64 -37.28 -98.14
C PRO E 932 0.22 -37.73 -98.46
N SER E 933 -0.54 -36.73 -98.99
CA SER E 933 -1.93 -36.87 -99.44
C SER E 933 -2.40 -35.63 -100.26
N GLU E 934 -3.69 -35.66 -100.69
CA GLU E 934 -4.27 -34.53 -101.39
C GLU E 934 -3.95 -33.24 -100.64
N ASN E 935 -3.44 -32.20 -101.31
CA ASN E 935 -3.11 -30.95 -100.62
C ASN E 935 -3.03 -29.81 -101.62
N GLY E 936 -2.75 -28.63 -101.11
CA GLY E 936 -2.58 -27.44 -101.94
C GLY E 936 -3.82 -26.83 -102.56
N LEU E 937 -4.96 -27.42 -102.36
CA LEU E 937 -6.13 -26.83 -102.94
C LEU E 937 -6.40 -25.35 -102.61
N ARG E 938 -6.99 -24.70 -103.59
CA ARG E 938 -7.51 -23.36 -103.43
C ARG E 938 -8.89 -23.31 -104.02
N CYS E 939 -9.79 -22.73 -103.26
CA CYS E 939 -11.18 -22.64 -103.63
C CYS E 939 -11.57 -21.27 -104.12
N GLY E 940 -12.80 -21.26 -104.62
CA GLY E 940 -13.48 -20.06 -105.09
C GLY E 940 -12.68 -19.29 -106.09
N THR E 941 -12.23 -20.05 -107.05
CA THR E 941 -11.41 -19.50 -108.08
C THR E 941 -12.19 -19.29 -109.32
N ARG E 942 -11.93 -18.13 -109.85
CA ARG E 942 -12.60 -17.71 -111.05
C ARG E 942 -11.75 -17.65 -112.27
N GLU E 943 -10.46 -17.47 -112.03
CA GLU E 943 -9.50 -17.39 -113.09
C GLU E 943 -8.19 -17.91 -112.62
N LEU E 944 -7.63 -18.77 -113.47
CA LEU E 944 -6.37 -19.42 -113.20
C LEU E 944 -5.49 -19.37 -114.43
N ASN E 945 -4.24 -19.02 -114.17
CA ASN E 945 -3.21 -18.84 -115.20
C ASN E 945 -1.95 -19.60 -114.99
N TYR E 946 -1.59 -20.37 -115.98
CA TYR E 946 -0.36 -21.15 -115.93
C TYR E 946 0.15 -21.34 -117.32
N GLY E 947 1.30 -20.77 -117.55
CA GLY E 947 1.87 -20.81 -118.86
C GLY E 947 1.05 -19.90 -119.75
N PRO E 948 0.84 -20.44 -120.93
CA PRO E 948 0.04 -19.85 -121.99
C PRO E 948 -1.43 -20.07 -121.70
N HIS E 949 -1.71 -20.90 -120.68
CA HIS E 949 -3.06 -21.22 -120.34
C HIS E 949 -3.76 -20.36 -119.37
N GLN E 950 -5.06 -20.42 -119.60
CA GLN E 950 -5.98 -19.73 -118.78
C GLN E 950 -7.29 -20.45 -118.68
N TRP E 951 -7.75 -20.51 -117.45
CA TRP E 951 -9.01 -21.12 -117.17
C TRP E 951 -9.91 -20.20 -116.41
N ARG E 952 -11.16 -20.27 -116.80
CA ARG E 952 -12.11 -19.43 -116.15
C ARG E 952 -13.37 -20.17 -115.86
N GLY E 953 -13.91 -19.77 -114.72
CA GLY E 953 -15.14 -20.30 -114.20
C GLY E 953 -15.28 -20.08 -112.72
N ASP E 954 -15.73 -21.14 -112.08
CA ASP E 954 -15.87 -21.05 -110.65
C ASP E 954 -15.48 -22.38 -110.06
N PHE E 955 -14.21 -22.50 -109.72
CA PHE E 955 -13.81 -23.78 -109.24
C PHE E 955 -12.77 -23.68 -108.18
N GLN E 956 -12.29 -24.87 -107.88
CA GLN E 956 -11.22 -25.09 -106.96
C GLN E 956 -10.24 -25.91 -107.70
N PHE E 957 -8.99 -25.72 -107.32
CA PHE E 957 -7.97 -26.47 -107.98
C PHE E 957 -6.73 -26.64 -107.15
N ASN E 958 -5.90 -27.48 -107.70
CA ASN E 958 -4.58 -27.70 -107.17
C ASN E 958 -3.66 -27.99 -108.34
N ILE E 959 -2.40 -27.75 -108.10
CA ILE E 959 -1.45 -27.95 -109.14
C ILE E 959 -0.04 -28.18 -108.63
N SER E 960 0.56 -29.23 -109.12
CA SER E 960 1.90 -29.63 -108.68
C SER E 960 2.50 -30.65 -109.62
N ARG E 961 3.60 -31.28 -109.17
CA ARG E 961 4.26 -32.30 -109.98
C ARG E 961 3.99 -33.69 -109.52
N TYR E 962 2.95 -33.84 -108.74
CA TYR E 962 2.73 -35.18 -108.28
C TYR E 962 1.35 -35.64 -108.58
N SER E 963 1.24 -36.82 -109.09
CA SER E 963 -0.06 -37.33 -109.35
C SER E 963 -0.66 -37.69 -108.01
N GLN E 964 -1.99 -37.76 -108.02
CA GLN E 964 -2.71 -38.18 -106.84
C GLN E 964 -2.27 -39.60 -106.54
N GLN E 965 -2.04 -40.34 -107.59
CA GLN E 965 -1.62 -41.69 -107.39
C GLN E 965 -0.29 -41.80 -106.70
N GLN E 966 0.65 -40.97 -107.13
CA GLN E 966 1.94 -40.99 -106.50
C GLN E 966 1.77 -40.71 -105.02
N LEU E 967 1.05 -39.65 -104.75
CA LEU E 967 0.83 -39.24 -103.36
C LEU E 967 0.24 -40.32 -102.50
N MET E 968 -0.72 -40.91 -103.13
CA MET E 968 -1.43 -41.91 -102.45
C MET E 968 -0.56 -43.10 -102.19
N GLU E 969 0.41 -43.31 -103.05
CA GLU E 969 1.24 -44.48 -102.88
C GLU E 969 2.53 -44.31 -102.12
N THR E 970 2.94 -43.09 -101.88
CA THR E 970 4.14 -42.78 -101.13
C THR E 970 3.88 -42.45 -99.68
N SER E 971 4.62 -43.08 -98.79
CA SER E 971 4.45 -42.87 -97.36
C SER E 971 5.23 -41.71 -96.77
N HIS E 972 6.24 -41.21 -97.46
CA HIS E 972 6.95 -40.11 -96.85
C HIS E 972 7.24 -39.09 -97.87
N ARG E 973 7.18 -37.86 -97.42
CA ARG E 973 7.45 -36.77 -98.31
C ARG E 973 8.77 -36.89 -99.07
N HIS E 974 9.79 -37.35 -98.36
CA HIS E 974 11.11 -37.46 -98.93
C HIS E 974 11.20 -38.39 -100.12
N LEU E 975 10.27 -39.32 -100.21
CA LEU E 975 10.23 -40.24 -101.36
C LEU E 975 9.49 -39.75 -102.62
N LEU E 976 8.92 -38.57 -102.58
CA LEU E 976 8.27 -38.25 -103.82
C LEU E 976 9.25 -37.60 -104.72
N HIS E 977 8.96 -37.74 -105.99
CA HIS E 977 9.77 -37.14 -106.99
C HIS E 977 8.88 -36.51 -108.02
N ALA E 978 9.33 -35.38 -108.52
CA ALA E 978 8.52 -34.71 -109.50
C ALA E 978 8.21 -35.58 -110.71
N GLU E 979 7.01 -35.43 -111.20
CA GLU E 979 6.63 -36.18 -112.36
C GLU E 979 6.95 -35.34 -113.57
N GLU E 980 6.76 -35.94 -114.73
CA GLU E 980 7.07 -35.31 -115.96
C GLU E 980 6.62 -33.88 -116.25
N GLY E 981 5.36 -33.54 -116.10
CA GLY E 981 5.03 -32.16 -116.42
C GLY E 981 4.39 -31.53 -115.21
N THR E 982 3.20 -31.04 -115.41
CA THR E 982 2.45 -30.46 -114.33
C THR E 982 1.09 -31.12 -114.22
N TRP E 983 0.78 -31.55 -113.02
CA TRP E 983 -0.51 -32.15 -112.76
C TRP E 983 -1.50 -31.11 -112.29
N LEU E 984 -2.64 -31.19 -112.94
CA LEU E 984 -3.68 -30.25 -112.66
C LEU E 984 -5.00 -30.87 -112.34
N ASN E 985 -5.48 -30.45 -111.18
CA ASN E 985 -6.76 -30.88 -110.72
C ASN E 985 -7.70 -29.71 -110.60
N ILE E 986 -8.78 -29.81 -111.38
CA ILE E 986 -9.84 -28.84 -111.39
C ILE E 986 -11.15 -29.44 -110.95
N ASP E 987 -11.55 -28.90 -109.81
CA ASP E 987 -12.73 -29.35 -109.16
C ASP E 987 -13.87 -28.41 -109.23
N GLY E 988 -14.98 -29.03 -109.62
CA GLY E 988 -16.21 -28.31 -109.62
C GLY E 988 -16.67 -28.31 -108.15
N PHE E 989 -16.37 -29.40 -107.49
CA PHE E 989 -16.72 -29.60 -106.11
C PHE E 989 -15.75 -30.48 -105.42
N HIS E 990 -15.62 -30.21 -104.14
CA HIS E 990 -14.72 -30.97 -103.32
C HIS E 990 -15.20 -31.13 -101.90
N MET E 991 -15.09 -32.35 -101.40
CA MET E 991 -15.49 -32.67 -100.06
C MET E 991 -14.69 -31.94 -98.99
N GLY E 992 -15.28 -31.70 -97.84
CA GLY E 992 -14.59 -31.05 -96.74
C GLY E 992 -13.51 -31.99 -96.22
N ILE E 993 -12.68 -31.50 -95.31
CA ILE E 993 -11.58 -32.31 -94.78
C ILE E 993 -11.77 -32.81 -93.37
N GLY E 994 -12.64 -32.16 -92.60
CA GLY E 994 -12.87 -32.62 -91.25
C GLY E 994 -11.72 -32.33 -90.30
N GLY E 995 -11.75 -33.06 -89.19
CA GLY E 995 -10.72 -32.93 -88.19
C GLY E 995 -11.21 -32.89 -86.76
N ASP E 996 -12.53 -33.03 -86.55
CA ASP E 996 -13.05 -32.97 -85.18
C ASP E 996 -12.31 -33.95 -84.33
N ASP E 997 -11.87 -34.98 -85.03
CA ASP E 997 -11.03 -36.06 -84.57
C ASP E 997 -10.55 -36.76 -85.78
N SER E 998 -9.49 -37.51 -85.61
CA SER E 998 -8.96 -38.16 -86.78
C SER E 998 -9.11 -39.65 -86.73
N TRP E 999 -10.11 -40.16 -86.06
CA TRP E 999 -10.23 -41.59 -86.06
C TRP E 999 -11.64 -42.02 -86.19
N SER E 1000 -12.34 -41.13 -86.85
CA SER E 1000 -13.72 -41.25 -87.20
C SER E 1000 -14.02 -40.19 -88.21
N PRO E 1001 -15.13 -40.44 -88.86
CA PRO E 1001 -15.70 -39.58 -89.88
C PRO E 1001 -16.11 -38.30 -89.17
N SER E 1002 -15.43 -37.23 -89.57
CA SER E 1002 -15.55 -35.96 -88.91
C SER E 1002 -15.87 -34.81 -89.84
N VAL E 1003 -16.30 -35.19 -91.04
CA VAL E 1003 -16.71 -34.21 -92.03
C VAL E 1003 -18.19 -33.91 -91.90
N SER E 1004 -18.53 -32.66 -91.60
CA SER E 1004 -19.93 -32.37 -91.50
C SER E 1004 -20.73 -32.46 -92.76
N ALA E 1005 -21.96 -32.82 -92.53
CA ALA E 1005 -22.84 -33.04 -93.62
C ALA E 1005 -22.89 -31.99 -94.68
N GLU E 1006 -22.78 -30.74 -94.23
CA GLU E 1006 -22.82 -29.61 -95.14
C GLU E 1006 -21.63 -29.66 -96.02
N PHE E 1007 -20.67 -30.50 -95.67
CA PHE E 1007 -19.50 -30.58 -96.47
C PHE E 1007 -19.34 -31.80 -97.30
N GLN E 1008 -20.33 -32.68 -97.27
CA GLN E 1008 -20.31 -33.86 -98.10
C GLN E 1008 -21.00 -33.63 -99.45
N LEU E 1009 -20.57 -34.36 -100.49
CA LEU E 1009 -21.08 -34.22 -101.84
C LEU E 1009 -22.24 -35.15 -101.97
N SER E 1010 -23.32 -34.72 -101.41
CA SER E 1010 -24.49 -35.56 -101.34
C SER E 1010 -25.66 -35.20 -102.25
N ALA E 1011 -25.50 -34.14 -103.02
CA ALA E 1011 -26.56 -33.64 -103.89
C ALA E 1011 -27.12 -34.58 -104.93
N GLY E 1012 -26.30 -35.49 -105.39
CA GLY E 1012 -26.77 -36.40 -106.40
C GLY E 1012 -26.55 -35.86 -107.80
N ARG E 1013 -26.64 -34.55 -107.93
CA ARG E 1013 -26.43 -33.98 -109.21
C ARG E 1013 -25.60 -32.76 -109.11
N TYR E 1014 -24.62 -32.73 -110.00
CA TYR E 1014 -23.70 -31.64 -110.03
C TYR E 1014 -23.46 -31.13 -111.42
N HIS E 1015 -23.30 -29.84 -111.45
CA HIS E 1015 -23.09 -29.17 -112.69
C HIS E 1015 -21.98 -28.16 -112.62
N TYR E 1016 -21.13 -28.11 -113.63
CA TYR E 1016 -20.13 -27.08 -113.64
C TYR E 1016 -19.62 -26.77 -115.01
N GLN E 1017 -19.02 -25.57 -115.10
CA GLN E 1017 -18.51 -25.10 -116.38
C GLN E 1017 -17.22 -24.35 -116.33
N LEU E 1018 -16.60 -24.44 -117.46
CA LEU E 1018 -15.30 -23.93 -117.63
C LEU E 1018 -14.92 -23.43 -118.97
N VAL E 1019 -13.97 -22.52 -118.93
CA VAL E 1019 -13.42 -22.00 -120.12
C VAL E 1019 -11.93 -22.02 -120.15
N TRP E 1020 -11.48 -22.60 -121.21
CA TRP E 1020 -10.07 -22.77 -121.42
C TRP E 1020 -9.56 -22.09 -122.67
N CME E 1021 -8.51 -21.29 -122.47
CA CME E 1021 -7.82 -20.61 -123.53
CB CME E 1021 -8.40 -19.29 -123.90
SG CME E 1021 -9.69 -18.95 -122.76
SD CME E 1021 -9.02 -17.31 -122.02
CE CME E 1021 -7.32 -17.59 -122.61
CZ CME E 1021 -6.93 -16.67 -123.77
OH CME E 1021 -6.41 -15.44 -123.26
C CME E 1021 -6.37 -20.40 -123.26
O CME E 1021 -5.83 -20.70 -122.20
N GLN E 1022 -5.79 -19.86 -124.32
CA GLN E 1022 -4.40 -19.57 -124.42
C GLN E 1022 -4.16 -18.21 -124.93
N LYS E 1023 -2.94 -17.81 -124.61
CA LYS E 1023 -2.36 -16.56 -125.00
C LYS E 1023 -1.06 -16.94 -125.71
N ILE F 3 -86.66 3.03 -56.47
CA ILE F 3 -86.02 4.36 -56.72
C ILE F 3 -84.47 4.41 -56.71
N THR F 4 -83.95 3.66 -55.78
CA THR F 4 -82.54 3.56 -55.68
C THR F 4 -82.20 2.45 -56.61
N ASP F 5 -83.23 1.81 -57.16
CA ASP F 5 -83.10 0.77 -58.15
C ASP F 5 -83.10 1.45 -59.52
N SER F 6 -83.28 2.74 -59.45
CA SER F 6 -83.32 3.51 -60.65
C SER F 6 -81.99 3.61 -61.35
N LEU F 7 -82.08 3.47 -62.65
CA LEU F 7 -80.93 3.65 -63.49
C LEU F 7 -80.22 4.92 -63.10
N ALA F 8 -80.99 5.95 -63.08
CA ALA F 8 -80.44 7.24 -62.82
C ALA F 8 -79.47 7.24 -61.69
N VAL F 9 -79.88 6.47 -60.72
CA VAL F 9 -79.18 6.29 -59.49
C VAL F 9 -78.01 5.31 -59.66
N VAL F 10 -78.34 4.10 -60.08
CA VAL F 10 -77.35 3.08 -60.31
C VAL F 10 -76.19 3.57 -61.17
N LEU F 11 -76.48 4.02 -62.35
CA LEU F 11 -75.43 4.46 -63.26
C LEU F 11 -74.73 5.70 -62.79
N GLN F 12 -75.16 6.14 -61.67
CA GLN F 12 -74.56 7.36 -61.23
C GLN F 12 -73.11 7.11 -60.89
N ARG F 13 -72.95 6.00 -60.19
CA ARG F 13 -71.69 5.54 -59.72
C ARG F 13 -70.65 5.30 -60.84
N ARG F 14 -71.09 4.76 -61.98
CA ARG F 14 -70.14 4.54 -63.04
C ARG F 14 -69.02 3.59 -62.60
N ASP F 15 -69.50 2.45 -62.13
CA ASP F 15 -68.72 1.35 -61.63
C ASP F 15 -67.77 0.79 -62.66
N TRP F 16 -68.21 0.91 -63.88
CA TRP F 16 -67.49 0.49 -65.04
C TRP F 16 -66.35 1.44 -65.40
N GLU F 17 -66.14 2.44 -64.55
CA GLU F 17 -64.99 3.30 -64.80
C GLU F 17 -64.18 3.35 -63.52
N ASN F 18 -64.22 2.23 -62.81
CA ASN F 18 -63.52 2.15 -61.57
C ASN F 18 -62.99 0.77 -61.23
N PRO F 19 -61.69 0.65 -61.44
CA PRO F 19 -60.88 -0.52 -61.17
C PRO F 19 -61.07 -0.96 -59.74
N GLY F 20 -61.50 -0.01 -58.90
CA GLY F 20 -61.78 -0.32 -57.53
C GLY F 20 -63.06 -1.12 -57.42
N VAL F 21 -63.93 -1.02 -58.42
CA VAL F 21 -65.11 -1.82 -58.29
C VAL F 21 -65.18 -2.85 -59.36
N THR F 22 -65.07 -4.07 -58.94
CA THR F 22 -65.09 -5.07 -59.96
C THR F 22 -66.27 -6.00 -59.87
N GLN F 23 -66.99 -5.85 -58.78
CA GLN F 23 -68.19 -6.60 -58.56
C GLN F 23 -68.98 -5.97 -57.45
N LEU F 24 -70.25 -6.38 -57.32
CA LEU F 24 -71.15 -5.95 -56.24
C LEU F 24 -72.10 -7.06 -55.92
N ASN F 25 -72.04 -7.51 -54.71
CA ASN F 25 -72.95 -8.59 -54.34
C ASN F 25 -72.80 -9.88 -55.09
N ARG F 26 -71.62 -10.08 -55.65
CA ARG F 26 -71.38 -11.29 -56.38
C ARG F 26 -70.94 -12.35 -55.38
N LEU F 27 -71.46 -13.55 -55.52
CA LEU F 27 -71.02 -14.60 -54.61
C LEU F 27 -69.59 -15.05 -54.85
N ALA F 28 -69.19 -15.94 -53.97
CA ALA F 28 -67.87 -16.47 -54.06
C ALA F 28 -67.76 -17.57 -55.07
N ALA F 29 -66.51 -17.70 -55.56
CA ALA F 29 -66.13 -18.69 -56.55
C ALA F 29 -65.98 -20.13 -56.05
N HIS F 30 -66.08 -21.08 -56.94
CA HIS F 30 -65.96 -22.46 -56.48
C HIS F 30 -66.11 -23.34 -57.68
N PRO F 31 -65.74 -24.57 -57.44
CA PRO F 31 -65.87 -25.51 -58.47
C PRO F 31 -67.36 -25.69 -58.64
N PRO F 32 -67.63 -26.22 -59.75
CA PRO F 32 -68.93 -26.53 -60.24
C PRO F 32 -69.80 -27.37 -59.35
N PHE F 33 -71.01 -26.82 -59.14
CA PHE F 33 -72.02 -27.49 -58.35
C PHE F 33 -73.26 -27.82 -59.17
N ALA F 34 -73.95 -28.88 -58.73
CA ALA F 34 -75.22 -29.36 -59.31
C ALA F 34 -76.30 -29.46 -58.22
N SER F 35 -75.88 -29.68 -57.00
CA SER F 35 -76.81 -29.81 -55.93
C SER F 35 -77.65 -31.05 -56.08
N TRP F 36 -77.07 -32.13 -56.52
CA TRP F 36 -77.87 -33.31 -56.59
C TRP F 36 -78.48 -33.56 -55.24
N ARG F 37 -79.56 -34.32 -55.31
CA ARG F 37 -80.24 -34.73 -54.12
C ARG F 37 -80.31 -36.23 -54.03
N ASN F 38 -79.61 -36.85 -54.96
CA ASN F 38 -79.49 -38.28 -54.97
C ASN F 38 -78.09 -38.68 -55.37
N SER F 39 -77.50 -39.41 -54.46
CA SER F 39 -76.16 -39.90 -54.65
C SER F 39 -75.92 -40.52 -56.04
N GLU F 40 -76.70 -41.54 -56.36
CA GLU F 40 -76.53 -42.20 -57.62
C GLU F 40 -76.46 -41.26 -58.79
N GLU F 41 -77.39 -40.32 -58.79
CA GLU F 41 -77.47 -39.36 -59.86
C GLU F 41 -76.17 -38.63 -59.99
N ALA F 42 -75.75 -38.12 -58.86
CA ALA F 42 -74.50 -37.43 -58.82
C ALA F 42 -73.41 -38.37 -59.24
N ARG F 43 -73.44 -39.53 -58.66
CA ARG F 43 -72.43 -40.48 -58.99
C ARG F 43 -72.34 -40.77 -60.45
N THR F 44 -73.45 -40.74 -61.12
CA THR F 44 -73.41 -41.08 -62.54
C THR F 44 -73.54 -39.88 -63.39
N ASP F 45 -73.35 -38.76 -62.77
CA ASP F 45 -73.43 -37.56 -63.52
C ASP F 45 -74.74 -37.38 -64.23
N ARG F 46 -75.84 -37.66 -63.56
CA ARG F 46 -77.08 -37.36 -64.23
C ARG F 46 -77.36 -35.91 -64.15
N PRO F 47 -78.54 -35.53 -64.51
CA PRO F 47 -78.78 -34.12 -64.48
C PRO F 47 -79.53 -33.73 -63.26
N SER F 48 -79.11 -32.64 -62.71
CA SER F 48 -79.76 -32.25 -61.51
C SER F 48 -80.80 -31.23 -61.79
N GLN F 49 -81.87 -31.50 -61.10
CA GLN F 49 -83.02 -30.68 -61.19
C GLN F 49 -82.86 -29.38 -60.45
N GLN F 50 -81.83 -29.25 -59.55
CA GLN F 50 -81.65 -27.99 -58.82
C GLN F 50 -80.88 -27.00 -59.66
N LEU F 51 -80.65 -27.51 -60.84
CA LEU F 51 -79.94 -26.80 -61.81
C LEU F 51 -80.73 -26.64 -63.09
N ARG F 52 -80.96 -25.38 -63.40
CA ARG F 52 -81.78 -25.06 -64.51
C ARG F 52 -81.21 -24.02 -65.44
N SER F 53 -81.30 -24.35 -66.74
CA SER F 53 -80.80 -23.44 -67.75
C SER F 53 -81.78 -22.41 -68.18
N LEU F 54 -81.28 -21.20 -68.39
CA LEU F 54 -82.09 -20.10 -68.85
C LEU F 54 -81.74 -19.71 -70.26
N ASN F 55 -81.06 -20.65 -70.88
CA ASN F 55 -80.65 -20.43 -72.24
C ASN F 55 -81.86 -20.55 -73.10
N GLY F 56 -81.94 -19.64 -74.07
CA GLY F 56 -83.00 -19.65 -75.03
C GLY F 56 -83.33 -18.29 -75.60
N GLU F 57 -84.63 -18.13 -75.88
CA GLU F 57 -85.04 -16.87 -76.43
C GLU F 57 -85.17 -15.85 -75.34
N TRP F 58 -84.68 -14.69 -75.65
CA TRP F 58 -84.65 -13.62 -74.67
C TRP F 58 -84.93 -12.35 -75.40
N ARG F 59 -85.13 -11.30 -74.68
CA ARG F 59 -85.41 -10.09 -75.41
C ARG F 59 -84.27 -9.14 -75.32
N PHE F 60 -83.99 -8.59 -76.49
CA PHE F 60 -82.84 -7.75 -76.57
C PHE F 60 -83.06 -6.39 -77.15
N ALA F 61 -82.31 -5.44 -76.65
CA ALA F 61 -82.33 -4.12 -77.24
C ALA F 61 -81.00 -3.42 -77.06
N TRP F 62 -80.58 -2.78 -78.10
CA TRP F 62 -79.30 -2.14 -78.13
C TRP F 62 -79.29 -0.63 -78.04
N PHE F 63 -78.33 -0.08 -77.33
CA PHE F 63 -78.19 1.36 -77.23
C PHE F 63 -76.77 1.75 -77.30
N PRO F 64 -76.61 2.86 -77.92
CA PRO F 64 -75.35 3.54 -78.11
C PRO F 64 -74.70 3.93 -76.80
N ALA F 65 -75.51 3.91 -75.75
CA ALA F 65 -75.02 4.29 -74.46
C ALA F 65 -75.97 3.90 -73.37
N PRO F 66 -75.39 3.73 -72.22
CA PRO F 66 -76.11 3.35 -71.02
C PRO F 66 -77.19 4.39 -70.66
N GLU F 67 -76.80 5.65 -70.77
CA GLU F 67 -77.66 6.79 -70.49
C GLU F 67 -78.98 6.74 -71.27
N ALA F 68 -78.87 6.49 -72.54
CA ALA F 68 -79.99 6.29 -73.41
C ALA F 68 -80.95 5.20 -72.90
N VAL F 69 -80.55 4.38 -71.97
CA VAL F 69 -81.55 3.42 -71.56
C VAL F 69 -82.68 4.11 -70.79
N PRO F 70 -83.88 3.71 -71.12
CA PRO F 70 -85.10 4.26 -70.57
C PRO F 70 -85.59 3.53 -69.35
N GLU F 71 -85.90 4.37 -68.37
CA GLU F 71 -86.35 3.87 -67.11
C GLU F 71 -87.37 2.71 -67.08
N SER F 72 -88.29 2.77 -68.03
CA SER F 72 -89.33 1.76 -68.16
C SER F 72 -88.79 0.39 -68.29
N TRP F 73 -87.61 0.36 -68.94
CA TRP F 73 -86.98 -0.87 -69.26
C TRP F 73 -87.03 -1.81 -68.07
N LEU F 74 -86.85 -1.19 -66.90
CA LEU F 74 -86.81 -1.91 -65.64
C LEU F 74 -88.05 -2.67 -65.33
N GLU F 75 -89.08 -1.95 -65.72
CA GLU F 75 -90.43 -2.34 -65.50
C GLU F 75 -91.00 -3.22 -66.56
N CYS F 76 -90.87 -2.71 -67.77
CA CYS F 76 -91.49 -3.37 -68.87
C CYS F 76 -90.58 -3.52 -70.00
N ASP F 77 -90.84 -4.63 -70.71
CA ASP F 77 -90.13 -4.96 -71.92
C ASP F 77 -90.34 -3.88 -72.93
N LEU F 78 -89.46 -3.76 -73.87
CA LEU F 78 -89.70 -2.72 -74.82
C LEU F 78 -90.51 -3.20 -75.99
N PRO F 79 -91.05 -2.22 -76.63
CA PRO F 79 -91.86 -2.46 -77.78
C PRO F 79 -90.92 -2.89 -78.90
N GLU F 80 -89.89 -2.06 -79.02
CA GLU F 80 -88.83 -2.19 -80.01
C GLU F 80 -87.76 -3.23 -79.70
N ALA F 81 -88.07 -4.08 -78.74
CA ALA F 81 -87.16 -5.12 -78.38
C ALA F 81 -87.25 -6.23 -79.39
N ASP F 82 -86.17 -7.00 -79.52
CA ASP F 82 -86.13 -8.12 -80.42
C ASP F 82 -86.02 -9.38 -79.63
N THR F 83 -86.39 -10.44 -80.26
CA THR F 83 -86.25 -11.69 -79.61
C THR F 83 -84.97 -12.26 -80.13
N VAL F 84 -84.14 -12.74 -79.19
CA VAL F 84 -82.82 -13.24 -79.49
C VAL F 84 -82.46 -14.48 -78.74
N VAL F 85 -81.50 -15.17 -79.31
CA VAL F 85 -81.00 -16.34 -78.63
C VAL F 85 -79.81 -16.05 -77.74
N VAL F 86 -79.89 -16.66 -76.58
CA VAL F 86 -78.87 -16.54 -75.62
C VAL F 86 -78.40 -17.93 -75.25
N PRO F 87 -77.07 -18.12 -75.24
CA PRO F 87 -76.10 -17.05 -75.36
C PRO F 87 -75.68 -16.72 -76.75
N SER F 88 -75.07 -15.55 -76.82
CA SER F 88 -74.60 -15.06 -78.09
C SER F 88 -73.86 -13.74 -77.93
N ASN F 89 -73.29 -13.32 -79.06
CA ASN F 89 -72.57 -12.06 -79.19
C ASN F 89 -73.40 -11.20 -80.09
N TRP F 90 -73.68 -10.07 -79.59
CA TRP F 90 -74.52 -9.21 -80.34
C TRP F 90 -73.96 -8.69 -81.64
N GLN F 91 -72.65 -8.60 -81.78
CA GLN F 91 -72.14 -8.12 -83.05
C GLN F 91 -72.53 -9.14 -84.10
N MET F 92 -72.72 -10.37 -83.61
CA MET F 92 -73.08 -11.49 -84.47
C MET F 92 -74.48 -11.41 -85.02
N HIS F 93 -75.22 -10.41 -84.54
CA HIS F 93 -76.59 -10.25 -84.94
C HIS F 93 -76.81 -8.95 -85.59
N GLY F 94 -75.75 -8.33 -85.98
CA GLY F 94 -75.84 -7.08 -86.66
C GLY F 94 -75.94 -5.85 -85.80
N TYR F 95 -76.07 -6.07 -84.47
CA TYR F 95 -76.18 -4.87 -83.66
C TYR F 95 -75.13 -3.78 -83.81
N ASP F 96 -73.90 -4.23 -83.91
CA ASP F 96 -72.75 -3.36 -84.13
C ASP F 96 -71.68 -4.25 -84.67
N ALA F 97 -70.55 -3.58 -84.91
CA ALA F 97 -69.38 -4.23 -85.46
C ALA F 97 -68.47 -4.91 -84.47
N PRO F 98 -67.92 -6.02 -84.93
CA PRO F 98 -66.93 -6.71 -84.17
C PRO F 98 -65.66 -6.05 -84.62
N ILE F 99 -64.71 -5.91 -83.71
CA ILE F 99 -63.44 -5.33 -84.07
C ILE F 99 -62.29 -6.31 -83.96
N TYR F 100 -61.47 -6.22 -84.99
CA TYR F 100 -60.28 -6.98 -85.03
C TYR F 100 -59.04 -6.09 -84.99
N THR F 101 -58.59 -5.87 -83.75
CA THR F 101 -57.36 -5.19 -83.46
C THR F 101 -56.53 -6.15 -82.60
N ASN F 102 -55.21 -6.06 -82.74
CA ASN F 102 -54.27 -6.92 -82.03
C ASN F 102 -53.77 -6.40 -80.68
N VAL F 103 -52.98 -5.32 -80.80
CA VAL F 103 -52.32 -4.69 -79.68
C VAL F 103 -53.05 -3.47 -79.25
N THR F 104 -53.24 -2.66 -80.25
CA THR F 104 -53.91 -1.42 -80.04
C THR F 104 -55.32 -1.58 -79.52
N TYR F 105 -55.55 -0.89 -78.41
CA TYR F 105 -56.84 -0.89 -77.78
C TYR F 105 -57.85 -0.24 -78.70
N PRO F 106 -59.03 -0.84 -78.71
CA PRO F 106 -60.17 -0.40 -79.49
C PRO F 106 -60.65 0.96 -79.03
N ILE F 107 -60.49 1.20 -77.76
CA ILE F 107 -60.90 2.47 -77.25
C ILE F 107 -59.67 3.29 -76.94
N THR F 108 -59.91 4.51 -76.56
CA THR F 108 -58.83 5.41 -76.25
C THR F 108 -58.19 5.10 -74.93
N VAL F 109 -56.88 5.24 -74.95
CA VAL F 109 -56.17 4.93 -73.75
C VAL F 109 -56.15 5.97 -72.67
N ASN F 110 -57.06 5.77 -71.73
CA ASN F 110 -57.17 6.69 -70.65
C ASN F 110 -57.83 6.08 -69.48
N PRO F 111 -57.17 5.09 -69.00
CA PRO F 111 -57.64 4.37 -67.86
C PRO F 111 -57.83 5.34 -66.71
N PRO F 112 -58.85 5.05 -65.95
CA PRO F 112 -59.69 3.87 -66.14
C PRO F 112 -60.93 4.21 -66.90
N PHE F 113 -60.78 5.15 -67.77
CA PHE F 113 -61.90 5.59 -68.53
C PHE F 113 -62.11 4.97 -69.86
N VAL F 114 -63.37 4.63 -69.97
CA VAL F 114 -64.03 4.08 -71.12
C VAL F 114 -64.69 5.26 -71.89
N PRO F 115 -64.92 5.09 -73.19
CA PRO F 115 -65.55 6.14 -73.98
C PRO F 115 -67.03 6.34 -73.64
N THR F 116 -67.45 7.59 -73.83
CA THR F 116 -68.80 7.99 -73.49
C THR F 116 -69.90 7.21 -74.21
N GLU F 117 -69.62 6.88 -75.46
CA GLU F 117 -70.50 6.11 -76.31
C GLU F 117 -70.14 4.68 -76.11
N ASN F 118 -70.91 4.03 -75.30
CA ASN F 118 -70.57 2.71 -75.02
C ASN F 118 -71.77 1.80 -75.17
N PRO F 119 -71.66 1.07 -76.19
CA PRO F 119 -72.66 0.15 -76.62
C PRO F 119 -73.21 -0.68 -75.53
N THR F 120 -74.45 -0.36 -75.20
CA THR F 120 -75.16 -1.08 -74.19
C THR F 120 -76.16 -2.07 -74.75
N GLY F 121 -76.24 -3.23 -74.14
CA GLY F 121 -77.15 -4.27 -74.59
C GLY F 121 -78.07 -4.68 -73.47
N CYS F 122 -79.37 -4.38 -73.65
CA CYS F 122 -80.34 -4.71 -72.62
C CYS F 122 -81.04 -6.00 -72.90
N TYR F 123 -80.73 -6.95 -72.05
CA TYR F 123 -81.30 -8.28 -72.15
C TYR F 123 -82.30 -8.43 -71.06
N SER F 124 -83.37 -9.11 -71.39
CA SER F 124 -84.44 -9.27 -70.44
C SER F 124 -85.04 -10.62 -70.60
N LEU F 125 -85.53 -11.09 -69.51
CA LEU F 125 -86.12 -12.38 -69.53
C LEU F 125 -87.07 -12.63 -68.39
N THR F 126 -88.19 -13.12 -68.87
CA THR F 126 -89.30 -13.41 -68.04
C THR F 126 -89.48 -14.89 -67.87
N PHE F 127 -89.62 -15.28 -66.63
CA PHE F 127 -89.72 -16.69 -66.39
C PHE F 127 -90.40 -16.99 -65.09
N ASN F 128 -90.68 -18.28 -65.04
CA ASN F 128 -91.37 -18.90 -63.97
C ASN F 128 -90.51 -19.68 -63.07
N VAL F 129 -90.95 -19.72 -61.82
CA VAL F 129 -90.26 -20.39 -60.76
C VAL F 129 -91.13 -21.30 -59.94
N ASP F 130 -90.74 -22.56 -59.79
CA ASP F 130 -91.56 -23.37 -58.92
C ASP F 130 -91.46 -22.77 -57.51
N GLU F 131 -92.57 -22.66 -56.83
CA GLU F 131 -92.43 -22.09 -55.51
C GLU F 131 -91.79 -23.04 -54.53
N SER F 132 -91.83 -24.32 -54.84
CA SER F 132 -91.17 -25.24 -53.96
C SER F 132 -89.78 -24.65 -53.61
N TRP F 133 -89.14 -24.11 -54.64
CA TRP F 133 -87.84 -23.48 -54.54
C TRP F 133 -87.90 -22.23 -53.70
N LEU F 134 -89.01 -21.59 -53.84
CA LEU F 134 -89.25 -20.35 -53.18
C LEU F 134 -89.47 -20.56 -51.69
N GLN F 135 -89.87 -21.77 -51.31
CA GLN F 135 -90.09 -21.98 -49.90
C GLN F 135 -88.80 -22.07 -49.18
N GLU F 136 -88.24 -23.26 -49.26
CA GLU F 136 -86.99 -23.56 -48.62
C GLU F 136 -85.76 -23.36 -49.54
N GLY F 137 -84.57 -23.42 -48.95
CA GLY F 137 -83.32 -23.34 -49.67
C GLY F 137 -82.93 -22.00 -50.27
N GLN F 138 -81.95 -22.11 -51.18
CA GLN F 138 -81.42 -20.95 -51.83
C GLN F 138 -81.26 -21.03 -53.31
N THR F 139 -81.64 -19.89 -53.87
CA THR F 139 -81.65 -19.79 -55.28
C THR F 139 -80.79 -18.70 -55.86
N ARG F 140 -79.87 -19.20 -56.65
CA ARG F 140 -79.01 -18.28 -57.29
C ARG F 140 -78.94 -18.51 -58.78
N ILE F 141 -78.53 -17.40 -59.35
CA ILE F 141 -78.33 -17.33 -60.75
C ILE F 141 -76.86 -17.23 -61.10
N ILE F 142 -76.57 -17.79 -62.26
CA ILE F 142 -75.23 -17.82 -62.74
C ILE F 142 -75.01 -17.56 -64.20
N PHE F 143 -74.19 -16.57 -64.41
CA PHE F 143 -73.72 -16.21 -65.72
C PHE F 143 -72.33 -16.72 -65.97
N ASP F 144 -72.23 -17.73 -66.81
CA ASP F 144 -70.94 -18.27 -67.14
C ASP F 144 -70.03 -17.34 -67.90
N GLY F 145 -70.58 -16.32 -68.54
CA GLY F 145 -69.80 -15.37 -69.26
C GLY F 145 -70.63 -14.24 -69.90
N VAL F 146 -70.21 -13.01 -69.55
CA VAL F 146 -70.76 -11.73 -69.98
C VAL F 146 -69.65 -10.70 -70.24
N ASN F 147 -69.59 -10.26 -71.46
CA ASN F 147 -68.53 -9.36 -71.83
C ASN F 147 -69.04 -8.00 -72.14
N SER F 148 -68.47 -6.97 -71.51
CA SER F 148 -67.36 -7.02 -70.58
C SER F 148 -67.75 -6.81 -69.14
N ALA F 149 -68.81 -6.04 -68.94
CA ALA F 149 -69.33 -5.69 -67.61
C ALA F 149 -70.84 -5.65 -67.56
N PHE F 150 -71.42 -5.66 -66.36
CA PHE F 150 -72.86 -5.57 -66.32
C PHE F 150 -73.51 -5.44 -64.97
N HIS F 151 -74.71 -4.83 -65.05
CA HIS F 151 -75.63 -4.59 -63.95
C HIS F 151 -76.81 -5.52 -64.00
N LEU F 152 -77.35 -5.76 -62.86
CA LEU F 152 -78.43 -6.69 -62.94
C LEU F 152 -79.64 -6.41 -62.04
N TRP F 153 -80.83 -6.60 -62.63
CA TRP F 153 -82.06 -6.46 -61.89
C TRP F 153 -82.98 -7.65 -61.93
N CYS F 154 -83.71 -7.78 -60.86
CA CYS F 154 -84.64 -8.86 -60.78
C CYS F 154 -85.89 -8.32 -60.20
N ASN F 155 -86.92 -8.48 -61.04
CA ASN F 155 -88.23 -8.02 -60.75
C ASN F 155 -88.15 -6.55 -60.33
N GLY F 156 -87.47 -5.74 -61.13
CA GLY F 156 -87.39 -4.29 -60.89
C GLY F 156 -86.35 -3.89 -59.88
N ARG F 157 -85.91 -4.91 -59.19
CA ARG F 157 -84.94 -4.67 -58.17
C ARG F 157 -83.50 -4.86 -58.59
N TRP F 158 -82.71 -3.84 -58.22
CA TRP F 158 -81.30 -3.91 -58.50
C TRP F 158 -80.62 -5.01 -57.71
N VAL F 159 -79.80 -5.79 -58.37
CA VAL F 159 -79.16 -6.90 -57.69
C VAL F 159 -77.65 -6.78 -57.53
N GLY F 160 -76.95 -6.59 -58.60
CA GLY F 160 -75.52 -6.50 -58.46
C GLY F 160 -74.84 -6.13 -59.75
N TYR F 161 -73.53 -6.24 -59.67
CA TYR F 161 -72.67 -5.90 -60.76
C TYR F 161 -71.50 -6.84 -60.81
N GLY F 162 -70.89 -6.92 -61.99
CA GLY F 162 -69.76 -7.81 -62.22
C GLY F 162 -68.82 -7.44 -63.38
N GLN F 163 -67.54 -7.86 -63.25
CA GLN F 163 -66.52 -7.65 -64.26
C GLN F 163 -65.76 -8.98 -64.54
N ASP F 164 -64.91 -8.96 -65.57
CA ASP F 164 -64.16 -10.12 -66.01
C ASP F 164 -65.03 -11.02 -66.87
N SER F 165 -64.88 -10.78 -68.17
CA SER F 165 -65.67 -11.53 -69.13
C SER F 165 -65.47 -13.00 -69.14
N ARG F 166 -64.42 -13.52 -68.52
CA ARG F 166 -64.23 -14.95 -68.66
C ARG F 166 -64.60 -15.82 -67.54
N LEU F 167 -64.98 -15.24 -66.43
CA LEU F 167 -65.40 -16.10 -65.36
C LEU F 167 -66.85 -15.86 -65.01
N PRO F 168 -67.41 -16.84 -64.35
CA PRO F 168 -68.76 -16.88 -63.89
C PRO F 168 -69.05 -15.85 -62.85
N SER F 169 -70.30 -15.39 -62.90
CA SER F 169 -70.82 -14.47 -61.91
C SER F 169 -72.04 -15.04 -61.26
N GLU F 170 -72.03 -15.01 -59.93
CA GLU F 170 -73.17 -15.56 -59.25
C GLU F 170 -73.78 -14.64 -58.26
N PHE F 171 -75.12 -14.77 -58.29
CA PHE F 171 -75.96 -14.06 -57.38
C PHE F 171 -77.11 -14.83 -56.81
N ASP F 172 -77.35 -14.42 -55.56
CA ASP F 172 -78.42 -14.94 -54.76
C ASP F 172 -79.72 -14.26 -55.13
N LEU F 173 -80.62 -15.04 -55.67
CA LEU F 173 -81.84 -14.40 -56.08
C LEU F 173 -82.95 -14.44 -55.07
N SER F 174 -82.71 -15.40 -54.20
CA SER F 174 -83.53 -15.78 -53.11
C SER F 174 -84.51 -14.72 -52.63
N ALA F 175 -84.01 -13.52 -52.43
CA ALA F 175 -84.89 -12.48 -51.95
C ALA F 175 -85.62 -11.66 -53.00
N PHE F 176 -85.53 -12.00 -54.28
CA PHE F 176 -86.21 -11.15 -55.22
C PHE F 176 -87.22 -11.88 -56.02
N LEU F 177 -87.15 -13.15 -55.84
CA LEU F 177 -88.05 -13.96 -56.54
C LEU F 177 -89.41 -13.99 -55.94
N ARG F 178 -90.35 -14.13 -56.86
CA ARG F 178 -91.76 -14.25 -56.56
C ARG F 178 -92.19 -15.52 -57.17
N ALA F 179 -93.27 -16.08 -56.66
CA ALA F 179 -93.70 -17.28 -57.33
C ALA F 179 -94.31 -16.92 -58.66
N GLY F 180 -94.10 -17.87 -59.55
CA GLY F 180 -94.55 -17.69 -60.88
C GLY F 180 -93.62 -16.80 -61.69
N GLU F 181 -94.23 -15.75 -62.17
CA GLU F 181 -93.58 -14.88 -63.09
C GLU F 181 -92.52 -13.95 -62.64
N ASN F 182 -91.30 -14.17 -63.14
CA ASN F 182 -90.26 -13.24 -62.81
C ASN F 182 -89.63 -12.66 -64.01
N ARG F 183 -88.99 -11.53 -63.78
CA ARG F 183 -88.32 -10.88 -64.86
C ARG F 183 -86.96 -10.31 -64.52
N LEU F 184 -85.99 -10.77 -65.34
CA LEU F 184 -84.62 -10.29 -65.26
C LEU F 184 -84.32 -9.24 -66.28
N ALA F 185 -83.56 -8.28 -65.83
CA ALA F 185 -83.07 -7.25 -66.70
C ALA F 185 -81.60 -7.03 -66.45
N VAL F 186 -80.87 -7.40 -67.49
CA VAL F 186 -79.45 -7.31 -67.51
C VAL F 186 -78.93 -6.28 -68.44
N MET F 187 -78.23 -5.35 -67.88
CA MET F 187 -77.66 -4.37 -68.75
C MET F 187 -76.17 -4.66 -68.90
N VAL F 188 -75.76 -4.94 -70.12
CA VAL F 188 -74.40 -5.31 -70.46
C VAL F 188 -73.60 -4.24 -71.17
N LEU F 189 -72.33 -4.00 -70.76
CA LEU F 189 -71.55 -2.98 -71.47
C LEU F 189 -70.33 -3.42 -72.23
N ARG F 190 -70.14 -2.76 -73.36
CA ARG F 190 -69.02 -3.11 -74.18
C ARG F 190 -67.73 -2.86 -73.47
N TRP F 191 -67.53 -1.60 -73.12
CA TRP F 191 -66.35 -1.17 -72.44
C TRP F 191 -66.53 -1.01 -70.97
N SER F 192 -65.47 -1.31 -70.22
CA SER F 192 -65.44 -1.18 -68.77
C SER F 192 -64.01 -1.00 -68.35
N ASP F 193 -63.75 -0.76 -67.08
CA ASP F 193 -62.35 -0.64 -66.71
C ASP F 193 -61.67 -2.01 -66.97
N GLY F 194 -62.50 -3.11 -66.90
CA GLY F 194 -62.06 -4.50 -67.16
C GLY F 194 -61.43 -4.66 -68.54
N SER F 195 -61.89 -3.81 -69.39
CA SER F 195 -61.43 -3.79 -70.74
C SER F 195 -59.94 -3.55 -70.80
N TYR F 196 -59.45 -2.70 -69.92
CA TYR F 196 -58.03 -2.49 -69.95
C TYR F 196 -57.22 -3.77 -69.69
N LEU F 197 -57.86 -4.78 -69.09
CA LEU F 197 -57.19 -6.02 -68.81
C LEU F 197 -57.55 -7.08 -69.79
N GLU F 198 -58.16 -6.64 -70.86
CA GLU F 198 -58.56 -7.64 -71.81
C GLU F 198 -58.08 -7.34 -73.24
N ASP F 199 -56.81 -6.98 -73.40
CA ASP F 199 -56.31 -6.62 -74.72
C ASP F 199 -55.82 -7.75 -75.62
N GLN F 200 -56.45 -8.93 -75.50
CA GLN F 200 -56.05 -10.06 -76.31
C GLN F 200 -56.21 -9.83 -77.81
N ASP F 201 -55.25 -10.34 -78.60
CA ASP F 201 -55.26 -10.26 -80.05
C ASP F 201 -56.35 -11.16 -80.63
N MET F 202 -57.56 -10.63 -80.66
CA MET F 202 -58.73 -11.37 -81.12
C MET F 202 -59.81 -10.39 -81.50
N TRP F 203 -60.93 -10.94 -81.94
CA TRP F 203 -62.05 -10.11 -82.31
C TRP F 203 -62.62 -9.60 -81.01
N ARG F 204 -62.97 -8.32 -81.03
CA ARG F 204 -63.55 -7.71 -79.87
C ARG F 204 -65.08 -7.71 -80.01
N MET F 205 -65.69 -8.55 -79.22
CA MET F 205 -67.11 -8.70 -79.24
C MET F 205 -67.80 -8.37 -77.92
N SER F 206 -69.06 -8.80 -77.73
CA SER F 206 -69.82 -8.53 -76.47
C SER F 206 -71.11 -9.24 -76.33
N GLY F 207 -71.56 -9.29 -75.07
CA GLY F 207 -72.82 -9.91 -74.74
C GLY F 207 -72.75 -11.03 -73.73
N ILE F 208 -73.82 -11.83 -73.75
CA ILE F 208 -73.99 -12.96 -72.86
C ILE F 208 -73.72 -14.14 -73.69
N PHE F 209 -72.43 -14.44 -73.70
CA PHE F 209 -71.90 -15.44 -74.56
C PHE F 209 -71.70 -16.79 -73.96
N ARG F 210 -71.97 -16.91 -72.69
CA ARG F 210 -71.89 -18.22 -72.08
C ARG F 210 -73.21 -18.44 -71.36
N ASP F 211 -73.45 -19.67 -70.99
CA ASP F 211 -74.64 -20.10 -70.31
C ASP F 211 -75.12 -19.28 -69.14
N VAL F 212 -76.47 -19.35 -69.00
CA VAL F 212 -77.22 -18.75 -67.91
C VAL F 212 -78.01 -19.79 -67.19
N SER F 213 -77.91 -19.78 -65.86
CA SER F 213 -78.53 -20.85 -65.13
C SER F 213 -78.97 -20.50 -63.72
N LEU F 214 -79.74 -21.46 -63.21
CA LEU F 214 -80.28 -21.33 -61.89
C LEU F 214 -79.99 -22.51 -61.06
N LEU F 215 -79.61 -22.09 -59.88
CA LEU F 215 -79.29 -23.10 -58.94
C LEU F 215 -79.93 -22.94 -57.59
N HIS F 216 -80.56 -24.08 -57.27
CA HIS F 216 -81.26 -24.27 -56.06
C HIS F 216 -80.45 -25.10 -55.14
N LYS F 217 -80.13 -24.49 -54.01
CA LYS F 217 -79.34 -25.15 -53.01
C LYS F 217 -79.97 -25.04 -51.63
N PRO F 218 -79.70 -26.05 -50.80
CA PRO F 218 -80.19 -26.07 -49.43
C PRO F 218 -79.60 -24.89 -48.69
N THR F 219 -80.16 -24.55 -47.56
CA THR F 219 -79.65 -23.41 -46.82
C THR F 219 -78.36 -23.77 -46.14
N THR F 220 -78.34 -25.02 -45.79
CA THR F 220 -77.19 -25.57 -45.19
C THR F 220 -76.60 -26.47 -46.25
N GLN F 221 -75.51 -25.99 -46.85
CA GLN F 221 -74.93 -26.70 -47.95
C GLN F 221 -73.42 -26.76 -47.98
N ILE F 222 -72.97 -27.52 -48.98
CA ILE F 222 -71.58 -27.66 -49.31
C ILE F 222 -71.16 -26.41 -50.05
N SER F 223 -70.26 -25.62 -49.48
CA SER F 223 -69.87 -24.38 -50.11
C SER F 223 -68.65 -24.48 -51.01
N ASP F 224 -67.87 -25.54 -50.80
CA ASP F 224 -66.64 -25.71 -51.53
C ASP F 224 -65.93 -26.97 -51.16
N PHE F 225 -65.13 -27.45 -52.11
CA PHE F 225 -64.33 -28.61 -51.84
C PHE F 225 -63.12 -28.74 -52.73
N HIS F 226 -62.09 -29.35 -52.19
CA HIS F 226 -60.88 -29.56 -52.93
C HIS F 226 -60.41 -30.95 -52.78
N VAL F 227 -59.83 -31.35 -53.86
CA VAL F 227 -59.25 -32.65 -53.92
C VAL F 227 -57.77 -32.56 -54.18
N ALA F 228 -57.04 -33.58 -53.65
CA ALA F 228 -55.60 -33.72 -53.79
C ALA F 228 -55.08 -35.16 -53.70
N THR F 229 -54.08 -35.47 -54.53
CA THR F 229 -53.50 -36.80 -54.52
C THR F 229 -52.03 -36.81 -54.17
N ARG F 230 -51.68 -37.69 -53.26
CA ARG F 230 -50.31 -37.83 -52.86
C ARG F 230 -49.86 -39.26 -53.10
N PHE F 231 -48.58 -39.47 -53.45
CA PHE F 231 -48.14 -40.85 -53.70
C PHE F 231 -46.87 -41.27 -53.01
N ASN F 232 -46.64 -42.58 -53.03
CA ASN F 232 -45.37 -43.07 -52.56
C ASN F 232 -44.40 -42.87 -53.71
N ASP F 233 -43.16 -43.20 -53.42
CA ASP F 233 -42.11 -43.02 -54.38
C ASP F 233 -42.37 -43.75 -55.69
N ASP F 234 -43.20 -44.76 -55.67
CA ASP F 234 -43.38 -45.50 -56.89
C ASP F 234 -44.80 -45.55 -57.37
N PHE F 235 -45.63 -44.68 -56.82
CA PHE F 235 -47.01 -44.63 -57.26
C PHE F 235 -47.74 -45.92 -57.05
N SER F 236 -47.22 -46.73 -56.17
CA SER F 236 -47.86 -47.98 -55.88
C SER F 236 -49.02 -47.74 -54.91
N ARG F 237 -49.01 -46.54 -54.38
CA ARG F 237 -50.02 -46.22 -53.43
C ARG F 237 -50.25 -44.72 -53.30
N ALA F 238 -51.53 -44.39 -53.16
CA ALA F 238 -51.93 -43.01 -53.06
C ALA F 238 -52.87 -42.63 -51.94
N VAL F 239 -52.89 -41.33 -51.74
CA VAL F 239 -53.81 -40.79 -50.81
C VAL F 239 -54.65 -39.73 -51.42
N LEU F 240 -55.94 -39.96 -51.32
CA LEU F 240 -56.80 -38.96 -51.78
C LEU F 240 -57.22 -38.13 -50.59
N GLU F 241 -57.04 -36.85 -50.70
CA GLU F 241 -57.40 -36.02 -49.62
C GLU F 241 -58.35 -34.93 -50.05
N ALA F 242 -59.50 -34.93 -49.39
CA ALA F 242 -60.55 -33.98 -49.71
C ALA F 242 -60.92 -33.06 -48.59
N GLU F 243 -61.03 -31.81 -48.97
CA GLU F 243 -61.37 -30.82 -48.01
C GLU F 243 -62.65 -30.21 -48.39
N VAL F 244 -63.53 -30.26 -47.42
CA VAL F 244 -64.84 -29.77 -47.63
C VAL F 244 -65.27 -28.69 -46.70
N GLN F 245 -65.92 -27.73 -47.30
CA GLN F 245 -66.44 -26.64 -46.53
C GLN F 245 -67.91 -26.50 -46.75
N MET F 246 -68.54 -26.10 -45.64
CA MET F 246 -69.97 -25.89 -45.62
C MET F 246 -70.36 -24.49 -45.26
N CYS F 247 -71.57 -24.18 -45.69
CA CYS F 247 -72.23 -22.92 -45.42
C CYS F 247 -73.51 -23.26 -44.71
N GLY F 248 -74.00 -22.36 -43.88
CA GLY F 248 -75.25 -22.63 -43.21
C GLY F 248 -75.17 -22.80 -41.70
N GLU F 249 -76.23 -23.36 -41.09
CA GLU F 249 -75.89 -23.50 -39.68
C GLU F 249 -75.66 -24.90 -39.26
N LEU F 250 -74.54 -24.81 -38.58
CA LEU F 250 -73.81 -25.88 -38.06
C LEU F 250 -74.50 -26.60 -36.94
N ARG F 251 -74.51 -27.92 -37.06
CA ARG F 251 -75.12 -28.80 -36.08
C ARG F 251 -74.37 -30.10 -35.99
N ASP F 252 -74.13 -30.50 -34.79
CA ASP F 252 -73.41 -31.72 -34.48
C ASP F 252 -73.91 -33.00 -35.15
N TYR F 253 -75.06 -32.98 -35.81
CA TYR F 253 -75.45 -34.25 -36.37
C TYR F 253 -75.07 -34.36 -37.82
N LEU F 254 -74.40 -33.30 -38.25
CA LEU F 254 -73.92 -33.23 -39.60
C LEU F 254 -72.74 -34.09 -39.81
N ARG F 255 -72.78 -34.63 -41.02
CA ARG F 255 -71.75 -35.51 -41.46
C ARG F 255 -71.39 -35.33 -42.91
N VAL F 256 -70.23 -35.88 -43.23
CA VAL F 256 -69.76 -35.80 -44.58
C VAL F 256 -69.20 -37.08 -45.03
N THR F 257 -69.62 -37.42 -46.21
CA THR F 257 -69.11 -38.62 -46.76
C THR F 257 -68.53 -38.46 -48.13
N VAL F 258 -67.40 -39.12 -48.27
CA VAL F 258 -66.70 -39.06 -49.49
C VAL F 258 -66.34 -40.43 -49.90
N SER F 259 -66.77 -40.70 -51.11
CA SER F 259 -66.61 -41.98 -51.70
C SER F 259 -66.01 -41.91 -53.08
N LEU F 260 -65.20 -42.91 -53.28
CA LEU F 260 -64.51 -43.04 -54.49
C LEU F 260 -64.94 -44.24 -55.24
N TRP F 261 -65.23 -43.95 -56.47
CA TRP F 261 -65.69 -44.92 -57.38
C TRP F 261 -64.90 -45.09 -58.64
N GLN F 262 -64.83 -46.34 -58.99
CA GLN F 262 -64.20 -46.80 -60.17
C GLN F 262 -65.29 -47.46 -61.00
N GLY F 263 -66.01 -46.59 -61.65
CA GLY F 263 -67.11 -47.09 -62.39
C GLY F 263 -68.17 -47.57 -61.44
N GLU F 264 -68.36 -48.87 -61.45
CA GLU F 264 -69.38 -49.47 -60.63
C GLU F 264 -68.88 -49.77 -59.26
N THR F 265 -67.59 -49.77 -59.20
CA THR F 265 -67.00 -50.12 -57.96
C THR F 265 -66.69 -49.01 -57.01
N GLN F 266 -67.05 -49.29 -55.78
CA GLN F 266 -66.74 -48.33 -54.80
C GLN F 266 -65.42 -48.73 -54.28
N VAL F 267 -64.52 -47.80 -54.41
CA VAL F 267 -63.14 -48.00 -54.11
C VAL F 267 -62.75 -47.62 -52.73
N ALA F 268 -63.38 -46.56 -52.26
CA ALA F 268 -63.11 -46.10 -50.93
C ALA F 268 -64.12 -45.09 -50.51
N SER F 269 -64.28 -45.07 -49.20
CA SER F 269 -65.21 -44.16 -48.59
C SER F 269 -64.72 -43.74 -47.25
N GLY F 270 -65.25 -42.61 -46.83
CA GLY F 270 -64.93 -42.04 -45.56
C GLY F 270 -66.00 -41.09 -45.11
N THR F 271 -66.23 -41.13 -43.80
CA THR F 271 -67.23 -40.27 -43.25
C THR F 271 -66.78 -39.54 -42.01
N ALA F 272 -67.28 -38.33 -41.88
CA ALA F 272 -66.92 -37.54 -40.73
C ALA F 272 -67.79 -36.34 -40.55
N PRO F 273 -67.59 -35.80 -39.40
CA PRO F 273 -68.27 -34.63 -38.91
C PRO F 273 -67.35 -33.46 -39.06
N PHE F 274 -67.97 -32.30 -39.19
CA PHE F 274 -67.21 -31.10 -39.36
C PHE F 274 -66.28 -30.79 -38.24
N GLY F 275 -65.32 -29.94 -38.53
CA GLY F 275 -64.35 -29.54 -37.56
C GLY F 275 -63.00 -30.09 -37.91
N GLY F 276 -62.08 -29.12 -38.13
CA GLY F 276 -60.70 -29.36 -38.48
C GLY F 276 -59.72 -29.40 -37.31
N GLU F 277 -58.46 -29.58 -37.70
CA GLU F 277 -57.36 -29.66 -36.79
C GLU F 277 -56.95 -28.26 -36.46
N ILE F 278 -56.26 -28.14 -35.36
CA ILE F 278 -55.84 -26.84 -34.98
C ILE F 278 -54.95 -26.28 -36.01
N ILE F 279 -55.18 -25.03 -36.29
CA ILE F 279 -54.35 -24.43 -37.26
C ILE F 279 -53.55 -23.34 -36.62
N ASP F 280 -54.12 -22.70 -35.62
CA ASP F 280 -53.36 -21.65 -35.00
C ASP F 280 -53.78 -21.44 -33.60
N GLU F 281 -53.34 -20.34 -33.05
CA GLU F 281 -53.66 -20.04 -31.67
C GLU F 281 -55.14 -20.01 -31.33
N ARG F 282 -55.97 -19.65 -32.33
CA ARG F 282 -57.40 -19.58 -32.14
C ARG F 282 -58.13 -20.86 -32.39
N GLY F 283 -57.47 -21.86 -32.94
CA GLY F 283 -58.12 -23.14 -33.17
C GLY F 283 -58.09 -23.52 -34.63
N GLY F 284 -59.18 -24.20 -35.05
CA GLY F 284 -59.36 -24.63 -36.42
C GLY F 284 -60.64 -24.11 -37.09
N TYR F 285 -61.01 -24.79 -38.18
CA TYR F 285 -62.20 -24.50 -38.95
C TYR F 285 -63.28 -25.44 -38.49
N ALA F 286 -64.26 -24.86 -37.87
CA ALA F 286 -65.35 -25.65 -37.37
C ALA F 286 -66.22 -26.20 -38.47
N ASP F 287 -66.26 -25.40 -39.51
CA ASP F 287 -67.07 -25.64 -40.67
C ASP F 287 -66.31 -26.20 -41.82
N ARG F 288 -65.27 -26.97 -41.53
CA ARG F 288 -64.61 -27.63 -42.62
C ARG F 288 -64.25 -28.95 -42.11
N VAL F 289 -63.93 -29.80 -43.03
CA VAL F 289 -63.47 -31.10 -42.67
C VAL F 289 -62.64 -31.68 -43.80
N THR F 290 -61.61 -32.42 -43.45
CA THR F 290 -60.76 -32.99 -44.47
C THR F 290 -60.70 -34.50 -44.36
N LEU F 291 -60.96 -35.20 -45.45
CA LEU F 291 -60.85 -36.64 -45.37
C LEU F 291 -59.71 -37.12 -46.19
N ARG F 292 -59.20 -38.24 -45.75
CA ARG F 292 -58.08 -38.84 -46.42
C ARG F 292 -58.37 -40.26 -46.76
N LEU F 293 -58.41 -40.58 -48.05
CA LEU F 293 -58.66 -41.93 -48.50
C LEU F 293 -57.44 -42.57 -49.08
N ASN F 294 -57.23 -43.79 -48.66
CA ASN F 294 -56.10 -44.51 -49.17
C ASN F 294 -56.46 -45.30 -50.38
N VAL F 295 -55.56 -45.33 -51.33
CA VAL F 295 -55.79 -46.09 -52.53
C VAL F 295 -54.61 -46.90 -52.97
N GLU F 296 -54.83 -48.19 -53.05
CA GLU F 296 -53.73 -49.03 -53.48
C GLU F 296 -53.72 -49.15 -54.97
N ASN F 297 -52.51 -49.21 -55.51
CA ASN F 297 -52.35 -49.35 -56.94
C ASN F 297 -53.38 -48.58 -57.73
N PRO F 298 -53.38 -47.28 -57.52
CA PRO F 298 -54.30 -46.45 -58.24
C PRO F 298 -53.92 -46.50 -59.70
N LYS F 299 -54.91 -46.15 -60.51
CA LYS F 299 -54.74 -46.06 -61.94
C LYS F 299 -54.52 -44.61 -62.28
N LEU F 300 -53.40 -44.39 -62.94
CA LEU F 300 -53.06 -43.04 -63.21
C LEU F 300 -53.62 -42.35 -64.40
N TRP F 301 -53.81 -41.09 -64.17
CA TRP F 301 -54.31 -40.31 -65.24
C TRP F 301 -53.17 -39.73 -66.05
N SER F 302 -53.30 -39.69 -67.38
CA SER F 302 -52.29 -39.14 -68.30
C SER F 302 -52.99 -38.76 -69.54
N ALA F 303 -52.33 -37.97 -70.36
CA ALA F 303 -52.94 -37.64 -71.61
C ALA F 303 -52.88 -38.92 -72.42
N GLU F 304 -51.93 -39.79 -72.12
CA GLU F 304 -51.84 -41.08 -72.80
C GLU F 304 -53.02 -41.97 -72.40
N ILE F 305 -53.42 -41.94 -71.13
CA ILE F 305 -54.52 -42.77 -70.65
C ILE F 305 -55.20 -42.12 -69.51
N PRO F 306 -56.23 -41.46 -69.86
CA PRO F 306 -57.01 -40.68 -68.95
C PRO F 306 -57.82 -41.50 -67.98
N ASN F 307 -57.15 -42.24 -67.14
CA ASN F 307 -57.88 -42.98 -66.18
C ASN F 307 -58.53 -42.05 -65.22
N LEU F 308 -59.86 -42.22 -65.09
CA LEU F 308 -60.63 -41.41 -64.15
C LEU F 308 -61.35 -42.16 -63.04
N TYR F 309 -61.62 -41.41 -61.98
CA TYR F 309 -62.36 -41.94 -60.86
C TYR F 309 -63.44 -40.95 -60.55
N ARG F 310 -64.48 -41.42 -59.88
CA ARG F 310 -65.53 -40.53 -59.51
C ARG F 310 -65.64 -40.35 -58.04
N ALA F 311 -65.75 -39.09 -57.69
CA ALA F 311 -65.80 -38.78 -56.31
C ALA F 311 -67.09 -38.13 -55.91
N VAL F 312 -67.63 -38.69 -54.81
CA VAL F 312 -68.85 -38.18 -54.24
C VAL F 312 -68.80 -37.67 -52.84
N VAL F 313 -69.32 -36.46 -52.81
CA VAL F 313 -69.39 -35.71 -51.61
C VAL F 313 -70.81 -35.53 -51.17
N GLU F 314 -71.11 -36.21 -50.09
CA GLU F 314 -72.42 -36.13 -49.52
C GLU F 314 -72.42 -35.55 -48.15
N LEU F 315 -73.26 -34.55 -48.07
CA LEU F 315 -73.56 -33.79 -46.91
C LEU F 315 -74.84 -34.37 -46.33
N HIS F 316 -74.71 -34.99 -45.19
CA HIS F 316 -75.88 -35.59 -44.62
C HIS F 316 -75.91 -35.54 -43.10
N THR F 317 -76.99 -36.04 -42.55
CA THR F 317 -77.13 -36.07 -41.12
C THR F 317 -76.69 -37.40 -40.64
N ALA F 318 -76.44 -37.45 -39.37
CA ALA F 318 -75.97 -38.65 -38.76
C ALA F 318 -76.90 -39.83 -38.93
N ASP F 319 -78.20 -39.53 -39.01
CA ASP F 319 -79.19 -40.58 -39.15
C ASP F 319 -79.14 -41.21 -40.52
N GLY F 320 -78.65 -40.46 -41.48
CA GLY F 320 -78.53 -41.01 -42.82
C GLY F 320 -79.21 -40.15 -43.86
N THR F 321 -80.00 -39.24 -43.39
CA THR F 321 -80.69 -38.39 -44.28
C THR F 321 -79.76 -37.47 -45.06
N LEU F 322 -79.80 -37.57 -46.38
CA LEU F 322 -78.94 -36.76 -47.20
C LEU F 322 -79.42 -35.35 -47.39
N ILE F 323 -78.55 -34.37 -47.22
CA ILE F 323 -78.93 -32.99 -47.45
C ILE F 323 -78.71 -32.61 -48.91
N GLU F 324 -77.56 -33.04 -49.43
CA GLU F 324 -77.17 -32.82 -50.82
C GLU F 324 -75.87 -33.49 -51.14
N ALA F 325 -75.61 -33.46 -52.44
CA ALA F 325 -74.40 -34.04 -53.00
C ALA F 325 -73.78 -33.25 -54.14
N GLU F 326 -72.46 -33.42 -54.19
CA GLU F 326 -71.68 -32.85 -55.25
C GLU F 326 -70.69 -33.92 -55.59
N ALA F 327 -70.20 -33.79 -56.82
CA ALA F 327 -69.24 -34.77 -57.27
C ALA F 327 -68.29 -34.20 -58.29
N CYS F 328 -67.30 -35.06 -58.62
CA CYS F 328 -66.31 -34.72 -59.60
C CYS F 328 -65.53 -35.91 -60.07
N ASP F 329 -64.92 -35.71 -61.24
CA ASP F 329 -64.07 -36.75 -61.74
C ASP F 329 -62.70 -36.56 -61.16
N VAL F 330 -62.03 -37.65 -60.89
CA VAL F 330 -60.74 -37.51 -60.29
C VAL F 330 -59.65 -38.24 -61.03
N GLY F 331 -58.49 -37.56 -61.14
CA GLY F 331 -57.35 -38.16 -61.79
C GLY F 331 -56.14 -38.24 -60.88
N PHE F 332 -55.60 -39.41 -60.81
CA PHE F 332 -54.42 -39.59 -60.03
C PHE F 332 -53.19 -39.31 -60.85
N ARG F 333 -52.55 -38.21 -60.52
CA ARG F 333 -51.36 -37.79 -61.23
C ARG F 333 -50.63 -36.76 -60.42
N GLU F 334 -49.32 -36.79 -60.60
CA GLU F 334 -48.41 -35.89 -59.94
C GLU F 334 -47.61 -35.08 -60.93
N VAL F 335 -47.67 -33.79 -60.76
CA VAL F 335 -46.93 -32.94 -61.66
C VAL F 335 -45.86 -32.28 -60.87
N ARG F 336 -44.62 -32.40 -61.29
CA ARG F 336 -43.60 -31.73 -60.56
C ARG F 336 -42.37 -31.41 -61.36
N ILE F 337 -41.72 -30.39 -60.86
CA ILE F 337 -40.49 -30.00 -61.47
C ILE F 337 -39.35 -30.42 -60.61
N GLU F 338 -38.53 -31.25 -61.19
CA GLU F 338 -37.44 -31.67 -60.40
C GLU F 338 -36.15 -31.64 -61.13
N ASN F 339 -35.21 -30.97 -60.53
CA ASN F 339 -33.92 -30.93 -61.14
C ASN F 339 -33.94 -30.45 -62.59
N GLY F 340 -34.62 -29.34 -62.82
CA GLY F 340 -34.68 -28.76 -64.15
C GLY F 340 -35.72 -29.42 -65.01
N LEU F 341 -36.37 -30.46 -64.50
CA LEU F 341 -37.33 -31.07 -65.38
C LEU F 341 -38.73 -31.16 -64.90
N LEU F 342 -39.59 -31.04 -65.86
CA LEU F 342 -40.99 -31.15 -65.60
C LEU F 342 -41.44 -32.58 -65.75
N LEU F 343 -41.94 -33.09 -64.64
CA LEU F 343 -42.38 -34.46 -64.63
C LEU F 343 -43.80 -34.66 -64.37
N LEU F 344 -44.21 -35.73 -64.95
CA LEU F 344 -45.52 -36.15 -64.75
C LEU F 344 -45.50 -37.59 -64.35
N ASN F 345 -46.05 -37.85 -63.19
CA ASN F 345 -46.03 -39.19 -62.68
C ASN F 345 -44.67 -39.76 -62.80
N GLY F 346 -43.73 -38.91 -62.49
CA GLY F 346 -42.35 -39.34 -62.48
C GLY F 346 -41.62 -39.26 -63.77
N LYS F 347 -42.33 -39.06 -64.86
CA LYS F 347 -41.62 -38.97 -66.09
C LYS F 347 -41.71 -37.59 -66.65
N PRO F 348 -40.66 -37.30 -67.36
CA PRO F 348 -40.39 -36.05 -68.01
C PRO F 348 -41.21 -35.94 -69.24
N LEU F 349 -41.98 -34.86 -69.31
CA LEU F 349 -42.83 -34.69 -70.43
C LEU F 349 -42.20 -34.07 -71.63
N LEU F 350 -42.93 -34.25 -72.70
CA LEU F 350 -42.62 -33.66 -73.97
C LEU F 350 -43.93 -33.16 -74.56
N ILE F 351 -44.09 -31.87 -74.44
CA ILE F 351 -45.30 -31.21 -74.81
C ILE F 351 -45.43 -30.96 -76.26
N ARG F 352 -46.45 -31.62 -76.83
CA ARG F 352 -46.83 -31.42 -78.21
C ARG F 352 -48.08 -30.54 -78.15
N GLY F 353 -47.83 -29.25 -77.89
CA GLY F 353 -48.90 -28.33 -77.65
C GLY F 353 -49.29 -27.34 -78.71
N VAL F 354 -50.46 -26.81 -78.43
CA VAL F 354 -51.03 -25.80 -79.28
C VAL F 354 -51.85 -24.85 -78.46
N ASN F 355 -51.83 -23.62 -78.89
CA ASN F 355 -52.65 -22.59 -78.24
C ASN F 355 -53.96 -22.59 -78.98
N ARG F 356 -55.03 -22.38 -78.24
CA ARG F 356 -56.36 -22.35 -78.83
C ARG F 356 -57.34 -21.34 -78.25
N HIS F 357 -57.93 -20.58 -79.15
CA HIS F 357 -58.97 -19.66 -78.71
C HIS F 357 -60.39 -20.26 -78.83
N GLU F 358 -61.31 -19.65 -78.11
CA GLU F 358 -62.71 -20.05 -78.17
C GLU F 358 -63.35 -19.21 -79.29
N HIS F 359 -63.40 -19.81 -80.50
CA HIS F 359 -63.84 -19.15 -81.73
C HIS F 359 -64.56 -20.02 -82.74
N HIS F 360 -65.68 -19.44 -83.18
CA HIS F 360 -66.62 -19.99 -84.10
C HIS F 360 -66.95 -18.99 -85.18
N PRO F 361 -66.69 -19.42 -86.41
CA PRO F 361 -66.88 -18.65 -87.65
C PRO F 361 -68.25 -18.02 -87.74
N LEU F 362 -69.22 -18.79 -87.22
CA LEU F 362 -70.63 -18.42 -87.15
C LEU F 362 -71.10 -17.83 -85.84
N HIS F 363 -70.81 -18.50 -84.74
CA HIS F 363 -71.23 -18.01 -83.45
C HIS F 363 -70.36 -17.00 -82.79
N GLY F 364 -69.22 -16.63 -83.39
CA GLY F 364 -68.32 -15.67 -82.76
C GLY F 364 -67.63 -16.36 -81.56
N GLN F 365 -67.74 -15.77 -80.38
CA GLN F 365 -67.11 -16.36 -79.23
C GLN F 365 -67.95 -17.36 -78.45
N VAL F 366 -69.00 -17.83 -79.04
CA VAL F 366 -69.83 -18.78 -78.34
C VAL F 366 -69.48 -20.24 -78.61
N MET F 367 -69.22 -20.95 -77.52
CA MET F 367 -68.82 -22.36 -77.62
C MET F 367 -69.89 -23.39 -77.41
N ASP F 368 -69.65 -24.61 -77.90
CA ASP F 368 -70.55 -25.74 -77.74
C ASP F 368 -69.85 -27.07 -77.81
N GLU F 369 -70.49 -27.98 -77.13
CA GLU F 369 -69.98 -29.32 -77.03
C GLU F 369 -69.45 -29.85 -78.33
N GLN F 370 -70.32 -29.78 -79.27
CA GLN F 370 -70.00 -30.33 -80.53
C GLN F 370 -68.65 -29.90 -81.12
N THR F 371 -68.47 -28.60 -81.11
CA THR F 371 -67.24 -28.03 -81.60
C THR F 371 -66.02 -28.47 -80.78
N MET F 372 -66.17 -28.23 -79.49
CA MET F 372 -65.16 -28.58 -78.56
C MET F 372 -64.62 -29.97 -78.89
N VAL F 373 -65.53 -30.89 -78.96
CA VAL F 373 -65.11 -32.23 -79.24
C VAL F 373 -64.38 -32.37 -80.57
N GLN F 374 -64.91 -31.66 -81.50
CA GLN F 374 -64.26 -31.72 -82.77
C GLN F 374 -62.79 -31.37 -82.67
N ASP F 375 -62.56 -30.23 -82.04
CA ASP F 375 -61.22 -29.78 -81.87
C ASP F 375 -60.35 -30.84 -81.21
N ILE F 376 -60.90 -31.32 -80.13
CA ILE F 376 -60.17 -32.31 -79.44
C ILE F 376 -59.78 -33.48 -80.28
N LEU F 377 -60.77 -33.97 -81.00
CA LEU F 377 -60.51 -35.13 -81.81
C LEU F 377 -59.39 -34.90 -82.77
N LEU F 378 -59.50 -33.80 -83.43
CA LEU F 378 -58.49 -33.42 -84.36
C LEU F 378 -57.12 -33.36 -83.75
N MET F 379 -57.05 -32.61 -82.66
CA MET F 379 -55.78 -32.49 -82.02
C MET F 379 -55.17 -33.81 -81.73
N LYS F 380 -55.97 -34.61 -81.06
CA LYS F 380 -55.52 -35.92 -80.70
C LYS F 380 -55.09 -36.68 -81.91
N GLN F 381 -55.84 -36.53 -82.95
CA GLN F 381 -55.48 -37.25 -84.14
C GLN F 381 -54.23 -36.75 -84.81
N ASN F 382 -53.85 -35.52 -84.52
CA ASN F 382 -52.65 -34.98 -85.08
C ASN F 382 -51.45 -34.99 -84.18
N ASN F 383 -51.53 -35.77 -83.15
CA ASN F 383 -50.41 -35.93 -82.27
C ASN F 383 -50.17 -34.83 -81.32
N PHE F 384 -51.21 -34.06 -81.07
CA PHE F 384 -51.06 -33.06 -80.03
C PHE F 384 -51.38 -33.64 -78.63
N ASN F 385 -50.79 -33.12 -77.55
CA ASN F 385 -51.14 -33.71 -76.26
C ASN F 385 -51.46 -32.67 -75.24
N ALA F 386 -51.36 -31.43 -75.68
CA ALA F 386 -51.61 -30.38 -74.73
C ALA F 386 -52.10 -29.15 -75.40
N VAL F 387 -52.79 -28.38 -74.59
CA VAL F 387 -53.31 -27.13 -75.09
C VAL F 387 -53.27 -26.05 -74.02
N ARG F 388 -53.06 -24.85 -74.53
CA ARG F 388 -53.02 -23.69 -73.72
C ARG F 388 -54.25 -22.83 -74.00
N CYS F 389 -54.95 -22.46 -72.95
CA CYS F 389 -56.13 -21.60 -73.04
C CYS F 389 -55.79 -20.14 -73.29
N SER F 390 -55.28 -19.87 -74.48
CA SER F 390 -54.94 -18.48 -74.78
C SER F 390 -56.23 -17.69 -74.94
N HIS F 391 -56.49 -16.74 -74.07
CA HIS F 391 -55.69 -16.32 -72.94
C HIS F 391 -56.69 -15.94 -71.85
N TYR F 392 -57.44 -16.91 -71.38
CA TYR F 392 -58.49 -16.71 -70.40
C TYR F 392 -59.07 -18.05 -70.16
N PRO F 393 -59.76 -18.11 -69.07
CA PRO F 393 -60.38 -19.34 -68.68
C PRO F 393 -61.42 -19.68 -69.69
N ASN F 394 -61.52 -20.93 -69.92
CA ASN F 394 -62.44 -21.33 -70.92
C ASN F 394 -63.76 -21.76 -70.37
N HIS F 395 -64.65 -21.96 -71.30
CA HIS F 395 -65.89 -22.54 -70.97
C HIS F 395 -65.58 -23.91 -70.29
N PRO F 396 -66.24 -24.04 -69.21
CA PRO F 396 -66.16 -25.11 -68.24
C PRO F 396 -66.19 -26.50 -68.77
N LEU F 397 -66.98 -26.68 -69.76
CA LEU F 397 -67.08 -28.01 -70.25
C LEU F 397 -65.76 -28.56 -70.81
N TRP F 398 -65.06 -27.59 -71.35
CA TRP F 398 -63.80 -27.86 -71.95
C TRP F 398 -62.94 -28.76 -71.10
N TYR F 399 -62.80 -28.30 -69.85
CA TYR F 399 -61.96 -28.99 -68.91
C TYR F 399 -62.38 -30.42 -68.70
N THR F 400 -63.66 -30.58 -68.70
CA THR F 400 -64.12 -31.90 -68.48
C THR F 400 -63.74 -32.81 -69.62
N LEU F 401 -63.97 -32.27 -70.80
CA LEU F 401 -63.65 -32.99 -71.97
C LEU F 401 -62.21 -33.39 -71.98
N CYS F 402 -61.39 -32.39 -71.66
CA CYS F 402 -59.97 -32.71 -71.65
C CYS F 402 -59.68 -33.76 -70.63
N ASP F 403 -60.40 -33.65 -69.52
CA ASP F 403 -60.18 -34.61 -68.47
C ASP F 403 -60.46 -35.99 -68.98
N ARG F 404 -61.54 -36.05 -69.73
CA ARG F 404 -62.01 -37.34 -70.22
C ARG F 404 -61.28 -37.89 -71.41
N TYR F 405 -60.99 -37.01 -72.35
CA TYR F 405 -60.29 -37.42 -73.55
C TYR F 405 -58.81 -37.60 -73.39
N GLY F 406 -58.22 -36.81 -72.49
CA GLY F 406 -56.81 -36.89 -72.22
C GLY F 406 -55.98 -35.83 -72.92
N LEU F 407 -55.91 -34.62 -72.37
CA LEU F 407 -55.06 -33.59 -72.94
C LEU F 407 -54.48 -32.75 -71.82
N TYR F 408 -53.20 -32.45 -71.85
CA TYR F 408 -52.70 -31.60 -70.79
C TYR F 408 -53.15 -30.18 -71.05
N VAL F 409 -53.53 -29.50 -69.98
CA VAL F 409 -53.96 -28.12 -70.13
C VAL F 409 -53.28 -27.11 -69.23
N VAL F 410 -53.09 -25.96 -69.86
CA VAL F 410 -52.58 -24.81 -69.18
C VAL F 410 -53.72 -23.83 -69.02
N ASP F 411 -54.15 -23.60 -67.78
CA ASP F 411 -55.21 -22.68 -67.49
C ASP F 411 -54.65 -21.26 -67.33
N GLU F 412 -55.26 -20.32 -68.01
CA GLU F 412 -54.68 -19.00 -67.99
C GLU F 412 -55.60 -17.90 -67.56
N ALA F 413 -55.07 -17.06 -66.69
CA ALA F 413 -55.89 -15.97 -66.24
C ALA F 413 -56.19 -14.97 -67.34
N ASN F 414 -57.37 -14.39 -67.24
CA ASN F 414 -57.82 -13.43 -68.18
C ASN F 414 -57.16 -12.05 -68.02
N ILE F 415 -55.88 -11.92 -68.36
CA ILE F 415 -55.27 -10.61 -68.25
C ILE F 415 -54.28 -10.34 -69.34
N GLU F 416 -54.52 -9.32 -70.18
CA GLU F 416 -53.61 -8.91 -71.25
C GLU F 416 -53.70 -7.41 -71.30
N THR F 417 -52.57 -6.72 -71.19
CA THR F 417 -52.54 -5.26 -71.23
C THR F 417 -51.55 -4.86 -72.27
N HIS F 418 -51.53 -5.70 -73.24
CA HIS F 418 -50.61 -5.56 -74.31
C HIS F 418 -50.44 -4.12 -74.86
N GLY F 419 -51.51 -3.34 -74.97
CA GLY F 419 -51.45 -2.01 -75.54
C GLY F 419 -50.87 -0.95 -74.63
N MET F 420 -50.70 -1.28 -73.37
CA MET F 420 -50.16 -0.28 -72.48
C MET F 420 -48.77 0.12 -72.84
N VAL F 421 -48.28 1.17 -72.20
CA VAL F 421 -46.92 1.58 -72.49
C VAL F 421 -46.21 2.27 -71.33
N PRO F 422 -45.15 1.65 -70.85
CA PRO F 422 -44.71 0.37 -71.31
C PRO F 422 -45.73 -0.69 -70.92
N MET F 423 -45.56 -1.84 -71.49
CA MET F 423 -46.47 -2.91 -71.28
C MET F 423 -46.88 -3.14 -69.83
N ASN F 424 -46.04 -2.84 -68.87
CA ASN F 424 -46.45 -3.15 -67.49
C ASN F 424 -47.00 -1.99 -66.65
N ARG F 425 -47.39 -0.94 -67.37
CA ARG F 425 -47.94 0.24 -66.76
C ARG F 425 -48.94 -0.08 -65.64
N LEU F 426 -49.86 -0.99 -65.92
CA LEU F 426 -50.81 -1.37 -64.89
C LEU F 426 -50.35 -2.43 -63.93
N THR F 427 -49.68 -3.47 -64.47
CA THR F 427 -49.22 -4.62 -63.69
C THR F 427 -48.27 -4.31 -62.59
N ASP F 428 -47.67 -3.16 -62.78
CA ASP F 428 -46.81 -2.72 -61.75
C ASP F 428 -47.50 -1.72 -60.80
N ASP F 429 -48.81 -1.63 -60.89
CA ASP F 429 -49.52 -0.70 -60.06
C ASP F 429 -50.53 -1.35 -59.15
N PRO F 430 -50.23 -1.09 -57.91
CA PRO F 430 -50.94 -1.55 -56.76
C PRO F 430 -52.40 -1.33 -56.94
N ARG F 431 -52.70 -0.14 -57.43
CA ARG F 431 -54.10 0.18 -57.65
C ARG F 431 -54.81 -0.85 -58.48
N TRP F 432 -54.06 -1.57 -59.29
CA TRP F 432 -54.71 -2.56 -60.12
C TRP F 432 -54.62 -3.96 -59.62
N LEU F 433 -53.90 -4.02 -58.55
CA LEU F 433 -53.70 -5.31 -57.97
C LEU F 433 -54.95 -6.12 -57.61
N PRO F 434 -55.87 -5.45 -57.05
CA PRO F 434 -57.09 -6.13 -56.63
C PRO F 434 -57.84 -6.71 -57.81
N ALA F 435 -57.96 -5.86 -58.79
CA ALA F 435 -58.58 -6.30 -60.02
C ALA F 435 -57.86 -7.54 -60.55
N MET F 436 -56.55 -7.39 -60.70
CA MET F 436 -55.80 -8.52 -61.19
C MET F 436 -56.02 -9.73 -60.32
N SER F 437 -55.98 -9.45 -59.05
CA SER F 437 -56.06 -10.52 -58.11
C SER F 437 -57.24 -11.45 -58.37
N GLU F 438 -58.38 -10.80 -58.58
CA GLU F 438 -59.64 -11.47 -58.75
C GLU F 438 -59.63 -12.39 -59.89
N ARG F 439 -58.96 -11.86 -60.91
CA ARG F 439 -58.79 -12.62 -62.09
C ARG F 439 -58.00 -13.93 -61.84
N VAL F 440 -57.07 -13.92 -60.91
CA VAL F 440 -56.40 -15.18 -60.75
C VAL F 440 -57.09 -16.13 -59.78
N THR F 441 -57.38 -15.54 -58.64
CA THR F 441 -57.94 -16.27 -57.56
C THR F 441 -59.14 -17.08 -57.94
N ARG F 442 -60.00 -16.38 -58.65
CA ARG F 442 -61.23 -16.97 -59.07
C ARG F 442 -61.06 -18.16 -59.98
N MET F 443 -60.10 -18.01 -60.88
CA MET F 443 -59.84 -19.10 -61.77
C MET F 443 -59.47 -20.37 -61.02
N VAL F 444 -58.55 -20.12 -60.13
CA VAL F 444 -58.02 -21.21 -59.39
C VAL F 444 -59.11 -21.90 -58.63
N GLN F 445 -59.92 -21.06 -58.03
CA GLN F 445 -61.01 -21.52 -57.23
C GLN F 445 -61.97 -22.39 -58.01
N ARG F 446 -62.11 -21.99 -59.24
CA ARG F 446 -63.00 -22.71 -60.04
C ARG F 446 -62.45 -24.00 -60.60
N ASP F 447 -61.20 -23.99 -61.06
CA ASP F 447 -60.71 -25.10 -61.80
C ASP F 447 -59.79 -26.11 -61.21
N ARG F 448 -59.43 -25.81 -60.02
CA ARG F 448 -58.44 -26.62 -59.40
C ARG F 448 -58.70 -28.08 -59.25
N ASN F 449 -59.92 -28.52 -59.41
CA ASN F 449 -60.05 -29.94 -59.25
C ASN F 449 -59.84 -30.77 -60.50
N HIS F 450 -59.67 -30.11 -61.65
CA HIS F 450 -59.47 -30.91 -62.86
C HIS F 450 -58.05 -31.39 -63.08
N PRO F 451 -57.92 -32.70 -63.21
CA PRO F 451 -56.62 -33.31 -63.46
C PRO F 451 -55.94 -32.82 -64.72
N SER F 452 -56.69 -32.45 -65.74
CA SER F 452 -56.03 -32.01 -66.95
C SER F 452 -55.30 -30.69 -66.79
N VAL F 453 -55.71 -29.93 -65.80
CA VAL F 453 -54.99 -28.70 -65.68
C VAL F 453 -53.71 -29.05 -65.02
N ILE F 454 -52.59 -28.73 -65.67
CA ILE F 454 -51.33 -29.05 -65.02
C ILE F 454 -50.44 -27.88 -64.80
N ILE F 455 -50.80 -26.75 -65.36
CA ILE F 455 -50.03 -25.57 -65.14
C ILE F 455 -50.94 -24.38 -65.11
N TRP F 456 -50.60 -23.47 -64.24
CA TRP F 456 -51.34 -22.25 -64.13
C TRP F 456 -50.53 -21.18 -64.81
N SER F 457 -51.24 -20.29 -65.47
CA SER F 457 -50.63 -19.18 -66.14
C SER F 457 -51.25 -17.87 -65.68
N LEU F 458 -50.40 -16.90 -65.39
CA LEU F 458 -50.84 -15.63 -64.91
C LEU F 458 -51.42 -14.72 -65.97
N GLY F 459 -51.47 -15.15 -67.22
CA GLY F 459 -51.98 -14.18 -68.15
C GLY F 459 -51.10 -14.10 -69.36
N ASN F 460 -51.11 -12.95 -70.04
CA ASN F 460 -50.34 -12.80 -71.25
C ASN F 460 -50.04 -11.37 -71.64
N GLU F 461 -48.89 -11.20 -72.23
CA GLU F 461 -48.41 -9.91 -72.70
C GLU F 461 -48.87 -8.74 -71.88
N SER F 462 -48.42 -8.68 -70.64
CA SER F 462 -48.75 -7.58 -69.74
C SER F 462 -47.49 -7.11 -69.04
N GLY F 463 -46.37 -7.31 -69.70
CA GLY F 463 -45.08 -6.97 -69.14
C GLY F 463 -44.84 -7.78 -67.88
N HIS F 464 -44.04 -7.22 -67.00
CA HIS F 464 -43.80 -7.86 -65.75
C HIS F 464 -43.88 -6.82 -64.65
N GLY F 465 -44.79 -7.01 -63.70
CA GLY F 465 -44.93 -6.09 -62.62
C GLY F 465 -45.08 -6.81 -61.31
N ALA F 466 -44.91 -6.03 -60.29
CA ALA F 466 -45.00 -6.59 -58.96
C ALA F 466 -46.29 -7.34 -58.70
N ASN F 467 -47.33 -6.89 -59.38
CA ASN F 467 -48.58 -7.56 -59.14
C ASN F 467 -48.45 -9.03 -59.50
N HIS F 468 -47.60 -9.24 -60.47
CA HIS F 468 -47.34 -10.58 -60.93
C HIS F 468 -46.68 -11.45 -59.87
N ASP F 469 -45.63 -10.88 -59.30
CA ASP F 469 -44.91 -11.63 -58.30
C ASP F 469 -45.82 -12.01 -57.17
N ALA F 470 -46.57 -11.03 -56.78
CA ALA F 470 -47.49 -11.28 -55.69
C ALA F 470 -48.46 -12.42 -56.01
N LEU F 471 -48.93 -12.42 -57.22
CA LEU F 471 -49.90 -13.42 -57.59
C LEU F 471 -49.35 -14.79 -57.77
N TYR F 472 -48.16 -14.78 -58.32
CA TYR F 472 -47.44 -15.99 -58.48
C TYR F 472 -47.34 -16.69 -57.12
N ARG F 473 -46.89 -15.90 -56.19
CA ARG F 473 -46.73 -16.41 -54.87
C ARG F 473 -47.99 -16.99 -54.27
N TRP F 474 -49.05 -16.23 -54.43
CA TRP F 474 -50.31 -16.61 -53.91
C TRP F 474 -50.69 -18.02 -54.37
N ILE F 475 -50.55 -18.21 -55.64
CA ILE F 475 -50.91 -19.51 -56.10
C ILE F 475 -50.05 -20.57 -55.51
N LYS F 476 -48.76 -20.28 -55.49
CA LYS F 476 -47.84 -21.24 -54.99
C LYS F 476 -48.29 -21.70 -53.65
N SER F 477 -48.82 -20.75 -52.93
CA SER F 477 -49.22 -21.12 -51.59
C SER F 477 -50.48 -21.89 -51.54
N VAL F 478 -51.37 -21.49 -52.37
CA VAL F 478 -52.62 -22.14 -52.34
C VAL F 478 -52.64 -23.49 -53.06
N ASP F 479 -51.91 -23.57 -54.16
CA ASP F 479 -51.86 -24.76 -54.95
C ASP F 479 -50.47 -25.02 -55.46
N PRO F 480 -49.89 -25.82 -54.67
CA PRO F 480 -48.55 -26.24 -54.80
C PRO F 480 -48.44 -27.41 -55.74
N SER F 481 -49.57 -27.97 -56.11
CA SER F 481 -49.65 -29.14 -56.98
C SER F 481 -49.27 -28.84 -58.42
N ARG F 482 -49.29 -27.57 -58.78
CA ARG F 482 -48.96 -27.20 -60.12
C ARG F 482 -48.07 -26.02 -60.15
N PRO F 483 -47.27 -26.05 -61.17
CA PRO F 483 -46.31 -25.04 -61.46
C PRO F 483 -47.03 -23.90 -62.10
N VAL F 484 -46.38 -22.75 -62.00
CA VAL F 484 -46.89 -21.54 -62.55
C VAL F 484 -45.99 -20.96 -63.60
N GLN F 485 -46.57 -20.47 -64.68
CA GLN F 485 -45.74 -19.83 -65.67
C GLN F 485 -46.28 -18.51 -66.14
N TYR F 486 -45.38 -17.71 -66.70
CA TYR F 486 -45.74 -16.39 -67.20
C TYR F 486 -44.59 -15.86 -68.04
N GLU F 487 -44.90 -15.47 -69.27
CA GLU F 487 -43.86 -15.04 -70.20
C GLU F 487 -43.45 -13.58 -70.13
N GLY F 488 -44.38 -12.74 -69.72
CA GLY F 488 -44.14 -11.33 -69.71
C GLY F 488 -42.83 -10.93 -69.10
N GLY F 489 -42.31 -9.87 -69.64
CA GLY F 489 -41.11 -9.27 -69.16
C GLY F 489 -39.83 -10.07 -69.37
N GLY F 490 -39.75 -10.87 -70.42
CA GLY F 490 -38.51 -11.58 -70.64
C GLY F 490 -38.58 -13.11 -70.58
N ALA F 491 -39.73 -13.69 -70.20
CA ALA F 491 -39.94 -15.14 -70.15
C ALA F 491 -39.13 -15.90 -69.12
N ASP F 492 -38.36 -15.17 -68.32
CA ASP F 492 -37.56 -15.87 -67.32
C ASP F 492 -37.56 -15.18 -65.97
N THR F 493 -38.59 -14.39 -65.71
CA THR F 493 -38.65 -13.66 -64.46
C THR F 493 -38.88 -14.55 -63.28
N THR F 494 -38.90 -13.83 -62.17
CA THR F 494 -39.14 -14.40 -60.85
C THR F 494 -40.57 -14.95 -60.76
N ALA F 495 -41.38 -14.50 -61.68
CA ALA F 495 -42.75 -14.91 -61.68
C ALA F 495 -42.99 -16.15 -62.52
N THR F 496 -41.97 -16.86 -62.95
CA THR F 496 -42.33 -18.03 -63.71
C THR F 496 -41.52 -19.20 -63.31
N ASP F 497 -42.14 -20.34 -63.32
CA ASP F 497 -41.41 -21.53 -62.95
C ASP F 497 -40.77 -22.17 -64.14
N ILE F 498 -41.14 -21.71 -65.30
CA ILE F 498 -40.62 -22.27 -66.53
C ILE F 498 -40.24 -21.19 -67.47
N ILE F 499 -39.17 -21.41 -68.21
CA ILE F 499 -38.80 -20.45 -69.19
C ILE F 499 -39.72 -20.71 -70.36
N CYS F 500 -40.56 -19.72 -70.62
CA CYS F 500 -41.61 -19.88 -71.62
C CYS F 500 -41.69 -18.76 -72.60
N PRO F 501 -40.69 -18.64 -73.37
CA PRO F 501 -40.68 -17.58 -74.35
C PRO F 501 -41.65 -17.87 -75.48
N MET F 502 -41.82 -16.82 -76.27
CA MET F 502 -42.63 -16.88 -77.44
C MET F 502 -41.75 -16.54 -78.65
N TYR F 503 -41.71 -17.45 -79.61
CA TYR F 503 -40.96 -17.20 -80.82
C TYR F 503 -39.44 -17.15 -80.78
N ALA F 504 -38.84 -17.74 -79.75
CA ALA F 504 -37.39 -17.81 -79.73
C ALA F 504 -36.91 -18.83 -80.77
N ARG F 505 -35.81 -18.50 -81.42
CA ARG F 505 -35.33 -19.39 -82.45
C ARG F 505 -34.51 -20.53 -81.92
N VAL F 506 -34.40 -21.56 -82.74
CA VAL F 506 -33.65 -22.71 -82.32
C VAL F 506 -32.19 -22.34 -82.12
N ASP F 507 -31.62 -21.77 -83.15
CA ASP F 507 -30.22 -21.42 -82.98
C ASP F 507 -29.92 -19.96 -83.04
N GLU F 508 -30.86 -19.11 -83.39
CA GLU F 508 -30.46 -17.73 -83.45
C GLU F 508 -30.96 -16.89 -82.33
N ASP F 509 -30.12 -15.97 -81.90
CA ASP F 509 -30.50 -15.07 -80.85
C ASP F 509 -31.12 -13.82 -81.45
N GLN F 510 -32.08 -13.27 -80.74
CA GLN F 510 -32.78 -12.04 -81.04
C GLN F 510 -32.71 -11.24 -79.76
N PRO F 511 -31.68 -10.49 -79.76
CA PRO F 511 -31.24 -9.71 -78.66
C PRO F 511 -31.86 -8.34 -78.50
N PHE F 512 -33.15 -8.34 -78.33
CA PHE F 512 -33.72 -7.08 -78.03
C PHE F 512 -33.31 -6.68 -76.64
N PRO F 513 -33.23 -5.40 -76.56
CA PRO F 513 -32.93 -4.69 -75.36
C PRO F 513 -33.99 -5.01 -74.35
N ALA F 514 -33.52 -5.21 -73.14
CA ALA F 514 -34.38 -5.50 -72.03
C ALA F 514 -35.03 -6.86 -72.08
N VAL F 515 -35.40 -7.32 -73.27
CA VAL F 515 -36.12 -8.56 -73.35
C VAL F 515 -35.73 -9.29 -74.60
N PRO F 516 -34.48 -9.64 -74.59
CA PRO F 516 -33.89 -10.38 -75.69
C PRO F 516 -34.48 -11.77 -75.67
N LYS F 517 -34.42 -12.39 -76.83
CA LYS F 517 -34.84 -13.76 -77.03
C LYS F 517 -33.65 -14.57 -77.52
N TRP F 518 -33.04 -15.30 -76.64
CA TRP F 518 -31.91 -16.09 -76.98
C TRP F 518 -32.29 -17.33 -77.76
N SER F 519 -31.33 -17.89 -78.51
CA SER F 519 -31.61 -19.16 -79.11
C SER F 519 -32.01 -20.04 -77.92
N ILE F 520 -32.98 -20.88 -78.16
CA ILE F 520 -33.36 -21.65 -77.01
C ILE F 520 -32.28 -22.57 -76.52
N LYS F 521 -31.39 -23.05 -77.39
CA LYS F 521 -30.36 -23.91 -76.81
C LYS F 521 -29.44 -23.11 -75.87
N LYS F 522 -29.22 -21.87 -76.26
CA LYS F 522 -28.38 -21.05 -75.45
C LYS F 522 -29.04 -20.61 -74.16
N TRP F 523 -30.32 -20.34 -74.27
CA TRP F 523 -31.00 -19.87 -73.13
C TRP F 523 -30.82 -20.77 -71.96
N LEU F 524 -30.92 -22.05 -72.18
CA LEU F 524 -30.81 -22.94 -71.02
C LEU F 524 -29.53 -22.86 -70.17
N SER F 525 -28.42 -22.56 -70.84
CA SER F 525 -27.06 -22.58 -70.33
C SER F 525 -26.61 -21.31 -69.67
N LEU F 526 -27.43 -20.29 -69.77
CA LEU F 526 -27.05 -19.07 -69.12
C LEU F 526 -26.77 -19.34 -67.66
N PRO F 527 -25.75 -18.65 -67.22
CA PRO F 527 -25.25 -18.79 -65.89
C PRO F 527 -26.31 -18.64 -64.87
N GLY F 528 -26.43 -19.72 -64.12
CA GLY F 528 -27.42 -19.78 -63.07
C GLY F 528 -28.77 -20.28 -63.54
N GLU F 529 -29.00 -20.40 -64.86
CA GLU F 529 -30.30 -20.85 -65.26
C GLU F 529 -30.53 -22.34 -64.99
N THR F 530 -31.65 -22.74 -64.41
CA THR F 530 -31.82 -24.17 -64.18
C THR F 530 -33.14 -24.75 -64.64
N ARG F 531 -34.06 -23.85 -64.98
CA ARG F 531 -35.39 -24.22 -65.34
C ARG F 531 -35.52 -24.92 -66.63
N PRO F 532 -36.66 -25.53 -66.78
CA PRO F 532 -37.00 -26.17 -68.01
C PRO F 532 -37.51 -25.07 -68.91
N LEU F 533 -37.52 -25.34 -70.19
CA LEU F 533 -37.99 -24.38 -71.15
C LEU F 533 -39.02 -24.99 -72.06
N ILE F 534 -40.15 -24.29 -72.14
CA ILE F 534 -41.25 -24.68 -72.98
C ILE F 534 -41.79 -23.45 -73.64
N LEU F 535 -41.83 -23.44 -74.97
CA LEU F 535 -42.30 -22.21 -75.54
C LEU F 535 -43.78 -22.05 -75.42
N CYS F 536 -44.16 -20.87 -74.98
CA CYS F 536 -45.58 -20.59 -74.84
C CYS F 536 -46.17 -20.33 -76.20
N GLU F 537 -45.33 -19.87 -77.11
CA GLU F 537 -45.77 -19.70 -78.48
C GLU F 537 -44.59 -19.94 -79.38
N TYR F 538 -44.83 -20.73 -80.43
CA TYR F 538 -43.84 -20.96 -81.43
C TYR F 538 -44.46 -21.41 -82.73
N ALA F 539 -43.64 -21.28 -83.78
CA ALA F 539 -44.00 -21.64 -85.13
C ALA F 539 -45.30 -21.01 -85.59
N HIS F 540 -45.29 -19.68 -85.75
CA HIS F 540 -46.46 -18.93 -86.17
C HIS F 540 -47.12 -19.54 -87.42
N ALA F 541 -48.31 -20.12 -87.25
CA ALA F 541 -48.95 -20.82 -88.38
C ALA F 541 -49.76 -19.96 -89.35
N MET F 542 -49.33 -18.75 -89.56
CA MET F 542 -50.05 -17.88 -90.43
C MET F 542 -49.88 -18.08 -91.92
N GLY F 543 -50.96 -18.54 -92.53
CA GLY F 543 -50.98 -18.77 -93.94
C GLY F 543 -50.08 -19.92 -94.34
N ASN F 544 -49.34 -19.73 -95.44
CA ASN F 544 -48.42 -20.75 -95.88
C ASN F 544 -47.20 -20.69 -94.95
N SER F 545 -47.22 -21.48 -93.90
CA SER F 545 -46.20 -21.40 -92.92
C SER F 545 -45.80 -22.75 -92.35
N LEU F 546 -45.18 -22.66 -91.17
CA LEU F 546 -44.64 -23.80 -90.47
C LEU F 546 -43.29 -24.25 -91.03
N GLY F 547 -42.65 -23.39 -91.81
CA GLY F 547 -41.36 -23.73 -92.31
C GLY F 547 -40.37 -23.74 -91.13
N GLY F 548 -39.64 -24.84 -90.98
CA GLY F 548 -38.64 -24.93 -89.93
C GLY F 548 -39.09 -25.71 -88.72
N PHE F 549 -40.31 -26.18 -88.79
CA PHE F 549 -40.88 -26.91 -87.71
C PHE F 549 -39.97 -28.01 -87.18
N ALA F 550 -39.44 -28.77 -88.11
CA ALA F 550 -38.57 -29.86 -87.75
C ALA F 550 -37.34 -29.53 -86.93
N LYS F 551 -36.76 -28.33 -87.19
CA LYS F 551 -35.61 -27.89 -86.41
C LYS F 551 -35.94 -27.95 -84.92
N TYR F 552 -37.11 -27.41 -84.58
CA TYR F 552 -37.58 -27.43 -83.22
C TYR F 552 -37.65 -28.83 -82.67
N TRP F 553 -38.35 -29.67 -83.42
CA TRP F 553 -38.54 -31.01 -82.95
C TRP F 553 -37.27 -31.73 -82.63
N GLN F 554 -36.36 -31.49 -83.51
CA GLN F 554 -35.10 -32.13 -83.30
C GLN F 554 -34.41 -31.65 -82.06
N ALA F 555 -34.46 -30.37 -81.88
CA ALA F 555 -33.82 -29.86 -80.69
C ALA F 555 -34.49 -30.36 -79.46
N PHE F 556 -35.83 -30.30 -79.53
CA PHE F 556 -36.56 -30.73 -78.36
C PHE F 556 -36.10 -32.11 -78.01
N ARG F 557 -35.98 -32.92 -79.05
CA ARG F 557 -35.58 -34.27 -78.82
C ARG F 557 -34.18 -34.44 -78.31
N GLN F 558 -33.30 -33.53 -78.64
CA GLN F 558 -31.95 -33.72 -78.15
C GLN F 558 -31.64 -33.07 -76.82
N TYR F 559 -32.39 -32.06 -76.42
CA TYR F 559 -32.11 -31.43 -75.17
C TYR F 559 -33.20 -31.70 -74.17
N PRO F 560 -32.77 -32.35 -73.17
CA PRO F 560 -33.59 -32.76 -72.05
C PRO F 560 -34.46 -31.67 -71.51
N ARG F 561 -33.84 -30.54 -71.20
CA ARG F 561 -34.51 -29.40 -70.64
C ARG F 561 -35.39 -28.66 -71.65
N LEU F 562 -35.31 -29.03 -72.93
CA LEU F 562 -36.20 -28.41 -73.88
C LEU F 562 -37.41 -29.33 -73.90
N GLN F 563 -38.51 -28.93 -73.25
CA GLN F 563 -39.64 -29.83 -73.18
C GLN F 563 -40.82 -29.60 -74.10
N GLY F 564 -40.60 -28.90 -75.21
CA GLY F 564 -41.67 -28.69 -76.19
C GLY F 564 -42.18 -27.25 -76.22
N GLY F 565 -43.42 -27.12 -76.67
CA GLY F 565 -44.04 -25.81 -76.78
C GLY F 565 -45.46 -25.93 -77.33
N PHE F 566 -46.06 -24.76 -77.49
CA PHE F 566 -47.40 -24.61 -78.00
C PHE F 566 -47.37 -23.81 -79.24
N VAL F 567 -47.86 -24.45 -80.26
CA VAL F 567 -47.91 -23.77 -81.51
C VAL F 567 -48.96 -22.68 -81.48
N TRP F 568 -48.65 -21.64 -82.20
CA TRP F 568 -49.57 -20.55 -82.33
C TRP F 568 -50.03 -20.43 -83.78
N ASP F 569 -51.29 -20.79 -84.05
CA ASP F 569 -52.25 -21.32 -83.11
C ASP F 569 -53.20 -22.30 -83.81
N TRP F 570 -54.20 -22.80 -83.10
CA TRP F 570 -55.12 -23.79 -83.68
C TRP F 570 -55.95 -23.46 -84.92
N VAL F 571 -56.90 -22.52 -84.79
CA VAL F 571 -57.81 -22.13 -85.90
C VAL F 571 -57.77 -20.68 -86.25
N ASP F 572 -57.98 -20.41 -87.54
CA ASP F 572 -58.05 -19.03 -87.99
C ASP F 572 -59.25 -18.35 -87.36
N GLN F 573 -59.06 -17.09 -87.03
CA GLN F 573 -60.14 -16.34 -86.43
C GLN F 573 -60.89 -15.60 -87.51
N SER F 574 -61.50 -16.37 -88.40
CA SER F 574 -62.25 -15.77 -89.48
C SER F 574 -63.72 -15.92 -89.25
N LEU F 575 -64.38 -14.91 -89.74
CA LEU F 575 -65.82 -14.86 -89.67
C LEU F 575 -66.46 -14.95 -91.05
N ILE F 576 -67.68 -15.47 -91.04
CA ILE F 576 -68.44 -15.56 -92.27
C ILE F 576 -69.25 -14.30 -92.62
N LYS F 577 -69.32 -14.00 -93.89
CA LYS F 577 -70.09 -12.90 -94.40
C LYS F 577 -70.83 -13.36 -95.63
N TYR F 578 -71.75 -12.51 -96.08
CA TYR F 578 -72.43 -12.89 -97.29
C TYR F 578 -72.41 -11.87 -98.36
N ASP F 579 -72.43 -12.43 -99.56
CA ASP F 579 -72.49 -11.57 -100.69
C ASP F 579 -73.98 -11.43 -100.96
N GLU F 580 -74.27 -10.54 -101.90
CA GLU F 580 -75.62 -10.26 -102.39
C GLU F 580 -76.32 -11.54 -102.80
N ASN F 581 -75.57 -12.49 -103.37
CA ASN F 581 -76.16 -13.75 -103.75
C ASN F 581 -76.32 -14.70 -102.57
N GLY F 582 -76.18 -14.09 -101.38
CA GLY F 582 -76.29 -14.79 -100.12
C GLY F 582 -75.24 -15.88 -100.03
N ASN F 583 -74.09 -15.49 -100.55
CA ASN F 583 -72.96 -16.36 -100.54
C ASN F 583 -72.07 -15.97 -99.41
N PRO F 584 -71.73 -16.99 -98.66
CA PRO F 584 -70.90 -16.89 -97.49
C PRO F 584 -69.44 -16.76 -97.86
N TRP F 585 -68.74 -15.97 -97.09
CA TRP F 585 -67.34 -15.87 -97.35
C TRP F 585 -66.56 -15.48 -96.12
N SER F 586 -65.31 -15.93 -96.08
CA SER F 586 -64.47 -15.69 -94.93
C SER F 586 -63.89 -14.29 -94.87
N ALA F 587 -64.23 -13.67 -93.75
CA ALA F 587 -63.86 -12.30 -93.47
C ALA F 587 -62.83 -12.18 -92.35
N TYR F 588 -62.09 -11.10 -92.47
CA TYR F 588 -61.09 -10.79 -91.51
C TYR F 588 -61.10 -9.34 -91.13
N GLY F 589 -60.08 -8.93 -90.41
CA GLY F 589 -59.98 -7.57 -89.94
C GLY F 589 -60.29 -6.57 -91.03
N GLY F 590 -61.13 -5.61 -90.62
CA GLY F 590 -61.61 -4.52 -91.45
C GLY F 590 -62.79 -4.87 -92.33
N ASP F 591 -63.12 -6.15 -92.41
CA ASP F 591 -64.22 -6.62 -93.25
C ASP F 591 -65.58 -6.20 -92.73
N PHE F 592 -65.62 -5.54 -91.57
CA PHE F 592 -66.86 -5.08 -90.98
C PHE F 592 -66.82 -3.60 -90.82
N GLY F 593 -65.86 -3.01 -91.51
CA GLY F 593 -65.66 -1.59 -91.45
C GLY F 593 -65.12 -1.23 -90.10
N ASP F 594 -64.71 -2.28 -89.37
CA ASP F 594 -64.13 -2.14 -88.04
C ASP F 594 -62.82 -1.40 -88.16
N THR F 595 -62.69 -0.41 -87.28
CA THR F 595 -61.52 0.41 -87.16
C THR F 595 -61.21 0.71 -85.69
N PRO F 596 -59.92 0.59 -85.34
CA PRO F 596 -58.87 0.26 -86.32
C PRO F 596 -58.78 -1.26 -86.49
N ASN F 597 -58.01 -1.75 -87.45
CA ASN F 597 -57.95 -3.20 -87.58
C ASN F 597 -56.57 -3.69 -88.03
N ASP F 598 -56.32 -5.01 -87.79
CA ASP F 598 -55.05 -5.65 -88.10
C ASP F 598 -55.11 -6.71 -89.20
N ARG F 599 -56.22 -6.66 -89.94
CA ARG F 599 -56.51 -7.49 -91.10
C ARG F 599 -56.41 -8.98 -90.90
N GLN F 600 -55.59 -9.67 -91.76
CA GLN F 600 -55.37 -11.15 -91.71
C GLN F 600 -54.74 -11.66 -90.40
N PHE F 601 -54.10 -10.71 -89.70
CA PHE F 601 -53.44 -11.06 -88.49
C PHE F 601 -54.17 -12.02 -87.54
N CYS F 602 -55.48 -12.04 -87.62
CA CYS F 602 -56.29 -12.92 -86.78
C CYS F 602 -56.31 -14.35 -87.35
N MET F 603 -55.64 -14.58 -88.50
CA MET F 603 -55.61 -15.91 -89.09
C MET F 603 -54.22 -16.52 -89.05
N ASN F 604 -54.05 -17.40 -88.07
CA ASN F 604 -52.77 -18.02 -87.79
C ASN F 604 -52.94 -19.48 -87.47
N GLY F 605 -54.08 -20.04 -87.83
CA GLY F 605 -54.35 -21.39 -87.45
C GLY F 605 -53.81 -22.45 -88.33
N LEU F 606 -53.82 -23.62 -87.76
CA LEU F 606 -53.42 -24.82 -88.44
C LEU F 606 -54.63 -25.35 -89.20
N VAL F 607 -55.79 -24.85 -88.81
CA VAL F 607 -57.01 -25.21 -89.49
C VAL F 607 -57.80 -23.99 -89.75
N PHE F 608 -58.61 -24.17 -90.75
CA PHE F 608 -59.54 -23.19 -91.19
C PHE F 608 -60.65 -23.15 -90.15
N ALA F 609 -61.28 -21.97 -90.05
CA ALA F 609 -62.38 -21.82 -89.09
C ALA F 609 -63.41 -22.95 -89.04
N ASP F 610 -63.62 -23.59 -90.17
CA ASP F 610 -64.55 -24.70 -90.27
C ASP F 610 -63.90 -25.96 -89.81
N ARG F 611 -62.69 -25.79 -89.30
CA ARG F 611 -61.94 -26.94 -88.88
C ARG F 611 -61.47 -27.77 -90.05
N THR F 612 -61.10 -27.07 -91.08
CA THR F 612 -60.52 -27.79 -92.15
C THR F 612 -59.10 -27.33 -92.15
N PRO F 613 -58.34 -28.36 -92.18
CA PRO F 613 -56.91 -28.35 -92.10
C PRO F 613 -56.22 -27.60 -93.16
N HIS F 614 -55.15 -27.00 -92.73
CA HIS F 614 -54.20 -26.41 -93.58
C HIS F 614 -53.21 -27.56 -93.81
N PRO F 615 -52.40 -27.40 -94.81
CA PRO F 615 -51.45 -28.46 -95.09
C PRO F 615 -50.43 -28.63 -93.98
N ALA F 616 -50.09 -27.50 -93.34
CA ALA F 616 -49.11 -27.51 -92.29
C ALA F 616 -49.40 -28.54 -91.21
N LEU F 617 -50.67 -28.73 -90.98
CA LEU F 617 -51.07 -29.64 -89.97
C LEU F 617 -50.38 -30.99 -90.03
N THR F 618 -50.11 -31.37 -91.22
CA THR F 618 -49.50 -32.65 -91.46
C THR F 618 -48.06 -32.68 -91.05
N GLU F 619 -47.39 -31.59 -91.38
CA GLU F 619 -46.02 -31.50 -90.99
C GLU F 619 -45.98 -31.67 -89.49
N ALA F 620 -46.92 -31.00 -88.85
CA ALA F 620 -46.97 -31.12 -87.40
C ALA F 620 -47.23 -32.54 -86.94
N LYS F 621 -48.23 -33.12 -87.54
CA LYS F 621 -48.57 -34.45 -87.16
C LYS F 621 -47.37 -35.37 -87.20
N HIS F 622 -46.65 -35.25 -88.28
CA HIS F 622 -45.49 -36.09 -88.48
C HIS F 622 -44.37 -35.81 -87.49
N GLN F 623 -44.00 -34.54 -87.32
CA GLN F 623 -42.92 -34.27 -86.37
C GLN F 623 -43.30 -34.64 -84.95
N GLN F 624 -44.59 -34.66 -84.66
CA GLN F 624 -44.97 -34.97 -83.31
C GLN F 624 -45.25 -36.43 -83.07
N GLN F 625 -45.04 -37.27 -84.07
CA GLN F 625 -45.34 -38.66 -83.84
C GLN F 625 -44.65 -39.26 -82.65
N PHE F 626 -45.31 -40.25 -82.07
CA PHE F 626 -44.82 -40.93 -80.89
C PHE F 626 -43.89 -42.07 -81.16
N PHE F 627 -43.71 -42.40 -82.43
CA PHE F 627 -42.81 -43.49 -82.71
C PHE F 627 -41.70 -42.99 -83.55
N GLN F 628 -40.50 -43.44 -83.24
CA GLN F 628 -39.38 -43.01 -84.04
C GLN F 628 -38.69 -44.19 -84.62
N PHE F 629 -38.24 -43.98 -85.85
CA PHE F 629 -37.59 -45.05 -86.59
C PHE F 629 -36.19 -44.83 -87.03
N ARG F 630 -35.47 -45.93 -87.04
CA ARG F 630 -34.10 -45.98 -87.47
C ARG F 630 -33.97 -47.17 -88.36
N LEU F 631 -33.26 -46.95 -89.42
CA LEU F 631 -33.11 -48.07 -90.31
C LEU F 631 -31.68 -48.57 -90.36
N SER F 632 -31.50 -49.85 -90.11
CA SER F 632 -30.14 -50.33 -90.19
C SER F 632 -30.03 -51.60 -90.95
N GLY F 633 -29.50 -51.46 -92.14
CA GLY F 633 -29.43 -52.66 -92.93
C GLY F 633 -30.85 -53.11 -93.28
N GLN F 634 -31.24 -54.30 -92.82
CA GLN F 634 -32.56 -54.79 -93.15
C GLN F 634 -33.42 -54.69 -91.94
N THR F 635 -32.87 -53.98 -90.99
CA THR F 635 -33.52 -53.82 -89.73
C THR F 635 -34.00 -52.46 -89.39
N ILE F 636 -35.22 -52.49 -88.92
CA ILE F 636 -35.80 -51.28 -88.44
C ILE F 636 -35.86 -51.22 -86.94
N GLU F 637 -35.41 -50.09 -86.43
CA GLU F 637 -35.44 -49.88 -85.03
C GLU F 637 -36.57 -48.94 -84.68
N VAL F 638 -37.43 -49.41 -83.79
CA VAL F 638 -38.52 -48.56 -83.41
C VAL F 638 -38.40 -48.10 -82.02
N THR F 639 -38.70 -46.83 -81.86
CA THR F 639 -38.60 -46.27 -80.56
C THR F 639 -39.87 -45.60 -80.16
N SER F 640 -40.28 -45.89 -78.92
CA SER F 640 -41.50 -45.36 -78.38
C SER F 640 -41.27 -44.12 -77.56
N GLU F 641 -42.09 -43.11 -77.84
CA GLU F 641 -42.07 -41.87 -77.11
C GLU F 641 -43.25 -41.80 -76.16
N TYR F 642 -43.88 -42.94 -75.93
CA TYR F 642 -44.92 -43.00 -74.95
C TYR F 642 -44.24 -43.20 -73.63
N LEU F 643 -44.74 -42.52 -72.62
CA LEU F 643 -44.18 -42.60 -71.30
C LEU F 643 -44.88 -43.65 -70.54
N PHE F 644 -46.12 -43.82 -70.87
CA PHE F 644 -46.90 -44.73 -70.09
C PHE F 644 -47.55 -45.87 -70.81
N ARG F 645 -47.84 -45.76 -72.09
CA ARG F 645 -48.48 -46.91 -72.66
C ARG F 645 -47.63 -47.80 -73.48
N HIS F 646 -48.17 -48.98 -73.65
CA HIS F 646 -47.53 -49.97 -74.45
C HIS F 646 -48.15 -49.91 -75.84
N SER F 647 -47.44 -50.31 -76.89
CA SER F 647 -47.99 -50.21 -78.25
C SER F 647 -49.06 -51.25 -78.49
N ASP F 648 -50.11 -51.10 -77.74
CA ASP F 648 -51.18 -52.07 -77.80
C ASP F 648 -52.25 -51.88 -78.85
N ASN F 649 -52.07 -50.97 -79.78
CA ASN F 649 -53.06 -50.84 -80.83
C ASN F 649 -52.30 -50.38 -82.04
N GLU F 650 -51.23 -51.13 -82.25
CA GLU F 650 -50.34 -50.74 -83.29
C GLU F 650 -49.85 -51.80 -84.22
N LEU F 651 -50.10 -51.43 -85.46
CA LEU F 651 -49.69 -52.18 -86.58
C LEU F 651 -48.76 -51.42 -87.48
N LEU F 652 -47.68 -52.09 -87.78
CA LEU F 652 -46.71 -51.52 -88.65
C LEU F 652 -46.73 -52.10 -90.06
N HIS F 653 -47.13 -51.28 -91.00
CA HIS F 653 -47.13 -51.75 -92.35
C HIS F 653 -45.92 -51.25 -93.09
N TRP F 654 -45.27 -52.10 -93.84
CA TRP F 654 -44.17 -51.56 -94.57
C TRP F 654 -44.28 -51.88 -96.02
N MET F 655 -43.43 -51.25 -96.81
CA MET F 655 -43.50 -51.48 -98.21
C MET F 655 -42.43 -50.85 -99.08
N VAL F 656 -42.09 -51.60 -100.11
CA VAL F 656 -41.06 -51.26 -101.03
C VAL F 656 -41.51 -51.02 -102.42
N ALA F 657 -41.01 -49.93 -102.97
CA ALA F 657 -41.36 -49.58 -104.32
C ALA F 657 -40.24 -48.97 -105.10
N LEU F 658 -40.37 -49.19 -106.39
CA LEU F 658 -39.40 -48.70 -107.29
C LEU F 658 -40.03 -47.62 -108.08
N ASP F 659 -39.56 -46.42 -107.90
CA ASP F 659 -40.19 -45.35 -108.62
C ASP F 659 -41.70 -45.44 -108.59
N GLY F 660 -42.28 -45.85 -107.46
CA GLY F 660 -43.73 -45.90 -107.41
C GLY F 660 -44.26 -47.30 -107.61
N LYS F 661 -43.45 -48.14 -108.19
CA LYS F 661 -43.92 -49.47 -108.37
C LYS F 661 -43.56 -50.27 -107.16
N PRO F 662 -44.60 -50.73 -106.56
CA PRO F 662 -44.60 -51.50 -105.34
C PRO F 662 -44.12 -52.87 -105.65
N LEU F 663 -43.14 -53.31 -104.92
CA LEU F 663 -42.57 -54.60 -105.13
C LEU F 663 -42.83 -55.55 -104.02
N ALA F 664 -43.05 -55.00 -102.83
CA ALA F 664 -43.25 -55.82 -101.67
C ALA F 664 -43.80 -55.01 -100.55
N SER F 665 -44.60 -55.68 -99.77
CA SER F 665 -45.23 -55.05 -98.65
C SER F 665 -45.33 -56.02 -97.51
N GLY F 666 -45.47 -55.50 -96.30
CA GLY F 666 -45.55 -56.35 -95.15
C GLY F 666 -46.32 -55.70 -94.05
N GLU F 667 -46.47 -56.45 -92.97
CA GLU F 667 -47.20 -56.00 -91.81
C GLU F 667 -46.69 -56.59 -90.53
N VAL F 668 -46.49 -55.73 -89.57
CA VAL F 668 -46.02 -56.23 -88.33
C VAL F 668 -46.54 -55.44 -87.20
N PRO F 669 -46.98 -56.22 -86.27
CA PRO F 669 -47.54 -55.71 -85.07
C PRO F 669 -46.43 -55.24 -84.15
N LEU F 670 -46.72 -54.10 -83.57
CA LEU F 670 -45.83 -53.48 -82.63
C LEU F 670 -46.10 -53.93 -81.23
N ASP F 671 -44.99 -54.06 -80.57
CA ASP F 671 -44.95 -54.46 -79.19
C ASP F 671 -43.79 -53.73 -78.54
N VAL F 672 -44.03 -52.47 -78.21
CA VAL F 672 -43.00 -51.68 -77.59
C VAL F 672 -43.48 -51.05 -76.34
N ALA F 673 -42.59 -51.08 -75.37
CA ALA F 673 -42.93 -50.45 -74.14
C ALA F 673 -42.65 -48.98 -74.21
N PRO F 674 -43.39 -48.25 -73.41
CA PRO F 674 -43.17 -46.84 -73.34
C PRO F 674 -41.70 -46.69 -73.21
N GLN F 675 -41.17 -45.78 -74.03
CA GLN F 675 -39.75 -45.50 -74.01
C GLN F 675 -38.86 -46.63 -74.40
N GLY F 676 -39.41 -47.66 -74.99
CA GLY F 676 -38.58 -48.75 -75.43
C GLY F 676 -38.34 -48.79 -76.93
N LYS F 677 -37.54 -49.78 -77.29
CA LYS F 677 -37.16 -50.08 -78.66
C LYS F 677 -37.67 -51.43 -79.09
N GLN F 678 -37.92 -51.56 -80.39
CA GLN F 678 -38.35 -52.82 -80.96
C GLN F 678 -37.63 -52.95 -82.27
N LEU F 679 -37.04 -54.13 -82.47
CA LEU F 679 -36.33 -54.44 -83.71
C LEU F 679 -37.11 -55.20 -84.71
N ILE F 680 -37.00 -54.71 -85.91
CA ILE F 680 -37.71 -55.33 -86.95
C ILE F 680 -36.88 -55.75 -88.06
N GLU F 681 -36.92 -57.06 -88.15
CA GLU F 681 -36.19 -57.78 -89.12
C GLU F 681 -36.88 -57.88 -90.44
N LEU F 682 -36.17 -57.43 -91.44
CA LEU F 682 -36.73 -57.50 -92.74
C LEU F 682 -36.32 -58.71 -93.54
N PRO F 683 -37.32 -59.18 -94.24
CA PRO F 683 -37.20 -60.30 -95.12
C PRO F 683 -36.37 -59.82 -96.26
N GLU F 684 -35.66 -60.75 -96.86
CA GLU F 684 -34.86 -60.40 -97.98
C GLU F 684 -35.60 -59.52 -98.96
N LEU F 685 -34.95 -58.42 -99.24
CA LEU F 685 -35.49 -57.46 -100.14
C LEU F 685 -35.07 -57.66 -101.53
N PRO F 686 -36.01 -57.33 -102.35
CA PRO F 686 -35.96 -57.39 -103.79
C PRO F 686 -34.86 -56.51 -104.35
N GLN F 687 -34.14 -57.05 -105.34
CA GLN F 687 -33.04 -56.32 -105.94
C GLN F 687 -33.22 -56.02 -107.39
N PRO F 688 -34.33 -55.36 -107.70
CA PRO F 688 -34.71 -54.93 -109.04
C PRO F 688 -33.50 -54.57 -109.91
N GLU F 689 -33.66 -54.85 -111.16
CA GLU F 689 -32.61 -54.59 -112.10
C GLU F 689 -32.74 -53.25 -112.74
N SER F 690 -34.01 -53.02 -113.07
CA SER F 690 -34.53 -51.84 -113.69
C SER F 690 -33.97 -50.60 -113.05
N ALA F 691 -34.01 -49.53 -113.77
CA ALA F 691 -33.46 -48.33 -113.23
C ALA F 691 -34.49 -47.57 -112.46
N GLY F 692 -33.98 -46.86 -111.46
CA GLY F 692 -34.82 -46.05 -110.60
C GLY F 692 -34.38 -46.01 -109.16
N GLN F 693 -35.28 -45.42 -108.37
CA GLN F 693 -35.10 -45.26 -106.95
C GLN F 693 -35.97 -46.21 -106.18
N LEU F 694 -35.29 -46.84 -105.28
CA LEU F 694 -35.90 -47.79 -104.43
C LEU F 694 -36.18 -47.21 -103.07
N TRP F 695 -37.43 -47.26 -102.70
CA TRP F 695 -37.78 -46.68 -101.45
C TRP F 695 -38.59 -47.53 -100.53
N LEU F 696 -38.21 -47.40 -99.28
CA LEU F 696 -38.89 -48.09 -98.25
C LEU F 696 -39.80 -47.17 -97.44
N THR F 697 -41.03 -47.64 -97.21
CA THR F 697 -41.94 -46.86 -96.43
C THR F 697 -42.69 -47.62 -95.36
N VAL F 698 -42.75 -47.00 -94.18
CA VAL F 698 -43.49 -47.56 -93.05
C VAL F 698 -44.55 -46.64 -92.51
N ARG F 699 -45.62 -47.30 -92.09
CA ARG F 699 -46.72 -46.59 -91.51
C ARG F 699 -47.17 -47.32 -90.28
N VAL F 700 -47.73 -46.54 -89.37
CA VAL F 700 -48.28 -47.08 -88.18
C VAL F 700 -49.77 -46.90 -88.15
N VAL F 701 -50.37 -48.08 -88.00
CA VAL F 701 -51.80 -48.12 -87.96
C VAL F 701 -52.42 -48.70 -86.75
N GLN F 702 -53.54 -48.05 -86.45
CA GLN F 702 -54.40 -48.37 -85.36
C GLN F 702 -55.59 -49.13 -85.88
N PRO F 703 -55.44 -50.41 -85.71
CA PRO F 703 -56.37 -51.40 -86.12
C PRO F 703 -57.74 -51.12 -85.53
N ASN F 704 -57.79 -50.93 -84.22
CA ASN F 704 -59.05 -50.68 -83.57
C ASN F 704 -59.32 -49.22 -83.34
N ALA F 705 -60.60 -48.87 -83.33
CA ALA F 705 -60.90 -47.48 -83.08
C ALA F 705 -60.68 -47.15 -81.63
N THR F 706 -60.60 -45.84 -81.40
CA THR F 706 -60.43 -45.34 -80.06
C THR F 706 -61.47 -44.32 -79.87
N ALA F 707 -61.41 -43.75 -78.72
CA ALA F 707 -62.38 -42.75 -78.47
C ALA F 707 -62.20 -41.52 -79.28
N TRP F 708 -61.01 -41.38 -79.87
CA TRP F 708 -60.79 -40.16 -80.61
C TRP F 708 -60.28 -40.46 -81.96
N SER F 709 -60.28 -41.74 -82.28
CA SER F 709 -59.82 -42.19 -83.57
C SER F 709 -60.58 -43.40 -84.07
N GLU F 710 -60.66 -43.45 -85.38
CA GLU F 710 -61.29 -44.54 -86.10
C GLU F 710 -60.39 -45.71 -86.27
N ALA F 711 -60.98 -46.81 -86.64
CA ALA F 711 -60.09 -47.91 -86.86
C ALA F 711 -59.32 -47.65 -88.11
N GLY F 712 -58.07 -48.12 -88.10
CA GLY F 712 -57.19 -47.95 -89.21
C GLY F 712 -56.60 -46.54 -89.29
N HIS F 713 -56.50 -45.87 -88.17
CA HIS F 713 -55.95 -44.57 -88.20
C HIS F 713 -54.43 -44.65 -88.31
N ILE F 714 -53.88 -43.73 -89.10
CA ILE F 714 -52.43 -43.71 -89.26
C ILE F 714 -51.82 -42.75 -88.29
N SER F 715 -50.92 -43.24 -87.50
CA SER F 715 -50.40 -42.32 -86.54
C SER F 715 -48.96 -41.92 -86.76
N ALA F 716 -48.29 -42.65 -87.63
CA ALA F 716 -46.90 -42.32 -87.82
C ALA F 716 -46.41 -42.95 -89.08
N TRP F 717 -45.41 -42.30 -89.65
CA TRP F 717 -44.80 -42.86 -90.82
C TRP F 717 -43.40 -42.38 -91.02
N GLN F 718 -42.75 -43.04 -91.95
CA GLN F 718 -41.39 -42.72 -92.25
C GLN F 718 -40.93 -43.43 -93.49
N GLN F 719 -40.11 -42.73 -94.27
CA GLN F 719 -39.62 -43.41 -95.45
C GLN F 719 -38.11 -43.35 -95.65
N TRP F 720 -37.57 -44.25 -96.44
CA TRP F 720 -36.14 -44.20 -96.70
C TRP F 720 -35.79 -44.57 -98.13
N ARG F 721 -34.75 -43.95 -98.67
CA ARG F 721 -34.39 -44.36 -100.02
C ARG F 721 -33.36 -45.44 -99.95
N LEU F 722 -33.74 -46.62 -100.40
CA LEU F 722 -32.83 -47.73 -100.31
C LEU F 722 -31.74 -47.73 -101.34
N ALA F 723 -32.11 -47.59 -102.57
CA ALA F 723 -31.08 -47.61 -103.56
C ALA F 723 -31.46 -46.86 -104.78
N GLU F 724 -30.44 -46.76 -105.61
CA GLU F 724 -30.59 -46.07 -106.86
C GLU F 724 -29.92 -46.82 -107.96
N ASN F 725 -30.62 -47.00 -109.04
CA ASN F 725 -30.03 -47.66 -110.19
C ASN F 725 -30.02 -46.63 -111.28
N LEU F 726 -28.84 -46.08 -111.55
CA LEU F 726 -28.77 -45.06 -112.60
C LEU F 726 -29.03 -45.63 -113.98
N SER F 727 -29.71 -44.83 -114.81
CA SER F 727 -29.99 -45.26 -116.17
C SER F 727 -28.88 -44.92 -117.10
N VAL F 728 -28.39 -45.96 -117.72
CA VAL F 728 -27.30 -45.86 -118.65
C VAL F 728 -27.79 -46.07 -120.05
N THR F 729 -29.07 -46.07 -120.19
CA THR F 729 -29.47 -46.33 -121.51
C THR F 729 -29.63 -45.11 -122.35
N LEU F 730 -29.59 -45.47 -123.61
CA LEU F 730 -29.71 -44.56 -124.69
C LEU F 730 -30.96 -44.83 -125.46
N PRO F 731 -31.40 -43.69 -125.94
CA PRO F 731 -32.55 -43.54 -126.80
C PRO F 731 -32.23 -44.17 -128.15
N ALA F 732 -33.23 -44.86 -128.65
CA ALA F 732 -33.07 -45.46 -129.94
C ALA F 732 -33.21 -44.39 -131.02
N ALA F 733 -32.64 -44.73 -132.17
CA ALA F 733 -32.69 -43.85 -133.31
C ALA F 733 -34.13 -43.53 -133.73
N SER F 734 -34.21 -42.32 -134.25
CA SER F 734 -35.41 -41.77 -134.79
C SER F 734 -35.22 -41.93 -136.27
N HIS F 735 -36.31 -42.07 -136.98
CA HIS F 735 -36.15 -42.26 -138.41
C HIS F 735 -36.17 -40.95 -139.11
N ALA F 736 -36.25 -39.93 -138.30
CA ALA F 736 -36.31 -38.63 -138.87
C ALA F 736 -35.87 -37.61 -137.92
N ILE F 737 -35.70 -36.43 -138.44
CA ILE F 737 -35.32 -35.38 -137.57
C ILE F 737 -36.09 -34.15 -137.87
N PRO F 738 -36.26 -33.37 -136.85
CA PRO F 738 -37.05 -32.18 -136.97
C PRO F 738 -36.58 -31.27 -138.07
N HIS F 739 -37.53 -30.51 -138.50
CA HIS F 739 -37.27 -29.64 -139.57
C HIS F 739 -37.40 -28.19 -139.17
N LEU F 740 -36.29 -27.51 -139.32
CA LEU F 740 -36.22 -26.11 -138.95
C LEU F 740 -36.64 -25.10 -139.99
N THR F 741 -37.37 -24.09 -139.62
CA THR F 741 -37.72 -23.12 -140.62
C THR F 741 -37.55 -21.76 -140.06
N THR F 742 -36.91 -20.93 -140.82
CA THR F 742 -36.65 -19.64 -140.30
C THR F 742 -37.36 -18.49 -140.90
N SER F 743 -38.31 -17.95 -140.16
CA SER F 743 -38.97 -16.74 -140.61
C SER F 743 -38.06 -15.59 -140.14
N GLU F 744 -38.56 -14.39 -140.17
CA GLU F 744 -37.72 -13.30 -139.74
C GLU F 744 -38.04 -12.98 -138.32
N MET F 745 -39.25 -13.41 -138.03
CA MET F 745 -39.96 -13.26 -136.78
C MET F 745 -39.74 -14.40 -135.88
N ASP F 746 -39.34 -15.50 -136.47
CA ASP F 746 -39.16 -16.61 -135.61
C ASP F 746 -38.58 -17.80 -136.26
N PHE F 747 -38.57 -18.84 -135.46
CA PHE F 747 -38.07 -20.10 -135.87
C PHE F 747 -39.15 -21.12 -135.67
N CME F 748 -39.28 -22.02 -136.66
CA CME F 748 -40.26 -23.05 -136.61
CB CME F 748 -41.21 -22.96 -137.77
SG CME F 748 -42.67 -22.13 -137.18
SD CME F 748 -43.69 -23.70 -136.62
CE CME F 748 -45.20 -22.83 -136.18
CZ CME F 748 -46.17 -22.73 -137.38
OH CME F 748 -46.10 -21.40 -137.90
C CME F 748 -39.76 -24.43 -136.63
O CME F 748 -39.11 -24.87 -137.58
N ILE F 749 -40.10 -25.17 -135.62
CA ILE F 749 -39.66 -26.52 -135.66
C ILE F 749 -40.82 -27.43 -135.87
N GLU F 750 -40.63 -28.28 -136.84
CA GLU F 750 -41.67 -29.20 -137.14
C GLU F 750 -41.22 -30.61 -137.08
N LEU F 751 -42.17 -31.45 -136.75
CA LEU F 751 -41.91 -32.85 -136.71
C LEU F 751 -43.19 -33.61 -136.54
N GLY F 752 -43.69 -34.11 -137.66
CA GLY F 752 -44.98 -34.79 -137.65
C GLY F 752 -46.04 -33.73 -137.46
N ASN F 753 -47.01 -34.07 -136.63
CA ASN F 753 -48.10 -33.17 -136.26
C ASN F 753 -47.60 -32.07 -135.32
N LYS F 754 -46.47 -32.38 -134.68
CA LYS F 754 -45.86 -31.47 -133.77
C LYS F 754 -45.13 -30.28 -134.38
N ARG F 755 -45.26 -29.15 -133.69
CA ARG F 755 -44.66 -27.90 -134.08
C ARG F 755 -44.37 -26.98 -132.92
N TRP F 756 -43.24 -26.31 -133.03
CA TRP F 756 -42.81 -25.42 -132.00
C TRP F 756 -42.37 -24.12 -132.55
N GLN F 757 -42.78 -23.06 -131.91
CA GLN F 757 -42.31 -21.81 -132.41
C GLN F 757 -41.63 -20.91 -131.40
N PHE F 758 -40.48 -20.39 -131.83
CA PHE F 758 -39.78 -19.49 -130.96
C PHE F 758 -39.78 -18.13 -131.54
N ASN F 759 -40.27 -17.20 -130.78
CA ASN F 759 -40.27 -15.84 -131.27
C ASN F 759 -38.89 -15.27 -131.24
N ARG F 760 -38.51 -14.69 -132.34
CA ARG F 760 -37.19 -14.14 -132.48
C ARG F 760 -36.98 -12.84 -131.79
N GLN F 761 -38.02 -12.14 -131.42
CA GLN F 761 -37.65 -10.91 -130.77
C GLN F 761 -37.69 -11.07 -129.28
N SER F 762 -38.53 -11.99 -128.82
CA SER F 762 -38.68 -12.23 -127.41
C SER F 762 -37.67 -13.24 -126.96
N GLY F 763 -37.34 -14.09 -127.88
CA GLY F 763 -36.42 -15.11 -127.51
C GLY F 763 -37.10 -16.21 -126.71
N PHE F 764 -38.43 -16.30 -126.74
CA PHE F 764 -39.07 -17.36 -126.01
C PHE F 764 -39.83 -18.27 -126.88
N LEU F 765 -40.06 -19.43 -126.31
CA LEU F 765 -40.88 -20.40 -126.96
C LEU F 765 -42.28 -19.81 -126.86
N SER F 766 -42.81 -19.40 -128.00
CA SER F 766 -44.09 -18.73 -128.04
C SER F 766 -45.33 -19.56 -128.22
N GLN F 767 -45.20 -20.66 -128.93
CA GLN F 767 -46.37 -21.47 -129.10
C GLN F 767 -45.94 -22.81 -129.56
N MET F 768 -46.82 -23.73 -129.38
CA MET F 768 -46.57 -25.03 -129.84
C MET F 768 -47.89 -25.71 -130.16
N TRP F 769 -47.85 -26.56 -131.18
CA TRP F 769 -49.04 -27.24 -131.59
C TRP F 769 -48.83 -28.68 -131.67
N ILE F 770 -49.94 -29.30 -131.41
CA ILE F 770 -50.06 -30.71 -131.59
C ILE F 770 -51.19 -30.77 -132.56
N GLY F 771 -50.93 -31.35 -133.71
CA GLY F 771 -51.98 -31.28 -134.68
C GLY F 771 -52.16 -29.79 -134.99
N ASP F 772 -53.39 -29.36 -134.99
CA ASP F 772 -53.74 -27.99 -135.28
C ASP F 772 -54.13 -27.28 -134.02
N LYS F 773 -53.82 -27.92 -132.90
CA LYS F 773 -54.16 -27.35 -131.63
C LYS F 773 -52.99 -26.66 -130.97
N LYS F 774 -53.25 -25.40 -130.66
CA LYS F 774 -52.26 -24.60 -129.98
C LYS F 774 -52.21 -25.11 -128.56
N GLN F 775 -51.07 -24.99 -127.90
CA GLN F 775 -51.04 -25.54 -126.58
C GLN F 775 -50.89 -24.56 -125.46
N LEU F 776 -50.44 -23.37 -125.81
CA LEU F 776 -50.20 -22.38 -124.79
C LEU F 776 -50.90 -21.11 -125.01
N LEU F 777 -51.37 -20.50 -123.92
CA LEU F 777 -51.95 -19.18 -124.01
C LEU F 777 -50.88 -18.15 -123.69
N THR F 778 -49.82 -18.62 -123.07
CA THR F 778 -48.73 -17.76 -122.71
C THR F 778 -47.43 -18.46 -122.99
N PRO F 779 -46.48 -17.68 -123.45
CA PRO F 779 -45.14 -18.17 -123.75
C PRO F 779 -44.41 -18.65 -122.49
N LEU F 780 -43.51 -19.57 -122.68
CA LEU F 780 -42.76 -20.13 -121.60
C LEU F 780 -41.67 -19.18 -121.19
N ARG F 781 -41.64 -18.80 -119.91
CA ARG F 781 -40.56 -17.92 -119.54
C ARG F 781 -40.12 -17.99 -118.12
N ASP F 782 -38.93 -17.42 -117.93
CA ASP F 782 -38.32 -17.44 -116.64
C ASP F 782 -39.15 -16.68 -115.68
N GLN F 783 -39.05 -17.16 -114.45
CA GLN F 783 -39.74 -16.54 -113.37
C GLN F 783 -38.89 -16.52 -112.12
N PHE F 784 -38.74 -15.34 -111.54
CA PHE F 784 -37.95 -15.22 -110.33
C PHE F 784 -38.69 -14.79 -109.08
N THR F 785 -40.00 -14.64 -109.16
CA THR F 785 -40.70 -14.16 -107.99
C THR F 785 -41.88 -15.04 -107.62
N ARG F 786 -42.49 -14.64 -106.50
CA ARG F 786 -43.71 -15.30 -106.05
C ARG F 786 -44.71 -14.32 -105.46
N ALA F 787 -45.98 -14.75 -105.45
CA ALA F 787 -47.05 -14.02 -104.82
C ALA F 787 -46.76 -14.21 -103.35
N PRO F 788 -46.35 -13.11 -102.72
CA PRO F 788 -45.91 -13.06 -101.34
C PRO F 788 -46.76 -13.79 -100.37
N LEU F 789 -46.06 -14.43 -99.47
CA LEU F 789 -46.71 -15.15 -98.41
C LEU F 789 -46.87 -14.20 -97.27
N ASP F 790 -47.74 -14.62 -96.39
CA ASP F 790 -47.89 -13.80 -95.22
C ASP F 790 -46.53 -13.54 -94.61
N ASN F 791 -45.77 -14.63 -94.47
CA ASN F 791 -44.44 -14.53 -93.94
C ASN F 791 -43.56 -13.58 -94.75
N ASP F 792 -43.74 -13.51 -96.09
CA ASP F 792 -42.89 -12.62 -96.89
C ASP F 792 -43.18 -11.17 -96.68
N ILE F 793 -44.43 -10.98 -96.32
CA ILE F 793 -44.92 -9.65 -96.12
C ILE F 793 -44.54 -9.13 -94.77
N GLY F 794 -44.65 -10.04 -93.83
CA GLY F 794 -44.26 -9.88 -92.47
C GLY F 794 -44.57 -8.58 -91.76
N VAL F 795 -45.83 -8.45 -91.42
CA VAL F 795 -46.25 -7.35 -90.60
C VAL F 795 -47.18 -7.92 -89.54
N SER F 796 -47.10 -7.38 -88.32
CA SER F 796 -47.95 -7.82 -87.20
C SER F 796 -49.03 -6.77 -86.86
N GLU F 797 -48.73 -5.55 -87.28
CA GLU F 797 -49.56 -4.38 -87.11
C GLU F 797 -49.66 -3.70 -88.45
N ALA F 798 -50.91 -3.59 -88.92
CA ALA F 798 -51.23 -2.95 -90.20
C ALA F 798 -50.44 -1.66 -90.51
N THR F 799 -50.20 -0.93 -89.41
CA THR F 799 -49.51 0.34 -89.26
C THR F 799 -48.02 0.35 -89.61
N ARG F 800 -47.32 -0.65 -89.05
CA ARG F 800 -45.88 -0.77 -89.20
C ARG F 800 -45.39 -1.73 -90.25
N ILE F 801 -44.72 -1.13 -91.27
CA ILE F 801 -44.08 -1.83 -92.40
C ILE F 801 -42.57 -2.03 -92.19
N ASP F 802 -42.08 -3.22 -92.57
CA ASP F 802 -40.69 -3.58 -92.39
C ASP F 802 -39.94 -3.57 -93.71
N PRO F 803 -39.11 -2.57 -93.83
CA PRO F 803 -38.28 -2.42 -94.99
C PRO F 803 -37.42 -3.67 -95.21
N ASN F 804 -37.32 -4.47 -94.17
CA ASN F 804 -36.56 -5.69 -94.22
C ASN F 804 -37.35 -6.90 -94.64
N ALA F 805 -38.64 -6.71 -94.73
CA ALA F 805 -39.43 -7.81 -95.18
C ALA F 805 -38.99 -8.14 -96.58
N TRP F 806 -39.01 -9.43 -96.84
CA TRP F 806 -38.64 -9.96 -98.12
C TRP F 806 -39.31 -9.20 -99.21
N VAL F 807 -40.61 -9.13 -99.04
CA VAL F 807 -41.37 -8.48 -100.05
C VAL F 807 -40.92 -7.06 -100.31
N GLU F 808 -40.61 -6.41 -99.22
CA GLU F 808 -40.16 -5.05 -99.29
C GLU F 808 -38.90 -4.97 -100.09
N ARG F 809 -38.03 -5.87 -99.76
CA ARG F 809 -36.78 -5.90 -100.46
C ARG F 809 -36.90 -6.24 -101.93
N TRP F 810 -37.75 -7.22 -102.20
CA TRP F 810 -37.92 -7.67 -103.55
C TRP F 810 -38.46 -6.58 -104.40
N LYS F 811 -39.39 -5.87 -103.79
CA LYS F 811 -40.05 -4.80 -104.49
C LYS F 811 -39.05 -3.73 -104.86
N ALA F 812 -38.41 -3.30 -103.82
CA ALA F 812 -37.43 -2.26 -103.95
C ALA F 812 -36.32 -2.60 -104.92
N ALA F 813 -36.07 -3.88 -105.06
CA ALA F 813 -35.02 -4.31 -105.94
C ALA F 813 -35.46 -4.33 -107.38
N GLY F 814 -36.79 -4.32 -107.58
CA GLY F 814 -37.34 -4.31 -108.92
C GLY F 814 -37.58 -5.71 -109.40
N HIS F 815 -37.50 -6.64 -108.48
CA HIS F 815 -37.71 -8.01 -108.88
C HIS F 815 -39.03 -8.19 -109.56
N TYR F 816 -39.98 -7.49 -109.00
CA TYR F 816 -41.31 -7.61 -109.51
C TYR F 816 -41.52 -6.92 -110.81
N GLN F 817 -40.60 -6.04 -111.16
CA GLN F 817 -40.80 -5.36 -112.42
C GLN F 817 -39.60 -5.26 -113.35
N ALA F 818 -38.75 -6.26 -113.27
CA ALA F 818 -37.62 -6.21 -114.13
C ALA F 818 -38.04 -6.64 -115.48
N GLU F 819 -37.28 -6.09 -116.41
CA GLU F 819 -37.44 -6.24 -117.81
C GLU F 819 -36.42 -7.16 -118.41
N ALA F 820 -36.95 -8.16 -119.10
CA ALA F 820 -36.05 -9.06 -119.79
C ALA F 820 -35.47 -8.45 -121.05
N ALA F 821 -34.25 -8.82 -121.37
CA ALA F 821 -33.58 -8.32 -122.55
C ALA F 821 -32.89 -9.46 -123.30
N LEU F 822 -33.22 -9.62 -124.57
CA LEU F 822 -32.59 -10.67 -125.32
C LEU F 822 -31.16 -10.33 -125.63
N LEU F 823 -30.29 -11.18 -125.21
CA LEU F 823 -28.91 -10.98 -125.48
C LEU F 823 -28.58 -11.79 -126.69
N GLN F 824 -29.28 -12.91 -126.83
CA GLN F 824 -29.00 -13.76 -127.94
C GLN F 824 -29.95 -14.91 -128.11
N CYS F 825 -30.14 -15.27 -129.38
CA CYS F 825 -31.05 -16.34 -129.75
C CYS F 825 -30.59 -16.97 -131.01
N THR F 826 -30.27 -18.25 -130.98
CA THR F 826 -29.79 -18.89 -132.18
C THR F 826 -30.31 -20.28 -132.38
N ALA F 827 -30.30 -20.62 -133.65
CA ALA F 827 -30.79 -21.92 -134.05
C ALA F 827 -29.79 -22.63 -134.89
N ASP F 828 -29.75 -23.95 -134.73
CA ASP F 828 -28.77 -24.75 -135.43
C ASP F 828 -29.26 -26.17 -135.63
N THR F 829 -28.82 -26.73 -136.73
CA THR F 829 -29.20 -28.07 -137.03
C THR F 829 -28.08 -29.02 -136.90
N LEU F 830 -28.38 -29.96 -136.06
CA LEU F 830 -27.46 -31.00 -135.78
C LEU F 830 -27.89 -32.22 -136.52
N ALA F 831 -27.05 -33.19 -136.43
CA ALA F 831 -27.35 -34.42 -137.09
C ALA F 831 -28.61 -35.08 -136.62
N ASP F 832 -28.87 -34.96 -135.34
CA ASP F 832 -30.00 -35.70 -134.77
C ASP F 832 -31.02 -34.84 -134.16
N ALA F 833 -30.78 -33.55 -134.25
CA ALA F 833 -31.72 -32.65 -133.65
C ALA F 833 -31.50 -31.22 -134.04
N VAL F 834 -32.43 -30.44 -133.52
CA VAL F 834 -32.37 -29.02 -133.67
C VAL F 834 -32.03 -28.41 -132.31
N LEU F 835 -31.19 -27.38 -132.40
CA LEU F 835 -30.71 -26.74 -131.23
C LEU F 835 -30.92 -25.25 -131.16
N ILE F 836 -31.58 -24.85 -130.09
CA ILE F 836 -31.85 -23.46 -129.86
C ILE F 836 -31.13 -22.93 -128.68
N THR F 837 -30.60 -21.74 -128.90
CA THR F 837 -29.85 -21.12 -127.85
C THR F 837 -30.22 -19.69 -127.55
N THR F 838 -30.52 -19.44 -126.28
CA THR F 838 -30.87 -18.09 -125.87
C THR F 838 -30.14 -17.59 -124.65
N ALA F 839 -30.21 -16.28 -124.52
CA ALA F 839 -29.63 -15.64 -123.38
C ALA F 839 -30.34 -14.37 -123.15
N HIS F 840 -30.82 -14.20 -121.94
CA HIS F 840 -31.51 -12.99 -121.58
C HIS F 840 -30.96 -12.41 -120.32
N ALA F 841 -31.21 -11.12 -120.18
CA ALA F 841 -30.83 -10.42 -119.00
C ALA F 841 -32.01 -9.69 -118.40
N TRP F 842 -32.14 -9.73 -117.08
CA TRP F 842 -33.20 -8.96 -116.49
C TRP F 842 -32.57 -7.80 -115.80
N GLN F 843 -33.08 -6.64 -116.16
CA GLN F 843 -32.53 -5.46 -115.55
C GLN F 843 -33.56 -4.59 -114.96
N HIS F 844 -33.02 -3.67 -114.20
CA HIS F 844 -33.84 -2.71 -113.54
C HIS F 844 -33.04 -1.49 -113.22
N GLN F 845 -33.40 -0.41 -113.89
CA GLN F 845 -32.67 0.80 -113.67
C GLN F 845 -31.19 0.64 -113.88
N GLY F 846 -30.86 -0.07 -114.95
CA GLY F 846 -29.47 -0.23 -115.30
C GLY F 846 -28.77 -1.35 -114.57
N LYS F 847 -29.44 -1.94 -113.60
CA LYS F 847 -28.77 -3.02 -112.96
C LYS F 847 -29.25 -4.33 -113.54
N THR F 848 -28.29 -5.21 -113.74
CA THR F 848 -28.65 -6.52 -114.23
C THR F 848 -28.78 -7.41 -113.02
N LEU F 849 -29.99 -7.93 -112.82
CA LEU F 849 -30.27 -8.78 -111.69
C LEU F 849 -30.00 -10.20 -112.01
N PHE F 850 -30.44 -10.60 -113.18
CA PHE F 850 -30.22 -11.96 -113.54
C PHE F 850 -29.94 -12.14 -114.96
N ILE F 851 -29.28 -13.25 -115.17
CA ILE F 851 -28.98 -13.71 -116.47
C ILE F 851 -29.40 -15.15 -116.60
N SER F 852 -30.13 -15.36 -117.67
CA SER F 852 -30.61 -16.66 -117.98
C SER F 852 -30.13 -17.15 -119.34
N ARG F 853 -29.49 -18.30 -119.30
CA ARG F 853 -28.98 -18.89 -120.51
C ARG F 853 -29.55 -20.28 -120.74
N LYS F 854 -30.15 -20.45 -121.91
CA LYS F 854 -30.75 -21.74 -122.18
C LYS F 854 -30.37 -22.39 -123.48
N THR F 855 -30.78 -23.64 -123.52
CA THR F 855 -30.68 -24.49 -124.69
C THR F 855 -31.88 -25.36 -124.75
N TYR F 856 -32.34 -25.43 -125.97
CA TYR F 856 -33.46 -26.25 -126.23
C TYR F 856 -33.05 -27.18 -127.31
N ARG F 857 -33.31 -28.44 -127.03
CA ARG F 857 -32.95 -29.40 -128.00
C ARG F 857 -34.03 -30.39 -128.29
N ILE F 858 -34.42 -30.36 -129.56
CA ILE F 858 -35.47 -31.20 -130.11
C ILE F 858 -34.98 -32.23 -131.04
N ASP F 859 -35.32 -33.44 -130.68
CA ASP F 859 -34.89 -34.56 -131.43
C ASP F 859 -35.99 -35.25 -132.18
N GLY F 860 -35.53 -36.27 -132.86
CA GLY F 860 -36.36 -37.08 -133.69
C GLY F 860 -37.44 -37.79 -132.93
N SER F 861 -37.28 -37.88 -131.64
CA SER F 861 -38.31 -38.55 -130.88
C SER F 861 -39.37 -37.56 -130.46
N GLY F 862 -39.16 -36.27 -130.77
CA GLY F 862 -40.13 -35.25 -130.44
C GLY F 862 -40.07 -34.81 -128.97
N GLN F 863 -38.88 -34.92 -128.41
CA GLN F 863 -38.72 -34.49 -127.07
C GLN F 863 -37.94 -33.24 -127.03
N MET F 864 -38.36 -32.42 -126.11
CA MET F 864 -37.68 -31.18 -125.95
C MET F 864 -36.99 -31.09 -124.63
N ALA F 865 -35.70 -30.93 -124.77
CA ALA F 865 -34.87 -30.85 -123.62
C ALA F 865 -34.39 -29.44 -123.40
N ILE F 866 -34.60 -29.05 -122.17
CA ILE F 866 -34.25 -27.74 -121.77
C ILE F 866 -33.21 -27.66 -120.72
N THR F 867 -32.37 -26.72 -120.95
CA THR F 867 -31.33 -26.53 -120.04
C THR F 867 -31.24 -25.09 -119.64
N VAL F 868 -31.24 -24.91 -118.33
CA VAL F 868 -31.20 -23.58 -117.79
C VAL F 868 -30.07 -23.35 -116.85
N ASP F 869 -29.44 -22.20 -117.08
CA ASP F 869 -28.36 -21.77 -116.25
C ASP F 869 -28.52 -20.31 -115.96
N VAL F 870 -28.66 -20.05 -114.66
CA VAL F 870 -28.87 -18.72 -114.17
C VAL F 870 -27.77 -18.17 -113.27
N GLU F 871 -27.56 -16.89 -113.48
CA GLU F 871 -26.63 -16.14 -112.71
C GLU F 871 -27.44 -15.07 -112.00
N VAL F 872 -27.17 -14.90 -110.70
CA VAL F 872 -27.81 -13.90 -109.87
C VAL F 872 -26.82 -12.96 -109.22
N ALA F 873 -27.08 -11.67 -109.36
CA ALA F 873 -26.20 -10.68 -108.78
C ALA F 873 -26.13 -10.87 -107.31
N SER F 874 -24.91 -10.96 -106.88
CA SER F 874 -24.62 -11.18 -105.49
C SER F 874 -25.26 -10.11 -104.62
N ASP F 875 -25.38 -8.93 -105.18
CA ASP F 875 -25.93 -7.86 -104.41
C ASP F 875 -27.40 -7.63 -104.55
N THR F 876 -28.09 -8.57 -105.15
CA THR F 876 -29.50 -8.41 -105.16
C THR F 876 -30.05 -9.35 -104.10
N PRO F 877 -31.22 -9.08 -103.60
CA PRO F 877 -31.81 -9.94 -102.62
C PRO F 877 -32.11 -11.27 -103.24
N HIS F 878 -31.92 -12.32 -102.46
CA HIS F 878 -32.18 -13.62 -102.98
C HIS F 878 -33.61 -13.69 -103.34
N PRO F 879 -33.79 -14.17 -104.51
CA PRO F 879 -35.06 -14.34 -105.15
C PRO F 879 -35.81 -15.49 -104.55
N ALA F 880 -37.10 -15.36 -104.68
CA ALA F 880 -38.05 -16.31 -104.17
C ALA F 880 -37.96 -17.63 -104.86
N ARG F 881 -37.63 -17.56 -106.12
CA ARG F 881 -37.57 -18.82 -106.83
C ARG F 881 -36.85 -18.66 -108.13
N ILE F 882 -36.59 -19.80 -108.74
CA ILE F 882 -35.90 -19.87 -110.03
C ILE F 882 -36.51 -20.97 -110.85
N GLY F 883 -37.29 -20.51 -111.82
CA GLY F 883 -37.98 -21.43 -112.67
C GLY F 883 -38.59 -20.77 -113.86
N LEU F 884 -39.56 -21.49 -114.38
CA LEU F 884 -40.25 -21.00 -115.53
C LEU F 884 -41.70 -21.11 -115.37
N ASN F 885 -42.35 -20.47 -116.29
CA ASN F 885 -43.78 -20.56 -116.27
C ASN F 885 -44.45 -20.25 -117.58
N CYS F 886 -45.69 -20.67 -117.61
CA CYS F 886 -46.48 -20.45 -118.78
C CYS F 886 -47.93 -20.82 -118.51
N GLN F 887 -48.77 -20.31 -119.40
CA GLN F 887 -50.16 -20.61 -119.29
C GLN F 887 -50.55 -21.60 -120.36
N LEU F 888 -50.96 -22.76 -119.92
CA LEU F 888 -51.39 -23.71 -120.92
C LEU F 888 -52.82 -23.51 -121.29
N ALA F 889 -53.04 -23.78 -122.54
CA ALA F 889 -54.36 -23.68 -123.13
C ALA F 889 -55.33 -24.71 -122.57
N GLN F 890 -54.82 -25.87 -122.36
CA GLN F 890 -55.59 -26.98 -121.88
C GLN F 890 -55.94 -26.91 -120.40
N VAL F 891 -56.97 -27.66 -120.08
CA VAL F 891 -57.45 -27.81 -118.74
C VAL F 891 -57.90 -29.23 -118.50
N ALA F 892 -57.31 -29.92 -117.54
CA ALA F 892 -57.65 -31.30 -117.27
C ALA F 892 -58.16 -31.57 -115.86
N GLU F 893 -58.56 -32.79 -115.64
CA GLU F 893 -59.14 -33.19 -114.37
C GLU F 893 -58.16 -33.58 -113.29
N ARG F 894 -57.24 -34.40 -113.70
CA ARG F 894 -56.27 -34.92 -112.81
C ARG F 894 -54.88 -34.40 -113.04
N VAL F 895 -54.08 -34.71 -112.03
CA VAL F 895 -52.70 -34.36 -111.97
C VAL F 895 -51.97 -35.53 -111.42
N ASN F 896 -50.95 -35.89 -112.12
CA ASN F 896 -50.26 -37.06 -111.69
C ASN F 896 -48.79 -36.81 -111.69
N TRP F 897 -48.19 -37.20 -110.58
CA TRP F 897 -46.78 -37.00 -110.51
C TRP F 897 -46.09 -37.97 -109.65
N LEU F 898 -44.81 -37.98 -109.89
CA LEU F 898 -43.90 -38.79 -109.16
C LEU F 898 -42.94 -37.85 -108.45
N GLY F 899 -43.21 -37.73 -107.18
CA GLY F 899 -42.46 -36.86 -106.32
C GLY F 899 -43.06 -36.88 -104.92
N LEU F 900 -42.84 -35.79 -104.22
CA LEU F 900 -43.29 -35.67 -102.87
C LEU F 900 -44.71 -35.29 -102.78
N GLY F 901 -45.43 -36.02 -101.97
CA GLY F 901 -46.81 -35.71 -101.83
C GLY F 901 -47.39 -36.44 -100.66
N PRO F 902 -48.68 -36.35 -100.61
CA PRO F 902 -49.45 -35.67 -101.63
C PRO F 902 -49.79 -34.25 -101.33
N GLN F 903 -49.59 -33.80 -100.12
CA GLN F 903 -49.93 -32.41 -99.90
C GLN F 903 -48.90 -31.39 -100.31
N GLU F 904 -49.38 -30.17 -100.31
CA GLU F 904 -48.54 -29.02 -100.58
C GLU F 904 -47.30 -29.12 -99.69
N ASN F 905 -46.13 -28.89 -100.27
CA ASN F 905 -44.89 -28.97 -99.52
C ASN F 905 -43.83 -28.02 -100.03
N TYR F 906 -43.11 -27.48 -99.09
CA TYR F 906 -42.07 -26.55 -99.41
C TYR F 906 -40.75 -27.05 -98.86
N PRO F 907 -39.73 -26.47 -99.38
CA PRO F 907 -38.39 -26.84 -99.05
C PRO F 907 -38.13 -26.93 -97.58
N ASP F 908 -38.61 -25.95 -96.82
CA ASP F 908 -38.41 -26.00 -95.37
C ASP F 908 -39.64 -26.56 -94.67
N ARG F 909 -40.50 -27.18 -95.45
CA ARG F 909 -41.67 -27.81 -94.87
C ARG F 909 -42.06 -29.00 -95.72
N LEU F 910 -41.28 -30.06 -95.63
CA LEU F 910 -41.57 -31.22 -96.47
C LEU F 910 -41.22 -32.56 -95.84
N THR F 911 -40.96 -32.53 -94.55
CA THR F 911 -40.62 -33.78 -93.93
C THR F 911 -41.79 -34.71 -93.85
N ALA F 912 -42.99 -34.18 -93.80
CA ALA F 912 -44.10 -35.09 -93.67
C ALA F 912 -44.47 -35.73 -95.00
N ALA F 913 -43.96 -35.12 -96.06
CA ALA F 913 -44.28 -35.63 -97.40
C ALA F 913 -43.57 -36.90 -97.79
N CME F 914 -44.25 -37.63 -98.69
CA CME F 914 -43.72 -38.84 -99.22
CB CME F 914 -44.37 -40.09 -98.73
SG CME F 914 -44.06 -40.26 -96.97
SD CME F 914 -45.69 -41.24 -96.54
CE CME F 914 -46.91 -39.94 -96.89
CZ CME F 914 -48.31 -40.48 -96.58
OH CME F 914 -48.21 -41.88 -96.25
C CME F 914 -43.49 -38.87 -100.69
O CME F 914 -44.20 -38.32 -101.54
N PHE F 915 -42.42 -39.53 -100.97
CA PHE F 915 -42.04 -39.67 -102.33
C PHE F 915 -42.75 -40.84 -102.91
N ASP F 916 -43.63 -40.54 -103.84
CA ASP F 916 -44.35 -41.62 -104.46
C ASP F 916 -45.00 -41.12 -105.72
N ARG F 917 -45.93 -41.93 -106.17
CA ARG F 917 -46.71 -41.54 -107.30
C ARG F 917 -48.06 -41.08 -106.87
N TRP F 918 -48.36 -39.84 -107.17
CA TRP F 918 -49.60 -39.27 -106.76
C TRP F 918 -50.46 -38.86 -107.93
N ASP F 919 -51.76 -38.95 -107.67
CA ASP F 919 -52.77 -38.58 -108.62
C ASP F 919 -53.93 -37.92 -107.92
N LEU F 920 -54.16 -36.68 -108.29
CA LEU F 920 -55.24 -35.93 -107.72
C LEU F 920 -55.89 -35.09 -108.77
N PRO F 921 -56.98 -34.56 -108.34
CA PRO F 921 -57.73 -33.65 -109.09
C PRO F 921 -57.10 -32.32 -108.92
N LEU F 922 -57.12 -31.67 -110.03
CA LEU F 922 -56.58 -30.37 -110.16
C LEU F 922 -56.94 -29.48 -109.00
N SER F 923 -58.18 -29.62 -108.57
CA SER F 923 -58.62 -28.78 -107.46
C SER F 923 -57.72 -28.89 -106.25
N ASP F 924 -57.32 -30.11 -106.00
CA ASP F 924 -56.50 -30.39 -104.86
C ASP F 924 -55.10 -29.79 -104.96
N MET F 925 -54.76 -29.34 -106.15
CA MET F 925 -53.47 -28.76 -106.30
C MET F 925 -53.46 -27.31 -105.91
N TYR F 926 -54.55 -26.89 -105.29
CA TYR F 926 -54.61 -25.51 -104.87
C TYR F 926 -55.02 -25.35 -103.42
N THR F 927 -54.31 -24.45 -102.74
CA THR F 927 -54.53 -24.18 -101.34
C THR F 927 -55.17 -22.81 -101.17
N PRO F 928 -56.41 -22.90 -100.79
CA PRO F 928 -57.34 -21.80 -100.56
C PRO F 928 -57.07 -21.00 -99.29
N TYR F 929 -55.86 -20.54 -99.16
CA TYR F 929 -55.56 -19.73 -98.02
C TYR F 929 -56.49 -18.54 -98.11
N VAL F 930 -57.18 -18.19 -97.03
CA VAL F 930 -58.09 -17.06 -97.08
C VAL F 930 -57.46 -15.82 -97.69
N PHE F 931 -56.30 -15.52 -97.21
CA PHE F 931 -55.59 -14.43 -97.81
C PHE F 931 -54.69 -15.13 -98.82
N PRO F 932 -54.91 -14.85 -100.07
CA PRO F 932 -54.20 -15.57 -101.10
C PRO F 932 -52.77 -15.15 -101.35
N SER F 933 -51.97 -16.18 -101.75
CA SER F 933 -50.55 -16.09 -102.10
C SER F 933 -50.03 -17.38 -102.79
N GLU F 934 -48.72 -17.39 -103.12
CA GLU F 934 -48.09 -18.57 -103.67
C GLU F 934 -48.47 -19.80 -102.84
N ASN F 935 -48.94 -20.89 -103.45
CA ASN F 935 -49.33 -22.08 -102.68
C ASN F 935 -49.34 -23.30 -103.58
N GLY F 936 -49.66 -24.44 -102.99
CA GLY F 936 -49.77 -25.69 -103.73
C GLY F 936 -48.50 -26.35 -104.20
N LEU F 937 -47.36 -25.74 -103.98
CA LEU F 937 -46.16 -26.38 -104.42
C LEU F 937 -45.92 -27.82 -103.94
N ARG F 938 -45.28 -28.55 -104.82
CA ARG F 938 -44.78 -29.88 -104.51
C ARG F 938 -43.35 -29.97 -105.00
N CYS F 939 -42.51 -30.49 -104.14
CA CYS F 939 -41.10 -30.60 -104.40
C CYS F 939 -40.68 -32.00 -104.73
N GLY F 940 -39.40 -32.07 -105.14
CA GLY F 940 -38.72 -33.29 -105.46
C GLY F 940 -39.44 -34.16 -106.45
N THR F 941 -39.83 -33.49 -107.50
CA THR F 941 -40.57 -34.12 -108.52
C THR F 941 -39.70 -34.43 -109.68
N ARG F 942 -39.93 -35.65 -110.13
CA ARG F 942 -39.18 -36.15 -111.23
C ARG F 942 -39.94 -36.32 -112.50
N GLU F 943 -41.25 -36.48 -112.34
CA GLU F 943 -42.14 -36.67 -113.46
C GLU F 943 -43.48 -36.10 -113.12
N LEU F 944 -43.96 -35.32 -114.07
CA LEU F 944 -45.23 -34.65 -113.96
C LEU F 944 -46.03 -34.81 -115.23
N ASN F 945 -47.30 -35.15 -115.04
CA ASN F 945 -48.25 -35.41 -116.11
C ASN F 945 -49.53 -34.64 -116.06
N TYR F 946 -49.81 -33.95 -117.15
CA TYR F 946 -51.03 -33.18 -117.24
C TYR F 946 -51.45 -33.10 -118.68
N GLY F 947 -52.59 -33.70 -118.93
CA GLY F 947 -53.06 -33.77 -120.28
C GLY F 947 -52.18 -34.75 -121.04
N PRO F 948 -51.88 -34.32 -122.24
CA PRO F 948 -51.02 -35.00 -123.17
C PRO F 948 -49.57 -34.74 -122.81
N HIS F 949 -49.36 -33.84 -121.85
CA HIS F 949 -48.04 -33.48 -121.44
C HIS F 949 -47.41 -34.25 -120.35
N GLN F 950 -46.10 -34.21 -120.50
CA GLN F 950 -45.24 -34.83 -119.55
C GLN F 950 -43.93 -34.09 -119.42
N TRP F 951 -43.56 -33.93 -118.17
CA TRP F 951 -42.33 -33.29 -117.87
C TRP F 951 -41.49 -34.14 -116.97
N ARG F 952 -40.21 -34.12 -117.28
CA ARG F 952 -39.30 -34.89 -116.48
C ARG F 952 -38.07 -34.12 -116.18
N GLY F 953 -37.61 -34.42 -114.97
CA GLY F 953 -36.42 -33.83 -114.41
C GLY F 953 -36.38 -33.92 -112.92
N ASP F 954 -35.97 -32.83 -112.34
CA ASP F 954 -35.93 -32.79 -110.90
C ASP F 954 -36.36 -31.41 -110.46
N PHE F 955 -37.65 -31.28 -110.21
CA PHE F 955 -38.07 -29.95 -109.88
C PHE F 955 -39.18 -29.97 -108.89
N GLN F 956 -39.67 -28.74 -108.73
CA GLN F 956 -40.81 -28.45 -107.91
C GLN F 956 -41.74 -27.71 -108.79
N PHE F 957 -43.01 -27.86 -108.48
CA PHE F 957 -43.97 -27.17 -109.27
C PHE F 957 -45.27 -26.94 -108.54
N ASN F 958 -46.06 -26.15 -109.21
CA ASN F 958 -47.41 -25.89 -108.81
C ASN F 958 -48.24 -25.69 -110.06
N ILE F 959 -49.52 -25.92 -109.89
CA ILE F 959 -50.41 -25.81 -111.02
C ILE F 959 -51.84 -25.54 -110.62
N SER F 960 -52.40 -24.54 -111.24
CA SER F 960 -53.76 -24.10 -110.93
C SER F 960 -54.29 -23.16 -111.99
N ARG F 961 -55.42 -22.51 -111.68
CA ARG F 961 -56.02 -21.56 -112.61
C ARG F 961 -55.77 -20.15 -112.26
N TYR F 962 -54.79 -19.91 -111.42
CA TYR F 962 -54.60 -18.54 -111.08
C TYR F 962 -53.20 -18.12 -111.31
N SER F 963 -53.04 -16.98 -111.92
CA SER F 963 -51.73 -16.48 -112.13
C SER F 963 -51.22 -16.01 -110.78
N GLN F 964 -49.89 -15.94 -110.71
CA GLN F 964 -49.26 -15.42 -109.52
C GLN F 964 -49.72 -13.98 -109.37
N GLN F 965 -49.85 -13.33 -110.49
CA GLN F 965 -50.30 -11.97 -110.44
C GLN F 965 -51.67 -11.80 -109.86
N GLN F 966 -52.58 -12.67 -110.28
CA GLN F 966 -53.90 -12.60 -109.75
C GLN F 966 -53.85 -12.75 -108.25
N LEU F 967 -53.15 -13.78 -107.82
CA LEU F 967 -53.03 -14.06 -106.40
C LEU F 967 -52.49 -12.92 -105.60
N MET F 968 -51.49 -12.37 -106.22
CA MET F 968 -50.83 -11.32 -105.57
C MET F 968 -51.70 -10.12 -105.48
N GLU F 969 -52.62 -9.98 -106.41
CA GLU F 969 -53.45 -8.81 -106.41
C GLU F 969 -54.78 -8.92 -105.73
N THR F 970 -55.22 -10.11 -105.41
CA THR F 970 -56.48 -10.36 -104.72
C THR F 970 -56.32 -10.56 -103.22
N SER F 971 -57.11 -9.85 -102.46
CA SER F 971 -57.04 -9.94 -101.00
C SER F 971 -57.86 -11.05 -100.37
N HIS F 972 -58.82 -11.60 -101.09
CA HIS F 972 -59.58 -12.64 -100.44
C HIS F 972 -59.80 -13.75 -101.38
N ARG F 973 -59.79 -14.93 -100.82
CA ARG F 973 -59.99 -16.10 -101.63
C ARG F 973 -61.25 -16.05 -102.49
N HIS F 974 -62.31 -15.53 -101.90
CA HIS F 974 -63.60 -15.48 -102.56
C HIS F 974 -63.60 -14.65 -103.84
N LEU F 975 -62.67 -13.73 -103.94
CA LEU F 975 -62.54 -12.92 -105.15
C LEU F 975 -61.72 -13.51 -106.31
N LEU F 976 -61.17 -14.68 -106.14
CA LEU F 976 -60.42 -15.11 -107.29
C LEU F 976 -61.34 -15.83 -108.20
N HIS F 977 -60.96 -15.81 -109.45
CA HIS F 977 -61.70 -16.49 -110.46
C HIS F 977 -60.74 -17.21 -111.36
N ALA F 978 -61.16 -18.38 -111.79
CA ALA F 978 -60.28 -19.12 -112.65
C ALA F 978 -59.89 -18.36 -113.89
N GLU F 979 -58.66 -18.55 -114.30
CA GLU F 979 -58.20 -17.90 -115.48
C GLU F 979 -58.43 -18.84 -116.64
N GLU F 980 -58.16 -18.34 -117.83
CA GLU F 980 -58.39 -19.09 -119.02
C GLU F 980 -57.93 -20.54 -119.15
N GLY F 981 -56.69 -20.86 -118.89
CA GLY F 981 -56.32 -22.25 -119.06
C GLY F 981 -55.78 -22.78 -117.76
N THR F 982 -54.58 -23.29 -117.83
CA THR F 982 -53.91 -23.77 -116.66
C THR F 982 -52.56 -23.10 -116.52
N TRP F 983 -52.33 -22.56 -115.33
CA TRP F 983 -51.06 -21.94 -115.03
C TRP F 983 -50.11 -22.93 -114.41
N LEU F 984 -48.93 -22.91 -114.99
CA LEU F 984 -47.92 -23.82 -114.55
C LEU F 984 -46.62 -23.17 -114.19
N ASN F 985 -46.22 -23.50 -112.97
CA ASN F 985 -44.97 -23.02 -112.46
C ASN F 985 -44.05 -24.17 -112.16
N ILE F 986 -42.92 -24.13 -112.87
CA ILE F 986 -41.86 -25.10 -112.72
C ILE F 986 -40.59 -24.47 -112.25
N ASP F 987 -40.27 -24.90 -111.05
CA ASP F 987 -39.14 -24.39 -110.36
C ASP F 987 -38.00 -25.34 -110.26
N GLY F 988 -36.87 -24.75 -110.63
CA GLY F 988 -35.64 -25.46 -110.47
C GLY F 988 -35.28 -25.34 -108.98
N PHE F 989 -35.62 -24.18 -108.44
CA PHE F 989 -35.37 -23.89 -107.07
C PHE F 989 -36.39 -22.94 -106.53
N HIS F 990 -36.60 -23.10 -105.23
CA HIS F 990 -37.56 -22.27 -104.56
C HIS F 990 -37.18 -21.99 -103.12
N MET F 991 -37.32 -20.75 -102.74
CA MET F 991 -37.00 -20.30 -101.40
C MET F 991 -37.89 -20.93 -100.34
N GLY F 992 -37.37 -21.07 -99.14
CA GLY F 992 -38.14 -21.63 -98.03
C GLY F 992 -39.26 -20.65 -97.67
N ILE F 993 -40.15 -21.06 -96.78
CA ILE F 993 -41.27 -20.20 -96.41
C ILE F 993 -41.19 -19.58 -95.04
N GLY F 994 -40.38 -20.16 -94.15
CA GLY F 994 -40.24 -19.59 -92.82
C GLY F 994 -41.45 -19.80 -91.94
N GLY F 995 -41.49 -18.97 -90.90
CA GLY F 995 -42.59 -19.01 -89.97
C GLY F 995 -42.20 -18.94 -88.50
N ASP F 996 -40.91 -18.78 -88.21
CA ASP F 996 -40.47 -18.72 -86.81
C ASP F 996 -41.27 -17.67 -86.10
N ASP F 997 -41.66 -16.69 -86.93
CA ASP F 997 -42.53 -15.59 -86.62
C ASP F 997 -42.93 -15.00 -87.92
N SER F 998 -43.98 -14.23 -87.88
CA SER F 998 -44.43 -13.68 -89.14
C SER F 998 -44.27 -12.20 -89.21
N TRP F 999 -43.32 -11.63 -88.52
CA TRP F 999 -43.20 -10.21 -88.63
C TRP F 999 -41.77 -9.79 -88.70
N SER F 1000 -41.03 -10.73 -89.23
CA SER F 1000 -39.63 -10.63 -89.50
C SER F 1000 -39.28 -11.78 -90.39
N PRO F 1001 -38.11 -11.59 -90.97
CA PRO F 1001 -37.48 -12.53 -91.87
C PRO F 1001 -37.13 -13.75 -91.03
N SER F 1002 -37.77 -14.84 -91.38
CA SER F 1002 -37.72 -16.05 -90.61
C SER F 1002 -37.34 -17.27 -91.41
N VAL F 1003 -36.81 -17.00 -92.61
CA VAL F 1003 -36.35 -18.07 -93.48
C VAL F 1003 -34.88 -18.36 -93.22
N SER F 1004 -34.56 -19.57 -92.79
CA SER F 1004 -33.18 -19.84 -92.57
C SER F 1004 -32.29 -19.86 -93.77
N ALA F 1005 -31.08 -19.48 -93.48
CA ALA F 1005 -30.12 -19.35 -94.52
C ALA F 1005 -30.01 -20.50 -95.48
N GLU F 1006 -30.15 -21.70 -94.93
CA GLU F 1006 -30.05 -22.90 -95.75
C GLU F 1006 -31.18 -22.93 -96.70
N PHE F 1007 -32.15 -22.07 -96.48
CA PHE F 1007 -33.26 -22.06 -97.38
C PHE F 1007 -33.36 -20.92 -98.31
N GLN F 1008 -32.36 -20.04 -98.30
CA GLN F 1008 -32.33 -18.93 -99.22
C GLN F 1008 -31.55 -19.28 -100.50
N LEU F 1009 -31.90 -18.64 -101.62
CA LEU F 1009 -31.29 -18.90 -102.92
C LEU F 1009 -30.13 -17.97 -103.04
N SER F 1010 -29.09 -18.35 -102.38
CA SER F 1010 -27.93 -17.51 -102.31
C SER F 1010 -26.70 -17.95 -103.09
N ALA F 1011 -26.80 -19.08 -103.78
CA ALA F 1011 -25.69 -19.65 -104.52
C ALA F 1011 -25.05 -18.79 -105.60
N GLY F 1012 -25.84 -17.92 -106.19
CA GLY F 1012 -25.29 -17.10 -107.24
C GLY F 1012 -25.42 -17.76 -108.60
N ARG F 1013 -25.33 -19.08 -108.60
CA ARG F 1013 -25.45 -19.76 -109.85
C ARG F 1013 -26.29 -20.97 -109.71
N TYR F 1014 -27.20 -21.07 -110.65
CA TYR F 1014 -28.13 -22.16 -110.66
C TYR F 1014 -28.27 -22.79 -112.01
N HIS F 1015 -28.43 -24.09 -111.94
CA HIS F 1015 -28.55 -24.86 -113.13
C HIS F 1015 -29.67 -25.87 -113.04
N TYR F 1016 -30.44 -26.00 -114.11
CA TYR F 1016 -31.45 -27.04 -114.09
C TYR F 1016 -31.86 -27.47 -115.46
N GLN F 1017 -32.46 -28.65 -115.49
CA GLN F 1017 -32.89 -29.24 -116.74
C GLN F 1017 -34.17 -29.98 -116.73
N LEU F 1018 -34.72 -29.99 -117.91
CA LEU F 1018 -36.00 -30.53 -118.12
C LEU F 1018 -36.29 -31.13 -119.44
N VAL F 1019 -37.23 -32.05 -119.38
CA VAL F 1019 -37.71 -32.66 -120.57
C VAL F 1019 -39.19 -32.65 -120.70
N TRP F 1020 -39.57 -32.16 -121.84
CA TRP F 1020 -40.94 -32.02 -122.16
C TRP F 1020 -41.39 -32.81 -123.38
N CME F 1021 -42.45 -33.58 -123.18
CA CME F 1021 -43.07 -34.36 -124.23
CB CME F 1021 -42.46 -35.71 -124.44
SG CME F 1021 -41.25 -35.94 -123.18
SD CME F 1021 -41.99 -37.51 -122.35
CE CME F 1021 -43.63 -37.29 -123.08
CZ CME F 1021 -43.94 -38.31 -124.18
OH CME F 1021 -44.51 -39.49 -123.60
C CME F 1021 -44.53 -34.54 -124.04
O CME F 1021 -45.14 -34.15 -123.05
N GLN F 1022 -45.04 -35.18 -125.08
CA GLN F 1022 -46.43 -35.48 -125.26
C GLN F 1022 -46.63 -36.88 -125.66
N LYS F 1023 -47.86 -37.24 -125.41
CA LYS F 1023 -48.43 -38.53 -125.72
C LYS F 1023 -49.67 -38.21 -126.55
N ILE G 3 -78.94 15.68 -55.22
CA ILE G 3 -79.86 14.51 -54.99
C ILE G 3 -79.20 13.12 -54.86
N THR G 4 -78.22 12.94 -55.70
CA THR G 4 -77.49 11.73 -55.67
C THR G 4 -76.44 11.98 -54.65
N ASP G 5 -76.39 13.22 -54.16
CA ASP G 5 -75.50 13.62 -53.09
C ASP G 5 -76.22 13.39 -51.77
N SER G 6 -77.44 12.97 -51.93
CA SER G 6 -78.27 12.71 -50.79
C SER G 6 -77.83 11.52 -49.98
N LEU G 7 -77.87 11.72 -48.69
CA LEU G 7 -77.59 10.67 -47.77
C LEU G 7 -78.37 9.44 -48.16
N ALA G 8 -79.62 9.66 -48.33
CA ALA G 8 -80.50 8.57 -48.61
C ALA G 8 -79.94 7.65 -49.65
N VAL G 9 -79.36 8.32 -50.60
CA VAL G 9 -78.77 7.71 -51.75
C VAL G 9 -77.40 7.12 -51.42
N VAL G 10 -76.50 7.98 -50.96
CA VAL G 10 -75.17 7.58 -50.57
C VAL G 10 -75.17 6.36 -49.64
N LEU G 11 -75.81 6.49 -48.53
CA LEU G 11 -75.82 5.39 -47.56
C LEU G 11 -76.57 4.18 -48.03
N GLN G 12 -77.04 4.31 -49.22
CA GLN G 12 -77.81 3.20 -49.67
C GLN G 12 -76.90 2.00 -49.87
N ARG G 13 -75.78 2.34 -50.48
CA ARG G 13 -74.77 1.40 -50.81
C ARG G 13 -74.19 0.63 -49.59
N ARG G 14 -74.01 1.34 -48.46
CA ARG G 14 -73.50 0.64 -47.30
C ARG G 14 -72.11 0.06 -47.58
N ASP G 15 -71.27 0.99 -48.03
CA ASP G 15 -69.90 0.76 -48.38
C ASP G 15 -69.06 0.22 -47.25
N TRP G 16 -69.49 0.63 -46.08
CA TRP G 16 -68.89 0.23 -44.83
C TRP G 16 -69.27 -1.19 -44.44
N GLU G 17 -69.98 -1.88 -45.32
CA GLU G 17 -70.24 -3.27 -45.02
C GLU G 17 -69.81 -4.08 -46.23
N ASN G 18 -68.77 -3.58 -46.87
CA ASN G 18 -68.25 -4.23 -48.03
C ASN G 18 -66.77 -4.09 -48.23
N PRO G 19 -66.10 -5.18 -47.90
CA PRO G 19 -64.67 -5.38 -48.02
C PRO G 19 -64.23 -5.09 -49.44
N GLY G 20 -65.18 -5.19 -50.37
CA GLY G 20 -64.89 -4.87 -51.74
C GLY G 20 -64.76 -3.36 -51.91
N VAL G 21 -65.32 -2.58 -50.99
CA VAL G 21 -65.13 -1.17 -51.19
C VAL G 21 -64.35 -0.61 -50.06
N THR G 22 -63.19 -0.16 -50.40
CA THR G 22 -62.39 0.37 -49.32
C THR G 22 -62.10 1.84 -49.47
N GLN G 23 -62.45 2.35 -50.62
CA GLN G 23 -62.29 3.74 -50.89
C GLN G 23 -63.12 4.11 -52.11
N LEU G 24 -63.30 5.42 -52.33
CA LEU G 24 -63.98 5.96 -53.51
C LEU G 24 -63.38 7.29 -53.84
N ASN G 25 -62.85 7.38 -55.01
CA ASN G 25 -62.25 8.66 -55.39
C ASN G 25 -61.11 9.16 -54.56
N ARG G 26 -60.48 8.24 -53.88
CA ARG G 26 -59.35 8.60 -53.06
C ARG G 26 -58.12 8.65 -53.94
N LEU G 27 -57.30 9.65 -53.79
CA LEU G 27 -56.09 9.70 -54.58
C LEU G 27 -55.06 8.63 -54.18
N ALA G 28 -54.01 8.64 -54.98
CA ALA G 28 -52.95 7.71 -54.73
C ALA G 28 -52.01 8.17 -53.65
N ALA G 29 -51.39 7.15 -53.04
CA ALA G 29 -50.43 7.32 -51.97
C ALA G 29 -49.05 7.80 -52.36
N HIS G 30 -48.32 8.38 -51.42
CA HIS G 30 -47.01 8.87 -51.79
C HIS G 30 -46.40 9.47 -50.55
N PRO G 31 -45.14 9.68 -50.69
CA PRO G 31 -44.45 10.28 -49.62
C PRO G 31 -44.96 11.70 -49.56
N PRO G 32 -44.72 12.24 -48.46
CA PRO G 32 -45.08 13.56 -48.06
C PRO G 32 -44.64 14.67 -48.98
N PHE G 33 -45.65 15.47 -49.32
CA PHE G 33 -45.44 16.63 -50.16
C PHE G 33 -45.77 17.93 -49.43
N ALA G 34 -45.11 19.02 -49.86
CA ALA G 34 -45.29 20.39 -49.38
C ALA G 34 -45.58 21.33 -50.55
N SER G 35 -45.09 20.99 -51.71
CA SER G 35 -45.30 21.83 -52.85
C SER G 35 -44.59 23.15 -52.70
N TRP G 36 -43.41 23.14 -52.14
CA TRP G 36 -42.72 24.40 -52.08
C TRP G 36 -42.64 24.98 -53.45
N ARG G 37 -42.46 26.29 -53.44
CA ARG G 37 -42.29 27.02 -54.65
C ARG G 37 -40.98 27.76 -54.65
N ASN G 38 -40.20 27.47 -53.63
CA ASN G 38 -38.88 28.02 -53.52
C ASN G 38 -37.94 26.97 -52.98
N SER G 39 -36.93 26.73 -53.78
CA SER G 39 -35.91 25.77 -53.45
C SER G 39 -35.39 25.91 -52.00
N GLU G 40 -34.86 27.08 -51.69
CA GLU G 40 -34.32 27.30 -50.38
C GLU G 40 -35.24 26.87 -49.27
N GLU G 41 -36.49 27.28 -49.41
CA GLU G 41 -37.48 26.96 -48.42
C GLU G 41 -37.56 25.48 -48.21
N ALA G 42 -37.71 24.82 -49.34
CA ALA G 42 -37.77 23.39 -49.30
C ALA G 42 -36.47 22.87 -48.74
N ARG G 43 -35.40 23.40 -49.24
CA ARG G 43 -34.14 22.95 -48.77
C ARG G 43 -33.98 23.07 -47.29
N THR G 44 -34.57 24.08 -46.72
CA THR G 44 -34.38 24.27 -45.28
C THR G 44 -35.58 23.88 -44.52
N ASP G 45 -36.44 23.18 -45.19
CA ASP G 45 -37.61 22.74 -44.53
C ASP G 45 -38.43 23.87 -43.96
N ARG G 46 -38.62 24.93 -44.70
CA ARG G 46 -39.49 25.93 -44.16
C ARG G 46 -40.91 25.51 -44.35
N PRO G 47 -41.81 26.41 -44.12
CA PRO G 47 -43.16 25.98 -44.26
C PRO G 47 -43.72 26.41 -45.56
N SER G 48 -44.46 25.51 -46.14
CA SER G 48 -44.98 25.85 -47.41
C SER G 48 -46.38 26.33 -47.30
N GLN G 49 -46.55 27.36 -48.06
CA GLN G 49 -47.80 28.02 -48.13
C GLN G 49 -48.82 27.24 -48.92
N GLN G 50 -48.40 26.23 -49.73
CA GLN G 50 -49.35 25.45 -50.52
C GLN G 50 -49.97 24.36 -49.68
N LEU G 51 -49.52 24.46 -48.45
CA LEU G 51 -49.94 23.55 -47.47
C LEU G 51 -50.55 24.25 -46.28
N ARG G 52 -51.80 23.88 -46.06
CA ARG G 52 -52.56 24.53 -45.05
C ARG G 52 -53.32 23.59 -44.14
N SER G 53 -53.19 23.89 -42.84
CA SER G 53 -53.87 23.09 -41.85
C SER G 53 -55.27 23.51 -41.57
N LEU G 54 -56.13 22.54 -41.39
CA LEU G 54 -57.52 22.77 -41.07
C LEU G 54 -57.85 22.37 -39.66
N ASN G 55 -56.77 22.22 -38.93
CA ASN G 55 -56.91 21.82 -37.57
C ASN G 55 -57.42 23.00 -36.81
N GLY G 56 -58.36 22.70 -35.89
CA GLY G 56 -58.92 23.71 -35.03
C GLY G 56 -60.33 23.41 -34.59
N GLU G 57 -61.09 24.49 -34.43
CA GLU G 57 -62.45 24.32 -34.00
C GLU G 57 -63.29 23.92 -35.16
N TRP G 58 -64.14 22.96 -34.88
CA TRP G 58 -64.98 22.40 -35.92
C TRP G 58 -66.31 22.11 -35.29
N ARG G 59 -67.27 21.78 -36.10
CA ARG G 59 -68.53 21.51 -35.47
C ARG G 59 -68.85 20.07 -35.50
N PHE G 60 -69.32 19.62 -34.37
CA PHE G 60 -69.56 18.22 -34.23
C PHE G 60 -70.93 17.83 -33.76
N ALA G 61 -71.39 16.71 -34.25
CA ALA G 61 -72.63 16.15 -33.74
C ALA G 61 -72.64 14.65 -33.84
N TRP G 62 -73.11 14.03 -32.82
CA TRP G 62 -73.11 12.60 -32.71
C TRP G 62 -74.44 11.90 -32.89
N PHE G 63 -74.43 10.76 -33.54
CA PHE G 63 -75.64 9.98 -33.72
C PHE G 63 -75.36 8.54 -33.55
N PRO G 64 -76.32 7.93 -32.99
CA PRO G 64 -76.37 6.51 -32.72
C PRO G 64 -76.31 5.69 -33.99
N ALA G 65 -76.55 6.36 -35.10
CA ALA G 65 -76.55 5.68 -36.38
C ALA G 65 -76.53 6.65 -37.52
N PRO G 66 -76.01 6.16 -38.60
CA PRO G 66 -75.88 6.90 -39.83
C PRO G 66 -77.25 7.38 -40.35
N GLU G 67 -78.20 6.45 -40.28
CA GLU G 67 -79.58 6.69 -40.70
C GLU G 67 -80.20 7.93 -40.05
N ALA G 68 -80.04 8.00 -38.75
CA ALA G 68 -80.46 9.14 -37.98
C ALA G 68 -79.87 10.45 -38.51
N VAL G 69 -78.87 10.43 -39.34
CA VAL G 69 -78.44 11.74 -39.78
C VAL G 69 -79.49 12.38 -40.69
N PRO G 70 -79.70 13.66 -40.45
CA PRO G 70 -80.68 14.46 -41.13
C PRO G 70 -80.12 15.16 -42.36
N GLU G 71 -80.93 15.02 -43.40
CA GLU G 71 -80.56 15.58 -44.66
C GLU G 71 -79.99 17.01 -44.71
N SER G 72 -80.54 17.84 -43.85
CA SER G 72 -80.13 19.24 -43.75
C SER G 72 -78.68 19.38 -43.48
N TRP G 73 -78.19 18.38 -42.74
CA TRP G 73 -76.84 18.41 -42.30
C TRP G 73 -75.91 18.80 -43.42
N LEU G 74 -76.28 18.31 -44.61
CA LEU G 74 -75.50 18.53 -45.81
C LEU G 74 -75.34 19.96 -46.18
N GLU G 75 -76.49 20.57 -45.93
CA GLU G 75 -76.73 21.94 -46.25
C GLU G 75 -76.31 22.90 -45.19
N CYS G 76 -76.81 22.62 -44.00
CA CYS G 76 -76.61 23.53 -42.93
C CYS G 76 -76.18 22.84 -41.71
N ASP G 77 -75.37 23.62 -40.96
CA ASP G 77 -74.88 23.19 -39.68
C ASP G 77 -76.03 22.96 -38.76
N LEU G 78 -75.82 22.15 -37.75
CA LEU G 78 -76.95 21.94 -36.89
C LEU G 78 -77.00 22.94 -35.78
N PRO G 79 -78.18 23.01 -35.23
CA PRO G 79 -78.44 23.89 -34.16
C PRO G 79 -77.74 23.32 -32.94
N GLU G 80 -78.02 22.02 -32.77
CA GLU G 80 -77.53 21.19 -31.69
C GLU G 80 -76.09 20.71 -31.84
N ALA G 81 -75.38 21.31 -32.77
CA ALA G 81 -74.01 20.97 -32.98
C ALA G 81 -73.17 21.60 -31.91
N ASP G 82 -72.02 20.99 -31.65
CA ASP G 82 -71.09 21.51 -30.67
C ASP G 82 -69.84 21.95 -31.37
N THR G 83 -69.13 22.79 -30.71
CA THR G 83 -67.89 23.20 -31.27
C THR G 83 -66.86 22.35 -30.60
N VAL G 84 -65.96 21.78 -31.43
CA VAL G 84 -64.97 20.84 -30.99
C VAL G 84 -63.62 21.06 -31.63
N VAL G 85 -62.63 20.55 -30.93
CA VAL G 85 -61.31 20.60 -31.48
C VAL G 85 -60.95 19.36 -32.29
N VAL G 86 -60.33 19.66 -33.41
CA VAL G 86 -59.89 18.64 -34.28
C VAL G 86 -58.41 18.84 -34.51
N PRO G 87 -57.63 17.74 -34.41
CA PRO G 87 -58.16 16.40 -34.27
C PRO G 87 -58.40 15.94 -32.85
N SER G 88 -59.18 14.87 -32.81
CA SER G 88 -59.52 14.30 -31.54
C SER G 88 -60.35 13.04 -31.70
N ASN G 89 -60.57 12.39 -30.56
CA ASN G 89 -61.37 11.19 -30.44
C ASN G 89 -62.59 11.58 -29.68
N TRP G 90 -63.69 11.30 -30.27
CA TRP G 90 -64.90 11.68 -29.65
C TRP G 90 -65.22 11.02 -28.33
N GLN G 91 -64.73 9.81 -28.10
CA GLN G 91 -65.04 9.21 -26.81
C GLN G 91 -64.43 10.07 -25.74
N MET G 92 -63.38 10.78 -26.16
CA MET G 92 -62.62 11.65 -25.27
C MET G 92 -63.37 12.89 -24.86
N HIS G 93 -64.53 13.07 -25.47
CA HIS G 93 -65.34 14.23 -25.20
C HIS G 93 -66.66 13.87 -24.65
N GLY G 94 -66.76 12.66 -24.20
CA GLY G 94 -67.98 12.22 -23.61
C GLY G 94 -69.03 11.70 -24.56
N TYR G 95 -68.77 11.85 -25.88
CA TYR G 95 -69.81 11.35 -26.77
C TYR G 95 -70.32 9.94 -26.59
N ASP G 96 -69.38 9.04 -26.36
CA ASP G 96 -69.66 7.64 -26.08
C ASP G 96 -68.44 7.13 -25.40
N ALA G 97 -68.54 5.84 -25.10
CA ALA G 97 -67.49 5.11 -24.40
C ALA G 97 -66.39 4.56 -25.26
N PRO G 98 -65.21 4.60 -24.70
CA PRO G 98 -64.07 4.00 -25.33
C PRO G 98 -64.13 2.58 -24.79
N ILE G 99 -63.73 1.63 -25.63
CA ILE G 99 -63.73 0.26 -25.18
C ILE G 99 -62.33 -0.32 -25.14
N TYR G 100 -62.14 -1.04 -24.05
CA TYR G 100 -60.92 -1.75 -23.86
C TYR G 100 -61.17 -3.26 -23.84
N THR G 101 -61.04 -3.82 -25.04
CA THR G 101 -61.06 -5.24 -25.26
C THR G 101 -59.76 -5.59 -25.98
N ASN G 102 -59.26 -6.78 -25.73
CA ASN G 102 -58.00 -7.28 -26.31
C ASN G 102 -58.10 -8.03 -27.64
N VAL G 103 -58.73 -9.21 -27.52
CA VAL G 103 -58.88 -10.14 -28.60
C VAL G 103 -60.25 -10.07 -29.17
N THR G 104 -61.16 -10.22 -28.25
CA THR G 104 -62.53 -10.20 -28.59
C THR G 104 -62.98 -8.90 -29.22
N TYR G 105 -63.60 -9.06 -30.38
CA TYR G 105 -64.11 -7.95 -31.13
C TYR G 105 -65.23 -7.30 -30.35
N PRO G 106 -65.22 -5.98 -30.41
CA PRO G 106 -66.19 -5.13 -29.76
C PRO G 106 -67.58 -5.34 -30.34
N ILE G 107 -67.60 -5.65 -31.60
CA ILE G 107 -68.86 -5.90 -32.22
C ILE G 107 -69.01 -7.38 -32.48
N THR G 108 -70.17 -7.74 -32.95
CA THR G 108 -70.44 -9.12 -33.21
C THR G 108 -69.77 -9.63 -34.45
N VAL G 109 -69.30 -10.85 -34.33
CA VAL G 109 -68.59 -11.40 -35.45
C VAL G 109 -69.40 -11.94 -36.57
N ASN G 110 -69.54 -11.10 -37.56
CA ASN G 110 -70.31 -11.48 -38.71
C ASN G 110 -69.94 -10.67 -39.90
N PRO G 111 -68.73 -10.83 -40.25
CA PRO G 111 -68.19 -10.14 -41.38
C PRO G 111 -69.03 -10.48 -42.60
N PRO G 112 -69.15 -9.47 -43.43
CA PRO G 112 -68.51 -8.18 -43.26
C PRO G 112 -69.43 -7.18 -42.63
N PHE G 113 -70.29 -7.71 -41.81
CA PHE G 113 -71.25 -6.88 -41.17
C PHE G 113 -70.92 -6.34 -39.83
N VAL G 114 -71.20 -5.06 -39.82
CA VAL G 114 -71.12 -4.16 -38.70
C VAL G 114 -72.53 -4.07 -38.07
N PRO G 115 -72.62 -3.72 -36.79
CA PRO G 115 -73.91 -3.61 -36.12
C PRO G 115 -74.71 -2.39 -36.59
N THR G 116 -76.02 -2.57 -36.53
CA THR G 116 -76.95 -1.58 -37.00
C THR G 116 -76.83 -0.20 -36.34
N GLU G 117 -76.53 -0.24 -35.06
CA GLU G 117 -76.32 0.93 -34.24
C GLU G 117 -74.86 1.25 -34.32
N ASN G 118 -74.56 2.19 -35.16
CA ASN G 118 -73.20 2.48 -35.33
C ASN G 118 -72.95 3.98 -35.23
N PRO G 119 -72.35 4.25 -34.15
CA PRO G 119 -72.02 5.57 -33.76
C PRO G 119 -71.43 6.40 -34.85
N THR G 120 -72.24 7.33 -35.29
CA THR G 120 -71.82 8.23 -36.32
C THR G 120 -71.44 9.61 -35.80
N GLY G 121 -70.39 10.18 -36.34
CA GLY G 121 -69.92 11.48 -35.91
C GLY G 121 -69.86 12.43 -37.07
N CYS G 122 -70.72 13.46 -37.04
CA CYS G 122 -70.77 14.42 -38.12
C CYS G 122 -69.97 15.63 -37.83
N TYR G 123 -68.91 15.75 -38.59
CA TYR G 123 -67.99 16.86 -38.45
C TYR G 123 -68.20 17.77 -39.62
N SER G 124 -68.11 19.05 -39.34
CA SER G 124 -68.35 20.03 -40.37
C SER G 124 -67.44 21.17 -40.18
N LEU G 125 -67.13 21.75 -41.29
CA LEU G 125 -66.26 22.89 -41.24
C LEU G 125 -66.35 23.79 -42.44
N THR G 126 -66.47 25.03 -42.04
CA THR G 126 -66.63 26.10 -42.93
C THR G 126 -65.38 26.93 -43.03
N PHE G 127 -64.97 27.16 -44.25
CA PHE G 127 -63.74 27.89 -44.41
C PHE G 127 -63.66 28.56 -45.75
N ASN G 128 -62.63 29.38 -45.74
CA ASN G 128 -62.29 30.23 -46.82
C ASN G 128 -61.12 29.77 -47.60
N VAL G 129 -61.17 30.12 -48.87
CA VAL G 129 -60.16 29.75 -49.83
C VAL G 129 -59.67 30.89 -50.67
N ASP G 130 -58.36 31.11 -50.71
CA ASP G 130 -57.92 32.17 -51.59
C ASP G 130 -58.28 31.74 -53.01
N GLU G 131 -58.81 32.63 -53.81
CA GLU G 131 -59.13 32.20 -55.14
C GLU G 131 -57.90 32.00 -56.00
N SER G 132 -56.81 32.64 -55.61
CA SER G 132 -55.62 32.42 -56.38
C SER G 132 -55.47 30.89 -56.63
N TRP G 133 -55.77 30.13 -55.58
CA TRP G 133 -55.74 28.69 -55.60
C TRP G 133 -56.79 28.12 -56.52
N LEU G 134 -57.87 28.83 -56.52
CA LEU G 134 -59.01 28.46 -57.28
C LEU G 134 -58.79 28.66 -58.76
N GLN G 135 -57.86 29.55 -59.10
CA GLN G 135 -57.63 29.76 -60.51
C GLN G 135 -56.91 28.62 -61.12
N GLU G 136 -55.60 28.67 -60.90
CA GLU G 136 -54.72 27.66 -61.40
C GLU G 136 -54.43 26.52 -60.40
N GLY G 137 -53.78 25.47 -60.89
CA GLY G 137 -53.36 24.35 -60.05
C GLY G 137 -54.43 23.42 -59.51
N GLN G 138 -53.98 22.65 -58.51
CA GLN G 138 -54.84 21.68 -57.89
C GLN G 138 -54.84 21.65 -56.40
N THR G 139 -56.07 21.51 -55.95
CA THR G 139 -56.30 21.54 -54.55
C THR G 139 -56.95 20.32 -53.96
N ARG G 140 -56.16 19.76 -53.07
CA ARG G 140 -56.66 18.61 -52.41
C ARG G 140 -56.57 18.73 -50.90
N ILE G 141 -57.42 17.89 -50.38
CA ILE G 141 -57.52 17.75 -48.97
C ILE G 141 -56.98 16.42 -48.49
N ILE G 142 -56.47 16.48 -47.27
CA ILE G 142 -55.88 15.32 -46.67
C ILE G 142 -56.15 15.08 -45.23
N PHE G 143 -56.69 13.91 -45.01
CA PHE G 143 -56.93 13.40 -43.69
C PHE G 143 -55.86 12.41 -43.27
N ASP G 144 -55.01 12.83 -42.37
CA ASP G 144 -53.99 11.94 -41.89
C ASP G 144 -54.47 10.74 -41.11
N GLY G 145 -55.68 10.81 -40.59
CA GLY G 145 -56.25 9.72 -39.86
C GLY G 145 -57.68 9.98 -39.38
N VAL G 146 -58.55 9.02 -39.76
CA VAL G 146 -59.99 8.96 -39.46
C VAL G 146 -60.42 7.51 -39.15
N ASN G 147 -60.91 7.32 -37.96
CA ASN G 147 -61.26 5.99 -37.57
C ASN G 147 -62.73 5.84 -37.39
N SER G 148 -63.33 4.82 -38.03
CA SER G 148 -62.70 3.82 -38.85
C SER G 148 -62.92 4.00 -40.32
N ALA G 149 -64.06 4.58 -40.67
CA ALA G 149 -64.48 4.81 -42.06
C ALA G 149 -65.20 6.14 -42.25
N PHE G 150 -65.33 6.59 -43.49
CA PHE G 150 -66.04 7.84 -43.66
C PHE G 150 -66.32 8.28 -45.07
N HIS G 151 -67.42 9.07 -45.13
CA HIS G 151 -67.93 9.72 -46.32
C HIS G 151 -67.65 11.19 -46.32
N LEU G 152 -67.57 11.73 -47.49
CA LEU G 152 -67.23 13.12 -47.45
C LEU G 152 -67.93 14.02 -48.47
N TRP G 153 -68.34 15.21 -47.98
CA TRP G 153 -68.97 16.19 -48.83
C TRP G 153 -68.32 17.54 -48.80
N CYS G 154 -68.44 18.19 -49.93
CA CYS G 154 -67.89 19.51 -50.02
C CYS G 154 -68.86 20.35 -50.74
N ASN G 155 -69.27 21.38 -49.99
CA ASN G 155 -70.24 22.32 -50.42
C ASN G 155 -71.47 21.56 -50.92
N GLY G 156 -71.96 20.63 -50.11
CA GLY G 156 -73.18 19.89 -50.43
C GLY G 156 -72.99 18.73 -51.37
N ARG G 157 -71.82 18.76 -51.97
CA ARG G 157 -71.49 17.75 -52.90
C ARG G 157 -70.71 16.57 -52.34
N TRP G 158 -71.23 15.39 -52.69
CA TRP G 158 -70.56 14.17 -52.28
C TRP G 158 -69.20 14.03 -52.95
N VAL G 159 -68.21 13.69 -52.16
CA VAL G 159 -66.87 13.59 -52.73
C VAL G 159 -66.29 12.19 -52.76
N GLY G 160 -66.23 11.53 -51.64
CA GLY G 160 -65.67 10.22 -51.65
C GLY G 160 -65.81 9.51 -50.33
N TYR G 161 -65.12 8.39 -50.29
CA TYR G 161 -65.15 7.52 -49.15
C TYR G 161 -63.78 6.91 -48.93
N GLY G 162 -63.55 6.47 -47.71
CA GLY G 162 -62.27 5.89 -47.33
C GLY G 162 -62.29 4.94 -46.11
N GLN G 163 -61.34 3.99 -46.10
CA GLN G 163 -61.15 3.03 -45.02
C GLN G 163 -59.66 2.97 -44.59
N ASP G 164 -59.40 2.26 -43.49
CA ASP G 164 -58.07 2.14 -42.91
C ASP G 164 -57.74 3.37 -42.08
N SER G 165 -58.02 3.20 -40.79
CA SER G 165 -57.79 4.28 -39.86
C SER G 165 -56.39 4.78 -39.74
N ARG G 166 -55.41 4.06 -40.23
CA ARG G 166 -54.07 4.55 -39.98
C ARG G 166 -53.34 5.21 -41.09
N LEU G 167 -53.93 5.22 -42.26
CA LEU G 167 -53.25 5.94 -43.31
C LEU G 167 -54.08 7.10 -43.80
N PRO G 168 -53.39 8.00 -44.44
CA PRO G 168 -53.93 9.20 -45.02
C PRO G 168 -54.86 8.94 -46.14
N SER G 169 -55.84 9.84 -46.24
CA SER G 169 -56.80 9.83 -47.32
C SER G 169 -56.78 11.15 -48.05
N GLU G 170 -56.69 11.06 -49.36
CA GLU G 170 -56.63 12.28 -50.11
C GLU G 170 -57.63 12.35 -51.20
N PHE G 171 -58.11 13.61 -51.28
CA PHE G 171 -59.04 13.98 -52.31
C PHE G 171 -58.82 15.33 -52.92
N ASP G 172 -59.17 15.29 -54.22
CA ASP G 172 -59.12 16.45 -55.08
C ASP G 172 -60.33 17.31 -54.86
N LEU G 173 -60.10 18.49 -54.36
CA LEU G 173 -61.26 19.30 -54.09
C LEU G 173 -61.62 20.25 -55.20
N SER G 174 -60.58 20.43 -56.00
CA SER G 174 -60.51 21.28 -57.13
C SER G 174 -61.84 21.64 -57.75
N ALA G 175 -62.66 20.64 -57.98
CA ALA G 175 -63.94 20.93 -58.60
C ALA G 175 -65.09 21.26 -57.67
N PHE G 176 -64.87 21.39 -56.37
CA PHE G 176 -66.03 21.66 -55.54
C PHE G 176 -65.91 22.94 -54.80
N LEU G 177 -64.73 23.45 -54.90
CA LEU G 177 -64.48 24.65 -54.22
C LEU G 177 -65.00 25.84 -54.94
N ARG G 178 -65.39 26.79 -54.09
CA ARG G 178 -65.89 28.06 -54.51
C ARG G 178 -65.01 29.08 -53.87
N ALA G 179 -64.95 30.26 -54.45
CA ALA G 179 -64.14 31.22 -53.75
C ALA G 179 -64.87 31.66 -52.49
N GLY G 180 -64.02 31.96 -51.53
CA GLY G 180 -64.51 32.34 -50.25
C GLY G 180 -64.95 31.16 -49.43
N GLU G 181 -66.20 31.24 -49.06
CA GLU G 181 -66.76 30.32 -48.15
C GLU G 181 -67.07 28.93 -48.55
N ASN G 182 -66.38 27.97 -47.94
CA ASN G 182 -66.71 26.61 -48.24
C ASN G 182 -67.05 25.83 -47.01
N ARG G 183 -67.75 24.76 -47.26
CA ARG G 183 -68.13 23.92 -46.17
C ARG G 183 -67.99 22.43 -46.42
N LEU G 184 -67.22 21.81 -45.49
CA LEU G 184 -67.04 20.38 -45.48
C LEU G 184 -67.93 19.69 -44.49
N ALA G 185 -68.39 18.55 -44.94
CA ALA G 185 -69.17 17.70 -44.09
C ALA G 185 -68.68 16.27 -44.23
N VAL G 186 -68.13 15.84 -43.10
CA VAL G 186 -67.57 14.54 -42.95
C VAL G 186 -68.34 13.67 -42.05
N MET G 187 -68.80 12.59 -42.60
CA MET G 187 -69.50 11.67 -41.76
C MET G 187 -68.59 10.50 -41.45
N VAL G 188 -68.28 10.32 -40.19
CA VAL G 188 -67.36 9.30 -39.71
C VAL G 188 -68.02 8.13 -38.99
N LEU G 189 -67.62 6.87 -39.30
CA LEU G 189 -68.25 5.74 -38.59
C LEU G 189 -67.38 4.90 -37.69
N ARG G 190 -67.98 4.50 -36.59
CA ARG G 190 -67.25 3.70 -35.65
C ARG G 190 -66.83 2.41 -36.27
N TRP G 191 -67.83 1.64 -36.66
CA TRP G 191 -67.62 0.36 -37.27
C TRP G 191 -67.69 0.37 -38.76
N SER G 192 -66.89 -0.49 -39.40
CA SER G 192 -66.85 -0.64 -40.83
C SER G 192 -66.33 -2.01 -41.13
N ASP G 193 -66.31 -2.42 -42.40
CA ASP G 193 -65.75 -3.74 -42.64
C ASP G 193 -64.24 -3.70 -42.24
N GLY G 194 -63.63 -2.47 -42.31
CA GLY G 194 -62.22 -2.22 -41.93
C GLY G 194 -61.93 -2.62 -40.50
N SER G 195 -62.98 -2.57 -39.74
CA SER G 195 -62.92 -2.92 -38.35
C SER G 195 -62.46 -4.34 -38.18
N TYR G 196 -62.91 -5.21 -39.07
CA TYR G 196 -62.47 -6.57 -38.92
C TYR G 196 -60.94 -6.72 -39.03
N LEU G 197 -60.29 -5.72 -39.63
CA LEU G 197 -58.85 -5.77 -39.77
C LEU G 197 -58.17 -4.92 -38.76
N GLU G 198 -58.93 -4.52 -37.77
CA GLU G 198 -58.31 -3.66 -36.79
C GLU G 198 -58.50 -4.15 -35.37
N ASP G 199 -58.26 -5.43 -35.11
CA ASP G 199 -58.49 -5.98 -33.77
C ASP G 199 -57.35 -5.86 -32.77
N GLN G 200 -56.58 -4.77 -32.87
CA GLN G 200 -55.46 -4.56 -31.95
C GLN G 200 -55.89 -4.44 -30.49
N ASP G 201 -55.07 -5.02 -29.59
CA ASP G 201 -55.29 -4.98 -28.15
C ASP G 201 -55.03 -3.57 -27.62
N MET G 202 -56.05 -2.73 -27.74
CA MET G 202 -55.96 -1.33 -27.34
C MET G 202 -57.35 -0.81 -27.11
N TRP G 203 -57.40 0.47 -26.74
CA TRP G 203 -58.68 1.11 -26.54
C TRP G 203 -59.28 1.32 -27.90
N ARG G 204 -60.57 1.04 -27.99
CA ARG G 204 -61.27 1.22 -29.23
C ARG G 204 -61.96 2.58 -29.23
N MET G 205 -61.41 3.47 -30.02
CA MET G 205 -61.91 4.82 -30.12
C MET G 205 -62.40 5.20 -31.51
N SER G 206 -62.55 6.50 -31.79
CA SER G 206 -63.02 6.98 -33.12
C SER G 206 -62.95 8.46 -33.33
N GLY G 207 -62.99 8.81 -34.62
CA GLY G 207 -62.97 10.20 -35.03
C GLY G 207 -61.85 10.59 -35.96
N ILE G 208 -61.63 11.91 -35.98
CA ILE G 208 -60.61 12.53 -36.80
C ILE G 208 -59.52 12.87 -35.89
N PHE G 209 -58.68 11.85 -35.75
CA PHE G 209 -57.63 11.89 -34.78
C PHE G 209 -56.28 12.29 -35.28
N ARG G 210 -56.18 12.52 -36.56
CA ARG G 210 -54.92 13.02 -37.08
C ARG G 210 -55.25 14.26 -37.90
N ASP G 211 -54.23 15.00 -38.20
CA ASP G 211 -54.31 16.22 -38.96
C ASP G 211 -55.15 16.22 -40.21
N VAL G 212 -55.67 17.45 -40.48
CA VAL G 212 -56.44 17.78 -41.67
C VAL G 212 -55.80 18.92 -42.39
N SER G 213 -55.65 18.75 -43.70
CA SER G 213 -54.92 19.75 -44.41
C SER G 213 -55.28 19.92 -45.87
N LEU G 214 -54.73 21.02 -46.39
CA LEU G 214 -54.94 21.37 -47.75
C LEU G 214 -53.69 21.60 -48.48
N LEU G 215 -53.78 21.02 -49.65
CA LEU G 215 -52.66 21.14 -50.50
C LEU G 215 -52.96 21.57 -51.90
N HIS G 216 -52.19 22.62 -52.21
CA HIS G 216 -52.23 23.27 -53.47
C HIS G 216 -51.03 22.88 -54.25
N LYS G 217 -51.32 22.26 -55.38
CA LYS G 217 -50.29 21.81 -56.26
C LYS G 217 -50.54 22.24 -57.69
N PRO G 218 -49.45 22.43 -58.44
CA PRO G 218 -49.51 22.80 -59.85
C PRO G 218 -50.22 21.70 -60.60
N THR G 219 -50.67 21.98 -61.80
CA THR G 219 -51.38 20.98 -62.56
C THR G 219 -50.43 19.95 -63.10
N THR G 220 -49.27 20.49 -63.36
CA THR G 220 -48.20 19.69 -63.82
C THR G 220 -47.23 19.62 -62.65
N GLN G 221 -47.23 18.47 -62.00
CA GLN G 221 -46.44 18.33 -60.81
C GLN G 221 -45.72 17.01 -60.64
N ILE G 222 -44.94 17.01 -59.56
CA ILE G 222 -44.22 15.86 -59.10
C ILE G 222 -45.21 14.96 -58.40
N SER G 223 -45.46 13.78 -58.94
CA SER G 223 -46.45 12.89 -58.35
C SER G 223 -45.89 11.89 -57.34
N ASP G 224 -44.57 11.67 -57.42
CA ASP G 224 -43.95 10.70 -56.57
C ASP G 224 -42.48 10.61 -56.80
N PHE G 225 -41.78 10.17 -55.75
CA PHE G 225 -40.36 9.98 -55.88
C PHE G 225 -39.79 9.02 -54.88
N HIS G 226 -38.73 8.34 -55.29
CA HIS G 226 -38.07 7.40 -54.41
C HIS G 226 -36.62 7.60 -54.46
N VAL G 227 -36.10 7.33 -53.30
CA VAL G 227 -34.69 7.41 -53.11
C VAL G 227 -34.13 6.07 -52.73
N ALA G 228 -32.86 5.85 -53.12
CA ALA G 228 -32.08 4.64 -52.85
C ALA G 228 -30.58 4.84 -52.80
N THR G 229 -29.93 4.13 -51.87
CA THR G 229 -28.48 4.21 -51.73
C THR G 229 -27.78 2.89 -51.96
N ARG G 230 -26.76 2.93 -52.78
CA ARG G 230 -25.98 1.75 -53.05
C ARG G 230 -24.53 2.02 -52.68
N PHE G 231 -23.80 1.00 -52.20
CA PHE G 231 -22.41 1.25 -51.83
C PHE G 231 -21.39 0.28 -52.38
N ASN G 232 -20.12 0.66 -52.26
CA ASN G 232 -19.07 -0.27 -52.58
C ASN G 232 -18.93 -1.17 -51.37
N ASP G 233 -18.05 -2.12 -51.52
CA ASP G 233 -17.83 -3.10 -50.48
C ASP G 233 -17.42 -2.47 -49.16
N ASP G 234 -16.90 -1.27 -49.19
CA ASP G 234 -16.43 -0.70 -47.95
C ASP G 234 -17.08 0.60 -47.59
N PHE G 235 -18.17 0.91 -48.27
CA PHE G 235 -18.88 2.14 -47.95
C PHE G 235 -18.04 3.38 -48.15
N SER G 236 -17.00 3.22 -48.93
CA SER G 236 -16.15 4.35 -49.20
C SER G 236 -16.79 5.22 -50.28
N ARG G 237 -17.81 4.65 -50.88
CA ARG G 237 -18.46 5.35 -51.93
C ARG G 237 -19.87 4.86 -52.18
N ALA G 238 -20.72 5.84 -52.45
CA ALA G 238 -22.12 5.55 -52.67
C ALA G 238 -22.77 6.16 -53.89
N VAL G 239 -23.91 5.59 -54.17
CA VAL G 239 -24.72 6.11 -55.21
C VAL G 239 -26.10 6.42 -54.74
N LEU G 240 -26.46 7.65 -54.95
CA LEU G 240 -27.79 7.99 -54.63
C LEU G 240 -28.60 7.93 -55.90
N GLU G 241 -29.66 7.19 -55.86
CA GLU G 241 -30.46 7.07 -57.01
C GLU G 241 -31.89 7.44 -56.74
N ALA G 242 -32.35 8.43 -57.50
CA ALA G 242 -33.70 8.94 -57.33
C ALA G 242 -34.57 8.79 -58.53
N GLU G 243 -35.76 8.35 -58.25
CA GLU G 243 -36.70 8.15 -59.29
C GLU G 243 -37.86 9.04 -59.06
N VAL G 244 -38.12 9.79 -60.10
CA VAL G 244 -39.17 10.75 -60.04
C VAL G 244 -40.22 10.59 -61.07
N GLN G 245 -41.43 10.76 -60.59
CA GLN G 245 -42.55 10.69 -61.47
C GLN G 245 -43.36 11.93 -61.39
N MET G 246 -43.89 12.26 -62.57
CA MET G 246 -44.72 13.43 -62.74
C MET G 246 -46.11 13.13 -63.21
N CYS G 247 -46.97 14.08 -62.90
CA CYS G 247 -48.35 14.08 -63.31
C CYS G 247 -48.56 15.34 -64.12
N GLY G 248 -49.50 15.32 -65.04
CA GLY G 248 -49.76 16.52 -65.80
C GLY G 248 -49.43 16.45 -67.28
N GLU G 249 -49.35 17.62 -67.96
CA GLU G 249 -48.93 17.31 -69.31
C GLU G 249 -47.55 17.71 -69.62
N LEU G 250 -47.06 16.65 -70.20
CA LEU G 250 -45.73 16.46 -70.59
C LEU G 250 -45.30 17.34 -71.73
N ARG G 251 -44.13 17.96 -71.52
CA ARG G 251 -43.54 18.85 -72.49
C ARG G 251 -42.05 18.76 -72.44
N ASP G 252 -41.46 18.67 -73.58
CA ASP G 252 -40.03 18.56 -73.76
C ASP G 252 -39.18 19.63 -73.05
N TYR G 253 -39.77 20.68 -72.51
CA TYR G 253 -38.88 21.64 -71.90
C TYR G 253 -38.74 21.42 -70.42
N LEU G 254 -39.42 20.36 -70.01
CA LEU G 254 -39.41 19.97 -68.62
C LEU G 254 -38.12 19.32 -68.25
N ARG G 255 -37.78 19.67 -67.02
CA ARG G 255 -36.57 19.18 -66.43
C ARG G 255 -36.72 18.84 -64.97
N VAL G 256 -35.73 18.08 -64.51
CA VAL G 256 -35.72 17.71 -63.14
C VAL G 256 -34.38 17.80 -62.57
N THR G 257 -34.37 18.40 -61.40
CA THR G 257 -33.13 18.52 -60.74
C THR G 257 -33.15 18.00 -59.34
N VAL G 258 -32.06 17.32 -59.06
CA VAL G 258 -31.92 16.71 -57.79
C VAL G 258 -30.58 17.04 -57.26
N SER G 259 -30.65 17.61 -56.08
CA SER G 259 -29.49 18.09 -55.40
C SER G 259 -29.42 17.58 -53.98
N LEU G 260 -28.19 17.33 -53.65
CA LEU G 260 -27.89 16.84 -52.37
C LEU G 260 -27.08 17.81 -51.60
N TRP G 261 -27.58 17.98 -50.41
CA TRP G 261 -27.01 18.89 -49.48
C TRP G 261 -26.63 18.33 -48.16
N GLN G 262 -25.52 18.86 -47.73
CA GLN G 262 -24.94 18.57 -46.45
C GLN G 262 -24.92 19.88 -45.69
N GLY G 263 -26.08 20.15 -45.17
CA GLY G 263 -26.21 21.40 -44.50
C GLY G 263 -26.16 22.51 -45.52
N GLU G 264 -25.08 23.27 -45.44
CA GLU G 264 -24.94 24.39 -46.30
C GLU G 264 -24.31 24.03 -47.60
N THR G 265 -23.73 22.88 -47.55
CA THR G 265 -23.04 22.45 -48.71
C THR G 265 -23.80 21.62 -49.70
N GLN G 266 -23.59 22.01 -50.93
CA GLN G 266 -24.21 21.25 -51.94
C GLN G 266 -23.21 20.22 -52.32
N VAL G 267 -23.66 19.01 -52.16
CA VAL G 267 -22.82 17.87 -52.32
C VAL G 267 -22.85 17.26 -53.68
N ALA G 268 -24.03 17.32 -54.27
CA ALA G 268 -24.19 16.80 -55.59
C ALA G 268 -25.50 17.22 -56.17
N SER G 269 -25.47 17.29 -57.49
CA SER G 269 -26.63 17.66 -58.23
C SER G 269 -26.65 16.98 -59.54
N GLY G 270 -27.86 16.91 -60.08
CA GLY G 270 -28.10 16.30 -61.35
C GLY G 270 -29.38 16.80 -61.95
N THR G 271 -29.32 16.94 -63.27
CA THR G 271 -30.49 17.42 -63.96
C THR G 271 -30.81 16.62 -65.18
N ALA G 272 -32.10 16.50 -65.44
CA ALA G 272 -32.53 15.78 -66.61
C ALA G 272 -33.97 15.99 -66.94
N PRO G 273 -34.25 15.49 -68.10
CA PRO G 273 -35.55 15.55 -68.71
C PRO G 273 -36.20 14.22 -68.55
N PHE G 274 -37.52 14.25 -68.55
CA PHE G 274 -38.27 13.02 -68.39
C PHE G 274 -38.01 11.99 -69.45
N GLY G 275 -38.36 10.78 -69.11
CA GLY G 275 -38.19 9.68 -70.02
C GLY G 275 -37.13 8.74 -69.51
N GLY G 276 -37.60 7.51 -69.28
CA GLY G 276 -36.81 6.40 -68.78
C GLY G 276 -36.20 5.49 -69.86
N GLU G 277 -35.52 4.47 -69.35
CA GLU G 277 -34.86 3.47 -70.15
C GLU G 277 -35.90 2.47 -70.52
N ILE G 278 -35.60 1.75 -71.58
CA ILE G 278 -36.53 0.76 -71.99
C ILE G 278 -36.71 -0.25 -70.92
N ILE G 279 -37.95 -0.59 -70.74
CA ILE G 279 -38.20 -1.55 -69.74
C ILE G 279 -38.76 -2.79 -70.37
N ASP G 280 -39.48 -2.63 -71.46
CA ASP G 280 -40.02 -3.81 -72.07
C ASP G 280 -40.27 -3.60 -73.52
N GLU G 281 -41.00 -4.52 -74.09
CA GLU G 281 -41.27 -4.45 -75.51
C GLU G 281 -41.93 -3.16 -75.98
N ARG G 282 -42.71 -2.54 -75.07
CA ARG G 282 -43.41 -1.31 -75.40
C ARG G 282 -42.61 -0.06 -75.14
N GLY G 283 -41.47 -0.17 -74.47
CA GLY G 283 -40.66 1.01 -74.22
C GLY G 283 -40.44 1.23 -72.75
N GLY G 284 -40.38 2.52 -72.38
CA GLY G 284 -40.20 2.96 -71.00
C GLY G 284 -41.30 3.89 -70.49
N TYR G 285 -40.96 4.58 -69.39
CA TYR G 285 -41.83 5.54 -68.76
C TYR G 285 -41.42 6.91 -69.25
N ALA G 286 -42.34 7.49 -69.99
CA ALA G 286 -42.07 8.79 -70.53
C ALA G 286 -42.09 9.88 -69.48
N ASP G 287 -42.91 9.61 -68.51
CA ASP G 287 -43.18 10.48 -67.41
C ASP G 287 -42.44 10.13 -66.17
N ARG G 288 -41.27 9.54 -66.32
CA ARG G 288 -40.49 9.31 -65.13
C ARG G 288 -39.10 9.55 -65.52
N VAL G 289 -38.29 9.70 -64.53
CA VAL G 289 -36.89 9.88 -64.76
C VAL G 289 -36.11 9.45 -63.52
N THR G 290 -34.96 8.86 -63.74
CA THR G 290 -34.17 8.42 -62.62
C THR G 290 -32.79 9.04 -62.62
N LEU G 291 -32.39 9.65 -61.52
CA LEU G 291 -31.05 10.21 -61.50
C LEU G 291 -30.19 9.45 -60.56
N ARG G 292 -28.92 9.48 -60.88
CA ARG G 292 -27.95 8.80 -60.08
C ARG G 292 -26.85 9.72 -59.67
N LEU G 293 -26.71 9.96 -58.38
CA LEU G 293 -25.67 10.83 -57.87
C LEU G 293 -24.61 10.05 -57.16
N ASN G 294 -23.39 10.40 -57.46
CA ASN G 294 -22.29 9.75 -56.83
C ASN G 294 -21.87 10.50 -55.61
N VAL G 295 -21.52 9.75 -54.57
CA VAL G 295 -21.07 10.37 -53.35
C VAL G 295 -19.86 9.71 -52.75
N GLU G 296 -18.82 10.50 -52.63
CA GLU G 296 -17.63 9.92 -52.05
C GLU G 296 -17.65 10.05 -50.55
N ASN G 297 -17.11 9.02 -49.91
CA ASN G 297 -17.05 9.03 -48.46
C ASN G 297 -18.27 9.63 -47.82
N PRO G 298 -19.40 9.02 -48.11
CA PRO G 298 -20.62 9.50 -47.52
C PRO G 298 -20.55 9.26 -46.03
N LYS G 299 -21.38 10.01 -45.34
CA LYS G 299 -21.52 9.91 -43.90
C LYS G 299 -22.75 9.07 -43.64
N LEU G 300 -22.50 8.02 -42.90
CA LEU G 300 -23.57 7.10 -42.68
C LEU G 300 -24.54 7.35 -41.59
N TRP G 301 -25.73 6.93 -41.91
CA TRP G 301 -26.74 7.08 -40.94
C TRP G 301 -26.84 5.83 -40.06
N SER G 302 -27.06 6.00 -38.76
CA SER G 302 -27.18 4.91 -37.79
C SER G 302 -27.94 5.42 -36.64
N ALA G 303 -28.43 4.51 -35.82
CA ALA G 303 -29.11 4.98 -34.65
C ALA G 303 -28.03 5.55 -33.76
N GLU G 304 -26.80 5.08 -33.92
CA GLU G 304 -25.68 5.62 -33.16
C GLU G 304 -25.38 7.06 -33.61
N ILE G 305 -25.46 7.33 -34.91
CA ILE G 305 -25.18 8.66 -35.43
C ILE G 305 -25.95 8.92 -36.67
N PRO G 306 -27.03 9.55 -36.45
CA PRO G 306 -27.99 9.84 -37.47
C PRO G 306 -27.53 10.88 -38.45
N ASN G 307 -26.50 10.58 -39.18
CA ASN G 307 -26.07 11.52 -40.17
C ASN G 307 -27.10 11.63 -41.24
N LEU G 308 -27.53 12.87 -41.47
CA LEU G 308 -28.49 13.14 -42.53
C LEU G 308 -28.06 14.06 -43.65
N TYR G 309 -28.75 13.91 -44.77
CA TYR G 309 -28.50 14.76 -45.91
C TYR G 309 -29.84 15.25 -46.38
N ARG G 310 -29.81 16.35 -47.12
CA ARG G 310 -31.06 16.86 -47.62
C ARG G 310 -31.10 16.79 -49.11
N ALA G 311 -32.25 16.30 -49.54
CA ALA G 311 -32.42 16.14 -50.95
C ALA G 311 -33.54 16.97 -51.50
N VAL G 312 -33.18 17.65 -52.60
CA VAL G 312 -34.12 18.48 -53.31
C VAL G 312 -34.42 18.12 -54.72
N VAL G 313 -35.72 18.04 -54.87
CA VAL G 313 -36.30 17.69 -56.12
C VAL G 313 -37.06 18.85 -56.70
N GLU G 314 -36.49 19.37 -57.76
CA GLU G 314 -37.08 20.47 -58.44
C GLU G 314 -37.48 20.14 -59.84
N LEU G 315 -38.74 20.43 -60.05
CA LEU G 315 -39.44 20.28 -61.29
C LEU G 315 -39.44 21.65 -61.95
N HIS G 316 -38.72 21.77 -63.02
CA HIS G 316 -38.65 23.05 -63.66
C HIS G 316 -38.57 22.97 -65.17
N THR G 317 -38.56 24.13 -65.79
CA THR G 317 -38.46 24.20 -67.23
C THR G 317 -37.03 24.38 -67.57
N ALA G 318 -36.76 24.13 -68.82
CA ALA G 318 -35.42 24.22 -69.30
C ALA G 318 -34.82 25.59 -69.15
N ASP G 319 -35.68 26.61 -69.19
CA ASP G 319 -35.19 27.99 -69.08
C ASP G 319 -34.73 28.30 -67.67
N GLY G 320 -35.28 27.57 -66.72
CA GLY G 320 -34.87 27.78 -65.35
C GLY G 320 -36.03 28.05 -64.42
N THR G 321 -37.14 28.31 -65.03
CA THR G 321 -38.30 28.59 -64.25
C THR G 321 -38.77 27.37 -63.45
N LEU G 322 -38.82 27.53 -62.14
CA LEU G 322 -39.24 26.44 -61.29
C LEU G 322 -40.74 26.23 -61.22
N ILE G 323 -41.18 25.00 -61.39
CA ILE G 323 -42.61 24.72 -61.28
C ILE G 323 -42.98 24.43 -59.82
N GLU G 324 -42.14 23.63 -59.19
CA GLU G 324 -42.29 23.26 -57.77
C GLU G 324 -41.15 22.42 -57.31
N ALA G 325 -41.18 22.24 -56.00
CA ALA G 325 -40.17 21.47 -55.29
C ALA G 325 -40.70 20.61 -54.15
N GLU G 326 -39.97 19.52 -53.97
CA GLU G 326 -40.22 18.61 -52.88
C GLU G 326 -38.86 18.24 -52.39
N ALA G 327 -38.87 17.82 -51.14
CA ALA G 327 -37.62 17.43 -50.54
C ALA G 327 -37.79 16.37 -49.48
N CYS G 328 -36.62 15.90 -49.02
CA CYS G 328 -36.56 14.92 -47.96
C CYS G 328 -35.20 14.78 -47.36
N ASP G 329 -35.22 14.22 -46.16
CA ASP G 329 -33.96 13.95 -45.51
C ASP G 329 -33.45 12.62 -45.98
N VAL G 330 -32.16 12.51 -46.11
CA VAL G 330 -31.65 11.27 -46.61
C VAL G 330 -30.58 10.67 -45.73
N GLY G 331 -30.67 9.34 -45.56
CA GLY G 331 -29.70 8.62 -44.78
C GLY G 331 -29.00 7.54 -45.57
N PHE G 332 -27.70 7.59 -45.51
CA PHE G 332 -26.93 6.58 -46.18
C PHE G 332 -26.71 5.41 -45.27
N ARG G 333 -27.38 4.32 -45.60
CA ARG G 333 -27.29 3.11 -44.83
C ARG G 333 -27.80 1.95 -45.62
N GLU G 334 -27.19 0.81 -45.33
CA GLU G 334 -27.52 -0.45 -45.96
C GLU G 334 -27.98 -1.48 -44.95
N VAL G 335 -29.14 -2.03 -45.21
CA VAL G 335 -29.65 -3.02 -44.29
C VAL G 335 -29.67 -4.32 -45.03
N ARG G 336 -29.05 -5.33 -44.49
CA ARG G 336 -29.11 -6.58 -45.16
C ARG G 336 -28.93 -7.78 -44.28
N ILE G 337 -29.49 -8.85 -44.78
CA ILE G 337 -29.34 -10.08 -44.09
C ILE G 337 -28.38 -10.96 -44.82
N GLU G 338 -27.33 -11.28 -44.12
CA GLU G 338 -26.40 -12.10 -44.78
C GLU G 338 -25.91 -13.22 -43.94
N ASN G 339 -26.03 -14.39 -44.50
CA ASN G 339 -25.54 -15.54 -43.77
C ASN G 339 -26.11 -15.66 -42.37
N GLY G 340 -27.42 -15.53 -42.26
CA GLY G 340 -28.10 -15.69 -40.99
C GLY G 340 -28.06 -14.41 -40.18
N LEU G 341 -27.37 -13.40 -40.68
CA LEU G 341 -27.35 -12.21 -39.85
C LEU G 341 -27.85 -10.95 -40.45
N LEU G 342 -28.43 -10.19 -39.58
CA LEU G 342 -28.94 -8.91 -39.95
C LEU G 342 -27.89 -7.85 -39.77
N LEU G 343 -27.56 -7.23 -40.89
CA LEU G 343 -26.54 -6.23 -40.85
C LEU G 343 -26.98 -4.88 -41.22
N LEU G 344 -26.26 -4.00 -40.62
CA LEU G 344 -26.45 -2.65 -40.90
C LEU G 344 -25.13 -2.03 -41.21
N ASN G 345 -25.03 -1.49 -42.40
CA ASN G 345 -23.78 -0.92 -42.81
C ASN G 345 -22.67 -1.87 -42.54
N GLY G 346 -22.98 -3.12 -42.82
CA GLY G 346 -21.98 -4.14 -42.68
C GLY G 346 -21.85 -4.76 -41.33
N LYS G 347 -22.44 -4.16 -40.34
CA LYS G 347 -22.33 -4.77 -39.04
C LYS G 347 -23.65 -5.29 -38.58
N PRO G 348 -23.50 -6.31 -37.80
CA PRO G 348 -24.56 -7.09 -37.21
C PRO G 348 -25.14 -6.34 -36.07
N LEU G 349 -26.44 -6.16 -36.14
CA LEU G 349 -27.08 -5.41 -35.10
C LEU G 349 -27.47 -6.20 -33.90
N LEU G 350 -27.74 -5.41 -32.89
CA LEU G 350 -28.24 -5.88 -31.64
C LEU G 350 -29.33 -4.92 -31.20
N ILE G 351 -30.53 -5.37 -31.41
CA ILE G 351 -31.71 -4.58 -31.18
C ILE G 351 -32.12 -4.49 -29.77
N ARG G 352 -32.05 -3.27 -29.26
CA ARG G 352 -32.53 -2.94 -27.93
C ARG G 352 -33.86 -2.24 -28.16
N GLY G 353 -34.88 -3.06 -28.47
CA GLY G 353 -36.16 -2.53 -28.85
C GLY G 353 -37.31 -2.58 -27.90
N VAL G 354 -38.27 -1.80 -28.32
CA VAL G 354 -39.51 -1.72 -27.58
C VAL G 354 -40.64 -1.46 -28.53
N ASN G 355 -41.77 -2.01 -28.18
CA ASN G 355 -42.98 -1.78 -28.96
C ASN G 355 -43.64 -0.58 -28.34
N ARG G 356 -44.24 0.24 -29.19
CA ARG G 356 -44.93 1.43 -28.72
C ARG G 356 -46.20 1.82 -29.44
N HIS G 357 -47.24 2.04 -28.66
CA HIS G 357 -48.49 2.53 -29.24
C HIS G 357 -48.58 4.06 -29.21
N GLU G 358 -49.48 4.57 -30.04
CA GLU G 358 -49.76 6.01 -30.09
C GLU G 358 -50.90 6.24 -29.09
N HIS G 359 -50.50 6.63 -27.85
CA HIS G 359 -51.40 6.78 -26.70
C HIS G 359 -51.05 7.87 -25.71
N HIS G 360 -52.11 8.63 -25.41
CA HIS G 360 -52.13 9.76 -24.54
C HIS G 360 -53.26 9.65 -23.55
N PRO G 361 -52.88 9.69 -22.29
CA PRO G 361 -53.77 9.55 -21.13
C PRO G 361 -54.96 10.50 -21.20
N LEU G 362 -54.66 11.68 -21.75
CA LEU G 362 -55.61 12.76 -21.96
C LEU G 362 -56.22 12.85 -23.35
N HIS G 363 -55.39 12.84 -24.37
CA HIS G 363 -55.89 12.93 -25.72
C HIS G 363 -56.33 11.64 -26.36
N GLY G 364 -56.22 10.51 -25.69
CA GLY G 364 -56.60 9.23 -26.29
C GLY G 364 -55.56 8.87 -27.37
N GLN G 365 -56.03 8.64 -28.60
CA GLN G 365 -55.10 8.29 -29.66
C GLN G 365 -54.53 9.45 -30.45
N VAL G 366 -54.63 10.64 -29.91
CA VAL G 366 -54.09 11.76 -30.64
C VAL G 366 -52.66 12.13 -30.24
N MET G 367 -51.81 12.18 -31.25
CA MET G 367 -50.39 12.46 -31.03
C MET G 367 -49.94 13.87 -31.27
N ASP G 368 -48.79 14.23 -30.70
CA ASP G 368 -48.18 15.54 -30.87
C ASP G 368 -46.69 15.53 -30.64
N GLU G 369 -46.10 16.47 -31.33
CA GLU G 369 -44.67 16.62 -31.30
C GLU G 369 -44.09 16.46 -29.93
N GLN G 370 -44.62 17.25 -29.08
CA GLN G 370 -44.12 17.28 -27.76
C GLN G 370 -43.96 15.92 -27.09
N THR G 371 -45.03 15.16 -27.15
CA THR G 371 -45.02 13.83 -26.59
C THR G 371 -44.01 12.91 -27.27
N MET G 372 -44.17 12.87 -28.58
CA MET G 372 -43.31 12.07 -29.39
C MET G 372 -41.86 12.24 -28.93
N VAL G 373 -41.46 13.48 -28.88
CA VAL G 373 -40.12 13.73 -28.48
C VAL G 373 -39.79 13.21 -27.10
N GLN G 374 -40.75 13.41 -26.26
CA GLN G 374 -40.52 12.93 -24.93
C GLN G 374 -40.16 11.46 -24.92
N ASP G 375 -41.02 10.71 -25.59
CA ASP G 375 -40.79 9.29 -25.68
C ASP G 375 -39.40 8.97 -26.19
N ILE G 376 -39.12 9.62 -27.27
CA ILE G 376 -37.84 9.38 -27.83
C ILE G 376 -36.71 9.61 -26.89
N LEU G 377 -36.79 10.75 -26.25
CA LEU G 377 -35.72 11.09 -25.34
C LEU G 377 -35.50 10.04 -24.32
N LEU G 378 -36.60 9.67 -23.72
CA LEU G 378 -36.56 8.65 -22.73
C LEU G 378 -35.95 7.37 -23.22
N MET G 379 -36.48 6.91 -24.34
CA MET G 379 -35.96 5.70 -24.88
C MET G 379 -34.48 5.73 -25.02
N LYS G 380 -34.07 6.77 -25.72
CA LYS G 380 -32.67 6.96 -25.95
C LYS G 380 -31.92 6.98 -24.66
N GLN G 381 -32.49 7.64 -23.70
CA GLN G 381 -31.80 7.70 -22.44
C GLN G 381 -31.75 6.40 -21.70
N ASN G 382 -32.64 5.49 -22.03
CA ASN G 382 -32.64 4.21 -21.40
C ASN G 382 -32.01 3.09 -22.20
N ASN G 383 -31.24 3.47 -23.18
CA ASN G 383 -30.51 2.50 -23.93
C ASN G 383 -31.30 1.74 -24.92
N PHE G 384 -32.41 2.30 -25.33
CA PHE G 384 -33.14 1.65 -26.41
C PHE G 384 -32.63 2.13 -27.78
N ASN G 385 -32.73 1.32 -28.83
CA ASN G 385 -32.24 1.83 -30.12
C ASN G 385 -33.22 1.58 -31.22
N ALA G 386 -34.31 0.96 -30.85
CA ALA G 386 -35.26 0.65 -31.87
C ALA G 386 -36.64 0.57 -31.33
N VAL G 387 -37.56 0.79 -32.24
CA VAL G 387 -38.95 0.70 -31.87
C VAL G 387 -39.79 0.13 -33.00
N ARG G 388 -40.81 -0.58 -32.55
CA ARG G 388 -41.75 -1.19 -33.43
C ARG G 388 -43.09 -0.48 -33.30
N CYS G 389 -43.62 -0.07 -34.44
CA CYS G 389 -44.93 0.59 -34.51
C CYS G 389 -46.10 -0.35 -34.31
N SER G 390 -46.23 -0.88 -33.10
CA SER G 390 -47.34 -1.80 -32.86
C SER G 390 -48.63 -1.00 -32.87
N HIS G 391 -49.51 -1.25 -33.82
CA HIS G 391 -49.42 -2.20 -34.89
C HIS G 391 -50.10 -1.55 -36.09
N TYR G 392 -49.53 -0.45 -36.56
CA TYR G 392 -50.09 0.32 -37.64
C TYR G 392 -49.13 1.45 -37.85
N PRO G 393 -49.29 2.03 -38.98
CA PRO G 393 -48.43 3.12 -39.36
C PRO G 393 -48.69 4.24 -38.42
N ASN G 394 -47.64 4.92 -38.13
CA ASN G 394 -47.80 5.97 -37.19
C ASN G 394 -47.97 7.31 -37.82
N HIS G 395 -48.28 8.24 -36.98
CA HIS G 395 -48.27 9.59 -37.38
C HIS G 395 -46.87 9.91 -37.94
N PRO G 396 -46.94 10.49 -39.06
CA PRO G 396 -45.87 10.86 -39.95
C PRO G 396 -44.69 11.55 -39.34
N LEU G 397 -44.97 12.38 -38.41
CA LEU G 397 -43.89 13.10 -37.86
C LEU G 397 -42.86 12.20 -37.16
N TRP G 398 -43.46 11.17 -36.62
CA TRP G 398 -42.71 10.21 -35.88
C TRP G 398 -41.44 9.80 -36.60
N TYR G 399 -41.68 9.41 -37.86
CA TYR G 399 -40.59 8.93 -38.68
C TYR G 399 -39.49 9.93 -38.84
N THR G 400 -39.92 11.15 -38.94
CA THR G 400 -38.93 12.14 -39.11
C THR G 400 -38.06 12.28 -37.89
N LEU G 401 -38.76 12.29 -36.78
CA LEU G 401 -38.09 12.40 -35.53
C LEU G 401 -37.09 11.31 -35.38
N CYS G 402 -37.56 10.11 -35.68
CA CYS G 402 -36.66 8.99 -35.54
C CYS G 402 -35.50 9.15 -36.47
N ASP G 403 -35.80 9.69 -37.63
CA ASP G 403 -34.76 9.87 -38.60
C ASP G 403 -33.70 10.78 -38.04
N ARG G 404 -34.20 11.80 -37.38
CA ARG G 404 -33.32 12.82 -36.86
C ARG G 404 -32.62 12.49 -35.59
N TYR G 405 -33.36 11.87 -34.68
CA TYR G 405 -32.79 11.51 -33.40
C TYR G 405 -31.95 10.27 -33.40
N GLY G 406 -32.30 9.34 -34.30
CA GLY G 406 -31.58 8.11 -34.43
C GLY G 406 -32.21 6.92 -33.73
N LEU G 407 -33.20 6.29 -34.34
CA LEU G 407 -33.79 5.09 -33.77
C LEU G 407 -34.18 4.14 -34.88
N TYR G 408 -33.86 2.85 -34.76
CA TYR G 408 -34.30 1.97 -35.82
C TYR G 408 -35.79 1.75 -35.69
N VAL G 409 -36.46 1.71 -36.83
CA VAL G 409 -37.89 1.49 -36.80
C VAL G 409 -38.40 0.37 -37.69
N VAL G 410 -39.40 -0.28 -37.12
CA VAL G 410 -40.12 -1.30 -37.83
C VAL G 410 -41.50 -0.74 -38.14
N ASP G 411 -41.77 -0.52 -39.43
CA ASP G 411 -43.04 -0.02 -39.87
C ASP G 411 -44.03 -1.18 -40.07
N GLU G 412 -45.20 -1.03 -39.50
CA GLU G 412 -46.10 -2.14 -39.56
C GLU G 412 -47.47 -1.85 -40.14
N ALA G 413 -47.89 -2.75 -41.00
CA ALA G 413 -49.18 -2.53 -41.60
C ALA G 413 -50.31 -2.66 -40.59
N ASN G 414 -51.35 -1.88 -40.83
CA ASN G 414 -52.49 -1.87 -39.99
C ASN G 414 -53.40 -3.09 -40.17
N ILE G 415 -52.98 -4.27 -39.73
CA ILE G 415 -53.86 -5.42 -39.87
C ILE G 415 -53.76 -6.36 -38.70
N GLU G 416 -54.85 -6.57 -37.95
CA GLU G 416 -54.90 -7.51 -36.84
C GLU G 416 -56.28 -8.11 -36.89
N THR G 417 -56.38 -9.43 -36.93
CA THR G 417 -57.67 -10.12 -36.98
C THR G 417 -57.68 -11.14 -35.90
N HIS G 418 -57.01 -10.72 -34.87
CA HIS G 418 -56.83 -11.54 -33.74
C HIS G 418 -58.08 -12.33 -33.27
N GLY G 419 -59.26 -11.72 -33.30
CA GLY G 419 -60.48 -12.35 -32.81
C GLY G 419 -61.07 -13.39 -33.73
N MET G 420 -60.58 -13.47 -34.95
CA MET G 420 -61.14 -14.44 -35.84
C MET G 420 -60.91 -15.85 -35.39
N VAL G 421 -61.56 -16.78 -36.04
CA VAL G 421 -61.35 -18.16 -35.66
C VAL G 421 -61.52 -19.17 -36.79
N PRO G 422 -60.46 -19.86 -37.14
CA PRO G 422 -59.16 -19.65 -36.55
C PRO G 422 -58.64 -18.27 -36.98
N MET G 423 -57.60 -17.87 -36.31
CA MET G 423 -57.04 -16.58 -36.55
C MET G 423 -56.88 -16.20 -38.01
N ASN G 424 -56.68 -17.14 -38.91
CA ASN G 424 -56.45 -16.69 -40.29
C ASN G 424 -57.65 -16.78 -41.25
N ARG G 425 -58.83 -16.87 -40.64
CA ARG G 425 -60.07 -16.94 -41.36
C ARG G 425 -60.12 -15.98 -42.54
N LEU G 426 -59.75 -14.73 -42.29
CA LEU G 426 -59.75 -13.76 -43.37
C LEU G 426 -58.50 -13.73 -44.22
N THR G 427 -57.33 -13.83 -43.56
CA THR G 427 -56.03 -13.75 -44.23
C THR G 427 -55.78 -14.80 -45.26
N ASP G 428 -56.55 -15.84 -45.09
CA ASP G 428 -56.45 -16.86 -46.06
C ASP G 428 -57.55 -16.76 -47.12
N ASP G 429 -58.23 -15.63 -47.17
CA ASP G 429 -59.30 -15.46 -48.10
C ASP G 429 -59.08 -14.31 -49.06
N PRO G 430 -59.07 -14.77 -50.28
CA PRO G 430 -58.87 -13.99 -51.46
C PRO G 430 -59.74 -12.77 -51.43
N ARG G 431 -60.98 -13.03 -51.03
CA ARG G 431 -61.91 -11.91 -50.97
C ARG G 431 -61.39 -10.77 -50.14
N TRP G 432 -60.50 -11.07 -49.23
CA TRP G 432 -59.98 -10.00 -48.39
C TRP G 432 -58.64 -9.46 -48.80
N LEU G 433 -58.17 -10.13 -49.80
CA LEU G 433 -56.88 -9.76 -50.27
C LEU G 433 -56.69 -8.30 -50.70
N PRO G 434 -57.64 -7.80 -51.37
CA PRO G 434 -57.54 -6.44 -51.86
C PRO G 434 -57.49 -5.44 -50.72
N ALA G 435 -58.38 -5.68 -49.81
CA ALA G 435 -58.39 -4.86 -48.61
C ALA G 435 -57.01 -4.90 -47.94
N MET G 436 -56.57 -6.13 -47.68
CA MET G 436 -55.29 -6.26 -47.06
C MET G 436 -54.22 -5.57 -47.87
N SER G 437 -54.32 -5.80 -49.14
CA SER G 437 -53.33 -5.28 -50.02
C SER G 437 -53.04 -3.79 -49.81
N GLU G 438 -54.16 -3.07 -49.74
CA GLU G 438 -54.15 -1.64 -49.65
C GLU G 438 -53.44 -1.16 -48.45
N ARG G 439 -53.70 -1.95 -47.43
CA ARG G 439 -53.07 -1.69 -46.18
C ARG G 439 -51.53 -1.81 -46.27
N VAL G 440 -51.01 -2.69 -47.12
CA VAL G 440 -49.58 -2.73 -47.15
C VAL G 440 -48.96 -1.73 -48.11
N THR G 441 -49.51 -1.80 -49.31
CA THR G 441 -49.01 -1.02 -50.39
C THR G 441 -48.86 0.43 -50.06
N ARG G 442 -49.94 0.91 -49.47
CA ARG G 442 -50.00 2.31 -49.14
C ARG G 442 -48.96 2.74 -48.15
N MET G 443 -48.75 1.86 -47.17
CA MET G 443 -47.74 2.17 -46.19
C MET G 443 -46.38 2.38 -46.82
N VAL G 444 -46.10 1.40 -47.64
CA VAL G 444 -44.83 1.39 -48.27
C VAL G 444 -44.63 2.63 -49.08
N GLN G 445 -45.69 2.94 -49.79
CA GLN G 445 -45.68 4.08 -50.66
C GLN G 445 -45.42 5.36 -49.92
N ARG G 446 -45.96 5.37 -48.73
CA ARG G 446 -45.79 6.54 -47.97
C ARG G 446 -44.46 6.67 -47.29
N ASP G 447 -43.95 5.57 -46.72
CA ASP G 447 -42.80 5.69 -45.86
C ASP G 447 -41.45 5.29 -46.31
N ARG G 448 -41.44 4.77 -47.48
CA ARG G 448 -40.22 4.22 -47.95
C ARG G 448 -39.01 5.12 -48.04
N ASN G 449 -39.19 6.41 -47.96
CA ASN G 449 -37.96 7.16 -48.05
C ASN G 449 -37.26 7.41 -46.74
N HIS G 450 -37.88 7.02 -45.61
CA HIS G 450 -37.19 7.27 -44.35
C HIS G 450 -36.14 6.24 -43.97
N PRO G 451 -34.94 6.73 -43.75
CA PRO G 451 -33.84 5.86 -43.35
C PRO G 451 -34.08 5.11 -42.06
N SER G 452 -34.85 5.64 -41.15
CA SER G 452 -35.05 4.92 -39.91
C SER G 452 -35.89 3.67 -40.09
N VAL G 453 -36.66 3.64 -41.16
CA VAL G 453 -37.41 2.44 -41.28
C VAL G 453 -36.47 1.41 -41.80
N ILE G 454 -36.31 0.31 -41.07
CA ILE G 454 -35.39 -0.69 -41.59
C ILE G 454 -36.02 -2.03 -41.81
N ILE G 455 -37.23 -2.20 -41.35
CA ILE G 455 -37.92 -3.43 -41.57
C ILE G 455 -39.38 -3.16 -41.76
N TRP G 456 -39.95 -3.93 -42.65
CA TRP G 456 -41.36 -3.83 -42.89
C TRP G 456 -42.01 -5.01 -42.22
N SER G 457 -43.18 -4.74 -41.67
CA SER G 457 -43.96 -5.76 -41.02
C SER G 457 -45.35 -5.82 -41.61
N LEU G 458 -45.80 -7.04 -41.88
CA LEU G 458 -47.10 -7.25 -42.48
C LEU G 458 -48.26 -7.09 -41.53
N GLY G 459 -48.02 -6.79 -40.27
CA GLY G 459 -49.19 -6.73 -39.46
C GLY G 459 -48.99 -7.48 -38.18
N ASN G 460 -50.08 -7.96 -37.57
CA ASN G 460 -49.99 -8.64 -36.31
C ASN G 460 -51.16 -9.55 -35.98
N GLU G 461 -50.85 -10.62 -35.30
CA GLU G 461 -51.82 -11.60 -34.88
C GLU G 461 -52.99 -11.77 -35.80
N SER G 462 -52.72 -12.27 -37.00
CA SER G 462 -53.75 -12.51 -38.00
C SER G 462 -53.55 -13.89 -38.61
N GLY G 463 -52.93 -14.76 -37.83
CA GLY G 463 -52.61 -16.09 -38.29
C GLY G 463 -51.65 -15.99 -39.48
N HIS G 464 -51.71 -17.00 -40.31
CA HIS G 464 -50.91 -16.99 -41.49
C HIS G 464 -51.75 -17.46 -42.66
N GLY G 465 -51.91 -16.60 -43.67
CA GLY G 465 -52.69 -16.97 -44.82
C GLY G 465 -51.99 -16.56 -46.09
N ALA G 466 -52.51 -17.12 -47.14
CA ALA G 466 -51.93 -16.86 -48.43
C ALA G 466 -51.81 -15.39 -48.76
N ASN G 467 -52.75 -14.62 -48.20
CA ASN G 467 -52.69 -13.21 -48.52
C ASN G 467 -51.36 -12.66 -48.06
N HIS G 468 -50.90 -13.27 -47.00
CA HIS G 468 -49.62 -12.86 -46.44
C HIS G 468 -48.45 -13.11 -47.38
N ASP G 469 -48.43 -14.33 -47.89
CA ASP G 469 -47.35 -14.67 -48.77
C ASP G 469 -47.31 -13.75 -49.95
N ALA G 470 -48.50 -13.55 -50.47
CA ALA G 470 -48.56 -12.68 -51.61
C ALA G 470 -48.03 -11.29 -51.32
N LEU G 471 -48.34 -10.80 -50.15
CA LEU G 471 -47.94 -9.47 -49.81
C LEU G 471 -46.48 -9.31 -49.49
N TYR G 472 -46.01 -10.35 -48.84
CA TYR G 472 -44.63 -10.44 -48.55
C TYR G 472 -43.83 -10.28 -49.85
N ARG G 473 -44.24 -11.09 -50.79
CA ARG G 473 -43.59 -11.07 -52.05
C ARG G 473 -43.59 -9.71 -52.72
N TRP G 474 -44.76 -9.11 -52.70
CA TRP G 474 -44.93 -7.84 -53.31
C TRP G 474 -43.90 -6.84 -52.80
N ILE G 475 -43.78 -6.81 -51.51
CA ILE G 475 -42.83 -5.88 -51.01
C ILE G 475 -41.45 -6.19 -51.45
N LYS G 476 -41.14 -7.47 -51.37
CA LYS G 476 -39.80 -7.87 -51.74
C LYS G 476 -39.48 -7.33 -53.07
N SER G 477 -40.49 -7.32 -53.90
CA SER G 477 -40.21 -6.87 -55.24
C SER G 477 -40.10 -5.41 -55.35
N VAL G 478 -40.92 -4.76 -54.63
CA VAL G 478 -40.91 -3.34 -54.74
C VAL G 478 -39.77 -2.68 -53.94
N ASP G 479 -39.49 -3.24 -52.78
CA ASP G 479 -38.48 -2.70 -51.91
C ASP G 479 -37.67 -3.79 -51.26
N PRO G 480 -36.63 -3.98 -51.95
CA PRO G 480 -35.66 -4.97 -51.67
C PRO G 480 -34.67 -4.49 -50.66
N SER G 481 -34.71 -3.22 -50.35
CA SER G 481 -33.80 -2.57 -49.44
C SER G 481 -34.02 -2.97 -47.97
N ARG G 482 -35.19 -3.51 -47.70
CA ARG G 482 -35.51 -3.90 -46.36
C ARG G 482 -36.16 -5.24 -46.33
N PRO G 483 -35.87 -5.87 -45.24
CA PRO G 483 -36.37 -7.18 -44.92
C PRO G 483 -37.77 -7.03 -44.42
N VAL G 484 -38.48 -8.13 -44.54
CA VAL G 484 -39.85 -8.19 -44.11
C VAL G 484 -40.05 -9.21 -43.03
N GLN G 485 -40.86 -8.86 -42.03
CA GLN G 485 -41.14 -9.84 -41.01
C GLN G 485 -42.61 -9.92 -40.67
N TYR G 486 -42.96 -11.06 -40.10
CA TYR G 486 -44.34 -11.32 -39.70
C TYR G 486 -44.38 -12.54 -38.80
N GLU G 487 -44.98 -12.38 -37.62
CA GLU G 487 -44.99 -13.44 -36.63
C GLU G 487 -46.09 -14.48 -36.77
N GLY G 488 -47.21 -14.05 -37.30
CA GLY G 488 -48.36 -14.91 -37.37
C GLY G 488 -48.07 -16.29 -37.90
N GLY G 489 -48.83 -17.21 -37.37
CA GLY G 489 -48.77 -18.57 -37.78
C GLY G 489 -47.52 -19.33 -37.42
N GLY G 490 -46.87 -18.99 -36.31
CA GLY G 490 -45.69 -19.74 -35.94
C GLY G 490 -44.36 -19.00 -35.91
N ALA G 491 -44.32 -17.73 -36.36
CA ALA G 491 -43.13 -16.89 -36.32
C ALA G 491 -41.99 -17.32 -37.23
N ASP G 492 -42.23 -18.37 -38.01
CA ASP G 492 -41.15 -18.82 -38.89
C ASP G 492 -41.62 -19.20 -40.27
N THR G 493 -42.77 -18.66 -40.67
CA THR G 493 -43.33 -19.01 -41.96
C THR G 493 -42.53 -18.46 -43.09
N THR G 494 -43.07 -18.83 -44.25
CA THR G 494 -42.54 -18.41 -45.55
C THR G 494 -42.69 -16.90 -45.73
N ALA G 495 -43.54 -16.34 -44.91
CA ALA G 495 -43.78 -14.93 -45.02
C ALA G 495 -42.88 -14.11 -44.13
N THR G 496 -41.83 -14.67 -43.57
CA THR G 496 -41.03 -13.78 -42.76
C THR G 496 -39.58 -14.00 -43.02
N ASP G 497 -38.85 -12.92 -42.99
CA ASP G 497 -37.43 -13.05 -43.22
C ASP G 497 -36.67 -13.27 -41.96
N ILE G 498 -37.36 -13.09 -40.85
CA ILE G 498 -36.76 -13.22 -39.55
C ILE G 498 -37.63 -14.01 -38.65
N ILE G 499 -37.02 -14.81 -37.81
CA ILE G 499 -37.81 -15.54 -36.85
C ILE G 499 -38.11 -14.54 -35.77
N CYS G 500 -39.38 -14.23 -35.64
CA CYS G 500 -39.81 -13.17 -34.73
C CYS G 500 -40.94 -13.57 -33.83
N PRO G 501 -40.67 -14.47 -32.98
CA PRO G 501 -41.70 -14.90 -32.07
C PRO G 501 -41.98 -13.85 -31.02
N MET G 502 -43.07 -14.14 -30.32
CA MET G 502 -43.49 -13.33 -29.20
C MET G 502 -43.51 -14.20 -27.95
N TYR G 503 -42.78 -13.78 -26.95
CA TYR G 503 -42.78 -14.49 -25.69
C TYR G 503 -42.14 -15.87 -25.60
N ALA G 504 -41.25 -16.19 -26.52
CA ALA G 504 -40.53 -17.46 -26.42
C ALA G 504 -39.51 -17.36 -25.27
N ARG G 505 -39.36 -18.46 -24.55
CA ARG G 505 -38.46 -18.42 -23.43
C ARG G 505 -37.03 -18.67 -23.82
N VAL G 506 -36.14 -18.25 -22.92
CA VAL G 506 -34.74 -18.41 -23.20
C VAL G 506 -34.40 -19.88 -23.29
N ASP G 507 -34.75 -20.61 -22.25
CA ASP G 507 -34.41 -22.01 -22.32
C ASP G 507 -35.59 -22.95 -22.33
N GLU G 508 -36.79 -22.48 -22.12
CA GLU G 508 -37.85 -23.46 -22.10
C GLU G 508 -38.70 -23.45 -23.32
N ASP G 509 -39.11 -24.64 -23.72
CA ASP G 509 -39.98 -24.77 -24.85
C ASP G 509 -41.41 -24.76 -24.39
N GLN G 510 -42.27 -24.19 -25.22
CA GLN G 510 -43.71 -24.11 -25.06
C GLN G 510 -44.26 -24.59 -26.37
N PRO G 511 -44.47 -25.86 -26.33
CA PRO G 511 -44.86 -26.65 -27.42
C PRO G 511 -46.34 -26.73 -27.73
N PHE G 512 -46.90 -25.60 -28.01
CA PHE G 512 -48.24 -25.68 -28.43
C PHE G 512 -48.29 -26.29 -29.80
N PRO G 513 -49.39 -26.95 -29.96
CA PRO G 513 -49.77 -27.60 -31.17
C PRO G 513 -49.87 -26.57 -32.24
N ALA G 514 -49.36 -26.96 -33.40
CA ALA G 514 -49.38 -26.12 -34.56
C ALA G 514 -48.46 -24.92 -34.48
N VAL G 515 -48.33 -24.32 -33.31
CA VAL G 515 -47.56 -23.12 -33.21
C VAL G 515 -46.86 -23.07 -31.89
N PRO G 516 -45.98 -24.02 -31.77
CA PRO G 516 -45.17 -24.16 -30.58
C PRO G 516 -44.20 -23.00 -30.57
N LYS G 517 -43.73 -22.70 -29.37
CA LYS G 517 -42.73 -21.68 -29.13
C LYS G 517 -41.52 -22.36 -28.47
N TRP G 518 -40.52 -22.62 -29.26
CA TRP G 518 -39.32 -23.24 -28.76
C TRP G 518 -38.47 -22.31 -27.96
N SER G 519 -37.62 -22.86 -27.09
CA SER G 519 -36.67 -22.00 -26.43
C SER G 519 -35.96 -21.31 -27.60
N ILE G 520 -35.67 -20.06 -27.39
CA ILE G 520 -35.05 -19.42 -28.52
C ILE G 520 -33.70 -20.00 -28.86
N LYS G 521 -32.95 -20.52 -27.89
CA LYS G 521 -31.67 -21.08 -28.32
C LYS G 521 -31.88 -22.30 -29.21
N LYS G 522 -32.91 -23.05 -28.89
CA LYS G 522 -33.20 -24.22 -29.67
C LYS G 522 -33.76 -23.87 -31.03
N TRP G 523 -34.57 -22.86 -31.05
CA TRP G 523 -35.20 -22.53 -32.27
C TRP G 523 -34.20 -22.34 -33.38
N LEU G 524 -33.13 -21.67 -33.08
CA LEU G 524 -32.19 -21.42 -34.17
C LEU G 524 -31.60 -22.63 -34.91
N SER G 525 -31.44 -23.72 -34.16
CA SER G 525 -30.75 -24.96 -34.55
C SER G 525 -31.62 -25.96 -35.25
N LEU G 526 -32.90 -25.69 -35.28
CA LEU G 526 -33.76 -26.61 -35.97
C LEU G 526 -33.24 -26.83 -37.37
N PRO G 527 -33.36 -28.06 -37.76
CA PRO G 527 -32.89 -28.51 -39.04
C PRO G 527 -33.39 -27.69 -40.14
N GLY G 528 -32.42 -27.13 -40.84
CA GLY G 528 -32.71 -26.28 -41.97
C GLY G 528 -32.92 -24.82 -41.58
N GLU G 529 -33.04 -24.50 -40.29
CA GLU G 529 -33.27 -23.12 -39.99
C GLU G 529 -32.02 -22.25 -40.18
N THR G 530 -32.10 -21.10 -40.82
CA THR G 530 -30.89 -20.31 -40.98
C THR G 530 -31.01 -18.85 -40.61
N ARG G 531 -32.26 -18.43 -40.41
CA ARG G 531 -32.57 -17.06 -40.15
C ARG G 531 -32.11 -16.55 -38.83
N PRO G 532 -32.10 -15.25 -38.75
CA PRO G 532 -31.80 -14.60 -37.52
C PRO G 532 -33.11 -14.59 -36.73
N LEU G 533 -32.98 -14.40 -35.44
CA LEU G 533 -34.14 -14.37 -34.60
C LEU G 533 -34.14 -13.12 -33.74
N ILE G 534 -35.28 -12.44 -33.82
CA ILE G 534 -35.51 -11.25 -33.05
C ILE G 534 -36.91 -11.29 -32.51
N LEU G 535 -37.06 -11.19 -31.20
CA LEU G 535 -38.42 -11.31 -30.75
C LEU G 535 -39.22 -10.06 -31.01
N CYS G 536 -40.39 -10.29 -31.54
CA CYS G 536 -41.27 -9.16 -31.84
C CYS G 536 -41.90 -8.68 -30.55
N GLU G 537 -42.00 -9.59 -29.59
CA GLU G 537 -42.49 -9.22 -28.28
C GLU G 537 -41.84 -10.10 -27.27
N TYR G 538 -41.34 -9.46 -26.20
CA TYR G 538 -40.79 -10.20 -25.11
C TYR G 538 -40.79 -9.37 -23.83
N ALA G 539 -40.64 -10.11 -22.73
CA ALA G 539 -40.60 -9.55 -21.40
C ALA G 539 -41.80 -8.66 -21.10
N HIS G 540 -42.99 -9.25 -21.02
CA HIS G 540 -44.22 -8.54 -20.75
C HIS G 540 -44.09 -7.62 -19.52
N ALA G 541 -44.09 -6.30 -19.77
CA ALA G 541 -43.86 -5.36 -18.67
C ALA G 541 -45.08 -4.98 -17.82
N MET G 542 -45.99 -5.90 -17.65
CA MET G 542 -47.18 -5.60 -16.90
C MET G 542 -47.05 -5.59 -15.39
N GLY G 543 -47.19 -4.39 -14.86
CA GLY G 543 -47.12 -4.20 -13.43
C GLY G 543 -45.74 -4.45 -12.90
N ASN G 544 -45.69 -5.14 -11.75
CA ASN G 544 -44.41 -5.48 -11.17
C ASN G 544 -43.83 -6.64 -11.99
N SER G 545 -43.03 -6.30 -12.97
CA SER G 545 -42.55 -7.30 -13.87
C SER G 545 -41.11 -7.08 -14.31
N LEU G 546 -40.80 -7.73 -15.44
CA LEU G 546 -39.49 -7.73 -16.01
C LEU G 546 -38.53 -8.70 -15.30
N GLY G 547 -39.09 -9.61 -14.53
CA GLY G 547 -38.24 -10.59 -13.90
C GLY G 547 -37.68 -11.52 -14.98
N GLY G 548 -36.36 -11.67 -15.00
CA GLY G 548 -35.73 -12.58 -15.95
C GLY G 548 -35.13 -11.89 -17.15
N PHE G 549 -35.27 -10.58 -17.14
CA PHE G 549 -34.77 -9.80 -18.24
C PHE G 549 -33.33 -10.13 -18.60
N ALA G 550 -32.51 -10.21 -17.60
CA ALA G 550 -31.12 -10.50 -17.81
C ALA G 550 -30.78 -11.80 -18.52
N LYS G 551 -31.62 -12.83 -18.29
CA LYS G 551 -31.42 -14.10 -19.00
C LYS G 551 -31.36 -13.86 -20.51
N TYR G 552 -32.33 -13.08 -20.97
CA TYR G 552 -32.40 -12.73 -22.37
C TYR G 552 -31.14 -12.05 -22.83
N TRP G 553 -30.78 -11.01 -22.10
CA TRP G 553 -29.62 -10.27 -22.50
C TRP G 553 -28.39 -11.07 -22.66
N GLN G 554 -28.28 -11.95 -21.72
CA GLN G 554 -27.12 -12.78 -21.78
C GLN G 554 -27.11 -13.68 -22.98
N ALA G 555 -28.26 -14.23 -23.25
CA ALA G 555 -28.30 -15.10 -24.39
C ALA G 555 -28.05 -14.33 -25.65
N PHE G 556 -28.70 -13.17 -25.71
CA PHE G 556 -28.54 -12.39 -26.90
C PHE G 556 -27.08 -12.18 -27.12
N ARG G 557 -26.41 -11.87 -26.03
CA ARG G 557 -25.00 -11.60 -26.14
C ARG G 557 -24.17 -12.81 -26.52
N GLN G 558 -24.62 -14.00 -26.17
CA GLN G 558 -23.80 -15.13 -26.51
C GLN G 558 -24.10 -15.78 -27.84
N TYR G 559 -25.31 -15.59 -28.38
CA TYR G 559 -25.63 -16.19 -29.63
C TYR G 559 -25.78 -15.14 -30.72
N PRO G 560 -24.91 -15.28 -31.63
CA PRO G 560 -24.80 -14.42 -32.79
C PRO G 560 -26.11 -14.17 -33.48
N ARG G 561 -26.81 -15.26 -33.79
CA ARG G 561 -28.07 -15.20 -34.48
C ARG G 561 -29.22 -14.71 -33.60
N LEU G 562 -28.98 -14.55 -32.30
CA LEU G 562 -30.02 -13.98 -31.48
C LEU G 562 -29.74 -12.49 -31.50
N GLN G 563 -30.53 -11.73 -32.26
CA GLN G 563 -30.23 -10.32 -32.39
C GLN G 563 -31.05 -9.32 -31.59
N GLY G 564 -31.67 -9.78 -30.51
CA GLY G 564 -32.44 -8.89 -29.65
C GLY G 564 -33.95 -9.08 -29.75
N GLY G 565 -34.67 -8.01 -29.43
CA GLY G 565 -36.13 -8.04 -29.45
C GLY G 565 -36.70 -6.71 -29.02
N PHE G 566 -38.02 -6.69 -28.99
CA PHE G 566 -38.80 -5.55 -28.62
C PHE G 566 -39.63 -5.87 -27.42
N VAL G 567 -39.39 -5.08 -26.42
CA VAL G 567 -40.13 -5.29 -25.23
C VAL G 567 -41.56 -4.85 -25.40
N TRP G 568 -42.41 -5.58 -24.72
CA TRP G 568 -43.80 -5.24 -24.75
C TRP G 568 -44.26 -4.81 -23.35
N ASP G 569 -44.53 -3.52 -23.17
CA ASP G 569 -44.41 -2.46 -24.17
C ASP G 569 -44.03 -1.14 -23.50
N TRP G 570 -43.95 -0.05 -24.26
CA TRP G 570 -43.55 1.24 -23.69
C TRP G 570 -44.33 1.89 -22.57
N VAL G 571 -45.58 2.31 -22.83
CA VAL G 571 -46.44 2.99 -21.84
C VAL G 571 -47.75 2.30 -21.57
N ASP G 572 -48.21 2.45 -20.33
CA ASP G 572 -49.51 1.90 -19.97
C ASP G 572 -50.58 2.62 -20.74
N GLN G 573 -51.59 1.86 -21.13
CA GLN G 573 -52.68 2.45 -21.88
C GLN G 573 -53.78 2.84 -20.91
N SER G 574 -53.45 3.78 -20.04
CA SER G 574 -54.44 4.22 -19.07
C SER G 574 -54.93 5.60 -19.42
N LEU G 575 -56.19 5.75 -19.05
CA LEU G 575 -56.85 7.00 -19.25
C LEU G 575 -57.20 7.68 -17.94
N ILE G 576 -57.29 9.00 -18.01
CA ILE G 576 -57.66 9.78 -16.85
C ILE G 576 -59.17 9.94 -16.66
N LYS G 577 -59.60 9.94 -15.42
CA LYS G 577 -60.97 10.15 -15.06
C LYS G 577 -61.01 11.07 -13.87
N TYR G 578 -62.22 11.53 -13.55
CA TYR G 578 -62.30 12.38 -12.38
C TYR G 578 -63.30 11.94 -11.39
N ASP G 579 -62.94 12.28 -10.16
CA ASP G 579 -63.83 12.01 -9.09
C ASP G 579 -64.65 13.28 -8.96
N GLU G 580 -65.66 13.18 -8.11
CA GLU G 580 -66.56 14.27 -7.77
C GLU G 580 -65.77 15.50 -7.35
N ASN G 581 -64.65 15.30 -6.66
CA ASN G 581 -63.83 16.43 -6.24
C ASN G 581 -62.95 16.93 -7.37
N GLY G 582 -63.30 16.46 -8.59
CA GLY G 582 -62.62 16.82 -9.81
C GLY G 582 -61.17 16.36 -9.74
N ASN G 583 -61.05 15.20 -9.14
CA ASN G 583 -59.77 14.59 -8.99
C ASN G 583 -59.61 13.56 -10.06
N PRO G 584 -58.48 13.68 -10.71
CA PRO G 584 -58.09 12.84 -11.81
C PRO G 584 -57.58 11.50 -11.32
N TRP G 585 -57.89 10.48 -12.06
CA TRP G 585 -57.37 9.20 -11.69
C TRP G 585 -57.25 8.27 -12.87
N SER G 586 -56.29 7.37 -12.78
CA SER G 586 -56.02 6.45 -13.85
C SER G 586 -57.00 5.30 -13.94
N ALA G 587 -57.59 5.25 -15.13
CA ALA G 587 -58.62 4.29 -15.46
C ALA G 587 -58.15 3.26 -16.49
N TYR G 588 -58.79 2.12 -16.37
CA TYR G 588 -58.52 1.05 -17.25
C TYR G 588 -59.78 0.38 -17.72
N GLY G 589 -59.62 -0.76 -18.37
CA GLY G 589 -60.74 -1.51 -18.91
C GLY G 589 -61.87 -1.61 -17.93
N GLY G 590 -63.06 -1.33 -18.46
CA GLY G 590 -64.33 -1.37 -17.75
C GLY G 590 -64.64 -0.11 -16.95
N ASP G 591 -63.64 0.78 -16.81
CA ASP G 591 -63.81 2.01 -16.06
C ASP G 591 -64.73 3.01 -16.73
N PHE G 592 -65.23 2.68 -17.91
CA PHE G 592 -66.14 3.54 -18.65
C PHE G 592 -67.43 2.82 -18.89
N GLY G 593 -67.59 1.75 -18.15
CA GLY G 593 -68.75 0.92 -18.28
C GLY G 593 -68.70 0.19 -19.60
N ASP G 594 -67.51 0.27 -20.22
CA ASP G 594 -67.24 -0.37 -21.50
C ASP G 594 -67.32 -1.87 -21.32
N THR G 595 -68.07 -2.47 -22.24
CA THR G 595 -68.26 -3.90 -22.31
C THR G 595 -68.23 -4.39 -23.75
N PRO G 596 -67.51 -5.50 -23.98
CA PRO G 596 -66.85 -6.22 -22.90
C PRO G 596 -65.48 -5.61 -22.63
N ASN G 597 -64.80 -6.02 -21.57
CA ASN G 597 -63.48 -5.42 -21.35
C ASN G 597 -62.47 -6.39 -20.75
N ASP G 598 -61.17 -6.03 -20.89
CA ASP G 598 -60.06 -6.84 -20.42
C ASP G 598 -59.25 -6.25 -19.27
N ARG G 599 -59.86 -5.25 -18.63
CA ARG G 599 -59.37 -4.55 -17.45
C ARG G 599 -57.97 -3.97 -17.55
N GLN G 600 -57.07 -4.34 -16.58
CA GLN G 600 -55.66 -3.88 -16.53
C GLN G 600 -54.80 -4.27 -17.73
N PHE G 601 -55.28 -5.31 -18.43
CA PHE G 601 -54.56 -5.80 -19.56
C PHE G 601 -53.96 -4.77 -20.51
N CYS G 602 -54.53 -3.58 -20.54
CA CYS G 602 -54.03 -2.51 -21.39
C CYS G 602 -52.82 -1.82 -20.74
N MET G 603 -52.44 -2.24 -19.52
CA MET G 603 -51.29 -1.62 -18.85
C MET G 603 -50.12 -2.59 -18.73
N ASN G 604 -49.16 -2.39 -19.64
CA ASN G 604 -48.01 -3.26 -19.75
C ASN G 604 -46.76 -2.46 -20.01
N GLY G 605 -46.81 -1.18 -19.71
CA GLY G 605 -45.70 -0.34 -20.03
C GLY G 605 -44.59 -0.30 -19.03
N LEU G 606 -43.51 0.22 -19.54
CA LEU G 606 -42.33 0.45 -18.76
C LEU G 606 -42.47 1.80 -18.07
N VAL G 607 -43.40 2.58 -18.59
CA VAL G 607 -43.68 3.86 -18.01
C VAL G 607 -45.15 4.03 -17.90
N PHE G 608 -45.45 4.88 -16.95
CA PHE G 608 -46.79 5.28 -16.67
C PHE G 608 -47.22 6.20 -17.81
N ALA G 609 -48.55 6.22 -18.02
CA ALA G 609 -49.08 7.07 -19.10
C ALA G 609 -48.53 8.51 -19.17
N ASP G 610 -48.16 9.05 -18.03
CA ASP G 610 -47.61 10.38 -17.93
C ASP G 610 -46.14 10.35 -18.25
N ARG G 611 -45.71 9.17 -18.66
CA ARG G 611 -44.31 9.00 -18.94
C ARG G 611 -43.47 9.03 -17.69
N THR G 612 -44.03 8.43 -16.67
CA THR G 612 -43.22 8.29 -15.52
C THR G 612 -43.00 6.83 -15.41
N PRO G 613 -41.74 6.61 -15.25
CA PRO G 613 -41.11 5.34 -15.21
C PRO G 613 -41.57 4.44 -14.14
N HIS G 614 -41.57 3.19 -14.51
CA HIS G 614 -41.75 2.12 -13.61
C HIS G 614 -40.31 1.77 -13.23
N PRO G 615 -40.18 1.04 -12.17
CA PRO G 615 -38.84 0.69 -11.74
C PRO G 615 -38.12 -0.20 -12.74
N ALA G 616 -38.92 -1.05 -13.41
CA ALA G 616 -38.37 -1.96 -14.38
C ALA G 616 -37.47 -1.31 -15.42
N LEU G 617 -37.86 -0.09 -15.74
CA LEU G 617 -37.13 0.62 -16.72
C LEU G 617 -35.63 0.63 -16.52
N THR G 618 -35.28 0.62 -15.29
CA THR G 618 -33.90 0.67 -14.92
C THR G 618 -33.18 -0.62 -15.20
N GLU G 619 -33.88 -1.69 -14.88
CA GLU G 619 -33.32 -2.98 -15.14
C GLU G 619 -33.00 -3.01 -16.63
N ALA G 620 -33.96 -2.51 -17.38
CA ALA G 620 -33.73 -2.49 -18.83
C ALA G 620 -32.54 -1.64 -19.22
N LYS G 621 -32.54 -0.45 -18.67
CA LYS G 621 -31.47 0.44 -19.01
C LYS G 621 -30.12 -0.20 -18.79
N HIS G 622 -30.01 -0.85 -17.66
CA HIS G 622 -28.76 -1.48 -17.31
C HIS G 622 -28.41 -2.65 -18.22
N GLN G 623 -29.35 -3.56 -18.43
CA GLN G 623 -29.02 -4.70 -19.29
C GLN G 623 -28.73 -4.27 -20.71
N GLN G 624 -29.25 -3.13 -21.12
CA GLN G 624 -29.03 -2.71 -22.47
C GLN G 624 -27.83 -1.82 -22.65
N GLN G 625 -27.08 -1.58 -21.59
CA GLN G 625 -25.96 -0.68 -21.75
C GLN G 625 -25.00 -1.09 -22.84
N PHE G 626 -24.37 -0.08 -23.41
CA PHE G 626 -23.43 -0.28 -24.50
C PHE G 626 -22.03 -0.56 -24.07
N PHE G 627 -21.78 -0.51 -22.79
CA PHE G 627 -20.44 -0.80 -22.36
C PHE G 627 -20.45 -1.97 -21.45
N GLN G 628 -19.49 -2.86 -21.62
CA GLN G 628 -19.43 -3.99 -20.76
C GLN G 628 -18.14 -4.05 -20.05
N PHE G 629 -18.24 -4.47 -18.79
CA PHE G 629 -17.06 -4.53 -17.94
C PHE G 629 -16.68 -5.86 -17.39
N ARG G 630 -15.37 -6.00 -17.25
CA ARG G 630 -14.76 -7.16 -16.69
C ARG G 630 -13.73 -6.69 -15.72
N LEU G 631 -13.70 -7.37 -14.61
CA LEU G 631 -12.72 -6.95 -13.65
C LEU G 631 -11.66 -7.98 -13.44
N SER G 632 -10.41 -7.58 -13.59
CA SER G 632 -9.38 -8.57 -13.37
C SER G 632 -8.27 -8.05 -12.52
N GLY G 633 -8.27 -8.51 -11.29
CA GLY G 633 -7.25 -8.00 -10.44
C GLY G 633 -7.52 -6.52 -10.18
N GLN G 634 -6.59 -5.65 -10.60
CA GLN G 634 -6.78 -4.23 -10.36
C GLN G 634 -7.14 -3.58 -11.64
N THR G 635 -7.44 -4.44 -12.59
CA THR G 635 -7.75 -4.00 -13.92
C THR G 635 -9.14 -4.21 -14.37
N ILE G 636 -9.63 -3.13 -14.95
CA ILE G 636 -10.90 -3.19 -15.56
C ILE G 636 -10.84 -3.24 -17.05
N GLU G 637 -11.59 -4.19 -17.58
CA GLU G 637 -11.67 -4.33 -18.99
C GLU G 637 -12.97 -3.77 -19.51
N VAL G 638 -12.86 -2.84 -20.43
CA VAL G 638 -14.07 -2.27 -20.97
C VAL G 638 -14.29 -2.66 -22.36
N THR G 639 -15.53 -2.98 -22.62
CA THR G 639 -15.88 -3.39 -23.95
C THR G 639 -17.00 -2.58 -24.49
N SER G 640 -16.80 -2.16 -25.73
CA SER G 640 -17.77 -1.34 -26.42
C SER G 640 -18.68 -2.14 -27.30
N GLU G 641 -19.97 -1.87 -27.16
CA GLU G 641 -21.00 -2.48 -27.96
C GLU G 641 -21.50 -1.51 -29.01
N TYR G 642 -20.74 -0.45 -29.21
CA TYR G 642 -21.07 0.45 -30.28
C TYR G 642 -20.45 -0.13 -31.53
N LEU G 643 -21.19 -0.04 -32.61
CA LEU G 643 -20.75 -0.58 -33.87
C LEU G 643 -20.06 0.48 -34.62
N PHE G 644 -20.49 1.68 -34.40
CA PHE G 644 -19.96 2.75 -35.19
C PHE G 644 -19.31 3.88 -34.46
N ARG G 645 -19.66 4.16 -33.21
CA ARG G 645 -18.98 5.28 -32.64
C ARG G 645 -17.88 4.97 -31.70
N HIS G 646 -17.09 6.00 -31.50
CA HIS G 646 -16.01 5.92 -30.59
C HIS G 646 -16.47 6.52 -29.26
N SER G 647 -15.89 6.13 -28.13
CA SER G 647 -16.35 6.63 -26.83
C SER G 647 -15.94 8.07 -26.63
N ASP G 648 -16.46 8.90 -27.47
CA ASP G 648 -16.09 10.29 -27.45
C ASP G 648 -16.84 11.21 -26.51
N ASN G 649 -17.65 10.69 -25.64
CA ASN G 649 -18.32 11.57 -24.68
C ASN G 649 -18.50 10.74 -23.45
N GLU G 650 -17.38 10.13 -23.09
CA GLU G 650 -17.43 9.22 -22.00
C GLU G 650 -16.35 9.32 -20.96
N LEU G 651 -16.90 9.43 -19.78
CA LEU G 651 -16.16 9.47 -18.57
C LEU G 651 -16.50 8.33 -17.65
N LEU G 652 -15.45 7.71 -17.22
CA LEU G 652 -15.62 6.63 -16.29
C LEU G 652 -15.25 6.97 -14.87
N HIS G 653 -16.23 7.00 -14.02
CA HIS G 653 -15.96 7.29 -12.65
C HIS G 653 -15.93 6.03 -11.84
N TRP G 654 -14.95 5.88 -10.98
CA TRP G 654 -15.00 4.69 -10.18
C TRP G 654 -14.90 5.02 -8.73
N MET G 655 -15.15 4.01 -7.92
CA MET G 655 -15.11 4.25 -6.51
C MET G 655 -15.28 3.05 -5.59
N VAL G 656 -14.55 3.16 -4.49
CA VAL G 656 -14.49 2.12 -3.50
C VAL G 656 -15.03 2.48 -2.18
N ALA G 657 -15.84 1.58 -1.66
CA ALA G 657 -16.43 1.81 -0.36
C ALA G 657 -16.54 0.56 0.48
N LEU G 658 -16.53 0.85 1.76
CA LEU G 658 -16.61 -0.20 2.71
C LEU G 658 -17.92 -0.07 3.36
N ASP G 659 -18.76 -1.06 3.17
CA ASP G 659 -20.06 -0.95 3.75
C ASP G 659 -20.67 0.44 3.59
N GLY G 660 -20.45 1.08 2.45
CA GLY G 660 -21.06 2.39 2.27
C GLY G 660 -20.07 3.51 2.51
N LYS G 661 -19.02 3.20 3.21
CA LYS G 661 -18.05 4.23 3.42
C LYS G 661 -17.08 4.20 2.31
N PRO G 662 -17.07 5.32 1.64
CA PRO G 662 -16.27 5.60 0.48
C PRO G 662 -14.87 5.81 0.91
N LEU G 663 -13.98 5.11 0.30
CA LEU G 663 -12.58 5.20 0.64
C LEU G 663 -11.75 5.80 -0.44
N ALA G 664 -12.22 5.69 -1.67
CA ALA G 664 -11.47 6.18 -2.79
C ALA G 664 -12.34 6.24 -4.00
N SER G 665 -12.03 7.22 -4.80
CA SER G 665 -12.76 7.43 -6.01
C SER G 665 -11.83 7.91 -7.09
N GLY G 666 -12.25 7.73 -8.34
CA GLY G 666 -11.43 8.13 -9.44
C GLY G 666 -12.24 8.45 -10.64
N GLU G 667 -11.53 8.88 -11.68
CA GLU G 667 -12.14 9.27 -12.93
C GLU G 667 -11.28 9.02 -14.11
N VAL G 668 -11.85 8.39 -15.11
CA VAL G 668 -11.09 8.13 -16.27
C VAL G 668 -11.90 8.19 -17.49
N PRO G 669 -11.33 8.89 -18.40
CA PRO G 669 -11.92 9.08 -19.68
C PRO G 669 -11.75 7.85 -20.51
N LEU G 670 -12.84 7.55 -21.19
CA LEU G 670 -12.89 6.43 -22.09
C LEU G 670 -12.49 6.79 -23.47
N ASP G 671 -11.81 5.84 -24.02
CA ASP G 671 -11.30 5.91 -25.36
C ASP G 671 -11.37 4.52 -25.96
N VAL G 672 -12.57 4.14 -26.39
CA VAL G 672 -12.75 2.83 -26.96
C VAL G 672 -13.40 2.90 -28.28
N ALA G 673 -12.88 2.08 -29.17
CA ALA G 673 -13.48 2.03 -30.45
C ALA G 673 -14.68 1.13 -30.45
N PRO G 674 -15.58 1.41 -31.35
CA PRO G 674 -16.73 0.58 -31.50
C PRO G 674 -16.19 -0.82 -31.50
N GLN G 675 -16.83 -1.67 -30.71
CA GLN G 675 -16.44 -3.05 -30.60
C GLN G 675 -15.06 -3.32 -30.06
N GLY G 676 -14.46 -2.31 -29.46
CA GLY G 676 -13.16 -2.54 -28.89
C GLY G 676 -13.16 -2.66 -27.38
N LYS G 677 -11.95 -2.90 -26.88
CA LYS G 677 -11.65 -3.04 -25.47
C LYS G 677 -10.72 -1.94 -25.00
N GLN G 678 -10.84 -1.59 -23.73
CA GLN G 678 -9.98 -0.60 -23.12
C GLN G 678 -9.66 -1.12 -21.74
N LEU G 679 -8.36 -1.10 -21.42
CA LEU G 679 -7.88 -1.54 -20.11
C LEU G 679 -7.66 -0.43 -19.14
N ILE G 680 -8.15 -0.69 -17.96
CA ILE G 680 -8.02 0.28 -16.96
C ILE G 680 -7.38 -0.22 -15.74
N GLU G 681 -6.25 0.42 -15.58
CA GLU G 681 -5.37 0.14 -14.52
C GLU G 681 -5.71 0.88 -13.25
N LEU G 682 -5.89 0.09 -12.23
CA LEU G 682 -6.21 0.68 -10.97
C LEU G 682 -5.02 0.91 -10.08
N PRO G 683 -5.12 2.05 -9.44
CA PRO G 683 -4.17 2.50 -8.47
C PRO G 683 -4.31 1.61 -7.30
N GLU G 684 -3.23 1.43 -6.59
CA GLU G 684 -3.29 0.61 -5.43
C GLU G 684 -4.50 0.93 -4.57
N LEU G 685 -5.20 -0.15 -4.30
CA LEU G 685 -6.40 -0.05 -3.52
C LEU G 685 -6.16 -0.26 -2.08
N PRO G 686 -6.96 0.47 -1.37
CA PRO G 686 -7.02 0.52 0.07
C PRO G 686 -7.35 -0.83 0.67
N GLN G 687 -6.66 -1.18 1.75
CA GLN G 687 -6.86 -2.46 2.40
C GLN G 687 -7.35 -2.35 3.81
N PRO G 688 -8.45 -1.65 3.98
CA PRO G 688 -9.13 -1.44 5.24
C PRO G 688 -9.00 -2.63 6.20
N GLU G 689 -8.94 -2.29 7.45
CA GLU G 689 -8.79 -3.31 8.46
C GLU G 689 -10.11 -3.77 9.00
N SER G 690 -10.90 -2.73 9.20
CA SER G 690 -12.24 -2.77 9.69
C SER G 690 -13.03 -3.86 9.03
N ALA G 691 -14.08 -4.28 9.68
CA ALA G 691 -14.85 -5.34 9.12
C ALA G 691 -15.91 -4.81 8.21
N GLY G 692 -16.22 -5.64 7.22
CA GLY G 692 -17.24 -5.30 6.24
C GLY G 692 -16.92 -5.78 4.85
N GLN G 693 -17.78 -5.29 3.95
CA GLN G 693 -17.70 -5.60 2.54
C GLN G 693 -17.17 -4.43 1.76
N LEU G 694 -16.22 -4.80 0.96
CA LEU G 694 -15.58 -3.87 0.12
C LEU G 694 -16.09 -3.96 -1.29
N TRP G 695 -16.57 -2.84 -1.77
CA TRP G 695 -17.13 -2.85 -3.09
C TRP G 695 -16.64 -1.79 -4.01
N LEU G 696 -16.47 -2.26 -5.23
CA LEU G 696 -16.07 -1.40 -6.27
C LEU G 696 -17.22 -1.04 -7.21
N THR G 697 -17.32 0.25 -7.52
CA THR G 697 -18.36 0.66 -8.43
C THR G 697 -17.91 1.63 -9.51
N VAL G 698 -18.38 1.34 -10.73
CA VAL G 698 -18.10 2.19 -11.88
C VAL G 698 -19.35 2.69 -12.57
N ARG G 699 -19.21 3.91 -13.04
CA ARG G 699 -20.27 4.55 -13.76
C ARG G 699 -19.70 5.21 -14.99
N VAL G 700 -20.56 5.31 -15.98
CA VAL G 700 -20.21 5.98 -17.18
C VAL G 700 -21.03 7.23 -17.36
N VAL G 701 -20.25 8.29 -17.48
CA VAL G 701 -20.85 9.58 -17.66
C VAL G 701 -20.50 10.32 -18.88
N GLN G 702 -21.56 11.01 -19.31
CA GLN G 702 -21.54 11.87 -20.45
C GLN G 702 -21.45 13.29 -20.00
N PRO G 703 -20.24 13.74 -20.07
CA PRO G 703 -19.82 15.04 -19.70
C PRO G 703 -20.62 16.09 -20.41
N ASN G 704 -20.67 15.98 -21.73
CA ASN G 704 -21.41 16.95 -22.51
C ASN G 704 -22.81 16.53 -22.85
N ALA G 705 -23.69 17.50 -22.99
CA ALA G 705 -25.03 17.12 -23.35
C ALA G 705 -25.10 16.70 -24.79
N THR G 706 -26.20 16.02 -25.10
CA THR G 706 -26.45 15.57 -26.44
C THR G 706 -27.80 16.02 -26.79
N ALA G 707 -28.17 15.65 -27.96
CA ALA G 707 -29.47 16.05 -28.37
C ALA G 707 -30.55 15.37 -27.61
N TRP G 708 -30.21 14.28 -26.93
CA TRP G 708 -31.26 13.56 -26.26
C TRP G 708 -30.90 13.32 -24.84
N SER G 709 -29.77 13.92 -24.44
CA SER G 709 -29.31 13.78 -23.09
C SER G 709 -28.62 15.02 -22.60
N GLU G 710 -28.73 15.19 -21.30
CA GLU G 710 -28.12 16.28 -20.58
C GLU G 710 -26.69 16.03 -20.25
N ALA G 711 -26.01 17.08 -19.86
CA ALA G 711 -24.65 16.79 -19.51
C ALA G 711 -24.66 16.05 -18.20
N GLY G 712 -23.67 15.16 -18.07
CA GLY G 712 -23.54 14.34 -16.90
C GLY G 712 -24.54 13.19 -16.85
N HIS G 713 -24.98 12.74 -18.00
CA HIS G 713 -25.89 11.66 -18.01
C HIS G 713 -25.15 10.36 -17.75
N ILE G 714 -25.79 9.48 -16.97
CA ILE G 714 -25.17 8.19 -16.69
C ILE G 714 -25.67 7.17 -17.66
N SER G 715 -24.75 6.55 -18.33
CA SER G 715 -25.24 5.61 -19.29
C SER G 715 -24.97 4.16 -18.97
N ALA G 716 -24.10 3.94 -18.00
CA ALA G 716 -23.78 2.57 -17.71
C ALA G 716 -23.13 2.48 -16.37
N TRP G 717 -23.30 1.33 -15.75
CA TRP G 717 -22.66 1.10 -14.51
C TRP G 717 -22.47 -0.35 -14.21
N GLN G 718 -21.68 -0.57 -13.19
CA GLN G 718 -21.39 -1.92 -12.79
C GLN G 718 -20.67 -1.95 -11.47
N GLN G 719 -21.00 -2.95 -10.66
CA GLN G 719 -20.28 -3.01 -9.42
C GLN G 719 -19.68 -4.37 -9.07
N TRP G 720 -18.71 -4.41 -8.18
CA TRP G 720 -18.14 -5.69 -7.80
C TRP G 720 -17.79 -5.75 -6.34
N ARG G 721 -17.93 -6.93 -5.73
CA ARG G 721 -17.52 -7.00 -4.34
C ARG G 721 -16.09 -7.42 -4.26
N LEU G 722 -15.27 -6.54 -3.77
CA LEU G 722 -13.86 -6.83 -3.70
C LEU G 722 -13.47 -7.75 -2.59
N ALA G 723 -13.88 -7.42 -1.39
CA ALA G 723 -13.49 -8.27 -0.31
C ALA G 723 -14.44 -8.21 0.81
N GLU G 724 -14.15 -9.12 1.72
CA GLU G 724 -14.95 -9.24 2.91
C GLU G 724 -14.09 -9.45 4.12
N ASN G 725 -14.36 -8.68 5.13
CA ASN G 725 -13.61 -8.84 6.36
C ASN G 725 -14.61 -9.27 7.39
N LEU G 726 -14.61 -10.56 7.73
CA LEU G 726 -15.58 -11.03 8.71
C LEU G 726 -15.32 -10.47 10.09
N SER G 727 -16.41 -10.18 10.80
CA SER G 727 -16.30 -9.67 12.15
C SER G 727 -16.18 -10.75 13.16
N VAL G 728 -15.10 -10.69 13.89
CA VAL G 728 -14.80 -11.66 14.91
C VAL G 728 -14.95 -11.05 16.26
N THR G 729 -15.54 -9.91 16.28
CA THR G 729 -15.62 -9.37 17.59
C THR G 729 -16.85 -9.73 18.33
N LEU G 730 -16.63 -9.55 19.61
CA LEU G 730 -17.60 -9.79 20.61
C LEU G 730 -18.00 -8.53 21.28
N PRO G 731 -19.26 -8.62 21.65
CA PRO G 731 -19.98 -7.62 22.39
C PRO G 731 -19.41 -7.55 23.80
N ALA G 732 -19.29 -6.32 24.26
CA ALA G 732 -18.80 -6.13 25.60
C ALA G 732 -19.92 -6.43 26.59
N ALA G 733 -19.48 -6.72 27.81
CA ALA G 733 -20.39 -7.03 28.88
C ALA G 733 -21.36 -5.87 29.15
N SER G 734 -22.52 -6.32 29.59
CA SER G 734 -23.60 -5.47 29.97
C SER G 734 -23.51 -5.49 31.47
N HIS G 735 -23.95 -4.43 32.10
CA HIS G 735 -23.84 -4.41 33.53
C HIS G 735 -25.08 -4.95 34.15
N ALA G 736 -25.95 -5.39 33.27
CA ALA G 736 -27.19 -5.88 33.76
C ALA G 736 -27.79 -6.80 32.79
N ILE G 737 -28.81 -7.46 33.24
CA ILE G 737 -29.49 -8.32 32.35
C ILE G 737 -30.97 -8.18 32.51
N PRO G 738 -31.64 -8.43 31.43
CA PRO G 738 -33.06 -8.27 31.40
C PRO G 738 -33.77 -9.04 32.48
N HIS G 739 -34.91 -8.53 32.79
CA HIS G 739 -35.67 -9.09 33.81
C HIS G 739 -36.98 -9.66 33.31
N LEU G 740 -37.10 -10.95 33.51
CA LEU G 740 -38.27 -11.67 33.07
C LEU G 740 -39.46 -11.70 34.00
N THR G 741 -40.64 -11.53 33.51
CA THR G 741 -41.77 -11.60 34.41
C THR G 741 -42.85 -12.39 33.78
N THR G 742 -43.36 -13.31 34.55
CA THR G 742 -44.34 -14.15 33.98
C THR G 742 -45.75 -14.01 34.44
N SER G 743 -46.58 -13.45 33.59
CA SER G 743 -47.99 -13.40 33.89
C SER G 743 -48.57 -14.74 33.45
N GLU G 744 -49.85 -14.85 33.35
CA GLU G 744 -50.40 -16.10 32.94
C GLU G 744 -50.70 -16.05 31.47
N MET G 745 -50.83 -14.79 31.09
CA MET G 745 -51.16 -14.30 29.79
C MET G 745 -49.97 -14.01 28.98
N ASP G 746 -48.87 -13.83 29.68
CA ASP G 746 -47.72 -13.53 28.90
C ASP G 746 -46.47 -13.48 29.68
N PHE G 747 -45.46 -13.06 28.94
CA PHE G 747 -44.15 -12.91 29.48
C PHE G 747 -43.71 -11.48 29.24
N CME G 748 -43.06 -10.92 30.26
CA CME G 748 -42.58 -9.58 30.19
CB CME G 748 -43.20 -8.72 31.25
SG CME G 748 -44.53 -7.83 30.49
SD CME G 748 -43.54 -6.24 29.94
CE CME G 748 -44.95 -5.32 29.31
CZ CME G 748 -45.59 -4.43 30.41
OH CME G 748 -46.78 -5.07 30.86
C CME G 748 -41.13 -9.40 30.35
O CME G 748 -40.55 -9.72 31.37
N ILE G 749 -40.54 -8.81 29.36
CA ILE G 749 -39.14 -8.59 29.51
C ILE G 749 -38.87 -7.13 29.68
N GLU G 750 -38.12 -6.85 30.71
CA GLU G 750 -37.81 -5.50 30.97
C GLU G 750 -36.35 -5.26 31.05
N LEU G 751 -36.00 -4.06 30.69
CA LEU G 751 -34.63 -3.66 30.76
C LEU G 751 -34.52 -2.19 30.52
N GLY G 752 -34.41 -1.45 31.62
CA GLY G 752 -34.37 0.00 31.54
C GLY G 752 -35.77 0.46 31.19
N ASN G 753 -35.82 1.44 30.30
CA ASN G 753 -37.07 1.98 29.77
C ASN G 753 -37.74 0.98 28.81
N LYS G 754 -36.91 0.08 28.30
CA LYS G 754 -37.35 -0.92 27.39
C LYS G 754 -38.14 -2.08 27.99
N ARG G 755 -39.13 -2.51 27.22
CA ARG G 755 -40.01 -3.59 27.59
C ARG G 755 -40.58 -4.33 26.40
N TRP G 756 -40.68 -5.63 26.58
CA TRP G 756 -41.18 -6.48 25.53
C TRP G 756 -42.19 -7.44 26.04
N GLN G 757 -43.25 -7.58 25.30
CA GLN G 757 -44.20 -8.53 25.76
C GLN G 757 -44.60 -9.61 24.77
N PHE G 758 -44.58 -10.83 25.26
CA PHE G 758 -45.00 -11.92 24.41
C PHE G 758 -46.26 -12.50 24.89
N ASN G 759 -47.24 -12.54 24.05
CA ASN G 759 -48.50 -13.12 24.43
C ASN G 759 -48.38 -14.62 24.49
N ARG G 760 -48.82 -15.16 25.59
CA ARG G 760 -48.73 -16.57 25.80
C ARG G 760 -49.73 -17.39 25.07
N GLN G 761 -50.77 -16.80 24.57
CA GLN G 761 -51.64 -17.71 23.87
C GLN G 761 -51.36 -17.70 22.40
N SER G 762 -50.89 -16.55 21.93
CA SER G 762 -50.61 -16.38 20.52
C SER G 762 -49.22 -16.85 20.22
N GLY G 763 -48.40 -16.70 21.23
CA GLY G 763 -47.04 -17.08 21.00
C GLY G 763 -46.30 -16.01 20.22
N PHE G 764 -46.83 -14.78 20.13
CA PHE G 764 -46.10 -13.77 19.41
C PHE G 764 -45.71 -12.64 20.27
N LEU G 765 -44.73 -11.94 19.75
CA LEU G 765 -44.30 -10.74 20.38
C LEU G 765 -45.43 -9.77 20.13
N SER G 766 -46.14 -9.42 21.18
CA SER G 766 -47.33 -8.58 21.07
C SER G 766 -47.16 -7.09 21.20
N GLN G 767 -46.20 -6.67 21.97
CA GLN G 767 -46.02 -5.26 22.09
C GLN G 767 -44.67 -5.00 22.67
N MET G 768 -44.23 -3.81 22.46
CA MET G 768 -43.02 -3.41 23.02
C MET G 768 -43.02 -1.92 23.27
N TRP G 769 -42.35 -1.52 24.33
CA TRP G 769 -42.32 -0.13 24.69
C TRP G 769 -40.96 0.35 24.86
N ILE G 770 -40.88 1.60 24.55
CA ILE G 770 -39.70 2.35 24.80
C ILE G 770 -40.24 3.44 25.67
N GLY G 771 -39.72 3.53 26.88
CA GLY G 771 -40.36 4.49 27.74
C GLY G 771 -41.78 3.99 27.93
N ASP G 772 -42.72 4.88 27.79
CA ASP G 772 -44.11 4.58 27.98
C ASP G 772 -44.80 4.55 26.64
N LYS G 773 -43.99 4.50 25.61
CA LYS G 773 -44.53 4.47 24.27
C LYS G 773 -44.56 3.09 23.68
N LYS G 774 -45.76 2.73 23.26
CA LYS G 774 -45.96 1.45 22.63
C LYS G 774 -45.36 1.56 21.25
N GLN G 775 -44.88 0.46 20.69
CA GLN G 775 -44.25 0.62 19.42
C GLN G 775 -44.94 -0.03 18.26
N LEU G 776 -45.84 -0.95 18.58
CA LEU G 776 -46.51 -1.66 17.52
C LEU G 776 -47.99 -1.61 17.60
N LEU G 777 -48.63 -1.52 16.43
CA LEU G 777 -50.07 -1.60 16.39
C LEU G 777 -50.47 -3.03 16.10
N THR G 778 -49.52 -3.80 15.61
CA THR G 778 -49.76 -5.18 15.29
C THR G 778 -48.58 -6.00 15.74
N PRO G 779 -48.89 -7.18 16.22
CA PRO G 779 -47.89 -8.13 16.67
C PRO G 779 -47.02 -8.62 15.52
N LEU G 780 -45.81 -8.99 15.85
CA LEU G 780 -44.88 -9.46 14.87
C LEU G 780 -45.19 -10.88 14.50
N ARG G 781 -45.39 -11.15 13.21
CA ARG G 781 -45.66 -12.53 12.88
C ARG G 781 -45.25 -12.96 11.52
N ASP G 782 -45.21 -14.28 11.39
CA ASP G 782 -44.80 -14.88 10.17
C ASP G 782 -45.75 -14.55 9.08
N GLN G 783 -45.17 -14.49 7.92
CA GLN G 783 -45.91 -14.21 6.73
C GLN G 783 -45.43 -15.03 5.57
N PHE G 784 -46.36 -15.73 4.94
CA PHE G 784 -46.00 -16.55 3.79
C PHE G 784 -46.59 -16.15 2.45
N THR G 785 -47.32 -15.06 2.42
CA THR G 785 -47.96 -14.71 1.17
C THR G 785 -47.67 -13.28 0.74
N ARG G 786 -48.19 -12.97 -0.46
CA ARG G 786 -48.10 -11.62 -0.97
C ARG G 786 -49.36 -11.19 -1.71
N ALA G 787 -49.55 -9.88 -1.80
CA ALA G 787 -50.63 -9.29 -2.56
C ALA G 787 -50.19 -9.53 -4.00
N PRO G 788 -50.91 -10.44 -4.64
CA PRO G 788 -50.63 -10.92 -5.98
C PRO G 788 -50.27 -9.88 -6.98
N LEU G 789 -49.31 -10.26 -7.77
CA LEU G 789 -48.86 -9.42 -8.84
C LEU G 789 -49.66 -9.75 -10.05
N ASP G 790 -49.60 -8.84 -10.96
CA ASP G 790 -50.28 -9.14 -12.20
C ASP G 790 -49.84 -10.50 -12.70
N ASN G 791 -48.52 -10.68 -12.71
CA ASN G 791 -47.97 -11.94 -13.11
C ASN G 791 -48.49 -13.11 -12.29
N ASP G 792 -48.77 -12.92 -10.99
CA ASP G 792 -49.25 -14.03 -10.17
C ASP G 792 -50.63 -14.45 -10.50
N ILE G 793 -51.33 -13.44 -10.98
CA ILE G 793 -52.71 -13.62 -11.30
C ILE G 793 -52.88 -14.27 -12.64
N GLY G 794 -52.03 -13.81 -13.52
CA GLY G 794 -51.87 -14.29 -14.85
C GLY G 794 -53.09 -14.65 -15.67
N VAL G 795 -53.74 -13.60 -16.12
CA VAL G 795 -54.84 -13.77 -17.04
C VAL G 795 -54.65 -12.74 -18.15
N SER G 796 -54.97 -13.13 -19.39
CA SER G 796 -54.85 -12.21 -20.55
C SER G 796 -56.23 -11.76 -21.05
N GLU G 797 -57.23 -12.56 -20.68
CA GLU G 797 -58.62 -12.36 -20.99
C GLU G 797 -59.40 -12.50 -19.71
N ALA G 798 -60.11 -11.43 -19.36
CA ALA G 798 -60.94 -11.36 -18.15
C ALA G 798 -61.76 -12.63 -17.86
N THR G 799 -62.20 -13.23 -18.98
CA THR G 799 -63.01 -14.44 -19.14
C THR G 799 -62.38 -15.75 -18.66
N ARG G 800 -61.12 -15.94 -19.09
CA ARG G 800 -60.38 -17.16 -18.81
C ARG G 800 -59.41 -17.10 -17.66
N ILE G 801 -59.73 -17.92 -16.63
CA ILE G 801 -58.93 -18.11 -15.40
C ILE G 801 -58.06 -19.38 -15.47
N ASP G 802 -56.82 -19.25 -14.97
CA ASP G 802 -55.87 -20.33 -15.00
C ASP G 802 -55.67 -20.95 -13.63
N PRO G 803 -56.18 -22.13 -13.50
CA PRO G 803 -56.06 -22.87 -12.27
C PRO G 803 -54.58 -23.06 -11.90
N ASN G 804 -53.73 -22.84 -12.88
CA ASN G 804 -52.31 -22.95 -12.69
C ASN G 804 -51.62 -21.68 -12.27
N ALA G 805 -52.38 -20.61 -12.29
CA ALA G 805 -51.81 -19.39 -11.86
C ALA G 805 -51.45 -19.55 -10.40
N TRP G 806 -50.33 -18.93 -10.07
CA TRP G 806 -49.82 -18.96 -8.73
C TRP G 806 -50.89 -18.65 -7.75
N VAL G 807 -51.53 -17.54 -8.04
CA VAL G 807 -52.55 -17.10 -7.14
C VAL G 807 -53.63 -18.14 -6.93
N GLU G 808 -53.96 -18.76 -8.03
CA GLU G 808 -54.96 -19.78 -8.00
C GLU G 808 -54.55 -20.89 -7.09
N ARG G 809 -53.33 -21.28 -7.29
CA ARG G 809 -52.81 -22.34 -6.49
C ARG G 809 -52.69 -22.00 -5.02
N TRP G 810 -52.23 -20.79 -4.76
CA TRP G 810 -52.05 -20.37 -3.41
C TRP G 810 -53.34 -20.34 -2.68
N LYS G 811 -54.33 -19.86 -3.41
CA LYS G 811 -55.64 -19.74 -2.84
C LYS G 811 -56.17 -21.07 -2.44
N ALA G 812 -56.16 -21.90 -3.45
CA ALA G 812 -56.66 -23.24 -3.29
C ALA G 812 -55.97 -24.02 -2.21
N ALA G 813 -54.71 -23.65 -1.98
CA ALA G 813 -53.96 -24.35 -0.99
C ALA G 813 -54.27 -23.87 0.41
N GLY G 814 -54.90 -22.68 0.50
CA GLY G 814 -55.28 -22.13 1.77
C GLY G 814 -54.19 -21.26 2.31
N HIS G 815 -53.24 -20.95 1.47
CA HIS G 815 -52.15 -20.12 1.93
C HIS G 815 -52.65 -18.83 2.49
N TYR G 816 -53.65 -18.33 1.82
CA TYR G 816 -54.18 -17.06 2.21
C TYR G 816 -55.02 -17.12 3.44
N GLN G 817 -55.43 -18.33 3.82
CA GLN G 817 -56.24 -18.39 5.01
C GLN G 817 -55.87 -19.45 6.03
N ALA G 818 -54.60 -19.76 6.09
CA ALA G 818 -54.22 -20.74 7.04
C ALA G 818 -54.16 -20.10 8.38
N GLU G 819 -54.40 -20.98 9.33
CA GLU G 819 -54.46 -20.71 10.73
C GLU G 819 -53.24 -21.17 11.47
N ALA G 820 -52.67 -20.20 12.17
CA ALA G 820 -51.52 -20.55 12.98
C ALA G 820 -51.93 -21.28 14.26
N ALA G 821 -51.08 -22.18 14.70
CA ALA G 821 -51.33 -22.94 15.92
C ALA G 821 -50.07 -23.01 16.79
N LEU G 822 -50.22 -22.57 18.02
CA LEU G 822 -49.07 -22.61 18.89
C LEU G 822 -48.76 -24.03 19.31
N LEU G 823 -47.56 -24.43 19.02
CA LEU G 823 -47.14 -25.73 19.40
C LEU G 823 -46.39 -25.61 20.68
N GLN G 824 -45.73 -24.47 20.82
CA GLN G 824 -44.97 -24.26 22.01
C GLN G 824 -44.39 -22.88 22.16
N CYS G 825 -44.25 -22.49 23.43
CA CYS G 825 -43.76 -21.17 23.78
C CYS G 825 -43.11 -21.24 25.12
N THR G 826 -41.83 -20.93 25.19
CA THR G 826 -41.16 -21.01 26.47
C THR G 826 -40.18 -19.91 26.71
N ALA G 827 -39.99 -19.69 28.00
CA ALA G 827 -39.09 -18.65 28.42
C ALA G 827 -38.08 -19.17 29.40
N ASP G 828 -36.90 -18.60 29.33
CA ASP G 828 -35.81 -19.09 30.15
C ASP G 828 -34.78 -18.00 30.39
N THR G 829 -34.18 -18.07 31.57
CA THR G 829 -33.19 -17.10 31.92
C THR G 829 -31.83 -17.68 31.94
N LEU G 830 -31.05 -17.03 31.14
CA LEU G 830 -29.69 -17.39 31.00
C LEU G 830 -28.89 -16.42 31.77
N ALA G 831 -27.62 -16.71 31.81
CA ALA G 831 -26.74 -15.86 32.53
C ALA G 831 -26.67 -14.47 31.99
N ASP G 832 -26.77 -14.34 30.68
CA ASP G 832 -26.57 -13.05 30.07
C ASP G 832 -27.73 -12.56 29.31
N ALA G 833 -28.78 -13.35 29.34
CA ALA G 833 -29.94 -12.97 28.60
C ALA G 833 -31.14 -13.78 28.93
N VAL G 834 -32.21 -13.35 28.28
CA VAL G 834 -33.45 -14.02 28.34
C VAL G 834 -33.72 -14.69 26.99
N LEU G 835 -34.26 -15.89 27.08
CA LEU G 835 -34.51 -16.68 25.93
C LEU G 835 -35.91 -17.18 25.75
N ILE G 836 -36.46 -16.81 24.60
CA ILE G 836 -37.80 -17.22 24.26
C ILE G 836 -37.83 -18.16 23.11
N THR G 837 -38.68 -19.16 23.31
CA THR G 837 -38.79 -20.16 22.30
C THR G 837 -40.20 -20.50 21.87
N THR G 838 -40.44 -20.42 20.57
CA THR G 838 -41.75 -20.74 20.05
C THR G 838 -41.75 -21.68 18.87
N ALA G 839 -42.93 -22.22 18.65
CA ALA G 839 -43.13 -23.10 17.53
C ALA G 839 -44.56 -23.05 17.16
N HIS G 840 -44.81 -22.74 15.91
CA HIS G 840 -46.15 -22.70 15.42
C HIS G 840 -46.30 -23.53 14.17
N ALA G 841 -47.55 -23.90 13.94
CA ALA G 841 -47.89 -24.62 12.75
C ALA G 841 -49.02 -23.93 12.00
N TRP G 842 -48.91 -23.87 10.69
CA TRP G 842 -50.02 -23.31 9.96
C TRP G 842 -50.71 -24.42 9.26
N GLN G 843 -51.99 -24.49 9.49
CA GLN G 843 -52.74 -25.54 8.86
C GLN G 843 -53.92 -25.05 8.13
N HIS G 844 -54.42 -25.99 7.37
CA HIS G 844 -55.58 -25.73 6.58
C HIS G 844 -56.27 -27.01 6.27
N GLN G 845 -57.45 -27.15 6.82
CA GLN G 845 -58.18 -28.36 6.60
C GLN G 845 -57.39 -29.59 6.95
N GLY G 846 -56.72 -29.50 8.09
CA GLY G 846 -55.98 -30.65 8.56
C GLY G 846 -54.61 -30.80 7.98
N LYS G 847 -54.29 -29.99 6.99
CA LYS G 847 -52.96 -30.12 6.48
C LYS G 847 -52.08 -29.07 7.09
N THR G 848 -50.88 -29.52 7.43
CA THR G 848 -49.93 -28.59 7.97
C THR G 848 -49.08 -28.12 6.80
N LEU G 849 -49.13 -26.82 6.53
CA LEU G 849 -48.41 -26.23 5.43
C LEU G 849 -47.04 -25.83 5.85
N PHE G 850 -47.00 -25.19 7.01
CA PHE G 850 -45.72 -24.74 7.47
C PHE G 850 -45.58 -24.84 8.93
N ILE G 851 -44.31 -24.90 9.26
CA ILE G 851 -43.88 -24.90 10.60
C ILE G 851 -42.82 -23.87 10.79
N SER G 852 -43.07 -23.07 11.80
CA SER G 852 -42.15 -22.03 12.15
C SER G 852 -41.64 -22.17 13.56
N ARG G 853 -40.32 -22.21 13.66
CA ARG G 853 -39.68 -22.34 14.95
C ARG G 853 -38.74 -21.18 15.21
N LYS G 854 -38.94 -20.52 16.33
CA LYS G 854 -38.11 -19.38 16.62
C LYS G 854 -37.48 -19.34 17.99
N THR G 855 -36.55 -18.42 18.06
CA THR G 855 -35.87 -18.06 19.29
C THR G 855 -35.63 -16.59 19.30
N TYR G 856 -35.90 -16.08 20.47
CA TYR G 856 -35.69 -14.70 20.68
C TYR G 856 -34.79 -14.58 21.85
N ARG G 857 -33.76 -13.81 21.63
CA ARG G 857 -32.84 -13.65 22.68
C ARG G 857 -32.48 -12.21 22.93
N ILE G 858 -32.80 -11.81 24.16
CA ILE G 858 -32.57 -10.47 24.66
C ILE G 858 -31.53 -10.39 25.70
N ASP G 859 -30.58 -9.55 25.38
CA ASP G 859 -29.45 -9.38 26.24
C ASP G 859 -29.41 -8.06 26.92
N GLY G 860 -28.36 -7.97 27.71
CA GLY G 860 -28.08 -6.82 28.51
C GLY G 860 -27.88 -5.58 27.69
N SER G 861 -27.59 -5.74 26.43
CA SER G 861 -27.39 -4.56 25.62
C SER G 861 -28.72 -4.09 25.05
N GLY G 862 -29.79 -4.85 25.30
CA GLY G 862 -31.10 -4.47 24.82
C GLY G 862 -31.32 -4.80 23.34
N GLN G 863 -30.64 -5.83 22.90
CA GLN G 863 -30.81 -6.24 21.56
C GLN G 863 -31.57 -7.51 21.51
N MET G 864 -32.40 -7.55 20.51
CA MET G 864 -33.19 -8.71 20.33
C MET G 864 -32.83 -9.45 19.07
N ALA G 865 -32.40 -10.66 19.31
CA ALA G 865 -32.00 -11.50 18.24
C ALA G 865 -33.01 -12.58 17.98
N ILE G 866 -33.34 -12.63 16.72
CA ILE G 866 -34.30 -13.55 16.27
C ILE G 866 -33.81 -14.57 15.31
N THR G 867 -34.29 -15.73 15.57
CA THR G 867 -33.90 -16.79 14.73
C THR G 867 -35.10 -17.55 14.26
N VAL G 868 -35.15 -17.69 12.95
CA VAL G 868 -36.25 -18.37 12.33
C VAL G 868 -35.86 -19.53 11.48
N ASP G 869 -36.61 -20.59 11.69
CA ASP G 869 -36.44 -21.80 10.94
C ASP G 869 -37.77 -22.33 10.55
N VAL G 870 -37.95 -22.39 9.23
CA VAL G 870 -39.18 -22.84 8.63
C VAL G 870 -39.10 -24.10 7.81
N GLU G 871 -40.15 -24.87 7.96
CA GLU G 871 -40.33 -26.08 7.22
C GLU G 871 -41.56 -25.88 6.38
N VAL G 872 -41.47 -26.26 5.10
CA VAL G 872 -42.58 -26.18 4.16
C VAL G 872 -42.90 -27.53 3.55
N ALA G 873 -44.18 -27.87 3.58
CA ALA G 873 -44.61 -29.14 3.02
C ALA G 873 -44.27 -29.20 1.58
N SER G 874 -43.60 -30.26 1.27
CA SER G 874 -43.14 -30.50 -0.08
C SER G 874 -44.30 -30.45 -1.07
N ASP G 875 -45.46 -30.85 -0.59
CA ASP G 875 -46.58 -30.89 -1.47
C ASP G 875 -47.45 -29.67 -1.48
N THR G 876 -46.99 -28.62 -0.89
CA THR G 876 -47.76 -27.43 -1.01
C THR G 876 -47.07 -26.58 -2.05
N PRO G 877 -47.79 -25.68 -2.67
CA PRO G 877 -47.19 -24.80 -3.65
C PRO G 877 -46.20 -23.91 -2.98
N HIS G 878 -45.12 -23.65 -3.67
CA HIS G 878 -44.13 -22.79 -3.10
C HIS G 878 -44.75 -21.46 -2.86
N PRO G 879 -44.50 -21.03 -1.68
CA PRO G 879 -44.98 -19.79 -1.14
C PRO G 879 -44.24 -18.64 -1.74
N ALA G 880 -44.95 -17.53 -1.74
CA ALA G 880 -44.49 -16.28 -2.27
C ALA G 880 -43.33 -15.72 -1.50
N ARG G 881 -43.37 -15.99 -0.21
CA ARG G 881 -42.30 -15.44 0.58
C ARG G 881 -42.23 -16.08 1.92
N ILE G 882 -41.16 -15.76 2.62
CA ILE G 882 -40.92 -16.27 3.95
C ILE G 882 -40.29 -15.19 4.79
N GLY G 883 -41.14 -14.65 5.66
CA GLY G 883 -40.72 -13.58 6.50
C GLY G 883 -41.69 -13.27 7.59
N LEU G 884 -41.54 -12.06 8.06
CA LEU G 884 -42.39 -11.61 9.12
C LEU G 884 -42.92 -10.27 8.83
N ASN G 885 -43.89 -9.94 9.66
CA ASN G 885 -44.43 -8.64 9.51
C ASN G 885 -45.14 -8.12 10.73
N CYS G 886 -45.32 -6.82 10.68
CA CYS G 886 -46.00 -6.16 11.75
C CYS G 886 -46.29 -4.71 11.38
N GLN G 887 -47.20 -4.15 12.15
CA GLN G 887 -47.55 -2.79 11.94
C GLN G 887 -46.94 -1.93 13.02
N LEU G 888 -46.06 -1.06 12.63
CA LEU G 888 -45.49 -0.20 13.65
C LEU G 888 -46.34 1.01 13.87
N ALA G 889 -46.34 1.39 15.12
CA ALA G 889 -47.07 2.54 15.57
C ALA G 889 -46.53 3.85 15.00
N GLN G 890 -45.26 3.91 14.91
CA GLN G 890 -44.58 5.08 14.43
C GLN G 890 -44.65 5.28 12.93
N VAL G 891 -44.41 6.53 12.56
CA VAL G 891 -44.37 6.95 11.19
C VAL G 891 -43.28 7.98 11.00
N ALA G 892 -42.31 7.71 10.13
CA ALA G 892 -41.20 8.64 9.93
C ALA G 892 -41.07 9.13 8.50
N GLU G 893 -40.14 10.04 8.32
CA GLU G 893 -39.94 10.67 7.03
C GLU G 893 -39.05 9.92 6.06
N ARG G 894 -37.94 9.49 6.61
CA ARG G 894 -36.96 8.83 5.84
C ARG G 894 -36.81 7.37 6.16
N VAL G 895 -36.08 6.75 5.25
CA VAL G 895 -35.77 5.35 5.30
C VAL G 895 -34.35 5.21 4.87
N ASN G 896 -33.63 4.49 5.69
CA ASN G 896 -32.26 4.40 5.40
C ASN G 896 -31.81 2.98 5.51
N TRP G 897 -31.09 2.57 4.49
CA TRP G 897 -30.64 1.22 4.53
C TRP G 897 -29.37 1.00 3.79
N LEU G 898 -28.81 -0.11 4.15
CA LEU G 898 -27.62 -0.60 3.55
C LEU G 898 -27.94 -1.93 2.88
N GLY G 899 -28.05 -1.80 1.58
CA GLY G 899 -28.41 -2.91 0.74
C GLY G 899 -28.53 -2.43 -0.70
N LEU G 900 -29.34 -3.17 -1.44
CA LEU G 900 -29.51 -2.89 -2.83
C LEU G 900 -30.48 -1.80 -3.07
N GLY G 901 -30.07 -0.87 -3.90
CA GLY G 901 -30.96 0.20 -4.18
C GLY G 901 -30.46 1.00 -5.34
N PRO G 902 -31.11 2.09 -5.52
CA PRO G 902 -32.16 2.53 -4.62
C PRO G 902 -33.56 2.16 -5.03
N GLN G 903 -33.75 1.72 -6.25
CA GLN G 903 -35.11 1.37 -6.58
C GLN G 903 -35.59 0.03 -6.15
N GLU G 904 -36.89 -0.10 -6.27
CA GLU G 904 -37.57 -1.36 -6.00
C GLU G 904 -36.83 -2.47 -6.77
N ASN G 905 -36.57 -3.58 -6.09
CA ASN G 905 -35.87 -4.69 -6.73
C ASN G 905 -36.28 -6.03 -6.19
N TYR G 906 -36.35 -6.96 -7.08
CA TYR G 906 -36.74 -8.29 -6.73
C TYR G 906 -35.66 -9.27 -7.12
N PRO G 907 -35.76 -10.42 -6.56
CA PRO G 907 -34.79 -11.46 -6.75
C PRO G 907 -34.45 -11.73 -8.18
N ASP G 908 -35.47 -11.80 -9.03
CA ASP G 908 -35.21 -12.01 -10.44
C ASP G 908 -35.19 -10.70 -11.23
N ARG G 909 -35.09 -9.61 -10.49
CA ARG G 909 -35.01 -8.31 -11.13
C ARG G 909 -34.20 -7.38 -10.24
N LEU G 910 -32.89 -7.61 -10.19
CA LEU G 910 -32.08 -6.77 -9.32
C LEU G 910 -30.68 -6.51 -9.83
N THR G 911 -30.46 -6.82 -11.08
CA THR G 911 -29.15 -6.57 -11.61
C THR G 911 -28.83 -5.12 -11.74
N ALA G 912 -29.84 -4.31 -11.93
CA ALA G 912 -29.52 -2.90 -12.09
C ALA G 912 -29.24 -2.22 -10.77
N ALA G 913 -29.65 -2.89 -9.71
CA ALA G 913 -29.47 -2.31 -8.37
C ALA G 913 -28.06 -2.34 -7.83
N CME G 914 -27.80 -1.36 -6.96
CA CME G 914 -26.54 -1.25 -6.31
CB CME G 914 -25.68 -0.14 -6.77
SG CME G 914 -25.21 -0.42 -8.48
SD CME G 914 -25.04 1.45 -9.00
CE CME G 914 -26.76 1.96 -8.84
CZ CME G 914 -26.89 3.44 -9.23
OH CME G 914 -25.58 3.97 -9.47
C CME G 914 -26.55 -1.37 -4.82
O CME G 914 -27.44 -0.94 -4.09
N PHE G 915 -25.51 -2.00 -4.41
CA PHE G 915 -25.35 -2.21 -3.02
C PHE G 915 -24.69 -1.01 -2.43
N ASP G 916 -25.43 -0.33 -1.60
CA ASP G 916 -24.85 0.83 -0.98
C ASP G 916 -25.71 1.26 0.18
N ARG G 917 -25.45 2.49 0.59
CA ARG G 917 -26.24 3.05 1.63
C ARG G 917 -27.23 4.01 1.04
N TRP G 918 -28.51 3.73 1.25
CA TRP G 918 -29.53 4.56 0.69
C TRP G 918 -30.37 5.20 1.74
N ASP G 919 -30.87 6.38 1.37
CA ASP G 919 -31.73 7.17 2.21
C ASP G 919 -32.77 7.85 1.38
N LEU G 920 -34.01 7.52 1.64
CA LEU G 920 -35.11 8.11 0.94
C LEU G 920 -36.25 8.36 1.87
N PRO G 921 -37.17 9.06 1.30
CA PRO G 921 -38.39 9.36 1.94
C PRO G 921 -39.27 8.17 1.74
N LEU G 922 -39.96 7.96 2.80
CA LEU G 922 -40.88 6.90 2.90
C LEU G 922 -41.73 6.75 1.66
N SER G 923 -42.12 7.88 1.13
CA SER G 923 -42.97 7.85 -0.06
C SER G 923 -42.35 7.03 -1.19
N ASP G 924 -41.04 7.23 -1.32
CA ASP G 924 -40.33 6.55 -2.36
C ASP G 924 -40.25 5.05 -2.17
N MET G 925 -40.61 4.60 -1.00
CA MET G 925 -40.55 3.20 -0.76
C MET G 925 -41.80 2.51 -1.24
N TYR G 926 -42.60 3.25 -1.98
CA TYR G 926 -43.81 2.66 -2.49
C TYR G 926 -44.00 2.88 -3.97
N THR G 927 -44.41 1.80 -4.64
CA THR G 927 -44.62 1.81 -6.07
C THR G 927 -46.11 1.74 -6.39
N PRO G 928 -46.56 2.86 -6.87
CA PRO G 928 -47.93 3.17 -7.24
C PRO G 928 -48.39 2.51 -8.53
N TYR G 929 -48.24 1.22 -8.57
CA TYR G 929 -48.72 0.53 -9.73
C TYR G 929 -50.22 0.82 -9.80
N VAL G 930 -50.73 1.20 -10.96
CA VAL G 930 -52.14 1.51 -11.06
C VAL G 930 -53.02 0.43 -10.47
N PHE G 931 -52.71 -0.78 -10.87
CA PHE G 931 -53.42 -1.88 -10.28
C PHE G 931 -52.50 -2.30 -9.15
N PRO G 932 -52.96 -2.17 -7.94
CA PRO G 932 -52.10 -2.42 -6.80
C PRO G 932 -51.86 -3.87 -6.46
N SER G 933 -50.62 -4.09 -5.94
CA SER G 933 -50.10 -5.38 -5.45
C SER G 933 -48.78 -5.22 -4.65
N GLU G 934 -48.21 -6.35 -4.21
CA GLU G 934 -46.93 -6.35 -3.52
C GLU G 934 -45.94 -5.50 -4.31
N ASN G 935 -45.24 -4.56 -3.67
CA ASN G 935 -44.28 -3.71 -4.40
C ASN G 935 -43.28 -3.10 -3.43
N GLY G 936 -42.36 -2.33 -3.96
CA GLY G 936 -41.37 -1.61 -3.18
C GLY G 936 -40.26 -2.43 -2.55
N LEU G 937 -40.27 -3.73 -2.71
CA LEU G 937 -39.21 -4.48 -2.12
C LEU G 937 -37.78 -4.06 -2.49
N ARG G 938 -36.91 -4.26 -1.51
CA ARG G 938 -35.48 -4.11 -1.70
C ARG G 938 -34.80 -5.32 -1.07
N CYS G 939 -33.88 -5.87 -1.83
CA CYS G 939 -33.18 -7.06 -1.43
C CYS G 939 -31.77 -6.78 -0.98
N GLY G 940 -31.19 -7.86 -0.45
CA GLY G 940 -29.82 -7.91 0.00
C GLY G 940 -29.47 -6.81 0.96
N THR G 941 -30.34 -6.72 1.93
CA THR G 941 -30.22 -5.72 2.93
C THR G 941 -29.66 -6.29 4.18
N ARG G 942 -28.73 -5.52 4.68
CA ARG G 942 -28.03 -5.89 5.87
C ARG G 942 -28.34 -5.08 7.08
N GLU G 943 -28.78 -3.84 6.81
CA GLU G 943 -29.12 -2.91 7.85
C GLU G 943 -30.19 -2.00 7.38
N LEU G 944 -31.20 -1.87 8.22
CA LEU G 944 -32.34 -1.05 7.95
C LEU G 944 -32.69 -0.20 9.15
N ASN G 945 -32.94 1.07 8.86
CA ASN G 945 -33.24 2.09 9.87
C ASN G 945 -34.49 2.86 9.66
N TYR G 946 -35.33 2.86 10.66
CA TYR G 946 -36.56 3.60 10.60
C TYR G 946 -36.96 4.02 12.00
N GLY G 947 -36.97 5.31 12.18
CA GLY G 947 -37.25 5.84 13.48
C GLY G 947 -36.06 5.54 14.38
N PRO G 948 -36.41 5.13 15.57
CA PRO G 948 -35.52 4.73 16.61
C PRO G 948 -35.06 3.30 16.37
N HIS G 949 -35.68 2.66 15.37
CA HIS G 949 -35.36 1.29 15.07
C HIS G 949 -34.28 1.03 14.09
N GLN G 950 -33.76 -0.15 14.34
CA GLN G 950 -32.73 -0.69 13.52
C GLN G 950 -32.78 -2.18 13.47
N TRP G 951 -32.65 -2.65 12.25
CA TRP G 951 -32.63 -4.06 12.01
C TRP G 951 -31.41 -4.46 11.26
N ARG G 952 -30.88 -5.59 11.66
CA ARG G 952 -29.72 -6.09 11.01
C ARG G 952 -29.81 -7.55 10.76
N GLY G 953 -29.23 -7.89 9.62
CA GLY G 953 -29.17 -9.24 9.14
C GLY G 953 -28.92 -9.31 7.66
N ASP G 954 -29.66 -10.20 7.05
CA ASP G 954 -29.54 -10.33 5.63
C ASP G 954 -30.91 -10.60 5.06
N PHE G 955 -31.59 -9.53 4.70
CA PHE G 955 -32.92 -9.77 4.25
C PHE G 955 -33.31 -8.82 3.16
N GLN G 956 -34.60 -8.94 2.88
CA GLN G 956 -35.29 -8.12 1.95
C GLN G 956 -36.46 -7.59 2.69
N PHE G 957 -36.87 -6.40 2.27
CA PHE G 957 -37.99 -5.81 2.94
C PHE G 957 -38.70 -4.80 2.09
N ASN G 958 -39.83 -4.43 2.64
CA ASN G 958 -40.63 -3.37 2.10
C ASN G 958 -41.28 -2.65 3.26
N ILE G 959 -41.65 -1.42 2.99
CA ILE G 959 -42.25 -0.63 4.02
C ILE G 959 -43.09 0.51 3.47
N SER G 960 -44.30 0.58 3.99
CA SER G 960 -45.26 1.57 3.53
C SER G 960 -46.43 1.66 4.48
N ARG G 961 -47.49 2.37 4.03
CA ARG G 961 -48.69 2.52 4.85
C ARG G 961 -49.80 1.63 4.43
N TYR G 962 -49.49 0.61 3.67
CA TYR G 962 -50.59 -0.21 3.26
C TYR G 962 -50.36 -1.63 3.59
N SER G 963 -51.37 -2.25 4.13
CA SER G 963 -51.23 -3.62 4.43
C SER G 963 -51.30 -4.37 3.11
N GLN G 964 -50.75 -5.58 3.15
CA GLN G 964 -50.81 -6.45 1.99
C GLN G 964 -52.28 -6.70 1.71
N GLN G 965 -53.03 -6.81 2.77
CA GLN G 965 -54.44 -7.05 2.60
C GLN G 965 -55.14 -5.93 1.89
N GLN G 966 -54.82 -4.71 2.29
CA GLN G 966 -55.43 -3.59 1.63
C GLN G 966 -55.14 -3.65 0.15
N LEU G 967 -53.86 -3.82 -0.14
CA LEU G 967 -53.42 -3.87 -1.53
C LEU G 967 -54.12 -4.91 -2.35
N MET G 968 -54.21 -6.02 -1.68
CA MET G 968 -54.79 -7.12 -2.33
C MET G 968 -56.24 -6.89 -2.58
N GLU G 969 -56.86 -6.10 -1.73
CA GLU G 969 -58.28 -5.89 -1.88
C GLU G 969 -58.71 -4.69 -2.67
N THR G 970 -57.82 -3.78 -2.96
CA THR G 970 -58.10 -2.58 -3.73
C THR G 970 -57.71 -2.71 -5.19
N SER G 971 -58.62 -2.36 -6.07
CA SER G 971 -58.37 -2.46 -7.51
C SER G 971 -57.69 -1.26 -8.13
N HIS G 972 -57.70 -0.11 -7.48
CA HIS G 972 -57.05 1.00 -8.12
C HIS G 972 -56.26 1.76 -7.15
N ARG G 973 -55.15 2.23 -7.63
CA ARG G 973 -54.28 3.00 -6.76
C ARG G 973 -54.97 4.14 -6.03
N HIS G 974 -55.86 4.82 -6.75
CA HIS G 974 -56.54 5.97 -6.20
C HIS G 974 -57.40 5.66 -4.99
N LEU G 975 -57.81 4.42 -4.85
CA LEU G 975 -58.59 3.99 -3.69
C LEU G 975 -57.80 3.59 -2.43
N LEU G 976 -56.49 3.63 -2.48
CA LEU G 976 -55.90 3.22 -1.23
C LEU G 976 -55.75 4.41 -0.38
N HIS G 977 -55.71 4.12 0.90
CA HIS G 977 -55.55 5.15 1.87
C HIS G 977 -54.57 4.67 2.91
N ALA G 978 -53.74 5.60 3.37
CA ALA G 978 -52.77 5.20 4.35
C ALA G 978 -53.39 4.56 5.58
N GLU G 979 -52.71 3.57 6.10
CA GLU G 979 -53.20 2.94 7.28
C GLU G 979 -52.57 3.63 8.46
N GLU G 980 -53.01 3.22 9.64
CA GLU G 980 -52.57 3.83 10.84
C GLU G 980 -51.08 4.09 11.11
N GLY G 981 -50.21 3.11 10.97
CA GLY G 981 -48.83 3.44 11.26
C GLY G 981 -48.00 3.13 10.06
N THR G 982 -47.01 2.29 10.26
CA THR G 982 -46.17 1.85 9.19
C THR G 982 -46.15 0.34 9.13
N TRP G 983 -46.41 -0.17 7.94
CA TRP G 983 -46.37 -1.59 7.72
C TRP G 983 -44.99 -2.02 7.23
N LEU G 984 -44.53 -3.05 7.92
CA LEU G 984 -43.23 -3.55 7.63
C LEU G 984 -43.18 -5.02 7.35
N ASN G 985 -42.61 -5.30 6.18
CA ASN G 985 -42.42 -6.65 5.77
C ASN G 985 -40.96 -6.96 5.62
N ILE G 986 -40.56 -7.95 6.43
CA ILE G 986 -39.20 -8.45 6.44
C ILE G 986 -39.14 -9.90 6.04
N ASP G 987 -38.51 -10.06 4.90
CA ASP G 987 -38.39 -11.32 4.28
C ASP G 987 -37.01 -11.91 4.34
N GLY G 988 -37.07 -13.16 4.77
CA GLY G 988 -35.87 -13.95 4.78
C GLY G 988 -35.67 -14.40 3.32
N PHE G 989 -36.81 -14.64 2.68
CA PHE G 989 -36.83 -15.08 1.32
C PHE G 989 -38.07 -14.63 0.63
N HIS G 990 -37.91 -14.43 -0.66
CA HIS G 990 -39.00 -13.99 -1.47
C HIS G 990 -38.95 -14.54 -2.89
N MET G 991 -40.09 -15.00 -3.36
CA MET G 991 -40.21 -15.54 -4.69
C MET G 991 -39.94 -14.53 -5.78
N GLY G 992 -39.47 -14.99 -6.92
CA GLY G 992 -39.22 -14.11 -8.05
C GLY G 992 -40.55 -13.58 -8.58
N ILE G 993 -40.51 -12.65 -9.52
CA ILE G 993 -41.74 -12.05 -10.03
C ILE G 993 -42.11 -12.48 -11.43
N GLY G 994 -41.16 -12.99 -12.20
CA GLY G 994 -41.47 -13.43 -13.55
C GLY G 994 -41.75 -12.31 -14.51
N GLY G 995 -42.41 -12.69 -15.60
CA GLY G 995 -42.78 -11.75 -16.63
C GLY G 995 -42.53 -12.21 -18.05
N ASP G 996 -42.05 -13.45 -18.23
CA ASP G 996 -41.78 -13.92 -19.59
C ASP G 996 -43.01 -13.74 -20.43
N ASP G 997 -44.12 -13.80 -19.71
CA ASP G 997 -45.46 -13.54 -20.16
C ASP G 997 -46.29 -13.38 -18.94
N SER G 998 -47.45 -12.80 -19.12
CA SER G 998 -48.25 -12.58 -17.94
C SER G 998 -49.51 -13.40 -17.95
N TRP G 999 -49.52 -14.53 -18.60
CA TRP G 999 -50.74 -15.28 -18.56
C TRP G 999 -50.48 -16.74 -18.38
N SER G 1000 -49.36 -16.95 -17.73
CA SER G 1000 -48.84 -18.21 -17.35
C SER G 1000 -47.74 -17.96 -16.36
N PRO G 1001 -47.46 -19.05 -15.69
CA PRO G 1001 -46.42 -19.14 -14.68
C PRO G 1001 -45.10 -18.95 -15.42
N SER G 1002 -44.45 -17.85 -15.05
CA SER G 1002 -43.28 -17.40 -15.73
C SER G 1002 -42.09 -17.14 -14.83
N VAL G 1003 -42.21 -17.67 -13.61
CA VAL G 1003 -41.14 -17.55 -12.64
C VAL G 1003 -40.20 -18.74 -12.75
N SER G 1004 -38.94 -18.49 -13.08
CA SER G 1004 -38.05 -19.61 -13.16
C SER G 1004 -37.76 -20.32 -11.87
N ALA G 1005 -37.52 -21.59 -12.07
CA ALA G 1005 -37.31 -22.45 -10.96
C ALA G 1005 -36.32 -21.98 -9.94
N GLU G 1006 -35.27 -21.34 -10.42
CA GLU G 1006 -34.24 -20.84 -9.53
C GLU G 1006 -34.80 -19.77 -8.67
N PHE G 1007 -36.00 -19.31 -9.03
CA PHE G 1007 -36.59 -18.27 -8.24
C PHE G 1007 -37.73 -18.66 -7.38
N GLN G 1008 -38.07 -19.94 -7.37
CA GLN G 1008 -39.12 -20.44 -6.52
C GLN G 1008 -38.57 -20.91 -5.16
N LEU G 1009 -39.41 -20.82 -4.11
CA LEU G 1009 -39.03 -21.18 -2.76
C LEU G 1009 -39.35 -22.63 -2.58
N SER G 1010 -38.49 -23.41 -3.13
CA SER G 1010 -38.70 -24.83 -3.16
C SER G 1010 -37.84 -25.69 -2.23
N ALA G 1011 -36.94 -25.05 -1.49
CA ALA G 1011 -36.01 -25.74 -0.61
C ALA G 1011 -36.58 -26.64 0.46
N GLY G 1012 -37.76 -26.30 0.92
CA GLY G 1012 -38.35 -27.12 1.97
C GLY G 1012 -37.95 -26.63 3.35
N ARG G 1013 -36.73 -26.10 3.44
CA ARG G 1013 -36.30 -25.63 4.72
C ARG G 1013 -35.59 -24.34 4.57
N TYR G 1014 -36.01 -23.43 5.43
CA TYR G 1014 -35.45 -22.11 5.42
C TYR G 1014 -35.08 -21.62 6.79
N HIS G 1015 -34.00 -20.89 6.78
CA HIS G 1015 -33.48 -20.38 8.01
C HIS G 1015 -33.08 -18.93 7.88
N TYR G 1016 -33.41 -18.13 8.88
CA TYR G 1016 -32.94 -16.77 8.85
C TYR G 1016 -32.88 -16.14 10.20
N GLN G 1017 -32.09 -15.06 10.24
CA GLN G 1017 -31.88 -14.35 11.49
C GLN G 1017 -31.79 -12.87 11.41
N LEU G 1018 -32.14 -12.32 12.52
CA LEU G 1018 -32.26 -10.92 12.66
C LEU G 1018 -31.98 -10.31 13.99
N VAL G 1019 -31.58 -9.07 13.89
CA VAL G 1019 -31.37 -8.30 15.07
C VAL G 1019 -32.06 -6.99 15.07
N TRP G 1020 -32.77 -6.82 16.14
CA TRP G 1020 -33.54 -5.64 16.32
C TRP G 1020 -33.15 -4.83 17.54
N CME G 1021 -32.93 -3.53 17.30
CA CME G 1021 -32.62 -2.58 18.32
CB CME G 1021 -31.17 -2.50 18.69
SG CME G 1021 -30.29 -3.53 17.56
SD CME G 1021 -29.15 -2.21 16.76
CE CME G 1021 -30.16 -0.80 17.33
CZ CME G 1021 -29.50 -0.01 18.45
OH CME G 1021 -28.65 1.00 17.90
C CME G 1021 -33.09 -1.21 18.03
O CME G 1021 -33.62 -0.90 16.97
N GLN G 1022 -32.86 -0.41 19.06
CA GLN G 1022 -33.23 0.96 19.13
C GLN G 1022 -32.11 1.80 19.60
N LYS G 1023 -32.32 3.06 19.25
CA LYS G 1023 -31.47 4.15 19.60
C LYS G 1023 -32.38 5.15 20.30
N ILE H 3 23.09 -64.35 -48.07
CA ILE H 3 23.99 -63.17 -47.87
C ILE H 3 23.33 -61.76 -47.90
N THR H 4 22.41 -61.67 -48.82
CA THR H 4 21.69 -60.46 -48.95
C THR H 4 20.56 -60.63 -47.99
N ASP H 5 20.46 -61.82 -47.41
CA ASP H 5 19.50 -62.14 -46.38
C ASP H 5 20.13 -61.80 -45.03
N SER H 6 21.35 -61.38 -45.13
CA SER H 6 22.09 -61.04 -43.96
C SER H 6 21.60 -59.77 -43.29
N LEU H 7 21.54 -59.88 -41.99
CA LEU H 7 21.20 -58.75 -41.18
C LEU H 7 22.00 -57.56 -41.61
N ALA H 8 23.26 -57.79 -41.66
CA ALA H 8 24.16 -56.72 -41.97
C ALA H 8 23.69 -55.89 -43.11
N VAL H 9 23.18 -56.63 -44.05
CA VAL H 9 22.68 -56.13 -45.28
C VAL H 9 21.27 -55.52 -45.10
N VAL H 10 20.35 -56.34 -44.64
CA VAL H 10 19.00 -55.91 -44.39
C VAL H 10 18.93 -54.63 -43.56
N LEU H 11 19.49 -54.64 -42.39
CA LEU H 11 19.43 -53.48 -41.53
C LEU H 11 20.22 -52.32 -42.04
N GLN H 12 20.78 -52.53 -43.17
CA GLN H 12 21.58 -51.47 -43.65
C GLN H 12 20.69 -50.29 -44.02
N ARG H 13 19.62 -50.68 -44.68
CA ARG H 13 18.64 -49.76 -45.16
C ARG H 13 17.97 -48.91 -44.06
N ARG H 14 17.70 -49.52 -42.89
CA ARG H 14 17.11 -48.73 -41.84
C ARG H 14 15.74 -48.18 -42.26
N ASP H 15 14.94 -49.14 -42.69
CA ASP H 15 13.60 -48.95 -43.16
C ASP H 15 12.69 -48.32 -42.14
N TRP H 16 13.01 -48.62 -40.92
CA TRP H 16 12.33 -48.13 -39.76
C TRP H 16 12.69 -46.69 -39.46
N GLU H 17 13.46 -46.07 -40.33
CA GLU H 17 13.71 -44.65 -40.13
C GLU H 17 13.37 -43.94 -41.43
N ASN H 18 12.38 -44.50 -42.10
CA ASN H 18 11.95 -43.95 -43.35
C ASN H 18 10.48 -44.11 -43.65
N PRO H 19 9.80 -43.00 -43.46
CA PRO H 19 8.37 -42.80 -43.70
C PRO H 19 8.05 -43.23 -45.12
N GLY H 20 9.07 -43.20 -45.98
CA GLY H 20 8.89 -43.63 -47.34
C GLY H 20 8.75 -45.15 -47.40
N VAL H 21 9.25 -45.84 -46.38
CA VAL H 21 9.07 -47.26 -46.47
C VAL H 21 8.21 -47.74 -45.37
N THR H 22 7.06 -48.22 -45.74
CA THR H 22 6.19 -48.65 -44.70
C THR H 22 5.90 -50.13 -44.74
N GLN H 23 6.34 -50.74 -45.82
CA GLN H 23 6.20 -52.15 -45.99
C GLN H 23 7.11 -52.60 -47.12
N LEU H 24 7.29 -53.93 -47.21
CA LEU H 24 8.07 -54.57 -48.28
C LEU H 24 7.50 -55.92 -48.54
N ASN H 25 7.05 -56.12 -49.74
CA ASN H 25 6.48 -57.42 -50.07
C ASN H 25 5.28 -57.85 -49.28
N ARG H 26 4.59 -56.87 -48.73
CA ARG H 26 3.40 -57.18 -47.97
C ARG H 26 2.25 -57.29 -48.94
N LEU H 27 1.41 -58.28 -48.76
CA LEU H 27 0.27 -58.40 -49.63
C LEU H 27 -0.79 -57.31 -49.41
N ALA H 28 -1.77 -57.38 -50.27
CA ALA H 28 -2.84 -56.44 -50.18
C ALA H 28 -3.86 -56.81 -49.14
N ALA H 29 -4.52 -55.75 -48.67
CA ALA H 29 -5.56 -55.83 -47.66
C ALA H 29 -6.92 -56.35 -48.11
N HIS H 30 -7.71 -56.85 -47.19
CA HIS H 30 -9.00 -57.37 -47.61
C HIS H 30 -9.69 -57.85 -46.37
N PRO H 31 -10.95 -58.10 -46.59
CA PRO H 31 -11.71 -58.61 -45.52
C PRO H 31 -11.20 -60.01 -45.32
N PRO H 32 -11.54 -60.47 -44.19
CA PRO H 32 -11.22 -61.74 -43.66
C PRO H 32 -11.59 -62.93 -44.51
N PHE H 33 -10.55 -63.75 -44.72
CA PHE H 33 -10.71 -64.98 -45.47
C PHE H 33 -10.44 -66.22 -44.62
N ALA H 34 -11.07 -67.33 -45.01
CA ALA H 34 -10.92 -68.66 -44.39
C ALA H 34 -10.55 -69.70 -45.47
N SER H 35 -10.95 -69.45 -46.69
CA SER H 35 -10.67 -70.38 -47.72
C SER H 35 -11.39 -71.68 -47.53
N TRP H 36 -12.60 -71.64 -47.05
CA TRP H 36 -13.31 -72.88 -46.94
C TRP H 36 -13.28 -73.58 -48.27
N ARG H 37 -13.47 -74.88 -48.16
CA ARG H 37 -13.55 -75.72 -49.32
C ARG H 37 -14.85 -76.45 -49.35
N ASN H 38 -15.71 -76.08 -48.42
CA ASN H 38 -17.04 -76.62 -48.37
C ASN H 38 -18.01 -75.54 -47.99
N SER H 39 -18.96 -75.36 -48.88
CA SER H 39 -19.99 -74.39 -48.71
C SER H 39 -20.63 -74.40 -47.30
N GLU H 40 -21.17 -75.55 -46.93
CA GLU H 40 -21.81 -75.65 -45.65
C GLU H 40 -20.99 -75.14 -44.51
N GLU H 41 -19.72 -75.54 -44.53
CA GLU H 41 -18.81 -75.16 -43.48
C GLU H 41 -18.74 -73.66 -43.40
N ALA H 42 -18.50 -73.09 -44.56
CA ALA H 42 -18.44 -71.66 -44.65
C ALA H 42 -19.78 -71.11 -44.22
N ARG H 43 -20.81 -71.67 -44.75
CA ARG H 43 -22.11 -71.19 -44.41
C ARG H 43 -22.38 -71.19 -42.94
N THR H 44 -21.83 -72.15 -42.25
CA THR H 44 -22.13 -72.23 -40.83
C THR H 44 -20.98 -71.77 -40.01
N ASP H 45 -20.08 -71.13 -40.67
CA ASP H 45 -18.95 -70.62 -39.97
C ASP H 45 -18.19 -71.70 -39.23
N ARG H 46 -17.95 -72.82 -39.88
CA ARG H 46 -17.13 -73.77 -39.19
C ARG H 46 -15.70 -73.36 -39.31
N PRO H 47 -14.81 -74.23 -38.94
CA PRO H 47 -13.45 -73.82 -39.02
C PRO H 47 -12.80 -74.35 -40.23
N SER H 48 -12.02 -73.50 -40.82
CA SER H 48 -11.40 -73.93 -42.02
C SER H 48 -10.02 -74.40 -41.76
N GLN H 49 -9.79 -75.50 -42.43
CA GLN H 49 -8.55 -76.16 -42.34
C GLN H 49 -7.47 -75.44 -43.11
N GLN H 50 -7.83 -74.50 -44.04
CA GLN H 50 -6.81 -73.79 -44.82
C GLN H 50 -6.25 -72.63 -44.03
N LEU H 51 -6.79 -72.63 -42.83
CA LEU H 51 -6.45 -71.64 -41.89
C LEU H 51 -5.93 -72.24 -40.61
N ARG H 52 -4.69 -71.85 -40.33
CA ARG H 52 -4.01 -72.41 -39.21
C ARG H 52 -3.33 -71.40 -38.33
N SER H 53 -3.55 -71.59 -37.02
CA SER H 53 -2.95 -70.71 -36.06
C SER H 53 -1.58 -71.10 -35.63
N LEU H 54 -0.72 -70.12 -35.47
CA LEU H 54 0.64 -70.33 -35.04
C LEU H 54 0.85 -69.80 -33.64
N ASN H 55 -0.28 -69.59 -33.01
CA ASN H 55 -0.23 -69.09 -31.66
C ASN H 55 0.22 -70.19 -30.78
N GLY H 56 1.08 -69.82 -29.83
CA GLY H 56 1.57 -70.75 -28.85
C GLY H 56 2.95 -70.42 -28.32
N GLU H 57 3.70 -71.48 -28.03
CA GLU H 57 5.01 -71.27 -27.51
C GLU H 57 5.95 -70.96 -28.62
N TRP H 58 6.78 -69.98 -28.37
CA TRP H 58 7.70 -69.51 -29.38
C TRP H 58 8.97 -69.17 -28.68
N ARG H 59 9.99 -68.90 -29.44
CA ARG H 59 11.20 -68.58 -28.74
C ARG H 59 11.52 -67.14 -28.87
N PHE H 60 11.92 -66.60 -27.74
CA PHE H 60 12.14 -65.20 -27.69
C PHE H 60 13.48 -64.76 -27.16
N ALA H 61 13.98 -63.67 -27.71
CA ALA H 61 15.17 -63.08 -27.15
C ALA H 61 15.20 -61.59 -27.38
N TRP H 62 15.60 -60.89 -26.37
CA TRP H 62 15.59 -59.46 -26.38
C TRP H 62 16.93 -58.77 -26.52
N PHE H 63 16.97 -57.69 -27.26
CA PHE H 63 18.20 -56.92 -27.41
C PHE H 63 17.90 -55.48 -27.39
N PRO H 64 18.83 -54.82 -26.80
CA PRO H 64 18.87 -53.38 -26.65
C PRO H 64 18.90 -52.67 -27.99
N ALA H 65 19.22 -53.42 -29.01
CA ALA H 65 19.32 -52.86 -30.34
C ALA H 65 19.38 -53.91 -31.40
N PRO H 66 18.95 -53.51 -32.55
CA PRO H 66 18.91 -54.35 -33.72
C PRO H 66 20.31 -54.86 -34.09
N GLU H 67 21.27 -53.94 -34.03
CA GLU H 67 22.65 -54.20 -34.33
C GLU H 67 23.23 -55.38 -33.53
N ALA H 68 22.97 -55.35 -32.25
CA ALA H 68 23.33 -56.41 -31.35
C ALA H 68 22.78 -57.78 -31.81
N VAL H 69 21.84 -57.82 -32.72
CA VAL H 69 21.43 -59.16 -33.08
C VAL H 69 22.56 -59.87 -33.85
N PRO H 70 22.74 -61.12 -33.49
CA PRO H 70 23.77 -61.98 -34.04
C PRO H 70 23.30 -62.78 -35.23
N GLU H 71 24.18 -62.72 -36.23
CA GLU H 71 23.91 -63.38 -37.47
C GLU H 71 23.34 -64.82 -37.43
N SER H 72 23.82 -65.57 -36.47
CA SER H 72 23.39 -66.95 -36.29
C SER H 72 21.93 -67.08 -36.12
N TRP H 73 21.38 -66.02 -35.50
CA TRP H 73 20.00 -66.01 -35.16
C TRP H 73 19.17 -66.50 -36.32
N LEU H 74 19.62 -66.11 -37.50
CA LEU H 74 18.93 -66.44 -38.74
C LEU H 74 18.81 -67.90 -39.01
N GLU H 75 19.92 -68.47 -38.62
CA GLU H 75 20.18 -69.86 -38.80
C GLU H 75 19.67 -70.73 -37.70
N CYS H 76 20.10 -70.36 -36.50
CA CYS H 76 19.81 -71.18 -35.38
C CYS H 76 19.29 -70.39 -34.27
N ASP H 77 18.43 -71.11 -33.52
CA ASP H 77 17.84 -70.58 -32.31
C ASP H 77 18.92 -70.25 -31.33
N LEU H 78 18.65 -69.38 -30.41
CA LEU H 78 19.70 -69.10 -29.49
C LEU H 78 19.66 -70.01 -28.30
N PRO H 79 20.80 -70.02 -27.67
CA PRO H 79 20.98 -70.82 -26.50
C PRO H 79 20.19 -70.15 -25.38
N GLU H 80 20.46 -68.84 -25.30
CA GLU H 80 19.89 -67.92 -24.33
C GLU H 80 18.47 -67.46 -24.63
N ALA H 81 17.83 -68.13 -25.56
CA ALA H 81 16.49 -67.82 -25.90
C ALA H 81 15.56 -68.36 -24.85
N ASP H 82 14.39 -67.74 -24.72
CA ASP H 82 13.39 -68.18 -23.78
C ASP H 82 12.20 -68.67 -24.54
N THR H 83 11.43 -69.46 -23.86
CA THR H 83 10.24 -69.92 -24.48
C THR H 83 9.16 -69.01 -23.97
N VAL H 84 8.34 -68.53 -24.90
CA VAL H 84 7.31 -67.56 -24.62
C VAL H 84 6.02 -67.83 -25.33
N VAL H 85 4.99 -67.27 -24.75
CA VAL H 85 3.70 -67.36 -25.40
C VAL H 85 3.41 -66.20 -26.32
N VAL H 86 2.87 -66.58 -27.46
CA VAL H 86 2.50 -65.64 -28.45
C VAL H 86 1.04 -65.86 -28.78
N PRO H 87 0.26 -64.76 -28.81
CA PRO H 87 0.79 -63.41 -28.74
C PRO H 87 0.92 -62.85 -27.36
N SER H 88 1.69 -61.77 -27.35
CA SER H 88 1.94 -61.09 -26.09
C SER H 88 2.78 -59.84 -26.30
N ASN H 89 2.92 -59.10 -25.20
CA ASN H 89 3.72 -57.89 -25.12
C ASN H 89 4.88 -58.22 -24.23
N TRP H 90 6.01 -57.98 -24.77
CA TRP H 90 7.18 -58.31 -24.04
C TRP H 90 7.41 -57.54 -22.75
N GLN H 91 6.89 -56.32 -22.65
CA GLN H 91 7.12 -55.62 -21.40
C GLN H 91 6.42 -56.39 -20.32
N MET H 92 5.40 -57.14 -20.76
CA MET H 92 4.57 -57.94 -19.86
C MET H 92 5.29 -59.13 -19.29
N HIS H 93 6.49 -59.35 -19.79
CA HIS H 93 7.27 -60.49 -19.37
C HIS H 93 8.55 -60.08 -18.75
N GLY H 94 8.62 -58.84 -18.41
CA GLY H 94 9.79 -58.34 -17.76
C GLY H 94 10.91 -57.90 -18.66
N TYR H 95 10.76 -58.16 -19.98
CA TYR H 95 11.86 -57.74 -20.82
C TYR H 95 12.36 -56.31 -20.73
N ASP H 96 11.41 -55.40 -20.64
CA ASP H 96 11.67 -53.98 -20.46
C ASP H 96 10.41 -53.42 -19.91
N ALA H 97 10.49 -52.10 -19.71
CA ALA H 97 9.40 -51.33 -19.16
C ALA H 97 8.37 -50.85 -20.14
N PRO H 98 7.13 -50.85 -19.67
CA PRO H 98 6.07 -50.31 -20.42
C PRO H 98 6.07 -48.85 -20.01
N ILE H 99 5.75 -47.97 -20.95
CA ILE H 99 5.72 -46.57 -20.61
C ILE H 99 4.32 -45.98 -20.72
N TYR H 100 4.05 -45.18 -19.72
CA TYR H 100 2.83 -44.46 -19.67
C TYR H 100 3.07 -42.96 -19.76
N THR H 101 3.03 -42.50 -21.02
CA THR H 101 3.09 -41.10 -21.34
C THR H 101 1.83 -40.82 -22.19
N ASN H 102 1.32 -39.60 -22.07
CA ASN H 102 0.11 -39.16 -22.77
C ASN H 102 0.32 -38.52 -24.16
N VAL H 103 0.94 -37.34 -24.08
CA VAL H 103 1.17 -36.49 -25.23
C VAL H 103 2.58 -36.61 -25.69
N THR H 104 3.41 -36.38 -24.72
CA THR H 104 4.82 -36.43 -24.95
C THR H 104 5.30 -37.78 -25.43
N TYR H 105 6.00 -37.70 -26.56
CA TYR H 105 6.56 -38.87 -27.18
C TYR H 105 7.62 -39.45 -26.26
N PRO H 106 7.62 -40.77 -26.22
CA PRO H 106 8.53 -41.57 -25.41
C PRO H 106 9.95 -41.40 -25.91
N ILE H 107 10.08 -41.19 -27.19
CA ILE H 107 11.38 -40.99 -27.73
C ILE H 107 11.55 -39.53 -28.10
N THR H 108 12.75 -39.21 -28.51
CA THR H 108 13.05 -37.85 -28.86
C THR H 108 12.46 -37.46 -30.19
N VAL H 109 12.00 -36.23 -30.20
CA VAL H 109 11.36 -35.77 -31.40
C VAL H 109 12.27 -35.32 -32.51
N ASN H 110 12.47 -36.24 -33.41
CA ASN H 110 13.33 -35.96 -34.53
C ASN H 110 13.05 -36.86 -35.68
N PRO H 111 11.86 -36.74 -36.12
CA PRO H 111 11.42 -37.51 -37.23
C PRO H 111 12.35 -37.28 -38.41
N PRO H 112 12.53 -38.35 -39.14
CA PRO H 112 11.86 -39.62 -38.91
C PRO H 112 12.74 -40.56 -38.14
N PHE H 113 13.53 -39.96 -37.30
CA PHE H 113 14.44 -40.74 -36.53
C PHE H 113 14.01 -41.17 -35.18
N VAL H 114 14.27 -42.45 -35.04
CA VAL H 114 14.12 -43.25 -33.86
C VAL H 114 15.48 -43.28 -33.12
N PRO H 115 15.46 -43.52 -31.81
CA PRO H 115 16.69 -43.58 -31.04
C PRO H 115 17.52 -44.83 -31.36
N THR H 116 18.83 -44.64 -31.21
CA THR H 116 19.80 -45.67 -31.53
C THR H 116 19.62 -46.99 -30.77
N GLU H 117 19.23 -46.84 -29.51
CA GLU H 117 18.95 -47.95 -28.62
C GLU H 117 17.50 -48.28 -28.78
N ASN H 118 17.25 -49.28 -29.56
CA ASN H 118 15.91 -49.59 -29.81
C ASN H 118 15.65 -51.07 -29.60
N PRO H 119 14.97 -51.25 -28.56
CA PRO H 119 14.60 -52.56 -28.09
C PRO H 119 14.09 -53.46 -29.14
N THR H 120 14.93 -54.42 -29.45
CA THR H 120 14.59 -55.40 -30.42
C THR H 120 14.17 -56.74 -29.82
N GLY H 121 13.15 -57.34 -30.39
CA GLY H 121 12.65 -58.61 -29.89
C GLY H 121 12.68 -59.65 -30.98
N CYS H 122 13.53 -60.68 -30.80
CA CYS H 122 13.65 -61.71 -31.79
C CYS H 122 12.83 -62.91 -31.46
N TYR H 123 11.83 -63.09 -32.29
CA TYR H 123 10.90 -64.19 -32.13
C TYR H 123 11.19 -65.18 -33.20
N SER H 124 11.07 -66.45 -32.82
CA SER H 124 11.39 -67.49 -33.75
C SER H 124 10.47 -68.63 -33.53
N LEU H 125 10.24 -69.31 -34.61
CA LEU H 125 9.36 -70.42 -34.53
C LEU H 125 9.55 -71.42 -35.64
N THR H 126 9.62 -72.62 -35.13
CA THR H 126 9.85 -73.77 -35.93
C THR H 126 8.61 -74.60 -36.05
N PHE H 127 8.28 -74.93 -37.26
CA PHE H 127 7.07 -75.68 -37.46
C PHE H 127 7.09 -76.46 -38.75
N ASN H 128 6.05 -77.28 -38.74
CA ASN H 128 5.79 -78.21 -39.79
C ASN H 128 4.69 -77.82 -40.67
N VAL H 129 4.82 -78.27 -41.91
CA VAL H 129 3.90 -77.98 -42.97
C VAL H 129 3.47 -79.20 -43.75
N ASP H 130 2.16 -79.41 -43.87
CA ASP H 130 1.79 -80.55 -44.69
C ASP H 130 2.25 -80.23 -46.11
N GLU H 131 2.84 -81.19 -46.79
CA GLU H 131 3.26 -80.85 -48.12
C GLU H 131 2.11 -80.74 -49.08
N SER H 132 0.99 -81.35 -48.72
CA SER H 132 -0.15 -81.19 -49.59
C SER H 132 -0.26 -79.69 -49.98
N TRP H 133 -0.05 -78.85 -48.98
CA TRP H 133 -0.07 -77.41 -49.13
C TRP H 133 1.05 -76.92 -50.01
N LEU H 134 2.13 -77.62 -49.86
CA LEU H 134 3.32 -77.31 -50.56
C LEU H 134 3.21 -77.64 -52.03
N GLN H 135 2.31 -78.55 -52.37
CA GLN H 135 2.19 -78.88 -53.77
C GLN H 135 1.50 -77.79 -54.51
N GLU H 136 0.19 -77.83 -54.40
CA GLU H 136 -0.65 -76.86 -55.06
C GLU H 136 -1.01 -75.65 -54.17
N GLY H 137 -1.62 -74.64 -54.78
CA GLY H 137 -2.09 -73.46 -54.08
C GLY H 137 -1.06 -72.49 -53.53
N GLN H 138 -1.58 -71.63 -52.64
CA GLN H 138 -0.77 -70.62 -52.03
C GLN H 138 -0.88 -70.47 -50.56
N THR H 139 0.31 -70.28 -50.03
CA THR H 139 0.43 -70.20 -48.61
C THR H 139 1.04 -68.93 -48.08
N ARG H 140 0.19 -68.30 -47.29
CA ARG H 140 0.64 -67.11 -46.70
C ARG H 140 0.43 -67.10 -45.20
N ILE H 141 1.26 -66.22 -44.68
CA ILE H 141 1.24 -65.96 -43.29
C ILE H 141 0.68 -64.59 -42.97
N ILE H 142 0.07 -64.57 -41.79
CA ILE H 142 -0.55 -63.36 -41.33
C ILE H 142 -0.39 -63.00 -39.88
N PHE H 143 0.14 -61.81 -39.73
CA PHE H 143 0.27 -61.20 -38.44
C PHE H 143 -0.82 -60.19 -38.19
N ASP H 144 -1.73 -60.52 -37.32
CA ASP H 144 -2.79 -59.60 -37.00
C ASP H 144 -2.36 -58.35 -36.28
N GLY H 145 -1.19 -58.36 -35.68
CA GLY H 145 -0.68 -57.21 -35.00
C GLY H 145 0.71 -57.42 -34.37
N VAL H 146 1.61 -56.51 -34.77
CA VAL H 146 3.02 -56.41 -34.38
C VAL H 146 3.44 -54.95 -34.15
N ASN H 147 3.83 -54.65 -32.95
CA ASN H 147 4.16 -53.29 -32.64
C ASN H 147 5.61 -53.13 -32.37
N SER H 148 6.27 -52.17 -33.04
CA SER H 148 5.70 -51.23 -33.98
C SER H 148 6.04 -51.53 -35.42
N ALA H 149 7.19 -52.14 -35.63
CA ALA H 149 7.70 -52.48 -36.95
C ALA H 149 8.44 -53.82 -36.99
N PHE H 150 8.65 -54.37 -38.18
CA PHE H 150 9.37 -55.62 -38.19
C PHE H 150 9.77 -56.18 -39.53
N HIS H 151 10.86 -56.98 -39.44
CA HIS H 151 11.46 -57.72 -40.54
C HIS H 151 11.17 -59.19 -40.44
N LEU H 152 11.17 -59.81 -41.56
CA LEU H 152 10.83 -61.19 -41.43
C LEU H 152 11.60 -62.18 -42.32
N TRP H 153 11.99 -63.31 -41.70
CA TRP H 153 12.65 -64.36 -42.43
C TRP H 153 12.00 -65.71 -42.33
N CYS H 154 12.19 -66.45 -43.38
CA CYS H 154 11.66 -67.77 -43.41
C CYS H 154 12.68 -68.66 -43.99
N ASN H 155 13.02 -69.62 -43.13
CA ASN H 155 14.02 -70.60 -43.41
C ASN H 155 15.29 -69.88 -43.87
N GLY H 156 15.72 -68.89 -43.11
CA GLY H 156 16.97 -68.17 -43.39
C GLY H 156 16.84 -67.09 -44.43
N ARG H 157 15.72 -67.17 -45.11
CA ARG H 157 15.47 -66.24 -46.15
C ARG H 157 14.66 -65.02 -45.75
N TRP H 158 15.20 -63.87 -46.16
CA TRP H 158 14.52 -62.63 -45.90
C TRP H 158 13.22 -62.55 -46.67
N VAL H 159 12.16 -62.14 -46.00
CA VAL H 159 10.87 -62.10 -46.66
C VAL H 159 10.30 -60.70 -46.86
N GLY H 160 10.16 -59.95 -45.80
CA GLY H 160 9.60 -58.65 -45.96
C GLY H 160 9.64 -57.83 -44.70
N TYR H 161 8.95 -56.72 -44.80
CA TYR H 161 8.89 -55.76 -43.74
C TYR H 161 7.53 -55.14 -43.67
N GLY H 162 7.20 -54.60 -42.50
CA GLY H 162 5.90 -53.98 -42.27
C GLY H 162 5.84 -52.95 -41.13
N GLN H 163 4.88 -52.00 -41.28
CA GLN H 163 4.63 -50.96 -40.29
C GLN H 163 3.11 -50.88 -40.00
N ASP H 164 2.76 -50.08 -38.97
CA ASP H 164 1.39 -49.92 -38.51
C ASP H 164 1.00 -51.07 -37.60
N SER H 165 1.18 -50.79 -36.32
CA SER H 165 0.88 -51.79 -35.32
C SER H 165 -0.52 -52.29 -35.26
N ARG H 166 -1.48 -51.61 -35.89
CA ARG H 166 -2.83 -52.07 -35.70
C ARG H 166 -3.46 -52.83 -36.79
N LEU H 167 -2.79 -52.95 -37.91
CA LEU H 167 -3.39 -53.73 -38.95
C LEU H 167 -2.53 -54.94 -39.28
N PRO H 168 -3.17 -55.89 -39.89
CA PRO H 168 -2.61 -57.13 -40.33
C PRO H 168 -1.58 -56.95 -41.40
N SER H 169 -0.60 -57.87 -41.35
CA SER H 169 0.43 -57.94 -42.34
C SER H 169 0.46 -59.30 -42.97
N GLU H 170 0.47 -59.32 -44.29
CA GLU H 170 0.46 -60.61 -44.94
C GLU H 170 1.53 -60.77 -45.93
N PHE H 171 2.03 -62.03 -45.89
CA PHE H 171 3.03 -62.48 -46.81
C PHE H 171 2.85 -63.87 -47.32
N ASP H 172 3.29 -63.94 -48.57
CA ASP H 172 3.30 -65.16 -49.35
C ASP H 172 4.49 -66.00 -48.97
N LEU H 173 4.22 -67.13 -48.39
CA LEU H 173 5.34 -67.92 -47.98
C LEU H 173 5.79 -68.95 -48.96
N SER H 174 4.81 -69.20 -49.82
CA SER H 174 4.82 -70.14 -50.89
C SER H 174 6.20 -70.55 -51.37
N ALA H 175 7.04 -69.56 -51.63
CA ALA H 175 8.36 -69.90 -52.12
C ALA H 175 9.43 -70.15 -51.08
N PHE H 176 9.12 -70.18 -49.80
CA PHE H 176 10.21 -70.38 -48.86
C PHE H 176 10.03 -71.58 -48.03
N LEU H 177 8.86 -72.10 -48.18
CA LEU H 177 8.55 -73.25 -47.43
C LEU H 177 9.12 -74.49 -48.00
N ARG H 178 9.45 -75.37 -47.06
CA ARG H 178 9.98 -76.68 -47.33
C ARG H 178 9.05 -77.63 -46.66
N ALA H 179 9.02 -78.86 -47.15
CA ALA H 179 8.16 -79.76 -46.44
C ALA H 179 8.78 -80.10 -45.11
N GLY H 180 7.87 -80.31 -44.19
CA GLY H 180 8.25 -80.60 -42.85
C GLY H 180 8.64 -79.34 -42.09
N GLU H 181 9.86 -79.39 -41.63
CA GLU H 181 10.36 -78.40 -40.75
C GLU H 181 10.70 -77.04 -41.24
N ASN H 182 9.97 -76.04 -40.77
CA ASN H 182 10.32 -74.71 -41.15
C ASN H 182 10.58 -73.83 -39.97
N ARG H 183 11.29 -72.77 -40.25
CA ARG H 183 11.60 -71.85 -39.21
C ARG H 183 11.48 -70.38 -39.59
N LEU H 184 10.65 -69.69 -38.77
CA LEU H 184 10.46 -68.27 -38.89
C LEU H 184 11.28 -67.50 -37.91
N ALA H 185 11.78 -66.39 -38.41
CA ALA H 185 12.50 -65.47 -37.58
C ALA H 185 12.03 -64.07 -37.87
N VAL H 186 11.39 -63.55 -36.82
CA VAL H 186 10.82 -62.24 -36.82
C VAL H 186 11.53 -61.29 -35.94
N MET H 187 12.03 -60.26 -36.54
CA MET H 187 12.67 -59.29 -35.72
C MET H 187 11.74 -58.09 -35.58
N VAL H 188 11.33 -57.80 -34.36
CA VAL H 188 10.39 -56.75 -34.04
C VAL H 188 10.99 -55.53 -33.37
N LEU H 189 10.63 -54.30 -33.81
CA LEU H 189 11.21 -53.12 -33.16
C LEU H 189 10.28 -52.21 -32.38
N ARG H 190 10.80 -51.71 -31.29
CA ARG H 190 10.00 -50.84 -30.47
C ARG H 190 9.63 -49.60 -31.22
N TRP H 191 10.65 -48.87 -31.61
CA TRP H 191 10.49 -47.65 -32.33
C TRP H 191 10.69 -47.77 -33.81
N SER H 192 9.93 -46.98 -34.56
CA SER H 192 10.00 -46.95 -36.01
C SER H 192 9.51 -45.59 -36.46
N ASP H 193 9.58 -45.29 -37.75
CA ASP H 193 9.05 -44.01 -38.14
C ASP H 193 7.52 -44.02 -37.85
N GLY H 194 6.91 -45.24 -37.87
CA GLY H 194 5.48 -45.47 -37.58
C GLY H 194 5.08 -44.95 -36.21
N SER H 195 6.07 -44.94 -35.36
CA SER H 195 5.90 -44.48 -34.03
C SER H 195 5.44 -43.05 -34.01
N TYR H 196 5.96 -42.25 -34.92
CA TYR H 196 5.51 -40.89 -34.92
C TYR H 196 4.00 -40.76 -35.16
N LEU H 197 3.38 -41.80 -35.73
CA LEU H 197 1.96 -41.76 -35.98
C LEU H 197 1.20 -42.52 -34.95
N GLU H 198 1.89 -42.84 -33.88
CA GLU H 198 1.20 -43.63 -32.88
C GLU H 198 1.28 -43.02 -31.49
N ASP H 199 1.02 -41.71 -31.36
CA ASP H 199 1.15 -41.07 -30.06
C ASP H 199 -0.06 -41.11 -29.14
N GLN H 200 -0.83 -42.20 -29.21
CA GLN H 200 -2.00 -42.34 -28.36
C GLN H 200 -1.69 -42.34 -26.86
N ASP H 201 -2.57 -41.69 -26.08
CA ASP H 201 -2.47 -41.62 -24.63
C ASP H 201 -2.76 -42.97 -24.01
N MET H 202 -1.74 -43.82 -23.98
CA MET H 202 -1.86 -45.18 -23.46
C MET H 202 -0.50 -45.68 -23.10
N TRP H 203 -0.48 -46.92 -22.62
CA TRP H 203 0.78 -47.53 -22.26
C TRP H 203 1.48 -47.86 -23.55
N ARG H 204 2.76 -47.59 -23.58
CA ARG H 204 3.56 -47.86 -24.74
C ARG H 204 4.25 -49.21 -24.58
N MET H 205 3.75 -50.18 -25.34
CA MET H 205 4.26 -51.51 -25.28
C MET H 205 4.85 -52.01 -26.61
N SER H 206 5.01 -53.34 -26.76
CA SER H 206 5.57 -53.92 -28.00
C SER H 206 5.53 -55.41 -28.10
N GLY H 207 5.65 -55.87 -29.35
CA GLY H 207 5.67 -57.28 -29.65
C GLY H 207 4.61 -57.76 -30.62
N ILE H 208 4.39 -59.06 -30.55
CA ILE H 208 3.43 -59.75 -31.39
C ILE H 208 2.27 -60.02 -30.53
N PHE H 209 1.43 -59.01 -30.55
CA PHE H 209 0.31 -58.97 -29.66
C PHE H 209 -1.00 -59.40 -30.22
N ARG H 210 -1.01 -59.75 -31.49
CA ARG H 210 -2.23 -60.28 -32.05
C ARG H 210 -1.84 -61.58 -32.74
N ASP H 211 -2.84 -62.35 -33.06
CA ASP H 211 -2.70 -63.63 -33.71
C ASP H 211 -1.77 -63.73 -34.90
N VAL H 212 -1.23 -64.97 -35.01
CA VAL H 212 -0.37 -65.40 -36.11
C VAL H 212 -0.97 -66.60 -36.78
N SER H 213 -1.02 -66.53 -38.11
CA SER H 213 -1.70 -67.59 -38.79
C SER H 213 -1.23 -67.87 -40.20
N LEU H 214 -1.74 -69.01 -40.67
CA LEU H 214 -1.43 -69.48 -41.99
C LEU H 214 -2.62 -69.77 -42.78
N LEU H 215 -2.44 -69.28 -43.98
CA LEU H 215 -3.49 -69.47 -44.90
C LEU H 215 -3.10 -70.01 -46.24
N HIS H 216 -3.85 -71.09 -46.51
CA HIS H 216 -3.71 -71.85 -47.71
C HIS H 216 -4.85 -71.53 -48.61
N LYS H 217 -4.47 -71.00 -49.76
CA LYS H 217 -5.43 -70.63 -50.75
C LYS H 217 -5.07 -71.18 -52.11
N PRO H 218 -6.11 -71.43 -52.93
CA PRO H 218 -5.94 -71.90 -54.29
C PRO H 218 -5.18 -70.87 -55.08
N THR H 219 -4.65 -71.25 -56.21
CA THR H 219 -3.87 -70.30 -56.99
C THR H 219 -4.78 -69.33 -57.68
N THR H 220 -5.92 -69.89 -57.99
CA THR H 220 -6.94 -69.13 -58.59
C THR H 220 -7.99 -68.98 -57.51
N GLN H 221 -8.04 -67.77 -56.95
CA GLN H 221 -8.91 -67.54 -55.84
C GLN H 221 -9.65 -66.21 -55.84
N ILE H 222 -10.50 -66.13 -54.82
CA ILE H 222 -11.25 -64.95 -54.51
C ILE H 222 -10.31 -63.98 -53.81
N SER H 223 -10.02 -62.84 -54.42
CA SER H 223 -9.08 -61.91 -53.83
C SER H 223 -9.71 -60.84 -52.96
N ASP H 224 -11.01 -60.64 -53.16
CA ASP H 224 -11.69 -59.59 -52.44
C ASP H 224 -13.15 -59.53 -52.78
N PHE H 225 -13.91 -59.01 -51.83
CA PHE H 225 -15.31 -58.83 -52.08
C PHE H 225 -15.97 -57.79 -51.21
N HIS H 226 -16.98 -57.15 -51.75
CA HIS H 226 -17.70 -56.15 -51.01
C HIS H 226 -19.15 -56.35 -51.14
N VAL H 227 -19.75 -55.99 -50.06
CA VAL H 227 -21.17 -56.06 -49.96
C VAL H 227 -21.75 -54.69 -49.73
N ALA H 228 -23.00 -54.52 -50.24
CA ALA H 228 -23.78 -53.29 -50.13
C ALA H 228 -25.30 -53.48 -50.18
N THR H 229 -26.00 -52.69 -49.36
CA THR H 229 -27.46 -52.77 -49.32
C THR H 229 -28.14 -51.48 -49.70
N ARG H 230 -29.09 -51.59 -50.59
CA ARG H 230 -29.84 -50.44 -51.03
C ARG H 230 -31.32 -50.68 -50.73
N PHE H 231 -32.08 -49.62 -50.41
CA PHE H 231 -33.50 -49.85 -50.12
C PHE H 231 -34.46 -48.92 -50.81
N ASN H 232 -35.75 -49.30 -50.77
CA ASN H 232 -36.77 -48.40 -51.24
C ASN H 232 -37.00 -47.41 -50.11
N ASP H 233 -37.85 -46.47 -50.40
CA ASP H 233 -38.15 -45.42 -49.47
C ASP H 233 -38.65 -45.94 -48.14
N ASP H 234 -39.18 -47.13 -48.11
CA ASP H 234 -39.74 -47.60 -46.86
C ASP H 234 -39.13 -48.86 -46.35
N PHE H 235 -37.99 -49.23 -46.92
CA PHE H 235 -37.31 -50.42 -46.46
C PHE H 235 -38.13 -51.68 -46.61
N SER H 236 -39.12 -51.59 -47.48
CA SER H 236 -39.95 -52.74 -47.73
C SER H 236 -39.23 -53.69 -48.66
N ARG H 237 -38.17 -53.17 -49.24
CA ARG H 237 -37.44 -53.95 -50.18
C ARG H 237 -36.01 -53.48 -50.35
N ALA H 238 -35.14 -54.47 -50.49
CA ALA H 238 -33.73 -54.21 -50.62
C ALA H 238 -33.00 -54.91 -51.74
N VAL H 239 -31.83 -54.36 -51.98
CA VAL H 239 -30.96 -54.96 -52.91
C VAL H 239 -29.62 -55.22 -52.31
N LEU H 240 -29.25 -56.47 -52.39
CA LEU H 240 -27.95 -56.78 -51.94
C LEU H 240 -27.04 -56.81 -53.15
N GLU H 241 -25.98 -56.07 -53.09
CA GLU H 241 -25.10 -56.04 -54.19
C GLU H 241 -23.69 -56.40 -53.77
N ALA H 242 -23.18 -57.43 -54.41
CA ALA H 242 -21.86 -57.93 -54.11
C ALA H 242 -20.89 -57.89 -55.25
N GLU H 243 -19.72 -57.41 -54.91
CA GLU H 243 -18.71 -57.30 -55.90
C GLU H 243 -17.57 -58.15 -55.51
N VAL H 244 -17.24 -58.99 -56.45
CA VAL H 244 -16.21 -59.94 -56.23
C VAL H 244 -15.06 -59.86 -57.19
N GLN H 245 -13.91 -59.98 -56.62
CA GLN H 245 -12.72 -59.98 -57.41
C GLN H 245 -11.92 -61.22 -57.18
N MET H 246 -11.30 -61.64 -58.28
CA MET H 246 -10.47 -62.83 -58.29
C MET H 246 -9.05 -62.56 -58.67
N CYS H 247 -8.22 -63.48 -58.23
CA CYS H 247 -6.81 -63.50 -58.53
C CYS H 247 -6.55 -64.83 -59.21
N GLY H 248 -5.54 -64.87 -60.06
CA GLY H 248 -5.23 -66.14 -60.70
C GLY H 248 -5.45 -66.18 -62.20
N GLU H 249 -5.48 -67.41 -62.78
CA GLU H 249 -5.79 -67.21 -64.19
C GLU H 249 -7.15 -67.65 -64.57
N LEU H 250 -7.59 -66.62 -65.27
CA LEU H 250 -8.88 -66.48 -65.77
C LEU H 250 -9.24 -67.45 -66.85
N ARG H 251 -10.41 -68.04 -66.69
CA ARG H 251 -10.94 -69.02 -67.63
C ARG H 251 -12.44 -68.94 -67.69
N ASP H 252 -12.93 -68.93 -68.88
CA ASP H 252 -14.35 -68.85 -69.16
C ASP H 252 -15.25 -69.86 -68.45
N TYR H 253 -14.70 -70.86 -67.77
CA TYR H 253 -15.64 -71.76 -67.15
C TYR H 253 -15.88 -71.42 -65.71
N LEU H 254 -15.24 -70.33 -65.33
CA LEU H 254 -15.36 -69.84 -64.00
C LEU H 254 -16.66 -69.16 -63.77
N ARG H 255 -17.10 -69.41 -62.56
CA ARG H 255 -18.34 -68.87 -62.10
C ARG H 255 -18.31 -68.42 -60.66
N VAL H 256 -19.32 -67.62 -60.34
CA VAL H 256 -19.43 -67.14 -59.01
C VAL H 256 -20.82 -67.19 -58.53
N THR H 257 -20.91 -67.69 -57.32
CA THR H 257 -22.20 -67.76 -56.75
C THR H 257 -22.28 -67.13 -55.40
N VAL H 258 -23.38 -66.42 -55.26
CA VAL H 258 -23.62 -65.72 -54.05
C VAL H 258 -24.99 -66.01 -53.61
N SER H 259 -25.01 -66.48 -52.38
CA SER H 259 -26.22 -66.90 -51.75
C SER H 259 -26.39 -66.28 -50.38
N LEU H 260 -27.65 -66.01 -50.17
CA LEU H 260 -28.05 -65.41 -48.97
C LEU H 260 -28.91 -66.32 -48.18
N TRP H 261 -28.50 -66.39 -46.95
CA TRP H 261 -29.15 -67.22 -46.00
C TRP H 261 -29.63 -66.56 -44.75
N GLN H 262 -30.76 -67.05 -44.36
CA GLN H 262 -31.43 -66.66 -43.17
C GLN H 262 -31.51 -67.90 -42.30
N GLY H 263 -30.40 -68.13 -41.67
CA GLY H 263 -30.33 -69.32 -40.89
C GLY H 263 -30.30 -70.51 -41.81
N GLU H 264 -31.38 -71.25 -41.76
CA GLU H 264 -31.47 -72.47 -42.54
C GLU H 264 -31.98 -72.20 -43.90
N THR H 265 -32.58 -71.05 -44.00
CA THR H 265 -33.18 -70.72 -45.23
C THR H 265 -32.33 -69.97 -46.22
N GLN H 266 -32.46 -70.46 -47.43
CA GLN H 266 -31.76 -69.78 -48.45
C GLN H 266 -32.73 -68.79 -48.98
N VAL H 267 -32.29 -67.57 -48.89
CA VAL H 267 -33.10 -66.45 -49.21
C VAL H 267 -32.97 -65.96 -50.62
N ALA H 268 -31.75 -66.06 -51.11
CA ALA H 268 -31.49 -65.65 -52.45
C ALA H 268 -30.15 -66.11 -52.89
N SER H 269 -30.08 -66.28 -54.20
CA SER H 269 -28.86 -66.71 -54.82
C SER H 269 -28.73 -66.13 -56.18
N GLY H 270 -27.49 -66.11 -56.63
CA GLY H 270 -27.15 -65.61 -57.93
C GLY H 270 -25.83 -66.15 -58.38
N THR H 271 -25.79 -66.40 -59.68
CA THR H 271 -24.58 -66.94 -60.24
C THR H 271 -24.17 -66.23 -61.50
N ALA H 272 -22.86 -66.14 -61.68
CA ALA H 272 -22.35 -65.50 -62.85
C ALA H 272 -20.89 -65.74 -63.05
N PRO H 273 -20.52 -65.34 -64.23
CA PRO H 273 -19.18 -65.45 -64.74
C PRO H 273 -18.54 -64.10 -64.64
N PHE H 274 -17.22 -64.12 -64.54
CA PHE H 274 -16.48 -62.89 -64.42
C PHE H 274 -16.66 -61.96 -65.57
N GLY H 275 -16.33 -60.71 -65.32
CA GLY H 275 -16.44 -59.70 -66.32
C GLY H 275 -17.53 -58.72 -65.97
N GLY H 276 -17.07 -57.47 -65.81
CA GLY H 276 -17.89 -56.33 -65.46
C GLY H 276 -18.41 -55.51 -66.66
N GLU H 277 -19.12 -54.46 -66.28
CA GLU H 277 -19.71 -53.53 -67.21
C GLU H 277 -18.65 -52.55 -67.58
N ILE H 278 -18.87 -51.92 -68.72
CA ILE H 278 -17.91 -50.97 -69.14
C ILE H 278 -17.79 -49.88 -68.13
N ILE H 279 -16.57 -49.53 -67.89
CA ILE H 279 -16.38 -48.48 -66.96
C ILE H 279 -15.79 -47.29 -67.65
N ASP H 280 -14.99 -47.54 -68.66
CA ASP H 280 -14.40 -46.42 -69.32
C ASP H 280 -14.04 -46.74 -70.73
N GLU H 281 -13.28 -45.86 -71.32
CA GLU H 281 -12.90 -46.05 -72.71
C GLU H 281 -12.20 -47.37 -73.00
N ARG H 282 -11.49 -47.92 -72.01
CA ARG H 282 -10.79 -49.17 -72.17
C ARG H 282 -11.60 -50.40 -71.87
N GLY H 283 -12.78 -50.24 -71.30
CA GLY H 283 -13.63 -51.38 -71.02
C GLY H 283 -13.95 -51.49 -69.55
N GLY H 284 -14.04 -52.75 -69.08
CA GLY H 284 -14.33 -53.06 -67.70
C GLY H 284 -13.27 -53.96 -67.03
N TYR H 285 -13.69 -54.55 -65.91
CA TYR H 285 -12.88 -55.46 -65.13
C TYR H 285 -13.24 -56.86 -65.55
N ALA H 286 -12.28 -57.50 -66.15
CA ALA H 286 -12.51 -58.83 -66.62
C ALA H 286 -12.58 -59.83 -65.48
N ASP H 287 -11.83 -59.48 -64.47
CA ASP H 287 -11.66 -60.26 -63.29
C ASP H 287 -12.48 -59.81 -62.13
N ARG H 288 -13.63 -59.24 -62.42
CA ARG H 288 -14.50 -58.92 -61.32
C ARG H 288 -15.86 -59.20 -61.79
N VAL H 289 -16.74 -59.27 -60.85
CA VAL H 289 -18.12 -59.47 -61.18
C VAL H 289 -18.99 -58.95 -60.04
N THR H 290 -20.12 -58.37 -60.39
CA THR H 290 -20.99 -57.84 -59.37
C THR H 290 -22.36 -58.47 -59.43
N LEU H 291 -22.84 -58.99 -58.32
CA LEU H 291 -24.18 -59.54 -58.35
C LEU H 291 -25.11 -58.72 -57.54
N ARG H 292 -26.35 -58.77 -57.95
CA ARG H 292 -27.38 -58.03 -57.28
C ARG H 292 -28.51 -58.91 -56.89
N LEU H 293 -28.75 -59.05 -55.58
CA LEU H 293 -29.83 -59.88 -55.10
C LEU H 293 -30.93 -59.05 -54.52
N ASN H 294 -32.13 -59.42 -54.89
CA ASN H 294 -33.27 -58.72 -54.39
C ASN H 294 -33.78 -59.37 -53.16
N VAL H 295 -34.20 -58.54 -52.20
CA VAL H 295 -34.75 -59.06 -50.99
C VAL H 295 -35.99 -58.36 -50.54
N GLU H 296 -37.05 -59.14 -50.41
CA GLU H 296 -38.28 -58.52 -49.98
C GLU H 296 -38.37 -58.52 -48.48
N ASN H 297 -38.95 -57.46 -47.97
CA ASN H 297 -39.12 -57.34 -46.53
C ASN H 297 -37.95 -57.87 -45.74
N PRO H 298 -36.80 -57.30 -46.00
CA PRO H 298 -35.63 -57.73 -45.29
C PRO H 298 -35.81 -57.37 -43.84
N LYS H 299 -35.04 -58.05 -43.02
CA LYS H 299 -35.01 -57.84 -41.60
C LYS H 299 -33.80 -56.97 -41.32
N LEU H 300 -34.10 -55.86 -40.68
CA LEU H 300 -33.05 -54.93 -40.46
C LEU H 300 -32.15 -55.09 -39.28
N TRP H 301 -30.95 -54.69 -39.54
CA TRP H 301 -30.01 -54.76 -38.49
C TRP H 301 -29.98 -53.44 -37.72
N SER H 302 -29.85 -53.50 -36.39
CA SER H 302 -29.81 -52.33 -35.51
C SER H 302 -29.13 -52.75 -34.26
N ALA H 303 -28.71 -51.77 -33.48
CA ALA H 303 -28.11 -52.14 -32.23
C ALA H 303 -29.26 -52.64 -31.38
N GLU H 304 -30.48 -52.19 -31.68
CA GLU H 304 -31.65 -52.66 -30.95
C GLU H 304 -31.93 -54.14 -31.31
N ILE H 305 -31.74 -54.52 -32.57
CA ILE H 305 -31.99 -55.88 -33.00
C ILE H 305 -31.13 -56.24 -34.16
N PRO H 306 -30.07 -56.84 -33.80
CA PRO H 306 -29.04 -57.21 -34.72
C PRO H 306 -29.43 -58.34 -35.64
N ASN H 307 -30.40 -58.09 -36.48
CA ASN H 307 -30.76 -59.11 -37.41
C ASN H 307 -29.65 -59.31 -38.39
N LEU H 308 -29.20 -60.57 -38.49
CA LEU H 308 -28.16 -60.92 -39.44
C LEU H 308 -28.52 -61.94 -40.52
N TYR H 309 -27.75 -61.87 -41.59
CA TYR H 309 -27.90 -62.80 -42.67
C TYR H 309 -26.55 -63.34 -43.00
N ARG H 310 -26.51 -64.49 -43.64
CA ARG H 310 -25.25 -65.04 -44.01
C ARG H 310 -25.08 -65.09 -45.48
N ALA H 311 -23.90 -64.64 -45.86
CA ALA H 311 -23.63 -64.59 -47.26
C ALA H 311 -22.48 -65.45 -47.66
N VAL H 312 -22.76 -66.22 -48.74
CA VAL H 312 -21.77 -67.10 -49.29
C VAL H 312 -21.36 -66.86 -50.72
N VAL H 313 -20.06 -66.79 -50.76
CA VAL H 313 -19.37 -66.55 -51.99
C VAL H 313 -18.58 -67.75 -52.41
N GLU H 314 -19.07 -68.35 -53.47
CA GLU H 314 -18.43 -69.51 -54.01
C GLU H 314 -17.94 -69.28 -55.41
N LEU H 315 -16.66 -69.58 -55.49
CA LEU H 315 -15.87 -69.54 -56.68
C LEU H 315 -15.82 -70.96 -57.22
N HIS H 316 -16.45 -71.17 -58.34
CA HIS H 316 -16.48 -72.49 -58.87
C HIS H 316 -16.45 -72.54 -60.39
N THR H 317 -16.42 -73.75 -60.91
CA THR H 317 -16.41 -73.93 -62.33
C THR H 317 -17.81 -74.15 -62.76
N ALA H 318 -17.99 -73.99 -64.05
CA ALA H 318 -19.29 -74.12 -64.63
C ALA H 318 -19.91 -75.49 -64.41
N ASP H 319 -19.05 -76.51 -64.30
CA ASP H 319 -19.55 -77.86 -64.11
C ASP H 319 -20.11 -78.07 -62.73
N GLY H 320 -19.64 -77.25 -61.80
CA GLY H 320 -20.15 -77.36 -60.45
C GLY H 320 -19.06 -77.55 -59.42
N THR H 321 -17.90 -77.85 -59.91
CA THR H 321 -16.81 -78.07 -59.03
C THR H 321 -16.41 -76.79 -58.30
N LEU H 322 -16.45 -76.84 -56.98
CA LEU H 322 -16.09 -75.67 -56.20
C LEU H 322 -14.60 -75.46 -56.03
N ILE H 323 -14.14 -74.24 -56.26
CA ILE H 323 -12.73 -73.95 -56.06
C ILE H 323 -12.47 -73.55 -54.62
N GLU H 324 -13.35 -72.70 -54.11
CA GLU H 324 -13.30 -72.21 -52.73
C GLU H 324 -14.47 -71.35 -52.42
N ALA H 325 -14.54 -71.07 -51.13
CA ALA H 325 -15.59 -70.23 -50.57
C ALA H 325 -15.15 -69.29 -49.46
N GLU H 326 -15.89 -68.18 -49.43
CA GLU H 326 -15.72 -67.20 -48.40
C GLU H 326 -17.10 -66.78 -48.04
N ALA H 327 -17.19 -66.25 -46.84
CA ALA H 327 -18.48 -65.82 -46.37
C ALA H 327 -18.38 -64.68 -45.39
N CYS H 328 -19.59 -64.17 -45.06
CA CYS H 328 -19.71 -63.12 -44.09
C CYS H 328 -21.12 -62.94 -43.61
N ASP H 329 -21.18 -62.28 -42.46
CA ASP H 329 -22.49 -61.96 -41.93
C ASP H 329 -22.96 -60.67 -42.54
N VAL H 330 -24.23 -60.57 -42.78
CA VAL H 330 -24.71 -59.39 -43.41
C VAL H 330 -25.83 -58.71 -42.66
N GLY H 331 -25.75 -57.38 -42.61
CA GLY H 331 -26.79 -56.60 -41.96
C GLY H 331 -27.42 -55.59 -42.89
N PHE H 332 -28.70 -55.64 -42.92
CA PHE H 332 -29.42 -54.69 -43.72
C PHE H 332 -29.71 -53.44 -42.93
N ARG H 333 -29.02 -52.38 -43.30
CA ARG H 333 -29.17 -51.11 -42.64
C ARG H 333 -28.59 -50.02 -43.49
N GLU H 334 -29.21 -48.86 -43.33
CA GLU H 334 -28.83 -47.65 -44.04
C GLU H 334 -28.44 -46.55 -43.08
N VAL H 335 -27.27 -46.02 -43.30
CA VAL H 335 -26.84 -44.95 -42.43
C VAL H 335 -26.75 -43.73 -43.27
N ARG H 336 -27.40 -42.67 -42.86
CA ARG H 336 -27.28 -41.48 -43.63
C ARG H 336 -27.53 -40.22 -42.86
N ILE H 337 -26.93 -39.18 -43.40
CA ILE H 337 -27.12 -37.90 -42.84
C ILE H 337 -28.03 -37.09 -43.70
N GLU H 338 -29.11 -36.71 -43.11
CA GLU H 338 -30.00 -35.96 -43.90
C GLU H 338 -30.55 -34.77 -43.20
N ASN H 339 -30.38 -33.64 -43.84
CA ASN H 339 -30.92 -32.45 -43.25
C ASN H 339 -30.46 -32.21 -41.82
N GLY H 340 -29.15 -32.32 -41.61
CA GLY H 340 -28.58 -32.07 -40.30
C GLY H 340 -28.68 -33.27 -39.40
N LEU H 341 -29.34 -34.32 -39.87
CA LEU H 341 -29.42 -35.44 -38.95
C LEU H 341 -28.88 -36.74 -39.40
N LEU H 342 -28.37 -37.43 -38.43
CA LEU H 342 -27.84 -38.73 -38.66
C LEU H 342 -28.91 -39.78 -38.46
N LEU H 343 -29.16 -40.49 -39.54
CA LEU H 343 -30.18 -41.49 -39.50
C LEU H 343 -29.72 -42.85 -39.73
N LEU H 344 -30.48 -43.69 -39.11
CA LEU H 344 -30.27 -45.06 -39.27
C LEU H 344 -31.58 -45.70 -39.61
N ASN H 345 -31.57 -46.34 -40.76
CA ASN H 345 -32.79 -46.95 -41.23
C ASN H 345 -33.92 -45.99 -41.12
N GLY H 346 -33.59 -44.76 -41.47
CA GLY H 346 -34.58 -43.73 -41.50
C GLY H 346 -34.82 -43.00 -40.21
N LYS H 347 -34.30 -43.52 -39.12
CA LYS H 347 -34.53 -42.80 -37.91
C LYS H 347 -33.23 -42.24 -37.38
N PRO H 348 -33.43 -41.16 -36.71
CA PRO H 348 -32.43 -40.33 -36.11
C PRO H 348 -31.94 -40.98 -34.87
N LEU H 349 -30.63 -41.17 -34.82
CA LEU H 349 -30.07 -41.83 -33.69
C LEU H 349 -29.77 -40.95 -32.52
N LEU H 350 -29.57 -41.65 -31.43
CA LEU H 350 -29.17 -41.07 -30.19
C LEU H 350 -28.12 -41.99 -29.60
N ILE H 351 -26.90 -41.57 -29.75
CA ILE H 351 -25.75 -42.32 -29.37
C ILE H 351 -25.44 -42.30 -27.93
N ARG H 352 -25.56 -43.47 -27.33
CA ARG H 352 -25.18 -43.68 -25.95
C ARG H 352 -23.84 -44.40 -26.01
N GLY H 353 -22.80 -43.61 -26.32
CA GLY H 353 -21.49 -44.16 -26.56
C GLY H 353 -20.42 -44.04 -25.54
N VAL H 354 -19.42 -44.84 -25.81
CA VAL H 354 -18.24 -44.86 -24.98
C VAL H 354 -17.05 -45.20 -25.81
N ASN H 355 -15.94 -44.60 -25.43
CA ASN H 355 -14.68 -44.90 -26.09
C ASN H 355 -14.07 -46.04 -25.33
N ARG H 356 -13.41 -46.93 -26.06
CA ARG H 356 -12.77 -48.08 -25.44
C ARG H 356 -11.45 -48.51 -26.03
N HIS H 357 -10.47 -48.68 -25.16
CA HIS H 357 -9.20 -49.20 -25.60
C HIS H 357 -9.10 -50.73 -25.44
N GLU H 358 -8.15 -51.30 -26.17
CA GLU H 358 -7.87 -52.74 -26.07
C GLU H 358 -6.81 -52.88 -24.96
N HIS H 359 -7.30 -53.17 -23.74
CA HIS H 359 -6.49 -53.22 -22.51
C HIS H 359 -6.92 -54.23 -21.46
N HIS H 360 -5.88 -54.96 -21.03
CA HIS H 360 -5.94 -56.01 -20.08
C HIS H 360 -4.87 -55.82 -19.02
N PRO H 361 -5.35 -55.76 -17.78
CA PRO H 361 -4.55 -55.53 -16.57
C PRO H 361 -3.36 -56.47 -16.48
N LEU H 362 -3.62 -57.69 -16.96
CA LEU H 362 -2.66 -58.79 -17.01
C LEU H 362 -1.96 -58.98 -18.32
N HIS H 363 -2.70 -59.06 -19.41
CA HIS H 363 -2.11 -59.26 -20.70
C HIS H 363 -1.61 -58.03 -21.41
N GLY H 364 -1.78 -56.84 -20.84
CA GLY H 364 -1.35 -55.62 -21.52
C GLY H 364 -2.30 -55.34 -22.70
N GLN H 365 -1.74 -55.23 -23.90
CA GLN H 365 -2.57 -54.96 -25.05
C GLN H 365 -3.10 -56.18 -25.79
N VAL H 366 -3.04 -57.31 -25.15
CA VAL H 366 -3.53 -58.51 -25.82
C VAL H 366 -4.98 -58.84 -25.50
N MET H 367 -5.75 -58.97 -26.57
CA MET H 367 -7.19 -59.24 -26.42
C MET H 367 -7.63 -60.67 -26.59
N ASP H 368 -8.81 -60.99 -26.07
CA ASP H 368 -9.42 -62.30 -26.18
C ASP H 368 -10.92 -62.28 -26.07
N GLU H 369 -11.46 -63.28 -26.72
CA GLU H 369 -12.89 -63.42 -26.79
C GLU H 369 -13.57 -63.16 -25.48
N GLN H 370 -13.10 -63.87 -24.53
CA GLN H 370 -13.71 -63.79 -23.26
C GLN H 370 -13.91 -62.38 -22.71
N THR H 371 -12.84 -61.62 -22.76
CA THR H 371 -12.89 -60.26 -22.30
C THR H 371 -13.84 -59.40 -23.14
N MET H 372 -13.58 -59.47 -24.43
CA MET H 372 -14.37 -58.75 -25.35
C MET H 372 -15.85 -58.87 -25.00
N VAL H 373 -16.25 -60.11 -24.88
CA VAL H 373 -17.63 -60.33 -24.56
C VAL H 373 -18.07 -59.70 -23.26
N GLN H 374 -17.17 -59.82 -22.33
CA GLN H 374 -17.48 -59.23 -21.06
C GLN H 374 -17.85 -57.77 -21.21
N ASP H 375 -16.94 -57.07 -21.87
CA ASP H 375 -17.15 -55.68 -22.08
C ASP H 375 -18.50 -55.39 -22.73
N ILE H 376 -18.71 -56.13 -23.77
CA ILE H 376 -19.94 -55.94 -24.45
C ILE H 376 -21.13 -56.11 -23.57
N LEU H 377 -21.11 -57.18 -22.83
CA LEU H 377 -22.25 -57.45 -21.99
C LEU H 377 -22.53 -56.32 -21.06
N LEU H 378 -21.48 -55.91 -20.42
CA LEU H 378 -21.59 -54.80 -19.54
C LEU H 378 -22.16 -53.57 -20.16
N MET H 379 -21.54 -53.20 -21.28
CA MET H 379 -22.02 -52.03 -21.95
C MET H 379 -23.48 -52.09 -22.20
N LYS H 380 -23.84 -53.18 -22.84
CA LYS H 380 -25.22 -53.39 -23.16
C LYS H 380 -26.07 -53.32 -21.93
N GLN H 381 -25.58 -53.89 -20.88
CA GLN H 381 -26.36 -53.85 -19.67
C GLN H 381 -26.46 -52.48 -19.05
N ASN H 382 -25.54 -51.61 -19.38
CA ASN H 382 -25.59 -50.28 -18.86
C ASN H 382 -26.16 -49.24 -19.79
N ASN H 383 -26.84 -49.69 -20.79
CA ASN H 383 -27.51 -48.79 -21.68
C ASN H 383 -26.66 -48.11 -22.67
N PHE H 384 -25.51 -48.69 -22.94
CA PHE H 384 -24.70 -48.14 -24.00
C PHE H 384 -25.11 -48.73 -25.38
N ASN H 385 -24.93 -48.01 -26.48
CA ASN H 385 -25.32 -48.62 -27.75
C ASN H 385 -24.26 -48.46 -28.80
N ALA H 386 -23.19 -47.81 -28.39
CA ALA H 386 -22.17 -47.59 -29.37
C ALA H 386 -20.84 -47.44 -28.73
N VAL H 387 -19.85 -47.74 -29.55
CA VAL H 387 -18.49 -47.63 -29.09
C VAL H 387 -17.57 -47.14 -30.19
N ARG H 388 -16.59 -46.39 -29.73
CA ARG H 388 -15.58 -45.85 -30.57
C ARG H 388 -14.26 -46.55 -30.30
N CYS H 389 -13.64 -47.05 -31.36
CA CYS H 389 -12.34 -47.71 -31.26
C CYS H 389 -11.18 -46.75 -31.06
N SER H 390 -11.14 -46.12 -29.89
CA SER H 390 -10.05 -45.19 -29.64
C SER H 390 -8.76 -45.98 -29.49
N HIS H 391 -7.81 -45.80 -30.39
CA HIS H 391 -7.82 -44.95 -31.55
C HIS H 391 -7.05 -45.70 -32.63
N TYR H 392 -7.58 -46.82 -33.05
CA TYR H 392 -6.95 -47.69 -34.01
C TYR H 392 -7.90 -48.82 -34.20
N PRO H 393 -7.65 -49.50 -35.28
CA PRO H 393 -8.49 -50.62 -35.62
C PRO H 393 -8.29 -51.67 -34.57
N ASN H 394 -9.37 -52.31 -34.30
CA ASN H 394 -9.29 -53.28 -33.27
C ASN H 394 -9.08 -54.67 -33.79
N HIS H 395 -8.83 -55.53 -32.85
CA HIS H 395 -8.81 -56.91 -33.13
C HIS H 395 -10.17 -57.27 -33.77
N PRO H 396 -10.02 -57.95 -34.83
CA PRO H 396 -11.03 -58.39 -35.76
C PRO H 396 -12.25 -59.03 -35.20
N LEU H 397 -12.03 -59.79 -34.18
CA LEU H 397 -13.17 -60.46 -33.66
C LEU H 397 -14.24 -59.51 -33.11
N TRP H 398 -13.68 -58.44 -32.60
CA TRP H 398 -14.47 -57.41 -32.02
C TRP H 398 -15.69 -57.06 -32.84
N TYR H 399 -15.36 -56.78 -34.12
CA TYR H 399 -16.38 -56.37 -35.05
C TYR H 399 -17.46 -57.39 -35.22
N THR H 400 -17.03 -58.61 -35.18
CA THR H 400 -18.01 -59.62 -35.34
C THR H 400 -18.97 -59.66 -34.19
N LEU H 401 -18.35 -59.58 -33.03
CA LEU H 401 -19.13 -59.59 -31.83
C LEU H 401 -20.12 -58.48 -31.84
N CYS H 402 -19.62 -57.31 -32.21
CA CYS H 402 -20.54 -56.19 -32.23
C CYS H 402 -21.62 -56.43 -33.22
N ASP H 403 -21.23 -57.06 -34.32
CA ASP H 403 -22.19 -57.32 -35.34
C ASP H 403 -23.29 -58.19 -34.79
N ARG H 404 -22.85 -59.15 -34.01
CA ARG H 404 -23.78 -60.13 -33.48
C ARG H 404 -24.57 -59.70 -32.29
N TYR H 405 -23.90 -59.01 -31.38
CA TYR H 405 -24.55 -58.54 -30.17
C TYR H 405 -25.39 -57.30 -30.35
N GLY H 406 -24.97 -56.45 -31.29
CA GLY H 406 -25.68 -55.23 -31.58
C GLY H 406 -25.09 -54.00 -30.93
N LEU H 407 -24.06 -53.41 -31.52
CA LEU H 407 -23.50 -52.16 -31.00
C LEU H 407 -23.04 -51.31 -32.15
N TYR H 408 -23.35 -50.03 -32.16
CA TYR H 408 -22.84 -49.22 -33.25
C TYR H 408 -21.37 -48.98 -33.03
N VAL H 409 -20.61 -49.04 -34.11
CA VAL H 409 -19.19 -48.81 -34.00
C VAL H 409 -18.61 -47.77 -34.94
N VAL H 410 -17.66 -47.07 -34.35
CA VAL H 410 -16.87 -46.11 -35.08
C VAL H 410 -15.48 -46.69 -35.25
N ASP H 411 -15.12 -47.01 -36.48
CA ASP H 411 -13.81 -47.54 -36.79
C ASP H 411 -12.81 -46.42 -37.00
N GLU H 412 -11.68 -46.50 -36.34
CA GLU H 412 -10.77 -45.40 -36.42
C GLU H 412 -9.38 -45.73 -36.87
N ALA H 413 -8.88 -44.92 -37.77
CA ALA H 413 -7.55 -45.17 -38.24
C ALA H 413 -6.51 -44.95 -37.17
N ASN H 414 -5.45 -45.76 -37.26
CA ASN H 414 -4.37 -45.69 -36.35
C ASN H 414 -3.45 -44.48 -36.56
N ILE H 415 -3.90 -43.26 -36.25
CA ILE H 415 -3.01 -42.13 -36.42
C ILE H 415 -3.19 -41.09 -35.35
N GLU H 416 -2.16 -40.82 -34.53
CA GLU H 416 -2.19 -39.81 -33.50
C GLU H 416 -0.81 -39.20 -33.49
N THR H 417 -0.70 -37.89 -33.64
CA THR H 417 0.59 -37.21 -33.65
C THR H 417 0.53 -36.10 -32.66
N HIS H 418 -0.22 -36.43 -31.65
CA HIS H 418 -0.48 -35.53 -30.60
C HIS H 418 0.73 -34.70 -30.11
N GLY H 419 1.91 -35.31 -29.99
CA GLY H 419 3.09 -34.64 -29.47
C GLY H 419 3.75 -33.67 -30.42
N MET H 420 3.36 -33.69 -31.68
CA MET H 420 3.98 -32.80 -32.62
C MET H 420 3.72 -31.36 -32.28
N VAL H 421 4.43 -30.48 -32.96
CA VAL H 421 4.19 -29.07 -32.71
C VAL H 421 4.45 -28.16 -33.91
N PRO H 422 3.42 -27.50 -34.40
CA PRO H 422 2.08 -27.67 -33.89
C PRO H 422 1.58 -29.08 -34.23
N MET H 423 0.49 -29.43 -33.62
CA MET H 423 -0.05 -30.73 -33.79
C MET H 423 -0.10 -31.23 -35.23
N ASN H 424 -0.23 -30.37 -36.22
CA ASN H 424 -0.35 -30.93 -37.56
C ASN H 424 0.92 -30.92 -38.44
N ARG H 425 2.04 -30.78 -37.74
CA ARG H 425 3.33 -30.75 -38.38
C ARG H 425 3.47 -31.82 -39.47
N LEU H 426 3.08 -33.05 -39.15
CA LEU H 426 3.16 -34.10 -40.14
C LEU H 426 1.98 -34.20 -41.08
N THR H 427 0.76 -34.05 -40.52
CA THR H 427 -0.49 -34.19 -41.27
C THR H 427 -0.66 -33.23 -42.40
N ASP H 428 0.09 -32.16 -42.25
CA ASP H 428 0.07 -31.23 -43.31
C ASP H 428 1.25 -31.42 -44.28
N ASP H 429 1.93 -32.55 -44.18
CA ASP H 429 3.06 -32.79 -45.02
C ASP H 429 2.92 -34.01 -45.89
N PRO H 430 3.00 -33.66 -47.14
CA PRO H 430 2.88 -34.54 -48.26
C PRO H 430 3.75 -35.73 -48.07
N ARG H 431 4.96 -35.45 -47.60
CA ARG H 431 5.87 -36.55 -47.37
C ARG H 431 5.29 -37.62 -46.50
N TRP H 432 4.33 -37.26 -45.67
CA TRP H 432 3.76 -38.25 -44.80
C TRP H 432 2.45 -38.81 -45.27
N LEU H 433 2.05 -38.25 -46.35
CA LEU H 433 0.79 -38.65 -46.89
C LEU H 433 0.64 -40.15 -47.21
N PRO H 434 1.64 -40.69 -47.77
CA PRO H 434 1.56 -42.09 -48.14
C PRO H 434 1.42 -42.99 -46.94
N ALA H 435 2.25 -42.68 -45.98
CA ALA H 435 2.16 -43.40 -44.72
C ALA H 435 0.74 -43.30 -44.16
N MET H 436 0.28 -42.05 -44.04
CA MET H 436 -1.05 -41.88 -43.52
C MET H 436 -2.05 -42.65 -44.35
N SER H 437 -1.85 -42.52 -45.62
CA SER H 437 -2.77 -43.10 -46.54
C SER H 437 -3.07 -44.58 -46.22
N GLU H 438 -1.97 -45.28 -46.01
CA GLU H 438 -2.00 -46.71 -45.80
C GLU H 438 -2.80 -47.08 -44.62
N ARG H 439 -2.62 -46.21 -43.65
CA ARG H 439 -3.35 -46.37 -42.44
C ARG H 439 -4.86 -46.26 -42.66
N VAL H 440 -5.30 -45.46 -43.61
CA VAL H 440 -6.74 -45.43 -43.75
C VAL H 440 -7.29 -46.50 -44.67
N THR H 441 -6.65 -46.53 -45.82
CA THR H 441 -7.08 -47.40 -46.88
C THR H 441 -7.25 -48.81 -46.44
N ARG H 442 -6.22 -49.24 -45.74
CA ARG H 442 -6.18 -50.60 -45.28
C ARG H 442 -7.30 -50.96 -44.34
N MET H 443 -7.58 -50.00 -43.46
CA MET H 443 -8.66 -50.23 -42.53
C MET H 443 -9.97 -50.50 -43.26
N VAL H 444 -10.18 -49.59 -44.15
CA VAL H 444 -11.40 -49.63 -44.89
C VAL H 444 -11.55 -50.94 -45.60
N GLN H 445 -10.44 -51.30 -46.20
CA GLN H 445 -10.38 -52.51 -46.98
C GLN H 445 -10.70 -53.73 -46.15
N ARG H 446 -10.27 -53.64 -44.93
CA ARG H 446 -10.49 -54.74 -44.09
C ARG H 446 -11.87 -54.82 -43.50
N ASP H 447 -12.41 -53.67 -43.07
CA ASP H 447 -13.62 -53.72 -42.30
C ASP H 447 -14.94 -53.37 -42.87
N ARG H 448 -14.85 -52.95 -44.08
CA ARG H 448 -16.04 -52.44 -44.69
C ARG H 448 -17.24 -53.35 -44.79
N ASN H 449 -17.07 -54.62 -44.58
CA ASN H 449 -18.28 -55.39 -44.71
C ASN H 449 -19.09 -55.54 -43.44
N HIS H 450 -18.55 -55.05 -42.31
CA HIS H 450 -19.33 -55.19 -41.09
C HIS H 450 -20.41 -54.14 -40.87
N PRO H 451 -21.62 -54.61 -40.69
CA PRO H 451 -22.75 -53.72 -40.46
C PRO H 451 -22.60 -52.86 -39.22
N SER H 452 -21.91 -53.32 -38.20
CA SER H 452 -21.79 -52.50 -37.02
C SER H 452 -20.94 -51.26 -37.24
N VAL H 453 -20.10 -51.31 -38.24
CA VAL H 453 -19.34 -50.12 -38.41
C VAL H 453 -20.23 -49.15 -39.08
N ILE H 454 -20.44 -47.99 -38.46
CA ILE H 454 -21.31 -47.04 -39.12
C ILE H 454 -20.66 -45.72 -39.40
N ILE H 455 -19.49 -45.50 -38.87
CA ILE H 455 -18.78 -44.30 -39.14
C ILE H 455 -17.32 -44.58 -39.20
N TRP H 456 -16.67 -43.89 -40.10
CA TRP H 456 -15.25 -44.00 -40.23
C TRP H 456 -14.65 -42.77 -39.60
N SER H 457 -13.52 -42.99 -38.96
CA SER H 457 -12.79 -41.92 -38.33
C SER H 457 -11.36 -41.90 -38.82
N LEU H 458 -10.89 -40.71 -39.16
CA LEU H 458 -9.55 -40.55 -39.67
C LEU H 458 -8.47 -40.62 -38.62
N GLY H 459 -8.80 -40.82 -37.37
CA GLY H 459 -7.68 -40.80 -36.46
C GLY H 459 -7.99 -39.95 -35.26
N ASN H 460 -6.94 -39.43 -34.62
CA ASN H 460 -7.13 -38.64 -33.43
C ASN H 460 -5.97 -37.71 -33.10
N GLU H 461 -6.34 -36.59 -32.52
CA GLU H 461 -5.40 -35.57 -32.12
C GLU H 461 -4.16 -35.48 -32.95
N SER H 462 -4.33 -35.08 -34.20
CA SER H 462 -3.23 -34.91 -35.14
C SER H 462 -3.39 -33.60 -35.89
N GLY H 463 -4.05 -32.66 -35.23
CA GLY H 463 -4.34 -31.37 -35.81
C GLY H 463 -5.21 -31.57 -37.06
N HIS H 464 -5.08 -30.64 -37.97
CA HIS H 464 -5.77 -30.74 -39.20
C HIS H 464 -4.85 -30.38 -40.33
N GLY H 465 -4.63 -31.31 -41.26
CA GLY H 465 -3.76 -31.04 -42.37
C GLY H 465 -4.37 -31.54 -43.65
N ALA H 466 -3.77 -31.07 -44.70
CA ALA H 466 -4.25 -31.44 -46.01
C ALA H 466 -4.35 -32.94 -46.22
N ASN H 467 -3.45 -33.65 -45.55
CA ASN H 467 -3.50 -35.08 -45.74
C ASN H 467 -4.85 -35.60 -45.34
N HIS H 468 -5.41 -34.91 -44.36
CA HIS H 468 -6.71 -35.27 -43.88
C HIS H 468 -7.81 -35.10 -44.91
N ASP H 469 -7.78 -33.93 -45.52
CA ASP H 469 -8.79 -33.65 -46.52
C ASP H 469 -8.76 -34.67 -47.61
N ALA H 470 -7.54 -34.91 -48.02
CA ALA H 470 -7.39 -35.87 -49.08
C ALA H 470 -7.94 -37.24 -48.72
N LEU H 471 -7.72 -37.62 -47.50
CA LEU H 471 -8.15 -38.94 -47.06
C LEU H 471 -9.63 -39.07 -46.85
N TYR H 472 -10.14 -37.97 -46.34
CA TYR H 472 -11.55 -37.87 -46.14
C TYR H 472 -12.25 -38.14 -47.48
N ARG H 473 -11.76 -37.41 -48.45
CA ARG H 473 -12.32 -37.53 -49.76
C ARG H 473 -12.27 -38.94 -50.31
N TRP H 474 -11.11 -39.53 -50.15
CA TRP H 474 -10.89 -40.86 -50.63
C TRP H 474 -11.97 -41.81 -50.13
N ILE H 475 -12.18 -41.73 -48.86
CA ILE H 475 -13.17 -42.62 -48.35
C ILE H 475 -14.52 -42.36 -48.92
N LYS H 476 -14.83 -41.07 -48.97
CA LYS H 476 -16.12 -40.70 -49.46
C LYS H 476 -16.35 -41.35 -50.77
N SER H 477 -15.29 -41.42 -51.52
CA SER H 477 -15.46 -41.99 -52.84
C SER H 477 -15.57 -43.45 -52.84
N VAL H 478 -14.81 -44.04 -52.00
CA VAL H 478 -14.82 -45.46 -51.99
C VAL H 478 -16.00 -46.05 -51.23
N ASP H 479 -16.39 -45.41 -50.14
CA ASP H 479 -17.45 -45.87 -49.31
C ASP H 479 -18.29 -44.73 -48.82
N PRO H 480 -19.28 -44.61 -49.60
CA PRO H 480 -20.27 -43.60 -49.47
C PRO H 480 -21.33 -44.00 -48.50
N SER H 481 -21.32 -45.24 -48.10
CA SER H 481 -22.31 -45.81 -47.19
C SER H 481 -22.19 -45.30 -45.76
N ARG H 482 -21.03 -44.73 -45.45
CA ARG H 482 -20.83 -44.23 -44.12
C ARG H 482 -20.17 -42.90 -44.15
N PRO H 483 -20.55 -42.18 -43.13
CA PRO H 483 -20.06 -40.85 -42.90
C PRO H 483 -18.71 -40.96 -42.28
N VAL H 484 -17.99 -39.87 -42.43
CA VAL H 484 -16.66 -39.76 -41.91
C VAL H 484 -16.53 -38.65 -40.89
N GLN H 485 -15.80 -38.92 -39.82
CA GLN H 485 -15.59 -37.87 -38.86
C GLN H 485 -14.16 -37.74 -38.42
N TYR H 486 -13.83 -36.56 -37.91
CA TYR H 486 -12.50 -36.26 -37.45
C TYR H 486 -12.51 -34.98 -36.65
N GLU H 487 -12.01 -35.04 -35.42
CA GLU H 487 -12.07 -33.90 -34.53
C GLU H 487 -10.95 -32.87 -34.66
N GLY H 488 -9.79 -33.34 -35.07
CA GLY H 488 -8.65 -32.48 -35.12
C GLY H 488 -8.89 -31.16 -35.78
N GLY H 489 -8.16 -30.20 -35.28
CA GLY H 489 -8.20 -28.87 -35.80
C GLY H 489 -9.47 -28.09 -35.59
N GLY H 490 -10.20 -28.34 -34.52
CA GLY H 490 -11.40 -27.56 -34.30
C GLY H 490 -12.72 -28.30 -34.31
N ALA H 491 -12.73 -29.60 -34.64
CA ALA H 491 -13.93 -30.45 -34.63
C ALA H 491 -14.99 -30.09 -35.66
N ASP H 492 -14.70 -29.11 -36.50
CA ASP H 492 -15.72 -28.74 -37.49
C ASP H 492 -15.13 -28.47 -38.86
N THR H 493 -13.96 -29.04 -39.12
CA THR H 493 -13.31 -28.79 -40.40
C THR H 493 -14.02 -29.44 -41.54
N THR H 494 -13.40 -29.16 -42.68
CA THR H 494 -13.83 -29.68 -43.97
C THR H 494 -13.67 -31.20 -44.02
N ALA H 495 -12.89 -31.69 -43.09
CA ALA H 495 -12.63 -33.10 -43.07
C ALA H 495 -13.61 -33.85 -42.18
N THR H 496 -14.70 -33.25 -41.75
CA THR H 496 -15.56 -34.07 -40.94
C THR H 496 -16.98 -33.89 -41.32
N ASP H 497 -17.71 -34.96 -41.27
CA ASP H 497 -19.12 -34.86 -41.61
C ASP H 497 -19.96 -34.53 -40.42
N ILE H 498 -19.35 -34.62 -39.25
CA ILE H 498 -20.06 -34.38 -38.02
C ILE H 498 -19.25 -33.52 -37.13
N ILE H 499 -19.91 -32.65 -36.40
CA ILE H 499 -19.21 -31.84 -35.44
C ILE H 499 -18.99 -32.75 -34.27
N CYS H 500 -17.73 -33.05 -34.02
CA CYS H 500 -17.38 -34.02 -32.99
C CYS H 500 -16.32 -33.56 -32.04
N PRO H 501 -16.65 -32.58 -31.30
CA PRO H 501 -15.69 -32.08 -30.35
C PRO H 501 -15.48 -33.04 -29.20
N MET H 502 -14.45 -32.70 -28.45
CA MET H 502 -14.12 -33.40 -27.25
C MET H 502 -14.19 -32.44 -26.07
N TYR H 503 -15.00 -32.78 -25.09
CA TYR H 503 -15.09 -31.97 -23.89
C TYR H 503 -15.74 -30.58 -23.97
N ALA H 504 -16.55 -30.35 -24.99
CA ALA H 504 -17.27 -29.08 -25.03
C ALA H 504 -18.37 -29.09 -23.97
N ARG H 505 -18.57 -27.93 -23.34
CA ARG H 505 -19.55 -27.87 -22.30
C ARG H 505 -20.95 -27.67 -22.81
N VAL H 506 -21.90 -28.01 -21.95
CA VAL H 506 -23.27 -27.88 -22.35
C VAL H 506 -23.61 -26.42 -22.59
N ASP H 507 -23.33 -25.61 -21.58
CA ASP H 507 -23.66 -24.22 -21.79
C ASP H 507 -22.49 -23.29 -21.79
N GLU H 508 -21.30 -23.73 -21.44
CA GLU H 508 -20.24 -22.75 -21.43
C GLU H 508 -19.29 -22.85 -22.58
N ASP H 509 -18.86 -21.70 -23.04
CA ASP H 509 -17.90 -21.66 -24.12
C ASP H 509 -16.51 -21.62 -23.54
N GLN H 510 -15.60 -22.26 -24.26
CA GLN H 510 -14.18 -22.33 -23.98
C GLN H 510 -13.52 -21.95 -25.29
N PRO H 511 -13.31 -20.68 -25.33
CA PRO H 511 -12.84 -19.98 -26.46
C PRO H 511 -11.34 -19.92 -26.66
N PHE H 512 -10.76 -21.07 -26.81
CA PHE H 512 -9.40 -21.02 -27.13
C PHE H 512 -9.24 -20.53 -28.54
N PRO H 513 -8.14 -19.87 -28.66
CA PRO H 513 -7.67 -19.33 -29.89
C PRO H 513 -7.49 -20.44 -30.86
N ALA H 514 -7.90 -20.15 -32.09
CA ALA H 514 -7.81 -21.08 -33.17
C ALA H 514 -8.73 -22.27 -33.06
N VAL H 515 -8.94 -22.77 -31.85
CA VAL H 515 -9.72 -23.97 -31.73
C VAL H 515 -10.52 -23.91 -30.46
N PRO H 516 -11.41 -22.96 -30.48
CA PRO H 516 -12.31 -22.73 -29.37
C PRO H 516 -13.27 -23.88 -29.33
N LYS H 517 -13.83 -24.09 -28.15
CA LYS H 517 -14.85 -25.07 -27.90
C LYS H 517 -16.11 -24.35 -27.40
N TRP H 518 -17.05 -24.16 -28.28
CA TRP H 518 -18.27 -23.51 -27.92
C TRP H 518 -19.19 -24.37 -27.11
N SER H 519 -20.09 -23.75 -26.36
CA SER H 519 -21.10 -24.56 -25.71
C SER H 519 -21.72 -25.34 -26.86
N ILE H 520 -22.02 -26.58 -26.58
CA ILE H 520 -22.57 -27.30 -27.70
C ILE H 520 -23.88 -26.76 -28.18
N LYS H 521 -24.70 -26.16 -27.30
CA LYS H 521 -25.94 -25.65 -27.89
C LYS H 521 -25.66 -24.51 -28.86
N LYS H 522 -24.65 -23.72 -28.51
CA LYS H 522 -24.32 -22.63 -29.36
C LYS H 522 -23.66 -23.07 -30.65
N TRP H 523 -22.83 -24.08 -30.53
CA TRP H 523 -22.13 -24.51 -31.67
C TRP H 523 -23.04 -24.79 -32.83
N LEU H 524 -24.13 -25.45 -32.55
CA LEU H 524 -24.99 -25.78 -33.68
C LEU H 524 -25.52 -24.64 -34.56
N SER H 525 -25.73 -23.49 -33.92
CA SER H 525 -26.38 -22.30 -34.45
C SER H 525 -25.46 -21.34 -35.17
N LEU H 526 -24.18 -21.62 -35.08
CA LEU H 526 -23.28 -20.75 -35.78
C LEU H 526 -23.68 -20.66 -37.22
N PRO H 527 -23.53 -19.45 -37.71
CA PRO H 527 -23.91 -19.11 -39.05
C PRO H 527 -23.32 -20.02 -40.05
N GLY H 528 -24.23 -20.64 -40.77
CA GLY H 528 -23.87 -21.57 -41.80
C GLY H 528 -23.69 -23.00 -41.28
N GLU H 529 -23.67 -23.20 -39.95
CA GLU H 529 -23.47 -24.56 -39.53
C GLU H 529 -24.70 -25.44 -39.74
N THR H 530 -24.58 -26.64 -40.27
CA THR H 530 -25.77 -27.45 -40.46
C THR H 530 -25.68 -28.87 -39.96
N ARG H 531 -24.46 -29.27 -39.63
CA ARG H 531 -24.18 -30.62 -39.25
C ARG H 531 -24.72 -31.02 -37.92
N PRO H 532 -24.75 -32.31 -37.74
CA PRO H 532 -25.14 -32.86 -36.48
C PRO H 532 -23.91 -32.79 -35.61
N LEU H 533 -24.13 -32.88 -34.31
CA LEU H 533 -23.03 -32.84 -33.39
C LEU H 533 -23.10 -34.01 -32.44
N ILE H 534 -21.97 -34.69 -32.37
CA ILE H 534 -21.79 -35.83 -31.49
C ILE H 534 -20.44 -35.73 -30.85
N LEU H 535 -20.39 -35.72 -29.54
CA LEU H 535 -19.06 -35.57 -28.99
C LEU H 535 -18.25 -36.83 -29.09
N CYS H 536 -17.05 -36.64 -29.55
CA CYS H 536 -16.15 -37.78 -29.69
C CYS H 536 -15.63 -38.16 -28.32
N GLU H 537 -15.58 -37.17 -27.43
CA GLU H 537 -15.19 -37.44 -26.07
C GLU H 537 -15.93 -36.47 -25.17
N TYR H 538 -16.50 -37.02 -24.10
CA TYR H 538 -17.13 -36.21 -23.11
C TYR H 538 -17.24 -36.92 -21.79
N ALA H 539 -17.46 -36.10 -20.76
CA ALA H 539 -17.60 -36.54 -19.38
C ALA H 539 -16.42 -37.41 -18.93
N HIS H 540 -15.25 -36.80 -18.81
CA HIS H 540 -14.04 -37.49 -18.39
C HIS H 540 -14.26 -38.30 -17.11
N ALA H 541 -14.25 -39.64 -17.24
CA ALA H 541 -14.56 -40.49 -16.08
C ALA H 541 -13.42 -40.79 -15.13
N MET H 542 -12.51 -39.85 -14.96
CA MET H 542 -11.40 -40.08 -14.11
C MET H 542 -11.63 -39.98 -12.62
N GLY H 543 -11.53 -41.13 -11.98
CA GLY H 543 -11.71 -41.21 -10.55
C GLY H 543 -13.13 -40.92 -10.14
N ASN H 544 -13.26 -40.14 -9.06
CA ASN H 544 -14.58 -39.75 -8.61
C ASN H 544 -15.10 -38.67 -9.55
N SER H 545 -15.82 -39.09 -10.57
CA SER H 545 -16.23 -38.16 -11.59
C SER H 545 -17.62 -38.42 -12.11
N LEU H 546 -17.85 -37.87 -13.30
CA LEU H 546 -19.11 -37.92 -13.97
C LEU H 546 -20.13 -36.91 -13.42
N GLY H 547 -19.62 -35.93 -12.68
CA GLY H 547 -20.51 -34.91 -12.20
C GLY H 547 -20.98 -34.06 -13.39
N GLY H 548 -22.30 -33.92 -13.51
CA GLY H 548 -22.86 -33.10 -14.59
C GLY H 548 -23.37 -33.88 -15.76
N PHE H 549 -23.23 -35.18 -15.65
CA PHE H 549 -23.65 -36.06 -16.70
C PHE H 549 -25.06 -35.76 -17.21
N ALA H 550 -25.95 -35.60 -16.27
CA ALA H 550 -27.32 -35.33 -16.62
C ALA H 550 -27.60 -34.10 -17.46
N LYS H 551 -26.78 -33.04 -17.25
CA LYS H 551 -26.93 -31.84 -18.06
C LYS H 551 -26.86 -32.21 -19.55
N TYR H 552 -25.87 -33.02 -19.87
CA TYR H 552 -25.69 -33.48 -21.23
C TYR H 552 -26.92 -34.19 -21.73
N TRP H 553 -27.34 -35.17 -20.94
CA TRP H 553 -28.46 -35.96 -21.37
C TRP H 553 -29.68 -35.16 -21.68
N GLN H 554 -29.85 -34.21 -20.83
CA GLN H 554 -31.01 -33.39 -21.04
C GLN H 554 -30.91 -32.59 -22.31
N ALA H 555 -29.75 -32.06 -22.53
CA ALA H 555 -29.61 -31.30 -23.75
C ALA H 555 -29.77 -32.16 -24.94
N PHE H 556 -29.13 -33.33 -24.86
CA PHE H 556 -29.20 -34.20 -25.99
C PHE H 556 -30.64 -34.43 -26.31
N ARG H 557 -31.40 -34.65 -25.24
CA ARG H 557 -32.79 -34.92 -25.44
C ARG H 557 -33.58 -33.75 -25.99
N GLN H 558 -33.17 -32.55 -25.69
CA GLN H 558 -33.95 -31.45 -26.19
C GLN H 558 -33.55 -30.91 -27.55
N TYR H 559 -32.31 -31.14 -27.97
CA TYR H 559 -31.90 -30.65 -29.24
C TYR H 559 -31.66 -31.77 -30.22
N PRO H 560 -32.46 -31.71 -31.20
CA PRO H 560 -32.49 -32.66 -32.29
C PRO H 560 -31.13 -32.96 -32.85
N ARG H 561 -30.41 -31.91 -33.21
CA ARG H 561 -29.09 -32.02 -33.79
C ARG H 561 -28.02 -32.43 -32.79
N LEU H 562 -28.35 -32.49 -31.51
CA LEU H 562 -27.39 -32.98 -30.56
C LEU H 562 -27.65 -34.46 -30.49
N GLN H 563 -26.82 -35.28 -31.12
CA GLN H 563 -27.11 -36.70 -31.15
C GLN H 563 -26.36 -37.63 -30.22
N GLY H 564 -25.81 -37.09 -29.14
CA GLY H 564 -25.12 -37.91 -28.14
C GLY H 564 -23.61 -37.71 -28.15
N GLY H 565 -22.92 -38.75 -27.68
CA GLY H 565 -21.46 -38.72 -27.60
C GLY H 565 -20.92 -40.01 -27.02
N PHE H 566 -19.61 -40.03 -26.90
CA PHE H 566 -18.86 -41.13 -26.37
C PHE H 566 -18.12 -40.71 -25.14
N VAL H 567 -18.45 -41.41 -24.11
CA VAL H 567 -17.81 -41.10 -22.88
C VAL H 567 -16.36 -41.55 -22.92
N TRP H 568 -15.56 -40.78 -22.23
CA TRP H 568 -14.17 -41.11 -22.13
C TRP H 568 -13.82 -41.42 -20.67
N ASP H 569 -13.57 -42.69 -20.37
CA ASP H 569 -13.62 -43.82 -21.27
C ASP H 569 -14.06 -45.10 -20.53
N TRP H 570 -14.07 -46.24 -21.20
CA TRP H 570 -14.53 -47.48 -20.57
C TRP H 570 -13.82 -48.03 -19.33
N VAL H 571 -12.57 -48.46 -19.47
CA VAL H 571 -11.78 -49.06 -18.36
C VAL H 571 -10.50 -48.36 -18.06
N ASP H 572 -10.13 -48.40 -16.77
CA ASP H 572 -8.87 -47.82 -16.36
C ASP H 572 -7.74 -48.60 -17.00
N GLN H 573 -6.70 -47.86 -17.37
CA GLN H 573 -5.56 -48.51 -17.98
C GLN H 573 -4.54 -48.82 -16.90
N SER H 574 -4.93 -49.68 -15.99
CA SER H 574 -4.02 -50.05 -14.92
C SER H 574 -3.51 -51.44 -15.11
N LEU H 575 -2.29 -51.56 -14.64
CA LEU H 575 -1.60 -52.82 -14.69
C LEU H 575 -1.36 -53.39 -13.29
N ILE H 576 -1.28 -54.72 -13.26
CA ILE H 576 -1.00 -55.40 -12.02
C ILE H 576 0.49 -55.53 -11.70
N LYS H 577 0.82 -55.43 -10.44
CA LYS H 577 2.17 -55.60 -9.94
C LYS H 577 2.12 -56.42 -8.69
N TYR H 578 3.30 -56.85 -8.24
CA TYR H 578 3.29 -57.60 -7.01
C TYR H 578 4.21 -57.09 -5.98
N ASP H 579 3.76 -57.31 -4.76
CA ASP H 579 4.57 -56.96 -3.66
C ASP H 579 5.37 -58.21 -3.36
N GLU H 580 6.31 -58.04 -2.45
CA GLU H 580 7.18 -59.09 -1.95
C GLU H 580 6.37 -60.30 -1.48
N ASN H 581 5.19 -60.04 -0.90
CA ASN H 581 4.34 -61.13 -0.47
C ASN H 581 3.54 -61.72 -1.61
N GLY H 582 4.00 -61.36 -2.82
CA GLY H 582 3.39 -61.82 -4.06
C GLY H 582 1.95 -61.37 -4.14
N ASN H 583 1.79 -60.15 -3.66
CA ASN H 583 0.50 -59.54 -3.65
C ASN H 583 0.43 -58.59 -4.80
N PRO H 584 -0.66 -58.78 -5.53
CA PRO H 584 -0.96 -58.03 -6.73
C PRO H 584 -1.49 -56.65 -6.38
N TRP H 585 -1.12 -55.69 -7.18
CA TRP H 585 -1.67 -54.40 -6.95
C TRP H 585 -1.69 -53.56 -8.21
N SER H 586 -2.66 -52.66 -8.26
CA SER H 586 -2.84 -51.83 -9.43
C SER H 586 -1.85 -50.69 -9.54
N ALA H 587 -1.17 -50.74 -10.68
CA ALA H 587 -0.13 -49.80 -11.01
C ALA H 587 -0.51 -48.86 -12.14
N TYR H 588 0.13 -47.71 -12.07
CA TYR H 588 -0.08 -46.71 -13.07
C TYR H 588 1.23 -46.08 -13.49
N GLY H 589 1.11 -45.00 -14.24
CA GLY H 589 2.26 -44.30 -14.75
C GLY H 589 3.32 -44.11 -13.69
N GLY H 590 4.54 -44.44 -14.12
CA GLY H 590 5.76 -44.33 -13.32
C GLY H 590 6.00 -45.53 -12.40
N ASP H 591 5.01 -46.40 -12.26
CA ASP H 591 5.10 -47.57 -11.40
C ASP H 591 6.08 -48.61 -11.91
N PHE H 592 6.66 -48.38 -13.08
CA PHE H 592 7.62 -49.31 -13.67
C PHE H 592 8.92 -48.60 -13.87
N GLY H 593 9.03 -47.46 -13.22
CA GLY H 593 10.21 -46.64 -13.33
C GLY H 593 10.25 -46.03 -14.71
N ASP H 594 9.11 -46.16 -15.40
CA ASP H 594 8.95 -45.62 -16.74
C ASP H 594 9.02 -44.12 -16.68
N THR H 595 9.82 -43.59 -17.59
CA THR H 595 10.03 -42.17 -17.76
C THR H 595 10.12 -41.81 -19.23
N PRO H 596 9.42 -40.72 -19.61
CA PRO H 596 8.68 -39.92 -18.64
C PRO H 596 7.29 -40.50 -18.42
N ASN H 597 6.53 -40.01 -17.46
CA ASN H 597 5.20 -40.60 -17.29
C ASN H 597 4.15 -39.59 -16.85
N ASP H 598 2.87 -39.96 -17.05
CA ASP H 598 1.72 -39.11 -16.75
C ASP H 598 0.82 -39.61 -15.61
N ARG H 599 1.38 -40.55 -14.85
CA ARG H 599 0.80 -41.16 -13.66
C ARG H 599 -0.58 -41.74 -13.81
N GLN H 600 -1.55 -41.29 -12.94
CA GLN H 600 -2.97 -41.76 -12.96
C GLN H 600 -3.72 -41.47 -14.26
N PHE H 601 -3.20 -40.49 -15.00
CA PHE H 601 -3.82 -40.10 -16.21
C PHE H 601 -4.37 -41.20 -17.11
N CYS H 602 -3.80 -42.38 -17.00
CA CYS H 602 -4.23 -43.53 -17.81
C CYS H 602 -5.49 -44.17 -17.19
N MET H 603 -5.96 -43.65 -16.05
CA MET H 603 -7.15 -44.21 -15.41
C MET H 603 -8.33 -43.24 -15.46
N ASN H 604 -9.21 -43.51 -16.41
CA ASN H 604 -10.35 -42.66 -16.69
C ASN H 604 -11.58 -43.48 -16.96
N GLY H 605 -11.56 -44.74 -16.57
CA GLY H 605 -12.65 -45.60 -16.90
C GLY H 605 -13.82 -45.56 -15.99
N LEU H 606 -14.87 -46.11 -16.53
CA LEU H 606 -16.11 -46.28 -15.82
C LEU H 606 -16.02 -47.57 -15.01
N VAL H 607 -15.06 -48.40 -15.39
CA VAL H 607 -14.82 -49.63 -14.69
C VAL H 607 -13.37 -49.78 -14.46
N PHE H 608 -13.15 -50.55 -13.44
CA PHE H 608 -11.84 -50.92 -13.02
C PHE H 608 -11.32 -51.93 -14.03
N ALA H 609 -9.99 -51.96 -14.16
CA ALA H 609 -9.37 -52.90 -15.11
C ALA H 609 -9.92 -54.33 -15.10
N ASP H 610 -10.38 -54.77 -13.95
CA ASP H 610 -10.94 -56.10 -13.79
C ASP H 610 -12.37 -56.11 -14.22
N ARG H 611 -12.78 -54.96 -14.76
CA ARG H 611 -14.15 -54.82 -15.16
C ARG H 611 -15.08 -54.74 -13.97
N THR H 612 -14.59 -54.07 -12.97
CA THR H 612 -15.48 -53.84 -11.89
C THR H 612 -15.72 -52.38 -11.93
N PRO H 613 -16.98 -52.15 -11.88
CA PRO H 613 -17.61 -50.87 -11.99
C PRO H 613 -17.23 -49.89 -10.96
N HIS H 614 -17.19 -48.68 -11.43
CA HIS H 614 -17.08 -47.54 -10.61
C HIS H 614 -18.54 -47.16 -10.37
N PRO H 615 -18.75 -46.34 -9.39
CA PRO H 615 -20.11 -45.96 -9.09
C PRO H 615 -20.75 -45.16 -10.21
N ALA H 616 -19.91 -44.37 -10.88
CA ALA H 616 -20.38 -43.53 -11.96
C ALA H 616 -21.19 -44.28 -13.01
N LEU H 617 -20.79 -45.51 -13.20
CA LEU H 617 -21.45 -46.31 -14.18
C LEU H 617 -22.96 -46.29 -14.08
N THR H 618 -23.39 -46.19 -12.89
CA THR H 618 -24.79 -46.22 -12.62
C THR H 618 -25.50 -44.96 -13.05
N GLU H 619 -24.81 -43.86 -12.78
CA GLU H 619 -25.36 -42.61 -13.18
C GLU H 619 -25.56 -42.69 -14.69
N ALA H 620 -24.54 -43.25 -15.32
CA ALA H 620 -24.67 -43.40 -16.77
C ALA H 620 -25.82 -44.28 -17.18
N LYS H 621 -25.88 -45.41 -16.54
CA LYS H 621 -26.92 -46.33 -16.88
C LYS H 621 -28.28 -45.68 -16.82
N HIS H 622 -28.48 -44.94 -15.76
CA HIS H 622 -29.74 -44.28 -15.56
C HIS H 622 -30.02 -43.19 -16.57
N GLN H 623 -29.06 -42.30 -16.80
CA GLN H 623 -29.32 -41.24 -17.77
C GLN H 623 -29.51 -41.78 -19.17
N GLN H 624 -28.96 -42.96 -19.43
CA GLN H 624 -29.08 -43.48 -20.76
C GLN H 624 -30.27 -44.38 -20.96
N GLN H 625 -31.09 -44.54 -19.94
CA GLN H 625 -32.19 -45.46 -20.12
C GLN H 625 -33.08 -45.14 -21.29
N PHE H 626 -33.66 -46.19 -21.83
CA PHE H 626 -34.52 -46.08 -23.00
C PHE H 626 -35.95 -45.77 -22.70
N PHE H 627 -36.29 -45.72 -21.43
CA PHE H 627 -37.66 -45.40 -21.14
C PHE H 627 -37.72 -44.16 -20.33
N GLN H 628 -38.66 -43.29 -20.65
CA GLN H 628 -38.76 -42.09 -19.88
C GLN H 628 -40.12 -41.98 -19.29
N PHE H 629 -40.11 -41.45 -18.06
CA PHE H 629 -41.35 -41.32 -17.31
C PHE H 629 -41.76 -39.97 -16.89
N ARG H 630 -43.07 -39.82 -16.87
CA ARG H 630 -43.72 -38.62 -16.45
C ARG H 630 -44.84 -39.00 -15.53
N LEU H 631 -44.94 -38.23 -14.49
CA LEU H 631 -45.99 -38.58 -13.57
C LEU H 631 -47.06 -37.54 -13.53
N SER H 632 -48.30 -37.95 -13.74
CA SER H 632 -49.34 -36.95 -13.67
C SER H 632 -50.51 -37.40 -12.87
N GLY H 633 -50.60 -36.84 -11.69
CA GLY H 633 -51.68 -37.29 -10.88
C GLY H 633 -51.44 -38.74 -10.48
N GLN H 634 -52.33 -39.64 -10.90
CA GLN H 634 -52.17 -41.04 -10.52
C GLN H 634 -51.72 -41.79 -11.72
N THR H 635 -51.34 -41.01 -12.71
CA THR H 635 -50.94 -41.56 -13.97
C THR H 635 -49.51 -41.38 -14.34
N ILE H 636 -48.99 -42.50 -14.78
CA ILE H 636 -47.67 -42.49 -15.29
C ILE H 636 -47.62 -42.56 -16.79
N GLU H 637 -46.83 -41.66 -17.33
CA GLU H 637 -46.65 -41.63 -18.74
C GLU H 637 -45.32 -42.23 -19.11
N VAL H 638 -45.36 -43.23 -19.96
CA VAL H 638 -44.12 -43.84 -20.35
C VAL H 638 -43.79 -43.56 -21.76
N THR H 639 -42.53 -43.26 -21.96
CA THR H 639 -42.08 -42.97 -23.27
C THR H 639 -40.93 -43.81 -23.66
N SER H 640 -41.04 -44.34 -24.88
CA SER H 640 -40.01 -45.20 -25.42
C SER H 640 -39.04 -44.47 -26.29
N GLU H 641 -37.76 -44.73 -26.03
CA GLU H 641 -36.67 -44.18 -26.81
C GLU H 641 -36.11 -45.23 -27.73
N TYR H 642 -36.85 -46.31 -27.90
CA TYR H 642 -36.44 -47.30 -28.86
C TYR H 642 -36.96 -46.82 -30.20
N LEU H 643 -36.14 -46.99 -31.21
CA LEU H 643 -36.49 -46.56 -32.54
C LEU H 643 -37.13 -47.68 -33.26
N PHE H 644 -36.71 -48.86 -32.91
CA PHE H 644 -37.19 -49.99 -33.64
C PHE H 644 -37.89 -51.06 -32.87
N ARG H 645 -37.64 -51.23 -31.58
CA ARG H 645 -38.37 -52.31 -30.98
C ARG H 645 -39.53 -51.92 -30.15
N HIS H 646 -40.33 -52.93 -29.92
CA HIS H 646 -41.49 -52.78 -29.11
C HIS H 646 -41.13 -53.26 -27.70
N SER H 647 -41.78 -52.79 -26.66
CA SER H 647 -41.43 -53.18 -25.28
C SER H 647 -41.86 -54.59 -25.00
N ASP H 648 -41.28 -55.49 -25.73
CA ASP H 648 -41.65 -56.88 -25.62
C ASP H 648 -40.97 -57.72 -24.56
N ASN H 649 -40.23 -57.12 -23.66
CA ASN H 649 -39.64 -57.91 -22.60
C ASN H 649 -39.55 -57.00 -21.42
N GLU H 650 -40.70 -56.36 -21.20
CA GLU H 650 -40.73 -55.37 -20.19
C GLU H 650 -41.88 -55.38 -19.23
N LEU H 651 -41.41 -55.40 -18.01
CA LEU H 651 -42.24 -55.34 -16.87
C LEU H 651 -41.97 -54.13 -16.01
N LEU H 652 -43.05 -53.47 -15.71
CA LEU H 652 -42.95 -52.32 -14.87
C LEU H 652 -43.43 -52.55 -13.45
N HIS H 653 -42.51 -52.51 -12.53
CA HIS H 653 -42.89 -52.69 -11.16
C HIS H 653 -42.97 -51.35 -10.46
N TRP H 654 -44.02 -51.14 -9.70
CA TRP H 654 -44.01 -49.89 -9.00
C TRP H 654 -44.23 -50.10 -7.54
N MET H 655 -44.03 -49.03 -6.79
CA MET H 655 -44.18 -49.15 -5.38
C MET H 655 -44.08 -47.88 -4.55
N VAL H 656 -44.88 -47.90 -3.50
CA VAL H 656 -45.02 -46.79 -2.62
C VAL H 656 -44.58 -47.03 -1.22
N ALA H 657 -43.81 -46.09 -0.72
CA ALA H 657 -43.31 -46.21 0.63
C ALA H 657 -43.26 -44.90 1.37
N LEU H 658 -43.38 -45.07 2.67
CA LEU H 658 -43.36 -43.96 3.53
C LEU H 658 -42.09 -44.03 4.30
N ASP H 659 -41.25 -43.06 4.08
CA ASP H 659 -39.99 -43.12 4.77
C ASP H 659 -39.38 -44.51 4.77
N GLY H 660 -39.51 -45.24 3.67
CA GLY H 660 -38.90 -46.56 3.64
C GLY H 660 -39.90 -47.65 3.89
N LYS H 661 -41.01 -47.30 4.49
CA LYS H 661 -41.99 -48.31 4.71
C LYS H 661 -42.88 -48.37 3.53
N PRO H 662 -42.84 -49.54 2.96
CA PRO H 662 -43.55 -49.92 1.77
C PRO H 662 -44.98 -50.10 2.11
N LEU H 663 -45.82 -49.46 1.38
CA LEU H 663 -47.24 -49.52 1.63
C LEU H 663 -47.99 -50.21 0.53
N ALA H 664 -47.43 -50.19 -0.65
CA ALA H 664 -48.08 -50.77 -1.79
C ALA H 664 -47.14 -50.94 -2.92
N SER H 665 -47.38 -51.97 -3.67
CA SER H 665 -46.57 -52.28 -4.79
C SER H 665 -47.41 -52.86 -5.90
N GLY H 666 -46.91 -52.77 -7.12
CA GLY H 666 -47.65 -53.27 -8.26
C GLY H 666 -46.75 -53.68 -9.36
N GLU H 667 -47.38 -54.19 -10.40
CA GLU H 667 -46.66 -54.68 -11.57
C GLU H 667 -47.45 -54.53 -12.83
N VAL H 668 -46.80 -53.99 -13.82
CA VAL H 668 -47.47 -53.83 -15.06
C VAL H 668 -46.56 -53.98 -16.20
N PRO H 669 -47.08 -54.75 -17.10
CA PRO H 669 -46.38 -55.05 -18.31
C PRO H 669 -46.49 -53.89 -19.26
N LEU H 670 -45.35 -53.65 -19.87
CA LEU H 670 -45.23 -52.60 -20.85
C LEU H 670 -45.54 -53.08 -22.22
N ASP H 671 -46.17 -52.18 -22.90
CA ASP H 671 -46.56 -52.35 -24.26
C ASP H 671 -46.45 -51.02 -24.96
N VAL H 672 -45.22 -50.67 -25.33
CA VAL H 672 -45.00 -49.42 -26.00
C VAL H 672 -44.25 -49.60 -27.25
N ALA H 673 -44.69 -48.85 -28.23
CA ALA H 673 -44.00 -48.91 -29.47
C ALA H 673 -42.81 -47.99 -29.45
N PRO H 674 -41.84 -48.36 -30.27
CA PRO H 674 -40.69 -47.52 -30.39
C PRO H 674 -41.23 -46.14 -30.54
N GLN H 675 -40.63 -45.23 -29.78
CA GLN H 675 -41.02 -43.84 -29.81
C GLN H 675 -42.43 -43.53 -29.40
N GLY H 676 -43.08 -44.49 -28.78
CA GLY H 676 -44.43 -44.22 -28.32
C GLY H 676 -44.54 -43.98 -26.82
N LYS H 677 -45.78 -43.69 -26.44
CA LYS H 677 -46.18 -43.44 -25.08
C LYS H 677 -47.15 -44.50 -24.59
N GLN H 678 -47.13 -44.75 -23.29
CA GLN H 678 -48.04 -45.68 -22.67
C GLN H 678 -48.46 -45.05 -21.36
N LEU H 679 -49.77 -45.05 -21.13
CA LEU H 679 -50.35 -44.52 -19.90
C LEU H 679 -50.65 -45.54 -18.87
N ILE H 680 -50.24 -45.18 -17.68
CA ILE H 680 -50.45 -46.07 -16.61
C ILE H 680 -51.18 -45.48 -15.50
N GLU H 681 -52.32 -46.09 -15.37
CA GLU H 681 -53.28 -45.74 -14.40
C GLU H 681 -53.03 -46.37 -13.06
N LEU H 682 -52.94 -45.49 -12.09
CA LEU H 682 -52.71 -45.99 -10.77
C LEU H 682 -53.97 -46.14 -9.94
N PRO H 683 -53.91 -47.23 -9.22
CA PRO H 683 -54.94 -47.59 -8.30
C PRO H 683 -54.88 -46.61 -7.19
N GLU H 684 -56.00 -46.38 -6.58
CA GLU H 684 -56.04 -45.47 -5.49
C GLU H 684 -54.89 -45.70 -4.52
N LEU H 685 -54.21 -44.61 -4.28
CA LEU H 685 -53.08 -44.65 -3.40
C LEU H 685 -53.43 -44.32 -2.01
N PRO H 686 -52.68 -44.98 -1.18
CA PRO H 686 -52.73 -44.92 0.25
C PRO H 686 -52.43 -43.52 0.77
N GLN H 687 -53.21 -43.09 1.76
CA GLN H 687 -53.05 -41.76 2.31
C GLN H 687 -52.67 -41.74 3.76
N PRO H 688 -51.59 -42.43 4.07
CA PRO H 688 -51.00 -42.54 5.39
C PRO H 688 -51.20 -41.28 6.23
N GLU H 689 -51.36 -41.50 7.51
CA GLU H 689 -51.58 -40.42 8.41
C GLU H 689 -50.31 -39.90 9.00
N SER H 690 -49.52 -40.92 9.35
CA SER H 690 -48.22 -40.84 9.93
C SER H 690 -47.38 -39.80 9.24
N ALA H 691 -46.39 -39.33 9.94
CA ALA H 691 -45.58 -38.31 9.35
C ALA H 691 -44.45 -38.92 8.57
N GLY H 692 -44.07 -38.16 7.54
CA GLY H 692 -42.99 -38.57 6.68
C GLY H 692 -43.19 -38.22 5.23
N GLN H 693 -42.27 -38.77 4.43
CA GLN H 693 -42.23 -38.58 3.01
C GLN H 693 -42.71 -39.81 2.28
N LEU H 694 -43.60 -39.52 1.39
CA LEU H 694 -44.18 -40.51 0.59
C LEU H 694 -43.57 -40.55 -0.79
N TRP H 695 -43.05 -41.70 -1.14
CA TRP H 695 -42.40 -41.79 -2.40
C TRP H 695 -42.83 -42.92 -3.27
N LEU H 696 -42.91 -42.55 -4.53
CA LEU H 696 -43.22 -43.51 -5.53
C LEU H 696 -42.02 -43.94 -6.35
N THR H 697 -41.88 -45.24 -6.55
CA THR H 697 -40.78 -45.73 -7.34
C THR H 697 -41.15 -46.77 -8.37
N VAL H 698 -40.60 -46.58 -9.56
CA VAL H 698 -40.78 -47.52 -10.66
C VAL H 698 -39.50 -48.08 -11.21
N ARG H 699 -39.61 -49.34 -11.59
CA ARG H 699 -38.49 -50.03 -12.16
C ARG H 699 -38.96 -50.78 -13.37
N VAL H 700 -38.04 -50.96 -14.29
CA VAL H 700 -38.30 -51.73 -15.45
C VAL H 700 -37.46 -52.98 -15.46
N VAL H 701 -38.24 -54.06 -15.57
CA VAL H 701 -37.64 -55.36 -15.58
C VAL H 701 -37.90 -56.20 -16.77
N GLN H 702 -36.81 -56.91 -17.06
CA GLN H 702 -36.75 -57.87 -18.12
C GLN H 702 -36.87 -59.25 -17.57
N PRO H 703 -38.09 -59.69 -17.69
CA PRO H 703 -38.53 -60.97 -17.25
C PRO H 703 -37.69 -62.08 -17.81
N ASN H 704 -37.53 -62.07 -19.13
CA ASN H 704 -36.74 -63.10 -19.76
C ASN H 704 -35.32 -62.69 -20.03
N ALA H 705 -34.44 -63.68 -20.02
CA ALA H 705 -33.07 -63.33 -20.31
C ALA H 705 -32.89 -63.03 -21.78
N THR H 706 -31.77 -62.37 -22.06
CA THR H 706 -31.42 -62.03 -23.41
C THR H 706 -30.05 -62.51 -23.62
N ALA H 707 -29.59 -62.23 -24.78
CA ALA H 707 -28.26 -62.66 -25.05
C ALA H 707 -27.24 -61.91 -24.28
N TRP H 708 -27.63 -60.78 -23.72
CA TRP H 708 -26.63 -60.01 -23.02
C TRP H 708 -27.10 -59.65 -21.68
N SER H 709 -28.24 -60.21 -21.31
CA SER H 709 -28.82 -59.96 -20.02
C SER H 709 -29.54 -61.18 -19.47
N GLU H 710 -29.52 -61.23 -18.16
CA GLU H 710 -30.19 -62.26 -17.39
C GLU H 710 -31.64 -61.98 -17.20
N ALA H 711 -32.35 -62.99 -16.78
CA ALA H 711 -33.74 -62.68 -16.55
C ALA H 711 -33.82 -61.83 -15.31
N GLY H 712 -34.81 -60.95 -15.33
CA GLY H 712 -35.03 -60.04 -14.25
C GLY H 712 -34.04 -58.88 -14.22
N HIS H 713 -33.51 -58.52 -15.35
CA HIS H 713 -32.60 -57.44 -15.39
C HIS H 713 -33.35 -56.13 -15.29
N ILE H 714 -32.76 -55.18 -14.54
CA ILE H 714 -33.39 -53.87 -14.42
C ILE H 714 -32.83 -52.95 -15.43
N SER H 715 -33.70 -52.39 -16.21
CA SER H 715 -33.13 -51.52 -17.21
C SER H 715 -33.41 -50.05 -17.02
N ALA H 716 -34.35 -49.75 -16.15
CA ALA H 716 -34.68 -48.37 -15.99
C ALA H 716 -35.44 -48.17 -14.73
N TRP H 717 -35.31 -46.98 -14.19
CA TRP H 717 -36.04 -46.65 -13.01
C TRP H 717 -36.24 -45.18 -12.87
N GLN H 718 -37.11 -44.87 -11.91
CA GLN H 718 -37.42 -43.50 -11.65
C GLN H 718 -38.25 -43.36 -10.40
N GLN H 719 -37.98 -42.30 -9.65
CA GLN H 719 -38.78 -42.13 -8.47
C GLN H 719 -39.41 -40.75 -8.28
N TRP H 720 -40.43 -40.65 -7.48
CA TRP H 720 -41.03 -39.34 -7.25
C TRP H 720 -41.49 -39.16 -5.81
N ARG H 721 -41.40 -37.93 -5.31
CA ARG H 721 -41.90 -37.76 -3.96
C ARG H 721 -43.33 -37.33 -4.02
N LEU H 722 -44.20 -38.17 -3.52
CA LEU H 722 -45.59 -37.87 -3.58
C LEU H 722 -46.07 -36.87 -2.59
N ALA H 723 -45.75 -37.11 -1.34
CA ALA H 723 -46.22 -36.16 -0.36
C ALA H 723 -45.35 -36.13 0.83
N GLU H 724 -45.71 -35.15 1.63
CA GLU H 724 -45.00 -34.93 2.87
C GLU H 724 -45.94 -34.63 3.98
N ASN H 725 -45.76 -35.31 5.08
CA ASN H 725 -46.59 -35.04 6.24
C ASN H 725 -45.67 -34.54 7.29
N LEU H 726 -45.70 -33.23 7.52
CA LEU H 726 -44.80 -32.67 8.54
C LEU H 726 -45.17 -33.12 9.94
N SER H 727 -44.13 -33.35 10.75
CA SER H 727 -44.35 -33.75 12.12
C SER H 727 -44.53 -32.57 13.03
N VAL H 728 -45.67 -32.59 13.67
CA VAL H 728 -46.05 -31.55 14.58
C VAL H 728 -45.99 -32.04 15.99
N THR H 729 -45.41 -33.17 16.16
CA THR H 729 -45.43 -33.60 17.50
C THR H 729 -44.26 -33.17 18.30
N LEU H 730 -44.58 -33.25 19.57
CA LEU H 730 -43.68 -32.93 20.61
C LEU H 730 -43.33 -34.13 21.41
N PRO H 731 -42.11 -34.01 21.87
CA PRO H 731 -41.45 -34.94 22.74
C PRO H 731 -42.12 -34.90 24.11
N ALA H 732 -42.28 -36.09 24.65
CA ALA H 732 -42.87 -36.17 25.96
C ALA H 732 -41.82 -35.78 27.00
N ALA H 733 -42.36 -35.39 28.16
CA ALA H 733 -41.53 -35.01 29.27
C ALA H 733 -40.59 -36.12 29.70
N SER H 734 -39.47 -35.65 30.18
CA SER H 734 -38.43 -36.45 30.72
C SER H 734 -38.62 -36.31 32.21
N HIS H 735 -38.23 -37.32 32.94
CA HIS H 735 -38.45 -37.22 34.36
C HIS H 735 -37.26 -36.63 35.03
N ALA H 736 -36.32 -36.26 34.19
CA ALA H 736 -35.12 -35.72 34.72
C ALA H 736 -34.44 -34.89 33.73
N ILE H 737 -33.45 -34.19 34.19
CA ILE H 737 -32.70 -33.41 33.30
C ILE H 737 -31.24 -33.53 33.57
N PRO H 738 -30.49 -33.37 32.53
CA PRO H 738 -29.08 -33.53 32.62
C PRO H 738 -28.45 -32.66 33.68
N HIS H 739 -27.34 -33.15 34.11
CA HIS H 739 -26.65 -32.50 35.14
C HIS H 739 -25.31 -31.97 34.69
N LEU H 740 -25.20 -30.67 34.80
CA LEU H 740 -24.00 -29.98 34.38
C LEU H 740 -22.88 -29.87 35.41
N THR H 741 -21.66 -30.08 35.03
CA THR H 741 -20.61 -29.93 36.00
C THR H 741 -19.49 -29.19 35.38
N THR H 742 -19.03 -28.21 36.12
CA THR H 742 -18.00 -27.41 35.54
C THR H 742 -16.64 -27.52 36.13
N SER H 743 -15.75 -28.14 35.39
CA SER H 743 -14.36 -28.18 35.80
C SER H 743 -13.76 -26.86 35.29
N GLU H 744 -12.46 -26.76 35.28
CA GLU H 744 -11.87 -25.54 34.81
C GLU H 744 -11.46 -25.72 33.38
N MET H 745 -11.32 -27.00 33.11
CA MET H 745 -10.89 -27.60 31.88
C MET H 745 -12.02 -27.95 31.02
N ASP H 746 -13.17 -28.07 31.64
CA ASP H 746 -14.26 -28.44 30.81
C ASP H 746 -15.56 -28.43 31.49
N PHE H 747 -16.51 -28.92 30.72
CA PHE H 747 -17.86 -29.03 31.17
C PHE H 747 -18.28 -30.46 31.01
N CME H 748 -19.01 -30.94 32.03
CA CME H 748 -19.49 -32.29 32.03
CB CME H 748 -18.96 -33.06 33.20
SG CME H 748 -17.56 -34.00 32.61
SD CME H 748 -18.52 -35.63 32.12
CE CME H 748 -17.07 -36.60 31.67
CZ CME H 748 -16.51 -37.39 32.89
OH CME H 748 -15.36 -36.72 33.37
C CME H 748 -20.95 -32.46 32.08
O CME H 748 -21.60 -32.06 33.03
N ILE H 749 -21.46 -33.13 31.11
CA ILE H 749 -22.88 -33.34 31.18
C ILE H 749 -23.16 -34.78 31.45
N GLU H 750 -23.99 -34.97 32.42
CA GLU H 750 -24.32 -36.30 32.78
C GLU H 750 -25.79 -36.53 32.76
N LEU H 751 -26.11 -37.77 32.47
CA LEU H 751 -27.48 -38.17 32.48
C LEU H 751 -27.58 -39.66 32.36
N GLY H 752 -27.77 -40.30 33.50
CA GLY H 752 -27.82 -41.75 33.54
C GLY H 752 -26.40 -42.22 33.33
N ASN H 753 -26.27 -43.27 32.53
CA ASN H 753 -24.99 -43.85 32.15
C ASN H 753 -24.24 -42.94 31.16
N LYS H 754 -25.04 -42.09 30.51
CA LYS H 754 -24.53 -41.16 29.56
C LYS H 754 -23.78 -39.95 30.12
N ARG H 755 -22.73 -39.58 29.39
CA ARG H 755 -21.88 -38.48 29.74
C ARG H 755 -21.22 -37.83 28.53
N TRP H 756 -21.13 -36.52 28.62
CA TRP H 756 -20.54 -35.76 27.55
C TRP H 756 -19.58 -34.77 28.05
N GLN H 757 -18.46 -34.68 27.38
CA GLN H 757 -17.54 -33.70 27.83
C GLN H 757 -17.07 -32.69 26.79
N PHE H 758 -17.11 -31.43 27.17
CA PHE H 758 -16.64 -30.42 26.28
C PHE H 758 -15.41 -29.80 26.80
N ASN H 759 -14.38 -29.83 26.02
CA ASN H 759 -13.16 -29.22 26.46
C ASN H 759 -13.27 -27.71 26.39
N ARG H 760 -12.91 -27.09 27.46
CA ARG H 760 -13.01 -25.66 27.56
C ARG H 760 -11.96 -24.90 26.83
N GLN H 761 -10.88 -25.53 26.46
CA GLN H 761 -9.95 -24.67 25.76
C GLN H 761 -10.11 -24.82 24.28
N SER H 762 -10.56 -25.99 23.86
CA SER H 762 -10.73 -26.27 22.46
C SER H 762 -12.10 -25.84 22.02
N GLY H 763 -13.00 -25.91 22.98
CA GLY H 763 -14.33 -25.55 22.61
C GLY H 763 -15.02 -26.68 21.87
N PHE H 764 -14.49 -27.90 21.92
CA PHE H 764 -15.16 -28.98 21.24
C PHE H 764 -15.61 -30.04 22.15
N LEU H 765 -16.55 -30.78 21.62
CA LEU H 765 -17.04 -31.93 22.31
C LEU H 765 -15.89 -32.92 22.22
N SER H 766 -15.26 -33.18 23.35
CA SER H 766 -14.07 -34.02 23.40
C SER H 766 -14.26 -35.49 23.63
N GLN H 767 -15.27 -35.85 24.36
CA GLN H 767 -15.47 -37.25 24.58
C GLN H 767 -16.85 -37.46 25.08
N MET H 768 -17.28 -38.67 24.94
CA MET H 768 -18.54 -39.02 25.44
C MET H 768 -18.56 -40.49 25.80
N TRP H 769 -19.31 -40.80 26.85
CA TRP H 769 -19.37 -42.16 27.30
C TRP H 769 -20.74 -42.63 27.43
N ILE H 770 -20.80 -43.89 27.20
CA ILE H 770 -21.99 -44.63 27.43
C ILE H 770 -21.53 -45.63 28.43
N GLY H 771 -22.13 -45.63 29.59
CA GLY H 771 -21.58 -46.51 30.58
C GLY H 771 -20.16 -46.00 30.84
N ASP H 772 -19.22 -46.90 30.83
CA ASP H 772 -17.84 -46.58 31.10
C ASP H 772 -17.06 -46.65 29.82
N LYS H 773 -17.78 -46.69 28.72
CA LYS H 773 -17.14 -46.77 27.44
C LYS H 773 -17.08 -45.44 26.74
N LYS H 774 -15.84 -45.10 26.38
CA LYS H 774 -15.59 -43.90 25.67
C LYS H 774 -16.09 -44.11 24.27
N GLN H 775 -16.52 -43.07 23.58
CA GLN H 775 -17.05 -43.33 22.27
C GLN H 775 -16.27 -42.78 21.12
N LEU H 776 -15.40 -41.82 21.43
CA LEU H 776 -14.65 -41.21 20.38
C LEU H 776 -13.18 -41.25 20.57
N LEU H 777 -12.46 -41.43 19.47
CA LEU H 777 -11.01 -41.35 19.52
C LEU H 777 -10.59 -39.94 19.15
N THR H 778 -11.50 -39.22 18.52
CA THR H 778 -11.23 -37.87 18.12
C THR H 778 -12.43 -37.02 18.40
N PRO H 779 -12.16 -35.81 18.82
CA PRO H 779 -13.19 -34.83 19.10
C PRO H 779 -13.97 -34.43 17.85
N LEU H 780 -15.20 -34.04 18.05
CA LEU H 780 -16.05 -33.65 16.99
C LEU H 780 -15.71 -32.27 16.51
N ARG H 781 -15.42 -32.11 15.23
CA ARG H 781 -15.12 -30.76 14.82
C ARG H 781 -15.41 -30.44 13.39
N ASP H 782 -15.45 -29.12 13.16
CA ASP H 782 -15.76 -28.63 11.86
C ASP H 782 -14.73 -29.06 10.88
N GLN H 783 -15.23 -29.22 9.68
CA GLN H 783 -14.39 -29.58 8.59
C GLN H 783 -14.79 -28.86 7.33
N PHE H 784 -13.81 -28.22 6.71
CA PHE H 784 -14.09 -27.48 5.47
C PHE H 784 -13.38 -28.00 4.23
N THR H 785 -12.67 -29.09 4.33
CA THR H 785 -11.94 -29.55 3.16
C THR H 785 -12.20 -31.00 2.83
N ARG H 786 -11.59 -31.40 1.71
CA ARG H 786 -11.64 -32.78 1.32
C ARG H 786 -10.32 -33.27 0.70
N ALA H 787 -10.14 -34.60 0.73
CA ALA H 787 -9.01 -35.24 0.10
C ALA H 787 -9.35 -35.11 -1.37
N PRO H 788 -8.57 -34.27 -2.04
CA PRO H 788 -8.75 -33.90 -3.43
C PRO H 788 -9.04 -35.00 -4.36
N LEU H 789 -9.94 -34.70 -5.26
CA LEU H 789 -10.30 -35.63 -6.28
C LEU H 789 -9.42 -35.39 -7.45
N ASP H 790 -9.42 -36.38 -8.30
CA ASP H 790 -8.64 -36.17 -9.49
C ASP H 790 -9.04 -34.86 -10.13
N ASN H 791 -10.34 -34.68 -10.25
CA ASN H 791 -10.87 -33.47 -10.80
C ASN H 791 -10.40 -32.23 -10.04
N ASP H 792 -10.23 -32.31 -8.71
CA ASP H 792 -9.81 -31.13 -7.95
C ASP H 792 -8.39 -30.75 -8.21
N ILE H 793 -7.66 -31.77 -8.55
CA ILE H 793 -6.25 -31.63 -8.78
C ILE H 793 -5.99 -31.09 -10.15
N GLY H 794 -6.78 -31.62 -11.05
CA GLY H 794 -6.83 -31.26 -12.43
C GLY H 794 -5.55 -30.96 -13.18
N VAL H 795 -4.87 -32.04 -13.50
CA VAL H 795 -3.71 -31.95 -14.34
C VAL H 795 -3.82 -33.07 -15.37
N SER H 796 -3.41 -32.77 -16.61
CA SER H 796 -3.44 -33.78 -17.69
C SER H 796 -2.02 -34.28 -18.06
N GLU H 797 -1.06 -33.45 -17.67
CA GLU H 797 0.35 -33.67 -17.86
C GLU H 797 1.03 -33.41 -16.55
N ALA H 798 1.71 -34.45 -16.05
CA ALA H 798 2.44 -34.42 -14.79
C ALA H 798 3.25 -33.12 -14.55
N THR H 799 3.77 -32.62 -15.66
CA THR H 799 4.59 -31.42 -15.87
C THR H 799 3.93 -30.08 -15.55
N ARG H 800 2.71 -29.92 -16.09
CA ARG H 800 1.96 -28.70 -15.96
C ARG H 800 0.90 -28.66 -14.88
N ILE H 801 1.16 -27.76 -13.90
CA ILE H 801 0.26 -27.48 -12.76
C ILE H 801 -0.59 -26.21 -13.00
N ASP H 802 -1.87 -26.31 -12.58
CA ASP H 802 -2.82 -25.23 -12.77
C ASP H 802 -3.12 -24.52 -11.47
N PRO H 803 -2.61 -23.32 -11.39
CA PRO H 803 -2.82 -22.48 -10.25
C PRO H 803 -4.32 -22.27 -10.01
N ASN H 804 -5.10 -22.58 -11.04
CA ASN H 804 -6.54 -22.44 -10.96
C ASN H 804 -7.25 -23.69 -10.48
N ALA H 805 -6.50 -24.75 -10.36
CA ALA H 805 -7.11 -25.93 -9.87
C ALA H 805 -7.57 -25.64 -8.47
N TRP H 806 -8.71 -26.24 -8.16
CA TRP H 806 -9.32 -26.10 -6.88
C TRP H 806 -8.33 -26.33 -5.80
N VAL H 807 -7.68 -27.46 -5.95
CA VAL H 807 -6.73 -27.82 -4.95
C VAL H 807 -5.67 -26.75 -4.73
N GLU H 808 -5.24 -26.23 -5.85
CA GLU H 808 -4.24 -25.21 -5.83
C GLU H 808 -4.72 -24.03 -5.06
N ARG H 809 -5.92 -23.67 -5.37
CA ARG H 809 -6.50 -22.54 -4.70
C ARG H 809 -6.72 -22.76 -3.22
N TRP H 810 -7.21 -23.95 -2.90
CA TRP H 810 -7.50 -24.25 -1.54
C TRP H 810 -6.26 -24.23 -0.72
N LYS H 811 -5.24 -24.76 -1.33
CA LYS H 811 -3.96 -24.84 -0.65
C LYS H 811 -3.45 -23.47 -0.33
N ALA H 812 -3.38 -22.72 -1.39
CA ALA H 812 -2.89 -21.38 -1.32
C ALA H 812 -3.66 -20.52 -0.37
N ALA H 813 -4.92 -20.86 -0.19
CA ALA H 813 -5.76 -20.09 0.69
C ALA H 813 -5.55 -20.45 2.14
N GLY H 814 -4.93 -21.63 2.36
CA GLY H 814 -4.65 -22.07 3.70
C GLY H 814 -5.78 -22.90 4.24
N HIS H 815 -6.67 -23.28 3.34
CA HIS H 815 -7.79 -24.07 3.80
C HIS H 815 -7.34 -25.31 4.50
N TYR H 816 -6.29 -25.85 3.94
CA TYR H 816 -5.80 -27.09 4.47
C TYR H 816 -5.06 -26.93 5.75
N GLN H 817 -4.67 -25.69 6.06
CA GLN H 817 -3.95 -25.53 7.30
C GLN H 817 -4.39 -24.39 8.21
N ALA H 818 -5.67 -24.08 8.14
CA ALA H 818 -6.11 -23.02 8.98
C ALA H 818 -6.28 -23.55 10.36
N GLU H 819 -6.11 -22.60 11.24
CA GLU H 819 -6.16 -22.76 12.66
C GLU H 819 -7.42 -22.24 13.27
N ALA H 820 -8.05 -23.15 14.00
CA ALA H 820 -9.25 -22.74 14.70
C ALA H 820 -8.94 -21.91 15.94
N ALA H 821 -9.82 -20.97 16.25
CA ALA H 821 -9.65 -20.12 17.40
C ALA H 821 -10.96 -19.98 18.17
N LEU H 822 -10.92 -20.32 19.44
CA LEU H 822 -12.13 -20.20 20.22
C LEU H 822 -12.46 -18.76 20.50
N LEU H 823 -13.64 -18.39 20.09
CA LEU H 823 -14.08 -17.06 20.32
C LEU H 823 -14.93 -17.08 21.55
N GLN H 824 -15.59 -18.22 21.73
CA GLN H 824 -16.45 -18.31 22.88
C GLN H 824 -17.05 -19.68 23.10
N CYS H 825 -17.26 -19.97 24.38
CA CYS H 825 -17.79 -21.26 24.80
C CYS H 825 -18.54 -21.09 26.08
N THR H 826 -19.83 -21.38 26.07
CA THR H 826 -20.59 -21.20 27.28
C THR H 826 -21.59 -22.28 27.54
N ALA H 827 -21.88 -22.40 28.83
CA ALA H 827 -22.81 -23.41 29.26
C ALA H 827 -23.88 -22.81 30.11
N ASP H 828 -25.07 -23.38 30.00
CA ASP H 828 -26.21 -22.84 30.70
C ASP H 828 -27.25 -23.90 30.94
N THR H 829 -27.94 -23.73 32.06
CA THR H 829 -28.95 -24.67 32.42
C THR H 829 -30.31 -24.10 32.30
N LEU H 830 -31.04 -24.81 31.49
CA LEU H 830 -32.37 -24.47 31.22
C LEU H 830 -33.24 -25.39 32.01
N ALA H 831 -34.50 -25.08 31.94
CA ALA H 831 -35.43 -25.88 32.65
C ALA H 831 -35.47 -27.31 32.22
N ASP H 832 -35.28 -27.54 30.93
CA ASP H 832 -35.44 -28.88 30.43
C ASP H 832 -34.23 -29.43 29.79
N ALA H 833 -33.18 -28.63 29.84
CA ALA H 833 -31.97 -29.07 29.22
C ALA H 833 -30.78 -28.23 29.57
N VAL H 834 -29.68 -28.72 29.04
CA VAL H 834 -28.43 -28.03 29.14
C VAL H 834 -28.07 -27.48 27.77
N LEU H 835 -27.53 -26.28 27.80
CA LEU H 835 -27.19 -25.59 26.61
C LEU H 835 -25.78 -25.10 26.49
N ILE H 836 -25.15 -25.55 25.41
CA ILE H 836 -23.79 -25.17 25.15
C ILE H 836 -23.66 -24.32 23.94
N THR H 837 -22.83 -23.32 24.11
CA THR H 837 -22.64 -22.39 23.04
C THR H 837 -21.21 -22.09 22.68
N THR H 838 -20.87 -22.28 21.43
CA THR H 838 -19.52 -22.00 20.98
C THR H 838 -19.43 -21.15 19.72
N ALA H 839 -18.23 -20.63 19.56
CA ALA H 839 -17.95 -19.85 18.39
C ALA H 839 -16.49 -19.93 18.12
N HIS H 840 -16.15 -20.33 16.93
CA HIS H 840 -14.77 -20.41 16.54
C HIS H 840 -14.53 -19.69 15.24
N ALA H 841 -13.26 -19.34 15.07
CA ALA H 841 -12.83 -18.71 13.86
C ALA H 841 -11.66 -19.46 13.26
N TRP H 842 -11.67 -19.63 11.95
CA TRP H 842 -10.51 -20.24 11.35
C TRP H 842 -9.77 -19.19 10.61
N GLN H 843 -8.51 -19.10 10.93
CA GLN H 843 -7.72 -18.10 10.29
C GLN H 843 -6.48 -18.64 9.69
N HIS H 844 -5.92 -17.76 8.89
CA HIS H 844 -4.70 -18.09 8.21
C HIS H 844 -3.99 -16.84 7.84
N GLN H 845 -2.85 -16.65 8.49
CA GLN H 845 -2.11 -15.46 8.21
C GLN H 845 -2.91 -14.20 8.40
N GLY H 846 -3.67 -14.20 9.49
CA GLY H 846 -4.44 -13.03 9.82
C GLY H 846 -5.76 -12.92 9.11
N LYS H 847 -6.01 -13.81 8.17
CA LYS H 847 -7.29 -13.73 7.56
C LYS H 847 -8.22 -14.72 8.18
N THR H 848 -9.44 -14.25 8.40
CA THR H 848 -10.43 -15.14 8.93
C THR H 848 -11.19 -15.71 7.75
N LEU H 849 -11.12 -17.02 7.59
CA LEU H 849 -11.77 -17.69 6.50
C LEU H 849 -13.16 -18.07 6.85
N PHE H 850 -13.29 -18.62 8.05
CA PHE H 850 -14.60 -19.02 8.45
C PHE H 850 -14.86 -18.82 9.87
N ILE H 851 -16.14 -18.73 10.09
CA ILE H 851 -16.66 -18.62 11.40
C ILE H 851 -17.75 -19.64 11.59
N SER H 852 -17.58 -20.35 12.68
CA SER H 852 -18.52 -21.36 13.05
C SER H 852 -19.15 -21.10 14.40
N ARG H 853 -20.46 -21.05 14.40
CA ARG H 853 -21.20 -20.83 15.61
C ARG H 853 -22.16 -21.97 15.90
N LYS H 854 -22.04 -22.53 17.08
CA LYS H 854 -22.91 -23.64 17.41
C LYS H 854 -23.63 -23.57 18.72
N THR H 855 -24.57 -24.49 18.80
CA THR H 855 -25.33 -24.74 20.00
C THR H 855 -25.58 -26.21 20.10
N TYR H 856 -25.40 -26.62 21.34
CA TYR H 856 -25.63 -27.98 21.64
C TYR H 856 -26.62 -27.99 22.73
N ARG H 857 -27.63 -28.79 22.51
CA ARG H 857 -28.63 -28.88 23.50
C ARG H 857 -29.01 -30.29 23.85
N ILE H 858 -28.79 -30.58 25.12
CA ILE H 858 -29.05 -31.88 25.71
C ILE H 858 -30.17 -31.89 26.67
N ASP H 859 -31.10 -32.74 26.35
CA ASP H 859 -32.29 -32.84 27.13
C ASP H 859 -32.38 -34.10 27.91
N GLY H 860 -33.50 -34.13 28.63
CA GLY H 860 -33.83 -35.22 29.50
C GLY H 860 -33.99 -36.52 28.77
N SER H 861 -34.17 -36.46 27.48
CA SER H 861 -34.31 -37.70 26.76
C SER H 861 -32.95 -38.21 26.33
N GLY H 862 -31.90 -37.44 26.60
CA GLY H 862 -30.54 -37.85 26.24
C GLY H 862 -30.21 -37.65 24.77
N GLN H 863 -30.86 -36.66 24.20
CA GLN H 863 -30.58 -36.36 22.83
C GLN H 863 -29.82 -35.09 22.73
N MET H 864 -28.92 -35.12 21.80
CA MET H 864 -28.12 -33.98 21.60
C MET H 864 -28.38 -33.35 20.26
N ALA H 865 -28.82 -32.13 20.37
CA ALA H 865 -29.14 -31.38 19.20
C ALA H 865 -28.10 -30.33 18.93
N ILE H 866 -27.68 -30.38 17.69
CA ILE H 866 -26.69 -29.49 17.24
C ILE H 866 -27.11 -28.56 16.17
N THR H 867 -26.65 -27.37 16.37
CA THR H 867 -26.96 -26.38 15.43
C THR H 867 -25.72 -25.67 14.98
N VAL H 868 -25.58 -25.64 13.67
CA VAL H 868 -24.44 -25.00 13.09
C VAL H 868 -24.76 -23.93 12.11
N ASP H 869 -24.01 -22.85 12.31
CA ASP H 869 -24.13 -21.70 11.43
C ASP H 869 -22.77 -21.20 11.10
N VAL H 870 -22.49 -21.25 9.79
CA VAL H 870 -21.23 -20.84 9.27
C VAL H 870 -21.24 -19.65 8.34
N GLU H 871 -20.19 -18.87 8.49
CA GLU H 871 -19.96 -17.73 7.68
C GLU H 871 -18.66 -17.99 6.96
N VAL H 872 -18.66 -17.72 5.65
CA VAL H 872 -17.49 -17.86 4.79
C VAL H 872 -17.11 -16.58 4.10
N ALA H 873 -15.84 -16.22 4.21
CA ALA H 873 -15.36 -15.01 3.58
C ALA H 873 -15.60 -15.07 2.11
N SER H 874 -16.24 -14.05 1.66
CA SER H 874 -16.59 -13.92 0.27
C SER H 874 -15.37 -14.04 -0.62
N ASP H 875 -14.25 -13.60 -0.09
CA ASP H 875 -13.06 -13.63 -0.88
C ASP H 875 -12.19 -14.84 -0.73
N THR H 876 -12.71 -15.84 -0.09
CA THR H 876 -11.93 -17.03 -0.06
C THR H 876 -12.54 -17.98 -1.08
N PRO H 877 -11.78 -18.91 -1.56
CA PRO H 877 -12.31 -19.86 -2.50
C PRO H 877 -13.34 -20.71 -1.84
N HIS H 878 -14.37 -21.03 -2.58
CA HIS H 878 -15.40 -21.85 -2.02
C HIS H 878 -14.82 -23.15 -1.63
N PRO H 879 -15.14 -23.48 -0.45
CA PRO H 879 -14.71 -24.68 0.23
C PRO H 879 -15.41 -25.88 -0.33
N ALA H 880 -14.71 -26.96 -0.18
CA ALA H 880 -15.13 -28.26 -0.65
C ALA H 880 -16.34 -28.75 0.08
N ARG H 881 -16.41 -28.38 1.35
CA ARG H 881 -17.53 -28.88 2.09
C ARG H 881 -17.69 -28.12 3.37
N ILE H 882 -18.82 -28.39 4.02
CA ILE H 882 -19.17 -27.77 5.29
C ILE H 882 -19.85 -28.78 6.16
N GLY H 883 -19.07 -29.24 7.13
CA GLY H 883 -19.57 -30.24 8.02
C GLY H 883 -18.67 -30.45 9.20
N LEU H 884 -18.86 -31.62 9.76
CA LEU H 884 -18.10 -31.99 10.91
C LEU H 884 -17.54 -33.35 10.77
N ASN H 885 -16.65 -33.61 11.68
CA ASN H 885 -16.10 -34.92 11.69
C ASN H 885 -15.49 -35.34 13.00
N CYS H 886 -15.30 -36.63 13.06
CA CYS H 886 -14.73 -37.19 14.24
C CYS H 886 -14.40 -38.67 14.01
N GLN H 887 -13.55 -39.16 14.89
CA GLN H 887 -13.19 -40.54 14.82
C GLN H 887 -13.87 -41.30 15.93
N LEU H 888 -14.74 -42.21 15.53
CA LEU H 888 -15.38 -42.99 16.56
C LEU H 888 -14.54 -44.17 16.96
N ALA H 889 -14.65 -44.45 18.22
CA ALA H 889 -13.96 -45.56 18.83
C ALA H 889 -14.45 -46.91 18.32
N GLN H 890 -15.72 -46.99 18.14
CA GLN H 890 -16.38 -48.18 17.71
C GLN H 890 -16.18 -48.50 16.23
N VAL H 891 -16.40 -49.77 15.95
CA VAL H 891 -16.33 -50.31 14.63
C VAL H 891 -17.41 -51.36 14.45
N ALA H 892 -18.31 -51.17 13.49
CA ALA H 892 -19.40 -52.11 13.28
C ALA H 892 -19.42 -52.72 11.88
N GLU H 893 -20.35 -53.64 11.70
CA GLU H 893 -20.46 -54.37 10.46
C GLU H 893 -21.27 -53.71 9.38
N ARG H 894 -22.42 -53.24 9.80
CA ARG H 894 -23.33 -52.64 8.91
C ARG H 894 -23.50 -51.16 9.09
N VAL H 895 -24.16 -50.62 8.09
CA VAL H 895 -24.46 -49.23 7.99
C VAL H 895 -25.85 -49.13 7.45
N ASN H 896 -26.62 -48.34 8.16
CA ASN H 896 -27.98 -48.28 7.75
C ASN H 896 -28.43 -46.85 7.72
N TRP H 897 -29.07 -46.52 6.61
CA TRP H 897 -29.52 -45.19 6.51
C TRP H 897 -30.72 -45.03 5.66
N LEU H 898 -31.29 -43.88 5.88
CA LEU H 898 -32.45 -43.45 5.17
C LEU H 898 -32.07 -42.19 4.41
N GLY H 899 -31.86 -42.42 3.13
CA GLY H 899 -31.44 -41.39 2.24
C GLY H 899 -31.21 -41.98 0.86
N LEU H 900 -30.35 -41.30 0.12
CA LEU H 900 -30.08 -41.70 -1.23
C LEU H 900 -29.09 -42.80 -1.30
N GLY H 901 -29.43 -43.79 -2.08
CA GLY H 901 -28.54 -44.89 -2.21
C GLY H 901 -28.95 -45.77 -3.34
N PRO H 902 -28.28 -46.87 -3.37
CA PRO H 902 -27.32 -47.23 -2.36
C PRO H 902 -25.90 -46.89 -2.70
N GLN H 903 -25.61 -46.56 -3.93
CA GLN H 903 -24.22 -46.24 -4.18
C GLN H 903 -23.77 -44.86 -3.83
N GLU H 904 -22.46 -44.73 -3.85
CA GLU H 904 -21.81 -43.45 -3.65
C GLU H 904 -22.48 -42.41 -4.55
N ASN H 905 -22.79 -41.25 -3.99
CA ASN H 905 -23.43 -40.21 -4.77
C ASN H 905 -23.06 -38.82 -4.30
N TYR H 906 -22.92 -37.96 -5.27
CA TYR H 906 -22.56 -36.61 -5.00
C TYR H 906 -23.60 -35.67 -5.55
N PRO H 907 -23.54 -34.47 -5.07
CA PRO H 907 -24.48 -33.45 -5.42
C PRO H 907 -24.72 -33.31 -6.89
N ASP H 908 -23.63 -33.31 -7.67
CA ASP H 908 -23.80 -33.21 -9.11
C ASP H 908 -23.75 -34.58 -9.78
N ARG H 909 -23.90 -35.61 -8.96
CA ARG H 909 -23.96 -36.95 -9.50
C ARG H 909 -24.82 -37.81 -8.61
N LEU H 910 -26.12 -37.58 -8.67
CA LEU H 910 -27.01 -38.35 -7.80
C LEU H 910 -28.37 -38.66 -8.39
N THR H 911 -28.49 -38.45 -9.68
CA THR H 911 -29.76 -38.73 -10.28
C THR H 911 -30.07 -40.20 -10.30
N ALA H 912 -29.05 -41.03 -10.35
CA ALA H 912 -29.38 -42.44 -10.43
C ALA H 912 -29.75 -43.01 -9.07
N ALA H 913 -29.42 -42.26 -8.05
CA ALA H 913 -29.70 -42.72 -6.69
C ALA H 913 -31.14 -42.65 -6.26
N CME H 914 -31.47 -43.56 -5.34
CA CME H 914 -32.78 -43.62 -4.76
CB CME H 914 -33.60 -44.77 -5.20
SG CME H 914 -33.95 -44.63 -6.97
SD CME H 914 -34.08 -46.54 -7.34
CE CME H 914 -32.38 -47.03 -7.00
CZ CME H 914 -32.23 -48.53 -7.27
OH CME H 914 -33.52 -49.08 -7.56
C CME H 914 -32.87 -43.38 -3.30
O CME H 914 -32.04 -43.74 -2.46
N PHE H 915 -33.94 -42.72 -3.02
CA PHE H 915 -34.21 -42.40 -1.67
C PHE H 915 -34.92 -43.55 -1.02
N ASP H 916 -34.24 -44.16 -0.10
CA ASP H 916 -34.86 -45.26 0.57
C ASP H 916 -34.10 -45.60 1.83
N ARG H 917 -34.40 -46.78 2.31
CA ARG H 917 -33.68 -47.26 3.45
C ARG H 917 -32.66 -48.27 3.02
N TRP H 918 -31.40 -47.97 3.31
CA TRP H 918 -30.35 -48.83 2.89
C TRP H 918 -29.58 -49.38 4.05
N ASP H 919 -29.07 -50.58 3.81
CA ASP H 919 -28.27 -51.29 4.78
C ASP H 919 -27.17 -52.04 4.08
N LEU H 920 -25.95 -51.69 4.41
CA LEU H 920 -24.81 -52.33 3.84
C LEU H 920 -23.74 -52.50 4.87
N PRO H 921 -22.79 -53.24 4.44
CA PRO H 921 -21.61 -53.48 5.19
C PRO H 921 -20.73 -52.32 4.95
N LEU H 922 -20.11 -52.01 6.05
CA LEU H 922 -19.19 -50.95 6.13
C LEU H 922 -18.26 -50.89 4.94
N SER H 923 -17.83 -52.07 4.53
CA SER H 923 -16.90 -52.13 3.42
C SER H 923 -17.43 -51.41 2.18
N ASP H 924 -18.71 -51.62 1.96
CA ASP H 924 -19.35 -51.03 0.83
C ASP H 924 -19.44 -49.52 0.88
N MET H 925 -19.17 -48.97 2.05
CA MET H 925 -19.24 -47.56 2.15
C MET H 925 -17.96 -46.91 1.71
N TYR H 926 -17.11 -47.71 1.10
CA TYR H 926 -15.85 -47.15 0.64
C TYR H 926 -15.56 -47.50 -0.80
N THR H 927 -15.10 -46.47 -1.53
CA THR H 927 -14.77 -46.60 -2.93
C THR H 927 -13.27 -46.55 -3.13
N PRO H 928 -12.79 -47.70 -3.49
CA PRO H 928 -11.40 -48.05 -3.73
C PRO H 928 -10.83 -47.49 -5.03
N TYR H 929 -10.98 -46.20 -5.19
CA TYR H 929 -10.41 -45.61 -6.37
C TYR H 929 -8.91 -45.90 -6.29
N VAL H 930 -8.32 -46.39 -7.38
CA VAL H 930 -6.90 -46.69 -7.34
C VAL H 930 -6.07 -45.56 -6.78
N PHE H 931 -6.35 -44.39 -7.30
CA PHE H 931 -5.68 -43.25 -6.75
C PHE H 931 -6.68 -42.73 -5.73
N PRO H 932 -6.31 -42.76 -4.48
CA PRO H 932 -7.24 -42.43 -3.45
C PRO H 932 -7.51 -40.95 -3.23
N SER H 933 -8.78 -40.69 -2.82
CA SER H 933 -9.33 -39.38 -2.49
C SER H 933 -10.71 -39.48 -1.78
N GLU H 934 -11.31 -38.30 -1.47
CA GLU H 934 -12.64 -38.25 -0.88
C GLU H 934 -13.58 -39.17 -1.68
N ASN H 935 -14.32 -40.05 -1.01
CA ASN H 935 -15.23 -40.96 -1.74
C ASN H 935 -16.29 -41.49 -0.81
N GLY H 936 -17.17 -42.31 -1.35
CA GLY H 936 -18.22 -42.96 -0.58
C GLY H 936 -19.38 -42.10 -0.11
N LEU H 937 -19.34 -40.83 -0.37
CA LEU H 937 -20.45 -40.02 0.07
C LEU H 937 -21.85 -40.47 -0.35
N ARG H 938 -22.78 -40.20 0.53
CA ARG H 938 -24.20 -40.37 0.25
C ARG H 938 -24.92 -39.12 0.72
N CYS H 939 -25.77 -38.63 -0.15
CA CYS H 939 -26.50 -37.41 0.09
C CYS H 939 -27.94 -37.66 0.47
N GLY H 940 -28.55 -36.54 0.85
CA GLY H 940 -29.96 -36.46 1.20
C GLY H 940 -30.38 -37.47 2.22
N THR H 941 -29.59 -37.48 3.26
CA THR H 941 -29.79 -38.40 4.32
C THR H 941 -30.44 -37.73 5.47
N ARG H 942 -31.41 -38.46 5.96
CA ARG H 942 -32.19 -38.00 7.06
C ARG H 942 -31.97 -38.70 8.36
N GLU H 943 -31.52 -39.94 8.22
CA GLU H 943 -31.26 -40.80 9.36
C GLU H 943 -30.16 -41.74 9.04
N LEU H 944 -29.22 -41.79 9.97
CA LEU H 944 -28.06 -42.64 9.85
C LEU H 944 -27.80 -43.38 11.15
N ASN H 945 -27.54 -44.68 10.98
CA ASN H 945 -27.32 -45.60 12.08
C ASN H 945 -26.07 -46.39 12.03
N TYR H 946 -25.31 -46.30 13.10
CA TYR H 946 -24.06 -47.05 13.19
C TYR H 946 -23.78 -47.34 14.64
N GLY H 947 -23.78 -48.62 14.92
CA GLY H 947 -23.61 -49.04 16.28
C GLY H 947 -24.86 -48.66 17.05
N PRO H 948 -24.60 -48.16 18.23
CA PRO H 948 -25.56 -47.68 19.17
C PRO H 948 -26.00 -46.28 18.78
N HIS H 949 -25.30 -45.71 17.79
CA HIS H 949 -25.59 -44.38 17.34
C HIS H 949 -26.59 -44.20 16.27
N GLN H 950 -27.14 -43.01 16.39
CA GLN H 950 -28.09 -42.55 15.46
C GLN H 950 -28.04 -41.05 15.27
N TRP H 951 -28.08 -40.69 14.01
CA TRP H 951 -28.08 -39.30 13.67
C TRP H 951 -29.23 -38.97 12.79
N ARG H 952 -29.77 -37.80 13.06
CA ARG H 952 -30.89 -37.37 12.28
C ARG H 952 -30.77 -35.93 11.93
N GLY H 953 -31.27 -35.70 10.72
CA GLY H 953 -31.29 -34.38 10.12
C GLY H 953 -31.42 -34.44 8.63
N ASP H 954 -30.64 -33.60 8.01
CA ASP H 954 -30.66 -33.59 6.57
C ASP H 954 -29.24 -33.36 6.10
N PHE H 955 -28.54 -34.46 5.87
CA PHE H 955 -27.18 -34.26 5.50
C PHE H 955 -26.70 -35.27 4.53
N GLN H 956 -25.40 -35.18 4.34
CA GLN H 956 -24.64 -36.08 3.53
C GLN H 956 -23.54 -36.54 4.40
N PHE H 957 -23.10 -37.75 4.12
CA PHE H 957 -22.04 -38.29 4.91
C PHE H 957 -21.27 -39.36 4.19
N ASN H 958 -20.19 -39.69 4.86
CA ASN H 958 -19.35 -40.78 4.47
C ASN H 958 -18.79 -41.40 5.72
N ILE H 959 -18.41 -42.65 5.58
CA ILE H 959 -17.90 -43.35 6.72
C ILE H 959 -17.02 -44.53 6.34
N SER H 960 -15.85 -44.55 6.95
CA SER H 960 -14.86 -45.58 6.64
C SER H 960 -13.76 -45.60 7.68
N ARG H 961 -12.67 -46.32 7.37
CA ARG H 961 -11.54 -46.40 8.28
C ARG H 961 -10.39 -45.55 7.88
N TYR H 962 -10.64 -44.60 7.01
CA TYR H 962 -9.52 -43.82 6.63
C TYR H 962 -9.76 -42.37 6.82
N SER H 963 -8.81 -41.70 7.39
CA SER H 963 -8.95 -40.30 7.56
C SER H 963 -8.78 -39.67 6.19
N GLN H 964 -9.34 -38.46 6.09
CA GLN H 964 -9.18 -37.70 4.87
C GLN H 964 -7.69 -37.45 4.68
N GLN H 965 -7.02 -37.26 5.79
CA GLN H 965 -5.60 -37.04 5.70
C GLN H 965 -4.85 -38.20 5.14
N GLN H 966 -5.22 -39.39 5.61
CA GLN H 966 -4.56 -40.57 5.09
C GLN H 966 -4.75 -40.62 3.61
N LEU H 967 -5.98 -40.48 3.20
CA LEU H 967 -6.33 -40.55 1.78
C LEU H 967 -5.57 -39.57 0.94
N MET H 968 -5.52 -38.42 1.51
CA MET H 968 -4.89 -37.36 0.82
C MET H 968 -3.42 -37.61 0.72
N GLU H 969 -2.87 -38.34 1.66
CA GLU H 969 -1.45 -38.54 1.62
C GLU H 969 -0.95 -39.81 0.97
N THR H 970 -1.84 -40.74 0.70
CA THR H 970 -1.50 -42.00 0.06
C THR H 970 -1.78 -41.99 -1.44
N SER H 971 -0.80 -42.41 -2.22
CA SER H 971 -0.94 -42.42 -3.67
C SER H 971 -1.57 -43.68 -4.25
N HIS H 972 -1.62 -44.77 -3.50
CA HIS H 972 -2.22 -45.93 -4.11
C HIS H 972 -3.09 -46.60 -3.13
N ARG H 973 -4.17 -47.13 -3.65
CA ARG H 973 -5.09 -47.81 -2.79
C ARG H 973 -4.46 -48.90 -1.92
N HIS H 974 -3.53 -49.62 -2.51
CA HIS H 974 -2.91 -50.73 -1.82
C HIS H 974 -2.13 -50.32 -0.58
N LEU H 975 -1.73 -49.06 -0.52
CA LEU H 975 -1.03 -48.55 0.67
C LEU H 975 -1.91 -48.04 1.82
N LEU H 976 -3.22 -48.08 1.69
CA LEU H 976 -3.91 -47.58 2.84
C LEU H 976 -4.11 -48.69 3.78
N HIS H 977 -4.24 -48.31 5.02
CA HIS H 977 -4.50 -49.25 6.06
C HIS H 977 -5.55 -48.69 6.98
N ALA H 978 -6.39 -49.58 7.45
CA ALA H 978 -7.43 -49.10 8.31
C ALA H 978 -6.90 -48.37 9.53
N GLU H 979 -7.63 -47.35 9.92
CA GLU H 979 -7.23 -46.60 11.07
C GLU H 979 -7.94 -47.21 12.26
N GLU H 980 -7.59 -46.70 13.43
CA GLU H 980 -8.13 -47.21 14.65
C GLU H 980 -9.63 -47.44 14.82
N GLY H 981 -10.48 -46.48 14.54
CA GLY H 981 -11.89 -46.80 14.75
C GLY H 981 -12.62 -46.58 13.46
N THR H 982 -13.62 -45.74 13.53
CA THR H 982 -14.38 -45.39 12.35
C THR H 982 -14.39 -43.88 12.17
N TRP H 983 -14.03 -43.48 10.96
CA TRP H 983 -14.06 -42.08 10.62
C TRP H 983 -15.39 -41.69 10.01
N LEU H 984 -15.90 -40.61 10.57
CA LEU H 984 -17.17 -40.13 10.15
C LEU H 984 -17.19 -38.70 9.74
N ASN H 985 -17.68 -38.52 8.53
CA ASN H 985 -17.83 -37.20 7.99
C ASN H 985 -19.27 -36.91 7.71
N ILE H 986 -19.73 -35.86 8.39
CA ILE H 986 -21.09 -35.36 8.26
C ILE H 986 -21.10 -33.96 7.74
N ASP H 987 -21.65 -33.89 6.55
CA ASP H 987 -21.72 -32.68 5.82
C ASP H 987 -23.09 -32.10 5.73
N GLY H 988 -23.06 -30.81 6.06
CA GLY H 988 -24.26 -30.04 5.91
C GLY H 988 -24.34 -29.71 4.41
N PHE H 989 -23.17 -29.51 3.84
CA PHE H 989 -23.04 -29.19 2.45
C PHE H 989 -21.76 -29.69 1.90
N HIS H 990 -21.82 -29.99 0.61
CA HIS H 990 -20.67 -30.49 -0.08
C HIS H 990 -20.62 -30.07 -1.52
N MET H 991 -19.45 -29.64 -1.95
CA MET H 991 -19.23 -29.21 -3.30
C MET H 991 -19.41 -30.31 -4.32
N GLY H 992 -19.79 -29.94 -5.53
CA GLY H 992 -19.96 -30.91 -6.61
C GLY H 992 -18.59 -31.49 -6.98
N ILE H 993 -18.57 -32.49 -7.85
CA ILE H 993 -17.31 -33.12 -8.22
C ILE H 993 -16.83 -32.80 -9.60
N GLY H 994 -17.72 -32.36 -10.49
CA GLY H 994 -17.31 -32.03 -11.84
C GLY H 994 -16.96 -33.23 -12.68
N GLY H 995 -16.23 -32.93 -13.75
CA GLY H 995 -15.78 -33.96 -14.67
C GLY H 995 -15.92 -33.62 -16.14
N ASP H 996 -16.38 -32.40 -16.46
CA ASP H 996 -16.54 -32.03 -17.87
C ASP H 996 -15.26 -32.28 -18.59
N ASP H 997 -14.20 -32.17 -17.80
CA ASP H 997 -12.84 -32.45 -18.12
C ASP H 997 -12.09 -32.51 -16.83
N SER H 998 -10.93 -33.10 -16.88
CA SER H 998 -10.21 -33.22 -15.63
C SER H 998 -8.96 -32.41 -15.61
N TRP H 999 -8.90 -31.33 -16.34
CA TRP H 999 -7.68 -30.57 -16.28
C TRP H 999 -7.95 -29.10 -16.24
N SER H 1000 -9.12 -28.86 -15.70
CA SER H 1000 -9.66 -27.56 -15.46
C SER H 1000 -10.83 -27.73 -14.54
N PRO H 1001 -11.16 -26.58 -13.99
CA PRO H 1001 -12.28 -26.42 -13.06
C PRO H 1001 -13.53 -26.68 -13.87
N SER H 1002 -14.21 -27.74 -13.47
CA SER H 1002 -15.33 -28.25 -14.20
C SER H 1002 -16.58 -28.44 -13.38
N VAL H 1003 -16.55 -27.81 -12.19
CA VAL H 1003 -17.69 -27.85 -11.30
C VAL H 1003 -18.62 -26.68 -11.58
N SER H 1004 -19.85 -26.96 -11.98
CA SER H 1004 -20.73 -25.85 -12.22
C SER H 1004 -21.11 -25.03 -11.02
N ALA H 1005 -21.33 -23.79 -11.34
CA ALA H 1005 -21.62 -22.84 -10.33
C ALA H 1005 -22.68 -23.23 -9.34
N GLU H 1006 -23.70 -23.91 -9.84
CA GLU H 1006 -24.80 -24.34 -8.99
C GLU H 1006 -24.30 -25.33 -8.01
N PHE H 1007 -23.09 -25.82 -8.24
CA PHE H 1007 -22.56 -26.78 -7.33
C PHE H 1007 -21.48 -26.32 -6.43
N GLN H 1008 -21.14 -25.04 -6.49
CA GLN H 1008 -20.15 -24.48 -5.61
C GLN H 1008 -20.80 -23.91 -4.33
N LEU H 1009 -20.04 -23.90 -3.23
CA LEU H 1009 -20.52 -23.43 -1.93
C LEU H 1009 -20.22 -21.97 -1.85
N SER H 1010 -21.03 -21.24 -2.52
CA SER H 1010 -20.81 -19.83 -2.65
C SER H 1010 -21.73 -18.90 -1.87
N ALA H 1011 -22.68 -19.48 -1.14
CA ALA H 1011 -23.68 -18.73 -0.41
C ALA H 1011 -23.18 -17.74 0.63
N GLY H 1012 -22.05 -18.02 1.21
CA GLY H 1012 -21.53 -17.14 2.22
C GLY H 1012 -22.04 -17.51 3.61
N ARG H 1013 -23.26 -18.02 3.66
CA ARG H 1013 -23.78 -18.39 4.93
C ARG H 1013 -24.49 -19.70 4.83
N TYR H 1014 -24.15 -20.53 5.79
CA TYR H 1014 -24.70 -21.84 5.85
C TYR H 1014 -25.18 -22.22 7.22
N HIS H 1015 -26.26 -22.95 7.20
CA HIS H 1015 -26.87 -23.36 8.41
C HIS H 1015 -27.26 -24.82 8.38
N TYR H 1016 -27.01 -25.54 9.47
CA TYR H 1016 -27.47 -26.90 9.50
C TYR H 1016 -27.64 -27.42 10.90
N GLN H 1017 -28.44 -28.49 10.97
CA GLN H 1017 -28.73 -29.09 12.25
C GLN H 1017 -28.82 -30.58 12.28
N LEU H 1018 -28.56 -31.04 13.46
CA LEU H 1018 -28.46 -32.41 13.72
C LEU H 1018 -28.83 -32.90 15.06
N VAL H 1019 -29.23 -34.17 15.04
CA VAL H 1019 -29.55 -34.83 16.26
C VAL H 1019 -28.86 -36.13 16.42
N TRP H 1020 -28.22 -36.22 17.55
CA TRP H 1020 -27.48 -37.38 17.88
C TRP H 1020 -27.95 -38.09 19.14
N CME H 1021 -28.17 -39.39 18.99
CA CME H 1021 -28.56 -40.26 20.07
CB CME H 1021 -30.03 -40.33 20.32
SG CME H 1021 -30.81 -39.39 19.04
SD CME H 1021 -31.90 -40.78 18.27
CE CME H 1021 -30.95 -42.13 19.02
CZ CME H 1021 -31.69 -42.82 20.16
OH CME H 1021 -32.50 -43.87 19.63
C CME H 1021 -28.07 -41.66 19.91
O CME H 1021 -27.46 -42.05 18.93
N GLN H 1022 -28.39 -42.36 20.99
CA GLN H 1022 -28.03 -43.72 21.19
C GLN H 1022 -29.17 -44.54 21.64
N LYS H 1023 -28.96 -45.81 21.42
CA LYS H 1023 -29.83 -46.88 21.79
C LYS H 1023 -28.97 -47.82 22.62
N ILE I 3 19.96 -34.72 47.93
CA ILE I 3 21.45 -34.85 48.07
C ILE I 3 22.26 -33.53 48.20
N THR I 4 21.82 -32.59 47.42
CA THR I 4 22.43 -31.31 47.45
C THR I 4 21.70 -30.60 48.53
N ASP I 5 20.66 -31.26 49.05
CA ASP I 5 19.88 -30.77 50.17
C ASP I 5 20.54 -31.29 51.45
N SER I 6 21.56 -32.06 51.21
CA SER I 6 22.28 -32.65 52.31
C SER I 6 23.08 -31.64 53.11
N LEU I 7 22.99 -31.83 54.40
CA LEU I 7 23.76 -31.04 55.30
C LEU I 7 25.20 -31.00 54.84
N ALA I 8 25.69 -32.16 54.62
CA ALA I 8 27.07 -32.28 54.26
C ALA I 8 27.48 -31.29 53.23
N VAL I 9 26.56 -31.13 52.32
CA VAL I 9 26.68 -30.27 51.20
C VAL I 9 26.43 -28.81 51.58
N VAL I 10 25.25 -28.56 52.12
CA VAL I 10 24.87 -27.24 52.55
C VAL I 10 25.92 -26.59 53.45
N LEU I 11 26.24 -27.23 54.54
CA LEU I 11 27.21 -26.66 55.47
C LEU I 11 28.60 -26.60 54.93
N GLN I 12 28.70 -27.03 53.73
CA GLN I 12 30.01 -27.06 53.21
C GLN I 12 30.50 -25.63 53.03
N ARG I 13 29.57 -24.86 52.49
CA ARG I 13 29.79 -23.48 52.19
C ARG I 13 30.17 -22.62 53.41
N ARG I 14 29.53 -22.89 54.57
CA ARG I 14 29.90 -22.11 55.73
C ARG I 14 29.60 -20.62 55.51
N ASP I 15 28.34 -20.41 55.14
CA ASP I 15 27.76 -19.15 54.85
C ASP I 15 27.81 -18.19 56.01
N TRP I 16 27.76 -18.79 57.16
CA TRP I 16 27.83 -18.11 58.43
C TRP I 16 29.24 -17.66 58.76
N GLU I 17 30.16 -17.85 57.83
CA GLU I 17 31.48 -17.30 58.08
C GLU I 17 31.87 -16.46 56.87
N ASN I 18 30.83 -15.85 56.30
CA ASN I 18 31.04 -15.03 55.16
C ASN I 18 30.09 -13.87 55.04
N PRO I 19 30.65 -12.71 55.37
CA PRO I 19 30.03 -11.40 55.32
C PRO I 19 29.46 -11.16 53.93
N GLY I 20 30.02 -11.87 52.96
CA GLY I 20 29.54 -11.77 51.61
C GLY I 20 28.19 -12.48 51.48
N VAL I 21 27.90 -13.41 52.39
CA VAL I 21 26.61 -14.02 52.25
C VAL I 21 25.76 -13.73 53.42
N THR I 22 24.73 -12.99 53.16
CA THR I 22 23.91 -12.65 54.28
C THR I 22 22.53 -13.20 54.20
N GLN I 23 22.23 -13.74 53.04
CA GLN I 23 20.96 -14.38 52.80
C GLN I 23 21.06 -15.22 51.55
N LEU I 24 20.05 -16.10 51.36
CA LEU I 24 19.91 -16.93 50.17
C LEU I 24 18.47 -17.16 49.90
N ASN I 25 18.03 -16.72 48.75
CA ASN I 25 16.62 -16.93 48.43
C ASN I 25 15.62 -16.28 49.34
N ARG I 26 16.07 -15.24 50.03
CA ARG I 26 15.18 -14.54 50.92
C ARG I 26 14.43 -13.52 50.10
N LEU I 27 13.15 -13.39 50.33
CA LEU I 27 12.40 -12.38 49.60
C LEU I 27 12.75 -10.95 50.01
N ALA I 28 12.12 -10.05 49.28
CA ALA I 28 12.33 -8.67 49.55
C ALA I 28 11.49 -8.18 50.70
N ALA I 29 12.02 -7.10 51.31
CA ALA I 29 11.42 -6.43 52.44
C ALA I 29 10.22 -5.53 52.13
N HIS I 30 9.39 -5.27 53.11
CA HIS I 30 8.25 -4.44 52.83
C HIS I 30 7.48 -4.30 54.12
N PRO I 31 6.59 -3.36 54.04
CA PRO I 31 5.76 -3.15 55.17
C PRO I 31 4.88 -4.36 55.24
N PRO I 32 4.34 -4.50 56.36
CA PRO I 32 3.47 -5.53 56.77
C PRO I 32 2.25 -5.75 55.92
N PHE I 33 2.11 -7.02 55.53
CA PHE I 33 0.98 -7.46 54.74
C PHE I 33 0.12 -8.48 55.47
N ALA I 34 -1.17 -8.51 55.11
CA ALA I 34 -2.18 -9.43 55.62
C ALA I 34 -2.87 -10.17 54.46
N SER I 35 -2.92 -9.53 53.31
CA SER I 35 -3.56 -10.13 52.20
C SER I 35 -5.04 -10.27 52.41
N TRP I 36 -5.65 -9.30 53.04
CA TRP I 36 -7.08 -9.42 53.17
C TRP I 36 -7.67 -9.64 51.81
N ARG I 37 -8.87 -10.21 51.87
CA ARG I 37 -9.63 -10.43 50.68
C ARG I 37 -10.96 -9.75 50.77
N ASN I 38 -11.09 -8.97 51.82
CA ASN I 38 -12.28 -8.18 52.01
C ASN I 38 -11.90 -6.83 52.58
N SER I 39 -12.29 -5.83 51.81
CA SER I 39 -12.04 -4.47 52.18
C SER I 39 -12.37 -4.15 53.66
N GLU I 40 -13.61 -4.36 54.03
CA GLU I 40 -14.03 -4.07 55.37
C GLU I 40 -13.11 -4.63 56.42
N GLU I 41 -12.76 -5.89 56.23
CA GLU I 41 -11.92 -6.59 57.16
C GLU I 41 -10.62 -5.84 57.32
N ALA I 42 -10.04 -5.57 56.17
CA ALA I 42 -8.82 -4.83 56.16
C ALA I 42 -9.08 -3.47 56.79
N ARG I 43 -10.13 -2.86 56.36
CA ARG I 43 -10.42 -1.57 56.88
C ARG I 43 -10.54 -1.54 58.37
N THR I 44 -11.04 -2.61 58.93
CA THR I 44 -11.22 -2.60 60.37
C THR I 44 -10.19 -3.41 61.07
N ASP I 45 -9.18 -3.72 60.33
CA ASP I 45 -8.12 -4.47 60.92
C ASP I 45 -8.59 -5.80 61.49
N ARG I 46 -9.41 -6.52 60.75
CA ARG I 46 -9.74 -7.81 61.27
C ARG I 46 -8.62 -8.75 61.00
N PRO I 47 -8.86 -10.01 61.21
CA PRO I 47 -7.76 -10.90 60.98
C PRO I 47 -7.88 -11.56 59.67
N SER I 48 -6.75 -11.66 59.02
CA SER I 48 -6.81 -12.25 57.74
C SER I 48 -6.43 -13.68 57.80
N GLN I 49 -7.24 -14.37 57.05
CA GLN I 49 -7.11 -15.78 56.93
C GLN I 49 -5.93 -16.17 56.07
N GLN I 50 -5.37 -15.23 55.26
CA GLN I 50 -4.22 -15.58 54.40
C GLN I 50 -2.93 -15.52 55.17
N LEU I 51 -3.20 -15.23 56.43
CA LEU I 51 -2.17 -15.11 57.37
C LEU I 51 -2.35 -16.04 58.54
N ARG I 52 -1.36 -16.89 58.67
CA ARG I 52 -1.42 -17.90 59.67
C ARG I 52 -0.18 -18.04 60.52
N SER I 53 -0.44 -18.14 61.83
CA SER I 53 0.65 -18.30 62.76
C SER I 53 1.09 -19.70 62.98
N LEU I 54 2.39 -19.89 63.09
CA LEU I 54 2.97 -21.19 63.34
C LEU I 54 3.56 -21.27 64.72
N ASN I 55 3.13 -20.31 65.50
CA ASN I 55 3.59 -20.25 66.85
C ASN I 55 2.95 -21.35 67.61
N GLY I 56 3.75 -21.99 68.46
CA GLY I 56 3.26 -23.05 69.32
C GLY I 56 4.30 -24.07 69.68
N GLU I 57 3.82 -25.30 69.82
CA GLU I 57 4.74 -26.35 70.18
C GLU I 57 5.49 -26.80 68.98
N TRP I 58 6.76 -26.99 69.17
CA TRP I 58 7.64 -27.35 68.09
C TRP I 58 8.64 -28.32 68.64
N ARG I 59 9.41 -28.91 67.78
CA ARG I 59 10.35 -29.84 68.33
C ARG I 59 11.73 -29.30 68.24
N PHE I 60 12.42 -29.49 69.34
CA PHE I 60 13.72 -28.92 69.43
C PHE I 60 14.83 -29.85 69.82
N ALA I 61 16.00 -29.60 69.28
CA ALA I 61 17.16 -30.33 69.71
C ALA I 61 18.41 -29.51 69.56
N TRP I 62 19.24 -29.60 70.56
CA TRP I 62 20.43 -28.81 70.62
C TRP I 62 21.74 -29.53 70.36
N PHE I 63 22.65 -28.88 69.67
CA PHE I 63 23.96 -29.45 69.42
C PHE I 63 25.01 -28.43 69.56
N PRO I 64 26.09 -28.91 70.06
CA PRO I 64 27.32 -28.17 70.28
C PRO I 64 27.89 -27.63 69.00
N ALA I 65 27.42 -28.17 67.89
CA ALA I 65 27.92 -27.76 66.60
C ALA I 65 27.04 -28.25 65.49
N PRO I 66 27.12 -27.50 64.42
CA PRO I 66 26.36 -27.77 63.22
C PRO I 66 26.70 -29.16 62.65
N GLU I 67 27.99 -29.45 62.63
CA GLU I 67 28.52 -30.72 62.15
C GLU I 67 27.86 -31.93 62.80
N ALA I 68 27.78 -31.89 64.11
CA ALA I 68 27.10 -32.87 64.89
C ALA I 68 25.66 -33.09 64.43
N VAL I 69 25.08 -32.23 63.64
CA VAL I 69 23.74 -32.57 63.26
C VAL I 69 23.73 -33.77 62.32
N PRO I 70 22.80 -34.66 62.58
CA PRO I 70 22.63 -35.91 61.86
C PRO I 70 21.68 -35.80 60.70
N GLU I 71 22.20 -36.36 59.60
CA GLU I 71 21.46 -36.32 58.38
C GLU I 71 19.95 -36.64 58.39
N SER I 72 19.61 -37.57 59.24
CA SER I 72 18.23 -38.00 59.40
C SER I 72 17.31 -36.88 59.75
N TRP I 73 17.92 -35.94 60.50
CA TRP I 73 17.18 -34.84 61.01
C TRP I 73 16.27 -34.25 59.94
N LEU I 74 16.83 -34.25 58.72
CA LEU I 74 16.16 -33.69 57.57
C LEU I 74 14.86 -34.35 57.24
N GLU I 75 14.99 -35.64 57.44
CA GLU I 75 13.97 -36.59 57.16
C GLU I 75 12.99 -36.79 58.26
N CYS I 76 13.56 -37.10 59.41
CA CYS I 76 12.74 -37.46 60.51
C CYS I 76 13.14 -36.76 61.73
N ASP I 77 12.08 -36.54 62.54
CA ASP I 77 12.23 -35.93 63.85
C ASP I 77 13.12 -36.78 64.70
N LEU I 78 13.73 -36.20 65.69
CA LEU I 78 14.56 -37.04 66.48
C LEU I 78 13.80 -37.67 67.62
N PRO I 79 14.43 -38.71 68.09
CA PRO I 79 13.88 -39.44 69.19
C PRO I 79 14.04 -38.58 70.43
N GLU I 80 15.28 -38.10 70.54
CA GLU I 80 15.76 -37.27 71.63
C GLU I 80 15.37 -35.79 71.54
N ALA I 81 14.43 -35.51 70.66
CA ALA I 81 13.95 -34.17 70.51
C ALA I 81 13.01 -33.86 71.64
N ASP I 82 12.89 -32.56 71.95
CA ASP I 82 11.99 -32.11 72.99
C ASP I 82 10.93 -31.29 72.36
N THR I 83 9.85 -31.17 73.08
CA THR I 83 8.80 -30.35 72.60
C THR I 83 8.98 -29.03 73.29
N VAL I 84 8.92 -27.97 72.50
CA VAL I 84 9.17 -26.62 72.97
C VAL I 84 8.22 -25.61 72.40
N VAL I 85 8.13 -24.52 73.14
CA VAL I 85 7.34 -23.42 72.66
C VAL I 85 8.13 -22.41 71.85
N VAL I 86 7.49 -22.04 70.76
CA VAL I 86 8.05 -21.08 69.89
C VAL I 86 7.06 -19.95 69.74
N PRO I 87 7.56 -18.69 69.86
CA PRO I 87 8.98 -18.40 69.94
C PRO I 87 9.55 -18.40 71.33
N SER I 88 10.88 -18.45 71.30
CA SER I 88 11.61 -18.46 72.54
C SER I 88 13.11 -18.44 72.30
N ASN I 89 13.81 -18.31 73.41
CA ASN I 89 15.27 -18.32 73.46
C ASN I 89 15.65 -19.57 74.17
N TRP I 90 16.46 -20.32 73.51
CA TRP I 90 16.84 -21.55 74.08
C TRP I 90 17.64 -21.50 75.36
N GLN I 91 18.39 -20.43 75.60
CA GLN I 91 19.12 -20.40 76.85
C GLN I 91 18.11 -20.39 77.97
N MET I 92 16.92 -19.89 77.61
CA MET I 92 15.83 -19.76 78.57
C MET I 92 15.23 -21.09 78.97
N HIS I 93 15.69 -22.13 78.31
CA HIS I 93 15.17 -23.46 78.57
C HIS I 93 16.22 -24.38 79.03
N GLY I 94 17.32 -23.81 79.44
CA GLY I 94 18.39 -24.59 79.96
C GLY I 94 19.35 -25.16 78.95
N TYR I 95 19.02 -24.98 77.65
CA TYR I 95 19.96 -25.55 76.70
C TYR I 95 21.43 -25.20 76.80
N ASP I 96 21.67 -23.94 77.07
CA ASP I 96 23.00 -23.40 77.29
C ASP I 96 22.80 -22.12 78.03
N ALA I 97 23.95 -21.50 78.28
CA ALA I 97 24.01 -20.24 79.01
C ALA I 97 23.82 -19.00 78.20
N PRO I 98 23.16 -18.05 78.83
CA PRO I 98 23.01 -16.75 78.25
C PRO I 98 24.24 -16.03 78.74
N ILE I 99 24.77 -15.16 77.90
CA ILE I 99 25.94 -14.42 78.31
C ILE I 99 25.66 -12.92 78.41
N TYR I 100 26.21 -12.40 79.48
CA TYR I 100 26.14 -11.00 79.73
C TYR I 100 27.53 -10.36 79.69
N THR I 101 27.87 -9.91 78.48
CA THR I 101 29.06 -9.15 78.23
C THR I 101 28.59 -7.84 77.57
N ASN I 102 29.33 -6.77 77.82
CA ASN I 102 29.02 -5.44 77.30
C ASN I 102 29.64 -5.08 75.93
N VAL I 103 30.97 -4.94 76.00
CA VAL I 103 31.78 -4.53 74.88
C VAL I 103 32.44 -5.69 74.24
N THR I 104 33.11 -6.39 75.12
CA THR I 104 33.83 -7.54 74.70
C THR I 104 32.96 -8.61 74.08
N TYR I 105 33.37 -9.00 72.89
CA TYR I 105 32.70 -10.02 72.14
C TYR I 105 32.80 -11.34 72.88
N PRO I 106 31.70 -12.06 72.85
CA PRO I 106 31.55 -13.35 73.48
C PRO I 106 32.47 -14.37 72.83
N ILE I 107 32.68 -14.18 71.55
CA ILE I 107 33.55 -15.08 70.86
C ILE I 107 34.86 -14.39 70.56
N THR I 108 35.76 -15.13 70.02
CA THR I 108 37.06 -14.59 69.70
C THR I 108 37.04 -13.71 68.50
N VAL I 109 37.81 -12.65 68.60
CA VAL I 109 37.82 -11.71 67.52
C VAL I 109 38.67 -12.06 66.34
N ASN I 110 37.98 -12.62 65.36
CA ASN I 110 38.67 -13.02 64.17
C ASN I 110 37.73 -13.12 63.01
N PRO I 111 37.18 -12.01 62.72
CA PRO I 111 36.26 -11.92 61.64
C PRO I 111 36.94 -12.40 60.37
N PRO I 112 36.13 -13.03 59.56
CA PRO I 112 34.70 -13.20 59.80
C PRO I 112 34.41 -14.54 60.41
N PHE I 113 35.37 -14.99 61.17
CA PHE I 113 35.23 -16.26 61.77
C PHE I 113 34.67 -16.34 63.14
N VAL I 114 33.75 -17.27 63.17
CA VAL I 114 33.02 -17.73 64.32
C VAL I 114 33.75 -18.98 64.88
N PRO I 115 33.57 -19.28 66.16
CA PRO I 115 34.22 -20.43 66.76
C PRO I 115 33.63 -21.76 66.27
N THR I 116 34.50 -22.76 66.27
CA THR I 116 34.16 -24.07 65.78
C THR I 116 32.98 -24.75 66.47
N GLU I 117 32.91 -24.52 67.78
CA GLU I 117 31.84 -25.01 68.63
C GLU I 117 30.78 -23.96 68.63
N ASN I 118 29.79 -24.21 67.84
CA ASN I 118 28.79 -23.24 67.76
C ASN I 118 27.42 -23.85 67.90
N PRO I 119 26.91 -23.53 69.01
CA PRO I 119 25.64 -24.00 69.45
C PRO I 119 24.57 -23.93 68.42
N THR I 120 24.22 -25.10 67.95
CA THR I 120 23.19 -25.22 66.98
C THR I 120 21.86 -25.68 67.55
N GLY I 121 20.78 -25.10 67.08
CA GLY I 121 19.46 -25.44 67.57
C GLY I 121 18.58 -25.88 66.42
N CYS I 122 18.19 -27.17 66.44
CA CYS I 122 17.37 -27.70 65.39
C CYS I 122 15.93 -27.72 65.75
N TYR I 123 15.21 -26.88 65.05
CA TYR I 123 13.79 -26.72 65.26
C TYR I 123 13.08 -27.37 64.11
N SER I 124 11.98 -28.00 64.42
CA SER I 124 11.25 -28.72 63.41
C SER I 124 9.80 -28.60 63.67
N LEU I 125 9.08 -28.63 62.61
CA LEU I 125 7.68 -28.53 62.72
C LEU I 125 6.91 -29.07 61.53
N THR I 126 5.96 -29.86 61.97
CA THR I 126 5.11 -30.56 61.09
C THR I 126 3.73 -29.97 61.08
N PHE I 127 3.25 -29.73 59.90
CA PHE I 127 1.96 -29.09 59.81
C PHE I 127 1.28 -29.36 58.49
N ASN I 128 0.03 -28.95 58.58
CA ASN I 128 -0.92 -29.11 57.54
C ASN I 128 -1.21 -27.85 56.82
N VAL I 129 -1.54 -28.05 55.54
CA VAL I 129 -1.84 -26.97 54.64
C VAL I 129 -3.11 -27.18 53.85
N ASP I 130 -4.00 -26.20 53.89
CA ASP I 130 -5.17 -26.40 53.06
C ASP I 130 -4.69 -26.40 51.61
N GLU I 131 -5.19 -27.33 50.81
CA GLU I 131 -4.70 -27.30 49.45
C GLU I 131 -5.26 -26.15 48.65
N SER I 132 -6.36 -25.61 49.11
CA SER I 132 -6.88 -24.47 48.40
C SER I 132 -5.69 -23.51 48.12
N TRP I 133 -4.86 -23.36 49.13
CA TRP I 133 -3.67 -22.54 49.07
C TRP I 133 -2.66 -23.07 48.08
N LEU I 134 -2.65 -24.37 48.05
CA LEU I 134 -1.75 -25.09 47.22
C LEU I 134 -2.12 -24.97 45.77
N GLN I 135 -3.40 -24.68 45.49
CA GLN I 135 -3.77 -24.58 44.10
C GLN I 135 -3.25 -23.31 43.51
N GLU I 136 -3.99 -22.26 43.80
CA GLU I 136 -3.66 -20.95 43.30
C GLU I 136 -2.83 -20.11 44.30
N GLY I 137 -2.32 -18.98 43.82
CA GLY I 137 -1.59 -18.04 44.64
C GLY I 137 -0.19 -18.43 45.12
N GLN I 138 0.25 -17.65 46.11
CA GLN I 138 1.56 -17.86 46.66
C GLN I 138 1.67 -17.88 48.15
N THR I 139 2.48 -18.84 48.53
CA THR I 139 2.65 -19.09 49.92
C THR I 139 4.06 -18.98 50.44
N ARG I 140 4.13 -18.04 51.36
CA ARG I 140 5.39 -17.84 51.96
C ARG I 140 5.33 -17.86 53.47
N ILE I 141 6.52 -18.13 53.94
CA ILE I 141 6.76 -18.18 55.33
C ILE I 141 7.61 -17.01 55.80
N ILE I 142 7.32 -16.66 57.05
CA ILE I 142 8.00 -15.55 57.65
C ILE I 142 8.43 -15.68 59.07
N PHE I 143 9.70 -15.49 59.23
CA PHE I 143 10.32 -15.44 60.54
C PHE I 143 10.58 -14.03 60.97
N ASP I 144 9.82 -13.58 61.92
CA ASP I 144 10.01 -12.24 62.42
C ASP I 144 11.31 -12.00 63.16
N GLY I 145 11.95 -13.06 63.60
CA GLY I 145 13.22 -12.96 64.28
C GLY I 145 13.81 -14.31 64.71
N VAL I 146 15.06 -14.51 64.25
CA VAL I 146 15.92 -15.67 64.47
C VAL I 146 17.38 -15.24 64.71
N ASN I 147 17.87 -15.57 65.87
CA ASN I 147 19.19 -15.14 66.21
C ASN I 147 20.13 -16.30 66.31
N SER I 148 21.27 -16.22 65.62
CA SER I 148 21.73 -15.11 64.81
C SER I 148 21.63 -15.35 63.33
N ALA I 149 21.75 -16.61 62.94
CA ALA I 149 21.72 -17.04 61.54
C ALA I 149 21.00 -18.38 61.34
N PHE I 150 20.63 -18.69 60.11
CA PHE I 150 19.98 -19.97 59.93
C PHE I 150 19.69 -20.41 58.52
N HIS I 151 19.63 -21.76 58.42
CA HIS I 151 19.31 -22.52 57.22
C HIS I 151 17.93 -23.09 57.28
N LEU I 152 17.38 -23.27 56.13
CA LEU I 152 16.04 -23.77 56.23
C LEU I 152 15.62 -24.81 55.19
N TRP I 153 14.89 -25.84 55.69
CA TRP I 153 14.36 -26.87 54.84
C TRP I 153 12.89 -27.07 54.94
N CYS I 154 12.34 -27.49 53.82
CA CYS I 154 10.95 -27.76 53.79
C CYS I 154 10.74 -29.02 53.04
N ASN I 155 10.15 -29.94 53.80
CA ASN I 155 9.87 -31.26 53.33
C ASN I 155 11.17 -31.86 52.76
N GLY I 156 12.24 -31.77 53.51
CA GLY I 156 13.52 -32.38 53.11
C GLY I 156 14.33 -31.54 52.15
N ARG I 157 13.63 -30.56 51.63
CA ARG I 157 14.26 -29.71 50.68
C ARG I 157 14.84 -28.43 51.24
N TRP I 158 16.08 -28.20 50.84
CA TRP I 158 16.76 -26.99 51.25
C TRP I 158 16.10 -25.76 50.66
N VAL I 159 15.87 -24.76 51.48
CA VAL I 159 15.19 -23.57 50.99
C VAL I 159 16.03 -22.31 50.94
N GLY I 160 16.61 -21.94 52.05
CA GLY I 160 17.39 -20.74 52.04
C GLY I 160 18.12 -20.50 53.33
N TYR I 161 18.67 -19.32 53.38
CA TYR I 161 19.46 -18.89 54.49
C TYR I 161 19.24 -17.43 54.76
N GLY I 162 19.54 -17.02 55.99
CA GLY I 162 19.35 -15.65 56.42
C GLY I 162 20.21 -15.18 57.61
N GLN I 163 20.47 -13.85 57.64
CA GLN I 163 21.23 -13.21 58.71
C GLN I 163 20.47 -11.95 59.21
N ASP I 164 20.97 -11.37 60.31
CA ASP I 164 20.38 -10.22 60.95
C ASP I 164 19.21 -10.64 61.83
N SER I 165 19.57 -10.81 63.09
CA SER I 165 18.59 -11.24 64.07
C SER I 165 17.41 -10.37 64.27
N ARG I 166 17.44 -9.12 63.82
CA ARG I 166 16.32 -8.29 64.14
C ARG I 166 15.31 -8.01 63.09
N LEU I 167 15.56 -8.48 61.89
CA LEU I 167 14.54 -8.28 60.90
C LEU I 167 14.01 -9.60 60.40
N PRO I 168 12.84 -9.50 59.82
CA PRO I 168 12.11 -10.59 59.24
C PRO I 168 12.79 -11.20 58.06
N SER I 169 12.56 -12.51 57.94
CA SER I 169 13.05 -13.27 56.81
C SER I 169 11.90 -13.95 56.12
N GLU I 170 11.87 -13.78 54.81
CA GLU I 170 10.77 -14.39 54.09
C GLU I 170 11.21 -15.24 52.97
N PHE I 171 10.42 -16.33 52.88
CA PHE I 171 10.58 -17.28 51.82
C PHE I 171 9.30 -17.81 51.26
N ASP I 172 9.46 -18.05 49.95
CA ASP I 172 8.42 -18.62 49.12
C ASP I 172 8.38 -20.11 49.28
N LEU I 173 7.30 -20.59 49.83
CA LEU I 173 7.26 -22.00 50.06
C LEU I 173 6.63 -22.79 48.97
N SER I 174 5.86 -22.00 48.22
CA SER I 174 5.06 -22.38 47.12
C SER I 174 5.46 -23.68 46.44
N ALA I 175 6.74 -23.80 46.13
CA ALA I 175 7.17 -25.01 45.45
C ALA I 175 7.57 -26.17 46.34
N PHE I 176 7.40 -26.11 47.66
CA PHE I 176 7.86 -27.24 48.42
C PHE I 176 6.77 -27.86 49.21
N LEU I 177 5.68 -27.16 49.18
CA LEU I 177 4.57 -27.63 49.90
C LEU I 177 3.84 -28.71 49.19
N ARG I 178 3.30 -29.58 50.03
CA ARG I 178 2.49 -30.69 49.62
C ARG I 178 1.21 -30.53 50.33
N ALA I 179 0.15 -31.12 49.79
CA ALA I 179 -1.06 -31.00 50.55
C ALA I 179 -0.97 -31.88 51.78
N GLY I 180 -1.64 -31.36 52.80
CA GLY I 180 -1.63 -32.02 54.05
C GLY I 180 -0.35 -31.76 54.82
N GLU I 181 0.28 -32.85 55.13
CA GLU I 181 1.40 -32.85 55.99
C GLU I 181 2.72 -32.33 55.53
N ASN I 182 3.17 -31.24 56.16
CA ASN I 182 4.46 -30.76 55.81
C ASN I 182 5.36 -30.64 56.99
N ARG I 183 6.63 -30.63 56.68
CA ARG I 183 7.59 -30.51 57.73
C ARG I 183 8.75 -29.57 57.45
N LEU I 184 8.89 -28.61 58.41
CA LEU I 184 9.98 -27.66 58.39
C LEU I 184 11.09 -28.05 59.31
N ALA I 185 12.28 -27.80 58.81
CA ALA I 185 13.46 -28.01 59.58
C ALA I 185 14.38 -26.82 59.45
N VAL I 186 14.48 -26.14 60.59
CA VAL I 186 15.26 -24.96 60.73
C VAL I 186 16.47 -25.15 61.57
N MET I 187 17.59 -24.92 60.97
CA MET I 187 18.77 -25.03 61.76
C MET I 187 19.26 -23.62 62.08
N VAL I 188 19.31 -23.31 63.35
CA VAL I 188 19.68 -22.00 63.85
C VAL I 188 21.05 -21.91 64.50
N LEU I 189 21.87 -20.89 64.19
CA LEU I 189 23.19 -20.81 64.82
C LEU I 189 23.45 -19.65 65.76
N ARG I 190 24.18 -19.96 66.81
CA ARG I 190 24.48 -18.93 67.77
C ARG I 190 25.30 -17.85 67.14
N TRP I 191 26.47 -18.25 66.67
CA TRP I 191 27.39 -17.35 66.05
C TRP I 191 27.35 -17.38 64.54
N SER I 192 27.59 -16.22 63.94
CA SER I 192 27.63 -16.06 62.50
C SER I 192 28.47 -14.85 62.20
N ASP I 193 28.74 -14.57 60.93
CA ASP I 193 29.52 -13.37 60.67
C ASP I 193 28.67 -12.15 61.16
N GLY I 194 27.31 -12.31 61.14
CA GLY I 194 26.35 -11.30 61.61
C GLY I 194 26.60 -10.87 63.04
N SER I 195 27.16 -11.79 63.75
CA SER I 195 27.49 -11.59 65.12
C SER I 195 28.44 -10.43 65.27
N TYR I 196 29.36 -10.30 64.35
CA TYR I 196 30.26 -9.19 64.48
C TYR I 196 29.53 -7.84 64.45
N LEU I 197 28.32 -7.81 63.91
CA LEU I 197 27.56 -6.59 63.85
C LEU I 197 26.53 -6.51 64.91
N GLU I 198 26.66 -7.40 65.87
CA GLU I 198 25.65 -7.38 66.89
C GLU I 198 26.23 -7.32 68.31
N ASP I 199 27.19 -6.41 68.54
CA ASP I 199 27.83 -6.35 69.84
C ASP I 199 27.16 -5.49 70.91
N GLN I 200 25.81 -5.45 70.88
CA GLN I 200 25.07 -4.66 71.86
C GLN I 200 25.29 -5.12 73.30
N ASP I 201 25.36 -4.14 74.22
CA ASP I 201 25.51 -4.39 75.66
C ASP I 201 24.23 -4.97 76.22
N MET I 202 24.09 -6.28 76.08
CA MET I 202 22.89 -6.99 76.52
C MET I 202 23.23 -8.45 76.69
N TRP I 203 22.21 -9.21 77.09
CA TRP I 203 22.39 -10.62 77.24
C TRP I 203 22.47 -11.20 75.86
N ARG I 204 23.40 -12.12 75.69
CA ARG I 204 23.58 -12.77 74.42
C ARG I 204 22.83 -14.09 74.42
N MET I 205 21.74 -14.12 73.68
CA MET I 205 20.90 -15.26 73.60
C MET I 205 20.77 -15.84 72.19
N SER I 206 19.75 -16.68 71.94
CA SER I 206 19.54 -17.29 70.59
C SER I 206 18.27 -18.05 70.43
N GLY I 207 17.94 -18.23 69.15
CA GLY I 207 16.75 -18.97 68.77
C GLY I 207 15.75 -18.23 67.92
N ILE I 208 14.55 -18.77 67.94
CA ILE I 208 13.42 -18.24 67.19
C ILE I 208 12.58 -17.54 68.16
N PHE I 209 12.97 -16.28 68.32
CA PHE I 209 12.40 -15.46 69.34
C PHE I 209 11.31 -14.54 68.93
N ARG I 210 10.99 -14.54 67.65
CA ARG I 210 9.86 -13.75 67.22
C ARG I 210 8.98 -14.69 66.41
N ASP I 211 7.78 -14.23 66.18
CA ASP I 211 6.76 -14.96 65.45
C ASP I 211 7.16 -15.62 64.15
N VAL I 212 6.43 -16.72 63.89
CA VAL I 212 6.50 -17.52 62.68
C VAL I 212 5.16 -17.59 62.03
N SER I 213 5.15 -17.32 60.72
CA SER I 213 3.88 -17.25 60.07
C SER I 213 3.87 -17.61 58.60
N LEU I 214 2.62 -17.73 58.13
CA LEU I 214 2.38 -18.07 56.76
C LEU I 214 1.47 -17.13 56.11
N LEU I 215 1.95 -16.84 54.92
CA LEU I 215 1.20 -15.95 54.14
C LEU I 215 0.93 -16.39 52.74
N HIS I 216 -0.39 -16.34 52.50
CA HIS I 216 -0.98 -16.68 51.26
C HIS I 216 -1.36 -15.45 50.52
N LYS I 217 -0.73 -15.31 49.36
CA LYS I 217 -0.97 -14.19 48.52
C LYS I 217 -1.26 -14.60 47.10
N PRO I 218 -2.06 -13.76 46.41
CA PRO I 218 -2.39 -13.97 45.01
C PRO I 218 -1.13 -13.93 44.20
N THR I 219 -1.18 -14.42 42.98
CA THR I 219 0.02 -14.45 42.16
C THR I 219 0.32 -13.07 41.65
N THR I 220 -0.78 -12.39 41.46
CA THR I 220 -0.72 -11.05 41.03
C THR I 220 -1.13 -10.24 42.25
N GLN I 221 -0.14 -9.62 42.87
CA GLN I 221 -0.40 -8.93 44.10
C GLN I 221 0.30 -7.60 44.27
N ILE I 222 -0.07 -6.98 45.39
CA ILE I 222 0.52 -5.76 45.86
C ILE I 222 1.86 -6.11 46.48
N SER I 223 2.94 -5.64 45.91
CA SER I 223 4.26 -6.00 46.42
C SER I 223 4.83 -5.01 47.43
N ASP I 224 4.28 -3.79 47.41
CA ASP I 224 4.80 -2.75 48.26
C ASP I 224 4.04 -1.47 48.11
N PHE I 225 4.08 -0.69 49.18
CA PHE I 225 3.46 0.60 49.12
C PHE I 225 4.00 1.59 50.13
N HIS I 226 3.96 2.85 49.75
CA HIS I 226 4.42 3.89 50.64
C HIS I 226 3.45 4.99 50.68
N VAL I 227 3.45 5.54 51.85
CA VAL I 227 2.62 6.67 52.12
C VAL I 227 3.45 7.87 52.50
N ALA I 228 2.90 9.06 52.16
CA ALA I 228 3.50 10.36 52.44
C ALA I 228 2.51 11.52 52.57
N THR I 229 2.80 12.42 53.51
CA THR I 229 1.94 13.58 53.73
C THR I 229 2.63 14.89 53.51
N ARG I 230 2.01 15.74 52.75
CA ARG I 230 2.54 17.05 52.48
C ARG I 230 1.54 18.10 52.95
N PHE I 231 2.02 19.27 53.43
CA PHE I 231 1.06 20.28 53.88
C PHE I 231 1.29 21.67 53.36
N ASN I 232 0.27 22.52 53.54
CA ASN I 232 0.46 23.92 53.26
C ASN I 232 1.19 24.49 54.47
N ASP I 233 1.50 25.76 54.33
CA ASP I 233 2.23 26.45 55.34
C ASP I 233 1.56 26.39 56.70
N ASP I 234 0.27 26.18 56.74
CA ASP I 234 -0.41 26.21 58.01
C ASP I 234 -1.12 24.95 58.37
N PHE I 235 -0.81 23.88 57.64
CA PHE I 235 -1.42 22.61 57.95
C PHE I 235 -2.93 22.63 57.83
N SER I 236 -3.42 23.60 57.10
CA SER I 236 -4.84 23.70 56.90
C SER I 236 -5.26 22.71 55.82
N ARG I 237 -4.25 22.20 55.15
CA ARG I 237 -4.53 21.31 54.08
C ARG I 237 -3.36 20.41 53.76
N ALA I 238 -3.71 19.15 53.45
CA ALA I 238 -2.73 18.16 53.16
C ALA I 238 -2.94 17.32 51.93
N VAL I 239 -1.85 16.69 51.57
CA VAL I 239 -1.88 15.76 50.50
C VAL I 239 -1.36 14.44 50.91
N LEU I 240 -2.20 13.46 50.71
CA LEU I 240 -1.74 12.16 50.97
C LEU I 240 -1.30 11.55 49.66
N GLU I 241 -0.09 11.06 49.62
CA GLU I 241 0.38 10.50 48.43
C GLU I 241 0.87 9.10 48.65
N ALA I 242 0.26 8.19 47.88
CA ALA I 242 0.59 6.78 47.99
C ALA I 242 1.12 6.17 46.74
N GLU I 243 2.17 5.40 46.96
CA GLU I 243 2.80 4.76 45.86
C GLU I 243 2.71 3.30 46.05
N VAL I 244 2.17 2.71 45.03
CA VAL I 244 1.95 1.30 45.05
C VAL I 244 2.62 0.54 43.97
N GLN I 245 3.16 -0.57 44.39
CA GLN I 245 3.80 -1.44 43.45
C GLN I 245 3.20 -2.81 43.51
N MET I 246 3.16 -3.40 42.31
CA MET I 246 2.63 -4.72 42.13
C MET I 246 3.63 -5.70 41.59
N CYS I 247 3.32 -6.96 41.88
CA CYS I 247 4.06 -8.10 41.38
C CYS I 247 3.08 -8.94 40.61
N GLY I 248 3.57 -9.68 39.64
CA GLY I 248 2.68 -10.54 38.89
C GLY I 248 2.48 -10.18 37.44
N GLU I 249 1.43 -10.75 36.79
CA GLU I 249 1.40 -10.18 35.45
C GLU I 249 0.28 -9.25 35.23
N LEU I 250 0.87 -8.24 34.64
CA LEU I 250 0.27 -7.01 34.32
C LEU I 250 -0.76 -7.10 33.23
N ARG I 251 -1.89 -6.48 33.51
CA ARG I 251 -3.01 -6.44 32.60
C ARG I 251 -3.77 -5.15 32.74
N ASP I 252 -4.06 -4.58 31.61
CA ASP I 252 -4.77 -3.32 31.51
C ASP I 252 -6.10 -3.22 32.28
N TYR I 253 -6.61 -4.31 32.82
CA TYR I 253 -7.88 -4.12 33.51
C TYR I 253 -7.69 -3.93 34.98
N LEU I 254 -6.42 -3.92 35.34
CA LEU I 254 -6.03 -3.73 36.71
C LEU I 254 -6.18 -2.32 37.13
N ARG I 255 -6.61 -2.26 38.38
CA ARG I 255 -6.82 -1.00 39.02
C ARG I 255 -6.39 -0.98 40.46
N VAL I 256 -6.28 0.25 40.95
CA VAL I 256 -5.90 0.43 42.31
C VAL I 256 -6.69 1.47 42.97
N THR I 257 -7.13 1.12 44.14
CA THR I 257 -7.89 2.07 44.87
C THR I 257 -7.37 2.30 46.25
N VAL I 258 -7.37 3.57 46.57
CA VAL I 258 -6.90 3.99 47.83
C VAL I 258 -7.88 4.90 48.43
N SER I 259 -8.26 4.50 49.63
CA SER I 259 -9.25 5.18 50.37
C SER I 259 -8.80 5.47 51.79
N LEU I 260 -9.26 6.63 52.17
CA LEU I 260 -8.95 7.12 53.45
C LEU I 260 -10.16 7.23 54.29
N TRP I 261 -9.97 6.68 55.46
CA TRP I 261 -10.99 6.63 56.43
C TRP I 261 -10.67 7.23 57.76
N GLN I 262 -11.70 7.84 58.25
CA GLN I 262 -11.71 8.44 59.55
C GLN I 262 -12.77 7.72 60.35
N GLY I 263 -12.35 6.59 60.82
CA GLY I 263 -13.28 5.78 61.51
C GLY I 263 -14.28 5.22 60.52
N GLU I 264 -15.50 5.70 60.68
CA GLU I 264 -16.57 5.23 59.86
C GLU I 264 -16.66 5.99 58.58
N THR I 265 -16.04 7.11 58.62
CA THR I 265 -16.11 7.96 57.50
C THR I 265 -15.05 7.81 56.45
N GLN I 266 -15.54 7.80 55.24
CA GLN I 266 -14.62 7.74 54.18
C GLN I 266 -14.33 9.15 53.83
N VAL I 267 -13.07 9.45 53.94
CA VAL I 267 -12.58 10.77 53.79
C VAL I 267 -12.14 11.12 52.41
N ALA I 268 -11.56 10.12 51.76
CA ALA I 268 -11.10 10.31 50.42
C ALA I 268 -10.77 9.01 49.79
N SER I 269 -10.91 9.04 48.48
CA SER I 269 -10.61 7.89 47.69
C SER I 269 -10.09 8.28 46.36
N GLY I 270 -9.40 7.33 45.76
CA GLY I 270 -8.82 7.50 44.45
C GLY I 270 -8.56 6.18 43.80
N THR I 271 -8.79 6.18 42.50
CA THR I 271 -8.58 4.97 41.76
C THR I 271 -7.79 5.18 40.50
N ALA I 272 -7.00 4.17 40.17
CA ALA I 272 -6.21 4.26 38.97
C ALA I 272 -5.62 2.94 38.57
N PRO I 273 -5.11 3.01 37.38
CA PRO I 273 -4.48 1.92 36.70
C PRO I 273 -2.99 2.11 36.80
N PHE I 274 -2.29 1.00 36.73
CA PHE I 274 -0.85 1.04 36.82
C PHE I 274 -0.19 1.85 35.75
N GLY I 275 1.04 2.23 36.04
CA GLY I 275 1.81 3.00 35.11
C GLY I 275 2.03 4.39 35.65
N GLY I 276 3.33 4.67 35.83
CA GLY I 276 3.84 5.93 36.34
C GLY I 276 4.22 6.96 35.27
N GLU I 277 4.71 8.08 35.79
CA GLU I 277 5.14 9.20 35.00
C GLU I 277 6.54 8.90 34.55
N ILE I 278 6.92 9.59 33.49
CA ILE I 278 8.23 9.36 33.00
C ILE I 278 9.23 9.73 34.03
N ILE I 279 10.20 8.88 34.15
CA ILE I 279 11.20 9.16 35.11
C ILE I 279 12.50 9.42 34.41
N ASP I 280 12.70 8.75 33.29
CA ASP I 280 13.96 8.98 32.63
C ASP I 280 13.84 8.70 31.18
N GLU I 281 14.99 8.62 30.54
CA GLU I 281 15.00 8.40 29.12
C GLU I 281 14.28 7.14 28.64
N ARG I 282 14.23 6.12 29.51
CA ARG I 282 13.57 4.88 29.20
C ARG I 282 12.10 4.83 29.53
N GLY I 283 11.60 5.82 30.24
CA GLY I 283 10.19 5.85 30.57
C GLY I 283 9.95 5.86 32.06
N GLY I 284 8.86 5.19 32.46
CA GLY I 284 8.47 5.06 33.86
C GLY I 284 8.32 3.61 34.33
N TYR I 285 7.62 3.49 35.47
CA TYR I 285 7.32 2.21 36.08
C TYR I 285 5.94 1.81 35.64
N ALA I 286 5.92 0.75 34.88
CA ALA I 286 4.66 0.27 34.37
C ALA I 286 3.81 -0.37 35.45
N ASP I 287 4.54 -0.93 36.38
CA ASP I 287 4.01 -1.67 37.48
C ASP I 287 3.96 -0.90 38.75
N ARG I 288 3.80 0.40 38.64
CA ARG I 288 3.63 1.14 39.87
C ARG I 288 2.63 2.17 39.55
N VAL I 289 2.11 2.74 40.59
CA VAL I 289 1.19 3.82 40.43
C VAL I 289 1.18 4.66 41.70
N THR I 290 1.03 5.96 41.53
CA THR I 290 1.01 6.84 42.67
C THR I 290 -0.25 7.63 42.76
N LEU I 291 -0.94 7.60 43.90
CA LEU I 291 -2.14 8.40 44.00
C LEU I 291 -1.94 9.52 44.96
N ARG I 292 -2.66 10.57 44.71
CA ARG I 292 -2.59 11.73 45.55
C ARG I 292 -3.95 12.14 46.03
N LEU I 293 -4.16 12.07 47.34
CA LEU I 293 -5.43 12.44 47.93
C LEU I 293 -5.33 13.73 48.67
N ASN I 294 -6.31 14.56 48.43
CA ASN I 294 -6.34 15.83 49.12
C ASN I 294 -7.13 15.73 50.37
N VAL I 295 -6.65 16.39 51.41
CA VAL I 295 -7.35 16.40 52.66
C VAL I 295 -7.44 17.75 53.30
N GLU I 296 -8.66 18.19 53.51
CA GLU I 296 -8.82 19.47 54.13
C GLU I 296 -8.82 19.35 55.62
N ASN I 297 -8.25 20.34 56.27
CA ASN I 297 -8.20 20.35 57.72
C ASN I 297 -7.99 18.98 58.31
N PRO I 298 -6.89 18.37 57.95
CA PRO I 298 -6.59 17.08 58.48
C PRO I 298 -6.35 17.23 59.97
N LYS I 299 -6.49 16.10 60.63
CA LYS I 299 -6.25 16.00 62.05
C LYS I 299 -4.87 15.43 62.23
N LEU I 300 -4.09 16.20 62.95
CA LEU I 300 -2.73 15.81 63.11
C LEU I 300 -2.34 14.82 64.14
N TRP I 301 -1.36 14.07 63.75
CA TRP I 301 -0.87 13.12 64.68
C TRP I 301 0.26 13.71 65.51
N SER I 302 0.30 13.39 66.80
CA SER I 302 1.33 13.87 67.74
C SER I 302 1.38 12.90 68.86
N ALA I 303 2.45 12.99 69.63
CA ALA I 303 2.49 12.11 70.77
C ALA I 303 1.46 12.68 71.73
N GLU I 304 1.17 13.97 71.62
CA GLU I 304 0.15 14.59 72.46
C GLU I 304 -1.24 14.06 72.06
N ILE I 305 -1.49 13.87 70.76
CA ILE I 305 -2.78 13.40 70.29
C ILE I 305 -2.63 12.64 69.02
N PRO I 306 -2.55 11.38 69.20
CA PRO I 306 -2.31 10.46 68.14
C PRO I 306 -3.48 10.29 67.21
N ASN I 307 -3.83 11.34 66.52
CA ASN I 307 -4.91 11.22 65.59
C ASN I 307 -4.49 10.33 64.48
N LEU I 308 -5.29 9.28 64.25
CA LEU I 308 -5.04 8.35 63.15
C LEU I 308 -6.11 8.25 62.07
N TYR I 309 -5.65 7.80 60.91
CA TYR I 309 -6.55 7.57 59.81
C TYR I 309 -6.25 6.19 59.29
N ARG I 310 -7.22 5.63 58.59
CA ARG I 310 -6.99 4.33 58.02
C ARG I 310 -6.98 4.37 56.53
N ALA I 311 -5.96 3.69 56.04
CA ALA I 311 -5.80 3.68 54.62
C ALA I 311 -5.90 2.31 54.03
N VAL I 312 -6.72 2.27 52.96
CA VAL I 312 -6.93 1.06 52.23
C VAL I 312 -6.53 1.04 50.79
N VAL I 313 -5.76 0.01 50.58
CA VAL I 313 -5.21 -0.26 49.29
C VAL I 313 -5.79 -1.51 48.71
N GLU I 314 -6.59 -1.29 47.69
CA GLU I 314 -7.22 -2.38 47.00
C GLU I 314 -6.79 -2.47 45.57
N LEU I 315 -6.35 -3.68 45.31
CA LEU I 315 -5.91 -4.14 44.03
C LEU I 315 -7.08 -4.89 43.41
N HIS I 316 -7.63 -4.33 42.37
CA HIS I 316 -8.76 -4.95 41.78
C HIS I 316 -8.82 -4.80 40.27
N THR I 317 -9.82 -5.41 39.68
CA THR I 317 -10.00 -5.32 38.26
C THR I 317 -10.97 -4.22 38.00
N ALA I 318 -10.96 -3.81 36.75
CA ALA I 318 -11.79 -2.73 36.34
C ALA I 318 -13.27 -2.99 36.56
N ASP I 319 -13.66 -4.27 36.50
CA ASP I 319 -15.05 -4.63 36.68
C ASP I 319 -15.49 -4.46 38.11
N GLY I 320 -14.53 -4.54 39.01
CA GLY I 320 -14.86 -4.35 40.41
C GLY I 320 -14.42 -5.50 41.28
N THR I 321 -14.05 -6.55 40.63
CA THR I 321 -13.60 -7.69 41.35
C THR I 321 -12.30 -7.44 42.09
N LEU I 322 -12.33 -7.62 43.40
CA LEU I 322 -11.15 -7.38 44.19
C LEU I 322 -10.15 -8.51 44.18
N ILE I 323 -8.88 -8.20 43.97
CA ILE I 323 -7.87 -9.24 44.00
C ILE I 323 -7.35 -9.43 45.42
N GLU I 324 -7.11 -8.31 46.08
CA GLU I 324 -6.65 -8.27 47.47
C GLU I 324 -6.55 -6.87 47.98
N ALA I 325 -6.33 -6.84 49.28
CA ALA I 325 -6.19 -5.59 50.01
C ALA I 325 -5.13 -5.59 51.10
N GLU I 326 -4.62 -4.38 51.29
CA GLU I 326 -3.67 -4.12 52.34
C GLU I 326 -4.08 -2.80 52.89
N ALA I 327 -3.65 -2.61 54.13
CA ALA I 327 -3.99 -1.37 54.78
C ALA I 327 -2.97 -0.96 55.81
N CYS I 328 -3.19 0.26 56.32
CA CYS I 328 -2.35 0.81 57.35
C CYS I 328 -2.96 2.01 58.02
N ASP I 329 -2.42 2.27 59.21
CA ASP I 329 -2.86 3.45 59.91
C ASP I 329 -2.05 4.62 59.43
N VAL I 330 -2.68 5.76 59.37
CA VAL I 330 -1.95 6.88 58.87
C VAL I 330 -1.98 8.08 59.79
N GLY I 331 -0.83 8.74 59.90
CA GLY I 331 -0.73 9.92 60.72
C GLY I 331 -0.25 11.12 59.94
N PHE I 332 -1.00 12.17 60.07
CA PHE I 332 -0.61 13.38 59.41
C PHE I 332 0.29 14.19 60.31
N ARG I 333 1.56 14.25 59.92
CA ARG I 333 2.54 14.98 60.66
C ARG I 333 3.76 15.21 59.81
N GLU I 334 4.39 16.33 60.11
CA GLU I 334 5.59 16.77 59.43
C GLU I 334 6.75 16.93 60.38
N VAL I 335 7.82 16.28 60.06
CA VAL I 335 8.98 16.37 60.91
C VAL I 335 10.03 17.09 60.15
N ARG I 336 10.57 18.15 60.70
CA ARG I 336 11.62 18.80 59.98
C ARG I 336 12.55 19.60 60.84
N ILE I 337 13.72 19.74 60.29
CA ILE I 337 14.71 20.52 60.96
C ILE I 337 14.87 21.83 60.25
N GLU I 338 14.60 22.85 61.00
CA GLU I 338 14.73 24.10 60.37
C GLU I 338 15.44 25.10 61.20
N ASN I 339 16.46 25.67 60.61
CA ASN I 339 17.18 26.68 61.33
C ASN I 339 17.66 26.23 62.70
N GLY I 340 18.30 25.07 62.74
CA GLY I 340 18.84 24.55 63.97
C GLY I 340 17.81 23.86 64.82
N LEU I 341 16.55 23.89 64.38
CA LEU I 341 15.60 23.22 65.24
C LEU I 341 14.80 22.13 64.63
N LEU I 342 14.51 21.20 65.50
CA LEU I 342 13.72 20.08 65.13
C LEU I 342 12.26 20.37 65.40
N LEU I 343 11.50 20.33 64.33
CA LEU I 343 10.11 20.63 64.45
C LEU I 343 9.22 19.53 64.08
N LEU I 344 8.11 19.63 64.73
CA LEU I 344 7.08 18.73 64.48
C LEU I 344 5.82 19.51 64.27
N ASN I 345 5.26 19.32 63.09
CA ASN I 345 4.07 20.05 62.74
C ASN I 345 4.27 21.50 63.05
N GLY I 346 5.46 21.93 62.73
CA GLY I 346 5.77 23.33 62.89
C GLY I 346 6.29 23.74 64.24
N LYS I 347 6.17 22.89 65.22
CA LYS I 347 6.67 23.29 66.49
C LYS I 347 7.86 22.45 66.88
N PRO I 348 8.67 23.12 67.64
CA PRO I 348 9.93 22.65 68.15
C PRO I 348 9.67 21.72 69.28
N LEU I 349 10.24 20.53 69.15
CA LEU I 349 10.02 19.56 70.16
C LEU I 349 10.94 19.63 71.33
N LEU I 350 10.48 18.94 72.34
CA LEU I 350 11.22 18.75 73.55
C LEU I 350 11.04 17.30 73.96
N ILE I 351 12.07 16.55 73.67
CA ILE I 351 12.06 15.13 73.86
C ILE I 351 12.29 14.69 75.25
N ARG I 352 11.26 14.07 75.79
CA ARG I 352 11.31 13.45 77.10
C ARG I 352 11.45 11.95 76.82
N GLY I 353 12.67 11.57 76.44
CA GLY I 353 12.92 10.22 76.00
C GLY I 353 13.63 9.26 76.89
N VAL I 354 13.50 8.03 76.45
CA VAL I 354 14.15 6.93 77.13
C VAL I 354 14.50 5.87 76.12
N ASN I 355 15.61 5.24 76.40
CA ASN I 355 16.05 4.12 75.57
C ASN I 355 15.44 2.88 76.17
N ARG I 356 15.04 1.96 75.32
CA ARG I 356 14.45 0.72 75.78
C ARG I 356 14.79 -0.53 75.01
N HIS I 357 15.21 -1.54 75.74
CA HIS I 357 15.46 -2.83 75.12
C HIS I 357 14.24 -3.77 75.17
N GLU I 358 14.26 -4.76 74.30
CA GLU I 358 13.21 -5.79 74.28
C GLU I 358 13.70 -6.90 75.23
N HIS I 359 13.22 -6.81 76.49
CA HIS I 359 13.65 -7.68 77.61
C HIS I 359 12.60 -8.02 78.63
N HIS I 360 12.57 -9.33 78.90
CA HIS I 360 11.67 -10.00 79.79
C HIS I 360 12.44 -10.92 80.71
N PRO I 361 12.27 -10.66 82.00
CA PRO I 361 12.92 -11.36 83.11
C PRO I 361 12.77 -12.87 83.00
N LEU I 362 11.60 -13.25 82.49
CA LEU I 362 11.21 -14.63 82.26
C LEU I 362 11.40 -15.15 80.85
N HIS I 363 10.91 -14.42 79.87
CA HIS I 363 11.05 -14.84 78.50
C HIS I 363 12.32 -14.49 77.81
N GLY I 364 13.24 -13.79 78.46
CA GLY I 364 14.48 -13.38 77.80
C GLY I 364 14.17 -12.28 76.76
N GLN I 365 14.55 -12.51 75.51
CA GLN I 365 14.27 -11.52 74.49
C GLN I 365 12.95 -11.65 73.77
N VAL I 366 12.06 -12.41 74.32
CA VAL I 366 10.78 -12.56 73.66
C VAL I 366 9.71 -11.58 74.13
N MET I 367 9.16 -10.87 73.18
CA MET I 367 8.15 -9.85 73.47
C MET I 367 6.70 -10.24 73.28
N ASP I 368 5.80 -9.50 73.94
CA ASP I 368 4.37 -9.70 73.83
C ASP I 368 3.56 -8.47 74.13
N GLU I 369 2.42 -8.48 73.50
CA GLU I 369 1.51 -7.37 73.61
C GLU I 369 1.39 -6.83 75.00
N GLN I 370 1.07 -7.75 75.85
CA GLN I 370 0.84 -7.37 77.18
C GLN I 370 1.91 -6.51 77.83
N THR I 371 3.14 -6.98 77.70
CA THR I 371 4.27 -6.27 78.23
C THR I 371 4.45 -4.88 77.57
N MET I 372 4.50 -4.96 76.25
CA MET I 372 4.65 -3.78 75.47
C MET I 372 3.74 -2.69 76.00
N VAL I 373 2.50 -3.04 76.11
CA VAL I 373 1.56 -2.07 76.59
C VAL I 373 1.88 -1.54 77.97
N GLN I 374 2.29 -2.48 78.77
CA GLN I 374 2.63 -2.07 80.09
C GLN I 374 3.66 -0.95 80.08
N ASP I 375 4.71 -1.23 79.35
CA ASP I 375 5.77 -0.25 79.23
C ASP I 375 5.25 1.09 78.78
N ILE I 376 4.49 1.01 77.74
CA ILE I 376 3.96 2.21 77.23
C ILE I 376 3.19 3.00 78.25
N LEU I 377 2.33 2.29 78.91
CA LEU I 377 1.50 2.97 79.87
C LEU I 377 2.30 3.69 80.90
N LEU I 378 3.24 2.97 81.42
CA LEU I 378 4.13 3.54 82.38
C LEU I 378 4.83 4.76 81.89
N MET I 379 5.45 4.61 80.73
CA MET I 379 6.15 5.73 80.19
C MET I 379 5.30 6.94 80.13
N LYS I 380 4.17 6.73 79.48
CA LYS I 380 3.24 7.80 79.32
C LYS I 380 2.86 8.38 80.66
N GLN I 381 2.68 7.52 81.59
CA GLN I 381 2.31 8.02 82.89
C GLN I 381 3.40 8.77 83.61
N ASN I 382 4.64 8.53 83.20
CA ASN I 382 5.74 9.23 83.80
C ASN I 382 6.28 10.38 83.01
N ASN I 383 5.49 10.84 82.09
CA ASN I 383 5.87 12.00 81.34
C ASN I 383 6.88 11.81 80.29
N PHE I 384 7.01 10.57 79.85
CA PHE I 384 7.89 10.36 78.72
C PHE I 384 7.15 10.55 77.38
N ASN I 385 7.83 10.96 76.30
CA ASN I 385 7.07 11.12 75.06
C ASN I 385 7.76 10.47 73.90
N ALA I 386 8.90 9.89 74.20
CA ALA I 386 9.63 9.29 73.11
C ALA I 386 10.48 8.18 73.59
N VAL I 387 10.76 7.32 72.64
CA VAL I 387 11.60 6.20 72.92
C VAL I 387 12.49 5.86 71.75
N ARG I 388 13.67 5.38 72.12
CA ARG I 388 14.65 4.96 71.18
C ARG I 388 14.79 3.45 71.25
N CYS I 389 14.70 2.80 70.10
CA CYS I 389 14.86 1.35 69.99
C CYS I 389 16.30 0.90 70.10
N SER I 390 16.87 1.05 71.29
CA SER I 390 18.26 0.62 71.44
C SER I 390 18.31 -0.90 71.39
N HIS I 391 18.96 -1.47 70.39
CA HIS I 391 19.64 -0.83 69.29
C HIS I 391 19.40 -1.73 68.08
N TYR I 392 18.16 -1.85 67.68
CA TYR I 392 17.77 -2.71 66.58
C TYR I 392 16.30 -2.53 66.45
N PRO I 393 15.83 -2.94 65.32
CA PRO I 393 14.44 -2.82 65.02
C PRO I 393 13.69 -3.69 65.97
N ASN I 394 12.57 -3.19 66.34
CA ASN I 394 11.82 -3.92 67.30
C ASN I 394 10.76 -4.79 66.69
N HIS I 395 10.20 -5.58 67.53
CA HIS I 395 9.06 -6.32 67.17
C HIS I 395 7.99 -5.30 66.69
N PRO I 396 7.49 -5.65 65.59
CA PRO I 396 6.54 -4.93 64.76
C PRO I 396 5.36 -4.35 65.45
N LEU I 397 4.86 -5.08 66.38
CA LEU I 397 3.69 -4.58 67.00
C LEU I 397 3.91 -3.25 67.74
N TRP I 398 5.13 -3.20 68.22
CA TRP I 398 5.56 -2.06 68.97
C TRP I 398 5.17 -0.76 68.31
N TYR I 399 5.56 -0.69 67.03
CA TYR I 399 5.32 0.49 66.26
C TYR I 399 3.87 0.87 66.18
N THR I 400 3.09 -0.16 66.09
CA THR I 400 1.70 0.11 66.00
C THR I 400 1.16 0.72 67.26
N LEU I 401 1.60 0.10 68.34
CA LEU I 401 1.20 0.57 69.62
C LEU I 401 1.57 2.00 69.80
N CYS I 402 2.83 2.28 69.44
CA CYS I 402 3.25 3.65 69.59
C CYS I 402 2.43 4.55 68.74
N ASP I 403 2.10 4.03 67.56
CA ASP I 403 1.33 4.83 66.66
C ASP I 403 0.02 5.19 67.30
N ARG I 404 -0.53 4.19 67.96
CA ARG I 404 -1.84 4.35 68.55
C ARG I 404 -1.89 5.08 69.85
N TYR I 405 -0.92 4.77 70.70
CA TYR I 405 -0.87 5.41 72.00
C TYR I 405 -0.29 6.80 72.00
N GLY I 406 0.63 7.04 71.08
CA GLY I 406 1.25 8.34 70.94
C GLY I 406 2.63 8.44 71.58
N LEU I 407 3.67 7.99 70.89
CA LEU I 407 5.02 8.13 71.42
C LEU I 407 5.97 8.37 70.26
N TYR I 408 6.87 9.33 70.37
CA TYR I 408 7.80 9.49 69.27
C TYR I 408 8.81 8.38 69.31
N VAL I 409 9.15 7.87 68.14
CA VAL I 409 10.13 6.80 68.09
C VAL I 409 11.29 7.02 67.14
N VAL I 410 12.42 6.52 67.64
CA VAL I 410 13.63 6.51 66.88
C VAL I 410 13.90 5.05 66.49
N ASP I 411 13.81 4.75 65.20
CA ASP I 411 14.07 3.43 64.71
C ASP I 411 15.55 3.24 64.44
N GLU I 412 16.11 2.17 64.95
CA GLU I 412 17.53 2.03 64.81
C GLU I 412 18.00 0.76 64.17
N ALA I 413 18.94 0.92 63.26
CA ALA I 413 19.45 -0.26 62.61
C ALA I 413 20.23 -1.15 63.56
N ASN I 414 20.13 -2.45 63.28
CA ASN I 414 20.80 -3.43 64.06
C ASN I 414 22.31 -3.51 63.80
N ILE I 415 23.08 -2.52 64.23
CA ILE I 415 24.52 -2.61 64.02
C ILE I 415 25.31 -2.04 65.16
N GLU I 416 26.12 -2.86 65.85
CA GLU I 416 26.99 -2.42 66.94
C GLU I 416 28.24 -3.24 66.80
N THR I 417 29.39 -2.59 66.72
CA THR I 417 30.67 -3.28 66.58
C THR I 417 31.58 -2.76 67.64
N HIS I 418 30.92 -2.46 68.70
CA HIS I 418 31.56 -1.89 69.83
C HIS I 418 32.92 -2.52 70.21
N GLY I 419 33.06 -3.84 70.13
CA GLY I 419 34.28 -4.52 70.55
C GLY I 419 35.43 -4.42 69.57
N MET I 420 35.16 -3.93 68.38
CA MET I 420 36.24 -3.83 67.43
C MET I 420 37.31 -2.87 67.87
N VAL I 421 38.41 -2.88 67.16
CA VAL I 421 39.47 -1.95 67.51
C VAL I 421 40.35 -1.51 66.34
N PRO I 422 40.32 -0.22 66.04
CA PRO I 422 39.46 0.72 66.68
C PRO I 422 38.01 0.41 66.33
N MET I 423 37.13 1.03 67.06
CA MET I 423 35.73 0.79 66.88
C MET I 423 35.25 0.76 65.44
N ASN I 424 35.87 1.47 64.53
CA ASN I 424 35.31 1.45 63.17
C ASN I 424 35.99 0.53 62.15
N ARG I 425 36.75 -0.42 62.70
CA ARG I 425 37.47 -1.39 61.91
C ARG I 425 36.63 -1.93 60.75
N LEU I 426 35.40 -2.32 61.05
CA LEU I 426 34.53 -2.82 60.00
C LEU I 426 33.78 -1.77 59.22
N THR I 427 33.25 -0.76 59.93
CA THR I 427 32.44 0.30 59.34
C THR I 427 33.12 1.11 58.30
N ASP I 428 34.42 1.05 58.40
CA ASP I 428 35.17 1.73 57.41
C ASP I 428 35.63 0.78 56.30
N ASP I 429 35.06 -0.42 56.24
CA ASP I 429 35.47 -1.36 55.26
C ASP I 429 34.35 -1.80 54.34
N PRO I 430 34.66 -1.50 53.11
CA PRO I 430 33.84 -1.72 51.97
C PRO I 430 33.31 -3.12 51.99
N ARG I 431 34.21 -4.02 52.31
CA ARG I 431 33.81 -5.42 52.35
C ARG I 431 32.61 -5.64 53.24
N TRP I 432 32.40 -4.76 54.19
CA TRP I 432 31.29 -4.94 55.07
C TRP I 432 30.08 -4.11 54.75
N LEU I 433 30.32 -3.32 53.77
CA LEU I 433 29.28 -2.44 53.36
C LEU I 433 27.93 -3.07 52.98
N PRO I 434 28.01 -4.11 52.28
CA PRO I 434 26.79 -4.77 51.83
C PRO I 434 25.99 -5.30 52.99
N ALA I 435 26.73 -5.95 53.85
CA ALA I 435 26.10 -6.44 55.07
C ALA I 435 25.41 -5.30 55.80
N MET I 436 26.21 -4.26 56.05
CA MET I 436 25.65 -3.13 56.74
C MET I 436 24.43 -2.60 56.01
N SER I 437 24.63 -2.53 54.72
CA SER I 437 23.60 -1.96 53.91
C SER I 437 22.22 -2.55 54.18
N GLU I 438 22.23 -3.88 54.20
CA GLU I 438 21.03 -4.66 54.34
C GLU I 438 20.32 -4.36 55.58
N ARG I 439 21.16 -4.18 56.57
CA ARG I 439 20.66 -3.82 57.86
C ARG I 439 19.91 -2.47 57.84
N VAL I 440 20.32 -1.54 56.99
CA VAL I 440 19.56 -0.32 57.04
C VAL I 440 18.33 -0.33 56.14
N THR I 441 18.64 -0.71 54.92
CA THR I 441 17.66 -0.69 53.87
C THR I 441 16.38 -1.38 54.25
N ARG I 442 16.60 -2.55 54.79
CA ARG I 442 15.49 -3.40 55.16
C ARG I 442 14.61 -2.79 56.21
N MET I 443 15.27 -2.16 57.17
CA MET I 443 14.51 -1.52 58.22
C MET I 443 13.55 -0.48 57.65
N VAL I 444 14.18 0.31 56.84
CA VAL I 444 13.46 1.39 56.26
C VAL I 444 12.26 0.91 55.50
N GLN I 445 12.56 -0.13 54.75
CA GLN I 445 11.56 -0.72 53.91
C GLN I 445 10.38 -1.24 54.69
N ARG I 446 10.73 -1.73 55.85
CA ARG I 446 9.71 -2.25 56.65
C ARG I 446 8.89 -1.23 57.40
N ASP I 447 9.56 -0.22 57.97
CA ASP I 447 8.88 0.65 58.89
C ASP I 447 8.44 2.02 58.51
N ARG I 448 8.81 2.34 57.32
CA ARG I 448 8.57 3.67 56.90
C ARG I 448 7.16 4.19 56.90
N ASN I 449 6.18 3.33 57.01
CA ASN I 449 4.88 3.93 57.00
C ASN I 449 4.35 4.34 58.35
N HIS I 450 5.07 4.01 59.43
CA HIS I 450 4.55 4.41 60.73
C HIS I 450 4.85 5.85 61.14
N PRO I 451 3.79 6.57 61.43
CA PRO I 451 3.93 7.95 61.86
C PRO I 451 4.76 8.12 63.12
N SER I 452 4.77 7.16 64.01
CA SER I 452 5.55 7.36 65.22
C SER I 452 7.05 7.36 64.96
N VAL I 453 7.44 6.76 63.86
CA VAL I 453 8.86 6.80 63.66
C VAL I 453 9.15 8.16 63.17
N ILE I 454 10.02 8.88 63.87
CA ILE I 454 10.33 10.22 63.39
C ILE I 454 11.79 10.45 63.10
N ILE I 455 12.62 9.51 63.48
CA ILE I 455 14.01 9.62 63.20
C ILE I 455 14.58 8.27 62.94
N TRP I 456 15.48 8.23 62.01
CA TRP I 456 16.17 7.01 61.70
C TRP I 456 17.54 7.10 62.30
N SER I 457 17.98 5.96 62.79
CA SER I 457 19.29 5.85 63.37
C SER I 457 20.08 4.75 62.71
N LEU I 458 21.33 5.05 62.38
CA LEU I 458 22.20 4.10 61.71
C LEU I 458 22.75 3.03 62.61
N GLY I 459 22.42 3.02 63.88
CA GLY I 459 23.06 1.98 64.64
C GLY I 459 23.64 2.53 65.91
N ASN I 460 24.66 1.87 66.44
CA ASN I 460 25.25 2.28 67.69
C ASN I 460 26.67 1.80 67.93
N GLU I 461 27.42 2.63 68.60
CA GLU I 461 28.80 2.35 68.95
C GLU I 461 29.54 1.49 67.97
N SER I 462 29.74 2.02 66.76
CA SER I 462 30.47 1.33 65.71
C SER I 462 31.46 2.28 65.07
N GLY I 463 31.90 3.25 65.86
CA GLY I 463 32.80 4.27 65.38
C GLY I 463 32.13 5.05 64.25
N HIS I 464 32.97 5.58 63.40
CA HIS I 464 32.47 6.27 62.25
C HIS I 464 33.26 5.85 61.03
N GLY I 465 32.58 5.29 60.04
CA GLY I 465 33.24 4.87 58.84
C GLY I 465 32.47 5.27 57.62
N ALA I 466 33.18 5.18 56.53
CA ALA I 466 32.56 5.56 55.27
C ALA I 466 31.25 4.84 55.00
N ASN I 467 31.16 3.63 55.52
CA ASN I 467 29.95 2.91 55.24
C ASN I 467 28.76 3.70 55.78
N HIS I 468 29.07 4.40 56.85
CA HIS I 468 28.07 5.21 57.48
C HIS I 468 27.58 6.36 56.60
N ASP I 469 28.56 7.06 56.07
CA ASP I 469 28.22 8.17 55.23
C ASP I 469 27.36 7.74 54.07
N ALA I 470 27.82 6.66 53.51
CA ALA I 470 27.07 6.15 52.38
C ALA I 470 25.62 5.82 52.74
N LEU I 471 25.46 5.25 53.90
CA LEU I 471 24.13 4.84 54.30
C LEU I 471 23.22 5.96 54.69
N TYR I 472 23.87 6.91 55.33
CA TYR I 472 23.19 8.11 55.70
C TYR I 472 22.55 8.72 54.45
N ARG I 473 23.40 8.85 53.48
CA ARG I 473 22.96 9.42 52.24
C ARG I 473 21.80 8.68 51.61
N TRP I 474 21.95 7.38 51.59
CA TRP I 474 20.95 6.55 51.01
C TRP I 474 19.58 6.86 51.59
N ILE I 475 19.55 6.89 52.89
CA ILE I 475 18.27 7.15 53.46
C ILE I 475 17.76 8.49 53.08
N LYS I 476 18.64 9.46 53.15
CA LYS I 476 18.24 10.80 52.84
C LYS I 476 17.54 10.82 51.53
N SER I 477 18.05 9.99 50.65
CA SER I 477 17.45 10.01 49.34
C SER I 477 16.16 9.30 49.27
N VAL I 478 16.11 8.24 49.96
CA VAL I 478 14.91 7.47 49.90
C VAL I 478 13.79 8.03 50.77
N ASP I 479 14.15 8.54 51.93
CA ASP I 479 13.19 9.06 52.87
C ASP I 479 13.69 10.31 53.52
N PRO I 480 13.24 11.30 52.88
CA PRO I 480 13.55 12.65 53.19
C PRO I 480 12.65 13.18 54.27
N SER I 481 11.63 12.44 54.60
CA SER I 481 10.63 12.82 55.59
C SER I 481 11.16 12.81 57.02
N ARG I 482 12.27 12.12 57.21
CA ARG I 482 12.83 12.03 58.53
C ARG I 482 14.31 12.22 58.50
N PRO I 483 14.73 12.79 59.58
CA PRO I 483 16.11 13.07 59.83
C PRO I 483 16.77 11.81 60.27
N VAL I 484 18.08 11.83 60.09
CA VAL I 484 18.91 10.73 60.44
C VAL I 484 19.92 11.07 61.49
N GLN I 485 20.12 10.18 62.44
CA GLN I 485 21.15 10.46 63.43
C GLN I 485 22.04 9.28 63.70
N TYR I 486 23.21 9.58 64.22
CA TYR I 486 24.21 8.56 64.52
C TYR I 486 25.29 9.18 65.40
N GLU I 487 25.54 8.56 66.54
CA GLU I 487 26.48 9.11 67.50
C GLU I 487 27.95 8.77 67.29
N GLY I 488 28.19 7.61 66.71
CA GLY I 488 29.53 7.13 66.56
C GLY I 488 30.49 8.16 66.01
N GLY I 489 31.70 8.00 66.47
CA GLY I 489 32.79 8.83 66.04
C GLY I 489 32.75 10.28 66.44
N GLY I 490 32.16 10.60 67.58
CA GLY I 490 32.16 11.98 68.00
C GLY I 490 30.81 12.68 68.12
N ALA I 491 29.72 12.02 67.71
CA ALA I 491 28.35 12.55 67.82
C ALA I 491 28.04 13.76 66.96
N ASP I 492 29.01 14.17 66.15
CA ASP I 492 28.74 15.34 65.31
C ASP I 492 29.26 15.19 63.90
N THR I 493 29.41 13.95 63.45
CA THR I 493 29.94 13.72 62.13
C THR I 493 28.99 14.11 61.05
N THR I 494 29.53 13.90 59.86
CA THR I 494 28.85 14.15 58.61
C THR I 494 27.66 13.21 58.46
N ALA I 495 27.70 12.16 59.24
CA ALA I 495 26.65 11.18 59.16
C ALA I 495 25.52 11.46 60.12
N THR I 496 25.42 12.62 60.72
CA THR I 496 24.29 12.78 61.58
C THR I 496 23.65 14.10 61.39
N ASP I 497 22.36 14.13 61.48
CA ASP I 497 21.67 15.38 61.32
C ASP I 497 21.50 16.10 62.63
N ILE I 498 21.79 15.39 63.70
CA ILE I 498 21.63 15.94 65.02
C ILE I 498 22.81 15.61 65.85
N ILE I 499 23.19 16.54 66.71
CA ILE I 499 24.28 16.26 67.61
C ILE I 499 23.66 15.42 68.69
N CYS I 500 24.12 14.18 68.77
CA CYS I 500 23.50 13.23 69.68
C CYS I 500 24.50 12.48 70.51
N PRO I 501 25.15 13.17 71.34
CA PRO I 501 26.12 12.53 72.20
C PRO I 501 25.45 11.67 73.25
N MET I 502 26.33 10.91 73.89
CA MET I 502 25.94 10.09 75.00
C MET I 502 26.73 10.50 76.23
N TYR I 503 26.03 10.86 77.28
CA TYR I 503 26.69 11.21 78.52
C TYR I 503 27.49 12.50 78.61
N ALA I 504 27.21 13.44 77.71
CA ALA I 504 27.88 14.74 77.83
C ALA I 504 27.30 15.50 79.03
N ARG I 505 28.17 16.21 79.74
CA ARG I 505 27.70 16.92 80.90
C ARG I 505 27.09 18.25 80.58
N VAL I 506 26.30 18.73 81.53
CA VAL I 506 25.66 20.00 81.31
C VAL I 506 26.68 21.10 81.20
N ASP I 507 27.54 21.17 82.21
CA ASP I 507 28.52 22.23 82.12
C ASP I 507 29.94 21.77 82.03
N GLU I 508 30.23 20.50 82.20
CA GLU I 508 31.63 20.16 82.12
C GLU I 508 32.04 19.47 80.87
N ASP I 509 33.23 19.81 80.41
CA ASP I 509 33.77 19.19 79.24
C ASP I 509 34.56 17.97 79.63
N GLN I 510 34.51 16.97 78.77
CA GLN I 510 35.25 15.71 78.85
C GLN I 510 35.90 15.56 77.51
N PRO I 511 37.06 16.09 77.50
CA PRO I 511 37.89 16.23 76.36
C PRO I 511 38.75 15.05 75.99
N PHE I 512 38.11 13.97 75.71
CA PHE I 512 38.89 12.90 75.21
C PHE I 512 39.36 13.25 73.83
N PRO I 513 40.50 12.70 73.59
CA PRO I 513 41.19 12.78 72.35
C PRO I 513 40.33 12.16 71.30
N ALA I 514 40.32 12.84 70.16
CA ALA I 514 39.57 12.39 69.02
C ALA I 514 38.07 12.48 69.19
N VAL I 515 37.57 12.22 70.38
CA VAL I 515 36.14 12.20 70.53
C VAL I 515 35.78 12.72 71.89
N PRO I 516 36.10 13.97 72.04
CA PRO I 516 35.81 14.68 73.27
C PRO I 516 34.32 14.85 73.36
N LYS I 517 33.88 15.05 74.58
CA LYS I 517 32.49 15.32 74.91
C LYS I 517 32.42 16.68 75.61
N TRP I 518 32.04 17.68 74.86
CA TRP I 518 31.94 19.00 75.41
C TRP I 518 30.73 19.17 76.28
N SER I 519 30.76 20.16 77.18
CA SER I 519 29.55 20.46 77.90
C SER I 519 28.53 20.71 76.79
N ILE I 520 27.33 20.24 77.05
CA ILE I 520 26.40 20.45 75.96
C ILE I 520 26.13 21.90 75.69
N LYS I 521 26.20 22.79 76.69
CA LYS I 521 25.94 24.17 76.30
C LYS I 521 27.03 24.70 75.37
N LYS I 522 28.24 24.24 75.62
CA LYS I 522 29.32 24.68 74.80
C LYS I 522 29.29 24.06 73.42
N TRP I 523 28.89 22.81 73.38
CA TRP I 523 28.89 22.15 72.13
C TRP I 523 28.14 22.92 71.09
N LEU I 524 26.99 23.42 71.45
CA LEU I 524 26.22 24.11 70.43
C LEU I 524 26.86 25.29 69.69
N SER I 525 27.72 26.00 70.41
CA SER I 525 28.36 27.26 70.04
C SER I 525 29.64 27.12 69.27
N LEU I 526 30.12 25.90 69.17
CA LEU I 526 31.32 25.72 68.43
C LEU I 526 31.14 26.31 67.04
N PRO I 527 32.22 26.90 66.61
CA PRO I 527 32.27 27.58 65.35
C PRO I 527 31.80 26.74 64.24
N GLY I 528 30.79 27.25 63.61
CA GLY I 528 30.17 26.58 62.49
C GLY I 528 29.09 25.59 62.90
N GLU I 529 28.95 25.28 64.20
CA GLU I 529 27.93 24.31 64.52
C GLU I 529 26.52 24.87 64.41
N THR I 530 25.58 24.20 63.80
CA THR I 530 24.25 24.78 63.72
C THR I 530 23.11 23.86 64.13
N ARG I 531 23.45 22.58 64.27
CA ARG I 531 22.49 21.56 64.55
C ARG I 531 21.89 21.62 65.90
N PRO I 532 20.80 20.90 66.02
CA PRO I 532 20.15 20.76 67.27
C PRO I 532 20.91 19.65 67.99
N LEU I 533 20.74 19.61 69.30
CA LEU I 533 21.39 18.61 70.07
C LEU I 533 20.39 17.88 70.96
N ILE I 534 20.46 16.58 70.85
CA ILE I 534 19.61 15.70 71.63
C ILE I 534 20.46 14.53 72.09
N LEU I 535 20.52 14.31 73.39
CA LEU I 535 21.39 13.23 73.78
C LEU I 535 20.77 11.89 73.50
N CYS I 536 21.58 11.05 72.90
CA CYS I 536 21.11 9.71 72.59
C CYS I 536 21.12 8.88 73.86
N GLU I 537 21.98 9.26 74.78
CA GLU I 537 22.00 8.61 76.08
C GLU I 537 22.42 9.62 77.10
N TYR I 538 21.68 9.65 78.21
CA TYR I 538 22.04 10.49 79.32
C TYR I 538 21.41 9.99 80.59
N ALA I 539 22.01 10.48 81.68
CA ALA I 539 21.59 10.17 83.04
C ALA I 539 21.51 8.67 83.30
N HIS I 540 22.68 8.01 83.30
CA HIS I 540 22.77 6.58 83.53
C HIS I 540 21.99 6.14 84.78
N ALA I 541 20.87 5.42 84.57
CA ALA I 541 20.03 5.06 85.70
C ALA I 541 20.42 3.81 86.50
N MET I 542 21.70 3.56 86.60
CA MET I 542 22.14 2.38 87.28
C MET I 542 22.13 2.43 88.80
N GLY I 543 21.24 1.64 89.36
CA GLY I 543 21.11 1.54 90.79
C GLY I 543 20.58 2.83 91.40
N ASN I 544 21.19 3.21 92.53
CA ASN I 544 20.79 4.45 93.15
C ASN I 544 21.40 5.60 92.34
N SER I 545 20.63 6.11 91.40
CA SER I 545 21.15 7.09 90.50
C SER I 545 20.16 8.16 90.15
N LEU I 546 20.48 8.82 89.03
CA LEU I 546 19.72 9.93 88.52
C LEU I 546 20.03 11.24 89.25
N GLY I 547 21.14 11.27 89.97
CA GLY I 547 21.52 12.49 90.62
C GLY I 547 21.95 13.50 89.54
N GLY I 548 21.34 14.68 89.60
CA GLY I 548 21.70 15.74 88.66
C GLY I 548 20.73 15.90 87.51
N PHE I 549 19.73 15.06 87.54
CA PHE I 549 18.74 15.07 86.50
C PHE I 549 18.20 16.47 86.19
N ALA I 550 17.87 17.17 87.24
CA ALA I 550 17.35 18.49 87.09
C ALA I 550 18.20 19.51 86.35
N LYS I 551 19.54 19.38 86.52
CA LYS I 551 20.44 20.27 85.80
C LYS I 551 20.15 20.22 84.30
N TYR I 552 20.00 18.99 83.81
CA TYR I 552 19.67 18.79 82.42
C TYR I 552 18.39 19.48 82.04
N TRP I 553 17.36 19.18 82.81
CA TRP I 553 16.08 19.75 82.49
C TRP I 553 16.08 21.23 82.38
N GLN I 554 16.79 21.78 83.29
CA GLN I 554 16.85 23.21 83.28
C GLN I 554 17.54 23.74 82.06
N ALA I 555 18.61 23.09 81.72
CA ALA I 555 19.30 23.57 80.54
C ALA I 555 18.45 23.39 79.33
N PHE I 556 17.84 22.21 79.26
CA PHE I 556 17.05 21.95 78.10
C PHE I 556 16.06 23.06 77.97
N ARG I 557 15.48 23.42 79.10
CA ARG I 557 14.48 24.45 79.06
C ARG I 557 15.02 25.81 78.69
N GLN I 558 16.26 26.08 79.00
CA GLN I 558 16.74 27.40 78.67
C GLN I 558 17.38 27.54 77.30
N TYR I 559 17.85 26.46 76.71
CA TYR I 559 18.47 26.56 75.43
C TYR I 559 17.63 25.89 74.37
N PRO I 560 17.22 26.71 73.51
CA PRO I 560 16.39 26.37 72.37
C PRO I 560 16.87 25.15 71.62
N ARG I 561 18.14 25.19 71.24
CA ARG I 561 18.75 24.11 70.49
C ARG I 561 19.02 22.87 71.32
N LEU I 562 18.82 22.94 72.64
CA LEU I 562 18.96 21.74 73.41
C LEU I 562 17.57 21.14 73.44
N GLN I 563 17.32 20.09 72.66
CA GLN I 563 15.99 19.56 72.59
C GLN I 563 15.64 18.31 73.36
N GLY I 564 16.42 18.00 74.40
CA GLY I 564 16.13 16.85 75.25
C GLY I 564 17.12 15.70 75.07
N GLY I 565 16.64 14.50 75.37
CA GLY I 565 17.47 13.31 75.27
C GLY I 565 16.69 12.07 75.71
N PHE I 566 17.41 10.97 75.67
CA PHE I 566 16.90 9.67 76.02
C PHE I 566 17.69 9.12 77.17
N VAL I 567 16.95 8.87 78.21
CA VAL I 567 17.58 8.32 79.35
C VAL I 567 18.00 6.90 79.11
N TRP I 568 19.10 6.56 79.73
CA TRP I 568 19.59 5.23 79.64
C TRP I 568 19.55 4.57 81.02
N ASP I 569 18.63 3.62 81.22
CA ASP I 569 17.64 3.18 80.26
C ASP I 569 16.36 2.73 80.98
N TRP I 570 15.37 2.22 80.25
CA TRP I 570 14.10 1.83 80.86
C TRP I 570 14.05 0.78 81.97
N VAL I 571 14.38 -0.48 81.65
CA VAL I 571 14.33 -1.61 82.62
C VAL I 571 15.63 -2.33 82.79
N ASP I 572 15.82 -2.83 84.02
CA ASP I 572 17.01 -3.61 84.29
C ASP I 572 16.97 -4.88 83.48
N GLN I 573 18.13 -5.30 83.02
CA GLN I 573 18.20 -6.51 82.24
C GLN I 573 18.53 -7.67 83.16
N SER I 574 17.61 -7.93 84.08
CA SER I 574 17.83 -9.02 84.99
C SER I 574 16.94 -10.19 84.66
N LEU I 575 17.51 -11.33 84.97
CA LEU I 575 16.83 -12.58 84.76
C LEU I 575 16.52 -13.28 86.08
N ILE I 576 15.47 -14.08 86.02
CA ILE I 576 15.07 -14.84 87.18
C ILE I 576 15.79 -16.20 87.30
N LYS I 577 16.08 -16.59 88.51
CA LYS I 577 16.69 -17.86 88.82
C LYS I 577 15.99 -18.43 90.02
N TYR I 578 16.28 -19.71 90.29
CA TYR I 578 15.69 -20.27 91.47
C TYR I 578 16.64 -20.89 92.40
N ASP I 579 16.23 -20.81 93.65
CA ASP I 579 17.00 -21.44 94.66
C ASP I 579 16.40 -22.83 94.78
N GLU I 580 17.08 -23.64 95.58
CA GLU I 580 16.68 -25.01 95.90
C GLU I 580 15.24 -25.04 96.40
N ASN I 581 14.83 -24.02 97.14
CA ASN I 581 13.47 -23.96 97.62
C ASN I 581 12.50 -23.48 96.56
N GLY I 582 13.03 -23.48 95.31
CA GLY I 582 12.29 -23.06 94.14
C GLY I 582 11.88 -21.62 94.28
N ASN I 583 12.81 -20.89 94.84
CA ASN I 583 12.63 -19.49 95.04
C ASN I 583 13.34 -18.75 93.96
N PRO I 584 12.58 -17.86 93.37
CA PRO I 584 13.02 -17.03 92.27
C PRO I 584 13.87 -15.89 92.76
N TRP I 585 14.86 -15.57 91.97
CA TRP I 585 15.65 -14.44 92.33
C TRP I 585 16.31 -13.79 91.14
N SER I 586 16.53 -12.49 91.27
CA SER I 586 17.11 -11.73 90.18
C SER I 586 18.59 -11.90 90.01
N ALA I 587 18.91 -12.34 88.80
CA ALA I 587 20.26 -12.65 88.39
C ALA I 587 20.81 -11.67 87.36
N TYR I 588 22.11 -11.59 87.42
CA TYR I 588 22.82 -10.72 86.52
C TYR I 588 24.05 -11.40 85.97
N GLY I 589 24.87 -10.61 85.29
CA GLY I 589 26.08 -11.12 84.68
C GLY I 589 26.85 -12.04 85.60
N GLY I 590 27.23 -13.17 85.02
CA GLY I 590 27.99 -14.23 85.66
C GLY I 590 27.15 -15.20 86.48
N ASP I 591 25.88 -14.87 86.68
CA ASP I 591 24.98 -15.70 87.46
C ASP I 591 24.63 -17.01 86.77
N PHE I 592 25.11 -17.20 85.55
CA PHE I 592 24.85 -18.42 84.80
C PHE I 592 26.14 -19.09 84.47
N GLY I 593 27.17 -18.65 85.17
CA GLY I 593 28.50 -19.16 84.95
C GLY I 593 29.01 -18.67 83.62
N ASP I 594 28.26 -17.71 83.07
CA ASP I 594 28.58 -17.10 81.79
C ASP I 594 29.88 -16.35 81.92
N THR I 595 30.75 -16.60 80.96
CA THR I 595 32.04 -15.98 80.84
C THR I 595 32.36 -15.64 79.39
N PRO I 596 32.88 -14.42 79.17
CA PRO I 596 33.18 -13.50 80.26
C PRO I 596 31.92 -12.70 80.62
N ASN I 597 31.95 -11.93 81.70
CA ASN I 597 30.72 -11.19 82.00
C ASN I 597 31.01 -9.83 82.63
N ASP I 598 30.00 -8.94 82.58
CA ASP I 598 30.08 -7.57 83.07
C ASP I 598 29.20 -7.25 84.28
N ARG I 599 28.73 -8.34 84.90
CA ARG I 599 27.93 -8.34 86.14
C ARG I 599 26.69 -7.50 86.12
N GLN I 600 26.55 -6.58 87.13
CA GLN I 600 25.38 -5.66 87.27
C GLN I 600 25.18 -4.69 86.10
N PHE I 601 26.27 -4.49 85.34
CA PHE I 601 26.23 -3.59 84.24
C PHE I 601 24.99 -3.63 83.37
N CYS I 602 24.32 -4.76 83.33
CA CYS I 602 23.10 -4.90 82.52
C CYS I 602 21.89 -4.30 83.25
N MET I 603 22.09 -3.78 84.48
CA MET I 603 20.98 -3.18 85.23
C MET I 603 21.16 -1.68 85.38
N ASN I 604 20.42 -0.97 84.53
CA ASN I 604 20.51 0.47 84.45
C ASN I 604 19.14 1.09 84.29
N GLY I 605 18.11 0.33 84.62
CA GLY I 605 16.77 0.80 84.37
C GLY I 605 16.19 1.67 85.43
N LEU I 606 15.13 2.31 84.99
CA LEU I 606 14.33 3.14 85.84
C LEU I 606 13.33 2.25 86.55
N VAL I 607 13.15 1.06 86.00
CA VAL I 607 12.27 0.10 86.60
C VAL I 607 12.94 -1.22 86.65
N PHE I 608 12.44 -1.96 87.58
CA PHE I 608 12.86 -3.31 87.82
C PHE I 608 12.28 -4.15 86.68
N ALA I 609 12.98 -5.24 86.40
CA ALA I 609 12.50 -6.13 85.31
C ALA I 609 11.01 -6.46 85.32
N ASP I 610 10.41 -6.48 86.49
CA ASP I 610 9.00 -6.76 86.64
C ASP I 610 8.20 -5.52 86.40
N ARG I 611 8.93 -4.49 85.98
CA ARG I 611 8.29 -3.23 85.77
C ARG I 611 7.87 -2.58 87.07
N THR I 612 8.72 -2.75 88.04
CA THR I 612 8.45 -2.04 89.23
C THR I 612 9.54 -1.04 89.30
N PRO I 613 9.04 0.12 89.52
CA PRO I 613 9.76 1.35 89.57
C PRO I 613 10.82 1.44 90.60
N HIS I 614 11.84 2.13 90.19
CA HIS I 614 12.87 2.55 91.05
C HIS I 614 12.39 3.94 91.49
N PRO I 615 12.99 4.42 92.54
CA PRO I 615 12.56 5.71 93.04
C PRO I 615 12.86 6.82 92.04
N ALA I 616 13.97 6.65 91.32
CA ALA I 616 14.38 7.64 90.36
C ALA I 616 13.29 8.05 89.38
N LEU I 617 12.48 7.07 89.07
CA LEU I 617 11.43 7.31 88.14
C LEU I 617 10.62 8.56 88.42
N THR I 618 10.49 8.81 89.67
CA THR I 618 9.71 9.92 90.11
C THR I 618 10.37 11.25 89.85
N GLU I 619 11.67 11.24 90.10
CA GLU I 619 12.40 12.43 89.83
C GLU I 619 12.18 12.76 88.36
N ALA I 620 12.26 11.71 87.57
CA ALA I 620 12.04 11.92 86.14
C ALA I 620 10.67 12.46 85.83
N LYS I 621 9.70 11.80 86.42
CA LYS I 621 8.35 12.20 86.15
C LYS I 621 8.16 13.67 86.42
N HIS I 622 8.69 14.09 87.53
CA HIS I 622 8.55 15.47 87.94
C HIS I 622 9.29 16.43 87.02
N GLN I 623 10.56 16.16 86.73
CA GLN I 623 11.28 17.08 85.87
C GLN I 623 10.70 17.14 84.47
N GLN I 624 10.00 16.08 84.08
CA GLN I 624 9.47 16.08 82.74
C GLN I 624 8.06 16.59 82.65
N GLN I 625 7.50 17.04 83.75
CA GLN I 625 6.12 17.49 83.66
C GLN I 625 5.88 18.55 82.63
N PHE I 626 4.67 18.54 82.11
CA PHE I 626 4.26 19.45 81.07
C PHE I 626 3.75 20.77 81.57
N PHE I 627 3.62 20.91 82.87
CA PHE I 627 3.15 22.18 83.35
C PHE I 627 4.18 22.79 84.23
N GLN I 628 4.38 24.07 84.08
CA GLN I 628 5.34 24.72 84.93
C GLN I 628 4.71 25.82 85.70
N PHE I 629 5.18 25.93 86.93
CA PHE I 629 4.63 26.92 87.85
C PHE I 629 5.55 27.95 88.38
N ARG I 630 4.95 29.11 88.58
CA ARG I 630 5.61 30.25 89.15
C ARG I 630 4.70 30.82 90.18
N LEU I 631 5.31 31.20 91.27
CA LEU I 631 4.47 31.75 92.28
C LEU I 631 4.75 33.20 92.53
N SER I 632 3.73 34.02 92.45
CA SER I 632 3.98 35.42 92.70
C SER I 632 2.99 36.03 93.62
N GLY I 633 3.44 36.25 94.83
CA GLY I 633 2.49 36.79 95.75
C GLY I 633 1.41 35.75 96.03
N GLN I 634 0.16 36.05 95.67
CA GLN I 634 -0.89 35.10 95.94
C GLN I 634 -1.32 34.48 94.66
N THR I 635 -0.48 34.74 93.68
CA THR I 635 -0.74 34.27 92.35
C THR I 635 0.18 33.23 91.82
N ILE I 636 -0.48 32.26 91.25
CA ILE I 636 0.24 31.24 90.58
C ILE I 636 0.17 31.37 89.08
N GLU I 637 1.35 31.29 88.49
CA GLU I 637 1.44 31.34 87.08
C GLU I 637 1.67 29.96 86.51
N VAL I 638 0.78 29.56 85.62
CA VAL I 638 0.95 28.26 85.04
C VAL I 638 1.32 28.34 83.61
N THR I 639 2.25 27.48 83.29
CA THR I 639 2.73 27.46 81.94
C THR I 639 2.64 26.09 81.36
N SER I 640 2.11 26.06 80.13
CA SER I 640 1.94 24.82 79.42
C SER I 640 3.06 24.53 78.48
N GLU I 641 3.55 23.29 78.56
CA GLU I 641 4.59 22.80 77.68
C GLU I 641 4.01 21.88 76.64
N TYR I 642 2.69 21.93 76.49
CA TYR I 642 2.06 21.19 75.44
C TYR I 642 2.15 22.06 74.21
N LEU I 643 2.43 21.43 73.10
CA LEU I 643 2.56 22.14 71.85
C LEU I 643 1.27 22.15 71.15
N PHE I 644 0.52 21.11 71.39
CA PHE I 644 -0.71 20.99 70.66
C PHE I 644 -1.97 20.89 71.45
N ARG I 645 -1.95 20.41 72.68
CA ARG I 645 -3.24 20.35 73.31
C ARG I 645 -3.54 21.40 74.31
N HIS I 646 -4.81 21.49 74.57
CA HIS I 646 -5.30 22.41 75.53
C HIS I 646 -5.47 21.65 76.85
N SER I 647 -5.41 22.32 77.99
CA SER I 647 -5.51 21.62 79.28
C SER I 647 -6.92 21.17 79.54
N ASP I 648 -7.38 20.29 78.69
CA ASP I 648 -8.73 19.83 78.77
C ASP I 648 -9.05 18.67 79.70
N ASN I 649 -8.12 18.25 80.52
CA ASN I 649 -8.43 17.19 81.46
C ASN I 649 -7.58 17.46 82.66
N GLU I 650 -7.68 18.72 83.06
CA GLU I 650 -6.84 19.15 84.12
C GLU I 650 -7.46 19.96 85.21
N LEU I 651 -7.19 19.41 86.37
CA LEU I 651 -7.57 19.97 87.61
C LEU I 651 -6.39 20.28 88.48
N LEU I 652 -6.42 21.49 88.96
CA LEU I 652 -5.39 21.92 89.84
C LEU I 652 -5.81 22.00 91.30
N HIS I 653 -5.25 21.13 92.09
CA HIS I 653 -5.58 21.16 93.48
C HIS I 653 -4.50 21.86 94.27
N TRP I 654 -4.86 22.74 95.16
CA TRP I 654 -3.81 23.32 95.93
C TRP I 654 -4.06 23.19 97.39
N MET I 655 -3.04 23.50 98.17
CA MET I 655 -3.20 23.37 99.57
C MET I 655 -2.05 23.86 100.45
N VAL I 656 -2.49 24.37 101.59
CA VAL I 656 -1.61 24.97 102.56
C VAL I 656 -1.55 24.29 103.86
N ALA I 657 -0.32 24.09 104.32
CA ALA I 657 -0.12 23.43 105.58
C ALA I 657 1.00 24.00 106.39
N LEU I 658 0.83 23.82 107.67
CA LEU I 658 1.79 24.29 108.59
C LEU I 658 2.44 23.12 109.18
N ASP I 659 3.72 22.97 108.91
CA ASP I 659 4.38 21.81 109.44
C ASP I 659 3.54 20.54 109.28
N GLY I 660 2.83 20.40 108.16
CA GLY I 660 2.06 19.18 107.99
C GLY I 660 0.60 19.38 108.30
N LYS I 661 0.32 20.40 109.05
CA LYS I 661 -1.06 20.63 109.34
C LYS I 661 -1.64 21.50 108.28
N PRO I 662 -2.60 20.90 107.64
CA PRO I 662 -3.34 21.45 106.53
C PRO I 662 -4.26 22.48 107.04
N LEU I 663 -4.20 23.64 106.46
CA LEU I 663 -5.02 24.74 106.87
C LEU I 663 -6.04 25.13 105.86
N ALA I 664 -5.74 24.84 104.61
CA ALA I 664 -6.62 25.22 103.53
C ALA I 664 -6.26 24.51 102.28
N SER I 665 -7.28 24.25 101.52
CA SER I 665 -7.11 23.56 100.29
C SER I 665 -8.08 24.09 99.26
N GLY I 666 -7.77 23.89 97.99
CA GLY I 666 -8.61 24.39 96.94
C GLY I 666 -8.48 23.56 95.70
N GLU I 667 -9.28 23.96 94.72
CA GLU I 667 -9.34 23.25 93.45
C GLU I 667 -9.65 24.16 92.31
N VAL I 668 -8.87 24.05 91.27
CA VAL I 668 -9.13 24.86 90.14
C VAL I 668 -8.79 24.19 88.88
N PRO I 669 -9.74 24.31 88.02
CA PRO I 669 -9.64 23.74 86.72
C PRO I 669 -8.74 24.59 85.86
N LEU I 670 -7.92 23.87 85.13
CA LEU I 670 -7.02 24.47 84.20
C LEU I 670 -7.61 24.65 82.85
N ASP I 671 -7.21 25.76 82.30
CA ASP I 671 -7.61 26.18 81.00
C ASP I 671 -6.44 26.91 80.36
N VAL I 672 -5.50 26.13 79.86
CA VAL I 672 -4.33 26.72 79.25
C VAL I 672 -4.11 26.17 77.90
N ALA I 673 -3.74 27.09 77.02
CA ALA I 673 -3.43 26.65 75.70
C ALA I 673 -2.02 26.16 75.63
N PRO I 674 -1.81 25.28 74.68
CA PRO I 674 -0.49 24.78 74.45
C PRO I 674 0.38 26.01 74.45
N GLN I 675 1.47 25.91 75.18
CA GLN I 675 2.42 27.00 75.28
C GLN I 675 1.91 28.27 75.88
N GLY I 676 0.78 28.21 76.53
CA GLY I 676 0.27 29.40 77.16
C GLY I 676 0.46 29.41 78.67
N LYS I 677 0.01 30.54 79.22
CA LYS I 677 0.04 30.83 80.64
C LYS I 677 -1.37 30.98 81.19
N GLN I 678 -1.53 30.66 82.46
CA GLN I 678 -2.80 30.81 83.14
C GLN I 678 -2.47 31.32 84.52
N LEU I 679 -3.19 32.38 84.92
CA LEU I 679 -3.02 32.98 86.23
C LEU I 679 -4.02 32.53 87.24
N ILE I 680 -3.47 32.23 88.38
CA ILE I 680 -4.31 31.77 89.41
C ILE I 680 -4.19 32.55 90.65
N GLU I 681 -5.32 33.13 90.88
CA GLU I 681 -5.54 33.99 91.99
C GLU I 681 -5.89 33.26 93.25
N LEU I 682 -5.08 33.52 94.24
CA LEU I 682 -5.34 32.89 95.49
C LEU I 682 -6.14 33.72 96.46
N PRO I 683 -7.01 32.99 97.12
CA PRO I 683 -7.86 33.52 98.14
C PRO I 683 -6.97 33.85 99.28
N GLU I 684 -7.38 34.82 100.04
CA GLU I 684 -6.61 35.20 101.18
C GLU I 684 -6.17 34.00 101.98
N LEU I 685 -4.87 33.98 102.19
CA LEU I 685 -4.25 32.91 102.91
C LEU I 685 -4.15 33.19 104.35
N PRO I 686 -4.27 32.10 105.04
CA PRO I 686 -4.22 31.98 106.47
C PRO I 686 -2.87 32.43 107.02
N GLN I 687 -2.91 33.17 108.13
CA GLN I 687 -1.70 33.68 108.73
C GLN I 687 -1.45 33.17 110.12
N PRO I 688 -1.43 31.86 110.24
CA PRO I 688 -1.16 31.15 111.48
C PRO I 688 -0.19 31.89 112.40
N GLU I 689 -0.44 31.72 113.67
CA GLU I 689 0.37 32.37 114.65
C GLU I 689 1.51 31.51 115.12
N SER I 690 1.08 30.26 115.30
CA SER I 690 1.88 29.15 115.72
C SER I 690 3.20 29.11 114.99
N ALA I 691 4.16 28.46 115.58
CA ALA I 691 5.43 28.42 114.95
C ALA I 691 5.52 27.27 114.00
N GLY I 692 6.34 27.50 112.97
CA GLY I 692 6.58 26.50 111.96
C GLY I 692 6.74 27.05 110.57
N GLN I 693 6.75 26.10 109.63
CA GLN I 693 6.89 26.36 108.23
C GLN I 693 5.59 26.20 107.51
N LEU I 694 5.33 27.21 106.75
CA LEU I 694 4.15 27.26 105.96
C LEU I 694 4.43 26.92 104.53
N TRP I 695 3.75 25.92 104.05
CA TRP I 695 4.00 25.50 102.71
C TRP I 695 2.80 25.35 101.84
N LEU I 696 3.04 25.79 100.62
CA LEU I 696 2.05 25.67 99.62
C LEU I 696 2.33 24.55 98.64
N THR I 697 1.31 23.76 98.35
CA THR I 697 1.48 22.70 97.40
C THR I 697 0.38 22.57 96.37
N VAL I 698 0.83 22.37 95.12
CA VAL I 698 -0.09 22.17 94.01
C VAL I 698 0.13 20.87 93.26
N ARG I 699 -0.99 20.33 92.84
CA ARG I 699 -0.97 19.12 92.09
C ARG I 699 -1.90 19.25 90.90
N VAL I 700 -1.55 18.52 89.87
CA VAL I 700 -2.37 18.47 88.70
C VAL I 700 -2.96 17.11 88.53
N VAL I 701 -4.28 17.18 88.46
CA VAL I 701 -5.04 15.98 88.29
C VAL I 701 -5.91 15.88 87.10
N GLN I 702 -5.92 14.64 86.64
CA GLN I 702 -6.71 14.21 85.52
C GLN I 702 -7.92 13.48 86.01
N PRO I 703 -8.96 14.26 86.01
CA PRO I 703 -10.26 13.88 86.45
C PRO I 703 -10.73 12.65 85.71
N ASN I 704 -10.67 12.71 84.39
CA ASN I 704 -11.12 11.58 83.60
C ASN I 704 -10.01 10.66 83.18
N ALA I 705 -10.34 9.39 83.02
CA ALA I 705 -9.31 8.49 82.58
C ALA I 705 -8.99 8.70 81.12
N THR I 706 -7.84 8.17 80.74
CA THR I 706 -7.39 8.26 79.37
C THR I 706 -7.04 6.90 78.97
N ALA I 707 -6.59 6.82 77.77
CA ALA I 707 -6.23 5.53 77.31
C ALA I 707 -5.03 4.99 77.99
N TRP I 708 -4.27 5.86 78.66
CA TRP I 708 -3.06 5.35 79.27
C TRP I 708 -3.00 5.74 80.68
N SER I 709 -4.08 6.33 81.16
CA SER I 709 -4.15 6.76 82.52
C SER I 709 -5.56 6.63 83.09
N GLU I 710 -5.57 6.41 84.39
CA GLU I 710 -6.78 6.30 85.17
C GLU I 710 -7.33 7.62 85.55
N ALA I 711 -8.56 7.60 86.01
CA ALA I 711 -9.05 8.88 86.43
C ALA I 711 -8.36 9.25 87.71
N GLY I 712 -8.16 10.55 87.87
CA GLY I 712 -7.49 11.08 89.02
C GLY I 712 -5.98 10.89 88.98
N HIS I 713 -5.42 10.79 87.81
CA HIS I 713 -4.02 10.63 87.73
C HIS I 713 -3.32 11.96 88.00
N ILE I 714 -2.20 11.89 88.71
CA ILE I 714 -1.45 13.10 88.99
C ILE I 714 -0.38 13.29 87.97
N SER I 715 -0.41 14.41 87.34
CA SER I 715 0.61 14.55 86.33
C SER I 715 1.68 15.57 86.63
N ALA I 716 1.43 16.38 87.63
CA ALA I 716 2.42 17.39 87.90
C ALA I 716 2.20 17.94 89.26
N TRP I 717 3.28 18.42 89.85
CA TRP I 717 3.18 19.04 91.13
C TRP I 717 4.30 20.00 91.38
N GLN I 718 4.11 20.75 92.45
CA GLN I 718 5.09 21.71 92.83
C GLN I 718 4.78 22.31 94.18
N GLN I 719 5.84 22.55 94.95
CA GLN I 719 5.55 23.15 96.23
C GLN I 719 6.38 24.39 96.57
N TRP I 720 5.91 25.19 97.50
CA TRP I 720 6.68 26.37 97.88
C TRP I 720 6.62 26.64 99.36
N ARG I 721 7.71 27.17 99.92
CA ARG I 721 7.61 27.50 101.33
C ARG I 721 7.19 28.93 101.48
N LEU I 722 6.01 29.12 102.03
CA LEU I 722 5.49 30.44 102.17
C LEU I 722 6.09 31.24 103.27
N ALA I 723 6.10 30.68 104.45
CA ALA I 723 6.66 31.45 105.52
C ALA I 723 7.19 30.58 106.60
N GLU I 724 7.84 31.30 107.50
CA GLU I 724 8.43 30.67 108.64
C GLU I 724 8.19 31.46 109.89
N ASN I 725 7.75 30.79 110.90
CA ASN I 725 7.54 31.46 112.17
C ASN I 725 8.49 30.83 113.14
N LEU I 726 9.58 31.55 113.44
CA LEU I 726 10.56 30.95 114.36
C LEU I 726 10.01 30.83 115.77
N SER I 727 10.42 29.74 116.42
CA SER I 727 9.98 29.51 117.80
C SER I 727 10.89 30.18 118.79
N VAL I 728 10.26 31.03 119.56
CA VAL I 728 10.95 31.78 120.57
C VAL I 728 10.60 31.27 121.94
N THR I 729 9.98 30.15 121.96
CA THR I 729 9.64 29.75 123.26
C THR I 729 10.65 28.91 123.93
N LEU I 730 10.44 28.95 125.23
CA LEU I 730 11.23 28.24 126.17
C LEU I 730 10.42 27.19 126.85
N PRO I 731 11.22 26.18 127.15
CA PRO I 731 10.81 25.01 127.87
C PRO I 731 10.52 25.41 129.31
N ALA I 732 9.44 24.81 129.81
CA ALA I 732 9.08 25.08 131.18
C ALA I 732 10.00 24.28 132.09
N ALA I 733 10.06 24.77 133.34
CA ALA I 733 10.87 24.14 134.34
C ALA I 733 10.45 22.70 134.59
N SER I 734 11.49 21.96 134.95
CA SER I 734 11.39 20.59 135.30
C SER I 734 11.43 20.62 136.82
N HIS I 735 10.82 19.66 137.44
CA HIS I 735 10.82 19.69 138.88
C HIS I 735 11.97 18.94 139.42
N ALA I 736 12.78 18.48 138.50
CA ALA I 736 13.90 17.71 138.89
C ALA I 736 14.95 17.74 137.87
N ILE I 737 16.08 17.23 138.25
CA ILE I 737 17.12 17.17 137.31
C ILE I 737 17.83 15.86 137.39
N PRO I 738 18.35 15.46 136.27
CA PRO I 738 19.00 14.20 136.17
C PRO I 738 20.08 14.01 137.19
N HIS I 739 20.30 12.76 137.46
CA HIS I 739 21.24 12.41 138.42
C HIS I 739 22.40 11.64 137.85
N LEU I 740 23.56 12.25 138.01
CA LEU I 740 24.78 11.68 137.48
C LEU I 740 25.51 10.68 138.35
N THR I 741 25.99 9.62 137.80
CA THR I 741 26.71 8.69 138.65
C THR I 741 27.94 8.26 137.94
N THR I 742 29.02 8.30 138.65
CA THR I 742 30.25 7.96 138.01
C THR I 742 30.91 6.70 138.41
N SER I 743 30.87 5.73 137.53
CA SER I 743 31.60 4.51 137.76
C SER I 743 33.02 4.78 137.25
N GLU I 744 33.81 3.78 137.08
CA GLU I 744 35.15 4.02 136.61
C GLU I 744 35.19 3.79 135.13
N MET I 745 34.19 3.00 134.78
CA MET I 745 33.89 2.48 133.47
C MET I 745 32.97 3.34 132.74
N ASP I 746 32.25 4.14 133.49
CA ASP I 746 31.32 4.96 132.79
C ASP I 746 30.64 5.95 133.63
N PHE I 747 29.69 6.58 132.96
CA PHE I 747 28.87 7.57 133.57
C PHE I 747 27.44 7.15 133.38
N CME I 748 26.65 7.36 134.46
CA CME I 748 25.27 7.02 134.44
CB CME I 748 24.95 6.00 135.49
SG CME I 748 24.90 4.42 134.68
SD CME I 748 23.00 4.39 134.23
CE CME I 748 22.97 2.71 133.55
CZ CME I 748 22.65 1.66 134.63
OH CME I 748 23.86 1.01 135.00
C CME I 748 24.33 8.13 134.68
O CME I 748 24.32 8.76 135.72
N ILE I 749 23.46 8.32 133.73
CA ILE I 749 22.51 9.37 133.97
C ILE I 749 21.15 8.78 134.18
N GLU I 750 20.57 9.23 135.26
CA GLU I 750 19.28 8.73 135.57
C GLU I 750 18.28 9.82 135.73
N LEU I 751 17.06 9.44 135.42
CA LEU I 751 15.98 10.37 135.57
C LEU I 751 14.68 9.66 135.38
N GLY I 752 14.06 9.30 136.50
CA GLY I 752 12.83 8.54 136.46
C GLY I 752 13.21 7.14 136.04
N ASN I 753 12.37 6.57 135.18
CA ASN I 753 12.59 5.26 134.60
C ASN I 753 13.73 5.27 133.58
N LYS I 754 14.00 6.48 133.09
CA LYS I 754 15.03 6.69 132.13
C LYS I 754 16.47 6.66 132.66
N ARG I 755 17.33 6.09 131.83
CA ARG I 755 18.73 5.94 132.13
C ARG I 755 19.60 5.90 130.89
N TRP I 756 20.75 6.53 131.03
CA TRP I 756 21.68 6.61 129.94
C TRP I 756 23.05 6.29 130.37
N GLN I 757 23.72 5.50 129.57
CA GLN I 757 25.07 5.22 129.96
C GLN I 757 26.13 5.51 128.92
N PHE I 758 27.17 6.19 129.38
CA PHE I 758 28.26 6.47 128.48
C PHE I 758 29.47 5.73 128.89
N ASN I 759 29.99 4.95 127.99
CA ASN I 759 31.19 4.23 128.30
C ASN I 759 32.38 5.14 128.33
N ARG I 760 33.12 5.03 129.38
CA ARG I 760 34.25 5.89 129.57
C ARG I 760 35.45 5.53 128.75
N GLN I 761 35.51 4.35 128.22
CA GLN I 761 36.71 4.14 127.46
C GLN I 761 36.48 4.40 126.00
N SER I 762 35.24 4.19 125.58
CA SER I 762 34.88 4.37 124.19
C SER I 762 34.49 5.79 123.96
N GLY I 763 33.96 6.36 125.01
CA GLY I 763 33.51 7.72 124.84
C GLY I 763 32.18 7.76 124.12
N PHE I 764 31.44 6.65 124.05
CA PHE I 764 30.16 6.72 123.40
C PHE I 764 29.04 6.39 124.29
N LEU I 765 27.90 6.84 123.85
CA LEU I 765 26.69 6.52 124.53
C LEU I 765 26.50 5.04 124.24
N SER I 766 26.65 4.22 125.26
CA SER I 766 26.59 2.77 125.11
C SER I 766 25.26 2.10 125.28
N GLN I 767 24.42 2.64 126.11
CA GLN I 767 23.15 2.01 126.28
C GLN I 767 22.23 2.97 126.94
N MET I 768 20.98 2.69 126.78
CA MET I 768 20.01 3.47 127.42
C MET I 768 18.79 2.63 127.70
N TRP I 769 18.14 2.94 128.81
CA TRP I 769 16.97 2.19 129.19
C TRP I 769 15.83 3.05 129.46
N ILE I 770 14.73 2.44 129.17
CA ILE I 770 13.46 3.00 129.52
C ILE I 770 12.91 1.93 130.38
N GLY I 771 12.60 2.26 131.62
CA GLY I 771 12.19 1.20 132.47
C GLY I 771 13.41 0.28 132.58
N ASP I 772 13.17 -1.00 132.40
CA ASP I 772 14.20 -2.00 132.51
C ASP I 772 14.54 -2.51 131.14
N LYS I 773 14.07 -1.80 130.14
CA LYS I 773 14.33 -2.18 128.78
C LYS I 773 15.47 -1.42 128.16
N LYS I 774 16.42 -2.21 127.67
CA LYS I 774 17.55 -1.65 127.00
C LYS I 774 17.06 -1.18 125.66
N GLN I 775 17.69 -0.15 125.10
CA GLN I 775 17.15 0.32 123.86
C GLN I 775 18.00 0.13 122.65
N LEU I 776 19.29 -0.11 122.90
CA LEU I 776 20.19 -0.25 121.79
C LEU I 776 20.96 -1.52 121.78
N LEU I 777 21.19 -2.06 120.59
CA LEU I 777 22.05 -3.22 120.47
C LEU I 777 23.44 -2.76 120.12
N THR I 778 23.53 -1.53 119.67
CA THR I 778 24.80 -0.95 119.30
C THR I 778 24.86 0.46 119.78
N PRO I 779 26.04 0.84 120.23
CA PRO I 779 26.30 2.20 120.70
C PRO I 779 26.18 3.22 119.58
N LEU I 780 25.84 4.42 119.97
CA LEU I 780 25.67 5.49 119.03
C LEU I 780 27.01 6.03 118.60
N ARG I 781 27.28 6.05 117.31
CA ARG I 781 28.56 6.59 116.93
C ARG I 781 28.63 7.21 115.57
N ASP I 782 29.70 7.98 115.43
CA ASP I 782 29.92 8.69 114.20
C ASP I 782 30.09 7.74 113.08
N GLN I 783 29.67 8.23 111.95
CA GLN I 783 29.79 7.48 110.73
C GLN I 783 30.16 8.38 109.57
N PHE I 784 31.21 8.01 108.87
CA PHE I 784 31.65 8.80 107.73
C PHE I 784 31.58 8.12 106.37
N THR I 785 31.06 6.91 106.32
CA THR I 785 31.05 6.22 105.05
C THR I 785 29.69 5.69 104.67
N ARG I 786 29.66 5.12 103.47
CA ARG I 786 28.45 4.47 103.00
C ARG I 786 28.76 3.20 102.20
N ALA I 787 27.75 2.31 102.13
CA ALA I 787 27.82 1.11 101.33
C ALA I 787 27.72 1.66 99.92
N PRO I 788 28.83 1.58 99.21
CA PRO I 788 29.01 2.11 97.87
C PRO I 788 27.89 1.87 96.93
N LEU I 789 27.64 2.91 96.17
CA LEU I 789 26.64 2.84 95.15
C LEU I 789 27.31 2.40 93.90
N ASP I 790 26.46 1.98 93.00
CA ASP I 790 27.02 1.61 91.73
C ASP I 790 27.89 2.73 91.22
N ASN I 791 27.32 3.94 91.27
CA ASN I 791 28.04 5.11 90.87
C ASN I 791 29.35 5.28 91.63
N ASP I 792 29.40 4.92 92.92
CA ASP I 792 30.63 5.11 93.68
C ASP I 792 31.73 4.18 93.28
N ILE I 793 31.26 3.07 92.79
CA ILE I 793 32.15 2.02 92.39
C ILE I 793 32.71 2.28 91.03
N GLY I 794 31.81 2.76 90.20
CA GLY I 794 32.06 3.20 88.87
C GLY I 794 33.00 2.40 87.98
N VAL I 795 32.45 1.29 87.52
CA VAL I 795 33.15 0.50 86.54
C VAL I 795 32.13 0.13 85.47
N SER I 796 32.57 0.11 84.21
CA SER I 796 31.68 -0.26 83.09
C SER I 796 32.04 -1.65 82.52
N GLU I 797 33.28 -2.05 82.82
CA GLU I 797 33.86 -3.31 82.44
C GLU I 797 34.47 -3.92 83.67
N ALA I 798 33.98 -5.11 84.02
CA ALA I 798 34.45 -5.88 85.17
C ALA I 798 35.98 -5.87 85.39
N THR I 799 36.65 -5.87 84.24
CA THR I 799 38.10 -5.87 84.01
C THR I 799 38.86 -4.64 84.48
N ARG I 800 38.31 -3.47 84.12
CA ARG I 800 38.94 -2.20 84.40
C ARG I 800 38.41 -1.45 85.61
N ILE I 801 39.33 -1.30 86.59
CA ILE I 801 39.10 -0.56 87.86
C ILE I 801 39.68 0.86 87.80
N ASP I 802 38.91 1.81 88.36
CA ASP I 802 39.29 3.21 88.36
C ASP I 802 39.75 3.67 89.73
N PRO I 803 41.04 3.89 89.81
CA PRO I 803 41.65 4.37 91.01
C PRO I 803 41.01 5.69 91.45
N ASN I 804 40.30 6.31 90.52
CA ASN I 804 39.63 7.56 90.78
C ASN I 804 38.21 7.40 91.28
N ALA I 805 37.74 6.18 91.24
CA ALA I 805 36.42 5.97 91.73
C ALA I 805 36.45 6.32 93.21
N TRP I 806 35.32 6.91 93.62
CA TRP I 806 35.13 7.31 94.98
C TRP I 806 35.51 6.21 95.90
N VAL I 807 34.91 5.08 95.61
CA VAL I 807 35.17 3.96 96.46
C VAL I 807 36.64 3.63 96.59
N GLU I 808 37.28 3.72 95.46
CA GLU I 808 38.68 3.45 95.42
C GLU I 808 39.43 4.38 96.31
N ARG I 809 39.07 5.61 96.17
CA ARG I 809 39.71 6.62 96.97
C ARG I 809 39.43 6.48 98.44
N TRP I 810 38.18 6.19 98.76
CA TRP I 810 37.80 6.08 100.13
C TRP I 810 38.51 4.95 100.79
N LYS I 811 38.62 3.90 100.02
CA LYS I 811 39.26 2.71 100.52
C LYS I 811 40.70 3.00 100.86
N ALA I 812 41.34 3.48 99.85
CA ALA I 812 42.73 3.80 99.93
C ALA I 812 43.05 4.78 101.02
N ALA I 813 42.07 5.61 101.33
CA ALA I 813 42.28 6.61 102.35
C ALA I 813 42.13 6.03 103.75
N GLY I 814 41.49 4.86 103.82
CA GLY I 814 41.30 4.19 105.09
C GLY I 814 40.00 4.60 105.71
N HIS I 815 39.18 5.25 104.92
CA HIS I 815 37.92 5.69 105.46
C HIS I 815 37.14 4.54 106.04
N TYR I 816 37.24 3.46 105.31
CA TYR I 816 36.50 2.30 105.71
C TYR I 816 37.06 1.61 106.90
N GLN I 817 38.31 1.92 107.23
CA GLN I 817 38.88 1.24 108.36
C GLN I 817 39.60 2.10 109.38
N ALA I 818 39.17 3.32 109.49
CA ALA I 818 39.82 4.16 110.45
C ALA I 818 39.32 3.83 111.80
N GLU I 819 40.23 4.08 112.70
CA GLU I 819 40.11 3.83 114.11
C GLU I 819 39.86 5.08 114.90
N ALA I 820 38.78 5.01 115.66
CA ALA I 820 38.48 6.13 116.51
C ALA I 820 39.38 6.15 117.75
N ALA I 821 39.68 7.35 118.22
CA ALA I 821 40.51 7.52 119.39
C ALA I 821 39.92 8.58 120.33
N LEU I 822 39.69 8.18 121.57
CA LEU I 822 39.14 9.14 122.49
C LEU I 822 40.17 10.16 122.88
N LEU I 823 39.82 11.39 122.66
CA LEU I 823 40.71 12.45 123.02
C LEU I 823 40.25 12.97 124.34
N GLN I 824 38.94 12.88 124.54
CA GLN I 824 38.41 13.38 125.78
C GLN I 824 36.94 13.10 126.00
N CYS I 825 36.62 12.95 127.28
CA CYS I 825 35.26 12.62 127.69
C CYS I 825 35.03 13.16 129.06
N THR I 826 34.07 14.06 129.20
CA THR I 826 33.82 14.63 130.50
C THR I 826 32.39 14.83 130.82
N ALA I 827 32.16 14.83 132.13
CA ALA I 827 30.82 14.99 132.62
C ALA I 827 30.75 16.08 133.64
N ASP I 828 29.62 16.77 133.64
CA ASP I 828 29.46 17.92 134.52
C ASP I 828 28.01 18.16 134.83
N THR I 829 27.79 18.67 136.03
CA THR I 829 26.46 18.94 136.46
C THR I 829 26.20 20.39 136.54
N LEU I 830 25.18 20.72 135.80
CA LEU I 830 24.72 22.05 135.72
C LEU I 830 23.51 22.16 136.56
N ALA I 831 23.07 23.37 136.66
CA ALA I 831 21.91 23.62 137.44
C ALA I 831 20.68 22.93 136.93
N ASP I 832 20.56 22.82 135.62
CA ASP I 832 19.35 22.29 135.07
C ASP I 832 19.54 21.07 134.26
N ALA I 833 20.79 20.63 134.22
CA ALA I 833 21.06 19.48 133.42
C ALA I 833 22.42 18.91 133.66
N VAL I 834 22.60 17.80 132.97
CA VAL I 834 23.86 17.14 132.95
C VAL I 834 24.49 17.31 131.58
N LEU I 835 25.80 17.53 131.62
CA LEU I 835 26.53 17.79 130.43
C LEU I 835 27.71 16.90 130.16
N ILE I 836 27.65 16.28 128.99
CA ILE I 836 28.71 15.40 128.58
C ILE I 836 29.46 15.93 127.40
N THR I 837 30.76 15.77 127.52
CA THR I 837 31.62 16.25 126.49
C THR I 837 32.65 15.28 125.98
N THR I 838 32.65 15.07 124.68
CA THR I 838 33.60 14.17 124.08
C THR I 838 34.34 14.72 122.88
N ALA I 839 35.42 14.04 122.58
CA ALA I 839 36.21 14.39 121.43
C ALA I 839 36.93 13.18 120.99
N HIS I 840 36.76 12.85 119.73
CA HIS I 840 37.45 11.71 119.18
C HIS I 840 38.15 12.08 117.90
N ALA I 841 39.12 11.25 117.59
CA ALA I 841 39.86 11.40 116.37
C ALA I 841 39.87 10.11 115.58
N TRP I 842 39.69 10.20 114.27
CA TRP I 842 39.80 9.00 113.51
C TRP I 842 41.07 9.06 112.74
N GLN I 843 41.84 8.02 112.91
CA GLN I 843 43.10 7.98 112.22
C GLN I 843 43.30 6.75 111.44
N HIS I 844 44.32 6.88 110.63
CA HIS I 844 44.71 5.80 109.79
C HIS I 844 46.13 5.93 109.39
N GLN I 845 46.93 5.00 109.90
CA GLN I 845 48.33 5.07 109.60
C GLN I 845 48.95 6.40 109.96
N GLY I 846 48.55 6.89 111.13
CA GLY I 846 49.12 8.11 111.62
C GLY I 846 48.47 9.36 111.10
N LYS I 847 47.57 9.20 110.16
CA LYS I 847 46.93 10.39 109.71
C LYS I 847 45.59 10.54 110.39
N THR I 848 45.32 11.77 110.78
CA THR I 848 44.04 12.04 111.38
C THR I 848 43.13 12.52 110.28
N LEU I 849 42.07 11.76 110.04
CA LEU I 849 41.13 12.08 108.99
C LEU I 849 40.06 12.98 109.50
N PHE I 850 39.56 12.62 110.68
CA PHE I 850 38.51 13.44 111.21
C PHE I 850 38.58 13.57 112.67
N ILE I 851 37.96 14.65 113.06
CA ILE I 851 37.79 14.96 114.43
C ILE I 851 36.35 15.28 114.70
N SER I 852 35.86 14.60 115.71
CA SER I 852 34.51 14.78 116.13
C SER I 852 34.42 15.25 117.58
N ARG I 853 33.73 16.36 117.73
CA ARG I 853 33.54 16.92 119.05
C ARG I 853 32.07 17.06 119.39
N LYS I 854 31.69 16.49 120.51
CA LYS I 854 30.30 16.56 120.88
C LYS I 854 30.00 17.02 122.27
N THR I 855 28.71 17.28 122.42
CA THR I 855 28.11 17.61 123.69
C THR I 855 26.75 17.00 123.75
N TYR I 856 26.53 16.46 124.92
CA TYR I 856 25.28 15.87 125.18
C TYR I 856 24.75 16.52 126.38
N ARG I 857 23.52 16.97 126.24
CA ARG I 857 22.93 17.61 127.35
C ARG I 857 21.55 17.11 127.65
N ILE I 858 21.44 16.59 128.87
CA ILE I 858 20.23 16.02 129.42
C ILE I 858 19.63 16.81 130.51
N ASP I 859 18.39 17.16 130.27
CA ASP I 859 17.69 17.97 131.18
C ASP I 859 16.59 17.26 131.89
N GLY I 860 15.98 18.07 132.74
CA GLY I 860 14.91 17.63 133.59
C GLY I 860 13.71 17.15 132.82
N SER I 861 13.64 17.51 131.56
CA SER I 861 12.51 17.05 130.79
C SER I 861 12.81 15.71 130.18
N GLY I 862 14.04 15.22 130.34
CA GLY I 862 14.43 13.93 129.80
C GLY I 862 14.74 13.97 128.31
N GLN I 863 15.21 15.11 127.88
CA GLN I 863 15.58 15.24 126.52
C GLN I 863 17.05 15.31 126.39
N MET I 864 17.50 14.68 125.35
CA MET I 864 18.89 14.66 125.10
C MET I 864 19.24 15.41 123.86
N ALA I 865 20.03 16.43 124.09
CA ALA I 865 20.45 17.25 123.01
C ALA I 865 21.90 17.01 122.67
N ILE I 866 22.05 16.80 121.39
CA ILE I 866 23.34 16.52 120.86
C ILE I 866 23.86 17.52 119.91
N THR I 867 25.11 17.76 120.12
CA THR I 867 25.74 18.69 119.27
C THR I 867 27.00 18.12 118.72
N VAL I 868 27.08 18.20 117.39
CA VAL I 868 28.22 17.67 116.71
C VAL I 868 28.93 18.66 115.86
N ASP I 869 30.25 18.62 116.01
CA ASP I 869 31.12 19.44 115.23
C ASP I 869 32.28 18.64 114.75
N VAL I 870 32.36 18.57 113.43
CA VAL I 870 33.37 17.81 112.77
C VAL I 870 34.34 18.60 111.91
N GLU I 871 35.57 18.13 111.98
CA GLU I 871 36.64 18.67 111.21
C GLU I 871 37.11 17.56 110.31
N VAL I 872 37.32 17.89 109.03
CA VAL I 872 37.82 16.95 108.04
C VAL I 872 39.09 17.44 107.36
N ALA I 873 40.08 16.57 107.33
CA ALA I 873 41.34 16.92 106.72
C ALA I 873 41.13 17.28 105.29
N SER I 874 41.63 18.43 104.98
CA SER I 874 41.50 18.98 103.66
C SER I 874 42.06 18.03 102.62
N ASP I 875 43.05 17.26 103.02
CA ASP I 875 43.66 16.38 102.08
C ASP I 875 43.12 14.98 102.05
N THR I 876 42.02 14.77 102.69
CA THR I 876 41.45 13.47 102.57
C THR I 876 40.30 13.61 101.58
N PRO I 877 39.93 12.53 100.96
CA PRO I 877 38.82 12.57 100.03
C PRO I 877 37.55 12.88 100.78
N HIS I 878 36.70 13.67 100.15
CA HIS I 878 35.48 13.99 100.79
C HIS I 878 34.72 12.75 101.03
N PRO I 879 34.29 12.67 102.23
CA PRO I 879 33.54 11.57 102.77
C PRO I 879 32.14 11.57 102.25
N ALA I 880 31.61 10.38 102.24
CA ALA I 880 30.29 10.08 101.77
C ALA I 880 29.23 10.72 102.61
N ARG I 881 29.53 10.79 103.89
CA ARG I 881 28.52 11.36 104.74
C ARG I 881 29.09 11.72 106.07
N ILE I 882 28.27 12.43 106.84
CA ILE I 882 28.62 12.87 108.18
C ILE I 882 27.42 12.78 109.06
N GLY I 883 27.49 11.74 109.89
CA GLY I 883 26.40 11.49 110.79
C GLY I 883 26.73 10.47 111.84
N LEU I 884 25.67 9.91 112.34
CA LEU I 884 25.81 8.93 113.36
C LEU I 884 24.97 7.74 113.09
N ASN I 885 25.26 6.73 113.86
CA ASN I 885 24.47 5.56 113.72
C ASN I 885 24.48 4.65 114.91
N CYS I 886 23.50 3.78 114.88
CA CYS I 886 23.37 2.84 115.94
C CYS I 886 22.31 1.80 115.59
N GLN I 887 22.39 0.70 116.33
CA GLN I 887 21.43 -0.32 116.14
C GLN I 887 20.44 -0.34 117.28
N LEU I 888 19.20 -0.06 116.95
CA LEU I 888 18.22 -0.09 118.00
C LEU I 888 17.70 -1.48 118.21
N ALA I 889 17.43 -1.72 119.47
CA ALA I 889 16.90 -2.98 119.92
C ALA I 889 15.49 -3.24 119.41
N GLN I 890 14.73 -2.20 119.39
CA GLN I 890 13.36 -2.26 118.97
C GLN I 890 13.16 -2.39 117.47
N VAL I 891 11.97 -2.87 117.15
CA VAL I 891 11.53 -3.03 115.80
C VAL I 891 10.06 -2.69 115.69
N ALA I 892 9.70 -1.71 114.87
CA ALA I 892 8.32 -1.30 114.74
C ALA I 892 7.76 -1.40 113.34
N GLU I 893 6.48 -1.13 113.23
CA GLU I 893 5.77 -1.27 111.97
C GLU I 893 5.87 -0.08 111.02
N ARG I 894 5.64 1.06 111.62
CA ARG I 894 5.62 2.27 110.88
C ARG I 894 6.77 3.19 111.18
N VAL I 895 6.84 4.17 110.29
CA VAL I 895 7.84 5.19 110.32
C VAL I 895 7.15 6.47 109.96
N ASN I 896 7.39 7.43 110.80
CA ASN I 896 6.70 8.65 110.58
C ASN I 896 7.64 9.80 110.68
N TRP I 897 7.55 10.66 109.68
CA TRP I 897 8.42 11.77 109.72
C TRP I 897 7.87 12.97 109.04
N LEU I 898 8.52 14.04 109.40
CA LEU I 898 8.23 15.33 108.85
C LEU I 898 9.48 15.80 108.13
N GLY I 899 9.36 15.68 106.82
CA GLY I 899 10.44 16.02 105.95
C GLY I 899 10.04 15.70 104.52
N LEU I 900 11.06 15.45 103.72
CA LEU I 900 10.85 15.19 102.32
C LEU I 900 10.47 13.79 102.06
N GLY I 901 9.43 13.64 101.27
CA GLY I 901 9.01 12.32 100.97
C GLY I 901 8.01 12.34 99.85
N PRO I 902 7.46 11.19 99.68
CA PRO I 902 7.71 10.05 100.54
C PRO I 902 8.76 9.11 100.04
N GLN I 903 9.17 9.22 98.80
CA GLN I 903 10.20 8.28 98.39
C GLN I 903 11.61 8.61 98.76
N GLU I 904 12.42 7.60 98.58
CA GLU I 904 13.86 7.73 98.78
C GLU I 904 14.34 8.98 98.02
N ASN I 905 15.15 9.78 98.68
CA ASN I 905 15.66 11.00 98.06
C ASN I 905 17.03 11.38 98.54
N TYR I 906 17.80 11.87 97.61
CA TYR I 906 19.14 12.27 97.92
C TYR I 906 19.34 13.72 97.55
N PRO I 907 20.39 14.26 98.08
CA PRO I 907 20.71 15.64 97.93
C PRO I 907 20.68 16.11 96.50
N ASP I 908 21.25 15.33 95.60
CA ASP I 908 21.21 15.71 94.20
C ASP I 908 20.08 15.02 93.45
N ARG I 909 19.15 14.47 94.21
CA ARG I 909 17.98 13.86 93.61
C ARG I 909 16.81 13.98 94.57
N LEU I 910 16.28 15.19 94.68
CA LEU I 910 15.18 15.38 95.61
C LEU I 910 14.17 16.43 95.18
N THR I 911 14.25 16.82 93.93
CA THR I 911 13.30 17.79 93.48
C THR I 911 11.91 17.26 93.42
N ALA I 912 11.77 15.96 93.19
CA ALA I 912 10.41 15.48 93.07
C ALA I 912 9.76 15.28 94.43
N ALA I 913 10.59 15.28 95.45
CA ALA I 913 10.08 15.07 96.81
C ALA I 913 9.35 16.25 97.41
N CME I 914 8.44 15.90 98.33
CA CME I 914 7.68 16.87 99.05
CB CME I 914 6.26 16.98 98.66
SG CME I 914 6.15 17.58 96.96
SD CME I 914 4.46 16.70 96.50
CE CME I 914 5.00 14.98 96.60
CZ CME I 914 3.83 14.08 96.22
OH CME I 914 2.65 14.88 96.07
C CME I 914 7.87 16.88 100.52
O CME I 914 8.03 15.89 101.22
N PHE I 915 7.84 18.08 100.98
CA PHE I 915 7.99 18.29 102.36
C PHE I 915 6.65 18.17 103.03
N ASP I 916 6.52 17.14 103.82
CA ASP I 916 5.28 16.97 104.50
C ASP I 916 5.46 15.99 105.63
N ARG I 917 4.32 15.51 106.09
CA ARG I 917 4.33 14.50 107.09
C ARG I 917 4.04 13.17 106.47
N TRP I 918 4.98 12.26 106.61
CA TRP I 918 4.83 10.96 106.03
C TRP I 918 4.82 9.87 107.05
N ASP I 919 4.08 8.83 106.69
CA ASP I 919 3.95 7.65 107.51
C ASP I 919 3.90 6.42 106.63
N LEU I 920 4.88 5.57 106.82
CA LEU I 920 4.96 4.34 106.07
C LEU I 920 5.43 3.24 106.94
N PRO I 921 5.31 2.10 106.36
CA PRO I 921 5.77 0.90 106.93
C PRO I 921 7.23 0.83 106.66
N LEU I 922 7.84 0.33 107.68
CA LEU I 922 9.23 0.15 107.69
C LEU I 922 9.77 -0.43 106.41
N SER I 923 9.00 -1.37 105.89
CA SER I 923 9.44 -2.03 104.66
C SER I 923 9.73 -1.03 103.55
N ASP I 924 8.85 -0.04 103.48
CA ASP I 924 8.96 0.96 102.47
C ASP I 924 10.18 1.85 102.62
N MET I 925 10.81 1.76 103.76
CA MET I 925 11.96 2.58 103.96
C MET I 925 13.19 1.93 103.40
N TYR I 926 12.98 0.87 102.65
CA TYR I 926 14.12 0.21 102.06
C TYR I 926 13.96 -0.03 100.57
N THR I 927 15.05 0.24 99.86
CA THR I 927 15.09 0.10 98.42
C THR I 927 15.95 -1.09 98.03
N PRO I 928 15.24 -2.06 97.55
CA PRO I 928 15.71 -3.37 97.12
C PRO I 928 16.45 -3.36 95.79
N TYR I 929 17.45 -2.52 95.71
CA TYR I 929 18.23 -2.49 94.52
C TYR I 929 18.81 -3.90 94.38
N VAL I 930 18.71 -4.51 93.21
CA VAL I 930 19.23 -5.86 93.04
C VAL I 930 20.65 -6.00 93.56
N PHE I 931 21.46 -5.07 93.15
CA PHE I 931 22.79 -5.08 93.67
C PHE I 931 22.69 -4.10 94.83
N PRO I 932 22.91 -4.60 96.03
CA PRO I 932 22.70 -3.78 97.19
C PRO I 932 23.79 -2.78 97.52
N SER I 933 23.32 -1.65 98.10
CA SER I 933 24.12 -0.52 98.57
C SER I 933 23.30 0.47 99.45
N GLU I 934 23.97 1.56 99.89
CA GLU I 934 23.30 2.60 100.64
C GLU I 934 22.00 2.98 99.93
N ASN I 935 20.86 3.03 100.62
CA ASN I 935 19.59 3.39 99.97
C ASN I 935 18.58 3.84 101.00
N GLY I 936 17.40 4.21 100.53
CA GLY I 936 16.30 4.61 101.39
C GLY I 936 16.39 5.97 102.05
N LEU I 937 17.48 6.68 101.86
CA LEU I 937 17.55 7.97 102.49
C LEU I 937 16.40 8.95 102.20
N ARG I 938 16.14 9.74 103.22
CA ARG I 938 15.22 10.86 103.12
C ARG I 938 15.87 12.07 103.73
N CYS I 939 15.80 13.17 103.02
CA CYS I 939 16.42 14.40 103.42
C CYS I 939 15.44 15.40 103.95
N GLY I 940 16.05 16.46 104.48
CA GLY I 940 15.35 17.62 105.00
C GLY I 940 14.30 17.28 106.01
N THR I 941 14.75 16.48 106.94
CA THR I 941 13.89 16.00 107.96
C THR I 941 14.12 16.74 109.23
N ARG I 942 12.99 17.07 109.78
CA ARG I 942 12.98 17.83 111.01
C ARG I 942 12.52 17.08 112.22
N GLU I 943 11.74 16.05 111.96
CA GLU I 943 11.20 15.22 113.00
C GLU I 943 10.99 13.84 112.49
N LEU I 944 11.49 12.91 113.30
CA LEU I 944 11.42 11.50 112.99
C LEU I 944 10.96 10.72 114.20
N ASN I 945 10.02 9.81 113.92
CA ASN I 945 9.38 8.97 114.93
C ASN I 945 9.42 7.51 114.68
N TYR I 946 9.93 6.78 115.64
CA TYR I 946 9.99 5.34 115.53
C TYR I 946 9.94 4.74 116.91
N GLY I 947 8.88 4.02 117.13
CA GLY I 947 8.65 3.45 118.42
C GLY I 947 8.29 4.59 119.36
N PRO I 948 8.88 4.47 120.53
CA PRO I 948 8.78 5.41 121.62
C PRO I 948 9.70 6.60 121.36
N HIS I 949 10.53 6.46 120.32
CA HIS I 949 11.48 7.49 120.00
C HIS I 949 11.06 8.56 119.06
N GLN I 950 11.76 9.65 119.32
CA GLN I 950 11.60 10.81 118.55
C GLN I 950 12.87 11.60 118.44
N TRP I 951 13.13 12.00 117.21
CA TRP I 951 14.28 12.80 116.94
C TRP I 951 13.91 14.06 116.24
N ARG I 952 14.59 15.12 116.65
CA ARG I 952 14.32 16.39 116.04
C ARG I 952 15.59 17.11 115.76
N GLY I 953 15.48 17.82 114.64
CA GLY I 953 16.55 18.63 114.12
C GLY I 953 16.41 18.92 112.66
N ASP I 954 17.53 18.81 112.00
CA ASP I 954 17.50 19.03 110.57
C ASP I 954 18.44 18.05 109.93
N PHE I 955 17.90 16.91 109.56
CA PHE I 955 18.82 15.94 109.04
C PHE I 955 18.20 15.13 107.95
N GLN I 956 19.00 14.12 107.61
CA GLN I 956 18.62 13.12 106.66
C GLN I 956 18.87 11.83 107.36
N PHE I 957 18.09 10.85 106.95
CA PHE I 957 18.24 9.57 107.57
C PHE I 957 17.76 8.44 106.71
N ASN I 958 18.08 7.29 107.21
CA ASN I 958 17.61 6.05 106.65
C ASN I 958 17.44 5.07 107.79
N ILE I 959 16.60 4.09 107.53
CA ILE I 959 16.32 3.13 108.55
C ILE I 959 15.81 1.82 108.00
N SER I 960 16.43 0.76 108.44
CA SER I 960 16.11 -0.58 107.96
C SER I 960 16.73 -1.64 108.85
N ARG I 961 16.71 -2.89 108.37
CA ARG I 961 17.28 -4.00 109.13
C ARG I 961 18.61 -4.43 108.63
N TYR I 962 19.25 -3.58 107.85
CA TYR I 962 20.52 -4.04 107.37
C TYR I 962 21.60 -3.07 107.68
N SER I 963 22.69 -3.58 108.16
CA SER I 963 23.78 -2.72 108.43
C SER I 963 24.38 -2.33 107.08
N GLN I 964 25.09 -1.20 107.11
CA GLN I 964 25.79 -0.74 105.94
C GLN I 964 26.80 -1.81 105.57
N GLN I 965 27.35 -2.41 106.59
CA GLN I 965 28.31 -3.45 106.34
C GLN I 965 27.73 -4.64 105.63
N GLN I 966 26.55 -5.04 106.07
CA GLN I 966 25.91 -6.15 105.42
C GLN I 966 25.73 -5.83 103.95
N LEU I 967 25.16 -4.67 103.72
CA LEU I 967 24.89 -4.23 102.36
C LEU I 967 26.10 -4.21 101.47
N MET I 968 27.11 -3.70 102.10
CA MET I 968 28.31 -3.56 101.41
C MET I 968 28.91 -4.89 101.09
N GLU I 969 28.63 -5.87 101.92
CA GLU I 969 29.23 -7.15 101.70
C GLU I 969 28.43 -8.16 100.92
N THR I 970 27.16 -7.91 100.70
CA THR I 970 26.28 -8.78 99.94
C THR I 970 26.09 -8.34 98.51
N SER I 971 26.27 -9.26 97.59
CA SER I 971 26.14 -8.96 96.17
C SER I 971 24.73 -9.04 95.60
N HIS I 972 23.81 -9.70 96.28
CA HIS I 972 22.50 -9.76 95.71
C HIS I 972 21.49 -9.54 96.74
N ARG I 973 20.45 -8.86 96.33
CA ARG I 973 19.37 -8.59 97.26
C ARG I 973 18.84 -9.82 97.98
N HIS I 974 18.73 -10.91 97.25
CA HIS I 974 18.17 -12.12 97.78
C HIS I 974 18.96 -12.70 98.94
N LEU I 975 20.23 -12.36 99.02
CA LEU I 975 21.07 -12.81 100.13
C LEU I 975 21.03 -11.97 101.42
N LEU I 976 20.28 -10.91 101.44
CA LEU I 976 20.36 -10.21 102.69
C LEU I 976 19.33 -10.78 103.60
N HIS I 977 19.62 -10.64 104.87
CA HIS I 977 18.71 -11.07 105.87
C HIS I 977 18.62 -10.02 106.94
N ALA I 978 17.42 -9.87 107.47
CA ALA I 978 17.27 -8.88 108.48
C ALA I 978 18.20 -9.07 109.66
N GLU I 979 18.68 -7.97 110.19
CA GLU I 979 19.54 -8.06 111.34
C GLU I 979 18.66 -7.96 112.57
N GLU I 980 19.30 -8.13 113.70
CA GLU I 980 18.61 -8.13 114.94
C GLU I 980 17.60 -7.05 115.29
N GLY I 981 17.93 -5.77 115.18
CA GLY I 981 16.91 -4.80 115.55
C GLY I 981 16.65 -3.91 114.39
N THR I 982 16.82 -2.63 114.61
CA THR I 982 16.66 -1.66 113.58
C THR I 982 17.91 -0.81 113.47
N TRP I 983 18.41 -0.71 112.27
CA TRP I 983 19.57 0.12 112.01
C TRP I 983 19.16 1.51 111.59
N LEU I 984 19.79 2.45 112.27
CA LEU I 984 19.48 3.82 112.03
C LEU I 984 20.67 4.67 111.73
N ASN I 985 20.52 5.34 110.59
CA ASN I 985 21.52 6.26 110.15
C ASN I 985 20.97 7.65 110.07
N ILE I 986 21.61 8.50 110.87
CA ILE I 986 21.29 9.92 110.93
C ILE I 986 22.44 10.77 110.50
N ASP I 987 22.17 11.43 109.40
CA ASP I 987 23.12 12.25 108.76
C ASP I 987 22.87 13.70 108.86
N GLY I 988 23.96 14.35 109.26
CA GLY I 988 23.95 15.77 109.30
C GLY I 988 24.15 16.23 107.85
N PHE I 989 24.94 15.43 107.14
CA PHE I 989 25.25 15.70 105.77
C PHE I 989 25.52 14.43 105.04
N HIS I 990 25.20 14.50 103.75
CA HIS I 990 25.40 13.37 102.90
C HIS I 990 25.76 13.76 101.48
N MET I 991 26.74 13.07 100.94
CA MET I 991 27.20 13.31 99.60
C MET I 991 26.15 13.01 98.55
N GLY I 992 26.22 13.69 97.41
CA GLY I 992 25.29 13.45 96.31
C GLY I 992 25.55 12.06 95.74
N ILE I 993 24.70 11.61 94.82
CA ILE I 993 24.86 10.27 94.27
C ILE I 993 25.36 10.24 92.84
N GLY I 994 25.22 11.33 92.10
CA GLY I 994 25.69 11.36 90.74
C GLY I 994 24.86 10.52 89.78
N GLY I 995 25.49 10.23 88.65
CA GLY I 995 24.85 9.44 87.63
C GLY I 995 25.02 9.94 86.21
N ASP I 996 25.79 11.01 86.02
CA ASP I 996 25.97 11.55 84.67
C ASP I 996 26.45 10.45 83.77
N ASP I 997 27.15 9.53 84.44
CA ASP I 997 27.65 8.28 83.92
C ASP I 997 28.03 7.48 85.10
N SER I 998 28.18 6.19 84.88
CA SER I 998 28.49 5.37 86.01
C SER I 998 29.87 4.77 85.93
N TRP I 999 30.78 5.40 85.25
CA TRP I 999 32.09 4.79 85.21
C TRP I 999 33.16 5.82 85.36
N SER I 1000 32.75 6.84 86.06
CA SER I 1000 33.54 7.97 86.44
C SER I 1000 32.77 8.71 87.48
N PRO I 1001 33.56 9.54 88.13
CA PRO I 1001 33.12 10.42 89.21
C PRO I 1001 32.19 11.42 88.55
N SER I 1002 30.94 11.36 88.96
CA SER I 1002 29.88 12.11 88.35
C SER I 1002 29.06 12.92 89.32
N VAL I 1003 29.63 13.07 90.53
CA VAL I 1003 28.99 13.88 91.55
C VAL I 1003 29.46 15.32 91.46
N SER I 1004 28.54 16.25 91.20
CA SER I 1004 28.98 17.60 91.15
C SER I 1004 29.48 18.21 92.42
N ALA I 1005 30.39 19.11 92.21
CA ALA I 1005 31.04 19.72 93.30
C ALA I 1005 30.17 20.25 94.39
N GLU I 1006 29.02 20.80 93.98
CA GLU I 1006 28.09 21.35 94.93
C GLU I 1006 27.55 20.26 95.79
N PHE I 1007 27.80 19.04 95.38
CA PHE I 1007 27.31 17.95 96.17
C PHE I 1007 28.30 17.18 96.94
N GLN I 1008 29.55 17.62 96.91
CA GLN I 1008 30.59 16.97 97.70
C GLN I 1008 30.75 17.65 99.07
N LEU I 1009 31.20 16.87 100.07
CA LEU I 1009 31.35 17.35 101.44
C LEU I 1009 32.73 17.89 101.56
N SER I 1010 32.88 19.05 101.04
CA SER I 1010 34.19 19.65 100.97
C SER I 1010 34.47 20.81 101.91
N ALA I 1011 33.49 21.19 102.72
CA ALA I 1011 33.59 22.31 103.62
C ALA I 1011 34.71 22.30 104.63
N GLY I 1012 35.10 21.13 105.05
CA GLY I 1012 36.15 21.05 106.04
C GLY I 1012 35.59 21.08 107.45
N ARG I 1013 34.50 21.80 107.62
CA ARG I 1013 33.93 21.86 108.93
C ARG I 1013 32.45 21.74 108.85
N TYR I 1014 31.96 20.87 109.72
CA TYR I 1014 30.56 20.60 109.77
C TYR I 1014 30.02 20.61 111.16
N HIS I 1015 28.81 21.10 111.23
CA HIS I 1015 28.16 21.22 112.50
C HIS I 1015 26.72 20.76 112.42
N TYR I 1016 26.28 20.01 113.43
CA TYR I 1016 24.89 19.64 113.45
C TYR I 1016 24.40 19.31 114.82
N GLN I 1017 23.06 19.37 114.93
CA GLN I 1017 22.43 19.11 116.21
C GLN I 1017 21.14 18.38 116.17
N LEU I 1018 20.93 17.75 117.28
CA LEU I 1018 19.84 16.88 117.44
C LEU I 1018 19.24 16.74 118.79
N VAL I 1019 17.98 16.39 118.75
CA VAL I 1019 17.29 16.11 119.96
C VAL I 1019 16.57 14.81 119.95
N TRP I 1020 16.88 14.09 120.99
CA TRP I 1020 16.32 12.79 121.16
C TRP I 1020 15.49 12.63 122.41
N CME I 1021 14.27 12.11 122.22
CA CME I 1021 13.36 11.82 123.29
CB CME I 1021 12.51 12.97 123.73
SG CME I 1021 12.83 14.29 122.62
SD CME I 1021 11.07 14.54 121.91
CE CME I 1021 10.48 12.91 122.46
CZ CME I 1021 9.51 12.99 123.64
OH CME I 1021 8.17 13.16 123.16
C CME I 1021 12.46 10.67 123.00
O CME I 1021 12.43 10.09 121.93
N GLN I 1022 11.72 10.40 124.07
CA GLN I 1022 10.78 9.33 124.15
C GLN I 1022 9.49 9.78 124.69
N LYS I 1023 8.54 8.93 124.37
CA LYS I 1023 7.17 9.02 124.78
C LYS I 1023 6.87 7.69 125.46
N ILE J 3 30.75 94.21 58.45
CA ILE J 3 29.28 94.30 58.73
C ILE J 3 28.47 92.98 58.69
N THR J 4 28.85 92.18 57.72
CA THR J 4 28.23 90.91 57.59
C THR J 4 29.04 90.04 58.48
N ASP J 5 30.13 90.61 59.03
CA ASP J 5 30.97 89.95 59.99
C ASP J 5 30.41 90.24 61.38
N SER J 6 29.38 91.03 61.35
CA SER J 6 28.76 91.43 62.58
C SER J 6 28.01 90.29 63.25
N LEU J 7 28.19 90.26 64.55
CA LEU J 7 27.49 89.33 65.36
C LEU J 7 26.03 89.35 65.01
N ALA J 8 25.52 90.53 65.03
CA ALA J 8 24.12 90.70 64.80
C ALA J 8 23.62 89.88 63.64
N VAL J 9 24.47 89.89 62.66
CA VAL J 9 24.27 89.24 61.41
C VAL J 9 24.54 87.73 61.53
N VAL J 10 25.76 87.40 61.92
CA VAL J 10 26.15 86.04 62.10
C VAL J 10 25.17 85.24 62.96
N LEU J 11 24.94 85.68 64.16
CA LEU J 11 24.05 84.95 65.05
C LEU J 11 22.61 84.97 64.62
N GLN J 12 22.43 85.61 63.51
CA GLN J 12 21.08 85.71 63.11
C GLN J 12 20.56 84.33 62.72
N ARG J 13 21.45 83.67 61.99
CA ARG J 13 21.19 82.35 61.47
C ARG J 13 20.91 81.30 62.57
N ARG J 14 21.63 81.37 63.70
CA ARG J 14 21.35 80.41 64.74
C ARG J 14 21.62 78.97 64.25
N ASP J 15 22.85 78.85 63.76
CA ASP J 15 23.39 77.65 63.21
C ASP J 15 23.42 76.51 64.20
N TRP J 16 23.56 76.91 65.43
CA TRP J 16 23.59 76.03 66.57
C TRP J 16 22.20 75.52 66.92
N GLU J 17 21.21 75.85 66.11
CA GLU J 17 19.92 75.27 66.36
C GLU J 17 19.45 74.63 65.06
N ASN J 18 20.42 74.14 64.32
CA ASN J 18 20.13 73.52 63.07
C ASN J 18 21.06 72.39 62.68
N PRO J 19 20.52 71.20 62.87
CA PRO J 19 21.13 69.92 62.55
C PRO J 19 21.58 69.92 61.10
N GLY J 20 20.96 70.78 60.31
CA GLY J 20 21.34 70.91 58.92
C GLY J 20 22.67 71.64 58.82
N VAL J 21 23.04 72.41 59.84
CA VAL J 21 24.32 73.05 59.71
C VAL J 21 25.24 72.56 60.75
N THR J 22 26.26 71.88 60.30
CA THR J 22 27.15 71.35 61.28
C THR J 22 28.53 71.93 61.19
N GLN J 23 28.75 72.67 60.12
CA GLN J 23 29.99 73.34 59.90
C GLN J 23 29.81 74.38 58.82
N LEU J 24 30.80 75.28 58.70
CA LEU J 24 30.85 76.31 57.66
C LEU J 24 32.29 76.58 57.32
N ASN J 25 32.63 76.35 56.10
CA ASN J 25 34.01 76.61 55.71
C ASN J 25 35.07 75.82 56.41
N ARG J 26 34.67 74.70 56.96
CA ARG J 26 35.61 73.86 57.64
C ARG J 26 36.30 72.98 56.61
N LEU J 27 37.59 72.82 56.72
CA LEU J 27 38.28 71.97 55.78
C LEU J 27 37.96 70.48 55.97
N ALA J 28 38.52 69.72 55.05
CA ALA J 28 38.32 68.31 55.11
C ALA J 28 39.25 67.64 56.08
N ALA J 29 38.76 66.48 56.54
CA ALA J 29 39.44 65.62 57.50
C ALA J 29 40.60 64.80 56.96
N HIS J 30 41.50 64.38 57.82
CA HIS J 30 42.62 63.61 57.31
C HIS J 30 43.48 63.27 58.49
N PRO J 31 44.35 62.36 58.20
CA PRO J 31 45.26 61.97 59.21
C PRO J 31 46.16 63.16 59.41
N PRO J 32 46.77 63.10 60.50
CA PRO J 32 47.69 64.06 61.01
C PRO J 32 48.84 64.43 60.11
N PHE J 33 48.94 65.75 59.94
CA PHE J 33 50.02 66.33 59.15
C PHE J 33 50.93 67.21 59.98
N ALA J 34 52.20 67.31 59.53
CA ALA J 34 53.25 68.14 60.11
C ALA J 34 53.86 69.06 59.04
N SER J 35 53.81 68.63 57.81
CA SER J 35 54.38 69.42 56.76
C SER J 35 55.87 69.53 56.88
N TRP J 36 56.52 68.47 57.29
CA TRP J 36 57.94 68.58 57.33
C TRP J 36 58.45 69.02 55.99
N ARG J 37 59.64 69.59 56.06
CA ARG J 37 60.31 70.00 54.87
C ARG J 37 61.66 69.33 54.74
N ASN J 38 61.86 68.39 55.64
CA ASN J 38 63.04 67.58 55.60
C ASN J 38 62.70 66.15 55.96
N SER J 39 63.03 65.30 55.02
CA SER J 39 62.80 63.89 55.16
C SER J 39 63.23 63.33 56.54
N GLU J 40 64.50 63.49 56.84
CA GLU J 40 65.01 62.97 58.08
C GLU J 40 64.19 63.35 59.27
N GLU J 41 63.83 64.62 59.32
CA GLU J 41 63.05 65.14 60.42
C GLU J 41 61.78 64.36 60.54
N ALA J 42 61.11 64.29 59.42
CA ALA J 42 59.89 63.55 59.38
C ALA J 42 60.18 62.11 59.75
N ARG J 43 61.19 61.58 59.14
CA ARG J 43 61.52 60.23 59.41
C ARG J 43 61.74 59.96 60.87
N THR J 44 62.28 60.92 61.56
CA THR J 44 62.58 60.67 62.97
C THR J 44 61.61 61.35 63.86
N ASP J 45 60.55 61.76 63.26
CA ASP J 45 59.54 62.41 64.05
C ASP J 45 60.05 63.61 64.79
N ARG J 46 60.83 64.45 64.14
CA ARG J 46 61.20 65.64 64.84
C ARG J 46 60.07 66.61 64.80
N PRO J 47 60.33 67.81 65.20
CA PRO J 47 59.23 68.72 65.21
C PRO J 47 59.25 69.60 64.02
N SER J 48 58.08 69.79 63.49
CA SER J 48 58.04 70.59 62.32
C SER J 48 57.68 71.99 62.64
N GLN J 49 58.43 72.81 61.97
CA GLN J 49 58.30 74.20 62.10
C GLN J 49 57.06 74.73 61.41
N GLN J 50 56.44 73.93 60.49
CA GLN J 50 55.24 74.42 59.79
C GLN J 50 54.01 74.21 60.64
N LEU J 51 54.36 73.73 61.81
CA LEU J 51 53.41 73.44 62.79
C LEU J 51 53.68 74.16 64.08
N ARG J 52 52.70 74.97 64.43
CA ARG J 52 52.85 75.81 65.58
C ARG J 52 51.68 75.80 66.52
N SER J 53 52.03 75.67 67.81
CA SER J 53 51.01 75.66 68.83
C SER J 53 50.61 77.01 69.31
N LEU J 54 49.32 77.16 69.55
CA LEU J 54 48.76 78.40 70.06
C LEU J 54 48.28 78.25 71.48
N ASN J 55 48.77 77.17 72.04
CA ASN J 55 48.39 76.89 73.40
C ASN J 55 49.11 77.84 74.28
N GLY J 56 48.37 78.33 75.28
CA GLY J 56 48.92 79.21 76.27
C GLY J 56 47.92 80.17 76.88
N GLU J 57 48.42 81.36 77.20
CA GLU J 57 47.54 82.33 77.78
C GLU J 57 46.71 82.97 76.73
N TRP J 58 45.45 83.11 77.06
CA TRP J 58 44.50 83.65 76.11
C TRP J 58 43.55 84.50 76.89
N ARG J 59 42.72 85.22 76.19
CA ARG J 59 41.82 86.03 76.96
C ARG J 59 40.44 85.52 76.89
N PHE J 60 39.83 85.51 78.06
CA PHE J 60 38.54 84.92 78.15
C PHE J 60 37.48 85.77 78.77
N ALA J 61 36.27 85.61 78.28
CA ALA J 61 35.15 86.26 78.92
C ALA J 61 33.87 85.45 78.73
N TRP J 62 33.13 85.37 79.79
CA TRP J 62 31.94 84.58 79.80
C TRP J 62 30.62 85.32 79.76
N PHE J 63 29.65 84.79 79.05
CA PHE J 63 28.33 85.38 78.98
C PHE J 63 27.29 84.34 79.04
N PRO J 64 26.26 84.73 79.68
CA PRO J 64 25.05 83.96 79.88
C PRO J 64 24.37 83.64 78.56
N ALA J 65 24.77 84.36 77.54
CA ALA J 65 24.17 84.16 76.24
C ALA J 65 24.96 84.84 75.15
N PRO J 66 24.80 84.28 73.99
CA PRO J 66 25.47 84.75 72.79
C PRO J 66 25.10 86.21 72.49
N GLU J 67 23.81 86.49 72.62
CA GLU J 67 23.25 87.82 72.40
C GLU J 67 23.96 88.92 73.19
N ALA J 68 24.13 88.65 74.46
CA ALA J 68 24.89 89.49 75.35
C ALA J 68 26.29 89.81 74.82
N VAL J 69 26.80 89.09 73.86
CA VAL J 69 28.11 89.49 73.44
C VAL J 69 28.06 90.84 72.72
N PRO J 70 29.02 91.69 73.05
CA PRO J 70 29.13 93.02 72.55
C PRO J 70 29.99 93.12 71.31
N GLU J 71 29.41 93.85 70.37
CA GLU J 71 30.04 94.02 69.10
C GLU J 71 31.55 94.34 69.07
N SER J 72 31.97 95.12 70.03
CA SER J 72 33.36 95.53 70.15
C SER J 72 34.29 94.37 70.24
N TRP J 73 33.74 93.31 70.86
CA TRP J 73 34.50 92.15 71.12
C TRP J 73 35.32 91.77 69.90
N LEU J 74 34.67 91.97 68.75
CA LEU J 74 35.26 91.60 67.47
C LEU J 74 36.53 92.32 67.16
N GLU J 75 36.42 93.55 67.59
CA GLU J 75 37.42 94.54 67.39
C GLU J 75 38.48 94.57 68.44
N CYS J 76 38.01 94.68 69.66
CA CYS J 76 38.90 94.85 70.74
C CYS J 76 38.60 93.94 71.85
N ASP J 77 39.71 93.60 72.53
CA ASP J 77 39.65 92.78 73.72
C ASP J 77 38.84 93.48 74.77
N LEU J 78 38.30 92.73 75.69
CA LEU J 78 37.54 93.42 76.68
C LEU J 78 38.38 93.85 77.84
N PRO J 79 37.80 94.79 78.53
CA PRO J 79 38.43 95.34 79.69
C PRO J 79 38.36 94.28 80.77
N GLU J 80 37.12 93.78 80.90
CA GLU J 80 36.73 92.78 81.86
C GLU J 80 37.10 91.34 81.50
N ALA J 81 37.97 91.21 80.52
CA ALA J 81 38.43 89.92 80.11
C ALA J 81 39.44 89.42 81.10
N ASP J 82 39.58 88.10 81.18
CA ASP J 82 40.55 87.48 82.05
C ASP J 82 41.57 86.78 81.22
N THR J 83 42.69 86.57 81.83
CA THR J 83 43.69 85.84 81.13
C THR J 83 43.56 84.43 81.60
N VAL J 84 43.56 83.51 80.65
CA VAL J 84 43.32 82.10 80.90
C VAL J 84 44.23 81.19 80.11
N VAL J 85 44.36 80.00 80.64
CA VAL J 85 45.11 79.01 79.91
C VAL J 85 44.25 78.15 79.01
N VAL J 86 44.81 77.96 77.84
CA VAL J 86 44.18 77.16 76.86
C VAL J 86 45.16 76.08 76.44
N PRO J 87 44.66 74.82 76.40
CA PRO J 87 43.25 74.51 76.53
C PRO J 87 42.77 74.27 77.92
N SER J 88 41.45 74.31 78.01
CA SER J 88 40.83 74.10 79.29
C SER J 88 39.31 74.12 79.17
N ASN J 89 38.68 73.79 80.28
CA ASN J 89 37.24 73.79 80.44
C ASN J 89 36.91 74.90 81.38
N TRP J 90 36.05 75.74 80.91
CA TRP J 90 35.74 76.86 81.71
C TRP J 90 35.03 76.59 83.02
N GLN J 91 34.31 75.49 83.13
CA GLN J 91 33.66 75.25 84.41
C GLN J 91 34.75 75.05 85.43
N MET J 92 35.90 74.63 84.91
CA MET J 92 37.07 74.36 85.74
C MET J 92 37.70 75.59 86.32
N HIS J 93 37.19 76.74 85.88
CA HIS J 93 37.74 78.00 86.31
C HIS J 93 36.74 78.82 87.01
N GLY J 94 35.67 78.18 87.40
CA GLY J 94 34.65 78.86 88.12
C GLY J 94 33.62 79.58 87.29
N TYR J 95 33.84 79.63 85.96
CA TYR J 95 32.85 80.35 85.19
C TYR J 95 31.38 79.97 85.35
N ASP J 96 31.16 78.68 85.41
CA ASP J 96 29.84 78.10 85.64
C ASP J 96 30.09 76.73 86.13
N ALA J 97 28.96 76.05 86.36
CA ALA J 97 28.95 74.70 86.88
C ALA J 97 29.07 73.61 85.85
N PRO J 98 29.77 72.57 86.27
CA PRO J 98 29.87 71.39 85.46
C PRO J 98 28.67 70.60 85.92
N ILE J 99 28.06 69.86 84.99
CA ILE J 99 26.93 69.05 85.35
C ILE J 99 27.21 67.57 85.18
N TYR J 100 26.74 66.87 86.19
CA TYR J 100 26.81 65.45 86.19
C TYR J 100 25.43 64.82 86.14
N THR J 101 24.99 64.58 84.91
CA THR J 101 23.78 63.86 84.61
C THR J 101 24.20 62.68 83.71
N ASN J 102 23.48 61.59 83.83
CA ASN J 102 23.73 60.35 83.08
C ASN J 102 23.01 60.23 81.72
N VAL J 103 21.69 60.07 81.87
CA VAL J 103 20.80 59.85 80.75
C VAL J 103 20.10 61.09 80.37
N THR J 104 19.49 61.63 81.40
CA THR J 104 18.75 62.83 81.24
C THR J 104 19.58 64.00 80.74
N TYR J 105 19.08 64.58 79.67
CA TYR J 105 19.71 65.71 79.05
C TYR J 105 19.67 66.89 80.01
N PRO J 106 20.77 67.61 80.02
CA PRO J 106 20.96 68.78 80.84
C PRO J 106 20.01 69.89 80.44
N ILE J 107 19.71 69.92 79.16
CA ILE J 107 18.79 70.91 78.71
C ILE J 107 17.47 70.27 78.39
N THR J 108 16.52 71.09 78.05
CA THR J 108 15.20 70.61 77.75
C THR J 108 15.13 69.95 76.41
N VAL J 109 14.36 68.87 76.40
CA VAL J 109 14.26 68.13 75.17
C VAL J 109 13.33 68.67 74.13
N ASN J 110 13.94 69.38 73.21
CA ASN J 110 13.18 69.98 72.16
C ASN J 110 14.02 70.28 70.98
N PRO J 111 14.55 69.23 70.46
CA PRO J 111 15.38 69.32 69.32
C PRO J 111 14.61 70.00 68.20
N PRO J 112 15.37 70.77 67.44
CA PRO J 112 16.81 70.91 67.61
C PRO J 112 17.14 72.13 68.40
N PHE J 113 16.26 72.44 69.30
CA PHE J 113 16.45 73.59 70.09
C PHE J 113 17.10 73.44 71.41
N VAL J 114 18.03 74.36 71.53
CA VAL J 114 18.85 74.63 72.68
C VAL J 114 18.17 75.76 73.49
N PRO J 115 18.45 75.84 74.79
CA PRO J 115 17.85 76.87 75.63
C PRO J 115 18.41 78.27 75.33
N THR J 116 17.55 79.25 75.55
CA THR J 116 17.86 80.63 75.26
C THR J 116 19.10 81.18 75.98
N GLU J 117 19.26 80.73 77.21
CA GLU J 117 20.39 81.09 78.05
C GLU J 117 21.44 80.07 77.81
N ASN J 118 22.37 80.45 76.98
CA ASN J 118 23.35 79.51 76.66
C ASN J 118 24.74 80.09 76.81
N PRO J 119 25.33 79.60 77.81
CA PRO J 119 26.63 80.00 78.23
C PRO J 119 27.61 80.10 77.13
N THR J 120 27.93 81.34 76.84
CA THR J 120 28.89 81.63 75.82
C THR J 120 30.26 81.99 76.37
N GLY J 121 31.31 81.50 75.72
CA GLY J 121 32.66 81.77 76.17
C GLY J 121 33.46 82.42 75.04
N CYS J 122 33.85 83.67 75.26
CA CYS J 122 34.60 84.38 74.24
C CYS J 122 36.06 84.35 74.49
N TYR J 123 36.72 83.64 73.61
CA TYR J 123 38.15 83.47 73.68
C TYR J 123 38.77 84.29 72.61
N SER J 124 39.90 84.88 72.94
CA SER J 124 40.56 85.75 72.00
C SER J 124 42.02 85.60 72.14
N LEU J 125 42.66 85.81 71.04
CA LEU J 125 44.08 85.71 71.04
C LEU J 125 44.75 86.45 69.91
N THR J 126 45.73 87.16 70.40
CA THR J 126 46.52 88.00 69.59
C THR J 126 47.88 87.43 69.37
N PHE J 127 48.28 87.39 68.13
CA PHE J 127 49.55 86.79 67.85
C PHE J 127 50.13 87.28 66.54
N ASN J 128 51.38 86.87 66.47
CA ASN J 128 52.25 87.20 65.39
C ASN J 128 52.48 86.09 64.45
N VAL J 129 52.72 86.50 63.22
CA VAL J 129 52.95 85.59 62.12
C VAL J 129 54.14 85.94 61.28
N ASP J 130 55.04 84.97 61.09
CA ASP J 130 56.14 85.32 60.22
C ASP J 130 55.55 85.57 58.83
N GLU J 131 56.00 86.61 58.16
CA GLU J 131 55.42 86.82 56.87
C GLU J 131 55.90 85.82 55.84
N SER J 132 57.05 85.21 56.13
CA SER J 132 57.49 84.21 55.19
C SER J 132 56.29 83.29 54.83
N TRP J 133 55.52 82.98 55.88
CA TRP J 133 54.32 82.17 55.77
C TRP J 133 53.25 82.86 54.96
N LEU J 134 53.25 84.14 55.14
CA LEU J 134 52.30 84.99 54.52
C LEU J 134 52.55 85.12 53.04
N GLN J 135 53.79 84.88 52.63
CA GLN J 135 54.06 85.01 51.22
C GLN J 135 53.49 83.86 50.46
N GLU J 136 54.25 82.79 50.51
CA GLU J 136 53.87 81.57 49.83
C GLU J 136 53.12 80.58 50.73
N GLY J 137 52.58 79.53 50.11
CA GLY J 137 51.89 78.46 50.81
C GLY J 137 50.54 78.76 51.44
N GLN J 138 50.17 77.83 52.33
CA GLN J 138 48.90 77.93 53.00
C GLN J 138 48.92 77.70 54.47
N THR J 139 48.13 78.57 55.07
CA THR J 139 48.06 78.59 56.49
C THR J 139 46.70 78.38 57.09
N ARG J 140 46.69 77.30 57.85
CA ARG J 140 45.47 76.99 58.50
C ARG J 140 45.66 76.77 59.97
N ILE J 141 44.50 76.95 60.57
CA ILE J 141 44.37 76.76 61.96
C ILE J 141 43.55 75.53 62.29
N ILE J 142 43.92 74.96 63.43
CA ILE J 142 43.29 73.76 63.89
C ILE J 142 42.97 73.66 65.34
N PHE J 143 41.70 73.42 65.57
CA PHE J 143 41.19 73.16 66.89
C PHE J 143 40.95 71.68 67.08
N ASP J 144 41.79 71.08 67.90
CA ASP J 144 41.62 69.68 68.19
C ASP J 144 40.37 69.32 68.96
N GLY J 145 39.78 70.29 69.63
CA GLY J 145 38.56 70.06 70.37
C GLY J 145 38.01 71.32 71.06
N VAL J 146 36.73 71.58 70.73
CA VAL J 146 35.90 72.68 71.20
C VAL J 146 34.46 72.21 71.49
N ASN J 147 34.06 72.34 72.72
CA ASN J 147 32.77 71.85 73.08
C ASN J 147 31.84 72.96 73.44
N SER J 148 30.65 72.99 72.83
CA SER J 148 30.13 72.04 71.88
C SER J 148 30.12 72.52 70.46
N ALA J 149 29.97 73.82 70.30
CA ALA J 149 29.90 74.49 69.00
C ALA J 149 30.62 75.84 68.98
N PHE J 150 30.89 76.37 67.78
CA PHE J 150 31.54 77.66 67.78
C PHE J 150 31.73 78.33 66.44
N HIS J 151 31.79 79.68 66.57
CA HIS J 151 32.02 80.62 65.49
C HIS J 151 33.40 81.19 65.54
N LEU J 152 33.87 81.58 64.40
CA LEU J 152 35.21 82.05 64.47
C LEU J 152 35.57 83.26 63.60
N TRP J 153 36.34 84.19 64.21
CA TRP J 153 36.80 85.35 63.50
C TRP J 153 38.28 85.55 63.52
N CYS J 154 38.74 86.15 62.46
CA CYS J 154 40.14 86.43 62.37
C CYS J 154 40.29 87.81 61.83
N ASN J 155 40.95 88.59 62.68
CA ASN J 155 41.19 89.97 62.42
C ASN J 155 39.87 90.64 62.05
N GLY J 156 38.84 90.43 62.87
CA GLY J 156 37.55 91.07 62.67
C GLY J 156 36.66 90.41 61.66
N ARG J 157 37.31 89.54 60.91
CA ARG J 157 36.62 88.85 59.88
C ARG J 157 36.07 87.49 60.28
N TRP J 158 34.79 87.31 59.93
CA TRP J 158 34.15 86.05 60.18
C TRP J 158 34.76 84.95 59.33
N VAL J 159 35.04 83.82 59.96
CA VAL J 159 35.68 82.74 59.24
C VAL J 159 34.81 81.50 59.04
N GLY J 160 34.32 80.94 60.11
CA GLY J 160 33.54 79.76 59.95
C GLY J 160 32.90 79.31 61.23
N TYR J 161 32.35 78.12 61.13
CA TYR J 161 31.64 77.51 62.20
C TYR J 161 31.87 76.02 62.21
N GLY J 162 31.66 75.42 63.37
CA GLY J 162 31.88 73.98 63.55
C GLY J 162 31.10 73.32 64.70
N GLN J 163 30.83 72.01 64.54
CA GLN J 163 30.16 71.19 65.53
C GLN J 163 30.94 69.86 65.75
N ASP J 164 30.52 69.10 66.78
CA ASP J 164 31.16 67.87 67.16
C ASP J 164 32.39 68.15 68.01
N SER J 165 32.12 68.11 69.31
CA SER J 165 33.18 68.37 70.27
C SER J 165 34.36 67.48 70.23
N ARG J 166 34.28 66.33 69.58
CA ARG J 166 35.43 65.46 69.67
C ARG J 166 36.36 65.37 68.53
N LEU J 167 36.02 66.03 67.44
CA LEU J 167 36.96 66.00 66.35
C LEU J 167 37.47 67.39 66.05
N PRO J 168 38.58 67.41 65.38
CA PRO J 168 39.28 68.57 64.94
C PRO J 168 38.51 69.37 63.93
N SER J 169 38.74 70.68 64.01
CA SER J 169 38.17 71.62 63.07
C SER J 169 39.27 72.42 62.42
N GLU J 170 39.21 72.47 61.10
CA GLU J 170 40.25 73.20 60.41
C GLU J 170 39.75 74.22 59.48
N PHE J 171 40.52 75.31 59.52
CA PHE J 171 40.30 76.43 58.64
C PHE J 171 41.53 77.06 58.08
N ASP J 172 41.27 77.52 56.85
CA ASP J 172 42.24 78.22 56.05
C ASP J 172 42.31 79.66 56.48
N LEU J 173 43.44 80.04 57.01
CA LEU J 173 43.49 81.40 57.46
C LEU J 173 44.06 82.37 56.47
N SER J 174 44.76 81.73 55.56
CA SER J 174 45.48 82.28 54.48
C SER J 174 45.03 83.67 54.05
N ALA J 175 43.74 83.83 53.87
CA ALA J 175 43.27 85.14 53.44
C ALA J 175 42.94 86.14 54.53
N PHE J 176 43.21 85.85 55.80
CA PHE J 176 42.81 86.84 56.78
C PHE J 176 43.96 87.32 57.57
N LEU J 177 45.04 86.64 57.34
CA LEU J 177 46.20 87.00 58.06
C LEU J 177 46.89 88.18 57.48
N ARG J 178 47.49 88.90 58.41
CA ARG J 178 48.28 90.08 58.14
C ARG J 178 49.62 89.80 58.71
N ALA J 179 50.63 90.47 58.20
CA ALA J 179 51.90 90.24 58.84
C ALA J 179 51.90 90.91 60.20
N GLY J 180 52.63 90.23 61.06
CA GLY J 180 52.72 90.66 62.41
C GLY J 180 51.50 90.27 63.22
N GLU J 181 50.91 91.30 63.75
CA GLU J 181 49.85 91.14 64.68
C GLU J 181 48.50 90.69 64.24
N ASN J 182 48.09 89.51 64.71
CA ASN J 182 46.76 89.09 64.37
C ASN J 182 45.96 88.77 65.59
N ARG J 183 44.67 88.80 65.37
CA ARG J 183 43.79 88.50 66.46
C ARG J 183 42.61 87.60 66.10
N LEU J 184 42.54 86.51 66.89
CA LEU J 184 41.44 85.57 66.81
C LEU J 184 40.41 85.80 67.86
N ALA J 185 39.18 85.61 67.41
CA ALA J 185 38.06 85.68 68.30
C ALA J 185 37.13 84.52 68.02
N VAL J 186 37.11 83.67 69.05
CA VAL J 186 36.33 82.47 69.05
C VAL J 186 35.19 82.52 69.99
N MET J 187 34.03 82.38 69.44
CA MET J 187 32.91 82.35 70.33
C MET J 187 32.44 80.91 70.44
N VAL J 188 32.48 80.38 71.65
CA VAL J 188 32.14 79.00 71.94
C VAL J 188 30.82 78.81 72.67
N LEU J 189 29.97 77.83 72.25
CA LEU J 189 28.71 77.64 72.97
C LEU J 189 28.51 76.34 73.70
N ARG J 190 27.86 76.47 74.85
CA ARG J 190 27.62 75.29 75.63
C ARG J 190 26.75 74.32 74.90
N TRP J 191 25.56 74.79 74.59
CA TRP J 191 24.58 74.00 73.89
C TRP J 191 24.51 74.28 72.42
N SER J 192 24.23 73.24 71.65
CA SER J 192 24.08 73.31 70.21
C SER J 192 23.20 72.18 69.77
N ASP J 193 22.85 72.11 68.50
CA ASP J 193 22.04 70.97 68.10
C ASP J 193 22.91 69.70 68.31
N GLY J 194 24.27 69.86 68.23
CA GLY J 194 25.26 68.79 68.43
C GLY J 194 25.12 68.12 69.79
N SER J 195 24.61 68.91 70.68
CA SER J 195 24.39 68.48 72.03
C SER J 195 23.45 67.30 72.06
N TYR J 196 22.45 67.32 71.19
CA TYR J 196 21.56 66.20 71.21
C TYR J 196 22.27 64.87 70.89
N LEU J 197 23.45 64.94 70.27
CA LEU J 197 24.19 63.75 69.94
C LEU J 197 25.30 63.51 70.89
N GLU J 198 25.25 64.23 72.00
CA GLU J 198 26.33 64.05 72.93
C GLU J 198 25.85 63.74 74.34
N ASP J 199 24.91 62.80 74.50
CA ASP J 199 24.37 62.51 75.82
C ASP J 199 25.12 61.50 76.67
N GLN J 200 26.45 61.47 76.53
CA GLN J 200 27.26 60.53 77.31
C GLN J 200 27.15 60.74 78.81
N ASP J 201 27.14 59.62 79.56
CA ASP J 201 27.09 59.63 81.02
C ASP J 201 28.43 60.11 81.59
N MET J 202 28.57 61.42 81.65
CA MET J 202 29.79 62.05 82.12
C MET J 202 29.48 63.47 82.55
N TRP J 203 30.53 64.15 82.99
CA TRP J 203 30.36 65.52 83.40
C TRP J 203 30.19 66.32 82.15
N ARG J 204 29.25 67.25 82.20
CA ARG J 204 28.99 68.10 81.07
C ARG J 204 29.74 69.42 81.23
N MET J 205 30.76 69.56 80.44
CA MET J 205 31.61 70.71 80.49
C MET J 205 31.63 71.52 79.18
N SER J 206 32.64 72.40 79.00
CA SER J 206 32.76 73.23 77.77
C SER J 206 34.01 74.02 77.64
N GLY J 207 34.26 74.42 76.39
CA GLY J 207 35.41 75.21 76.05
C GLY J 207 36.33 74.63 75.01
N ILE J 208 37.56 75.17 75.03
CA ILE J 208 38.61 74.78 74.13
C ILE J 208 39.52 73.93 74.90
N PHE J 209 39.14 72.66 74.88
CA PHE J 209 39.77 71.67 75.70
C PHE J 209 40.82 70.86 75.06
N ARG J 210 41.04 71.07 73.78
CA ARG J 210 42.13 70.37 73.14
C ARG J 210 42.96 71.43 72.43
N ASP J 211 44.15 71.04 72.04
CA ASP J 211 45.10 71.88 71.37
C ASP J 211 44.61 72.74 70.24
N VAL J 212 45.33 73.88 70.11
CA VAL J 212 45.17 74.87 69.06
C VAL J 212 46.45 75.06 68.32
N SER J 213 46.37 75.02 66.99
CA SER J 213 47.59 75.06 66.24
C SER J 213 47.49 75.66 64.86
N LEU J 214 48.69 75.87 64.33
CA LEU J 214 48.83 76.43 63.02
C LEU J 214 49.70 75.63 62.16
N LEU J 215 49.12 75.54 60.98
CA LEU J 215 49.81 74.79 60.01
C LEU J 215 49.98 75.47 58.68
N HIS J 216 51.27 75.45 58.34
CA HIS J 216 51.77 76.02 57.13
C HIS J 216 52.08 74.92 56.18
N LYS J 217 51.37 74.98 55.06
CA LYS J 217 51.55 74.01 54.03
C LYS J 217 51.72 74.65 52.67
N PRO J 218 52.46 73.95 51.79
CA PRO J 218 52.70 74.40 50.43
C PRO J 218 51.37 74.49 49.72
N THR J 219 51.34 75.18 48.61
CA THR J 219 50.08 75.33 47.90
C THR J 219 49.74 74.06 47.18
N THR J 220 50.82 73.43 46.80
CA THR J 220 50.72 72.18 46.15
C THR J 220 51.22 71.18 47.18
N GLN J 221 50.27 70.45 47.77
CA GLN J 221 50.62 69.56 48.84
C GLN J 221 49.92 68.22 48.84
N ILE J 222 50.37 67.43 49.81
CA ILE J 222 49.81 66.14 50.10
C ILE J 222 48.53 66.37 50.88
N SER J 223 47.39 66.01 50.31
CA SER J 223 46.13 66.25 50.97
C SER J 223 45.63 65.11 51.85
N ASP J 224 46.16 63.92 51.58
CA ASP J 224 45.70 62.75 52.28
C ASP J 224 46.44 61.52 51.86
N PHE J 225 46.47 60.56 52.78
CA PHE J 225 47.08 59.30 52.46
C PHE J 225 46.61 58.16 53.32
N HIS J 226 46.62 56.97 52.75
CA HIS J 226 46.22 55.80 53.46
C HIS J 226 47.18 54.71 53.26
N VAL J 227 47.26 53.97 54.32
CA VAL J 227 48.11 52.83 54.33
C VAL J 227 47.29 51.58 54.55
N ALA J 228 47.81 50.47 53.99
CA ALA J 228 47.23 49.12 54.09
C ALA J 228 48.21 47.98 53.95
N THR J 229 48.00 46.92 54.75
CA THR J 229 48.85 45.75 54.70
C THR J 229 48.14 44.48 54.32
N ARG J 230 48.71 43.78 53.38
CA ARG J 230 48.15 42.54 52.93
C ARG J 230 49.17 41.42 53.14
N PHE J 231 48.73 40.19 53.45
CA PHE J 231 49.71 39.13 53.64
C PHE J 231 49.44 37.84 52.93
N ASN J 232 50.46 36.98 52.89
CA ASN J 232 50.25 35.65 52.39
C ASN J 232 49.61 34.87 53.53
N ASP J 233 49.28 33.65 53.21
CA ASP J 233 48.62 32.78 54.15
C ASP J 233 49.39 32.62 55.44
N ASP J 234 50.69 32.82 55.40
CA ASP J 234 51.45 32.58 56.61
C ASP J 234 52.19 33.78 57.13
N PHE J 235 51.84 34.95 56.60
CA PHE J 235 52.49 36.16 57.08
C PHE J 235 53.97 36.16 56.84
N SER J 236 54.40 35.33 55.93
CA SER J 236 55.79 35.28 55.61
C SER J 236 56.14 36.44 54.68
N ARG J 237 55.10 37.05 54.18
CA ARG J 237 55.29 38.11 53.26
C ARG J 237 54.11 39.05 53.18
N ALA J 238 54.45 40.33 53.07
CA ALA J 238 53.45 41.36 53.02
C ALA J 238 53.57 42.40 51.93
N VAL J 239 52.46 43.07 51.77
CA VAL J 239 52.42 44.16 50.87
C VAL J 239 51.94 45.40 51.54
N LEU J 240 52.77 46.40 51.44
CA LEU J 240 52.33 47.64 51.96
C LEU J 240 51.80 48.45 50.80
N GLU J 241 50.60 48.93 50.94
CA GLU J 241 50.04 49.68 49.89
C GLU J 241 49.57 51.03 50.38
N ALA J 242 50.13 52.05 49.73
CA ALA J 242 49.83 53.43 50.10
C ALA J 242 49.20 54.24 49.01
N GLU J 243 48.18 54.94 49.43
CA GLU J 243 47.47 55.75 48.50
C GLU J 243 47.59 57.16 48.93
N VAL J 244 48.05 57.92 47.99
CA VAL J 244 48.28 59.31 48.23
C VAL J 244 47.53 60.24 47.34
N GLN J 245 47.03 61.25 47.99
CA GLN J 245 46.34 62.27 47.25
C GLN J 245 46.94 63.61 47.50
N MET J 246 46.89 64.40 46.41
CA MET J 246 47.42 65.73 46.43
C MET J 246 46.39 66.78 46.13
N CYS J 247 46.73 67.97 46.59
CA CYS J 247 45.96 69.17 46.36
C CYS J 247 46.88 70.14 45.67
N GLY J 248 46.33 71.03 44.87
CA GLY J 248 47.16 72.01 44.22
C GLY J 248 47.25 71.90 42.71
N GLU J 249 48.25 72.57 42.10
CA GLU J 249 48.19 72.24 40.69
C GLU J 249 49.28 71.36 40.22
N LEU J 250 48.64 70.46 39.52
CA LEU J 250 49.20 69.32 38.95
C LEU J 250 50.15 69.59 37.82
N ARG J 251 51.30 68.94 37.91
CA ARG J 251 52.35 69.06 36.91
C ARG J 251 53.10 67.77 36.77
N ASP J 252 53.31 67.41 35.56
CA ASP J 252 54.00 66.18 35.20
C ASP J 252 55.38 65.96 35.84
N TYR J 253 55.94 66.95 36.51
CA TYR J 253 57.25 66.65 37.06
C TYR J 253 57.17 66.22 38.49
N LEU J 254 55.93 66.14 38.94
CA LEU J 254 55.65 65.72 40.27
C LEU J 254 55.82 64.26 40.45
N ARG J 255 56.33 63.99 41.64
CA ARG J 255 56.59 62.65 42.03
C ARG J 255 56.27 62.39 43.48
N VAL J 256 56.18 61.09 43.76
CA VAL J 256 55.90 60.68 45.10
C VAL J 256 56.74 59.54 45.50
N THR J 257 57.27 59.71 46.69
CA THR J 257 58.06 58.64 47.19
C THR J 257 57.66 58.19 48.55
N VAL J 258 57.68 56.87 48.64
CA VAL J 258 57.29 56.25 49.85
C VAL J 258 58.31 55.25 50.21
N SER J 259 58.78 55.45 51.42
CA SER J 259 59.83 54.66 51.97
C SER J 259 59.48 54.13 53.35
N LEU J 260 59.95 52.93 53.50
CA LEU J 260 59.74 52.22 54.69
C LEU J 260 61.01 51.98 55.41
N TRP J 261 60.91 52.34 56.66
CA TRP J 261 62.00 52.23 57.56
C TRP J 261 61.77 51.42 58.78
N GLN J 262 62.84 50.73 59.09
CA GLN J 262 62.94 49.92 60.26
C GLN J 262 64.07 50.51 61.09
N GLY J 263 63.68 51.55 61.77
CA GLY J 263 64.67 52.23 62.53
C GLY J 263 65.61 52.95 61.57
N GLU J 264 66.82 52.46 61.55
CA GLU J 264 67.83 53.08 60.74
C GLU J 264 67.82 52.54 59.36
N THR J 265 67.19 51.42 59.26
CA THR J 265 67.18 50.77 58.01
C THR J 265 66.04 51.09 57.08
N GLN J 266 66.45 51.30 55.85
CA GLN J 266 65.44 51.53 54.89
C GLN J 266 65.12 50.20 54.32
N VAL J 267 63.87 49.89 54.48
CA VAL J 267 63.37 48.59 54.14
C VAL J 267 62.82 48.48 52.76
N ALA J 268 62.20 49.57 52.34
CA ALA J 268 61.64 49.60 51.02
C ALA J 268 61.27 51.00 50.65
N SER J 269 61.31 51.19 49.34
CA SER J 269 60.96 52.45 48.78
C SER J 269 60.35 52.28 47.44
N GLY J 270 59.61 53.32 47.07
CA GLY J 270 58.94 53.37 45.80
C GLY J 270 58.64 54.79 45.40
N THR J 271 58.77 54.99 44.10
CA THR J 271 58.51 56.31 43.59
C THR J 271 57.63 56.31 42.38
N ALA J 272 56.82 57.35 42.28
CA ALA J 272 55.96 57.47 41.15
C ALA J 272 55.33 58.83 41.02
N PRO J 273 54.74 58.95 39.87
CA PRO J 273 54.06 60.14 39.44
C PRO J 273 52.59 59.93 39.61
N PHE J 274 51.89 61.04 39.78
CA PHE J 274 50.47 60.96 39.98
C PHE J 274 49.72 60.34 38.83
N GLY J 275 48.52 59.92 39.15
CA GLY J 275 47.68 59.30 38.17
C GLY J 275 47.48 57.84 38.48
N GLY J 276 46.19 57.53 38.70
CA GLY J 276 45.71 56.20 39.03
C GLY J 276 45.26 55.35 37.84
N GLU J 277 44.80 54.16 38.19
CA GLU J 277 44.30 53.19 37.26
C GLU J 277 42.87 53.55 36.97
N ILE J 278 42.41 53.05 35.84
CA ILE J 278 41.07 53.34 35.50
C ILE J 278 40.15 52.80 36.53
N ILE J 279 39.19 53.62 36.85
CA ILE J 279 38.28 53.16 37.82
C ILE J 279 36.92 53.02 37.19
N ASP J 280 36.64 53.85 36.22
CA ASP J 280 35.33 53.74 35.63
C ASP J 280 35.34 54.27 34.23
N GLU J 281 34.15 54.44 33.71
CA GLU J 281 34.03 54.91 32.34
C GLU J 281 34.73 56.23 32.04
N ARG J 282 34.85 57.08 33.07
CA ARG J 282 35.49 58.37 32.91
C ARG J 282 36.97 58.36 33.14
N GLY J 283 37.53 57.27 33.64
CA GLY J 283 38.96 57.20 33.85
C GLY J 283 39.30 56.93 35.29
N GLY J 284 40.43 57.54 35.72
CA GLY J 284 40.92 57.43 37.07
C GLY J 284 41.11 58.78 37.78
N TYR J 285 41.89 58.73 38.86
CA TYR J 285 42.26 59.89 39.66
C TYR J 285 43.60 60.36 39.19
N ALA J 286 43.56 61.53 38.61
CA ALA J 286 44.78 62.11 38.11
C ALA J 286 45.71 62.56 39.22
N ASP J 287 45.06 62.95 40.27
CA ASP J 287 45.67 63.50 41.43
C ASP J 287 45.82 62.52 42.55
N ARG J 288 45.96 61.25 42.22
CA ARG J 288 46.22 60.32 43.29
C ARG J 288 47.18 59.36 42.73
N VAL J 289 47.77 58.63 43.61
CA VAL J 289 48.68 57.61 43.20
C VAL J 289 48.78 56.57 44.32
N THR J 290 48.91 55.31 43.92
CA THR J 290 49.01 54.26 44.89
C THR J 290 50.27 53.47 44.74
N LEU J 291 51.02 53.31 45.82
CA LEU J 291 52.23 52.51 45.70
C LEU J 291 52.10 51.25 46.48
N ARG J 292 52.80 50.26 46.00
CA ARG J 292 52.78 48.98 46.63
C ARG J 292 54.16 48.51 46.93
N LEU J 293 54.48 48.35 48.22
CA LEU J 293 55.79 47.89 48.63
C LEU J 293 55.73 46.49 49.15
N ASN J 294 56.69 45.72 48.71
CA ASN J 294 56.76 44.36 49.17
C ASN J 294 57.65 44.25 50.36
N VAL J 295 57.23 43.42 51.30
CA VAL J 295 58.03 43.21 52.48
C VAL J 295 58.16 41.77 52.88
N GLU J 296 59.39 41.32 52.91
CA GLU J 296 59.58 39.94 53.30
C GLU J 296 59.70 39.82 54.79
N ASN J 297 59.16 38.72 55.30
CA ASN J 297 59.24 38.47 56.72
C ASN J 297 59.08 39.72 57.56
N PRO J 298 57.95 40.36 57.38
CA PRO J 298 57.70 41.55 58.14
C PRO J 298 57.58 41.16 59.59
N LYS J 299 57.77 42.15 60.43
CA LYS J 299 57.64 42.01 61.86
C LYS J 299 56.27 42.54 62.23
N LEU J 300 55.55 41.65 62.87
CA LEU J 300 54.20 42.00 63.18
C LEU J 300 53.91 42.80 64.41
N TRP J 301 52.89 43.60 64.22
CA TRP J 301 52.49 44.38 65.32
C TRP J 301 51.42 43.65 66.13
N SER J 302 51.46 43.75 67.46
CA SER J 302 50.51 43.12 68.37
C SER J 302 50.55 43.87 69.64
N ALA J 303 49.55 43.66 70.47
CA ALA J 303 49.60 44.32 71.74
C ALA J 303 50.68 43.61 72.51
N GLU J 304 50.97 42.36 72.16
CA GLU J 304 52.05 41.62 72.81
C GLU J 304 53.40 42.22 72.40
N ILE J 305 53.55 42.62 71.14
CA ILE J 305 54.81 43.17 70.66
C ILE J 305 54.56 44.13 69.55
N PRO J 306 54.51 45.34 69.94
CA PRO J 306 54.20 46.43 69.07
C PRO J 306 55.30 46.76 68.10
N ASN J 307 55.59 45.84 67.22
CA ASN J 307 56.59 46.13 66.24
C ASN J 307 56.09 47.19 65.32
N LEU J 308 56.88 48.26 65.21
CA LEU J 308 56.55 49.36 64.31
C LEU J 308 57.55 49.65 63.19
N TYR J 309 57.01 50.29 62.17
CA TYR J 309 57.82 50.71 61.06
C TYR J 309 57.49 52.15 60.79
N ARG J 310 58.40 52.83 60.12
CA ARG J 310 58.14 54.20 59.81
C ARG J 310 58.02 54.42 58.34
N ALA J 311 56.97 55.16 58.04
CA ALA J 311 56.70 55.40 56.66
C ALA J 311 56.77 56.85 56.31
N VAL J 312 57.52 57.08 55.20
CA VAL J 312 57.67 58.40 54.66
C VAL J 312 57.17 58.66 53.28
N VAL J 313 56.39 59.71 53.31
CA VAL J 313 55.76 60.18 52.12
C VAL J 313 56.29 61.52 51.71
N GLU J 314 57.01 61.48 50.62
CA GLU J 314 57.59 62.67 50.08
C GLU J 314 57.06 63.00 48.71
N LEU J 315 56.61 64.22 48.71
CA LEU J 315 56.07 64.90 47.56
C LEU J 315 57.20 65.74 46.99
N HIS J 316 57.67 65.36 45.83
CA HIS J 316 58.75 66.10 45.27
C HIS J 316 58.70 66.19 43.75
N THR J 317 59.67 66.90 43.20
CA THR J 317 59.74 67.05 41.77
C THR J 317 60.67 66.02 41.26
N ALA J 318 60.57 65.83 39.97
CA ALA J 318 61.37 64.83 39.32
C ALA J 318 62.85 65.06 39.47
N ASP J 319 63.23 66.34 39.60
CA ASP J 319 64.65 66.67 39.73
C ASP J 319 65.19 66.27 41.07
N GLY J 320 64.30 66.19 42.04
CA GLY J 320 64.75 65.78 43.36
C GLY J 320 64.35 66.75 44.44
N THR J 321 63.95 67.90 44.00
CA THR J 321 63.56 68.90 44.94
C THR J 321 62.31 68.51 45.72
N LEU J 322 62.45 68.47 47.04
CA LEU J 322 61.33 68.09 47.87
C LEU J 322 60.34 69.21 48.11
N ILE J 323 59.06 68.93 47.95
CA ILE J 323 58.05 69.94 48.23
C ILE J 323 57.64 69.90 49.70
N GLU J 324 57.45 68.66 50.17
CA GLU J 324 57.09 68.39 51.57
C GLU J 324 57.02 66.92 51.84
N ALA J 325 56.89 66.68 53.13
CA ALA J 325 56.81 65.32 53.66
C ALA J 325 55.84 65.13 54.81
N GLU J 326 55.33 63.91 54.83
CA GLU J 326 54.47 63.47 55.88
C GLU J 326 54.90 62.07 56.18
N ALA J 327 54.57 61.67 57.40
CA ALA J 327 54.95 60.35 57.81
C ALA J 327 54.00 59.76 58.82
N CYS J 328 54.26 58.47 59.10
CA CYS J 328 53.49 57.75 60.09
C CYS J 328 54.14 56.47 60.49
N ASP J 329 53.69 56.01 61.66
CA ASP J 329 54.17 54.73 62.11
C ASP J 329 53.32 53.65 61.51
N VAL J 330 53.93 52.54 61.21
CA VAL J 330 53.17 51.51 60.58
C VAL J 330 53.27 50.18 61.27
N GLY J 331 52.10 49.50 61.38
CA GLY J 331 52.07 48.20 61.99
C GLY J 331 51.53 47.13 61.05
N PHE J 332 52.27 46.09 60.95
CA PHE J 332 51.83 44.99 60.12
C PHE J 332 51.00 44.04 60.94
N ARG J 333 49.71 44.05 60.64
CA ARG J 333 48.77 43.20 61.32
C ARG J 333 47.50 43.10 60.53
N GLU J 334 46.88 41.94 60.68
CA GLU J 334 45.63 41.61 60.03
C GLU J 334 44.55 41.30 61.04
N VAL J 335 43.45 41.98 60.90
CA VAL J 335 42.36 41.74 61.82
C VAL J 335 41.25 41.16 61.02
N ARG J 336 40.75 40.01 61.42
CA ARG J 336 39.65 39.49 60.68
C ARG J 336 38.79 38.55 61.47
N ILE J 337 37.57 38.50 60.99
CA ILE J 337 36.63 37.60 61.58
C ILE J 337 36.41 36.44 60.70
N GLU J 338 36.73 35.30 61.23
CA GLU J 338 36.54 34.18 60.41
C GLU J 338 35.89 33.04 61.11
N ASN J 339 34.82 32.58 60.51
CA ASN J 339 34.16 31.45 61.11
C ASN J 339 33.78 31.66 62.56
N GLY J 340 33.16 32.79 62.85
CA GLY J 340 32.71 33.10 64.18
C GLY J 340 33.80 33.64 65.04
N LEU J 341 35.02 33.70 64.52
CA LEU J 341 36.05 34.22 65.40
C LEU J 341 36.81 35.40 64.94
N LEU J 342 37.15 36.18 65.93
CA LEU J 342 37.93 37.34 65.69
C LEU J 342 39.40 37.02 65.81
N LEU J 343 40.07 37.25 64.69
CA LEU J 343 41.47 36.95 64.65
C LEU J 343 42.35 38.09 64.41
N LEU J 344 43.49 37.89 64.96
CA LEU J 344 44.51 38.83 64.78
C LEU J 344 45.74 38.11 64.34
N ASN J 345 46.22 38.50 63.18
CA ASN J 345 47.37 37.84 62.63
C ASN J 345 47.20 36.36 62.71
N GLY J 346 45.98 35.97 62.41
CA GLY J 346 45.66 34.57 62.36
C GLY J 346 45.25 33.93 63.64
N LYS J 347 45.45 34.61 64.74
CA LYS J 347 45.03 34.00 65.97
C LYS J 347 43.88 34.75 66.58
N PRO J 348 43.14 33.96 67.26
CA PRO J 348 41.93 34.33 67.94
C PRO J 348 42.26 35.06 69.19
N LEU J 349 41.70 36.25 69.30
CA LEU J 349 41.99 37.04 70.45
C LEU J 349 41.16 36.76 71.65
N LEU J 350 41.70 37.27 72.73
CA LEU J 350 41.06 37.27 74.01
C LEU J 350 41.28 38.63 74.64
N ILE J 351 40.24 39.41 74.56
CA ILE J 351 40.26 40.77 74.98
C ILE J 351 40.14 40.96 76.43
N ARG J 352 41.21 41.50 77.00
CA ARG J 352 41.26 41.89 78.39
C ARG J 352 41.11 43.40 78.38
N GLY J 353 39.87 43.84 78.16
CA GLY J 353 39.59 45.24 77.98
C GLY J 353 38.95 46.04 79.07
N VAL J 354 39.06 47.32 78.82
CA VAL J 354 38.48 48.29 79.71
C VAL J 354 38.05 49.50 78.94
N ASN J 355 36.97 50.06 79.40
CA ASN J 355 36.48 51.30 78.80
C ASN J 355 37.14 52.43 79.56
N ARG J 356 37.48 53.49 78.85
CA ARG J 356 38.11 54.64 79.47
C ARG J 356 37.72 56.00 78.94
N HIS J 357 37.36 56.87 79.86
CA HIS J 357 37.07 58.25 79.48
C HIS J 357 38.30 59.16 79.60
N GLU J 358 38.22 60.29 78.92
CA GLU J 358 39.27 61.31 78.99
C GLU J 358 38.86 62.25 80.15
N HIS J 359 39.43 61.95 81.34
CA HIS J 359 39.10 62.62 82.60
C HIS J 359 40.23 62.78 83.60
N HIS J 360 40.28 64.04 84.07
CA HIS J 360 41.24 64.55 85.00
C HIS J 360 40.56 65.29 86.12
N PRO J 361 40.82 64.82 87.33
CA PRO J 361 40.26 65.33 88.58
C PRO J 361 40.40 66.83 88.72
N LEU J 362 41.54 67.30 88.20
CA LEU J 362 41.92 68.70 88.17
C LEU J 362 41.61 69.45 86.88
N HIS J 363 42.03 68.89 85.76
CA HIS J 363 41.80 69.55 84.50
C HIS J 363 40.48 69.30 83.85
N GLY J 364 39.60 68.49 84.45
CA GLY J 364 38.31 68.20 83.82
C GLY J 364 38.55 67.30 82.59
N GLN J 365 38.08 67.74 81.43
CA GLN J 365 38.26 66.92 80.24
C GLN J 365 39.52 67.18 79.45
N VAL J 366 40.46 67.84 80.06
CA VAL J 366 41.69 68.11 79.34
C VAL J 366 42.79 67.07 79.56
N MET J 367 43.27 66.54 78.45
CA MET J 367 44.29 65.49 78.51
C MET J 367 45.72 65.91 78.28
N ASP J 368 46.65 65.08 78.72
CA ASP J 368 48.08 65.31 78.56
C ASP J 368 48.89 64.05 78.57
N GLU J 369 49.99 64.17 77.87
CA GLU J 369 50.89 63.06 77.72
C GLU J 369 51.11 62.30 79.00
N GLN J 370 51.50 63.06 79.95
CA GLN J 370 51.83 62.47 81.19
C GLN J 370 50.80 61.50 81.77
N THR J 371 49.58 61.98 81.79
CA THR J 371 48.49 61.18 82.28
C THR J 371 48.26 59.93 81.41
N MET J 372 48.10 60.22 80.14
CA MET J 372 47.89 59.20 79.19
C MET J 372 48.83 58.02 79.46
N VAL J 373 50.09 58.36 79.52
CA VAL J 373 51.05 57.33 79.76
C VAL J 373 50.83 56.59 81.06
N GLN J 374 50.48 57.36 82.03
CA GLN J 374 50.23 56.73 83.29
C GLN J 374 49.21 55.63 83.16
N ASP J 375 48.09 56.02 82.57
CA ASP J 375 47.03 55.08 82.38
C ASP J 375 47.51 53.82 81.67
N ILE J 376 48.18 54.09 80.59
CA ILE J 376 48.66 52.99 79.86
C ILE J 376 49.50 52.05 80.66
N LEU J 377 50.43 52.64 81.38
CA LEU J 377 51.32 51.82 82.15
C LEU J 377 50.58 50.92 83.09
N LEU J 378 49.69 51.54 83.80
CA LEU J 378 48.87 50.82 84.72
C LEU J 378 48.14 49.69 84.08
N MET J 379 47.43 50.03 83.01
CA MET J 379 46.68 49.01 82.34
C MET J 379 47.53 47.84 82.01
N LYS J 380 48.60 48.15 81.32
CA LYS J 380 49.52 47.13 80.92
C LYS J 380 49.98 46.34 82.11
N GLN J 381 50.24 47.04 83.17
CA GLN J 381 50.70 46.33 84.32
C GLN J 381 49.66 45.46 84.99
N ASN J 382 48.40 45.76 84.72
CA ASN J 382 47.34 44.97 85.28
C ASN J 382 46.75 43.95 84.34
N ASN J 383 47.45 43.66 83.29
CA ASN J 383 47.02 42.63 82.39
C ASN J 383 45.93 43.00 81.47
N PHE J 384 45.78 44.29 81.25
CA PHE J 384 44.82 44.69 80.25
C PHE J 384 45.45 44.72 78.84
N ASN J 385 44.69 44.50 77.77
CA ASN J 385 45.35 44.56 76.47
C ASN J 385 44.59 45.38 75.48
N ALA J 386 43.47 45.90 75.96
CA ALA J 386 42.67 46.66 75.05
C ALA J 386 41.86 47.68 75.76
N VAL J 387 41.52 48.69 75.00
CA VAL J 387 40.70 49.73 75.52
C VAL J 387 39.72 50.27 74.49
N ARG J 388 38.59 50.66 75.03
CA ARG J 388 37.54 51.23 74.25
C ARG J 388 37.41 52.71 74.58
N CYS J 389 37.43 53.54 73.55
CA CYS J 389 37.26 54.98 73.70
C CYS J 389 35.84 55.41 73.99
N SER J 390 35.36 55.05 75.17
CA SER J 390 33.99 55.44 75.51
C SER J 390 33.94 56.95 75.71
N HIS J 391 33.23 57.67 74.87
CA HIS J 391 32.46 57.22 73.73
C HIS J 391 32.61 58.32 72.68
N TYR J 392 33.82 58.51 72.20
CA TYR J 392 34.14 59.54 71.24
C TYR J 392 35.59 59.39 70.98
N PRO J 393 35.97 60.00 69.90
CA PRO J 393 37.34 59.93 69.48
C PRO J 393 38.16 60.64 70.51
N ASN J 394 39.31 60.09 70.70
CA ASN J 394 40.12 60.65 71.71
C ASN J 394 41.14 61.62 71.18
N HIS J 395 41.77 62.26 72.11
CA HIS J 395 42.89 63.06 71.79
C HIS J 395 43.91 62.14 71.07
N PRO J 396 44.33 62.68 69.99
CA PRO J 396 45.21 62.11 69.00
C PRO J 396 46.44 61.43 69.48
N LEU J 397 47.00 61.99 70.48
CA LEU J 397 48.22 61.40 70.93
C LEU J 397 48.04 59.98 71.45
N TRP J 398 46.87 59.83 72.00
CA TRP J 398 46.49 58.58 72.58
C TRP J 398 46.82 57.41 71.68
N TYR J 399 46.34 57.56 70.43
CA TYR J 399 46.51 56.52 69.46
C TYR J 399 47.96 56.18 69.22
N THR J 400 48.73 57.21 69.23
CA THR J 400 50.11 56.97 69.00
C THR J 400 50.72 56.15 70.10
N LEU J 401 50.37 56.57 71.29
CA LEU J 401 50.87 55.91 72.44
C LEU J 401 50.49 54.47 72.41
N CYS J 402 49.22 54.24 72.10
CA CYS J 402 48.79 52.86 72.05
C CYS J 402 49.54 52.13 71.00
N ASP J 403 49.80 52.84 69.92
CA ASP J 403 50.50 52.21 68.83
C ASP J 403 51.84 51.75 69.30
N ARG J 404 52.45 52.62 70.08
CA ARG J 404 53.80 52.38 70.53
C ARG J 404 53.93 51.45 71.69
N TYR J 405 53.03 51.60 72.65
CA TYR J 405 53.07 50.75 73.82
C TYR J 405 52.49 49.38 73.64
N GLY J 406 51.50 49.29 72.74
CA GLY J 406 50.86 48.03 72.45
C GLY J 406 49.55 47.81 73.16
N LEU J 407 48.45 48.37 72.64
CA LEU J 407 47.14 48.13 73.23
C LEU J 407 46.11 48.08 72.12
N TYR J 408 45.22 47.10 72.14
CA TYR J 408 44.21 47.12 71.09
C TYR J 408 43.21 48.21 71.40
N VAL J 409 42.79 48.91 70.36
CA VAL J 409 41.81 49.97 70.56
C VAL J 409 40.58 49.91 69.68
N VAL J 410 39.49 50.30 70.34
CA VAL J 410 38.23 50.44 69.68
C VAL J 410 37.94 51.93 69.57
N ASP J 411 37.94 52.45 68.35
CA ASP J 411 37.65 53.82 68.10
C ASP J 411 36.14 54.05 67.97
N GLU J 412 35.64 55.03 68.69
CA GLU J 412 34.21 55.17 68.69
C GLU J 412 33.70 56.53 68.32
N ALA J 413 32.70 56.51 67.47
CA ALA J 413 32.15 57.79 67.05
C ALA J 413 31.44 58.51 68.19
N ASN J 414 31.53 59.82 68.14
CA ASN J 414 30.94 60.65 69.11
C ASN J 414 29.40 60.77 68.98
N ILE J 415 28.66 59.71 69.30
CA ILE J 415 27.22 59.83 69.21
C ILE J 415 26.51 59.07 70.30
N GLU J 416 25.76 59.76 71.18
CA GLU J 416 24.98 59.13 72.23
C GLU J 416 23.72 59.96 72.33
N THR J 417 22.56 59.32 72.22
CA THR J 417 21.27 60.02 72.31
C THR J 417 20.45 59.32 73.32
N HIS J 418 21.18 58.85 74.27
CA HIS J 418 20.62 58.10 75.32
C HIS J 418 19.29 58.64 75.91
N GLY J 419 19.15 59.96 76.07
CA GLY J 419 17.97 60.55 76.68
C GLY J 419 16.76 60.60 75.79
N MET J 420 16.94 60.33 74.52
CA MET J 420 15.79 60.38 73.64
C MET J 420 14.75 59.36 73.99
N VAL J 421 13.59 59.47 73.38
CA VAL J 421 12.56 58.49 73.64
C VAL J 421 11.60 58.25 72.49
N PRO J 422 11.59 57.03 71.98
CA PRO J 422 12.49 56.00 72.39
C PRO J 422 13.92 56.38 71.99
N MET J 423 14.84 55.64 72.53
CA MET J 423 16.22 55.92 72.29
C MET J 423 16.59 56.21 70.84
N ASN J 424 15.90 55.65 69.87
CA ASN J 424 16.36 55.90 68.50
C ASN J 424 15.60 56.97 67.70
N ARG J 425 14.91 57.81 68.46
CA ARG J 425 14.13 58.89 67.90
C ARG J 425 14.89 59.63 66.79
N LEU J 426 16.14 59.97 67.06
CA LEU J 426 16.93 60.64 66.05
C LEU J 426 17.61 59.75 65.04
N THR J 427 18.19 58.63 65.54
CA THR J 427 18.95 57.69 64.72
C THR J 427 18.18 57.06 63.61
N ASP J 428 16.89 57.10 63.81
CA ASP J 428 16.06 56.59 62.79
C ASP J 428 15.53 57.72 61.88
N ASP J 429 16.11 58.90 61.99
CA ASP J 429 15.64 60.00 61.20
C ASP J 429 16.69 60.60 60.30
N PRO J 430 16.28 60.49 59.06
CA PRO J 430 17.02 60.91 57.91
C PRO J 430 17.55 62.29 58.12
N ARG J 431 16.67 63.12 58.66
CA ARG J 431 17.10 64.49 58.91
C ARG J 431 18.35 64.57 59.72
N TRP J 432 18.63 63.54 60.50
CA TRP J 432 19.82 63.59 61.32
C TRP J 432 20.99 62.83 60.77
N LEU J 433 20.68 62.21 59.68
CA LEU J 433 21.67 61.41 59.06
C LEU J 433 22.99 62.11 58.70
N PRO J 434 22.86 63.26 58.19
CA PRO J 434 24.05 63.99 57.76
C PRO J 434 24.94 64.33 58.93
N ALA J 435 24.28 64.81 59.94
CA ALA J 435 24.99 65.10 61.17
C ALA J 435 25.72 63.84 61.65
N MET J 436 24.94 62.77 61.78
CA MET J 436 25.55 61.55 62.23
C MET J 436 26.70 61.17 61.33
N SER J 437 26.41 61.31 60.07
CA SER J 437 27.36 60.89 59.10
C SER J 437 28.78 61.43 59.35
N GLU J 438 28.77 62.74 59.61
CA GLU J 438 29.98 63.50 59.78
C GLU J 438 30.79 62.99 60.90
N ARG J 439 30.02 62.65 61.91
CA ARG J 439 30.60 62.08 63.07
C ARG J 439 31.35 60.77 62.76
N VAL J 440 30.88 59.98 61.81
CA VAL J 440 31.63 58.77 61.60
C VAL J 440 32.78 58.94 60.62
N THR J 441 32.39 59.52 59.51
CA THR J 441 33.29 59.69 58.41
C THR J 441 34.59 60.31 58.79
N ARG J 442 34.42 61.38 59.55
CA ARG J 442 35.56 62.15 59.97
C ARG J 442 36.52 61.38 60.83
N MET J 443 35.92 60.59 61.72
CA MET J 443 36.76 59.79 62.58
C MET J 443 37.66 58.87 61.78
N VAL J 444 36.97 58.22 60.89
CA VAL J 444 37.64 57.26 60.10
C VAL J 444 38.78 57.88 59.34
N GLN J 445 38.42 59.02 58.79
CA GLN J 445 39.36 59.76 57.99
C GLN J 445 40.61 60.14 58.76
N ARG J 446 40.34 60.42 60.01
CA ARG J 446 41.43 60.81 60.80
C ARG J 446 42.29 59.68 61.31
N ASP J 447 41.66 58.59 61.75
CA ASP J 447 42.40 57.57 62.45
C ASP J 447 42.80 56.30 61.82
N ARG J 448 42.34 56.18 60.63
CA ARG J 448 42.55 54.94 59.97
C ARG J 448 43.95 54.44 59.77
N ASN J 449 44.94 55.28 59.95
CA ASN J 449 46.24 54.69 59.75
C ASN J 449 46.87 54.06 60.97
N HIS J 450 46.23 54.21 62.14
CA HIS J 450 46.84 53.60 63.31
C HIS J 450 46.56 52.11 63.49
N PRO J 451 47.63 51.36 63.59
CA PRO J 451 47.52 49.92 63.78
C PRO J 451 46.79 49.53 65.05
N SER J 452 46.85 50.33 66.09
CA SER J 452 46.15 49.93 67.31
C SER J 452 44.64 49.96 67.17
N VAL J 453 44.17 50.73 66.21
CA VAL J 453 42.75 50.71 66.11
C VAL J 453 42.41 49.45 65.42
N ILE J 454 41.59 48.62 66.05
CA ILE J 454 41.24 47.38 65.37
C ILE J 454 39.76 47.20 65.17
N ILE J 455 38.98 48.05 65.77
CA ILE J 455 37.56 47.98 65.56
C ILE J 455 36.98 49.35 65.58
N TRP J 456 36.00 49.54 64.74
CA TRP J 456 35.31 50.79 64.69
C TRP J 456 33.99 50.59 65.37
N SER J 457 33.58 51.63 66.07
CA SER J 457 32.32 51.63 66.76
C SER J 457 31.49 52.82 66.35
N LEU J 458 30.22 52.57 66.08
CA LEU J 458 29.32 53.62 65.64
C LEU J 458 28.84 54.53 66.75
N GLY J 459 29.25 54.32 67.97
CA GLY J 459 28.68 55.20 68.94
C GLY J 459 28.20 54.44 70.15
N ASN J 460 27.21 55.01 70.86
CA ASN J 460 26.73 54.38 72.06
C ASN J 460 25.33 54.81 72.48
N GLU J 461 24.62 53.87 73.05
CA GLU J 461 23.28 54.09 73.54
C GLU J 461 22.48 55.09 72.78
N SER J 462 22.18 54.77 71.53
CA SER J 462 21.38 55.62 70.66
C SER J 462 20.34 54.78 69.94
N GLY J 463 19.96 53.70 70.59
CA GLY J 463 19.02 52.76 70.02
C GLY J 463 19.59 52.19 68.72
N HIS J 464 18.69 51.80 67.85
CA HIS J 464 19.11 51.32 66.58
C HIS J 464 18.22 51.92 65.51
N GLY J 465 18.83 52.66 64.57
CA GLY J 465 18.08 53.27 63.51
C GLY J 465 18.76 53.08 62.19
N ALA J 466 17.97 53.35 61.19
CA ALA J 466 18.49 53.19 59.85
C ALA J 466 19.78 53.95 59.59
N ASN J 467 19.91 55.07 60.30
CA ASN J 467 21.12 55.83 60.06
C ASN J 467 22.33 54.97 60.38
N HIS J 468 22.10 54.10 61.34
CA HIS J 468 23.15 53.20 61.74
C HIS J 468 23.55 52.22 60.65
N ASP J 469 22.54 51.61 60.08
CA ASP J 469 22.81 50.65 59.04
C ASP J 469 23.57 51.28 57.92
N ALA J 470 23.09 52.43 57.57
CA ALA J 470 23.75 53.13 56.50
C ALA J 470 25.22 53.41 56.79
N LEU J 471 25.47 53.77 58.01
CA LEU J 471 26.82 54.12 58.38
C LEU J 471 27.75 52.95 58.50
N TYR J 472 27.16 51.91 59.03
CA TYR J 472 27.86 50.67 59.14
C TYR J 472 28.39 50.29 57.75
N ARG J 473 27.46 50.30 56.84
CA ARG J 473 27.80 49.96 55.50
C ARG J 473 28.93 50.79 54.91
N TRP J 474 28.79 52.08 55.13
CA TRP J 474 29.75 53.00 54.61
C TRP J 474 31.16 52.62 55.04
N ILE J 475 31.28 52.37 56.30
CA ILE J 475 32.59 52.02 56.73
C ILE J 475 33.07 50.77 56.09
N LYS J 476 32.18 49.80 56.06
CA LYS J 476 32.56 48.53 55.51
C LYS J 476 33.16 48.74 54.17
N SER J 477 32.59 49.70 53.48
CA SER J 477 33.09 49.90 52.14
C SER J 477 34.37 50.61 52.10
N VAL J 478 34.49 51.55 52.95
CA VAL J 478 35.67 52.32 52.92
C VAL J 478 36.86 51.64 53.60
N ASP J 479 36.59 50.94 54.69
CA ASP J 479 37.61 50.28 55.45
C ASP J 479 37.15 48.93 55.92
N PRO J 480 37.54 48.06 55.09
CA PRO J 480 37.25 46.68 55.19
C PRO J 480 38.23 45.98 56.09
N SER J 481 39.28 46.66 56.47
CA SER J 481 40.34 46.13 57.30
C SER J 481 39.92 45.90 58.74
N ARG J 482 38.83 46.54 59.14
CA ARG J 482 38.37 46.40 60.48
C ARG J 482 36.89 46.21 60.53
N PRO J 483 36.55 45.46 61.53
CA PRO J 483 35.20 45.12 61.84
C PRO J 483 34.57 46.30 62.53
N VAL J 484 33.25 46.29 62.45
CA VAL J 484 32.46 47.32 63.04
C VAL J 484 31.52 46.79 64.08
N GLN J 485 31.40 47.51 65.19
CA GLN J 485 30.46 47.07 66.18
C GLN J 485 29.59 48.19 66.71
N TYR J 486 28.45 47.78 67.26
CA TYR J 486 27.49 48.73 67.81
C TYR J 486 26.48 47.97 68.65
N GLU J 487 26.32 48.39 69.89
CA GLU J 487 25.45 47.68 70.81
C GLU J 487 23.96 48.04 70.77
N GLY J 488 23.69 49.27 70.41
CA GLY J 488 22.35 49.77 70.45
C GLY J 488 21.34 48.84 69.81
N GLY J 489 20.17 48.91 70.37
CA GLY J 489 19.05 48.17 69.89
C GLY J 489 19.11 46.66 70.04
N GLY J 490 19.78 46.16 71.06
CA GLY J 490 19.80 44.73 71.24
C GLY J 490 21.15 44.03 71.14
N ALA J 491 22.21 44.76 70.77
CA ALA J 491 23.58 44.23 70.69
C ALA J 491 23.81 43.17 69.62
N ASP J 492 22.80 42.90 68.82
CA ASP J 492 22.99 41.89 67.78
C ASP J 492 22.37 42.27 66.46
N THR J 493 22.19 43.56 66.24
CA THR J 493 21.56 44.00 65.01
C THR J 493 22.43 43.81 63.81
N THR J 494 21.80 44.21 62.72
CA THR J 494 22.40 44.18 61.39
C THR J 494 23.58 45.16 61.32
N ALA J 495 23.60 46.05 62.26
CA ALA J 495 24.64 47.04 62.28
C ALA J 495 25.85 46.60 63.10
N THR J 496 25.97 45.36 63.47
CA THR J 496 27.17 45.07 64.21
C THR J 496 27.78 43.80 63.75
N ASP J 497 29.07 43.76 63.75
CA ASP J 497 29.75 42.56 63.33
C ASP J 497 30.01 41.64 64.48
N ILE J 498 29.81 42.15 65.68
CA ILE J 498 30.06 41.39 66.86
C ILE J 498 28.95 41.57 67.83
N ILE J 499 28.62 40.51 68.54
CA ILE J 499 27.61 40.62 69.55
C ILE J 499 28.31 41.27 70.72
N CYS J 500 27.87 42.48 71.03
CA CYS J 500 28.55 43.27 72.05
C CYS J 500 27.63 43.87 73.06
N PRO J 501 27.04 43.03 73.81
CA PRO J 501 26.13 43.52 74.82
C PRO J 501 26.88 44.20 75.96
N MET J 502 26.07 44.84 76.78
CA MET J 502 26.54 45.46 77.98
C MET J 502 25.83 44.84 79.17
N TYR J 503 26.61 44.31 80.10
CA TYR J 503 26.05 43.75 81.31
C TYR J 503 25.25 42.46 81.23
N ALA J 504 25.44 41.68 80.18
CA ALA J 504 24.78 40.38 80.12
C ALA J 504 25.45 39.44 81.13
N ARG J 505 24.63 38.62 81.77
CA ARG J 505 25.18 37.73 82.76
C ARG J 505 25.75 36.46 82.18
N VAL J 506 26.61 35.84 82.97
CA VAL J 506 27.23 34.63 82.51
C VAL J 506 26.18 33.56 82.29
N ASP J 507 25.42 33.30 83.32
CA ASP J 507 24.42 32.28 83.13
C ASP J 507 23.00 32.74 83.23
N GLU J 508 22.73 33.96 83.63
CA GLU J 508 21.33 34.29 83.72
C GLU J 508 20.84 35.18 82.63
N ASP J 509 19.61 34.92 82.22
CA ASP J 509 19.00 35.73 81.20
C ASP J 509 18.24 36.85 81.85
N GLN J 510 18.22 37.99 81.16
CA GLN J 510 17.50 39.20 81.52
C GLN J 510 16.76 39.58 80.26
N PRO J 511 15.60 39.06 80.26
CA PRO J 511 14.68 39.10 79.19
C PRO J 511 13.81 40.31 79.07
N PHE J 512 14.43 41.43 78.93
CA PHE J 512 13.63 42.56 78.68
C PHE J 512 13.06 42.45 77.30
N PRO J 513 11.89 43.02 77.24
CA PRO J 513 11.12 43.15 76.06
C PRO J 513 11.89 43.95 75.07
N ALA J 514 11.82 43.47 73.83
CA ALA J 514 12.49 44.11 72.73
C ALA J 514 14.00 43.99 72.76
N VAL J 515 14.59 44.05 73.94
CA VAL J 515 16.02 44.06 74.00
C VAL J 515 16.48 43.32 75.22
N PRO J 516 16.17 42.06 75.17
CA PRO J 516 16.53 41.15 76.25
C PRO J 516 18.04 40.98 76.19
N LYS J 517 18.56 40.59 77.33
CA LYS J 517 19.97 40.27 77.50
C LYS J 517 20.08 38.82 77.95
N TRP J 518 20.40 37.95 77.02
CA TRP J 518 20.53 36.57 77.33
C TRP J 518 21.80 36.25 78.07
N SER J 519 21.83 35.13 78.79
CA SER J 519 23.09 34.72 79.36
C SER J 519 24.02 34.66 78.15
N ILE J 520 25.23 35.09 78.39
CA ILE J 520 26.08 35.07 77.22
C ILE J 520 26.33 33.69 76.68
N LYS J 521 26.33 32.65 77.53
CA LYS J 521 26.55 31.35 76.90
C LYS J 521 25.39 30.98 75.96
N LYS J 522 24.20 31.38 76.38
CA LYS J 522 23.06 31.09 75.58
C LYS J 522 22.99 31.92 74.32
N TRP J 523 23.40 33.16 74.46
CA TRP J 523 23.31 34.02 73.35
C TRP J 523 23.97 33.46 72.14
N LEU J 524 25.14 32.90 72.33
CA LEU J 524 25.84 32.40 71.15
C LEU J 524 25.12 31.35 70.28
N SER J 525 24.33 30.53 70.93
CA SER J 525 23.66 29.34 70.40
C SER J 525 22.32 29.61 69.76
N LEU J 526 21.84 30.82 69.90
CA LEU J 526 20.59 31.11 69.29
C LEU J 526 20.66 30.77 67.82
N PRO J 527 19.55 30.26 67.38
CA PRO J 527 19.40 29.79 66.03
C PRO J 527 19.78 30.82 65.04
N GLY J 528 20.76 30.41 64.27
CA GLY J 528 21.29 31.28 63.24
C GLY J 528 22.40 32.19 63.72
N GLU J 529 22.63 32.28 65.03
CA GLU J 529 23.68 33.17 65.44
C GLU J 529 25.08 32.65 65.13
N THR J 530 25.98 33.44 64.57
CA THR J 530 27.30 32.89 64.30
C THR J 530 28.47 33.73 64.76
N ARG J 531 28.14 34.96 65.15
CA ARG J 531 29.13 35.93 65.52
C ARG J 531 29.82 35.65 66.79
N PRO J 532 30.93 36.33 66.95
CA PRO J 532 31.67 36.27 68.16
C PRO J 532 30.97 37.24 69.11
N LEU J 533 31.24 37.06 70.38
CA LEU J 533 30.65 37.92 71.37
C LEU J 533 31.72 38.49 72.29
N ILE J 534 31.66 39.80 72.40
CA ILE J 534 32.56 40.54 73.26
C ILE J 534 31.77 41.60 73.97
N LEU J 535 31.80 41.60 75.29
CA LEU J 535 30.98 42.59 75.91
C LEU J 535 31.56 43.96 75.82
N CYS J 536 30.72 44.89 75.43
CA CYS J 536 31.17 46.27 75.32
C CYS J 536 31.27 46.87 76.70
N GLU J 537 30.47 46.33 77.61
CA GLU J 537 30.55 46.75 78.99
C GLU J 537 30.20 45.58 79.87
N TYR J 538 31.03 45.38 80.89
CA TYR J 538 30.74 44.37 81.87
C TYR J 538 31.47 44.64 83.16
N ALA J 539 30.95 43.97 84.19
CA ALA J 539 31.48 44.06 85.55
C ALA J 539 31.57 45.49 86.05
N HIS J 540 30.42 46.14 86.25
CA HIS J 540 30.36 47.50 86.71
C HIS J 540 31.23 47.74 87.96
N ALA J 541 32.33 48.48 87.79
CA ALA J 541 33.26 48.65 88.90
C ALA J 541 32.94 49.75 89.93
N MET J 542 31.66 49.98 90.16
CA MET J 542 31.30 51.01 91.07
C MET J 542 31.40 50.71 92.55
N GLY J 543 32.34 51.41 93.16
CA GLY J 543 32.59 51.26 94.57
C GLY J 543 33.15 49.89 94.91
N ASN J 544 32.62 49.32 96.01
CA ASN J 544 33.06 48.00 96.39
C ASN J 544 32.38 47.00 95.44
N SER J 545 33.08 46.66 94.37
CA SER J 545 32.48 45.83 93.37
C SER J 545 33.44 44.85 92.76
N LEU J 546 33.04 44.39 91.57
CA LEU J 546 33.75 43.38 90.83
C LEU J 546 33.48 41.96 91.36
N GLY J 547 32.43 41.82 92.15
CA GLY J 547 32.10 40.50 92.60
C GLY J 547 31.59 39.67 91.41
N GLY J 548 32.19 38.50 91.22
CA GLY J 548 31.75 37.62 90.14
C GLY J 548 32.63 37.66 88.92
N PHE J 549 33.63 38.49 89.01
CA PHE J 549 34.54 38.66 87.91
C PHE J 549 35.05 37.34 87.33
N ALA J 550 35.45 36.48 88.22
CA ALA J 550 35.97 35.19 87.82
C ALA J 550 35.05 34.31 86.99
N LYS J 551 33.73 34.41 87.28
CA LYS J 551 32.77 33.64 86.49
C LYS J 551 32.95 33.94 84.99
N TYR J 552 33.07 35.24 84.70
CA TYR J 552 33.28 35.68 83.34
C TYR J 552 34.53 35.07 82.76
N TRP J 553 35.62 35.23 83.49
CA TRP J 553 36.87 34.74 82.98
C TRP J 553 36.86 33.30 82.63
N GLN J 554 36.21 32.60 83.49
CA GLN J 554 36.14 31.20 83.24
C GLN J 554 35.36 30.87 82.00
N ALA J 555 34.27 31.56 81.85
CA ALA J 555 33.50 31.28 80.67
C ALA J 555 34.24 31.67 79.44
N PHE J 556 34.86 32.85 79.53
CA PHE J 556 35.57 33.30 78.37
C PHE J 556 36.54 32.24 77.98
N ARG J 557 37.19 31.69 78.99
CA ARG J 557 38.18 30.69 78.71
C ARG J 557 37.61 29.41 78.15
N GLN J 558 36.39 29.08 78.50
CA GLN J 558 35.88 27.83 77.99
C GLN J 558 35.14 27.92 76.67
N TYR J 559 34.63 29.09 76.31
CA TYR J 559 33.92 29.20 75.07
C TYR J 559 34.68 30.05 74.08
N PRO J 560 35.02 29.38 73.07
CA PRO J 560 35.77 29.91 71.95
C PRO J 560 35.24 31.23 71.45
N ARG J 561 33.95 31.26 71.16
CA ARG J 561 33.29 32.43 70.65
C ARG J 561 33.09 33.53 71.70
N LEU J 562 33.39 33.23 72.96
CA LEU J 562 33.32 34.29 73.95
C LEU J 562 34.71 34.88 73.97
N GLN J 563 34.89 36.06 73.36
CA GLN J 563 36.23 36.59 73.27
C GLN J 563 36.64 37.69 74.22
N GLY J 564 35.95 37.82 75.35
CA GLY J 564 36.30 38.82 76.35
C GLY J 564 35.31 39.97 76.45
N GLY J 565 35.81 41.11 76.92
CA GLY J 565 34.98 42.30 77.08
C GLY J 565 35.80 43.44 77.65
N PHE J 566 35.09 44.54 77.85
CA PHE J 566 35.63 45.76 78.39
C PHE J 566 34.94 46.10 79.66
N VAL J 567 35.76 46.18 80.66
CA VAL J 567 35.21 46.52 81.93
C VAL J 567 34.78 47.96 81.96
N TRP J 568 33.73 48.18 82.72
CA TRP J 568 33.25 49.52 82.89
C TRP J 568 33.40 49.93 84.36
N ASP J 569 34.33 50.84 84.64
CA ASP J 569 35.25 51.44 83.69
C ASP J 569 36.59 51.76 84.38
N TRP J 570 37.51 52.40 83.68
CA TRP J 570 38.83 52.69 84.25
C TRP J 570 38.97 53.54 85.52
N VAL J 571 38.62 54.84 85.43
CA VAL J 571 38.76 55.78 86.57
C VAL J 571 37.48 56.45 86.96
N ASP J 572 37.38 56.74 88.26
CA ASP J 572 36.22 57.46 88.76
C ASP J 572 36.22 58.86 88.16
N GLN J 573 35.01 59.32 87.87
CA GLN J 573 34.89 60.65 87.31
C GLN J 573 34.64 61.64 88.43
N SER J 574 35.63 61.75 89.30
CA SER J 574 35.49 62.68 90.41
C SER J 574 36.36 63.89 90.21
N LEU J 575 35.81 64.95 90.74
CA LEU J 575 36.48 66.22 90.69
C LEU J 575 36.89 66.69 92.08
N ILE J 576 37.95 67.49 92.09
CA ILE J 576 38.43 68.07 93.33
C ILE J 576 37.73 69.38 93.73
N LYS J 577 37.54 69.55 95.01
CA LYS J 577 36.96 70.75 95.57
C LYS J 577 37.75 71.12 96.79
N TYR J 578 37.48 72.33 97.30
CA TYR J 578 38.17 72.69 98.51
C TYR J 578 37.29 73.14 99.60
N ASP J 579 37.80 72.85 100.78
CA ASP J 579 37.10 73.30 101.94
C ASP J 579 37.72 74.65 102.24
N GLU J 580 37.11 75.31 103.22
CA GLU J 580 37.54 76.61 103.74
C GLU J 580 39.02 76.56 104.12
N ASN J 581 39.47 75.43 104.64
CA ASN J 581 40.87 75.31 105.01
C ASN J 581 41.75 75.01 103.80
N GLY J 582 41.13 75.22 102.62
CA GLY J 582 41.78 75.02 101.34
C GLY J 582 42.19 73.57 101.21
N ASN J 583 41.30 72.75 101.71
CA ASN J 583 41.49 71.34 101.66
C ASN J 583 40.69 70.80 100.52
N PRO J 584 41.40 70.02 99.73
CA PRO J 584 40.88 69.38 98.55
C PRO J 584 40.05 68.17 98.89
N TRP J 585 39.00 67.96 98.14
CA TRP J 585 38.24 66.80 98.37
C TRP J 585 37.49 66.35 97.14
N SER J 586 37.26 65.05 97.06
CA SER J 586 36.60 64.48 95.91
C SER J 586 35.11 64.67 95.88
N ALA J 587 34.71 65.30 94.78
CA ALA J 587 33.34 65.66 94.54
C ALA J 587 32.71 64.87 93.40
N TYR J 588 31.41 64.75 93.54
CA TYR J 588 30.63 64.07 92.56
C TYR J 588 29.37 64.81 92.23
N GLY J 589 28.49 64.14 91.50
CA GLY J 589 27.25 64.74 91.07
C GLY J 589 26.56 65.48 92.18
N GLY J 590 26.14 66.70 91.83
CA GLY J 590 25.43 67.63 92.69
C GLY J 590 26.34 68.46 93.60
N ASP J 591 27.63 68.10 93.65
CA ASP J 591 28.58 68.80 94.48
C ASP J 591 28.90 70.20 94.00
N PHE J 592 28.32 70.59 92.87
CA PHE J 592 28.53 71.92 92.32
C PHE J 592 27.21 72.63 92.20
N GLY J 593 26.24 72.07 92.89
CA GLY J 593 24.90 72.60 92.87
C GLY J 593 24.29 72.34 91.52
N ASP J 594 24.99 71.49 90.75
CA ASP J 594 24.57 71.10 89.42
C ASP J 594 23.29 70.32 89.52
N THR J 595 22.35 70.73 88.67
CA THR J 595 21.05 70.12 88.55
C THR J 595 20.61 70.05 87.09
N PRO J 596 20.07 68.87 86.71
CA PRO J 596 19.85 67.78 87.65
C PRO J 596 21.13 66.94 87.79
N ASN J 597 21.18 65.99 88.72
CA ASN J 597 22.42 65.22 88.79
C ASN J 597 22.18 63.77 89.20
N ASP J 598 23.18 62.91 88.93
CA ASP J 598 23.12 61.47 89.19
C ASP J 598 24.08 60.97 90.26
N ARG J 599 24.61 61.94 91.03
CA ARG J 599 25.50 61.74 92.17
C ARG J 599 26.73 60.92 91.92
N GLN J 600 26.94 59.84 92.74
CA GLN J 600 28.10 58.92 92.64
C GLN J 600 28.22 58.17 91.31
N PHE J 601 27.07 58.10 90.62
CA PHE J 601 27.02 57.39 89.39
C PHE J 601 28.19 57.57 88.44
N CYS J 602 28.87 58.70 88.53
CA CYS J 602 30.02 58.99 87.68
C CYS J 602 31.28 58.29 88.21
N MET J 603 31.17 57.56 89.34
CA MET J 603 32.32 56.86 89.90
C MET J 603 32.16 55.35 89.81
N ASN J 604 32.82 54.79 88.79
CA ASN J 604 32.72 53.38 88.48
C ASN J 604 34.07 52.82 88.11
N GLY J 605 35.13 53.51 88.49
CA GLY J 605 36.43 53.09 88.07
C GLY J 605 37.10 52.07 88.91
N LEU J 606 38.10 51.52 88.30
CA LEU J 606 38.96 50.56 88.94
C LEU J 606 40.03 51.32 89.71
N VAL J 607 40.16 52.58 89.37
CA VAL J 607 41.10 53.44 90.05
C VAL J 607 40.43 54.73 90.35
N PHE J 608 41.01 55.31 91.37
CA PHE J 608 40.62 56.60 91.85
C PHE J 608 41.12 57.62 90.84
N ALA J 609 40.41 58.75 90.79
CA ALA J 609 40.81 59.81 89.84
C ALA J 609 42.30 60.14 89.78
N ASP J 610 42.98 59.96 90.90
CA ASP J 610 44.40 60.22 90.99
C ASP J 610 45.17 59.05 90.49
N ARG J 611 44.41 58.09 89.95
CA ARG J 611 45.02 56.89 89.49
C ARG J 611 45.55 56.04 90.62
N THR J 612 44.76 56.03 91.67
CA THR J 612 45.11 55.13 92.69
C THR J 612 44.03 54.13 92.69
N PRO J 613 44.53 52.95 92.67
CA PRO J 613 43.81 51.73 92.56
C PRO J 613 42.83 51.47 93.63
N HIS J 614 41.77 50.84 93.19
CA HIS J 614 40.81 50.29 94.05
C HIS J 614 41.31 48.85 94.21
N PRO J 615 40.79 48.19 95.21
CA PRO J 615 41.26 46.84 95.45
C PRO J 615 40.87 45.90 94.31
N ALA J 616 39.71 46.19 93.71
CA ALA J 616 39.22 45.36 92.63
C ALA J 616 40.24 45.13 91.52
N LEU J 617 41.04 46.15 91.32
CA LEU J 617 42.00 46.08 90.29
C LEU J 617 42.83 44.82 90.29
N THR J 618 43.05 44.35 91.47
CA THR J 618 43.85 43.19 91.66
C THR J 618 43.17 41.93 91.22
N GLU J 619 41.89 41.87 91.56
CA GLU J 619 41.12 40.75 91.16
C GLU J 619 41.24 40.67 89.64
N ALA J 620 41.10 41.84 89.05
CA ALA J 620 41.21 41.86 87.59
C ALA J 620 42.57 41.40 87.10
N LYS J 621 43.57 41.97 87.71
CA LYS J 621 44.89 41.62 87.28
C LYS J 621 45.10 40.12 87.28
N HIS J 622 44.65 39.52 88.35
CA HIS J 622 44.81 38.09 88.49
C HIS J 622 44.01 37.29 87.49
N GLN J 623 42.72 37.60 87.35
CA GLN J 623 41.93 36.83 86.39
C GLN J 623 42.40 37.02 84.98
N GLN J 624 43.07 38.14 84.70
CA GLN J 624 43.51 38.36 83.36
C GLN J 624 44.90 37.88 83.08
N GLN J 625 45.54 37.25 84.04
CA GLN J 625 46.90 36.84 83.78
C GLN J 625 47.06 35.98 82.56
N PHE J 626 48.23 36.07 81.97
CA PHE J 626 48.56 35.35 80.76
C PHE J 626 49.10 33.97 80.98
N PHE J 627 49.31 33.62 82.23
CA PHE J 627 49.81 32.28 82.46
C PHE J 627 48.85 31.53 83.30
N GLN J 628 48.63 30.28 82.95
CA GLN J 628 47.73 29.50 83.73
C GLN J 628 48.41 28.30 84.27
N PHE J 629 48.04 27.97 85.51
CA PHE J 629 48.65 26.85 86.19
C PHE J 629 47.76 25.74 86.61
N ARG J 630 48.36 24.57 86.57
CA ARG J 630 47.73 23.34 86.98
C ARG J 630 48.72 22.61 87.83
N LEU J 631 48.20 22.06 88.89
CA LEU J 631 49.11 21.34 89.73
C LEU J 631 48.83 19.88 89.75
N SER J 632 49.85 19.08 89.46
CA SER J 632 49.60 17.67 89.49
C SER J 632 50.65 16.91 90.21
N GLY J 633 50.29 16.48 91.40
CA GLY J 633 51.31 15.81 92.15
C GLY J 633 52.41 16.79 92.51
N GLN J 634 53.63 16.56 92.02
CA GLN J 634 54.71 17.45 92.37
C GLN J 634 55.03 18.30 91.19
N THR J 635 54.12 18.20 90.23
CA THR J 635 54.29 18.88 88.99
C THR J 635 53.34 19.98 88.70
N ILE J 636 53.96 21.04 88.26
CA ILE J 636 53.20 22.15 87.82
C ILE J 636 53.15 22.29 86.33
N GLU J 637 51.94 22.46 85.85
CA GLU J 637 51.74 22.65 84.45
C GLU J 637 51.49 24.10 84.15
N VAL J 638 52.30 24.64 83.27
CA VAL J 638 52.11 26.02 82.94
C VAL J 638 51.61 26.19 81.55
N THR J 639 50.67 27.08 81.44
CA THR J 639 50.10 27.32 80.15
C THR J 639 50.15 28.77 79.80
N SER J 640 50.58 29.01 78.57
CA SER J 640 50.72 30.35 78.06
C SER J 640 49.52 30.79 77.26
N GLU J 641 49.06 31.99 77.59
CA GLU J 641 47.95 32.61 76.90
C GLU J 641 48.47 33.70 75.97
N TYR J 642 49.76 33.69 75.73
CA TYR J 642 50.32 34.60 74.77
C TYR J 642 50.14 33.94 73.42
N LEU J 643 49.77 34.74 72.45
CA LEU J 643 49.54 34.27 71.12
C LEU J 643 50.78 34.38 70.34
N PHE J 644 51.56 35.36 70.68
CA PHE J 644 52.73 35.61 69.90
C PHE J 644 54.05 35.60 70.59
N ARG J 645 54.12 35.85 71.88
CA ARG J 645 55.45 35.82 72.43
C ARG J 645 55.81 34.61 73.19
N HIS J 646 57.10 34.49 73.35
CA HIS J 646 57.65 33.43 74.11
C HIS J 646 57.93 33.96 75.51
N SER J 647 57.95 33.11 76.54
CA SER J 647 58.16 33.58 77.91
C SER J 647 59.58 33.99 78.13
N ASP J 648 59.98 34.99 77.41
CA ASP J 648 61.34 35.44 77.47
C ASP J 648 61.72 36.44 78.54
N ASN J 649 60.86 36.71 79.49
CA ASN J 649 61.25 37.60 80.57
C ASN J 649 60.50 37.13 81.78
N GLU J 650 60.61 35.82 81.95
CA GLU J 650 59.85 35.21 82.98
C GLU J 650 60.55 34.23 83.87
N LEU J 651 60.37 34.59 85.11
CA LEU J 651 60.84 33.83 86.21
C LEU J 651 59.73 33.36 87.11
N LEU J 652 59.78 32.09 87.37
CA LEU J 652 58.82 31.51 88.25
C LEU J 652 59.35 31.19 89.63
N HIS J 653 58.85 31.90 90.60
CA HIS J 653 59.28 31.65 91.94
C HIS J 653 58.26 30.82 92.67
N TRP J 654 58.68 29.80 93.37
CA TRP J 654 57.69 29.10 94.11
C TRP J 654 58.05 28.99 95.56
N MET J 655 57.09 28.54 96.33
CA MET J 655 57.35 28.43 97.74
C MET J 655 56.27 27.79 98.60
N VAL J 656 56.78 27.10 99.60
CA VAL J 656 55.98 26.34 100.52
C VAL J 656 56.02 26.80 101.91
N ALA J 657 54.83 26.90 102.49
CA ALA J 657 54.73 27.34 103.85
C ALA J 657 53.65 26.64 104.64
N LEU J 658 53.93 26.60 105.92
CA LEU J 658 53.03 25.96 106.81
C LEU J 658 52.44 27.03 107.64
N ASP J 659 51.15 27.22 107.49
CA ASP J 659 50.54 28.27 108.25
C ASP J 659 51.36 29.55 108.25
N GLY J 660 51.99 29.87 107.12
CA GLY J 660 52.76 31.11 107.09
C GLY J 660 54.23 30.88 107.26
N LYS J 661 54.57 29.74 107.81
CA LYS J 661 55.97 29.47 107.96
C LYS J 661 56.46 28.80 106.71
N PRO J 662 57.37 29.50 106.12
CA PRO J 662 58.02 29.15 104.88
C PRO J 662 58.98 28.05 105.14
N LEU J 663 58.86 27.02 104.38
CA LEU J 663 59.70 25.87 104.54
C LEU J 663 60.63 25.65 103.40
N ALA J 664 60.25 26.16 102.24
CA ALA J 664 61.04 25.96 101.06
C ALA J 664 60.59 26.88 99.98
N SER J 665 61.56 27.26 99.19
CA SER J 665 61.30 28.15 98.11
C SER J 665 62.18 27.80 96.94
N GLY J 666 61.77 28.22 95.75
CA GLY J 666 62.54 27.91 94.56
C GLY J 666 62.33 28.93 93.50
N GLU J 667 63.05 28.71 92.42
CA GLU J 667 63.01 29.61 91.27
C GLU J 667 63.23 28.92 89.98
N VAL J 668 62.38 29.20 89.03
CA VAL J 668 62.55 28.58 87.77
C VAL J 668 62.12 29.46 86.67
N PRO J 669 62.99 29.49 85.74
CA PRO J 669 62.81 30.26 84.55
C PRO J 669 61.85 29.56 83.64
N LEU J 670 60.98 30.39 83.10
CA LEU J 670 59.99 29.95 82.15
C LEU J 670 60.48 30.01 80.74
N ASP J 671 60.05 29.00 80.05
CA ASP J 671 60.35 28.81 78.67
C ASP J 671 59.13 28.19 78.01
N VAL J 672 58.15 29.03 77.73
CA VAL J 672 56.94 28.55 77.10
C VAL J 672 56.62 29.31 75.89
N ALA J 673 56.19 28.57 74.91
CA ALA J 673 55.79 29.21 73.70
C ALA J 673 54.37 29.70 73.81
N PRO J 674 54.09 30.73 73.04
CA PRO J 674 52.77 31.24 73.01
C PRO J 674 51.89 30.03 72.86
N GLN J 675 50.85 30.00 73.68
CA GLN J 675 49.91 28.90 73.65
C GLN J 675 50.46 27.55 74.00
N GLY J 676 51.64 27.52 74.56
CA GLY J 676 52.18 26.23 74.95
C GLY J 676 52.11 25.95 76.44
N LYS J 677 52.58 24.75 76.76
CA LYS J 677 52.66 24.24 78.11
C LYS J 677 54.11 24.00 78.52
N GLN J 678 54.36 24.11 79.81
CA GLN J 678 55.68 23.85 80.36
C GLN J 678 55.46 23.12 81.65
N LEU J 679 56.19 22.01 81.81
CA LEU J 679 56.13 21.20 83.02
C LEU J 679 57.20 21.47 84.01
N ILE J 680 56.73 21.58 85.22
CA ILE J 680 57.64 21.86 86.25
C ILE J 680 57.60 20.89 87.34
N GLU J 681 58.76 20.28 87.39
CA GLU J 681 59.05 19.25 88.32
C GLU J 681 59.50 19.76 89.66
N LEU J 682 58.77 19.33 90.65
CA LEU J 682 59.12 19.75 91.96
C LEU J 682 59.99 18.76 92.71
N PRO J 683 60.90 19.39 93.42
CA PRO J 683 61.82 18.70 94.27
C PRO J 683 61.02 18.17 95.41
N GLU J 684 61.48 17.09 95.95
CA GLU J 684 60.80 16.53 97.06
C GLU J 684 60.43 17.58 98.09
N LEU J 685 59.14 17.54 98.39
CA LEU J 685 58.59 18.46 99.33
C LEU J 685 58.58 17.96 100.71
N PRO J 686 58.78 18.92 101.56
CA PRO J 686 58.83 18.79 103.00
C PRO J 686 57.52 18.25 103.56
N GLN J 687 57.64 17.33 104.52
CA GLN J 687 56.47 16.72 105.11
C GLN J 687 56.33 16.98 106.59
N PRO J 688 56.32 18.26 106.93
CA PRO J 688 56.16 18.76 108.28
C PRO J 688 55.25 17.86 109.14
N GLU J 689 55.60 17.82 110.39
CA GLU J 689 54.86 17.01 111.32
C GLU J 689 53.76 17.76 112.00
N SER J 690 54.21 18.97 112.35
CA SER J 690 53.45 19.99 113.02
C SER J 690 52.08 20.13 112.39
N ALA J 691 51.18 20.68 113.16
CA ALA J 691 49.86 20.81 112.64
C ALA J 691 49.71 22.11 111.92
N GLY J 692 48.81 22.04 110.92
CA GLY J 692 48.51 23.20 110.11
C GLY J 692 48.25 22.89 108.66
N GLN J 693 48.18 23.98 107.91
CA GLN J 693 47.90 23.95 106.49
C GLN J 693 49.16 24.25 105.71
N LEU J 694 49.36 23.38 104.77
CA LEU J 694 50.46 23.47 103.91
C LEU J 694 50.08 24.05 102.57
N TRP J 695 50.73 25.12 102.24
CA TRP J 695 50.39 25.75 100.99
C TRP J 695 51.52 26.05 100.08
N LEU J 696 51.19 25.83 98.82
CA LEU J 696 52.11 26.12 97.78
C LEU J 696 51.76 27.39 97.02
N THR J 697 52.77 28.22 96.80
CA THR J 697 52.53 29.43 96.05
C THR J 697 53.54 29.73 94.98
N VAL J 698 53.01 30.14 93.82
CA VAL J 698 53.85 30.53 92.69
C VAL J 698 53.57 31.93 92.20
N ARG J 699 54.66 32.54 91.78
CA ARG J 699 54.60 33.86 91.25
C ARG J 699 55.43 33.93 90.00
N VAL J 700 55.01 34.84 89.13
CA VAL J 700 55.73 35.07 87.93
C VAL J 700 56.32 36.46 87.94
N VAL J 701 57.64 36.41 87.77
CA VAL J 701 58.38 37.63 87.75
C VAL J 701 59.16 37.92 86.53
N GLN J 702 59.15 39.23 86.28
CA GLN J 702 59.86 39.84 85.19
C GLN J 702 61.10 40.48 85.71
N PRO J 703 62.13 39.72 85.51
CA PRO J 703 63.46 40.04 85.89
C PRO J 703 63.89 41.38 85.34
N ASN J 704 63.73 41.55 84.04
CA ASN J 704 64.12 42.79 83.42
C ASN J 704 62.99 43.76 83.25
N ALA J 705 63.32 45.04 83.28
CA ALA J 705 62.27 45.99 83.07
C ALA J 705 61.83 46.03 81.63
N THR J 706 60.66 46.60 81.43
CA THR J 706 60.11 46.75 80.10
C THR J 706 59.75 48.16 79.96
N ALA J 707 59.20 48.43 78.83
CA ALA J 707 58.81 49.77 78.63
C ALA J 707 57.66 50.19 79.47
N TRP J 708 56.96 49.22 80.03
CA TRP J 708 55.80 49.61 80.80
C TRP J 708 55.84 48.98 82.14
N SER J 709 56.95 48.32 82.43
CA SER J 709 57.13 47.67 83.69
C SER J 709 58.57 47.71 84.16
N GLU J 710 58.68 47.72 85.48
CA GLU J 710 59.95 47.70 86.17
C GLU J 710 60.52 46.33 86.29
N ALA J 711 61.78 46.29 86.64
CA ALA J 711 62.29 44.96 86.81
C ALA J 711 61.69 44.38 88.06
N GLY J 712 61.50 43.07 88.01
CA GLY J 712 60.91 42.35 89.11
C GLY J 712 59.40 42.53 89.22
N HIS J 713 58.76 42.81 88.12
CA HIS J 713 57.36 42.98 88.17
C HIS J 713 56.68 41.62 88.25
N ILE J 714 55.61 41.57 89.06
CA ILE J 714 54.88 40.31 89.18
C ILE J 714 53.73 40.29 88.24
N SER J 715 53.70 39.30 87.42
CA SER J 715 52.62 39.33 86.48
C SER J 715 51.56 38.27 86.68
N ALA J 716 51.88 37.29 87.51
CA ALA J 716 50.91 36.25 87.68
C ALA J 716 51.23 35.47 88.91
N TRP J 717 50.19 34.90 89.48
CA TRP J 717 50.38 34.07 90.63
C TRP J 717 49.28 33.08 90.81
N GLN J 718 49.55 32.16 91.71
CA GLN J 718 48.59 31.14 91.99
C GLN J 718 49.00 30.33 93.20
N GLN J 719 48.00 29.95 93.99
CA GLN J 719 48.37 29.15 95.14
C GLN J 719 47.57 27.86 95.32
N TRP J 720 48.09 26.93 96.07
CA TRP J 720 47.35 25.70 96.30
C TRP J 720 47.52 25.17 97.71
N ARG J 721 46.48 24.55 98.25
CA ARG J 721 46.67 23.99 99.58
C ARG J 721 47.10 22.57 99.45
N LEU J 722 48.31 22.30 99.87
CA LEU J 722 48.83 20.96 99.75
C LEU J 722 48.31 19.99 100.74
N ALA J 723 48.39 20.34 102.00
CA ALA J 723 47.91 19.40 102.96
C ALA J 723 47.46 20.07 104.20
N GLU J 724 46.89 19.20 105.01
CA GLU J 724 46.38 19.63 106.29
C GLU J 724 46.72 18.65 107.36
N ASN J 725 47.24 19.14 108.44
CA ASN J 725 47.54 18.27 109.56
C ASN J 725 46.66 18.72 110.67
N LEU J 726 45.59 17.96 110.95
CA LEU J 726 44.69 18.38 112.02
C LEU J 726 45.34 18.27 113.38
N SER J 727 45.00 19.23 114.24
CA SER J 727 45.52 19.23 115.60
C SER J 727 44.69 18.40 116.52
N VAL J 728 45.37 17.43 117.10
CA VAL J 728 44.75 16.52 118.02
C VAL J 728 45.20 16.79 119.41
N THR J 729 45.83 17.90 119.58
CA THR J 729 46.28 18.08 120.90
C THR J 729 45.32 18.79 121.78
N LEU J 730 45.62 18.53 123.04
CA LEU J 730 44.91 19.06 124.14
C LEU J 730 45.77 19.99 124.91
N PRO J 731 45.01 20.93 125.44
CA PRO J 731 45.48 21.97 126.32
C PRO J 731 45.88 21.34 127.64
N ALA J 732 46.99 21.85 128.15
CA ALA J 732 47.45 21.36 129.42
C ALA J 732 46.60 21.99 130.53
N ALA J 733 46.63 21.29 131.68
CA ALA J 733 45.91 21.74 132.83
C ALA J 733 46.35 23.12 133.29
N SER J 734 45.36 23.77 133.84
CA SER J 734 45.48 25.07 134.41
C SER J 734 45.55 24.78 135.89
N HIS J 735 46.21 25.64 136.62
CA HIS J 735 46.33 25.36 138.03
C HIS J 735 45.22 26.00 138.77
N ALA J 736 44.35 26.61 137.99
CA ALA J 736 43.27 27.30 138.61
C ALA J 736 42.15 27.43 137.68
N ILE J 737 41.04 27.86 138.22
CA ILE J 737 39.93 28.07 137.38
C ILE J 737 39.24 29.34 137.73
N PRO J 738 38.65 29.91 136.74
CA PRO J 738 38.00 31.18 136.91
C PRO J 738 36.99 31.19 138.02
N HIS J 739 36.80 32.37 138.50
CA HIS J 739 35.94 32.55 139.58
C HIS J 739 34.74 33.40 139.23
N LEU J 740 33.60 32.76 139.37
CA LEU J 740 32.35 33.40 139.05
C LEU J 740 31.70 34.23 140.13
N THR J 741 31.17 35.38 139.80
CA THR J 741 30.52 36.14 140.84
C THR J 741 29.25 36.68 140.30
N THR J 742 28.23 36.51 141.09
CA THR J 742 26.96 36.94 140.59
C THR J 742 26.33 38.11 141.25
N SER J 743 26.31 39.22 140.54
CA SER J 743 25.61 40.38 141.03
C SER J 743 24.14 40.18 140.59
N GLU J 744 23.35 41.20 140.65
CA GLU J 744 21.98 41.03 140.25
C GLU J 744 21.83 41.50 138.84
N MET J 745 22.81 42.36 138.55
CA MET J 745 23.02 43.08 137.33
C MET J 745 23.88 42.36 136.40
N ASP J 746 24.65 41.45 136.95
CA ASP J 746 25.51 40.78 136.04
C ASP J 746 26.25 39.65 136.65
N PHE J 747 27.14 39.16 135.83
CA PHE J 747 28.01 38.09 136.19
C PHE J 747 29.42 38.53 135.97
N CME J 748 30.27 38.16 136.94
CA CME J 748 31.67 38.50 136.88
CB CME J 748 32.07 39.33 138.05
SG CME J 748 32.06 41.04 137.52
SD CME J 748 33.92 41.15 136.94
CE CME J 748 33.91 42.91 136.54
CZ CME J 748 34.32 43.76 137.77
OH CME J 748 33.15 44.35 138.33
C CME J 748 32.61 37.39 136.85
O CME J 748 32.68 36.58 137.77
N ILE J 749 33.41 37.35 135.83
CA ILE J 749 34.36 36.29 135.81
C ILE J 749 35.73 36.84 136.02
N GLU J 750 36.39 36.23 136.96
CA GLU J 750 37.71 36.66 137.25
C GLU J 750 38.71 35.58 137.15
N LEU J 751 39.90 36.00 136.81
CA LEU J 751 40.98 35.07 136.72
C LEU J 751 42.27 35.82 136.56
N GLY J 752 42.98 35.98 137.67
CA GLY J 752 44.21 36.74 137.68
C GLY J 752 43.80 38.20 137.53
N ASN J 753 44.57 38.90 136.71
CA ASN J 753 44.33 40.30 136.39
C ASN J 753 43.11 40.44 135.47
N LYS J 754 42.81 39.34 134.80
CA LYS J 754 41.69 39.29 133.89
C LYS J 754 40.31 39.22 134.53
N ARG J 755 39.39 39.92 133.87
CA ARG J 755 38.01 40.00 134.30
C ARG J 755 37.05 40.24 133.14
N TRP J 756 35.92 39.59 133.27
CA TRP J 756 34.90 39.68 132.26
C TRP J 756 33.56 39.93 132.83
N GLN J 757 32.84 40.82 132.23
CA GLN J 757 31.54 41.03 132.75
C GLN J 757 30.40 40.91 131.77
N PHE J 758 29.39 40.16 132.18
CA PHE J 758 28.24 40.03 131.34
C PHE J 758 27.06 40.69 131.95
N ASN J 759 26.49 41.59 131.23
CA ASN J 759 25.32 42.25 131.75
C ASN J 759 24.13 41.33 131.71
N ARG J 760 23.46 41.26 132.83
CA ARG J 760 22.34 40.38 132.95
C ARG J 760 21.09 40.86 132.29
N GLN J 761 21.00 42.11 131.97
CA GLN J 761 19.74 42.43 131.35
C GLN J 761 19.87 42.43 129.85
N SER J 762 21.07 42.72 129.39
CA SER J 762 21.34 42.78 127.97
C SER J 762 21.69 41.41 127.47
N GLY J 763 22.30 40.67 128.36
CA GLY J 763 22.71 39.38 127.94
C GLY J 763 24.00 39.45 127.12
N PHE J 764 24.73 40.57 127.18
CA PHE J 764 25.96 40.62 126.43
C PHE J 764 27.14 40.80 127.28
N LEU J 765 28.25 40.44 126.69
CA LEU J 765 29.50 40.66 127.31
C LEU J 765 29.69 42.16 127.27
N SER J 766 29.61 42.79 128.42
CA SER J 766 29.67 44.25 128.52
C SER J 766 31.01 44.89 128.70
N GLN J 767 31.91 44.22 129.36
CA GLN J 767 33.20 44.83 129.54
C GLN J 767 34.16 43.77 129.95
N MET J 768 35.39 44.09 129.76
CA MET J 768 36.40 43.21 130.17
C MET J 768 37.65 44.01 130.50
N TRP J 769 38.38 43.51 131.49
CA TRP J 769 39.57 44.20 131.91
C TRP J 769 40.72 43.31 131.94
N ILE J 770 41.81 43.97 131.69
CA ILE J 770 43.09 43.38 131.83
C ILE J 770 43.72 44.29 132.82
N GLY J 771 44.11 43.75 133.95
CA GLY J 771 44.58 44.67 134.94
C GLY J 771 43.38 45.55 135.29
N ASP J 772 43.62 46.83 135.32
CA ASP J 772 42.61 47.80 135.67
C ASP J 772 42.17 48.53 134.44
N LYS J 773 42.55 47.99 133.29
CA LYS J 773 42.20 48.59 132.04
C LYS J 773 41.02 47.94 131.39
N LYS J 774 40.04 48.80 131.11
CA LYS J 774 38.86 48.36 130.43
C LYS J 774 39.24 48.11 129.01
N GLN J 775 38.57 47.20 128.33
CA GLN J 775 39.01 46.93 126.98
C GLN J 775 38.06 47.32 125.90
N LEU J 776 36.81 47.51 126.28
CA LEU J 776 35.82 47.83 125.28
C LEU J 776 35.06 49.07 125.55
N LEU J 777 34.75 49.80 124.49
CA LEU J 777 33.89 50.96 124.62
C LEU J 777 32.46 50.55 124.30
N THR J 778 32.34 49.42 123.65
CA THR J 778 31.04 48.91 123.30
C THR J 778 31.01 47.43 123.54
N PRO J 779 29.87 46.97 124.00
CA PRO J 779 29.64 45.56 124.26
C PRO J 779 29.67 44.73 122.97
N LEU J 780 30.03 43.49 123.12
CA LEU J 780 30.12 42.59 122.01
C LEU J 780 28.75 42.13 121.60
N ARG J 781 28.39 42.33 120.34
CA ARG J 781 27.07 41.84 119.97
C ARG J 781 26.90 41.46 118.54
N ASP J 782 25.82 40.73 118.35
CA ASP J 782 25.50 40.22 117.04
C ASP J 782 25.26 41.35 116.12
N GLN J 783 25.58 41.06 114.89
CA GLN J 783 25.37 42.00 113.82
C GLN J 783 24.92 41.31 112.57
N PHE J 784 23.82 41.78 112.02
CA PHE J 784 23.30 41.19 110.80
C PHE J 784 23.27 42.09 109.57
N THR J 785 23.79 43.30 109.69
CA THR J 785 23.71 44.18 108.55
C THR J 785 25.05 44.79 108.16
N ARG J 786 24.99 45.56 107.08
CA ARG J 786 26.15 46.29 106.64
C ARG J 786 25.80 47.67 106.08
N ALA J 787 26.80 48.55 106.09
CA ALA J 787 26.68 49.87 105.51
C ALA J 787 26.68 49.57 104.01
N PRO J 788 25.51 49.76 103.42
CA PRO J 788 25.24 49.46 102.04
C PRO J 788 26.27 49.86 101.06
N LEU J 789 26.46 48.97 100.12
CA LEU J 789 27.39 49.22 99.06
C LEU J 789 26.64 49.86 97.95
N ASP J 790 27.41 50.43 97.08
CA ASP J 790 26.76 51.00 95.93
C ASP J 790 25.84 49.97 95.31
N ASN J 791 26.42 48.78 95.12
CA ASN J 791 25.66 47.69 94.57
C ASN J 791 24.41 47.37 95.39
N ASP J 792 24.46 47.52 96.72
CA ASP J 792 23.28 47.20 97.54
C ASP J 792 22.16 48.16 97.37
N ILE J 793 22.61 49.36 97.04
CA ILE J 793 21.69 50.45 96.90
C ILE J 793 21.03 50.42 95.55
N GLY J 794 21.87 50.09 94.59
CA GLY J 794 21.51 49.88 93.23
C GLY J 794 20.52 50.81 92.56
N VAL J 795 21.02 51.98 92.25
CA VAL J 795 20.26 52.93 91.47
C VAL J 795 21.21 53.48 90.41
N SER J 796 20.67 53.71 89.20
CA SER J 796 21.47 54.27 88.10
C SER J 796 21.09 55.73 87.80
N GLU J 797 19.88 56.07 88.25
CA GLU J 797 19.27 57.37 88.14
C GLU J 797 18.77 57.76 89.49
N ALA J 798 19.28 58.87 89.99
CA ALA J 798 18.91 59.44 91.29
C ALA J 798 17.40 59.38 91.62
N THR J 799 16.64 59.57 90.55
CA THR J 799 15.18 59.60 90.42
C THR J 799 14.44 58.30 90.74
N ARG J 800 14.96 57.21 90.15
CA ARG J 800 14.35 55.90 90.26
C ARG J 800 14.96 54.96 91.27
N ILE J 801 14.12 54.64 92.29
CA ILE J 801 14.44 53.71 93.39
C ILE J 801 13.84 52.30 93.14
N ASP J 802 14.65 51.28 93.48
CA ASP J 802 14.26 49.91 93.27
C ASP J 802 13.90 49.22 94.56
N PRO J 803 12.63 48.97 94.70
CA PRO J 803 12.10 48.30 95.85
C PRO J 803 12.76 46.93 96.02
N ASN J 804 13.39 46.48 94.95
CA ASN J 804 14.08 45.21 94.94
C ASN J 804 15.53 45.29 95.35
N ALA J 805 16.01 46.50 95.47
CA ALA J 805 17.36 46.63 95.90
C ALA J 805 17.44 46.04 97.29
N TRP J 806 18.59 45.40 97.51
CA TRP J 806 18.88 44.78 98.77
C TRP J 806 18.58 45.70 99.89
N VAL J 807 19.16 46.87 99.75
CA VAL J 807 18.98 47.83 100.79
C VAL J 807 17.52 48.12 101.09
N GLU J 808 16.79 48.22 100.01
CA GLU J 808 15.39 48.49 100.11
C GLU J 808 14.71 47.42 100.89
N ARG J 809 15.05 46.23 100.52
CA ARG J 809 14.47 45.10 101.19
C ARG J 809 14.85 44.99 102.65
N TRP J 810 16.12 45.23 102.90
CA TRP J 810 16.62 45.11 104.23
C TRP J 810 15.96 46.10 105.13
N LYS J 811 15.80 47.28 104.56
CA LYS J 811 15.20 48.36 105.31
C LYS J 811 13.79 48.01 105.69
N ALA J 812 13.08 47.69 104.66
CA ALA J 812 11.69 47.36 104.79
C ALA J 812 11.45 46.21 105.73
N ALA J 813 12.44 45.34 105.82
CA ALA J 813 12.30 44.19 106.67
C ALA J 813 12.57 44.52 108.12
N GLY J 814 13.21 45.67 108.34
CA GLY J 814 13.51 46.12 109.69
C GLY J 814 14.84 45.61 110.14
N HIS J 815 15.60 45.11 109.19
CA HIS J 815 16.90 44.60 109.56
C HIS J 815 17.71 45.64 110.25
N TYR J 816 17.57 46.82 109.74
CA TYR J 816 18.35 47.90 110.27
C TYR J 816 17.87 48.38 111.59
N GLN J 817 16.65 48.02 111.95
CA GLN J 817 16.18 48.49 113.23
C GLN J 817 15.52 47.46 114.14
N ALA J 818 15.96 46.24 114.01
CA ALA J 818 15.37 45.26 114.85
C ALA J 818 15.97 45.37 116.20
N GLU J 819 15.13 44.96 117.12
CA GLU J 819 15.36 44.97 118.52
C GLU J 819 15.66 43.60 119.08
N ALA J 820 16.81 43.56 119.75
CA ALA J 820 17.16 42.30 120.39
C ALA J 820 16.36 42.07 121.67
N ALA J 821 16.08 40.81 121.95
CA ALA J 821 15.34 40.43 123.14
C ALA J 821 15.99 39.24 123.83
N LEU J 822 16.31 39.42 125.11
CA LEU J 822 16.92 38.33 125.81
C LEU J 822 15.93 37.24 126.10
N LEU J 823 16.23 36.08 125.64
CA LEU J 823 15.39 34.97 125.89
C LEU J 823 15.93 34.23 127.06
N GLN J 824 17.26 34.30 127.18
CA GLN J 824 17.87 33.60 128.27
C GLN J 824 19.35 33.85 128.42
N CYS J 825 19.78 33.79 129.69
CA CYS J 825 21.16 34.05 130.04
C CYS J 825 21.50 33.29 131.28
N THR J 826 22.45 32.38 131.20
CA THR J 826 22.78 31.61 132.37
C THR J 826 24.25 31.37 132.53
N ALA J 827 24.57 31.15 133.80
CA ALA J 827 25.94 30.92 134.16
C ALA J 827 26.07 29.67 134.97
N ASP J 828 27.21 28.99 134.77
CA ASP J 828 27.41 27.72 135.43
C ASP J 828 28.89 27.44 135.58
N THR J 829 29.19 26.73 136.67
CA THR J 829 30.55 26.40 136.94
C THR J 829 30.81 24.96 136.76
N LEU J 830 31.77 24.78 135.90
CA LEU J 830 32.20 23.47 135.56
C LEU J 830 33.48 23.23 136.28
N ALA J 831 33.92 22.02 136.14
CA ALA J 831 35.13 21.66 136.79
C ALA J 831 36.32 22.43 136.31
N ASP J 832 36.34 22.76 135.04
CA ASP J 832 37.52 23.38 134.48
C ASP J 832 37.27 24.72 133.90
N ALA J 833 36.03 25.15 134.03
CA ALA J 833 35.71 26.42 133.47
C ALA J 833 34.37 26.93 133.91
N VAL J 834 34.15 28.14 133.42
CA VAL J 834 32.89 28.79 133.61
C VAL J 834 32.16 28.83 132.27
N LEU J 835 30.86 28.61 132.37
CA LEU J 835 30.04 28.55 131.22
C LEU J 835 28.85 29.47 131.19
N ILE J 836 28.82 30.28 130.14
CA ILE J 836 27.74 31.21 129.96
C ILE J 836 26.90 30.88 128.77
N THR J 837 25.61 31.00 129.02
CA THR J 837 24.68 30.69 127.99
C THR J 837 23.62 31.73 127.72
N THR J 838 23.53 32.16 126.47
CA THR J 838 22.53 33.14 126.11
C THR J 838 21.71 32.79 124.89
N ALA J 839 20.60 33.51 124.79
CA ALA J 839 19.74 33.35 123.67
C ALA J 839 18.99 34.61 123.49
N HIS J 840 19.07 35.15 122.29
CA HIS J 840 18.35 36.36 121.99
C HIS J 840 17.55 36.21 120.73
N ALA J 841 16.56 37.07 120.63
CA ALA J 841 15.73 37.12 119.47
C ALA J 841 15.68 38.53 118.91
N TRP J 842 15.76 38.66 117.59
CA TRP J 842 15.60 39.98 117.05
C TRP J 842 14.27 40.03 116.37
N GLN J 843 13.52 41.03 116.77
CA GLN J 843 12.22 41.17 116.20
C GLN J 843 11.97 42.50 115.65
N HIS J 844 10.88 42.51 114.91
CA HIS J 844 10.45 43.72 114.29
C HIS J 844 8.99 43.64 114.00
N GLN J 845 8.24 44.46 114.70
CA GLN J 845 6.82 44.44 114.51
C GLN J 845 6.23 43.07 114.68
N GLY J 846 6.70 42.40 115.73
CA GLY J 846 6.16 41.10 116.04
C GLY J 846 6.77 39.96 115.26
N LYS J 847 7.59 40.28 114.29
CA LYS J 847 8.20 39.19 113.61
C LYS J 847 9.57 38.94 114.15
N THR J 848 9.87 37.66 114.32
CA THR J 848 11.18 37.31 114.77
C THR J 848 12.01 37.02 113.54
N LEU J 849 13.06 37.82 113.35
CA LEU J 849 13.92 37.68 112.19
C LEU J 849 15.02 36.73 112.47
N PHE J 850 15.60 36.87 113.63
CA PHE J 850 16.68 35.99 113.95
C PHE J 850 16.73 35.62 115.36
N ILE J 851 17.36 34.49 115.52
CA ILE J 851 17.64 33.96 116.80
C ILE J 851 19.09 33.61 116.91
N SER J 852 19.65 34.11 117.99
CA SER J 852 21.03 33.87 118.27
C SER J 852 21.23 33.17 119.60
N ARG J 853 21.91 32.05 119.52
CA ARG J 853 22.20 31.27 120.70
C ARG J 853 23.69 31.08 120.90
N LYS J 854 24.16 31.47 122.08
CA LYS J 854 25.57 31.35 122.32
C LYS J 854 25.97 30.65 123.59
N THR J 855 27.27 30.38 123.60
CA THR J 855 27.97 29.84 124.74
C THR J 855 29.32 30.45 124.79
N TYR J 856 29.63 30.78 126.02
CA TYR J 856 30.90 31.33 126.28
C TYR J 856 31.52 30.49 127.32
N ARG J 857 32.73 30.09 127.01
CA ARG J 857 33.40 29.28 127.95
C ARG J 857 34.81 29.73 128.23
N ILE J 858 35.00 30.04 129.51
CA ILE J 858 36.26 30.51 130.05
C ILE J 858 36.92 29.55 130.94
N ASP J 859 38.14 29.25 130.55
CA ASP J 859 38.91 28.30 131.26
C ASP J 859 40.06 28.90 132.01
N GLY J 860 40.74 27.96 132.66
CA GLY J 860 41.86 28.25 133.48
C GLY J 860 42.99 28.87 132.71
N SER J 861 42.98 28.72 131.42
CA SER J 861 44.04 29.31 130.66
C SER J 861 43.71 30.74 130.29
N GLY J 862 42.50 31.18 130.63
CA GLY J 862 42.08 32.55 130.34
C GLY J 862 41.65 32.75 128.89
N GLN J 863 41.15 31.68 128.31
CA GLN J 863 40.68 31.80 126.98
C GLN J 863 39.20 31.74 126.96
N MET J 864 38.68 32.54 126.08
CA MET J 864 37.27 32.58 125.94
C MET J 864 36.82 32.05 124.61
N ALA J 865 36.05 31.01 124.73
CA ALA J 865 35.55 30.36 123.56
C ALA J 865 34.09 30.66 123.37
N ILE J 866 33.83 31.07 122.16
CA ILE J 866 32.52 31.43 121.79
C ILE J 866 31.91 30.60 120.73
N THR J 867 30.69 30.32 120.98
CA THR J 867 29.99 29.54 120.04
C THR J 867 28.70 30.19 119.69
N VAL J 868 28.51 30.33 118.38
CA VAL J 868 27.33 30.96 117.88
C VAL J 868 26.55 30.12 116.92
N ASP J 869 25.25 30.13 117.18
CA ASP J 869 24.32 29.44 116.34
C ASP J 869 23.13 30.30 116.09
N VAL J 870 22.95 30.60 114.81
CA VAL J 870 21.90 31.45 114.35
C VAL J 870 20.86 30.82 113.46
N GLU J 871 19.65 31.25 113.70
CA GLU J 871 18.52 30.84 112.92
C GLU J 871 17.98 32.08 112.27
N VAL J 872 17.68 31.99 110.97
CA VAL J 872 17.12 33.06 110.18
C VAL J 872 15.80 32.69 109.54
N ALA J 873 14.81 33.55 109.73
CA ALA J 873 13.51 33.29 109.16
C ALA J 873 13.61 33.18 107.67
N SER J 874 13.08 32.09 107.22
CA SER J 874 13.10 31.77 105.82
C SER J 874 12.48 32.88 105.00
N ASP J 875 11.53 33.56 105.59
CA ASP J 875 10.85 34.59 104.86
C ASP J 875 11.39 35.98 105.04
N THR J 876 12.55 36.09 105.62
CA THR J 876 13.12 37.39 105.67
C THR J 876 14.18 37.44 104.60
N PRO J 877 14.52 38.60 104.13
CA PRO J 877 15.56 38.72 103.13
C PRO J 877 16.86 38.30 103.71
N HIS J 878 17.65 37.64 102.90
CA HIS J 878 18.94 37.21 103.38
C HIS J 878 19.72 38.41 103.77
N PRO J 879 20.23 38.28 104.93
CA PRO J 879 21.02 39.29 105.59
C PRO J 879 22.38 39.37 104.98
N ALA J 880 22.91 40.56 105.13
CA ALA J 880 24.19 40.94 104.61
C ALA J 880 25.31 40.18 105.26
N ARG J 881 25.11 39.88 106.53
CA ARG J 881 26.17 39.20 107.20
C ARG J 881 25.70 38.60 108.49
N ILE J 882 26.58 37.79 109.06
CA ILE J 882 26.32 37.13 110.32
C ILE J 882 27.59 37.08 111.12
N GLY J 883 27.59 37.95 112.12
CA GLY J 883 28.75 38.07 112.96
C GLY J 883 28.49 38.89 114.19
N LEU J 884 29.60 39.36 114.70
CA LEU J 884 29.54 40.17 115.87
C LEU J 884 30.36 41.37 115.74
N ASN J 885 30.13 42.24 116.69
CA ASN J 885 30.92 43.42 116.70
C ASN J 885 31.00 44.12 118.02
N CYS J 886 31.98 44.98 118.06
CA CYS J 886 32.19 45.75 119.25
C CYS J 886 33.23 46.84 119.00
N GLN J 887 33.22 47.79 119.92
CA GLN J 887 34.17 48.84 119.83
C GLN J 887 35.24 48.66 120.88
N LEU J 888 36.45 48.46 120.42
CA LEU J 888 37.50 48.33 121.39
C LEU J 888 38.05 49.66 121.79
N ALA J 889 38.40 49.69 123.05
CA ALA J 889 38.98 50.85 123.66
C ALA J 889 40.35 51.21 123.09
N GLN J 890 41.11 50.19 122.84
CA GLN J 890 42.44 50.33 122.34
C GLN J 890 42.52 50.70 120.87
N VAL J 891 43.69 51.25 120.55
CA VAL J 891 44.03 51.64 119.22
C VAL J 891 45.49 51.32 118.94
N ALA J 892 45.77 50.49 117.94
CA ALA J 892 47.14 50.12 117.64
C ALA J 892 47.60 50.48 116.24
N GLU J 893 48.86 50.23 115.98
CA GLU J 893 49.47 50.57 114.73
C GLU J 893 49.30 49.57 113.60
N ARG J 894 49.56 48.34 113.98
CA ARG J 894 49.52 47.27 113.05
C ARG J 894 48.39 46.31 113.27
N VAL J 895 48.25 45.49 112.24
CA VAL J 895 47.25 44.47 112.17
C VAL J 895 47.90 43.28 111.56
N ASN J 896 47.72 42.18 112.24
CA ASN J 896 48.39 41.03 111.75
C ASN J 896 47.44 39.87 111.74
N TRP J 897 47.47 39.19 110.61
CA TRP J 897 46.59 38.08 110.52
C TRP J 897 47.08 37.02 109.60
N LEU J 898 46.46 35.90 109.82
CA LEU J 898 46.69 34.72 109.05
C LEU J 898 45.39 34.37 108.36
N GLY J 899 45.41 34.71 107.09
CA GLY J 899 44.26 34.52 106.24
C GLY J 899 44.56 35.07 104.86
N LEU J 900 43.49 35.44 104.19
CA LEU J 900 43.58 35.93 102.85
C LEU J 900 43.96 37.36 102.80
N GLY J 901 44.94 37.65 101.98
CA GLY J 901 45.35 39.01 101.87
C GLY J 901 46.25 39.19 100.70
N PRO J 902 46.80 40.35 100.68
CA PRO J 902 46.62 41.32 101.73
C PRO J 902 45.54 42.33 101.48
N GLN J 903 45.05 42.42 100.27
CA GLN J 903 43.99 43.41 100.10
C GLN J 903 42.61 43.01 100.52
N GLU J 904 41.79 44.04 100.57
CA GLU J 904 40.37 43.87 100.85
C GLU J 904 39.83 42.76 99.93
N ASN J 905 39.06 41.85 100.51
CA ASN J 905 38.51 40.76 99.72
C ASN J 905 37.17 40.29 100.24
N TYR J 906 36.32 39.96 99.30
CA TYR J 906 35.01 39.50 99.63
C TYR J 906 34.77 38.13 99.05
N PRO J 907 33.77 37.51 99.56
CA PRO J 907 33.43 36.17 99.19
C PRO J 907 33.36 35.95 97.71
N ASP J 908 32.72 36.87 97.00
CA ASP J 908 32.65 36.73 95.55
C ASP J 908 33.73 37.53 94.85
N ARG J 909 34.72 37.95 95.63
CA ARG J 909 35.84 38.67 95.06
C ARG J 909 37.07 38.40 95.88
N LEU J 910 37.60 37.19 95.75
CA LEU J 910 38.78 36.85 96.55
C LEU J 910 39.74 35.90 95.87
N THR J 911 39.57 35.72 94.59
CA THR J 911 40.48 34.85 93.91
C THR J 911 41.87 35.40 93.83
N ALA J 912 41.99 36.70 93.82
CA ALA J 912 43.33 37.21 93.69
C ALA J 912 44.09 37.17 95.00
N ALA J 913 43.34 37.01 96.07
CA ALA J 913 43.94 36.99 97.40
C ALA J 913 44.71 35.73 97.74
N CME J 914 45.70 35.93 98.63
CA CME J 914 46.49 34.85 99.12
CB CME J 914 47.89 34.82 98.61
SG CME J 914 47.86 34.51 96.84
SD CME J 914 49.51 35.46 96.41
CE CME J 914 49.00 37.15 96.83
CZ CME J 914 50.15 38.10 96.52
OH CME J 914 51.31 37.35 96.15
C CME J 914 46.43 34.60 100.58
O CME J 914 46.31 35.46 101.46
N PHE J 915 46.48 33.33 100.82
CA PHE J 915 46.43 32.89 102.17
C PHE J 915 47.80 32.91 102.73
N ASP J 916 48.00 33.79 103.68
CA ASP J 916 49.29 33.86 104.29
C ASP J 916 49.21 34.63 105.57
N ARG J 917 50.38 35.03 106.02
CA ARG J 917 50.45 35.86 107.17
C ARG J 917 50.71 37.27 106.77
N TRP J 918 49.78 38.15 107.13
CA TRP J 918 49.90 39.52 106.75
C TRP J 918 49.99 40.42 107.95
N ASP J 919 50.71 41.52 107.71
CA ASP J 919 50.90 42.55 108.70
C ASP J 919 50.89 43.90 108.05
N LEU J 920 49.94 44.71 108.45
CA LEU J 920 49.81 46.04 107.92
C LEU J 920 49.42 46.98 109.00
N PRO J 921 49.49 48.20 108.61
CA PRO J 921 49.09 49.29 109.41
C PRO J 921 47.62 49.40 109.27
N LEU J 922 47.08 49.70 110.40
CA LEU J 922 45.69 49.87 110.55
C LEU J 922 45.08 50.66 109.41
N SER J 923 45.80 51.68 109.01
CA SER J 923 45.28 52.53 107.95
C SER J 923 44.90 51.73 106.70
N ASP J 924 45.77 50.77 106.41
CA ASP J 924 45.57 49.96 105.25
C ASP J 924 44.37 49.04 105.35
N MET J 925 43.82 48.93 106.53
CA MET J 925 42.69 48.09 106.67
C MET J 925 41.42 48.81 106.32
N TYR J 926 41.58 49.99 105.74
CA TYR J 926 40.40 50.73 105.36
C TYR J 926 40.45 51.22 103.92
N THR J 927 39.31 51.06 103.26
CA THR J 927 39.15 51.44 101.87
C THR J 927 38.28 52.67 101.75
N PRO J 928 38.96 53.72 101.40
CA PRO J 928 38.47 55.08 101.22
C PRO J 928 37.62 55.29 99.97
N TYR J 929 36.62 54.45 99.83
CA TYR J 929 35.75 54.64 98.71
C TYR J 929 35.18 56.04 98.86
N VAL J 930 35.20 56.84 97.78
CA VAL J 930 34.67 58.19 97.90
C VAL J 930 33.30 58.24 98.53
N PHE J 931 32.45 57.38 98.03
CA PHE J 931 31.16 57.29 98.64
C PHE J 931 31.33 56.14 99.63
N PRO J 932 31.22 56.42 100.89
CA PRO J 932 31.51 55.43 101.88
C PRO J 932 30.44 54.38 102.12
N SER J 933 30.95 53.17 102.46
CA SER J 933 30.17 51.96 102.80
C SER J 933 31.04 50.85 103.43
N GLU J 934 30.41 49.70 103.74
CA GLU J 934 31.13 48.55 104.24
C GLU J 934 32.38 48.30 103.38
N ASN J 935 33.56 48.14 103.98
CA ASN J 935 34.77 47.92 103.18
C ASN J 935 35.85 47.29 104.04
N GLY J 936 36.99 47.03 103.43
CA GLY J 936 38.15 46.48 104.12
C GLY J 936 38.10 45.03 104.55
N LEU J 937 37.00 44.36 104.32
CA LEU J 937 36.96 42.98 104.73
C LEU J 937 38.09 42.08 104.20
N ARG J 938 38.42 41.13 105.05
CA ARG J 938 39.32 40.04 104.68
C ARG J 938 38.70 38.75 105.15
N CYS J 939 38.73 37.79 104.25
CA CYS J 939 38.13 36.50 104.48
C CYS J 939 39.13 35.42 104.76
N GLY J 940 38.57 34.28 105.14
CA GLY J 940 39.29 33.06 105.42
C GLY J 940 40.42 33.24 106.39
N THR J 941 40.05 33.87 107.47
CA THR J 941 40.98 34.16 108.49
C THR J 941 40.84 33.23 109.63
N ARG J 942 42.00 32.81 110.04
CA ARG J 942 42.10 31.87 111.11
C ARG J 942 42.64 32.39 112.39
N GLU J 943 43.43 33.47 112.25
CA GLU J 943 44.05 34.11 113.38
C GLU J 943 44.21 35.57 113.10
N LEU J 944 43.78 36.35 114.07
CA LEU J 944 43.84 37.78 114.00
C LEU J 944 44.39 38.36 115.29
N ASN J 945 45.32 39.30 115.10
CA ASN J 945 46.02 39.96 116.18
C ASN J 945 45.99 41.46 116.18
N TYR J 946 45.54 42.00 117.29
CA TYR J 946 45.49 43.44 117.43
C TYR J 946 45.65 43.80 118.88
N GLY J 947 46.74 44.48 119.14
CA GLY J 947 47.06 44.83 120.49
C GLY J 947 47.48 43.55 121.20
N PRO J 948 46.98 43.46 122.41
CA PRO J 948 47.16 42.35 123.31
C PRO J 948 46.21 41.22 122.93
N HIS J 949 45.30 41.52 121.99
CA HIS J 949 44.33 40.56 121.57
C HIS J 949 44.67 39.67 120.44
N GLN J 950 43.98 38.54 120.56
CA GLN J 950 44.08 37.53 119.59
C GLN J 950 42.79 36.76 119.45
N TRP J 951 42.45 36.56 118.20
CA TRP J 951 41.28 35.81 117.89
C TRP J 951 41.59 34.69 116.96
N ARG J 952 40.93 33.58 117.24
CA ARG J 952 41.14 32.43 116.40
C ARG J 952 39.86 31.75 116.09
N GLY J 953 39.88 31.25 114.87
CA GLY J 953 38.76 30.52 114.31
C GLY J 953 38.80 30.49 112.81
N ASP J 954 37.63 30.70 112.26
CA ASP J 954 37.56 30.73 110.81
C ASP J 954 36.57 31.79 110.42
N PHE J 955 37.08 32.99 110.20
CA PHE J 955 36.14 34.03 109.93
C PHE J 955 36.69 35.01 108.95
N GLN J 956 35.87 36.05 108.83
CA GLN J 956 36.16 37.20 108.05
C GLN J 956 35.99 38.34 108.97
N PHE J 957 36.75 39.39 108.67
CA PHE J 957 36.65 40.54 109.51
C PHE J 957 37.07 41.81 108.81
N ASN J 958 36.80 42.86 109.53
CA ASN J 958 37.22 44.18 109.15
C ASN J 958 37.49 44.95 110.42
N ILE J 959 38.32 45.96 110.26
CA ILE J 959 38.68 46.74 111.42
C ILE J 959 39.15 48.13 111.05
N SER J 960 38.57 49.10 111.72
CA SER J 960 38.86 50.50 111.44
C SER J 960 38.32 51.39 112.54
N ARG J 961 38.30 52.71 112.28
CA ARG J 961 37.80 53.67 113.25
C ARG J 961 36.44 54.16 112.93
N TYR J 962 35.74 53.45 112.07
CA TYR J 962 34.45 53.97 111.77
C TYR J 962 33.38 52.97 111.99
N SER J 963 32.33 53.39 112.62
CA SER J 963 31.27 52.47 112.83
C SER J 963 30.56 52.31 111.48
N GLN J 964 29.85 51.19 111.38
CA GLN J 964 29.07 50.94 110.20
C GLN J 964 28.04 52.05 110.10
N GLN J 965 27.56 52.46 111.24
CA GLN J 965 26.60 53.52 111.25
C GLN J 965 27.13 54.81 110.70
N GLN J 966 28.34 55.16 111.11
CA GLN J 966 28.93 56.36 110.60
C GLN J 966 29.00 56.29 109.09
N LEU J 967 29.54 55.19 108.63
CA LEU J 967 29.71 54.99 107.19
C LEU J 967 28.44 55.11 106.42
N MET J 968 27.48 54.50 107.03
CA MET J 968 26.23 54.46 106.40
C MET J 968 25.61 55.81 106.37
N GLU J 969 25.96 56.65 107.32
CA GLU J 969 25.34 57.95 107.37
C GLU J 969 26.10 59.08 106.70
N THR J 970 27.34 58.87 106.35
CA THR J 970 28.17 59.87 105.70
C THR J 970 28.24 59.67 104.20
N SER J 971 28.01 60.74 103.46
CA SER J 971 28.03 60.67 102.00
C SER J 971 29.39 60.86 101.36
N HIS J 972 30.36 61.40 102.07
CA HIS J 972 31.64 61.56 101.41
C HIS J 972 32.72 61.18 102.31
N ARG J 973 33.73 60.59 101.73
CA ARG J 973 34.85 60.17 102.51
C ARG J 973 35.46 61.26 103.38
N HIS J 974 35.51 62.46 102.84
CA HIS J 974 36.12 63.57 103.53
C HIS J 974 35.42 63.94 104.82
N LEU J 975 34.16 63.59 104.94
CA LEU J 975 33.40 63.85 106.17
C LEU J 975 33.53 62.80 107.29
N LEU J 976 34.28 61.74 107.08
CA LEU J 976 34.29 60.85 108.20
C LEU J 976 35.39 61.27 109.10
N HIS J 977 35.20 60.91 110.34
CA HIS J 977 36.18 61.18 111.34
C HIS J 977 36.34 59.97 112.21
N ALA J 978 37.58 59.73 112.61
CA ALA J 978 37.80 58.58 113.43
C ALA J 978 36.95 58.58 114.70
N GLU J 979 36.52 57.40 115.07
CA GLU J 979 35.75 57.29 116.26
C GLU J 979 36.70 56.98 117.40
N GLU J 980 36.14 56.96 118.59
CA GLU J 980 36.93 56.75 119.77
C GLU J 980 37.97 55.63 119.84
N GLY J 981 37.62 54.40 119.55
CA GLY J 981 38.66 53.39 119.67
C GLY J 981 38.82 52.70 118.35
N THR J 982 38.67 51.40 118.38
CA THR J 982 38.73 50.62 117.17
C THR J 982 37.48 49.79 117.04
N TRP J 983 36.88 49.89 115.86
CA TRP J 983 35.71 49.11 115.55
C TRP J 983 36.08 47.80 114.88
N LEU J 984 35.50 46.77 115.44
CA LEU J 984 35.77 45.46 114.95
C LEU J 984 34.56 44.65 114.59
N ASN J 985 34.63 44.19 113.36
CA ASN J 985 33.58 43.36 112.84
C ASN J 985 34.12 42.01 112.49
N ILE J 986 33.54 41.02 113.18
CA ILE J 986 33.85 39.62 112.98
C ILE J 986 32.66 38.84 112.50
N ASP J 987 32.86 38.39 111.28
CA ASP J 987 31.85 37.69 110.58
C ASP J 987 32.11 36.23 110.43
N GLY J 988 31.04 35.52 110.79
CA GLY J 988 31.04 34.11 110.60
C GLY J 988 30.74 33.90 109.11
N PHE J 989 29.90 34.79 108.60
CA PHE J 989 29.49 34.77 107.23
C PHE J 989 29.17 36.14 106.74
N HIS J 990 29.39 36.28 105.45
CA HIS J 990 29.13 37.54 104.81
C HIS J 990 28.68 37.39 103.38
N MET J 991 27.66 38.15 103.04
CA MET J 991 27.10 38.14 101.71
C MET J 991 28.07 38.63 100.65
N GLY J 992 27.91 38.14 99.43
CA GLY J 992 28.76 38.58 98.32
C GLY J 992 28.46 40.04 98.01
N ILE J 993 29.24 40.64 97.12
CA ILE J 993 29.06 42.05 96.80
C ILE J 993 28.45 42.32 95.45
N GLY J 994 28.53 41.37 94.53
CA GLY J 994 27.95 41.56 93.22
C GLY J 994 28.71 42.55 92.36
N GLY J 995 28.00 43.03 91.34
CA GLY J 995 28.57 43.99 90.43
C GLY J 995 28.29 43.73 88.96
N ASP J 996 27.51 42.70 88.65
CA ASP J 996 27.22 42.39 87.24
C ASP J 996 26.68 43.63 86.58
N ASP J 997 26.04 44.42 87.44
CA ASP J 997 25.51 45.72 87.18
C ASP J 997 25.22 46.33 88.50
N SER J 998 25.08 47.63 88.51
CA SER J 998 24.84 48.25 89.79
C SER J 998 23.47 48.84 89.91
N TRP J 999 22.50 48.32 89.21
CA TRP J 999 21.21 48.92 89.36
C TRP J 999 20.14 47.88 89.42
N SER J 1000 20.60 46.75 89.91
CA SER J 1000 19.82 45.58 90.14
C SER J 1000 20.65 44.68 91.00
N PRO J 1001 19.92 43.75 91.56
CA PRO J 1001 20.44 42.69 92.42
C PRO J 1001 21.30 41.83 91.54
N SER J 1002 22.58 41.82 91.87
CA SER J 1002 23.59 41.20 91.06
C SER J 1002 24.48 40.23 91.81
N VAL J 1003 24.00 39.88 93.02
CA VAL J 1003 24.71 38.93 93.84
C VAL J 1003 24.22 37.51 93.54
N SER J 1004 25.12 36.65 93.07
CA SER J 1004 24.67 35.32 92.82
C SER J 1004 24.26 34.50 94.01
N ALA J 1005 23.33 33.65 93.70
CA ALA J 1005 22.76 32.86 94.73
C ALA J 1005 23.71 32.15 95.65
N GLU J 1006 24.81 31.69 95.08
CA GLU J 1006 25.82 31.00 95.85
C GLU J 1006 26.42 31.92 96.83
N PHE J 1007 26.15 33.21 96.64
CA PHE J 1007 26.70 34.15 97.56
C PHE J 1007 25.78 34.76 98.53
N GLN J 1008 24.52 34.34 98.53
CA GLN J 1008 23.56 34.83 99.48
C GLN J 1008 23.49 33.93 100.73
N LEU J 1009 23.13 34.53 101.88
CA LEU J 1009 23.07 33.82 103.16
C LEU J 1009 21.69 33.26 103.29
N SER J 1010 21.50 32.20 102.58
CA SER J 1010 20.19 31.62 102.51
C SER J 1010 19.98 30.30 103.26
N ALA J 1011 21.01 29.81 103.92
CA ALA J 1011 20.97 28.55 104.62
C ALA J 1011 19.93 28.38 105.72
N GLY J 1012 19.58 29.46 106.35
CA GLY J 1012 18.61 29.38 107.41
C GLY J 1012 19.27 29.11 108.76
N ARG J 1013 20.36 28.37 108.72
CA ARG J 1013 21.04 28.10 109.95
C ARG J 1013 22.50 28.25 109.78
N TYR J 1014 23.06 28.95 110.74
CA TYR J 1014 24.46 29.22 110.74
C TYR J 1014 25.11 28.99 112.06
N HIS J 1015 26.31 28.49 111.96
CA HIS J 1015 27.05 28.18 113.13
C HIS J 1015 28.48 28.65 113.03
N TYR J 1016 29.00 29.23 114.11
CA TYR J 1016 30.39 29.58 114.09
C TYR J 1016 31.00 29.69 115.46
N GLN J 1017 32.32 29.61 115.46
CA GLN J 1017 33.05 29.66 116.71
C GLN J 1017 34.35 30.40 116.69
N LEU J 1018 34.65 30.84 117.87
CA LEU J 1018 35.75 31.68 118.10
C LEU J 1018 36.44 31.59 119.41
N VAL J 1019 37.70 31.96 119.34
CA VAL J 1019 38.49 32.03 120.51
C VAL J 1019 39.21 33.31 120.68
N TRP J 1020 38.99 33.85 121.84
CA TRP J 1020 39.56 35.11 122.18
C TRP J 1020 40.48 35.06 123.39
N CME J 1021 41.67 35.61 123.19
CA CME J 1021 42.67 35.73 124.22
CB CME J 1021 43.54 34.53 124.39
SG CME J 1021 43.13 33.40 123.10
SD CME J 1021 44.84 33.29 122.25
CE CME J 1021 45.48 34.81 123.01
CZ CME J 1021 46.53 34.53 124.08
OH CME J 1021 47.83 34.46 123.48
C CME J 1021 43.56 36.91 124.07
O CME J 1021 43.51 37.67 123.10
N GLN J 1022 44.37 37.00 125.10
CA GLN J 1022 45.32 38.05 125.29
C GLN J 1022 46.65 37.53 125.66
N LYS J 1023 47.58 38.42 125.42
CA LYS J 1023 48.97 38.27 125.70
C LYS J 1023 49.33 39.47 126.57
N ILE K 3 16.07 93.89 57.46
CA ILE K 3 17.54 94.12 57.21
C ILE K 3 18.42 92.85 57.03
N THR K 4 18.09 91.89 57.84
CA THR K 4 18.78 90.65 57.76
C THR K 4 18.01 89.90 56.73
N ASP K 5 16.90 90.48 56.27
CA ASP K 5 16.09 89.95 55.21
C ASP K 5 16.63 90.51 53.89
N SER K 6 17.61 91.35 54.06
CA SER K 6 18.21 91.98 52.92
C SER K 6 19.01 91.02 52.07
N LEU K 7 18.82 91.21 50.79
CA LEU K 7 19.59 90.46 49.83
C LEU K 7 21.03 90.51 50.20
N ALA K 8 21.48 91.70 50.38
CA ALA K 8 22.87 91.91 50.65
C ALA K 8 23.42 90.94 51.64
N VAL K 9 22.57 90.73 52.61
CA VAL K 9 22.83 89.89 53.72
C VAL K 9 22.63 88.40 53.35
N VAL K 10 21.44 88.07 52.89
CA VAL K 10 21.12 86.74 52.48
C VAL K 10 22.14 86.16 51.51
N LEU K 11 22.34 86.81 50.41
CA LEU K 11 23.28 86.30 49.40
C LEU K 11 24.70 86.34 49.84
N GLN K 12 24.85 86.78 51.04
CA GLN K 12 26.20 86.88 51.47
C GLN K 12 26.80 85.49 51.61
N ARG K 13 25.95 84.66 52.21
CA ARG K 13 26.28 83.30 52.49
C ARG K 13 26.62 82.47 51.24
N ARG K 14 25.90 82.70 50.14
CA ARG K 14 26.23 81.94 48.95
C ARG K 14 26.04 80.43 49.18
N ASP K 15 24.83 80.15 49.63
CA ASP K 15 24.35 78.85 49.96
C ASP K 15 24.37 77.89 48.79
N TRP K 16 24.21 78.49 47.64
CA TRP K 16 24.24 77.82 46.38
C TRP K 16 25.65 77.46 45.95
N GLU K 17 26.61 77.70 46.81
CA GLU K 17 27.95 77.24 46.47
C GLU K 17 28.46 76.42 47.64
N ASN K 18 27.52 75.75 48.28
CA ASN K 18 27.85 74.95 49.41
C ASN K 18 26.98 73.73 49.60
N PRO K 19 27.60 72.61 49.21
CA PRO K 19 27.06 71.26 49.31
C PRO K 19 26.62 70.99 50.73
N GLY K 20 27.19 71.73 51.66
CA GLY K 20 26.80 71.60 53.04
C GLY K 20 25.43 72.22 53.26
N VAL K 21 25.02 73.13 52.39
CA VAL K 21 23.71 73.66 52.61
C VAL K 21 22.80 73.31 51.50
N THR K 22 21.84 72.51 51.83
CA THR K 22 20.97 72.11 50.76
C THR K 22 19.56 72.58 50.95
N GLN K 23 19.31 73.11 52.12
CA GLN K 23 18.02 73.65 52.45
C GLN K 23 18.15 74.51 53.69
N LEU K 24 17.11 75.31 53.96
CA LEU K 24 17.00 76.14 55.16
C LEU K 24 15.56 76.28 55.53
N ASN K 25 15.23 75.82 56.70
CA ASN K 25 13.84 75.92 57.12
C ASN K 25 12.83 75.21 56.28
N ARG K 26 13.29 74.22 55.55
CA ARG K 26 12.39 73.45 54.73
C ARG K 26 11.77 72.38 55.59
N LEU K 27 10.47 72.17 55.46
CA LEU K 27 9.85 71.12 56.23
C LEU K 27 10.26 69.72 55.79
N ALA K 28 9.74 68.78 56.55
CA ALA K 28 10.02 67.41 56.26
C ALA K 28 9.13 66.86 55.18
N ALA K 29 9.69 65.83 54.53
CA ALA K 29 9.04 65.12 53.44
C ALA K 29 7.94 64.15 53.82
N HIS K 30 7.06 63.84 52.90
CA HIS K 30 5.99 62.92 53.26
C HIS K 30 5.15 62.74 52.03
N PRO K 31 4.33 61.75 52.16
CA PRO K 31 3.45 61.48 51.09
C PRO K 31 2.47 62.63 51.09
N PRO K 32 1.86 62.73 50.01
CA PRO K 32 0.89 63.71 49.66
C PRO K 32 -0.28 63.85 50.60
N PHE K 33 -0.46 65.12 51.00
CA PHE K 33 -1.56 65.49 51.86
C PHE K 33 -2.53 66.44 51.19
N ALA K 34 -3.79 66.38 51.65
CA ALA K 34 -4.90 67.25 51.21
C ALA K 34 -5.55 67.94 52.42
N SER K 35 -5.47 67.30 53.57
CA SER K 35 -6.08 67.86 54.73
C SER K 35 -7.58 67.91 54.62
N TRP K 36 -8.17 66.90 54.03
CA TRP K 36 -9.60 66.93 54.00
C TRP K 36 -10.12 67.11 55.39
N ARG K 37 -11.35 67.61 55.42
CA ARG K 37 -12.03 67.78 56.66
C ARG K 37 -13.33 67.01 56.66
N ASN K 38 -13.49 66.23 55.62
CA ASN K 38 -14.62 65.36 55.51
C ASN K 38 -14.20 64.04 54.91
N SER K 39 -14.47 63.01 55.69
CA SER K 39 -14.16 61.68 55.30
C SER K 39 -14.57 61.33 53.84
N GLU K 40 -15.85 61.46 53.58
CA GLU K 40 -16.33 61.14 52.26
C GLU K 40 -15.53 61.77 51.16
N GLU K 41 -15.25 63.04 51.33
CA GLU K 41 -14.51 63.78 50.34
C GLU K 41 -13.19 63.12 50.09
N ALA K 42 -12.52 62.89 51.19
CA ALA K 42 -11.25 62.23 51.11
C ALA K 42 -11.46 60.86 50.50
N ARG K 43 -12.44 60.18 51.01
CA ARG K 43 -12.69 58.87 50.50
C ARG K 43 -12.91 58.84 49.02
N THR K 44 -13.51 59.88 48.49
CA THR K 44 -13.79 59.85 47.07
C THR K 44 -12.87 60.73 46.31
N ASP K 45 -11.82 61.10 46.98
CA ASP K 45 -10.86 61.92 46.31
C ASP K 45 -11.45 63.21 45.79
N ARG K 46 -12.27 63.87 46.59
CA ARG K 46 -12.71 65.15 46.09
C ARG K 46 -11.63 66.16 46.29
N PRO K 47 -11.96 67.40 46.11
CA PRO K 47 -10.92 68.35 46.26
C PRO K 47 -10.99 69.01 47.58
N SER K 48 -9.83 69.18 48.14
CA SER K 48 -9.83 69.76 49.43
C SER K 48 -9.55 71.21 49.35
N GLN K 49 -10.34 71.86 50.16
CA GLN K 49 -10.30 73.27 50.27
C GLN K 49 -9.09 73.74 51.05
N GLN K 50 -8.41 72.83 51.81
CA GLN K 50 -7.24 73.25 52.60
C GLN K 50 -6.01 73.28 51.74
N LEU K 51 -6.33 72.98 50.50
CA LEU K 51 -5.36 72.91 49.49
C LEU K 51 -5.69 73.82 48.34
N ARG K 52 -4.76 74.74 48.14
CA ARG K 52 -4.96 75.75 47.15
C ARG K 52 -3.80 75.97 46.23
N SER K 53 -4.14 76.04 44.94
CA SER K 53 -3.13 76.27 43.94
C SER K 53 -2.80 77.70 43.70
N LEU K 54 -1.53 77.98 43.49
CA LEU K 54 -1.06 79.31 43.21
C LEU K 54 -0.57 79.42 41.79
N ASN K 55 -0.99 78.43 41.03
CA ASN K 55 -0.60 78.41 39.65
C ASN K 55 -1.39 79.47 38.95
N GLY K 56 -0.68 80.16 38.05
CA GLY K 56 -1.29 81.17 37.22
C GLY K 56 -0.34 82.27 36.80
N GLU K 57 -0.91 83.47 36.69
CA GLU K 57 -0.09 84.57 36.29
C GLU K 57 0.70 85.07 37.43
N TRP K 58 1.96 85.34 37.14
CA TRP K 58 2.88 85.75 38.17
C TRP K 58 3.78 86.78 37.56
N ARG K 59 4.57 87.41 38.37
CA ARG K 59 5.41 88.40 37.75
C ARG K 59 6.82 87.95 37.74
N PHE K 60 7.42 88.18 36.59
CA PHE K 60 8.74 87.70 36.42
C PHE K 60 9.76 88.69 35.95
N ALA K 61 10.97 88.53 36.41
CA ALA K 61 12.06 89.33 35.90
C ALA K 61 13.37 88.59 35.96
N TRP K 62 14.11 88.74 34.92
CA TRP K 62 15.35 88.03 34.77
C TRP K 62 16.63 88.83 34.94
N PHE K 63 17.62 88.22 35.56
CA PHE K 63 18.91 88.89 35.74
C PHE K 63 20.01 87.92 35.51
N PRO K 64 21.01 88.48 34.94
CA PRO K 64 22.26 87.83 34.62
C PRO K 64 22.97 87.32 35.87
N ALA K 65 22.53 87.83 37.00
CA ALA K 65 23.14 87.44 38.25
C ALA K 65 22.32 87.88 39.43
N PRO K 66 22.52 87.14 40.48
CA PRO K 66 21.83 87.37 41.73
C PRO K 66 22.11 88.77 42.29
N GLU K 67 23.39 89.14 42.21
CA GLU K 67 23.87 90.44 42.66
C GLU K 67 23.09 91.61 42.06
N ALA K 68 22.92 91.56 40.76
CA ALA K 68 22.13 92.50 40.03
C ALA K 68 20.70 92.63 40.60
N VAL K 69 20.25 91.73 41.43
CA VAL K 69 18.91 91.98 41.90
C VAL K 69 18.89 93.19 42.84
N PRO K 70 17.89 94.02 42.65
CA PRO K 70 17.70 95.24 43.39
C PRO K 70 16.84 95.08 44.61
N GLU K 71 17.39 95.66 45.67
CA GLU K 71 16.75 95.58 46.94
C GLU K 71 15.22 95.80 47.03
N SER K 72 14.76 96.72 46.20
CA SER K 72 13.34 97.06 46.15
C SER K 72 12.48 95.88 45.87
N TRP K 73 13.09 94.98 45.07
CA TRP K 73 12.39 93.83 44.60
C TRP K 73 11.60 93.20 45.74
N LEU K 74 12.23 93.23 46.91
CA LEU K 74 11.68 92.62 48.10
C LEU K 74 10.37 93.19 48.52
N GLU K 75 10.41 94.50 48.31
CA GLU K 75 9.35 95.37 48.67
C GLU K 75 8.29 95.51 47.64
N CYS K 76 8.75 95.87 46.45
CA CYS K 76 7.84 96.17 45.41
C CYS K 76 8.20 95.49 44.17
N ASP K 77 7.11 95.21 43.43
CA ASP K 77 7.20 94.60 42.12
C ASP K 77 7.97 95.52 41.21
N LEU K 78 8.54 94.97 40.18
CA LEU K 78 9.26 95.87 39.33
C LEU K 78 8.39 96.44 38.26
N PRO K 79 8.91 97.51 37.74
CA PRO K 79 8.25 98.21 36.69
C PRO K 79 8.37 97.37 35.44
N GLU K 80 9.63 96.97 35.23
CA GLU K 80 10.09 96.15 34.12
C GLU K 80 9.79 94.67 34.23
N ALA K 81 8.94 94.32 35.16
CA ALA K 81 8.55 92.96 35.34
C ALA K 81 7.57 92.58 34.28
N ASP K 82 7.51 91.29 33.97
CA ASP K 82 6.58 90.77 33.01
C ASP K 82 5.61 89.88 33.69
N THR K 83 4.49 89.70 33.05
CA THR K 83 3.53 88.82 33.60
C THR K 83 3.75 87.52 32.89
N VAL K 84 3.81 86.44 33.69
CA VAL K 84 4.12 85.12 33.20
C VAL K 84 3.27 84.04 33.82
N VAL K 85 3.21 82.95 33.09
CA VAL K 85 2.52 81.81 33.61
C VAL K 85 3.43 80.87 34.36
N VAL K 86 2.89 80.43 35.49
CA VAL K 86 3.56 79.52 36.32
C VAL K 86 2.67 78.32 36.54
N PRO K 87 3.22 77.10 36.37
CA PRO K 87 4.65 76.91 36.20
C PRO K 87 5.13 76.93 34.78
N SER K 88 6.45 77.06 34.71
CA SER K 88 7.08 77.13 33.42
C SER K 88 8.60 77.21 33.56
N ASN K 89 9.24 77.12 32.40
CA ASN K 89 10.68 77.22 32.25
C ASN K 89 10.93 78.49 31.52
N TRP K 90 11.74 79.29 32.12
CA TRP K 90 12.00 80.54 31.54
C TRP K 90 12.70 80.54 30.20
N GLN K 91 13.50 79.53 29.91
CA GLN K 91 14.15 79.54 28.62
C GLN K 91 13.07 79.46 27.57
N MET K 92 11.94 78.89 27.99
CA MET K 92 10.79 78.70 27.12
C MET K 92 10.08 79.97 26.77
N HIS K 93 10.52 81.06 27.40
CA HIS K 93 9.91 82.33 27.19
C HIS K 93 10.86 83.32 26.64
N GLY K 94 11.96 82.83 26.16
CA GLY K 94 12.94 83.67 25.58
C GLY K 94 13.93 84.30 26.52
N TYR K 95 13.70 84.11 27.84
CA TYR K 95 14.67 84.73 28.73
C TYR K 95 16.15 84.48 28.51
N ASP K 96 16.45 83.23 28.23
CA ASP K 96 17.80 82.78 27.91
C ASP K 96 17.62 81.49 27.19
N ALA K 97 18.78 80.95 26.85
CA ALA K 97 18.88 79.69 26.12
C ALA K 97 18.82 78.44 26.94
N PRO K 98 18.18 77.45 26.35
CA PRO K 98 18.15 76.15 26.93
C PRO K 98 19.39 75.51 26.36
N ILE K 99 20.04 74.67 27.15
CA ILE K 99 21.22 74.00 26.66
C ILE K 99 21.02 72.50 26.57
N TYR K 100 21.53 72.00 25.46
CA TYR K 100 21.54 70.60 25.22
C TYR K 100 22.96 70.06 25.15
N THR K 101 23.41 69.64 26.34
CA THR K 101 24.66 68.94 26.50
C THR K 101 24.32 67.61 27.19
N ASN K 102 25.11 66.59 26.89
CA ASN K 102 24.93 65.24 27.42
C ASN K 102 25.66 64.92 28.74
N VAL K 103 26.98 64.87 28.58
CA VAL K 103 27.89 64.50 29.64
C VAL K 103 28.52 65.70 30.23
N THR K 104 29.08 66.45 29.32
CA THR K 104 29.76 67.64 29.69
C THR K 104 28.87 68.66 30.37
N TYR K 105 29.33 69.07 31.53
CA TYR K 105 28.66 70.04 32.33
C TYR K 105 28.61 71.37 31.59
N PRO K 106 27.48 72.01 31.70
CA PRO K 106 27.21 73.30 31.09
C PRO K 106 28.09 74.37 31.69
N ILE K 107 28.40 74.21 32.94
CA ILE K 107 29.26 75.15 33.57
C ILE K 107 30.62 74.54 33.78
N THR K 108 31.53 75.34 34.27
CA THR K 108 32.87 74.88 34.48
C THR K 108 32.99 74.02 35.69
N VAL K 109 33.82 73.01 35.52
CA VAL K 109 33.97 72.07 36.60
C VAL K 109 34.86 72.47 37.72
N ASN K 110 34.22 72.98 38.74
CA ASN K 110 34.95 73.42 39.89
C ASN K 110 34.09 73.47 41.10
N PRO K 111 33.63 72.32 41.42
CA PRO K 111 32.80 72.17 42.56
C PRO K 111 33.54 72.69 43.79
N PRO K 112 32.74 73.27 44.65
CA PRO K 112 31.29 73.35 44.51
C PRO K 112 30.88 74.68 43.94
N PHE K 113 31.75 75.18 43.11
CA PHE K 113 31.49 76.44 42.52
C PHE K 113 30.83 76.48 41.20
N VAL K 114 29.86 77.35 41.23
CA VAL K 114 29.02 77.77 40.15
C VAL K 114 29.64 79.06 39.54
N PRO K 115 29.34 79.34 38.27
CA PRO K 115 29.87 80.54 37.63
C PRO K 115 29.24 81.82 38.17
N THR K 116 30.04 82.87 38.11
CA THR K 116 29.66 84.17 38.64
C THR K 116 28.38 84.76 38.02
N GLU K 117 28.24 84.52 36.72
CA GLU K 117 27.10 84.96 35.95
C GLU K 117 26.10 83.84 36.02
N ASN K 118 25.15 84.03 36.88
CA ASN K 118 24.22 82.99 37.03
C ASN K 118 22.80 83.51 36.98
N PRO K 119 22.25 83.17 35.90
CA PRO K 119 20.92 83.55 35.56
C PRO K 119 19.94 83.41 36.66
N THR K 120 19.55 84.55 37.15
CA THR K 120 18.58 84.62 38.19
C THR K 120 17.18 84.99 37.72
N GLY K 121 16.18 84.34 38.26
CA GLY K 121 14.81 84.59 37.87
C GLY K 121 13.98 84.99 39.07
N CYS K 122 13.52 86.24 39.08
CA CYS K 122 12.72 86.72 40.20
C CYS K 122 11.27 86.64 39.93
N TYR K 123 10.65 85.76 40.68
CA TYR K 123 9.24 85.52 40.57
C TYR K 123 8.58 86.12 41.77
N SER K 124 7.41 86.68 41.52
CA SER K 124 6.71 87.34 42.60
C SER K 124 5.26 87.14 42.43
N LEU K 125 4.62 87.12 43.54
CA LEU K 125 3.20 86.93 43.52
C LEU K 125 2.50 87.42 44.76
N THR K 126 1.47 88.15 44.40
CA THR K 126 0.64 88.80 45.34
C THR K 126 -0.69 88.12 45.44
N PHE K 127 -1.08 87.85 46.65
CA PHE K 127 -2.32 87.13 46.82
C PHE K 127 -2.91 87.35 48.18
N ASN K 128 -4.14 86.87 48.19
CA ASN K 128 -5.02 86.96 49.29
C ASN K 128 -5.18 85.70 50.03
N VAL K 129 -5.44 85.87 51.32
CA VAL K 129 -5.60 84.78 52.25
C VAL K 129 -6.83 84.90 53.11
N ASP K 130 -7.65 83.86 53.13
CA ASP K 130 -8.77 83.99 54.04
C ASP K 130 -8.19 84.03 55.46
N GLU K 131 -8.69 84.92 56.30
CA GLU K 131 -8.12 84.93 57.61
C GLU K 131 -8.55 83.75 58.45
N SER K 132 -9.65 83.13 58.06
CA SER K 132 -10.03 81.95 58.79
C SER K 132 -8.78 81.08 59.00
N TRP K 133 -8.00 80.99 57.93
CA TRP K 133 -6.76 80.24 57.90
C TRP K 133 -5.71 80.84 58.82
N LEU K 134 -5.80 82.14 58.87
CA LEU K 134 -4.89 82.91 59.62
C LEU K 134 -5.15 82.77 61.11
N GLN K 135 -6.38 82.39 61.46
CA GLN K 135 -6.64 82.26 62.88
C GLN K 135 -6.00 81.04 63.41
N GLU K 136 -6.70 79.95 63.19
CA GLU K 136 -6.25 78.66 63.65
C GLU K 136 -5.44 77.87 62.60
N GLY K 137 -4.83 76.77 63.03
CA GLY K 137 -4.09 75.88 62.16
C GLY K 137 -2.77 76.37 61.59
N GLN K 138 -2.34 75.62 60.57
CA GLN K 138 -1.09 75.90 59.93
C GLN K 138 -1.09 75.93 58.44
N THR K 139 -0.37 76.94 58.00
CA THR K 139 -0.31 77.20 56.61
C THR K 139 1.06 77.18 55.99
N ARG K 140 1.14 76.25 55.07
CA ARG K 140 2.36 76.12 54.37
C ARG K 140 2.18 76.14 52.87
N ILE K 141 3.33 76.49 52.33
CA ILE K 141 3.47 76.56 50.92
C ILE K 141 4.35 75.44 50.39
N ILE K 142 4.00 75.06 49.17
CA ILE K 142 4.70 74.00 48.52
C ILE K 142 5.02 74.16 47.06
N PHE K 143 6.30 74.05 46.81
CA PHE K 143 6.83 74.04 45.48
C PHE K 143 7.15 72.64 45.03
N ASP K 144 6.35 72.14 44.12
CA ASP K 144 6.59 70.83 43.59
C ASP K 144 7.85 70.67 42.78
N GLY K 145 8.38 71.77 42.29
CA GLY K 145 9.61 71.74 41.53
C GLY K 145 10.08 73.13 41.07
N VAL K 146 11.36 73.40 41.43
CA VAL K 146 12.12 74.62 41.16
C VAL K 146 13.58 74.29 40.82
N ASN K 147 13.96 74.65 39.63
CA ASN K 147 15.28 74.30 39.20
C ASN K 147 16.15 75.51 39.03
N SER K 148 17.33 75.51 39.64
CA SER K 148 17.91 74.43 40.42
C SER K 148 17.90 74.67 41.90
N ALA K 149 17.97 75.93 42.29
CA ALA K 149 18.00 76.36 43.69
C ALA K 149 17.22 77.64 43.94
N PHE K 150 16.91 77.95 45.20
CA PHE K 150 16.19 79.18 45.43
C PHE K 150 15.98 79.60 46.85
N HIS K 151 15.84 80.94 46.96
CA HIS K 151 15.55 81.67 48.19
C HIS K 151 14.14 82.16 48.23
N LEU K 152 13.66 82.30 49.41
CA LEU K 152 12.30 82.72 49.41
C LEU K 152 11.87 83.74 50.48
N TRP K 153 11.05 84.70 50.04
CA TRP K 153 10.52 85.71 50.93
C TRP K 153 9.03 85.81 50.93
N CYS K 154 8.54 86.20 52.08
CA CYS K 154 7.13 86.38 52.21
C CYS K 154 6.90 87.63 52.97
N ASN K 155 6.21 88.50 52.27
CA ASN K 155 5.87 89.81 52.75
C ASN K 155 7.16 90.48 53.25
N GLY K 156 8.20 90.46 52.41
CA GLY K 156 9.45 91.15 52.72
C GLY K 156 10.38 90.37 53.62
N ARG K 157 9.78 89.34 54.19
CA ARG K 157 10.52 88.53 55.09
C ARG K 157 11.14 87.29 54.48
N TRP K 158 12.43 87.14 54.80
CA TRP K 158 13.14 85.98 54.34
C TRP K 158 12.59 84.71 54.97
N VAL K 159 12.39 83.69 54.17
CA VAL K 159 11.81 82.47 54.69
C VAL K 159 12.74 81.27 54.67
N GLY K 160 13.26 80.93 53.53
CA GLY K 160 14.11 79.78 53.49
C GLY K 160 14.77 79.59 52.14
N TYR K 161 15.39 78.44 52.05
CA TYR K 161 16.13 78.06 50.88
C TYR K 161 15.98 76.59 50.63
N GLY K 162 16.22 76.21 49.37
CA GLY K 162 16.09 74.82 48.95
C GLY K 162 16.89 74.41 47.71
N GLN K 163 17.24 73.11 47.65
CA GLN K 163 17.95 72.50 46.53
C GLN K 163 17.25 71.20 46.08
N ASP K 164 17.71 70.65 44.94
CA ASP K 164 17.14 69.46 44.34
C ASP K 164 15.90 69.81 43.55
N SER K 165 16.16 70.00 42.27
CA SER K 165 15.08 70.37 41.36
C SER K 165 13.95 69.42 41.24
N ARG K 166 14.10 68.19 41.69
CA ARG K 166 13.01 67.27 41.43
C ARG K 166 12.09 66.95 42.55
N LEU K 167 12.39 67.42 43.73
CA LEU K 167 11.46 67.15 44.79
C LEU K 167 10.88 68.44 45.33
N PRO K 168 9.76 68.27 45.99
CA PRO K 168 9.00 69.31 46.62
C PRO K 168 9.72 69.96 47.76
N SER K 169 9.43 71.26 47.89
CA SER K 169 9.93 72.04 48.99
C SER K 169 8.81 72.65 49.76
N GLU K 170 8.86 72.49 51.06
CA GLU K 170 7.79 73.02 51.87
C GLU K 170 8.24 73.90 52.96
N PHE K 171 7.40 74.93 53.10
CA PHE K 171 7.57 75.89 54.16
C PHE K 171 6.30 76.34 54.81
N ASP K 172 6.53 76.59 56.10
CA ASP K 172 5.53 77.10 57.01
C ASP K 172 5.38 78.58 56.84
N LEU K 173 4.23 78.98 56.38
CA LEU K 173 4.10 80.39 56.17
C LEU K 173 3.47 81.14 57.30
N SER K 174 2.82 80.32 58.09
CA SER K 174 2.07 80.64 59.25
C SER K 174 2.44 81.96 59.90
N ALA K 175 3.72 82.16 60.12
CA ALA K 175 4.12 83.39 60.77
C ALA K 175 4.39 84.58 59.87
N PHE K 176 4.14 84.50 58.56
CA PHE K 176 4.46 85.67 57.78
C PHE K 176 3.28 86.21 57.07
N LEU K 177 2.25 85.45 57.16
CA LEU K 177 1.07 85.85 56.53
C LEU K 177 0.32 86.88 57.29
N ARG K 178 -0.34 87.71 56.49
CA ARG K 178 -1.18 88.77 56.96
C ARG K 178 -2.51 88.52 56.34
N ALA K 179 -3.56 89.04 56.95
CA ALA K 179 -4.80 88.84 56.28
C ALA K 179 -4.86 89.73 55.05
N GLY K 180 -5.55 89.17 54.08
CA GLY K 180 -5.69 89.82 52.83
C GLY K 180 -4.44 89.65 51.97
N GLU K 181 -3.90 90.78 51.63
CA GLU K 181 -2.84 90.84 50.69
C GLU K 181 -1.47 90.41 51.05
N ASN K 182 -1.00 89.35 50.40
CA ASN K 182 0.35 88.95 50.65
C ASN K 182 1.17 88.90 49.41
N ARG K 183 2.46 88.96 49.64
CA ARG K 183 3.35 88.91 48.52
C ARG K 183 4.58 88.04 48.72
N LEU K 184 4.71 87.10 47.75
CA LEU K 184 5.86 86.22 47.69
C LEU K 184 6.88 86.68 46.69
N ALA K 185 8.11 86.50 47.12
CA ALA K 185 9.22 86.78 46.26
C ALA K 185 10.22 85.65 46.33
N VAL K 186 10.29 84.99 45.18
CA VAL K 186 11.13 83.86 44.97
C VAL K 186 12.25 84.12 44.06
N MET K 187 13.42 83.96 44.58
CA MET K 187 14.55 84.14 43.71
C MET K 187 15.10 82.77 43.35
N VAL K 188 15.09 82.46 42.07
CA VAL K 188 15.51 81.17 41.55
C VAL K 188 16.83 81.19 40.80
N LEU K 189 17.73 80.20 41.05
CA LEU K 189 19.00 80.21 40.33
C LEU K 189 19.28 79.07 39.37
N ARG K 190 19.91 79.42 38.28
CA ARG K 190 20.21 78.42 37.30
C ARG K 190 21.13 77.39 37.87
N TRP K 191 22.31 77.87 38.25
CA TRP K 191 23.33 77.03 38.81
C TRP K 191 23.39 77.05 40.30
N SER K 192 23.73 75.91 40.90
CA SER K 192 23.89 75.74 42.32
C SER K 192 24.82 74.60 42.56
N ASP K 193 25.19 74.34 43.81
CA ASP K 193 26.06 73.19 44.01
C ASP K 193 25.27 71.93 43.58
N GLY K 194 23.90 72.00 43.68
CA GLY K 194 22.97 70.92 43.29
C GLY K 194 23.14 70.51 41.83
N SER K 195 23.61 71.47 41.09
CA SER K 195 23.85 71.29 39.70
C SER K 195 24.85 70.19 39.47
N TYR K 196 25.85 70.12 40.33
CA TYR K 196 26.80 69.07 40.13
C TYR K 196 26.17 67.67 40.21
N LEU K 197 24.99 67.57 40.84
CA LEU K 197 24.33 66.29 40.94
C LEU K 197 23.22 66.16 39.95
N GLU K 198 23.24 67.05 39.00
CA GLU K 198 22.15 66.98 38.04
C GLU K 198 22.65 66.95 36.59
N ASP K 199 23.64 66.10 36.29
CA ASP K 199 24.19 66.07 34.94
C ASP K 199 23.50 65.18 33.92
N GLN K 200 22.17 65.04 34.05
CA GLN K 200 21.42 64.22 33.11
C GLN K 200 21.50 64.69 31.67
N ASP K 201 21.57 63.72 30.74
CA ASP K 201 21.61 63.98 29.30
C ASP K 201 20.25 64.47 28.82
N MET K 202 20.04 65.76 28.97
CA MET K 202 18.77 66.40 28.62
C MET K 202 19.00 67.87 28.44
N TRP K 203 17.92 68.57 28.12
CA TRP K 203 18.00 69.99 27.94
C TRP K 203 18.14 70.57 29.33
N ARG K 204 19.02 71.55 29.43
CA ARG K 204 19.24 72.21 30.69
C ARG K 204 18.41 73.48 30.75
N MET K 205 17.38 73.43 31.57
CA MET K 205 16.47 74.52 31.72
C MET K 205 16.41 75.10 33.13
N SER K 206 15.35 75.87 33.45
CA SER K 206 15.20 76.47 34.81
C SER K 206 13.89 77.14 35.07
N GLY K 207 13.64 77.31 36.36
CA GLY K 207 12.43 77.96 36.83
C GLY K 207 11.55 77.16 37.75
N ILE K 208 10.30 77.62 37.81
CA ILE K 208 9.28 77.03 38.64
C ILE K 208 8.41 76.27 37.71
N PHE K 209 8.87 75.04 37.53
CA PHE K 209 8.30 74.18 36.55
C PHE K 209 7.30 73.20 37.03
N ARG K 210 7.06 73.18 38.32
CA ARG K 210 6.02 72.32 38.84
C ARG K 210 5.13 73.20 39.70
N ASP K 211 3.98 72.67 40.02
CA ASP K 211 2.98 73.33 40.81
C ASP K 211 3.43 74.02 42.08
N VAL K 212 2.63 75.07 42.40
CA VAL K 212 2.75 75.87 43.60
C VAL K 212 1.46 75.86 44.35
N SER K 213 1.55 75.59 45.66
CA SER K 213 0.34 75.43 46.39
C SER K 213 0.41 75.78 47.86
N LEU K 214 -0.81 75.83 48.42
CA LEU K 214 -0.99 76.16 49.79
C LEU K 214 -1.79 75.17 50.51
N LEU K 215 -1.21 74.91 51.65
CA LEU K 215 -1.86 73.97 52.49
C LEU K 215 -2.04 74.40 53.91
N HIS K 216 -3.34 74.25 54.24
CA HIS K 216 -3.86 74.57 55.52
C HIS K 216 -4.11 73.32 56.27
N LYS K 217 -3.39 73.21 57.37
CA LYS K 217 -3.50 72.07 58.22
C LYS K 217 -3.72 72.46 59.67
N PRO K 218 -4.40 71.58 60.42
CA PRO K 218 -4.67 71.77 61.83
C PRO K 218 -3.34 71.81 62.55
N THR K 219 -3.35 72.30 63.77
CA THR K 219 -2.10 72.40 64.51
C THR K 219 -1.68 71.05 64.99
N THR K 220 -2.72 70.30 65.25
CA THR K 220 -2.55 68.97 65.67
C THR K 220 -2.99 68.13 64.49
N GLN K 221 -2.01 67.58 63.79
CA GLN K 221 -2.30 66.86 62.58
C GLN K 221 -1.53 65.58 62.36
N ILE K 222 -1.93 64.94 61.26
CA ILE K 222 -1.31 63.76 60.75
C ILE K 222 -0.05 64.19 60.04
N SER K 223 1.12 63.80 60.54
CA SER K 223 2.36 64.24 59.94
C SER K 223 2.93 63.29 58.88
N ASP K 224 2.46 62.04 58.94
CA ASP K 224 2.98 61.04 58.05
C ASP K 224 2.32 59.71 58.25
N PHE K 225 2.34 58.92 57.17
CA PHE K 225 1.80 57.59 57.27
C PHE K 225 2.33 56.65 56.22
N HIS K 226 2.40 55.37 56.59
CA HIS K 226 2.87 54.37 55.68
C HIS K 226 1.97 53.21 55.70
N VAL K 227 1.92 52.67 54.52
CA VAL K 227 1.15 51.49 54.31
C VAL K 227 2.03 50.35 53.87
N ALA K 228 1.57 49.12 54.25
CA ALA K 228 2.24 47.86 53.91
C ALA K 228 1.32 46.64 53.85
N THR K 229 1.59 45.76 52.88
CA THR K 229 0.80 44.55 52.73
C THR K 229 1.60 43.29 52.89
N ARG K 230 1.06 42.39 53.69
CA ARG K 230 1.70 41.13 53.91
C ARG K 230 0.74 40.01 53.52
N PHE K 231 1.25 38.88 53.00
CA PHE K 231 0.33 37.81 52.61
C PHE K 231 0.68 36.43 53.10
N ASN K 232 -0.29 35.52 52.99
CA ASN K 232 0.01 34.14 53.26
C ASN K 232 0.69 33.61 52.00
N ASP K 233 1.09 32.37 52.11
CA ASP K 233 1.79 31.73 51.04
C ASP K 233 1.02 31.74 49.74
N ASP K 234 -0.28 31.86 49.79
CA ASP K 234 -1.03 31.78 48.57
C ASP K 234 -1.85 33.00 48.26
N PHE K 235 -1.56 34.09 48.97
CA PHE K 235 -2.28 35.32 48.71
C PHE K 235 -3.77 35.21 48.93
N SER K 236 -4.14 34.20 49.69
CA SER K 236 -5.53 34.02 49.99
C SER K 236 -5.94 34.97 51.10
N ARG K 237 -4.92 35.54 51.70
CA ARG K 237 -5.17 36.42 52.79
C ARG K 237 -4.05 37.39 53.03
N ALA K 238 -4.47 38.62 53.36
CA ALA K 238 -3.52 39.68 53.60
C ALA K 238 -3.69 40.51 54.85
N VAL K 239 -2.62 41.20 55.13
CA VAL K 239 -2.65 42.12 56.20
C VAL K 239 -2.24 43.48 55.76
N LEU K 240 -3.13 44.41 56.02
CA LEU K 240 -2.77 45.74 55.73
C LEU K 240 -2.28 46.37 57.02
N GLU K 241 -1.11 46.93 56.97
CA GLU K 241 -0.59 47.52 58.13
C GLU K 241 -0.20 48.96 57.89
N ALA K 242 -0.81 49.82 58.69
CA ALA K 242 -0.59 51.25 58.57
C ALA K 242 0.00 51.90 59.78
N GLU K 243 0.98 52.72 59.49
CA GLU K 243 1.63 53.40 60.55
C GLU K 243 1.44 54.85 60.37
N VAL K 244 0.93 55.42 61.44
CA VAL K 244 0.63 56.81 61.43
C VAL K 244 1.32 57.61 62.47
N GLN K 245 1.76 58.75 62.01
CA GLN K 245 2.39 59.66 62.91
C GLN K 245 1.71 60.99 62.89
N MET K 246 1.73 61.57 64.09
CA MET K 246 1.12 62.86 64.32
C MET K 246 2.09 63.90 64.79
N CYS K 247 1.69 65.13 64.54
CA CYS K 247 2.38 66.32 64.97
C CYS K 247 1.42 67.10 65.82
N GLY K 248 1.92 67.87 66.76
CA GLY K 248 1.02 68.68 67.57
C GLY K 248 0.95 68.30 69.04
N GLU K 249 -0.08 68.80 69.75
CA GLU K 249 0.00 68.23 71.08
C GLU K 249 -1.03 67.23 71.39
N LEU K 250 -0.34 66.26 71.92
CA LEU K 250 -0.83 65.00 72.29
C LEU K 250 -1.79 65.02 73.44
N ARG K 251 -2.90 64.32 73.24
CA ARG K 251 -3.95 64.22 74.22
C ARG K 251 -4.62 62.88 74.15
N ASP K 252 -4.80 62.30 75.27
CA ASP K 252 -5.43 61.00 75.42
C ASP K 252 -6.79 60.80 74.74
N TYR K 253 -7.41 61.86 74.24
CA TYR K 253 -8.71 61.59 73.65
C TYR K 253 -8.61 61.41 72.16
N LEU K 254 -7.37 61.48 71.71
CA LEU K 254 -7.07 61.33 70.33
C LEU K 254 -7.15 59.90 69.90
N ARG K 255 -7.65 59.81 68.68
CA ARG K 255 -7.84 58.54 68.06
C ARG K 255 -7.51 58.56 66.59
N VAL K 256 -7.34 57.33 66.10
CA VAL K 256 -7.05 57.19 64.71
C VAL K 256 -7.83 56.09 64.11
N THR K 257 -8.36 56.41 62.96
CA THR K 257 -9.10 55.41 62.28
C THR K 257 -8.67 55.22 60.88
N VAL K 258 -8.62 53.95 60.55
CA VAL K 258 -8.20 53.57 59.26
C VAL K 258 -9.16 52.58 58.72
N SER K 259 -9.65 52.97 57.56
CA SER K 259 -10.64 52.22 56.88
C SER K 259 -10.27 51.95 55.44
N LEU K 260 -10.68 50.77 55.08
CA LEU K 260 -10.43 50.29 53.79
C LEU K 260 -11.69 50.11 53.03
N TRP K 261 -11.62 50.67 51.86
CA TRP K 261 -12.71 50.66 50.95
C TRP K 261 -12.44 50.08 49.61
N GLN K 262 -13.46 49.40 49.17
CA GLN K 262 -13.53 48.80 47.88
C GLN K 262 -14.69 49.46 47.15
N GLY K 263 -14.36 50.62 46.67
CA GLY K 263 -15.39 51.36 46.04
C GLY K 263 -16.36 51.85 47.09
N GLU K 264 -17.55 51.29 47.03
CA GLU K 264 -18.59 51.70 47.93
C GLU K 264 -18.54 50.94 49.20
N THR K 265 -17.85 49.85 49.11
CA THR K 265 -17.79 49.00 50.22
C THR K 265 -16.68 49.23 51.20
N GLN K 266 -17.09 49.20 52.45
CA GLN K 266 -16.09 49.32 53.43
C GLN K 266 -15.70 47.93 53.77
N VAL K 267 -14.42 47.72 53.57
CA VAL K 267 -13.85 46.42 53.67
C VAL K 267 -13.28 46.11 55.02
N ALA K 268 -12.73 47.14 55.63
CA ALA K 268 -12.17 46.97 56.94
C ALA K 268 -11.87 48.30 57.55
N SER K 269 -11.92 48.26 58.87
CA SER K 269 -11.65 49.43 59.64
C SER K 269 -11.01 49.07 60.93
N GLY K 270 -10.34 50.07 61.48
CA GLY K 270 -9.67 49.93 62.74
C GLY K 270 -9.44 51.27 63.38
N THR K 271 -9.58 51.26 64.69
CA THR K 271 -9.40 52.48 65.43
C THR K 271 -8.51 52.32 66.63
N ALA K 272 -7.77 53.38 66.91
CA ALA K 272 -6.89 53.34 68.05
C ALA K 272 -6.36 54.68 68.42
N PRO K 273 -5.77 54.65 69.56
CA PRO K 273 -5.16 55.78 70.20
C PRO K 273 -3.68 55.68 70.00
N PHE K 274 -3.04 56.84 70.03
CA PHE K 274 -1.62 56.89 69.83
C PHE K 274 -0.83 56.12 70.86
N GLY K 275 0.39 55.83 70.48
CA GLY K 275 1.27 55.10 71.35
C GLY K 275 1.55 53.73 70.79
N GLY K 276 2.85 53.54 70.53
CA GLY K 276 3.40 52.31 69.98
C GLY K 276 3.92 51.30 71.01
N GLU K 277 4.45 50.22 70.46
CA GLU K 277 5.00 49.13 71.21
C GLU K 277 6.40 49.52 71.57
N ILE K 278 6.90 48.86 72.59
CA ILE K 278 8.23 49.16 72.99
C ILE K 278 9.16 48.86 71.88
N ILE K 279 10.08 49.77 71.72
CA ILE K 279 11.01 49.55 70.68
C ILE K 279 12.38 49.38 71.28
N ASP K 280 12.62 50.05 72.39
CA ASP K 280 13.92 49.92 72.96
C ASP K 280 13.90 50.19 74.43
N GLU K 281 15.07 50.33 74.98
CA GLU K 281 15.17 50.56 76.41
C GLU K 281 14.40 51.77 76.92
N ARG K 282 14.23 52.78 76.06
CA ARG K 282 13.51 53.99 76.44
C ARG K 282 12.03 53.93 76.21
N GLY K 283 11.54 52.91 75.52
CA GLY K 283 10.11 52.79 75.28
C GLY K 283 9.79 52.76 73.82
N GLY K 284 8.62 53.37 73.50
CA GLY K 284 8.13 53.46 72.13
C GLY K 284 7.86 54.91 71.67
N TYR K 285 7.07 54.99 70.59
CA TYR K 285 6.64 56.25 70.02
C TYR K 285 5.28 56.56 70.55
N ALA K 286 5.25 57.61 71.31
CA ALA K 286 3.99 58.02 71.90
C ALA K 286 3.04 58.60 70.88
N ASP K 287 3.66 59.20 69.91
CA ASP K 287 3.01 59.90 68.86
C ASP K 287 2.92 59.13 67.59
N ARG K 288 2.85 57.82 67.70
CA ARG K 288 2.64 57.07 66.48
C ARG K 288 1.74 55.98 66.87
N VAL K 289 1.19 55.38 65.86
CA VAL K 289 0.35 54.25 66.08
C VAL K 289 0.30 53.40 64.81
N THR K 290 0.25 52.10 64.98
CA THR K 290 0.21 51.23 63.84
C THR K 290 -1.01 50.34 63.85
N LEU K 291 -1.77 50.34 62.76
CA LEU K 291 -2.92 49.46 62.74
C LEU K 291 -2.71 48.36 61.75
N ARG K 292 -3.36 47.26 62.05
CA ARG K 292 -3.27 46.11 61.21
C ARG K 292 -4.63 45.62 60.82
N LEU K 293 -4.93 45.66 59.53
CA LEU K 293 -6.21 45.21 59.03
C LEU K 293 -6.09 43.93 58.27
N ASN K 294 -6.99 43.04 58.58
CA ASN K 294 -6.98 41.78 57.89
C ASN K 294 -7.87 41.82 56.70
N VAL K 295 -7.41 41.19 55.63
CA VAL K 295 -8.20 41.14 54.43
C VAL K 295 -8.25 39.79 53.79
N GLU K 296 -9.45 39.28 53.66
CA GLU K 296 -9.56 37.98 53.04
C GLU K 296 -9.69 38.10 51.55
N ASN K 297 -9.08 37.15 50.86
CA ASN K 297 -9.15 37.14 49.41
C ASN K 297 -9.07 38.52 48.81
N PRO K 298 -7.98 39.19 49.11
CA PRO K 298 -7.80 40.51 48.56
C PRO K 298 -7.65 40.37 47.07
N LYS K 299 -7.92 41.49 46.41
CA LYS K 299 -7.78 41.61 44.97
C LYS K 299 -6.45 42.26 44.71
N LEU K 300 -5.67 41.54 43.92
CA LEU K 300 -4.36 42.02 43.69
C LEU K 300 -4.11 43.03 42.64
N TRP K 301 -3.14 43.83 42.95
CA TRP K 301 -2.79 44.82 42.01
C TRP K 301 -1.68 44.31 41.10
N SER K 302 -1.75 44.63 39.80
CA SER K 302 -0.76 44.22 38.79
C SER K 302 -0.85 45.18 37.68
N ALA K 303 0.17 45.17 36.83
CA ALA K 303 0.08 46.04 35.69
C ALA K 303 -0.98 45.41 34.79
N GLU K 304 -1.18 44.10 34.93
CA GLU K 304 -2.22 43.41 34.16
C GLU K 304 -3.60 43.85 34.66
N ILE K 305 -3.78 44.03 35.97
CA ILE K 305 -5.06 44.42 36.53
C ILE K 305 -4.87 45.19 37.79
N PRO K 306 -4.88 46.45 37.61
CA PRO K 306 -4.63 47.39 38.65
C PRO K 306 -5.74 47.47 39.66
N ASN K 307 -5.98 46.40 40.37
CA ASN K 307 -6.99 46.46 41.37
C ASN K 307 -6.55 47.39 42.47
N LEU K 308 -7.40 48.36 42.75
CA LEU K 308 -7.13 49.31 43.83
C LEU K 308 -8.13 49.35 44.98
N TYR K 309 -7.63 49.83 46.10
CA TYR K 309 -8.46 50.01 47.26
C TYR K 309 -8.21 51.39 47.77
N ARG K 310 -9.16 51.89 48.55
CA ARG K 310 -8.98 53.21 49.09
C ARG K 310 -8.86 53.17 50.58
N ALA K 311 -7.86 53.91 51.01
CA ALA K 311 -7.60 53.93 52.41
C ALA K 311 -7.75 55.29 53.01
N VAL K 312 -8.49 55.28 54.13
CA VAL K 312 -8.73 56.48 54.88
C VAL K 312 -8.23 56.52 56.29
N VAL K 313 -7.51 57.60 56.45
CA VAL K 313 -6.90 57.91 57.70
C VAL K 313 -7.51 59.12 58.33
N GLU K 314 -8.23 58.85 59.40
CA GLU K 314 -8.87 59.89 60.13
C GLU K 314 -8.36 60.02 61.53
N LEU K 315 -7.97 61.25 61.77
CA LEU K 315 -7.47 61.75 63.01
C LEU K 315 -8.65 62.41 63.71
N HIS K 316 -9.09 61.81 64.78
CA HIS K 316 -10.21 62.36 65.46
C HIS K 316 -10.15 62.20 66.97
N THR K 317 -11.15 62.75 67.62
CA THR K 317 -11.23 62.65 69.06
C THR K 317 -12.09 61.50 69.38
N ALA K 318 -11.98 61.09 70.62
CA ALA K 318 -12.71 59.96 71.08
C ALA K 318 -14.22 60.12 70.97
N ASP K 319 -14.68 61.37 71.06
CA ASP K 319 -16.10 61.64 70.98
C ASP K 319 -16.63 61.44 69.58
N GLY K 320 -15.74 61.58 68.62
CA GLY K 320 -16.16 61.38 67.24
C GLY K 320 -15.84 62.55 66.36
N THR K 321 -15.50 63.63 66.98
CA THR K 321 -15.17 64.79 66.24
C THR K 321 -13.91 64.62 65.40
N LEU K 322 -14.04 64.79 64.10
CA LEU K 322 -12.91 64.63 63.22
C LEU K 322 -11.98 65.82 63.17
N ILE K 323 -10.69 65.59 63.30
CA ILE K 323 -9.74 66.70 63.20
C ILE K 323 -9.34 66.92 61.75
N GLU K 324 -9.07 65.81 61.07
CA GLU K 324 -8.70 65.81 59.65
C GLU K 324 -8.56 64.42 59.13
N ALA K 325 -8.42 64.39 57.82
CA ALA K 325 -8.26 63.16 57.08
C ALA K 325 -7.28 63.22 55.91
N GLU K 326 -6.70 62.06 55.68
CA GLU K 326 -5.82 61.86 54.57
C GLU K 326 -6.18 60.51 54.03
N ALA K 327 -5.83 60.35 52.77
CA ALA K 327 -6.13 59.09 52.14
C ALA K 327 -5.16 58.75 51.04
N CYS K 328 -5.34 57.50 50.54
CA CYS K 328 -4.54 57.01 49.46
C CYS K 328 -5.11 55.78 48.83
N ASP K 329 -4.64 55.56 47.61
CA ASP K 329 -5.05 54.35 46.93
C ASP K 329 -4.14 53.23 47.35
N VAL K 330 -4.69 52.06 47.45
CA VAL K 330 -3.86 50.98 47.90
C VAL K 330 -3.88 49.78 46.97
N GLY K 331 -2.69 49.21 46.77
CA GLY K 331 -2.58 48.03 45.95
C GLY K 331 -1.97 46.86 46.69
N PHE K 332 -2.65 45.76 46.61
CA PHE K 332 -2.15 44.57 47.23
C PHE K 332 -1.27 43.82 46.26
N ARG K 333 0.02 43.85 46.58
CA ARG K 333 1.01 43.19 45.76
C ARG K 333 2.29 43.03 46.53
N GLU K 334 2.96 41.95 46.19
CA GLU K 334 4.23 41.59 46.78
C GLU K 334 5.33 41.50 45.74
N VAL K 335 6.39 42.22 46.00
CA VAL K 335 7.49 42.20 45.06
C VAL K 335 8.63 41.56 45.75
N ARG K 336 9.19 40.53 45.16
CA ARG K 336 10.32 39.94 45.80
C ARG K 336 11.24 39.21 44.87
N ILE K 337 12.47 39.15 45.34
CA ILE K 337 13.45 38.43 44.61
C ILE K 337 13.75 37.14 45.30
N GLU K 338 13.49 36.10 44.57
CA GLU K 338 13.74 34.85 45.18
C GLU K 338 14.46 33.90 44.30
N ASN K 339 15.54 33.40 44.81
CA ASN K 339 16.27 32.44 44.03
C ASN K 339 16.63 32.92 42.65
N GLY K 340 17.18 34.12 42.56
CA GLY K 340 17.62 34.66 41.30
C GLY K 340 16.48 35.28 40.53
N LEU K 341 15.26 35.19 41.05
CA LEU K 341 14.21 35.79 40.27
C LEU K 341 13.38 36.83 40.93
N LEU K 342 12.99 37.74 40.08
CA LEU K 342 12.15 38.80 40.52
C LEU K 342 10.70 38.42 40.34
N LEU K 343 10.01 38.41 41.47
CA LEU K 343 8.64 38.03 41.45
C LEU K 343 7.70 39.06 41.88
N LEU K 344 6.57 38.90 41.30
CA LEU K 344 5.50 39.72 41.62
C LEU K 344 4.31 38.88 41.93
N ASN K 345 3.82 39.03 43.14
CA ASN K 345 2.70 38.22 43.56
C ASN K 345 2.96 36.79 43.23
N GLY K 346 4.21 36.42 43.47
CA GLY K 346 4.60 35.05 43.27
C GLY K 346 5.04 34.68 41.91
N LYS K 347 4.80 35.52 40.93
CA LYS K 347 5.24 35.15 39.63
C LYS K 347 6.34 36.05 39.16
N PRO K 348 7.13 35.45 38.35
CA PRO K 348 8.32 35.99 37.75
C PRO K 348 7.94 36.91 36.65
N LEU K 349 8.43 38.13 36.75
CA LEU K 349 8.09 39.08 35.76
C LEU K 349 8.93 39.07 34.53
N LEU K 350 8.36 39.73 33.54
CA LEU K 350 8.99 39.96 32.29
C LEU K 350 8.70 41.40 31.90
N ILE K 351 9.69 42.22 32.12
CA ILE K 351 9.58 43.64 31.94
C ILE K 351 9.69 44.09 30.54
N ARG K 352 8.59 44.65 30.07
CA ARG K 352 8.51 45.26 28.77
C ARG K 352 8.57 46.76 29.04
N GLY K 353 9.78 47.22 29.33
CA GLY K 353 9.98 48.58 29.76
C GLY K 353 10.57 49.58 28.83
N VAL K 354 10.38 50.80 29.29
CA VAL K 354 10.92 51.94 28.58
C VAL K 354 11.27 53.03 29.55
N ASN K 355 12.31 53.73 29.20
CA ASN K 355 12.74 54.87 30.00
C ASN K 355 12.01 56.07 29.44
N ARG K 356 11.61 56.96 30.33
CA ARG K 356 10.91 58.16 29.91
C ARG K 356 11.22 59.44 30.66
N HIS K 357 11.53 60.48 29.91
CA HIS K 357 11.75 61.78 30.53
C HIS K 357 10.46 62.63 30.56
N GLU K 358 10.48 63.63 31.42
CA GLU K 358 9.37 64.58 31.53
C GLU K 358 9.72 65.72 30.54
N HIS K 359 9.16 65.61 29.32
CA HIS K 359 9.45 66.50 28.19
C HIS K 359 8.31 66.77 27.23
N HIS K 360 8.18 68.08 26.98
CA HIS K 360 7.19 68.68 26.15
C HIS K 360 7.82 69.65 25.17
N PRO K 361 7.58 69.38 23.90
CA PRO K 361 8.11 70.12 22.76
C PRO K 361 7.89 71.61 22.88
N LEU K 362 6.72 71.92 23.47
CA LEU K 362 6.26 73.28 23.74
C LEU K 362 6.53 73.81 25.13
N HIS K 363 6.15 73.05 26.14
CA HIS K 363 6.35 73.48 27.49
C HIS K 363 7.68 73.21 28.11
N GLY K 364 8.61 72.56 27.38
CA GLY K 364 9.91 72.24 27.95
C GLY K 364 9.74 71.12 29.00
N GLN K 365 10.19 71.38 30.23
CA GLN K 365 10.05 70.37 31.26
C GLN K 365 8.77 70.41 32.08
N VAL K 366 7.79 71.12 31.59
CA VAL K 366 6.56 71.18 32.34
C VAL K 366 5.53 70.14 31.94
N MET K 367 5.09 69.39 32.93
CA MET K 367 4.13 68.31 32.69
C MET K 367 2.67 68.61 32.98
N ASP K 368 1.78 67.81 32.40
CA ASP K 368 0.35 67.94 32.59
C ASP K 368 -0.39 66.65 32.35
N GLU K 369 -1.48 66.58 33.05
CA GLU K 369 -2.32 65.42 33.00
C GLU K 369 -2.51 64.87 31.63
N GLN K 370 -2.94 65.76 30.81
CA GLN K 370 -3.25 65.38 29.48
C GLN K 370 -2.17 64.58 28.76
N THR K 371 -0.97 65.12 28.82
CA THR K 371 0.16 64.48 28.21
C THR K 371 0.47 63.12 28.84
N MET K 372 0.61 63.20 30.16
CA MET K 372 0.88 62.03 30.91
C MET K 372 0.01 60.88 30.44
N VAL K 373 -1.26 61.15 30.43
CA VAL K 373 -2.16 60.12 30.01
C VAL K 373 -1.90 59.62 28.61
N GLN K 374 -1.60 60.58 27.79
CA GLN K 374 -1.33 60.19 26.44
C GLN K 374 -0.24 59.14 26.39
N ASP K 375 0.86 59.49 27.04
CA ASP K 375 1.96 58.59 27.07
C ASP K 375 1.57 57.20 27.56
N ILE K 376 0.89 57.24 28.65
CA ILE K 376 0.47 56.01 29.18
C ILE K 376 -0.32 55.17 28.23
N LEU K 377 -1.28 55.82 27.62
CA LEU K 377 -2.12 55.09 26.71
C LEU K 377 -1.35 54.42 25.63
N LEU K 378 -0.50 55.20 25.06
CA LEU K 378 0.36 54.70 24.03
C LEU K 378 1.17 53.52 24.47
N MET K 379 1.86 53.71 25.58
CA MET K 379 2.66 52.64 26.07
C MET K 379 1.90 51.37 26.19
N LYS K 380 0.80 51.51 26.91
CA LYS K 380 -0.05 50.38 27.12
C LYS K 380 -0.47 49.78 25.82
N GLN K 381 -0.77 50.63 24.90
CA GLN K 381 -1.20 50.11 23.63
C GLN K 381 -0.11 49.43 22.84
N ASN K 382 1.13 49.74 23.16
CA ASN K 382 2.23 49.12 22.48
C ASN K 382 2.89 48.00 23.22
N ASN K 383 2.20 47.49 24.20
CA ASN K 383 2.70 46.35 24.92
C ASN K 383 3.77 46.62 25.90
N PHE K 384 3.85 47.86 26.33
CA PHE K 384 4.79 48.13 27.40
C PHE K 384 4.15 47.89 28.79
N ASN K 385 4.94 47.52 29.81
CA ASN K 385 4.28 47.32 31.10
C ASN K 385 4.99 48.01 32.21
N ALA K 386 6.08 48.66 31.84
CA ALA K 386 6.84 49.30 32.87
C ALA K 386 7.59 50.46 32.35
N VAL K 387 7.87 51.34 33.28
CA VAL K 387 8.63 52.52 32.94
C VAL K 387 9.57 52.92 34.05
N ARG K 388 10.68 53.47 33.60
CA ARG K 388 11.70 53.95 34.47
C ARG K 388 11.74 55.47 34.39
N CYS K 389 11.69 56.11 35.56
CA CYS K 389 11.77 57.57 35.67
C CYS K 389 13.16 58.11 35.46
N SER K 390 13.65 58.00 34.24
CA SER K 390 15.00 58.51 33.98
C SER K 390 14.95 60.03 34.04
N HIS K 391 15.62 60.65 34.99
CA HIS K 391 16.43 60.05 36.04
C HIS K 391 16.23 60.94 37.26
N TYR K 392 15.01 60.97 37.76
CA TYR K 392 14.64 61.80 38.88
C TYR K 392 13.19 61.52 39.11
N PRO K 393 12.78 61.92 40.27
CA PRO K 393 11.42 61.70 40.66
C PRO K 393 10.56 62.52 39.77
N ASN K 394 9.44 61.95 39.48
CA ASN K 394 8.59 62.64 38.58
C ASN K 394 7.52 63.43 39.26
N HIS K 395 6.85 64.19 38.46
CA HIS K 395 5.68 64.85 38.90
C HIS K 395 4.73 63.76 39.45
N PRO K 396 4.28 64.09 40.59
CA PRO K 396 3.44 63.31 41.47
C PRO K 396 2.25 62.65 40.87
N LEU K 397 1.65 63.35 39.97
CA LEU K 397 0.47 62.78 39.43
C LEU K 397 0.73 61.46 38.68
N TRP K 398 1.90 61.48 38.11
CA TRP K 398 2.35 60.38 37.34
C TRP K 398 2.09 59.05 38.01
N TYR K 399 2.57 59.01 39.26
CA TYR K 399 2.47 57.81 40.04
C TYR K 399 1.04 57.36 40.22
N THR K 400 0.21 58.33 40.37
CA THR K 400 -1.14 57.97 40.56
C THR K 400 -1.72 57.32 39.33
N LEU K 401 -1.41 57.96 38.23
CA LEU K 401 -1.86 57.48 36.98
C LEU K 401 -1.41 56.07 36.76
N CYS K 402 -0.13 55.87 37.04
CA CYS K 402 0.38 54.54 36.86
C CYS K 402 -0.32 53.58 37.76
N ASP K 403 -0.60 54.08 38.95
CA ASP K 403 -1.26 53.24 39.90
C ASP K 403 -2.59 52.78 39.36
N ARG K 404 -3.24 53.75 38.74
CA ARG K 404 -4.58 53.51 38.24
C ARG K 404 -4.67 52.78 36.94
N TYR K 405 -3.78 53.14 36.03
CA TYR K 405 -3.78 52.52 34.73
C TYR K 405 -3.12 51.17 34.68
N GLY K 406 -2.12 50.98 35.54
CA GLY K 406 -1.41 49.73 35.62
C GLY K 406 -0.08 49.72 34.89
N LEU K 407 0.98 50.23 35.51
CA LEU K 407 2.30 50.17 34.89
C LEU K 407 3.34 50.00 35.98
N TYR K 408 4.29 49.09 35.80
CA TYR K 408 5.29 48.99 36.84
C TYR K 408 6.23 50.17 36.72
N VAL K 409 6.61 50.70 37.87
CA VAL K 409 7.53 51.83 37.86
C VAL K 409 8.77 51.69 38.73
N VAL K 410 9.82 52.25 38.16
CA VAL K 410 11.08 52.35 38.83
C VAL K 410 11.28 53.81 39.21
N ASP K 411 11.26 54.10 40.49
CA ASP K 411 11.46 55.44 40.97
C ASP K 411 12.95 55.72 41.14
N GLU K 412 13.41 56.84 40.60
CA GLU K 412 14.82 57.06 40.64
C GLU K 412 15.26 58.36 41.26
N ALA K 413 16.26 58.26 42.09
CA ALA K 413 16.73 59.47 42.72
C ALA K 413 17.39 60.41 41.73
N ASN K 414 17.23 61.69 42.01
CA ASN K 414 17.78 62.72 41.19
C ASN K 414 19.30 62.89 41.34
N ILE K 415 20.10 61.95 40.86
CA ILE K 415 21.54 62.14 40.97
C ILE K 415 22.28 61.62 39.77
N GLU K 416 22.98 62.49 39.03
CA GLU K 416 23.80 62.10 37.88
C GLU K 416 25.01 63.00 37.94
N THR K 417 26.20 62.43 37.94
CA THR K 417 27.44 63.19 37.99
C THR K 417 28.31 62.74 36.87
N HIS K 418 27.59 62.40 35.85
CA HIS K 418 28.19 61.86 34.68
C HIS K 418 29.48 62.57 34.21
N GLY K 419 29.55 63.90 34.28
CA GLY K 419 30.68 64.66 33.79
C GLY K 419 31.90 64.62 34.68
N MET K 420 31.74 64.13 35.89
CA MET K 420 32.89 64.10 36.77
C MET K 420 33.99 63.21 36.25
N VAL K 421 35.14 63.29 36.89
CA VAL K 421 36.22 62.42 36.46
C VAL K 421 37.20 62.04 37.55
N PRO K 422 37.29 60.76 37.87
CA PRO K 422 36.45 59.77 37.27
C PRO K 422 35.00 59.99 37.72
N MET K 423 34.11 59.30 37.06
CA MET K 423 32.72 59.44 37.33
C MET K 423 32.34 59.46 38.80
N ASN K 424 33.07 58.78 39.66
CA ASN K 424 32.60 58.76 41.05
C ASN K 424 33.30 59.73 42.03
N ARG K 425 33.95 60.73 41.44
CA ARG K 425 34.65 61.73 42.18
C ARG K 425 33.86 62.23 43.39
N LEU K 426 32.59 62.55 43.18
CA LEU K 426 31.77 62.99 44.30
C LEU K 426 31.14 61.89 45.12
N THR K 427 30.63 60.85 44.44
CA THR K 427 29.93 59.74 45.08
C THR K 427 30.72 58.96 46.07
N ASP K 428 32.02 59.12 45.87
CA ASP K 428 32.88 58.49 46.80
C ASP K 428 33.35 59.47 47.89
N ASP K 429 32.71 60.62 47.99
CA ASP K 429 33.12 61.60 48.95
C ASP K 429 32.04 61.96 49.94
N PRO K 430 32.45 61.68 51.14
CA PRO K 430 31.70 61.86 52.34
C PRO K 430 31.08 63.21 52.38
N ARG K 431 31.91 64.17 51.98
CA ARG K 431 31.41 65.53 51.98
C ARG K 431 30.15 65.67 51.18
N TRP K 432 29.94 64.78 50.24
CA TRP K 432 28.74 64.90 49.44
C TRP K 432 27.62 63.98 49.84
N LEU K 433 27.98 63.22 50.81
CA LEU K 433 27.03 62.26 51.27
C LEU K 433 25.66 62.81 51.75
N PRO K 434 25.73 63.87 52.45
CA PRO K 434 24.50 64.43 52.98
C PRO K 434 23.59 64.92 51.88
N ALA K 435 24.22 65.62 50.98
CA ALA K 435 23.48 66.06 49.80
C ALA K 435 22.83 64.87 49.11
N MET K 436 23.67 63.88 48.81
CA MET K 436 23.13 62.73 48.15
C MET K 436 22.00 62.12 48.96
N SER K 437 22.29 62.06 50.23
CA SER K 437 21.37 61.43 51.12
C SER K 437 19.92 61.93 50.95
N GLU K 438 19.85 63.26 50.91
CA GLU K 438 18.61 63.96 50.88
C GLU K 438 17.82 63.61 49.68
N ARG K 439 18.61 63.49 48.64
CA ARG K 439 18.04 63.10 47.40
C ARG K 439 17.37 61.72 47.46
N VAL K 440 17.91 60.81 48.26
CA VAL K 440 17.22 59.54 48.27
C VAL K 440 16.07 59.46 49.25
N THR K 441 16.43 59.87 50.45
CA THR K 441 15.53 59.79 51.56
C THR K 441 14.19 60.40 51.28
N ARG K 442 14.29 61.58 50.72
CA ARG K 442 13.12 62.35 50.42
C ARG K 442 12.20 61.68 49.44
N MET K 443 12.83 61.10 48.43
CA MET K 443 12.04 60.41 47.44
C MET K 443 11.20 59.32 48.06
N VAL K 444 11.92 58.56 48.83
CA VAL K 444 11.32 57.43 49.45
C VAL K 444 10.15 57.85 50.30
N GLN K 445 10.43 58.90 51.04
CA GLN K 445 9.46 59.44 51.94
C GLN K 445 8.19 59.88 51.24
N ARG K 446 8.43 60.38 50.06
CA ARG K 446 7.31 60.83 49.34
C ARG K 446 6.53 59.76 48.63
N ASP K 447 7.22 58.80 48.03
CA ASP K 447 6.53 57.89 47.15
C ASP K 447 6.21 56.50 47.57
N ARG K 448 6.68 56.21 48.71
CA ARG K 448 6.55 54.85 49.15
C ARG K 448 5.18 54.25 49.25
N ASN K 449 4.14 55.05 49.21
CA ASN K 449 2.89 54.36 49.30
C ASN K 449 2.28 53.92 47.99
N HIS K 450 2.90 54.30 46.87
CA HIS K 450 2.33 53.86 45.61
C HIS K 450 2.69 52.45 45.17
N PRO K 451 1.67 51.66 44.93
CA PRO K 451 1.85 50.29 44.49
C PRO K 451 2.60 50.17 43.19
N SER K 452 2.50 51.13 42.30
CA SER K 452 3.20 50.98 41.03
C SER K 452 4.70 51.07 41.19
N VAL K 453 5.14 51.69 42.27
CA VAL K 453 6.56 51.74 42.37
C VAL K 453 6.99 50.40 42.84
N ILE K 454 7.85 49.74 42.07
CA ILE K 454 8.27 48.43 42.53
C ILE K 454 9.75 48.30 42.72
N ILE K 455 10.48 49.28 42.28
CA ILE K 455 11.91 49.25 42.46
C ILE K 455 12.40 50.64 42.68
N TRP K 456 13.37 50.74 43.56
CA TRP K 456 13.99 52.00 43.82
C TRP K 456 15.32 52.00 43.12
N SER K 457 15.66 53.17 42.61
CA SER K 457 16.92 53.36 41.94
C SER K 457 17.68 54.51 42.55
N LEU K 458 18.96 54.28 42.79
CA LEU K 458 19.81 55.28 43.40
C LEU K 458 20.23 56.40 42.48
N GLY K 459 19.82 56.39 41.24
CA GLY K 459 20.34 57.46 40.43
C GLY K 459 20.85 56.95 39.12
N ASN K 460 21.80 57.68 38.52
CA ASN K 460 22.33 57.30 37.23
C ASN K 460 23.69 57.87 36.90
N GLU K 461 24.45 57.09 36.17
CA GLU K 461 25.77 57.46 35.74
C GLU K 461 26.51 58.36 36.67
N SER K 462 26.84 57.84 37.85
CA SER K 462 27.59 58.58 38.85
C SER K 462 28.69 57.70 39.42
N GLY K 463 29.12 56.76 38.60
CA GLY K 463 30.13 55.80 39.01
C GLY K 463 29.59 54.98 40.18
N HIS K 464 30.52 54.50 40.98
CA HIS K 464 30.14 53.78 42.15
C HIS K 464 30.98 54.24 43.31
N GLY K 465 30.33 54.77 44.35
CA GLY K 465 31.06 55.23 45.51
C GLY K 465 30.40 54.78 46.77
N ALA K 466 31.16 54.92 47.82
CA ALA K 466 30.67 54.50 49.10
C ALA K 466 29.34 55.13 49.48
N ASN K 467 29.13 56.34 48.97
CA ASN K 467 27.90 56.97 49.33
C ASN K 467 26.73 56.12 48.87
N HIS K 468 27.01 55.44 47.77
CA HIS K 468 26.01 54.55 47.21
C HIS K 468 25.66 53.39 48.12
N ASP K 469 26.72 52.75 48.58
CA ASP K 469 26.50 51.61 49.44
C ASP K 469 25.72 52.00 50.65
N ALA K 470 26.13 53.10 51.19
CA ALA K 470 25.44 53.57 52.36
C ALA K 470 23.96 53.80 52.12
N LEU K 471 23.67 54.36 50.97
CA LEU K 471 22.29 54.68 50.66
C LEU K 471 21.44 53.50 50.33
N TYR K 472 22.09 52.60 49.64
CA TYR K 472 21.47 51.36 49.31
C TYR K 472 20.96 50.71 50.61
N ARG K 473 21.89 50.63 51.51
CA ARG K 473 21.57 50.04 52.78
C ARG K 473 20.41 50.69 53.49
N TRP K 474 20.47 52.00 53.51
CA TRP K 474 19.46 52.77 54.16
C TRP K 474 18.08 52.38 53.67
N ILE K 475 17.97 52.34 52.39
CA ILE K 475 16.67 52.00 51.89
C ILE K 475 16.26 50.63 52.30
N LYS K 476 17.21 49.72 52.18
CA LYS K 476 16.91 48.36 52.50
C LYS K 476 16.31 48.30 53.85
N SER K 477 16.82 49.15 54.70
CA SER K 477 16.32 49.09 56.05
C SER K 477 15.00 49.72 56.21
N VAL K 478 14.82 50.78 55.52
CA VAL K 478 13.60 51.47 55.68
C VAL K 478 12.44 50.84 54.88
N ASP K 479 12.75 50.36 53.70
CA ASP K 479 11.77 49.78 52.83
C ASP K 479 12.30 48.56 52.14
N PRO K 480 11.96 47.54 52.80
CA PRO K 480 12.33 46.21 52.46
C PRO K 480 11.40 45.62 51.45
N SER K 481 10.31 46.30 51.19
CA SER K 481 9.28 45.86 50.28
C SER K 481 9.69 45.91 48.81
N ARG K 482 10.75 46.67 48.54
CA ARG K 482 11.21 46.78 47.20
C ARG K 482 12.69 46.69 47.13
N PRO K 483 13.07 46.15 46.01
CA PRO K 483 14.44 45.95 45.66
C PRO K 483 15.00 47.25 45.19
N VAL K 484 16.31 47.31 45.28
CA VAL K 484 17.04 48.47 44.87
C VAL K 484 18.01 48.18 43.75
N GLN K 485 18.07 49.09 42.80
CA GLN K 485 19.05 48.88 41.74
C GLN K 485 19.85 50.11 41.43
N TYR K 486 20.99 49.88 40.81
CA TYR K 486 21.90 50.97 40.44
C TYR K 486 22.96 50.42 39.49
N GLU K 487 23.09 51.06 38.34
CA GLU K 487 23.99 50.56 37.31
C GLU K 487 25.45 51.00 37.43
N GLY K 488 25.65 52.16 38.00
CA GLY K 488 26.97 52.73 38.06
C GLY K 488 28.03 51.77 38.52
N GLY K 489 29.19 52.00 37.99
CA GLY K 489 30.36 51.25 38.34
C GLY K 489 30.38 49.80 37.93
N GLY K 490 29.73 49.44 36.84
CA GLY K 490 29.79 48.06 36.41
C GLY K 490 28.48 47.27 36.39
N ALA K 491 27.39 47.87 36.87
CA ALA K 491 26.06 47.25 36.85
C ALA K 491 25.88 46.03 37.73
N ASP K 492 26.92 45.66 38.46
CA ASP K 492 26.79 44.49 39.32
C ASP K 492 27.39 44.67 40.69
N THR K 493 27.50 45.91 41.13
CA THR K 493 28.11 46.19 42.42
C THR K 493 27.26 45.73 43.56
N THR K 494 27.86 45.97 44.71
CA THR K 494 27.28 45.68 46.01
C THR K 494 26.05 46.56 46.24
N ALA K 495 25.96 47.60 45.46
CA ALA K 495 24.87 48.51 45.62
C ALA K 495 23.70 48.16 44.74
N THR K 496 23.64 46.99 44.14
CA THR K 496 22.45 46.77 43.36
C THR K 496 21.92 45.40 43.58
N ASP K 497 20.63 45.30 43.58
CA ASP K 497 20.03 44.00 43.78
C ASP K 497 19.82 43.27 42.49
N ILE K 498 19.98 43.99 41.40
CA ILE K 498 19.77 43.44 40.10
C ILE K 498 20.87 43.84 39.18
N ILE K 499 21.25 42.94 38.30
CA ILE K 499 22.25 43.28 37.34
C ILE K 499 21.50 44.09 36.29
N CYS K 500 21.87 45.34 36.19
CA CYS K 500 21.14 46.27 35.33
C CYS K 500 22.03 47.07 34.43
N PRO K 501 22.66 46.42 33.55
CA PRO K 501 23.52 47.13 32.65
C PRO K 501 22.74 47.93 31.63
N MET K 502 23.51 48.76 30.94
CA MET K 502 23.00 49.55 29.87
C MET K 502 23.73 49.19 28.58
N TYR K 503 22.98 48.78 27.58
CA TYR K 503 23.58 48.47 26.29
C TYR K 503 24.45 47.24 26.15
N ALA K 504 24.29 46.27 27.06
CA ALA K 504 25.04 45.03 26.89
C ALA K 504 24.42 44.23 25.74
N ARG K 505 25.28 43.58 24.96
CA ARG K 505 24.78 42.85 23.84
C ARG K 505 24.28 41.47 24.19
N VAL K 506 23.46 40.94 23.29
CA VAL K 506 22.91 39.63 23.55
C VAL K 506 24.01 38.60 23.58
N ASP K 507 24.80 38.58 22.52
CA ASP K 507 25.84 37.59 22.53
C ASP K 507 27.24 38.14 22.53
N GLU K 508 27.44 39.43 22.35
CA GLU K 508 28.82 39.85 22.32
C GLU K 508 29.25 40.57 23.55
N ASP K 509 30.49 40.31 23.92
CA ASP K 509 31.07 40.97 25.06
C ASP K 509 31.77 42.23 24.62
N GLN K 510 31.71 43.23 25.49
CA GLN K 510 32.35 44.52 25.35
C GLN K 510 33.09 44.72 26.65
N PRO K 511 34.28 44.27 26.58
CA PRO K 511 35.19 44.17 27.66
C PRO K 511 36.00 45.41 27.98
N PHE K 512 35.31 46.45 28.31
CA PHE K 512 36.05 47.56 28.76
C PHE K 512 36.63 47.25 30.11
N PRO K 513 37.77 47.86 30.25
CA PRO K 513 38.54 47.83 31.45
C PRO K 513 37.71 48.40 32.56
N ALA K 514 37.83 47.73 33.70
CA ALA K 514 37.13 48.13 34.89
C ALA K 514 35.63 47.93 34.83
N VAL K 515 35.03 48.15 33.67
CA VAL K 515 33.60 48.10 33.61
C VAL K 515 33.17 47.55 32.27
N PRO K 516 33.57 46.32 32.10
CA PRO K 516 33.24 45.58 30.89
C PRO K 516 31.76 45.33 30.91
N LYS K 517 31.25 45.10 29.71
CA LYS K 517 29.85 44.74 29.48
C LYS K 517 29.82 43.38 28.79
N TRP K 518 29.56 42.36 29.55
CA TRP K 518 29.51 41.03 29.01
C TRP K 518 28.25 40.78 28.22
N SER K 519 28.29 39.79 27.32
CA SER K 519 27.06 39.43 26.68
C SER K 519 26.14 39.11 27.85
N ILE K 520 24.89 39.49 27.69
CA ILE K 520 24.06 39.24 28.83
C ILE K 520 23.89 37.77 29.13
N LYS K 521 23.96 36.88 28.12
CA LYS K 521 23.81 35.49 28.52
C LYS K 521 24.98 35.04 29.37
N LYS K 522 26.14 35.57 29.03
CA LYS K 522 27.30 35.21 29.78
C LYS K 522 27.33 35.81 31.16
N TRP K 523 26.85 37.03 31.23
CA TRP K 523 26.90 37.70 32.48
C TRP K 523 26.27 36.89 33.57
N LEU K 524 25.14 36.31 33.28
CA LEU K 524 24.49 35.58 34.35
C LEU K 524 25.26 34.44 35.03
N SER K 525 26.10 33.78 34.26
CA SER K 525 26.84 32.56 34.58
C SER K 525 28.16 32.79 35.26
N LEU K 526 28.57 34.04 35.33
CA LEU K 526 29.80 34.30 36.00
C LEU K 526 29.76 33.69 37.38
N PRO K 527 30.90 33.17 37.73
CA PRO K 527 31.08 32.49 38.99
C PRO K 527 30.65 33.31 40.13
N GLY K 528 29.69 32.73 40.83
CA GLY K 528 29.11 33.36 41.99
C GLY K 528 27.95 34.28 41.66
N GLU K 529 27.71 34.59 40.37
CA GLU K 529 26.62 35.48 40.13
C GLU K 529 25.25 34.83 40.33
N THR K 530 24.31 35.45 41.01
CA THR K 530 23.02 34.79 41.18
C THR K 530 21.81 35.63 40.86
N ARG K 531 22.06 36.93 40.68
CA ARG K 531 21.02 37.89 40.49
C ARG K 531 20.33 37.79 39.18
N PRO K 532 19.19 38.43 39.14
CA PRO K 532 18.45 38.53 37.92
C PRO K 532 19.09 39.69 37.17
N LEU K 533 18.81 39.72 35.88
CA LEU K 533 19.35 40.76 35.06
C LEU K 533 18.26 41.42 34.25
N ILE K 534 18.24 42.73 34.37
CA ILE K 534 17.29 43.56 33.64
C ILE K 534 18.02 44.76 33.13
N LEU K 535 17.98 44.99 31.82
CA LEU K 535 18.75 46.13 31.38
C LEU K 535 18.08 47.43 31.71
N CYS K 536 18.87 48.31 32.26
CA CYS K 536 18.33 49.62 32.60
C CYS K 536 18.20 50.45 31.34
N GLU K 537 19.03 50.13 30.36
CA GLU K 537 18.91 50.77 29.07
C GLU K 537 19.32 49.80 28.01
N TYR K 538 18.51 49.72 26.96
CA TYR K 538 18.85 48.91 25.83
C TYR K 538 18.10 49.36 24.59
N ALA K 539 18.64 48.90 23.46
CA ALA K 539 18.12 49.19 22.14
C ALA K 539 17.94 50.68 21.90
N HIS K 540 19.04 51.42 21.82
CA HIS K 540 19.03 52.85 21.59
C HIS K 540 18.14 53.23 20.40
N ALA K 541 17.00 53.88 20.68
CA ALA K 541 16.05 54.18 19.61
C ALA K 541 16.31 55.45 18.80
N MET K 542 17.57 55.79 18.61
CA MET K 542 17.88 56.99 17.91
C MET K 542 17.77 56.94 16.39
N GLY K 543 16.79 57.68 15.91
CA GLY K 543 16.56 57.76 14.48
C GLY K 543 16.07 56.44 13.91
N ASN K 544 16.63 56.10 12.74
CA ASN K 544 16.27 54.83 12.13
C ASN K 544 17.00 53.72 12.89
N SER K 545 16.33 53.17 13.89
CA SER K 545 16.98 52.23 14.74
C SER K 545 16.08 51.09 15.16
N LEU K 546 16.51 50.46 16.26
CA LEU K 546 15.86 49.30 16.81
C LEU K 546 16.21 48.01 16.05
N GLY K 547 17.27 48.07 15.25
CA GLY K 547 17.67 46.87 14.58
C GLY K 547 18.24 45.88 15.62
N GLY K 548 17.70 44.66 15.60
CA GLY K 548 18.20 43.63 16.51
C GLY K 548 17.32 43.41 17.72
N PHE K 549 16.27 44.19 17.77
CA PHE K 549 15.36 44.11 18.88
C PHE K 549 14.93 42.68 19.21
N ALA K 550 14.58 41.96 18.18
CA ALA K 550 14.14 40.60 18.37
C ALA K 550 15.11 39.65 19.03
N LYS K 551 16.42 39.86 18.78
CA LYS K 551 17.42 39.04 19.43
C LYS K 551 17.23 39.07 20.95
N TYR K 552 17.04 40.28 21.45
CA TYR K 552 16.80 40.46 22.86
C TYR K 552 15.60 39.69 23.33
N TRP K 553 14.50 39.92 22.63
CA TRP K 553 13.29 39.27 23.03
C TRP K 553 13.38 37.80 23.14
N GLN K 554 14.06 37.30 22.17
CA GLN K 554 14.21 35.88 22.18
C GLN K 554 15.01 35.38 23.35
N ALA K 555 16.07 36.10 23.62
CA ALA K 555 16.86 35.67 24.74
C ALA K 555 16.09 35.80 26.02
N PHE K 556 15.41 36.94 26.12
CA PHE K 556 14.68 37.14 27.34
C PHE K 556 13.78 35.97 27.54
N ARG K 557 13.16 35.58 26.45
CA ARG K 557 12.23 34.49 26.55
C ARG K 557 12.87 33.16 26.87
N GLN K 558 14.11 32.96 26.48
CA GLN K 558 14.69 31.68 26.77
C GLN K 558 15.43 31.58 28.09
N TYR K 559 15.87 32.69 28.65
CA TYR K 559 16.58 32.63 29.89
C TYR K 559 15.77 33.25 31.00
N PRO K 560 15.47 32.41 31.90
CA PRO K 560 14.71 32.70 33.09
C PRO K 560 15.15 33.94 33.80
N ARG K 561 16.45 33.99 34.10
CA ARG K 561 17.05 35.09 34.81
C ARG K 561 17.18 36.36 33.96
N LEU K 562 16.89 36.27 32.67
CA LEU K 562 16.90 37.48 31.88
C LEU K 562 15.47 37.98 31.96
N GLN K 563 15.21 39.02 32.75
CA GLN K 563 13.85 39.45 32.92
C GLN K 563 13.37 40.69 32.17
N GLY K 564 14.06 41.05 31.09
CA GLY K 564 13.65 42.18 30.27
C GLY K 564 14.57 43.38 30.39
N GLY K 565 13.99 44.55 30.11
CA GLY K 565 14.75 45.80 30.17
C GLY K 565 13.88 46.97 29.78
N PHE K 566 14.51 48.13 29.79
CA PHE K 566 13.90 49.39 29.47
C PHE K 566 14.57 49.99 28.28
N VAL K 567 13.74 50.19 27.30
CA VAL K 567 14.26 50.77 26.10
C VAL K 567 14.61 52.22 26.33
N TRP K 568 15.64 52.62 25.63
CA TRP K 568 16.04 54.00 25.69
C TRP K 568 15.87 54.65 24.32
N ASP K 569 14.89 55.54 24.19
CA ASP K 569 13.93 55.91 25.22
C ASP K 569 12.57 56.27 24.59
N TRP K 570 11.62 56.73 25.39
CA TRP K 570 10.29 57.03 24.87
C TRP K 570 10.09 58.07 23.77
N VAL K 571 10.35 59.36 24.07
CA VAL K 571 10.18 60.48 23.11
C VAL K 571 11.40 61.28 22.84
N ASP K 572 11.49 61.79 21.62
CA ASP K 572 12.60 62.64 21.26
C ASP K 572 12.53 63.92 22.08
N GLN K 573 13.70 64.40 22.46
CA GLN K 573 13.75 65.62 23.24
C GLN K 573 13.93 66.79 22.31
N SER K 574 12.94 67.00 21.46
CA SER K 574 13.02 68.10 20.53
C SER K 574 12.09 69.21 20.93
N LEU K 575 12.56 70.38 20.59
CA LEU K 575 11.82 71.58 20.85
C LEU K 575 11.38 72.26 19.56
N ILE K 576 10.27 72.98 19.68
CA ILE K 576 9.76 73.73 18.56
C ILE K 576 10.38 75.13 18.40
N LYS K 577 10.55 75.54 17.17
CA LYS K 577 11.06 76.85 16.84
C LYS K 577 10.25 77.37 15.67
N TYR K 578 10.45 78.66 15.40
CA TYR K 578 9.73 79.19 14.26
C TYR K 578 10.58 79.87 13.26
N ASP K 579 10.09 79.76 12.05
CA ASP K 579 10.75 80.44 10.99
C ASP K 579 10.05 81.78 10.91
N GLU K 580 10.61 82.64 10.08
CA GLU K 580 10.11 83.97 9.79
C GLU K 580 8.64 83.92 9.39
N ASN K 581 8.24 82.87 8.69
CA ASN K 581 6.86 82.73 8.29
C ASN K 581 6.00 82.18 9.42
N GLY K 582 6.61 82.22 10.63
CA GLY K 582 5.98 81.76 11.84
C GLY K 582 5.66 80.28 11.73
N ASN K 583 6.60 79.62 11.10
CA ASN K 583 6.48 78.21 10.91
C ASN K 583 7.32 77.53 11.93
N PRO K 584 6.66 76.58 12.56
CA PRO K 584 7.22 75.78 13.63
C PRO K 584 8.11 74.70 13.09
N TRP K 585 9.17 74.43 13.81
CA TRP K 585 10.01 73.36 13.38
C TRP K 585 10.78 72.75 14.53
N SER K 586 11.08 71.47 14.37
CA SER K 586 11.78 70.75 15.42
C SER K 586 13.26 71.02 15.49
N ALA K 587 13.62 71.48 16.68
CA ALA K 587 14.97 71.88 16.99
C ALA K 587 15.65 70.93 17.98
N TYR K 588 16.96 70.92 17.83
CA TYR K 588 17.78 70.12 18.68
C TYR K 588 19.00 70.86 19.14
N GLY K 589 19.91 70.13 19.75
CA GLY K 589 21.12 70.73 20.28
C GLY K 589 21.77 71.68 19.31
N GLY K 590 22.12 72.84 19.87
CA GLY K 590 22.76 73.94 19.18
C GLY K 590 21.81 74.86 18.44
N ASP K 591 20.54 74.45 18.31
CA ASP K 591 19.54 75.22 17.61
C ASP K 591 19.15 76.51 18.33
N PHE K 592 19.71 76.72 19.51
CA PHE K 592 19.43 77.93 20.28
C PHE K 592 20.70 78.68 20.52
N GLY K 593 21.70 78.30 19.75
CA GLY K 593 23.01 78.90 19.88
C GLY K 593 23.64 78.45 21.17
N ASP K 594 22.99 77.43 21.77
CA ASP K 594 23.44 76.84 23.02
C ASP K 594 24.77 76.17 22.79
N THR K 595 25.69 76.48 23.70
CA THR K 595 27.02 75.94 23.73
C THR K 595 27.46 75.64 25.15
N PRO K 596 28.07 74.45 25.32
CA PRO K 596 28.35 73.55 24.21
C PRO K 596 27.12 72.67 23.93
N ASN K 597 27.11 71.90 22.85
CA ASN K 597 25.93 71.08 22.63
C ASN K 597 26.26 69.74 21.98
N ASP K 598 25.30 68.79 22.10
CA ASP K 598 25.44 67.43 21.60
C ASP K 598 24.50 67.05 20.45
N ARG K 599 23.93 68.11 19.86
CA ARG K 599 23.04 68.07 18.70
C ARG K 599 21.85 67.13 18.79
N GLN K 600 21.71 66.21 17.79
CA GLN K 600 20.60 65.21 17.73
C GLN K 600 20.53 64.25 18.91
N PHE K 601 21.68 64.11 19.58
CA PHE K 601 21.78 63.21 20.68
C PHE K 601 20.61 63.17 21.64
N CYS K 602 19.86 64.26 21.73
CA CYS K 602 18.70 64.33 22.61
C CYS K 602 17.49 63.65 21.96
N MET K 603 17.63 63.14 20.73
CA MET K 603 16.51 62.48 20.05
C MET K 603 16.76 60.99 19.89
N ASN K 604 16.14 60.22 20.78
CA ASN K 604 16.32 58.79 20.85
C ASN K 604 15.01 58.10 21.10
N GLY K 605 13.92 58.78 20.86
CA GLY K 605 12.65 58.22 21.19
C GLY K 605 12.04 57.32 20.17
N LEU K 606 11.06 56.62 20.68
CA LEU K 606 10.26 55.74 19.88
C LEU K 606 9.14 56.56 19.24
N VAL K 607 8.93 57.74 19.80
CA VAL K 607 7.95 58.64 19.27
C VAL K 607 8.54 60.00 19.19
N PHE K 608 7.92 60.70 18.29
CA PHE K 608 8.25 62.08 18.04
C PHE K 608 7.69 62.88 19.21
N ALA K 609 8.34 64.02 19.45
CA ALA K 609 7.88 64.88 20.56
C ALA K 609 6.36 65.11 20.67
N ASP K 610 5.69 65.09 19.54
CA ASP K 610 4.26 65.28 19.49
C ASP K 610 3.56 64.00 19.78
N ARG K 611 4.37 63.01 20.14
CA ARG K 611 3.83 61.71 20.40
C ARG K 611 3.37 61.03 19.12
N THR K 612 4.14 61.25 18.10
CA THR K 612 3.84 60.52 16.93
C THR K 612 4.98 59.60 16.77
N PRO K 613 4.54 58.41 16.58
CA PRO K 613 5.33 57.22 16.48
C PRO K 613 6.32 57.21 15.39
N HIS K 614 7.41 56.59 15.72
CA HIS K 614 8.40 56.24 14.78
C HIS K 614 7.98 54.82 14.37
N PRO K 615 8.54 54.38 13.28
CA PRO K 615 8.16 53.06 12.81
C PRO K 615 8.59 51.96 13.77
N ALA K 616 9.74 52.21 14.43
CA ALA K 616 10.28 51.25 15.35
C ALA K 616 9.28 50.77 16.39
N LEU K 617 8.43 51.69 16.76
CA LEU K 617 7.47 51.38 17.77
C LEU K 617 6.72 50.09 17.54
N THR K 618 6.52 49.84 16.30
CA THR K 618 5.79 48.67 15.91
C THR K 618 6.54 47.40 16.13
N GLU K 619 7.82 47.47 15.79
CA GLU K 619 8.65 46.34 15.99
C GLU K 619 8.55 46.00 17.47
N ALA K 620 8.62 47.06 18.26
CA ALA K 620 8.51 46.82 19.70
C ALA K 620 7.20 46.21 20.10
N LYS K 621 6.15 46.80 19.59
CA LYS K 621 4.86 46.32 19.94
C LYS K 621 4.74 44.83 19.68
N HIS K 622 5.22 44.45 18.53
CA HIS K 622 5.14 43.06 18.13
C HIS K 622 5.99 42.15 18.99
N GLN K 623 7.26 42.50 19.20
CA GLN K 623 8.10 41.62 20.00
C GLN K 623 7.62 41.54 21.44
N GLN K 624 6.89 42.55 21.89
CA GLN K 624 6.45 42.52 23.25
C GLN K 624 5.08 41.92 23.44
N GLN K 625 4.47 41.42 22.38
CA GLN K 625 3.14 40.89 22.55
C GLN K 625 3.04 39.83 23.60
N PHE K 626 1.87 39.76 24.20
CA PHE K 626 1.59 38.81 25.26
C PHE K 626 1.13 37.47 24.80
N PHE K 627 0.93 37.32 23.51
CA PHE K 627 0.51 36.02 23.06
C PHE K 627 1.51 35.48 22.11
N GLN K 628 1.80 34.22 22.23
CA GLN K 628 2.73 33.63 21.33
C GLN K 628 2.13 32.49 20.60
N PHE K 629 2.52 32.42 19.33
CA PHE K 629 1.96 31.39 18.45
C PHE K 629 2.90 30.41 17.85
N ARG K 630 2.38 29.23 17.69
CA ARG K 630 3.07 28.12 17.08
C ARG K 630 2.12 27.49 16.11
N LEU K 631 2.68 27.16 14.97
CA LEU K 631 1.81 26.56 14.01
C LEU K 631 2.16 25.12 13.75
N SER K 632 1.20 24.24 13.89
CA SER K 632 1.53 22.87 13.62
C SER K 632 0.52 22.19 12.77
N GLY K 633 0.90 21.99 11.53
CA GLY K 633 -0.08 21.41 10.68
C GLY K 633 -1.24 22.38 10.48
N GLN K 634 -2.43 21.99 10.91
CA GLN K 634 -3.58 22.87 10.72
C GLN K 634 -3.94 23.47 12.03
N THR K 635 -3.03 23.27 12.96
CA THR K 635 -3.22 23.71 14.30
C THR K 635 -2.34 24.79 14.77
N ILE K 636 -3.02 25.73 15.39
CA ILE K 636 -2.31 26.79 16.01
C ILE K 636 -2.27 26.67 17.50
N GLU K 637 -1.07 26.83 18.02
CA GLU K 637 -0.87 26.78 19.42
C GLU K 637 -0.70 28.17 19.97
N VAL K 638 -1.54 28.51 20.93
CA VAL K 638 -1.42 29.81 21.50
C VAL K 638 -0.94 29.76 22.90
N THR K 639 -0.05 30.69 23.17
CA THR K 639 0.50 30.73 24.47
C THR K 639 0.38 32.09 25.07
N SER K 640 -0.06 32.09 26.32
CA SER K 640 -0.27 33.32 27.06
C SER K 640 0.91 33.68 27.92
N GLU K 641 1.30 34.95 27.80
CA GLU K 641 2.37 35.50 28.61
C GLU K 641 1.80 36.38 29.70
N TYR K 642 0.50 36.25 29.92
CA TYR K 642 -0.10 36.95 31.03
C TYR K 642 0.13 36.09 32.24
N LEU K 643 0.44 36.73 33.34
CA LEU K 643 0.71 36.04 34.57
C LEU K 643 -0.53 35.94 35.36
N PHE K 644 -1.37 36.93 35.18
CA PHE K 644 -2.54 36.97 35.99
C PHE K 644 -3.87 37.00 35.29
N ARG K 645 -3.95 37.48 34.06
CA ARG K 645 -5.27 37.45 33.52
C ARG K 645 -5.58 36.38 32.54
N HIS K 646 -6.86 36.22 32.36
CA HIS K 646 -7.36 35.27 31.44
C HIS K 646 -7.67 36.01 30.14
N SER K 647 -7.64 35.35 28.99
CA SER K 647 -7.88 36.04 27.71
C SER K 647 -9.34 36.40 27.55
N ASP K 648 -9.77 37.24 28.43
CA ASP K 648 -11.16 37.61 28.45
C ASP K 648 -11.62 38.76 27.56
N ASN K 649 -10.77 39.23 26.68
CA ASN K 649 -11.22 40.27 25.77
C ASN K 649 -10.43 40.06 24.50
N GLU K 650 -10.48 38.79 24.11
CA GLU K 650 -9.69 38.42 22.99
C GLU K 650 -10.34 37.56 21.94
N LEU K 651 -10.18 38.14 20.77
CA LEU K 651 -10.61 37.55 19.56
C LEU K 651 -9.48 37.31 18.61
N LEU K 652 -9.46 36.10 18.13
CA LEU K 652 -8.47 35.74 17.18
C LEU K 652 -8.98 35.64 15.75
N HIS K 653 -8.53 36.53 14.92
CA HIS K 653 -8.95 36.48 13.56
C HIS K 653 -7.89 35.86 12.70
N TRP K 654 -8.26 34.95 11.83
CA TRP K 654 -7.23 34.44 10.98
C TRP K 654 -7.59 34.56 9.54
N MET K 655 -6.60 34.31 8.70
CA MET K 655 -6.86 34.43 7.31
C MET K 655 -5.76 34.01 6.35
N VAL K 656 -6.23 33.47 5.24
CA VAL K 656 -5.39 32.93 4.22
C VAL K 656 -5.47 33.62 2.91
N ALA K 657 -4.29 33.88 2.38
CA ALA K 657 -4.22 34.56 1.10
C ALA K 657 -3.10 34.06 0.22
N LEU K 658 -3.39 34.23 -1.05
CA LEU K 658 -2.46 33.81 -2.04
C LEU K 658 -1.93 35.03 -2.67
N ASP K 659 -0.65 35.27 -2.48
CA ASP K 659 -0.10 36.47 -3.05
C ASP K 659 -1.00 37.68 -2.83
N GLY K 660 -1.65 37.77 -1.67
CA GLY K 660 -2.47 38.94 -1.43
C GLY K 660 -3.93 38.65 -1.64
N LYS K 661 -4.22 37.60 -2.38
CA LYS K 661 -5.59 37.29 -2.57
C LYS K 661 -6.03 36.39 -1.47
N PRO K 662 -6.98 36.93 -0.77
CA PRO K 662 -7.61 36.33 0.39
C PRO K 662 -8.50 35.24 -0.07
N LEU K 663 -8.32 34.09 0.51
CA LEU K 663 -9.10 32.94 0.15
C LEU K 663 -10.01 32.48 1.22
N ALA K 664 -9.65 32.80 2.46
CA ALA K 664 -10.42 32.36 3.58
C ALA K 664 -10.02 33.10 4.81
N SER K 665 -11.01 33.30 5.64
CA SER K 665 -10.80 33.99 6.87
C SER K 665 -11.65 33.39 7.96
N GLY K 666 -11.26 33.63 9.20
CA GLY K 666 -12.00 33.07 10.31
C GLY K 666 -11.85 33.90 11.53
N GLU K 667 -12.55 33.46 12.57
CA GLU K 667 -12.56 34.15 13.84
C GLU K 667 -12.74 33.23 15.00
N VAL K 668 -11.89 33.40 15.98
CA VAL K 668 -12.02 32.56 17.12
C VAL K 668 -11.64 33.27 18.35
N PRO K 669 -12.51 33.08 19.28
CA PRO K 669 -12.36 33.65 20.57
C PRO K 669 -11.36 32.86 21.36
N LEU K 670 -10.54 33.64 22.05
CA LEU K 670 -9.53 33.10 22.90
C LEU K 670 -10.02 32.89 24.30
N ASP K 671 -9.52 31.80 24.80
CA ASP K 671 -9.80 31.35 26.14
C ASP K 671 -8.55 30.70 26.68
N VAL K 672 -7.62 31.54 27.12
CA VAL K 672 -6.38 31.02 27.65
C VAL K 672 -6.09 31.58 28.98
N ALA K 673 -5.62 30.70 29.83
CA ALA K 673 -5.24 31.15 31.12
C ALA K 673 -3.86 31.73 31.10
N PRO K 674 -3.64 32.63 32.05
CA PRO K 674 -2.34 33.20 32.17
C PRO K 674 -1.40 32.03 32.12
N GLN K 675 -0.37 32.21 31.31
CA GLN K 675 0.64 31.18 31.15
C GLN K 675 0.17 29.88 30.58
N GLY K 676 -1.01 29.86 30.00
CA GLY K 676 -1.48 28.65 29.40
C GLY K 676 -1.40 28.64 27.88
N LYS K 677 -1.80 27.48 27.36
CA LYS K 677 -1.86 27.20 25.94
C LYS K 677 -3.29 26.96 25.49
N GLN K 678 -3.57 27.27 24.23
CA GLN K 678 -4.86 27.03 23.65
C GLN K 678 -4.60 26.55 22.25
N LEU K 679 -5.27 25.44 21.90
CA LEU K 679 -5.16 24.86 20.57
C LEU K 679 -6.25 25.23 19.63
N ILE K 680 -5.80 25.57 18.46
CA ILE K 680 -6.73 25.98 17.49
C ILE K 680 -6.64 25.21 16.24
N GLU K 681 -7.76 24.56 16.09
CA GLU K 681 -7.99 23.69 14.99
C GLU K 681 -8.48 24.39 13.76
N LEU K 682 -7.73 24.19 12.71
CA LEU K 682 -8.11 24.80 11.48
C LEU K 682 -8.93 23.91 10.58
N PRO K 683 -9.87 24.59 9.98
CA PRO K 683 -10.76 24.01 9.02
C PRO K 683 -9.92 23.73 7.82
N GLU K 684 -10.33 22.73 7.08
CA GLU K 684 -9.62 22.41 5.89
C GLU K 684 -9.31 23.64 5.07
N LEU K 685 -8.04 23.73 4.77
CA LEU K 685 -7.54 24.84 4.01
C LEU K 685 -7.51 24.57 2.56
N PRO K 686 -7.75 25.65 1.89
CA PRO K 686 -7.81 25.77 0.46
C PRO K 686 -6.47 25.41 -0.18
N GLN K 687 -6.55 24.67 -1.28
CA GLN K 687 -5.36 24.23 -1.97
C GLN K 687 -5.22 24.75 -3.37
N PRO K 688 -5.29 26.06 -3.49
CA PRO K 688 -5.16 26.79 -4.74
C PRO K 688 -4.22 26.12 -5.74
N GLU K 689 -4.57 26.27 -6.98
CA GLU K 689 -3.78 25.68 -8.02
C GLU K 689 -2.73 26.59 -8.56
N SER K 690 -3.25 27.82 -8.71
CA SER K 690 -2.55 28.98 -9.18
C SER K 690 -1.19 29.09 -8.53
N ALA K 691 -0.33 29.80 -9.19
CA ALA K 691 0.99 29.93 -8.64
C ALA K 691 1.07 31.09 -7.71
N GLY K 692 1.97 30.91 -6.74
CA GLY K 692 2.20 31.93 -5.73
C GLY K 692 2.50 31.38 -4.36
N GLN K 693 2.52 32.33 -3.43
CA GLN K 693 2.77 32.07 -2.04
C GLN K 693 1.51 32.16 -1.22
N LEU K 694 1.38 31.13 -0.46
CA LEU K 694 0.26 31.01 0.41
C LEU K 694 0.63 31.37 1.83
N TRP K 695 -0.09 32.33 2.34
CA TRP K 695 0.23 32.75 3.67
C TRP K 695 -0.92 32.83 4.62
N LEU K 696 -0.58 32.41 5.82
CA LEU K 696 -1.50 32.46 6.88
C LEU K 696 -1.22 33.60 7.86
N THR K 697 -2.27 34.33 8.22
CA THR K 697 -2.10 35.40 9.15
C THR K 697 -3.13 35.46 10.26
N VAL K 698 -2.62 35.68 11.47
CA VAL K 698 -3.47 35.83 12.65
C VAL K 698 -3.27 37.14 13.37
N ARG K 699 -4.39 37.60 13.89
CA ARG K 699 -4.40 38.82 14.64
C ARG K 699 -5.22 38.62 15.89
N VAL K 700 -4.86 39.38 16.90
CA VAL K 700 -5.59 39.37 18.11
C VAL K 700 -6.26 40.70 18.35
N VAL K 701 -7.57 40.55 18.50
CA VAL K 701 -8.38 41.70 18.72
C VAL K 701 -9.17 41.74 19.97
N GLN K 702 -9.23 42.97 20.43
CA GLN K 702 -9.97 43.35 21.61
C GLN K 702 -11.25 44.00 21.20
N PRO K 703 -12.24 43.16 21.26
CA PRO K 703 -13.59 43.46 20.93
C PRO K 703 -14.08 44.65 21.70
N ASN K 704 -13.93 44.61 23.01
CA ASN K 704 -14.39 45.71 23.83
C ASN K 704 -13.32 46.69 24.18
N ALA K 705 -13.72 47.94 24.37
CA ALA K 705 -12.72 48.89 24.74
C ALA K 705 -12.29 48.70 26.17
N THR K 706 -11.15 49.31 26.48
CA THR K 706 -10.61 49.26 27.80
C THR K 706 -10.31 50.64 28.19
N ALA K 707 -9.78 50.73 29.35
CA ALA K 707 -9.47 52.05 29.79
C ALA K 707 -8.36 52.67 29.03
N TRP K 708 -7.60 51.85 28.31
CA TRP K 708 -6.47 52.44 27.63
C TRP K 708 -6.47 52.04 26.21
N SER K 709 -7.55 51.38 25.81
CA SER K 709 -7.70 50.95 24.44
C SER K 709 -9.13 50.99 23.98
N GLU K 710 -9.24 51.21 22.69
CA GLU K 710 -10.51 51.24 22.00
C GLU K 710 -11.01 49.89 21.63
N ALA K 711 -12.26 49.83 21.28
CA ALA K 711 -12.71 48.52 20.89
C ALA K 711 -12.08 48.20 19.55
N GLY K 712 -11.82 46.91 19.38
CA GLY K 712 -11.19 46.43 18.18
C GLY K 712 -9.69 46.71 18.11
N HIS K 713 -9.06 46.84 19.24
CA HIS K 713 -7.67 47.09 19.23
C HIS K 713 -6.91 45.81 18.91
N ILE K 714 -5.85 45.96 18.12
CA ILE K 714 -5.05 44.79 17.79
C ILE K 714 -3.90 44.67 18.72
N SER K 715 -3.81 43.56 19.36
CA SER K 715 -2.72 43.48 20.30
C SER K 715 -1.61 42.54 19.91
N ALA K 716 -1.86 41.70 18.93
CA ALA K 716 -0.85 40.76 18.58
C ALA K 716 -1.12 40.19 17.24
N TRP K 717 -0.06 39.79 16.58
CA TRP K 717 -0.20 39.15 15.31
C TRP K 717 0.96 38.28 14.98
N GLN K 718 0.73 37.51 13.92
CA GLN K 718 1.75 36.61 13.48
C GLN K 718 1.39 36.00 12.15
N GLN K 719 2.40 35.81 11.30
CA GLN K 719 2.07 35.21 10.04
C GLN K 719 2.94 34.02 9.64
N TRP K 720 2.47 33.19 8.74
CA TRP K 720 3.28 32.07 8.30
C TRP K 720 3.14 31.79 6.83
N ARG K 721 4.21 31.33 6.19
CA ARG K 721 4.04 30.99 4.79
C ARG K 721 3.69 29.54 4.67
N LEU K 722 2.51 29.29 4.19
CA LEU K 722 2.06 27.92 4.09
C LEU K 722 2.64 27.17 2.95
N ALA K 723 2.53 27.72 1.78
CA ALA K 723 3.05 26.99 0.66
C ALA K 723 3.45 27.89 -0.45
N GLU K 724 4.07 27.21 -1.39
CA GLU K 724 4.55 27.87 -2.57
C GLU K 724 4.28 27.07 -3.79
N ASN K 725 3.72 27.71 -4.78
CA ASN K 725 3.48 27.03 -6.04
C ASN K 725 4.32 27.72 -7.05
N LEU K 726 5.41 27.08 -7.44
CA LEU K 726 6.29 27.72 -8.42
C LEU K 726 5.65 27.82 -9.79
N SER K 727 5.93 28.93 -10.47
CA SER K 727 5.39 29.13 -11.81
C SER K 727 6.26 28.52 -12.86
N VAL K 728 5.64 27.63 -13.60
CA VAL K 728 6.31 26.93 -14.66
C VAL K 728 5.83 27.41 -15.98
N THR K 729 5.14 28.49 -15.96
CA THR K 729 4.69 28.86 -17.23
C THR K 729 5.60 29.78 -17.97
N LEU K 730 5.30 29.72 -19.26
CA LEU K 730 5.98 30.47 -20.24
C LEU K 730 5.07 31.47 -20.86
N PRO K 731 5.76 32.52 -21.21
CA PRO K 731 5.24 33.68 -21.90
C PRO K 731 4.86 33.25 -23.32
N ALA K 732 3.72 33.78 -23.73
CA ALA K 732 3.29 33.50 -25.07
C ALA K 732 4.09 34.35 -26.05
N ALA K 733 4.10 33.85 -27.29
CA ALA K 733 4.79 34.54 -28.35
C ALA K 733 4.27 35.95 -28.56
N SER K 734 5.22 36.74 -28.99
CA SER K 734 5.01 38.11 -29.33
C SER K 734 4.96 38.09 -30.85
N HIS K 735 4.24 39.01 -31.42
CA HIS K 735 4.15 38.96 -32.86
C HIS K 735 5.21 39.80 -33.47
N ALA K 736 6.05 40.31 -32.60
CA ALA K 736 7.09 41.15 -33.08
C ALA K 736 8.20 41.18 -32.13
N ILE K 737 9.27 41.76 -32.59
CA ILE K 737 10.37 41.89 -31.72
C ILE K 737 10.99 43.24 -31.84
N PRO K 738 11.55 43.67 -30.76
CA PRO K 738 12.13 44.98 -30.70
C PRO K 738 13.13 45.23 -31.80
N HIS K 739 13.24 46.50 -32.07
CA HIS K 739 14.09 46.90 -33.09
C HIS K 739 15.24 47.74 -32.59
N LEU K 740 16.42 47.21 -32.84
CA LEU K 740 17.64 47.85 -32.39
C LEU K 740 18.23 48.90 -33.31
N THR K 741 18.68 49.99 -32.79
CA THR K 741 19.29 50.96 -33.68
C THR K 741 20.53 51.48 -33.05
N THR K 742 21.55 51.50 -33.85
CA THR K 742 22.80 51.92 -33.29
C THR K 742 23.36 53.21 -33.72
N SER K 743 23.31 54.18 -32.83
CA SER K 743 23.95 55.44 -33.11
C SER K 743 25.42 55.26 -32.71
N GLU K 744 26.15 56.32 -32.59
CA GLU K 744 27.52 56.16 -32.21
C GLU K 744 27.66 56.40 -30.74
N MET K 745 26.64 57.13 -30.31
CA MET K 745 26.40 57.61 -28.99
C MET K 745 25.58 56.70 -28.19
N ASP K 746 24.87 55.86 -28.90
CA ASP K 746 24.05 54.98 -28.14
C ASP K 746 23.36 53.94 -28.93
N PHE K 747 22.51 53.26 -28.20
CA PHE K 747 21.71 52.22 -28.75
C PHE K 747 20.27 52.54 -28.47
N CME K 748 19.43 52.29 -29.49
CA CME K 748 18.03 52.54 -29.38
CB CME K 748 17.57 53.54 -30.40
SG CME K 748 17.49 55.12 -29.58
SD CME K 748 15.62 55.02 -28.99
CE CME K 748 15.54 56.69 -28.30
CZ CME K 748 15.07 57.71 -29.36
OH CME K 748 16.20 58.45 -29.81
C CME K 748 17.15 51.37 -29.55
O CME K 748 17.12 50.74 -30.59
N ILE K 749 16.36 51.12 -28.55
CA ILE K 749 15.47 50.03 -28.72
C ILE K 749 14.07 50.52 -28.85
N GLU K 750 13.44 50.04 -29.88
CA GLU K 750 12.10 50.45 -30.10
C GLU K 750 11.17 49.31 -30.19
N LEU K 751 9.95 49.59 -29.79
CA LEU K 751 8.92 48.60 -29.87
C LEU K 751 7.60 49.23 -29.59
N GLY K 752 6.87 49.54 -30.66
CA GLY K 752 5.60 50.23 -30.54
C GLY K 752 5.92 51.65 -30.14
N ASN K 753 5.12 52.16 -29.22
CA ASN K 753 5.28 53.50 -28.65
C ASN K 753 6.49 53.56 -27.72
N LYS K 754 6.87 52.36 -27.25
CA LYS K 754 7.98 52.22 -26.37
C LYS K 754 9.37 52.34 -27.00
N ARG K 755 10.25 52.97 -26.23
CA ARG K 755 11.61 53.21 -26.62
C ARG K 755 12.57 53.29 -25.44
N TRP K 756 13.74 52.74 -25.66
CA TRP K 756 14.75 52.73 -24.64
C TRP K 756 16.06 53.13 -25.16
N GLN K 757 16.74 53.95 -24.40
CA GLN K 757 18.03 54.32 -24.88
C GLN K 757 19.18 54.10 -23.92
N PHE K 758 20.22 53.50 -24.46
CA PHE K 758 21.39 53.28 -23.64
C PHE K 758 22.51 54.10 -24.12
N ASN K 759 23.04 54.90 -23.26
CA ASN K 759 24.17 55.71 -23.64
C ASN K 759 25.41 54.86 -23.75
N ARG K 760 26.08 55.02 -24.86
CA ARG K 760 27.25 54.25 -25.13
C ARG K 760 28.48 54.68 -24.40
N GLN K 761 28.49 55.86 -23.87
CA GLN K 761 29.73 56.14 -23.18
C GLN K 761 29.61 55.86 -21.72
N SER K 762 28.39 56.01 -21.20
CA SER K 762 28.14 55.81 -19.81
C SER K 762 27.86 54.35 -19.55
N GLY K 763 27.29 53.75 -20.57
CA GLY K 763 26.95 52.37 -20.36
C GLY K 763 25.67 52.24 -19.56
N PHE K 764 24.87 53.30 -19.43
CA PHE K 764 23.65 53.16 -18.69
C PHE K 764 22.46 53.41 -19.51
N LEU K 765 21.37 52.89 -18.99
CA LEU K 765 20.10 53.14 -19.58
C LEU K 765 19.83 54.59 -19.27
N SER K 766 19.86 55.42 -20.30
CA SER K 766 19.73 56.86 -20.15
C SER K 766 18.35 57.45 -20.22
N GLN K 767 17.49 56.86 -20.99
CA GLN K 767 16.17 57.40 -21.07
C GLN K 767 15.27 56.39 -21.66
N MET K 768 14.01 56.59 -21.42
CA MET K 768 13.06 55.75 -21.99
C MET K 768 11.76 56.52 -22.18
N TRP K 769 11.06 56.16 -23.25
CA TRP K 769 9.83 56.84 -23.55
C TRP K 769 8.73 55.90 -23.73
N ILE K 770 7.61 56.44 -23.38
CA ILE K 770 6.36 55.81 -23.63
C ILE K 770 5.68 56.84 -24.46
N GLY K 771 5.31 56.47 -25.66
CA GLY K 771 4.78 57.52 -26.48
C GLY K 771 5.93 58.52 -26.67
N ASP K 772 5.62 59.77 -26.48
CA ASP K 772 6.57 60.84 -26.65
C ASP K 772 6.98 61.38 -25.31
N LYS K 773 6.63 60.62 -24.28
CA LYS K 773 6.95 61.02 -22.94
C LYS K 773 8.17 60.34 -22.41
N LYS K 774 9.10 61.18 -21.98
CA LYS K 774 10.31 60.71 -21.38
C LYS K 774 9.95 60.20 -20.01
N GLN K 775 10.67 59.22 -19.50
CA GLN K 775 10.26 58.71 -18.23
C GLN K 775 11.18 58.96 -17.08
N LEU K 776 12.42 59.28 -17.42
CA LEU K 776 13.39 59.48 -16.38
C LEU K 776 14.08 60.79 -16.42
N LEU K 777 14.35 61.35 -15.25
CA LEU K 777 15.13 62.56 -15.18
C LEU K 777 16.59 62.18 -14.93
N THR K 778 16.79 60.97 -14.48
CA THR K 778 18.11 60.48 -14.21
C THR K 778 18.23 59.06 -14.70
N PRO K 779 19.39 58.76 -15.23
CA PRO K 779 19.71 57.43 -15.72
C PRO K 779 19.72 56.39 -14.60
N LEU K 780 19.44 55.17 -14.96
CA LEU K 780 19.40 54.09 -14.03
C LEU K 780 20.79 53.64 -13.69
N ARG K 781 21.15 53.65 -12.42
CA ARG K 781 22.49 53.18 -12.13
C ARG K 781 22.69 52.57 -10.79
N ASP K 782 23.82 51.88 -10.71
CA ASP K 782 24.17 51.18 -9.51
C ASP K 782 24.36 52.14 -8.40
N GLN K 783 24.05 51.62 -7.24
CA GLN K 783 24.21 52.37 -6.04
C GLN K 783 24.70 51.50 -4.91
N PHE K 784 25.77 51.94 -4.28
CA PHE K 784 26.34 51.18 -3.18
C PHE K 784 26.32 51.86 -1.82
N THR K 785 25.73 53.03 -1.72
CA THR K 785 25.76 53.71 -0.46
C THR K 785 24.40 54.16 0.02
N ARG K 786 24.42 54.73 1.23
CA ARG K 786 23.22 55.31 1.78
C ARG K 786 23.49 56.60 2.56
N ALA K 787 22.44 57.41 2.70
CA ALA K 787 22.49 58.62 3.50
C ALA K 787 22.50 58.06 4.92
N PRO K 788 23.66 58.22 5.55
CA PRO K 788 23.97 57.69 6.86
C PRO K 788 22.92 57.86 7.89
N LEU K 789 22.78 56.81 8.66
CA LEU K 789 21.84 56.81 9.74
C LEU K 789 22.56 57.30 10.95
N ASP K 790 21.76 57.67 11.90
CA ASP K 790 22.38 58.07 13.14
C ASP K 790 23.35 57.00 13.58
N ASN K 791 22.86 55.77 13.56
CA ASN K 791 23.68 54.64 13.91
C ASN K 791 24.94 54.54 13.06
N ASP K 792 24.88 54.91 11.77
CA ASP K 792 26.06 54.81 10.92
C ASP K 792 27.13 55.80 11.26
N ILE K 793 26.62 56.88 11.78
CA ILE K 793 27.47 57.99 12.12
C ILE K 793 28.14 57.77 13.45
N GLY K 794 27.33 57.23 14.32
CA GLY K 794 27.70 56.81 15.63
C GLY K 794 28.63 57.66 16.45
N VAL K 795 28.06 58.74 16.96
CA VAL K 795 28.78 59.57 17.90
C VAL K 795 27.81 59.89 19.03
N SER K 796 28.32 59.93 20.27
CA SER K 796 27.51 60.24 21.44
C SER K 796 27.81 61.65 21.99
N GLU K 797 29.00 62.13 21.61
CA GLU K 797 29.52 63.42 21.95
C GLU K 797 30.00 64.06 20.68
N ALA K 798 29.42 65.23 20.38
CA ALA K 798 29.75 66.02 19.19
C ALA K 798 31.25 66.11 18.87
N THR K 799 32.02 66.15 19.97
CA THR K 799 33.47 66.25 20.11
C THR K 799 34.28 65.07 19.57
N ARG K 800 33.83 63.86 19.97
CA ARG K 800 34.51 62.63 19.63
C ARG K 800 33.96 61.85 18.47
N ILE K 801 34.81 61.76 17.41
CA ILE K 801 34.54 61.01 16.17
C ILE K 801 35.21 59.62 16.18
N ASP K 802 34.47 58.62 15.67
CA ASP K 802 34.93 57.26 15.64
C ASP K 802 35.33 56.82 14.24
N PRO K 803 36.61 56.68 14.08
CA PRO K 803 37.17 56.25 12.83
C PRO K 803 36.59 54.89 12.43
N ASN K 804 35.99 54.22 13.41
CA ASN K 804 35.38 52.94 13.19
C ASN K 804 33.92 53.00 12.79
N ALA K 805 33.37 54.18 12.86
CA ALA K 805 32.03 54.31 12.47
C ALA K 805 31.95 53.97 11.00
N TRP K 806 30.86 53.31 10.66
CA TRP K 806 30.59 52.90 9.32
C TRP K 806 30.84 54.02 8.37
N VAL K 807 30.20 55.11 8.71
CA VAL K 807 30.31 56.24 7.84
C VAL K 807 31.75 56.66 7.61
N GLU K 808 32.48 56.61 8.70
CA GLU K 808 33.86 56.97 8.64
C GLU K 808 34.60 56.09 7.70
N ARG K 809 34.32 54.84 7.87
CA ARG K 809 34.97 53.88 7.01
C ARG K 809 34.59 54.00 5.56
N TRP K 810 33.30 54.21 5.33
CA TRP K 810 32.81 54.29 3.99
C TRP K 810 33.41 55.46 3.29
N LYS K 811 33.51 56.53 4.06
CA LYS K 811 34.04 57.74 3.51
C LYS K 811 35.46 57.55 3.08
N ALA K 812 36.20 57.11 4.05
CA ALA K 812 37.60 56.87 3.87
C ALA K 812 37.90 55.92 2.74
N ALA K 813 36.96 55.03 2.50
CA ALA K 813 37.16 54.05 1.47
C ALA K 813 36.88 54.61 0.10
N GLY K 814 36.16 55.74 0.06
CA GLY K 814 35.84 56.40 -1.18
C GLY K 814 34.53 55.90 -1.72
N HIS K 815 33.80 55.20 -0.88
CA HIS K 815 32.54 54.68 -1.34
C HIS K 815 31.66 55.78 -1.84
N TYR K 816 31.74 56.87 -1.13
CA TYR K 816 30.90 57.98 -1.48
C TYR K 816 31.34 58.71 -2.69
N GLN K 817 32.58 58.48 -3.10
CA GLN K 817 33.01 59.19 -4.28
C GLN K 817 33.72 58.38 -5.35
N ALA K 818 33.36 57.12 -5.43
CA ALA K 818 34.00 56.33 -6.42
C ALA K 818 33.38 56.64 -7.75
N GLU K 819 34.24 56.44 -8.71
CA GLU K 819 34.01 56.67 -10.11
C GLU K 819 33.79 55.42 -10.88
N ALA K 820 32.65 55.42 -11.56
CA ALA K 820 32.36 54.27 -12.40
C ALA K 820 33.17 54.31 -13.69
N ALA K 821 33.52 53.13 -14.19
CA ALA K 821 34.27 53.01 -15.41
C ALA K 821 33.70 51.93 -16.31
N LEU K 822 33.35 52.30 -17.53
CA LEU K 822 32.80 51.31 -18.42
C LEU K 822 33.86 50.35 -18.89
N LEU K 823 33.62 49.11 -18.64
CA LEU K 823 34.53 48.11 -19.07
C LEU K 823 34.02 47.56 -20.36
N GLN K 824 32.70 47.57 -20.47
CA GLN K 824 32.12 47.04 -21.67
C GLN K 824 30.63 47.22 -21.78
N CYS K 825 30.20 47.35 -23.04
CA CYS K 825 28.81 47.59 -23.35
C CYS K 825 28.50 47.04 -24.70
N THR K 826 27.60 46.07 -24.78
CA THR K 826 27.31 45.49 -26.07
C THR K 826 25.86 45.21 -26.29
N ALA K 827 25.56 45.18 -27.57
CA ALA K 827 24.19 44.94 -27.98
C ALA K 827 24.12 43.84 -28.99
N ASP K 828 23.05 43.08 -28.91
CA ASP K 828 22.90 41.93 -29.78
C ASP K 828 21.44 41.60 -30.00
N THR K 829 21.18 41.08 -31.18
CA THR K 829 19.84 40.71 -31.52
C THR K 829 19.67 39.25 -31.59
N LEU K 830 18.72 38.87 -30.78
CA LEU K 830 18.36 37.51 -30.67
C LEU K 830 17.10 37.32 -31.43
N ALA K 831 16.73 36.07 -31.50
CA ALA K 831 15.53 35.76 -32.20
C ALA K 831 14.30 36.37 -31.61
N ASP K 832 14.27 36.47 -30.30
CA ASP K 832 13.06 36.92 -29.65
C ASP K 832 13.23 38.15 -28.86
N ALA K 833 14.45 38.67 -28.90
CA ALA K 833 14.71 39.84 -28.12
C ALA K 833 16.00 40.49 -28.45
N VAL K 834 16.17 41.61 -27.77
CA VAL K 834 17.38 42.35 -27.83
C VAL K 834 18.12 42.21 -26.51
N LEU K 835 19.42 42.08 -26.64
CA LEU K 835 20.25 41.87 -25.50
C LEU K 835 21.39 42.83 -25.31
N ILE K 836 21.37 43.46 -24.14
CA ILE K 836 22.40 44.40 -23.79
C ILE K 836 23.26 43.92 -22.68
N THR K 837 24.54 44.17 -22.90
CA THR K 837 25.49 43.74 -21.92
C THR K 837 26.49 44.77 -21.47
N THR K 838 26.56 44.97 -20.17
CA THR K 838 27.50 45.94 -19.64
C THR K 838 28.35 45.44 -18.49
N ALA K 839 29.41 46.18 -18.28
CA ALA K 839 30.29 45.88 -17.18
C ALA K 839 30.96 47.14 -16.78
N HIS K 840 30.86 47.46 -15.51
CA HIS K 840 31.50 48.63 -15.00
C HIS K 840 32.32 48.31 -13.78
N ALA K 841 33.26 49.20 -13.54
CA ALA K 841 34.09 49.10 -12.37
C ALA K 841 34.07 50.39 -11.58
N TRP K 842 33.98 50.30 -10.26
CA TRP K 842 34.07 51.51 -9.50
C TRP K 842 35.39 51.51 -8.82
N GLN K 843 36.08 52.61 -9.03
CA GLN K 843 37.38 52.71 -8.44
C GLN K 843 37.56 53.96 -7.66
N HIS K 844 38.63 53.90 -6.93
CA HIS K 844 39.01 55.01 -6.11
C HIS K 844 40.47 54.97 -5.82
N GLN K 845 41.17 55.94 -6.38
CA GLN K 845 42.58 55.96 -6.17
C GLN K 845 43.25 54.68 -6.59
N GLY K 846 42.82 54.16 -7.73
CA GLY K 846 43.43 52.98 -8.26
C GLY K 846 42.89 51.69 -7.70
N LYS K 847 42.04 51.79 -6.69
CA LYS K 847 41.52 50.56 -6.21
C LYS K 847 40.15 50.33 -6.80
N THR K 848 39.94 49.09 -7.18
CA THR K 848 38.63 48.74 -7.69
C THR K 848 37.83 48.19 -6.53
N LEU K 849 36.75 48.88 -6.21
CA LEU K 849 35.90 48.50 -5.10
C LEU K 849 34.85 47.55 -5.54
N PHE K 850 34.26 47.87 -6.67
CA PHE K 850 33.23 46.99 -7.14
C PHE K 850 33.20 46.86 -8.60
N ILE K 851 32.62 45.75 -8.95
CA ILE K 851 32.39 45.42 -10.30
C ILE K 851 30.95 45.02 -10.48
N SER K 852 30.36 45.65 -11.46
CA SER K 852 28.99 45.39 -11.78
C SER K 852 28.83 44.92 -13.21
N ARG K 853 28.21 43.77 -13.33
CA ARG K 853 27.96 43.19 -14.63
C ARG K 853 26.48 42.95 -14.87
N LYS K 854 25.99 43.51 -15.96
CA LYS K 854 24.58 43.35 -16.23
C LYS K 854 24.22 42.87 -17.61
N THR K 855 22.95 42.52 -17.66
CA THR K 855 22.27 42.15 -18.88
C THR K 855 20.88 42.68 -18.84
N TYR K 856 20.55 43.20 -20.00
CA TYR K 856 19.24 43.71 -20.17
C TYR K 856 18.67 43.02 -21.34
N ARG K 857 17.49 42.51 -21.11
CA ARG K 857 16.86 41.83 -22.17
C ARG K 857 15.43 42.24 -22.38
N ILE K 858 15.22 42.76 -23.59
CA ILE K 858 13.94 43.24 -24.05
C ILE K 858 13.31 42.41 -25.10
N ASP K 859 12.13 41.99 -24.78
CA ASP K 859 11.41 41.12 -25.64
C ASP K 859 10.22 41.78 -26.28
N GLY K 860 9.60 40.93 -27.09
CA GLY K 860 8.45 41.28 -27.85
C GLY K 860 7.28 41.70 -27.00
N SER K 861 7.31 41.33 -25.74
CA SER K 861 6.22 41.72 -24.89
C SER K 861 6.48 43.08 -24.30
N GLY K 862 7.66 43.64 -24.54
CA GLY K 862 8.00 44.97 -24.02
C GLY K 862 8.42 44.94 -22.56
N GLN K 863 8.99 43.82 -22.17
CA GLN K 863 9.46 43.73 -20.83
C GLN K 863 10.94 43.75 -20.81
N MET K 864 11.41 44.41 -19.80
CA MET K 864 12.81 44.51 -19.66
C MET K 864 13.30 43.80 -18.43
N ALA K 865 14.13 42.83 -18.72
CA ALA K 865 14.68 42.02 -17.69
C ALA K 865 16.12 42.36 -17.44
N ILE K 866 16.36 42.58 -16.17
CA ILE K 866 17.65 42.94 -15.74
C ILE K 866 18.30 41.96 -14.83
N THR K 867 19.54 41.82 -15.12
CA THR K 867 20.29 40.92 -14.33
C THR K 867 21.55 41.58 -13.86
N VAL K 868 21.72 41.50 -12.54
CA VAL K 868 22.88 42.10 -11.93
C VAL K 868 23.70 41.17 -11.13
N ASP K 869 25.00 41.29 -11.38
CA ASP K 869 25.97 40.52 -10.67
C ASP K 869 27.11 41.40 -10.26
N VAL K 870 27.28 41.47 -8.94
CA VAL K 870 28.28 42.30 -8.34
C VAL K 870 29.36 41.58 -7.57
N GLU K 871 30.55 42.11 -7.72
CA GLU K 871 31.69 41.64 -7.02
C GLU K 871 32.16 42.78 -6.16
N VAL K 872 32.48 42.47 -4.89
CA VAL K 872 32.98 43.43 -3.94
C VAL K 872 34.32 43.03 -3.35
N ALA K 873 35.26 43.97 -3.38
CA ALA K 873 36.57 43.69 -2.86
C ALA K 873 36.48 43.32 -1.43
N SER K 874 37.08 42.20 -1.16
CA SER K 874 37.07 41.65 0.16
C SER K 874 37.64 42.64 1.16
N ASP K 875 38.56 43.46 0.70
CA ASP K 875 39.17 44.38 1.60
C ASP K 875 38.55 45.74 1.67
N THR K 876 37.39 45.89 1.11
CA THR K 876 36.75 47.15 1.28
C THR K 876 35.68 46.94 2.34
N PRO K 877 35.28 48.00 3.00
CA PRO K 877 34.25 47.87 4.00
C PRO K 877 32.96 47.49 3.34
N HIS K 878 32.21 46.65 4.03
CA HIS K 878 30.96 46.24 3.47
C HIS K 878 30.10 47.44 3.28
N PRO K 879 29.59 47.49 2.11
CA PRO K 879 28.74 48.54 1.62
C PRO K 879 27.38 48.45 2.25
N ALA K 880 26.79 49.61 2.30
CA ALA K 880 25.49 49.82 2.87
C ALA K 880 24.41 49.12 2.10
N ARG K 881 24.63 49.05 0.80
CA ARG K 881 23.60 48.43 0.02
C ARG K 881 24.09 48.09 -1.36
N ILE K 882 23.26 47.35 -2.07
CA ILE K 882 23.56 46.93 -3.42
C ILE K 882 22.29 46.95 -4.23
N GLY K 883 22.23 47.98 -5.06
CA GLY K 883 21.08 48.17 -5.88
C GLY K 883 21.27 49.21 -6.94
N LEU K 884 20.14 49.69 -7.37
CA LEU K 884 20.14 50.68 -8.39
C LEU K 884 19.26 51.80 -8.04
N ASN K 885 19.43 52.83 -8.84
CA ASN K 885 18.58 53.95 -8.65
C ASN K 885 18.45 54.86 -9.84
N CYS K 886 17.42 55.66 -9.73
CA CYS K 886 17.16 56.61 -10.77
C CYS K 886 16.07 57.58 -10.35
N GLN K 887 16.01 58.66 -11.08
CA GLN K 887 15.00 59.64 -10.83
C GLN K 887 13.94 59.58 -11.89
N LEU K 888 12.75 59.23 -11.47
CA LEU K 888 11.70 59.20 -12.47
C LEU K 888 11.08 60.54 -12.64
N ALA K 889 10.71 60.77 -13.87
CA ALA K 889 10.07 61.99 -14.28
C ALA K 889 8.68 62.17 -13.67
N GLN K 890 7.99 61.08 -13.60
CA GLN K 890 6.65 61.05 -13.09
C GLN K 890 6.55 61.17 -11.57
N VAL K 891 5.36 61.58 -11.17
CA VAL K 891 5.01 61.71 -9.79
C VAL K 891 3.57 61.26 -9.58
N ALA K 892 3.34 60.27 -8.74
CA ALA K 892 1.99 59.77 -8.53
C ALA K 892 1.52 59.85 -7.08
N GLU K 893 0.28 59.48 -6.88
CA GLU K 893 -0.35 59.58 -5.58
C GLU K 893 -0.11 58.40 -4.65
N ARG K 894 -0.31 57.25 -5.23
CA ARG K 894 -0.20 56.04 -4.50
C ARG K 894 0.98 55.20 -4.87
N VAL K 895 1.18 54.23 -4.00
CA VAL K 895 2.23 53.26 -4.10
C VAL K 895 1.65 51.95 -3.71
N ASN K 896 1.90 51.00 -4.56
CA ASN K 896 1.30 49.75 -4.29
C ASN K 896 2.30 48.66 -4.47
N TRP K 897 2.33 47.79 -3.47
CA TRP K 897 3.27 46.73 -3.57
C TRP K 897 2.84 45.50 -2.85
N LEU K 898 3.53 44.48 -3.26
CA LEU K 898 3.37 43.17 -2.70
C LEU K 898 4.69 42.78 -2.07
N GLY K 899 4.66 42.89 -0.76
CA GLY K 899 5.82 42.63 0.04
C GLY K 899 5.50 42.92 1.50
N LEU K 900 6.54 43.23 2.23
CA LEU K 900 6.42 43.48 3.64
C LEU K 900 5.97 44.85 3.92
N GLY K 901 4.98 44.94 4.78
CA GLY K 901 4.49 46.23 5.12
C GLY K 901 3.58 46.16 6.29
N PRO K 902 2.96 47.26 6.51
CA PRO K 902 3.09 48.41 5.65
C PRO K 902 4.11 49.42 6.07
N GLN K 903 4.60 49.33 7.27
CA GLN K 903 5.59 50.33 7.62
C GLN K 903 7.00 50.09 7.14
N GLU K 904 7.76 51.16 7.28
CA GLU K 904 9.18 51.12 6.99
C GLU K 904 9.79 49.91 7.70
N ASN K 905 10.61 49.15 6.98
CA ASN K 905 11.23 47.97 7.57
C ASN K 905 12.59 47.68 6.99
N TYR K 906 13.45 47.24 7.85
CA TYR K 906 14.80 46.93 7.46
C TYR K 906 15.11 45.49 7.81
N PRO K 907 16.14 45.03 7.20
CA PRO K 907 16.57 43.67 7.33
C PRO K 907 16.66 43.20 8.76
N ASP K 908 17.24 44.02 9.62
CA ASP K 908 17.32 43.63 11.02
C ASP K 908 16.21 44.25 11.85
N ARG K 909 15.19 44.74 11.15
CA ARG K 909 14.03 45.28 11.83
C ARG K 909 12.81 45.08 10.96
N LEU K 910 12.36 43.83 10.88
CA LEU K 910 11.20 43.57 10.02
C LEU K 910 10.29 42.47 10.52
N THR K 911 10.47 42.08 11.76
CA THR K 911 9.63 41.05 12.27
C THR K 911 8.21 41.49 12.43
N ALA K 912 8.00 42.77 12.67
CA ALA K 912 6.63 43.18 12.88
C ALA K 912 5.88 43.32 11.58
N ALA K 913 6.64 43.39 10.51
CA ALA K 913 6.02 43.56 9.18
C ALA K 913 5.33 42.34 8.62
N CME K 914 4.33 42.63 7.78
CA CME K 914 3.60 41.60 7.11
CB CME K 914 2.21 41.40 7.59
SG CME K 914 2.26 40.80 9.29
SD CME K 914 0.56 41.57 9.87
CE CME K 914 0.97 43.32 9.75
CZ CME K 914 -0.23 44.14 10.20
OH CME K 914 -1.34 43.27 10.43
C CME K 914 3.67 41.60 5.62
O CME K 914 3.74 42.61 4.91
N PHE K 915 3.70 40.40 5.16
CA PHE K 915 3.76 40.20 3.77
C PHE K 915 2.38 40.24 3.20
N ASP K 916 2.14 41.26 2.42
CA ASP K 916 0.84 41.36 1.82
C ASP K 916 0.87 42.35 0.69
N ARG K 917 -0.33 42.74 0.32
CA ARG K 917 -0.44 43.75 -0.68
C ARG K 917 -0.78 45.06 -0.04
N TRP K 918 0.09 46.03 -0.24
CA TRP K 918 -0.10 47.31 0.37
C TRP K 918 -0.26 48.40 -0.65
N ASP K 919 -1.03 49.40 -0.23
CA ASP K 919 -1.29 50.57 -1.03
C ASP K 919 -1.35 51.79 -0.15
N LEU K 920 -0.45 52.70 -0.40
CA LEU K 920 -0.39 53.93 0.34
C LEU K 920 -0.06 55.07 -0.56
N PRO K 921 -0.21 56.19 0.04
CA PRO K 921 0.13 57.42 -0.57
C PRO K 921 1.60 57.59 -0.40
N LEU K 922 2.11 58.12 -1.45
CA LEU K 922 3.49 58.39 -1.56
C LEU K 922 4.06 59.01 -0.32
N SER K 923 3.28 59.90 0.26
CA SER K 923 3.75 60.57 1.46
C SER K 923 4.18 59.59 2.55
N ASP K 924 3.38 58.56 2.66
CA ASP K 924 3.62 57.57 3.67
C ASP K 924 4.88 56.76 3.42
N MET K 925 5.42 56.88 2.24
CA MET K 925 6.61 56.14 1.96
C MET K 925 7.83 56.87 2.44
N TYR K 926 7.60 57.91 3.21
CA TYR K 926 8.74 58.65 3.72
C TYR K 926 8.66 58.87 5.22
N THR K 927 9.83 58.67 5.86
CA THR K 927 9.95 58.81 7.30
C THR K 927 10.76 60.06 7.62
N PRO K 928 10.01 60.98 8.15
CA PRO K 928 10.44 62.32 8.56
C PRO K 928 11.27 62.35 9.83
N TYR K 929 12.32 61.57 9.83
CA TYR K 929 13.18 61.60 10.97
C TYR K 929 13.67 63.05 11.08
N VAL K 930 13.61 63.64 12.26
CA VAL K 930 14.06 65.02 12.40
C VAL K 930 15.43 65.26 11.79
N PHE K 931 16.32 64.38 12.13
CA PHE K 931 17.62 64.47 11.52
C PHE K 931 17.50 63.50 10.36
N PRO K 932 17.59 64.00 9.16
CA PRO K 932 17.36 63.18 8.01
C PRO K 932 18.49 62.24 7.60
N SER K 933 18.05 61.08 7.05
CA SER K 933 18.89 60.00 6.52
C SER K 933 18.08 58.96 5.70
N GLU K 934 18.77 57.93 5.20
CA GLU K 934 18.12 56.83 4.50
C GLU K 934 16.90 56.37 5.29
N ASN K 935 15.72 56.25 4.68
CA ASN K 935 14.53 55.82 5.42
C ASN K 935 13.49 55.30 4.46
N GLY K 936 12.37 54.87 5.01
CA GLY K 936 11.24 54.38 4.22
C GLY K 936 11.36 53.03 3.55
N LEU K 937 12.51 52.40 3.66
CA LEU K 937 12.62 51.11 3.03
C LEU K 937 11.55 50.08 3.39
N ARG K 938 11.27 49.26 2.39
CA ARG K 938 10.43 48.08 2.55
C ARG K 938 11.12 46.91 1.88
N CYS K 939 11.17 45.82 2.60
CA CYS K 939 11.84 44.63 2.16
C CYS K 939 10.89 43.56 1.68
N GLY K 940 11.52 42.54 1.12
CA GLY K 940 10.86 41.34 0.63
C GLY K 940 9.73 41.61 -0.30
N THR K 941 10.05 42.45 -1.25
CA THR K 941 9.10 42.87 -2.21
C THR K 941 9.29 42.14 -3.49
N ARG K 942 8.15 41.74 -3.98
CA ARG K 942 8.10 40.99 -5.19
C ARG K 942 7.52 41.70 -6.37
N GLU K 943 6.69 42.68 -6.05
CA GLU K 943 6.02 43.47 -7.05
C GLU K 943 5.78 44.84 -6.52
N LEU K 944 6.15 45.80 -7.35
CA LEU K 944 6.01 47.20 -7.03
C LEU K 944 5.42 47.96 -8.20
N ASN K 945 4.45 48.80 -7.87
CA ASN K 945 3.70 49.59 -8.82
C ASN K 945 3.65 51.06 -8.57
N TYR K 946 4.06 51.81 -9.56
CA TYR K 946 4.03 53.26 -9.45
C TYR K 946 3.84 53.85 -10.82
N GLY K 947 2.72 54.50 -10.96
CA GLY K 947 2.36 55.05 -12.24
C GLY K 947 2.02 53.89 -13.16
N PRO K 948 2.52 54.05 -14.36
CA PRO K 948 2.39 53.10 -15.44
C PRO K 948 3.41 51.98 -15.24
N HIS K 949 4.30 52.16 -14.27
CA HIS K 949 5.34 51.20 -14.01
C HIS K 949 5.05 50.11 -13.06
N GLN K 950 5.80 49.06 -13.37
CA GLN K 950 5.76 47.89 -12.59
C GLN K 950 7.10 47.19 -12.58
N TRP K 951 7.45 46.80 -11.37
CA TRP K 951 8.67 46.07 -11.19
C TRP K 951 8.43 44.79 -10.47
N ARG K 952 9.14 43.79 -10.93
CA ARG K 952 9.01 42.50 -10.31
C ARG K 952 10.33 41.86 -10.10
N GLY K 953 10.34 41.15 -8.99
CA GLY K 953 11.49 40.40 -8.56
C GLY K 953 11.47 40.11 -7.08
N ASP K 954 12.62 40.29 -6.49
CA ASP K 954 12.71 40.07 -5.07
C ASP K 954 13.63 41.10 -4.50
N PHE K 955 13.05 42.21 -4.08
CA PHE K 955 13.93 43.24 -3.62
C PHE K 955 13.34 44.01 -2.50
N GLN K 956 14.09 45.06 -2.21
CA GLN K 956 13.73 46.05 -1.22
C GLN K 956 13.84 47.34 -1.93
N PHE K 957 13.02 48.27 -1.47
CA PHE K 957 13.05 49.55 -2.09
C PHE K 957 12.57 50.65 -1.20
N ASN K 958 12.78 51.83 -1.72
CA ASN K 958 12.28 53.03 -1.12
C ASN K 958 11.95 54.00 -2.24
N ILE K 959 11.06 54.91 -1.92
CA ILE K 959 10.67 55.86 -2.92
C ILE K 959 10.11 57.13 -2.32
N SER K 960 10.63 58.24 -2.81
CA SER K 960 10.27 59.55 -2.30
C SER K 960 10.75 60.64 -3.23
N ARG K 961 10.69 61.89 -2.74
CA ARG K 961 11.13 63.04 -3.53
C ARG K 961 12.46 63.55 -3.12
N TYR K 962 13.21 62.75 -2.40
CA TYR K 962 14.47 63.28 -2.00
C TYR K 962 15.59 62.39 -2.39
N SER K 963 16.61 62.97 -2.93
CA SER K 963 17.73 62.17 -3.28
C SER K 963 18.44 61.81 -1.98
N GLN K 964 19.21 60.74 -2.07
CA GLN K 964 20.02 60.33 -0.94
C GLN K 964 20.98 61.47 -0.64
N GLN K 965 21.42 62.10 -1.70
CA GLN K 965 22.33 63.19 -1.52
C GLN K 965 21.73 64.34 -0.76
N GLN K 966 20.50 64.67 -1.11
CA GLN K 966 19.84 65.75 -0.41
C GLN K 966 19.78 65.40 1.06
N LEU K 967 19.31 64.22 1.33
CA LEU K 967 19.16 63.76 2.71
C LEU K 967 20.43 63.81 3.50
N MET K 968 21.42 63.37 2.80
CA MET K 968 22.67 63.30 3.41
C MET K 968 23.21 64.66 3.70
N GLU K 969 22.80 65.63 2.88
CA GLU K 969 23.34 66.95 3.07
C GLU K 969 22.53 67.91 3.91
N THR K 970 21.30 67.57 4.21
CA THR K 970 20.42 68.39 5.03
C THR K 970 20.36 67.93 6.48
N SER K 971 20.54 68.87 7.39
CA SER K 971 20.53 68.56 8.81
C SER K 971 19.17 68.55 9.47
N HIS K 972 18.15 69.15 8.86
CA HIS K 972 16.88 69.12 9.52
C HIS K 972 15.82 68.84 8.56
N ARG K 973 14.85 68.10 9.03
CA ARG K 973 13.74 67.76 8.19
C ARG K 973 13.08 68.95 7.51
N HIS K 974 12.95 70.03 8.25
CA HIS K 974 12.28 71.20 7.75
C HIS K 974 12.95 71.84 6.55
N LEU K 975 14.23 71.58 6.38
CA LEU K 975 14.96 72.08 5.22
C LEU K 975 14.89 71.25 3.94
N LEU K 976 14.21 70.13 3.96
CA LEU K 976 14.24 69.43 2.70
C LEU K 976 13.12 69.94 1.88
N HIS K 977 13.32 69.81 0.59
CA HIS K 977 12.33 70.20 -0.35
C HIS K 977 12.23 69.14 -1.41
N ALA K 978 11.01 68.90 -1.85
CA ALA K 978 10.85 67.90 -2.87
C ALA K 978 11.69 68.17 -4.11
N GLU K 979 12.19 67.10 -4.67
CA GLU K 979 12.96 67.24 -5.87
C GLU K 979 12.03 67.08 -7.04
N GLU K 980 12.56 67.29 -8.21
CA GLU K 980 11.80 67.24 -9.41
C GLU K 980 10.83 66.10 -9.69
N GLY K 981 11.25 64.85 -9.61
CA GLY K 981 10.27 63.82 -9.91
C GLY K 981 10.15 62.91 -8.73
N THR K 982 10.37 61.64 -8.98
CA THR K 982 10.36 60.66 -7.93
C THR K 982 11.66 59.89 -7.92
N TRP K 983 12.25 59.82 -6.75
CA TRP K 983 13.47 59.07 -6.57
C TRP K 983 13.18 57.66 -6.13
N LEU K 984 13.82 56.76 -6.86
CA LEU K 984 13.62 55.38 -6.61
C LEU K 984 14.88 54.59 -6.38
N ASN K 985 14.84 53.92 -5.24
CA ASN K 985 15.93 53.08 -4.87
C ASN K 985 15.47 51.65 -4.77
N ILE K 986 16.12 50.84 -5.61
CA ILE K 986 15.88 49.40 -5.66
C ILE K 986 17.11 48.62 -5.31
N ASP K 987 16.95 47.96 -4.19
CA ASP K 987 18.00 47.21 -3.62
C ASP K 987 17.83 45.73 -3.72
N GLY K 988 18.93 45.17 -4.19
CA GLY K 988 19.01 43.73 -4.24
C GLY K 988 19.34 43.30 -2.81
N PHE K 989 20.13 44.13 -2.16
CA PHE K 989 20.54 43.89 -0.81
C PHE K 989 20.79 45.17 -0.09
N HIS K 990 20.57 45.08 1.21
CA HIS K 990 20.74 46.22 2.05
C HIS K 990 21.22 45.86 3.44
N MET K 991 22.19 46.60 3.92
CA MET K 991 22.76 46.40 5.23
C MET K 991 21.77 46.64 6.36
N GLY K 992 21.96 45.96 7.48
CA GLY K 992 21.09 46.15 8.63
C GLY K 992 21.30 47.55 9.20
N ILE K 993 20.49 47.95 10.17
CA ILE K 993 20.60 49.29 10.72
C ILE K 993 21.20 49.35 12.11
N GLY K 994 21.18 48.25 12.85
CA GLY K 994 21.75 48.25 14.18
C GLY K 994 20.93 49.03 15.19
N GLY K 995 21.62 49.37 16.28
CA GLY K 995 21.01 50.13 17.34
C GLY K 995 21.31 49.64 18.74
N ASP K 996 22.15 48.61 18.88
CA ASP K 996 22.46 48.08 20.21
C ASP K 996 22.93 49.22 21.08
N ASP K 997 23.52 50.17 20.37
CA ASP K 997 23.97 51.46 20.86
C ASP K 997 24.22 52.28 19.66
N SER K 998 24.29 53.57 19.87
CA SER K 998 24.48 54.42 18.72
C SER K 998 25.81 55.11 18.71
N TRP K 999 26.82 54.52 19.33
CA TRP K 999 28.07 55.21 19.28
C TRP K 999 29.20 54.26 19.05
N SER K 1000 28.81 53.22 18.38
CA SER K 1000 29.64 52.14 17.94
C SER K 1000 28.86 51.35 16.95
N PRO K 1001 29.65 50.57 16.23
CA PRO K 1001 29.19 49.66 15.20
C PRO K 1001 28.37 48.60 15.91
N SER K 1002 27.10 48.59 15.57
CA SER K 1002 26.13 47.78 16.27
C SER K 1002 25.29 46.91 15.35
N VAL K 1003 25.79 46.80 14.12
CA VAL K 1003 25.13 45.95 13.13
C VAL K 1003 25.70 44.55 13.18
N SER K 1004 24.86 43.56 13.49
CA SER K 1004 25.39 42.23 13.52
C SER K 1004 25.84 41.66 12.21
N ALA K 1005 26.81 40.82 12.36
CA ALA K 1005 27.43 40.24 11.22
C ALA K 1005 26.52 39.67 10.19
N GLU K 1006 25.44 39.05 10.68
CA GLU K 1006 24.48 38.43 9.79
C GLU K 1006 23.81 39.49 8.98
N PHE K 1007 24.02 40.73 9.37
CA PHE K 1007 23.40 41.79 8.63
C PHE K 1007 24.29 42.61 7.78
N GLN K 1008 25.56 42.25 7.73
CA GLN K 1008 26.50 42.96 6.87
C GLN K 1008 26.60 42.30 5.49
N LEU K 1009 26.93 43.11 4.47
CA LEU K 1009 27.02 42.63 3.09
C LEU K 1009 28.42 42.18 2.87
N SER K 1010 28.68 41.03 3.38
CA SER K 1010 30.02 40.52 3.35
C SER K 1010 30.32 39.37 2.39
N ALA K 1011 29.30 38.94 1.65
CA ALA K 1011 29.42 37.82 0.75
C ALA K 1011 30.45 37.90 -0.35
N GLY K 1012 30.75 39.10 -0.79
CA GLY K 1012 31.72 39.25 -1.84
C GLY K 1012 31.07 39.18 -3.21
N ARG K 1013 30.02 38.39 -3.32
CA ARG K 1013 29.36 38.29 -4.58
C ARG K 1013 27.88 38.31 -4.40
N TYR K 1014 27.28 39.16 -5.23
CA TYR K 1014 25.86 39.33 -5.18
C TYR K 1014 25.23 39.29 -6.53
N HIS K 1015 24.06 38.72 -6.52
CA HIS K 1015 23.33 38.57 -7.74
C HIS K 1015 21.88 38.93 -7.56
N TYR K 1016 21.32 39.65 -8.53
CA TYR K 1016 19.91 39.92 -8.46
C TYR K 1016 19.30 40.22 -9.79
N GLN K 1017 17.97 40.07 -9.81
CA GLN K 1017 17.23 40.30 -11.03
C GLN K 1017 15.91 40.95 -10.89
N LEU K 1018 15.58 41.56 -11.99
CA LEU K 1018 14.42 42.37 -12.08
C LEU K 1018 13.74 42.47 -13.39
N VAL K 1019 12.46 42.74 -13.25
CA VAL K 1019 11.66 42.97 -14.41
C VAL K 1019 10.87 44.22 -14.36
N TRP K 1020 11.05 44.96 -15.41
CA TRP K 1020 10.41 46.22 -15.54
C TRP K 1020 9.49 46.33 -16.73
N CME K 1021 8.25 46.77 -16.45
CA CME K 1021 7.26 47.01 -17.45
CB CME K 1021 6.45 45.80 -17.83
SG CME K 1021 6.93 44.49 -16.75
SD CME K 1021 5.23 44.14 -15.94
CE CME K 1021 4.51 45.73 -16.43
CZ CME K 1021 3.47 45.58 -17.54
OH CME K 1021 2.18 45.33 -16.97
C CME K 1021 6.30 48.09 -17.10
O CME K 1021 6.32 48.67 -16.02
N GLN K 1022 5.47 48.31 -18.11
CA GLN K 1022 4.47 49.32 -18.12
C GLN K 1022 3.17 48.79 -18.58
N LYS K 1023 2.19 49.57 -18.19
CA LYS K 1023 0.82 49.39 -18.51
C LYS K 1023 0.39 50.70 -19.15
N ILE L 3 34.38 -34.10 45.81
CA ILE L 3 32.90 -34.28 45.64
C ILE L 3 32.02 -33.01 45.74
N THR L 4 32.42 -32.20 46.68
CA THR L 4 31.74 -30.97 46.85
C THR L 4 32.42 -30.05 45.91
N ASP L 5 33.49 -30.54 45.29
CA ASP L 5 34.23 -29.83 44.27
C ASP L 5 33.59 -30.16 42.92
N SER L 6 32.61 -31.02 43.02
CA SER L 6 31.92 -31.45 41.85
C SER L 6 31.06 -30.37 41.22
N LEU L 7 31.15 -30.33 39.92
CA LEU L 7 30.34 -29.44 39.16
C LEU L 7 28.91 -29.55 39.62
N ALA L 8 28.47 -30.76 39.64
CA ALA L 8 27.11 -31.02 39.96
C ALA L 8 26.64 -30.23 41.15
N VAL L 9 27.57 -30.18 42.06
CA VAL L 9 27.40 -29.55 43.33
C VAL L 9 27.57 -28.03 43.19
N VAL L 10 28.73 -27.61 42.71
CA VAL L 10 29.03 -26.23 42.52
C VAL L 10 27.94 -25.50 41.72
N LEU L 11 27.66 -25.96 40.55
CA LEU L 11 26.65 -25.29 39.72
C LEU L 11 25.26 -25.41 40.27
N GLN L 12 25.20 -26.03 41.38
CA GLN L 12 23.89 -26.22 41.88
C GLN L 12 23.31 -24.87 42.30
N ARG L 13 24.20 -24.17 42.97
CA ARG L 13 23.91 -22.87 43.50
C ARG L 13 23.48 -21.84 42.43
N ARG L 14 24.12 -21.87 41.26
CA ARG L 14 23.71 -20.92 40.24
C ARG L 14 23.93 -19.47 40.71
N ASP L 15 25.17 -19.27 41.13
CA ASP L 15 25.68 -18.04 41.63
C ASP L 15 25.57 -16.90 40.63
N TRP L 16 25.65 -17.29 39.39
CA TRP L 16 25.54 -16.41 38.27
C TRP L 16 24.10 -16.00 38.02
N GLU L 17 23.20 -16.38 38.90
CA GLU L 17 21.84 -15.88 38.74
C GLU L 17 21.42 -15.28 40.07
N ASN L 18 22.43 -14.72 40.74
CA ASN L 18 22.18 -14.13 42.01
C ASN L 18 23.06 -12.94 42.33
N PRO L 19 22.44 -11.78 42.19
CA PRO L 19 22.98 -10.46 42.48
C PRO L 19 23.54 -10.44 43.88
N GLY L 20 23.03 -11.33 44.72
CA GLY L 20 23.52 -11.43 46.07
C GLY L 20 24.90 -12.08 46.07
N VAL L 21 25.24 -12.82 45.02
CA VAL L 21 26.55 -13.38 45.07
C VAL L 21 27.38 -12.83 43.96
N THR L 22 28.37 -12.10 44.35
CA THR L 22 29.16 -11.51 43.30
C THR L 22 30.58 -12.01 43.30
N GLN L 23 30.91 -12.73 44.35
CA GLN L 23 32.21 -13.31 44.47
C GLN L 23 32.17 -14.37 45.56
N LEU L 24 33.22 -15.20 45.61
CA LEU L 24 33.42 -16.22 46.64
C LEU L 24 34.88 -16.40 46.87
N ASN L 25 35.30 -16.15 48.07
CA ASN L 25 36.72 -16.32 48.36
C ASN L 25 37.67 -15.48 47.58
N ARG L 26 37.17 -14.36 47.08
CA ARG L 26 38.00 -13.48 46.33
C ARG L 26 38.70 -12.56 47.31
N LEU L 27 39.98 -12.33 47.11
CA LEU L 27 40.67 -11.41 48.01
C LEU L 27 40.25 -9.96 47.84
N ALA L 28 40.82 -9.16 48.71
CA ALA L 28 40.53 -7.77 48.68
C ALA L 28 41.34 -7.04 47.65
N ALA L 29 40.74 -5.91 47.22
CA ALA L 29 41.31 -5.02 46.23
C ALA L 29 42.45 -4.12 46.69
N HIS L 30 43.26 -3.65 45.77
CA HIS L 30 44.36 -2.82 46.19
C HIS L 30 45.10 -2.42 44.96
N PRO L 31 45.94 -1.45 45.19
CA PRO L 31 46.75 -1.01 44.12
C PRO L 31 47.71 -2.14 43.85
N PRO L 32 48.23 -2.04 42.72
CA PRO L 32 49.17 -2.95 42.14
C PRO L 32 50.40 -3.25 42.95
N PHE L 33 50.61 -4.56 43.11
CA PHE L 33 51.76 -5.06 43.82
C PHE L 33 52.67 -5.89 42.93
N ALA L 34 53.97 -5.90 43.28
CA ALA L 34 55.02 -6.67 42.63
C ALA L 34 55.76 -7.55 43.65
N SER L 35 55.78 -7.12 44.89
CA SER L 35 56.47 -7.86 45.89
C SER L 35 57.95 -7.89 45.66
N TRP L 36 58.51 -6.79 45.21
CA TRP L 36 59.93 -6.81 45.07
C TRP L 36 60.55 -7.21 46.37
N ARG L 37 61.77 -7.70 46.21
CA ARG L 37 62.56 -8.08 47.35
C ARG L 37 63.85 -7.32 47.38
N ASN L 38 63.93 -6.37 46.48
CA ASN L 38 65.06 -5.49 46.43
C ASN L 38 64.60 -4.09 46.10
N SER L 39 64.95 -3.20 47.03
CA SER L 39 64.61 -1.82 46.90
C SER L 39 64.91 -1.24 45.50
N GLU L 40 66.16 -1.31 45.11
CA GLU L 40 66.56 -0.78 43.84
C GLU L 40 65.67 -1.20 42.71
N GLU L 41 65.39 -2.49 42.68
CA GLU L 41 64.58 -3.06 41.64
C GLU L 41 63.25 -2.37 41.60
N ALA L 42 62.66 -2.33 42.77
CA ALA L 42 61.40 -1.67 42.91
C ALA L 42 61.57 -0.22 42.53
N ARG L 43 62.59 0.37 43.06
CA ARG L 43 62.81 1.74 42.77
C ARG L 43 62.92 2.03 41.30
N THR L 44 63.45 1.10 40.56
CA THR L 44 63.64 1.36 39.14
C THR L 44 62.66 0.63 38.32
N ASP L 45 61.66 0.14 38.99
CA ASP L 45 60.65 -0.55 38.27
C ASP L 45 61.19 -1.74 37.49
N ARG L 46 62.05 -2.51 38.10
CA ARG L 46 62.45 -3.68 37.36
C ARG L 46 61.39 -4.71 37.47
N PRO L 47 61.69 -5.91 37.05
CA PRO L 47 60.66 -6.88 37.12
C PRO L 47 60.82 -7.76 38.30
N SER L 48 59.69 -8.02 38.90
CA SER L 48 59.79 -8.82 40.07
C SER L 48 59.50 -10.24 39.77
N GLN L 49 60.34 -11.00 40.40
CA GLN L 49 60.29 -12.41 40.27
C GLN L 49 59.15 -13.01 41.05
N GLN L 50 58.54 -12.25 42.01
CA GLN L 50 57.42 -12.81 42.80
C GLN L 50 56.12 -12.69 42.03
N LEU L 51 56.37 -12.18 40.84
CA LEU L 51 55.32 -11.95 39.94
C LEU L 51 55.55 -12.66 38.62
N ARG L 52 54.60 -13.53 38.34
CA ARG L 52 54.71 -14.36 37.19
C ARG L 52 53.49 -14.42 36.33
N SER L 53 53.74 -14.27 35.02
CA SER L 53 52.65 -14.33 34.08
C SER L 53 52.30 -15.70 33.62
N LEU L 54 51.01 -15.94 33.47
CA LEU L 54 50.50 -17.21 33.00
C LEU L 54 49.90 -17.09 31.62
N ASN L 55 50.29 -15.99 31.01
CA ASN L 55 49.80 -15.73 29.69
C ASN L 55 50.51 -16.64 28.76
N GLY L 56 49.73 -17.17 27.81
CA GLY L 56 50.28 -18.03 26.79
C GLY L 56 49.29 -19.03 26.25
N GLU L 57 49.84 -20.20 25.90
CA GLU L 57 48.98 -21.22 25.37
C GLU L 57 48.27 -21.91 26.47
N TRP L 58 47.00 -22.13 26.23
CA TRP L 58 46.15 -22.73 27.25
C TRP L 58 45.20 -23.64 26.54
N ARG L 59 44.48 -24.40 27.29
CA ARG L 59 43.58 -25.27 26.57
C ARG L 59 42.17 -24.84 26.75
N PHE L 60 41.49 -24.87 25.63
CA PHE L 60 40.16 -24.37 25.63
C PHE L 60 39.10 -25.28 25.08
N ALA L 61 37.92 -25.20 25.66
CA ALA L 61 36.81 -25.92 25.11
C ALA L 61 35.50 -25.20 25.39
N TRP L 62 34.68 -25.17 24.39
CA TRP L 62 33.44 -24.45 24.46
C TRP L 62 32.18 -25.27 24.59
N PHE L 63 31.24 -24.79 25.37
CA PHE L 63 29.96 -25.47 25.52
C PHE L 63 28.85 -24.49 25.55
N PRO L 64 27.81 -24.95 24.98
CA PRO L 64 26.55 -24.26 24.87
C PRO L 64 25.94 -23.98 26.23
N ALA L 65 26.46 -24.67 27.23
CA ALA L 65 25.94 -24.51 28.57
C ALA L 65 26.84 -25.14 29.58
N PRO L 66 26.73 -24.59 30.77
CA PRO L 66 27.51 -25.01 31.90
C PRO L 66 27.26 -26.49 32.23
N GLU L 67 25.97 -26.85 32.19
CA GLU L 67 25.52 -28.21 32.45
C GLU L 67 26.24 -29.27 31.60
N ALA L 68 26.31 -28.99 30.32
CA ALA L 68 27.05 -29.79 29.38
C ALA L 68 28.50 -30.01 29.81
N VAL L 69 29.03 -29.26 30.73
CA VAL L 69 30.40 -29.59 31.05
C VAL L 69 30.47 -30.93 31.78
N PRO L 70 31.46 -31.71 31.37
CA PRO L 70 31.69 -33.04 31.87
C PRO L 70 32.65 -33.08 33.04
N GLU L 71 32.18 -33.84 34.02
CA GLU L 71 32.90 -33.97 35.24
C GLU L 71 34.43 -34.20 35.17
N SER L 72 34.83 -34.95 34.17
CA SER L 72 36.23 -35.27 33.95
C SER L 72 37.08 -34.07 33.81
N TRP L 73 36.42 -33.04 33.23
CA TRP L 73 37.09 -31.83 32.91
C TRP L 73 37.96 -31.39 34.07
N LEU L 74 37.42 -31.62 35.27
CA LEU L 74 38.07 -31.23 36.50
C LEU L 74 39.40 -31.86 36.71
N GLU L 75 39.33 -33.10 36.29
CA GLU L 75 40.41 -34.02 36.42
C GLU L 75 41.39 -33.99 35.30
N CYS L 76 40.83 -34.13 34.12
CA CYS L 76 41.67 -34.25 32.97
C CYS L 76 41.22 -33.36 31.88
N ASP L 77 42.26 -32.95 31.13
CA ASP L 77 42.07 -32.13 29.94
C ASP L 77 41.23 -32.89 28.97
N LEU L 78 40.58 -32.18 28.08
CA LEU L 78 39.80 -32.91 27.15
C LEU L 78 40.58 -33.30 25.92
N PRO L 79 40.02 -34.27 25.28
CA PRO L 79 40.59 -34.78 24.08
C PRO L 79 40.38 -33.73 23.00
N GLU L 80 39.11 -33.31 22.96
CA GLU L 80 38.58 -32.32 22.04
C GLU L 80 38.89 -30.87 22.37
N ALA L 81 39.82 -30.69 23.29
CA ALA L 81 40.22 -29.37 23.67
C ALA L 81 41.13 -28.81 22.61
N ASP L 82 41.18 -27.48 22.53
CA ASP L 82 42.04 -26.81 21.59
C ASP L 82 43.07 -26.04 22.35
N THR L 83 44.13 -25.76 21.67
CA THR L 83 45.13 -24.97 22.29
C THR L 83 44.88 -23.56 21.83
N VAL L 84 44.89 -22.65 22.79
CA VAL L 84 44.55 -21.26 22.55
C VAL L 84 45.45 -20.30 23.30
N VAL L 85 45.47 -19.10 22.75
CA VAL L 85 46.20 -18.05 23.42
C VAL L 85 45.35 -17.26 24.39
N VAL L 86 45.98 -17.02 25.51
CA VAL L 86 45.37 -16.27 26.54
C VAL L 86 46.30 -15.12 26.89
N PRO L 87 45.74 -13.90 26.98
CA PRO L 87 44.30 -13.68 26.94
C PRO L 87 43.72 -13.47 25.58
N SER L 88 42.40 -13.60 25.59
CA SER L 88 41.67 -13.44 24.37
C SER L 88 40.17 -13.55 24.60
N ASN L 89 39.44 -13.26 23.52
CA ASN L 89 37.99 -13.35 23.47
C ASN L 89 37.68 -14.48 22.55
N TRP L 90 36.91 -15.36 23.07
CA TRP L 90 36.61 -16.51 22.31
C TRP L 90 35.80 -16.28 21.04
N GLN L 91 34.99 -15.23 21.00
CA GLN L 91 34.25 -15.03 19.76
C GLN L 91 35.24 -14.77 18.66
N MET L 92 36.40 -14.28 19.10
CA MET L 92 37.49 -13.93 18.18
C MET L 92 38.16 -15.13 17.58
N HIS L 93 37.75 -16.30 18.04
CA HIS L 93 38.35 -17.53 17.57
C HIS L 93 37.35 -18.41 16.95
N GLY L 94 36.22 -17.84 16.62
CA GLY L 94 35.19 -18.58 15.98
C GLY L 94 34.28 -19.37 16.88
N TYR L 95 34.60 -19.40 18.19
CA TYR L 95 33.70 -20.17 19.02
C TYR L 95 32.21 -19.90 18.97
N ASP L 96 31.90 -18.61 18.94
CA ASP L 96 30.53 -18.12 18.80
C ASP L 96 30.67 -16.73 18.30
N ALA L 97 29.49 -16.14 18.14
CA ALA L 97 29.34 -14.79 17.64
C ALA L 97 29.47 -13.68 18.66
N PRO L 98 30.07 -12.60 18.19
CA PRO L 98 30.15 -11.42 18.98
C PRO L 98 28.88 -10.70 18.63
N ILE L 99 28.30 -10.01 19.59
CA ILE L 99 27.09 -9.27 19.32
C ILE L 99 27.29 -7.78 19.48
N TYR L 100 26.71 -7.11 18.51
CA TYR L 100 26.69 -5.68 18.51
C TYR L 100 25.27 -5.15 18.64
N THR L 101 24.91 -4.93 19.91
CA THR L 101 23.69 -4.28 20.29
C THR L 101 24.09 -3.09 21.16
N ASN L 102 23.29 -2.03 21.10
CA ASN L 102 23.52 -0.79 21.84
C ASN L 102 22.89 -0.71 23.24
N VAL L 103 21.56 -0.63 23.19
CA VAL L 103 20.74 -0.47 24.36
C VAL L 103 20.14 -1.75 24.79
N THR L 104 19.50 -2.33 23.81
CA THR L 104 18.85 -3.58 24.02
C THR L 104 19.79 -4.68 24.45
N TYR L 105 19.40 -5.29 25.56
CA TYR L 105 20.13 -6.38 26.13
C TYR L 105 20.10 -7.57 25.17
N PRO L 106 21.24 -8.21 25.08
CA PRO L 106 21.46 -9.37 24.24
C PRO L 106 20.60 -10.53 24.71
N ILE L 107 20.40 -10.58 26.01
CA ILE L 107 19.58 -11.62 26.51
C ILE L 107 18.24 -11.07 26.93
N THR L 108 17.37 -11.94 27.34
CA THR L 108 16.05 -11.54 27.73
C THR L 108 16.03 -10.89 29.07
N VAL L 109 15.20 -9.86 29.14
CA VAL L 109 15.14 -9.13 30.37
C VAL L 109 14.33 -9.73 31.47
N ASN L 110 15.04 -10.40 32.34
CA ASN L 110 14.39 -11.04 33.44
C ASN L 110 15.34 -11.28 34.57
N PRO L 111 15.83 -10.20 35.05
CA PRO L 111 16.75 -10.25 36.13
C PRO L 111 16.10 -10.97 37.31
N PRO L 112 16.96 -11.68 38.00
CA PRO L 112 18.39 -11.73 37.73
C PRO L 112 18.74 -12.93 36.91
N PHE L 113 17.81 -13.29 36.08
CA PHE L 113 18.02 -14.44 35.26
C PHE L 113 18.57 -14.24 33.90
N VAL L 114 19.54 -15.11 33.71
CA VAL L 114 20.30 -15.33 32.51
C VAL L 114 19.62 -16.50 31.75
N PRO L 115 19.82 -16.56 30.43
CA PRO L 115 19.24 -17.63 29.64
C PRO L 115 19.90 -18.99 29.89
N THR L 116 19.09 -20.02 29.73
CA THR L 116 19.50 -21.38 30.00
C THR L 116 20.72 -21.85 29.19
N GLU L 117 20.76 -21.40 27.95
CA GLU L 117 21.84 -21.69 27.02
C GLU L 117 22.86 -20.59 27.20
N ASN L 118 23.87 -20.91 27.95
CA ASN L 118 24.80 -19.91 28.21
C ASN L 118 26.21 -20.42 27.96
N PRO L 119 26.69 -19.88 26.92
CA PRO L 119 27.99 -20.20 26.42
C PRO L 119 29.04 -20.24 27.45
N THR L 120 29.47 -21.46 27.70
CA THR L 120 30.51 -21.69 28.65
C THR L 120 31.86 -21.96 28.01
N GLY L 121 32.91 -21.41 28.57
CA GLY L 121 34.25 -21.59 28.04
C GLY L 121 35.16 -22.17 29.10
N CYS L 122 35.61 -23.41 28.86
CA CYS L 122 36.48 -24.07 29.81
C CYS L 122 37.91 -23.94 29.45
N TYR L 123 38.58 -23.20 30.30
CA TYR L 123 39.99 -22.94 30.12
C TYR L 123 40.74 -23.72 31.15
N SER L 124 41.88 -24.23 30.74
CA SER L 124 42.66 -25.06 31.62
C SER L 124 44.09 -24.82 31.38
N LEU L 125 44.81 -25.00 32.43
CA LEU L 125 46.22 -24.80 32.33
C LEU L 125 47.01 -25.49 33.41
N THR L 126 48.00 -26.13 32.85
CA THR L 126 48.90 -26.93 33.60
C THR L 126 50.24 -26.28 33.72
N PHE L 127 50.72 -26.21 34.93
CA PHE L 127 51.97 -25.53 35.12
C PHE L 127 52.66 -25.98 36.38
N ASN L 128 53.90 -25.49 36.37
CA ASN L 128 54.86 -25.77 37.38
C ASN L 128 55.08 -24.65 38.30
N VAL L 129 55.44 -25.03 39.52
CA VAL L 129 55.67 -24.11 40.60
C VAL L 129 56.95 -24.38 41.35
N ASP L 130 57.79 -23.36 41.48
CA ASP L 130 58.97 -23.63 42.27
C ASP L 130 58.50 -23.92 43.70
N GLU L 131 59.05 -24.93 44.32
CA GLU L 131 58.58 -25.17 45.66
C GLU L 131 59.08 -24.14 46.65
N SER L 132 60.15 -23.46 46.29
CA SER L 132 60.61 -22.43 47.18
C SER L 132 59.37 -21.60 47.64
N TRP L 133 58.52 -21.34 46.65
CA TRP L 133 57.28 -20.60 46.85
C TRP L 133 56.32 -21.35 47.72
N LEU L 134 56.39 -22.63 47.54
CA LEU L 134 55.53 -23.53 48.22
C LEU L 134 55.90 -23.65 49.69
N GLN L 135 57.15 -23.33 50.01
CA GLN L 135 57.52 -23.45 51.39
C GLN L 135 56.93 -22.33 52.19
N GLU L 136 57.62 -21.21 52.10
CA GLU L 136 57.22 -20.02 52.81
C GLU L 136 56.33 -19.07 51.97
N GLY L 137 55.77 -18.07 52.62
CA GLY L 137 54.98 -17.04 51.97
C GLY L 137 53.61 -17.43 51.43
N GLN L 138 53.11 -16.52 50.59
CA GLN L 138 51.81 -16.70 50.01
C GLN L 138 51.70 -16.47 48.53
N THR L 139 50.95 -17.40 47.99
CA THR L 139 50.77 -17.41 46.58
C THR L 139 49.37 -17.30 46.08
N ARG L 140 49.23 -16.22 45.33
CA ARG L 140 47.96 -15.99 44.76
C ARG L 140 48.02 -15.76 43.27
N ILE L 141 46.84 -16.01 42.77
CA ILE L 141 46.59 -15.83 41.39
C ILE L 141 45.68 -14.65 41.12
N ILE L 142 45.94 -14.06 39.96
CA ILE L 142 45.19 -12.91 39.55
C ILE L 142 44.77 -12.83 38.12
N PHE L 143 43.47 -12.68 37.99
CA PHE L 143 42.85 -12.45 36.72
C PHE L 143 42.50 -10.99 36.54
N ASP L 144 43.24 -10.34 35.67
CA ASP L 144 42.97 -8.95 35.40
C ASP L 144 41.65 -8.68 34.72
N GLY L 145 41.08 -9.67 34.09
CA GLY L 145 39.80 -9.53 33.43
C GLY L 145 39.28 -10.82 32.79
N VAL L 146 38.04 -11.15 33.20
CA VAL L 146 37.25 -12.31 32.78
C VAL L 146 35.77 -11.93 32.60
N ASN L 147 35.30 -12.09 31.41
CA ASN L 147 33.95 -11.67 31.13
C ASN L 147 33.07 -12.85 30.84
N SER L 148 31.93 -12.95 31.53
CA SER L 148 31.42 -12.02 32.52
C SER L 148 31.54 -12.51 33.94
N ALA L 149 31.49 -13.83 34.11
CA ALA L 149 31.56 -14.48 35.41
C ALA L 149 32.35 -15.78 35.38
N PHE L 150 32.75 -16.29 36.54
CA PHE L 150 33.47 -17.54 36.50
C PHE L 150 33.79 -18.21 37.81
N HIS L 151 33.93 -19.54 37.67
CA HIS L 151 34.29 -20.48 38.74
C HIS L 151 35.70 -20.95 38.59
N LEU L 152 36.27 -21.30 39.69
CA LEU L 152 37.64 -21.69 39.52
C LEU L 152 38.12 -22.88 40.36
N TRP L 153 38.90 -23.75 39.70
CA TRP L 153 39.48 -24.89 40.37
C TRP L 153 40.98 -24.98 40.24
N CYS L 154 41.54 -25.56 41.27
CA CYS L 154 42.96 -25.75 41.25
C CYS L 154 43.24 -27.11 41.78
N ASN L 155 43.88 -27.85 40.88
CA ASN L 155 44.23 -29.22 41.11
C ASN L 155 42.98 -29.97 41.58
N GLY L 156 41.88 -29.82 40.84
CA GLY L 156 40.64 -30.55 41.12
C GLY L 156 39.80 -29.94 42.21
N ARG L 157 40.44 -29.02 42.90
CA ARG L 157 39.79 -28.38 43.97
C ARG L 157 39.13 -27.06 43.63
N TRP L 158 37.87 -26.96 44.07
CA TRP L 158 37.13 -25.74 43.86
C TRP L 158 37.72 -24.60 44.66
N VAL L 159 37.89 -23.46 44.02
CA VAL L 159 38.50 -22.35 44.71
C VAL L 159 37.58 -21.16 44.97
N GLY L 160 36.99 -20.64 43.94
CA GLY L 160 36.15 -19.50 44.16
C GLY L 160 35.39 -19.09 42.92
N TYR L 161 34.77 -17.94 43.07
CA TYR L 161 33.95 -17.38 42.05
C TYR L 161 34.09 -15.88 42.03
N GLY L 162 33.75 -15.29 40.89
CA GLY L 162 33.88 -13.85 40.69
C GLY L 162 32.99 -13.24 39.61
N GLN L 163 32.64 -11.95 39.80
CA GLN L 163 31.84 -11.17 38.85
C GLN L 163 32.53 -9.80 38.58
N ASP L 164 31.99 -9.06 37.59
CA ASP L 164 32.52 -7.79 37.16
C ASP L 164 33.70 -8.00 36.22
N SER L 165 33.34 -7.97 34.95
CA SER L 165 34.34 -8.18 33.92
C SER L 165 35.46 -7.21 33.87
N ARG L 166 35.36 -6.07 34.54
CA ARG L 166 36.44 -5.12 34.36
C ARG L 166 37.44 -4.98 35.44
N LEU L 167 37.22 -5.66 36.55
CA LEU L 167 38.23 -5.57 37.56
C LEU L 167 38.85 -6.92 37.83
N PRO L 168 40.01 -6.87 38.42
CA PRO L 168 40.80 -7.98 38.81
C PRO L 168 40.16 -8.83 39.86
N SER L 169 40.46 -10.12 39.76
CA SER L 169 40.03 -11.09 40.74
C SER L 169 41.21 -11.82 41.31
N GLU L 170 41.25 -11.88 42.62
CA GLU L 170 42.37 -12.54 43.23
C GLU L 170 42.00 -13.58 44.21
N PHE L 171 42.85 -14.63 44.11
CA PHE L 171 42.76 -15.74 44.99
C PHE L 171 44.07 -16.30 45.46
N ASP L 172 43.92 -16.77 46.70
CA ASP L 172 44.99 -17.41 47.43
C ASP L 172 45.11 -18.85 47.00
N LEU L 173 46.22 -19.16 46.40
CA LEU L 173 46.33 -20.50 45.93
C LEU L 173 47.03 -21.44 46.87
N SER L 174 47.75 -20.76 47.74
CA SER L 174 48.58 -21.26 48.77
C SER L 174 48.25 -22.68 49.22
N ALA L 175 46.98 -22.92 49.49
CA ALA L 175 46.64 -24.25 49.95
C ALA L 175 46.29 -25.27 48.88
N PHE L 176 46.45 -24.97 47.60
CA PHE L 176 46.05 -25.98 46.65
C PHE L 176 47.16 -26.40 45.77
N LEU L 177 48.20 -25.65 45.92
CA LEU L 177 49.34 -25.94 45.13
C LEU L 177 50.14 -27.06 45.65
N ARG L 178 50.72 -27.75 44.68
CA ARG L 178 51.60 -28.87 44.89
C ARG L 178 52.86 -28.52 44.22
N ALA L 179 53.95 -29.12 44.66
CA ALA L 179 55.15 -28.81 43.93
C ALA L 179 55.10 -29.48 42.57
N GLY L 180 55.73 -28.76 41.67
CA GLY L 180 55.75 -29.19 40.32
C GLY L 180 54.45 -28.88 39.59
N GLU L 181 53.89 -29.94 39.11
CA GLU L 181 52.76 -29.85 38.26
C GLU L 181 51.42 -29.48 38.79
N ASN L 182 50.90 -28.33 38.36
CA ASN L 182 49.58 -27.99 38.78
C ASN L 182 48.68 -27.73 37.63
N ARG L 183 47.41 -27.83 37.93
CA ARG L 183 46.43 -27.60 36.91
C ARG L 183 45.23 -26.77 37.35
N LEU L 184 45.04 -25.69 36.57
CA LEU L 184 43.90 -24.82 36.74
C LEU L 184 42.80 -25.11 35.76
N ALA L 185 41.60 -25.00 36.30
CA ALA L 185 40.42 -25.14 35.49
C ALA L 185 39.45 -24.05 35.83
N VAL L 186 39.29 -23.19 34.82
CA VAL L 186 38.45 -22.06 34.88
C VAL L 186 37.26 -22.17 34.01
N MET L 187 36.13 -22.11 34.65
CA MET L 187 34.94 -22.14 33.85
C MET L 187 34.38 -20.74 33.77
N VAL L 188 34.30 -20.20 32.56
CA VAL L 188 33.85 -18.85 32.30
C VAL L 188 32.47 -18.74 31.66
N LEU L 189 31.60 -17.82 32.15
CA LEU L 189 30.28 -17.72 31.52
C LEU L 189 29.95 -16.43 30.80
N ARG L 190 29.22 -16.60 29.71
CA ARG L 190 28.86 -15.44 28.95
C ARG L 190 27.99 -14.53 29.75
N TRP L 191 26.85 -15.06 30.13
CA TRP L 191 25.88 -14.34 30.90
C TRP L 191 25.93 -14.61 32.37
N SER L 192 25.64 -13.59 33.16
CA SER L 192 25.60 -13.68 34.61
C SER L 192 24.68 -12.60 35.12
N ASP L 193 24.42 -12.55 36.42
CA ASP L 193 23.58 -11.46 36.86
C ASP L 193 24.35 -10.14 36.60
N GLY L 194 25.71 -10.22 36.59
CA GLY L 194 26.61 -9.08 36.31
C GLY L 194 26.33 -8.43 34.97
N SER L 195 25.81 -9.25 34.11
CA SER L 195 25.48 -8.84 32.79
C SER L 195 24.46 -7.72 32.83
N TYR L 196 23.53 -7.81 33.76
CA TYR L 196 22.57 -6.73 33.82
C TYR L 196 23.22 -5.37 34.09
N LEU L 197 24.43 -5.37 34.62
CA LEU L 197 25.13 -4.13 34.90
C LEU L 197 26.15 -3.82 33.87
N GLU L 198 26.06 -4.54 32.78
CA GLU L 198 27.06 -4.30 31.76
C GLU L 198 26.46 -4.02 30.38
N ASP L 199 25.46 -3.15 30.31
CA ASP L 199 24.82 -2.89 29.03
C ASP L 199 25.43 -1.83 28.13
N GLN L 200 26.76 -1.72 28.18
CA GLN L 200 27.46 -0.73 27.34
C GLN L 200 27.26 -0.96 25.84
N ASP L 201 27.12 0.16 25.10
CA ASP L 201 26.97 0.15 23.64
C ASP L 201 28.29 -0.25 22.99
N MET L 202 28.51 -1.55 22.91
CA MET L 202 29.73 -2.11 22.36
C MET L 202 29.48 -3.53 21.95
N TRP L 203 30.53 -4.15 21.42
CA TRP L 203 30.43 -5.53 21.03
C TRP L 203 30.40 -6.34 22.29
N ARG L 204 29.51 -7.32 22.30
CA ARG L 204 29.39 -8.19 23.44
C ARG L 204 30.21 -9.45 23.22
N MET L 205 31.30 -9.53 23.95
CA MET L 205 32.21 -10.63 23.84
C MET L 205 32.36 -11.43 25.13
N SER L 206 33.44 -12.24 25.24
CA SER L 206 33.69 -13.07 26.45
C SER L 206 35.00 -13.76 26.49
N GLY L 207 35.35 -14.15 27.72
CA GLY L 207 36.59 -14.87 27.97
C GLY L 207 37.54 -14.23 28.94
N ILE L 208 38.79 -14.69 28.83
CA ILE L 208 39.88 -14.23 29.68
C ILE L 208 40.67 -13.33 28.83
N PHE L 209 40.21 -12.09 28.89
CA PHE L 209 40.72 -11.07 28.03
C PHE L 209 41.76 -10.18 28.59
N ARG L 210 42.09 -10.38 29.85
CA ARG L 210 43.18 -9.62 30.42
C ARG L 210 44.12 -10.62 31.05
N ASP L 211 45.29 -10.15 31.36
CA ASP L 211 46.35 -10.93 31.97
C ASP L 211 45.99 -11.82 33.13
N VAL L 212 46.80 -12.91 33.20
CA VAL L 212 46.77 -13.90 34.26
C VAL L 212 48.11 -14.02 34.90
N SER L 213 48.12 -13.97 36.23
CA SER L 213 49.38 -13.94 36.89
C SER L 213 49.42 -14.54 38.28
N LEU L 214 50.68 -14.68 38.72
CA LEU L 214 50.94 -15.22 40.01
C LEU L 214 51.82 -14.37 40.82
N LEU L 215 51.32 -14.31 42.03
CA LEU L 215 52.04 -13.53 42.96
C LEU L 215 52.34 -14.19 44.27
N HIS L 216 53.64 -14.09 44.52
CA HIS L 216 54.26 -14.62 45.68
C HIS L 216 54.57 -13.52 46.62
N LYS L 217 53.95 -13.60 47.78
CA LYS L 217 54.12 -12.62 48.81
C LYS L 217 54.45 -13.26 50.14
N PRO L 218 55.20 -12.51 50.98
CA PRO L 218 55.56 -12.94 52.30
C PRO L 218 54.30 -13.11 53.11
N THR L 219 54.39 -13.80 54.23
CA THR L 219 53.19 -14.02 55.02
C THR L 219 52.82 -12.77 55.77
N THR L 220 53.88 -12.08 56.07
CA THR L 220 53.75 -10.84 56.72
C THR L 220 54.11 -9.80 55.66
N GLN L 221 53.08 -9.15 55.15
CA GLN L 221 53.29 -8.24 54.06
C GLN L 221 52.52 -6.94 54.12
N ILE L 222 52.84 -6.13 53.12
CA ILE L 222 52.19 -4.87 52.86
C ILE L 222 50.87 -5.19 52.19
N SER L 223 49.75 -4.89 52.83
CA SER L 223 48.47 -5.23 52.25
C SER L 223 47.83 -4.12 51.42
N ASP L 224 48.32 -2.89 51.66
CA ASP L 224 47.73 -1.75 50.99
C ASP L 224 48.41 -0.47 51.37
N PHE L 225 48.33 0.48 50.44
CA PHE L 225 48.88 1.78 50.72
C PHE L 225 48.27 2.89 49.90
N HIS L 226 48.25 4.07 50.48
CA HIS L 226 47.73 5.22 49.79
C HIS L 226 48.62 6.36 49.94
N VAL L 227 48.59 7.10 48.87
CA VAL L 227 49.35 8.30 48.81
C VAL L 227 48.45 9.50 48.64
N ALA L 228 48.94 10.65 49.18
CA ALA L 228 48.27 11.94 49.12
C ALA L 228 49.19 13.15 49.19
N THR L 229 48.85 14.19 48.41
CA THR L 229 49.64 15.41 48.40
C THR L 229 48.87 16.62 48.84
N ARG L 230 49.46 17.37 49.74
CA ARG L 230 48.84 18.58 50.22
C ARG L 230 49.80 19.75 49.95
N PHE L 231 49.25 20.96 49.67
CA PHE L 231 50.14 22.07 49.41
C PHE L 231 49.84 23.35 50.16
N ASN L 232 50.81 24.27 50.12
CA ASN L 232 50.54 25.58 50.64
C ASN L 232 49.78 26.31 49.55
N ASP L 233 49.40 27.52 49.90
CA ASP L 233 48.62 28.33 49.01
C ASP L 233 49.29 28.55 47.66
N ASP L 234 50.59 28.42 47.60
CA ASP L 234 51.25 28.71 46.35
C ASP L 234 52.04 27.56 45.78
N PHE L 235 51.79 26.37 46.32
CA PHE L 235 52.48 25.21 45.80
C PHE L 235 53.97 25.29 45.93
N SER L 236 54.40 26.15 46.81
CA SER L 236 55.82 26.29 47.03
C SER L 236 56.31 25.16 47.93
N ARG L 237 55.33 24.49 48.50
CA ARG L 237 55.67 23.44 49.40
C ARG L 237 54.55 22.43 49.57
N ALA L 238 54.98 21.18 49.65
CA ALA L 238 54.04 20.08 49.77
C ALA L 238 54.31 19.05 50.84
N VAL L 239 53.26 18.32 51.08
CA VAL L 239 53.36 17.23 51.97
C VAL L 239 52.90 15.96 51.34
N LEU L 240 53.81 15.01 51.37
CA LEU L 240 53.41 13.74 50.89
C LEU L 240 53.01 12.90 52.09
N GLU L 241 51.83 12.36 52.02
CA GLU L 241 51.40 11.57 53.10
C GLU L 241 50.98 10.19 52.65
N ALA L 242 51.65 9.21 53.25
CA ALA L 242 51.40 7.82 52.90
C ALA L 242 50.91 6.97 54.03
N GLU L 243 49.90 6.21 53.68
CA GLU L 243 49.32 5.35 54.65
C GLU L 243 49.49 3.95 54.21
N VAL L 244 50.07 3.22 55.13
CA VAL L 244 50.37 1.85 54.85
C VAL L 244 49.75 0.88 55.80
N GLN L 245 49.26 -0.17 55.19
CA GLN L 245 48.70 -1.22 55.96
C GLN L 245 49.36 -2.52 55.67
N MET L 246 49.43 -3.31 56.74
CA MET L 246 50.05 -4.61 56.70
C MET L 246 49.10 -5.72 57.07
N CYS L 247 49.47 -6.88 56.58
CA CYS L 247 48.81 -8.13 56.85
C CYS L 247 49.83 -9.04 57.48
N GLY L 248 49.39 -9.96 58.31
CA GLY L 248 50.33 -10.89 58.90
C GLY L 248 50.52 -10.77 60.40
N GLU L 249 51.60 -11.38 60.94
CA GLU L 249 51.62 -11.05 62.36
C GLU L 249 52.69 -10.10 62.74
N LEU L 250 52.04 -9.24 63.49
CA LEU L 250 52.57 -8.06 64.02
C LEU L 250 53.61 -8.27 65.08
N ARG L 251 54.71 -7.55 64.92
CA ARG L 251 55.83 -7.61 65.82
C ARG L 251 56.51 -6.28 65.92
N ASP L 252 56.77 -5.89 67.12
CA ASP L 252 57.42 -4.63 67.44
C ASP L 252 58.74 -4.33 66.70
N TYR L 253 59.30 -5.27 65.98
CA TYR L 253 60.55 -4.89 65.34
C TYR L 253 60.35 -4.47 63.92
N LEU L 254 59.08 -4.47 63.57
CA LEU L 254 58.67 -4.07 62.25
C LEU L 254 58.74 -2.60 62.08
N ARG L 255 59.13 -2.31 60.85
CA ARG L 255 59.29 -0.95 60.44
C ARG L 255 58.85 -0.71 59.02
N VAL L 256 58.66 0.58 58.75
CA VAL L 256 58.27 0.97 57.44
C VAL L 256 59.00 2.15 56.98
N THR L 257 59.45 2.03 55.76
CA THR L 257 60.14 3.13 55.20
C THR L 257 59.61 3.56 53.89
N VAL L 258 59.54 4.87 53.79
CA VAL L 258 59.03 5.46 52.61
C VAL L 258 59.95 6.53 52.18
N SER L 259 60.34 6.35 50.93
CA SER L 259 61.30 7.20 50.32
C SER L 259 60.82 7.71 48.98
N LEU L 260 61.22 8.94 48.79
CA LEU L 260 60.87 9.63 47.62
C LEU L 260 62.07 9.94 46.82
N TRP L 261 61.91 9.59 45.57
CA TRP L 261 62.93 9.76 44.61
C TRP L 261 62.56 10.56 43.40
N GLN L 262 63.55 11.31 43.01
CA GLN L 262 63.52 12.12 41.84
C GLN L 262 64.62 11.60 40.94
N GLY L 263 64.25 10.54 40.28
CA GLY L 263 65.22 9.92 39.46
C GLY L 263 66.27 9.27 40.34
N GLU L 264 67.44 9.83 40.28
CA GLU L 264 68.55 9.28 41.01
C GLU L 264 68.61 9.82 42.39
N THR L 265 67.92 10.89 42.54
CA THR L 265 67.95 11.54 43.80
C THR L 265 66.91 11.16 44.80
N GLN L 266 67.41 10.97 45.99
CA GLN L 266 66.50 10.68 47.02
C GLN L 266 66.13 11.98 47.61
N VAL L 267 64.86 12.23 47.54
CA VAL L 267 64.30 13.48 47.92
C VAL L 267 63.84 13.56 49.34
N ALA L 268 63.33 12.43 49.80
CA ALA L 268 62.87 12.37 51.16
C ALA L 268 62.60 10.96 51.54
N SER L 269 62.75 10.77 52.85
CA SER L 269 62.53 9.49 53.42
C SER L 269 62.00 9.62 54.81
N GLY L 270 61.37 8.54 55.24
CA GLY L 270 60.79 8.46 56.54
C GLY L 270 60.60 7.03 56.96
N THR L 271 60.83 6.82 58.24
CA THR L 271 60.70 5.49 58.77
C THR L 271 59.91 5.44 60.04
N ALA L 272 59.17 4.34 60.19
CA ALA L 272 58.39 4.18 61.39
C ALA L 272 57.88 2.79 61.56
N PRO L 273 57.37 2.63 62.73
CA PRO L 273 56.80 1.40 63.22
C PRO L 273 55.31 1.52 63.15
N PHE L 274 54.67 0.37 63.03
CA PHE L 274 53.23 0.35 62.93
C PHE L 274 52.53 0.93 64.12
N GLY L 275 51.29 1.28 63.90
CA GLY L 275 50.48 1.84 64.94
C GLY L 275 50.18 3.28 64.65
N GLY L 276 48.85 3.51 64.52
CA GLY L 276 48.28 4.81 64.24
C GLY L 276 47.84 5.62 65.46
N GLU L 277 47.29 6.79 65.14
CA GLU L 277 46.79 7.73 66.11
C GLU L 277 45.43 7.28 66.49
N ILE L 278 45.01 7.75 67.65
CA ILE L 278 43.72 7.38 68.08
C ILE L 278 42.70 7.86 67.13
N ILE L 279 41.77 6.98 66.87
CA ILE L 279 40.76 7.37 65.96
C ILE L 279 39.44 7.43 66.69
N ASP L 280 39.29 6.58 67.67
CA ASP L 280 38.02 6.61 68.36
C ASP L 280 38.16 6.09 69.75
N GLU L 281 37.03 5.85 70.35
CA GLU L 281 37.04 5.38 71.73
C GLU L 281 37.83 4.11 71.97
N ARG L 282 37.93 3.26 70.94
CA ARG L 282 38.66 2.01 71.05
C ARG L 282 40.12 2.12 70.72
N GLY L 283 40.56 3.24 70.19
CA GLY L 283 41.98 3.40 69.87
C GLY L 283 42.19 3.67 68.41
N GLY L 284 43.33 3.15 67.90
CA GLY L 284 43.72 3.28 66.51
C GLY L 284 43.94 1.94 65.79
N TYR L 285 44.64 2.04 64.66
CA TYR L 285 45.01 0.91 63.83
C TYR L 285 46.42 0.52 64.20
N ALA L 286 46.49 -0.65 64.78
CA ALA L 286 47.79 -1.14 65.20
C ALA L 286 48.66 -1.53 64.02
N ASP L 287 47.96 -1.97 63.01
CA ASP L 287 48.52 -2.48 61.81
C ASP L 287 48.52 -1.50 60.68
N ARG L 288 48.61 -0.22 61.01
CA ARG L 288 48.73 0.72 59.94
C ARG L 288 49.67 1.74 60.43
N VAL L 289 50.14 2.49 59.50
CA VAL L 289 51.01 3.59 59.84
C VAL L 289 50.97 4.63 58.74
N THR L 290 51.05 5.88 59.13
CA THR L 290 51.01 6.94 58.15
C THR L 290 52.23 7.82 58.21
N LEU L 291 52.90 8.01 57.08
CA LEU L 291 54.05 8.89 57.13
C LEU L 291 53.79 10.13 56.35
N ARG L 292 54.46 11.17 56.79
CA ARG L 292 54.31 12.45 56.16
C ARG L 292 55.64 13.00 55.77
N LEU L 293 55.85 13.18 54.46
CA LEU L 293 57.09 13.72 53.96
C LEU L 293 56.92 15.10 53.45
N ASN L 294 57.85 15.95 53.82
CA ASN L 294 57.80 17.30 53.37
C ASN L 294 58.59 17.46 52.12
N VAL L 295 58.07 18.27 51.21
CA VAL L 295 58.77 18.52 49.98
C VAL L 295 58.77 19.97 49.58
N GLU L 296 59.97 20.50 49.45
CA GLU L 296 60.04 21.88 49.06
C GLU L 296 60.06 22.01 47.57
N ASN L 297 59.41 23.07 47.09
CA ASN L 297 59.37 23.32 45.67
C ASN L 297 59.22 22.07 44.85
N PRO L 298 58.15 21.35 45.10
CA PRO L 298 57.93 20.15 44.36
C PRO L 298 57.68 20.53 42.91
N LYS L 299 57.88 19.55 42.06
CA LYS L 299 57.63 19.67 40.65
C LYS L 299 56.28 19.07 40.37
N LEU L 300 55.45 19.91 39.78
CA LEU L 300 54.12 19.47 39.57
C LEU L 300 53.78 18.65 38.37
N TRP L 301 52.84 17.79 38.62
CA TRP L 301 52.41 16.99 37.55
C TRP L 301 51.24 17.64 36.83
N SER L 302 51.20 17.55 35.49
CA SER L 302 50.15 18.12 34.65
C SER L 302 50.14 17.36 33.38
N ALA L 303 49.07 17.51 32.63
CA ALA L 303 49.07 16.85 31.36
C ALA L 303 50.05 17.62 30.51
N GLU L 304 50.28 18.89 30.85
CA GLU L 304 51.26 19.70 30.13
C GLU L 304 52.68 19.19 30.44
N ILE L 305 52.94 18.80 31.68
CA ILE L 305 54.26 18.33 32.08
C ILE L 305 54.17 17.36 33.20
N PRO L 306 54.14 16.14 32.80
CA PRO L 306 53.97 15.04 33.69
C PRO L 306 55.15 14.79 34.58
N ASN L 307 55.45 15.73 35.44
CA ASN L 307 56.53 15.50 36.34
C ASN L 307 56.18 14.41 37.29
N LEU L 308 57.04 13.39 37.33
CA LEU L 308 56.84 12.27 38.26
C LEU L 308 57.92 12.05 39.30
N TYR L 309 57.51 11.38 40.37
CA TYR L 309 58.42 11.01 41.41
C TYR L 309 58.20 9.55 41.70
N ARG L 310 59.20 8.94 42.30
CA ARG L 310 59.04 7.55 42.62
C ARG L 310 59.04 7.33 44.10
N ALA L 311 58.06 6.53 44.47
CA ALA L 311 57.91 6.27 45.87
C ALA L 311 58.10 4.82 46.21
N VAL L 312 58.93 4.65 47.26
CA VAL L 312 59.21 3.34 47.78
C VAL L 312 58.82 3.05 49.20
N VAL L 313 58.11 1.95 49.22
CA VAL L 313 57.58 1.44 50.44
C VAL L 313 58.24 0.14 50.81
N GLU L 314 59.03 0.24 51.85
CA GLU L 314 59.72 -0.92 52.34
C GLU L 314 59.30 -1.28 53.74
N LEU L 315 58.93 -2.54 53.78
CA LEU L 315 58.53 -3.24 54.97
C LEU L 315 59.74 -4.01 55.45
N HIS L 316 60.26 -3.60 56.57
CA HIS L 316 61.43 -4.26 57.06
C HIS L 316 61.49 -4.36 58.57
N THR L 317 62.53 -5.00 59.05
CA THR L 317 62.71 -5.15 60.47
C THR L 317 63.62 -4.06 60.91
N ALA L 318 63.60 -3.87 62.21
CA ALA L 318 64.38 -2.83 62.80
C ALA L 318 65.86 -2.96 62.55
N ASP L 319 66.31 -4.21 62.39
CA ASP L 319 67.72 -4.46 62.16
C ASP L 319 68.14 -4.02 60.78
N GLY L 320 67.20 -4.00 59.87
CA GLY L 320 67.51 -3.56 58.54
C GLY L 320 67.11 -4.56 57.48
N THR L 321 66.81 -5.73 57.94
CA THR L 321 66.42 -6.76 57.03
C THR L 321 65.10 -6.45 56.33
N LEU L 322 65.14 -6.40 55.01
CA LEU L 322 63.94 -6.10 54.27
C LEU L 322 63.00 -7.27 54.08
N ILE L 323 61.73 -7.07 54.35
CA ILE L 323 60.76 -8.14 54.13
C ILE L 323 60.25 -8.13 52.69
N GLU L 324 59.94 -6.91 52.24
CA GLU L 324 59.47 -6.67 50.87
C GLU L 324 59.30 -5.21 50.62
N ALA L 325 59.05 -4.97 49.34
CA ALA L 325 58.86 -3.62 48.82
C ALA L 325 57.79 -3.50 47.74
N GLU L 326 57.20 -2.31 47.76
CA GLU L 326 56.24 -1.92 46.77
C GLU L 326 56.57 -0.50 46.45
N ALA L 327 56.13 -0.13 45.27
CA ALA L 327 56.39 1.22 44.83
C ALA L 327 55.34 1.74 43.88
N CYS L 328 55.49 3.04 43.60
CA CYS L 328 54.61 3.71 42.67
C CYS L 328 55.15 5.04 42.22
N ASP L 329 54.59 5.46 41.10
CA ASP L 329 54.96 6.77 40.60
C ASP L 329 54.10 7.79 41.27
N VAL L 330 54.64 8.94 41.54
CA VAL L 330 53.87 9.92 42.22
C VAL L 330 53.83 11.26 41.52
N GLY L 331 52.63 11.85 41.50
CA GLY L 331 52.46 13.15 40.90
C GLY L 331 51.92 14.18 41.88
N PHE L 332 52.62 15.27 41.93
CA PHE L 332 52.16 16.34 42.78
C PHE L 332 51.22 17.23 42.03
N ARG L 333 49.95 17.15 42.43
CA ARG L 333 48.92 17.94 41.82
C ARG L 333 47.69 17.96 42.68
N GLU L 334 47.01 19.08 42.58
CA GLU L 334 45.78 19.33 43.32
C GLU L 334 44.61 19.58 42.40
N VAL L 335 43.57 18.82 42.61
CA VAL L 335 42.41 18.99 41.78
C VAL L 335 41.33 19.50 42.64
N ARG L 336 40.73 20.62 42.29
CA ARG L 336 39.66 21.08 43.10
C ARG L 336 38.67 21.96 42.38
N ILE L 337 37.49 21.92 42.95
CA ILE L 337 36.46 22.76 42.42
C ILE L 337 36.23 23.91 43.34
N GLU L 338 36.44 25.07 42.78
CA GLU L 338 36.24 26.17 43.61
C GLU L 338 35.47 27.27 42.96
N ASN L 339 34.42 27.67 43.64
CA ASN L 339 33.66 28.75 43.10
C ASN L 339 33.18 28.51 41.67
N GLY L 340 32.61 27.34 41.43
CA GLY L 340 32.09 27.01 40.13
C GLY L 340 33.16 26.53 39.19
N LEU L 341 34.41 26.55 39.62
CA LEU L 341 35.39 26.09 38.67
C LEU L 341 36.26 24.97 39.07
N LEU L 342 36.58 24.21 38.06
CA LEU L 342 37.45 23.09 38.24
C LEU L 342 38.89 23.51 38.02
N LEU L 343 39.65 23.33 39.09
CA LEU L 343 41.03 23.72 39.03
C LEU L 343 41.98 22.63 39.20
N LEU L 344 43.07 22.90 38.58
CA LEU L 344 44.15 22.03 38.68
C LEU L 344 45.37 22.82 39.02
N ASN L 345 45.95 22.47 40.15
CA ASN L 345 47.09 23.20 40.62
C ASN L 345 46.82 24.67 40.56
N GLY L 346 45.61 24.97 40.95
CA GLY L 346 45.21 26.35 41.02
C GLY L 346 44.67 26.96 39.77
N LYS L 347 44.83 26.29 38.66
CA LYS L 347 44.30 26.88 37.47
C LYS L 347 43.15 26.06 36.94
N PRO L 348 42.31 26.80 36.32
CA PRO L 348 41.08 26.36 35.72
C PRO L 348 41.36 25.64 34.44
N LEU L 349 40.88 24.42 34.36
CA LEU L 349 41.15 23.65 33.20
C LEU L 349 40.21 23.87 32.07
N LEU L 350 40.69 23.38 30.95
CA LEU L 350 39.96 23.36 29.72
C LEU L 350 40.22 22.01 29.07
N ILE L 351 39.25 21.17 29.22
CA ILE L 351 39.33 19.80 28.79
C ILE L 351 39.11 19.60 27.36
N ARG L 352 40.18 19.13 26.71
CA ARG L 352 40.14 18.75 25.32
C ARG L 352 40.09 17.22 25.34
N GLY L 353 38.91 16.71 25.64
CA GLY L 353 38.73 15.30 25.84
C GLY L 353 38.06 14.46 24.80
N VAL L 354 38.27 13.18 25.04
CA VAL L 354 37.68 12.19 24.18
C VAL L 354 37.40 10.96 24.97
N ASN L 355 36.32 10.31 24.60
CA ASN L 355 35.95 9.05 25.23
C ASN L 355 36.63 7.97 24.42
N ARG L 356 37.08 6.93 25.10
CA ARG L 356 37.75 5.83 24.43
C ARG L 356 37.47 4.44 24.98
N HIS L 357 37.11 3.55 24.09
CA HIS L 357 36.92 2.16 24.49
C HIS L 357 38.20 1.32 24.27
N GLU L 358 38.24 0.19 24.96
CA GLU L 358 39.35 -0.76 24.81
C GLU L 358 38.91 -1.72 23.68
N HIS L 359 39.37 -1.40 22.45
CA HIS L 359 39.00 -2.09 21.21
C HIS L 359 40.06 -2.18 20.13
N HIS L 360 40.16 -3.42 19.66
CA HIS L 360 41.08 -3.88 18.67
C HIS L 360 40.36 -4.67 17.59
N PRO L 361 40.52 -4.19 16.38
CA PRO L 361 39.90 -4.72 15.15
C PRO L 361 40.13 -6.21 15.01
N LEU L 362 41.32 -6.62 15.45
CA LEU L 362 41.79 -7.99 15.45
C LEU L 362 41.63 -8.75 16.74
N HIS L 363 42.09 -8.17 17.84
CA HIS L 363 41.99 -8.84 19.11
C HIS L 363 40.70 -8.68 19.86
N GLY L 364 39.73 -7.91 19.32
CA GLY L 364 38.48 -7.70 20.03
C GLY L 364 38.75 -6.79 21.25
N GLN L 365 38.38 -7.24 22.45
CA GLN L 365 38.60 -6.43 23.62
C GLN L 365 39.93 -6.60 24.31
N VAL L 366 40.87 -7.21 23.64
CA VAL L 366 42.15 -7.40 24.27
C VAL L 366 43.17 -6.29 23.97
N MET L 367 43.68 -5.72 25.05
CA MET L 367 44.63 -4.61 24.92
C MET L 367 46.10 -4.95 25.05
N ASP L 368 46.95 -4.06 24.55
CA ASP L 368 48.39 -4.20 24.62
C ASP L 368 49.12 -2.88 24.54
N GLU L 369 50.27 -2.94 25.15
CA GLU L 369 51.11 -1.78 25.24
C GLU L 369 51.20 -1.01 23.96
N GLN L 370 51.56 -1.73 22.98
CA GLN L 370 51.77 -1.14 21.73
C GLN L 370 50.64 -0.23 21.22
N THR L 371 49.45 -0.78 21.28
CA THR L 371 48.28 -0.06 20.88
C THR L 371 48.02 1.17 21.75
N MET L 372 47.99 0.87 23.04
CA MET L 372 47.78 1.89 24.00
C MET L 372 48.62 3.11 23.67
N VAL L 373 49.88 2.86 23.52
CA VAL L 373 50.76 3.95 23.21
C VAL L 373 50.41 4.68 21.94
N GLN L 374 50.03 3.87 20.99
CA GLN L 374 49.67 4.48 19.76
C GLN L 374 48.58 5.52 19.95
N ASP L 375 47.53 5.07 20.63
CA ASP L 375 46.44 5.94 20.90
C ASP L 375 46.88 7.23 21.57
N ILE L 376 47.65 7.00 22.60
CA ILE L 376 48.10 8.13 23.30
C ILE L 376 48.83 9.12 22.43
N LEU L 377 49.73 8.59 21.66
CA LEU L 377 50.52 9.47 20.83
C LEU L 377 49.67 10.31 19.94
N LEU L 378 48.76 9.63 19.30
CA LEU L 378 47.84 10.30 18.45
C LEU L 378 47.07 11.39 19.14
N MET L 379 46.47 11.01 20.25
CA MET L 379 45.71 11.97 20.98
C MET L 379 46.50 13.21 21.25
N LYS L 380 47.64 12.95 21.86
CA LYS L 380 48.51 14.03 22.20
C LYS L 380 48.84 14.85 20.99
N GLN L 381 49.07 14.17 19.91
CA GLN L 381 49.41 14.90 18.71
C GLN L 381 48.27 15.69 18.14
N ASN L 382 47.05 15.32 18.49
CA ASN L 382 45.91 16.05 18.01
C ASN L 382 45.31 17.03 18.99
N ASN L 383 46.07 17.36 19.99
CA ASN L 383 45.64 18.36 20.92
C ASN L 383 44.65 17.92 21.92
N PHE L 384 44.59 16.63 22.14
CA PHE L 384 43.73 16.17 23.21
C PHE L 384 44.47 16.18 24.57
N ASN L 385 43.77 16.36 25.70
CA ASN L 385 44.52 16.35 26.94
C ASN L 385 43.89 15.47 27.98
N ALA L 386 42.77 14.88 27.58
CA ALA L 386 42.09 14.08 28.55
C ALA L 386 41.29 13.01 27.89
N VAL L 387 41.07 11.98 28.67
CA VAL L 387 40.28 10.89 28.20
C VAL L 387 39.42 10.29 29.29
N ARG L 388 38.28 9.83 28.84
CA ARG L 388 37.32 9.19 29.69
C ARG L 388 37.26 7.72 29.37
N CYS L 389 37.40 6.89 30.39
CA CYS L 389 37.32 5.43 30.26
C CYS L 389 35.91 4.92 30.06
N SER L 390 35.33 5.24 28.91
CA SER L 390 33.97 4.77 28.68
C SER L 390 34.00 3.26 28.47
N HIS L 391 33.40 2.49 29.35
CA HIS L 391 32.68 2.89 30.54
C HIS L 391 32.97 1.81 31.59
N TYR L 392 34.22 1.71 31.97
CA TYR L 392 34.67 0.70 32.91
C TYR L 392 36.13 0.93 33.07
N PRO L 393 36.62 0.36 34.12
CA PRO L 393 38.01 0.51 34.43
C PRO L 393 38.80 -0.14 33.34
N ASN L 394 39.89 0.47 33.08
CA ASN L 394 40.67 -0.05 32.01
C ASN L 394 41.78 -0.94 32.47
N HIS L 395 42.38 -1.55 31.50
CA HIS L 395 43.57 -2.26 31.74
C HIS L 395 44.57 -1.29 32.39
N PRO L 396 45.11 -1.79 33.42
CA PRO L 396 46.01 -1.17 34.35
C PRO L 396 47.16 -0.41 33.78
N LEU L 397 47.69 -0.95 32.74
CA LEU L 397 48.83 -0.28 32.22
C LEU L 397 48.53 1.13 31.72
N TRP L 398 47.31 1.21 31.24
CA TRP L 398 46.81 2.42 30.70
C TRP L 398 47.13 3.62 31.57
N TYR L 399 46.75 3.44 32.85
CA TYR L 399 46.92 4.49 33.82
C TYR L 399 48.36 4.91 33.96
N THR L 400 49.19 3.94 33.88
CA THR L 400 50.57 4.27 34.03
C THR L 400 51.05 5.11 32.88
N LEU L 401 50.64 4.67 31.72
CA LEU L 401 51.01 5.37 30.53
C LEU L 401 50.56 6.78 30.60
N CYS L 402 49.30 6.92 31.00
CA CYS L 402 48.78 8.27 31.08
C CYS L 402 49.56 9.07 32.08
N ASP L 403 49.94 8.37 33.14
CA ASP L 403 50.66 9.05 34.17
C ASP L 403 51.94 9.59 33.62
N ARG L 404 52.55 8.75 32.79
CA ARG L 404 53.84 9.07 32.24
C ARG L 404 53.84 10.01 31.08
N TYR L 405 52.89 9.81 30.19
CA TYR L 405 52.79 10.65 29.01
C TYR L 405 52.13 11.99 29.25
N GLY L 406 51.21 12.02 30.20
CA GLY L 406 50.52 13.23 30.55
C GLY L 406 49.14 13.37 29.94
N LEU L 407 48.12 12.73 30.53
CA LEU L 407 46.76 12.90 30.04
C LEU L 407 45.81 12.89 31.21
N TYR L 408 44.85 13.80 31.27
CA TYR L 408 43.93 13.71 32.38
C TYR L 408 42.98 12.57 32.14
N VAL L 409 42.68 11.85 33.21
CA VAL L 409 41.76 10.73 33.07
C VAL L 409 40.59 10.72 34.04
N VAL L 410 39.50 10.26 33.46
CA VAL L 410 38.28 10.04 34.20
C VAL L 410 38.09 8.53 34.33
N ASP L 411 38.21 8.02 35.54
CA ASP L 411 38.03 6.62 35.81
C ASP L 411 36.56 6.31 36.04
N GLU L 412 36.06 5.31 35.36
CA GLU L 412 34.65 5.06 35.46
C GLU L 412 34.26 3.68 35.87
N ALA L 413 33.31 3.63 36.78
CA ALA L 413 32.87 2.34 37.22
C ALA L 413 32.14 1.57 36.15
N ASN L 414 32.32 0.26 36.19
CA ASN L 414 31.70 -0.62 35.26
C ASN L 414 30.20 -0.82 35.50
N ILE L 415 29.37 0.19 35.24
CA ILE L 415 27.94 -0.03 35.42
C ILE L 415 27.11 0.69 34.39
N GLU L 416 26.35 -0.05 33.57
CA GLU L 416 25.45 0.52 32.57
C GLU L 416 24.24 -0.38 32.56
N THR L 417 23.05 0.18 32.75
CA THR L 417 21.82 -0.59 32.76
C THR L 417 20.88 0.05 31.80
N HIS L 418 21.52 0.56 30.81
CA HIS L 418 20.84 1.28 29.80
C HIS L 418 19.50 0.66 29.31
N GLY L 419 19.44 -0.68 29.16
CA GLY L 419 18.26 -1.34 28.62
C GLY L 419 17.11 -1.46 29.60
N MET L 420 17.36 -1.17 30.86
CA MET L 420 16.29 -1.30 31.81
C MET L 420 15.16 -0.35 31.55
N VAL L 421 14.06 -0.54 32.23
CA VAL L 421 12.96 0.38 32.04
C VAL L 421 12.06 0.57 33.26
N PRO L 422 12.01 1.78 33.78
CA PRO L 422 12.82 2.87 33.31
C PRO L 422 14.29 2.58 33.61
N MET L 423 15.12 3.37 33.01
CA MET L 423 16.53 3.19 33.14
C MET L 423 17.03 2.92 34.56
N ASN L 424 16.37 3.44 35.57
CA ASN L 424 16.94 3.22 36.90
C ASN L 424 16.31 2.11 37.75
N ARG L 425 15.61 1.22 37.05
CA ARG L 425 14.96 0.09 37.66
C ARG L 425 15.83 -0.59 38.71
N LEU L 426 17.09 -0.86 38.35
CA LEU L 426 17.98 -1.48 39.32
C LEU L 426 18.67 -0.54 40.26
N THR L 427 19.15 0.60 39.73
CA THR L 427 19.90 1.60 40.50
C THR L 427 19.18 2.18 41.67
N ASP L 428 17.88 2.06 41.54
CA ASP L 428 17.10 2.52 42.64
C ASP L 428 16.70 1.37 43.57
N ASP L 429 17.34 0.22 43.42
CA ASP L 429 17.00 -0.91 44.23
C ASP L 429 18.14 -1.43 45.06
N PRO L 430 17.82 -1.37 46.32
CA PRO L 430 18.67 -1.73 47.42
C PRO L 430 19.27 -3.07 47.16
N ARG L 431 18.41 -3.97 46.68
CA ARG L 431 18.90 -5.30 46.40
C ARG L 431 20.09 -5.30 45.50
N TRP L 432 20.24 -4.25 44.71
CA TRP L 432 21.37 -4.22 43.81
C TRP L 432 22.52 -3.39 44.28
N LEU L 433 22.26 -2.79 45.39
CA LEU L 433 23.24 -1.94 45.94
C LEU L 433 24.63 -2.55 46.21
N PRO L 434 24.60 -3.71 46.72
CA PRO L 434 25.87 -4.35 47.05
C PRO L 434 26.69 -4.64 45.82
N ALA L 435 25.98 -5.17 44.86
CA ALA L 435 26.63 -5.41 43.58
C ALA L 435 27.24 -4.11 43.05
N MET L 436 26.38 -3.09 42.98
CA MET L 436 26.89 -1.84 42.50
C MET L 436 28.07 -1.37 43.31
N SER L 437 27.88 -1.53 44.60
CA SER L 437 28.88 -1.04 45.49
C SER L 437 30.29 -1.51 45.14
N GLU L 438 30.35 -2.81 44.88
CA GLU L 438 31.60 -3.50 44.62
C GLU L 438 32.29 -2.95 43.44
N ARG L 439 31.43 -2.65 42.50
CA ARG L 439 31.89 -2.05 41.31
C ARG L 439 32.58 -0.69 41.55
N VAL L 440 32.11 0.06 42.54
CA VAL L 440 32.81 1.31 42.70
C VAL L 440 34.04 1.23 43.60
N THR L 441 33.76 0.62 44.74
CA THR L 441 34.74 0.52 45.77
C THR L 441 36.05 -0.03 45.29
N ARG L 442 35.90 -1.10 44.55
CA ARG L 442 37.04 -1.80 44.05
C ARG L 442 37.89 -0.98 43.12
N MET L 443 37.18 -0.23 42.27
CA MET L 443 37.91 0.62 41.35
C MET L 443 38.80 1.60 42.09
N VAL L 444 38.14 2.21 43.04
CA VAL L 444 38.80 3.21 43.78
C VAL L 444 40.03 2.67 44.46
N GLN L 445 39.79 1.50 45.03
CA GLN L 445 40.83 0.83 45.75
C GLN L 445 42.03 0.52 44.90
N ARG L 446 41.71 0.22 43.66
CA ARG L 446 42.76 -0.09 42.80
C ARG L 446 43.51 1.09 42.23
N ASP L 447 42.77 2.14 41.85
CA ASP L 447 43.40 3.19 41.09
C ASP L 447 43.77 4.48 41.71
N ARG L 448 43.38 4.58 42.92
CA ARG L 448 43.55 5.84 43.57
C ARG L 448 44.94 6.43 43.66
N ASN L 449 45.96 5.65 43.41
CA ASN L 449 47.23 6.31 43.52
C ASN L 449 47.73 6.98 42.27
N HIS L 450 47.02 6.80 41.15
CA HIS L 450 47.50 7.44 39.94
C HIS L 450 47.12 8.90 39.77
N PRO L 451 48.13 9.72 39.61
CA PRO L 451 47.92 11.15 39.43
C PRO L 451 47.08 11.49 38.22
N SER L 452 47.11 10.70 37.17
CA SER L 452 46.31 11.04 36.00
C SER L 452 44.82 10.92 36.26
N VAL L 453 44.47 10.13 37.24
CA VAL L 453 43.06 10.05 37.43
C VAL L 453 42.68 11.30 38.16
N ILE L 454 41.77 12.07 37.58
CA ILE L 454 41.39 13.28 38.29
C ILE L 454 39.93 13.38 38.61
N ILE L 455 39.15 12.47 38.06
CA ILE L 455 37.75 12.46 38.36
C ILE L 455 37.27 11.05 38.38
N TRP L 456 36.37 10.80 39.29
CA TRP L 456 35.76 9.52 39.39
C TRP L 456 34.38 9.62 38.80
N SER L 457 33.99 8.57 38.12
CA SER L 457 32.68 8.49 37.52
C SER L 457 31.96 7.23 37.99
N LEU L 458 30.70 7.41 38.35
CA LEU L 458 29.90 6.32 38.85
C LEU L 458 29.40 5.38 37.78
N GLY L 459 29.72 5.61 36.53
CA GLY L 459 29.13 4.68 35.59
C GLY L 459 28.52 5.41 34.44
N ASN L 460 27.53 4.78 33.79
CA ASN L 460 26.91 5.38 32.64
C ASN L 460 25.53 4.85 32.31
N GLU L 461 24.72 5.75 31.79
CA GLU L 461 23.36 5.45 31.40
C GLU L 461 22.68 4.40 32.21
N SER L 462 22.44 4.71 33.48
CA SER L 462 21.77 3.81 34.40
C SER L 462 20.73 4.57 35.19
N GLY L 463 20.24 5.64 34.58
CA GLY L 463 19.28 6.51 35.23
C GLY L 463 19.91 7.12 36.47
N HIS L 464 19.04 7.45 37.41
CA HIS L 464 19.52 7.96 38.65
C HIS L 464 18.76 7.31 39.77
N GLY L 465 19.48 6.61 40.66
CA GLY L 465 18.84 5.96 41.77
C GLY L 465 19.60 6.19 43.04
N ALA L 466 18.91 5.87 44.10
CA ALA L 466 19.51 6.07 45.40
C ALA L 466 20.85 5.39 45.55
N ASN L 467 21.02 4.29 44.85
CA ASN L 467 22.27 3.61 44.99
C ASN L 467 23.39 4.53 44.59
N HIS L 468 23.05 5.39 43.66
CA HIS L 468 24.00 6.36 43.19
C HIS L 468 24.42 7.36 44.25
N ASP L 469 23.42 7.90 44.89
CA ASP L 469 23.70 8.88 45.90
C ASP L 469 24.58 8.30 46.97
N ALA L 470 24.19 7.11 47.35
CA ALA L 470 24.97 6.46 48.37
C ALA L 470 26.43 6.28 47.97
N LEU L 471 26.62 5.92 46.72
CA LEU L 471 27.97 5.68 46.27
C LEU L 471 28.81 6.89 46.08
N TYR L 472 28.11 7.90 45.60
CA TYR L 472 28.72 9.17 45.44
C TYR L 472 29.33 9.60 46.79
N ARG L 473 28.47 9.52 47.77
CA ARG L 473 28.89 9.88 49.08
C ARG L 473 30.09 9.12 49.59
N TRP L 474 30.02 7.83 49.38
CA TRP L 474 31.07 6.97 49.82
C TRP L 474 32.42 7.45 49.30
N ILE L 475 32.44 7.70 48.04
CA ILE L 475 33.69 8.13 47.51
C ILE L 475 34.14 9.41 48.12
N LYS L 476 33.20 10.32 48.22
CA LYS L 476 33.53 11.61 48.75
C LYS L 476 34.23 11.44 50.04
N SER L 477 33.78 10.46 50.76
CA SER L 477 34.38 10.29 52.06
C SER L 477 35.70 9.66 52.02
N VAL L 478 35.82 8.72 51.15
CA VAL L 478 37.05 8.03 51.09
C VAL L 478 38.13 8.78 50.33
N ASP L 479 37.74 9.46 49.27
CA ASP L 479 38.67 10.19 48.44
C ASP L 479 38.09 11.50 48.01
N PRO L 480 38.49 12.39 48.81
CA PRO L 480 38.10 13.75 48.73
C PRO L 480 38.97 14.51 47.77
N SER L 481 40.03 13.89 47.32
CA SER L 481 40.99 14.49 46.42
C SER L 481 40.46 14.69 44.99
N ARG L 482 39.39 13.99 44.69
CA ARG L 482 38.82 14.10 43.37
C ARG L 482 37.34 14.20 43.43
N PRO L 483 36.88 14.92 42.46
CA PRO L 483 35.48 15.17 42.25
C PRO L 483 34.89 13.96 41.60
N VAL L 484 33.58 13.87 41.78
CA VAL L 484 32.81 12.79 41.25
C VAL L 484 31.77 13.27 40.27
N GLN L 485 31.62 12.54 39.17
CA GLN L 485 30.59 12.92 38.25
C GLN L 485 29.76 11.75 37.78
N TYR L 486 28.56 12.08 37.31
CA TYR L 486 27.62 11.08 36.83
C TYR L 486 26.51 11.76 36.07
N GLU L 487 26.28 11.33 34.84
CA GLU L 487 25.30 11.99 33.98
C GLU L 487 23.85 11.53 34.14
N GLY L 488 23.69 10.28 34.51
CA GLY L 488 22.38 9.71 34.57
C GLY L 488 21.36 10.56 35.27
N GLY L 489 20.16 10.43 34.79
CA GLY L 489 19.04 11.10 35.35
C GLY L 489 18.99 12.61 35.20
N GLY L 490 19.55 13.14 34.13
CA GLY L 490 19.47 14.58 33.96
C GLY L 490 20.78 15.36 33.98
N ALA L 491 21.91 14.70 34.27
CA ALA L 491 23.25 15.32 34.25
C ALA L 491 23.49 16.38 35.30
N ASP L 492 22.52 16.60 36.17
CA ASP L 492 22.71 17.62 37.20
C ASP L 492 22.21 17.21 38.56
N THR L 493 22.13 15.90 38.79
CA THR L 493 21.62 15.42 40.05
C THR L 493 22.56 15.67 41.19
N THR L 494 22.03 15.24 42.32
CA THR L 494 22.72 15.30 43.60
C THR L 494 23.96 14.41 43.60
N ALA L 495 23.98 13.51 42.64
CA ALA L 495 25.07 12.59 42.56
C ALA L 495 26.18 13.10 41.66
N THR L 496 26.21 14.35 41.28
CA THR L 496 27.33 14.71 40.45
C THR L 496 27.89 16.02 40.86
N ASP L 497 29.18 16.13 40.78
CA ASP L 497 29.79 17.38 41.16
C ASP L 497 29.92 18.31 39.99
N ILE L 498 29.66 17.79 38.82
CA ILE L 498 29.78 18.56 37.61
C ILE L 498 28.62 18.32 36.73
N ILE L 499 28.17 19.35 36.04
CA ILE L 499 27.10 19.17 35.11
C ILE L 499 27.76 18.57 33.90
N CYS L 500 27.38 17.33 33.61
CA CYS L 500 28.03 16.58 32.55
C CYS L 500 27.08 15.92 31.60
N PRO L 501 26.38 16.72 30.89
CA PRO L 501 25.45 16.17 29.95
C PRO L 501 26.15 15.55 28.76
N MET L 502 25.32 14.86 27.99
CA MET L 502 25.75 14.25 26.77
C MET L 502 24.92 14.84 25.62
N TYR L 503 25.60 15.40 24.65
CA TYR L 503 24.92 15.93 23.48
C TYR L 503 24.04 17.17 23.61
N ALA L 504 24.26 17.96 24.66
CA ALA L 504 23.53 19.21 24.76
C ALA L 504 24.06 20.20 23.72
N ARG L 505 23.15 20.97 23.13
CA ARG L 505 23.57 21.89 22.11
C ARG L 505 24.11 23.18 22.66
N VAL L 506 24.86 23.86 21.81
CA VAL L 506 25.43 25.10 22.23
C VAL L 506 24.35 26.11 22.53
N ASP L 507 23.48 26.31 21.54
CA ASP L 507 22.45 27.27 21.81
C ASP L 507 21.05 26.73 21.82
N GLU L 508 20.83 25.49 21.44
CA GLU L 508 19.46 25.07 21.44
C GLU L 508 19.09 24.15 22.56
N ASP L 509 17.89 24.34 23.06
CA ASP L 509 17.40 23.50 24.11
C ASP L 509 16.67 22.32 23.52
N GLN L 510 16.78 21.19 24.20
CA GLN L 510 16.12 19.94 23.88
C GLN L 510 15.48 19.52 25.19
N PRO L 511 14.29 19.96 25.28
CA PRO L 511 13.46 19.87 26.42
C PRO L 511 12.67 18.60 26.59
N PHE L 512 13.37 17.52 26.69
CA PHE L 512 12.66 16.35 26.98
C PHE L 512 12.19 16.42 28.42
N PRO L 513 11.07 15.78 28.55
CA PRO L 513 10.38 15.61 29.78
C PRO L 513 11.28 14.85 30.71
N ALA L 514 11.26 15.33 31.95
CA ALA L 514 12.04 14.74 33.00
C ALA L 514 13.53 14.94 32.86
N VAL L 515 14.05 14.92 31.64
CA VAL L 515 15.47 15.00 31.49
C VAL L 515 15.79 15.76 30.24
N PRO L 516 15.41 17.01 30.31
CA PRO L 516 15.64 17.94 29.22
C PRO L 516 17.12 18.20 29.16
N LYS L 517 17.55 18.63 27.99
CA LYS L 517 18.92 19.03 27.72
C LYS L 517 18.90 20.49 27.27
N TRP L 518 19.23 21.36 28.17
CA TRP L 518 19.25 22.76 27.86
C TRP L 518 20.45 23.16 27.04
N SER L 519 20.35 24.27 26.32
CA SER L 519 21.53 24.76 25.66
C SER L 519 22.55 24.87 26.80
N ILE L 520 23.77 24.54 26.48
CA ILE L 520 24.69 24.59 27.58
C ILE L 520 24.90 25.99 28.10
N LYS L 521 24.76 27.04 27.27
CA LYS L 521 24.95 28.34 27.89
C LYS L 521 23.84 28.64 28.90
N LYS L 522 22.65 28.16 28.57
CA LYS L 522 21.56 28.39 29.44
C LYS L 522 21.63 27.56 30.70
N TRP L 523 22.09 26.34 30.53
CA TRP L 523 22.15 25.48 31.64
C TRP L 523 22.86 26.08 32.80
N LEU L 524 23.96 26.71 32.53
CA LEU L 524 24.71 27.26 33.67
C LEU L 524 24.00 28.25 34.59
N SER L 525 23.10 29.03 33.99
CA SER L 525 22.40 30.17 34.58
C SER L 525 21.14 29.83 35.31
N LEU L 526 20.72 28.59 35.19
CA LEU L 526 19.54 28.22 35.89
C LEU L 526 19.69 28.56 37.36
N PRO L 527 18.58 29.01 37.88
CA PRO L 527 18.51 29.47 39.24
C PRO L 527 19.02 28.48 40.19
N GLY L 528 20.02 28.94 40.90
CA GLY L 528 20.67 28.11 41.89
C GLY L 528 21.81 27.27 41.33
N GLU L 529 21.95 27.19 40.00
CA GLU L 529 23.02 26.36 39.51
C GLU L 529 24.40 26.97 39.71
N THR L 530 25.38 26.25 40.21
CA THR L 530 26.68 26.89 40.39
C THR L 530 27.87 26.10 39.84
N ARG L 531 27.60 24.86 39.48
CA ARG L 531 28.61 23.96 39.04
C ARG L 531 29.20 24.28 37.71
N PRO L 532 30.33 23.66 37.48
CA PRO L 532 30.97 23.77 36.22
C PRO L 532 30.28 22.76 35.32
N LEU L 533 30.44 22.95 34.03
CA LEU L 533 29.84 22.05 33.09
C LEU L 533 30.87 21.55 32.10
N ILE L 534 30.89 20.24 31.98
CA ILE L 534 31.76 19.56 31.06
C ILE L 534 31.00 18.44 30.41
N LEU L 535 30.93 18.46 29.09
CA LEU L 535 30.13 17.40 28.52
C LEU L 535 30.81 16.07 28.57
N CYS L 536 30.06 15.09 29.01
CA CYS L 536 30.61 13.75 29.09
C CYS L 536 30.63 13.15 27.69
N GLU L 537 29.74 13.63 26.85
CA GLU L 537 29.75 13.21 25.47
C GLU L 537 29.27 14.36 24.62
N TYR L 538 30.00 14.62 23.54
CA TYR L 538 29.59 15.61 22.59
C TYR L 538 30.24 15.37 21.25
N ALA L 539 29.61 16.01 20.26
CA ALA L 539 30.04 15.96 18.87
C ALA L 539 30.19 14.53 18.36
N HIS L 540 29.07 13.82 18.24
CA HIS L 540 29.06 12.45 17.78
C HIS L 540 29.85 12.27 16.47
N ALA L 541 31.00 11.59 16.56
CA ALA L 541 31.87 11.47 15.38
C ALA L 541 31.54 10.36 14.39
N MET L 542 30.27 10.05 14.24
CA MET L 542 29.89 9.00 13.36
C MET L 542 29.89 9.30 11.87
N GLY L 543 30.83 8.66 11.19
CA GLY L 543 30.95 8.83 9.76
C GLY L 543 31.40 10.22 9.39
N ASN L 544 30.76 10.76 8.34
CA ASN L 544 31.09 12.10 7.93
C ASN L 544 30.43 13.06 8.92
N SER L 545 31.16 13.45 9.94
CA SER L 545 30.59 14.23 10.99
C SER L 545 31.53 15.28 11.53
N LEU L 546 31.19 15.72 12.74
CA LEU L 546 31.88 16.77 13.44
C LEU L 546 31.49 18.17 12.94
N GLY L 547 30.38 18.25 12.23
CA GLY L 547 29.93 19.54 11.80
C GLY L 547 29.45 20.32 13.03
N GLY L 548 30.00 21.54 13.18
CA GLY L 548 29.58 22.40 14.29
C GLY L 548 30.54 22.41 15.45
N PHE L 549 31.59 21.64 15.29
CA PHE L 549 32.58 21.53 16.32
C PHE L 549 33.04 22.89 16.86
N ALA L 550 33.33 23.77 15.94
CA ALA L 550 33.79 25.08 16.32
C ALA L 550 32.88 25.90 17.21
N LYS L 551 31.55 25.73 17.02
CA LYS L 551 30.60 26.43 17.87
C LYS L 551 30.91 26.14 19.36
N TYR L 552 31.13 24.86 19.62
CA TYR L 552 31.46 24.44 20.97
C TYR L 552 32.71 25.13 21.46
N TRP L 553 33.75 25.03 20.65
CA TRP L 553 35.00 25.60 21.07
C TRP L 553 34.92 27.03 21.43
N GLN L 554 34.18 27.69 20.62
CA GLN L 554 34.03 29.09 20.88
C GLN L 554 33.33 29.37 22.17
N ALA L 555 32.29 28.61 22.39
CA ALA L 555 31.59 28.85 23.62
C ALA L 555 32.44 28.51 24.80
N PHE L 556 33.12 27.36 24.66
CA PHE L 556 33.94 26.96 25.77
C PHE L 556 34.87 28.08 26.09
N ARG L 557 35.42 28.66 25.04
CA ARG L 557 36.35 29.73 25.25
C ARG L 557 35.75 30.98 25.85
N GLN L 558 34.49 31.23 25.59
CA GLN L 558 33.94 32.44 26.14
C GLN L 558 33.30 32.31 27.51
N TYR L 559 32.89 31.11 27.91
CA TYR L 559 32.28 30.96 29.18
C TYR L 559 33.15 30.16 30.11
N PRO L 560 33.53 30.85 31.11
CA PRO L 560 34.38 30.37 32.17
C PRO L 560 33.98 29.01 32.70
N ARG L 561 32.71 28.90 33.08
CA ARG L 561 32.16 27.70 33.64
C ARG L 561 31.96 26.59 32.59
N LEU L 562 32.15 26.90 31.32
CA LEU L 562 32.07 25.85 30.33
C LEU L 562 33.49 25.34 30.22
N GLN L 563 33.81 24.19 30.81
CA GLN L 563 35.17 23.73 30.79
C GLN L 563 35.58 22.65 29.82
N GLY L 564 34.81 22.48 28.75
CA GLY L 564 35.16 21.51 27.71
C GLY L 564 34.24 20.29 27.70
N GLY L 565 34.78 19.19 27.18
CA GLY L 565 34.02 17.94 27.08
C GLY L 565 34.86 16.86 26.44
N PHE L 566 34.21 15.72 26.28
CA PHE L 566 34.79 14.54 25.72
C PHE L 566 34.03 14.15 24.49
N VAL L 567 34.78 14.11 23.43
CA VAL L 567 34.16 13.75 22.21
C VAL L 567 33.82 12.27 22.19
N TRP L 568 32.74 11.98 21.53
CA TRP L 568 32.33 10.62 21.39
C TRP L 568 32.40 10.22 19.91
N ASP L 569 33.37 9.37 19.55
CA ASP L 569 34.39 8.83 20.43
C ASP L 569 35.69 8.59 19.65
N TRP L 570 36.70 8.01 20.29
CA TRP L 570 38.00 7.80 19.62
C TRP L 570 38.10 6.97 18.34
N VAL L 571 37.84 5.65 18.45
CA VAL L 571 37.95 4.71 17.30
C VAL L 571 36.69 3.96 17.00
N ASP L 572 36.52 3.67 15.71
CA ASP L 572 35.37 2.88 15.30
C ASP L 572 35.49 1.48 15.88
N GLN L 573 34.36 0.94 16.26
CA GLN L 573 34.35 -0.39 16.82
C GLN L 573 34.09 -1.39 15.72
N SER L 574 35.02 -1.45 14.78
CA SER L 574 34.85 -2.38 13.68
C SER L 574 35.81 -3.54 13.81
N LEU L 575 35.29 -4.63 13.32
CA LEU L 575 36.05 -5.85 13.31
C LEU L 575 36.39 -6.31 11.90
N ILE L 576 37.48 -7.03 11.81
CA ILE L 576 37.91 -7.58 10.55
C ILE L 576 37.27 -8.93 10.20
N LYS L 577 37.00 -9.12 8.93
CA LYS L 577 36.46 -10.35 8.42
C LYS L 577 37.18 -10.68 7.13
N TYR L 578 36.95 -11.90 6.65
CA TYR L 578 37.57 -12.22 5.39
C TYR L 578 36.64 -12.73 4.36
N ASP L 579 37.05 -12.41 3.14
CA ASP L 579 36.31 -12.90 2.04
C ASP L 579 36.99 -14.20 1.68
N GLU L 580 36.35 -14.91 0.76
CA GLU L 580 36.82 -16.17 0.21
C GLU L 580 38.26 -16.05 -0.27
N ASN L 581 38.61 -14.88 -0.83
CA ASN L 581 39.97 -14.68 -1.30
C ASN L 581 40.90 -14.32 -0.16
N GLY L 582 40.39 -14.57 1.06
CA GLY L 582 41.11 -14.32 2.30
C GLY L 582 41.44 -12.85 2.41
N ASN L 583 40.46 -12.08 1.97
CA ASN L 583 40.57 -10.66 2.01
C ASN L 583 39.82 -10.17 3.21
N PRO L 584 40.54 -9.34 3.94
CA PRO L 584 40.06 -8.74 5.16
C PRO L 584 39.14 -7.58 4.89
N TRP L 585 38.14 -7.46 5.70
CA TRP L 585 37.28 -6.33 5.53
C TRP L 585 36.60 -5.93 6.82
N SER L 586 36.30 -4.64 6.92
CA SER L 586 35.69 -4.12 8.11
C SER L 586 34.21 -4.40 8.25
N ALA L 587 33.94 -5.06 9.38
CA ALA L 587 32.61 -5.51 9.71
C ALA L 587 32.02 -4.74 10.89
N TYR L 588 30.70 -4.72 10.84
CA TYR L 588 29.96 -4.08 11.87
C TYR L 588 28.77 -4.90 12.30
N GLY L 589 27.91 -4.28 13.09
CA GLY L 589 26.74 -4.96 13.60
C GLY L 589 26.01 -5.74 12.53
N GLY L 590 25.70 -6.98 12.91
CA GLY L 590 24.99 -7.95 12.09
C GLY L 590 25.88 -8.73 11.14
N ASP L 591 27.13 -8.29 11.00
CA ASP L 591 28.07 -8.94 10.09
C ASP L 591 28.51 -10.32 10.54
N PHE L 592 28.04 -10.74 11.71
CA PHE L 592 28.37 -12.05 12.25
C PHE L 592 27.11 -12.84 12.45
N GLY L 593 26.06 -12.34 11.84
CA GLY L 593 24.76 -12.96 11.96
C GLY L 593 24.24 -12.74 13.35
N ASP L 594 24.94 -11.83 14.07
CA ASP L 594 24.58 -11.47 15.42
C ASP L 594 23.25 -10.78 15.42
N THR L 595 22.40 -11.24 16.32
CA THR L 595 21.07 -10.72 16.54
C THR L 595 20.75 -10.66 18.03
N PRO L 596 20.16 -9.53 18.45
CA PRO L 596 19.81 -8.45 17.52
C PRO L 596 21.02 -7.53 17.31
N ASN L 597 20.94 -6.59 16.38
CA ASN L 597 22.11 -5.74 16.21
C ASN L 597 21.75 -4.30 15.82
N ASP L 598 22.71 -3.39 16.04
CA ASP L 598 22.55 -1.96 15.78
C ASP L 598 23.40 -1.39 14.65
N ARG L 599 23.93 -2.32 13.84
CA ARG L 599 24.72 -2.08 12.64
C ARG L 599 25.92 -1.18 12.80
N GLN L 600 26.00 -0.10 11.97
CA GLN L 600 27.10 0.91 12.00
C GLN L 600 27.26 1.66 13.32
N PHE L 601 26.17 1.67 14.08
CA PHE L 601 26.17 2.37 15.32
C PHE L 601 27.40 2.26 16.18
N CYS L 602 28.15 1.17 16.03
CA CYS L 602 29.37 0.96 16.80
C CYS L 602 30.54 1.74 16.19
N MET L 603 30.31 2.45 15.07
CA MET L 603 31.38 3.23 14.44
C MET L 603 31.13 4.72 14.55
N ASN L 604 31.82 5.33 15.51
CA ASN L 604 31.66 6.73 15.83
C ASN L 604 32.99 7.38 16.10
N GLY L 605 34.06 6.74 15.66
CA GLY L 605 35.35 7.25 15.98
C GLY L 605 35.89 8.30 15.09
N LEU L 606 36.90 8.91 15.63
CA LEU L 606 37.65 9.93 14.94
C LEU L 606 38.71 9.24 14.09
N VAL L 607 38.95 7.98 14.42
CA VAL L 607 39.88 7.18 13.67
C VAL L 607 39.28 5.86 13.41
N PHE L 608 39.81 5.32 12.36
CA PHE L 608 39.48 4.01 11.90
C PHE L 608 40.11 3.03 12.87
N ALA L 609 39.47 1.84 12.97
CA ALA L 609 40.00 0.81 13.88
C ALA L 609 41.52 0.57 13.83
N ASP L 610 42.10 0.80 12.67
CA ASP L 610 43.53 0.63 12.48
C ASP L 610 44.25 1.84 12.93
N ARG L 611 43.48 2.75 13.51
CA ARG L 611 44.05 4.00 13.94
C ARG L 611 44.43 4.88 12.78
N THR L 612 43.58 4.83 11.79
CA THR L 612 43.80 5.74 10.75
C THR L 612 42.66 6.68 10.83
N PRO L 613 43.09 7.89 10.81
CA PRO L 613 42.30 9.07 10.97
C PRO L 613 41.24 9.26 9.98
N HIS L 614 40.18 9.82 10.50
CA HIS L 614 39.11 10.32 9.71
C HIS L 614 39.51 11.78 9.51
N PRO L 615 38.89 12.41 8.56
CA PRO L 615 39.24 13.77 8.30
C PRO L 615 38.88 14.70 9.45
N ALA L 616 37.79 14.34 10.15
CA ALA L 616 37.32 15.13 11.25
C ALA L 616 38.41 15.43 12.29
N LEU L 617 39.27 14.46 12.43
CA LEU L 617 40.30 14.59 13.40
C LEU L 617 41.05 15.91 13.33
N THR L 618 41.16 16.38 12.15
CA THR L 618 41.87 17.59 11.90
C THR L 618 41.13 18.81 12.39
N GLU L 619 39.84 18.77 12.15
CA GLU L 619 39.04 19.86 12.60
C GLU L 619 39.25 19.94 14.10
N ALA L 620 39.23 18.76 14.70
CA ALA L 620 39.45 18.76 16.15
C ALA L 620 40.80 19.29 16.55
N LYS L 621 41.80 18.80 15.86
CA LYS L 621 43.11 19.23 16.20
C LYS L 621 43.23 20.74 16.19
N HIS L 622 42.67 21.31 15.16
CA HIS L 622 42.72 22.74 15.00
C HIS L 622 41.94 23.49 16.06
N GLN L 623 40.69 23.10 16.29
CA GLN L 623 39.92 23.83 17.30
C GLN L 623 40.52 23.67 18.69
N GLN L 624 41.27 22.60 18.91
CA GLN L 624 41.81 22.40 20.21
C GLN L 624 43.19 22.98 20.40
N GLN L 625 43.72 23.64 19.39
CA GLN L 625 45.06 24.14 19.56
C GLN L 625 45.26 25.01 20.76
N PHE L 626 46.46 24.98 21.28
CA PHE L 626 46.83 25.73 22.46
C PHE L 626 47.27 27.13 22.20
N PHE L 627 47.37 27.49 20.94
CA PHE L 627 47.77 28.87 20.68
C PHE L 627 46.71 29.55 19.92
N GLN L 628 46.43 30.78 20.28
CA GLN L 628 45.43 31.50 19.56
C GLN L 628 46.00 32.75 19.00
N PHE L 629 45.51 33.05 17.79
CA PHE L 629 46.00 34.20 17.06
C PHE L 629 45.03 35.26 16.70
N ARG L 630 45.55 36.47 16.70
CA ARG L 630 44.83 37.65 16.35
C ARG L 630 45.70 38.45 15.43
N LEU L 631 45.06 38.96 14.42
CA LEU L 631 45.86 39.72 13.50
C LEU L 631 45.50 41.18 13.52
N SER L 632 46.48 42.03 13.74
CA SER L 632 46.14 43.43 13.73
C SER L 632 47.09 44.25 12.93
N GLY L 633 46.62 44.64 11.77
CA GLY L 633 47.54 45.39 10.96
C GLY L 633 48.67 44.46 10.52
N GLN L 634 49.90 44.78 10.91
CA GLN L 634 51.01 43.96 10.49
C GLN L 634 51.48 43.14 11.65
N THR L 635 50.63 43.17 12.66
CA THR L 635 50.93 42.52 13.89
C THR L 635 50.07 41.36 14.24
N ILE L 636 50.79 40.33 14.64
CA ILE L 636 50.13 39.17 15.12
C ILE L 636 50.19 39.05 16.61
N GLU L 637 49.03 38.80 17.19
CA GLU L 637 48.94 38.60 18.59
C GLU L 637 48.81 37.14 18.90
N VAL L 638 49.71 36.64 19.72
CA VAL L 638 49.63 35.26 20.06
C VAL L 638 49.24 35.07 21.48
N THR L 639 48.36 34.11 21.66
CA THR L 639 47.91 33.83 22.98
C THR L 639 48.08 32.39 23.31
N SER L 640 48.61 32.18 24.52
CA SER L 640 48.86 30.85 25.01
C SER L 640 47.76 30.34 25.88
N GLU L 641 47.34 29.11 25.59
CA GLU L 641 46.34 28.43 26.37
C GLU L 641 46.97 27.37 27.24
N TYR L 642 48.29 27.47 27.39
CA TYR L 642 48.96 26.60 28.31
C TYR L 642 48.83 27.25 29.67
N LEU L 643 48.60 26.42 30.66
CA LEU L 643 48.43 26.89 32.01
C LEU L 643 49.73 26.86 32.70
N PHE L 644 50.54 25.92 32.30
CA PHE L 644 51.77 25.75 33.01
C PHE L 644 53.03 25.84 32.21
N ARG L 645 53.03 25.59 30.91
CA ARG L 645 54.31 25.71 30.28
C ARG L 645 54.54 26.92 29.49
N HIS L 646 55.82 27.13 29.24
CA HIS L 646 56.25 28.22 28.46
C HIS L 646 56.45 27.72 27.04
N SER L 647 56.34 28.56 26.01
CA SER L 647 56.48 28.10 24.63
C SER L 647 57.91 27.78 24.30
N ASP L 648 58.42 26.80 24.98
CA ASP L 648 59.79 26.44 24.84
C ASP L 648 60.16 25.47 23.72
N ASN L 649 59.25 25.14 22.85
CA ASN L 649 59.63 24.28 21.74
C ASN L 649 58.76 24.70 20.59
N GLU L 650 58.78 26.02 20.41
CA GLU L 650 57.91 26.57 19.44
C GLU L 650 58.49 27.59 18.51
N LEU L 651 58.23 27.23 17.27
CA LEU L 651 58.58 28.01 16.15
C LEU L 651 57.38 28.41 15.34
N LEU L 652 57.33 29.68 15.07
CA LEU L 652 56.28 30.19 14.27
C LEU L 652 56.68 30.54 12.85
N HIS L 653 56.17 29.80 11.93
CA HIS L 653 56.49 30.08 10.56
C HIS L 653 55.36 30.84 9.90
N TRP L 654 55.68 31.88 9.18
CA TRP L 654 54.58 32.53 8.51
C TRP L 654 54.84 32.65 7.05
N MET L 655 53.79 33.03 6.34
CA MET L 655 53.95 33.15 4.93
C MET L 655 52.78 33.73 4.14
N VAL L 656 53.17 34.44 3.10
CA VAL L 656 52.26 35.15 2.26
C VAL L 656 52.23 34.70 0.85
N ALA L 657 51.01 34.52 0.37
CA ALA L 657 50.84 34.07 -0.98
C ALA L 657 49.67 34.71 -1.70
N LEU L 658 49.86 34.76 -2.99
CA LEU L 658 48.85 35.33 -3.82
C LEU L 658 48.26 34.23 -4.60
N ASP L 659 47.01 33.97 -4.37
CA ASP L 659 46.41 32.87 -5.08
C ASP L 659 47.32 31.66 -5.14
N GLY L 660 48.04 31.36 -4.07
CA GLY L 660 48.87 30.18 -4.10
C GLY L 660 50.32 30.51 -4.36
N LYS L 661 50.55 31.67 -4.93
CA LYS L 661 51.91 32.00 -5.17
C LYS L 661 52.44 32.72 -3.97
N PRO L 662 53.44 32.07 -3.45
CA PRO L 662 54.16 32.47 -2.26
C PRO L 662 55.02 33.62 -2.58
N LEU L 663 54.89 34.65 -1.81
CA LEU L 663 55.65 35.85 -2.03
C LEU L 663 56.65 36.13 -0.95
N ALA L 664 56.38 35.59 0.23
CA ALA L 664 57.23 35.85 1.35
C ALA L 664 56.91 34.91 2.46
N SER L 665 57.96 34.58 3.17
CA SER L 665 57.84 33.68 4.28
C SER L 665 58.78 34.09 5.38
N GLY L 666 58.48 33.66 6.59
CA GLY L 666 59.31 34.01 7.71
C GLY L 666 59.23 32.98 8.79
N GLU L 667 60.01 33.24 9.83
CA GLU L 667 60.12 32.34 10.97
C GLU L 667 60.39 33.05 12.24
N VAL L 668 59.61 32.73 13.25
CA VAL L 668 59.84 33.35 14.49
C VAL L 668 59.54 32.45 15.62
N PRO L 669 60.49 32.48 16.49
CA PRO L 669 60.43 31.69 17.69
C PRO L 669 59.50 32.33 18.66
N LEU L 670 58.72 31.44 19.26
CA LEU L 670 57.79 31.83 20.28
C LEU L 670 58.37 31.80 21.64
N ASP L 671 57.92 32.78 22.37
CA ASP L 671 58.31 33.00 23.73
C ASP L 671 57.11 33.54 24.47
N VAL L 672 56.21 32.63 24.83
CA VAL L 672 55.01 33.05 25.53
C VAL L 672 54.82 32.26 26.77
N ALA L 673 54.42 32.99 27.78
CA ALA L 673 54.14 32.32 29.01
C ALA L 673 52.76 31.74 29.00
N PRO L 674 52.61 30.70 29.78
CA PRO L 674 51.31 30.11 29.91
C PRO L 674 50.38 31.26 30.13
N GLN L 675 49.29 31.22 29.37
CA GLN L 675 48.28 32.25 29.47
C GLN L 675 48.71 33.64 29.09
N GLY L 676 49.86 33.76 28.44
CA GLY L 676 50.28 35.06 28.03
C GLY L 676 50.09 35.33 26.54
N LYS L 677 50.45 36.56 26.19
CA LYS L 677 50.41 37.08 24.84
C LYS L 677 51.81 37.41 24.33
N GLN L 678 51.98 37.31 23.02
CA GLN L 678 53.23 37.65 22.39
C GLN L 678 52.86 38.37 21.12
N LEU L 679 53.52 39.53 20.91
CA LEU L 679 53.32 40.32 19.71
C LEU L 679 54.33 40.11 18.65
N ILE L 680 53.79 39.98 17.47
CA ILE L 680 54.65 39.76 16.38
C ILE L 680 54.47 40.72 15.29
N GLU L 681 55.58 41.40 15.16
CA GLU L 681 55.73 42.43 14.22
C GLU L 681 56.12 41.96 12.85
N LEU L 682 55.29 42.34 11.91
CA LEU L 682 55.57 41.94 10.58
C LEU L 682 56.33 42.98 9.78
N PRO L 683 57.23 42.42 9.01
CA PRO L 683 58.04 43.15 8.09
C PRO L 683 57.12 43.63 7.02
N GLU L 684 57.48 44.74 6.44
CA GLU L 684 56.68 45.26 5.38
C GLU L 684 56.30 44.18 4.38
N LEU L 685 55.01 44.14 4.17
CA LEU L 685 54.45 43.17 3.27
C LEU L 685 54.31 43.69 1.90
N PRO L 686 54.50 42.73 1.04
CA PRO L 686 54.45 42.87 -0.40
C PRO L 686 53.07 43.32 -0.87
N GLN L 687 53.06 44.24 -1.83
CA GLN L 687 51.82 44.78 -2.35
C GLN L 687 51.59 44.51 -3.80
N PRO L 688 51.64 43.23 -4.15
CA PRO L 688 51.41 42.72 -5.48
C PRO L 688 50.39 43.55 -6.28
N GLU L 689 50.65 43.62 -7.56
CA GLU L 689 49.79 44.38 -8.41
C GLU L 689 48.70 43.56 -9.02
N SER L 690 49.19 42.38 -9.41
CA SER L 690 48.45 41.31 -10.02
C SER L 690 47.15 41.08 -9.31
N ALA L 691 46.23 40.48 -10.01
CA ALA L 691 44.96 40.27 -9.40
C ALA L 691 44.94 38.96 -8.66
N GLY L 692 44.11 38.97 -7.61
CA GLY L 692 43.95 37.80 -6.78
C GLY L 692 43.76 38.10 -5.31
N GLN L 693 43.81 37.01 -4.56
CA GLN L 693 43.65 37.02 -3.13
C GLN L 693 44.97 36.80 -2.44
N LEU L 694 45.18 37.69 -1.52
CA LEU L 694 46.35 37.67 -0.74
C LEU L 694 46.09 37.07 0.63
N TRP L 695 46.84 36.04 0.92
CA TRP L 695 46.62 35.39 2.17
C TRP L 695 47.83 35.16 3.00
N LEU L 696 47.58 35.37 4.28
CA LEU L 696 48.58 35.14 5.26
C LEU L 696 48.36 33.86 6.03
N THR L 697 49.43 33.08 6.19
CA THR L 697 49.33 31.86 6.94
C THR L 697 50.43 31.62 7.93
N VAL L 698 50.01 31.20 9.13
CA VAL L 698 50.95 30.85 10.19
C VAL L 698 50.80 29.44 10.70
N ARG L 699 51.95 28.90 11.04
CA ARG L 699 52.01 27.57 11.57
C ARG L 699 52.92 27.56 12.76
N VAL L 700 52.63 26.64 13.66
CA VAL L 700 53.46 26.45 14.80
C VAL L 700 54.13 25.09 14.74
N VAL L 701 55.44 25.22 14.82
CA VAL L 701 56.26 24.06 14.79
C VAL L 701 57.15 23.82 15.95
N GLN L 702 57.23 22.51 16.19
CA GLN L 702 58.04 21.95 17.23
C GLN L 702 59.29 21.38 16.62
N PRO L 703 60.29 22.21 16.75
CA PRO L 703 61.60 21.98 16.27
C PRO L 703 62.15 20.67 16.79
N ASN L 704 62.10 20.49 18.09
CA ASN L 704 62.60 19.27 18.68
C ASN L 704 61.56 18.23 18.93
N ALA L 705 61.96 16.98 18.88
CA ALA L 705 60.98 15.96 19.16
C ALA L 705 60.66 15.91 20.62
N THR L 706 59.54 15.25 20.90
CA THR L 706 59.10 15.08 22.27
C THR L 706 58.83 13.65 22.43
N ALA L 707 58.39 13.35 23.59
CA ALA L 707 58.10 11.98 23.82
C ALA L 707 56.93 11.49 23.06
N TRP L 708 56.12 12.42 22.54
CA TRP L 708 54.94 11.95 21.86
C TRP L 708 54.84 12.58 20.53
N SER L 709 55.89 13.30 20.17
CA SER L 709 55.93 13.96 18.89
C SER L 709 57.33 14.01 18.32
N GLU L 710 57.34 14.01 17.01
CA GLU L 710 58.56 14.10 16.22
C GLU L 710 59.03 15.50 16.06
N ALA L 711 60.26 15.63 15.62
CA ALA L 711 60.68 16.98 15.43
C ALA L 711 59.96 17.53 14.22
N GLY L 712 59.68 18.82 14.29
CA GLY L 712 58.98 19.51 13.24
C GLY L 712 57.48 19.22 13.23
N HIS L 713 56.94 18.91 14.38
CA HIS L 713 55.54 18.66 14.43
C HIS L 713 54.78 19.96 14.39
N ILE L 714 53.66 19.94 13.66
CA ILE L 714 52.84 21.15 13.59
C ILE L 714 51.77 21.10 14.62
N SER L 715 51.73 22.10 15.44
CA SER L 715 50.72 22.00 16.46
C SER L 715 49.59 23.00 16.34
N ALA L 716 49.78 23.99 15.49
CA ALA L 716 48.74 24.97 15.39
C ALA L 716 48.93 25.76 14.13
N TRP L 717 47.81 26.26 13.64
CA TRP L 717 47.87 27.10 12.49
C TRP L 717 46.70 28.02 12.39
N GLN L 718 46.85 28.95 11.48
CA GLN L 718 45.81 29.91 11.26
C GLN L 718 46.08 30.74 10.03
N GLN L 719 45.00 31.06 9.31
CA GLN L 719 45.24 31.87 8.16
C GLN L 719 44.35 33.11 8.03
N TRP L 720 44.76 34.08 7.25
CA TRP L 720 43.92 35.26 7.08
C TRP L 720 43.96 35.79 5.65
N ARG L 721 42.85 36.34 5.19
CA ARG L 721 42.92 36.91 3.86
C ARG L 721 43.26 38.37 3.96
N LEU L 722 44.41 38.71 3.45
CA LEU L 722 44.86 40.07 3.55
C LEU L 722 44.21 41.01 2.59
N ALA L 723 44.22 40.66 1.33
CA ALA L 723 43.62 41.56 0.40
C ALA L 723 43.13 40.87 -0.80
N GLU L 724 42.45 41.69 -1.57
CA GLU L 724 41.87 41.23 -2.80
C GLU L 724 42.06 42.23 -3.89
N ASN L 725 42.54 41.78 -5.01
CA ASN L 725 42.70 42.67 -6.15
C ASN L 725 41.78 42.16 -7.20
N LEU L 726 40.65 42.85 -7.40
CA LEU L 726 39.70 42.37 -8.41
C LEU L 726 40.24 42.52 -9.80
N SER L 727 39.91 41.54 -10.64
CA SER L 727 40.33 41.57 -12.03
C SER L 727 39.38 42.34 -12.89
N VAL L 728 39.96 43.34 -13.52
CA VAL L 728 39.22 44.22 -14.39
C VAL L 728 39.59 43.98 -15.81
N THR L 729 40.28 42.90 -16.02
CA THR L 729 40.64 42.75 -17.38
C THR L 729 39.67 41.98 -18.19
N LEU L 730 39.86 42.26 -19.45
CA LEU L 730 39.11 41.68 -20.50
C LEU L 730 39.97 40.82 -21.35
N PRO L 731 39.23 39.83 -21.82
CA PRO L 731 39.69 38.81 -22.73
C PRO L 731 39.96 39.47 -24.08
N ALA L 732 41.06 39.03 -24.66
CA ALA L 732 41.40 39.53 -25.97
C ALA L 732 40.52 38.86 -27.01
N ALA L 733 40.42 39.56 -28.15
CA ALA L 733 39.65 39.07 -29.26
C ALA L 733 40.15 37.71 -29.74
N SER L 734 39.16 37.00 -30.23
CA SER L 734 39.33 35.71 -30.81
C SER L 734 39.27 35.99 -32.29
N HIS L 735 39.94 35.18 -33.07
CA HIS L 735 39.92 35.46 -34.48
C HIS L 735 38.81 34.75 -35.14
N ALA L 736 38.03 34.09 -34.31
CA ALA L 736 36.96 33.34 -34.84
C ALA L 736 35.91 33.14 -33.85
N ILE L 737 34.81 32.64 -34.30
CA ILE L 737 33.78 32.35 -33.39
C ILE L 737 33.14 31.04 -33.70
N PRO L 738 32.66 30.44 -32.66
CA PRO L 738 32.08 29.13 -32.79
C PRO L 738 31.00 29.06 -33.83
N HIS L 739 30.85 27.86 -34.30
CA HIS L 739 29.92 27.64 -35.32
C HIS L 739 28.82 26.72 -34.88
N LEU L 740 27.62 27.28 -34.94
CA LEU L 740 26.44 26.56 -34.52
C LEU L 740 25.76 25.68 -35.56
N THR L 741 25.34 24.51 -35.20
CA THR L 741 24.67 23.71 -36.19
C THR L 741 23.47 23.09 -35.57
N THR L 742 22.39 23.20 -36.27
CA THR L 742 21.19 22.68 -35.70
C THR L 742 20.59 21.47 -36.31
N SER L 743 20.69 20.37 -35.61
CA SER L 743 20.02 19.17 -36.05
C SER L 743 18.59 19.27 -35.51
N GLU L 744 17.86 18.21 -35.52
CA GLU L 744 16.52 18.29 -35.01
C GLU L 744 16.50 17.81 -33.59
N MET L 745 17.54 17.02 -33.38
CA MET L 745 17.88 16.32 -32.17
C MET L 745 18.75 17.09 -31.30
N ASP L 746 19.43 18.04 -31.90
CA ASP L 746 20.30 18.78 -31.07
C ASP L 746 20.94 19.94 -31.72
N PHE L 747 21.85 20.49 -30.96
CA PHE L 747 22.61 21.62 -31.38
C PHE L 747 24.07 21.26 -31.26
N CME L 748 24.82 21.69 -32.28
CA CME L 748 26.23 21.43 -32.33
CB CME L 748 26.61 20.62 -33.54
SG CME L 748 26.74 18.92 -33.00
SD CME L 748 28.64 18.93 -32.55
CE CME L 748 28.77 17.17 -32.17
CZ CME L 748 29.14 16.34 -33.42
OH CME L 748 27.98 15.69 -33.89
C CME L 748 27.11 22.61 -32.37
O CME L 748 27.07 23.42 -33.28
N ILE L 749 27.97 22.69 -31.39
CA ILE L 749 28.85 23.81 -31.45
C ILE L 749 30.23 23.35 -31.75
N GLU L 750 30.79 24.00 -32.74
CA GLU L 750 32.11 23.64 -33.13
C GLU L 750 33.04 24.79 -33.09
N LEU L 751 34.28 24.44 -32.84
CA LEU L 751 35.31 25.44 -32.83
C LEU L 751 36.64 24.77 -32.76
N GLY L 752 37.28 24.65 -33.92
CA GLY L 752 38.55 23.97 -34.01
C GLY L 752 38.26 22.49 -33.83
N ASN L 753 39.12 21.84 -33.08
CA ASN L 753 38.99 20.42 -32.74
C ASN L 753 37.85 20.20 -31.74
N LYS L 754 37.52 21.29 -31.05
CA LYS L 754 36.48 21.29 -30.07
C LYS L 754 35.04 21.26 -30.60
N ARG L 755 34.22 20.51 -29.88
CA ARG L 755 32.83 20.33 -30.21
C ARG L 755 31.97 20.04 -28.99
N TRP L 756 30.79 20.63 -29.04
CA TRP L 756 29.87 20.46 -27.95
C TRP L 756 28.50 20.14 -28.43
N GLN L 757 27.88 19.20 -27.78
CA GLN L 757 26.56 18.90 -28.22
C GLN L 757 25.48 18.96 -27.15
N PHE L 758 24.41 19.64 -27.49
CA PHE L 758 23.31 19.70 -26.56
C PHE L 758 22.15 18.97 -27.09
N ASN L 759 21.67 18.02 -26.33
CA ASN L 759 20.52 17.30 -26.76
C ASN L 759 19.28 18.14 -26.64
N ARG L 760 18.54 18.17 -27.71
CA ARG L 760 17.35 18.97 -27.75
C ARG L 760 16.18 18.43 -27.02
N GLN L 761 16.19 17.16 -26.69
CA GLN L 761 15.00 16.76 -25.97
C GLN L 761 15.24 16.78 -24.50
N SER L 762 16.48 16.56 -24.11
CA SER L 762 16.85 16.53 -22.72
C SER L 762 17.16 17.92 -22.24
N GLY L 763 17.65 18.68 -23.18
CA GLY L 763 18.02 20.01 -22.78
C GLY L 763 19.35 20.02 -22.05
N PHE L 764 20.15 18.95 -22.17
CA PHE L 764 21.43 18.98 -21.52
C PHE L 764 22.56 18.87 -22.44
N LEU L 765 23.67 19.29 -21.93
CA LEU L 765 24.90 19.16 -22.65
C LEU L 765 25.18 17.67 -22.61
N SER L 766 25.06 17.04 -23.76
CA SER L 766 25.20 15.59 -23.86
C SER L 766 26.56 15.03 -24.14
N GLN L 767 27.38 15.75 -24.86
CA GLN L 767 28.68 15.22 -25.13
C GLN L 767 29.54 16.34 -25.61
N MET L 768 30.80 16.10 -25.50
CA MET L 768 31.72 17.04 -25.99
C MET L 768 32.99 16.32 -26.40
N TRP L 769 33.62 16.86 -27.45
CA TRP L 769 34.81 16.25 -27.95
C TRP L 769 35.89 17.20 -28.06
N ILE L 770 37.04 16.61 -27.88
CA ILE L 770 38.27 17.29 -28.12
C ILE L 770 38.88 16.42 -29.15
N GLY L 771 39.16 16.98 -30.30
CA GLY L 771 39.63 16.09 -31.33
C GLY L 771 38.46 15.14 -31.60
N ASP L 772 38.77 13.87 -31.64
CA ASP L 772 37.80 12.85 -31.92
C ASP L 772 37.50 12.08 -30.66
N LYS L 773 37.93 12.65 -29.55
CA LYS L 773 37.69 12.02 -28.28
C LYS L 773 36.52 12.60 -27.54
N LYS L 774 35.62 11.69 -27.20
CA LYS L 774 34.46 12.05 -26.44
C LYS L 774 34.93 12.33 -25.04
N GLN L 775 34.25 13.20 -24.31
CA GLN L 775 34.77 13.48 -23.00
C GLN L 775 33.93 13.04 -21.85
N LEU L 776 32.68 12.78 -22.14
CA LEU L 776 31.78 12.40 -21.09
C LEU L 776 31.08 11.12 -21.30
N LEU L 777 30.90 10.36 -20.22
CA LEU L 777 30.10 9.16 -20.29
C LEU L 777 28.67 9.48 -19.88
N THR L 778 28.52 10.60 -19.22
CA THR L 778 27.23 11.03 -18.77
C THR L 778 27.09 12.50 -19.00
N PRO L 779 25.89 12.89 -19.38
CA PRO L 779 25.55 14.27 -19.62
C PRO L 779 25.62 15.11 -18.33
N LEU L 780 25.90 16.37 -18.51
CA LEU L 780 26.01 17.27 -17.40
C LEU L 780 24.65 17.65 -16.90
N ARG L 781 24.38 17.44 -15.61
CA ARG L 781 23.07 17.84 -15.15
C ARG L 781 22.98 18.21 -13.72
N ASP L 782 21.86 18.88 -13.44
CA ASP L 782 21.62 19.36 -12.11
C ASP L 782 21.50 18.23 -11.18
N GLN L 783 21.90 18.53 -9.97
CA GLN L 783 21.83 17.59 -8.90
C GLN L 783 21.42 18.24 -7.61
N PHE L 784 20.40 17.70 -6.99
CA PHE L 784 19.93 18.26 -5.73
C PHE L 784 20.05 17.36 -4.50
N THR L 785 20.62 16.19 -4.66
CA THR L 785 20.67 15.30 -3.53
C THR L 785 22.07 14.79 -3.24
N ARG L 786 22.14 14.02 -2.15
CA ARG L 786 23.38 13.36 -1.79
C ARG L 786 23.15 11.97 -1.22
N ALA L 787 24.21 11.14 -1.31
CA ALA L 787 24.21 9.83 -0.72
C ALA L 787 24.29 10.13 0.77
N PRO L 788 23.20 9.85 1.45
CA PRO L 788 22.99 10.15 2.85
C PRO L 788 24.12 9.81 3.75
N LEU L 789 24.32 10.72 4.68
CA LEU L 789 25.33 10.54 5.67
C LEU L 789 24.70 9.85 6.83
N ASP L 790 25.57 9.32 7.64
CA ASP L 790 25.04 8.72 8.83
C ASP L 790 24.11 9.69 9.52
N ASN L 791 24.61 10.91 9.67
CA ASN L 791 23.83 11.96 10.28
C ASN L 791 22.50 12.19 9.54
N ASP L 792 22.47 12.05 8.21
CA ASP L 792 21.22 12.30 7.49
C ASP L 792 20.18 11.25 7.73
N ILE L 793 20.72 10.09 8.01
CA ILE L 793 19.89 8.95 8.23
C ILE L 793 19.32 8.94 9.62
N GLY L 794 20.20 9.32 10.51
CA GLY L 794 19.93 9.51 11.91
C GLY L 794 19.05 8.53 12.64
N VAL L 795 19.66 7.38 12.91
CA VAL L 795 19.01 6.39 13.73
C VAL L 795 20.06 5.90 14.72
N SER L 796 19.63 5.64 15.96
CA SER L 796 20.53 5.14 17.01
C SER L 796 20.27 3.65 17.33
N GLU L 797 19.05 3.24 16.96
CA GLU L 797 18.54 1.91 17.12
C GLU L 797 17.96 1.48 15.79
N ALA L 798 18.51 0.39 15.25
CA ALA L 798 18.09 -0.18 13.98
C ALA L 798 16.55 -0.23 13.76
N THR L 799 15.88 -0.46 14.89
CA THR L 799 14.45 -0.58 15.12
C THR L 799 13.60 0.67 14.86
N ARG L 800 14.09 1.78 15.42
CA ARG L 800 13.40 3.05 15.36
C ARG L 800 13.87 4.03 14.29
N ILE L 801 12.94 4.29 13.34
CA ILE L 801 13.12 5.24 12.23
C ILE L 801 12.46 6.61 12.53
N ASP L 802 13.18 7.68 12.14
CA ASP L 802 12.72 9.03 12.37
C ASP L 802 12.22 9.70 11.11
N PRO L 803 10.93 9.85 11.06
CA PRO L 803 10.28 10.49 9.95
C PRO L 803 10.84 11.90 9.74
N ASN L 804 11.52 12.39 10.78
CA ASN L 804 12.13 13.70 10.73
C ASN L 804 13.54 13.72 10.22
N ALA L 805 14.09 12.53 10.05
CA ALA L 805 15.41 12.48 9.54
C ALA L 805 15.36 13.07 8.15
N TRP L 806 16.45 13.78 7.85
CA TRP L 806 16.61 14.42 6.58
C TRP L 806 16.29 13.48 5.48
N VAL L 807 16.94 12.36 5.57
CA VAL L 807 16.75 11.39 4.54
C VAL L 807 15.30 11.00 4.35
N GLU L 808 14.65 10.85 5.47
CA GLU L 808 13.27 10.50 5.47
C GLU L 808 12.46 11.53 4.75
N ARG L 809 12.76 12.73 5.10
CA ARG L 809 12.06 13.82 4.47
C ARG L 809 12.33 13.96 3.00
N TRP L 810 13.59 13.79 2.64
CA TRP L 810 13.98 13.94 1.27
C TRP L 810 13.32 12.91 0.43
N LYS L 811 13.28 11.72 1.01
CA LYS L 811 12.70 10.62 0.30
C LYS L 811 11.25 10.88 0.02
N ALA L 812 10.59 11.14 1.11
CA ALA L 812 9.19 11.39 1.07
C ALA L 812 8.80 12.52 0.16
N ALA L 813 9.73 13.45 -0.01
CA ALA L 813 9.46 14.59 -0.85
C ALA L 813 9.63 14.27 -2.31
N GLY L 814 10.34 13.16 -2.58
CA GLY L 814 10.56 12.73 -3.94
C GLY L 814 11.83 13.32 -4.49
N HIS L 815 12.62 13.87 -3.60
CA HIS L 815 13.85 14.46 -4.05
C HIS L 815 14.68 13.48 -4.79
N TYR L 816 14.65 12.28 -4.28
CA TYR L 816 15.45 11.26 -4.86
C TYR L 816 14.91 10.74 -6.15
N GLN L 817 13.65 11.03 -6.42
CA GLN L 817 13.12 10.53 -7.67
C GLN L 817 12.34 11.50 -8.53
N ALA L 818 12.70 12.76 -8.43
CA ALA L 818 12.00 13.70 -9.22
C ALA L 818 12.51 13.63 -10.61
N GLU L 819 11.58 13.98 -11.46
CA GLU L 819 11.71 13.99 -12.89
C GLU L 819 11.89 15.37 -13.46
N ALA L 820 12.97 15.48 -14.21
CA ALA L 820 13.20 16.76 -14.86
C ALA L 820 12.30 16.94 -16.08
N ALA L 821 11.92 18.18 -16.34
CA ALA L 821 11.08 18.51 -17.47
C ALA L 821 11.60 19.72 -18.21
N LEU L 822 11.84 19.56 -19.50
CA LEU L 822 12.33 20.69 -20.24
C LEU L 822 11.25 21.71 -20.46
N LEU L 823 11.52 22.90 -20.02
CA LEU L 823 10.59 23.95 -20.20
C LEU L 823 11.00 24.71 -21.41
N GLN L 824 12.31 24.74 -21.63
CA GLN L 824 12.80 25.47 -22.75
C GLN L 824 14.28 25.31 -23.01
N CYS L 825 14.61 25.40 -24.29
CA CYS L 825 15.98 25.22 -24.75
C CYS L 825 16.18 26.00 -26.01
N THR L 826 17.08 26.97 -25.99
CA THR L 826 17.28 27.76 -27.18
C THR L 826 18.70 28.09 -27.45
N ALA L 827 18.93 28.34 -28.74
CA ALA L 827 20.25 28.65 -29.20
C ALA L 827 20.26 29.90 -30.01
N ASP L 828 21.34 30.64 -29.88
CA ASP L 828 21.42 31.92 -30.55
C ASP L 828 22.87 32.30 -30.81
N THR L 829 23.04 33.01 -31.91
CA THR L 829 24.36 33.44 -32.28
C THR L 829 24.54 34.89 -32.12
N LEU L 830 25.54 35.13 -31.32
CA LEU L 830 25.92 36.46 -31.01
C LEU L 830 27.13 36.79 -31.82
N ALA L 831 27.50 38.02 -31.71
CA ALA L 831 28.64 38.46 -32.43
C ALA L 831 29.91 37.77 -32.05
N ASP L 832 30.03 37.44 -30.78
CA ASP L 832 31.29 36.88 -30.31
C ASP L 832 31.16 35.54 -29.72
N ALA L 833 29.94 35.03 -29.76
CA ALA L 833 29.74 33.75 -29.18
C ALA L 833 28.42 33.15 -29.52
N VAL L 834 28.29 31.93 -29.03
CA VAL L 834 27.07 31.20 -29.13
C VAL L 834 26.45 31.11 -27.74
N LEU L 835 25.13 31.25 -27.75
CA LEU L 835 24.38 31.26 -26.53
C LEU L 835 23.27 30.28 -26.43
N ILE L 836 23.36 29.47 -25.38
CA ILE L 836 22.36 28.48 -25.12
C ILE L 836 21.59 28.75 -23.89
N THR L 837 20.30 28.55 -24.04
CA THR L 837 19.43 28.80 -22.94
C THR L 837 18.45 27.70 -22.61
N THR L 838 18.47 27.28 -21.35
CA THR L 838 17.57 26.22 -20.92
C THR L 838 16.81 26.52 -19.66
N ALA L 839 15.76 25.74 -19.48
CA ALA L 839 14.97 25.84 -18.29
C ALA L 839 14.32 24.54 -18.07
N HIS L 840 14.52 24.01 -16.88
CA HIS L 840 13.91 22.76 -16.53
C HIS L 840 13.19 22.87 -15.21
N ALA L 841 12.26 21.94 -15.05
CA ALA L 841 11.53 21.84 -13.83
C ALA L 841 11.59 20.43 -13.27
N TRP L 842 11.77 20.31 -11.96
CA TRP L 842 11.75 18.98 -11.42
C TRP L 842 10.47 18.84 -10.65
N GLN L 843 9.75 17.80 -10.99
CA GLN L 843 8.50 17.59 -10.33
C GLN L 843 8.38 16.22 -9.77
N HIS L 844 7.35 16.15 -8.96
CA HIS L 844 7.04 14.93 -8.31
C HIS L 844 5.60 14.91 -7.91
N GLN L 845 4.86 14.04 -8.56
CA GLN L 845 3.46 13.97 -8.27
C GLN L 845 2.78 15.31 -8.39
N GLY L 846 3.13 16.01 -9.47
CA GLY L 846 2.49 17.27 -9.74
C GLY L 846 3.07 18.44 -9.01
N LYS L 847 3.99 18.18 -8.10
CA LYS L 847 4.57 19.32 -7.45
C LYS L 847 5.88 19.65 -8.10
N THR L 848 6.08 20.94 -8.27
CA THR L 848 7.34 21.38 -8.82
C THR L 848 8.23 21.72 -7.65
N LEU L 849 9.33 20.98 -7.53
CA LEU L 849 10.27 21.18 -6.45
C LEU L 849 11.28 22.20 -6.80
N PHE L 850 11.79 22.08 -8.00
CA PHE L 850 12.79 23.03 -8.39
C PHE L 850 12.71 23.40 -9.80
N ILE L 851 13.26 24.57 -10.00
CA ILE L 851 13.41 25.12 -11.29
C ILE L 851 14.83 25.56 -11.51
N SER L 852 15.34 25.10 -12.61
CA SER L 852 16.68 25.41 -13.00
C SER L 852 16.74 26.12 -14.34
N ARG L 853 17.35 27.29 -14.30
CA ARG L 853 17.51 28.08 -15.50
C ARG L 853 18.97 28.35 -15.81
N LYS L 854 19.37 28.00 -17.01
CA LYS L 854 20.75 28.21 -17.35
C LYS L 854 21.02 28.92 -18.65
N THR L 855 22.29 29.28 -18.74
CA THR L 855 22.87 29.86 -19.94
C THR L 855 24.25 29.34 -20.09
N TYR L 856 24.49 29.02 -21.34
CA TYR L 856 25.78 28.55 -21.68
C TYR L 856 26.28 29.43 -22.76
N ARG L 857 27.46 29.91 -22.54
CA ARG L 857 28.02 30.77 -23.52
C ARG L 857 29.42 30.41 -23.90
N ILE L 858 29.54 30.10 -25.19
CA ILE L 858 30.79 29.70 -25.81
C ILE L 858 31.33 30.71 -26.76
N ASP L 859 32.55 31.07 -26.46
CA ASP L 859 33.21 32.08 -27.22
C ASP L 859 34.34 31.55 -28.04
N GLY L 860 34.90 32.53 -28.74
CA GLY L 860 35.98 32.30 -29.63
C GLY L 860 37.21 31.76 -28.95
N SER L 861 37.28 31.91 -27.66
CA SER L 861 38.43 31.39 -26.98
C SER L 861 38.21 29.94 -26.58
N GLY L 862 37.01 29.42 -26.84
CA GLY L 862 36.70 28.04 -26.53
C GLY L 862 36.38 27.80 -25.06
N GLN L 863 35.86 28.84 -24.44
CA GLN L 863 35.49 28.70 -23.07
C GLN L 863 34.01 28.67 -22.95
N MET L 864 33.61 27.84 -22.03
CA MET L 864 32.23 27.71 -21.80
C MET L 864 31.83 28.20 -20.44
N ALA L 865 31.00 29.21 -20.50
CA ALA L 865 30.53 29.82 -19.30
C ALA L 865 29.11 29.43 -19.01
N ILE L 866 28.97 29.01 -17.78
CA ILE L 866 27.70 28.57 -17.32
C ILE L 866 27.14 29.36 -16.22
N THR L 867 25.87 29.56 -16.37
CA THR L 867 25.20 30.29 -15.40
C THR L 867 23.97 29.57 -14.95
N VAL L 868 23.90 29.41 -13.63
CA VAL L 868 22.79 28.72 -13.05
C VAL L 868 22.04 29.50 -12.04
N ASP L 869 20.73 29.41 -12.20
CA ASP L 869 19.81 30.04 -11.29
C ASP L 869 18.70 29.11 -10.98
N VAL L 870 18.63 28.80 -9.67
CA VAL L 870 17.66 27.89 -9.15
C VAL L 870 16.66 28.46 -8.18
N GLU L 871 15.46 27.96 -8.33
CA GLU L 871 14.36 28.29 -7.48
C GLU L 871 13.96 27.01 -6.79
N VAL L 872 13.75 27.10 -5.47
CA VAL L 872 13.31 25.99 -4.65
C VAL L 872 12.01 26.28 -3.92
N ALA L 873 11.08 25.37 -4.04
CA ALA L 873 9.79 25.53 -3.38
C ALA L 873 10.00 25.66 -1.91
N SER L 874 9.43 26.70 -1.41
CA SER L 874 9.53 27.03 -0.01
C SER L 874 9.05 25.88 0.84
N ASP L 875 8.10 25.15 0.32
CA ASP L 875 7.54 24.08 1.09
C ASP L 875 8.16 22.73 0.88
N THR L 876 9.27 22.69 0.22
CA THR L 876 9.90 21.43 0.12
C THR L 876 11.05 21.45 1.12
N PRO L 877 11.49 20.30 1.55
CA PRO L 877 12.60 20.26 2.48
C PRO L 877 13.84 20.76 1.80
N HIS L 878 14.64 21.47 2.55
CA HIS L 878 15.86 21.98 1.98
C HIS L 878 16.68 20.83 1.54
N PRO L 879 17.11 20.98 0.34
CA PRO L 879 17.91 20.04 -0.38
C PRO L 879 19.31 20.03 0.15
N ALA L 880 19.90 18.88 -0.05
CA ALA L 880 21.24 18.58 0.38
C ALA L 880 22.25 19.41 -0.34
N ARG L 881 21.95 19.69 -1.59
CA ARG L 881 22.91 20.45 -2.33
C ARG L 881 22.32 21.00 -3.58
N ILE L 882 23.10 21.86 -4.21
CA ILE L 882 22.71 22.51 -5.45
C ILE L 882 23.92 22.63 -6.35
N GLY L 883 23.90 21.76 -7.34
CA GLY L 883 24.99 21.71 -8.26
C GLY L 883 24.71 20.87 -9.47
N LEU L 884 25.81 20.48 -10.05
CA LEU L 884 25.71 19.68 -11.23
C LEU L 884 26.62 18.52 -11.16
N ASN L 885 26.37 17.64 -12.09
CA ASN L 885 27.23 16.51 -12.15
C ASN L 885 27.27 15.82 -13.49
N CYS L 886 28.30 15.01 -13.60
CA CYS L 886 28.47 14.25 -14.81
C CYS L 886 29.59 13.23 -14.64
N GLN L 887 29.57 12.29 -15.55
CA GLN L 887 30.59 11.29 -15.54
C GLN L 887 31.57 11.54 -16.65
N LEU L 888 32.79 11.82 -16.27
CA LEU L 888 33.76 12.02 -17.32
C LEU L 888 34.36 10.72 -17.77
N ALA L 889 34.63 10.72 -19.04
CA ALA L 889 35.22 9.59 -19.69
C ALA L 889 36.66 9.32 -19.24
N GLN L 890 37.37 10.38 -19.03
CA GLN L 890 38.74 10.33 -18.63
C GLN L 890 38.95 9.95 -17.16
N VAL L 891 40.16 9.49 -16.93
CA VAL L 891 40.62 9.13 -15.62
C VAL L 891 42.07 9.54 -15.45
N ALA L 892 42.37 10.37 -14.48
CA ALA L 892 43.74 10.84 -14.27
C ALA L 892 44.30 10.52 -12.90
N GLU L 893 45.57 10.85 -12.75
CA GLU L 893 46.29 10.53 -11.52
C GLU L 893 46.14 11.54 -10.39
N ARG L 894 46.30 12.78 -10.78
CA ARG L 894 46.25 13.83 -9.85
C ARG L 894 45.05 14.72 -9.98
N VAL L 895 44.93 15.53 -8.94
CA VAL L 895 43.89 16.49 -8.80
C VAL L 895 44.50 17.73 -8.24
N ASN L 896 44.20 18.80 -8.90
CA ASN L 896 44.82 20.00 -8.46
C ASN L 896 43.81 21.09 -8.37
N TRP L 897 43.87 21.78 -7.24
CA TRP L 897 42.93 22.84 -7.09
C TRP L 897 43.43 23.92 -6.21
N LEU L 898 42.72 25.00 -6.38
CA LEU L 898 42.93 26.18 -5.63
C LEU L 898 41.66 26.46 -4.85
N GLY L 899 41.79 26.13 -3.58
CA GLY L 899 40.70 26.24 -2.65
C GLY L 899 41.13 25.71 -1.30
N LEU L 900 40.13 25.28 -0.55
CA LEU L 900 40.35 24.80 0.78
C LEU L 900 40.82 23.39 0.79
N GLY L 901 41.86 23.17 1.54
CA GLY L 901 42.37 21.84 1.62
C GLY L 901 43.37 21.73 2.73
N PRO L 902 43.99 20.60 2.70
CA PRO L 902 43.79 19.61 1.66
C PRO L 902 42.80 18.53 1.99
N GLN L 903 42.39 18.42 3.22
CA GLN L 903 41.42 17.36 3.46
C GLN L 903 39.99 17.68 3.15
N GLU L 904 39.24 16.60 3.16
CA GLU L 904 37.79 16.69 2.98
C GLU L 904 37.25 17.75 3.93
N ASN L 905 36.38 18.61 3.41
CA ASN L 905 35.82 19.67 4.24
C ASN L 905 34.43 20.05 3.82
N TYR L 906 33.63 20.33 4.81
CA TYR L 906 32.27 20.70 4.58
C TYR L 906 32.00 22.05 5.19
N PRO L 907 30.92 22.62 4.75
CA PRO L 907 30.51 23.93 5.14
C PRO L 907 30.53 24.15 6.63
N ASP L 908 30.01 23.19 7.38
CA ASP L 908 30.03 23.33 8.83
C ASP L 908 31.21 22.59 9.45
N ARG L 909 32.17 22.24 8.60
CA ARG L 909 33.36 21.59 9.09
C ARG L 909 34.52 21.94 8.19
N LEU L 910 34.98 23.18 8.28
CA LEU L 910 36.07 23.60 7.40
C LEU L 910 37.02 24.60 8.00
N THR L 911 36.94 24.77 9.30
CA THR L 911 37.83 25.70 9.91
C THR L 911 39.25 25.25 9.89
N ALA L 912 39.46 23.94 9.89
CA ALA L 912 40.83 23.52 9.93
C ALA L 912 41.50 23.60 8.57
N ALA L 913 40.65 23.72 7.56
CA ALA L 913 41.16 23.78 6.19
C ALA L 913 41.82 25.07 5.79
N CME L 914 42.75 24.94 4.84
CA CME L 914 43.44 26.07 4.29
CB CME L 914 44.88 26.19 4.70
SG CME L 914 44.95 26.49 6.48
SD CME L 914 46.68 25.65 6.78
CE CME L 914 46.24 23.94 6.39
CZ CME L 914 47.47 23.05 6.62
OH CME L 914 48.60 23.89 6.91
C CME L 914 43.26 26.32 2.84
O CME L 914 43.14 25.44 1.98
N PHE L 915 43.22 27.59 2.60
CA PHE L 915 43.05 28.01 1.27
C PHE L 915 44.37 28.08 0.59
N ASP L 916 44.55 27.22 -0.36
CA ASP L 916 45.80 27.22 -1.06
C ASP L 916 45.67 26.44 -2.33
N ARG L 917 46.84 26.12 -2.86
CA ARG L 917 46.88 25.30 -4.03
C ARG L 917 47.25 23.90 -3.64
N TRP L 918 46.36 22.97 -3.94
CA TRP L 918 46.58 21.60 -3.58
C TRP L 918 46.66 20.71 -4.78
N ASP L 919 47.45 19.66 -4.59
CA ASP L 919 47.64 18.65 -5.60
C ASP L 919 47.76 17.29 -4.95
N LEU L 920 46.83 16.43 -5.28
CA LEU L 920 46.83 15.10 -4.75
C LEU L 920 46.42 14.13 -5.80
N PRO L 921 46.59 12.91 -5.43
CA PRO L 921 46.20 11.81 -6.19
C PRO L 921 44.76 11.60 -5.95
N LEU L 922 44.17 11.26 -7.04
CA LEU L 922 42.78 11.00 -7.09
C LEU L 922 42.29 10.18 -5.93
N SER L 923 43.11 9.21 -5.57
CA SER L 923 42.71 8.33 -4.47
C SER L 923 42.38 9.11 -3.20
N ASP L 924 43.20 10.12 -2.97
CA ASP L 924 43.05 10.91 -1.80
C ASP L 924 41.77 11.76 -1.81
N MET L 925 41.15 11.82 -2.94
CA MET L 925 39.94 12.60 -3.01
C MET L 925 38.76 11.80 -2.57
N TYR L 926 39.03 10.64 -2.01
CA TYR L 926 37.94 9.82 -1.55
C TYR L 926 38.11 9.34 -0.12
N THR L 927 37.01 9.43 0.63
CA THR L 927 36.99 9.04 2.02
C THR L 927 36.20 7.76 2.19
N PRO L 928 36.97 6.76 2.51
CA PRO L 928 36.58 5.37 2.71
C PRO L 928 35.84 5.12 4.02
N TYR L 929 34.80 5.88 4.23
CA TYR L 929 34.02 5.65 5.41
C TYR L 929 33.53 4.21 5.30
N VAL L 930 33.68 3.41 6.36
CA VAL L 930 33.23 2.03 6.29
C VAL L 930 31.82 1.90 5.75
N PHE L 931 30.95 2.70 6.31
CA PHE L 931 29.62 2.71 5.79
C PHE L 931 29.66 3.87 4.80
N PRO L 932 29.47 3.57 3.55
CA PRO L 932 29.62 4.59 2.54
C PRO L 932 28.48 5.57 2.39
N SER L 933 28.88 6.80 2.01
CA SER L 933 28.01 7.95 1.74
C SER L 933 28.77 9.12 1.05
N GLU L 934 28.05 10.24 0.79
CA GLU L 934 28.65 11.43 0.23
C GLU L 934 29.93 11.75 1.01
N ASN L 935 31.06 11.98 0.33
CA ASN L 935 32.31 12.28 1.04
C ASN L 935 33.28 12.98 0.10
N GLY L 936 34.44 13.31 0.63
CA GLY L 936 35.51 13.92 -0.13
C GLY L 936 35.34 15.36 -0.56
N LEU L 937 34.22 15.96 -0.25
CA LEU L 937 34.07 17.34 -0.65
C LEU L 937 35.17 18.32 -0.20
N ARG L 938 35.38 19.28 -1.06
CA ARG L 938 36.24 20.43 -0.76
C ARG L 938 35.51 21.68 -1.17
N CYS L 939 35.53 22.64 -0.28
CA CYS L 939 34.83 23.88 -0.47
C CYS L 939 35.76 25.03 -0.82
N GLY L 940 35.09 26.13 -1.16
CA GLY L 940 35.72 27.39 -1.47
C GLY L 940 36.78 27.29 -2.52
N THR L 941 36.37 26.63 -3.57
CA THR L 941 37.25 26.39 -4.66
C THR L 941 36.97 27.32 -5.78
N ARG L 942 38.08 27.81 -6.27
CA ARG L 942 38.04 28.75 -7.34
C ARG L 942 38.52 28.25 -8.67
N GLU L 943 39.37 27.23 -8.59
CA GLU L 943 39.95 26.63 -9.76
C GLU L 943 40.23 25.19 -9.49
N LEU L 944 39.78 24.38 -10.43
CA LEU L 944 39.94 22.95 -10.37
C LEU L 944 40.42 22.41 -11.69
N ASN L 945 41.42 21.53 -11.57
CA ASN L 945 42.09 20.90 -12.70
C ASN L 945 42.15 19.42 -12.71
N TYR L 946 41.66 18.85 -13.79
CA TYR L 946 41.69 17.41 -13.93
C TYR L 946 41.76 17.05 -15.39
N GLY L 947 42.87 16.43 -15.72
CA GLY L 947 43.11 16.12 -17.09
C GLY L 947 43.41 17.42 -17.83
N PRO L 948 42.82 17.47 -19.00
CA PRO L 948 42.86 18.58 -19.90
C PRO L 948 41.88 19.64 -19.45
N HIS L 949 41.05 19.30 -18.45
CA HIS L 949 40.06 20.19 -17.96
C HIS L 949 40.42 21.11 -16.86
N GLN L 950 39.66 22.19 -16.93
CA GLN L 950 39.76 23.21 -15.96
C GLN L 950 38.44 23.90 -15.73
N TRP L 951 38.18 24.08 -14.46
CA TRP L 951 36.98 24.75 -14.05
C TRP L 951 37.28 25.89 -13.15
N ARG L 952 36.54 26.95 -13.38
CA ARG L 952 36.74 28.11 -12.56
C ARG L 952 35.44 28.71 -12.16
N GLY L 953 35.51 29.22 -10.94
CA GLY L 953 34.40 29.88 -10.30
C GLY L 953 34.55 29.92 -8.81
N ASP L 954 33.43 29.63 -8.17
CA ASP L 954 33.47 29.60 -6.73
C ASP L 954 32.58 28.48 -6.27
N PHE L 955 33.17 27.32 -6.09
CA PHE L 955 32.32 26.22 -5.75
C PHE L 955 32.99 25.28 -4.83
N GLN L 956 32.26 24.19 -4.65
CA GLN L 956 32.69 23.05 -3.89
C GLN L 956 32.51 21.89 -4.79
N PHE L 957 33.35 20.91 -4.56
CA PHE L 957 33.26 19.75 -5.38
C PHE L 957 33.81 18.51 -4.73
N ASN L 958 33.55 17.45 -5.42
CA ASN L 958 34.09 16.16 -5.08
C ASN L 958 34.32 15.40 -6.37
N ILE L 959 35.21 14.45 -6.28
CA ILE L 959 35.54 13.69 -7.45
C ILE L 959 36.12 12.33 -7.12
N SER L 960 35.56 11.32 -7.76
CA SER L 960 35.95 9.95 -7.50
C SER L 960 35.39 9.03 -8.57
N ARG L 961 35.49 7.71 -8.30
CA ARG L 961 34.97 6.72 -9.23
C ARG L 961 33.67 6.13 -8.82
N TYR L 962 33.00 6.80 -7.92
CA TYR L 962 31.75 6.20 -7.52
C TYR L 962 30.62 7.15 -7.67
N SER L 963 29.56 6.66 -8.23
CA SER L 963 28.42 7.50 -8.35
C SER L 963 27.81 7.61 -6.96
N GLN L 964 27.04 8.70 -6.80
CA GLN L 964 26.32 8.90 -5.57
C GLN L 964 25.37 7.73 -5.39
N GLN L 965 24.85 7.29 -6.51
CA GLN L 965 23.95 6.16 -6.44
C GLN L 965 24.60 4.91 -5.94
N GLN L 966 25.80 4.65 -6.44
CA GLN L 966 26.49 3.48 -5.97
C GLN L 966 26.67 3.55 -4.48
N LEU L 967 27.17 4.69 -4.05
CA LEU L 967 27.43 4.90 -2.63
C LEU L 967 26.22 4.70 -1.77
N MET L 968 25.19 5.26 -2.30
CA MET L 968 23.99 5.22 -1.59
C MET L 968 23.46 3.82 -1.51
N GLU L 969 23.80 3.01 -2.50
CA GLU L 969 23.26 1.67 -2.49
C GLU L 969 24.13 0.59 -1.89
N THR L 970 25.38 0.89 -1.64
CA THR L 970 26.31 -0.06 -1.04
C THR L 970 26.48 0.14 0.46
N SER L 971 26.37 -0.94 1.20
CA SER L 971 26.48 -0.87 2.65
C SER L 971 27.90 -0.97 3.20
N HIS L 972 28.85 -1.45 2.42
CA HIS L 972 30.16 -1.53 2.99
C HIS L 972 31.15 -1.08 2.01
N ARG L 973 32.16 -0.43 2.53
CA ARG L 973 33.20 0.06 1.67
C ARG L 973 33.81 -1.00 0.75
N HIS L 974 33.98 -2.19 1.29
CA HIS L 974 34.61 -3.26 0.55
C HIS L 974 33.85 -3.68 -0.69
N LEU L 975 32.55 -3.40 -0.71
CA LEU L 975 31.74 -3.71 -1.90
C LEU L 975 31.72 -2.66 -3.02
N LEU L 976 32.40 -1.56 -2.86
CA LEU L 976 32.29 -0.67 -3.97
C LEU L 976 33.35 -1.01 -4.95
N HIS L 977 33.05 -0.67 -6.18
CA HIS L 977 33.96 -0.88 -7.24
C HIS L 977 33.98 0.34 -8.12
N ALA L 978 35.17 0.66 -8.60
CA ALA L 978 35.26 1.82 -9.44
C ALA L 978 34.34 1.76 -10.63
N GLU L 979 33.80 2.91 -10.97
CA GLU L 979 32.93 2.97 -12.11
C GLU L 979 33.79 3.33 -13.31
N GLU L 980 33.15 3.31 -14.45
CA GLU L 980 33.84 3.58 -15.68
C GLU L 980 34.78 4.76 -15.83
N GLY L 981 34.38 5.96 -15.51
CA GLY L 981 35.35 7.04 -15.70
C GLY L 981 35.56 7.74 -14.40
N THR L 982 35.33 9.03 -14.41
CA THR L 982 35.43 9.81 -13.22
C THR L 982 34.14 10.57 -12.97
N TRP L 983 33.63 10.43 -11.77
CA TRP L 983 32.44 11.14 -11.38
C TRP L 983 32.77 12.46 -10.72
N LEU L 984 32.09 13.45 -11.24
CA LEU L 984 32.31 14.78 -10.77
C LEU L 984 31.09 15.50 -10.32
N ASN L 985 31.21 15.97 -9.09
CA ASN L 985 30.16 16.75 -8.51
C ASN L 985 30.63 18.13 -8.19
N ILE L 986 29.93 19.07 -8.83
CA ILE L 986 30.18 20.49 -8.65
C ILE L 986 28.98 21.19 -8.08
N ASP L 987 29.23 21.66 -6.89
CA ASP L 987 28.23 22.30 -6.11
C ASP L 987 28.41 23.77 -5.97
N GLY L 988 27.28 24.41 -6.26
CA GLY L 988 27.21 25.82 -6.06
C GLY L 988 26.99 26.00 -4.55
N PHE L 989 26.25 25.07 -3.99
CA PHE L 989 25.93 25.07 -2.60
C PHE L 989 25.74 23.69 -2.09
N HIS L 990 26.05 23.55 -0.81
CA HIS L 990 25.93 22.28 -0.17
C HIS L 990 25.57 22.40 1.30
N MET L 991 24.62 21.58 1.71
CA MET L 991 24.16 21.56 3.07
C MET L 991 25.23 21.14 4.07
N GLY L 992 25.13 21.62 5.30
CA GLY L 992 26.08 21.24 6.34
C GLY L 992 25.90 19.76 6.66
N ILE L 993 26.77 19.21 7.49
CA ILE L 993 26.70 17.78 7.82
C ILE L 993 26.21 17.48 9.21
N GLY L 994 26.29 18.44 10.13
CA GLY L 994 25.83 18.21 11.47
C GLY L 994 26.71 17.28 12.28
N GLY L 995 26.11 16.76 13.34
CA GLY L 995 26.79 15.84 14.20
C GLY L 995 26.60 16.08 15.69
N ASP L 996 25.78 17.07 16.06
CA ASP L 996 25.57 17.35 17.49
C ASP L 996 25.16 16.08 18.18
N ASP L 997 24.52 15.25 17.36
CA ASP L 997 24.09 13.92 17.67
C ASP L 997 23.74 13.29 16.36
N SER L 998 23.67 11.99 16.36
CA SER L 998 23.39 11.35 15.09
C SER L 998 22.06 10.67 15.07
N TRP L 999 21.11 11.13 15.84
CA TRP L 999 19.85 10.46 15.78
C TRP L 999 18.71 11.42 15.80
N SER L 1000 19.06 12.58 15.28
CA SER L 1000 18.21 13.70 15.11
C SER L 1000 18.92 14.66 14.20
N PRO L 1001 18.09 15.53 13.69
CA PRO L 1001 18.47 16.62 12.80
C PRO L 1001 19.35 17.54 13.63
N SER L 1002 20.60 17.62 13.20
CA SER L 1002 21.61 18.31 13.94
C SER L 1002 22.39 19.32 13.12
N VAL L 1003 21.80 19.65 11.97
CA VAL L 1003 22.39 20.65 11.09
C VAL L 1003 21.84 22.03 11.42
N SER L 1004 22.70 22.94 11.84
CA SER L 1004 22.19 24.25 12.13
C SER L 1004 21.65 25.03 10.97
N ALA L 1005 20.69 25.82 11.34
CA ALA L 1005 20.00 26.58 10.36
C ALA L 1005 20.84 27.33 9.38
N GLU L 1006 21.95 27.86 9.88
CA GLU L 1006 22.86 28.62 9.04
C GLU L 1006 23.45 27.73 8.02
N PHE L 1007 23.27 26.44 8.21
CA PHE L 1007 23.82 25.53 7.25
C PHE L 1007 22.86 24.86 6.34
N GLN L 1008 21.58 25.20 6.44
CA GLN L 1008 20.59 24.66 5.56
C GLN L 1008 20.38 25.53 4.32
N LEU L 1009 19.97 24.92 3.20
CA LEU L 1009 19.78 25.61 1.93
C LEU L 1009 18.37 26.08 1.90
N SER L 1010 18.15 27.13 2.61
CA SER L 1010 16.82 27.63 2.79
C SER L 1010 16.47 28.93 2.05
N ALA L 1011 17.42 29.49 1.33
CA ALA L 1011 17.25 30.74 0.62
C ALA L 1011 16.13 30.85 -0.38
N GLY L 1012 15.80 29.74 -1.00
CA GLY L 1012 14.74 29.77 -1.98
C GLY L 1012 15.30 30.07 -3.37
N ARG L 1013 16.34 30.88 -3.41
CA ARG L 1013 16.91 31.18 -4.68
C ARG L 1013 18.39 31.14 -4.63
N TYR L 1014 18.92 30.46 -5.62
CA TYR L 1014 20.33 30.28 -5.72
C TYR L 1014 20.86 30.55 -7.08
N HIS L 1015 22.04 31.13 -7.07
CA HIS L 1015 22.67 31.48 -8.29
C HIS L 1015 24.14 31.10 -8.29
N TYR L 1016 24.61 30.56 -9.41
CA TYR L 1016 26.03 30.28 -9.48
C TYR L 1016 26.53 30.23 -10.89
N GLN L 1017 27.85 30.37 -10.99
CA GLN L 1017 28.50 30.38 -12.28
C GLN L 1017 29.83 29.72 -12.36
N LEU L 1018 30.07 29.29 -13.56
CA LEU L 1018 31.21 28.53 -13.87
C LEU L 1018 31.79 28.66 -15.22
N VAL L 1019 33.08 28.38 -15.24
CA VAL L 1019 33.78 28.34 -16.48
C VAL L 1019 34.56 27.11 -16.69
N TRP L 1020 34.29 26.56 -17.83
CA TRP L 1020 34.92 25.34 -18.22
C TRP L 1020 35.75 25.44 -19.48
N CME L 1021 37.00 24.97 -19.38
CA CME L 1021 37.91 24.91 -20.48
CB CME L 1021 38.70 26.17 -20.70
SG CME L 1021 38.31 27.27 -19.39
SD CME L 1021 40.06 27.49 -18.65
CE CME L 1021 40.74 26.01 -19.46
CZ CME L 1021 41.69 26.34 -20.61
OH CME L 1021 43.02 26.50 -20.10
C CME L 1021 38.88 23.78 -20.39
O CME L 1021 38.95 23.03 -19.43
N GLN L 1022 39.63 23.74 -21.48
CA GLN L 1022 40.63 22.76 -21.74
C GLN L 1022 41.89 23.36 -22.20
N LYS L 1023 42.88 22.53 -22.01
CA LYS L 1023 44.24 22.76 -22.40
C LYS L 1023 44.61 21.59 -23.29
N ILE M 3 -94.10 -132.84 -153.66
CA ILE M 3 -92.61 -132.87 -153.45
C ILE M 3 -91.87 -131.51 -153.40
N THR M 4 -92.33 -130.66 -154.27
CA THR M 4 -91.79 -129.35 -154.31
C THR M 4 -92.61 -128.60 -153.32
N ASP M 5 -93.63 -129.27 -152.77
CA ASP M 5 -94.47 -128.74 -151.73
C ASP M 5 -93.83 -129.13 -150.39
N SER M 6 -92.76 -129.86 -150.52
CA SER M 6 -92.06 -130.33 -149.38
C SER M 6 -91.34 -129.22 -148.63
N LEU M 7 -91.46 -129.32 -147.34
CA LEU M 7 -90.77 -128.42 -146.46
C LEU M 7 -89.33 -128.33 -146.88
N ALA M 8 -88.76 -129.48 -146.99
CA ALA M 8 -87.36 -129.56 -147.29
C ALA M 8 -86.96 -128.62 -148.38
N VAL M 9 -87.86 -128.59 -149.33
CA VAL M 9 -87.74 -127.81 -150.52
C VAL M 9 -88.08 -126.34 -150.25
N VAL M 10 -89.29 -126.10 -149.78
CA VAL M 10 -89.75 -124.79 -149.46
C VAL M 10 -88.77 -124.02 -148.57
N LEU M 11 -88.47 -124.55 -147.43
CA LEU M 11 -87.57 -123.87 -146.51
C LEU M 11 -86.16 -123.77 -147.00
N GLN M 12 -86.00 -124.28 -148.17
CA GLN M 12 -84.66 -124.28 -148.64
C GLN M 12 -84.22 -122.84 -148.92
N ARG M 13 -85.17 -122.17 -149.55
CA ARG M 13 -85.02 -120.80 -149.95
C ARG M 13 -84.73 -119.84 -148.78
N ARG M 14 -85.39 -120.05 -147.63
CA ARG M 14 -85.12 -119.17 -146.52
C ARG M 14 -85.48 -117.71 -146.86
N ASP M 15 -86.73 -117.61 -147.29
CA ASP M 15 -87.36 -116.40 -147.70
C ASP M 15 -87.40 -115.35 -146.61
N TRP M 16 -87.46 -115.87 -145.41
CA TRP M 16 -87.48 -115.10 -144.20
C TRP M 16 -86.11 -114.55 -143.87
N GLU M 17 -85.14 -114.75 -144.74
CA GLU M 17 -83.86 -114.12 -144.50
C GLU M 17 -83.48 -113.36 -145.75
N ASN M 18 -84.52 -112.84 -146.40
CA ASN M 18 -84.31 -112.11 -147.60
C ASN M 18 -85.31 -111.00 -147.84
N PRO M 19 -84.83 -109.79 -147.58
CA PRO M 19 -85.51 -108.53 -147.75
C PRO M 19 -86.03 -108.43 -149.18
N GLY M 20 -85.40 -109.18 -150.07
CA GLY M 20 -85.84 -109.20 -151.45
C GLY M 20 -87.14 -109.99 -151.55
N VAL M 21 -87.42 -110.86 -150.59
CA VAL M 21 -88.67 -111.56 -150.73
C VAL M 21 -89.57 -111.21 -149.61
N THR M 22 -90.63 -110.55 -149.97
CA THR M 22 -91.51 -110.16 -148.90
C THR M 22 -92.86 -110.81 -148.99
N GLN M 23 -93.09 -111.46 -150.11
CA GLN M 23 -94.31 -112.16 -150.34
C GLN M 23 -94.12 -113.10 -151.51
N LEU M 24 -95.08 -114.03 -151.67
CA LEU M 24 -95.12 -114.96 -152.80
C LEU M 24 -96.55 -115.29 -153.10
N ASN M 25 -96.97 -114.97 -154.29
CA ASN M 25 -98.35 -115.27 -154.65
C ASN M 25 -99.41 -114.60 -153.82
N ARG M 26 -99.05 -113.50 -153.20
CA ARG M 26 -99.99 -112.77 -152.41
C ARG M 26 -100.77 -111.86 -153.31
N LEU M 27 -102.06 -111.77 -153.15
CA LEU M 27 -102.83 -110.87 -153.98
C LEU M 27 -102.58 -109.40 -153.65
N ALA M 28 -103.21 -108.59 -154.48
CA ALA M 28 -103.09 -107.18 -154.31
C ALA M 28 -104.00 -106.65 -153.24
N ALA M 29 -103.54 -105.50 -152.69
CA ALA M 29 -104.22 -104.78 -151.64
C ALA M 29 -105.45 -103.98 -152.05
N HIS M 30 -106.32 -103.69 -151.12
CA HIS M 30 -107.51 -102.93 -151.52
C HIS M 30 -108.32 -102.75 -150.27
N PRO M 31 -109.26 -101.86 -150.44
CA PRO M 31 -110.14 -101.62 -149.36
C PRO M 31 -110.96 -102.86 -149.24
N PRO M 32 -111.53 -102.94 -148.12
CA PRO M 32 -112.37 -103.98 -147.66
C PRO M 32 -113.54 -104.32 -148.54
N PHE M 33 -113.60 -105.64 -148.83
CA PHE M 33 -114.67 -106.19 -149.62
C PHE M 33 -115.51 -107.19 -148.84
N ALA M 34 -116.78 -107.32 -149.25
CA ALA M 34 -117.76 -108.26 -148.70
C ALA M 34 -118.37 -109.12 -149.83
N SER M 35 -118.40 -108.56 -151.02
CA SER M 35 -118.97 -109.28 -152.11
C SER M 35 -120.45 -109.49 -151.93
N TRP M 36 -121.15 -108.51 -151.41
CA TRP M 36 -122.55 -108.69 -151.31
C TRP M 36 -123.09 -109.04 -152.67
N ARG M 37 -124.25 -109.67 -152.61
CA ARG M 37 -124.96 -110.02 -153.80
C ARG M 37 -126.33 -109.41 -153.81
N ASN M 38 -126.55 -108.57 -152.82
CA ASN M 38 -127.77 -107.82 -152.74
C ASN M 38 -127.48 -106.41 -152.26
N SER M 39 -127.89 -105.49 -153.11
CA SER M 39 -127.72 -104.10 -152.84
C SER M 39 -128.12 -103.69 -151.41
N GLU M 40 -129.37 -103.94 -151.07
CA GLU M 40 -129.85 -103.57 -149.77
C GLU M 40 -128.95 -104.00 -148.65
N GLU M 41 -128.53 -105.25 -148.74
CA GLU M 41 -127.68 -105.81 -147.72
C GLU M 41 -126.44 -104.99 -147.58
N ALA M 42 -125.83 -104.79 -148.72
CA ALA M 42 -124.64 -103.98 -148.74
C ALA M 42 -124.98 -102.60 -148.24
N ARG M 43 -126.05 -102.08 -148.75
CA ARG M 43 -126.43 -100.77 -148.34
C ARG M 43 -126.61 -100.63 -146.86
N THR M 44 -127.06 -101.69 -146.23
CA THR M 44 -127.32 -101.58 -144.79
C THR M 44 -126.27 -102.28 -144.01
N ASP M 45 -125.21 -102.58 -144.68
CA ASP M 45 -124.14 -103.24 -144.01
C ASP M 45 -124.57 -104.53 -143.36
N ARG M 46 -125.33 -105.35 -144.06
CA ARG M 46 -125.61 -106.62 -143.45
C ARG M 46 -124.43 -107.51 -143.61
N PRO M 47 -124.61 -108.76 -143.32
CA PRO M 47 -123.46 -109.61 -143.44
C PRO M 47 -123.50 -110.38 -144.70
N SER M 48 -122.35 -110.46 -145.29
CA SER M 48 -122.32 -111.14 -146.53
C SER M 48 -121.88 -112.55 -146.36
N GLN M 49 -122.61 -113.34 -147.07
CA GLN M 49 -122.41 -114.73 -147.07
C GLN M 49 -121.18 -115.13 -147.86
N GLN M 50 -120.64 -114.23 -148.72
CA GLN M 50 -119.45 -114.58 -149.51
C GLN M 50 -118.20 -114.39 -148.70
N LEU M 51 -118.52 -114.03 -147.48
CA LEU M 51 -117.53 -113.78 -146.52
C LEU M 51 -117.71 -114.62 -145.29
N ARG M 52 -116.68 -115.41 -145.05
CA ARG M 52 -116.73 -116.35 -143.98
C ARG M 52 -115.52 -116.35 -143.09
N SER M 53 -115.82 -116.36 -141.78
CA SER M 53 -114.76 -116.39 -140.81
C SER M 53 -114.26 -117.76 -140.47
N LEU M 54 -112.97 -117.86 -140.29
CA LEU M 54 -112.33 -119.11 -139.92
C LEU M 54 -111.79 -119.05 -138.53
N ASN M 55 -112.30 -118.06 -137.83
CA ASN M 55 -111.88 -117.88 -136.48
C ASN M 55 -112.51 -118.95 -135.66
N GLY M 56 -111.70 -119.48 -134.73
CA GLY M 56 -112.17 -120.48 -133.81
C GLY M 56 -111.09 -121.42 -133.35
N GLU M 57 -111.51 -122.67 -133.11
CA GLU M 57 -110.56 -123.64 -132.65
C GLU M 57 -109.75 -124.14 -133.79
N TRP M 58 -108.47 -124.24 -133.53
CA TRP M 58 -107.53 -124.64 -134.56
C TRP M 58 -106.51 -125.51 -133.90
N ARG M 59 -105.68 -126.12 -134.69
CA ARG M 59 -104.71 -126.95 -134.03
C ARG M 59 -103.36 -126.35 -134.11
N PHE M 60 -102.70 -126.41 -132.98
CA PHE M 60 -101.44 -125.77 -132.88
C PHE M 60 -100.30 -126.61 -132.39
N ALA M 61 -99.13 -126.34 -132.91
CA ALA M 61 -97.95 -126.99 -132.38
C ALA M 61 -96.73 -126.10 -132.55
N TRP M 62 -95.94 -126.08 -131.53
CA TRP M 62 -94.78 -125.23 -131.48
C TRP M 62 -93.43 -125.88 -131.65
N PHE M 63 -92.53 -125.24 -132.34
CA PHE M 63 -91.19 -125.76 -132.53
C PHE M 63 -90.20 -124.67 -132.41
N PRO M 64 -89.13 -125.05 -131.85
CA PRO M 64 -87.94 -124.25 -131.64
C PRO M 64 -87.34 -123.77 -132.93
N ALA M 65 -87.75 -124.41 -134.01
CA ALA M 65 -87.22 -124.07 -135.31
C ALA M 65 -88.03 -124.69 -136.42
N PRO M 66 -87.95 -124.03 -137.53
CA PRO M 66 -88.65 -124.43 -138.73
C PRO M 66 -88.22 -125.83 -139.19
N GLU M 67 -86.91 -126.06 -139.13
CA GLU M 67 -86.30 -127.32 -139.50
C GLU M 67 -86.91 -128.52 -138.77
N ALA M 68 -87.05 -128.38 -137.48
CA ALA M 68 -87.71 -129.34 -136.65
C ALA M 68 -89.12 -129.68 -137.15
N VAL M 69 -89.71 -128.90 -138.01
CA VAL M 69 -91.02 -129.34 -138.41
C VAL M 69 -90.93 -130.61 -139.26
N PRO M 70 -91.83 -131.53 -138.97
CA PRO M 70 -91.91 -132.82 -139.59
C PRO M 70 -92.82 -132.86 -140.79
N GLU M 71 -92.23 -133.47 -141.82
CA GLU M 71 -92.92 -133.56 -143.07
C GLU M 71 -94.42 -133.95 -143.08
N SER M 72 -94.74 -134.84 -142.17
CA SER M 72 -96.10 -135.33 -142.03
C SER M 72 -97.09 -134.24 -141.80
N TRP M 73 -96.56 -133.22 -141.11
CA TRP M 73 -97.37 -132.12 -140.70
C TRP M 73 -98.26 -131.67 -141.85
N LEU M 74 -97.66 -131.73 -143.05
CA LEU M 74 -98.32 -131.29 -144.25
C LEU M 74 -99.57 -132.04 -144.58
N GLU M 75 -99.37 -133.30 -144.27
CA GLU M 75 -100.34 -134.32 -144.52
C GLU M 75 -101.34 -134.49 -143.44
N CYS M 76 -100.80 -134.69 -142.25
CA CYS M 76 -101.64 -135.01 -141.15
C CYS M 76 -101.33 -134.19 -139.97
N ASP M 77 -102.43 -133.96 -139.22
CA ASP M 77 -102.36 -133.25 -137.96
C ASP M 77 -101.46 -134.00 -137.02
N LEU M 78 -100.93 -133.31 -136.06
CA LEU M 78 -100.08 -134.04 -135.17
C LEU M 78 -100.85 -134.62 -134.02
N PRO M 79 -100.19 -135.58 -133.44
CA PRO M 79 -100.74 -136.27 -132.31
C PRO M 79 -100.68 -135.30 -131.14
N GLU M 80 -99.46 -134.75 -131.02
CA GLU M 80 -99.07 -133.81 -129.98
C GLU M 80 -99.53 -132.37 -130.20
N ALA M 81 -100.45 -132.21 -131.13
CA ALA M 81 -100.99 -130.91 -131.40
C ALA M 81 -101.98 -130.55 -130.32
N ASP M 82 -102.18 -129.26 -130.12
CA ASP M 82 -103.13 -128.77 -129.16
C ASP M 82 -104.22 -128.05 -129.88
N THR M 83 -105.32 -127.95 -129.21
CA THR M 83 -106.40 -127.23 -129.79
C THR M 83 -106.31 -125.85 -129.20
N VAL M 84 -106.39 -124.84 -130.07
CA VAL M 84 -106.23 -123.46 -129.69
C VAL M 84 -107.20 -122.54 -130.37
N VAL M 85 -107.38 -121.41 -129.72
CA VAL M 85 -108.21 -120.39 -130.32
C VAL M 85 -107.43 -119.42 -131.18
N VAL M 86 -108.05 -119.14 -132.30
CA VAL M 86 -107.50 -118.23 -133.23
C VAL M 86 -108.54 -117.16 -133.51
N PRO M 87 -108.13 -115.89 -133.46
CA PRO M 87 -106.73 -115.52 -133.35
C PRO M 87 -106.20 -115.37 -131.96
N SER M 88 -104.88 -115.36 -131.93
CA SER M 88 -104.19 -115.23 -130.67
C SER M 88 -102.69 -115.16 -130.86
N ASN M 89 -102.02 -114.89 -129.74
CA ASN M 89 -100.58 -114.83 -129.64
C ASN M 89 -100.16 -116.00 -128.82
N TRP M 90 -99.29 -116.75 -129.40
CA TRP M 90 -98.87 -117.92 -128.72
C TRP M 90 -98.13 -117.73 -127.43
N GLN M 91 -97.45 -116.60 -127.24
CA GLN M 91 -96.76 -116.44 -125.98
C GLN M 91 -97.80 -116.40 -124.90
N MET M 92 -99.01 -115.99 -125.32
CA MET M 92 -100.15 -115.86 -124.42
C MET M 92 -100.69 -117.18 -123.94
N HIS M 93 -100.15 -118.24 -124.50
CA HIS M 93 -100.61 -119.57 -124.16
C HIS M 93 -99.53 -120.39 -123.59
N GLY M 94 -98.48 -119.74 -123.19
CA GLY M 94 -97.40 -120.42 -122.57
C GLY M 94 -96.37 -121.00 -123.51
N TYR M 95 -96.66 -120.95 -124.83
CA TYR M 95 -95.66 -121.54 -125.70
C TYR M 95 -94.21 -121.11 -125.57
N ASP M 96 -94.05 -119.81 -125.40
CA ASP M 96 -92.75 -119.19 -125.16
C ASP M 96 -93.05 -117.87 -124.54
N ALA M 97 -91.95 -117.17 -124.29
CA ALA M 97 -91.97 -115.87 -123.66
C ALA M 97 -92.19 -114.70 -124.58
N PRO M 98 -92.93 -113.74 -124.04
CA PRO M 98 -93.12 -112.51 -124.73
C PRO M 98 -91.94 -111.68 -124.26
N ILE M 99 -91.41 -110.84 -125.13
CA ILE M 99 -90.31 -110.01 -124.75
C ILE M 99 -90.67 -108.53 -124.78
N TYR M 100 -90.19 -107.90 -123.73
CA TYR M 100 -90.33 -106.49 -123.59
C TYR M 100 -88.98 -105.79 -123.63
N THR M 101 -88.62 -105.41 -124.86
CA THR M 101 -87.46 -104.61 -125.13
C THR M 101 -87.97 -103.38 -125.90
N ASN M 102 -87.30 -102.26 -125.72
CA ASN M 102 -87.65 -100.98 -126.35
C ASN M 102 -87.00 -100.69 -127.71
N VAL M 103 -85.68 -100.48 -127.61
CA VAL M 103 -84.86 -100.11 -128.73
C VAL M 103 -84.11 -101.28 -129.25
N THR M 104 -83.44 -101.88 -128.30
CA THR M 104 -82.64 -103.02 -128.61
C THR M 104 -83.44 -104.17 -129.17
N TYR M 105 -82.96 -104.64 -130.31
CA TYR M 105 -83.55 -105.74 -131.01
C TYR M 105 -83.41 -106.99 -130.16
N PRO M 106 -84.47 -107.77 -130.17
CA PRO M 106 -84.58 -109.02 -129.45
C PRO M 106 -83.59 -110.04 -130.00
N ILE M 107 -83.34 -109.93 -131.28
CA ILE M 107 -82.40 -110.83 -131.87
C ILE M 107 -81.13 -110.09 -132.16
N THR M 108 -80.15 -110.82 -132.63
CA THR M 108 -78.88 -110.25 -132.93
C THR M 108 -78.89 -109.46 -134.21
N VAL M 109 -78.18 -108.36 -134.15
CA VAL M 109 -78.18 -107.51 -135.31
C VAL M 109 -77.27 -107.90 -136.43
N ASN M 110 -77.89 -108.56 -137.38
CA ASN M 110 -77.14 -109.02 -138.52
C ASN M 110 -78.02 -109.26 -139.69
N PRO M 111 -78.63 -108.20 -140.08
CA PRO M 111 -79.51 -108.23 -141.20
C PRO M 111 -78.75 -108.77 -142.41
N PRO M 112 -79.49 -109.50 -143.19
CA PRO M 112 -80.93 -109.73 -142.99
C PRO M 112 -81.17 -111.04 -142.29
N PHE M 113 -80.22 -111.37 -141.46
CA PHE M 113 -80.31 -112.61 -140.77
C PHE M 113 -80.92 -112.61 -139.42
N VAL M 114 -81.79 -113.58 -139.35
CA VAL M 114 -82.55 -114.00 -138.19
C VAL M 114 -81.77 -115.16 -137.51
N PRO M 115 -81.99 -115.37 -136.22
CA PRO M 115 -81.31 -116.44 -135.51
C PRO M 115 -81.81 -117.82 -135.92
N THR M 116 -80.89 -118.76 -135.81
CA THR M 116 -81.15 -120.14 -136.22
C THR M 116 -82.32 -120.82 -135.50
N GLU M 117 -82.45 -120.50 -134.22
CA GLU M 117 -83.51 -120.97 -133.38
C GLU M 117 -84.63 -120.00 -133.49
N ASN M 118 -85.58 -120.35 -134.30
CA ASN M 118 -86.62 -119.44 -134.49
C ASN M 118 -87.97 -120.11 -134.34
N PRO M 119 -88.53 -119.74 -133.27
CA PRO M 119 -89.79 -120.24 -132.85
C PRO M 119 -90.82 -120.30 -133.91
N THR M 120 -91.09 -121.53 -134.30
CA THR M 120 -92.08 -121.78 -135.30
C THR M 120 -93.40 -122.26 -134.73
N GLY M 121 -94.50 -121.77 -135.29
CA GLY M 121 -95.81 -122.14 -134.81
C GLY M 121 -96.63 -122.72 -135.95
N CYS M 122 -96.94 -124.01 -135.85
CA CYS M 122 -97.71 -124.67 -136.89
C CYS M 122 -99.16 -124.73 -136.57
N TYR M 123 -99.89 -123.99 -137.37
CA TYR M 123 -101.32 -123.90 -137.21
C TYR M 123 -101.94 -124.67 -138.33
N SER M 124 -103.03 -125.33 -138.01
CA SER M 124 -103.69 -126.16 -139.00
C SER M 124 -105.15 -126.10 -138.78
N LEU M 125 -105.82 -126.24 -139.88
CA LEU M 125 -107.24 -126.22 -139.80
C LEU M 125 -107.93 -126.88 -140.97
N THR M 126 -108.85 -127.68 -140.52
CA THR M 126 -109.63 -128.49 -141.36
C THR M 126 -111.03 -127.98 -141.47
N PHE M 127 -111.49 -127.85 -142.69
CA PHE M 127 -112.80 -127.30 -142.86
C PHE M 127 -113.41 -127.69 -144.18
N ASN M 128 -114.69 -127.35 -144.17
CA ASN M 128 -115.59 -127.63 -145.23
C ASN M 128 -115.92 -126.46 -146.05
N VAL M 129 -116.19 -126.76 -147.31
CA VAL M 129 -116.50 -125.78 -148.32
C VAL M 129 -117.73 -126.11 -149.12
N ASP M 130 -118.67 -125.18 -149.19
CA ASP M 130 -119.80 -125.50 -150.04
C ASP M 130 -119.26 -125.60 -151.47
N GLU M 131 -119.68 -126.60 -152.22
CA GLU M 131 -119.14 -126.66 -153.55
C GLU M 131 -119.73 -125.60 -154.46
N SER M 132 -120.88 -125.08 -154.07
CA SER M 132 -121.43 -124.03 -154.88
C SER M 132 -120.28 -123.02 -155.21
N TRP M 133 -119.48 -122.76 -154.18
CA TRP M 133 -118.34 -121.89 -154.26
C TRP M 133 -117.27 -122.43 -155.16
N LEU M 134 -117.20 -123.73 -155.10
CA LEU M 134 -116.23 -124.46 -155.84
C LEU M 134 -116.54 -124.48 -157.31
N GLN M 135 -117.82 -124.27 -157.66
CA GLN M 135 -118.14 -124.29 -159.06
C GLN M 135 -117.66 -123.05 -159.72
N GLU M 136 -118.47 -122.02 -159.56
CA GLU M 136 -118.19 -120.73 -160.13
C GLU M 136 -117.43 -119.78 -159.18
N GLY M 137 -116.98 -118.66 -159.72
CA GLY M 137 -116.32 -117.62 -158.96
C GLY M 137 -114.92 -117.91 -158.40
N GLN M 138 -114.56 -117.04 -157.46
CA GLN M 138 -113.27 -117.12 -156.85
C GLN M 138 -113.22 -117.04 -155.36
N THR M 139 -112.36 -117.92 -154.87
CA THR M 139 -112.23 -118.05 -153.47
C THR M 139 -110.86 -117.82 -152.91
N ARG M 140 -110.86 -116.81 -152.07
CA ARG M 140 -109.64 -116.50 -151.43
C ARG M 140 -109.77 -116.41 -149.93
N ILE M 141 -108.58 -116.59 -149.41
CA ILE M 141 -108.39 -116.52 -148.01
C ILE M 141 -107.62 -115.27 -147.61
N ILE M 142 -107.97 -114.84 -146.40
CA ILE M 142 -107.37 -113.66 -145.86
C ILE M 142 -107.00 -113.66 -144.42
N PHE M 143 -105.73 -113.38 -144.23
CA PHE M 143 -105.17 -113.21 -142.92
C PHE M 143 -104.99 -111.75 -142.58
N ASP M 144 -105.82 -111.27 -141.69
CA ASP M 144 -105.72 -109.89 -141.29
C ASP M 144 -104.45 -109.53 -140.53
N GLY M 145 -103.78 -110.53 -139.98
CA GLY M 145 -102.55 -110.30 -139.27
C GLY M 145 -101.90 -111.58 -138.73
N VAL M 146 -100.63 -111.73 -139.12
CA VAL M 146 -99.72 -112.84 -138.78
C VAL M 146 -98.30 -112.32 -138.52
N ASN M 147 -97.84 -112.54 -137.33
CA ASN M 147 -96.56 -112.01 -136.98
C ASN M 147 -95.55 -113.09 -136.75
N SER M 148 -94.39 -113.01 -137.41
CA SER M 148 -93.96 -111.95 -138.29
C SER M 148 -93.99 -112.30 -139.75
N ALA M 149 -93.79 -113.58 -140.04
CA ALA M 149 -93.75 -114.12 -141.39
C ALA M 149 -94.40 -115.50 -141.52
N PHE M 150 -94.71 -115.93 -142.73
CA PHE M 150 -95.29 -117.25 -142.83
C PHE M 150 -95.49 -117.81 -144.22
N HIS M 151 -95.48 -119.16 -144.21
CA HIS M 151 -95.72 -120.02 -145.36
C HIS M 151 -97.07 -120.65 -145.31
N LEU M 152 -97.57 -120.96 -146.45
CA LEU M 152 -98.88 -121.52 -146.37
C LEU M 152 -99.20 -122.67 -147.34
N TRP M 153 -99.91 -123.67 -146.78
CA TRP M 153 -100.34 -124.80 -147.57
C TRP M 153 -101.82 -125.07 -147.50
N CYS M 154 -102.28 -125.61 -148.61
CA CYS M 154 -103.67 -125.95 -148.66
C CYS M 154 -103.78 -127.28 -149.32
N ASN M 155 -104.36 -128.16 -148.51
CA ASN M 155 -104.55 -129.52 -148.88
C ASN M 155 -103.21 -130.10 -149.36
N GLY M 156 -102.16 -129.89 -148.58
CA GLY M 156 -100.84 -130.46 -148.89
C GLY M 156 -100.04 -129.66 -149.88
N ARG M 157 -100.77 -128.76 -150.51
CA ARG M 157 -100.15 -127.95 -151.49
C ARG M 157 -99.65 -126.60 -151.00
N TRP M 158 -98.41 -126.33 -151.39
CA TRP M 158 -97.82 -125.06 -151.05
C TRP M 158 -98.52 -123.91 -151.76
N VAL M 159 -98.82 -122.87 -151.02
CA VAL M 159 -99.54 -121.77 -151.63
C VAL M 159 -98.76 -120.47 -151.74
N GLY M 160 -98.24 -119.98 -150.65
CA GLY M 160 -97.52 -118.75 -150.74
C GLY M 160 -96.85 -118.38 -149.43
N TYR M 161 -96.37 -117.16 -149.46
CA TYR M 161 -95.64 -116.61 -148.36
C TYR M 161 -95.95 -115.14 -148.21
N GLY M 162 -95.71 -114.63 -147.00
CA GLY M 162 -95.99 -113.24 -146.69
C GLY M 162 -95.20 -112.64 -145.51
N GLN M 163 -95.00 -111.30 -145.57
CA GLN M 163 -94.33 -110.54 -144.53
C GLN M 163 -95.17 -109.29 -144.16
N ASP M 164 -94.73 -108.60 -143.08
CA ASP M 164 -95.41 -107.44 -142.56
C ASP M 164 -96.58 -107.86 -141.69
N SER M 165 -96.26 -107.90 -140.40
CA SER M 165 -97.26 -108.32 -139.43
C SER M 165 -98.49 -107.49 -139.34
N ARG M 166 -98.51 -106.29 -139.89
CA ARG M 166 -99.68 -105.49 -139.66
C ARG M 166 -100.66 -105.35 -140.76
N LEU M 167 -100.34 -105.89 -141.92
CA LEU M 167 -101.33 -105.82 -142.96
C LEU M 167 -101.78 -107.20 -143.37
N PRO M 168 -102.93 -107.21 -144.00
CA PRO M 168 -103.58 -108.37 -144.52
C PRO M 168 -102.82 -109.03 -145.62
N SER M 169 -102.98 -110.36 -145.64
CA SER M 169 -102.41 -111.17 -146.69
C SER M 169 -103.49 -111.97 -147.37
N GLU M 170 -103.50 -111.91 -148.69
CA GLU M 170 -104.53 -112.62 -149.39
C GLU M 170 -104.01 -113.53 -150.44
N PHE M 171 -104.73 -114.66 -150.46
CA PHE M 171 -104.50 -115.67 -151.45
C PHE M 171 -105.72 -116.32 -152.01
N ASP M 172 -105.50 -116.64 -153.29
CA ASP M 172 -106.47 -117.33 -154.11
C ASP M 172 -106.43 -118.81 -153.82
N LEU M 173 -107.52 -119.29 -153.28
CA LEU M 173 -107.49 -120.69 -152.96
C LEU M 173 -108.05 -121.59 -154.00
N SER M 174 -108.82 -120.91 -154.82
CA SER M 174 -109.57 -121.41 -155.92
C SER M 174 -109.07 -122.72 -156.49
N ALA M 175 -107.78 -122.80 -156.74
CA ALA M 175 -107.26 -124.03 -157.30
C ALA M 175 -106.83 -125.11 -156.32
N PHE M 176 -107.07 -124.95 -155.02
CA PHE M 176 -106.58 -126.00 -154.15
C PHE M 176 -107.66 -126.62 -153.36
N LEU M 177 -108.78 -125.98 -153.48
CA LEU M 177 -109.89 -126.45 -152.76
C LEU M 177 -110.54 -127.61 -153.41
N ARG M 178 -111.07 -128.45 -152.53
CA ARG M 178 -111.81 -129.64 -152.87
C ARG M 178 -113.12 -129.48 -152.22
N ALA M 179 -114.12 -130.17 -152.75
CA ALA M 179 -115.37 -130.05 -152.04
C ALA M 179 -115.28 -130.83 -150.75
N GLY M 180 -116.01 -130.28 -149.80
CA GLY M 180 -116.02 -130.84 -148.50
C GLY M 180 -114.79 -130.45 -147.70
N GLU M 181 -114.11 -131.49 -147.29
CA GLU M 181 -113.01 -131.35 -146.40
C GLU M 181 -111.72 -130.80 -146.85
N ASN M 182 -111.35 -129.64 -146.29
CA ASN M 182 -110.07 -129.12 -146.63
C ASN M 182 -109.22 -128.87 -145.43
N ARG M 183 -107.94 -128.81 -145.71
CA ARG M 183 -107.03 -128.57 -144.64
C ARG M 183 -105.91 -127.58 -144.95
N LEU M 184 -105.86 -126.56 -144.07
CA LEU M 184 -104.82 -125.56 -144.12
C LEU M 184 -103.72 -125.82 -143.14
N ALA M 185 -102.53 -125.54 -143.61
CA ALA M 185 -101.36 -125.62 -142.78
C ALA M 185 -100.51 -124.40 -142.98
N VAL M 186 -100.48 -123.64 -141.89
CA VAL M 186 -99.78 -122.41 -141.81
C VAL M 186 -98.59 -122.48 -140.92
N MET M 187 -97.46 -122.22 -141.50
CA MET M 187 -96.30 -122.21 -140.67
C MET M 187 -95.89 -120.77 -140.44
N VAL M 188 -95.91 -120.35 -139.19
CA VAL M 188 -95.62 -118.98 -138.78
C VAL M 188 -94.28 -118.79 -138.10
N LEU M 189 -93.50 -117.74 -138.45
CA LEU M 189 -92.22 -117.55 -137.78
C LEU M 189 -92.05 -116.30 -136.93
N ARG M 190 -91.34 -116.49 -135.84
CA ARG M 190 -91.13 -115.38 -134.96
C ARG M 190 -90.34 -114.31 -135.64
N TRP M 191 -89.14 -114.68 -136.03
CA TRP M 191 -88.24 -113.78 -136.70
C TRP M 191 -88.23 -113.92 -138.19
N SER M 192 -88.03 -112.80 -138.87
CA SER M 192 -87.94 -112.74 -140.32
C SER M 192 -87.14 -111.53 -140.69
N ASP M 193 -86.85 -111.33 -141.97
CA ASP M 193 -86.12 -110.11 -142.28
C ASP M 193 -87.04 -108.91 -141.92
N GLY M 194 -88.39 -109.15 -141.97
CA GLY M 194 -89.43 -108.15 -141.62
C GLY M 194 -89.25 -107.59 -140.22
N SER M 195 -88.67 -108.44 -139.42
CA SER M 195 -88.41 -108.11 -138.05
C SER M 195 -87.53 -106.89 -137.95
N TYR M 196 -86.57 -106.79 -138.85
CA TYR M 196 -85.74 -105.62 -138.78
C TYR M 196 -86.53 -104.31 -138.94
N LEU M 197 -87.72 -104.40 -139.53
CA LEU M 197 -88.54 -103.22 -139.71
C LEU M 197 -89.61 -103.12 -138.69
N GLU M 198 -89.47 -103.93 -137.66
CA GLU M 198 -90.52 -103.90 -136.67
C GLU M 198 -89.99 -103.69 -135.26
N ASP M 199 -89.09 -102.72 -135.06
CA ASP M 199 -88.51 -102.51 -133.74
C ASP M 199 -89.27 -101.62 -132.76
N GLN M 200 -90.61 -101.65 -132.86
CA GLN M 200 -91.42 -100.83 -131.96
C GLN M 200 -91.24 -101.17 -130.48
N ASP M 201 -91.24 -100.12 -129.64
CA ASP M 201 -91.14 -100.26 -128.18
C ASP M 201 -92.42 -100.86 -127.62
N MET M 202 -92.48 -102.18 -127.66
CA MET M 202 -93.66 -102.91 -127.21
C MET M 202 -93.26 -104.34 -126.93
N TRP M 203 -94.25 -105.11 -126.50
CA TRP M 203 -94.00 -106.51 -126.23
C TRP M 203 -93.84 -107.18 -127.56
N ARG M 204 -92.85 -108.06 -127.62
CA ARG M 204 -92.60 -108.79 -128.83
C ARG M 204 -93.29 -110.16 -128.76
N MET M 205 -94.34 -110.28 -129.52
CA MET M 205 -95.12 -111.48 -129.55
C MET M 205 -95.16 -112.16 -130.92
N SER M 206 -96.13 -113.07 -131.14
CA SER M 206 -96.26 -113.80 -132.43
C SER M 206 -97.48 -114.63 -132.59
N GLY M 207 -97.76 -114.93 -133.86
CA GLY M 207 -98.90 -115.75 -134.21
C GLY M 207 -99.89 -115.13 -135.16
N ILE M 208 -101.07 -115.73 -135.14
CA ILE M 208 -102.19 -115.32 -135.96
C ILE M 208 -103.11 -114.60 -135.07
N PHE M 209 -102.78 -113.31 -135.00
CA PHE M 209 -103.43 -112.44 -134.07
C PHE M 209 -104.54 -111.62 -134.58
N ARG M 210 -104.82 -111.74 -135.86
CA ARG M 210 -105.97 -111.04 -136.40
C ARG M 210 -106.77 -112.08 -137.16
N ASP M 211 -107.99 -111.71 -137.47
CA ASP M 211 -108.93 -112.54 -138.17
C ASP M 211 -108.45 -113.27 -139.40
N VAL M 212 -109.12 -114.43 -139.60
CA VAL M 212 -108.95 -115.31 -140.75
C VAL M 212 -110.27 -115.51 -141.44
N SER M 213 -110.24 -115.34 -142.76
CA SER M 213 -111.49 -115.38 -143.46
C SER M 213 -111.42 -115.84 -144.90
N LEU M 214 -112.64 -116.07 -145.39
CA LEU M 214 -112.81 -116.53 -146.73
C LEU M 214 -113.76 -115.70 -147.49
N LEU M 215 -113.24 -115.48 -148.68
CA LEU M 215 -114.00 -114.68 -149.55
C LEU M 215 -114.20 -115.24 -150.93
N HIS M 216 -115.51 -115.27 -151.22
CA HIS M 216 -116.03 -115.75 -152.45
C HIS M 216 -116.44 -114.60 -153.29
N LYS M 217 -115.77 -114.51 -154.43
CA LYS M 217 -116.04 -113.46 -155.36
C LYS M 217 -116.26 -113.99 -156.76
N PRO M 218 -117.06 -113.26 -157.54
CA PRO M 218 -117.34 -113.59 -158.93
C PRO M 218 -116.05 -113.55 -159.70
N THR M 219 -116.03 -114.13 -160.87
CA THR M 219 -114.80 -114.15 -161.64
C THR M 219 -114.55 -112.81 -162.26
N THR M 220 -115.68 -112.19 -162.54
CA THR M 220 -115.67 -110.90 -163.06
C THR M 220 -116.18 -110.01 -161.93
N GLN M 221 -115.24 -109.30 -161.32
CA GLN M 221 -115.57 -108.53 -160.16
C GLN M 221 -114.95 -107.16 -160.07
N ILE M 222 -115.39 -106.48 -159.01
CA ILE M 222 -114.89 -105.19 -158.62
C ILE M 222 -113.56 -105.42 -157.93
N SER M 223 -112.46 -104.94 -158.50
CA SER M 223 -111.17 -105.19 -157.92
C SER M 223 -110.68 -104.11 -156.97
N ASP M 224 -111.28 -102.92 -157.10
CA ASP M 224 -110.85 -101.80 -156.30
C ASP M 224 -111.66 -100.57 -156.59
N PHE M 225 -111.71 -99.71 -155.58
CA PHE M 225 -112.39 -98.45 -155.76
C PHE M 225 -111.94 -97.37 -154.81
N HIS M 226 -112.03 -96.13 -155.28
CA HIS M 226 -111.66 -95.02 -154.47
C HIS M 226 -112.68 -93.96 -154.55
N VAL M 227 -112.75 -93.33 -153.42
CA VAL M 227 -113.65 -92.23 -153.27
C VAL M 227 -112.89 -90.97 -152.96
N ALA M 228 -113.49 -89.84 -153.40
CA ALA M 228 -112.97 -88.48 -153.20
C ALA M 228 -114.02 -87.38 -153.20
N THR M 229 -113.82 -86.40 -152.32
CA THR M 229 -114.74 -85.27 -152.22
C THR M 229 -114.10 -83.94 -152.51
N ARG M 230 -114.75 -83.18 -153.36
CA ARG M 230 -114.26 -81.87 -153.71
C ARG M 230 -115.33 -80.85 -153.37
N PHE M 231 -114.94 -79.62 -152.97
CA PHE M 231 -115.96 -78.64 -152.63
C PHE M 231 -115.79 -77.28 -153.24
N ASN M 232 -116.85 -76.47 -153.15
CA ASN M 232 -116.72 -75.09 -153.54
C ASN M 232 -116.07 -74.39 -152.36
N ASP M 233 -115.82 -73.12 -152.59
CA ASP M 233 -115.16 -72.32 -151.60
C ASP M 233 -115.88 -72.31 -150.27
N ASP M 234 -117.16 -72.58 -150.26
CA ASP M 234 -117.88 -72.49 -149.01
C ASP M 234 -118.54 -73.75 -148.58
N PHE M 235 -118.15 -74.86 -149.22
CA PHE M 235 -118.72 -76.14 -148.83
C PHE M 235 -120.21 -76.21 -149.00
N SER M 236 -120.72 -75.32 -149.82
CA SER M 236 -122.13 -75.30 -150.08
C SER M 236 -122.47 -76.39 -151.09
N ARG M 237 -121.41 -76.90 -151.69
CA ARG M 237 -121.60 -77.89 -152.69
C ARG M 237 -120.37 -78.75 -152.91
N ALA M 238 -120.65 -80.04 -153.12
CA ALA M 238 -119.60 -81.01 -153.31
C ALA M 238 -119.73 -81.94 -154.48
N VAL M 239 -118.59 -82.54 -154.74
CA VAL M 239 -118.55 -83.54 -155.73
C VAL M 239 -117.97 -84.80 -155.22
N LEU M 240 -118.75 -85.84 -155.36
CA LEU M 240 -118.23 -87.09 -154.99
C LEU M 240 -117.72 -87.77 -156.24
N GLU M 241 -116.48 -88.19 -156.19
CA GLU M 241 -115.94 -88.82 -157.32
C GLU M 241 -115.39 -90.17 -156.98
N ALA M 242 -115.92 -91.16 -157.69
CA ALA M 242 -115.53 -92.54 -157.46
C ALA M 242 -114.91 -93.22 -158.64
N GLU M 243 -113.83 -93.91 -158.33
CA GLU M 243 -113.14 -94.59 -159.35
C GLU M 243 -113.16 -96.04 -159.06
N VAL M 244 -113.63 -96.74 -160.05
CA VAL M 244 -113.78 -98.14 -159.92
C VAL M 244 -113.03 -98.95 -160.92
N GLN M 245 -112.45 -100.00 -160.40
CA GLN M 245 -111.74 -100.90 -161.24
C GLN M 245 -112.27 -102.29 -161.10
N MET M 246 -112.23 -102.97 -162.24
CA MET M 246 -112.68 -104.33 -162.33
C MET M 246 -111.62 -105.30 -162.77
N CYS M 247 -111.87 -106.53 -162.41
CA CYS M 247 -111.06 -107.66 -162.77
C CYS M 247 -111.95 -108.62 -163.52
N GLY M 248 -111.40 -109.40 -164.40
CA GLY M 248 -112.22 -110.37 -165.12
C GLY M 248 -112.38 -110.13 -166.61
N GLU M 249 -113.37 -110.79 -167.23
CA GLU M 249 -113.39 -110.34 -168.62
C GLU M 249 -114.54 -109.48 -168.95
N LEU M 250 -113.98 -108.48 -169.58
CA LEU M 250 -114.62 -107.33 -170.03
C LEU M 250 -115.61 -107.54 -171.13
N ARG M 251 -116.79 -106.97 -170.95
CA ARG M 251 -117.87 -107.06 -171.90
C ARG M 251 -118.69 -105.81 -171.89
N ASP M 252 -118.97 -105.34 -173.06
CA ASP M 252 -119.75 -104.13 -173.28
C ASP M 252 -121.10 -104.04 -172.57
N TYR M 253 -121.58 -105.12 -171.96
CA TYR M 253 -122.88 -104.94 -171.34
C TYR M 253 -122.76 -104.63 -169.87
N LEU M 254 -121.50 -104.53 -169.48
CA LEU M 254 -121.17 -104.22 -168.12
C LEU M 254 -121.41 -102.79 -167.81
N ARG M 255 -121.88 -102.64 -166.58
CA ARG M 255 -122.18 -101.36 -166.05
C ARG M 255 -121.81 -101.21 -164.61
N VAL M 256 -121.78 -99.94 -164.20
CA VAL M 256 -121.46 -99.64 -162.85
C VAL M 256 -122.33 -98.59 -162.32
N THR M 257 -122.80 -98.88 -161.13
CA THR M 257 -123.62 -97.92 -160.49
C THR M 257 -123.17 -97.56 -159.13
N VAL M 258 -123.26 -96.26 -158.91
CA VAL M 258 -122.85 -95.74 -157.66
C VAL M 258 -123.89 -94.82 -157.17
N SER M 259 -124.30 -95.16 -155.96
CA SER M 259 -125.36 -94.48 -155.31
C SER M 259 -124.97 -94.05 -153.90
N LEU M 260 -125.50 -92.90 -153.62
CA LEU M 260 -125.28 -92.29 -152.38
C LEU M 260 -126.52 -92.18 -151.58
N TRP M 261 -126.34 -92.64 -150.38
CA TRP M 261 -127.40 -92.67 -149.44
C TRP M 261 -127.16 -91.97 -148.15
N GLN M 262 -128.24 -91.36 -147.73
CA GLN M 262 -128.33 -90.66 -146.50
C GLN M 262 -129.38 -91.38 -145.68
N GLY M 263 -128.92 -92.46 -145.11
CA GLY M 263 -129.83 -93.25 -144.38
C GLY M 263 -130.78 -93.93 -145.36
N GLU M 264 -132.01 -93.51 -145.29
CA GLU M 264 -133.02 -94.10 -146.11
C GLU M 264 -133.11 -93.45 -147.44
N THR M 265 -132.53 -92.29 -147.46
CA THR M 265 -132.61 -91.54 -148.65
C THR M 265 -131.51 -91.71 -149.64
N GLN M 266 -131.96 -91.84 -150.86
CA GLN M 266 -130.99 -91.93 -151.88
C GLN M 266 -130.76 -90.53 -152.34
N VAL M 267 -129.52 -90.17 -152.20
CA VAL M 267 -129.10 -88.82 -152.44
C VAL M 267 -128.61 -88.57 -153.83
N ALA M 268 -127.96 -89.58 -154.37
CA ALA M 268 -127.46 -89.46 -155.71
C ALA M 268 -127.04 -90.79 -156.23
N SER M 269 -127.13 -90.87 -157.55
CA SER M 269 -126.75 -92.06 -158.23
C SER M 269 -126.20 -91.74 -159.58
N GLY M 270 -125.44 -92.70 -160.08
CA GLY M 270 -124.82 -92.59 -161.36
C GLY M 270 -124.47 -93.95 -161.90
N THR M 271 -124.64 -94.05 -163.20
CA THR M 271 -124.35 -95.31 -163.84
C THR M 271 -123.53 -95.15 -165.09
N ALA M 272 -122.67 -96.13 -165.32
CA ALA M 272 -121.85 -96.10 -166.49
C ALA M 272 -121.17 -97.40 -166.76
N PRO M 273 -120.62 -97.39 -167.94
CA PRO M 273 -119.91 -98.50 -168.51
C PRO M 273 -118.44 -98.23 -168.38
N PHE M 274 -117.68 -99.31 -168.33
CA PHE M 274 -116.26 -99.17 -168.20
C PHE M 274 -115.60 -98.41 -169.31
N GLY M 275 -114.40 -97.96 -169.01
CA GLY M 275 -113.63 -97.21 -169.96
C GLY M 275 -113.50 -95.78 -169.52
N GLY M 276 -112.22 -95.42 -169.33
CA GLY M 276 -111.79 -94.10 -168.90
C GLY M 276 -111.42 -93.13 -170.03
N GLU M 277 -111.01 -91.95 -169.59
CA GLU M 277 -110.61 -90.88 -170.44
C GLU M 277 -109.19 -91.13 -170.83
N ILE M 278 -108.80 -90.50 -171.91
CA ILE M 278 -107.45 -90.70 -172.34
C ILE M 278 -106.52 -90.20 -171.30
N ILE M 279 -105.52 -90.99 -171.09
CA ILE M 279 -104.57 -90.57 -170.12
C ILE M 279 -103.25 -90.31 -170.79
N ASP M 280 -102.98 -91.04 -171.84
CA ASP M 280 -101.71 -90.80 -172.47
C ASP M 280 -101.75 -91.20 -173.91
N GLU M 281 -100.58 -91.26 -174.50
CA GLU M 281 -100.50 -91.59 -175.91
C GLU M 281 -101.14 -92.91 -176.30
N ARG M 282 -101.18 -93.87 -175.35
CA ARG M 282 -101.76 -95.17 -175.60
C ARG M 282 -103.24 -95.26 -175.32
N GLY M 283 -103.82 -94.25 -174.69
CA GLY M 283 -105.24 -94.27 -174.41
C GLY M 283 -105.52 -94.16 -172.94
N GLY M 284 -106.61 -94.85 -172.53
CA GLY M 284 -107.04 -94.90 -171.14
C GLY M 284 -107.13 -96.32 -170.55
N TYR M 285 -107.86 -96.40 -169.44
CA TYR M 285 -108.13 -97.63 -168.76
C TYR M 285 -109.47 -98.15 -169.20
N ALA M 286 -109.40 -99.26 -169.89
CA ALA M 286 -110.61 -99.84 -170.39
C ALA M 286 -111.47 -100.44 -169.29
N ASP M 287 -110.75 -100.89 -168.31
CA ASP M 287 -111.28 -101.57 -167.18
C ASP M 287 -111.42 -100.71 -165.95
N ARG M 288 -111.64 -99.42 -166.17
CA ARG M 288 -111.90 -98.61 -165.02
C ARG M 288 -112.93 -97.65 -165.45
N VAL M 289 -113.52 -97.04 -164.47
CA VAL M 289 -114.49 -96.03 -164.75
C VAL M 289 -114.59 -95.09 -163.54
N THR M 290 -114.80 -93.82 -163.82
CA THR M 290 -114.90 -92.87 -162.75
C THR M 290 -116.22 -92.14 -162.77
N LEU M 291 -116.93 -92.12 -161.66
CA LEU M 291 -118.17 -91.38 -161.66
C LEU M 291 -118.07 -90.18 -160.77
N ARG M 292 -118.83 -89.19 -161.13
CA ARG M 292 -118.85 -87.97 -160.39
C ARG M 292 -120.25 -87.61 -159.99
N LEU M 293 -120.51 -87.57 -158.69
CA LEU M 293 -121.82 -87.23 -158.17
C LEU M 293 -121.81 -85.88 -157.52
N ASN M 294 -122.82 -85.13 -157.86
CA ASN M 294 -122.94 -83.82 -157.28
C ASN M 294 -123.78 -83.86 -156.05
N VAL M 295 -123.36 -83.10 -155.05
CA VAL M 295 -124.11 -83.03 -153.82
C VAL M 295 -124.29 -81.65 -153.30
N GLU M 296 -125.54 -81.26 -153.16
CA GLU M 296 -125.79 -79.94 -152.65
C GLU M 296 -125.84 -79.95 -151.15
N ASN M 297 -125.34 -78.88 -150.56
CA ASN M 297 -125.35 -78.76 -149.12
C ASN M 297 -125.10 -80.07 -148.41
N PRO M 298 -123.95 -80.64 -148.69
CA PRO M 298 -123.61 -81.88 -148.06
C PRO M 298 -123.44 -81.60 -146.58
N LYS M 299 -123.54 -82.68 -145.83
CA LYS M 299 -123.35 -82.67 -144.40
C LYS M 299 -121.94 -83.14 -144.14
N LEU M 300 -121.24 -82.28 -143.44
CA LEU M 300 -119.87 -82.58 -143.22
C LEU M 300 -119.47 -83.47 -142.10
N TRP M 301 -118.43 -84.19 -142.39
CA TRP M 301 -117.94 -85.05 -141.38
C TRP M 301 -116.87 -84.34 -140.55
N SER M 302 -116.85 -84.56 -139.23
CA SER M 302 -115.89 -83.95 -138.31
C SER M 302 -115.84 -84.83 -137.12
N ALA M 303 -114.81 -84.64 -136.32
CA ALA M 303 -114.76 -85.41 -135.10
C ALA M 303 -115.85 -84.83 -134.23
N GLU M 304 -116.20 -83.57 -134.45
CA GLU M 304 -117.29 -82.95 -133.70
C GLU M 304 -118.64 -83.58 -134.11
N ILE M 305 -118.82 -83.87 -135.40
CA ILE M 305 -120.07 -84.45 -135.86
C ILE M 305 -119.83 -85.29 -137.07
N PRO M 306 -119.70 -86.52 -136.79
CA PRO M 306 -119.37 -87.51 -137.77
C PRO M 306 -120.50 -87.81 -138.72
N ASN M 307 -120.88 -86.83 -139.50
CA ASN M 307 -121.90 -87.09 -140.46
C ASN M 307 -121.40 -88.04 -141.48
N LEU M 308 -122.14 -89.14 -141.66
CA LEU M 308 -121.80 -90.12 -142.67
C LEU M 308 -122.82 -90.38 -143.77
N TYR M 309 -122.30 -90.88 -144.87
CA TYR M 309 -123.14 -91.25 -145.99
C TYR M 309 -122.75 -92.63 -146.39
N ARG M 310 -123.66 -93.31 -147.08
CA ARG M 310 -123.35 -94.63 -147.54
C ARG M 310 -123.28 -94.70 -149.02
N ALA M 311 -122.21 -95.36 -149.43
CA ALA M 311 -122.00 -95.46 -150.84
C ALA M 311 -122.01 -96.88 -151.32
N VAL M 312 -122.78 -97.04 -152.41
CA VAL M 312 -122.91 -98.33 -153.05
C VAL M 312 -122.45 -98.43 -154.48
N VAL M 313 -121.62 -99.43 -154.57
CA VAL M 313 -121.01 -99.76 -155.82
C VAL M 313 -121.51 -101.08 -156.33
N GLU M 314 -122.28 -100.98 -157.38
CA GLU M 314 -122.82 -102.15 -158.01
C GLU M 314 -122.33 -102.33 -159.42
N LEU M 315 -121.82 -103.53 -159.56
CA LEU M 315 -121.31 -104.07 -160.78
C LEU M 315 -122.42 -104.91 -161.38
N HIS M 316 -122.95 -104.46 -162.48
CA HIS M 316 -124.03 -105.19 -163.06
C HIS M 316 -124.04 -105.16 -164.59
N THR M 317 -124.99 -105.86 -165.15
CA THR M 317 -125.12 -105.89 -166.59
C THR M 317 -126.13 -104.86 -166.96
N ALA M 318 -126.09 -104.56 -168.23
CA ALA M 318 -126.97 -103.55 -168.76
C ALA M 318 -128.43 -103.87 -168.57
N ASP M 319 -128.75 -105.17 -168.55
CA ASP M 319 -130.13 -105.59 -168.39
C ASP M 319 -130.64 -105.34 -166.99
N GLY M 320 -129.71 -105.29 -166.05
CA GLY M 320 -130.11 -105.03 -164.69
C GLY M 320 -129.63 -106.08 -163.72
N THR M 321 -129.18 -107.16 -164.27
CA THR M 321 -128.70 -108.22 -163.45
C THR M 321 -127.45 -107.82 -162.69
N LEU M 322 -127.52 -107.91 -161.36
CA LEU M 322 -126.38 -107.56 -160.55
C LEU M 322 -125.33 -108.62 -160.45
N ILE M 323 -124.07 -108.26 -160.64
CA ILE M 323 -123.00 -109.24 -160.49
C ILE M 323 -122.53 -109.30 -159.04
N GLU M 324 -122.37 -108.11 -158.46
CA GLU M 324 -121.97 -107.95 -157.07
C GLU M 324 -121.97 -106.52 -156.67
N ALA M 325 -121.79 -106.37 -155.36
CA ALA M 325 -121.75 -105.07 -154.72
C ALA M 325 -120.73 -104.92 -153.60
N GLU M 326 -120.29 -103.68 -153.49
CA GLU M 326 -119.40 -103.30 -152.43
C GLU M 326 -119.89 -101.96 -151.99
N ALA M 327 -119.53 -101.66 -150.76
CA ALA M 327 -119.95 -100.39 -150.22
C ALA M 327 -118.98 -99.86 -149.19
N CYS M 328 -119.29 -98.60 -148.78
CA CYS M 328 -118.52 -97.93 -147.77
C CYS M 328 -119.21 -96.73 -147.23
N ASP M 329 -118.72 -96.35 -146.05
CA ASP M 329 -119.25 -95.15 -145.45
C ASP M 329 -118.49 -93.98 -145.99
N VAL M 330 -119.17 -92.88 -146.16
CA VAL M 330 -118.48 -91.75 -146.72
C VAL M 330 -118.61 -90.49 -145.90
N GLY M 331 -117.49 -89.77 -145.79
CA GLY M 331 -117.49 -88.53 -145.06
C GLY M 331 -117.03 -87.36 -145.92
N PHE M 332 -117.84 -86.35 -145.90
CA PHE M 332 -117.49 -85.17 -146.63
C PHE M 332 -116.67 -84.24 -145.77
N ARG M 333 -115.40 -84.15 -146.13
CA ARG M 333 -114.47 -83.32 -145.41
C ARG M 333 -113.24 -83.09 -146.23
N GLU M 334 -112.68 -81.91 -146.00
CA GLU M 334 -111.48 -81.46 -146.67
C GLU M 334 -110.37 -81.17 -145.69
N VAL M 335 -109.24 -81.79 -145.93
CA VAL M 335 -108.13 -81.57 -145.04
C VAL M 335 -107.08 -80.86 -145.82
N ARG M 336 -106.63 -79.72 -145.34
CA ARG M 336 -105.59 -79.08 -146.07
C ARG M 336 -104.73 -78.17 -145.24
N ILE M 337 -103.54 -78.02 -145.76
CA ILE M 337 -102.62 -77.14 -145.13
C ILE M 337 -102.49 -75.88 -145.91
N GLU M 338 -102.84 -74.82 -145.27
CA GLU M 338 -102.76 -73.61 -145.99
C GLU M 338 -102.13 -72.51 -145.21
N ASN M 339 -101.12 -71.94 -145.81
CA ASN M 339 -100.49 -70.84 -145.14
C ASN M 339 -100.03 -71.16 -143.73
N GLY M 340 -99.34 -72.28 -143.58
CA GLY M 340 -98.81 -72.67 -142.29
C GLY M 340 -99.84 -73.35 -141.43
N LEU M 341 -101.08 -73.43 -141.92
CA LEU M 341 -102.03 -74.07 -141.04
C LEU M 341 -102.75 -75.25 -141.58
N LEU M 342 -103.01 -76.13 -140.65
CA LEU M 342 -103.75 -77.31 -140.96
C LEU M 342 -105.23 -77.07 -140.77
N LEU M 343 -105.93 -77.24 -141.86
CA LEU M 343 -107.35 -77.00 -141.82
C LEU M 343 -108.17 -78.17 -142.12
N LEU M 344 -109.30 -78.09 -141.52
CA LEU M 344 -110.27 -79.05 -141.73
C LEU M 344 -111.56 -78.37 -142.05
N ASN M 345 -112.07 -78.67 -143.23
CA ASN M 345 -113.28 -78.03 -143.67
C ASN M 345 -113.18 -76.55 -143.46
N GLY M 346 -112.00 -76.08 -143.78
CA GLY M 346 -111.75 -74.67 -143.72
C GLY M 346 -111.32 -74.13 -142.40
N LYS M 347 -111.42 -74.90 -141.35
CA LYS M 347 -110.99 -74.38 -140.09
C LYS M 347 -109.78 -75.12 -139.61
N PRO M 348 -109.04 -74.36 -138.88
CA PRO M 348 -107.78 -74.72 -138.28
C PRO M 348 -108.02 -75.57 -137.10
N LEU M 349 -107.40 -76.74 -137.11
CA LEU M 349 -107.60 -77.65 -136.03
C LEU M 349 -106.73 -77.43 -134.85
N LEU M 350 -107.19 -78.07 -133.80
CA LEU M 350 -106.49 -78.13 -132.55
C LEU M 350 -106.61 -79.56 -132.04
N ILE M 351 -105.54 -80.27 -132.23
CA ILE M 351 -105.49 -81.66 -131.94
C ILE M 351 -105.28 -81.98 -130.51
N ARG M 352 -106.30 -82.63 -129.96
CA ARG M 352 -106.26 -83.14 -128.61
C ARG M 352 -106.05 -84.64 -128.77
N GLY M 353 -104.79 -84.98 -129.07
CA GLY M 353 -104.46 -86.35 -129.40
C GLY M 353 -103.73 -87.19 -128.41
N VAL M 354 -103.79 -88.46 -128.77
CA VAL M 354 -103.11 -89.46 -127.98
C VAL M 354 -102.66 -90.57 -128.88
N ASN M 355 -101.53 -91.13 -128.53
CA ASN M 355 -101.01 -92.29 -129.25
C ASN M 355 -101.58 -93.50 -128.58
N ARG M 356 -101.90 -94.52 -129.36
CA ARG M 356 -102.45 -95.74 -128.83
C ARG M 356 -102.01 -97.03 -129.49
N HIS M 357 -101.57 -97.96 -128.67
CA HIS M 357 -101.23 -99.27 -129.19
C HIS M 357 -102.41 -100.27 -129.10
N GLU M 358 -102.30 -101.32 -129.89
CA GLU M 358 -103.29 -102.40 -129.86
C GLU M 358 -102.78 -103.41 -128.82
N HIS M 359 -103.31 -103.26 -127.58
CA HIS M 359 -102.89 -104.02 -126.39
C HIS M 359 -103.97 -104.32 -125.38
N HIS M 360 -103.94 -105.61 -125.01
CA HIS M 360 -104.83 -106.26 -124.10
C HIS M 360 -104.06 -107.06 -123.08
N PRO M 361 -104.29 -106.71 -121.83
CA PRO M 361 -103.65 -107.30 -120.64
C PRO M 361 -103.70 -108.81 -120.65
N LEU M 362 -104.84 -109.29 -121.16
CA LEU M 362 -105.16 -110.72 -121.30
C LEU M 362 -104.87 -111.32 -122.65
N HIS M 363 -105.37 -110.69 -123.71
CA HIS M 363 -105.17 -111.22 -125.03
C HIS M 363 -103.88 -110.85 -125.71
N GLY M 364 -103.02 -110.05 -125.09
CA GLY M 364 -101.78 -109.63 -125.72
C GLY M 364 -102.11 -108.63 -126.86
N GLN M 365 -101.67 -108.94 -128.07
CA GLN M 365 -101.95 -108.04 -129.17
C GLN M 365 -103.24 -108.29 -129.93
N VAL M 366 -104.12 -109.05 -129.35
CA VAL M 366 -105.36 -109.32 -130.05
C VAL M 366 -106.49 -108.37 -129.69
N MET M 367 -107.04 -107.76 -130.71
CA MET M 367 -108.11 -106.78 -130.53
C MET M 367 -109.53 -107.25 -130.73
N ASP M 368 -110.49 -106.52 -130.17
CA ASP M 368 -111.90 -106.81 -130.31
C ASP M 368 -112.78 -105.59 -130.14
N GLU M 369 -113.90 -105.71 -130.80
CA GLU M 369 -114.86 -104.65 -130.81
C GLU M 369 -115.06 -104.02 -129.47
N GLN M 370 -115.37 -104.88 -128.57
CA GLN M 370 -115.67 -104.42 -127.27
C GLN M 370 -114.67 -103.45 -126.65
N THR M 371 -113.42 -103.86 -126.72
CA THR M 371 -112.35 -103.05 -126.20
C THR M 371 -112.21 -101.72 -126.95
N MET M 372 -112.11 -101.89 -128.27
CA MET M 372 -111.99 -100.77 -129.12
C MET M 372 -112.97 -99.68 -128.71
N VAL M 373 -114.20 -100.09 -128.62
CA VAL M 373 -115.20 -99.14 -128.26
C VAL M 373 -114.96 -98.50 -126.90
N GLN M 374 -114.53 -99.35 -126.02
CA GLN M 374 -114.27 -98.82 -124.72
C GLN M 374 -113.30 -97.65 -124.79
N ASP M 375 -112.19 -97.93 -125.46
CA ASP M 375 -111.19 -96.91 -125.61
C ASP M 375 -111.75 -95.63 -126.18
N ILE M 376 -112.47 -95.84 -127.24
CA ILE M 376 -113.04 -94.70 -127.86
C ILE M 376 -113.89 -93.88 -126.93
N LEU M 377 -114.74 -94.58 -126.24
CA LEU M 377 -115.63 -93.88 -125.37
C LEU M 377 -114.91 -93.04 -124.38
N LEU M 378 -113.96 -93.67 -123.77
CA LEU M 378 -113.13 -92.99 -122.82
C LEU M 378 -112.48 -91.77 -123.38
N MET M 379 -111.81 -91.97 -124.50
CA MET M 379 -111.15 -90.86 -125.11
C MET M 379 -112.06 -89.70 -125.29
N LYS M 380 -113.15 -90.02 -125.96
CA LYS M 380 -114.13 -89.01 -126.23
C LYS M 380 -114.58 -88.35 -124.96
N GLN M 381 -114.76 -89.16 -123.96
CA GLN M 381 -115.20 -88.59 -122.72
C GLN M 381 -114.17 -87.73 -122.03
N ASN M 382 -112.91 -87.93 -122.37
CA ASN M 382 -111.87 -87.14 -121.79
C ASN M 382 -111.36 -86.00 -122.65
N ASN M 383 -112.12 -85.67 -123.64
CA ASN M 383 -111.79 -84.54 -124.46
C ASN M 383 -110.73 -84.76 -125.46
N PHE M 384 -110.52 -86.02 -125.80
CA PHE M 384 -109.58 -86.28 -126.88
C PHE M 384 -110.29 -86.22 -128.25
N ASN M 385 -109.59 -85.86 -129.33
CA ASN M 385 -110.31 -85.83 -130.61
C ASN M 385 -109.55 -86.53 -131.69
N ALA M 386 -108.39 -87.03 -131.31
CA ALA M 386 -107.59 -87.65 -132.32
C ALA M 386 -106.70 -88.69 -131.73
N VAL M 387 -106.34 -89.61 -132.60
CA VAL M 387 -105.45 -90.65 -132.20
C VAL M 387 -104.50 -91.04 -133.32
N ARG M 388 -103.33 -91.42 -132.86
CA ARG M 388 -102.28 -91.86 -133.73
C ARG M 388 -102.06 -93.35 -133.54
N CYS M 389 -102.08 -94.08 -134.65
CA CYS M 389 -101.84 -95.53 -134.65
C CYS M 389 -100.39 -95.90 -134.44
N SER M 390 -99.87 -95.63 -133.25
CA SER M 390 -98.47 -95.97 -133.01
C SER M 390 -98.35 -97.48 -132.96
N HIS M 391 -97.63 -98.09 -133.88
CA HIS M 391 -96.94 -97.50 -135.00
C HIS M 391 -97.08 -98.50 -136.14
N TYR M 392 -98.31 -98.71 -136.59
CA TYR M 392 -98.61 -99.67 -137.63
C TYR M 392 -100.09 -99.58 -137.81
N PRO M 393 -100.48 -100.10 -138.92
CA PRO M 393 -101.87 -100.07 -139.28
C PRO M 393 -102.61 -100.92 -138.29
N ASN M 394 -103.76 -100.45 -138.00
CA ASN M 394 -104.51 -101.15 -137.01
C ASN M 394 -105.50 -102.11 -137.59
N HIS M 395 -106.05 -102.87 -136.70
CA HIS M 395 -107.15 -103.69 -137.04
C HIS M 395 -108.23 -102.76 -137.64
N PRO M 396 -108.69 -103.23 -138.74
CA PRO M 396 -109.63 -102.62 -139.64
C PRO M 396 -110.87 -102.05 -139.04
N LEU M 397 -111.36 -102.73 -138.08
CA LEU M 397 -112.58 -102.25 -137.53
C LEU M 397 -112.45 -100.86 -136.90
N TRP M 398 -111.27 -100.70 -136.37
CA TRP M 398 -110.92 -99.50 -135.71
C TRP M 398 -111.35 -98.27 -136.48
N TYR M 399 -110.91 -98.29 -137.74
CA TYR M 399 -111.18 -97.17 -138.62
C TYR M 399 -112.65 -96.89 -138.76
N THR M 400 -113.37 -97.96 -138.81
CA THR M 400 -114.77 -97.77 -138.97
C THR M 400 -115.38 -97.08 -137.78
N LEU M 401 -114.96 -97.60 -136.64
CA LEU M 401 -115.43 -97.06 -135.41
C LEU M 401 -115.13 -95.61 -135.33
N CYS M 402 -113.89 -95.29 -135.67
CA CYS M 402 -113.53 -93.89 -135.61
C CYS M 402 -114.36 -93.10 -136.56
N ASP M 403 -114.63 -93.73 -137.69
CA ASP M 403 -115.40 -93.04 -138.69
C ASP M 403 -116.75 -92.69 -138.12
N ARG M 404 -117.28 -93.67 -137.40
CA ARG M 404 -118.61 -93.54 -136.87
C ARG M 404 -118.74 -92.72 -135.63
N TYR M 405 -117.80 -92.91 -134.73
CA TYR M 405 -117.82 -92.17 -133.48
C TYR M 405 -117.32 -90.76 -133.56
N GLY M 406 -116.38 -90.54 -134.48
CA GLY M 406 -115.82 -89.22 -134.69
C GLY M 406 -114.47 -89.00 -134.01
N LEU M 407 -113.38 -89.45 -134.63
CA LEU M 407 -112.06 -89.19 -134.08
C LEU M 407 -111.08 -89.00 -135.21
N TYR M 408 -110.24 -87.98 -135.15
CA TYR M 408 -109.28 -87.85 -136.23
C TYR M 408 -108.21 -88.91 -136.06
N VAL M 409 -107.80 -89.48 -137.18
CA VAL M 409 -106.77 -90.50 -137.12
C VAL M 409 -105.58 -90.29 -138.04
N VAL M 410 -104.46 -90.68 -137.46
CA VAL M 410 -103.21 -90.70 -138.18
C VAL M 410 -102.86 -92.15 -138.43
N ASP M 411 -102.88 -92.56 -139.70
CA ASP M 411 -102.54 -93.90 -140.08
C ASP M 411 -101.04 -94.03 -140.29
N GLU M 412 -100.45 -95.03 -139.68
CA GLU M 412 -99.01 -95.11 -139.76
C GLU M 412 -98.46 -96.40 -140.28
N ALA M 413 -97.49 -96.25 -141.17
CA ALA M 413 -96.90 -97.45 -141.71
C ALA M 413 -96.12 -98.23 -140.67
N ASN M 414 -96.14 -99.54 -140.85
CA ASN M 414 -95.45 -100.43 -139.98
C ASN M 414 -93.93 -100.44 -140.18
N ILE M 415 -93.23 -99.37 -139.79
CA ILE M 415 -91.78 -99.42 -139.95
C ILE M 415 -91.06 -98.72 -138.83
N GLU M 416 -90.24 -99.44 -138.05
CA GLU M 416 -89.44 -98.87 -136.98
C GLU M 416 -88.14 -99.63 -137.00
N THR M 417 -87.02 -98.93 -137.09
CA THR M 417 -85.70 -99.56 -137.14
C THR M 417 -84.86 -98.91 -136.09
N HIS M 418 -85.59 -98.57 -135.08
CA HIS M 418 -85.02 -97.89 -133.97
C HIS M 418 -83.63 -98.40 -133.51
N GLY M 419 -83.42 -99.72 -133.47
CA GLY M 419 -82.19 -100.30 -132.97
C GLY M 419 -81.01 -100.20 -133.90
N MET M 420 -81.26 -99.82 -135.15
CA MET M 420 -80.16 -99.75 -136.06
C MET M 420 -79.15 -98.70 -135.66
N VAL M 421 -78.02 -98.71 -136.33
CA VAL M 421 -77.03 -97.69 -136.02
C VAL M 421 -76.13 -97.29 -137.17
N PRO M 422 -76.20 -96.04 -137.59
CA PRO M 422 -77.14 -95.10 -137.04
C PRO M 422 -78.56 -95.52 -137.42
N MET M 423 -79.49 -94.88 -136.78
CA MET M 423 -80.87 -95.21 -136.99
C MET M 423 -81.29 -95.38 -138.43
N ASN M 424 -80.68 -94.71 -139.37
CA ASN M 424 -81.18 -94.85 -140.74
C ASN M 424 -80.41 -95.82 -141.66
N ARG M 425 -79.63 -96.68 -141.02
CA ARG M 425 -78.84 -97.66 -141.71
C ARG M 425 -79.60 -98.34 -142.84
N LEU M 426 -80.83 -98.77 -142.56
CA LEU M 426 -81.62 -99.40 -143.60
C LEU M 426 -82.39 -98.45 -144.48
N THR M 427 -83.00 -97.41 -143.86
CA THR M 427 -83.84 -96.44 -144.57
C THR M 427 -83.16 -95.67 -145.65
N ASP M 428 -81.87 -95.67 -145.50
CA ASP M 428 -81.11 -95.03 -146.50
C ASP M 428 -80.56 -96.03 -147.53
N ASP M 429 -81.07 -97.25 -147.51
CA ASP M 429 -80.59 -98.25 -148.40
C ASP M 429 -81.64 -98.82 -149.32
N PRO M 430 -81.30 -98.58 -150.56
CA PRO M 430 -82.08 -98.94 -151.71
C PRO M 430 -82.52 -100.36 -151.61
N ARG M 431 -81.59 -101.19 -151.18
CA ARG M 431 -81.93 -102.59 -151.04
C ARG M 431 -83.14 -102.81 -150.19
N TRP M 432 -83.43 -101.87 -149.31
CA TRP M 432 -84.57 -102.05 -148.45
C TRP M 432 -85.80 -101.31 -148.88
N LEU M 433 -85.57 -100.58 -149.92
CA LEU M 433 -86.63 -99.78 -150.42
C LEU M 433 -87.93 -100.53 -150.79
N PRO M 434 -87.77 -101.61 -151.41
CA PRO M 434 -88.94 -102.35 -151.85
C PRO M 434 -89.76 -102.85 -150.68
N ALA M 435 -89.02 -103.39 -149.75
CA ALA M 435 -89.67 -103.82 -148.51
C ALA M 435 -90.44 -102.66 -147.90
N MET M 436 -89.70 -101.55 -147.71
CA MET M 436 -90.35 -100.42 -147.13
C MET M 436 -91.57 -100.01 -147.94
N SER M 437 -91.32 -100.03 -149.21
CA SER M 437 -92.34 -99.57 -150.10
C SER M 437 -93.71 -100.22 -149.84
N GLU M 438 -93.62 -101.53 -149.71
CA GLU M 438 -94.78 -102.37 -149.56
C GLU M 438 -95.57 -102.01 -148.36
N ARG M 439 -94.77 -101.71 -147.36
CA ARG M 439 -95.34 -101.29 -146.13
C ARG M 439 -96.15 -99.99 -146.28
N VAL M 440 -95.76 -99.11 -147.18
CA VAL M 440 -96.59 -97.92 -147.25
C VAL M 440 -97.77 -98.06 -148.20
N THR M 441 -97.40 -98.52 -149.37
CA THR M 441 -98.34 -98.63 -150.44
C THR M 441 -99.59 -99.36 -150.06
N ARG M 442 -99.34 -100.48 -149.42
CA ARG M 442 -100.41 -101.34 -149.02
C ARG M 442 -101.37 -100.70 -148.05
N MET M 443 -100.77 -99.97 -147.12
CA MET M 443 -101.60 -99.30 -146.15
C MET M 443 -102.59 -98.36 -146.83
N VAL M 444 -101.98 -97.59 -147.69
CA VAL M 444 -102.72 -96.59 -148.36
C VAL M 444 -103.86 -97.20 -149.12
N GLN M 445 -103.49 -98.28 -149.79
CA GLN M 445 -104.42 -98.99 -150.61
C GLN M 445 -105.60 -99.50 -149.82
N ARG M 446 -105.28 -99.88 -148.63
CA ARG M 446 -106.30 -100.40 -147.82
C ARG M 446 -107.19 -99.36 -147.18
N ASP M 447 -106.59 -98.28 -146.67
CA ASP M 447 -107.36 -97.38 -145.85
C ASP M 447 -107.85 -96.08 -146.36
N ARG M 448 -107.45 -95.83 -147.55
CA ARG M 448 -107.74 -94.55 -148.07
C ARG M 448 -109.17 -94.10 -148.17
N ASN M 449 -110.11 -95.01 -148.02
CA ASN M 449 -111.44 -94.47 -148.12
C ASN M 449 -112.05 -93.99 -146.83
N HIS M 450 -111.35 -94.20 -145.70
CA HIS M 450 -111.94 -93.73 -144.46
C HIS M 450 -111.74 -92.26 -144.15
N PRO M 451 -112.83 -91.57 -143.94
CA PRO M 451 -112.79 -90.15 -143.61
C PRO M 451 -112.01 -89.84 -142.35
N SER M 452 -111.98 -90.73 -141.39
CA SER M 452 -111.26 -90.40 -140.16
C SER M 452 -109.76 -90.34 -140.37
N VAL M 453 -109.30 -91.00 -141.42
CA VAL M 453 -107.88 -90.90 -141.56
C VAL M 453 -107.62 -89.57 -142.16
N ILE M 454 -106.82 -88.75 -141.49
CA ILE M 454 -106.56 -87.44 -142.06
C ILE M 454 -105.12 -87.16 -142.32
N ILE M 455 -104.25 -88.01 -141.83
CA ILE M 455 -102.86 -87.85 -142.07
C ILE M 455 -102.21 -89.19 -142.20
N TRP M 456 -101.27 -89.25 -143.10
CA TRP M 456 -100.51 -90.44 -143.30
C TRP M 456 -99.17 -90.25 -142.66
N SER M 457 -98.69 -91.32 -142.06
CA SER M 457 -97.39 -91.31 -141.43
C SER M 457 -96.53 -92.42 -141.98
N LEU M 458 -95.28 -92.07 -142.29
CA LEU M 458 -94.36 -93.03 -142.85
C LEU M 458 -93.78 -94.00 -141.86
N GLY M 459 -94.15 -93.93 -140.60
CA GLY M 459 -93.49 -94.87 -139.73
C GLY M 459 -92.99 -94.20 -138.49
N ASN M 460 -91.95 -94.77 -137.88
CA ASN M 460 -91.44 -94.22 -136.65
C ASN M 460 -90.01 -94.62 -136.32
N GLU M 461 -89.32 -93.69 -135.69
CA GLU M 461 -87.95 -93.87 -135.27
C GLU M 461 -87.13 -94.77 -136.16
N SER M 462 -86.91 -94.31 -137.38
CA SER M 462 -86.11 -95.05 -138.36
C SER M 462 -85.14 -94.10 -139.04
N GLY M 463 -84.78 -93.05 -138.32
CA GLY M 463 -83.91 -92.01 -138.84
C GLY M 463 -84.57 -91.37 -140.05
N HIS M 464 -83.73 -90.86 -140.92
CA HIS M 464 -84.23 -90.28 -142.12
C HIS M 464 -83.37 -90.74 -143.29
N GLY M 465 -83.99 -91.42 -144.25
CA GLY M 465 -83.25 -91.89 -145.40
C GLY M 465 -84.00 -91.63 -146.67
N ALA M 466 -83.26 -91.76 -147.72
CA ALA M 466 -83.83 -91.51 -149.02
C ALA M 466 -85.09 -92.30 -149.29
N ASN M 467 -85.15 -93.49 -148.68
CA ASN M 467 -86.31 -94.28 -148.94
C ASN M 467 -87.55 -93.53 -148.50
N HIS M 468 -87.32 -92.74 -147.47
CA HIS M 468 -88.39 -91.93 -146.95
C HIS M 468 -88.89 -90.88 -147.93
N ASP M 469 -87.93 -90.17 -148.48
CA ASP M 469 -88.30 -89.14 -149.42
C ASP M 469 -89.08 -89.71 -150.56
N ALA M 470 -88.56 -90.80 -151.03
CA ALA M 470 -89.23 -91.43 -152.14
C ALA M 470 -90.67 -91.81 -151.81
N LEU M 471 -90.85 -92.30 -150.61
CA LEU M 471 -92.17 -92.74 -150.22
C LEU M 471 -93.15 -91.64 -149.95
N TYR M 472 -92.58 -90.62 -149.36
CA TYR M 472 -93.33 -89.44 -149.11
C TYR M 472 -93.94 -88.96 -150.43
N ARG M 473 -93.07 -88.85 -151.38
CA ARG M 473 -93.49 -88.41 -152.67
C ARG M 473 -94.59 -89.24 -153.28
N TRP M 474 -94.38 -90.54 -153.20
CA TRP M 474 -95.31 -91.46 -153.75
C TRP M 474 -96.72 -91.18 -153.23
N ILE M 475 -96.79 -91.06 -151.96
CA ILE M 475 -98.10 -90.82 -151.44
C ILE M 475 -98.67 -89.55 -151.94
N LYS M 476 -97.84 -88.53 -151.92
CA LYS M 476 -98.30 -87.24 -152.34
C LYS M 476 -98.95 -87.36 -153.67
N SER M 477 -98.36 -88.21 -154.46
CA SER M 477 -98.91 -88.32 -155.79
C SER M 477 -100.15 -89.10 -155.85
N VAL M 478 -100.19 -90.12 -155.08
CA VAL M 478 -101.33 -90.95 -155.13
C VAL M 478 -102.52 -90.40 -154.34
N ASP M 479 -102.23 -89.78 -153.20
CA ASP M 479 -103.26 -89.24 -152.36
C ASP M 479 -102.84 -87.92 -151.78
N PRO M 480 -103.31 -87.00 -152.51
CA PRO M 480 -103.08 -85.61 -152.30
C PRO M 480 -104.05 -85.05 -151.29
N SER M 481 -105.05 -85.82 -150.93
CA SER M 481 -106.09 -85.43 -150.02
C SER M 481 -105.62 -85.31 -148.57
N ARG M 482 -104.49 -85.91 -148.29
CA ARG M 482 -103.97 -85.87 -146.95
C ARG M 482 -102.51 -85.61 -146.95
N PRO M 483 -102.16 -84.94 -145.89
CA PRO M 483 -100.81 -84.55 -145.62
C PRO M 483 -100.09 -85.75 -145.07
N VAL M 484 -98.78 -85.67 -145.20
CA VAL M 484 -97.91 -86.71 -144.74
C VAL M 484 -96.96 -86.22 -143.68
N GLN M 485 -96.76 -87.02 -142.66
CA GLN M 485 -95.78 -86.62 -141.67
C GLN M 485 -94.84 -87.73 -141.28
N TYR M 486 -93.70 -87.32 -140.74
CA TYR M 486 -92.67 -88.26 -140.31
C TYR M 486 -91.66 -87.53 -139.47
N GLU M 487 -91.42 -88.04 -138.26
CA GLU M 487 -90.55 -87.38 -137.32
C GLU M 487 -89.05 -87.65 -137.46
N GLY M 488 -88.74 -88.83 -137.94
CA GLY M 488 -87.37 -89.25 -138.01
C GLY M 488 -86.44 -88.23 -138.60
N GLY M 489 -85.24 -88.28 -138.09
CA GLY M 489 -84.18 -87.44 -138.54
C GLY M 489 -84.31 -85.96 -138.25
N GLY M 490 -84.95 -85.58 -137.16
CA GLY M 490 -85.03 -84.18 -136.84
C GLY M 490 -86.43 -83.55 -136.83
N ALA M 491 -87.47 -84.29 -137.23
CA ALA M 491 -88.86 -83.82 -137.20
C ALA M 491 -89.20 -82.70 -138.17
N ASP M 492 -88.23 -82.30 -138.98
CA ASP M 492 -88.52 -81.21 -139.90
C ASP M 492 -87.95 -81.44 -141.28
N THR M 493 -87.71 -82.70 -141.63
CA THR M 493 -87.12 -83.00 -142.92
C THR M 493 -88.04 -82.75 -144.05
N THR M 494 -87.45 -83.02 -145.20
CA THR M 494 -88.11 -82.90 -146.50
C THR M 494 -89.23 -83.92 -146.61
N ALA M 495 -89.17 -84.90 -145.75
CA ALA M 495 -90.16 -85.93 -145.79
C ALA M 495 -91.35 -85.64 -144.90
N THR M 496 -91.52 -84.44 -144.39
CA THR M 496 -92.69 -84.29 -143.58
C THR M 496 -93.39 -83.00 -143.89
N ASP M 497 -94.68 -83.05 -143.85
CA ASP M 497 -95.43 -81.85 -144.12
C ASP M 497 -95.69 -81.05 -142.88
N ILE M 498 -95.40 -81.65 -141.75
CA ILE M 498 -95.64 -81.02 -140.49
C ILE M 498 -94.47 -81.21 -139.59
N ILE M 499 -94.18 -80.21 -138.79
CA ILE M 499 -93.10 -80.36 -137.84
C ILE M 499 -93.72 -81.14 -136.71
N CYS M 500 -93.22 -82.35 -136.52
CA CYS M 500 -93.80 -83.27 -135.57
C CYS M 500 -92.80 -83.90 -134.65
N PRO M 501 -92.23 -83.11 -133.85
CA PRO M 501 -91.25 -83.63 -132.93
C PRO M 501 -91.91 -84.44 -131.82
N MET M 502 -91.04 -85.11 -131.10
CA MET M 502 -91.42 -85.87 -129.95
C MET M 502 -90.69 -85.32 -128.72
N TYR M 503 -91.46 -84.92 -127.73
CA TYR M 503 -90.86 -84.44 -126.50
C TYR M 503 -90.13 -83.10 -126.48
N ALA M 504 -90.42 -82.25 -127.46
CA ALA M 504 -89.83 -80.91 -127.41
C ALA M 504 -90.49 -80.09 -126.31
N ARG M 505 -89.68 -79.29 -125.62
CA ARG M 505 -90.23 -78.53 -124.53
C ARG M 505 -90.89 -77.25 -124.97
N VAL M 506 -91.74 -76.74 -124.09
CA VAL M 506 -92.44 -75.53 -124.43
C VAL M 506 -91.46 -74.39 -124.59
N ASP M 507 -90.66 -74.19 -123.56
CA ASP M 507 -89.72 -73.10 -123.70
C ASP M 507 -88.28 -73.48 -123.70
N GLU M 508 -87.93 -74.73 -123.43
CA GLU M 508 -86.52 -74.99 -123.43
C GLU M 508 -86.04 -75.75 -124.61
N ASP M 509 -84.85 -75.39 -125.05
CA ASP M 509 -84.24 -76.08 -126.16
C ASP M 509 -83.39 -77.21 -125.65
N GLN M 510 -83.35 -78.27 -126.43
CA GLN M 510 -82.56 -79.47 -126.22
C GLN M 510 -81.85 -79.69 -127.53
N PRO M 511 -80.71 -79.11 -127.53
CA PRO M 511 -79.85 -79.01 -128.65
C PRO M 511 -78.92 -80.16 -128.91
N PHE M 512 -79.51 -81.30 -129.12
CA PHE M 512 -78.65 -82.35 -129.51
C PHE M 512 -78.15 -82.09 -130.90
N PRO M 513 -76.96 -82.59 -131.05
CA PRO M 513 -76.23 -82.57 -132.27
C PRO M 513 -77.02 -83.32 -133.30
N ALA M 514 -77.01 -82.74 -134.49
CA ALA M 514 -77.71 -83.30 -135.61
C ALA M 514 -79.21 -83.27 -135.52
N VAL M 515 -79.74 -83.47 -134.32
CA VAL M 515 -81.17 -83.56 -134.21
C VAL M 515 -81.62 -82.95 -132.90
N PRO M 516 -81.37 -81.68 -132.84
CA PRO M 516 -81.73 -80.89 -131.69
C PRO M 516 -83.23 -80.79 -131.66
N LYS M 517 -83.74 -80.53 -130.47
CA LYS M 517 -85.15 -80.31 -130.22
C LYS M 517 -85.31 -78.91 -129.63
N TRP M 518 -85.71 -77.98 -130.45
CA TRP M 518 -85.90 -76.64 -130.02
C TRP M 518 -87.15 -76.47 -129.21
N SER M 519 -87.20 -75.41 -128.39
CA SER M 519 -88.44 -75.12 -127.73
C SER M 519 -89.44 -75.02 -128.89
N ILE M 520 -90.62 -75.51 -128.64
CA ILE M 520 -91.51 -75.44 -129.77
C ILE M 520 -91.85 -74.04 -130.17
N LYS M 521 -91.86 -73.06 -129.24
CA LYS M 521 -92.19 -71.74 -129.74
C LYS M 521 -91.09 -71.23 -130.68
N LYS M 522 -89.86 -71.59 -130.34
CA LYS M 522 -88.77 -71.17 -131.16
C LYS M 522 -88.72 -71.89 -132.49
N TRP M 523 -89.05 -73.15 -132.45
CA TRP M 523 -88.97 -73.91 -133.64
C TRP M 523 -89.72 -73.27 -134.76
N LEU M 524 -90.91 -72.79 -134.47
CA LEU M 524 -91.67 -72.24 -135.58
C LEU M 524 -91.06 -71.08 -136.37
N SER M 525 -90.27 -70.27 -135.68
CA SER M 525 -89.68 -69.01 -136.14
C SER M 525 -88.37 -69.14 -136.85
N LEU M 526 -87.83 -70.33 -136.83
CA LEU M 526 -86.58 -70.51 -137.52
C LEU M 526 -86.74 -70.04 -138.94
N PRO M 527 -85.67 -69.43 -139.39
CA PRO M 527 -85.62 -68.84 -140.69
C PRO M 527 -85.99 -69.79 -141.74
N GLY M 528 -87.02 -69.37 -142.46
CA GLY M 528 -87.55 -70.16 -143.53
C GLY M 528 -88.60 -71.17 -143.09
N GLU M 529 -88.76 -71.40 -141.78
CA GLU M 529 -89.75 -72.38 -141.42
C GLU M 529 -91.17 -71.90 -141.62
N THR M 530 -92.06 -72.68 -142.21
CA THR M 530 -93.42 -72.18 -142.37
C THR M 530 -94.52 -73.12 -141.94
N ARG M 531 -94.12 -74.37 -141.68
CA ARG M 531 -95.04 -75.42 -141.36
C ARG M 531 -95.69 -75.28 -140.04
N PRO M 532 -96.75 -76.04 -139.91
CA PRO M 532 -97.43 -76.13 -138.66
C PRO M 532 -96.66 -77.13 -137.84
N LEU M 533 -96.87 -77.09 -136.55
CA LEU M 533 -96.20 -78.00 -135.67
C LEU M 533 -97.19 -78.70 -134.77
N ILE M 534 -97.07 -80.01 -134.77
CA ILE M 534 -97.88 -80.87 -133.95
C ILE M 534 -97.01 -81.95 -133.37
N LEU M 535 -96.98 -82.07 -132.06
CA LEU M 535 -96.08 -83.07 -131.55
C LEU M 535 -96.61 -84.45 -131.75
N CYS M 536 -95.74 -85.29 -132.26
CA CYS M 536 -96.13 -86.68 -132.47
C CYS M 536 -96.12 -87.41 -131.15
N GLU M 537 -95.32 -86.92 -130.23
CA GLU M 537 -95.32 -87.46 -128.89
C GLU M 537 -94.99 -86.36 -127.93
N TYR M 538 -95.77 -86.28 -126.86
CA TYR M 538 -95.50 -85.35 -125.81
C TYR M 538 -96.14 -85.78 -124.51
N ALA M 539 -95.62 -85.18 -123.44
CA ALA M 539 -96.07 -85.41 -122.08
C ALA M 539 -96.08 -86.88 -121.72
N HIS M 540 -94.89 -87.48 -121.62
CA HIS M 540 -94.73 -88.88 -121.28
C HIS M 540 -95.53 -89.27 -120.03
N ALA M 541 -96.60 -90.06 -120.21
CA ALA M 541 -97.48 -90.37 -119.09
C ALA M 541 -97.05 -91.54 -118.19
N MET M 542 -95.76 -91.72 -118.02
CA MET M 542 -95.29 -92.81 -117.24
C MET M 542 -95.36 -92.65 -115.73
N GLY M 543 -96.23 -93.44 -115.14
CA GLY M 543 -96.41 -93.43 -113.72
C GLY M 543 -97.02 -92.14 -113.23
N ASN M 544 -96.48 -91.64 -112.11
CA ASN M 544 -96.96 -90.37 -111.59
C ASN M 544 -96.39 -89.26 -112.47
N SER M 545 -97.14 -88.86 -113.47
CA SER M 545 -96.63 -87.93 -114.43
C SER M 545 -97.66 -86.93 -114.89
N LEU M 546 -97.34 -86.36 -116.05
CA LEU M 546 -98.13 -85.32 -116.67
C LEU M 546 -97.91 -83.95 -116.04
N GLY M 547 -96.84 -83.81 -115.27
CA GLY M 547 -96.55 -82.53 -114.71
C GLY M 547 -96.13 -81.57 -115.85
N GLY M 548 -96.80 -80.42 -115.91
CA GLY M 548 -96.45 -79.43 -116.92
C GLY M 548 -97.38 -79.41 -118.10
N PHE M 549 -98.35 -80.29 -118.05
CA PHE M 549 -99.29 -80.41 -119.12
C PHE M 549 -99.88 -79.07 -119.55
N ALA M 550 -100.29 -78.32 -118.57
CA ALA M 550 -100.89 -77.03 -118.83
C ALA M 550 -100.05 -76.04 -119.62
N LYS M 551 -98.72 -76.08 -119.40
CA LYS M 551 -97.83 -75.20 -120.15
C LYS M 551 -98.07 -75.38 -121.66
N TYR M 552 -98.13 -76.64 -122.06
CA TYR M 552 -98.39 -76.98 -123.43
C TYR M 552 -99.69 -76.38 -123.91
N TRP M 553 -100.74 -76.66 -123.16
CA TRP M 553 -102.03 -76.20 -123.57
C TRP M 553 -102.11 -74.73 -123.79
N GLN M 554 -101.45 -74.08 -122.89
CA GLN M 554 -101.46 -72.66 -123.02
C GLN M 554 -100.76 -72.18 -124.25
N ALA M 555 -99.64 -72.80 -124.50
CA ALA M 555 -98.94 -72.38 -125.69
C ALA M 555 -99.73 -72.69 -126.91
N PHE M 556 -100.27 -73.90 -126.91
CA PHE M 556 -101.01 -74.29 -128.07
C PHE M 556 -102.05 -73.24 -128.33
N ARG M 557 -102.68 -72.84 -127.25
CA ARG M 557 -103.73 -71.86 -127.39
C ARG M 557 -103.25 -70.50 -127.85
N GLN M 558 -102.04 -70.15 -127.53
CA GLN M 558 -101.61 -68.83 -127.95
C GLN M 558 -100.93 -68.76 -129.30
N TYR M 559 -100.38 -69.86 -129.78
CA TYR M 559 -99.71 -69.83 -131.04
C TYR M 559 -100.48 -70.62 -132.07
N PRO M 560 -100.90 -69.89 -133.02
CA PRO M 560 -101.67 -70.36 -134.14
C PRO M 560 -101.11 -71.60 -134.79
N ARG M 561 -99.83 -71.53 -135.13
CA ARG M 561 -99.12 -72.62 -135.77
C ARG M 561 -98.83 -73.78 -134.83
N LEU M 562 -99.08 -73.63 -133.53
CA LEU M 562 -98.91 -74.76 -132.65
C LEU M 562 -100.27 -75.42 -132.64
N GLN M 563 -100.43 -76.54 -133.34
CA GLN M 563 -101.74 -77.14 -133.42
C GLN M 563 -102.06 -78.35 -132.56
N GLY M 564 -101.30 -78.53 -131.49
CA GLY M 564 -101.56 -79.63 -130.56
C GLY M 564 -100.50 -80.74 -130.61
N GLY M 565 -100.94 -81.93 -130.22
CA GLY M 565 -100.04 -83.09 -130.22
C GLY M 565 -100.78 -84.32 -129.70
N PHE M 566 -100.00 -85.40 -129.64
CA PHE M 566 -100.46 -86.68 -129.19
C PHE M 566 -99.69 -87.09 -127.99
N VAL M 567 -100.45 -87.31 -126.96
CA VAL M 567 -99.83 -87.73 -125.75
C VAL M 567 -99.34 -89.14 -125.87
N TRP M 568 -98.24 -89.38 -125.19
CA TRP M 568 -97.69 -90.69 -125.15
C TRP M 568 -97.76 -91.25 -123.73
N ASP M 569 -98.62 -92.23 -123.50
CA ASP M 569 -99.56 -92.79 -124.45
C ASP M 569 -100.84 -93.24 -123.74
N TRP M 570 -101.77 -93.86 -124.46
CA TRP M 570 -103.04 -94.27 -123.86
C TRP M 570 -103.09 -95.24 -122.68
N VAL M 571 -102.68 -96.50 -122.90
CA VAL M 571 -102.71 -97.55 -121.84
C VAL M 571 -101.39 -98.18 -121.56
N ASP M 572 -101.21 -98.57 -120.30
CA ASP M 572 -100.00 -99.28 -119.92
C ASP M 572 -99.95 -100.61 -120.63
N GLN M 573 -98.74 -100.99 -121.02
CA GLN M 573 -98.58 -102.25 -121.71
C GLN M 573 -98.23 -103.32 -120.69
N SER M 574 -99.17 -103.56 -119.79
CA SER M 574 -98.94 -104.57 -118.78
C SER M 574 -99.75 -105.80 -119.06
N LEU M 575 -99.13 -106.88 -118.64
CA LEU M 575 -99.74 -108.17 -118.78
C LEU M 575 -100.07 -108.79 -117.42
N ILE M 576 -101.07 -109.65 -117.44
CA ILE M 576 -101.47 -110.35 -116.26
C ILE M 576 -100.69 -111.65 -116.00
N LYS M 577 -100.42 -111.93 -114.74
CA LYS M 577 -99.77 -113.14 -114.33
C LYS M 577 -100.48 -113.66 -113.10
N TYR M 578 -100.13 -114.89 -112.73
CA TYR M 578 -100.74 -115.40 -111.53
C TYR M 578 -99.80 -115.89 -110.52
N ASP M 579 -100.26 -115.74 -109.30
CA ASP M 579 -99.49 -116.25 -108.22
C ASP M 579 -100.03 -117.66 -108.01
N GLU M 580 -99.34 -118.37 -107.13
CA GLU M 580 -99.68 -119.72 -106.72
C GLU M 580 -101.14 -119.80 -106.26
N ASN M 581 -101.63 -118.74 -105.62
CA ASN M 581 -103.01 -118.72 -105.19
C ASN M 581 -103.95 -118.37 -106.32
N GLY M 582 -103.38 -118.44 -107.55
CA GLY M 582 -104.10 -118.15 -108.77
C GLY M 582 -104.59 -116.73 -108.77
N ASN M 583 -103.71 -115.90 -108.22
CA ASN M 583 -103.98 -114.51 -108.14
C ASN M 583 -103.26 -113.82 -109.25
N PRO M 584 -104.04 -113.02 -109.93
CA PRO M 584 -103.61 -112.26 -111.08
C PRO M 584 -102.83 -111.03 -110.66
N TRP M 585 -101.83 -110.71 -111.43
CA TRP M 585 -101.11 -109.52 -111.12
C TRP M 585 -100.44 -108.93 -112.34
N SER M 586 -100.29 -107.62 -112.31
CA SER M 586 -99.71 -106.91 -113.42
C SER M 586 -98.21 -107.02 -113.54
N ALA M 587 -97.83 -107.53 -114.70
CA ALA M 587 -96.46 -107.80 -115.04
C ALA M 587 -95.92 -106.87 -116.12
N TYR M 588 -94.62 -106.70 -116.02
CA TYR M 588 -93.93 -105.89 -116.96
C TYR M 588 -92.65 -106.53 -117.42
N GLY M 589 -91.83 -105.76 -118.12
CA GLY M 589 -90.58 -106.24 -118.65
C GLY M 589 -89.81 -107.04 -117.64
N GLY M 590 -89.34 -108.19 -118.12
CA GLY M 590 -88.55 -109.16 -117.36
C GLY M 590 -89.37 -110.12 -116.52
N ASP M 591 -90.67 -109.84 -116.38
CA ASP M 591 -91.56 -110.65 -115.57
C ASP M 591 -91.82 -112.03 -116.17
N PHE M 592 -91.28 -112.29 -117.35
CA PHE M 592 -91.45 -113.57 -118.01
C PHE M 592 -90.10 -114.19 -118.24
N GLY M 593 -89.12 -113.64 -117.54
CA GLY M 593 -87.77 -114.09 -117.68
C GLY M 593 -87.23 -113.69 -119.03
N ASP M 594 -88.01 -112.81 -119.68
CA ASP M 594 -87.67 -112.28 -120.99
C ASP M 594 -86.42 -111.45 -120.86
N THR M 595 -85.50 -111.74 -121.78
CA THR M 595 -84.24 -111.05 -121.90
C THR M 595 -83.87 -110.81 -123.37
N PRO M 596 -83.41 -109.58 -123.65
CA PRO M 596 -83.21 -108.57 -122.62
C PRO M 596 -84.52 -107.81 -122.36
N ASN M 597 -84.58 -106.96 -121.36
CA ASN M 597 -85.84 -106.26 -121.16
C ASN M 597 -85.64 -104.84 -120.62
N ASP M 598 -86.70 -104.02 -120.78
CA ASP M 598 -86.70 -102.61 -120.39
C ASP M 598 -87.64 -102.26 -119.24
N ARG M 599 -88.08 -103.32 -118.55
CA ARG M 599 -88.92 -103.27 -117.36
C ARG M 599 -90.22 -102.49 -117.47
N GLN M 600 -90.43 -101.51 -116.56
CA GLN M 600 -91.65 -100.64 -116.51
C GLN M 600 -91.86 -99.78 -117.77
N PHE M 601 -90.76 -99.58 -118.49
CA PHE M 601 -90.80 -98.77 -119.66
C PHE M 601 -92.00 -98.93 -120.58
N CYS M 602 -92.61 -100.10 -120.56
CA CYS M 602 -93.78 -100.37 -121.38
C CYS M 602 -95.05 -99.78 -120.74
N MET M 603 -94.93 -99.16 -119.55
CA MET M 603 -96.09 -98.57 -118.90
C MET M 603 -96.00 -97.06 -118.85
N ASN M 604 -96.73 -96.44 -119.78
CA ASN M 604 -96.72 -95.01 -119.96
C ASN M 604 -98.11 -94.49 -120.23
N GLY M 605 -99.12 -95.27 -119.88
CA GLY M 605 -100.45 -94.88 -120.20
C GLY M 605 -101.13 -93.97 -119.23
N LEU M 606 -102.19 -93.43 -119.75
CA LEU M 606 -103.06 -92.58 -119.00
C LEU M 606 -104.06 -93.46 -118.25
N VAL M 607 -104.15 -94.70 -118.71
CA VAL M 607 -105.00 -95.66 -118.07
C VAL M 607 -104.26 -96.93 -117.91
N PHE M 608 -104.76 -97.63 -116.93
CA PHE M 608 -104.29 -98.93 -116.58
C PHE M 608 -104.78 -99.87 -117.66
N ALA M 609 -104.02 -100.96 -117.85
CA ALA M 609 -104.41 -101.95 -118.87
C ALA M 609 -105.88 -102.36 -118.90
N ASP M 610 -106.53 -102.32 -117.74
CA ASP M 610 -107.92 -102.66 -117.62
C ASP M 610 -108.76 -101.49 -117.98
N ARG M 611 -108.08 -100.45 -118.46
CA ARG M 611 -108.78 -99.24 -118.79
C ARG M 611 -109.28 -98.52 -117.56
N THR M 612 -108.45 -98.57 -116.55
CA THR M 612 -108.80 -97.79 -115.43
C THR M 612 -107.77 -96.73 -115.39
N PRO M 613 -108.34 -95.58 -115.27
CA PRO M 613 -107.68 -94.32 -115.30
C PRO M 613 -106.67 -94.10 -114.25
N HIS M 614 -105.67 -93.39 -114.68
CA HIS M 614 -104.70 -92.86 -113.81
C HIS M 614 -105.25 -91.47 -113.49
N PRO M 615 -104.73 -90.88 -112.46
CA PRO M 615 -105.24 -89.58 -112.09
C PRO M 615 -104.95 -88.51 -113.15
N ALA M 616 -103.82 -88.68 -113.83
CA ALA M 616 -103.41 -87.75 -114.84
C ALA M 616 -104.49 -87.48 -115.88
N LEU M 617 -105.24 -88.52 -116.14
CA LEU M 617 -106.26 -88.40 -117.12
C LEU M 617 -107.15 -87.18 -116.97
N THR M 618 -107.33 -86.85 -115.75
CA THR M 618 -108.18 -85.75 -115.42
C THR M 618 -107.58 -84.41 -115.78
N GLU M 619 -106.30 -84.33 -115.48
CA GLU M 619 -105.61 -83.12 -115.81
C GLU M 619 -105.79 -82.93 -117.30
N ALA M 620 -105.63 -84.04 -118.01
CA ALA M 620 -105.80 -83.94 -119.46
C ALA M 620 -107.19 -83.50 -119.85
N LYS M 621 -108.15 -84.16 -119.25
CA LYS M 621 -109.50 -83.86 -119.59
C LYS M 621 -109.78 -82.38 -119.44
N HIS M 622 -109.31 -81.84 -118.35
CA HIS M 622 -109.54 -80.46 -118.06
C HIS M 622 -108.82 -79.51 -119.02
N GLN M 623 -107.52 -79.75 -119.24
CA GLN M 623 -106.82 -78.85 -120.16
C GLN M 623 -107.35 -78.93 -121.57
N GLN M 624 -107.97 -80.06 -121.90
CA GLN M 624 -108.46 -80.19 -123.25
C GLN M 624 -109.89 -79.76 -123.43
N GLN M 625 -110.51 -79.25 -122.39
CA GLN M 625 -111.90 -78.89 -122.55
C GLN M 625 -112.16 -77.93 -123.68
N PHE M 626 -113.34 -78.05 -124.24
CA PHE M 626 -113.76 -77.23 -125.35
C PHE M 626 -114.36 -75.91 -124.99
N PHE M 627 -114.53 -75.68 -123.70
CA PHE M 627 -115.08 -74.40 -123.33
C PHE M 627 -114.14 -73.68 -122.47
N GLN M 628 -113.98 -72.39 -122.71
CA GLN M 628 -113.09 -71.64 -121.89
C GLN M 628 -113.81 -70.52 -121.23
N PHE M 629 -113.39 -70.29 -119.99
CA PHE M 629 -114.03 -69.26 -119.17
C PHE M 629 -113.18 -68.14 -118.69
N ARG M 630 -113.84 -67.01 -118.60
CA ARG M 630 -113.26 -65.80 -118.10
C ARG M 630 -114.24 -65.20 -117.15
N LEU M 631 -113.69 -64.71 -116.07
CA LEU M 631 -114.60 -64.13 -115.12
C LEU M 631 -114.39 -62.66 -114.98
N SER M 632 -115.46 -61.89 -115.16
CA SER M 632 -115.27 -60.47 -115.01
C SER M 632 -116.34 -59.84 -114.18
N GLY M 633 -115.94 -59.51 -112.97
CA GLY M 633 -116.95 -58.95 -112.13
C GLY M 633 -117.99 -60.03 -111.81
N GLN M 634 -119.24 -59.82 -112.23
CA GLN M 634 -120.26 -60.80 -111.92
C GLN M 634 -120.60 -61.54 -113.17
N THR M 635 -119.73 -61.31 -114.14
CA THR M 635 -119.92 -61.89 -115.43
C THR M 635 -118.94 -62.91 -115.85
N ILE M 636 -119.52 -63.95 -116.37
CA ILE M 636 -118.73 -64.99 -116.94
C ILE M 636 -118.74 -64.98 -118.43
N GLU M 637 -117.54 -65.05 -118.98
CA GLU M 637 -117.40 -65.10 -120.39
C GLU M 637 -117.09 -66.50 -120.84
N VAL M 638 -117.92 -67.01 -121.73
CA VAL M 638 -117.67 -68.33 -122.20
C VAL M 638 -117.23 -68.35 -123.61
N THR M 639 -116.25 -69.18 -123.84
CA THR M 639 -115.73 -69.28 -125.16
C THR M 639 -115.72 -70.69 -125.64
N SER M 640 -116.19 -70.84 -126.88
CA SER M 640 -116.29 -72.14 -127.49
C SER M 640 -115.11 -72.43 -128.37
N GLU M 641 -114.56 -73.63 -128.18
CA GLU M 641 -113.47 -74.13 -128.98
C GLU M 641 -113.97 -75.17 -129.97
N TYR M 642 -115.28 -75.19 -130.16
CA TYR M 642 -115.82 -76.04 -131.18
C TYR M 642 -115.74 -75.26 -132.47
N LEU M 643 -115.39 -75.96 -133.51
CA LEU M 643 -115.23 -75.35 -134.81
C LEU M 643 -116.50 -75.46 -135.55
N PHE M 644 -117.22 -76.50 -135.26
CA PHE M 644 -118.40 -76.75 -136.03
C PHE M 644 -119.69 -76.86 -135.27
N ARG M 645 -119.69 -77.24 -134.01
CA ARG M 645 -120.99 -77.33 -133.41
C ARG M 645 -121.38 -76.22 -132.52
N HIS M 646 -122.67 -76.18 -132.30
CA HIS M 646 -123.24 -75.22 -131.43
C HIS M 646 -123.42 -75.88 -130.06
N SER M 647 -123.43 -75.13 -128.97
CA SER M 647 -123.56 -75.73 -127.64
C SER M 647 -124.96 -76.24 -127.39
N ASP M 648 -125.33 -77.19 -128.18
CA ASP M 648 -126.66 -77.71 -128.12
C ASP M 648 -126.94 -78.82 -127.12
N ASN M 649 -126.03 -79.13 -126.24
CA ASN M 649 -126.33 -80.13 -125.23
C ASN M 649 -125.54 -79.73 -124.02
N GLU M 650 -125.72 -78.44 -123.73
CA GLU M 650 -124.95 -77.89 -122.67
C GLU M 650 -125.65 -77.04 -121.67
N LEU M 651 -125.38 -77.49 -120.47
CA LEU M 651 -125.84 -76.85 -119.29
C LEU M 651 -124.72 -76.42 -118.39
N LEU M 652 -124.83 -75.18 -118.02
CA LEU M 652 -123.85 -74.63 -117.14
C LEU M 652 -124.32 -74.47 -115.71
N HIS M 653 -123.75 -75.23 -114.83
CA HIS M 653 -124.13 -75.11 -113.46
C HIS M 653 -123.13 -74.30 -112.70
N TRP M 654 -123.58 -73.38 -111.88
CA TRP M 654 -122.57 -72.69 -111.12
C TRP M 654 -122.87 -72.72 -109.67
N MET M 655 -121.90 -72.30 -108.89
CA MET M 655 -122.10 -72.33 -107.48
C MET M 655 -121.02 -71.71 -106.60
N VAL M 656 -121.52 -71.15 -105.51
CA VAL M 656 -120.72 -70.43 -104.58
C VAL M 656 -120.67 -71.01 -103.22
N ALA M 657 -119.45 -71.10 -102.71
CA ALA M 657 -119.27 -71.66 -101.40
C ALA M 657 -118.19 -70.96 -100.59
N LEU M 658 -118.41 -71.05 -99.31
CA LEU M 658 -117.51 -70.46 -98.40
C LEU M 658 -116.82 -71.56 -97.69
N ASP M 659 -115.54 -71.66 -97.91
CA ASP M 659 -114.84 -72.74 -97.27
C ASP M 659 -115.60 -74.06 -97.36
N GLY M 660 -116.26 -74.32 -98.48
CA GLY M 660 -116.96 -75.58 -98.59
C GLY M 660 -118.44 -75.44 -98.35
N LYS M 661 -118.81 -74.38 -97.69
CA LYS M 661 -120.21 -74.21 -97.47
C LYS M 661 -120.79 -73.45 -98.60
N PRO M 662 -121.69 -74.15 -99.22
CA PRO M 662 -122.42 -73.72 -100.40
C PRO M 662 -123.40 -72.70 -100.00
N LEU M 663 -123.38 -71.59 -100.67
CA LEU M 663 -124.28 -70.51 -100.37
C LEU M 663 -125.26 -70.25 -101.45
N ALA M 664 -124.91 -70.62 -102.66
CA ALA M 664 -125.76 -70.37 -103.80
C ALA M 664 -125.31 -71.16 -104.97
N SER M 665 -126.30 -71.53 -105.75
CA SER M 665 -126.05 -72.30 -106.92
C SER M 665 -127.00 -71.89 -108.01
N GLY M 666 -126.62 -72.18 -109.25
CA GLY M 666 -127.45 -71.80 -110.37
C GLY M 666 -127.25 -72.72 -111.53
N GLU M 667 -128.02 -72.44 -112.57
CA GLU M 667 -127.99 -73.24 -113.78
C GLU M 667 -128.31 -72.43 -114.99
N VAL M 668 -127.48 -72.58 -116.00
CA VAL M 668 -127.74 -71.87 -117.19
C VAL M 668 -127.32 -72.62 -118.38
N PRO M 669 -128.23 -72.61 -119.29
CA PRO M 669 -128.05 -73.27 -120.54
C PRO M 669 -127.17 -72.44 -121.43
N LEU M 670 -126.30 -73.18 -122.07
CA LEU M 670 -125.38 -72.60 -123.02
C LEU M 670 -125.93 -72.56 -124.40
N ASP M 671 -125.58 -71.47 -125.00
CA ASP M 671 -125.94 -71.17 -126.36
C ASP M 671 -124.79 -70.44 -127.01
N VAL M 672 -123.79 -71.20 -127.41
CA VAL M 672 -122.63 -70.59 -128.02
C VAL M 672 -122.33 -71.23 -129.33
N ALA M 673 -121.97 -70.37 -130.25
CA ALA M 673 -121.60 -70.87 -131.52
C ALA M 673 -120.16 -71.30 -131.52
N PRO M 674 -119.87 -72.24 -132.38
CA PRO M 674 -118.51 -72.68 -132.52
C PRO M 674 -117.72 -71.42 -132.60
N GLN M 675 -116.64 -71.40 -131.82
CA GLN M 675 -115.75 -70.26 -131.78
C GLN M 675 -116.35 -68.97 -131.30
N GLY M 676 -117.50 -69.04 -130.68
CA GLY M 676 -118.09 -67.84 -130.16
C GLY M 676 -117.96 -67.69 -128.65
N LYS M 677 -118.48 -66.55 -128.20
CA LYS M 677 -118.53 -66.16 -126.80
C LYS M 677 -119.96 -66.04 -126.32
N GLN M 678 -120.16 -66.28 -125.03
CA GLN M 678 -121.45 -66.13 -124.42
C GLN M 678 -121.21 -65.51 -123.07
N LEU M 679 -121.99 -64.47 -122.78
CA LEU M 679 -121.91 -63.76 -121.51
C LEU M 679 -122.92 -64.18 -120.50
N ILE M 680 -122.40 -64.37 -119.33
CA ILE M 680 -123.25 -64.79 -118.29
C ILE M 680 -123.21 -63.92 -117.12
N GLU M 681 -124.39 -63.38 -116.96
CA GLU M 681 -124.68 -62.45 -115.93
C GLU M 681 -125.05 -63.10 -114.64
N LEU M 682 -124.29 -62.73 -113.64
CA LEU M 682 -124.57 -63.28 -112.35
C LEU M 682 -125.45 -62.41 -111.48
N PRO M 683 -126.30 -63.14 -110.80
CA PRO M 683 -127.21 -62.58 -109.85
C PRO M 683 -126.38 -62.12 -108.71
N GLU M 684 -126.87 -61.10 -108.04
CA GLU M 684 -126.17 -60.61 -106.91
C GLU M 684 -125.69 -61.73 -106.00
N LEU M 685 -124.40 -61.65 -105.76
CA LEU M 685 -123.77 -62.63 -104.93
C LEU M 685 -123.72 -62.25 -103.51
N PRO M 686 -123.83 -63.28 -102.74
CA PRO M 686 -123.81 -63.29 -101.30
C PRO M 686 -122.52 -62.74 -100.75
N GLN M 687 -122.63 -61.91 -99.70
CA GLN M 687 -121.48 -61.30 -99.09
C GLN M 687 -121.25 -61.68 -97.67
N PRO M 688 -121.17 -62.97 -97.44
CA PRO M 688 -120.92 -63.59 -96.15
C PRO M 688 -120.02 -62.73 -95.25
N GLU M 689 -120.31 -62.81 -93.98
CA GLU M 689 -119.57 -62.05 -93.02
C GLU M 689 -118.40 -62.80 -92.46
N SER M 690 -118.78 -64.05 -92.19
CA SER M 690 -117.94 -65.08 -91.65
C SER M 690 -116.60 -65.11 -92.34
N ALA M 691 -115.63 -65.67 -91.67
CA ALA M 691 -114.33 -65.68 -92.26
C ALA M 691 -114.14 -66.89 -93.10
N GLY M 692 -113.30 -66.71 -94.12
CA GLY M 692 -112.98 -67.76 -95.05
C GLY M 692 -112.80 -67.30 -96.47
N GLN M 693 -112.70 -68.32 -97.32
CA GLN M 693 -112.51 -68.16 -98.74
C GLN M 693 -113.78 -68.45 -99.49
N LEU M 694 -114.07 -67.51 -100.34
CA LEU M 694 -115.21 -67.58 -101.16
C LEU M 694 -114.85 -68.01 -102.56
N TRP M 695 -115.47 -69.09 -102.97
CA TRP M 695 -115.14 -69.58 -104.27
C TRP M 695 -116.31 -69.87 -105.17
N LEU M 696 -116.04 -69.51 -106.41
CA LEU M 696 -116.99 -69.76 -107.43
C LEU M 696 -116.61 -70.93 -108.32
N THR M 697 -117.59 -71.80 -108.58
CA THR M 697 -117.32 -72.92 -109.43
C THR M 697 -118.37 -73.18 -110.49
N VAL M 698 -117.87 -73.44 -111.70
CA VAL M 698 -118.74 -73.79 -112.82
C VAL M 698 -118.42 -75.11 -113.45
N ARG M 699 -119.49 -75.74 -113.88
CA ARG M 699 -119.39 -77.01 -114.54
C ARG M 699 -120.27 -77.01 -115.75
N VAL M 700 -119.85 -77.80 -116.71
CA VAL M 700 -120.61 -77.98 -117.90
C VAL M 700 -121.13 -79.39 -117.99
N VAL M 701 -122.45 -79.39 -118.11
CA VAL M 701 -123.14 -80.65 -118.21
C VAL M 701 -123.96 -80.87 -119.42
N GLN M 702 -123.89 -82.14 -119.79
CA GLN M 702 -124.61 -82.70 -120.90
C GLN M 702 -125.80 -83.45 -120.39
N PRO M 703 -126.87 -82.73 -120.48
CA PRO M 703 -128.17 -83.14 -120.07
C PRO M 703 -128.54 -84.45 -120.72
N ASN M 704 -128.44 -84.50 -122.03
CA ASN M 704 -128.81 -85.70 -122.75
C ASN M 704 -127.64 -86.58 -123.06
N ALA M 705 -127.90 -87.88 -123.14
CA ALA M 705 -126.81 -88.76 -123.47
C ALA M 705 -126.44 -88.63 -124.92
N THR M 706 -125.25 -89.13 -125.22
CA THR M 706 -124.76 -89.13 -126.58
C THR M 706 -124.33 -90.50 -126.87
N ALA M 707 -123.82 -90.64 -128.03
CA ALA M 707 -123.37 -91.94 -128.38
C ALA M 707 -122.18 -92.36 -127.62
N TRP M 708 -121.50 -91.41 -127.00
CA TRP M 708 -120.29 -91.81 -126.31
C TRP M 708 -120.29 -91.30 -124.93
N SER M 709 -121.43 -90.73 -124.54
CA SER M 709 -121.57 -90.21 -123.22
C SER M 709 -122.99 -90.37 -122.69
N GLU M 710 -123.03 -90.49 -121.38
CA GLU M 710 -124.26 -90.61 -120.63
C GLU M 710 -124.90 -89.28 -120.37
N ALA M 711 -126.14 -89.35 -119.96
CA ALA M 711 -126.71 -88.07 -119.66
C ALA M 711 -126.09 -87.56 -118.38
N GLY M 712 -125.97 -86.24 -118.33
CA GLY M 712 -125.37 -85.59 -117.19
C GLY M 712 -123.85 -85.71 -117.15
N HIS M 713 -123.24 -85.86 -118.30
CA HIS M 713 -121.83 -85.96 -118.32
C HIS M 713 -121.21 -84.56 -118.14
N ILE M 714 -120.12 -84.53 -117.38
CA ILE M 714 -119.44 -83.25 -117.16
C ILE M 714 -118.35 -83.10 -118.15
N SER M 715 -118.40 -82.03 -118.88
CA SER M 715 -117.36 -81.92 -119.87
C SER M 715 -116.35 -80.82 -119.61
N ALA M 716 -116.68 -79.94 -118.68
CA ALA M 716 -115.75 -78.86 -118.45
C ALA M 716 -116.05 -78.22 -117.15
N TRP M 717 -115.02 -77.65 -116.56
CA TRP M 717 -115.20 -76.93 -115.34
C TRP M 717 -114.14 -75.91 -115.12
N GLN M 718 -114.41 -75.09 -114.12
CA GLN M 718 -113.49 -74.04 -113.79
C GLN M 718 -113.88 -73.37 -112.51
N GLN M 719 -112.87 -73.00 -111.72
CA GLN M 719 -113.23 -72.34 -110.49
C GLN M 719 -112.49 -71.03 -110.22
N TRP M 720 -113.02 -70.19 -109.38
CA TRP M 720 -112.32 -68.95 -109.06
C TRP M 720 -112.46 -68.56 -107.60
N ARG M 721 -111.43 -67.94 -107.05
CA ARG M 721 -111.59 -67.51 -105.68
C ARG M 721 -112.09 -66.10 -105.65
N LEU M 722 -113.29 -65.94 -105.16
CA LEU M 722 -113.88 -64.63 -105.14
C LEU M 722 -113.36 -63.72 -104.08
N ALA M 723 -113.37 -64.18 -102.86
CA ALA M 723 -112.90 -63.31 -101.83
C ALA M 723 -112.37 -64.07 -100.68
N GLU M 724 -111.80 -63.25 -99.82
CA GLU M 724 -111.21 -63.76 -98.61
C GLU M 724 -111.54 -62.90 -97.44
N ASN M 725 -111.99 -63.51 -96.39
CA ASN M 725 -112.27 -62.75 -95.18
C ASN M 725 -111.32 -63.26 -94.14
N LEU M 726 -110.30 -62.47 -93.85
CA LEU M 726 -109.32 -62.93 -92.87
C LEU M 726 -109.92 -62.98 -91.47
N SER M 727 -109.48 -64.00 -90.71
CA SER M 727 -109.95 -64.14 -89.34
C SER M 727 -109.12 -63.35 -88.39
N VAL M 728 -109.82 -62.49 -87.68
CA VAL M 728 -109.20 -61.62 -86.72
C VAL M 728 -109.58 -62.04 -85.34
N THR M 729 -110.15 -63.19 -85.25
CA THR M 729 -110.52 -63.51 -83.93
C THR M 729 -109.49 -64.25 -83.16
N LEU M 730 -109.75 -64.11 -81.88
CA LEU M 730 -108.96 -64.70 -80.86
C LEU M 730 -109.73 -65.73 -80.13
N PRO M 731 -108.91 -66.68 -79.73
CA PRO M 731 -109.28 -67.81 -78.93
C PRO M 731 -109.65 -67.33 -77.53
N ALA M 732 -110.71 -67.94 -77.03
CA ALA M 732 -111.13 -67.59 -75.70
C ALA M 732 -110.22 -68.27 -74.69
N ALA M 733 -110.22 -67.68 -73.50
CA ALA M 733 -109.43 -68.18 -72.41
C ALA M 733 -109.78 -69.63 -72.07
N SER M 734 -108.72 -70.27 -71.61
CA SER M 734 -108.77 -71.63 -71.16
C SER M 734 -108.78 -71.48 -69.65
N HIS M 735 -109.38 -72.43 -68.98
CA HIS M 735 -109.42 -72.28 -67.56
C HIS M 735 -108.25 -72.92 -66.91
N ALA M 736 -107.39 -73.41 -67.78
CA ALA M 736 -106.25 -74.09 -67.28
C ALA M 736 -105.17 -74.08 -68.26
N ILE M 737 -104.02 -74.50 -67.81
CA ILE M 737 -102.94 -74.58 -68.71
C ILE M 737 -102.18 -75.83 -68.49
N PRO M 738 -101.60 -76.29 -69.56
CA PRO M 738 -100.88 -77.52 -69.54
C PRO M 738 -99.83 -77.57 -68.48
N HIS M 739 -99.56 -78.79 -68.11
CA HIS M 739 -98.64 -79.01 -67.09
C HIS M 739 -97.41 -79.76 -67.56
N LEU M 740 -96.30 -79.08 -67.41
CA LEU M 740 -95.04 -79.62 -67.85
C LEU M 740 -94.30 -80.51 -66.87
N THR M 741 -93.73 -81.59 -67.32
CA THR M 741 -93.00 -82.40 -66.39
C THR M 741 -91.73 -82.83 -67.02
N THR M 742 -90.68 -82.68 -66.27
CA THR M 742 -89.41 -82.99 -66.85
C THR M 742 -88.70 -84.18 -66.33
N SER M 743 -88.66 -85.23 -67.13
CA SER M 743 -87.87 -86.37 -66.79
C SER M 743 -86.45 -86.06 -67.27
N GLU M 744 -85.60 -87.04 -67.33
CA GLU M 744 -84.27 -86.76 -67.77
C GLU M 744 -84.16 -87.11 -69.23
N MET M 745 -85.11 -87.98 -69.54
CA MET M 745 -85.32 -88.60 -70.81
C MET M 745 -86.26 -87.84 -71.65
N ASP M 746 -87.05 -87.03 -70.99
CA ASP M 746 -87.98 -86.32 -71.79
C ASP M 746 -88.75 -85.31 -71.05
N PHE M 747 -89.71 -84.78 -71.78
CA PHE M 747 -90.60 -83.79 -71.29
C PHE M 747 -92.00 -84.29 -71.49
N CME M 748 -92.84 -84.05 -70.46
CA CME M 748 -94.20 -84.46 -70.50
CB CME M 748 -94.51 -85.41 -69.38
SG CME M 748 -94.44 -87.06 -70.08
SD CME M 748 -96.32 -87.22 -70.59
CE CME M 748 -96.24 -88.94 -71.14
CZ CME M 748 -96.55 -89.93 -69.98
OH CME M 748 -95.33 -90.48 -69.52
C CME M 748 -95.20 -83.40 -70.38
O CME M 748 -95.28 -82.68 -69.39
N ILE M 749 -96.04 -83.32 -71.37
CA ILE M 749 -97.05 -82.31 -71.24
C ILE M 749 -98.38 -82.95 -71.03
N GLU M 750 -99.03 -82.45 -70.02
CA GLU M 750 -100.30 -83.00 -69.71
C GLU M 750 -101.35 -81.95 -69.67
N LEU M 751 -102.55 -82.41 -69.99
CA LEU M 751 -103.68 -81.54 -69.96
C LEU M 751 -104.93 -82.33 -70.13
N GLY M 752 -105.58 -82.63 -69.00
CA GLY M 752 -106.76 -83.45 -69.03
C GLY M 752 -106.30 -84.86 -69.33
N ASN M 753 -107.07 -85.53 -70.16
CA ASN M 753 -106.77 -86.89 -70.63
C ASN M 753 -105.59 -86.89 -71.62
N LYS M 754 -105.37 -85.70 -72.18
CA LYS M 754 -104.31 -85.51 -73.12
C LYS M 754 -102.90 -85.42 -72.55
N ARG M 755 -101.98 -86.01 -73.30
CA ARG M 755 -100.57 -86.06 -72.94
C ARG M 755 -99.66 -86.15 -74.16
N TRP M 756 -98.55 -85.44 -74.02
CA TRP M 756 -97.58 -85.40 -75.07
C TRP M 756 -96.21 -85.62 -74.57
N GLN M 757 -95.48 -86.42 -75.29
CA GLN M 757 -94.13 -86.61 -74.83
C GLN M 757 -93.05 -86.34 -75.86
N PHE M 758 -92.06 -85.57 -75.41
CA PHE M 758 -90.95 -85.31 -76.29
C PHE M 758 -89.73 -85.96 -75.79
N ASN M 759 -89.14 -86.76 -76.61
CA ASN M 759 -87.92 -87.40 -76.21
C ASN M 759 -86.78 -86.42 -76.21
N ARG M 760 -86.06 -86.41 -75.12
CA ARG M 760 -84.98 -85.49 -74.96
C ARG M 760 -83.75 -85.84 -75.70
N GLN M 761 -83.61 -87.05 -76.14
CA GLN M 761 -82.36 -87.25 -76.84
C GLN M 761 -82.55 -87.11 -78.33
N SER M 762 -83.77 -87.42 -78.77
CA SER M 762 -84.09 -87.37 -80.18
C SER M 762 -84.54 -85.99 -80.53
N GLY M 763 -85.14 -85.37 -79.55
CA GLY M 763 -85.63 -84.06 -79.84
C GLY M 763 -86.95 -84.13 -80.60
N PHE M 764 -87.62 -85.29 -80.62
CA PHE M 764 -88.88 -85.34 -81.31
C PHE M 764 -90.01 -85.65 -80.43
N LEU M 765 -91.15 -85.30 -80.95
CA LEU M 765 -92.38 -85.64 -80.30
C LEU M 765 -92.49 -87.14 -80.47
N SER M 766 -92.33 -87.87 -79.39
CA SER M 766 -92.30 -89.33 -79.42
C SER M 766 -93.61 -90.05 -79.25
N GLN M 767 -94.51 -89.49 -78.48
CA GLN M 767 -95.75 -90.18 -78.31
C GLN M 767 -96.74 -89.23 -77.77
N MET M 768 -97.97 -89.58 -77.94
CA MET M 768 -99.00 -88.81 -77.40
C MET M 768 -100.19 -89.69 -77.10
N TRP M 769 -100.90 -89.33 -76.04
CA TRP M 769 -102.03 -90.11 -75.64
C TRP M 769 -103.22 -89.29 -75.48
N ILE M 770 -104.28 -89.98 -75.75
CA ILE M 770 -105.59 -89.47 -75.50
C ILE M 770 -106.12 -90.50 -74.57
N GLY M 771 -106.49 -90.08 -73.38
CA GLY M 771 -106.88 -91.12 -72.46
C GLY M 771 -105.62 -91.96 -72.24
N ASP M 772 -105.79 -93.24 -72.31
CA ASP M 772 -104.72 -94.18 -72.10
C ASP M 772 -104.30 -94.78 -73.42
N LYS M 773 -104.75 -94.16 -74.48
CA LYS M 773 -104.43 -94.64 -75.80
C LYS M 773 -103.31 -93.87 -76.44
N LYS M 774 -102.31 -94.63 -76.83
CA LYS M 774 -101.18 -94.07 -77.52
C LYS M 774 -101.64 -93.72 -78.90
N GLN M 775 -101.04 -92.72 -79.51
CA GLN M 775 -101.56 -92.37 -80.81
C GLN M 775 -100.65 -92.61 -81.97
N LEU M 776 -99.37 -92.75 -81.66
CA LEU M 776 -98.41 -92.92 -82.72
C LEU M 776 -97.58 -94.15 -82.60
N LEU M 777 -97.28 -94.76 -83.73
CA LEU M 777 -96.37 -95.89 -83.74
C LEU M 777 -94.98 -95.37 -84.07
N THR M 778 -94.93 -94.18 -84.63
CA THR M 778 -93.68 -93.57 -84.98
C THR M 778 -93.71 -92.12 -84.60
N PRO M 779 -92.58 -91.65 -84.16
CA PRO M 779 -92.41 -90.25 -83.78
C PRO M 779 -92.53 -89.32 -84.98
N LEU M 780 -92.95 -88.11 -84.70
CA LEU M 780 -93.14 -87.13 -85.72
C LEU M 780 -91.81 -86.55 -86.14
N ARG M 781 -91.49 -86.62 -87.43
CA ARG M 781 -90.22 -86.03 -87.80
C ARG M 781 -90.14 -85.52 -89.20
N ASP M 782 -89.10 -84.71 -89.37
CA ASP M 782 -88.87 -84.08 -90.63
C ASP M 782 -88.60 -85.10 -91.67
N GLN M 783 -89.00 -84.73 -92.86
CA GLN M 783 -88.80 -85.55 -94.00
C GLN M 783 -88.44 -84.74 -95.22
N PHE M 784 -87.35 -85.10 -95.85
CA PHE M 784 -86.91 -84.36 -97.03
C PHE M 784 -86.89 -85.15 -98.33
N THR M 785 -87.35 -86.39 -98.31
CA THR M 785 -87.27 -87.17 -99.52
C THR M 785 -88.59 -87.81 -99.91
N ARG M 786 -88.55 -88.46 -101.07
CA ARG M 786 -89.69 -89.21 -101.53
C ARG M 786 -89.29 -90.53 -102.21
N ALA M 787 -90.25 -91.46 -102.24
CA ALA M 787 -90.09 -92.71 -102.94
C ALA M 787 -90.18 -92.28 -104.40
N PRO M 788 -89.03 -92.36 -105.06
CA PRO M 788 -88.82 -91.92 -106.43
C PRO M 788 -89.88 -92.28 -107.39
N LEU M 789 -90.16 -91.32 -108.24
CA LEU M 789 -91.13 -91.52 -109.28
C LEU M 789 -90.39 -92.02 -110.47
N ASP M 790 -91.18 -92.55 -111.35
CA ASP M 790 -90.55 -92.99 -112.58
C ASP M 790 -89.72 -91.86 -113.15
N ASN M 791 -90.36 -90.68 -113.20
CA ASN M 791 -89.68 -89.51 -113.67
C ASN M 791 -88.41 -89.20 -112.88
N ASP M 792 -88.38 -89.47 -111.56
CA ASP M 792 -87.19 -89.16 -110.78
C ASP M 792 -86.04 -90.05 -111.08
N ILE M 793 -86.43 -91.23 -111.50
CA ILE M 793 -85.48 -92.25 -111.77
C ILE M 793 -84.88 -92.07 -113.14
N GLY M 794 -85.77 -91.70 -114.02
CA GLY M 794 -85.49 -91.35 -115.38
C GLY M 794 -84.49 -92.16 -116.16
N VAL M 795 -84.95 -93.32 -116.57
CA VAL M 795 -84.18 -94.15 -117.46
C VAL M 795 -85.13 -94.66 -118.52
N SER M 796 -84.65 -94.75 -119.77
CA SER M 796 -85.47 -95.25 -120.89
C SER M 796 -85.03 -96.66 -121.33
N GLU M 797 -83.79 -96.97 -120.96
CA GLU M 797 -83.12 -98.22 -121.23
C GLU M 797 -82.53 -98.70 -119.92
N ALA M 798 -82.97 -99.89 -119.50
CA ALA M 798 -82.52 -100.54 -118.28
C ALA M 798 -81.00 -100.44 -118.01
N THR M 799 -80.27 -100.49 -119.13
CA THR M 799 -78.82 -100.43 -119.32
C THR M 799 -78.14 -99.13 -118.92
N ARG M 800 -78.73 -98.02 -119.39
CA ARG M 800 -78.19 -96.69 -119.18
C ARG M 800 -78.79 -95.88 -118.06
N ILE M 801 -77.92 -95.61 -117.05
CA ILE M 801 -78.24 -94.81 -115.86
C ILE M 801 -77.73 -93.35 -116.00
N ASP M 802 -78.57 -92.40 -115.54
CA ASP M 802 -78.25 -91.00 -115.64
C ASP M 802 -77.87 -90.40 -114.30
N PRO M 803 -76.60 -90.11 -114.19
CA PRO M 803 -76.06 -89.51 -113.01
C PRO M 803 -76.78 -88.20 -112.69
N ASN M 804 -77.49 -87.69 -113.69
CA ASN M 804 -78.23 -86.46 -113.55
C ASN M 804 -79.66 -86.65 -113.10
N ALA M 805 -80.07 -87.89 -113.06
CA ALA M 805 -81.39 -88.14 -112.60
C ALA M 805 -81.44 -87.68 -111.16
N TRP M 806 -82.60 -87.13 -110.83
CA TRP M 806 -82.87 -86.63 -109.52
C TRP M 806 -82.46 -87.64 -108.49
N VAL M 807 -82.99 -88.82 -108.72
CA VAL M 807 -82.72 -89.85 -107.77
C VAL M 807 -81.25 -90.09 -107.57
N GLU M 808 -80.55 -90.06 -108.67
CA GLU M 808 -79.15 -90.25 -108.65
C GLU M 808 -78.48 -89.23 -107.81
N ARG M 809 -78.89 -88.02 -108.06
CA ARG M 809 -78.34 -86.94 -107.31
C ARG M 809 -78.66 -86.97 -105.84
N TRP M 810 -79.90 -87.31 -105.55
CA TRP M 810 -80.34 -87.33 -104.19
C TRP M 810 -79.59 -88.36 -103.42
N LYS M 811 -79.40 -89.47 -104.10
CA LYS M 811 -78.72 -90.58 -103.48
C LYS M 811 -77.32 -90.20 -103.13
N ALA M 812 -76.66 -89.75 -104.16
CA ALA M 812 -75.29 -89.35 -104.04
C ALA M 812 -75.06 -88.28 -103.01
N ALA M 813 -76.09 -87.48 -102.80
CA ALA M 813 -75.97 -86.40 -101.86
C ALA M 813 -76.15 -86.87 -100.44
N GLY M 814 -76.73 -88.07 -100.29
CA GLY M 814 -76.94 -88.65 -98.98
C GLY M 814 -78.28 -88.26 -98.44
N HIS M 815 -79.10 -87.71 -99.30
CA HIS M 815 -80.40 -87.31 -98.83
C HIS M 815 -81.15 -88.44 -98.21
N TYR M 816 -80.96 -89.58 -98.83
CA TYR M 816 -81.65 -90.73 -98.38
C TYR M 816 -81.10 -91.30 -97.13
N GLN M 817 -79.89 -90.91 -96.78
CA GLN M 817 -79.33 -91.47 -95.57
C GLN M 817 -78.69 -90.49 -94.59
N ALA M 818 -79.19 -89.29 -94.60
CA ALA M 818 -78.61 -88.35 -93.70
C ALA M 818 -79.15 -88.61 -92.33
N GLU M 819 -78.29 -88.24 -91.42
CA GLU M 819 -78.45 -88.38 -90.01
C GLU M 819 -78.79 -87.10 -89.32
N ALA M 820 -79.91 -87.17 -88.61
CA ALA M 820 -80.28 -86.00 -87.84
C ALA M 820 -79.45 -85.83 -86.58
N ALA M 821 -79.21 -84.60 -86.20
CA ALA M 821 -78.44 -84.29 -85.02
C ALA M 821 -79.12 -83.20 -84.19
N LEU M 822 -79.37 -83.51 -82.92
CA LEU M 822 -80.00 -82.52 -82.09
C LEU M 822 -79.04 -81.42 -81.75
N LEU M 823 -79.43 -80.23 -82.09
CA LEU M 823 -78.63 -79.10 -81.77
C LEU M 823 -79.17 -78.51 -80.51
N GLN M 824 -80.47 -78.65 -80.35
CA GLN M 824 -81.07 -78.08 -79.17
C GLN M 824 -82.52 -78.42 -78.99
N CYS M 825 -82.90 -78.50 -77.71
CA CYS M 825 -84.25 -78.86 -77.33
C CYS M 825 -84.57 -78.24 -76.00
N THR M 826 -85.57 -77.38 -75.96
CA THR M 826 -85.88 -76.74 -74.72
C THR M 826 -87.35 -76.59 -74.46
N ALA M 827 -87.62 -76.49 -73.17
CA ALA M 827 -88.99 -76.37 -72.74
C ALA M 827 -89.15 -75.21 -71.81
N ASP M 828 -90.31 -74.58 -71.90
CA ASP M 828 -90.56 -73.38 -71.13
C ASP M 828 -92.04 -73.19 -70.88
N THR M 829 -92.32 -72.62 -69.73
CA THR M 829 -93.68 -72.38 -69.38
C THR M 829 -94.02 -70.94 -69.41
N LEU M 830 -95.02 -70.73 -70.22
CA LEU M 830 -95.54 -69.44 -70.41
C LEU M 830 -96.80 -69.33 -69.62
N ALA M 831 -97.30 -68.13 -69.63
CA ALA M 831 -98.50 -67.89 -68.91
C ALA M 831 -99.67 -68.68 -69.41
N ASP M 832 -99.73 -68.89 -70.70
CA ASP M 832 -100.90 -69.53 -71.26
C ASP M 832 -100.61 -70.79 -71.97
N ALA M 833 -99.35 -71.17 -71.94
CA ALA M 833 -98.99 -72.36 -72.62
C ALA M 833 -97.61 -72.83 -72.29
N VAL M 834 -97.34 -73.98 -72.89
CA VAL M 834 -96.04 -74.58 -72.82
C VAL M 834 -95.38 -74.46 -74.18
N LEU M 835 -94.09 -74.19 -74.11
CA LEU M 835 -93.32 -73.98 -75.29
C LEU M 835 -92.09 -74.82 -75.45
N ILE M 836 -92.08 -75.53 -76.56
CA ILE M 836 -90.96 -76.38 -76.87
C ILE M 836 -90.19 -75.91 -78.06
N THR M 837 -88.89 -75.99 -77.87
CA THR M 837 -88.03 -75.54 -78.92
C THR M 837 -86.93 -76.49 -79.31
N THR M 838 -86.86 -76.79 -80.60
CA THR M 838 -85.84 -77.69 -81.09
C THR M 838 -85.09 -77.19 -82.30
N ALA M 839 -83.96 -77.83 -82.51
CA ALA M 839 -83.16 -77.52 -83.66
C ALA M 839 -82.36 -78.73 -83.99
N HIS M 840 -82.47 -79.16 -85.21
CA HIS M 840 -81.70 -80.29 -85.66
C HIS M 840 -80.97 -79.99 -86.93
N ALA M 841 -79.94 -80.79 -87.14
CA ALA M 841 -79.17 -80.68 -88.34
C ALA M 841 -79.06 -82.04 -89.03
N TRP M 842 -79.20 -82.06 -90.35
CA TRP M 842 -79.00 -83.31 -91.02
C TRP M 842 -77.70 -83.23 -91.75
N GLN M 843 -76.88 -84.22 -91.47
CA GLN M 843 -75.61 -84.22 -92.11
C GLN M 843 -75.31 -85.51 -92.79
N HIS M 844 -74.26 -85.40 -93.57
CA HIS M 844 -73.80 -86.51 -94.31
C HIS M 844 -72.36 -86.33 -94.66
N GLN M 845 -71.54 -87.17 -94.06
CA GLN M 845 -70.14 -87.06 -94.31
C GLN M 845 -69.61 -85.68 -94.03
N GLY M 846 -70.06 -85.12 -92.92
CA GLY M 846 -69.57 -83.83 -92.51
C GLY M 846 -70.27 -82.66 -93.15
N LYS M 847 -71.13 -82.94 -94.11
CA LYS M 847 -71.81 -81.82 -94.67
C LYS M 847 -73.17 -81.69 -94.04
N THR M 848 -73.52 -80.46 -93.76
CA THR M 848 -74.83 -80.21 -93.22
C THR M 848 -75.72 -79.86 -94.39
N LEU M 849 -76.74 -80.69 -94.60
CA LEU M 849 -77.66 -80.50 -95.70
C LEU M 849 -78.79 -79.64 -95.31
N PHE M 850 -79.31 -79.91 -94.13
CA PHE M 850 -80.42 -79.12 -93.69
C PHE M 850 -80.42 -78.89 -92.25
N ILE M 851 -81.10 -77.81 -91.96
CA ILE M 851 -81.34 -77.40 -90.63
C ILE M 851 -82.80 -77.15 -90.43
N SER M 852 -83.29 -77.76 -89.39
CA SER M 852 -84.66 -77.64 -89.03
C SER M 852 -84.84 -77.06 -87.63
N ARG M 853 -85.58 -75.98 -87.57
CA ARG M 853 -85.85 -75.33 -86.33
C ARG M 853 -87.34 -75.24 -86.04
N LYS M 854 -87.73 -75.75 -84.89
CA LYS M 854 -89.14 -75.73 -84.58
C LYS M 854 -89.52 -75.18 -83.23
N THR M 855 -90.82 -74.97 -83.15
CA THR M 855 -91.49 -74.57 -81.94
C THR M 855 -92.81 -75.25 -81.88
N TYR M 856 -93.05 -75.71 -80.67
CA TYR M 856 -94.28 -76.35 -80.42
C TYR M 856 -94.89 -75.63 -79.28
N ARG M 857 -96.13 -75.28 -79.50
CA ARG M 857 -96.80 -74.58 -78.47
C ARG M 857 -98.17 -75.13 -78.17
N ILE M 858 -98.28 -75.56 -76.91
CA ILE M 858 -99.48 -76.15 -76.38
C ILE M 858 -100.17 -75.31 -75.37
N ASP M 859 -101.40 -75.05 -75.69
CA ASP M 859 -102.19 -74.20 -74.85
C ASP M 859 -103.27 -74.93 -74.12
N GLY M 860 -103.96 -74.09 -73.37
CA GLY M 860 -105.04 -74.52 -72.52
C GLY M 860 -106.17 -75.12 -73.29
N SER M 861 -106.22 -74.86 -74.58
CA SER M 861 -107.30 -75.43 -75.34
C SER M 861 -106.91 -76.80 -75.85
N GLY M 862 -105.66 -77.21 -75.60
CA GLY M 862 -105.19 -78.52 -76.03
C GLY M 862 -104.81 -78.58 -77.50
N GLN M 863 -104.39 -77.43 -78.01
CA GLN M 863 -103.98 -77.40 -79.37
C GLN M 863 -102.50 -77.25 -79.45
N MET M 864 -101.99 -77.94 -80.42
CA MET M 864 -100.59 -77.90 -80.61
C MET M 864 -100.22 -77.23 -81.90
N ALA M 865 -99.50 -76.16 -81.72
CA ALA M 865 -99.09 -75.39 -82.85
C ALA M 865 -97.62 -75.59 -83.12
N ILE M 866 -97.40 -75.87 -84.37
CA ILE M 866 -96.09 -76.13 -84.82
C ILE M 866 -95.58 -75.17 -85.84
N THR M 867 -94.36 -74.86 -85.62
CA THR M 867 -93.74 -73.97 -86.50
C THR M 867 -92.42 -74.51 -86.96
N VAL M 868 -92.30 -74.53 -88.29
CA VAL M 868 -91.11 -75.04 -88.89
C VAL M 868 -90.42 -74.08 -89.79
N ASP M 869 -89.12 -74.05 -89.59
CA ASP M 869 -88.26 -73.23 -90.40
C ASP M 869 -87.04 -74.01 -90.77
N VAL M 870 -86.90 -74.17 -92.09
CA VAL M 870 -85.83 -74.92 -92.66
C VAL M 870 -84.87 -74.16 -93.53
N GLU M 871 -83.62 -74.54 -93.39
CA GLU M 871 -82.56 -74.01 -94.17
C GLU M 871 -81.98 -75.16 -94.96
N VAL M 872 -81.75 -74.92 -96.26
CA VAL M 872 -81.17 -75.90 -97.15
C VAL M 872 -79.90 -75.40 -97.81
N ALA M 873 -78.86 -76.22 -97.75
CA ALA M 873 -77.60 -75.84 -98.35
C ALA M 873 -77.78 -75.60 -99.80
N SER M 874 -77.33 -74.46 -100.17
CA SER M 874 -77.43 -74.02 -101.54
C SER M 874 -76.78 -75.01 -102.48
N ASP M 875 -75.78 -75.69 -101.99
CA ASP M 875 -75.08 -76.61 -102.84
C ASP M 875 -75.54 -78.04 -102.78
N THR M 876 -76.67 -78.26 -102.15
CA THR M 876 -77.16 -79.59 -102.21
C THR M 876 -78.28 -79.59 -103.23
N PRO M 877 -78.58 -80.73 -103.80
CA PRO M 877 -79.65 -80.81 -104.76
C PRO M 877 -80.95 -80.52 -104.08
N HIS M 878 -81.82 -79.83 -104.80
CA HIS M 878 -83.09 -79.52 -104.22
C HIS M 878 -83.79 -80.78 -103.91
N PRO M 879 -84.25 -80.79 -102.72
CA PRO M 879 -84.97 -81.88 -102.12
C PRO M 879 -86.35 -82.00 -102.70
N ALA M 880 -86.81 -83.22 -102.63
CA ALA M 880 -88.09 -83.61 -103.13
C ALA M 880 -89.22 -82.98 -102.37
N ARG M 881 -88.97 -82.79 -101.09
CA ARG M 881 -90.04 -82.21 -100.32
C ARG M 881 -89.54 -81.71 -99.01
N ILE M 882 -90.42 -81.01 -98.32
CA ILE M 882 -90.14 -80.45 -97.02
C ILE M 882 -91.37 -80.54 -96.16
N GLY M 883 -91.29 -81.50 -95.24
CA GLY M 883 -92.40 -81.75 -94.38
C GLY M 883 -92.05 -82.67 -93.25
N LEU M 884 -93.11 -83.23 -92.73
CA LEU M 884 -92.95 -84.12 -91.63
C LEU M 884 -93.71 -85.36 -91.85
N ASN M 885 -93.40 -86.29 -90.98
CA ASN M 885 -94.14 -87.52 -91.05
C ASN M 885 -94.12 -88.34 -89.80
N CYS M 886 -95.06 -89.25 -89.79
CA CYS M 886 -95.17 -90.13 -88.67
C CYS M 886 -96.17 -91.24 -88.98
N GLN M 887 -96.07 -92.27 -88.15
CA GLN M 887 -96.96 -93.37 -88.30
C GLN M 887 -98.00 -93.34 -87.20
N LEU M 888 -99.23 -93.16 -87.59
CA LEU M 888 -100.24 -93.17 -86.57
C LEU M 888 -100.70 -94.56 -86.26
N ALA M 889 -101.00 -94.72 -85.00
CA ALA M 889 -101.49 -95.96 -84.47
C ALA M 889 -102.87 -96.34 -85.02
N GLN M 890 -103.68 -95.35 -85.14
CA GLN M 890 -105.02 -95.51 -85.60
C GLN M 890 -105.16 -95.76 -87.10
N VAL M 891 -106.31 -96.32 -87.42
CA VAL M 891 -106.69 -96.61 -88.77
C VAL M 891 -108.18 -96.36 -88.95
N ALA M 892 -108.54 -95.45 -89.85
CA ALA M 892 -109.94 -95.13 -90.06
C ALA M 892 -110.44 -95.38 -91.48
N GLU M 893 -111.73 -95.18 -91.65
CA GLU M 893 -112.38 -95.44 -92.92
C GLU M 893 -112.31 -94.33 -93.94
N ARG M 894 -112.62 -93.16 -93.45
CA ARG M 894 -112.67 -92.02 -94.27
C ARG M 894 -111.58 -91.02 -94.01
N VAL M 895 -111.53 -90.11 -94.97
CA VAL M 895 -110.58 -89.03 -94.99
C VAL M 895 -111.31 -87.83 -95.46
N ASN M 896 -111.16 -86.79 -94.69
CA ASN M 896 -111.90 -85.63 -95.04
C ASN M 896 -111.02 -84.43 -94.99
N TRP M 897 -111.13 -83.65 -96.06
CA TRP M 897 -110.31 -82.49 -96.07
C TRP M 897 -110.89 -81.39 -96.86
N LEU M 898 -110.32 -80.25 -96.57
CA LEU M 898 -110.64 -79.03 -97.22
C LEU M 898 -109.40 -78.55 -97.94
N GLY M 899 -109.46 -78.77 -99.23
CA GLY M 899 -108.36 -78.45 -100.09
C GLY M 899 -108.69 -78.89 -101.51
N LEU M 900 -107.63 -79.14 -102.25
CA LEU M 900 -107.78 -79.51 -103.64
C LEU M 900 -108.08 -80.95 -103.79
N GLY M 901 -109.07 -81.22 -104.60
CA GLY M 901 -109.42 -82.57 -104.81
C GLY M 901 -110.37 -82.70 -105.95
N PRO M 902 -110.86 -83.89 -106.06
CA PRO M 902 -110.58 -84.94 -105.11
C PRO M 902 -109.47 -85.86 -105.50
N GLN M 903 -109.02 -85.81 -106.72
CA GLN M 903 -107.93 -86.73 -107.03
C GLN M 903 -106.55 -86.29 -106.64
N GLU M 904 -105.69 -87.27 -106.71
CA GLU M 904 -104.26 -87.06 -106.47
C GLU M 904 -103.82 -85.85 -107.31
N ASN M 905 -103.07 -84.95 -106.69
CA ASN M 905 -102.60 -83.76 -107.39
C ASN M 905 -101.28 -83.27 -106.88
N TYR M 906 -100.49 -82.81 -107.82
CA TYR M 906 -99.18 -82.32 -107.50
C TYR M 906 -99.05 -80.89 -107.98
N PRO M 907 -98.05 -80.27 -107.45
CA PRO M 907 -97.79 -78.89 -107.71
C PRO M 907 -97.79 -78.53 -109.17
N ASP M 908 -97.15 -79.35 -109.98
CA ASP M 908 -97.15 -79.07 -111.42
C ASP M 908 -98.21 -79.87 -112.14
N ARG M 909 -99.15 -80.40 -111.36
CA ARG M 909 -100.26 -81.13 -111.96
C ARG M 909 -101.46 -80.99 -111.06
N LEU M 910 -102.06 -79.81 -111.06
CA LEU M 910 -103.20 -79.60 -110.18
C LEU M 910 -104.25 -78.65 -110.73
N THR M 911 -104.15 -78.36 -112.00
CA THR M 911 -105.12 -77.47 -112.55
C THR M 911 -106.49 -78.08 -112.63
N ALA M 912 -106.55 -79.39 -112.75
CA ALA M 912 -107.87 -79.96 -112.88
C ALA M 912 -108.57 -80.08 -111.53
N ALA M 913 -107.78 -79.96 -110.49
CA ALA M 913 -108.33 -80.10 -109.13
C ALA M 913 -109.14 -78.92 -108.65
N CME M 914 -110.07 -79.25 -107.75
CA CME M 914 -110.90 -78.26 -107.13
CB CME M 914 -112.31 -78.26 -107.57
SG CME M 914 -112.38 -77.79 -109.31
SD CME M 914 -114.00 -78.79 -109.76
CE CME M 914 -113.38 -80.48 -109.51
CZ CME M 914 -114.50 -81.46 -109.85
OH CME M 914 -115.71 -80.73 -110.11
C CME M 914 -110.77 -78.13 -105.66
O CME M 914 -110.58 -79.06 -104.87
N PHE M 915 -110.88 -76.90 -105.29
CA PHE M 915 -110.79 -76.58 -103.92
C PHE M 915 -112.13 -76.72 -103.30
N ASP M 916 -112.24 -77.69 -102.43
CA ASP M 916 -113.51 -77.88 -101.78
C ASP M 916 -113.32 -78.77 -100.57
N ARG M 917 -114.46 -79.26 -100.12
CA ARG M 917 -114.43 -80.18 -99.04
C ARG M 917 -114.63 -81.58 -99.56
N TRP M 918 -113.65 -82.43 -99.31
CA TRP M 918 -113.71 -83.76 -99.81
C TRP M 918 -113.71 -84.78 -98.70
N ASP M 919 -114.37 -85.88 -99.02
CA ASP M 919 -114.47 -87.01 -98.12
C ASP M 919 -114.42 -88.29 -98.89
N LEU M 920 -113.42 -89.08 -98.61
CA LEU M 920 -113.25 -90.35 -99.25
C LEU M 920 -112.76 -91.36 -98.28
N PRO M 921 -112.80 -92.54 -98.78
CA PRO M 921 -112.30 -93.67 -98.10
C PRO M 921 -110.83 -93.70 -98.32
N LEU M 922 -110.23 -94.07 -97.24
CA LEU M 922 -108.83 -94.18 -97.16
C LEU M 922 -108.23 -94.83 -98.38
N SER M 923 -108.92 -95.85 -98.85
CA SER M 923 -108.40 -96.56 -100.02
C SER M 923 -108.13 -95.64 -101.19
N ASP M 924 -109.05 -94.71 -101.36
CA ASP M 924 -108.95 -93.79 -102.44
C ASP M 924 -107.78 -92.82 -102.31
N MET M 925 -107.19 -92.79 -101.15
CA MET M 925 -106.09 -91.89 -100.97
C MET M 925 -104.81 -92.52 -101.44
N TYR M 926 -104.94 -93.64 -102.12
CA TYR M 926 -103.75 -94.29 -102.61
C TYR M 926 -103.83 -94.65 -104.09
N THR M 927 -102.73 -94.37 -104.79
CA THR M 927 -102.63 -94.62 -106.21
C THR M 927 -101.70 -95.78 -106.47
N PRO M 928 -102.34 -96.84 -106.90
CA PRO M 928 -101.79 -98.14 -107.21
C PRO M 928 -100.99 -98.18 -108.51
N TYR M 929 -100.04 -97.29 -108.61
CA TYR M 929 -99.22 -97.33 -109.78
C TYR M 929 -98.57 -98.71 -109.79
N VAL M 930 -98.60 -99.41 -110.92
CA VAL M 930 -98.00 -100.73 -110.96
C VAL M 930 -96.60 -100.77 -110.39
N PHE M 931 -95.82 -99.82 -110.84
CA PHE M 931 -94.51 -99.72 -110.27
C PHE M 931 -94.70 -98.67 -109.19
N PRO M 932 -94.51 -99.06 -107.96
CA PRO M 932 -94.80 -98.17 -106.87
C PRO M 932 -93.77 -97.09 -106.58
N SER M 933 -94.32 -95.95 -106.11
CA SER M 933 -93.59 -94.74 -105.70
C SER M 933 -94.50 -93.74 -104.94
N GLU M 934 -93.91 -92.58 -104.55
CA GLU M 934 -94.65 -91.52 -103.90
C GLU M 934 -95.95 -91.26 -104.69
N ASN M 935 -97.11 -91.22 -104.03
CA ASN M 935 -98.37 -90.99 -104.76
C ASN M 935 -99.43 -90.51 -103.80
N GLY M 936 -100.61 -90.24 -104.34
CA GLY M 936 -101.76 -89.83 -103.55
C GLY M 936 -101.76 -88.43 -102.99
N LEU M 937 -100.71 -87.68 -103.20
CA LEU M 937 -100.72 -86.34 -102.68
C LEU M 937 -101.92 -85.46 -103.07
N ARG M 938 -102.26 -84.61 -102.13
CA ARG M 938 -103.23 -83.54 -102.36
C ARG M 938 -102.66 -82.26 -101.80
N CYS M 939 -102.76 -81.23 -102.60
CA CYS M 939 -102.21 -79.93 -102.29
C CYS M 939 -103.27 -78.94 -101.86
N GLY M 940 -102.74 -77.81 -101.41
CA GLY M 940 -103.51 -76.66 -100.99
C GLY M 940 -104.58 -76.98 -100.00
N THR M 941 -104.12 -77.68 -98.99
CA THR M 941 -105.00 -78.12 -97.97
C THR M 941 -104.84 -77.28 -96.76
N ARG M 942 -106.02 -76.97 -96.26
CA ARG M 942 -106.11 -76.13 -95.10
C ARG M 942 -106.57 -76.80 -93.85
N GLU M 943 -107.30 -77.89 -94.06
CA GLU M 943 -107.84 -78.66 -92.97
C GLU M 943 -107.95 -80.09 -93.38
N LEU M 944 -107.44 -80.93 -92.49
CA LEU M 944 -107.42 -82.35 -92.69
C LEU M 944 -107.89 -83.08 -91.44
N ASN M 945 -108.77 -84.04 -91.68
CA ASN M 945 -109.40 -84.84 -90.63
C ASN M 945 -109.29 -86.31 -90.77
N TYR M 946 -108.77 -86.94 -89.74
CA TYR M 946 -108.63 -88.38 -89.73
C TYR M 946 -108.71 -88.88 -88.31
N GLY M 947 -109.75 -89.64 -88.08
CA GLY M 947 -109.99 -90.11 -86.75
C GLY M 947 -110.44 -88.92 -85.91
N PRO M 948 -109.90 -88.92 -84.73
CA PRO M 948 -110.08 -87.91 -83.71
C PRO M 948 -109.21 -86.71 -84.04
N HIS M 949 -108.33 -86.87 -85.03
CA HIS M 949 -107.43 -85.82 -85.40
C HIS M 949 -107.87 -84.85 -86.43
N GLN M 950 -107.24 -83.71 -86.23
CA GLN M 950 -107.41 -82.62 -87.10
C GLN M 950 -106.19 -81.77 -87.21
N TRP M 951 -105.91 -81.45 -88.46
CA TRP M 951 -104.79 -80.60 -88.76
C TRP M 951 -105.20 -79.42 -89.57
N ARG M 952 -104.58 -78.32 -89.22
CA ARG M 952 -104.89 -77.11 -89.93
C ARG M 952 -103.65 -76.34 -90.23
N GLY M 953 -103.76 -75.73 -91.41
CA GLY M 953 -102.71 -74.89 -91.93
C GLY M 953 -102.81 -74.73 -93.42
N ASP M 954 -101.66 -74.83 -94.04
CA ASP M 954 -101.65 -74.72 -95.48
C ASP M 954 -100.63 -75.69 -96.00
N PHE M 955 -101.10 -76.90 -96.31
CA PHE M 955 -100.11 -77.84 -96.72
C PHE M 955 -100.65 -78.77 -97.76
N GLN M 956 -99.79 -79.75 -98.00
CA GLN M 956 -100.08 -80.85 -98.88
C GLN M 956 -99.80 -82.06 -98.08
N PHE M 957 -100.51 -83.11 -98.43
CA PHE M 957 -100.31 -84.33 -97.71
C PHE M 957 -100.71 -85.54 -98.50
N ASN M 958 -100.34 -86.65 -97.90
CA ASN M 958 -100.73 -87.94 -98.37
C ASN M 958 -100.90 -88.84 -97.17
N ILE M 959 -101.68 -89.87 -97.38
CA ILE M 959 -101.95 -90.77 -96.30
C ILE M 959 -102.37 -92.15 -96.77
N SER M 960 -101.71 -93.14 -96.21
CA SER M 960 -101.94 -94.51 -96.61
C SER M 960 -101.31 -95.47 -95.61
N ARG M 961 -101.25 -96.76 -96.00
CA ARG M 961 -100.64 -97.77 -95.14
C ARG M 961 -99.28 -98.17 -95.56
N TYR M 962 -98.66 -97.35 -96.37
CA TYR M 962 -97.35 -97.77 -96.78
C TYR M 962 -96.34 -96.73 -96.51
N SER M 963 -95.24 -97.15 -95.96
CA SER M 963 -94.20 -96.20 -95.72
C SER M 963 -93.58 -95.88 -97.06
N GLN M 964 -92.92 -94.71 -97.10
CA GLN M 964 -92.21 -94.31 -98.29
C GLN M 964 -91.12 -95.36 -98.53
N GLN M 965 -90.58 -95.85 -97.44
CA GLN M 965 -89.57 -96.85 -97.58
C GLN M 965 -90.06 -98.11 -98.22
N GLN M 966 -91.23 -98.55 -97.80
CA GLN M 966 -91.79 -99.74 -98.38
C GLN M 966 -91.93 -99.54 -99.87
N LEU M 967 -92.55 -98.43 -100.21
CA LEU M 967 -92.79 -98.12 -101.62
C LEU M 967 -91.55 -98.10 -102.45
N MET M 968 -90.59 -97.48 -101.83
CA MET M 968 -89.37 -97.33 -102.49
C MET M 968 -88.69 -98.64 -102.68
N GLU M 969 -88.95 -99.57 -101.79
CA GLU M 969 -88.28 -100.84 -101.90
C GLU M 969 -89.00 -101.95 -102.62
N THR M 970 -90.27 -101.77 -102.89
CA THR M 970 -91.08 -102.75 -103.61
C THR M 970 -91.22 -102.43 -105.09
N SER M 971 -90.98 -103.40 -105.93
CA SER M 971 -91.06 -103.22 -107.37
C SER M 971 -92.44 -103.42 -107.97
N HIS M 972 -93.35 -104.07 -107.28
CA HIS M 972 -94.64 -104.24 -107.90
C HIS M 972 -95.70 -104.00 -106.91
N ARG M 973 -96.76 -103.41 -107.41
CA ARG M 973 -97.88 -103.13 -106.54
C ARG M 973 -98.37 -104.33 -105.74
N HIS M 974 -98.41 -105.47 -106.40
CA HIS M 974 -98.93 -106.66 -105.78
C HIS M 974 -98.15 -107.12 -104.56
N LEU M 975 -96.90 -106.71 -104.47
CA LEU M 975 -96.08 -107.03 -103.29
C LEU M 975 -96.20 -106.10 -102.08
N LEU M 976 -97.01 -105.07 -102.16
CA LEU M 976 -97.02 -104.28 -100.97
C LEU M 976 -98.06 -104.83 -100.07
N HIS M 977 -97.83 -104.57 -98.79
CA HIS M 977 -98.75 -104.99 -97.79
C HIS M 977 -98.93 -103.86 -96.80
N ALA M 978 -100.16 -103.73 -96.34
CA ALA M 978 -100.39 -102.67 -95.40
C ALA M 978 -99.50 -102.74 -94.18
N GLU M 979 -99.10 -101.58 -93.72
CA GLU M 979 -98.28 -101.53 -92.56
C GLU M 979 -99.19 -101.39 -91.36
N GLU M 980 -98.59 -101.43 -90.20
CA GLU M 980 -99.34 -101.37 -88.98
C GLU M 980 -100.41 -100.32 -88.75
N GLY M 981 -100.14 -99.05 -88.96
CA GLY M 981 -101.23 -98.11 -88.69
C GLY M 981 -101.48 -97.32 -89.93
N THR M 982 -101.39 -96.02 -89.79
CA THR M 982 -101.55 -95.14 -90.91
C THR M 982 -100.35 -94.23 -91.04
N TRP M 983 -99.81 -94.20 -92.24
CA TRP M 983 -98.67 -93.33 -92.51
C TRP M 983 -99.16 -92.00 -93.05
N LEU M 984 -98.59 -90.98 -92.42
CA LEU M 984 -98.95 -89.65 -92.78
C LEU M 984 -97.81 -88.76 -93.11
N ASN M 985 -97.95 -88.19 -94.30
CA ASN M 985 -96.97 -87.26 -94.78
C ASN M 985 -97.59 -85.91 -94.98
N ILE M 986 -97.02 -84.95 -94.23
CA ILE M 986 -97.42 -83.57 -94.28
C ILE M 986 -96.28 -82.69 -94.74
N ASP M 987 -96.57 -82.14 -95.91
CA ASP M 987 -95.62 -81.33 -96.57
C ASP M 987 -95.95 -79.87 -96.58
N GLY M 988 -94.92 -79.14 -96.21
CA GLY M 988 -95.00 -77.71 -96.27
C GLY M 988 -94.77 -77.37 -97.74
N PHE M 989 -93.90 -78.16 -98.36
CA PHE M 989 -93.56 -77.99 -99.74
C PHE M 989 -93.19 -79.28 -100.36
N HIS M 990 -93.47 -79.34 -101.65
CA HIS M 990 -93.18 -80.51 -102.41
C HIS M 990 -92.79 -80.22 -103.84
N MET M 991 -91.76 -80.89 -104.29
CA MET M 991 -91.27 -80.73 -105.64
C MET M 991 -92.26 -81.16 -106.71
N GLY M 992 -92.17 -80.57 -107.88
CA GLY M 992 -93.05 -80.94 -108.99
C GLY M 992 -92.70 -82.36 -109.44
N ILE M 993 -93.49 -82.91 -110.35
CA ILE M 993 -93.24 -84.29 -110.80
C ILE M 993 -92.68 -84.40 -112.19
N GLY M 994 -92.86 -83.37 -113.02
CA GLY M 994 -92.33 -83.42 -114.37
C GLY M 994 -93.09 -84.36 -115.28
N GLY M 995 -92.40 -84.72 -116.37
CA GLY M 995 -92.96 -85.62 -117.34
C GLY M 995 -92.75 -85.21 -118.79
N ASP M 996 -92.03 -84.12 -119.03
CA ASP M 996 -91.83 -83.67 -120.42
C ASP M 996 -91.26 -84.82 -121.21
N ASP M 997 -90.55 -85.64 -120.45
CA ASP M 997 -89.96 -86.89 -120.86
C ASP M 997 -89.59 -87.59 -119.61
N SER M 998 -89.37 -88.88 -119.72
CA SER M 998 -89.05 -89.60 -118.51
C SER M 998 -87.66 -90.13 -118.51
N TRP M 999 -86.74 -89.50 -119.20
CA TRP M 999 -85.41 -90.03 -119.15
C TRP M 999 -84.39 -88.95 -119.04
N SER M 1000 -84.89 -87.89 -118.44
CA SER M 1000 -84.16 -86.71 -118.13
C SER M 1000 -85.00 -85.93 -117.17
N PRO M 1001 -84.28 -85.01 -116.55
CA PRO M 1001 -84.81 -84.07 -115.57
C PRO M 1001 -85.76 -83.17 -116.33
N SER M 1002 -87.03 -83.28 -115.95
CA SER M 1002 -88.09 -82.64 -116.66
C SER M 1002 -89.00 -81.79 -115.78
N VAL M 1003 -88.48 -81.52 -114.58
CA VAL M 1003 -89.19 -80.68 -113.63
C VAL M 1003 -88.80 -79.23 -113.82
N SER M 1004 -89.75 -78.37 -114.18
CA SER M 1004 -89.37 -76.99 -114.33
C SER M 1004 -88.95 -76.28 -113.09
N ALA M 1005 -88.09 -75.35 -113.35
CA ALA M 1005 -87.50 -74.61 -112.28
C ALA M 1005 -88.45 -74.05 -111.26
N GLU M 1006 -89.60 -73.60 -111.76
CA GLU M 1006 -90.61 -73.03 -110.88
C GLU M 1006 -91.12 -74.07 -109.96
N PHE M 1007 -90.79 -75.32 -110.26
CA PHE M 1007 -91.26 -76.37 -109.42
C PHE M 1007 -90.25 -77.02 -108.54
N GLN M 1008 -89.02 -76.53 -108.57
CA GLN M 1008 -87.99 -77.05 -107.70
C GLN M 1008 -87.91 -76.26 -106.38
N LEU M 1009 -87.47 -76.93 -105.31
CA LEU M 1009 -87.39 -76.34 -103.97
C LEU M 1009 -86.04 -75.74 -103.85
N SER M 1010 -85.94 -74.61 -104.45
CA SER M 1010 -84.66 -73.94 -104.53
C SER M 1010 -84.47 -72.69 -103.67
N ALA M 1011 -85.50 -72.32 -102.93
CA ALA M 1011 -85.49 -71.12 -102.11
C ALA M 1011 -84.41 -70.99 -101.06
N GLY M 1012 -83.97 -72.11 -100.53
CA GLY M 1012 -82.97 -72.07 -99.52
C GLY M 1012 -83.57 -71.96 -98.13
N ARG M 1013 -84.71 -71.28 -98.05
CA ARG M 1013 -85.33 -71.15 -96.78
C ARG M 1013 -86.80 -71.36 -96.89
N TYR M 1014 -87.27 -72.19 -95.98
CA TYR M 1014 -88.66 -72.52 -95.96
C TYR M 1014 -89.25 -72.44 -94.59
N HIS M 1015 -90.48 -72.00 -94.59
CA HIS M 1015 -91.19 -71.83 -93.36
C HIS M 1015 -92.60 -72.37 -93.45
N TYR M 1016 -93.04 -73.07 -92.41
CA TYR M 1016 -94.41 -73.50 -92.41
C TYR M 1016 -94.94 -73.75 -91.03
N GLN M 1017 -96.27 -73.75 -90.97
CA GLN M 1017 -96.94 -73.94 -89.70
C GLN M 1017 -98.19 -74.75 -89.74
N LEU M 1018 -98.42 -75.31 -88.58
CA LEU M 1018 -99.47 -76.22 -88.40
C LEU M 1018 -100.10 -76.29 -87.05
N VAL M 1019 -101.34 -76.72 -87.11
CA VAL M 1019 -102.08 -76.94 -85.91
C VAL M 1019 -102.72 -78.26 -85.83
N TRP M 1020 -102.42 -78.89 -84.74
CA TRP M 1020 -102.92 -80.20 -84.48
C TRP M 1020 -103.78 -80.31 -83.24
N CME M 1021 -104.95 -80.90 -83.44
CA CME M 1021 -105.90 -81.17 -82.38
CB CME M 1021 -106.82 -80.03 -82.08
SG CME M 1021 -106.52 -78.77 -83.27
SD CME M 1021 -108.27 -78.68 -84.04
CE CME M 1021 -108.80 -80.29 -83.39
CZ CME M 1021 -109.82 -80.17 -82.26
OH CME M 1021 -111.14 -80.11 -82.80
C CME M 1021 -106.73 -82.37 -82.61
O CME M 1021 -106.68 -83.04 -83.64
N GLN M 1022 -107.49 -82.60 -81.56
CA GLN M 1022 -108.38 -83.71 -81.43
C GLN M 1022 -109.72 -83.29 -80.95
N LYS M 1023 -110.60 -84.21 -81.25
CA LYS M 1023 -111.99 -84.16 -80.89
C LYS M 1023 -112.25 -85.45 -80.13
N ILE N 3 -91.69 -2.92 -152.59
CA ILE N 3 -93.17 -2.93 -152.38
C ILE N 3 -93.88 -4.31 -152.35
N THR N 4 -93.39 -5.14 -153.23
CA THR N 4 -93.91 -6.46 -153.29
C THR N 4 -93.08 -7.20 -152.31
N ASP N 5 -92.07 -6.52 -151.77
CA ASP N 5 -91.20 -7.04 -150.73
C ASP N 5 -91.85 -6.68 -149.39
N SER N 6 -92.94 -5.98 -149.51
CA SER N 6 -93.64 -5.55 -148.34
C SER N 6 -94.33 -6.70 -147.61
N LEU N 7 -94.20 -6.61 -146.32
CA LEU N 7 -94.88 -7.54 -145.46
C LEU N 7 -96.31 -7.66 -145.87
N ALA N 8 -96.92 -6.53 -145.96
CA ALA N 8 -98.30 -6.48 -146.25
C ALA N 8 -98.69 -7.41 -147.36
N VAL N 9 -97.79 -7.41 -148.31
CA VAL N 9 -97.90 -8.17 -149.51
C VAL N 9 -97.51 -9.63 -149.26
N VAL N 10 -96.30 -9.84 -148.81
CA VAL N 10 -95.80 -11.15 -148.51
C VAL N 10 -96.76 -11.96 -147.62
N LEU N 11 -97.08 -11.46 -146.48
CA LEU N 11 -97.96 -12.19 -145.57
C LEU N 11 -99.36 -12.30 -146.06
N GLN N 12 -99.55 -11.77 -147.21
CA GLN N 12 -100.89 -11.81 -147.68
C GLN N 12 -101.28 -13.25 -147.98
N ARG N 13 -100.32 -13.89 -148.62
CA ARG N 13 -100.44 -15.24 -149.04
C ARG N 13 -100.69 -16.24 -147.89
N ARG N 14 -100.03 -16.02 -146.73
CA ARG N 14 -100.28 -16.94 -145.63
C ARG N 14 -99.88 -18.37 -146.01
N ASP N 15 -98.63 -18.43 -146.44
CA ASP N 15 -97.97 -19.63 -146.87
C ASP N 15 -97.90 -20.68 -145.80
N TRP N 16 -97.84 -20.19 -144.60
CA TRP N 16 -97.80 -20.98 -143.40
C TRP N 16 -99.16 -21.57 -143.06
N GLU N 17 -100.13 -21.38 -143.93
CA GLU N 17 -101.39 -22.04 -143.69
C GLU N 17 -101.77 -22.80 -144.95
N ASN N 18 -100.72 -23.28 -145.62
CA ASN N 18 -100.90 -24.00 -146.83
C ASN N 18 -99.87 -25.08 -147.09
N PRO N 19 -100.34 -26.29 -146.84
CA PRO N 19 -99.62 -27.54 -147.04
C PRO N 19 -99.10 -27.61 -148.46
N GLY N 20 -99.75 -26.85 -149.34
CA GLY N 20 -99.32 -26.79 -150.72
C GLY N 20 -98.04 -25.97 -150.82
N VAL N 21 -97.78 -25.12 -149.85
CA VAL N 21 -96.55 -24.39 -149.98
C VAL N 21 -95.63 -24.72 -148.87
N THR N 22 -94.55 -25.35 -149.24
CA THR N 22 -93.67 -25.73 -148.19
C THR N 22 -92.33 -25.05 -148.27
N GLN N 23 -92.13 -24.39 -149.38
CA GLN N 23 -90.93 -23.64 -149.60
C GLN N 23 -91.15 -22.69 -150.76
N LEU N 24 -90.21 -21.73 -150.92
CA LEU N 24 -90.19 -20.78 -152.03
C LEU N 24 -88.77 -20.41 -152.33
N ASN N 25 -88.36 -20.70 -153.51
CA ASN N 25 -86.99 -20.36 -153.87
C ASN N 25 -85.90 -21.01 -153.06
N ARG N 26 -86.23 -22.13 -152.46
CA ARG N 26 -85.27 -22.84 -151.68
C ARG N 26 -84.47 -23.73 -152.61
N LEU N 27 -83.17 -23.77 -152.44
CA LEU N 27 -82.39 -24.64 -153.30
C LEU N 27 -82.61 -26.13 -153.00
N ALA N 28 -81.95 -26.90 -153.83
CA ALA N 28 -82.04 -28.32 -153.68
C ALA N 28 -81.11 -28.84 -152.63
N ALA N 29 -81.54 -30.01 -152.10
CA ALA N 29 -80.82 -30.73 -151.05
C ALA N 29 -79.59 -31.50 -151.49
N HIS N 30 -78.70 -31.78 -150.56
CA HIS N 30 -77.50 -32.49 -150.97
C HIS N 30 -76.67 -32.68 -149.74
N PRO N 31 -75.71 -33.54 -149.92
CA PRO N 31 -74.82 -33.79 -148.85
C PRO N 31 -74.03 -32.51 -148.71
N PRO N 32 -73.46 -32.44 -147.59
CA PRO N 32 -72.64 -31.39 -147.12
C PRO N 32 -71.49 -30.99 -148.00
N PHE N 33 -71.47 -29.68 -148.27
CA PHE N 33 -70.42 -29.08 -149.06
C PHE N 33 -69.60 -28.07 -148.27
N ALA N 34 -68.34 -27.91 -148.68
CA ALA N 34 -67.37 -26.95 -148.12
C ALA N 34 -66.79 -26.06 -149.23
N SER N 35 -66.75 -26.59 -150.43
CA SER N 35 -66.20 -25.84 -151.51
C SER N 35 -64.73 -25.60 -151.33
N TRP N 36 -64.01 -26.57 -150.83
CA TRP N 36 -62.61 -26.35 -150.73
C TRP N 36 -62.09 -25.97 -152.09
N ARG N 37 -60.94 -25.31 -152.02
CA ARG N 37 -60.25 -24.92 -153.22
C ARG N 37 -58.86 -25.49 -153.24
N ASN N 38 -58.62 -26.36 -152.27
CA ASN N 38 -57.38 -27.07 -152.20
C ASN N 38 -57.63 -28.49 -151.75
N SER N 39 -57.19 -29.38 -152.61
CA SER N 39 -57.32 -30.78 -152.37
C SER N 39 -56.91 -31.20 -150.93
N GLU N 40 -55.66 -30.93 -150.60
CA GLU N 40 -55.18 -31.30 -149.30
C GLU N 40 -56.08 -30.92 -148.18
N GLU N 41 -56.53 -29.68 -148.24
CA GLU N 41 -57.39 -29.14 -147.22
C GLU N 41 -58.61 -30.01 -147.08
N ALA N 42 -59.22 -30.21 -148.21
CA ALA N 42 -60.38 -31.05 -148.25
C ALA N 42 -60.00 -32.43 -147.78
N ARG N 43 -58.93 -32.91 -148.29
CA ARG N 43 -58.51 -34.22 -147.90
C ARG N 43 -58.32 -34.37 -146.42
N THR N 44 -57.90 -33.31 -145.79
CA THR N 44 -57.64 -33.44 -144.36
C THR N 44 -58.69 -32.78 -143.55
N ASP N 45 -59.77 -32.49 -144.23
CA ASP N 45 -60.84 -31.88 -143.52
C ASP N 45 -60.45 -30.58 -142.85
N ARG N 46 -59.72 -29.73 -143.55
CA ARG N 46 -59.47 -28.47 -142.92
C ARG N 46 -60.67 -27.60 -143.06
N PRO N 47 -60.52 -26.35 -142.75
CA PRO N 47 -61.68 -25.54 -142.85
C PRO N 47 -61.67 -24.74 -144.10
N SER N 48 -62.84 -24.69 -144.68
CA SER N 48 -62.89 -23.98 -145.91
C SER N 48 -63.36 -22.60 -145.72
N GLN N 49 -62.65 -21.77 -146.43
CA GLN N 49 -62.89 -20.39 -146.39
C GLN N 49 -64.13 -20.01 -147.18
N GLN N 50 -64.65 -20.90 -148.06
CA GLN N 50 -65.86 -20.57 -148.84
C GLN N 50 -67.10 -20.81 -148.02
N LEU N 51 -66.77 -21.18 -146.81
CA LEU N 51 -67.74 -21.48 -145.85
C LEU N 51 -67.58 -20.64 -144.61
N ARG N 52 -68.62 -19.90 -144.35
CA ARG N 52 -68.59 -18.97 -143.27
C ARG N 52 -69.79 -19.01 -142.37
N SER N 53 -69.49 -19.01 -141.06
CA SER N 53 -70.55 -19.03 -140.08
C SER N 53 -71.08 -17.68 -139.72
N LEU N 54 -72.38 -17.61 -139.54
CA LEU N 54 -73.05 -16.39 -139.15
C LEU N 54 -73.58 -16.47 -137.74
N ASN N 55 -73.04 -17.46 -137.08
CA ASN N 55 -73.45 -17.69 -135.72
C ASN N 55 -72.85 -16.61 -134.89
N GLY N 56 -73.66 -16.12 -133.95
CA GLY N 56 -73.22 -15.11 -133.01
C GLY N 56 -74.32 -14.20 -132.52
N GLU N 57 -73.93 -12.96 -132.27
CA GLU N 57 -74.91 -12.01 -131.80
C GLU N 57 -75.73 -11.53 -132.93
N TRP N 58 -77.02 -11.45 -132.65
CA TRP N 58 -77.97 -11.07 -133.67
C TRP N 58 -79.01 -10.24 -133.00
N ARG N 59 -79.85 -9.64 -133.78
CA ARG N 59 -80.85 -8.84 -133.10
C ARG N 59 -82.18 -9.48 -133.20
N PHE N 60 -82.83 -9.45 -132.05
CA PHE N 60 -84.08 -10.12 -131.96
C PHE N 60 -85.23 -9.32 -131.45
N ALA N 61 -86.40 -9.60 -131.97
CA ALA N 61 -87.60 -9.01 -131.43
C ALA N 61 -88.80 -9.92 -131.61
N TRP N 62 -89.58 -9.98 -130.58
CA TRP N 62 -90.71 -10.86 -130.55
C TRP N 62 -92.08 -10.24 -130.69
N PHE N 63 -92.97 -10.89 -131.40
CA PHE N 63 -94.33 -10.41 -131.56
C PHE N 63 -95.28 -11.52 -131.47
N PRO N 64 -96.36 -11.17 -130.89
CA PRO N 64 -97.52 -12.02 -130.69
C PRO N 64 -98.11 -12.49 -132.00
N ALA N 65 -97.73 -11.82 -133.06
CA ALA N 65 -98.25 -12.15 -134.36
C ALA N 65 -97.48 -11.49 -135.46
N PRO N 66 -97.54 -12.14 -136.59
CA PRO N 66 -96.86 -11.71 -137.79
C PRO N 66 -97.33 -10.30 -138.22
N GLU N 67 -98.63 -10.12 -138.15
CA GLU N 67 -99.28 -8.87 -138.49
C GLU N 67 -98.70 -7.66 -137.75
N ALA N 68 -98.55 -7.82 -136.46
CA ALA N 68 -97.91 -6.85 -135.61
C ALA N 68 -96.51 -6.47 -136.11
N VAL N 69 -95.91 -7.21 -136.99
CA VAL N 69 -94.61 -6.73 -137.40
C VAL N 69 -94.74 -5.45 -138.22
N PRO N 70 -93.86 -4.52 -137.91
CA PRO N 70 -93.83 -3.21 -138.52
C PRO N 70 -92.92 -3.14 -139.72
N GLU N 71 -93.52 -2.54 -140.74
CA GLU N 71 -92.85 -2.39 -141.99
C GLU N 71 -91.36 -1.96 -141.99
N SER N 72 -91.04 -1.08 -141.07
CA SER N 72 -89.70 -0.56 -140.94
C SER N 72 -88.69 -1.63 -140.73
N TRP N 73 -89.18 -2.68 -140.05
CA TRP N 73 -88.34 -3.76 -139.66
C TRP N 73 -87.45 -4.17 -140.83
N LEU N 74 -88.06 -4.10 -142.01
CA LEU N 74 -87.39 -4.51 -143.24
C LEU N 74 -86.16 -3.72 -143.55
N GLU N 75 -86.39 -2.47 -143.22
CA GLU N 75 -85.46 -1.43 -143.46
C GLU N 75 -84.44 -1.24 -142.37
N CYS N 76 -84.98 -1.08 -141.18
CA CYS N 76 -84.15 -0.75 -140.08
C CYS N 76 -84.44 -1.60 -138.92
N ASP N 77 -83.34 -1.81 -138.17
CA ASP N 77 -83.38 -2.55 -136.92
C ASP N 77 -84.29 -1.83 -135.97
N LEU N 78 -84.80 -2.56 -135.01
CA LEU N 78 -85.66 -1.86 -134.11
C LEU N 78 -84.91 -1.27 -132.95
N PRO N 79 -85.59 -0.34 -132.36
CA PRO N 79 -85.05 0.34 -131.22
C PRO N 79 -85.08 -0.64 -130.06
N GLU N 80 -86.28 -1.23 -129.94
CA GLU N 80 -86.65 -2.19 -128.93
C GLU N 80 -86.15 -3.61 -129.17
N ALA N 81 -85.23 -3.74 -130.10
CA ALA N 81 -84.66 -5.02 -130.39
C ALA N 81 -83.65 -5.36 -129.34
N ASP N 82 -83.42 -6.66 -129.15
CA ASP N 82 -82.44 -7.14 -128.21
C ASP N 82 -81.35 -7.81 -128.93
N THR N 83 -80.23 -7.89 -128.27
CA THR N 83 -79.15 -8.58 -128.86
C THR N 83 -79.20 -9.97 -128.29
N VAL N 84 -79.09 -10.95 -129.18
CA VAL N 84 -79.22 -12.35 -128.83
C VAL N 84 -78.22 -13.25 -129.52
N VAL N 85 -78.02 -14.38 -128.90
CA VAL N 85 -77.16 -15.36 -129.51
C VAL N 85 -77.92 -16.35 -130.38
N VAL N 86 -77.29 -16.58 -131.51
CA VAL N 86 -77.82 -17.49 -132.45
C VAL N 86 -76.75 -18.52 -132.75
N PRO N 87 -77.15 -19.82 -132.72
CA PRO N 87 -78.53 -20.22 -132.62
C PRO N 87 -79.04 -20.40 -131.22
N SER N 88 -80.37 -20.45 -131.19
CA SER N 88 -81.04 -20.61 -129.93
C SER N 88 -82.55 -20.73 -130.11
N ASN N 89 -83.20 -21.02 -129.00
CA ASN N 89 -84.64 -21.13 -128.89
C ASN N 89 -85.09 -19.98 -128.05
N TRP N 90 -85.99 -19.25 -128.61
CA TRP N 90 -86.42 -18.10 -127.93
C TRP N 90 -87.16 -18.33 -126.62
N GLN N 91 -87.81 -19.48 -126.45
CA GLN N 91 -88.48 -19.68 -125.19
C GLN N 91 -87.43 -19.71 -124.11
N MET N 92 -86.22 -20.07 -124.55
CA MET N 92 -85.07 -20.20 -123.65
C MET N 92 -84.57 -18.87 -123.15
N HIS N 93 -85.13 -17.80 -123.70
CA HIS N 93 -84.71 -16.48 -123.34
C HIS N 93 -85.81 -15.70 -122.75
N GLY N 94 -86.84 -16.38 -122.35
CA GLY N 94 -87.94 -15.74 -121.73
C GLY N 94 -88.98 -15.16 -122.64
N TYR N 95 -88.70 -15.19 -123.96
CA TYR N 95 -89.72 -14.62 -124.82
C TYR N 95 -91.16 -15.09 -124.69
N ASP N 96 -91.28 -16.39 -124.54
CA ASP N 96 -92.56 -17.05 -124.32
C ASP N 96 -92.23 -18.37 -123.71
N ALA N 97 -93.30 -19.10 -123.48
CA ALA N 97 -93.25 -20.41 -122.86
C ALA N 97 -92.99 -21.56 -123.80
N PRO N 98 -92.24 -22.51 -123.28
CA PRO N 98 -92.02 -23.73 -123.99
C PRO N 98 -93.17 -24.59 -123.52
N ILE N 99 -93.68 -25.42 -124.41
CA ILE N 99 -94.76 -26.30 -124.04
C ILE N 99 -94.36 -27.76 -124.08
N TYR N 100 -94.82 -28.43 -123.04
CA TYR N 100 -94.64 -29.83 -122.93
C TYR N 100 -95.98 -30.57 -122.98
N THR N 101 -96.33 -30.93 -124.22
CA THR N 101 -97.47 -31.76 -124.50
C THR N 101 -96.92 -32.96 -125.29
N ASN N 102 -97.57 -34.11 -125.12
CA ASN N 102 -97.19 -35.35 -125.76
C ASN N 102 -97.84 -35.64 -127.13
N VAL N 103 -99.15 -35.89 -127.03
CA VAL N 103 -99.96 -36.26 -128.15
C VAL N 103 -100.75 -35.11 -128.65
N THR N 104 -101.43 -34.54 -127.70
CA THR N 104 -102.25 -33.42 -127.98
C THR N 104 -101.49 -32.23 -128.52
N TYR N 105 -101.99 -31.78 -129.66
CA TYR N 105 -101.43 -30.64 -130.33
C TYR N 105 -101.60 -29.40 -129.47
N PRO N 106 -100.56 -28.60 -129.47
CA PRO N 106 -100.48 -27.36 -128.73
C PRO N 106 -101.50 -26.36 -129.25
N ILE N 107 -101.75 -26.45 -130.54
CA ILE N 107 -102.72 -25.57 -131.10
C ILE N 107 -103.97 -26.33 -131.42
N THR N 108 -104.96 -25.61 -131.86
CA THR N 108 -106.23 -26.22 -132.16
C THR N 108 -106.20 -26.99 -133.46
N VAL N 109 -106.88 -28.11 -133.41
CA VAL N 109 -106.87 -28.95 -134.58
C VAL N 109 -107.79 -28.56 -135.70
N ASN N 110 -107.20 -27.86 -136.65
CA ASN N 110 -107.96 -27.41 -137.77
C ASN N 110 -107.09 -27.13 -138.94
N PRO N 111 -106.47 -28.17 -139.35
CA PRO N 111 -105.59 -28.09 -140.46
C PRO N 111 -106.36 -27.56 -141.66
N PRO N 112 -105.63 -26.79 -142.44
CA PRO N 112 -104.21 -26.54 -142.24
C PRO N 112 -104.00 -25.23 -141.52
N PHE N 113 -104.96 -24.93 -140.69
CA PHE N 113 -104.89 -23.70 -139.97
C PHE N 113 -104.27 -23.71 -138.63
N VAL N 114 -103.43 -22.72 -138.54
CA VAL N 114 -102.68 -22.30 -137.39
C VAL N 114 -103.48 -21.18 -136.69
N PRO N 115 -103.27 -20.98 -135.39
CA PRO N 115 -103.97 -19.93 -134.65
C PRO N 115 -103.50 -18.53 -135.04
N THR N 116 -104.45 -17.61 -134.92
CA THR N 116 -104.23 -16.22 -135.30
C THR N 116 -103.08 -15.53 -134.59
N GLU N 117 -102.93 -15.88 -133.32
CA GLU N 117 -101.88 -15.37 -132.46
C GLU N 117 -100.73 -16.33 -132.59
N ASN N 118 -99.80 -15.93 -133.39
CA ASN N 118 -98.74 -16.81 -133.61
C ASN N 118 -97.41 -16.11 -133.46
N PRO N 119 -96.83 -16.48 -132.41
CA PRO N 119 -95.58 -15.96 -131.97
C PRO N 119 -94.57 -15.85 -133.03
N THR N 120 -94.32 -14.61 -133.41
CA THR N 120 -93.34 -14.32 -134.41
C THR N 120 -92.03 -13.82 -133.84
N GLY N 121 -90.93 -14.27 -134.40
CA GLY N 121 -89.62 -13.86 -133.93
C GLY N 121 -88.82 -13.25 -135.06
N CYS N 122 -88.53 -11.94 -134.94
CA CYS N 122 -87.80 -11.25 -135.97
C CYS N 122 -86.35 -11.16 -135.66
N TYR N 123 -85.60 -11.88 -136.46
CA TYR N 123 -84.16 -11.92 -136.32
C TYR N 123 -83.57 -11.13 -137.43
N SER N 124 -82.50 -10.44 -137.10
CA SER N 124 -81.87 -9.58 -138.08
C SER N 124 -80.40 -9.61 -137.87
N LEU N 125 -79.74 -9.43 -138.96
CA LEU N 125 -78.32 -9.42 -138.91
C LEU N 125 -77.66 -8.72 -140.06
N THR N 126 -76.75 -7.89 -139.59
CA THR N 126 -75.99 -7.05 -140.43
C THR N 126 -74.57 -7.53 -140.55
N PHE N 127 -74.13 -7.62 -141.76
CA PHE N 127 -72.81 -8.14 -141.95
C PHE N 127 -72.21 -7.71 -143.27
N ASN N 128 -70.93 -8.02 -143.27
CA ASN N 128 -70.04 -7.69 -144.33
C ASN N 128 -69.68 -8.85 -145.17
N VAL N 129 -69.43 -8.52 -146.43
CA VAL N 129 -69.09 -9.48 -147.44
C VAL N 129 -67.88 -9.10 -148.25
N ASP N 130 -66.90 -10.01 -148.34
CA ASP N 130 -65.79 -9.64 -149.19
C ASP N 130 -66.34 -9.54 -150.63
N GLU N 131 -65.95 -8.51 -151.34
CA GLU N 131 -66.49 -8.45 -152.68
C GLU N 131 -65.88 -9.48 -153.61
N SER N 132 -64.72 -9.97 -153.24
CA SER N 132 -64.15 -11.00 -154.06
C SER N 132 -65.27 -12.02 -154.40
N TRP N 133 -66.05 -12.33 -153.38
CA TRP N 133 -67.18 -13.23 -153.46
C TRP N 133 -68.26 -12.69 -154.36
N LEU N 134 -68.37 -11.40 -154.27
CA LEU N 134 -69.36 -10.69 -154.99
C LEU N 134 -69.05 -10.63 -156.47
N GLN N 135 -67.77 -10.80 -156.81
CA GLN N 135 -67.45 -10.76 -158.22
C GLN N 135 -67.90 -12.00 -158.90
N GLU N 136 -67.06 -13.01 -158.76
CA GLU N 136 -67.32 -14.29 -159.34
C GLU N 136 -68.04 -15.27 -158.41
N GLY N 137 -68.47 -16.40 -158.97
CA GLY N 137 -69.10 -17.47 -158.22
C GLY N 137 -70.50 -17.22 -157.66
N GLN N 138 -70.84 -18.12 -156.72
CA GLN N 138 -72.14 -18.08 -156.11
C GLN N 138 -72.18 -18.19 -154.61
N THR N 139 -73.04 -17.34 -154.12
CA THR N 139 -73.17 -17.23 -152.71
C THR N 139 -74.54 -17.51 -152.14
N ARG N 140 -74.51 -18.52 -151.31
CA ARG N 140 -75.72 -18.87 -150.69
C ARG N 140 -75.59 -18.99 -149.19
N ILE N 141 -76.78 -18.85 -148.66
CA ILE N 141 -76.95 -18.94 -147.25
C ILE N 141 -77.69 -20.21 -146.87
N ILE N 142 -77.33 -20.67 -145.67
CA ILE N 142 -77.88 -21.87 -145.15
C ILE N 142 -78.26 -21.90 -143.71
N PHE N 143 -79.52 -22.22 -143.52
CA PHE N 143 -80.07 -22.42 -142.20
C PHE N 143 -80.20 -23.89 -141.89
N ASP N 144 -79.35 -24.37 -141.02
CA ASP N 144 -79.42 -25.75 -140.63
C ASP N 144 -80.68 -26.16 -139.88
N GLY N 145 -81.37 -25.19 -139.31
CA GLY N 145 -82.59 -25.47 -138.60
C GLY N 145 -83.27 -24.21 -138.03
N VAL N 146 -84.55 -24.07 -138.42
CA VAL N 146 -85.49 -23.00 -138.06
C VAL N 146 -86.90 -23.56 -137.80
N ASN N 147 -87.35 -23.37 -136.60
CA ASN N 147 -88.62 -23.95 -136.25
C ASN N 147 -89.65 -22.88 -136.01
N SER N 148 -90.81 -22.98 -136.66
CA SER N 148 -91.21 -24.05 -137.56
C SER N 148 -91.20 -23.67 -139.02
N ALA N 149 -91.43 -22.40 -139.28
CA ALA N 149 -91.49 -21.84 -140.63
C ALA N 149 -90.89 -20.44 -140.73
N PHE N 150 -90.60 -19.98 -141.94
CA PHE N 150 -90.05 -18.65 -142.03
C PHE N 150 -89.86 -18.05 -143.39
N HIS N 151 -89.91 -16.71 -143.36
CA HIS N 151 -89.70 -15.82 -144.50
C HIS N 151 -88.37 -15.15 -144.45
N LEU N 152 -87.89 -14.81 -145.59
CA LEU N 152 -86.58 -14.23 -145.50
C LEU N 152 -86.29 -13.06 -146.45
N TRP N 153 -85.61 -12.04 -145.88
CA TRP N 153 -85.21 -10.89 -146.66
C TRP N 153 -83.74 -10.58 -146.59
N CYS N 154 -83.30 -10.01 -147.68
CA CYS N 154 -81.92 -9.63 -147.75
C CYS N 154 -81.85 -8.30 -148.38
N ASN N 155 -81.29 -7.41 -147.56
CA ASN N 155 -81.14 -6.03 -147.91
C ASN N 155 -82.49 -5.49 -148.38
N GLY N 156 -83.53 -5.73 -147.59
CA GLY N 156 -84.87 -5.20 -147.89
C GLY N 156 -85.65 -6.01 -148.89
N ARG N 157 -84.91 -6.88 -149.53
CA ARG N 157 -85.50 -7.69 -150.54
C ARG N 157 -85.97 -9.06 -150.06
N TRP N 158 -87.21 -9.36 -150.45
CA TRP N 158 -87.76 -10.64 -150.12
C TRP N 158 -87.03 -11.75 -150.86
N VAL N 159 -86.71 -12.81 -150.14
CA VAL N 159 -85.95 -13.88 -150.76
C VAL N 159 -86.70 -15.20 -150.89
N GLY N 160 -87.20 -15.72 -149.80
CA GLY N 160 -87.89 -16.96 -149.90
C GLY N 160 -88.54 -17.38 -148.61
N TYR N 161 -88.99 -18.60 -148.66
CA TYR N 161 -89.70 -19.19 -147.55
C TYR N 161 -89.35 -20.65 -147.43
N GLY N 162 -89.57 -21.18 -146.23
CA GLY N 162 -89.26 -22.58 -145.94
C GLY N 162 -90.03 -23.21 -144.77
N GLN N 163 -90.19 -24.55 -144.85
CA GLN N 163 -90.83 -25.35 -143.82
C GLN N 163 -89.97 -26.58 -143.48
N ASP N 164 -90.37 -27.30 -142.41
CA ASP N 164 -89.66 -28.46 -141.91
C ASP N 164 -88.50 -28.01 -141.04
N SER N 165 -88.81 -27.99 -139.75
CA SER N 165 -87.83 -27.57 -138.77
C SER N 165 -86.58 -28.37 -138.70
N ARG N 166 -86.54 -29.57 -139.27
CA ARG N 166 -85.33 -30.34 -139.06
C ARG N 166 -84.36 -30.43 -140.16
N LEU N 167 -84.70 -29.87 -141.30
CA LEU N 167 -83.71 -29.91 -142.35
C LEU N 167 -83.30 -28.50 -142.74
N PRO N 168 -82.15 -28.46 -143.38
CA PRO N 168 -81.54 -27.27 -143.87
C PRO N 168 -82.31 -26.62 -144.96
N SER N 169 -82.20 -25.28 -144.97
CA SER N 169 -82.78 -24.47 -146.01
C SER N 169 -81.73 -23.63 -146.68
N GLU N 170 -81.73 -23.68 -147.99
CA GLU N 170 -80.72 -22.92 -148.69
C GLU N 170 -81.26 -22.02 -149.72
N PHE N 171 -80.57 -20.87 -149.73
CA PHE N 171 -80.84 -19.84 -150.70
C PHE N 171 -79.64 -19.15 -151.25
N ASP N 172 -79.87 -18.81 -152.53
CA ASP N 172 -78.92 -18.10 -153.35
C ASP N 172 -78.99 -16.62 -153.02
N LEU N 173 -77.92 -16.12 -152.48
CA LEU N 173 -77.98 -14.73 -152.13
C LEU N 173 -77.45 -13.79 -153.17
N SER N 174 -76.67 -14.44 -154.00
CA SER N 174 -75.93 -13.91 -155.10
C SER N 174 -76.47 -12.59 -155.64
N ALA N 175 -77.76 -12.55 -155.89
CA ALA N 175 -78.31 -11.32 -156.43
C ALA N 175 -78.77 -10.28 -155.43
N PHE N 176 -78.52 -10.45 -154.13
CA PHE N 176 -79.04 -9.42 -153.24
C PHE N 176 -77.97 -8.79 -152.44
N LEU N 177 -76.84 -9.40 -152.58
CA LEU N 177 -75.73 -8.91 -151.86
C LEU N 177 -75.11 -7.72 -152.49
N ARG N 178 -74.61 -6.89 -151.60
CA ARG N 178 -73.90 -5.68 -151.93
C ARG N 178 -72.58 -5.80 -151.28
N ALA N 179 -71.60 -5.09 -151.81
CA ALA N 179 -70.34 -5.18 -151.10
C ALA N 179 -70.45 -4.41 -149.80
N GLY N 180 -69.70 -4.97 -148.86
CA GLY N 180 -69.69 -4.43 -147.55
C GLY N 180 -70.92 -4.86 -146.75
N GLU N 181 -71.63 -3.85 -146.33
CA GLU N 181 -72.70 -4.03 -145.44
C GLU N 181 -74.00 -4.60 -145.88
N ASN N 182 -74.34 -5.78 -145.35
CA ASN N 182 -75.60 -6.33 -145.70
C ASN N 182 -76.43 -6.62 -144.49
N ARG N 183 -77.71 -6.71 -144.76
CA ARG N 183 -78.62 -7.00 -143.69
C ARG N 183 -79.71 -8.00 -144.02
N LEU N 184 -79.73 -9.04 -143.15
CA LEU N 184 -80.74 -10.07 -143.21
C LEU N 184 -81.84 -9.85 -142.22
N ALA N 185 -83.02 -10.16 -142.70
CA ALA N 185 -84.19 -10.11 -141.86
C ALA N 185 -85.02 -11.36 -142.08
N VAL N 186 -85.02 -12.14 -141.00
CA VAL N 186 -85.70 -13.39 -140.94
C VAL N 186 -86.88 -13.36 -140.04
N MET N 187 -88.01 -13.63 -140.62
CA MET N 187 -89.16 -13.69 -139.78
C MET N 187 -89.52 -15.15 -139.58
N VAL N 188 -89.48 -15.59 -138.34
CA VAL N 188 -89.74 -16.97 -137.95
C VAL N 188 -91.08 -17.21 -137.26
N LEU N 189 -91.82 -18.27 -137.63
CA LEU N 189 -93.10 -18.51 -136.96
C LEU N 189 -93.24 -19.77 -136.13
N ARG N 190 -93.94 -19.61 -135.02
CA ARG N 190 -94.12 -20.74 -134.16
C ARG N 190 -94.89 -21.82 -134.86
N TRP N 191 -96.10 -21.48 -135.25
CA TRP N 191 -96.97 -22.38 -135.91
C TRP N 191 -97.00 -22.23 -137.40
N SER N 192 -97.17 -23.34 -138.11
CA SER N 192 -97.27 -23.38 -139.55
C SER N 192 -98.03 -24.61 -139.94
N ASP N 193 -98.33 -24.80 -141.22
CA ASP N 193 -99.02 -26.03 -141.55
C ASP N 193 -98.07 -27.21 -141.21
N GLY N 194 -96.73 -26.94 -141.26
CA GLY N 194 -95.66 -27.91 -140.94
C GLY N 194 -95.82 -28.49 -139.53
N SER N 195 -96.42 -27.67 -138.73
CA SER N 195 -96.67 -28.03 -137.36
C SER N 195 -97.51 -29.27 -137.28
N TYR N 196 -98.48 -29.39 -138.18
CA TYR N 196 -99.27 -30.57 -138.11
C TYR N 196 -98.46 -31.86 -138.31
N LEU N 197 -97.26 -31.74 -138.89
CA LEU N 197 -96.41 -32.89 -139.10
C LEU N 197 -95.33 -32.97 -138.09
N GLU N 198 -95.49 -32.19 -137.04
CA GLU N 198 -94.44 -32.21 -136.05
C GLU N 198 -94.95 -32.45 -134.64
N ASP N 199 -95.83 -33.46 -134.45
CA ASP N 199 -96.40 -33.69 -133.14
C ASP N 199 -95.61 -34.57 -132.18
N GLN N 200 -94.28 -34.51 -132.27
CA GLN N 200 -93.44 -35.32 -131.39
C GLN N 200 -93.63 -35.01 -129.91
N ASP N 201 -93.58 -36.07 -129.08
CA ASP N 201 -93.69 -35.97 -127.63
C ASP N 201 -92.43 -35.34 -127.05
N MET N 202 -92.39 -34.01 -127.08
CA MET N 202 -91.24 -33.25 -126.62
C MET N 202 -91.67 -31.85 -126.30
N TRP N 203 -90.71 -31.06 -125.88
CA TRP N 203 -90.98 -29.68 -125.58
C TRP N 203 -91.17 -28.99 -126.90
N ARG N 204 -92.18 -28.13 -126.94
CA ARG N 204 -92.46 -27.39 -128.15
C ARG N 204 -91.81 -26.01 -128.05
N MET N 205 -90.77 -25.84 -128.82
CA MET N 205 -90.01 -24.62 -128.84
C MET N 205 -90.00 -23.91 -130.19
N SER N 206 -89.05 -22.97 -130.40
CA SER N 206 -88.95 -22.23 -131.68
C SER N 206 -87.74 -21.36 -131.82
N GLY N 207 -87.48 -21.03 -133.09
CA GLY N 207 -86.37 -20.18 -133.44
C GLY N 207 -85.35 -20.76 -134.40
N ILE N 208 -84.19 -20.12 -134.37
CA ILE N 208 -83.07 -20.50 -135.21
C ILE N 208 -82.13 -21.21 -134.33
N PHE N 209 -82.42 -22.50 -134.28
CA PHE N 209 -81.75 -23.37 -133.36
C PHE N 209 -80.62 -24.16 -133.90
N ARG N 210 -80.35 -24.01 -135.17
CA ARG N 210 -79.19 -24.67 -135.73
C ARG N 210 -78.41 -23.60 -136.47
N ASP N 211 -77.18 -23.93 -136.79
CA ASP N 211 -76.27 -23.07 -137.49
C ASP N 211 -76.78 -22.32 -138.70
N VAL N 212 -76.13 -21.14 -138.89
CA VAL N 212 -76.33 -20.26 -140.02
C VAL N 212 -75.03 -20.01 -140.71
N SER N 213 -75.05 -20.16 -142.04
CA SER N 213 -73.81 -20.08 -142.75
C SER N 213 -73.90 -19.59 -144.17
N LEU N 214 -72.68 -19.32 -144.67
CA LEU N 214 -72.53 -18.85 -146.00
C LEU N 214 -71.57 -19.64 -146.78
N LEU N 215 -72.08 -19.86 -147.97
CA LEU N 215 -71.29 -20.62 -148.85
C LEU N 215 -71.13 -20.03 -150.22
N HIS N 216 -69.82 -19.96 -150.51
CA HIS N 216 -69.32 -19.45 -151.73
C HIS N 216 -68.88 -20.58 -152.60
N LYS N 217 -69.54 -20.67 -153.74
CA LYS N 217 -69.25 -21.70 -154.69
C LYS N 217 -69.07 -21.13 -156.08
N PRO N 218 -68.24 -21.83 -156.87
CA PRO N 218 -67.97 -21.47 -158.26
C PRO N 218 -69.27 -21.54 -159.02
N THR N 219 -69.30 -20.94 -160.19
CA THR N 219 -70.54 -20.94 -160.95
C THR N 219 -70.76 -22.28 -161.59
N THR N 220 -69.62 -22.85 -161.87
CA THR N 220 -69.60 -24.15 -162.42
C THR N 220 -69.06 -25.03 -161.31
N GLN N 221 -69.98 -25.78 -160.70
CA GLN N 221 -69.61 -26.56 -159.56
C GLN N 221 -70.21 -27.95 -159.49
N ILE N 222 -69.74 -28.63 -158.45
CA ILE N 222 -70.21 -29.94 -158.07
C ILE N 222 -71.54 -29.75 -157.37
N SER N 223 -72.62 -30.25 -157.94
CA SER N 223 -73.92 -30.05 -157.36
C SER N 223 -74.38 -31.16 -156.41
N ASP N 224 -73.74 -32.32 -156.57
CA ASP N 224 -74.14 -33.47 -155.80
C ASP N 224 -73.31 -34.67 -156.10
N PHE N 225 -73.23 -35.55 -155.10
CA PHE N 225 -72.52 -36.78 -155.30
C PHE N 225 -72.93 -37.89 -154.38
N HIS N 226 -72.81 -39.11 -154.86
CA HIS N 226 -73.15 -40.26 -154.07
C HIS N 226 -72.10 -41.28 -154.17
N VAL N 227 -72.01 -41.93 -153.06
CA VAL N 227 -71.09 -43.00 -152.92
C VAL N 227 -71.81 -44.29 -152.63
N ALA N 228 -71.18 -45.40 -153.10
CA ALA N 228 -71.68 -46.77 -152.91
C ALA N 228 -70.59 -47.84 -152.94
N THR N 229 -70.77 -48.86 -152.06
CA THR N 229 -69.82 -49.95 -151.99
C THR N 229 -70.41 -51.29 -152.30
N ARG N 230 -69.75 -52.02 -153.16
CA ARG N 230 -70.20 -53.33 -153.53
C ARG N 230 -69.10 -54.35 -153.21
N PHE N 231 -69.47 -55.58 -152.82
CA PHE N 231 -68.42 -56.54 -152.51
C PHE N 231 -68.57 -57.89 -153.13
N ASN N 232 -67.47 -58.68 -153.06
CA ASN N 232 -67.57 -60.05 -153.48
C ASN N 232 -68.20 -60.80 -152.31
N ASP N 233 -68.42 -62.06 -152.54
CA ASP N 233 -69.05 -62.91 -151.57
C ASP N 233 -68.32 -62.92 -150.24
N ASP N 234 -67.05 -62.60 -150.23
CA ASP N 234 -66.33 -62.69 -148.99
C ASP N 234 -65.69 -61.42 -148.55
N PHE N 235 -66.11 -60.31 -149.16
CA PHE N 235 -65.58 -59.03 -148.76
C PHE N 235 -64.09 -58.92 -148.93
N SER N 236 -63.57 -59.78 -149.78
CA SER N 236 -62.15 -59.75 -150.03
C SER N 236 -61.85 -58.65 -151.03
N ARG N 237 -62.92 -58.15 -151.61
CA ARG N 237 -62.76 -57.14 -152.60
C ARG N 237 -64.01 -56.31 -152.80
N ALA N 238 -63.77 -55.02 -152.99
CA ALA N 238 -64.84 -54.07 -153.16
C ALA N 238 -64.75 -53.11 -154.31
N VAL N 239 -65.90 -52.54 -154.57
CA VAL N 239 -65.98 -51.53 -155.55
C VAL N 239 -66.58 -50.28 -155.00
N LEU N 240 -65.83 -49.23 -155.14
CA LEU N 240 -66.38 -47.99 -154.73
C LEU N 240 -66.92 -47.31 -155.97
N GLU N 241 -68.16 -46.93 -155.91
CA GLU N 241 -68.72 -46.30 -157.03
C GLU N 241 -69.32 -44.96 -156.67
N ALA N 242 -68.81 -43.95 -157.36
CA ALA N 242 -69.23 -42.58 -157.11
C ALA N 242 -69.87 -41.90 -158.27
N GLU N 243 -70.97 -41.25 -157.95
CA GLU N 243 -71.68 -40.57 -158.96
C GLU N 243 -71.70 -39.12 -158.65
N VAL N 244 -71.25 -38.40 -159.62
CA VAL N 244 -71.14 -36.99 -159.48
C VAL N 244 -71.91 -36.18 -160.47
N GLN N 245 -72.52 -35.16 -159.92
CA GLN N 245 -73.25 -34.26 -160.75
C GLN N 245 -72.77 -32.86 -160.58
N MET N 246 -72.83 -32.17 -161.72
CA MET N 246 -72.40 -30.80 -161.80
C MET N 246 -73.49 -29.85 -162.21
N CYS N 247 -73.27 -28.61 -161.82
CA CYS N 247 -74.12 -27.50 -162.17
C CYS N 247 -73.24 -26.51 -162.90
N GLY N 248 -73.83 -25.72 -163.77
CA GLY N 248 -73.03 -24.73 -164.47
C GLY N 248 -72.88 -24.94 -165.97
N GLU N 249 -71.90 -24.24 -166.59
CA GLU N 249 -71.87 -24.68 -167.98
C GLU N 249 -70.71 -25.50 -168.33
N LEU N 250 -71.24 -26.50 -168.99
CA LEU N 250 -70.58 -27.63 -169.44
C LEU N 250 -69.61 -27.37 -170.56
N ARG N 251 -68.41 -27.91 -170.37
CA ARG N 251 -67.33 -27.78 -171.34
C ARG N 251 -66.47 -29.01 -171.35
N ASP N 252 -66.19 -29.46 -172.52
CA ASP N 252 -65.39 -30.64 -172.77
C ASP N 252 -64.03 -30.70 -172.06
N TYR N 253 -63.58 -29.62 -171.44
CA TYR N 253 -62.27 -29.79 -170.82
C TYR N 253 -62.38 -30.12 -169.37
N LEU N 254 -63.63 -30.26 -168.97
CA LEU N 254 -63.93 -30.60 -167.61
C LEU N 254 -63.66 -32.03 -167.32
N ARG N 255 -63.19 -32.17 -166.10
CA ARG N 255 -62.85 -33.46 -165.59
C ARG N 255 -63.21 -33.64 -164.14
N VAL N 256 -63.20 -34.92 -163.77
CA VAL N 256 -63.51 -35.24 -162.41
C VAL N 256 -62.61 -36.28 -161.89
N THR N 257 -62.15 -36.00 -160.71
CA THR N 257 -61.29 -36.95 -160.10
C THR N 257 -61.73 -37.33 -158.73
N VAL N 258 -61.61 -38.63 -158.53
CA VAL N 258 -62.00 -39.20 -157.29
C VAL N 258 -60.93 -40.08 -156.82
N SER N 259 -60.53 -39.76 -155.61
CA SER N 259 -59.45 -40.43 -154.96
C SER N 259 -59.82 -40.88 -153.57
N LEU N 260 -59.26 -42.02 -153.31
CA LEU N 260 -59.47 -42.65 -152.08
C LEU N 260 -58.21 -42.74 -151.29
N TRP N 261 -58.39 -42.31 -150.08
CA TRP N 261 -57.34 -42.27 -149.14
C TRP N 261 -57.56 -43.00 -147.86
N GLN N 262 -56.45 -43.58 -147.46
CA GLN N 262 -56.34 -44.30 -146.23
C GLN N 262 -55.30 -43.56 -145.41
N GLY N 263 -55.80 -42.51 -144.81
CA GLY N 263 -54.90 -41.69 -144.09
C GLY N 263 -53.98 -40.98 -145.05
N GLU N 264 -52.73 -41.38 -144.99
CA GLU N 264 -51.74 -40.75 -145.81
C GLU N 264 -51.64 -41.37 -147.14
N THR N 265 -52.18 -42.55 -147.18
CA THR N 265 -52.09 -43.28 -148.38
C THR N 265 -53.20 -43.12 -149.37
N GLN N 266 -52.76 -42.97 -150.59
CA GLN N 266 -53.74 -42.88 -151.61
C GLN N 266 -53.94 -44.27 -152.08
N VAL N 267 -55.16 -44.68 -151.95
CA VAL N 267 -55.55 -46.01 -152.21
C VAL N 267 -56.04 -46.27 -153.59
N ALA N 268 -56.71 -45.26 -154.12
CA ALA N 268 -57.21 -45.38 -155.46
C ALA N 268 -57.68 -44.06 -155.95
N SER N 269 -57.59 -43.95 -157.26
CA SER N 269 -58.01 -42.76 -157.94
C SER N 269 -58.56 -43.07 -159.28
N GLY N 270 -59.34 -42.12 -159.77
CA GLY N 270 -59.96 -42.23 -161.06
C GLY N 270 -60.36 -40.87 -161.57
N THR N 271 -60.19 -40.74 -162.87
CA THR N 271 -60.52 -39.49 -163.49
C THR N 271 -61.34 -39.65 -164.74
N ALA N 272 -62.22 -38.68 -164.93
CA ALA N 272 -63.05 -38.72 -166.11
C ALA N 272 -63.76 -37.43 -166.37
N PRO N 273 -64.31 -37.43 -167.53
CA PRO N 273 -65.06 -36.34 -168.08
C PRO N 273 -66.51 -36.65 -167.95
N PHE N 274 -67.31 -35.59 -167.89
CA PHE N 274 -68.73 -35.76 -167.75
C PHE N 274 -69.37 -36.52 -168.86
N GLY N 275 -70.55 -37.02 -168.57
CA GLY N 275 -71.30 -37.76 -169.53
C GLY N 275 -71.40 -39.21 -169.11
N GLY N 276 -72.66 -39.61 -168.93
CA GLY N 276 -73.06 -40.95 -168.51
C GLY N 276 -73.40 -41.91 -169.66
N GLU N 277 -73.78 -43.10 -169.23
CA GLU N 277 -74.17 -44.17 -170.10
C GLU N 277 -75.59 -43.95 -170.47
N ILE N 278 -75.97 -44.57 -171.57
CA ILE N 278 -77.31 -44.40 -171.99
C ILE N 278 -78.23 -44.94 -170.96
N ILE N 279 -79.26 -44.18 -170.73
CA ILE N 279 -80.18 -44.64 -169.77
C ILE N 279 -81.50 -44.93 -170.43
N ASP N 280 -81.80 -44.19 -171.48
CA ASP N 280 -83.07 -44.44 -172.11
C ASP N 280 -83.04 -44.02 -173.53
N GLU N 281 -84.21 -43.98 -174.12
CA GLU N 281 -84.31 -43.63 -175.51
C GLU N 281 -83.70 -42.28 -175.89
N ARG N 282 -83.69 -41.35 -174.93
CA ARG N 282 -83.14 -40.03 -175.16
C ARG N 282 -81.67 -39.91 -174.88
N GLY N 283 -81.06 -40.91 -174.27
CA GLY N 283 -79.65 -40.86 -174.00
C GLY N 283 -79.34 -40.99 -172.53
N GLY N 284 -78.28 -40.27 -172.12
CA GLY N 284 -77.84 -40.23 -170.73
C GLY N 284 -77.78 -38.82 -170.12
N TYR N 285 -77.04 -38.74 -169.01
CA TYR N 285 -76.82 -37.50 -168.30
C TYR N 285 -75.49 -36.95 -168.74
N ALA N 286 -75.58 -35.84 -169.41
CA ALA N 286 -74.39 -35.21 -169.91
C ALA N 286 -73.55 -34.60 -168.81
N ASP N 287 -74.27 -34.19 -167.80
CA ASP N 287 -73.76 -33.51 -166.66
C ASP N 287 -73.59 -34.40 -165.47
N ARG N 288 -73.33 -35.67 -165.70
CA ARG N 288 -73.05 -36.50 -164.56
C ARG N 288 -72.00 -37.41 -165.01
N VAL N 289 -71.39 -38.03 -164.05
CA VAL N 289 -70.40 -39.01 -164.34
C VAL N 289 -70.26 -39.96 -163.16
N THR N 290 -70.02 -41.22 -163.45
CA THR N 290 -69.90 -42.19 -162.40
C THR N 290 -68.57 -42.89 -162.43
N LEU N 291 -67.84 -42.90 -161.33
CA LEU N 291 -66.58 -43.61 -161.34
C LEU N 291 -66.65 -44.82 -160.48
N ARG N 292 -65.86 -45.79 -160.85
CA ARG N 292 -65.81 -47.02 -160.12
C ARG N 292 -64.40 -47.35 -159.74
N LEU N 293 -64.13 -47.39 -158.43
CA LEU N 293 -62.81 -47.72 -157.94
C LEU N 293 -62.78 -49.08 -157.31
N ASN N 294 -61.76 -49.80 -157.66
CA ASN N 294 -61.60 -51.11 -157.10
C ASN N 294 -60.76 -51.06 -155.87
N VAL N 295 -61.15 -51.86 -154.89
CA VAL N 295 -60.39 -51.91 -153.67
C VAL N 295 -60.17 -53.31 -153.15
N GLU N 296 -58.91 -53.66 -153.03
CA GLU N 296 -58.63 -54.99 -152.54
C GLU N 296 -58.57 -54.99 -151.05
N ASN N 297 -59.04 -56.08 -150.47
CA ASN N 297 -59.02 -56.22 -149.03
C ASN N 297 -59.31 -54.94 -148.30
N PRO N 298 -60.47 -54.40 -148.58
CA PRO N 298 -60.84 -53.18 -147.91
C PRO N 298 -61.00 -53.47 -146.44
N LYS N 299 -60.91 -52.41 -145.67
CA LYS N 299 -61.10 -52.45 -144.24
C LYS N 299 -62.51 -52.02 -143.96
N LEU N 300 -63.20 -52.91 -143.28
CA LEU N 300 -64.58 -52.64 -143.05
C LEU N 300 -64.99 -51.78 -141.91
N TRP N 301 -66.04 -51.09 -142.19
CA TRP N 301 -66.56 -50.26 -141.16
C TRP N 301 -67.60 -51.00 -140.35
N SER N 302 -67.62 -50.82 -139.02
CA SER N 302 -68.57 -51.46 -138.10
C SER N 302 -68.64 -50.60 -136.90
N ALA N 303 -69.66 -50.84 -136.10
CA ALA N 303 -69.71 -50.08 -134.88
C ALA N 303 -68.61 -50.65 -134.00
N GLU N 304 -68.22 -51.90 -134.25
CA GLU N 304 -67.12 -52.50 -133.51
C GLU N 304 -65.80 -51.83 -133.91
N ILE N 305 -65.62 -51.51 -135.20
CA ILE N 305 -64.39 -50.89 -135.67
C ILE N 305 -64.66 -50.04 -136.86
N PRO N 306 -64.82 -48.81 -136.55
CA PRO N 306 -65.18 -47.81 -137.52
C PRO N 306 -64.06 -47.48 -138.47
N ASN N 307 -63.66 -48.43 -139.27
CA ASN N 307 -62.65 -48.14 -140.22
C ASN N 307 -63.18 -47.18 -141.24
N LEU N 308 -62.47 -46.06 -141.40
CA LEU N 308 -62.84 -45.07 -142.39
C LEU N 308 -61.83 -44.77 -143.49
N TYR N 309 -62.37 -44.26 -144.59
CA TYR N 309 -61.54 -43.86 -145.69
C TYR N 309 -61.97 -42.47 -146.08
N ARG N 310 -61.07 -41.77 -146.76
CA ARG N 310 -61.43 -40.45 -147.19
C ARG N 310 -61.51 -40.35 -148.67
N ALA N 311 -62.59 -39.71 -149.06
CA ALA N 311 -62.81 -39.59 -150.47
C ALA N 311 -62.84 -38.17 -150.93
N VAL N 312 -62.08 -37.97 -152.02
CA VAL N 312 -62.00 -36.67 -152.65
C VAL N 312 -62.45 -36.57 -154.06
N VAL N 313 -63.31 -35.58 -154.14
CA VAL N 313 -63.92 -35.25 -155.39
C VAL N 313 -63.48 -33.90 -155.87
N GLU N 314 -62.71 -33.97 -156.94
CA GLU N 314 -62.19 -32.78 -157.54
C GLU N 314 -62.69 -32.58 -158.94
N LEU N 315 -63.24 -31.40 -159.06
CA LEU N 315 -63.77 -30.85 -160.28
C LEU N 315 -62.68 -29.97 -160.86
N HIS N 316 -62.14 -30.40 -161.97
CA HIS N 316 -61.08 -29.62 -162.55
C HIS N 316 -61.09 -29.64 -164.07
N THR N 317 -60.15 -28.90 -164.64
CA THR N 317 -60.03 -28.84 -166.07
C THR N 317 -59.00 -29.84 -166.46
N ALA N 318 -59.03 -30.13 -167.73
CA ALA N 318 -58.13 -31.10 -168.28
C ALA N 318 -56.68 -30.75 -168.09
N ASP N 319 -56.40 -29.43 -168.05
CA ASP N 319 -55.02 -28.99 -167.89
C ASP N 319 -54.51 -29.25 -166.50
N GLY N 320 -55.42 -29.33 -165.55
CA GLY N 320 -55.02 -29.61 -164.19
C GLY N 320 -55.52 -28.59 -163.20
N THR N 321 -56.00 -27.51 -163.74
CA THR N 321 -56.50 -26.48 -162.90
C THR N 321 -57.75 -26.91 -162.14
N LEU N 322 -57.66 -26.85 -160.82
CA LEU N 322 -58.79 -27.25 -160.01
C LEU N 322 -59.87 -26.21 -159.88
N ILE N 323 -61.11 -26.59 -160.07
CA ILE N 323 -62.21 -25.64 -159.91
C ILE N 323 -62.68 -25.62 -158.46
N GLU N 324 -62.80 -26.82 -157.90
CA GLU N 324 -63.20 -27.02 -156.50
C GLU N 324 -63.16 -28.46 -156.12
N ALA N 325 -63.33 -28.63 -154.82
CA ALA N 325 -63.32 -29.94 -154.20
C ALA N 325 -64.33 -30.12 -153.08
N GLU N 326 -64.75 -31.38 -152.98
CA GLU N 326 -65.62 -31.81 -151.93
C GLU N 326 -65.09 -33.14 -151.52
N ALA N 327 -65.45 -33.47 -150.29
CA ALA N 327 -64.99 -34.73 -149.77
C ALA N 327 -65.94 -35.32 -148.75
N CYS N 328 -65.59 -36.56 -148.36
CA CYS N 328 -66.35 -37.27 -147.36
C CYS N 328 -65.62 -38.47 -146.83
N ASP N 329 -66.09 -38.88 -145.65
CA ASP N 329 -65.53 -40.07 -145.07
C ASP N 329 -66.26 -41.25 -145.63
N VAL N 330 -65.56 -42.33 -145.83
CA VAL N 330 -66.22 -43.46 -146.41
C VAL N 330 -66.04 -44.73 -145.60
N GLY N 331 -67.15 -45.48 -145.49
CA GLY N 331 -67.13 -46.74 -144.79
C GLY N 331 -67.55 -47.90 -145.67
N PHE N 332 -66.71 -48.89 -145.65
CA PHE N 332 -67.04 -50.07 -146.42
C PHE N 332 -67.83 -51.03 -145.56
N ARG N 333 -69.10 -51.15 -145.91
CA ARG N 333 -70.01 -52.02 -145.20
C ARG N 333 -71.22 -52.27 -146.03
N GLU N 334 -71.76 -53.46 -145.81
CA GLU N 334 -72.95 -53.94 -146.49
C GLU N 334 -74.05 -54.26 -145.50
N VAL N 335 -75.20 -53.67 -145.73
CA VAL N 335 -76.29 -53.93 -144.84
C VAL N 335 -77.33 -54.66 -145.63
N ARG N 336 -77.75 -55.81 -145.17
CA ARG N 336 -78.77 -56.47 -145.90
C ARG N 336 -79.60 -57.42 -145.08
N ILE N 337 -80.79 -57.59 -145.60
CA ILE N 337 -81.69 -58.52 -144.98
C ILE N 337 -81.78 -59.76 -145.79
N GLU N 338 -81.40 -60.83 -145.15
CA GLU N 338 -81.47 -62.02 -145.90
C GLU N 338 -82.05 -63.15 -145.14
N ASN N 339 -83.05 -63.73 -145.73
CA ASN N 339 -83.66 -64.86 -145.09
C ASN N 339 -84.11 -64.57 -143.67
N GLY N 340 -84.83 -63.48 -143.49
CA GLY N 340 -85.36 -63.12 -142.20
C GLY N 340 -84.35 -62.43 -141.33
N LEU N 341 -83.11 -62.31 -141.82
CA LEU N 341 -82.18 -61.65 -140.94
C LEU N 341 -81.48 -60.45 -141.46
N LEU N 342 -81.24 -59.59 -140.53
CA LEU N 342 -80.55 -58.37 -140.82
C LEU N 342 -79.06 -58.57 -140.63
N LEU N 343 -78.37 -58.38 -141.73
CA LEU N 343 -76.94 -58.57 -141.69
C LEU N 343 -76.15 -57.38 -141.98
N LEU N 344 -75.02 -57.45 -141.38
CA LEU N 344 -74.07 -56.46 -141.59
C LEU N 344 -72.77 -57.10 -141.92
N ASN N 345 -72.27 -56.76 -143.09
CA ASN N 345 -71.04 -57.36 -143.55
C ASN N 345 -71.11 -58.84 -143.37
N GLY N 346 -72.28 -59.34 -143.68
CA GLY N 346 -72.48 -60.77 -143.63
C GLY N 346 -72.90 -61.34 -142.33
N LYS N 347 -72.80 -60.57 -141.28
CA LYS N 347 -73.22 -61.12 -140.02
C LYS N 347 -74.45 -60.42 -139.52
N PRO N 348 -75.16 -61.22 -138.80
CA PRO N 348 -76.43 -60.90 -138.20
C PRO N 348 -76.22 -60.06 -137.00
N LEU N 349 -76.86 -58.91 -136.99
CA LEU N 349 -76.68 -58.01 -135.90
C LEU N 349 -77.54 -58.27 -134.71
N LEU N 350 -77.09 -57.63 -133.66
CA LEU N 350 -77.78 -57.62 -132.41
C LEU N 350 -77.70 -56.20 -131.88
N ILE N 351 -78.79 -55.51 -132.05
CA ILE N 351 -78.88 -54.11 -131.73
C ILE N 351 -79.09 -53.82 -130.30
N ARG N 352 -78.09 -53.16 -129.74
CA ARG N 352 -78.12 -52.67 -128.38
C ARG N 352 -78.39 -51.18 -128.51
N GLY N 353 -79.65 -50.87 -128.81
CA GLY N 353 -80.02 -49.50 -129.11
C GLY N 353 -80.77 -48.69 -128.11
N VAL N 354 -80.75 -47.42 -128.45
CA VAL N 354 -81.44 -46.44 -127.65
C VAL N 354 -81.92 -45.32 -128.52
N ASN N 355 -83.07 -44.80 -128.15
CA ASN N 355 -83.62 -43.66 -128.86
C ASN N 355 -83.08 -42.44 -128.17
N ARG N 356 -82.80 -41.41 -128.94
CA ARG N 356 -82.28 -40.18 -128.39
C ARG N 356 -82.74 -38.89 -129.02
N HIS N 357 -83.21 -37.99 -128.19
CA HIS N 357 -83.58 -36.67 -128.68
C HIS N 357 -82.44 -35.65 -128.58
N GLU N 358 -82.57 -34.58 -129.36
CA GLU N 358 -81.61 -33.48 -129.32
C GLU N 358 -82.14 -32.50 -128.25
N HIS N 359 -81.60 -32.65 -127.02
CA HIS N 359 -82.03 -31.93 -125.82
C HIS N 359 -80.96 -31.61 -124.80
N HIS N 360 -81.02 -30.32 -124.42
CA HIS N 360 -80.15 -29.68 -123.51
C HIS N 360 -80.93 -28.90 -122.47
N PRO N 361 -80.68 -29.27 -121.22
CA PRO N 361 -81.34 -28.72 -120.02
C PRO N 361 -81.32 -27.20 -120.00
N LEU N 362 -80.20 -26.69 -120.51
CA LEU N 362 -79.93 -25.25 -120.63
C LEU N 362 -80.23 -24.64 -121.98
N HIS N 363 -79.72 -25.24 -123.04
CA HIS N 363 -79.94 -24.70 -124.36
C HIS N 363 -81.22 -25.09 -125.03
N GLY N 364 -82.06 -25.93 -124.42
CA GLY N 364 -83.29 -26.37 -125.07
C GLY N 364 -82.94 -27.33 -126.21
N GLN N 365 -83.39 -27.01 -127.41
CA GLN N 365 -83.09 -27.89 -128.54
C GLN N 365 -81.82 -27.59 -129.29
N VAL N 366 -80.95 -26.82 -128.71
CA VAL N 366 -79.72 -26.51 -129.40
C VAL N 366 -78.56 -27.44 -129.05
N MET N 367 -78.00 -28.01 -130.10
CA MET N 367 -76.90 -28.97 -129.93
C MET N 367 -75.50 -28.45 -130.13
N ASP N 368 -74.52 -29.17 -129.59
CA ASP N 368 -73.12 -28.85 -129.73
C ASP N 368 -72.21 -30.03 -129.58
N GLU N 369 -71.10 -29.87 -130.25
CA GLU N 369 -70.10 -30.92 -130.28
C GLU N 369 -69.88 -31.57 -128.95
N GLN N 370 -69.59 -30.72 -128.03
CA GLN N 370 -69.27 -31.18 -126.74
C GLN N 370 -70.25 -32.18 -126.13
N THR N 371 -71.51 -31.80 -126.19
CA THR N 371 -72.55 -32.66 -125.68
C THR N 371 -72.66 -33.97 -126.46
N MET N 372 -72.78 -33.78 -127.76
CA MET N 372 -72.87 -34.90 -128.63
C MET N 372 -71.85 -35.96 -128.25
N VAL N 373 -70.63 -35.52 -128.16
CA VAL N 373 -69.60 -36.45 -127.81
C VAL N 373 -69.82 -37.12 -126.46
N GLN N 374 -70.28 -36.31 -125.57
CA GLN N 374 -70.52 -36.86 -124.28
C GLN N 374 -71.46 -38.04 -124.36
N ASP N 375 -72.58 -37.79 -125.02
CA ASP N 375 -73.55 -38.82 -125.18
C ASP N 375 -72.95 -40.08 -125.77
N ILE N 376 -72.25 -39.84 -126.84
CA ILE N 376 -71.66 -40.96 -127.47
C ILE N 376 -70.77 -41.76 -126.57
N LEU N 377 -69.94 -41.05 -125.87
CA LEU N 377 -69.02 -41.74 -125.00
C LEU N 377 -69.73 -42.62 -124.03
N LEU N 378 -70.69 -42.02 -123.40
CA LEU N 378 -71.49 -42.74 -122.47
C LEU N 378 -72.11 -43.98 -123.04
N MET N 379 -72.80 -43.77 -124.16
CA MET N 379 -73.44 -44.88 -124.78
C MET N 379 -72.49 -46.02 -124.98
N LYS N 380 -71.41 -45.66 -125.65
CA LYS N 380 -70.41 -46.63 -125.95
C LYS N 380 -69.94 -47.30 -124.68
N GLN N 381 -69.78 -46.50 -123.67
CA GLN N 381 -69.32 -47.09 -122.44
C GLN N 381 -70.31 -47.98 -121.76
N ASN N 382 -71.58 -47.81 -122.09
CA ASN N 382 -72.60 -48.64 -121.52
C ASN N 382 -73.08 -49.78 -122.40
N ASN N 383 -72.31 -50.07 -123.40
CA ASN N 383 -72.62 -51.19 -124.23
C ASN N 383 -73.69 -50.98 -125.22
N PHE N 384 -73.94 -49.73 -125.53
CA PHE N 384 -74.88 -49.48 -126.61
C PHE N 384 -74.18 -49.50 -127.99
N ASN N 385 -74.88 -49.86 -129.08
CA ASN N 385 -74.17 -49.84 -130.35
C ASN N 385 -74.95 -49.16 -131.42
N ALA N 386 -76.12 -48.69 -131.03
CA ALA N 386 -76.93 -48.06 -132.02
C ALA N 386 -77.86 -47.06 -131.41
N VAL N 387 -78.23 -46.14 -132.27
CA VAL N 387 -79.16 -45.13 -131.85
C VAL N 387 -80.12 -44.75 -132.96
N ARG N 388 -81.30 -44.40 -132.49
CA ARG N 388 -82.36 -43.99 -133.35
C ARG N 388 -82.61 -42.50 -133.13
N CYS N 389 -82.62 -41.75 -134.23
CA CYS N 389 -82.90 -40.32 -134.20
C CYS N 389 -84.36 -39.99 -133.99
N SER N 390 -84.86 -40.28 -132.80
CA SER N 390 -86.27 -39.98 -132.55
C SER N 390 -86.43 -38.47 -132.47
N HIS N 391 -87.16 -37.86 -133.38
CA HIS N 391 -87.85 -38.46 -134.51
C HIS N 391 -87.74 -37.44 -135.64
N TYR N 392 -86.53 -37.19 -136.09
CA TYR N 392 -86.24 -36.21 -137.10
C TYR N 392 -84.77 -36.25 -137.30
N PRO N 393 -84.40 -35.70 -138.40
CA PRO N 393 -83.01 -35.69 -138.77
C PRO N 393 -82.29 -34.85 -137.77
N ASN N 394 -81.11 -35.29 -137.49
CA ASN N 394 -80.39 -34.59 -136.49
C ASN N 394 -79.42 -33.59 -137.06
N HIS N 395 -78.89 -32.84 -136.16
CA HIS N 395 -77.82 -31.98 -136.50
C HIS N 395 -76.70 -32.87 -137.11
N PRO N 396 -76.27 -32.38 -138.20
CA PRO N 396 -75.31 -32.94 -139.12
C PRO N 396 -74.06 -33.49 -138.53
N LEU N 397 -73.58 -32.81 -137.56
CA LEU N 397 -72.35 -33.26 -137.03
C LEU N 397 -72.43 -34.67 -136.41
N TRP N 398 -73.62 -34.86 -135.89
CA TRP N 398 -73.93 -36.09 -135.24
C TRP N 398 -73.47 -37.30 -136.02
N TYR N 399 -73.91 -37.27 -137.30
CA TYR N 399 -73.61 -38.36 -138.18
C TYR N 399 -72.15 -38.60 -138.34
N THR N 400 -71.45 -37.52 -138.38
CA THR N 400 -70.05 -37.67 -138.54
C THR N 400 -69.42 -38.35 -137.36
N LEU N 401 -69.85 -37.86 -136.21
CA LEU N 401 -69.36 -38.42 -135.00
C LEU N 401 -69.61 -39.88 -134.93
N CYS N 402 -70.86 -40.22 -135.27
CA CYS N 402 -71.18 -41.63 -135.24
C CYS N 402 -70.33 -42.38 -136.20
N ASP N 403 -70.08 -41.73 -137.33
CA ASP N 403 -69.29 -42.38 -138.33
C ASP N 403 -67.93 -42.70 -137.78
N ARG N 404 -67.43 -41.72 -137.05
CA ARG N 404 -66.09 -41.82 -136.53
C ARG N 404 -65.93 -42.66 -135.30
N TYR N 405 -66.87 -42.51 -134.39
CA TYR N 405 -66.83 -43.26 -133.16
C TYR N 405 -67.30 -44.69 -133.26
N GLY N 406 -68.24 -44.93 -134.17
CA GLY N 406 -68.77 -46.25 -134.40
C GLY N 406 -70.09 -46.51 -133.72
N LEU N 407 -71.20 -46.08 -134.32
CA LEU N 407 -72.51 -46.39 -133.78
C LEU N 407 -73.49 -46.59 -134.91
N TYR N 408 -74.31 -47.63 -134.86
CA TYR N 408 -75.27 -47.76 -135.93
C TYR N 408 -76.37 -46.74 -135.75
N VAL N 409 -76.79 -46.16 -136.85
CA VAL N 409 -77.85 -45.17 -136.77
C VAL N 409 -79.04 -45.39 -137.69
N VAL N 410 -80.17 -45.04 -137.11
CA VAL N 410 -81.42 -45.05 -137.81
C VAL N 410 -81.81 -43.60 -138.05
N ASP N 411 -81.80 -43.17 -139.31
CA ASP N 411 -82.17 -41.84 -139.66
C ASP N 411 -83.69 -41.74 -139.86
N GLU N 412 -84.30 -40.76 -139.24
CA GLU N 412 -85.73 -40.73 -139.32
C GLU N 412 -86.33 -39.44 -139.81
N ALA N 413 -87.29 -39.60 -140.69
CA ALA N 413 -87.92 -38.41 -141.22
C ALA N 413 -88.71 -37.67 -140.17
N ASN N 414 -88.73 -36.36 -140.32
CA ASN N 414 -89.44 -35.50 -139.43
C ASN N 414 -90.96 -35.53 -139.63
N ILE N 415 -91.63 -36.61 -139.26
CA ILE N 415 -93.08 -36.61 -139.41
C ILE N 415 -93.77 -37.34 -138.30
N GLU N 416 -94.60 -36.65 -137.50
CA GLU N 416 -95.39 -37.25 -136.43
C GLU N 416 -96.71 -36.53 -136.44
N THR N 417 -97.81 -37.26 -136.55
CA THR N 417 -99.15 -36.67 -136.57
C THR N 417 -99.97 -37.35 -135.53
N HIS N 418 -99.23 -37.68 -134.53
CA HIS N 418 -99.78 -38.40 -133.44
C HIS N 418 -101.17 -37.93 -132.95
N GLY N 419 -101.42 -36.62 -132.90
CA GLY N 419 -102.66 -36.08 -132.37
C GLY N 419 -103.84 -36.19 -133.32
N MET N 420 -103.59 -36.54 -134.55
CA MET N 420 -104.69 -36.63 -135.47
C MET N 420 -105.66 -37.71 -135.08
N VAL N 421 -106.81 -37.73 -135.75
CA VAL N 421 -107.76 -38.78 -135.44
C VAL N 421 -108.66 -39.17 -136.61
N PRO N 422 -108.55 -40.42 -137.04
CA PRO N 422 -107.59 -41.35 -136.51
C PRO N 422 -106.18 -40.89 -136.89
N MET N 423 -105.23 -41.51 -136.26
CA MET N 423 -103.87 -41.15 -136.47
C MET N 423 -103.45 -40.94 -137.92
N ASN N 424 -104.07 -41.61 -138.86
CA ASN N 424 -103.56 -41.43 -140.23
C ASN N 424 -104.36 -40.47 -141.13
N ARG N 425 -105.16 -39.64 -140.47
CA ARG N 425 -105.98 -38.67 -141.14
C ARG N 425 -105.24 -37.95 -142.27
N LEU N 426 -104.02 -37.50 -141.98
CA LEU N 426 -103.25 -36.84 -143.02
C LEU N 426 -102.46 -37.75 -143.92
N THR N 427 -101.81 -38.77 -143.32
CA THR N 427 -100.95 -39.71 -144.03
C THR N 427 -101.61 -40.48 -145.13
N ASP N 428 -102.91 -40.52 -144.97
CA ASP N 428 -103.66 -41.17 -145.99
C ASP N 428 -104.23 -40.16 -147.00
N ASP N 429 -103.76 -38.93 -146.96
CA ASP N 429 -104.27 -37.93 -147.83
C ASP N 429 -103.23 -37.33 -148.75
N PRO N 430 -103.58 -37.54 -149.98
CA PRO N 430 -102.82 -37.15 -151.13
C PRO N 430 -102.40 -35.72 -151.01
N ARG N 431 -103.36 -34.93 -150.57
CA ARG N 431 -103.06 -33.52 -150.41
C ARG N 431 -101.85 -33.28 -149.56
N TRP N 432 -101.54 -34.22 -148.70
CA TRP N 432 -100.39 -34.03 -147.84
C TRP N 432 -99.14 -34.73 -148.28
N LEU N 433 -99.36 -35.44 -149.34
CA LEU N 433 -98.28 -36.21 -149.85
C LEU N 433 -97.00 -35.43 -150.22
N PRO N 434 -97.19 -34.33 -150.83
CA PRO N 434 -96.05 -33.55 -151.25
C PRO N 434 -95.23 -33.05 -150.07
N ALA N 435 -95.98 -32.55 -149.14
CA ALA N 435 -95.34 -32.12 -147.90
C ALA N 435 -94.54 -33.28 -147.30
N MET N 436 -95.25 -34.40 -147.12
CA MET N 436 -94.56 -35.53 -146.56
C MET N 436 -93.35 -35.89 -147.39
N SER N 437 -93.59 -35.86 -148.66
CA SER N 437 -92.57 -36.28 -149.56
C SER N 437 -91.21 -35.60 -149.29
N GLU N 438 -91.33 -34.29 -149.14
CA GLU N 438 -90.19 -33.43 -148.98
C GLU N 438 -89.39 -33.78 -147.79
N ARG N 439 -90.19 -34.12 -146.80
CA ARG N 439 -89.60 -34.54 -145.58
C ARG N 439 -88.74 -35.81 -145.74
N VAL N 440 -89.12 -36.70 -146.65
CA VAL N 440 -88.27 -37.86 -146.75
C VAL N 440 -87.09 -37.68 -147.69
N THR N 441 -87.48 -37.21 -148.86
CA THR N 441 -86.54 -37.05 -149.94
C THR N 441 -85.31 -36.30 -149.55
N ARG N 442 -85.59 -35.20 -148.89
CA ARG N 442 -84.54 -34.32 -148.48
C ARG N 442 -83.57 -34.94 -147.53
N MET N 443 -84.14 -35.70 -146.59
CA MET N 443 -83.29 -36.38 -145.65
C MET N 443 -82.27 -37.27 -146.35
N VAL N 444 -82.87 -38.04 -147.21
CA VAL N 444 -82.10 -39.01 -147.90
C VAL N 444 -80.98 -38.35 -148.67
N GLN N 445 -81.39 -37.28 -149.31
CA GLN N 445 -80.47 -36.54 -150.13
C GLN N 445 -79.31 -36.00 -149.34
N ARG N 446 -79.64 -35.65 -148.13
CA ARG N 446 -78.62 -35.12 -147.32
C ARG N 446 -77.70 -36.14 -146.69
N ASP N 447 -78.27 -37.24 -146.21
CA ASP N 447 -77.48 -38.14 -145.40
C ASP N 447 -76.96 -39.42 -145.92
N ARG N 448 -77.36 -39.66 -147.12
CA ARG N 448 -77.03 -40.94 -147.68
C ARG N 448 -75.58 -41.33 -147.78
N ASN N 449 -74.67 -40.41 -147.62
CA ASN N 449 -73.33 -40.91 -147.73
C ASN N 449 -72.70 -41.39 -146.44
N HIS N 450 -73.40 -41.22 -145.31
CA HIS N 450 -72.80 -41.69 -144.08
C HIS N 450 -72.97 -43.17 -143.79
N PRO N 451 -71.85 -43.83 -143.60
CA PRO N 451 -71.86 -45.26 -143.30
C PRO N 451 -72.61 -45.60 -142.04
N SER N 452 -72.66 -44.74 -141.05
CA SER N 452 -73.37 -45.10 -139.84
C SER N 452 -74.87 -45.19 -140.04
N VAL N 453 -75.36 -44.54 -141.08
CA VAL N 453 -76.78 -44.68 -141.22
C VAL N 453 -77.00 -46.00 -141.83
N ILE N 454 -77.78 -46.85 -141.16
CA ILE N 454 -78.00 -48.16 -141.77
C ILE N 454 -79.44 -48.48 -142.02
N ILE N 455 -80.32 -47.64 -141.51
CA ILE N 455 -81.72 -47.84 -141.76
C ILE N 455 -82.39 -46.52 -141.86
N TRP N 456 -83.34 -46.47 -142.76
CA TRP N 456 -84.12 -45.29 -142.93
C TRP N 456 -85.46 -45.54 -142.28
N SER N 457 -85.97 -44.49 -141.67
CA SER N 457 -87.26 -44.53 -141.04
C SER N 457 -88.16 -43.45 -141.56
N LEU N 458 -89.39 -43.82 -141.87
CA LEU N 458 -90.35 -42.88 -142.42
C LEU N 458 -90.95 -41.94 -141.41
N GLY N 459 -90.57 -42.01 -140.15
CA GLY N 459 -91.26 -41.11 -139.27
C GLY N 459 -91.73 -41.82 -138.04
N ASN N 460 -92.78 -41.29 -137.41
CA ASN N 460 -93.27 -41.86 -136.18
C ASN N 460 -94.71 -41.50 -135.85
N GLU N 461 -95.37 -42.45 -135.23
CA GLU N 461 -96.75 -42.32 -134.81
C GLU N 461 -97.59 -41.43 -135.68
N SER N 462 -97.81 -41.87 -136.91
CA SER N 462 -98.63 -41.15 -137.87
C SER N 462 -99.58 -42.11 -138.55
N GLY N 463 -99.90 -43.18 -137.85
CA GLY N 463 -100.74 -44.22 -138.39
C GLY N 463 -100.07 -44.84 -139.61
N HIS N 464 -100.91 -45.36 -140.48
CA HIS N 464 -100.40 -45.90 -141.70
C HIS N 464 -101.27 -45.44 -142.85
N GLY N 465 -100.68 -44.73 -143.81
CA GLY N 465 -101.43 -44.26 -144.94
C GLY N 465 -100.68 -44.49 -146.21
N ALA N 466 -101.43 -44.35 -147.27
CA ALA N 466 -100.85 -44.57 -148.57
C ALA N 466 -99.63 -43.73 -148.83
N ASN N 467 -99.60 -42.56 -148.21
CA ASN N 467 -98.45 -41.73 -148.46
C ASN N 467 -97.19 -42.47 -148.03
N HIS N 468 -97.40 -43.28 -147.02
CA HIS N 468 -96.30 -44.07 -146.51
C HIS N 468 -95.78 -45.08 -147.51
N ASP N 469 -96.71 -45.81 -148.06
CA ASP N 469 -96.33 -46.81 -149.02
C ASP N 469 -95.57 -46.21 -150.16
N ALA N 470 -96.12 -45.12 -150.61
CA ALA N 470 -95.47 -44.47 -151.71
C ALA N 470 -94.05 -44.05 -151.38
N LEU N 471 -93.87 -43.57 -150.17
CA LEU N 471 -92.56 -43.11 -149.78
C LEU N 471 -91.55 -44.17 -149.54
N TYR N 472 -92.09 -45.23 -148.96
CA TYR N 472 -91.30 -46.40 -148.72
C TYR N 472 -90.68 -46.83 -150.06
N ARG N 473 -91.56 -46.95 -151.00
CA ARG N 473 -91.14 -47.37 -152.31
C ARG N 473 -90.06 -46.49 -152.90
N TRP N 474 -90.31 -45.21 -152.81
CA TRP N 474 -89.40 -44.24 -153.34
C TRP N 474 -87.98 -44.50 -152.85
N ILE N 475 -87.89 -44.64 -151.56
CA ILE N 475 -86.59 -44.85 -151.06
C ILE N 475 -85.98 -46.11 -151.58
N LYS N 476 -86.79 -47.14 -151.58
CA LYS N 476 -86.30 -48.41 -152.01
C LYS N 476 -85.66 -48.26 -153.35
N SER N 477 -86.27 -47.40 -154.12
CA SER N 477 -85.73 -47.26 -155.45
C SER N 477 -84.50 -46.44 -155.50
N VAL N 478 -84.49 -45.45 -154.71
CA VAL N 478 -83.38 -44.58 -154.75
C VAL N 478 -82.17 -45.12 -153.98
N ASP N 479 -82.44 -45.77 -152.85
CA ASP N 479 -81.40 -46.28 -152.02
C ASP N 479 -81.78 -47.62 -151.46
N PRO N 480 -81.28 -48.51 -152.20
CA PRO N 480 -81.47 -49.91 -152.01
C PRO N 480 -80.49 -50.46 -151.02
N SER N 481 -79.51 -49.66 -150.66
CA SER N 481 -78.45 -50.06 -149.75
C SER N 481 -78.90 -50.21 -148.31
N ARG N 482 -80.06 -49.64 -148.01
CA ARG N 482 -80.57 -49.71 -146.67
C ARG N 482 -82.02 -50.02 -146.66
N PRO N 483 -82.35 -50.72 -145.62
CA PRO N 483 -83.69 -51.13 -145.35
C PRO N 483 -84.43 -49.97 -144.77
N VAL N 484 -85.74 -50.08 -144.90
CA VAL N 484 -86.63 -49.08 -144.42
C VAL N 484 -87.57 -49.60 -143.37
N GLN N 485 -87.79 -48.82 -142.34
CA GLN N 485 -88.75 -49.26 -141.34
C GLN N 485 -89.72 -48.18 -140.94
N TYR N 486 -90.85 -48.64 -140.39
CA TYR N 486 -91.90 -47.72 -139.96
C TYR N 486 -92.89 -48.49 -139.11
N GLU N 487 -93.14 -48.00 -137.90
CA GLU N 487 -93.99 -48.72 -136.97
C GLU N 487 -95.49 -48.47 -137.09
N GLY N 488 -95.83 -47.30 -137.56
CA GLY N 488 -97.21 -46.90 -137.61
C GLY N 488 -98.13 -47.95 -138.21
N GLY N 489 -99.32 -47.93 -137.70
CA GLY N 489 -100.36 -48.80 -138.16
C GLY N 489 -100.19 -50.28 -137.90
N GLY N 490 -99.53 -50.65 -136.82
CA GLY N 490 -99.41 -52.06 -136.52
C GLY N 490 -98.00 -52.66 -136.52
N ALA N 491 -96.98 -51.87 -136.91
CA ALA N 491 -95.58 -52.30 -136.90
C ALA N 491 -95.22 -53.40 -137.87
N ASP N 492 -96.18 -53.82 -138.68
CA ASP N 492 -95.86 -54.89 -139.64
C ASP N 492 -96.45 -54.65 -141.01
N THR N 493 -96.72 -53.39 -141.33
CA THR N 493 -97.33 -53.09 -142.62
C THR N 493 -96.40 -53.30 -143.76
N THR N 494 -97.00 -53.03 -144.90
CA THR N 494 -96.35 -53.10 -146.20
C THR N 494 -95.24 -52.06 -146.30
N ALA N 495 -95.33 -51.10 -145.43
CA ALA N 495 -94.37 -50.03 -145.45
C ALA N 495 -93.17 -50.30 -144.57
N THR N 496 -92.97 -51.51 -144.08
CA THR N 496 -91.78 -51.65 -143.28
C THR N 496 -91.06 -52.90 -143.62
N ASP N 497 -89.77 -52.82 -143.58
CA ASP N 497 -88.99 -54.01 -143.87
C ASP N 497 -88.71 -54.82 -142.65
N ILE N 498 -89.01 -54.24 -141.50
CA ILE N 498 -88.75 -54.89 -140.25
C ILE N 498 -89.91 -54.73 -139.34
N ILE N 499 -90.19 -55.76 -138.56
CA ILE N 499 -91.25 -55.65 -137.61
C ILE N 499 -90.65 -54.86 -136.46
N CYS N 500 -91.18 -53.68 -136.26
CA CYS N 500 -90.62 -52.76 -135.28
C CYS N 500 -91.62 -52.17 -134.36
N PRO N 501 -92.18 -52.99 -133.56
CA PRO N 501 -93.16 -52.50 -132.63
C PRO N 501 -92.52 -51.70 -131.52
N MET N 502 -93.42 -51.06 -130.78
CA MET N 502 -93.05 -50.31 -129.62
C MET N 502 -93.76 -50.91 -128.40
N TYR N 503 -92.98 -51.29 -127.41
CA TYR N 503 -93.55 -51.81 -126.18
C TYR N 503 -94.24 -53.17 -126.19
N ALA N 504 -93.94 -54.00 -127.18
CA ALA N 504 -94.50 -55.35 -127.16
C ALA N 504 -93.81 -56.16 -126.06
N ARG N 505 -94.60 -57.00 -125.39
CA ARG N 505 -94.02 -57.77 -124.32
C ARG N 505 -93.33 -59.02 -124.79
N VAL N 506 -92.46 -59.52 -123.92
CA VAL N 506 -91.73 -60.70 -124.27
C VAL N 506 -92.68 -61.87 -124.45
N ASP N 507 -93.47 -62.10 -123.42
CA ASP N 507 -94.38 -63.22 -123.57
C ASP N 507 -95.84 -62.88 -123.56
N GLU N 508 -96.21 -61.65 -123.26
CA GLU N 508 -97.63 -61.41 -123.25
C GLU N 508 -98.15 -60.65 -124.43
N ASP N 509 -99.32 -61.04 -124.86
CA ASP N 509 -99.96 -60.36 -125.96
C ASP N 509 -100.83 -59.25 -125.43
N GLN N 510 -100.90 -58.17 -126.20
CA GLN N 510 -101.72 -57.00 -125.96
C GLN N 510 -102.44 -56.78 -127.26
N PRO N 511 -103.56 -57.38 -127.27
CA PRO N 511 -104.43 -57.49 -128.39
C PRO N 511 -105.38 -56.36 -128.62
N PHE N 512 -104.84 -55.21 -128.82
CA PHE N 512 -105.71 -54.16 -129.19
C PHE N 512 -106.22 -54.42 -130.58
N PRO N 513 -107.41 -53.95 -130.71
CA PRO N 513 -108.15 -53.97 -131.94
C PRO N 513 -107.39 -53.19 -132.96
N ALA N 514 -107.38 -53.74 -134.16
CA ALA N 514 -106.71 -53.15 -135.27
C ALA N 514 -105.21 -53.14 -135.18
N VAL N 515 -104.67 -52.96 -133.99
CA VAL N 515 -103.25 -52.82 -133.88
C VAL N 515 -102.78 -53.43 -132.59
N PRO N 516 -103.00 -54.72 -132.54
CA PRO N 516 -102.60 -55.52 -131.40
C PRO N 516 -101.10 -55.57 -131.38
N LYS N 517 -100.59 -55.83 -130.20
CA LYS N 517 -99.17 -56.03 -129.95
C LYS N 517 -98.97 -57.44 -129.39
N TRP N 518 -98.55 -58.32 -130.23
CA TRP N 518 -98.32 -59.68 -129.82
C TRP N 518 -97.06 -59.84 -129.01
N SER N 519 -96.98 -60.90 -128.21
CA SER N 519 -95.73 -61.16 -127.56
C SER N 519 -94.74 -61.23 -128.72
N ILE N 520 -93.57 -60.71 -128.48
CA ILE N 520 -92.68 -60.74 -129.61
C ILE N 520 -92.30 -62.13 -130.03
N LYS N 521 -92.26 -63.11 -129.11
CA LYS N 521 -91.92 -64.42 -129.64
C LYS N 521 -93.00 -64.94 -130.58
N LYS N 522 -94.23 -64.62 -130.24
CA LYS N 522 -95.32 -65.06 -131.06
C LYS N 522 -95.38 -64.32 -132.38
N TRP N 523 -95.09 -63.05 -132.31
CA TRP N 523 -95.19 -62.27 -133.49
C TRP N 523 -94.43 -62.87 -134.63
N LEU N 524 -93.24 -63.32 -134.34
CA LEU N 524 -92.46 -63.84 -135.47
C LEU N 524 -93.04 -65.00 -136.27
N SER N 525 -93.82 -65.84 -135.60
CA SER N 525 -94.36 -67.11 -136.07
C SER N 525 -95.69 -67.00 -136.77
N LEU N 526 -96.26 -65.83 -136.73
CA LEU N 526 -97.50 -65.68 -137.42
C LEU N 526 -97.35 -66.11 -138.85
N PRO N 527 -98.40 -66.75 -139.30
CA PRO N 527 -98.45 -67.32 -140.61
C PRO N 527 -98.10 -66.35 -141.65
N GLY N 528 -97.06 -66.72 -142.37
CA GLY N 528 -96.56 -65.90 -143.44
C GLY N 528 -95.53 -64.87 -142.98
N GLU N 529 -95.37 -64.66 -141.67
CA GLU N 529 -94.42 -63.66 -141.30
C GLU N 529 -92.97 -64.09 -141.50
N THR N 530 -92.11 -63.29 -142.09
CA THR N 530 -90.74 -63.75 -142.27
C THR N 530 -89.66 -62.78 -141.82
N ARG N 531 -90.09 -61.55 -141.54
CA ARG N 531 -89.20 -60.49 -141.21
C ARG N 531 -88.54 -60.62 -139.89
N PRO N 532 -87.51 -59.84 -139.75
CA PRO N 532 -86.80 -59.75 -138.51
C PRO N 532 -87.62 -58.79 -137.67
N LEU N 533 -87.39 -58.84 -136.38
CA LEU N 533 -88.08 -57.96 -135.48
C LEU N 533 -87.11 -57.26 -134.57
N ILE N 534 -87.27 -55.95 -134.55
CA ILE N 534 -86.47 -55.07 -133.73
C ILE N 534 -87.36 -54.03 -133.13
N LEU N 535 -87.40 -53.94 -131.81
CA LEU N 535 -88.32 -52.96 -131.29
C LEU N 535 -87.83 -51.56 -131.46
N CYS N 536 -88.72 -50.74 -131.95
CA CYS N 536 -88.37 -49.34 -132.15
C CYS N 536 -88.38 -48.63 -130.81
N GLU N 537 -89.17 -49.17 -129.90
CA GLU N 537 -89.19 -48.64 -128.55
C GLU N 537 -89.48 -49.77 -127.60
N TYR N 538 -88.69 -49.83 -126.54
CA TYR N 538 -88.94 -50.79 -125.50
C TYR N 538 -88.30 -50.36 -124.20
N ALA N 539 -88.80 -51.00 -123.14
CA ALA N 539 -88.35 -50.78 -121.78
C ALA N 539 -88.38 -49.31 -121.39
N HIS N 540 -89.58 -48.73 -121.28
CA HIS N 540 -89.77 -47.36 -120.92
C HIS N 540 -88.98 -46.97 -119.66
N ALA N 541 -87.93 -46.15 -119.85
CA ALA N 541 -87.06 -45.82 -118.71
C ALA N 541 -87.51 -44.69 -117.80
N MET N 542 -88.81 -44.55 -117.62
CA MET N 542 -89.30 -43.48 -116.81
C MET N 542 -89.22 -43.66 -115.31
N GLY N 543 -88.37 -42.85 -114.71
CA GLY N 543 -88.18 -42.88 -113.29
C GLY N 543 -87.53 -44.16 -112.83
N ASN N 544 -88.06 -44.69 -111.72
CA ASN N 544 -87.54 -45.95 -111.22
C ASN N 544 -88.10 -47.07 -112.11
N SER N 545 -87.34 -47.43 -113.12
CA SER N 545 -87.82 -48.36 -114.08
C SER N 545 -86.77 -49.31 -114.57
N LEU N 546 -87.08 -49.89 -115.74
CA LEU N 546 -86.26 -50.89 -116.37
C LEU N 546 -86.44 -52.28 -115.76
N GLY N 547 -87.51 -52.46 -115.00
CA GLY N 547 -87.77 -53.75 -114.46
C GLY N 547 -88.17 -54.70 -115.60
N GLY N 548 -87.47 -55.83 -115.69
CA GLY N 548 -87.79 -56.82 -116.71
C GLY N 548 -86.86 -56.80 -117.90
N PHE N 549 -85.92 -55.89 -117.83
CA PHE N 549 -84.99 -55.74 -118.91
C PHE N 549 -84.36 -57.04 -119.36
N ALA N 550 -83.94 -57.81 -118.39
CA ALA N 550 -83.31 -59.07 -118.69
C ALA N 550 -84.12 -60.08 -119.48
N LYS N 551 -85.45 -60.07 -119.25
CA LYS N 551 -86.32 -60.96 -120.02
C LYS N 551 -86.09 -60.75 -121.52
N TYR N 552 -86.06 -59.48 -121.90
CA TYR N 552 -85.82 -59.12 -123.28
C TYR N 552 -84.50 -59.68 -123.77
N TRP N 553 -83.46 -59.37 -123.01
CA TRP N 553 -82.16 -59.79 -123.43
C TRP N 553 -82.05 -61.26 -123.68
N GLN N 554 -82.68 -61.94 -122.78
CA GLN N 554 -82.63 -63.36 -122.94
C GLN N 554 -83.33 -63.85 -124.17
N ALA N 555 -84.46 -63.25 -124.42
CA ALA N 555 -85.16 -63.67 -125.60
C ALA N 555 -84.39 -63.32 -126.83
N PHE N 556 -83.87 -62.09 -126.81
CA PHE N 556 -83.14 -61.67 -127.97
C PHE N 556 -82.08 -62.67 -128.24
N ARG N 557 -81.43 -63.09 -127.17
CA ARG N 557 -80.37 -64.03 -127.33
C ARG N 557 -80.80 -65.39 -127.81
N GLN N 558 -82.01 -65.79 -127.49
CA GLN N 558 -82.40 -67.10 -127.93
C GLN N 558 -83.10 -67.17 -129.27
N TYR N 559 -83.68 -66.08 -129.74
CA TYR N 559 -84.33 -66.12 -131.00
C TYR N 559 -83.60 -65.29 -132.02
N PRO N 560 -83.16 -65.99 -132.97
CA PRO N 560 -82.41 -65.49 -134.10
C PRO N 560 -83.01 -64.25 -134.72
N ARG N 561 -84.29 -64.34 -135.05
CA ARG N 561 -85.03 -63.27 -135.68
C ARG N 561 -85.35 -62.12 -134.72
N LEU N 562 -85.08 -62.30 -133.44
CA LEU N 562 -85.27 -61.19 -132.54
C LEU N 562 -83.94 -60.49 -132.51
N GLN N 563 -83.80 -59.34 -133.19
CA GLN N 563 -82.51 -58.72 -133.26
C GLN N 563 -82.23 -57.51 -132.39
N GLY N 564 -82.97 -57.36 -131.31
CA GLY N 564 -82.75 -56.26 -130.36
C GLY N 564 -83.83 -55.20 -130.40
N GLY N 565 -83.43 -53.99 -130.00
CA GLY N 565 -84.35 -52.86 -129.96
C GLY N 565 -83.65 -51.62 -129.44
N PHE N 566 -84.45 -50.57 -129.35
CA PHE N 566 -84.03 -49.27 -128.89
C PHE N 566 -84.81 -48.90 -127.67
N VAL N 567 -84.04 -48.68 -126.64
CA VAL N 567 -84.66 -48.30 -125.43
C VAL N 567 -85.20 -46.89 -125.52
N TRP N 568 -86.29 -46.70 -124.84
CA TRP N 568 -86.88 -45.40 -124.77
C TRP N 568 -86.82 -44.87 -123.34
N ASP N 569 -85.97 -43.87 -123.09
CA ASP N 569 -85.06 -43.27 -124.05
C ASP N 569 -83.79 -42.80 -123.33
N TRP N 570 -82.88 -42.14 -124.04
CA TRP N 570 -81.62 -41.71 -123.45
C TRP N 570 -81.60 -40.76 -122.25
N VAL N 571 -82.03 -39.51 -122.43
CA VAL N 571 -82.03 -38.48 -121.37
C VAL N 571 -83.37 -37.88 -121.08
N ASP N 572 -83.55 -37.51 -119.81
CA ASP N 572 -84.78 -36.84 -119.41
C ASP N 572 -84.87 -35.50 -120.11
N GLN N 573 -86.08 -35.15 -120.49
CA GLN N 573 -86.28 -33.88 -121.15
C GLN N 573 -86.65 -32.84 -120.11
N SER N 574 -85.71 -32.58 -119.21
CA SER N 574 -85.97 -31.60 -118.19
C SER N 574 -85.19 -30.34 -118.45
N LEU N 575 -85.84 -29.29 -118.01
CA LEU N 575 -85.27 -27.98 -118.13
C LEU N 575 -84.95 -27.37 -116.76
N ILE N 576 -83.96 -26.49 -116.78
CA ILE N 576 -83.57 -25.79 -115.58
C ILE N 576 -84.39 -24.52 -115.30
N LYS N 577 -84.65 -24.27 -114.04
CA LYS N 577 -85.34 -23.08 -113.61
C LYS N 577 -84.63 -22.56 -112.37
N TYR N 578 -85.02 -21.35 -111.98
CA TYR N 578 -84.41 -20.84 -110.77
C TYR N 578 -85.37 -20.39 -109.75
N ASP N 579 -84.90 -20.55 -108.53
CA ASP N 579 -85.68 -20.07 -107.44
C ASP N 579 -85.17 -18.66 -107.21
N GLU N 580 -85.87 -17.98 -106.32
CA GLU N 580 -85.56 -16.63 -105.89
C GLU N 580 -84.11 -16.52 -105.45
N ASN N 581 -83.59 -17.57 -104.82
CA ASN N 581 -82.20 -17.55 -104.39
C ASN N 581 -81.26 -17.87 -105.53
N GLY N 582 -81.84 -17.80 -106.75
CA GLY N 582 -81.12 -18.05 -107.98
C GLY N 582 -80.60 -19.46 -108.01
N ASN N 583 -81.45 -20.31 -107.47
CA ASN N 583 -81.14 -21.70 -107.41
C ASN N 583 -81.85 -22.38 -108.52
N PRO N 584 -81.05 -23.17 -109.23
CA PRO N 584 -81.47 -23.92 -110.38
C PRO N 584 -82.21 -25.17 -109.97
N TRP N 585 -83.21 -25.51 -110.75
CA TRP N 585 -83.90 -26.71 -110.46
C TRP N 585 -84.55 -27.30 -111.68
N SER N 586 -84.67 -28.62 -111.67
CA SER N 586 -85.24 -29.32 -112.80
C SER N 586 -86.74 -29.25 -112.90
N ALA N 587 -87.13 -28.74 -114.07
CA ALA N 587 -88.52 -28.50 -114.39
C ALA N 587 -89.04 -29.42 -115.48
N TYR N 588 -90.33 -29.62 -115.38
CA TYR N 588 -91.00 -30.44 -116.33
C TYR N 588 -92.30 -29.82 -116.77
N GLY N 589 -93.10 -30.62 -117.48
CA GLY N 589 -94.37 -30.14 -117.99
C GLY N 589 -95.16 -29.38 -116.97
N GLY N 590 -95.65 -28.24 -117.43
CA GLY N 590 -96.47 -27.30 -116.66
C GLY N 590 -95.67 -26.34 -115.80
N ASP N 591 -94.37 -26.59 -115.67
CA ASP N 591 -93.49 -25.76 -114.85
C ASP N 591 -93.27 -24.37 -115.43
N PHE N 592 -93.83 -24.11 -116.61
CA PHE N 592 -93.69 -22.81 -117.25
C PHE N 592 -95.05 -22.22 -117.46
N GLY N 593 -96.01 -22.80 -116.77
CA GLY N 593 -97.38 -22.39 -116.89
C GLY N 593 -97.91 -22.78 -118.24
N ASP N 594 -97.10 -23.64 -118.91
CA ASP N 594 -97.45 -24.16 -120.23
C ASP N 594 -98.67 -25.02 -120.11
N THR N 595 -99.60 -24.75 -121.03
CA THR N 595 -100.84 -25.47 -121.15
C THR N 595 -101.21 -25.69 -122.61
N PRO N 596 -101.63 -26.92 -122.92
CA PRO N 596 -101.82 -27.95 -121.91
C PRO N 596 -100.48 -28.68 -121.67
N ASN N 597 -100.40 -29.54 -120.66
CA ASN N 597 -99.11 -30.21 -120.49
C ASN N 597 -99.27 -31.65 -119.97
N ASP N 598 -98.19 -32.44 -120.15
CA ASP N 598 -98.15 -33.85 -119.78
C ASP N 598 -97.20 -34.20 -118.64
N ARG N 599 -96.78 -33.14 -117.93
CA ARG N 599 -95.94 -33.19 -116.75
C ARG N 599 -94.62 -33.92 -116.88
N GLN N 600 -94.38 -34.92 -115.97
CA GLN N 600 -93.14 -35.75 -115.96
C GLN N 600 -92.92 -36.59 -117.23
N PHE N 601 -94.02 -36.81 -117.95
CA PHE N 601 -93.96 -37.59 -119.13
C PHE N 601 -92.77 -37.38 -120.05
N CYS N 602 -92.19 -36.20 -120.01
CA CYS N 602 -91.02 -35.89 -120.83
C CYS N 602 -89.74 -36.45 -120.20
N MET N 603 -89.85 -37.10 -119.03
CA MET N 603 -88.66 -37.67 -118.39
C MET N 603 -88.70 -39.19 -118.37
N ASN N 604 -87.96 -39.76 -119.31
CA ASN N 604 -87.93 -41.20 -119.51
C ASN N 604 -86.54 -41.67 -119.79
N GLY N 605 -85.55 -40.88 -119.43
CA GLY N 605 -84.21 -41.22 -119.76
C GLY N 605 -83.51 -42.12 -118.82
N LEU N 606 -82.44 -42.63 -119.35
CA LEU N 606 -81.53 -43.47 -118.61
C LEU N 606 -80.56 -42.58 -117.86
N VAL N 607 -80.51 -41.33 -118.29
CA VAL N 607 -79.68 -40.36 -117.64
C VAL N 607 -80.44 -39.12 -117.45
N PHE N 608 -79.96 -38.42 -116.47
CA PHE N 608 -80.47 -37.13 -116.10
C PHE N 608 -80.01 -36.16 -117.17
N ALA N 609 -80.79 -35.09 -117.33
CA ALA N 609 -80.44 -34.07 -118.33
C ALA N 609 -78.97 -33.63 -118.37
N ASP N 610 -78.33 -33.67 -117.21
CA ASP N 610 -76.94 -33.29 -117.09
C ASP N 610 -76.06 -34.44 -117.47
N ARG N 611 -76.72 -35.49 -117.96
CA ARG N 611 -75.99 -36.66 -118.31
C ARG N 611 -75.47 -37.39 -117.10
N THR N 612 -76.29 -37.38 -116.08
CA THR N 612 -75.91 -38.17 -114.98
C THR N 612 -76.92 -39.26 -114.95
N PRO N 613 -76.33 -40.39 -114.86
CA PRO N 613 -76.95 -41.67 -114.90
C PRO N 613 -77.95 -41.93 -113.85
N HIS N 614 -78.93 -42.66 -114.28
CA HIS N 614 -79.89 -43.24 -113.43
C HIS N 614 -79.29 -44.61 -113.13
N PRO N 615 -79.80 -45.24 -112.11
CA PRO N 615 -79.25 -46.53 -111.76
C PRO N 615 -79.51 -47.57 -112.84
N ALA N 616 -80.66 -47.42 -113.51
CA ALA N 616 -81.04 -48.36 -114.53
C ALA N 616 -79.96 -48.59 -115.59
N LEU N 617 -79.24 -47.53 -115.83
CA LEU N 617 -78.22 -47.59 -116.82
C LEU N 617 -77.31 -48.79 -116.68
N THR N 618 -77.10 -49.14 -115.48
CA THR N 618 -76.22 -50.23 -115.16
C THR N 618 -76.79 -51.57 -115.53
N GLU N 619 -78.07 -51.69 -115.23
CA GLU N 619 -78.73 -52.90 -115.58
C GLU N 619 -78.55 -53.08 -117.07
N ALA N 620 -78.74 -51.97 -117.76
CA ALA N 620 -78.57 -52.04 -119.21
C ALA N 620 -77.17 -52.43 -119.62
N LYS N 621 -76.23 -51.75 -119.01
CA LYS N 621 -74.88 -52.02 -119.36
C LYS N 621 -74.55 -53.49 -119.25
N HIS N 622 -75.00 -54.05 -118.16
CA HIS N 622 -74.74 -55.44 -117.89
C HIS N 622 -75.44 -56.38 -118.86
N GLN N 623 -76.74 -56.18 -119.07
CA GLN N 623 -77.43 -57.07 -120.00
C GLN N 623 -76.90 -56.96 -121.41
N GLN N 624 -76.31 -55.82 -121.74
CA GLN N 624 -75.83 -55.65 -123.08
C GLN N 624 -74.40 -56.04 -123.27
N GLN N 625 -73.76 -56.55 -122.24
CA GLN N 625 -72.35 -56.86 -122.41
C GLN N 625 -72.08 -57.80 -123.55
N PHE N 626 -70.90 -57.65 -124.12
CA PHE N 626 -70.46 -58.44 -125.25
C PHE N 626 -69.83 -59.75 -124.90
N PHE N 627 -69.65 -59.98 -123.62
CA PHE N 627 -69.07 -61.26 -123.28
C PHE N 627 -69.99 -62.02 -122.42
N GLN N 628 -70.11 -63.30 -122.68
CA GLN N 628 -70.97 -64.10 -121.87
C GLN N 628 -70.23 -65.21 -121.23
N PHE N 629 -70.63 -65.47 -119.98
CA PHE N 629 -69.96 -66.49 -119.20
C PHE N 629 -70.78 -67.64 -118.72
N ARG N 630 -70.10 -68.75 -118.65
CA ARG N 630 -70.64 -69.99 -118.18
C ARG N 630 -69.64 -70.58 -117.24
N LEU N 631 -70.17 -71.09 -116.16
CA LEU N 631 -69.25 -71.67 -115.23
C LEU N 631 -69.41 -73.16 -115.11
N SER N 632 -68.33 -73.88 -115.31
CA SER N 632 -68.47 -75.31 -115.17
C SER N 632 -67.38 -75.92 -114.36
N GLY N 633 -67.77 -76.29 -113.16
CA GLY N 633 -66.74 -76.82 -112.33
C GLY N 633 -65.73 -75.73 -111.99
N GLN N 634 -64.48 -75.91 -112.42
CA GLN N 634 -63.49 -74.90 -112.10
C GLN N 634 -63.17 -74.13 -113.33
N THR N 635 -64.02 -74.36 -114.31
CA THR N 635 -63.87 -73.77 -115.59
C THR N 635 -64.88 -72.77 -116.00
N ILE N 636 -64.33 -71.69 -116.49
CA ILE N 636 -65.15 -70.67 -117.05
C ILE N 636 -65.14 -70.66 -118.54
N GLU N 637 -66.34 -70.61 -119.08
CA GLU N 637 -66.49 -70.55 -120.49
C GLU N 637 -66.85 -69.15 -120.91
N VAL N 638 -66.03 -68.60 -121.80
CA VAL N 638 -66.32 -67.26 -122.24
C VAL N 638 -66.76 -67.25 -123.66
N THR N 639 -67.77 -66.44 -123.87
CA THR N 639 -68.29 -66.34 -125.19
C THR N 639 -68.34 -64.92 -125.65
N SER N 640 -67.86 -64.74 -126.88
CA SER N 640 -67.82 -63.43 -127.48
C SER N 640 -69.01 -63.14 -128.35
N GLU N 641 -69.58 -61.97 -128.13
CA GLU N 641 -70.69 -61.48 -128.92
C GLU N 641 -70.22 -60.43 -129.89
N TYR N 642 -68.92 -60.36 -130.09
CA TYR N 642 -68.40 -59.48 -131.09
C TYR N 642 -68.47 -60.25 -132.40
N LEU N 643 -68.84 -59.54 -133.43
CA LEU N 643 -68.98 -60.13 -134.74
C LEU N 643 -67.72 -59.98 -135.48
N PHE N 644 -67.03 -58.92 -135.18
CA PHE N 644 -65.86 -58.63 -135.94
C PHE N 644 -64.57 -58.50 -135.19
N ARG N 645 -64.57 -58.14 -133.92
CA ARG N 645 -63.28 -58.03 -133.33
C ARG N 645 -62.85 -59.14 -132.45
N HIS N 646 -61.57 -59.14 -132.25
CA HIS N 646 -60.97 -60.11 -131.38
C HIS N 646 -60.79 -59.46 -130.02
N SER N 647 -60.75 -60.23 -128.93
CA SER N 647 -60.64 -59.64 -127.59
C SER N 647 -59.26 -59.10 -127.34
N ASP N 648 -58.92 -58.13 -128.12
CA ASP N 648 -57.60 -57.57 -128.05
C ASP N 648 -57.33 -56.47 -127.04
N ASN N 649 -58.26 -56.21 -126.15
CA ASN N 649 -57.98 -55.21 -125.13
C ASN N 649 -58.75 -55.65 -123.92
N GLU N 650 -58.54 -56.93 -123.65
CA GLU N 650 -59.29 -57.53 -122.59
C GLU N 650 -58.57 -58.38 -121.62
N LEU N 651 -58.83 -57.95 -120.40
CA LEU N 651 -58.36 -58.59 -119.23
C LEU N 651 -59.46 -59.08 -118.34
N LEU N 652 -59.32 -60.31 -117.99
CA LEU N 652 -60.28 -60.90 -117.11
C LEU N 652 -59.79 -61.08 -115.68
N HIS N 653 -60.38 -60.34 -114.79
CA HIS N 653 -59.99 -60.47 -113.43
C HIS N 653 -60.98 -61.32 -112.67
N TRP N 654 -60.51 -62.24 -111.88
CA TRP N 654 -61.48 -62.97 -111.12
C TRP N 654 -61.17 -62.95 -109.67
N MET N 655 -62.13 -63.41 -108.89
CA MET N 655 -61.93 -63.39 -107.48
C MET N 655 -62.98 -64.05 -106.61
N VAL N 656 -62.47 -64.63 -105.54
CA VAL N 656 -63.25 -65.38 -104.61
C VAL N 656 -63.31 -64.82 -103.24
N ALA N 657 -64.51 -64.77 -102.72
CA ALA N 657 -64.71 -64.25 -101.40
C ALA N 657 -65.77 -64.98 -100.61
N LEU N 658 -65.55 -64.89 -99.32
CA LEU N 658 -66.43 -65.53 -98.42
C LEU N 658 -67.15 -64.46 -97.69
N ASP N 659 -68.43 -64.39 -97.90
CA ASP N 659 -69.16 -63.34 -97.24
C ASP N 659 -68.42 -62.00 -97.32
N GLY N 660 -67.78 -61.70 -98.43
CA GLY N 660 -67.10 -60.42 -98.53
C GLY N 660 -65.62 -60.52 -98.29
N LYS N 661 -65.22 -61.59 -97.65
CA LYS N 661 -63.82 -61.73 -97.44
C LYS N 661 -63.23 -62.45 -98.60
N PRO N 662 -62.35 -61.72 -99.21
CA PRO N 662 -61.62 -62.10 -100.39
C PRO N 662 -60.60 -63.11 -100.01
N LEU N 663 -60.60 -64.20 -100.69
CA LEU N 663 -59.68 -65.27 -100.41
C LEU N 663 -58.69 -65.49 -101.50
N ALA N 664 -59.05 -65.10 -102.72
CA ALA N 664 -58.20 -65.32 -103.85
C ALA N 664 -58.68 -64.52 -105.01
N SER N 665 -57.71 -64.11 -105.78
CA SER N 665 -57.98 -63.33 -106.94
C SER N 665 -57.02 -63.70 -108.04
N GLY N 666 -57.41 -63.41 -109.28
CA GLY N 666 -56.58 -63.74 -110.40
C GLY N 666 -56.81 -62.81 -111.55
N GLU N 667 -56.04 -63.05 -112.60
CA GLU N 667 -56.10 -62.24 -113.80
C GLU N 667 -55.75 -63.01 -115.02
N VAL N 668 -56.59 -62.87 -116.01
CA VAL N 668 -56.32 -63.56 -117.22
C VAL N 668 -56.76 -62.79 -118.40
N PRO N 669 -55.86 -62.77 -119.30
CA PRO N 669 -56.06 -62.09 -120.55
C PRO N 669 -56.91 -62.94 -121.44
N LEU N 670 -57.81 -62.21 -122.08
CA LEU N 670 -58.72 -62.80 -123.03
C LEU N 670 -58.18 -62.80 -124.41
N ASP N 671 -58.51 -63.89 -125.04
CA ASP N 671 -58.14 -64.16 -126.40
C ASP N 671 -59.27 -64.92 -127.05
N VAL N 672 -60.30 -64.18 -127.43
CA VAL N 672 -61.44 -64.80 -128.07
C VAL N 672 -61.76 -64.15 -129.35
N ALA N 673 -62.10 -65.01 -130.29
CA ALA N 673 -62.50 -64.48 -131.54
C ALA N 673 -63.94 -64.10 -131.53
N PRO N 674 -64.26 -63.15 -132.38
CA PRO N 674 -65.63 -62.76 -132.50
C PRO N 674 -66.39 -64.04 -132.60
N GLN N 675 -67.47 -64.09 -131.82
CA GLN N 675 -68.32 -65.25 -131.79
C GLN N 675 -67.70 -66.53 -131.33
N GLY N 676 -66.53 -66.44 -130.72
CA GLY N 676 -65.92 -67.63 -130.22
C GLY N 676 -66.03 -67.81 -128.71
N LYS N 677 -65.48 -68.94 -128.28
CA LYS N 677 -65.42 -69.36 -126.89
C LYS N 677 -63.98 -69.44 -126.42
N GLN N 678 -63.78 -69.22 -125.13
CA GLN N 678 -62.48 -69.33 -124.51
C GLN N 678 -62.71 -69.99 -123.18
N LEU N 679 -61.90 -71.03 -122.91
CA LEU N 679 -61.96 -71.75 -121.65
C LEU N 679 -60.95 -71.31 -120.64
N ILE N 680 -61.47 -71.17 -119.46
CA ILE N 680 -60.63 -70.73 -118.42
C ILE N 680 -60.64 -71.63 -117.25
N GLU N 681 -59.45 -72.13 -117.12
CA GLU N 681 -59.12 -73.06 -116.11
C GLU N 681 -58.76 -72.42 -114.80
N LEU N 682 -59.51 -72.84 -113.80
CA LEU N 682 -59.25 -72.31 -112.51
C LEU N 682 -58.34 -73.16 -111.65
N PRO N 683 -57.51 -72.42 -110.97
CA PRO N 683 -56.58 -72.97 -110.03
C PRO N 683 -57.38 -73.48 -108.89
N GLU N 684 -56.87 -74.49 -108.24
CA GLU N 684 -57.55 -75.01 -107.11
C GLU N 684 -58.06 -73.92 -106.19
N LEU N 685 -59.34 -74.04 -105.94
CA LEU N 685 -59.99 -73.09 -105.09
C LEU N 685 -60.02 -73.50 -103.67
N PRO N 686 -59.95 -72.47 -102.89
CA PRO N 686 -59.96 -72.48 -101.46
C PRO N 686 -61.24 -73.08 -100.91
N GLN N 687 -61.09 -73.92 -99.87
CA GLN N 687 -62.23 -74.58 -99.28
C GLN N 687 -62.45 -74.22 -97.84
N PRO N 688 -62.57 -72.93 -97.59
CA PRO N 688 -62.84 -72.35 -96.29
C PRO N 688 -63.71 -73.25 -95.40
N GLU N 689 -63.41 -73.17 -94.13
CA GLU N 689 -64.13 -73.97 -93.18
C GLU N 689 -65.30 -73.25 -92.60
N SER N 690 -64.97 -71.99 -92.32
CA SER N 690 -65.83 -70.99 -91.76
C SER N 690 -67.18 -71.00 -92.45
N ALA N 691 -68.15 -70.48 -91.77
CA ALA N 691 -69.45 -70.48 -92.34
C ALA N 691 -69.68 -69.26 -93.16
N GLY N 692 -70.52 -69.47 -94.19
CA GLY N 692 -70.87 -68.40 -95.09
C GLY N 692 -71.05 -68.84 -96.52
N GLN N 693 -71.17 -67.81 -97.36
CA GLN N 693 -71.37 -67.95 -98.78
C GLN N 693 -70.11 -67.61 -99.53
N LEU N 694 -69.80 -68.54 -100.39
CA LEU N 694 -68.67 -68.42 -101.21
C LEU N 694 -69.04 -67.98 -102.61
N TRP N 695 -68.45 -66.88 -103.00
CA TRP N 695 -68.79 -66.37 -104.29
C TRP N 695 -67.65 -66.04 -105.19
N LEU N 696 -67.90 -66.39 -106.44
CA LEU N 696 -66.96 -66.10 -107.46
C LEU N 696 -67.38 -64.93 -108.33
N THR N 697 -66.44 -64.03 -108.57
CA THR N 697 -66.73 -62.90 -109.41
C THR N 697 -65.70 -62.59 -110.46
N VAL N 698 -66.20 -62.32 -111.67
CA VAL N 698 -65.36 -61.95 -112.79
C VAL N 698 -65.71 -60.62 -113.40
N ARG N 699 -64.66 -59.95 -113.82
CA ARG N 699 -64.80 -58.67 -114.46
C ARG N 699 -63.92 -58.63 -115.68
N VAL N 700 -64.36 -57.84 -116.63
CA VAL N 700 -63.61 -57.62 -117.82
C VAL N 700 -63.13 -56.20 -117.89
N VAL N 701 -61.81 -56.16 -118.01
CA VAL N 701 -61.15 -54.89 -118.08
C VAL N 701 -60.34 -54.63 -119.30
N GLN N 702 -60.45 -53.35 -119.64
CA GLN N 702 -59.75 -52.76 -120.74
C GLN N 702 -58.57 -51.99 -120.23
N PRO N 703 -57.47 -52.68 -120.33
CA PRO N 703 -56.19 -52.23 -119.92
C PRO N 703 -55.85 -50.91 -120.55
N ASN N 704 -55.96 -50.84 -121.87
CA ASN N 704 -55.64 -49.62 -122.57
C ASN N 704 -56.82 -48.76 -122.86
N ALA N 705 -56.60 -47.45 -122.91
CA ALA N 705 -57.72 -46.61 -123.23
C ALA N 705 -58.09 -46.71 -124.68
N THR N 706 -59.28 -46.24 -124.98
CA THR N 706 -59.78 -46.24 -126.32
C THR N 706 -60.26 -44.87 -126.59
N ALA N 707 -60.77 -44.74 -127.75
CA ALA N 707 -61.25 -43.44 -128.08
C ALA N 707 -62.46 -43.06 -127.31
N TRP N 708 -63.11 -44.04 -126.70
CA TRP N 708 -64.33 -43.68 -126.00
C TRP N 708 -64.30 -44.21 -124.63
N SER N 709 -63.15 -44.75 -124.25
CA SER N 709 -62.99 -45.30 -122.93
C SER N 709 -61.58 -45.11 -122.42
N GLU N 710 -61.53 -45.00 -121.10
CA GLU N 710 -60.29 -44.87 -120.35
C GLU N 710 -59.62 -46.18 -120.11
N ALA N 711 -58.38 -46.10 -119.71
CA ALA N 711 -57.78 -47.36 -119.43
C ALA N 711 -58.37 -47.90 -118.16
N GLY N 712 -58.47 -49.22 -118.11
CA GLY N 712 -59.04 -49.90 -117.00
C GLY N 712 -60.57 -49.83 -116.94
N HIS N 713 -61.19 -49.67 -118.10
CA HIS N 713 -62.60 -49.61 -118.11
C HIS N 713 -63.18 -51.02 -117.95
N ILE N 714 -64.27 -51.09 -117.18
CA ILE N 714 -64.91 -52.39 -116.99
C ILE N 714 -66.01 -52.57 -117.98
N SER N 715 -65.93 -53.62 -118.72
CA SER N 715 -66.97 -53.74 -119.70
C SER N 715 -67.94 -54.87 -119.45
N ALA N 716 -67.59 -55.76 -118.55
CA ALA N 716 -68.49 -56.86 -118.33
C ALA N 716 -68.18 -57.51 -117.03
N TRP N 717 -69.19 -58.12 -116.46
CA TRP N 717 -68.98 -58.86 -115.25
C TRP N 717 -70.01 -59.90 -115.04
N GLN N 718 -69.71 -60.73 -114.06
CA GLN N 718 -70.60 -61.81 -113.73
C GLN N 718 -70.19 -62.49 -112.46
N GLN N 719 -71.19 -62.89 -111.68
CA GLN N 719 -70.81 -63.57 -110.46
C GLN N 719 -71.51 -64.91 -110.22
N TRP N 720 -70.96 -65.75 -109.38
CA TRP N 720 -71.62 -67.01 -109.08
C TRP N 720 -71.46 -67.41 -107.63
N ARG N 721 -72.48 -68.07 -107.08
CA ARG N 721 -72.30 -68.51 -105.71
C ARG N 721 -71.75 -69.91 -105.72
N LEU N 722 -70.55 -70.06 -105.23
CA LEU N 722 -69.93 -71.34 -105.24
C LEU N 722 -70.42 -72.28 -104.19
N ALA N 723 -70.42 -71.85 -102.97
CA ALA N 723 -70.86 -72.74 -101.95
C ALA N 723 -71.41 -72.02 -100.77
N GLU N 724 -71.96 -72.87 -99.93
CA GLU N 724 -72.55 -72.39 -98.71
C GLU N 724 -72.20 -73.27 -97.56
N ASN N 725 -71.75 -72.65 -96.49
CA ASN N 725 -71.44 -73.43 -95.31
C ASN N 725 -72.40 -72.95 -94.25
N LEU N 726 -73.42 -73.78 -93.97
CA LEU N 726 -74.40 -73.36 -92.96
C LEU N 726 -73.80 -73.31 -91.58
N SER N 727 -74.25 -72.32 -90.80
CA SER N 727 -73.78 -72.19 -89.43
C SER N 727 -74.59 -73.01 -88.48
N VAL N 728 -73.86 -73.86 -87.81
CA VAL N 728 -74.45 -74.76 -86.85
C VAL N 728 -74.09 -74.36 -85.47
N THR N 729 -73.55 -73.20 -85.36
CA THR N 729 -73.18 -72.89 -84.03
C THR N 729 -74.21 -72.19 -83.25
N LEU N 730 -73.96 -72.33 -81.97
CA LEU N 730 -74.75 -71.78 -80.94
C LEU N 730 -74.00 -70.74 -80.19
N PRO N 731 -74.85 -69.83 -79.77
CA PRO N 731 -74.51 -68.69 -78.96
C PRO N 731 -74.11 -69.19 -77.57
N ALA N 732 -73.07 -68.55 -77.07
CA ALA N 732 -72.63 -68.91 -75.75
C ALA N 732 -73.56 -68.28 -74.72
N ALA N 733 -73.53 -68.89 -73.53
CA ALA N 733 -74.34 -68.42 -72.44
C ALA N 733 -74.02 -66.98 -72.07
N SER N 734 -75.09 -66.36 -71.60
CA SER N 734 -75.08 -65.02 -71.13
C SER N 734 -75.06 -65.20 -69.63
N HIS N 735 -74.50 -64.24 -68.94
CA HIS N 735 -74.43 -64.41 -67.51
C HIS N 735 -75.62 -63.80 -66.86
N ALA N 736 -76.49 -63.33 -67.72
CA ALA N 736 -77.65 -62.69 -67.20
C ALA N 736 -78.74 -62.70 -68.18
N ILE N 737 -79.89 -62.32 -67.71
CA ILE N 737 -80.98 -62.26 -68.61
C ILE N 737 -81.77 -61.03 -68.38
N PRO N 738 -82.37 -60.57 -69.44
CA PRO N 738 -83.11 -59.35 -69.38
C PRO N 738 -84.16 -59.35 -68.31
N HIS N 739 -84.46 -58.15 -67.94
CA HIS N 739 -85.38 -57.97 -66.91
C HIS N 739 -86.63 -57.24 -67.37
N LEU N 740 -87.73 -57.95 -67.22
CA LEU N 740 -89.00 -57.44 -67.64
C LEU N 740 -89.76 -56.58 -66.65
N THR N 741 -90.36 -55.51 -67.09
CA THR N 741 -91.10 -54.73 -66.13
C THR N 741 -92.39 -54.33 -66.74
N THR N 742 -93.44 -54.53 -66.00
CA THR N 742 -94.70 -54.23 -66.56
C THR N 742 -95.45 -53.07 -66.02
N SER N 743 -95.51 -52.02 -66.82
CA SER N 743 -96.34 -50.89 -66.44
C SER N 743 -97.75 -51.23 -66.92
N GLU N 744 -98.62 -50.28 -66.96
CA GLU N 744 -99.96 -50.59 -67.41
C GLU N 744 -100.08 -50.22 -68.86
N MET N 745 -99.16 -49.32 -69.17
CA MET N 745 -98.96 -48.67 -70.43
C MET N 745 -98.00 -49.39 -71.28
N ASP N 746 -97.19 -50.19 -70.63
CA ASP N 746 -96.25 -50.86 -71.44
C ASP N 746 -95.45 -51.87 -70.72
N PHE N 747 -94.48 -52.36 -71.48
CA PHE N 747 -93.57 -53.33 -71.01
C PHE N 747 -92.17 -52.79 -71.19
N CME N 748 -91.34 -53.02 -70.18
CA CME N 748 -89.98 -52.58 -70.21
CB CME N 748 -89.69 -51.64 -69.08
SG CME N 748 -89.80 -49.98 -69.74
SD CME N 748 -87.93 -49.76 -70.26
CE CME N 748 -88.06 -48.04 -70.79
CZ CME N 748 -87.77 -47.07 -69.62
OH CME N 748 -89.00 -46.54 -69.15
C CME N 748 -88.95 -53.62 -70.12
O CME N 748 -88.85 -54.34 -69.13
N ILE N 749 -88.11 -53.66 -71.10
CA ILE N 749 -87.08 -54.65 -71.01
C ILE N 749 -85.77 -53.98 -70.78
N GLU N 750 -85.09 -54.47 -69.78
CA GLU N 750 -83.83 -53.90 -69.47
C GLU N 750 -82.75 -54.91 -69.45
N LEU N 751 -81.58 -54.42 -69.77
CA LEU N 751 -80.43 -55.27 -69.74
C LEU N 751 -79.20 -54.44 -69.92
N GLY N 752 -78.55 -54.14 -68.80
CA GLY N 752 -77.38 -53.28 -68.81
C GLY N 752 -77.89 -51.88 -69.08
N ASN N 753 -77.14 -51.18 -69.92
CA ASN N 753 -77.47 -49.82 -70.35
C ASN N 753 -78.66 -49.84 -71.32
N LYS N 754 -78.85 -51.01 -71.92
CA LYS N 754 -79.92 -51.23 -72.86
C LYS N 754 -81.32 -51.36 -72.28
N ARG N 755 -82.26 -50.79 -73.01
CA ARG N 755 -83.65 -50.77 -72.65
C ARG N 755 -84.58 -50.70 -73.85
N TRP N 756 -85.67 -51.43 -73.73
CA TRP N 756 -86.63 -51.48 -74.78
C TRP N 756 -88.02 -51.31 -74.27
N GLN N 757 -88.78 -50.51 -74.98
CA GLN N 757 -90.11 -50.37 -74.51
C GLN N 757 -91.20 -50.65 -75.53
N PHE N 758 -92.17 -51.44 -75.11
CA PHE N 758 -93.27 -51.74 -75.98
C PHE N 758 -94.51 -51.13 -75.46
N ASN N 759 -95.13 -50.32 -76.27
CA ASN N 759 -96.36 -49.72 -75.85
C ASN N 759 -97.48 -50.73 -75.86
N ARG N 760 -98.18 -50.78 -74.77
CA ARG N 760 -99.24 -51.73 -74.63
C ARG N 760 -100.49 -51.40 -75.35
N GLN N 761 -100.66 -50.18 -75.77
CA GLN N 761 -101.91 -50.01 -76.47
C GLN N 761 -101.73 -50.11 -77.95
N SER N 762 -100.52 -49.76 -78.40
CA SER N 762 -100.20 -49.79 -79.80
C SER N 762 -99.72 -51.15 -80.18
N GLY N 763 -99.10 -51.77 -79.22
CA GLY N 763 -98.57 -53.06 -79.52
C GLY N 763 -97.26 -52.93 -80.29
N PHE N 764 -96.61 -51.77 -80.29
CA PHE N 764 -95.36 -51.67 -80.99
C PHE N 764 -94.24 -51.34 -80.11
N LEU N 765 -93.08 -51.66 -80.64
CA LEU N 765 -91.87 -51.29 -79.98
C LEU N 765 -91.80 -49.79 -80.13
N SER N 766 -91.97 -49.09 -79.04
CA SER N 766 -92.04 -47.63 -79.06
C SER N 766 -90.75 -46.87 -78.87
N GLN N 767 -89.84 -47.41 -78.12
CA GLN N 767 -88.60 -46.70 -77.94
C GLN N 767 -87.59 -47.64 -77.42
N MET N 768 -86.37 -47.25 -77.58
CA MET N 768 -85.32 -48.00 -77.06
C MET N 768 -84.15 -47.09 -76.75
N TRP N 769 -83.43 -47.46 -75.70
CA TRP N 769 -82.31 -46.65 -75.29
C TRP N 769 -81.11 -47.43 -75.14
N ILE N 770 -80.06 -46.72 -75.42
CA ILE N 770 -78.74 -47.19 -75.18
C ILE N 770 -78.24 -46.17 -74.23
N GLY N 771 -77.85 -46.59 -73.05
CA GLY N 771 -77.49 -45.57 -72.12
C GLY N 771 -78.76 -44.76 -71.87
N ASP N 772 -78.63 -43.47 -71.93
CA ASP N 772 -79.72 -42.57 -71.70
C ASP N 772 -80.17 -41.96 -73.00
N LYS N 773 -79.69 -42.55 -74.08
CA LYS N 773 -80.04 -42.06 -75.38
C LYS N 773 -81.13 -42.85 -76.04
N LYS N 774 -82.16 -42.10 -76.41
CA LYS N 774 -83.28 -42.67 -77.10
C LYS N 774 -82.82 -43.00 -78.49
N GLN N 775 -83.39 -44.01 -79.13
CA GLN N 775 -82.87 -44.32 -80.42
C GLN N 775 -83.80 -44.09 -81.58
N LEU N 776 -85.07 -43.98 -81.26
CA LEU N 776 -86.03 -43.82 -82.31
C LEU N 776 -86.90 -42.62 -82.17
N LEU N 777 -87.22 -42.00 -83.29
CA LEU N 777 -88.17 -40.90 -83.28
C LEU N 777 -89.55 -41.44 -83.61
N THR N 778 -89.56 -42.63 -84.19
CA THR N 778 -90.79 -43.26 -84.55
C THR N 778 -90.73 -44.72 -84.20
N PRO N 779 -91.85 -45.23 -83.74
CA PRO N 779 -91.98 -46.62 -83.39
C PRO N 779 -91.83 -47.54 -84.62
N LEU N 780 -91.39 -48.74 -84.35
CA LEU N 780 -91.18 -49.71 -85.39
C LEU N 780 -92.48 -50.30 -85.81
N ARG N 781 -92.82 -50.23 -87.09
CA ARG N 781 -94.06 -50.84 -87.47
C ARG N 781 -94.15 -51.33 -88.88
N ASP N 782 -95.16 -52.17 -89.06
CA ASP N 782 -95.38 -52.78 -90.34
C ASP N 782 -95.68 -51.75 -91.35
N GLN N 783 -95.26 -52.10 -92.55
CA GLN N 783 -95.50 -51.26 -93.67
C GLN N 783 -95.84 -52.07 -94.90
N PHE N 784 -96.96 -51.72 -95.52
CA PHE N 784 -97.38 -52.45 -96.71
C PHE N 784 -97.41 -51.64 -98.01
N THR N 785 -97.00 -50.39 -97.96
CA THR N 785 -97.10 -49.60 -99.16
C THR N 785 -95.80 -48.92 -99.54
N ARG N 786 -95.86 -48.25 -100.69
CA ARG N 786 -94.74 -47.46 -101.14
C ARG N 786 -95.18 -46.15 -101.80
N ALA N 787 -94.24 -45.18 -101.82
CA ALA N 787 -94.43 -43.93 -102.51
C ALA N 787 -94.35 -44.34 -103.97
N PRO N 788 -95.50 -44.28 -104.63
CA PRO N 788 -95.70 -44.71 -106.00
C PRO N 788 -94.65 -44.29 -106.96
N LEU N 789 -94.35 -45.23 -107.82
CA LEU N 789 -93.40 -45.00 -108.86
C LEU N 789 -94.15 -44.50 -110.04
N ASP N 790 -93.38 -43.93 -110.92
CA ASP N 790 -94.03 -43.49 -112.14
C ASP N 790 -94.83 -44.64 -112.72
N ASN N 791 -94.17 -45.79 -112.80
CA ASN N 791 -94.81 -46.97 -113.29
C ASN N 791 -96.07 -47.33 -112.50
N ASP N 792 -96.10 -47.08 -111.17
CA ASP N 792 -97.27 -47.44 -110.38
C ASP N 792 -98.44 -46.57 -110.67
N ILE N 793 -98.09 -45.38 -111.06
CA ILE N 793 -99.07 -44.37 -111.33
C ILE N 793 -99.67 -44.55 -112.69
N GLY N 794 -98.77 -44.88 -113.59
CA GLY N 794 -99.05 -45.22 -114.95
C GLY N 794 -100.08 -44.42 -115.72
N VAL N 795 -99.65 -43.24 -116.09
CA VAL N 795 -100.45 -42.42 -116.98
C VAL N 795 -99.50 -41.87 -118.03
N SER N 796 -99.99 -41.77 -119.27
CA SER N 796 -99.19 -41.23 -120.39
C SER N 796 -99.68 -39.82 -120.81
N GLU N 797 -100.93 -39.55 -120.42
CA GLU N 797 -101.62 -38.32 -120.67
C GLU N 797 -102.22 -37.87 -119.37
N ALA N 798 -101.82 -36.68 -118.93
CA ALA N 798 -102.27 -36.06 -117.69
C ALA N 798 -103.79 -36.21 -117.41
N THR N 799 -104.53 -36.17 -118.53
CA THR N 799 -105.97 -36.26 -118.72
C THR N 799 -106.62 -37.58 -118.33
N ARG N 800 -106.00 -38.67 -118.82
CA ARG N 800 -106.50 -40.01 -118.63
C ARG N 800 -105.87 -40.82 -117.52
N ILE N 801 -106.74 -41.13 -116.52
CA ILE N 801 -106.40 -41.95 -115.34
C ILE N 801 -106.87 -43.41 -115.51
N ASP N 802 -106.00 -44.34 -115.06
CA ASP N 802 -106.28 -45.76 -115.19
C ASP N 802 -106.64 -46.38 -113.86
N PRO N 803 -107.90 -46.71 -113.74
CA PRO N 803 -108.41 -47.34 -112.57
C PRO N 803 -107.66 -48.64 -112.27
N ASN N 804 -106.95 -49.12 -113.29
CA ASN N 804 -106.18 -50.33 -113.16
C ASN N 804 -104.75 -50.10 -112.71
N ALA N 805 -104.38 -48.85 -112.65
CA ALA N 805 -103.06 -48.58 -112.20
C ALA N 805 -102.98 -49.06 -110.75
N TRP N 806 -101.81 -49.59 -110.45
CA TRP N 806 -101.53 -50.09 -109.15
C TRP N 806 -101.95 -49.12 -108.10
N VAL N 807 -101.46 -47.93 -108.31
CA VAL N 807 -101.75 -46.90 -107.35
C VAL N 807 -103.23 -46.70 -107.13
N GLU N 808 -103.93 -46.75 -108.25
CA GLU N 808 -105.34 -46.58 -108.22
C GLU N 808 -105.97 -47.64 -107.38
N ARG N 809 -105.52 -48.83 -107.66
CA ARG N 809 -106.05 -49.95 -106.92
C ARG N 809 -105.73 -49.92 -105.45
N TRP N 810 -104.49 -49.56 -105.16
CA TRP N 810 -104.05 -49.55 -103.80
C TRP N 810 -104.82 -48.55 -103.01
N LYS N 811 -105.04 -47.43 -103.68
CA LYS N 811 -105.75 -46.36 -103.03
C LYS N 811 -107.14 -46.79 -102.68
N ALA N 812 -107.79 -47.22 -103.71
CA ALA N 812 -109.15 -47.66 -103.60
C ALA N 812 -109.34 -48.75 -102.59
N ALA N 813 -108.29 -49.54 -102.39
CA ALA N 813 -108.38 -50.63 -101.47
C ALA N 813 -108.21 -50.17 -100.05
N GLY N 814 -107.66 -48.96 -99.87
CA GLY N 814 -107.46 -48.40 -98.55
C GLY N 814 -106.11 -48.77 -98.02
N HIS N 815 -105.27 -49.27 -98.90
CA HIS N 815 -103.96 -49.65 -98.45
C HIS N 815 -103.25 -48.50 -97.81
N TYR N 816 -103.46 -47.37 -98.42
CA TYR N 816 -102.80 -46.20 -97.94
C TYR N 816 -103.37 -45.66 -96.68
N GLN N 817 -104.57 -46.10 -96.33
CA GLN N 817 -105.12 -45.57 -95.12
C GLN N 817 -105.75 -46.57 -94.15
N ALA N 818 -105.21 -47.77 -94.17
CA ALA N 818 -105.76 -48.73 -93.28
C ALA N 818 -105.23 -48.49 -91.92
N GLU N 819 -106.07 -48.89 -91.01
CA GLU N 819 -105.90 -48.77 -89.59
C GLU N 819 -105.53 -50.05 -88.93
N ALA N 820 -104.41 -49.97 -88.22
CA ALA N 820 -104.00 -51.13 -87.48
C ALA N 820 -104.83 -51.33 -86.21
N ALA N 821 -105.03 -52.59 -85.84
CA ALA N 821 -105.79 -52.94 -84.67
C ALA N 821 -105.08 -54.02 -83.85
N LEU N 822 -104.83 -53.72 -82.59
CA LEU N 822 -104.16 -54.71 -81.78
C LEU N 822 -105.09 -55.84 -81.45
N LEU N 823 -104.68 -57.02 -81.80
CA LEU N 823 -105.45 -58.16 -81.50
C LEU N 823 -104.90 -58.77 -80.26
N GLN N 824 -103.59 -58.59 -80.10
CA GLN N 824 -102.98 -59.16 -78.93
C GLN N 824 -101.53 -58.78 -78.75
N CYS N 825 -101.15 -58.72 -77.46
CA CYS N 825 -99.80 -58.33 -77.09
C CYS N 825 -99.47 -58.96 -75.78
N THR N 826 -98.45 -59.79 -75.75
CA THR N 826 -98.11 -60.46 -74.52
C THR N 826 -96.63 -60.57 -74.27
N ALA N 827 -96.36 -60.67 -72.99
CA ALA N 827 -94.99 -60.77 -72.56
C ALA N 827 -94.79 -61.94 -71.65
N ASP N 828 -93.62 -62.53 -71.75
CA ASP N 828 -93.33 -63.73 -71.00
C ASP N 828 -91.84 -63.89 -70.77
N THR N 829 -91.55 -64.49 -69.63
CA THR N 829 -90.17 -64.69 -69.28
C THR N 829 -89.80 -66.12 -69.34
N LEU N 830 -88.80 -66.29 -70.14
CA LEU N 830 -88.25 -67.57 -70.36
C LEU N 830 -86.99 -67.66 -69.58
N ALA N 831 -86.45 -68.84 -69.61
CA ALA N 831 -85.24 -69.06 -68.90
C ALA N 831 -84.09 -68.23 -69.39
N ASP N 832 -84.04 -68.00 -70.69
CA ASP N 832 -82.89 -67.32 -71.24
C ASP N 832 -83.21 -66.06 -71.92
N ALA N 833 -84.50 -65.71 -71.88
CA ALA N 833 -84.89 -64.52 -72.54
C ALA N 833 -86.27 -64.08 -72.20
N VAL N 834 -86.57 -62.93 -72.78
CA VAL N 834 -87.88 -62.37 -72.69
C VAL N 834 -88.55 -62.48 -74.05
N LEU N 835 -89.83 -62.80 -73.99
CA LEU N 835 -90.60 -63.01 -75.16
C LEU N 835 -91.85 -62.20 -75.31
N ILE N 836 -91.90 -61.47 -76.41
CA ILE N 836 -93.03 -60.64 -76.70
C ILE N 836 -93.80 -61.12 -77.89
N THR N 837 -95.09 -61.07 -77.70
CA THR N 837 -95.96 -61.53 -78.74
C THR N 837 -97.08 -60.60 -79.12
N THR N 838 -97.15 -60.29 -80.40
CA THR N 838 -98.20 -59.41 -80.88
C THR N 838 -98.94 -59.91 -82.10
N ALA N 839 -100.10 -59.28 -82.29
CA ALA N 839 -100.89 -59.60 -83.44
C ALA N 839 -101.73 -58.41 -83.74
N HIS N 840 -101.64 -57.95 -84.97
CA HIS N 840 -102.42 -56.83 -85.39
C HIS N 840 -103.16 -57.13 -86.66
N ALA N 841 -104.21 -56.37 -86.86
CA ALA N 841 -104.99 -56.47 -88.06
C ALA N 841 -105.13 -55.11 -88.72
N TRP N 842 -105.00 -55.06 -90.04
CA TRP N 842 -105.23 -53.81 -90.68
C TRP N 842 -106.52 -53.90 -91.41
N GLN N 843 -107.37 -52.94 -91.12
CA GLN N 843 -108.65 -52.96 -91.76
C GLN N 843 -108.98 -51.68 -92.41
N HIS N 844 -110.03 -51.81 -93.18
CA HIS N 844 -110.52 -50.69 -93.91
C HIS N 844 -111.96 -50.91 -94.26
N GLN N 845 -112.80 -50.09 -93.64
CA GLN N 845 -114.20 -50.24 -93.89
C GLN N 845 -114.69 -51.64 -93.63
N GLY N 846 -114.21 -52.20 -92.53
CA GLY N 846 -114.67 -53.51 -92.13
C GLY N 846 -113.95 -54.64 -92.80
N LYS N 847 -113.11 -54.33 -93.76
CA LYS N 847 -112.40 -55.43 -94.34
C LYS N 847 -111.03 -55.52 -93.71
N THR N 848 -110.64 -56.75 -93.45
CA THR N 848 -109.33 -56.98 -92.92
C THR N 848 -108.43 -57.29 -94.11
N LEU N 849 -107.44 -56.43 -94.31
CA LEU N 849 -106.52 -56.57 -95.41
C LEU N 849 -105.36 -57.42 -95.04
N PHE N 850 -104.84 -57.14 -93.85
CA PHE N 850 -103.71 -57.91 -93.44
C PHE N 850 -103.70 -58.17 -92.00
N ILE N 851 -102.98 -59.24 -91.72
CA ILE N 851 -102.73 -59.66 -90.40
C ILE N 851 -101.26 -59.87 -90.22
N SER N 852 -100.78 -59.26 -89.16
CA SER N 852 -99.41 -59.37 -88.81
C SER N 852 -99.22 -59.95 -87.42
N ARG N 853 -98.44 -61.02 -87.39
CA ARG N 853 -98.15 -61.68 -86.14
C ARG N 853 -96.66 -61.73 -85.88
N LYS N 854 -96.28 -61.23 -84.71
CA LYS N 854 -94.87 -61.22 -84.42
C LYS N 854 -94.47 -61.78 -83.07
N THR N 855 -93.16 -61.96 -83.00
CA THR N 855 -92.48 -62.35 -81.79
C THR N 855 -91.17 -61.64 -81.73
N TYR N 856 -90.94 -61.19 -80.51
CA TYR N 856 -89.73 -60.53 -80.25
C TYR N 856 -89.09 -61.25 -79.13
N ARG N 857 -87.84 -61.57 -79.37
CA ARG N 857 -87.15 -62.26 -78.35
C ARG N 857 -85.80 -61.69 -78.04
N ILE N 858 -85.70 -61.27 -76.79
CA ILE N 858 -84.50 -60.65 -76.24
C ILE N 858 -83.80 -61.50 -75.25
N ASP N 859 -82.55 -61.72 -75.57
CA ASP N 859 -81.74 -62.56 -74.76
C ASP N 859 -80.67 -61.81 -74.02
N GLY N 860 -79.96 -62.64 -73.28
CA GLY N 860 -78.90 -62.21 -72.44
C GLY N 860 -77.78 -61.56 -73.20
N SER N 861 -77.73 -61.80 -74.48
CA SER N 861 -76.67 -61.19 -75.25
C SER N 861 -77.10 -59.82 -75.74
N GLY N 862 -78.35 -59.46 -75.47
CA GLY N 862 -78.87 -58.15 -75.88
C GLY N 862 -79.24 -58.08 -77.35
N GLN N 863 -79.63 -59.22 -77.87
CA GLN N 863 -80.05 -59.25 -79.23
C GLN N 863 -81.53 -59.43 -79.30
N MET N 864 -82.06 -58.74 -80.25
CA MET N 864 -83.46 -58.82 -80.45
C MET N 864 -83.81 -59.47 -81.75
N ALA N 865 -84.50 -60.56 -81.58
CA ALA N 865 -84.91 -61.32 -82.71
C ALA N 865 -86.39 -61.17 -82.99
N ILE N 866 -86.62 -60.86 -84.23
CA ILE N 866 -87.93 -60.63 -84.68
C ILE N 866 -88.42 -61.58 -85.70
N THR N 867 -89.64 -61.93 -85.47
CA THR N 867 -90.24 -62.83 -86.37
C THR N 867 -91.56 -62.32 -86.82
N VAL N 868 -91.69 -62.29 -88.15
CA VAL N 868 -92.90 -61.79 -88.73
C VAL N 868 -93.57 -62.75 -89.65
N ASP N 869 -94.88 -62.82 -89.45
CA ASP N 869 -95.71 -63.65 -90.27
C ASP N 869 -96.95 -62.90 -90.63
N VAL N 870 -97.09 -62.71 -91.94
CA VAL N 870 -98.20 -61.98 -92.49
C VAL N 870 -99.13 -62.77 -93.37
N GLU N 871 -100.39 -62.41 -93.22
CA GLU N 871 -101.45 -62.96 -94.00
C GLU N 871 -102.05 -61.81 -94.77
N VAL N 872 -102.28 -62.03 -96.06
CA VAL N 872 -102.89 -61.06 -96.95
C VAL N 872 -104.16 -61.58 -97.61
N ALA N 873 -105.21 -60.79 -97.52
CA ALA N 873 -106.46 -61.19 -98.13
C ALA N 873 -106.28 -61.40 -99.59
N SER N 874 -106.71 -62.55 -99.98
CA SER N 874 -106.60 -62.97 -101.35
C SER N 874 -107.27 -61.97 -102.27
N ASP N 875 -108.30 -61.34 -101.77
CA ASP N 875 -109.02 -60.42 -102.61
C ASP N 875 -108.59 -58.98 -102.52
N THR N 876 -107.47 -58.74 -101.90
CA THR N 876 -107.02 -57.40 -101.92
C THR N 876 -105.91 -57.34 -102.95
N PRO N 877 -105.64 -56.20 -103.50
CA PRO N 877 -104.57 -56.07 -104.47
C PRO N 877 -103.26 -56.34 -103.80
N HIS N 878 -102.38 -56.99 -104.53
CA HIS N 878 -101.10 -57.28 -103.97
C HIS N 878 -100.43 -56.00 -103.64
N PRO N 879 -99.96 -56.00 -102.45
CA PRO N 879 -99.27 -54.90 -101.84
C PRO N 879 -97.90 -54.74 -102.41
N ALA N 880 -97.47 -53.51 -102.33
CA ALA N 880 -96.20 -53.08 -102.83
C ALA N 880 -95.05 -53.69 -102.08
N ARG N 881 -95.29 -53.91 -100.81
CA ARG N 881 -94.20 -54.47 -100.05
C ARG N 881 -94.68 -55.00 -98.74
N ILE N 882 -93.78 -55.69 -98.07
CA ILE N 882 -94.04 -56.29 -96.77
C ILE N 882 -92.81 -56.17 -95.92
N GLY N 883 -92.92 -55.22 -94.99
CA GLY N 883 -91.81 -54.96 -94.11
C GLY N 883 -92.18 -54.08 -92.97
N LEU N 884 -91.13 -53.49 -92.46
CA LEU N 884 -91.30 -52.61 -91.35
C LEU N 884 -90.57 -51.35 -91.54
N ASN N 885 -90.90 -50.44 -90.66
CA ASN N 885 -90.21 -49.20 -90.71
C ASN N 885 -90.24 -48.40 -89.44
N CYS N 886 -89.33 -47.46 -89.44
CA CYS N 886 -89.23 -46.60 -88.30
C CYS N 886 -88.27 -45.46 -88.59
N GLN N 887 -88.39 -44.44 -87.75
CA GLN N 887 -87.52 -43.32 -87.88
C GLN N 887 -86.48 -43.34 -86.78
N LEU N 888 -85.25 -43.49 -87.19
CA LEU N 888 -84.23 -43.47 -86.16
C LEU N 888 -83.81 -42.08 -85.84
N ALA N 889 -83.51 -41.92 -84.58
CA ALA N 889 -83.05 -40.67 -84.04
C ALA N 889 -81.68 -40.26 -84.57
N GLN N 890 -80.85 -41.23 -84.72
CA GLN N 890 -79.51 -41.01 -85.17
C GLN N 890 -79.38 -40.74 -86.66
N VAL N 891 -78.25 -40.14 -86.99
CA VAL N 891 -77.88 -39.82 -88.33
C VAL N 891 -76.40 -40.04 -88.52
N ALA N 892 -76.00 -40.91 -89.45
CA ALA N 892 -74.60 -41.20 -89.66
C ALA N 892 -74.11 -40.91 -91.08
N GLU N 893 -72.83 -41.08 -91.26
CA GLU N 893 -72.19 -40.78 -92.52
C GLU N 893 -72.22 -41.87 -93.56
N ARG N 894 -71.89 -43.04 -93.09
CA ARG N 894 -71.82 -44.17 -93.94
C ARG N 894 -72.87 -45.20 -93.69
N VAL N 895 -72.91 -46.10 -94.66
CA VAL N 895 -73.82 -47.20 -94.69
C VAL N 895 -73.06 -48.38 -95.19
N ASN N 896 -73.18 -49.43 -94.43
CA ASN N 896 -72.42 -50.56 -94.80
C ASN N 896 -73.26 -51.79 -94.77
N TRP N 897 -73.14 -52.55 -95.84
CA TRP N 897 -73.93 -53.73 -95.88
C TRP N 897 -73.31 -54.81 -96.69
N LEU N 898 -73.87 -55.95 -96.41
CA LEU N 898 -73.51 -57.16 -97.08
C LEU N 898 -74.75 -57.66 -97.80
N GLY N 899 -74.70 -57.41 -99.09
CA GLY N 899 -75.80 -57.75 -99.96
C GLY N 899 -75.48 -57.28 -101.36
N LEU N 900 -76.55 -57.05 -102.09
CA LEU N 900 -76.42 -56.65 -103.47
C LEU N 900 -76.15 -55.20 -103.61
N GLY N 901 -75.17 -54.91 -104.42
CA GLY N 901 -74.86 -53.53 -104.61
C GLY N 901 -73.92 -53.36 -105.76
N PRO N 902 -73.45 -52.16 -105.85
CA PRO N 902 -73.76 -51.13 -104.87
C PRO N 902 -74.90 -50.24 -105.25
N GLN N 903 -75.35 -50.27 -106.47
CA GLN N 903 -76.47 -49.38 -106.75
C GLN N 903 -77.83 -49.86 -106.36
N GLU N 904 -78.72 -48.90 -106.42
CA GLU N 904 -80.14 -49.16 -106.18
C GLU N 904 -80.56 -50.37 -107.03
N ASN N 905 -81.28 -51.30 -106.41
CA ASN N 905 -81.71 -52.48 -107.14
C ASN N 905 -83.03 -53.02 -106.64
N TYR N 906 -83.81 -53.47 -107.58
CA TYR N 906 -85.10 -54.01 -107.27
C TYR N 906 -85.20 -55.44 -107.75
N PRO N 907 -86.18 -56.10 -107.24
CA PRO N 907 -86.40 -57.48 -107.52
C PRO N 907 -86.39 -57.81 -108.98
N ASP N 908 -87.06 -57.00 -109.78
CA ASP N 908 -87.06 -57.25 -111.21
C ASP N 908 -86.02 -56.41 -111.94
N ARG N 909 -85.10 -55.86 -111.16
CA ARG N 909 -84.01 -55.10 -111.74
C ARG N 909 -82.80 -55.22 -110.85
N LEU N 910 -82.17 -56.39 -110.87
CA LEU N 910 -81.01 -56.58 -109.99
C LEU N 910 -79.95 -57.49 -110.56
N THR N 911 -80.04 -57.77 -111.84
CA THR N 911 -79.05 -58.63 -112.41
C THR N 911 -77.70 -57.98 -112.48
N ALA N 912 -77.67 -56.67 -112.59
CA ALA N 912 -76.37 -56.05 -112.71
C ALA N 912 -75.67 -55.94 -111.37
N ALA N 913 -76.45 -56.10 -110.32
CA ALA N 913 -75.90 -55.97 -108.96
C ALA N 913 -75.07 -57.13 -108.50
N CME N 914 -74.14 -56.79 -107.60
CA CME N 914 -73.28 -57.77 -107.00
CB CME N 914 -71.87 -57.73 -107.45
SG CME N 914 -71.80 -58.16 -109.19
SD CME N 914 -70.20 -57.12 -109.63
CE CME N 914 -70.86 -55.46 -109.36
CZ CME N 914 -69.78 -54.43 -109.69
OH CME N 914 -68.54 -55.13 -109.95
C CME N 914 -73.39 -57.92 -105.52
O CME N 914 -73.61 -57.01 -104.72
N PHE N 915 -73.25 -59.16 -105.19
CA PHE N 915 -73.33 -59.50 -103.82
C PHE N 915 -71.98 -59.33 -103.20
N ASP N 916 -71.91 -58.38 -102.31
CA ASP N 916 -70.64 -58.17 -101.66
C ASP N 916 -70.84 -57.30 -100.44
N ARG N 917 -69.72 -56.78 -99.99
CA ARG N 917 -69.76 -55.88 -98.90
C ARG N 917 -69.60 -54.47 -99.39
N TRP N 918 -70.61 -53.65 -99.13
CA TRP N 918 -70.58 -52.31 -99.61
C TRP N 918 -70.60 -51.32 -98.49
N ASP N 919 -69.97 -50.19 -98.78
CA ASP N 919 -69.89 -49.08 -97.87
C ASP N 919 -69.98 -47.78 -98.62
N LEU N 920 -71.00 -47.02 -98.32
CA LEU N 920 -71.20 -45.75 -98.94
C LEU N 920 -71.72 -44.76 -97.95
N PRO N 921 -71.72 -43.57 -98.43
CA PRO N 921 -72.24 -42.46 -97.73
C PRO N 921 -73.71 -42.48 -97.94
N LEU N 922 -74.31 -42.14 -96.86
CA LEU N 922 -75.72 -42.07 -96.77
C LEU N 922 -76.34 -41.41 -97.97
N SER N 923 -75.68 -40.38 -98.44
CA SER N 923 -76.22 -39.65 -99.58
C SER N 923 -76.48 -40.56 -100.78
N ASP N 924 -75.53 -41.47 -100.96
CA ASP N 924 -75.61 -42.37 -102.06
C ASP N 924 -76.75 -43.37 -101.94
N MET N 925 -77.33 -43.43 -100.78
CA MET N 925 -78.40 -44.35 -100.61
C MET N 925 -79.71 -43.77 -101.07
N TYR N 926 -79.61 -42.62 -101.73
CA TYR N 926 -80.83 -42.00 -102.20
C TYR N 926 -80.75 -41.62 -103.67
N THR N 927 -81.85 -41.92 -104.37
CA THR N 927 -81.96 -41.65 -105.78
C THR N 927 -82.93 -40.51 -106.03
N PRO N 928 -82.31 -39.43 -106.43
CA PRO N 928 -82.91 -38.13 -106.73
C PRO N 928 -83.70 -38.09 -108.03
N TYR N 929 -84.63 -39.01 -108.14
CA TYR N 929 -85.47 -38.97 -109.31
C TYR N 929 -86.15 -37.60 -109.29
N VAL N 930 -86.14 -36.89 -110.41
CA VAL N 930 -86.78 -35.58 -110.42
C VAL N 930 -88.17 -35.60 -109.85
N PHE N 931 -88.93 -36.56 -110.31
CA PHE N 931 -90.23 -36.70 -109.74
C PHE N 931 -90.02 -37.76 -108.67
N PRO N 932 -90.21 -37.40 -107.43
CA PRO N 932 -89.89 -38.29 -106.36
C PRO N 932 -90.89 -39.40 -106.09
N SER N 933 -90.30 -40.54 -105.64
CA SER N 933 -91.00 -41.77 -105.24
C SER N 933 -90.06 -42.76 -104.49
N GLU N 934 -90.63 -43.94 -104.12
CA GLU N 934 -89.85 -44.99 -103.50
C GLU N 934 -88.55 -45.20 -104.30
N ASN N 935 -87.38 -45.22 -103.65
CA ASN N 935 -86.13 -45.41 -104.37
C ASN N 935 -85.04 -45.88 -103.44
N GLY N 936 -83.86 -46.10 -103.97
CA GLY N 936 -82.70 -46.50 -103.20
C GLY N 936 -82.65 -47.92 -102.67
N LEU N 937 -83.69 -48.68 -102.88
CA LEU N 937 -83.63 -50.04 -102.38
C LEU N 937 -82.43 -50.88 -102.79
N ARG N 938 -82.07 -51.73 -101.87
CA ARG N 938 -81.06 -52.76 -102.12
C ARG N 938 -81.60 -54.07 -101.58
N CYS N 939 -81.47 -55.09 -102.40
CA CYS N 939 -81.98 -56.40 -102.09
C CYS N 939 -80.90 -57.37 -101.70
N GLY N 940 -81.40 -58.52 -101.25
CA GLY N 940 -80.60 -59.67 -100.86
C GLY N 940 -79.53 -59.33 -99.86
N THR N 941 -80.00 -58.65 -98.85
CA THR N 941 -79.14 -58.20 -97.82
C THR N 941 -79.26 -59.07 -96.62
N ARG N 942 -78.07 -59.36 -96.13
CA ARG N 942 -77.96 -60.21 -95.00
C ARG N 942 -77.51 -59.55 -93.74
N GLU N 943 -76.81 -58.43 -93.92
CA GLU N 943 -76.29 -57.67 -92.82
C GLU N 943 -76.22 -56.23 -93.21
N LEU N 944 -76.74 -55.42 -92.30
CA LEU N 944 -76.80 -53.99 -92.49
C LEU N 944 -76.34 -53.28 -91.23
N ASN N 945 -75.49 -52.28 -91.45
CA ASN N 945 -74.88 -51.49 -90.40
C ASN N 945 -75.04 -50.01 -90.51
N TYR N 946 -75.56 -49.42 -89.46
CA TYR N 946 -75.73 -47.98 -89.43
C TYR N 946 -75.66 -47.51 -88.01
N GLY N 947 -74.65 -46.72 -87.76
CA GLY N 947 -74.40 -46.27 -86.43
C GLY N 947 -73.91 -47.45 -85.61
N PRO N 948 -74.46 -47.49 -84.42
CA PRO N 948 -74.25 -48.51 -83.43
C PRO N 948 -75.09 -49.73 -83.76
N HIS N 949 -75.98 -49.57 -84.76
CA HIS N 949 -76.85 -50.64 -85.14
C HIS N 949 -76.39 -51.58 -86.18
N GLN N 950 -76.99 -52.75 -86.00
CA GLN N 950 -76.78 -53.82 -86.89
C GLN N 950 -78.00 -54.69 -87.02
N TRP N 951 -78.27 -55.01 -88.27
CA TRP N 951 -79.37 -55.87 -88.57
C TRP N 951 -78.94 -57.03 -89.40
N ARG N 952 -79.51 -58.16 -89.06
CA ARG N 952 -79.19 -59.34 -89.80
C ARG N 952 -80.40 -60.14 -90.10
N GLY N 953 -80.29 -60.73 -91.29
CA GLY N 953 -81.32 -61.58 -91.83
C GLY N 953 -81.22 -61.72 -93.32
N ASP N 954 -82.37 -61.65 -93.93
CA ASP N 954 -82.38 -61.72 -95.37
C ASP N 954 -83.43 -60.77 -95.88
N PHE N 955 -83.00 -59.56 -96.17
CA PHE N 955 -84.01 -58.62 -96.56
C PHE N 955 -83.50 -57.67 -97.58
N GLN N 956 -84.38 -56.71 -97.80
CA GLN N 956 -84.13 -55.60 -98.68
C GLN N 956 -84.44 -54.41 -97.85
N PHE N 957 -83.75 -53.33 -98.19
CA PHE N 957 -83.97 -52.13 -97.44
C PHE N 957 -83.61 -50.89 -98.22
N ASN N 958 -84.01 -49.81 -97.60
CA ASN N 958 -83.66 -48.50 -98.06
C ASN N 958 -83.50 -47.62 -96.84
N ILE N 959 -82.75 -46.56 -97.03
CA ILE N 959 -82.51 -45.67 -95.93
C ILE N 959 -82.12 -44.28 -96.39
N SER N 960 -82.81 -43.31 -95.81
CA SER N 960 -82.61 -41.92 -96.18
C SER N 960 -83.26 -41.00 -95.17
N ARG N 961 -83.36 -39.70 -95.54
CA ARG N 961 -83.98 -38.72 -94.66
C ARG N 961 -85.36 -38.35 -95.07
N TYR N 962 -85.96 -39.18 -95.90
CA TYR N 962 -87.28 -38.79 -96.28
C TYR N 962 -88.27 -39.86 -96.03
N SER N 963 -89.37 -39.48 -95.47
CA SER N 963 -90.39 -40.45 -95.24
C SER N 963 -91.01 -40.77 -96.59
N GLN N 964 -91.63 -41.94 -96.64
CA GLN N 964 -92.34 -42.34 -97.83
C GLN N 964 -93.45 -41.33 -98.06
N GLN N 965 -94.01 -40.87 -96.96
CA GLN N 965 -95.04 -39.90 -97.07
C GLN N 965 -94.59 -38.61 -97.70
N GLN N 966 -93.43 -38.14 -97.27
CA GLN N 966 -92.91 -36.94 -97.84
C GLN N 966 -92.77 -37.11 -99.33
N LEU N 967 -92.12 -38.20 -99.69
CA LEU N 967 -91.88 -38.49 -101.10
C LEU N 967 -93.12 -38.52 -101.93
N MET N 968 -94.06 -39.17 -101.31
CA MET N 968 -95.27 -39.34 -101.98
C MET N 968 -95.98 -38.04 -102.15
N GLU N 969 -95.74 -37.12 -101.25
CA GLU N 969 -96.46 -35.87 -101.32
C GLU N 969 -95.77 -34.74 -102.03
N THR N 970 -94.49 -34.87 -102.32
CA THR N 970 -93.71 -33.86 -103.02
C THR N 970 -93.56 -34.16 -104.51
N SER N 971 -93.84 -33.17 -105.31
CA SER N 971 -93.76 -33.33 -106.77
C SER N 971 -92.39 -33.09 -107.38
N HIS N 972 -91.49 -32.42 -106.67
CA HIS N 972 -90.21 -32.21 -107.29
C HIS N 972 -89.14 -32.44 -106.31
N ARG N 973 -88.06 -32.99 -106.83
CA ARG N 973 -86.94 -33.27 -105.97
C ARG N 973 -86.47 -32.07 -105.16
N HIS N 974 -86.47 -30.91 -105.79
CA HIS N 974 -85.98 -29.71 -105.15
C HIS N 974 -86.76 -29.30 -103.93
N LEU N 975 -88.00 -29.75 -103.83
CA LEU N 975 -88.82 -29.46 -102.66
C LEU N 975 -88.67 -30.41 -101.46
N LEU N 976 -87.84 -31.42 -101.55
CA LEU N 976 -87.80 -32.21 -100.37
C LEU N 976 -86.78 -31.66 -99.46
N HIS N 977 -86.99 -31.94 -98.20
CA HIS N 977 -86.08 -31.51 -97.19
C HIS N 977 -85.87 -32.65 -96.23
N ALA N 978 -84.65 -32.75 -95.77
CA ALA N 978 -84.37 -33.83 -94.85
C ALA N 978 -85.26 -33.80 -93.62
N GLU N 979 -85.62 -34.98 -93.18
CA GLU N 979 -86.44 -35.07 -92.01
C GLU N 979 -85.51 -35.21 -90.82
N GLU N 980 -86.12 -35.19 -89.65
CA GLU N 980 -85.36 -35.25 -88.44
C GLU N 980 -84.26 -36.28 -88.23
N GLY N 981 -84.49 -37.55 -88.45
CA GLY N 981 -83.39 -38.47 -88.21
C GLY N 981 -83.12 -39.23 -89.47
N THR N 982 -83.17 -40.54 -89.35
CA THR N 982 -82.99 -41.39 -90.49
C THR N 982 -84.17 -42.34 -90.62
N TRP N 983 -84.72 -42.36 -91.81
CA TRP N 983 -85.82 -43.25 -92.10
C TRP N 983 -85.32 -44.57 -92.66
N LEU N 984 -85.85 -45.60 -92.05
CA LEU N 984 -85.45 -46.91 -92.42
C LEU N 984 -86.58 -47.83 -92.77
N ASN N 985 -86.44 -48.38 -93.96
CA ASN N 985 -87.38 -49.33 -94.45
C ASN N 985 -86.73 -50.66 -94.68
N ILE N 986 -87.27 -51.64 -93.94
CA ILE N 986 -86.84 -53.02 -94.03
C ILE N 986 -87.94 -53.92 -94.48
N ASP N 987 -87.66 -54.44 -95.66
CA ASP N 987 -88.58 -55.27 -96.33
C ASP N 987 -88.21 -56.71 -96.38
N GLY N 988 -89.24 -57.47 -96.00
CA GLY N 988 -89.11 -58.90 -96.09
C GLY N 988 -89.35 -59.23 -97.56
N PHE N 989 -90.22 -58.45 -98.17
CA PHE N 989 -90.57 -58.60 -99.55
C PHE N 989 -90.97 -57.31 -100.15
N HIS N 990 -90.71 -57.23 -101.45
CA HIS N 990 -91.03 -56.06 -102.18
C HIS N 990 -91.41 -56.34 -103.62
N MET N 991 -92.47 -55.69 -104.05
CA MET N 991 -92.96 -55.83 -105.40
C MET N 991 -91.99 -55.36 -106.45
N GLY N 992 -92.06 -55.94 -107.64
CA GLY N 992 -91.20 -55.52 -108.74
C GLY N 992 -91.59 -54.11 -109.17
N ILE N 993 -90.82 -53.51 -110.08
CA ILE N 993 -91.10 -52.15 -110.51
C ILE N 993 -91.67 -52.02 -111.90
N GLY N 994 -91.48 -53.04 -112.74
CA GLY N 994 -92.00 -52.98 -114.08
C GLY N 994 -91.28 -52.00 -114.99
N GLY N 995 -91.98 -51.65 -116.06
CA GLY N 995 -91.45 -50.73 -117.01
C GLY N 995 -91.65 -51.10 -118.48
N ASP N 996 -92.34 -52.22 -118.74
CA ASP N 996 -92.54 -52.65 -120.13
C ASP N 996 -93.14 -51.51 -120.90
N ASP N 997 -93.87 -50.71 -120.13
CA ASP N 997 -94.48 -49.47 -120.51
C ASP N 997 -94.88 -48.80 -119.25
N SER N 998 -95.13 -47.52 -119.34
CA SER N 998 -95.46 -46.82 -118.12
C SER N 998 -96.87 -46.34 -118.10
N TRP N 999 -97.76 -46.98 -118.80
CA TRP N 999 -99.11 -46.47 -118.74
C TRP N 999 -100.11 -47.59 -118.64
N SER N 1000 -99.58 -48.64 -118.05
CA SER N 1000 -100.27 -49.85 -117.76
C SER N 1000 -99.41 -50.63 -116.81
N PRO N 1001 -100.10 -51.56 -116.20
CA PRO N 1001 -99.54 -52.51 -115.25
C PRO N 1001 -98.57 -53.37 -116.03
N SER N 1002 -97.31 -53.24 -115.65
CA SER N 1002 -96.22 -53.84 -116.37
C SER N 1002 -95.31 -54.67 -115.51
N VAL N 1003 -95.80 -54.98 -114.31
CA VAL N 1003 -95.06 -55.82 -113.39
C VAL N 1003 -95.42 -57.28 -113.59
N SER N 1004 -94.45 -58.10 -113.97
CA SER N 1004 -94.79 -59.48 -114.13
C SER N 1004 -95.18 -60.23 -112.90
N ALA N 1005 -96.03 -61.18 -113.18
CA ALA N 1005 -96.59 -61.94 -112.12
C ALA N 1005 -95.62 -62.50 -111.12
N GLU N 1006 -94.46 -62.91 -111.62
CA GLU N 1006 -93.45 -63.47 -110.75
C GLU N 1006 -92.95 -62.42 -109.82
N PHE N 1007 -93.32 -61.19 -110.11
CA PHE N 1007 -92.87 -60.14 -109.24
C PHE N 1007 -93.89 -59.52 -108.36
N GLN N 1008 -95.11 -60.05 -108.38
CA GLN N 1008 -96.14 -59.58 -107.50
C GLN N 1008 -96.19 -60.38 -106.19
N LEU N 1009 -96.65 -59.73 -105.11
CA LEU N 1009 -96.72 -60.34 -103.79
C LEU N 1009 -98.05 -60.99 -103.67
N SER N 1010 -98.13 -62.11 -104.28
CA SER N 1010 -99.39 -62.80 -104.37
C SER N 1010 -99.53 -64.08 -103.52
N ALA N 1011 -98.50 -64.44 -102.80
CA ALA N 1011 -98.47 -65.65 -102.00
C ALA N 1011 -99.54 -65.82 -100.95
N GLY N 1012 -100.00 -64.72 -100.41
CA GLY N 1012 -101.01 -64.81 -99.38
C GLY N 1012 -100.39 -64.93 -98.00
N ARG N 1013 -99.24 -65.57 -97.93
CA ARG N 1013 -98.60 -65.70 -96.67
C ARG N 1013 -97.15 -65.45 -96.78
N TYR N 1014 -96.69 -64.63 -95.86
CA TYR N 1014 -95.31 -64.26 -95.84
C TYR N 1014 -94.70 -64.35 -94.47
N HIS N 1015 -93.47 -64.76 -94.49
CA HIS N 1015 -92.75 -64.92 -93.27
C HIS N 1015 -91.37 -64.35 -93.34
N TYR N 1016 -90.94 -63.66 -92.30
CA TYR N 1016 -89.58 -63.19 -92.30
C TYR N 1016 -89.05 -62.95 -90.91
N GLN N 1017 -87.71 -62.91 -90.86
CA GLN N 1017 -87.03 -62.72 -89.59
C GLN N 1017 -85.82 -61.88 -89.61
N LEU N 1018 -85.60 -61.33 -88.45
CA LEU N 1018 -84.57 -60.40 -88.25
C LEU N 1018 -83.94 -60.33 -86.92
N VAL N 1019 -82.70 -59.87 -86.97
CA VAL N 1019 -81.97 -59.66 -85.76
C VAL N 1019 -81.36 -58.31 -85.68
N TRP N 1020 -81.67 -57.71 -84.56
CA TRP N 1020 -81.21 -56.39 -84.29
C TRP N 1020 -80.35 -56.28 -83.06
N CME N 1021 -79.18 -55.65 -83.25
CA CME N 1021 -78.25 -55.38 -82.19
CB CME N 1021 -77.29 -56.50 -81.90
SG CME N 1021 -77.57 -57.74 -83.12
SD CME N 1021 -75.82 -57.79 -83.89
CE CME N 1021 -75.32 -56.16 -83.23
CZ CME N 1021 -74.30 -56.28 -82.10
OH CME N 1021 -72.98 -56.30 -82.64
C CME N 1021 -77.45 -54.15 -82.40
O CME N 1021 -77.52 -53.48 -83.43
N GLN N 1022 -76.69 -53.92 -81.34
CA GLN N 1022 -75.83 -52.78 -81.21
C GLN N 1022 -74.49 -53.17 -80.75
N LYS N 1023 -73.62 -52.23 -81.03
CA LYS N 1023 -72.24 -52.25 -80.67
C LYS N 1023 -72.01 -50.97 -79.89
N ILE O 3 -106.08 -4.56 -154.32
CA ILE O 3 -104.61 -4.25 -154.50
C ILE O 3 -103.64 -5.46 -154.56
N THR O 4 -103.94 -6.38 -153.69
CA THR O 4 -103.17 -7.57 -153.65
C THR O 4 -103.82 -8.45 -154.65
N ASP O 5 -104.94 -7.97 -155.19
CA ASP O 5 -105.66 -8.65 -156.25
C ASP O 5 -105.09 -8.15 -157.58
N SER O 6 -104.17 -7.23 -157.43
CA SER O 6 -103.57 -6.64 -158.58
C SER O 6 -102.65 -7.60 -159.33
N LEU O 7 -102.79 -7.52 -160.62
CA LEU O 7 -101.94 -8.27 -161.49
C LEU O 7 -100.50 -8.09 -161.06
N ALA O 8 -100.15 -6.86 -160.94
CA ALA O 8 -98.80 -6.52 -160.63
C ALA O 8 -98.24 -7.37 -159.54
N VAL O 9 -99.13 -7.57 -158.60
CA VAL O 9 -98.86 -8.32 -157.41
C VAL O 9 -98.93 -9.83 -157.69
N VAL O 10 -100.08 -10.28 -158.17
CA VAL O 10 -100.27 -11.66 -158.49
C VAL O 10 -99.17 -12.23 -159.37
N LEU O 11 -98.96 -11.64 -160.51
CA LEU O 11 -97.94 -12.15 -161.42
C LEU O 11 -96.54 -11.99 -160.92
N GLN O 12 -96.48 -11.46 -159.75
CA GLN O 12 -95.17 -11.21 -159.27
C GLN O 12 -94.49 -12.55 -158.99
N ARG O 13 -95.30 -13.38 -158.37
CA ARG O 13 -94.90 -14.69 -157.97
C ARG O 13 -94.43 -15.59 -159.14
N ARG O 14 -95.11 -15.50 -160.30
CA ARG O 14 -94.66 -16.31 -161.40
C ARG O 14 -94.76 -17.81 -161.06
N ASP O 15 -95.96 -18.14 -160.64
CA ASP O 15 -96.36 -19.46 -160.24
C ASP O 15 -96.21 -20.49 -161.32
N TRP O 16 -96.35 -19.99 -162.53
CA TRP O 16 -96.23 -20.75 -163.73
C TRP O 16 -94.77 -21.03 -164.06
N GLU O 17 -93.86 -20.66 -163.18
CA GLU O 17 -92.49 -21.04 -163.42
C GLU O 17 -91.98 -21.73 -162.17
N ASN O 18 -92.91 -22.42 -161.52
CA ASN O 18 -92.57 -23.10 -160.32
C ASN O 18 -93.36 -24.38 -160.09
N PRO O 19 -92.65 -25.48 -160.35
CA PRO O 19 -93.09 -26.84 -160.18
C PRO O 19 -93.59 -27.05 -158.77
N GLY O 20 -93.12 -26.19 -157.87
CA GLY O 20 -93.56 -26.25 -156.50
C GLY O 20 -94.99 -25.72 -156.40
N VAL O 21 -95.42 -24.91 -157.35
CA VAL O 21 -96.77 -24.46 -157.23
C VAL O 21 -97.59 -24.96 -158.35
N THR O 22 -98.52 -25.80 -158.01
CA THR O 22 -99.30 -26.35 -159.08
C THR O 22 -100.76 -25.97 -159.00
N GLN O 23 -101.10 -25.39 -157.88
CA GLN O 23 -102.43 -24.91 -157.67
C GLN O 23 -102.44 -23.96 -156.48
N LEU O 24 -103.54 -23.21 -156.33
CA LEU O 24 -103.77 -22.31 -155.20
C LEU O 24 -105.23 -22.27 -154.92
N ASN O 25 -105.58 -22.65 -153.73
CA ASN O 25 -107.00 -22.62 -153.38
C ASN O 25 -107.92 -23.47 -154.22
N ARG O 26 -107.35 -24.48 -154.84
CA ARG O 26 -108.14 -25.37 -155.64
C ARG O 26 -108.74 -26.41 -154.73
N LEU O 27 -110.01 -26.72 -154.91
CA LEU O 27 -110.59 -27.76 -154.09
C LEU O 27 -110.06 -29.16 -154.41
N ALA O 28 -110.55 -30.07 -153.60
CA ALA O 28 -110.16 -31.44 -153.76
C ALA O 28 -110.95 -32.13 -154.84
N ALA O 29 -110.29 -33.16 -155.39
CA ALA O 29 -110.82 -34.00 -156.45
C ALA O 29 -111.87 -35.02 -156.04
N HIS O 30 -112.68 -35.46 -156.98
CA HIS O 30 -113.70 -36.43 -156.60
C HIS O 30 -114.46 -36.75 -157.85
N PRO O 31 -115.22 -37.80 -157.69
CA PRO O 31 -116.02 -38.20 -158.77
C PRO O 31 -117.07 -37.12 -158.90
N PRO O 32 -117.63 -37.16 -160.02
CA PRO O 32 -118.64 -36.29 -160.48
C PRO O 32 -119.87 -36.16 -159.62
N PHE O 33 -120.17 -34.88 -159.33
CA PHE O 33 -121.33 -34.54 -158.54
C PHE O 33 -122.33 -33.71 -159.33
N ALA O 34 -123.60 -33.82 -158.93
CA ALA O 34 -124.74 -33.08 -159.47
C ALA O 34 -125.50 -32.36 -158.35
N SER O 35 -125.44 -32.90 -157.16
CA SER O 35 -126.15 -32.30 -156.08
C SER O 35 -127.64 -32.38 -156.26
N TRP O 36 -128.13 -33.47 -156.80
CA TRP O 36 -129.55 -33.55 -156.90
C TRP O 36 -130.15 -33.30 -155.54
N ARG O 37 -131.41 -32.90 -155.62
CA ARG O 37 -132.18 -32.69 -154.43
C ARG O 37 -133.41 -33.55 -154.43
N ASN O 38 -133.46 -34.42 -155.42
CA ASN O 38 -134.53 -35.37 -155.52
C ASN O 38 -133.98 -36.70 -155.99
N SER O 39 -134.22 -37.68 -155.15
CA SER O 39 -133.79 -39.01 -155.41
C SER O 39 -134.09 -39.50 -156.86
N GLU O 40 -135.36 -39.48 -157.19
CA GLU O 40 -135.76 -39.93 -158.51
C GLU O 40 -134.94 -39.34 -159.62
N GLU O 41 -134.76 -38.03 -159.53
CA GLU O 41 -134.03 -37.31 -160.53
C GLU O 41 -132.66 -37.90 -160.67
N ALA O 42 -132.02 -37.99 -159.53
CA ALA O 42 -130.71 -38.56 -159.50
C ALA O 42 -130.79 -39.98 -160.00
N ARG O 43 -131.74 -40.68 -159.50
CA ARG O 43 -131.87 -42.04 -159.91
C ARG O 43 -132.01 -42.20 -161.40
N THR O 44 -132.65 -41.26 -162.03
CA THR O 44 -132.86 -41.40 -163.46
C THR O 44 -131.96 -40.52 -164.24
N ASP O 45 -130.98 -40.03 -163.56
CA ASP O 45 -130.05 -39.19 -164.23
C ASP O 45 -130.70 -37.98 -164.88
N ARG O 46 -131.61 -37.33 -164.18
CA ARG O 46 -132.11 -36.13 -164.80
C ARG O 46 -131.12 -35.03 -164.62
N PRO O 47 -131.53 -33.84 -164.91
CA PRO O 47 -130.56 -32.79 -164.78
C PRO O 47 -130.75 -32.05 -163.52
N SER O 48 -129.63 -31.76 -162.92
CA SER O 48 -129.74 -31.08 -161.69
C SER O 48 -129.56 -29.63 -161.85
N GLN O 49 -130.44 -28.99 -161.13
CA GLN O 49 -130.49 -27.57 -161.14
C GLN O 49 -129.37 -26.95 -160.34
N GLN O 50 -128.68 -27.75 -159.47
CA GLN O 50 -127.58 -27.18 -158.67
C GLN O 50 -126.30 -27.13 -159.47
N LEU O 51 -126.55 -27.55 -160.70
CA LEU O 51 -125.53 -27.61 -161.65
C LEU O 51 -125.85 -26.81 -162.89
N ARG O 52 -124.97 -25.85 -163.11
CA ARG O 52 -125.19 -24.93 -164.18
C ARG O 52 -124.00 -24.70 -165.06
N SER O 53 -124.29 -24.73 -166.38
CA SER O 53 -123.24 -24.51 -167.34
C SER O 53 -123.00 -23.08 -167.67
N LEU O 54 -121.75 -22.73 -167.84
CA LEU O 54 -121.34 -21.39 -168.20
C LEU O 54 -120.80 -21.34 -169.60
N ASN O 55 -121.11 -22.40 -170.29
CA ASN O 55 -120.65 -22.51 -171.65
C ASN O 55 -121.46 -21.56 -172.47
N GLY O 56 -120.77 -20.90 -173.38
CA GLY O 56 -121.40 -19.99 -174.31
C GLY O 56 -120.51 -18.86 -174.77
N GLU O 57 -121.16 -17.72 -175.00
CA GLU O 57 -120.40 -16.59 -175.46
C GLU O 57 -119.70 -15.95 -174.31
N TRP O 58 -118.46 -15.61 -174.56
CA TRP O 58 -117.62 -15.05 -173.53
C TRP O 58 -116.77 -14.01 -174.17
N ARG O 59 -116.08 -13.26 -173.37
CA ARG O 59 -115.27 -12.26 -174.03
C ARG O 59 -113.83 -12.60 -173.93
N PHE O 60 -113.19 -12.41 -175.07
CA PHE O 60 -111.83 -12.81 -175.15
C PHE O 60 -110.86 -11.77 -175.63
N ALA O 61 -109.66 -11.82 -175.10
CA ALA O 61 -108.62 -10.97 -175.62
C ALA O 61 -107.26 -11.60 -175.45
N TRP O 62 -106.47 -11.49 -176.46
CA TRP O 62 -105.18 -12.11 -176.50
C TRP O 62 -103.98 -11.20 -176.32
N PHE O 63 -102.97 -11.68 -175.62
CA PHE O 63 -101.75 -10.92 -175.44
C PHE O 63 -100.58 -11.81 -175.54
N PRO O 64 -99.59 -11.22 -176.10
CA PRO O 64 -98.28 -11.80 -176.30
C PRO O 64 -97.60 -12.17 -175.00
N ALA O 65 -98.13 -11.61 -173.92
CA ALA O 65 -97.57 -11.85 -172.62
C ALA O 65 -98.47 -11.40 -171.51
N PRO O 66 -98.29 -12.03 -170.41
CA PRO O 66 -99.05 -11.78 -169.21
C PRO O 66 -98.90 -10.31 -168.75
N GLU O 67 -97.65 -9.85 -168.79
CA GLU O 67 -97.28 -8.50 -168.41
C GLU O 67 -98.11 -7.44 -169.15
N ALA O 68 -98.21 -7.59 -170.44
CA ALA O 68 -99.03 -6.77 -171.27
C ALA O 68 -100.48 -6.70 -170.79
N VAL O 69 -100.92 -7.58 -169.93
CA VAL O 69 -102.29 -7.38 -169.53
C VAL O 69 -102.45 -6.12 -168.69
N PRO O 70 -103.49 -5.39 -168.99
CA PRO O 70 -103.80 -4.13 -168.36
C PRO O 70 -104.72 -4.27 -167.17
N GLU O 71 -104.27 -3.57 -166.13
CA GLU O 71 -104.97 -3.60 -164.89
C GLU O 71 -106.51 -3.49 -164.89
N SER O 72 -107.00 -2.68 -165.81
CA SER O 72 -108.42 -2.45 -165.96
C SER O 72 -109.19 -3.70 -166.19
N TRP O 73 -108.47 -4.61 -166.88
CA TRP O 73 -109.06 -5.83 -167.29
C TRP O 73 -109.86 -6.45 -166.15
N LEU O 74 -109.29 -6.28 -164.95
CA LEU O 74 -109.86 -6.84 -163.75
C LEU O 74 -111.23 -6.34 -163.43
N GLU O 75 -111.27 -5.06 -163.74
CA GLU O 75 -112.41 -4.24 -163.49
C GLU O 75 -113.42 -4.25 -164.58
N CYS O 76 -112.92 -3.95 -165.77
CA CYS O 76 -113.79 -3.79 -166.87
C CYS O 76 -113.33 -4.54 -168.05
N ASP O 77 -114.36 -4.96 -168.81
CA ASP O 77 -114.15 -5.65 -170.07
C ASP O 77 -113.40 -4.74 -171.00
N LEU O 78 -112.75 -5.32 -171.96
CA LEU O 78 -112.04 -4.43 -172.84
C LEU O 78 -112.89 -4.01 -174.00
N PRO O 79 -112.42 -2.94 -174.57
CA PRO O 79 -113.08 -2.36 -175.70
C PRO O 79 -112.83 -3.30 -176.88
N GLU O 80 -111.54 -3.62 -176.99
CA GLU O 80 -110.96 -4.46 -178.02
C GLU O 80 -111.16 -5.97 -177.82
N ALA O 81 -112.04 -6.29 -176.89
CA ALA O 81 -112.32 -7.66 -176.63
C ALA O 81 -113.23 -8.19 -177.70
N ASP O 82 -113.18 -9.51 -177.91
CA ASP O 82 -114.03 -10.16 -178.88
C ASP O 82 -114.97 -11.07 -178.16
N THR O 83 -116.03 -11.38 -178.85
CA THR O 83 -116.95 -12.28 -178.28
C THR O 83 -116.61 -13.62 -178.87
N VAL O 84 -116.51 -14.62 -178.01
CA VAL O 84 -116.08 -15.95 -178.38
C VAL O 84 -116.88 -17.04 -177.71
N VAL O 85 -116.83 -18.19 -178.36
CA VAL O 85 -117.47 -19.34 -177.77
C VAL O 85 -116.53 -20.16 -176.91
N VAL O 86 -117.10 -20.54 -175.78
CA VAL O 86 -116.40 -21.34 -174.86
C VAL O 86 -117.23 -22.58 -174.59
N PRO O 87 -116.57 -23.76 -174.63
CA PRO O 87 -115.13 -23.86 -174.73
C PRO O 87 -114.58 -23.90 -176.12
N SER O 88 -113.27 -23.67 -176.14
CA SER O 88 -112.57 -23.67 -177.40
C SER O 88 -111.08 -23.46 -177.19
N ASN O 89 -110.37 -23.59 -178.31
CA ASN O 89 -108.94 -23.40 -178.40
C ASN O 89 -108.74 -22.16 -179.22
N TRP O 90 -108.02 -21.27 -178.63
CA TRP O 90 -107.83 -20.04 -179.30
C TRP O 90 -107.05 -20.08 -180.59
N GLN O 91 -106.17 -21.06 -180.77
CA GLN O 91 -105.45 -21.09 -182.03
C GLN O 91 -106.47 -21.33 -183.12
N MET O 92 -107.58 -21.94 -182.70
CA MET O 92 -108.67 -22.29 -183.61
C MET O 92 -109.44 -21.09 -184.09
N HIS O 93 -109.11 -19.94 -183.53
CA HIS O 93 -109.80 -18.72 -183.87
C HIS O 93 -108.90 -17.71 -184.44
N GLY O 94 -107.74 -18.16 -184.83
CA GLY O 94 -106.79 -17.29 -185.44
C GLY O 94 -105.90 -16.53 -184.49
N TYR O 95 -106.19 -16.63 -183.18
CA TYR O 95 -105.31 -15.88 -182.30
C TYR O 95 -103.81 -16.03 -182.42
N ASP O 96 -103.41 -17.28 -182.59
CA ASP O 96 -102.02 -17.65 -182.82
C ASP O 96 -102.06 -18.99 -183.44
N ALA O 97 -100.85 -19.48 -183.68
CA ALA O 97 -100.62 -20.76 -184.31
C ALA O 97 -100.64 -21.95 -183.41
N PRO O 98 -101.17 -23.03 -183.94
CA PRO O 98 -101.14 -24.28 -183.26
C PRO O 98 -99.82 -24.87 -183.72
N ILE O 99 -99.17 -25.60 -182.84
CA ILE O 99 -97.91 -26.22 -183.22
C ILE O 99 -98.00 -27.74 -183.20
N TYR O 100 -97.41 -28.26 -184.25
CA TYR O 100 -97.28 -29.68 -184.39
C TYR O 100 -95.82 -30.11 -184.34
N THR O 101 -95.41 -30.42 -183.11
CA THR O 101 -94.12 -30.99 -182.83
C THR O 101 -94.41 -32.29 -182.06
N ASN O 102 -93.53 -33.27 -182.24
CA ASN O 102 -93.64 -34.59 -181.62
C ASN O 102 -92.97 -34.76 -180.25
N VAL O 103 -91.63 -34.73 -180.34
CA VAL O 103 -90.76 -34.94 -179.21
C VAL O 103 -90.24 -33.65 -178.68
N THR O 104 -89.69 -32.94 -179.63
CA THR O 104 -89.12 -31.68 -179.31
C THR O 104 -90.12 -30.69 -178.76
N TYR O 105 -89.74 -30.16 -177.61
CA TYR O 105 -90.53 -29.18 -176.92
C TYR O 105 -90.62 -27.91 -177.76
N PRO O 106 -91.80 -27.35 -177.76
CA PRO O 106 -92.13 -26.14 -178.48
C PRO O 106 -91.35 -24.96 -177.92
N ILE O 107 -91.10 -25.01 -176.64
CA ILE O 107 -90.35 -23.97 -176.05
C ILE O 107 -88.96 -24.45 -175.73
N THR O 108 -88.14 -23.55 -175.27
CA THR O 108 -86.78 -23.89 -174.96
C THR O 108 -86.68 -24.66 -173.68
N VAL O 109 -85.76 -25.62 -173.74
CA VAL O 109 -85.61 -26.45 -172.58
C VAL O 109 -84.80 -25.90 -171.45
N ASN O 110 -85.53 -25.37 -170.50
CA ASN O 110 -84.89 -24.79 -169.36
C ASN O 110 -85.81 -24.72 -168.19
N PRO O 111 -86.20 -25.87 -167.81
CA PRO O 111 -87.08 -26.01 -166.70
C PRO O 111 -86.45 -25.34 -165.48
N PRO O 112 -87.33 -24.76 -164.70
CA PRO O 112 -88.77 -24.80 -164.92
C PRO O 112 -89.25 -23.55 -165.62
N PHE O 113 -88.37 -23.05 -166.44
CA PHE O 113 -88.69 -21.85 -167.12
C PHE O 113 -89.28 -21.97 -168.48
N VAL O 114 -90.32 -21.17 -168.56
CA VAL O 114 -91.12 -20.90 -169.71
C VAL O 114 -90.57 -19.62 -170.40
N PRO O 115 -90.82 -19.45 -171.68
CA PRO O 115 -90.34 -18.26 -172.39
C PRO O 115 -91.09 -16.99 -171.99
N THR O 116 -90.36 -15.89 -172.08
CA THR O 116 -90.86 -14.60 -171.68
C THR O 116 -92.14 -14.14 -172.39
N GLU O 117 -92.20 -14.48 -173.67
CA GLU O 117 -93.33 -14.20 -174.54
C GLU O 117 -94.25 -15.37 -174.43
N ASN O 118 -95.25 -15.20 -173.63
CA ASN O 118 -96.11 -16.30 -173.44
C ASN O 118 -97.55 -15.88 -173.60
N PRO O 119 -98.03 -16.35 -174.67
CA PRO O 119 -99.36 -16.09 -175.10
C PRO O 119 -100.39 -16.22 -174.05
N THR O 120 -100.89 -15.07 -173.66
CA THR O 120 -101.91 -15.00 -172.67
C THR O 120 -103.30 -14.78 -173.24
N GLY O 121 -104.28 -15.46 -172.70
CA GLY O 121 -105.65 -15.34 -173.18
C GLY O 121 -106.56 -14.92 -172.04
N CYS O 122 -107.11 -13.71 -172.15
CA CYS O 122 -107.99 -13.20 -171.12
C CYS O 122 -109.42 -13.41 -171.44
N TYR O 123 -110.01 -14.28 -170.66
CA TYR O 123 -111.40 -14.63 -170.82
C TYR O 123 -112.15 -14.00 -169.70
N SER O 124 -113.35 -13.54 -170.03
CA SER O 124 -114.15 -12.86 -169.06
C SER O 124 -115.57 -13.18 -169.27
N LEU O 125 -116.27 -13.17 -168.19
CA LEU O 125 -117.66 -13.47 -168.27
C LEU O 125 -118.47 -12.93 -167.10
N THR O 126 -119.52 -12.32 -167.57
CA THR O 126 -120.45 -11.67 -166.73
C THR O 126 -121.73 -12.44 -166.63
N PHE O 127 -122.16 -12.65 -165.42
CA PHE O 127 -123.35 -13.44 -165.26
C PHE O 127 -124.03 -13.17 -163.95
N ASN O 128 -125.22 -13.73 -163.97
CA ASN O 128 -126.16 -13.62 -162.91
C ASN O 128 -126.27 -14.84 -162.09
N VAL O 129 -126.61 -14.60 -160.83
CA VAL O 129 -126.74 -15.62 -159.83
C VAL O 129 -128.01 -15.53 -159.04
N ASP O 130 -128.77 -16.62 -158.97
CA ASP O 130 -129.93 -16.52 -158.13
C ASP O 130 -129.44 -16.33 -156.70
N GLU O 131 -130.05 -15.42 -155.95
CA GLU O 131 -129.54 -15.27 -154.62
C GLU O 131 -129.92 -16.42 -153.71
N SER O 132 -130.96 -17.13 -154.10
CA SER O 132 -131.30 -18.28 -153.30
C SER O 132 -130.00 -19.06 -152.97
N TRP O 133 -129.16 -19.16 -153.99
CA TRP O 133 -127.87 -19.81 -153.90
C TRP O 133 -126.93 -19.08 -152.99
N LEU O 134 -127.10 -17.79 -153.05
CA LEU O 134 -126.28 -16.89 -152.31
C LEU O 134 -126.61 -16.94 -150.83
N GLN O 135 -127.82 -17.39 -150.51
CA GLN O 135 -128.15 -17.43 -149.11
C GLN O 135 -127.46 -18.56 -148.43
N GLU O 136 -128.06 -19.72 -148.62
CA GLU O 136 -127.55 -20.93 -148.04
C GLU O 136 -126.63 -21.73 -148.98
N GLY O 137 -125.97 -22.74 -148.44
CA GLY O 137 -125.13 -23.64 -149.20
C GLY O 137 -123.81 -23.10 -149.73
N GLN O 138 -123.28 -23.89 -150.69
CA GLN O 138 -122.01 -23.56 -151.29
C GLN O 138 -121.94 -23.63 -152.78
N THR O 139 -121.27 -22.60 -153.25
CA THR O 139 -121.16 -22.45 -154.66
C THR O 139 -119.76 -22.42 -155.20
N ARG O 140 -119.57 -23.40 -156.06
CA ARG O 140 -118.31 -23.48 -156.67
C ARG O 140 -118.41 -23.59 -158.18
N ILE O 141 -117.27 -23.20 -158.69
CA ILE O 141 -117.05 -23.22 -160.09
C ILE O 141 -116.08 -24.31 -160.49
N ILE O 142 -116.32 -24.80 -161.70
CA ILE O 142 -115.52 -25.84 -162.23
C ILE O 142 -115.14 -25.77 -163.67
N PHE O 143 -113.83 -25.81 -163.86
CA PHE O 143 -113.24 -25.87 -165.16
C PHE O 143 -112.80 -27.28 -165.49
N ASP O 144 -113.51 -27.90 -166.39
CA ASP O 144 -113.15 -29.23 -166.80
C ASP O 144 -111.83 -29.34 -167.54
N GLY O 145 -111.36 -28.24 -168.09
CA GLY O 145 -110.11 -28.23 -168.79
C GLY O 145 -109.70 -26.86 -169.33
N VAL O 146 -108.48 -26.47 -168.92
CA VAL O 146 -107.79 -25.22 -169.26
C VAL O 146 -106.30 -25.47 -169.51
N ASN O 147 -105.88 -25.17 -170.70
CA ASN O 147 -104.51 -25.44 -171.04
C ASN O 147 -103.73 -24.19 -171.25
N SER O 148 -102.58 -24.06 -170.59
CA SER O 148 -101.97 -25.02 -169.71
C SER O 148 -102.07 -24.68 -168.25
N ALA O 149 -102.11 -23.39 -167.95
CA ALA O 149 -102.18 -22.86 -166.60
C ALA O 149 -103.08 -21.63 -166.48
N PHE O 150 -103.46 -21.26 -165.26
CA PHE O 150 -104.28 -20.07 -165.17
C PHE O 150 -104.59 -19.56 -163.79
N HIS O 151 -104.84 -18.23 -163.79
CA HIS O 151 -105.22 -17.43 -162.64
C HIS O 151 -106.67 -17.05 -162.70
N LEU O 152 -107.23 -16.85 -161.56
CA LEU O 152 -108.62 -16.56 -161.65
C LEU O 152 -109.16 -15.49 -160.69
N TRP O 153 -110.03 -14.62 -161.24
CA TRP O 153 -110.68 -13.60 -160.45
C TRP O 153 -112.18 -13.60 -160.54
N CYS O 154 -112.75 -13.17 -159.43
CA CYS O 154 -114.17 -13.09 -159.39
C CYS O 154 -114.53 -11.81 -158.73
N ASN O 155 -115.25 -11.04 -159.54
CA ASN O 155 -115.69 -9.73 -159.16
C ASN O 155 -114.49 -8.93 -158.67
N GLY O 156 -113.41 -8.92 -159.46
CA GLY O 156 -112.22 -8.13 -159.13
C GLY O 156 -111.29 -8.77 -158.14
N ARG O 157 -111.85 -9.80 -157.52
CA ARG O 157 -111.10 -10.48 -156.53
C ARG O 157 -110.35 -11.71 -157.02
N TRP O 158 -109.08 -11.75 -156.62
CA TRP O 158 -108.27 -12.89 -156.96
C TRP O 158 -108.74 -14.14 -156.25
N VAL O 159 -108.84 -15.22 -156.99
CA VAL O 159 -109.35 -16.45 -156.40
C VAL O 159 -108.35 -17.57 -156.27
N GLY O 160 -107.75 -17.95 -157.37
CA GLY O 160 -106.81 -19.03 -157.28
C GLY O 160 -106.08 -19.27 -158.57
N TYR O 161 -105.37 -20.38 -158.55
CA TYR O 161 -104.54 -20.77 -159.65
C TYR O 161 -104.58 -22.28 -159.80
N GLY O 162 -104.25 -22.73 -161.01
CA GLY O 162 -104.26 -24.15 -161.33
C GLY O 162 -103.37 -24.59 -162.50
N GLN O 163 -102.92 -25.87 -162.44
CA GLN O 163 -102.11 -26.49 -163.48
C GLN O 163 -102.69 -27.88 -163.85
N ASP O 164 -102.13 -28.48 -164.92
CA ASP O 164 -102.59 -29.74 -165.45
C ASP O 164 -103.81 -29.53 -166.33
N SER O 165 -103.50 -29.42 -167.62
CA SER O 165 -104.55 -29.20 -168.59
C SER O 165 -105.60 -30.25 -168.69
N ARG O 166 -105.39 -31.43 -168.14
CA ARG O 166 -106.40 -32.44 -168.38
C ARG O 166 -107.35 -32.75 -167.29
N LEU O 167 -107.14 -32.16 -166.14
CA LEU O 167 -108.11 -32.43 -165.11
C LEU O 167 -108.81 -31.15 -164.69
N PRO O 168 -109.94 -31.35 -164.07
CA PRO O 168 -110.79 -30.33 -163.56
C PRO O 168 -110.19 -29.55 -162.45
N SER O 169 -110.59 -28.27 -162.42
CA SER O 169 -110.19 -27.37 -161.36
C SER O 169 -111.39 -26.79 -160.70
N GLU O 170 -111.40 -26.86 -159.39
CA GLU O 170 -112.54 -26.34 -158.68
C GLU O 170 -112.22 -25.37 -157.63
N PHE O 171 -113.13 -24.39 -157.60
CA PHE O 171 -113.10 -23.34 -156.62
C PHE O 171 -114.42 -22.93 -156.07
N ASP O 172 -114.27 -22.58 -154.79
CA ASP O 172 -115.36 -22.10 -153.97
C ASP O 172 -115.60 -20.63 -154.26
N LEU O 173 -116.76 -20.35 -154.81
CA LEU O 173 -116.98 -18.98 -155.13
C LEU O 173 -117.71 -18.19 -154.09
N SER O 174 -118.34 -19.01 -153.27
CA SER O 174 -119.18 -18.67 -152.18
C SER O 174 -118.93 -17.28 -151.61
N ALA O 175 -117.68 -16.96 -151.35
CA ALA O 175 -117.41 -15.65 -150.78
C ALA O 175 -117.18 -14.52 -151.75
N PHE O 176 -117.36 -14.72 -153.05
CA PHE O 176 -117.07 -13.59 -153.92
C PHE O 176 -118.25 -13.18 -154.71
N LEU O 177 -119.22 -14.01 -154.61
CA LEU O 177 -120.40 -13.75 -155.33
C LEU O 177 -121.26 -12.74 -154.69
N ARG O 178 -121.93 -12.01 -155.57
CA ARG O 178 -122.87 -10.99 -155.23
C ARG O 178 -124.15 -11.37 -155.90
N ALA O 179 -125.26 -10.89 -155.38
CA ALA O 179 -126.45 -11.23 -156.09
C ALA O 179 -126.50 -10.44 -157.39
N GLY O 180 -127.10 -11.12 -158.33
CA GLY O 180 -127.21 -10.57 -159.64
C GLY O 180 -125.91 -10.72 -160.43
N GLU O 181 -125.45 -9.57 -160.82
CA GLU O 181 -124.34 -9.50 -161.71
C GLU O 181 -122.96 -9.80 -161.26
N ASN O 182 -122.37 -10.87 -161.81
CA ASN O 182 -121.02 -11.14 -161.45
C ASN O 182 -120.14 -11.23 -162.66
N ARG O 183 -118.88 -11.06 -162.37
CA ARG O 183 -117.92 -11.12 -163.43
C ARG O 183 -116.65 -11.89 -163.12
N LEU O 184 -116.40 -12.88 -164.00
CA LEU O 184 -115.18 -13.67 -163.95
C LEU O 184 -114.15 -13.21 -164.91
N ALA O 185 -112.93 -13.27 -164.43
CA ALA O 185 -111.80 -12.96 -165.26
C ALA O 185 -110.73 -14.01 -165.04
N VAL O 186 -110.55 -14.75 -166.14
CA VAL O 186 -109.63 -15.82 -166.21
C VAL O 186 -108.48 -15.54 -167.10
N MET O 187 -107.32 -15.58 -166.51
CA MET O 187 -106.18 -15.38 -167.33
C MET O 187 -105.50 -16.72 -167.56
N VAL O 188 -105.44 -17.13 -168.81
CA VAL O 188 -104.91 -18.42 -169.22
C VAL O 188 -103.54 -18.36 -169.89
N LEU O 189 -102.59 -19.24 -169.53
CA LEU O 189 -101.28 -19.20 -170.20
C LEU O 189 -100.88 -20.39 -171.04
N ARG O 190 -100.22 -20.06 -172.12
CA ARG O 190 -99.79 -21.11 -173.01
C ARG O 190 -98.83 -22.03 -172.33
N TRP O 191 -97.71 -21.44 -171.92
CA TRP O 191 -96.68 -22.16 -171.26
C TRP O 191 -96.69 -22.02 -169.77
N SER O 192 -96.29 -23.09 -169.08
CA SER O 192 -96.21 -23.13 -167.64
C SER O 192 -95.21 -24.18 -167.26
N ASP O 193 -94.88 -24.33 -165.98
CA ASP O 193 -93.95 -25.38 -165.66
C ASP O 193 -94.63 -26.74 -166.02
N GLY O 194 -95.99 -26.76 -165.99
CA GLY O 194 -96.83 -27.93 -166.34
C GLY O 194 -96.55 -28.43 -167.75
N SER O 195 -96.12 -27.50 -168.54
CA SER O 195 -95.79 -27.76 -169.90
C SER O 195 -94.70 -28.80 -170.00
N TYR O 196 -93.75 -28.73 -169.09
CA TYR O 196 -92.71 -29.72 -169.17
C TYR O 196 -93.25 -31.15 -169.01
N LEU O 197 -94.44 -31.29 -168.44
CA LEU O 197 -95.03 -32.60 -168.26
C LEU O 197 -96.06 -32.90 -169.28
N GLU O 198 -96.06 -32.07 -170.30
CA GLU O 198 -97.08 -32.30 -171.31
C GLU O 198 -96.51 -32.40 -172.72
N ASP O 199 -95.45 -33.18 -172.91
CA ASP O 199 -94.83 -33.27 -174.22
C ASP O 199 -95.40 -34.28 -175.21
N GLN O 200 -96.72 -34.51 -175.13
CA GLN O 200 -97.36 -35.46 -176.03
C GLN O 200 -97.24 -35.09 -177.50
N ASP O 201 -97.05 -36.12 -178.36
CA ASP O 201 -96.95 -35.96 -179.81
C ASP O 201 -98.31 -35.61 -180.39
N MET O 202 -98.63 -34.32 -180.34
CA MET O 202 -99.91 -33.81 -180.80
C MET O 202 -99.78 -32.34 -181.08
N TRP O 203 -100.89 -31.75 -181.51
CA TRP O 203 -100.91 -30.35 -181.78
C TRP O 203 -100.88 -29.66 -180.44
N ARG O 204 -100.08 -28.61 -180.38
CA ARG O 204 -99.98 -27.85 -179.16
C ARG O 204 -100.90 -26.64 -179.23
N MET O 205 -101.97 -26.70 -178.48
CA MET O 205 -102.95 -25.67 -178.45
C MET O 205 -103.13 -25.01 -177.09
N SER O 206 -104.25 -24.30 -176.87
CA SER O 206 -104.52 -23.61 -175.58
C SER O 206 -105.88 -23.02 -175.44
N GLY O 207 -106.22 -22.78 -174.16
CA GLY O 207 -107.49 -22.18 -173.81
C GLY O 207 -108.35 -22.98 -172.88
N ILE O 208 -109.63 -22.61 -172.91
CA ILE O 208 -110.66 -23.22 -172.09
C ILE O 208 -111.41 -24.10 -172.99
N PHE O 209 -110.86 -25.31 -173.07
CA PHE O 209 -111.32 -26.27 -173.99
C PHE O 209 -112.28 -27.28 -173.49
N ARG O 210 -112.58 -27.23 -172.21
CA ARG O 210 -113.58 -28.13 -171.68
C ARG O 210 -114.58 -27.26 -170.93
N ASP O 211 -115.70 -27.84 -170.63
CA ASP O 211 -116.78 -27.21 -169.93
C ASP O 211 -116.45 -26.40 -168.70
N VAL O 212 -117.34 -25.39 -168.50
CA VAL O 212 -117.34 -24.49 -167.36
C VAL O 212 -118.67 -24.55 -166.67
N SER O 213 -118.62 -24.71 -165.35
CA SER O 213 -119.86 -24.90 -164.66
C SER O 213 -119.89 -24.44 -163.22
N LEU O 214 -121.13 -24.44 -162.74
CA LEU O 214 -121.40 -24.03 -161.40
C LEU O 214 -122.17 -25.02 -160.65
N LEU O 215 -121.64 -25.15 -159.46
CA LEU O 215 -122.26 -26.08 -158.59
C LEU O 215 -122.55 -25.56 -157.21
N HIS O 216 -123.84 -25.78 -156.93
CA HIS O 216 -124.45 -25.42 -155.71
C HIS O 216 -124.64 -26.63 -154.87
N LYS O 217 -123.99 -26.59 -153.72
CA LYS O 217 -124.06 -27.67 -152.80
C LYS O 217 -124.38 -27.20 -151.40
N PRO O 218 -125.04 -28.06 -150.62
CA PRO O 218 -125.39 -27.79 -149.24
C PRO O 218 -124.12 -27.59 -148.47
N THR O 219 -124.21 -27.02 -147.29
CA THR O 219 -123.01 -26.78 -146.50
C THR O 219 -122.53 -28.06 -145.90
N THR O 220 -123.52 -28.86 -145.63
CA THR O 220 -123.28 -30.14 -145.10
C THR O 220 -123.60 -31.10 -146.24
N GLN O 221 -122.55 -31.62 -146.84
CA GLN O 221 -122.73 -32.44 -148.01
C GLN O 221 -121.86 -33.67 -148.09
N ILE O 222 -122.16 -34.42 -149.16
CA ILE O 222 -121.41 -35.58 -149.54
C ILE O 222 -120.15 -35.11 -150.22
N SER O 223 -118.99 -35.38 -149.65
CA SER O 223 -117.76 -34.90 -150.22
C SER O 223 -117.07 -35.87 -151.17
N ASP O 224 -117.45 -37.15 -151.04
CA ASP O 224 -116.81 -38.17 -151.83
C ASP O 224 -117.38 -39.53 -151.56
N PHE O 225 -117.26 -40.38 -152.57
CA PHE O 225 -117.70 -41.75 -152.39
C PHE O 225 -117.05 -42.73 -153.33
N HIS O 226 -116.92 -43.95 -152.87
CA HIS O 226 -116.33 -44.98 -153.68
C HIS O 226 -117.14 -46.20 -153.62
N VAL O 227 -117.09 -46.83 -154.74
CA VAL O 227 -117.77 -48.09 -154.90
C VAL O 227 -116.79 -49.18 -155.21
N ALA O 228 -117.17 -50.41 -154.77
CA ALA O 228 -116.40 -51.64 -154.96
C ALA O 228 -117.24 -52.92 -154.98
N THR O 229 -116.85 -53.85 -155.87
CA THR O 229 -117.54 -55.12 -155.97
C THR O 229 -116.67 -56.31 -155.67
N ARG O 230 -117.17 -57.18 -154.83
CA ARG O 230 -116.46 -58.38 -154.48
C ARG O 230 -117.32 -59.59 -154.83
N PHE O 231 -116.70 -60.71 -155.23
CA PHE O 231 -117.52 -61.86 -155.58
C PHE O 231 -117.10 -63.17 -154.97
N ASN O 232 -118.00 -64.16 -155.06
CA ASN O 232 -117.62 -65.50 -154.67
C ASN O 232 -116.84 -66.06 -155.85
N ASP O 233 -116.36 -67.26 -155.63
CA ASP O 233 -115.56 -67.93 -156.61
C ASP O 233 -116.25 -68.07 -157.95
N ASP O 234 -117.56 -68.04 -157.96
CA ASP O 234 -118.24 -68.26 -159.21
C ASP O 234 -119.12 -67.13 -159.65
N PHE O 235 -118.95 -65.97 -159.01
CA PHE O 235 -119.73 -64.82 -159.40
C PHE O 235 -121.22 -65.03 -159.24
N SER O 236 -121.56 -66.00 -158.43
CA SER O 236 -122.95 -66.27 -158.18
C SER O 236 -123.48 -65.27 -157.17
N ARG O 237 -122.55 -64.58 -156.56
CA ARG O 237 -122.92 -63.65 -155.56
C ARG O 237 -121.88 -62.58 -155.33
N ALA O 238 -122.39 -61.37 -155.12
CA ALA O 238 -121.54 -60.22 -154.92
C ALA O 238 -121.84 -59.32 -153.75
N VAL O 239 -120.84 -58.53 -153.47
CA VAL O 239 -120.99 -57.54 -152.48
C VAL O 239 -120.66 -56.18 -153.00
N LEU O 240 -121.62 -55.31 -152.86
CA LEU O 240 -121.33 -53.98 -153.22
C LEU O 240 -120.96 -53.23 -151.97
N GLU O 241 -119.83 -52.59 -152.01
CA GLU O 241 -119.41 -51.88 -150.87
C GLU O 241 -119.12 -50.43 -151.21
N ALA O 242 -119.83 -49.56 -150.50
CA ALA O 242 -119.70 -48.14 -150.73
C ALA O 242 -119.24 -47.36 -149.54
N GLU O 243 -118.29 -46.49 -149.84
CA GLU O 243 -117.75 -45.69 -148.81
C GLU O 243 -118.03 -44.27 -149.11
N VAL O 244 -118.64 -43.67 -148.12
CA VAL O 244 -119.04 -42.31 -148.24
C VAL O 244 -118.46 -41.39 -147.23
N GLN O 245 -118.08 -40.26 -147.76
CA GLN O 245 -117.55 -39.23 -146.90
C GLN O 245 -118.32 -37.96 -147.05
N MET O 246 -118.42 -37.29 -145.90
CA MET O 246 -119.13 -36.04 -145.81
C MET O 246 -118.26 -34.89 -145.37
N CYS O 247 -118.73 -33.72 -145.74
CA CYS O 247 -118.14 -32.46 -145.36
C CYS O 247 -119.21 -31.69 -144.62
N GLY O 248 -118.81 -30.82 -143.72
CA GLY O 248 -119.80 -30.02 -143.02
C GLY O 248 -119.93 -30.30 -141.53
N GLU O 249 -121.03 -29.83 -140.91
CA GLU O 249 -120.97 -30.29 -139.53
C GLU O 249 -121.95 -31.34 -139.20
N LEU O 250 -121.22 -32.22 -138.56
CA LEU O 250 -121.64 -33.48 -138.13
C LEU O 250 -122.65 -33.45 -137.03
N ARG O 251 -123.70 -34.23 -137.23
CA ARG O 251 -124.80 -34.35 -136.28
C ARG O 251 -125.37 -35.73 -136.30
N ASP O 252 -125.56 -36.24 -135.13
CA ASP O 252 -126.10 -37.57 -134.92
C ASP O 252 -127.41 -37.91 -135.65
N TYR O 253 -128.08 -36.94 -136.25
CA TYR O 253 -129.32 -37.36 -136.88
C TYR O 253 -129.12 -37.63 -138.34
N LEU O 254 -127.88 -37.50 -138.73
CA LEU O 254 -127.49 -37.74 -140.09
C LEU O 254 -127.45 -39.19 -140.41
N ARG O 255 -127.87 -39.41 -141.63
CA ARG O 255 -127.93 -40.73 -142.18
C ARG O 255 -127.54 -40.80 -143.62
N VAL O 256 -127.26 -42.04 -144.02
CA VAL O 256 -126.88 -42.27 -145.37
C VAL O 256 -127.55 -43.46 -145.91
N THR O 257 -128.05 -43.26 -147.10
CA THR O 257 -128.67 -44.36 -147.74
C THR O 257 -128.16 -44.62 -149.11
N VAL O 258 -128.00 -45.91 -149.34
CA VAL O 258 -127.49 -46.36 -150.58
C VAL O 258 -128.35 -47.44 -151.07
N SER O 259 -128.79 -47.18 -152.29
CA SER O 259 -129.71 -48.04 -152.95
C SER O 259 -129.23 -48.39 -154.35
N LEU O 260 -129.54 -49.62 -154.63
CA LEU O 260 -129.20 -50.17 -155.87
C LEU O 260 -130.39 -50.51 -156.68
N TRP O 261 -130.30 -50.02 -157.88
CA TRP O 261 -131.33 -50.19 -158.83
C TRP O 261 -130.95 -50.83 -160.12
N GLN O 262 -131.91 -51.62 -160.55
CA GLN O 262 -131.86 -52.32 -161.79
C GLN O 262 -133.02 -51.80 -162.62
N GLY O 263 -132.75 -50.66 -163.17
CA GLY O 263 -133.80 -50.04 -163.91
C GLY O 263 -134.85 -49.55 -162.95
N GLU O 264 -135.99 -50.20 -163.03
CA GLU O 264 -137.11 -49.81 -162.21
C GLU O 264 -137.08 -50.47 -160.87
N THR O 265 -136.30 -51.50 -160.85
CA THR O 265 -136.24 -52.27 -159.67
C THR O 265 -135.19 -51.89 -158.67
N GLN O 266 -135.67 -51.85 -157.45
CA GLN O 266 -134.75 -51.60 -156.42
C GLN O 266 -134.26 -52.92 -155.97
N VAL O 267 -132.98 -53.05 -156.09
CA VAL O 267 -132.31 -54.29 -155.85
C VAL O 267 -131.80 -54.46 -154.46
N ALA O 268 -131.35 -53.34 -153.90
CA ALA O 268 -130.84 -53.37 -152.56
C ALA O 268 -130.68 -51.99 -152.05
N SER O 269 -130.79 -51.93 -150.73
CA SER O 269 -130.64 -50.69 -150.05
C SER O 269 -130.05 -50.91 -148.70
N GLY O 270 -129.49 -49.83 -148.19
CA GLY O 270 -128.87 -49.82 -146.89
C GLY O 270 -128.78 -48.42 -146.35
N THR O 271 -128.98 -48.36 -145.04
CA THR O 271 -128.93 -47.07 -144.41
C THR O 271 -128.10 -47.07 -143.15
N ALA O 272 -127.45 -45.95 -142.92
CA ALA O 272 -126.64 -45.83 -141.74
C ALA O 272 -126.21 -44.43 -141.46
N PRO O 273 -125.68 -44.34 -140.28
CA PRO O 273 -125.19 -43.12 -139.70
C PRO O 273 -123.69 -43.12 -139.82
N PHE O 274 -123.15 -41.92 -139.86
CA PHE O 274 -121.71 -41.78 -139.99
C PHE O 274 -120.93 -42.41 -138.88
N GLY O 275 -119.67 -42.64 -139.17
CA GLY O 275 -118.80 -43.24 -138.20
C GLY O 275 -118.39 -44.61 -138.64
N GLY O 276 -117.07 -44.73 -138.83
CA GLY O 276 -116.40 -45.95 -139.26
C GLY O 276 -115.87 -46.84 -138.13
N GLU O 277 -115.24 -47.92 -138.57
CA GLU O 277 -114.65 -48.90 -137.71
C GLU O 277 -113.30 -48.39 -137.32
N ILE O 278 -112.81 -48.93 -136.22
CA ILE O 278 -111.54 -48.50 -135.79
C ILE O 278 -110.51 -48.81 -136.82
N ILE O 279 -109.67 -47.85 -137.02
CA ILE O 279 -108.66 -48.07 -137.99
C ILE O 279 -107.32 -48.09 -137.30
N ASP O 280 -107.19 -47.33 -136.25
CA ASP O 280 -105.91 -47.32 -135.60
C ASP O 280 -106.03 -46.95 -134.17
N GLU O 281 -104.90 -46.68 -133.58
CA GLU O 281 -104.89 -46.34 -132.17
C GLU O 281 -105.77 -45.15 -131.77
N ARG O 282 -105.97 -44.23 -132.72
CA ARG O 282 -106.78 -43.06 -132.48
C ARG O 282 -108.25 -43.25 -132.77
N GLY O 283 -108.63 -44.34 -133.40
CA GLY O 283 -110.03 -44.58 -133.69
C GLY O 283 -110.28 -44.74 -135.16
N GLY O 284 -111.46 -44.26 -135.58
CA GLY O 284 -111.89 -44.29 -136.97
C GLY O 284 -112.23 -42.90 -137.56
N TYR O 285 -112.98 -42.96 -138.67
CA TYR O 285 -113.45 -41.79 -139.37
C TYR O 285 -114.86 -41.55 -138.93
N ALA O 286 -115.01 -40.44 -138.24
CA ALA O 286 -116.31 -40.09 -137.74
C ALA O 286 -117.26 -39.66 -138.85
N ASP O 287 -116.63 -39.08 -139.84
CA ASP O 287 -117.27 -38.51 -140.97
C ASP O 287 -117.24 -39.38 -142.18
N ARG O 288 -117.22 -40.68 -141.97
CA ARG O 288 -117.31 -41.52 -143.14
C ARG O 288 -118.15 -42.65 -142.71
N VAL O 289 -118.61 -43.36 -143.69
CA VAL O 289 -119.37 -44.54 -143.43
C VAL O 289 -119.30 -45.47 -144.62
N THR O 290 -119.27 -46.76 -144.35
CA THR O 290 -119.19 -47.71 -145.43
C THR O 290 -120.34 -48.69 -145.42
N LEU O 291 -121.03 -48.83 -146.54
CA LEU O 291 -122.11 -49.79 -146.55
C LEU O 291 -121.78 -50.93 -147.43
N ARG O 292 -122.36 -52.05 -147.09
CA ARG O 292 -122.14 -53.25 -147.83
C ARG O 292 -123.45 -53.87 -148.24
N LEU O 293 -123.69 -53.94 -149.55
CA LEU O 293 -124.90 -54.53 -150.06
C LEU O 293 -124.64 -55.85 -150.71
N ASN O 294 -125.49 -56.78 -150.39
CA ASN O 294 -125.37 -58.08 -150.98
C ASN O 294 -126.19 -58.19 -152.21
N VAL O 295 -125.64 -58.86 -153.21
CA VAL O 295 -126.35 -59.06 -154.44
C VAL O 295 -126.27 -60.46 -154.97
N GLU O 296 -127.42 -61.06 -155.11
CA GLU O 296 -127.40 -62.40 -155.63
C GLU O 296 -127.46 -62.40 -157.13
N ASN O 297 -126.76 -63.35 -157.72
CA ASN O 297 -126.75 -63.48 -159.16
C ASN O 297 -126.73 -62.14 -159.87
N PRO O 298 -125.71 -61.37 -159.56
CA PRO O 298 -125.60 -60.09 -160.20
C PRO O 298 -125.37 -60.32 -161.67
N LYS O 299 -125.67 -59.28 -162.43
CA LYS O 299 -125.47 -59.26 -163.86
C LYS O 299 -124.17 -58.53 -164.11
N LEU O 300 -123.32 -59.24 -164.80
CA LEU O 300 -122.03 -58.68 -165.01
C LEU O 300 -121.79 -57.74 -166.13
N TRP O 301 -120.90 -56.84 -165.83
CA TRP O 301 -120.57 -55.90 -166.83
C TRP O 301 -119.39 -56.40 -167.65
N SER O 302 -119.40 -56.18 -168.97
CA SER O 302 -118.34 -56.59 -169.89
C SER O 302 -118.44 -55.72 -171.08
N ALA O 303 -117.38 -55.71 -171.87
CA ALA O 303 -117.47 -54.94 -173.09
C ALA O 303 -118.42 -55.71 -173.97
N GLU O 304 -118.55 -57.02 -173.75
CA GLU O 304 -119.49 -57.83 -174.51
C GLU O 304 -120.93 -57.46 -174.12
N ILE O 305 -121.18 -57.20 -172.83
CA ILE O 305 -122.51 -56.87 -172.36
C ILE O 305 -122.45 -56.01 -171.16
N PRO O 306 -122.54 -54.77 -171.43
CA PRO O 306 -122.41 -53.73 -170.46
C PRO O 306 -123.58 -53.66 -169.51
N ASN O 307 -123.77 -54.68 -168.73
CA ASN O 307 -124.83 -54.62 -167.78
C ASN O 307 -124.52 -53.61 -166.75
N LEU O 308 -125.46 -52.67 -166.58
CA LEU O 308 -125.31 -51.63 -165.56
C LEU O 308 -126.36 -51.58 -164.47
N TYR O 309 -125.96 -50.98 -163.37
CA TYR O 309 -126.85 -50.79 -162.26
C TYR O 309 -126.74 -49.35 -161.85
N ARG O 310 -127.76 -48.86 -161.15
CA ARG O 310 -127.70 -47.51 -160.70
C ARG O 310 -127.66 -47.42 -159.22
N ALA O 311 -126.73 -46.58 -158.80
CA ALA O 311 -126.56 -46.44 -157.39
C ALA O 311 -126.83 -45.05 -156.91
N VAL O 312 -127.63 -45.04 -155.82
CA VAL O 312 -127.99 -43.81 -155.18
C VAL O 312 -127.58 -43.63 -153.76
N VAL O 313 -126.94 -42.49 -153.65
CA VAL O 313 -126.42 -42.05 -152.39
C VAL O 313 -127.15 -40.84 -151.89
N GLU O 314 -127.89 -41.08 -150.84
CA GLU O 314 -128.64 -40.05 -150.22
C GLU O 314 -128.22 -39.78 -148.81
N LEU O 315 -127.94 -38.51 -148.66
CA LEU O 315 -127.54 -37.89 -147.43
C LEU O 315 -128.79 -37.27 -146.84
N HIS O 316 -129.24 -37.81 -145.74
CA HIS O 316 -130.44 -37.29 -145.17
C HIS O 316 -130.45 -37.34 -143.65
N THR O 317 -131.51 -36.82 -143.08
CA THR O 317 -131.66 -36.82 -141.65
C THR O 317 -132.46 -38.01 -141.28
N ALA O 318 -132.38 -38.32 -140.01
CA ALA O 318 -133.06 -39.47 -139.50
C ALA O 318 -134.55 -39.43 -139.70
N ASP O 319 -135.11 -38.21 -139.72
CA ASP O 319 -136.54 -38.05 -139.89
C ASP O 319 -136.99 -38.39 -141.29
N GLY O 320 -136.06 -38.26 -142.23
CA GLY O 320 -136.38 -38.59 -143.59
C GLY O 320 -136.10 -37.46 -144.56
N THR O 321 -135.87 -36.32 -144.00
CA THR O 321 -135.59 -35.19 -144.82
C THR O 321 -134.28 -35.33 -145.57
N LEU O 322 -134.36 -35.26 -146.89
CA LEU O 322 -133.16 -35.41 -147.70
C LEU O 322 -132.33 -34.15 -147.79
N ILE O 323 -131.03 -34.27 -147.59
CA ILE O 323 -130.16 -33.11 -147.72
C ILE O 323 -129.69 -32.97 -149.17
N GLU O 324 -129.32 -34.11 -149.75
CA GLU O 324 -128.88 -34.18 -151.14
C GLU O 324 -128.60 -35.59 -151.55
N ALA O 325 -128.40 -35.70 -152.85
CA ALA O 325 -128.11 -36.97 -153.50
C ALA O 325 -127.08 -36.92 -154.61
N GLU O 326 -126.41 -38.05 -154.72
CA GLU O 326 -125.46 -38.27 -155.77
C GLU O 326 -125.69 -39.68 -156.22
N ALA O 327 -125.26 -39.90 -157.44
CA ALA O 327 -125.45 -41.23 -157.99
C ALA O 327 -124.39 -41.57 -159.01
N CYS O 328 -124.46 -42.85 -159.42
CA CYS O 328 -123.56 -43.37 -160.43
C CYS O 328 -124.02 -44.68 -160.98
N ASP O 329 -123.46 -44.96 -162.16
CA ASP O 329 -123.76 -46.24 -162.76
C ASP O 329 -122.79 -47.24 -162.22
N VAL O 330 -123.26 -48.45 -162.05
CA VAL O 330 -122.38 -49.43 -161.49
C VAL O 330 -122.27 -50.69 -162.31
N GLY O 331 -121.03 -51.19 -162.41
CA GLY O 331 -120.79 -52.41 -163.14
C GLY O 331 -120.14 -53.48 -162.29
N PHE O 332 -120.74 -54.62 -162.31
CA PHE O 332 -120.19 -55.72 -161.58
C PHE O 332 -119.20 -56.47 -162.43
N ARG O 333 -117.95 -56.32 -162.07
CA ARG O 333 -116.87 -56.97 -162.78
C ARG O 333 -115.63 -56.97 -161.95
N GLU O 334 -114.86 -58.03 -162.17
CA GLU O 334 -113.59 -58.24 -161.50
C GLU O 334 -112.43 -58.32 -162.48
N VAL O 335 -111.45 -57.51 -162.22
CA VAL O 335 -110.31 -57.52 -163.11
C VAL O 335 -109.16 -58.02 -162.32
N ARG O 336 -108.49 -59.05 -162.79
CA ARG O 336 -107.36 -59.49 -162.06
C ARG O 336 -106.34 -60.23 -162.89
N ILE O 337 -105.15 -60.16 -162.35
CA ILE O 337 -104.08 -60.86 -162.99
C ILE O 337 -103.73 -62.07 -162.20
N GLU O 338 -103.87 -63.17 -162.85
CA GLU O 338 -103.57 -64.34 -162.13
C GLU O 338 -102.74 -65.31 -162.90
N ASN O 339 -101.65 -65.68 -162.29
CA ASN O 339 -100.81 -66.65 -162.96
C ASN O 339 -100.41 -66.24 -164.37
N GLY O 340 -99.95 -65.02 -164.51
CA GLY O 340 -99.49 -64.53 -165.80
C GLY O 340 -100.62 -64.05 -166.66
N LEU O 341 -101.85 -64.21 -166.19
CA LEU O 341 -102.91 -63.74 -167.07
C LEU O 341 -103.83 -62.73 -166.53
N LEU O 342 -104.25 -61.91 -167.46
CA LEU O 342 -105.18 -60.89 -167.15
C LEU O 342 -106.59 -61.38 -167.36
N LEU O 343 -107.33 -61.36 -166.27
CA LEU O 343 -108.68 -61.85 -166.33
C LEU O 343 -109.70 -60.85 -166.02
N LEU O 344 -110.79 -61.15 -166.64
CA LEU O 344 -111.93 -60.38 -166.43
C LEU O 344 -113.08 -61.29 -166.12
N ASN O 345 -113.64 -61.09 -164.95
CA ASN O 345 -114.72 -61.94 -164.52
C ASN O 345 -114.33 -63.37 -164.72
N GLY O 346 -113.08 -63.62 -164.40
CA GLY O 346 -112.58 -64.97 -164.47
C GLY O 346 -112.05 -65.41 -165.79
N LYS O 347 -112.29 -64.66 -166.83
CA LYS O 347 -111.76 -65.09 -168.08
C LYS O 347 -110.70 -64.14 -168.55
N PRO O 348 -109.82 -64.76 -169.27
CA PRO O 348 -108.65 -64.16 -169.86
C PRO O 348 -109.03 -63.36 -171.06
N LEU O 349 -108.64 -62.11 -171.03
CA LEU O 349 -109.01 -61.25 -172.11
C LEU O 349 -108.10 -61.29 -173.29
N LEU O 350 -108.66 -60.76 -174.34
CA LEU O 350 -107.98 -60.56 -175.58
C LEU O 350 -108.36 -59.18 -176.09
N ILE O 351 -107.44 -58.28 -175.89
CA ILE O 351 -107.63 -56.90 -176.19
C ILE O 351 -107.49 -56.54 -177.61
N ARG O 352 -108.60 -56.10 -178.17
CA ARG O 352 -108.65 -55.58 -179.52
C ARG O 352 -108.72 -54.07 -179.36
N GLY O 353 -107.55 -53.50 -179.04
CA GLY O 353 -107.48 -52.10 -178.71
C GLY O 353 -106.91 -51.13 -179.69
N VAL O 354 -107.20 -49.90 -179.34
CA VAL O 354 -106.72 -48.78 -180.11
C VAL O 354 -106.49 -47.61 -179.21
N ASN O 355 -105.49 -46.85 -179.55
CA ASN O 355 -105.19 -45.62 -178.82
C ASN O 355 -105.97 -44.54 -179.51
N ARG O 356 -106.47 -43.60 -178.71
CA ARG O 356 -107.24 -42.50 -179.25
C ARG O 356 -107.05 -41.14 -178.59
N HIS O 357 -106.78 -40.15 -179.40
CA HIS O 357 -106.69 -38.80 -178.88
C HIS O 357 -108.03 -38.04 -178.97
N GLU O 358 -108.12 -36.99 -178.19
CA GLU O 358 -109.31 -36.11 -178.22
C GLU O 358 -108.99 -35.02 -179.26
N HIS O 359 -109.47 -35.27 -180.50
CA HIS O 359 -109.18 -34.44 -181.69
C HIS O 359 -110.29 -34.33 -182.71
N HIS O 360 -110.50 -33.05 -183.06
CA HIS O 360 -111.49 -32.58 -183.98
C HIS O 360 -110.87 -31.65 -184.99
N PRO O 361 -111.03 -32.03 -186.25
CA PRO O 361 -110.50 -31.34 -187.43
C PRO O 361 -110.83 -29.86 -187.43
N LEU O 362 -112.03 -29.60 -186.92
CA LEU O 362 -112.60 -28.26 -186.78
C LEU O 362 -112.46 -27.62 -185.42
N HIS O 363 -112.84 -28.33 -184.38
CA HIS O 363 -112.74 -27.77 -183.05
C HIS O 363 -111.41 -27.90 -182.36
N GLY O 364 -110.42 -28.53 -182.98
CA GLY O 364 -109.13 -28.72 -182.33
C GLY O 364 -109.28 -29.76 -181.21
N GLN O 365 -108.91 -29.38 -179.98
CA GLN O 365 -109.02 -30.31 -178.89
C GLN O 365 -110.34 -30.31 -178.14
N VAL O 366 -111.35 -29.72 -178.73
CA VAL O 366 -112.62 -29.69 -178.04
C VAL O 366 -113.55 -30.83 -178.41
N MET O 367 -113.99 -31.54 -177.39
CA MET O 367 -114.86 -32.71 -177.58
C MET O 367 -116.33 -32.49 -177.39
N ASP O 368 -117.14 -33.39 -177.95
CA ASP O 368 -118.59 -33.37 -177.83
C ASP O 368 -119.22 -34.72 -178.01
N GLU O 369 -120.34 -34.81 -177.36
CA GLU O 369 -121.10 -36.05 -177.35
C GLU O 369 -121.17 -36.70 -178.70
N GLN O 370 -121.62 -35.91 -179.60
CA GLN O 370 -121.82 -36.41 -180.90
C GLN O 370 -120.65 -37.17 -181.51
N THR O 371 -119.51 -36.54 -181.44
CA THR O 371 -118.30 -37.13 -181.94
C THR O 371 -117.93 -38.42 -181.19
N MET O 372 -117.86 -38.24 -179.88
CA MET O 372 -117.55 -39.32 -179.02
C MET O 372 -118.31 -40.56 -179.45
N VAL O 373 -119.60 -40.39 -179.54
CA VAL O 373 -120.40 -41.51 -179.92
C VAL O 373 -120.04 -42.09 -181.27
N GLN O 374 -119.76 -41.18 -182.14
CA GLN O 374 -119.39 -41.64 -183.44
C GLN O 374 -118.22 -42.62 -183.38
N ASP O 375 -117.19 -42.14 -182.69
CA ASP O 375 -116.03 -42.95 -182.54
C ASP O 375 -116.35 -44.32 -181.98
N ILE O 376 -117.09 -44.25 -180.91
CA ILE O 376 -117.44 -45.47 -180.30
C ILE O 376 -118.12 -46.43 -181.23
N LEU O 377 -119.09 -45.89 -181.93
CA LEU O 377 -119.83 -46.76 -182.82
C LEU O 377 -118.95 -47.45 -183.80
N LEU O 378 -118.12 -46.64 -184.40
CA LEU O 378 -117.19 -47.16 -185.34
C LEU O 378 -116.32 -48.24 -184.78
N MET O 379 -115.70 -47.92 -183.66
CA MET O 379 -114.85 -48.89 -183.05
C MET O 379 -115.54 -50.20 -182.87
N LYS O 380 -116.67 -50.08 -182.21
CA LYS O 380 -117.46 -51.26 -181.95
C LYS O 380 -117.76 -51.98 -183.22
N GLN O 381 -118.07 -51.22 -184.22
CA GLN O 381 -118.40 -51.87 -185.46
C GLN O 381 -117.22 -52.52 -186.15
N ASN O 382 -116.04 -52.09 -185.80
CA ASN O 382 -114.85 -52.67 -186.37
C ASN O 382 -114.15 -53.69 -185.51
N ASN O 383 -114.85 -54.17 -184.53
CA ASN O 383 -114.31 -55.21 -183.71
C ASN O 383 -113.32 -54.80 -182.71
N PHE O 384 -113.35 -53.53 -182.36
CA PHE O 384 -112.49 -53.11 -181.28
C PHE O 384 -113.18 -53.30 -179.91
N ASN O 385 -112.42 -53.52 -178.82
CA ASN O 385 -113.14 -53.69 -177.55
C ASN O 385 -112.53 -52.87 -176.46
N ALA O 386 -111.47 -52.16 -176.83
CA ALA O 386 -110.82 -51.40 -175.82
C ALA O 386 -110.12 -50.22 -176.40
N VAL O 387 -109.95 -49.25 -175.52
CA VAL O 387 -109.26 -48.06 -175.92
C VAL O 387 -108.41 -47.50 -174.79
N ARG O 388 -107.33 -46.91 -175.23
CA ARG O 388 -106.39 -46.29 -174.35
C ARG O 388 -106.45 -44.78 -174.55
N CYS O 389 -106.61 -44.07 -173.43
CA CYS O 389 -106.64 -42.60 -173.44
C CYS O 389 -105.28 -41.97 -173.63
N SER O 390 -104.72 -42.14 -174.82
CA SER O 390 -103.40 -41.54 -175.04
C SER O 390 -103.55 -40.04 -175.10
N HIS O 391 -102.97 -39.30 -174.16
CA HIS O 391 -102.19 -39.75 -173.04
C HIS O 391 -102.53 -38.80 -171.89
N TYR O 392 -103.77 -38.83 -171.46
CA TYR O 392 -104.26 -37.94 -170.43
C TYR O 392 -105.68 -38.31 -170.25
N PRO O 393 -106.18 -37.87 -169.14
CA PRO O 393 -107.54 -38.15 -168.79
C PRO O 393 -108.42 -37.47 -169.79
N ASN O 394 -109.47 -38.14 -170.08
CA ASN O 394 -110.32 -37.58 -171.08
C ASN O 394 -111.47 -36.83 -170.51
N HIS O 395 -112.16 -36.18 -171.40
CA HIS O 395 -113.38 -35.58 -171.06
C HIS O 395 -114.30 -36.69 -170.48
N PRO O 396 -114.82 -36.32 -169.38
CA PRO O 396 -115.65 -37.09 -168.49
C PRO O 396 -116.75 -37.88 -169.09
N LEU O 397 -117.35 -37.30 -170.06
CA LEU O 397 -118.47 -37.99 -170.61
C LEU O 397 -118.08 -39.33 -171.26
N TRP O 398 -116.87 -39.26 -171.77
CA TRP O 398 -116.30 -40.38 -172.44
C TRP O 398 -116.51 -41.67 -171.67
N TYR O 399 -116.09 -41.58 -170.39
CA TYR O 399 -116.16 -42.73 -169.53
C TYR O 399 -117.54 -43.28 -169.39
N THR O 400 -118.45 -42.37 -169.35
CA THR O 400 -119.79 -42.82 -169.20
C THR O 400 -120.25 -43.58 -170.40
N LEU O 401 -119.93 -43.00 -171.53
CA LEU O 401 -120.29 -43.62 -172.76
C LEU O 401 -119.72 -45.00 -172.85
N CYS O 402 -118.44 -45.07 -172.50
CA CYS O 402 -117.83 -46.38 -172.55
C CYS O 402 -118.51 -47.32 -171.62
N ASP O 403 -118.89 -46.75 -170.48
CA ASP O 403 -119.53 -47.57 -169.50
C ASP O 403 -120.79 -48.16 -170.07
N ARG O 404 -121.48 -47.29 -170.79
CA ARG O 404 -122.77 -47.67 -171.34
C ARG O 404 -122.74 -48.50 -172.57
N TYR O 405 -121.84 -48.13 -173.48
CA TYR O 405 -121.71 -48.86 -174.72
C TYR O 405 -120.96 -50.15 -174.63
N GLY O 406 -120.00 -50.21 -173.71
CA GLY O 406 -119.21 -51.39 -173.50
C GLY O 406 -117.84 -51.35 -174.16
N LEU O 407 -116.86 -50.71 -173.55
CA LEU O 407 -115.50 -50.72 -174.09
C LEU O 407 -114.52 -50.74 -172.94
N TYR O 408 -113.49 -51.58 -173.01
CA TYR O 408 -112.54 -51.53 -171.92
C TYR O 408 -111.69 -50.30 -172.07
N VAL O 409 -111.40 -49.66 -170.96
CA VAL O 409 -110.57 -48.47 -171.01
C VAL O 409 -109.38 -48.46 -170.07
N VAL O 410 -108.34 -47.86 -170.64
CA VAL O 410 -107.13 -47.62 -169.92
C VAL O 410 -107.05 -46.12 -169.65
N ASP O 411 -107.15 -45.73 -168.39
CA ASP O 411 -107.06 -44.35 -168.00
C ASP O 411 -105.61 -43.94 -167.79
N GLU O 412 -105.21 -42.85 -168.38
CA GLU O 412 -103.82 -42.51 -168.30
C GLU O 412 -103.52 -41.14 -167.77
N ALA O 413 -102.55 -41.11 -166.88
CA ALA O 413 -102.20 -39.83 -166.33
C ALA O 413 -101.56 -38.91 -167.36
N ASN O 414 -101.82 -37.63 -167.18
CA ASN O 414 -101.31 -36.62 -168.05
C ASN O 414 -99.82 -36.33 -167.83
N ILE O 415 -98.92 -37.25 -168.22
CA ILE O 415 -97.51 -36.94 -168.05
C ILE O 415 -96.67 -37.49 -169.16
N GLU O 416 -95.99 -36.63 -169.93
CA GLU O 416 -95.09 -37.04 -171.01
C GLU O 416 -93.95 -36.05 -170.97
N THR O 417 -92.73 -36.53 -170.86
CA THR O 417 -91.54 -35.66 -170.81
C THR O 417 -90.59 -36.14 -171.85
N HIS O 418 -91.23 -36.61 -172.87
CA HIS O 418 -90.53 -37.17 -173.97
C HIS O 418 -89.27 -36.41 -174.43
N GLY O 419 -89.30 -35.07 -174.46
CA GLY O 419 -88.20 -34.27 -174.96
C GLY O 419 -87.03 -34.16 -174.01
N MET O 420 -87.21 -34.57 -172.78
CA MET O 420 -86.12 -34.45 -171.85
C MET O 420 -84.94 -35.29 -172.24
N VAL O 421 -83.83 -35.08 -171.56
CA VAL O 421 -82.67 -35.89 -171.87
C VAL O 421 -81.72 -36.12 -170.71
N PRO O 422 -81.56 -37.36 -170.29
CA PRO O 422 -82.30 -38.46 -170.85
C PRO O 422 -83.78 -38.31 -170.49
N MET O 423 -84.58 -39.11 -171.13
CA MET O 423 -85.99 -39.05 -170.94
C MET O 423 -86.44 -38.96 -169.49
N ASN O 424 -85.72 -39.51 -168.55
CA ASN O 424 -86.25 -39.46 -167.19
C ASN O 424 -85.68 -38.38 -166.26
N ARG O 425 -85.08 -37.38 -166.90
CA ARG O 425 -84.48 -36.27 -166.19
C ARG O 425 -85.37 -35.75 -165.07
N LEU O 426 -86.64 -35.56 -165.36
CA LEU O 426 -87.55 -35.09 -164.32
C LEU O 426 -88.14 -36.17 -163.45
N THR O 427 -88.55 -37.29 -164.07
CA THR O 427 -89.20 -38.41 -163.38
C THR O 427 -88.39 -39.04 -162.29
N ASP O 428 -87.11 -38.80 -162.43
CA ASP O 428 -86.27 -39.29 -161.42
C ASP O 428 -85.92 -38.21 -160.39
N ASP O 429 -86.64 -37.11 -160.42
CA ASP O 429 -86.36 -36.04 -159.51
C ASP O 429 -87.51 -35.68 -158.60
N PRO O 430 -87.13 -35.84 -157.36
CA PRO O 430 -87.97 -35.64 -156.22
C PRO O 430 -88.68 -34.33 -156.32
N ARG O 431 -87.91 -33.35 -156.74
CA ARG O 431 -88.50 -32.03 -156.88
C ARG O 431 -89.73 -32.03 -157.74
N TRP O 432 -89.82 -33.01 -158.62
CA TRP O 432 -90.98 -33.04 -159.49
C TRP O 432 -92.06 -34.00 -159.07
N LEU O 433 -91.69 -34.67 -158.03
CA LEU O 433 -92.59 -35.66 -157.54
C LEU O 433 -94.01 -35.17 -157.18
N PRO O 434 -94.06 -34.07 -156.55
CA PRO O 434 -95.35 -33.56 -156.12
C PRO O 434 -96.23 -33.22 -157.30
N ALA O 435 -95.61 -32.55 -158.22
CA ALA O 435 -96.32 -32.25 -159.46
C ALA O 435 -96.85 -33.53 -160.09
N MET O 436 -95.92 -34.47 -160.27
CA MET O 436 -96.35 -35.71 -160.86
C MET O 436 -97.47 -36.34 -160.06
N SER O 437 -97.24 -36.28 -158.78
CA SER O 437 -98.17 -36.92 -157.90
C SER O 437 -99.62 -36.53 -158.17
N GLU O 438 -99.79 -35.23 -158.30
CA GLU O 438 -101.08 -34.62 -158.46
C GLU O 438 -101.78 -35.11 -159.66
N ARG O 439 -100.93 -35.26 -160.66
CA ARG O 439 -101.39 -35.78 -161.89
C ARG O 439 -101.96 -37.20 -161.75
N VAL O 440 -101.41 -38.00 -160.85
CA VAL O 440 -102.00 -39.32 -160.78
C VAL O 440 -103.21 -39.40 -159.86
N THR O 441 -102.93 -38.89 -158.68
CA THR O 441 -103.89 -38.95 -157.60
C THR O 441 -105.24 -38.47 -158.00
N ARG O 442 -105.20 -37.32 -158.63
CA ARG O 442 -106.41 -36.67 -159.04
C ARG O 442 -107.23 -37.47 -160.02
N MET O 443 -106.50 -38.08 -160.95
CA MET O 443 -107.19 -38.89 -161.92
C MET O 443 -107.99 -39.99 -161.25
N VAL O 444 -107.25 -40.64 -160.39
CA VAL O 444 -107.81 -41.76 -159.72
C VAL O 444 -109.04 -41.37 -158.97
N GLN O 445 -108.87 -40.25 -158.29
CA GLN O 445 -109.93 -39.73 -157.48
C GLN O 445 -111.18 -39.44 -158.28
N ARG O 446 -110.92 -39.01 -159.47
CA ARG O 446 -112.02 -38.69 -160.28
C ARG O 446 -112.70 -39.86 -160.94
N ASP O 447 -111.91 -40.81 -161.43
CA ASP O 447 -112.48 -41.84 -162.26
C ASP O 447 -112.73 -43.21 -161.77
N ARG O 448 -112.30 -43.38 -160.58
CA ARG O 448 -112.35 -44.70 -160.05
C ARG O 448 -113.68 -45.40 -159.97
N ASN O 449 -114.77 -44.69 -160.12
CA ASN O 449 -115.98 -45.45 -160.03
C ASN O 449 -116.48 -46.04 -161.33
N HIS O 450 -115.82 -45.71 -162.45
CA HIS O 450 -116.30 -46.27 -163.69
C HIS O 450 -115.82 -47.67 -164.01
N PRO O 451 -116.77 -48.56 -164.23
CA PRO O 451 -116.46 -49.94 -164.55
C PRO O 451 -115.63 -50.09 -165.81
N SER O 452 -115.77 -49.22 -166.77
CA SER O 452 -114.99 -49.40 -167.99
C SER O 452 -113.50 -49.18 -167.77
N VAL O 453 -113.18 -48.46 -166.72
CA VAL O 453 -111.76 -48.29 -166.56
C VAL O 453 -111.27 -49.56 -165.97
N ILE O 454 -110.32 -50.21 -166.64
CA ILE O 454 -109.83 -51.45 -166.06
C ILE O 454 -108.36 -51.46 -165.80
N ILE O 455 -107.68 -50.45 -166.28
CA ILE O 455 -106.26 -50.36 -166.02
C ILE O 455 -105.89 -48.93 -165.89
N TRP O 456 -104.97 -48.70 -164.98
CA TRP O 456 -104.46 -47.38 -164.78
C TRP O 456 -103.10 -47.33 -165.42
N SER O 457 -102.82 -46.18 -166.00
CA SER O 457 -101.54 -45.95 -166.62
C SER O 457 -100.90 -44.70 -166.06
N LEU O 458 -99.61 -44.81 -165.75
CA LEU O 458 -98.87 -43.71 -165.18
C LEU O 458 -98.49 -42.63 -166.17
N GLY O 459 -98.83 -42.78 -167.43
CA GLY O 459 -98.35 -41.72 -168.28
C GLY O 459 -97.73 -42.29 -169.52
N ASN O 460 -96.80 -41.54 -170.13
CA ASN O 460 -96.19 -41.97 -171.36
C ASN O 460 -94.86 -41.32 -171.67
N GLU O 461 -94.01 -42.09 -172.29
CA GLU O 461 -92.69 -41.66 -172.70
C GLU O 461 -92.05 -40.64 -171.80
N SER O 462 -91.76 -41.04 -170.58
CA SER O 462 -91.12 -40.18 -169.60
C SER O 462 -89.99 -40.94 -168.92
N GLY O 463 -89.44 -41.90 -169.64
CA GLY O 463 -88.40 -42.75 -169.11
C GLY O 463 -88.94 -43.51 -167.90
N HIS O 464 -88.03 -43.87 -167.03
CA HIS O 464 -88.41 -44.53 -165.83
C HIS O 464 -87.68 -43.92 -164.66
N GLY O 465 -88.40 -43.36 -163.69
CA GLY O 465 -87.78 -42.77 -162.55
C GLY O 465 -88.47 -43.18 -161.28
N ALA O 466 -87.77 -42.90 -160.22
CA ALA O 466 -88.30 -43.26 -158.93
C ALA O 466 -89.68 -42.71 -158.67
N ASN O 467 -89.95 -41.55 -159.27
CA ASN O 467 -91.25 -40.99 -159.03
C ASN O 467 -92.32 -41.96 -159.47
N HIS O 468 -91.95 -42.71 -160.50
CA HIS O 468 -92.84 -43.69 -161.04
C HIS O 468 -93.16 -44.81 -160.06
N ASP O 469 -92.09 -45.33 -159.50
CA ASP O 469 -92.26 -46.42 -158.58
C ASP O 469 -93.14 -46.01 -157.43
N ALA O 470 -92.83 -44.84 -156.96
CA ALA O 470 -93.62 -44.35 -155.86
C ALA O 470 -95.09 -44.24 -156.20
N LEU O 471 -95.36 -43.79 -157.39
CA LEU O 471 -96.73 -43.59 -157.79
C LEU O 471 -97.49 -44.85 -158.06
N TYR O 472 -96.74 -45.76 -158.65
CA TYR O 472 -97.26 -47.06 -158.91
C TYR O 472 -97.79 -47.64 -157.60
N ARG O 473 -96.90 -47.59 -156.65
CA ARG O 473 -97.25 -48.11 -155.36
C ARG O 473 -98.49 -47.49 -154.75
N TRP O 474 -98.51 -46.18 -154.83
CA TRP O 474 -99.61 -45.45 -154.29
C TRP O 474 -100.94 -45.98 -154.81
N ILE O 475 -100.98 -46.12 -156.09
CA ILE O 475 -102.21 -46.59 -156.62
C ILE O 475 -102.54 -47.95 -156.12
N LYS O 476 -101.53 -48.79 -156.14
CA LYS O 476 -101.75 -50.15 -155.72
C LYS O 476 -102.42 -50.15 -154.40
N SER O 477 -102.01 -49.20 -153.60
CA SER O 477 -102.57 -49.20 -152.27
C SER O 477 -103.95 -48.67 -152.22
N VAL O 478 -104.15 -47.67 -152.99
CA VAL O 478 -105.43 -47.07 -152.96
C VAL O 478 -106.50 -47.84 -153.75
N ASP O 479 -106.10 -48.39 -154.88
CA ASP O 479 -106.99 -49.09 -155.75
C ASP O 479 -106.33 -50.32 -156.32
N PRO O 480 -106.64 -51.31 -155.59
CA PRO O 480 -106.15 -52.63 -155.81
C PRO O 480 -106.99 -53.36 -156.82
N SER O 481 -108.12 -52.78 -157.18
CA SER O 481 -109.06 -53.37 -158.10
C SER O 481 -108.56 -53.39 -159.54
N ARG O 482 -107.56 -52.58 -159.82
CA ARG O 482 -107.04 -52.53 -161.15
C ARG O 482 -105.55 -52.52 -161.15
N PRO O 483 -105.07 -53.11 -162.20
CA PRO O 483 -103.67 -53.23 -162.47
C PRO O 483 -103.19 -51.93 -163.01
N VAL O 484 -101.89 -51.75 -162.87
CA VAL O 484 -101.23 -50.58 -163.33
C VAL O 484 -100.18 -50.87 -164.36
N GLN O 485 -100.13 -50.04 -165.39
CA GLN O 485 -99.09 -50.26 -166.38
C GLN O 485 -98.36 -48.99 -166.75
N TYR O 486 -97.17 -49.18 -167.29
CA TYR O 486 -96.33 -48.07 -167.70
C TYR O 486 -95.19 -48.60 -168.55
N GLU O 487 -95.04 -48.04 -169.74
CA GLU O 487 -94.05 -48.54 -170.68
C GLU O 487 -92.64 -47.99 -170.53
N GLY O 488 -92.55 -46.77 -170.04
CA GLY O 488 -91.28 -46.10 -169.97
C GLY O 488 -90.18 -46.94 -169.38
N GLY O 489 -89.02 -46.67 -169.88
CA GLY O 489 -87.82 -47.30 -169.41
C GLY O 489 -87.67 -48.78 -169.71
N GLY O 490 -88.23 -49.26 -170.80
CA GLY O 490 -88.05 -50.67 -171.12
C GLY O 490 -89.30 -51.53 -171.14
N ALA O 491 -90.46 -51.00 -170.75
CA ALA O 491 -91.74 -51.71 -170.80
C ALA O 491 -91.87 -52.88 -169.84
N ASP O 492 -90.85 -53.10 -169.02
CA ASP O 492 -90.94 -54.22 -168.09
C ASP O 492 -90.42 -53.90 -166.71
N THR O 493 -90.43 -52.62 -166.36
CA THR O 493 -89.92 -52.21 -165.07
C THR O 493 -90.79 -52.64 -163.94
N THR O 494 -90.26 -52.27 -162.79
CA THR O 494 -90.89 -52.51 -161.50
C THR O 494 -92.19 -51.72 -161.39
N ALA O 495 -92.31 -50.74 -162.25
CA ALA O 495 -93.47 -49.91 -162.21
C ALA O 495 -94.57 -50.41 -163.12
N THR O 496 -94.51 -51.62 -163.62
CA THR O 496 -95.63 -51.98 -164.45
C THR O 496 -96.08 -53.37 -164.14
N ASP O 497 -97.36 -53.57 -164.19
CA ASP O 497 -97.88 -54.89 -163.93
C ASP O 497 -97.97 -55.72 -165.17
N ILE O 498 -97.79 -55.07 -166.30
CA ILE O 498 -97.90 -55.73 -167.57
C ILE O 498 -96.79 -55.31 -168.45
N ILE O 499 -96.30 -56.25 -169.25
CA ILE O 499 -95.27 -55.91 -170.19
C ILE O 499 -96.02 -55.24 -171.32
N CYS O 500 -95.74 -53.96 -171.50
CA CYS O 500 -96.48 -53.17 -172.47
C CYS O 500 -95.62 -52.36 -173.38
N PRO O 501 -94.89 -53.03 -174.17
CA PRO O 501 -94.02 -52.33 -175.09
C PRO O 501 -94.81 -51.66 -176.20
N MET O 502 -94.07 -50.84 -176.91
CA MET O 502 -94.58 -50.16 -178.07
C MET O 502 -93.75 -50.57 -179.29
N TYR O 503 -94.42 -51.09 -180.29
CA TYR O 503 -93.74 -51.46 -181.51
C TYR O 503 -92.78 -52.63 -181.52
N ALA O 504 -92.91 -53.52 -180.55
CA ALA O 504 -92.07 -54.73 -180.60
C ALA O 504 -92.57 -55.65 -181.71
N ARG O 505 -91.63 -56.29 -182.39
CA ARG O 505 -92.01 -57.14 -183.48
C ARG O 505 -92.43 -58.51 -183.05
N VAL O 506 -93.16 -59.17 -183.93
CA VAL O 506 -93.63 -60.49 -183.61
C VAL O 506 -92.46 -61.43 -183.44
N ASP O 507 -91.62 -61.47 -184.47
CA ASP O 507 -90.50 -62.38 -184.32
C ASP O 507 -89.16 -61.73 -184.30
N GLU O 508 -89.05 -60.44 -184.57
CA GLU O 508 -87.70 -59.92 -184.56
C GLU O 508 -87.37 -59.08 -183.38
N ASP O 509 -86.14 -59.23 -182.92
CA ASP O 509 -85.68 -58.46 -181.81
C ASP O 509 -85.05 -57.17 -182.32
N GLN O 510 -85.22 -56.12 -181.53
CA GLN O 510 -84.67 -54.80 -181.74
C GLN O 510 -84.02 -54.45 -180.42
N PRO O 511 -82.79 -54.81 -180.41
CA PRO O 511 -81.94 -54.76 -179.29
C PRO O 511 -81.24 -53.45 -179.03
N PHE O 512 -82.01 -52.44 -178.80
CA PHE O 512 -81.37 -51.25 -178.41
C PHE O 512 -80.85 -51.42 -177.02
N PRO O 513 -79.77 -50.70 -176.86
CA PRO O 513 -79.06 -50.60 -175.63
C PRO O 513 -79.98 -50.01 -174.61
N ALA O 514 -79.88 -50.59 -173.42
CA ALA O 514 -80.67 -50.16 -172.30
C ALA O 514 -82.13 -50.47 -172.41
N VAL O 515 -82.70 -50.37 -173.61
CA VAL O 515 -84.12 -50.54 -173.73
C VAL O 515 -84.43 -51.21 -175.04
N PRO O 516 -83.95 -52.43 -175.10
CA PRO O 516 -84.14 -53.27 -176.26
C PRO O 516 -85.61 -53.63 -176.30
N LYS O 517 -86.04 -53.98 -177.49
CA LYS O 517 -87.38 -54.47 -177.76
C LYS O 517 -87.28 -55.86 -178.34
N TRP O 518 -87.51 -56.84 -177.53
CA TRP O 518 -87.45 -58.21 -177.96
C TRP O 518 -88.63 -58.61 -178.79
N SER O 519 -88.49 -59.65 -179.61
CA SER O 519 -89.65 -60.16 -180.28
C SER O 519 -90.61 -60.46 -179.13
N ILE O 520 -91.86 -60.18 -179.37
CA ILE O 520 -92.74 -60.42 -178.26
C ILE O 520 -92.82 -61.87 -177.87
N LYS O 521 -92.64 -62.81 -178.80
CA LYS O 521 -92.71 -64.18 -178.30
C LYS O 521 -91.55 -64.48 -177.36
N LYS O 522 -90.42 -63.89 -177.68
CA LYS O 522 -89.26 -64.11 -176.86
C LYS O 522 -89.37 -63.40 -175.52
N TRP O 523 -89.92 -62.22 -175.56
CA TRP O 523 -89.99 -61.47 -174.37
C TRP O 523 -90.61 -62.23 -173.26
N LEU O 524 -91.69 -62.92 -173.56
CA LEU O 524 -92.35 -63.62 -172.46
C LEU O 524 -91.53 -64.64 -171.66
N SER O 525 -90.60 -65.29 -172.34
CA SER O 525 -89.80 -66.43 -171.89
C SER O 525 -88.53 -66.05 -171.16
N LEU O 526 -88.23 -64.79 -171.18
CA LEU O 526 -87.04 -64.37 -170.48
C LEU O 526 -87.11 -64.87 -169.05
N PRO O 527 -85.96 -65.28 -168.61
CA PRO O 527 -85.80 -65.85 -167.30
C PRO O 527 -86.36 -64.99 -166.25
N GLY O 528 -87.30 -65.60 -165.55
CA GLY O 528 -87.97 -64.92 -164.47
C GLY O 528 -89.18 -64.11 -164.92
N GLU O 529 -89.38 -63.92 -166.23
CA GLU O 529 -90.53 -63.13 -166.60
C GLU O 529 -91.85 -63.87 -166.41
N THR O 530 -92.86 -63.27 -165.83
CA THR O 530 -94.11 -64.02 -165.68
C THR O 530 -95.35 -63.29 -166.11
N ARG O 531 -95.19 -61.99 -166.37
CA ARG O 531 -96.28 -61.13 -166.69
C ARG O 531 -96.89 -61.38 -168.02
N PRO O 532 -98.07 -60.83 -168.17
CA PRO O 532 -98.76 -60.87 -169.41
C PRO O 532 -98.17 -59.73 -170.22
N LEU O 533 -98.36 -59.81 -171.53
CA LEU O 533 -97.86 -58.79 -172.39
C LEU O 533 -98.95 -58.29 -173.31
N ILE O 534 -99.08 -56.97 -173.29
CA ILE O 534 -100.04 -56.27 -174.12
C ILE O 534 -99.38 -55.05 -174.69
N LEU O 535 -99.36 -54.93 -176.00
CA LEU O 535 -98.65 -53.77 -176.49
C LEU O 535 -99.43 -52.51 -176.30
N CYS O 536 -98.74 -51.53 -175.79
CA CYS O 536 -99.37 -50.24 -175.57
C CYS O 536 -99.50 -49.52 -176.90
N GLU O 537 -98.60 -49.85 -177.82
CA GLU O 537 -98.69 -49.31 -179.15
C GLU O 537 -98.15 -50.33 -180.11
N TYR O 538 -98.91 -50.54 -181.19
CA TYR O 538 -98.46 -51.41 -182.23
C TYR O 538 -99.17 -51.10 -183.54
N ALA O 539 -98.53 -51.60 -184.60
CA ALA O 539 -99.00 -51.45 -185.97
C ALA O 539 -99.28 -50.00 -186.33
N HIS O 540 -98.23 -49.19 -186.42
CA HIS O 540 -98.33 -47.78 -186.75
C HIS O 540 -99.18 -47.55 -188.00
N ALA O 541 -100.38 -46.97 -187.83
CA ALA O 541 -101.29 -46.81 -188.96
C ALA O 541 -101.08 -45.59 -189.85
N MET O 542 -99.84 -45.18 -190.01
CA MET O 542 -99.58 -44.02 -190.79
C MET O 542 -99.60 -44.18 -192.31
N GLY O 543 -100.60 -43.57 -192.90
CA GLY O 543 -100.77 -43.60 -194.32
C GLY O 543 -101.13 -44.98 -194.81
N ASN O 544 -100.50 -45.38 -195.93
CA ASN O 544 -100.73 -46.70 -196.45
C ASN O 544 -99.96 -47.70 -195.57
N SER O 545 -100.64 -48.22 -194.58
CA SER O 545 -99.97 -49.05 -193.62
C SER O 545 -100.81 -50.22 -193.16
N LEU O 546 -100.39 -50.73 -192.00
CA LEU O 546 -100.99 -51.90 -191.39
C LEU O 546 -100.51 -53.21 -192.03
N GLY O 547 -99.42 -53.14 -192.78
CA GLY O 547 -98.89 -54.35 -193.35
C GLY O 547 -98.31 -55.21 -192.20
N GLY O 548 -98.76 -56.46 -192.15
CA GLY O 548 -98.25 -57.38 -191.15
C GLY O 548 -99.15 -57.57 -189.97
N PHE O 549 -100.28 -56.89 -190.03
CA PHE O 549 -101.23 -56.95 -188.96
C PHE O 549 -101.57 -58.37 -188.53
N ALA O 550 -101.82 -59.19 -189.53
CA ALA O 550 -102.17 -60.57 -189.26
C ALA O 550 -101.17 -61.40 -188.47
N LYS O 551 -99.87 -61.10 -188.68
CA LYS O 551 -98.83 -61.80 -187.92
C LYS O 551 -99.11 -61.67 -186.42
N TYR O 552 -99.41 -60.44 -186.02
CA TYR O 552 -99.74 -60.17 -184.64
C TYR O 552 -100.91 -61.00 -184.18
N TRP O 553 -101.98 -60.90 -184.94
CA TRP O 553 -103.17 -61.61 -184.54
C TRP O 553 -102.98 -63.06 -184.32
N GLN O 554 -102.21 -63.58 -185.21
CA GLN O 554 -101.96 -64.98 -185.10
C GLN O 554 -101.19 -65.32 -183.85
N ALA O 555 -100.20 -64.51 -183.59
CA ALA O 555 -99.44 -64.79 -182.40
C ALA O 555 -100.28 -64.64 -181.17
N PHE O 556 -101.04 -63.54 -181.19
CA PHE O 556 -101.85 -63.30 -180.03
C PHE O 556 -102.68 -64.53 -179.78
N ARG O 557 -103.22 -65.04 -180.86
CA ARG O 557 -104.06 -66.19 -180.73
C ARG O 557 -103.35 -67.44 -180.27
N GLN O 558 -102.08 -67.57 -180.59
CA GLN O 558 -101.43 -68.78 -180.17
C GLN O 558 -100.75 -68.73 -178.81
N TYR O 559 -100.41 -67.55 -178.32
CA TYR O 559 -99.78 -67.47 -177.05
C TYR O 559 -100.68 -66.82 -176.03
N PRO O 560 -100.97 -67.63 -175.09
CA PRO O 560 -101.81 -67.31 -173.97
C PRO O 560 -101.49 -65.99 -173.32
N ARG O 561 -100.22 -65.82 -172.97
CA ARG O 561 -99.74 -64.62 -172.32
C ARG O 561 -99.66 -63.41 -173.26
N LEU O 562 -99.87 -63.62 -174.55
CA LEU O 562 -99.91 -62.47 -175.43
C LEU O 562 -101.37 -62.07 -175.46
N GLN O 563 -101.74 -61.00 -174.75
CA GLN O 563 -103.13 -60.66 -174.68
C GLN O 563 -103.66 -59.52 -175.54
N GLY O 564 -102.95 -59.20 -176.61
CA GLY O 564 -103.39 -58.16 -177.54
C GLY O 564 -102.57 -56.88 -177.48
N GLY O 565 -103.21 -55.78 -177.87
CA GLY O 565 -102.54 -54.49 -177.87
C GLY O 565 -103.49 -53.41 -178.38
N PHE O 566 -102.93 -52.21 -178.44
CA PHE O 566 -103.60 -51.03 -178.89
C PHE O 566 -102.91 -50.47 -180.09
N VAL O 567 -103.70 -50.40 -181.12
CA VAL O 567 -103.16 -49.87 -182.32
C VAL O 567 -102.94 -48.38 -182.20
N TRP O 568 -101.90 -47.96 -182.87
CA TRP O 568 -101.60 -46.56 -182.89
C TRP O 568 -101.76 -46.03 -184.32
N ASP O 569 -102.79 -45.23 -184.57
CA ASP O 569 -103.82 -44.85 -183.61
C ASP O 569 -105.16 -44.64 -184.33
N TRP O 570 -106.19 -44.20 -183.62
CA TRP O 570 -107.51 -44.03 -184.23
C TRP O 570 -107.72 -43.09 -185.41
N VAL O 571 -107.57 -41.77 -185.19
CA VAL O 571 -107.78 -40.75 -186.24
C VAL O 571 -106.59 -39.88 -186.50
N ASP O 572 -106.48 -39.45 -187.76
CA ASP O 572 -105.42 -38.54 -188.13
C ASP O 572 -105.62 -37.23 -187.41
N GLN O 573 -104.51 -36.63 -187.02
CA GLN O 573 -104.58 -35.36 -186.33
C GLN O 573 -104.44 -34.25 -187.34
N SER O 574 -105.39 -34.18 -188.25
CA SER O 574 -105.34 -33.14 -189.25
C SER O 574 -106.38 -32.08 -188.99
N LEU O 575 -105.96 -30.90 -189.40
CA LEU O 575 -106.80 -29.74 -189.27
C LEU O 575 -107.23 -29.20 -190.62
N ILE O 576 -108.38 -28.55 -190.61
CA ILE O 576 -108.89 -27.91 -191.81
C ILE O 576 -108.36 -26.50 -192.04
N LYS O 577 -108.14 -26.17 -193.30
CA LYS O 577 -107.72 -24.85 -193.71
C LYS O 577 -108.51 -24.47 -194.93
N TYR O 578 -108.39 -23.21 -195.31
CA TYR O 578 -109.08 -22.81 -196.51
C TYR O 578 -108.22 -22.14 -197.51
N ASP O 579 -108.65 -22.38 -198.74
CA ASP O 579 -107.98 -21.73 -199.81
C ASP O 579 -108.77 -20.45 -200.03
N GLU O 580 -108.22 -19.62 -200.90
CA GLU O 580 -108.80 -18.36 -201.32
C GLU O 580 -110.24 -18.55 -201.77
N ASN O 581 -110.52 -19.68 -202.42
CA ASN O 581 -111.88 -19.94 -202.87
C ASN O 581 -112.74 -20.47 -201.74
N GLY O 582 -112.21 -20.30 -200.51
CA GLY O 582 -112.87 -20.72 -199.29
C GLY O 582 -113.08 -22.22 -199.30
N ASN O 583 -112.06 -22.85 -199.84
CA ASN O 583 -112.07 -24.27 -199.92
C ASN O 583 -111.24 -24.82 -198.81
N PRO O 584 -111.86 -25.76 -198.14
CA PRO O 584 -111.31 -26.43 -196.99
C PRO O 584 -110.31 -27.48 -197.41
N TRP O 585 -109.27 -27.62 -196.63
CA TRP O 585 -108.35 -28.65 -196.93
C TRP O 585 -107.59 -29.11 -195.71
N SER O 586 -107.19 -30.38 -195.74
CA SER O 586 -106.50 -30.96 -194.62
C SER O 586 -105.04 -30.58 -194.50
N ALA O 587 -104.78 -30.02 -193.32
CA ALA O 587 -103.49 -29.50 -192.98
C ALA O 587 -102.79 -30.32 -191.90
N TYR O 588 -101.48 -30.23 -191.98
CA TYR O 588 -100.65 -30.91 -191.04
C TYR O 588 -99.51 -30.05 -190.58
N GLY O 589 -98.58 -30.65 -189.87
CA GLY O 589 -97.45 -29.95 -189.34
C GLY O 589 -96.83 -29.01 -190.34
N GLY O 590 -96.59 -27.80 -189.85
CA GLY O 590 -95.98 -26.71 -190.59
C GLY O 590 -96.96 -25.91 -191.45
N ASP O 591 -98.18 -26.42 -191.59
CA ASP O 591 -99.20 -25.79 -192.40
C ASP O 591 -99.71 -24.48 -191.82
N PHE O 592 -99.24 -24.13 -190.63
CA PHE O 592 -99.65 -22.91 -189.96
C PHE O 592 -98.44 -22.05 -189.72
N GLY O 593 -97.38 -22.41 -190.41
CA GLY O 593 -96.12 -21.71 -190.27
C GLY O 593 -95.53 -22.01 -188.92
N ASP O 594 -96.14 -23.02 -188.28
CA ASP O 594 -95.72 -23.48 -186.96
C ASP O 594 -94.34 -24.07 -187.08
N THR O 595 -93.49 -23.63 -186.15
CA THR O 595 -92.13 -24.07 -186.02
C THR O 595 -91.74 -24.24 -184.56
N PRO O 596 -91.06 -25.35 -184.26
CA PRO O 596 -90.65 -26.31 -185.30
C PRO O 596 -91.80 -27.29 -185.57
N ASN O 597 -91.69 -28.14 -186.58
CA ASN O 597 -92.81 -29.06 -186.79
C ASN O 597 -92.35 -30.42 -187.32
N ASP O 598 -93.25 -31.43 -187.17
CA ASP O 598 -92.97 -32.80 -187.56
C ASP O 598 -93.83 -33.33 -188.72
N ARG O 599 -94.45 -32.36 -189.41
CA ARG O 599 -95.25 -32.56 -190.61
C ARG O 599 -96.39 -33.56 -190.51
N GLN O 600 -96.41 -34.57 -191.43
CA GLN O 600 -97.44 -35.65 -191.48
C GLN O 600 -97.50 -36.53 -190.23
N PHE O 601 -96.38 -36.52 -189.49
CA PHE O 601 -96.28 -37.34 -188.32
C PHE O 601 -97.50 -37.40 -187.42
N CYS O 602 -98.31 -36.37 -187.45
CA CYS O 602 -99.52 -36.32 -186.63
C CYS O 602 -100.66 -37.13 -187.28
N MET O 603 -100.41 -37.71 -188.46
CA MET O 603 -101.43 -38.51 -189.14
C MET O 603 -101.08 -39.98 -189.18
N ASN O 604 -101.69 -40.73 -188.26
CA ASN O 604 -101.41 -42.13 -188.08
C ASN O 604 -102.67 -42.90 -187.83
N GLY O 605 -103.81 -42.31 -188.18
CA GLY O 605 -105.06 -42.94 -187.87
C GLY O 605 -105.54 -43.96 -188.84
N LEU O 606 -106.49 -44.69 -188.33
CA LEU O 606 -107.18 -45.69 -189.09
C LEU O 606 -108.32 -45.00 -189.84
N VAL O 607 -108.64 -43.80 -189.38
CA VAL O 607 -109.66 -43.02 -190.03
C VAL O 607 -109.16 -41.63 -190.18
N PHE O 608 -109.77 -41.04 -191.16
CA PHE O 608 -109.55 -39.67 -191.50
C PHE O 608 -110.22 -38.83 -190.43
N ALA O 609 -109.67 -37.62 -190.24
CA ALA O 609 -110.23 -36.73 -189.23
C ALA O 609 -111.76 -36.60 -189.21
N ASP O 610 -112.38 -36.75 -190.36
CA ASP O 610 -113.81 -36.68 -190.49
C ASP O 610 -114.44 -37.98 -190.14
N ARG O 611 -113.57 -38.87 -189.67
CA ARG O 611 -114.03 -40.20 -189.34
C ARG O 611 -114.39 -40.99 -190.57
N THR O 612 -113.58 -40.79 -191.57
CA THR O 612 -113.77 -41.62 -192.70
C THR O 612 -112.55 -42.47 -192.73
N PRO O 613 -112.89 -43.70 -192.85
CA PRO O 613 -112.02 -44.82 -192.82
C PRO O 613 -110.98 -44.85 -193.86
N HIS O 614 -109.86 -45.36 -193.43
CA HIS O 614 -108.80 -45.71 -194.29
C HIS O 614 -109.10 -47.17 -194.62
N PRO O 615 -108.46 -47.65 -195.65
CA PRO O 615 -108.71 -49.02 -196.02
C PRO O 615 -108.26 -50.01 -194.96
N ALA O 616 -107.18 -49.63 -194.28
CA ALA O 616 -106.60 -50.48 -193.26
C ALA O 616 -107.62 -50.96 -192.22
N LEU O 617 -108.55 -50.07 -191.97
CA LEU O 617 -109.53 -50.38 -190.99
C LEU O 617 -110.19 -51.74 -191.16
N THR O 618 -110.30 -52.10 -192.37
CA THR O 618 -110.93 -53.35 -192.71
C THR O 618 -110.10 -54.54 -192.36
N GLU O 619 -108.81 -54.39 -192.65
CA GLU O 619 -107.92 -55.44 -192.31
C GLU O 619 -108.07 -55.67 -190.83
N ALA O 620 -108.12 -54.56 -190.11
CA ALA O 620 -108.29 -54.69 -188.67
C ALA O 620 -109.57 -55.38 -188.28
N LYS O 621 -110.63 -54.89 -188.89
CA LYS O 621 -111.90 -55.45 -188.56
C LYS O 621 -111.90 -56.96 -188.71
N HIS O 622 -111.34 -57.39 -189.81
CA HIS O 622 -111.29 -58.80 -190.10
C HIS O 622 -110.43 -59.58 -189.14
N GLN O 623 -109.19 -59.12 -188.90
CA GLN O 623 -108.34 -59.88 -187.98
C GLN O 623 -108.90 -59.89 -186.57
N GLN O 624 -109.71 -58.91 -186.24
CA GLN O 624 -110.22 -58.88 -184.90
C GLN O 624 -111.55 -59.57 -184.73
N GLN O 625 -112.06 -60.17 -185.78
CA GLN O 625 -113.36 -60.79 -185.63
C GLN O 625 -113.44 -61.77 -184.50
N PHE O 626 -114.63 -61.89 -183.96
CA PHE O 626 -114.90 -62.77 -182.84
C PHE O 626 -115.25 -64.17 -183.22
N PHE O 627 -115.36 -64.42 -184.50
CA PHE O 627 -115.66 -65.79 -184.88
C PHE O 627 -114.59 -66.33 -185.72
N GLN O 628 -114.21 -67.56 -185.49
CA GLN O 628 -113.18 -68.14 -186.30
C GLN O 628 -113.68 -69.36 -186.97
N PHE O 629 -113.22 -69.51 -188.21
CA PHE O 629 -113.64 -70.63 -189.03
C PHE O 629 -112.60 -71.57 -189.51
N ARG O 630 -113.04 -72.80 -189.61
CA ARG O 630 -112.24 -73.89 -190.09
C ARG O 630 -113.09 -74.66 -191.07
N LEU O 631 -112.46 -75.03 -192.14
CA LEU O 631 -113.23 -75.77 -193.09
C LEU O 631 -112.75 -77.18 -193.23
N SER O 632 -113.66 -78.13 -193.07
CA SER O 632 -113.22 -79.48 -193.21
C SER O 632 -114.14 -80.30 -194.06
N GLY O 633 -113.68 -80.55 -195.26
CA GLY O 633 -114.57 -81.28 -196.11
C GLY O 633 -115.78 -80.41 -196.44
N GLN O 634 -116.97 -80.86 -196.03
CA GLN O 634 -118.15 -80.09 -196.34
C GLN O 634 -118.63 -79.42 -195.10
N THR O 635 -117.76 -79.48 -194.12
CA THR O 635 -118.05 -78.96 -192.83
C THR O 635 -117.27 -77.77 -192.40
N ILE O 636 -118.04 -76.85 -191.88
CA ILE O 636 -117.45 -75.69 -191.31
C ILE O 636 -117.48 -75.71 -189.81
N GLU O 637 -116.32 -75.43 -189.26
CA GLU O 637 -116.20 -75.35 -187.85
C GLU O 637 -116.15 -73.91 -187.39
N VAL O 638 -117.07 -73.58 -186.51
CA VAL O 638 -117.07 -72.22 -186.04
C VAL O 638 -116.66 -72.13 -184.62
N THR O 639 -115.84 -71.13 -184.39
CA THR O 639 -115.36 -70.95 -183.05
C THR O 639 -115.62 -69.56 -182.57
N SER O 640 -116.13 -69.50 -181.34
CA SER O 640 -116.46 -68.25 -180.73
C SER O 640 -115.36 -67.74 -179.83
N GLU O 641 -115.04 -66.46 -180.02
CA GLU O 641 -114.06 -65.77 -179.21
C GLU O 641 -114.76 -64.85 -178.22
N TYR O 642 -116.05 -65.06 -178.04
CA TYR O 642 -116.75 -64.33 -177.03
C TYR O 642 -116.53 -65.09 -175.74
N LEU O 643 -116.32 -64.34 -174.69
CA LEU O 643 -116.07 -64.92 -173.39
C LEU O 643 -117.34 -65.05 -172.67
N PHE O 644 -118.23 -64.14 -172.95
CA PHE O 644 -119.45 -64.13 -172.20
C PHE O 644 -120.73 -64.26 -172.97
N ARG O 645 -120.79 -63.88 -174.23
CA ARG O 645 -122.08 -64.04 -174.84
C ARG O 645 -122.25 -65.19 -175.73
N HIS O 646 -123.51 -65.46 -175.96
CA HIS O 646 -123.89 -66.52 -176.84
C HIS O 646 -124.18 -65.90 -178.20
N SER O 647 -124.05 -66.63 -179.30
CA SER O 647 -124.27 -66.06 -180.63
C SER O 647 -125.73 -65.82 -180.88
N ASP O 648 -126.28 -64.95 -180.10
CA ASP O 648 -127.69 -64.69 -180.17
C ASP O 648 -128.17 -63.64 -181.17
N ASN O 649 -127.32 -63.17 -182.05
CA ASN O 649 -127.79 -62.24 -183.05
C ASN O 649 -126.93 -62.49 -184.26
N GLU O 650 -126.86 -63.78 -184.55
CA GLU O 650 -125.99 -64.18 -185.60
C GLU O 650 -126.52 -65.15 -186.61
N LEU O 651 -126.34 -64.65 -187.81
CA LEU O 651 -126.66 -65.35 -189.00
C LEU O 651 -125.47 -65.58 -189.88
N LEU O 652 -125.34 -66.81 -190.26
CA LEU O 652 -124.27 -67.17 -191.13
C LEU O 652 -124.70 -67.41 -192.57
N HIS O 653 -124.27 -66.55 -193.44
CA HIS O 653 -124.62 -66.73 -194.81
C HIS O 653 -123.48 -67.34 -195.57
N TRP O 654 -123.73 -68.33 -196.39
CA TRP O 654 -122.62 -68.82 -197.14
C TRP O 654 -122.91 -68.84 -198.60
N MET O 655 -121.87 -69.07 -199.37
CA MET O 655 -122.06 -69.08 -200.78
C MET O 655 -120.89 -69.48 -201.65
N VAL O 656 -121.26 -70.13 -202.74
CA VAL O 656 -120.34 -70.68 -203.67
C VAL O 656 -120.38 -70.10 -205.03
N ALA O 657 -119.20 -69.78 -205.54
CA ALA O 657 -119.11 -69.20 -206.84
C ALA O 657 -117.93 -69.68 -207.64
N LEU O 658 -118.15 -69.62 -208.92
CA LEU O 658 -117.15 -70.04 -209.83
C LEU O 658 -116.67 -68.84 -210.53
N ASP O 659 -115.42 -68.50 -210.31
CA ASP O 659 -114.94 -67.30 -210.93
C ASP O 659 -115.93 -66.15 -210.85
N GLY O 660 -116.64 -66.02 -209.73
CA GLY O 660 -117.56 -64.91 -209.62
C GLY O 660 -118.98 -65.32 -209.89
N LYS O 661 -119.14 -66.43 -210.55
CA LYS O 661 -120.49 -66.85 -210.78
C LYS O 661 -120.92 -67.71 -209.64
N PRO O 662 -121.93 -67.20 -209.03
CA PRO O 662 -122.58 -67.75 -207.86
C PRO O 662 -123.37 -68.93 -208.26
N LEU O 663 -123.14 -70.01 -207.60
CA LEU O 663 -123.81 -71.24 -207.91
C LEU O 663 -124.75 -71.69 -206.84
N ALA O 664 -124.47 -71.26 -205.62
CA ALA O 664 -125.27 -71.68 -204.50
C ALA O 664 -124.99 -70.82 -203.32
N SER O 665 -126.03 -70.64 -202.55
CA SER O 665 -125.93 -69.83 -201.37
C SER O 665 -126.80 -70.42 -200.29
N GLY O 666 -126.49 -70.07 -199.05
CA GLY O 666 -127.24 -70.60 -197.93
C GLY O 666 -127.22 -69.66 -196.77
N GLU O 667 -127.94 -70.08 -195.74
CA GLU O 667 -128.06 -69.30 -194.52
C GLU O 667 -128.24 -70.14 -193.32
N VAL O 668 -127.46 -69.85 -192.30
CA VAL O 668 -127.59 -70.60 -191.11
C VAL O 668 -127.32 -69.79 -189.92
N PRO O 669 -128.23 -69.97 -189.02
CA PRO O 669 -128.19 -69.29 -187.78
C PRO O 669 -127.17 -69.94 -186.87
N LEU O 670 -126.45 -69.06 -186.21
CA LEU O 670 -125.45 -69.46 -185.27
C LEU O 670 -125.99 -69.60 -183.89
N ASP O 671 -125.45 -70.61 -183.29
CA ASP O 671 -125.76 -70.97 -181.93
C ASP O 671 -124.51 -71.50 -181.28
N VAL O 672 -123.65 -70.56 -180.86
CA VAL O 672 -122.41 -70.94 -180.24
C VAL O 672 -122.24 -70.27 -178.94
N ALA O 673 -121.75 -71.05 -178.01
CA ALA O 673 -121.48 -70.48 -176.73
C ALA O 673 -120.14 -69.80 -176.73
N PRO O 674 -120.03 -68.82 -175.86
CA PRO O 674 -118.78 -68.14 -175.71
C PRO O 674 -117.76 -69.24 -175.63
N GLN O 675 -116.70 -69.05 -176.41
CA GLN O 675 -115.62 -70.01 -176.44
C GLN O 675 -115.96 -71.38 -176.93
N GLY O 676 -117.10 -71.52 -177.55
CA GLY O 676 -117.45 -72.81 -178.08
C GLY O 676 -117.30 -72.93 -179.58
N LYS O 677 -117.59 -74.14 -180.05
CA LYS O 677 -117.55 -74.53 -181.43
C LYS O 677 -118.93 -74.92 -181.93
N GLN O 678 -119.16 -74.71 -183.21
CA GLN O 678 -120.41 -75.09 -183.85
C GLN O 678 -120.04 -75.65 -185.19
N LEU O 679 -120.61 -76.83 -185.49
CA LEU O 679 -120.39 -77.50 -186.76
C LEU O 679 -121.45 -77.27 -187.77
N ILE O 680 -120.97 -76.99 -188.94
CA ILE O 680 -121.88 -76.73 -189.99
C ILE O 680 -121.66 -77.57 -191.17
N GLU O 681 -122.72 -78.32 -191.33
CA GLU O 681 -122.83 -79.29 -192.36
C GLU O 681 -123.30 -78.71 -193.66
N LEU O 682 -122.48 -78.94 -194.66
CA LEU O 682 -122.85 -78.45 -195.94
C LEU O 682 -123.55 -79.46 -196.82
N PRO O 683 -124.51 -78.90 -197.50
CA PRO O 683 -125.30 -79.60 -198.46
C PRO O 683 -124.39 -79.91 -199.60
N GLU O 684 -124.68 -80.99 -200.27
CA GLU O 684 -123.89 -81.34 -201.40
C GLU O 684 -123.63 -80.16 -202.30
N LEU O 685 -122.34 -79.99 -202.54
CA LEU O 685 -121.89 -78.91 -203.36
C LEU O 685 -121.77 -79.28 -204.78
N PRO O 686 -122.05 -78.27 -205.55
CA PRO O 686 -122.03 -78.26 -206.98
C PRO O 686 -120.65 -78.57 -207.53
N GLN O 687 -120.61 -79.40 -208.58
CA GLN O 687 -119.35 -79.78 -209.17
C GLN O 687 -119.19 -79.37 -210.60
N PRO O 688 -119.34 -78.07 -210.83
CA PRO O 688 -119.21 -77.43 -212.12
C PRO O 688 -118.15 -78.10 -213.01
N GLU O 689 -118.45 -78.07 -214.28
CA GLU O 689 -117.57 -78.68 -215.23
C GLU O 689 -116.57 -77.71 -215.79
N SER O 690 -117.16 -76.55 -216.05
CA SER O 690 -116.52 -75.38 -216.58
C SER O 690 -115.22 -75.12 -215.89
N ALA O 691 -114.36 -74.39 -216.55
CA ALA O 691 -113.09 -74.13 -215.95
C ALA O 691 -113.14 -72.90 -215.11
N GLY O 692 -112.29 -72.94 -214.08
CA GLY O 692 -112.17 -71.85 -213.15
C GLY O 692 -111.92 -72.26 -211.73
N GLN O 693 -112.02 -71.25 -210.87
CA GLN O 693 -111.81 -71.38 -209.46
C GLN O 693 -113.11 -71.33 -208.71
N LEU O 694 -113.22 -72.32 -207.87
CA LEU O 694 -114.36 -72.45 -207.06
C LEU O 694 -114.10 -71.97 -205.66
N TRP O 695 -114.92 -71.03 -205.25
CA TRP O 695 -114.70 -70.48 -203.95
C TRP O 695 -115.89 -70.41 -203.05
N LEU O 696 -115.58 -70.73 -201.81
CA LEU O 696 -116.57 -70.66 -200.80
C LEU O 696 -116.41 -69.45 -199.90
N THR O 697 -117.53 -68.77 -199.65
CA THR O 697 -117.49 -67.62 -198.79
C THR O 697 -118.57 -67.55 -197.74
N VAL O 698 -118.14 -67.21 -196.52
CA VAL O 698 -119.07 -67.05 -195.40
C VAL O 698 -119.00 -65.68 -194.77
N ARG O 699 -120.18 -65.26 -194.36
CA ARG O 699 -120.31 -63.99 -193.69
C ARG O 699 -121.18 -64.16 -192.49
N VAL O 700 -120.92 -63.30 -191.52
CA VAL O 700 -121.72 -63.28 -190.34
C VAL O 700 -122.49 -61.99 -190.24
N VAL O 701 -123.79 -62.23 -190.15
CA VAL O 701 -124.70 -61.13 -190.04
C VAL O 701 -125.55 -61.07 -188.85
N GLN O 702 -125.73 -59.80 -188.48
CA GLN O 702 -126.54 -59.39 -187.37
C GLN O 702 -127.85 -58.87 -187.88
N PRO O 703 -128.78 -59.78 -187.81
CA PRO O 703 -130.12 -59.60 -188.22
C PRO O 703 -130.74 -58.40 -187.57
N ASN O 704 -130.66 -58.34 -186.26
CA ASN O 704 -131.24 -57.22 -185.55
C ASN O 704 -130.25 -56.13 -185.22
N ALA O 705 -130.75 -54.91 -185.16
CA ALA O 705 -129.85 -53.85 -184.81
C ALA O 705 -129.47 -53.91 -183.35
N THR O 706 -128.40 -53.20 -183.03
CA THR O 706 -127.92 -53.12 -181.68
C THR O 706 -127.75 -51.69 -181.39
N ALA O 707 -127.29 -51.46 -180.22
CA ALA O 707 -127.09 -50.10 -179.86
C ALA O 707 -126.00 -49.46 -180.61
N TRP O 708 -125.14 -50.28 -181.23
CA TRP O 708 -124.02 -49.65 -181.91
C TRP O 708 -123.92 -50.16 -183.29
N SER O 709 -124.93 -50.91 -183.69
CA SER O 709 -124.96 -51.46 -185.02
C SER O 709 -126.38 -51.56 -185.55
N GLU O 710 -126.44 -51.44 -186.87
CA GLU O 710 -127.67 -51.55 -187.62
C GLU O 710 -128.04 -52.97 -187.89
N ALA O 711 -129.28 -53.14 -188.31
CA ALA O 711 -129.59 -54.50 -188.62
C ALA O 711 -128.89 -54.88 -189.89
N GLY O 712 -128.51 -56.14 -189.95
CA GLY O 712 -127.80 -56.68 -191.08
C GLY O 712 -126.33 -56.28 -191.10
N HIS O 713 -125.76 -56.03 -189.95
CA HIS O 713 -124.39 -55.67 -189.92
C HIS O 713 -123.54 -56.91 -190.10
N ILE O 714 -122.44 -56.74 -190.85
CA ILE O 714 -121.54 -57.88 -191.06
C ILE O 714 -120.44 -57.83 -190.07
N SER O 715 -120.30 -58.90 -189.34
CA SER O 715 -119.26 -58.82 -188.35
C SER O 715 -118.08 -59.70 -188.60
N ALA O 716 -118.22 -60.62 -189.53
CA ALA O 716 -117.12 -61.51 -189.75
C ALA O 716 -117.28 -62.19 -191.07
N TRP O 717 -116.15 -62.57 -191.63
CA TRP O 717 -116.19 -63.30 -192.85
C TRP O 717 -114.96 -64.10 -193.08
N GLN O 718 -115.07 -64.96 -194.07
CA GLN O 718 -113.97 -65.82 -194.41
C GLN O 718 -114.22 -66.55 -195.69
N GLN O 719 -113.15 -66.71 -196.47
CA GLN O 719 -113.37 -67.44 -197.70
C GLN O 719 -112.39 -68.58 -197.96
N TRP O 720 -112.76 -69.51 -198.82
CA TRP O 720 -111.85 -70.60 -199.13
C TRP O 720 -111.89 -71.00 -200.59
N ARG O 721 -110.76 -71.41 -201.14
CA ARG O 721 -110.84 -71.86 -202.51
C ARG O 721 -111.07 -73.34 -202.54
N LEU O 722 -112.20 -73.72 -203.04
CA LEU O 722 -112.55 -75.12 -203.07
C LEU O 722 -111.86 -75.91 -204.12
N ALA O 723 -111.95 -75.46 -205.34
CA ALA O 723 -111.32 -76.23 -206.37
C ALA O 723 -110.92 -75.38 -207.53
N GLU O 724 -110.20 -76.08 -208.38
CA GLU O 724 -109.71 -75.46 -209.58
C GLU O 724 -109.86 -76.37 -210.75
N ASN O 725 -110.41 -75.85 -211.81
CA ASN O 725 -110.55 -76.64 -213.02
C ASN O 725 -109.71 -75.96 -214.05
N LEU O 726 -108.54 -76.55 -214.32
CA LEU O 726 -107.66 -75.91 -215.32
C LEU O 726 -108.25 -75.96 -216.71
N SER O 727 -108.00 -74.89 -217.45
CA SER O 727 -108.48 -74.83 -218.83
C SER O 727 -107.51 -75.44 -219.79
N VAL O 728 -108.03 -76.43 -220.49
CA VAL O 728 -107.26 -77.16 -221.46
C VAL O 728 -107.70 -76.81 -222.84
N THR O 729 -108.47 -75.79 -222.94
CA THR O 729 -108.88 -75.54 -224.26
C THR O 729 -108.00 -74.62 -225.01
N LEU O 730 -108.22 -74.79 -226.30
CA LEU O 730 -107.55 -74.07 -227.31
C LEU O 730 -108.50 -73.19 -228.04
N PRO O 731 -107.86 -72.12 -228.44
CA PRO O 731 -108.43 -71.06 -229.24
C PRO O 731 -108.69 -71.60 -230.64
N ALA O 732 -109.84 -71.20 -231.15
CA ALA O 732 -110.19 -71.62 -232.48
C ALA O 732 -109.40 -70.77 -233.48
N ALA O 733 -109.29 -71.36 -234.68
CA ALA O 733 -108.59 -70.71 -235.76
C ALA O 733 -109.21 -69.36 -236.10
N SER O 734 -108.29 -68.53 -236.55
CA SER O 734 -108.57 -67.20 -237.00
C SER O 734 -108.55 -67.34 -238.50
N HIS O 735 -109.30 -66.52 -239.19
CA HIS O 735 -109.32 -66.67 -240.61
C HIS O 735 -108.27 -65.82 -241.24
N ALA O 736 -107.53 -65.18 -240.37
CA ALA O 736 -106.52 -64.31 -240.86
C ALA O 736 -105.47 -64.11 -239.88
N ILE O 737 -104.42 -63.49 -240.32
CA ILE O 737 -103.37 -63.22 -239.40
C ILE O 737 -102.86 -61.84 -239.61
N PRO O 738 -102.38 -61.29 -238.53
CA PRO O 738 -101.91 -59.95 -238.55
C PRO O 738 -100.87 -59.69 -239.61
N HIS O 739 -100.84 -58.45 -239.98
CA HIS O 739 -99.96 -58.05 -240.99
C HIS O 739 -98.89 -57.10 -240.50
N LEU O 740 -97.67 -57.56 -240.65
CA LEU O 740 -96.54 -56.79 -240.20
C LEU O 740 -95.96 -55.78 -241.16
N THR O 741 -95.62 -54.62 -240.71
CA THR O 741 -95.04 -53.68 -241.64
C THR O 741 -93.87 -53.03 -241.00
N THR O 742 -92.80 -52.98 -241.74
CA THR O 742 -91.63 -52.44 -241.16
C THR O 742 -91.14 -51.14 -241.67
N SER O 743 -91.30 -50.11 -240.86
CA SER O 743 -90.73 -48.83 -241.19
C SER O 743 -89.29 -48.87 -240.72
N GLU O 744 -88.64 -47.76 -240.64
CA GLU O 744 -87.28 -47.78 -240.19
C GLU O 744 -87.24 -47.43 -238.73
N MET O 745 -88.33 -46.75 -238.41
CA MET O 745 -88.67 -46.19 -237.15
C MET O 745 -89.46 -47.10 -236.33
N ASP O 746 -90.08 -48.05 -236.99
CA ASP O 746 -90.88 -48.92 -236.20
C ASP O 746 -91.44 -50.06 -236.95
N PHE O 747 -92.28 -50.75 -236.21
CA PHE O 747 -92.97 -51.88 -236.72
C PHE O 747 -94.44 -51.65 -236.53
N CME O 748 -95.21 -52.04 -237.56
CA CME O 748 -96.63 -51.89 -237.54
CB CME O 748 -97.11 -51.01 -238.65
SG CME O 748 -97.35 -49.38 -237.96
SD CME O 748 -99.23 -49.57 -237.46
CE CME O 748 -99.46 -47.87 -236.91
CZ CME O 748 -99.94 -46.96 -238.06
OH CME O 748 -98.85 -46.18 -238.51
C CME O 748 -97.42 -53.12 -237.66
O CME O 748 -97.35 -53.83 -238.65
N ILE O 749 -98.24 -53.36 -236.68
CA ILE O 749 -99.03 -54.53 -236.81
C ILE O 749 -100.46 -54.16 -237.04
N GLU O 750 -101.00 -54.76 -238.05
CA GLU O 750 -102.35 -54.46 -238.38
C GLU O 750 -103.19 -55.68 -238.42
N LEU O 751 -104.45 -55.45 -238.10
CA LEU O 751 -105.40 -56.52 -238.15
C LEU O 751 -106.78 -55.97 -237.98
N GLY O 752 -107.46 -55.80 -239.11
CA GLY O 752 -108.78 -55.20 -239.09
C GLY O 752 -108.59 -53.73 -238.80
N ASN O 753 -109.47 -53.22 -237.96
CA ASN O 753 -109.43 -51.84 -237.49
C ASN O 753 -108.28 -51.62 -236.51
N LYS O 754 -107.84 -52.74 -235.94
CA LYS O 754 -106.77 -52.73 -234.99
C LYS O 754 -105.36 -52.56 -235.55
N ARG O 755 -104.58 -51.81 -234.79
CA ARG O 755 -103.21 -51.50 -235.14
C ARG O 755 -102.33 -51.26 -233.93
N TRP O 756 -101.11 -51.74 -234.06
CA TRP O 756 -100.16 -51.61 -232.99
C TRP O 756 -98.85 -51.14 -233.47
N GLN O 757 -98.28 -50.21 -232.75
CA GLN O 757 -97.00 -49.78 -233.19
C GLN O 757 -95.89 -49.85 -232.17
N PHE O 758 -94.77 -50.42 -232.60
CA PHE O 758 -93.64 -50.48 -231.72
C PHE O 758 -92.55 -49.62 -232.21
N ASN O 759 -92.12 -48.72 -231.38
CA ASN O 759 -91.04 -47.85 -231.78
C ASN O 759 -89.74 -48.61 -231.76
N ARG O 760 -89.03 -48.49 -232.85
CA ARG O 760 -87.79 -49.19 -233.00
C ARG O 760 -86.64 -48.62 -232.25
N GLN O 761 -86.73 -47.40 -231.81
CA GLN O 761 -85.55 -46.98 -231.10
C GLN O 761 -85.73 -47.16 -229.62
N SER O 762 -86.98 -47.07 -229.18
CA SER O 762 -87.30 -47.19 -227.78
C SER O 762 -87.48 -48.63 -227.43
N GLY O 763 -87.95 -49.35 -228.41
CA GLY O 763 -88.21 -50.73 -228.13
C GLY O 763 -89.51 -50.89 -227.39
N PHE O 764 -90.39 -49.89 -227.37
CA PHE O 764 -91.64 -50.07 -226.68
C PHE O 764 -92.80 -49.97 -227.57
N LEU O 765 -93.88 -50.53 -227.06
CA LEU O 765 -95.12 -50.42 -227.73
C LEU O 765 -95.51 -48.97 -227.55
N SER O 766 -95.49 -48.22 -228.63
CA SER O 766 -95.73 -46.79 -228.59
C SER O 766 -97.14 -46.31 -228.78
N GLN O 767 -97.92 -47.02 -229.55
CA GLN O 767 -99.26 -46.58 -229.73
C GLN O 767 -100.06 -47.69 -230.28
N MET O 768 -101.33 -47.58 -230.12
CA MET O 768 -102.20 -48.53 -230.66
C MET O 768 -103.53 -47.88 -230.97
N TRP O 769 -104.15 -48.36 -232.04
CA TRP O 769 -105.41 -47.80 -232.45
C TRP O 769 -106.43 -48.83 -232.62
N ILE O 770 -107.60 -48.35 -232.36
CA ILE O 770 -108.78 -49.09 -232.61
C ILE O 770 -109.49 -48.17 -233.54
N GLY O 771 -109.77 -48.64 -234.74
CA GLY O 771 -110.34 -47.71 -235.66
C GLY O 771 -109.25 -46.65 -235.86
N ASP O 772 -109.66 -45.41 -235.79
CA ASP O 772 -108.78 -44.29 -236.00
C ASP O 772 -108.48 -43.62 -234.68
N LYS O 773 -108.83 -44.33 -233.62
CA LYS O 773 -108.61 -43.80 -232.30
C LYS O 773 -107.36 -44.36 -231.66
N LYS O 774 -106.52 -43.41 -231.25
CA LYS O 774 -105.32 -43.75 -230.56
C LYS O 774 -105.72 -44.19 -229.18
N GLN O 775 -104.94 -45.07 -228.55
CA GLN O 775 -105.40 -45.51 -227.27
C GLN O 775 -104.56 -45.11 -226.11
N LEU O 776 -103.32 -44.73 -226.41
CA LEU O 776 -102.42 -44.38 -225.34
C LEU O 776 -101.83 -43.04 -225.45
N LEU O 777 -101.66 -42.37 -224.31
CA LEU O 777 -100.96 -41.10 -224.30
C LEU O 777 -99.51 -41.35 -223.95
N THR O 778 -99.25 -42.52 -223.41
CA THR O 778 -97.91 -42.88 -223.04
C THR O 778 -97.66 -44.31 -223.42
N PRO O 779 -96.45 -44.57 -223.85
CA PRO O 779 -96.02 -45.90 -224.24
C PRO O 779 -95.99 -46.85 -223.04
N LEU O 780 -96.18 -48.11 -223.32
CA LEU O 780 -96.19 -49.12 -222.30
C LEU O 780 -94.78 -49.44 -221.87
N ARG O 781 -94.49 -49.32 -220.58
CA ARG O 781 -93.14 -49.66 -220.20
C ARG O 781 -92.96 -50.15 -218.80
N ASP O 782 -91.80 -50.75 -218.62
CA ASP O 782 -91.46 -51.34 -217.36
C ASP O 782 -91.40 -50.28 -216.32
N GLN O 783 -91.73 -50.73 -215.14
CA GLN O 783 -91.69 -49.89 -213.99
C GLN O 783 -91.20 -50.62 -212.78
N PHE O 784 -90.19 -50.07 -212.14
CA PHE O 784 -89.63 -50.71 -210.95
C PHE O 784 -89.77 -49.93 -209.64
N THR O 785 -90.44 -48.81 -209.67
CA THR O 785 -90.53 -48.02 -208.46
C THR O 785 -91.94 -47.65 -208.08
N ARG O 786 -92.04 -47.00 -206.92
CA ARG O 786 -93.30 -46.47 -206.47
C ARG O 786 -93.15 -45.11 -205.78
N ALA O 787 -94.26 -44.37 -205.75
CA ALA O 787 -94.35 -43.12 -205.05
C ALA O 787 -94.36 -43.56 -203.59
N PRO O 788 -93.26 -43.27 -202.92
CA PRO O 788 -92.98 -43.67 -201.56
C PRO O 788 -94.10 -43.50 -200.60
N LEU O 789 -94.19 -44.50 -199.76
CA LEU O 789 -95.19 -44.49 -198.73
C LEU O 789 -94.57 -43.87 -197.53
N ASP O 790 -95.45 -43.49 -196.64
CA ASP O 790 -94.91 -42.95 -195.42
C ASP O 790 -93.90 -43.92 -194.84
N ASN O 791 -94.30 -45.18 -194.79
CA ASN O 791 -93.43 -46.21 -194.32
C ASN O 791 -92.12 -46.27 -195.10
N ASP O 792 -92.14 -46.01 -196.42
CA ASP O 792 -90.90 -46.08 -197.20
C ASP O 792 -89.93 -45.00 -196.89
N ILE O 793 -90.54 -43.92 -196.48
CA ILE O 793 -89.79 -42.73 -196.18
C ILE O 793 -89.18 -42.81 -194.81
N GLY O 794 -90.00 -43.34 -193.94
CA GLY O 794 -89.66 -43.64 -192.58
C GLY O 794 -88.83 -42.66 -191.79
N VAL O 795 -89.50 -41.59 -191.39
CA VAL O 795 -88.90 -40.64 -190.49
C VAL O 795 -89.95 -40.32 -189.43
N SER O 796 -89.50 -40.14 -188.18
CA SER O 796 -90.41 -39.81 -187.07
C SER O 796 -90.23 -38.34 -186.61
N GLU O 797 -89.06 -37.81 -186.98
CA GLU O 797 -88.65 -36.46 -186.71
C GLU O 797 -88.15 -35.87 -188.01
N ALA O 798 -88.80 -34.79 -188.42
CA ALA O 798 -88.46 -34.06 -189.65
C ALA O 798 -86.95 -33.88 -189.90
N THR O 799 -86.26 -33.70 -188.78
CA THR O 799 -84.82 -33.49 -188.58
C THR O 799 -83.91 -34.64 -188.98
N ARG O 800 -84.28 -35.84 -188.52
CA ARG O 800 -83.50 -37.04 -188.72
C ARG O 800 -83.94 -37.95 -189.85
N ILE O 801 -83.03 -38.05 -190.85
CA ILE O 801 -83.17 -38.90 -192.04
C ILE O 801 -82.41 -40.23 -191.90
N ASP O 802 -83.06 -41.33 -192.36
CA ASP O 802 -82.49 -42.64 -192.26
C ASP O 802 -81.99 -43.15 -193.60
N PRO O 803 -80.70 -43.20 -193.70
CA PRO O 803 -80.04 -43.69 -194.88
C PRO O 803 -80.51 -45.11 -195.21
N ASN O 804 -81.11 -45.75 -194.21
CA ASN O 804 -81.61 -47.09 -194.36
C ASN O 804 -83.05 -47.16 -194.83
N ALA O 805 -83.68 -46.02 -194.87
CA ALA O 805 -85.01 -46.02 -195.34
C ALA O 805 -84.98 -46.48 -196.78
N TRP O 806 -86.01 -47.24 -197.11
CA TRP O 806 -86.17 -47.77 -198.43
C TRP O 806 -85.96 -46.71 -199.45
N VAL O 807 -86.70 -45.64 -199.23
CA VAL O 807 -86.61 -44.57 -200.17
C VAL O 807 -85.20 -44.07 -200.36
N GLU O 808 -84.53 -43.97 -199.24
CA GLU O 808 -83.17 -43.52 -199.26
C GLU O 808 -82.33 -44.40 -200.10
N ARG O 809 -82.51 -45.66 -199.86
CA ARG O 809 -81.76 -46.63 -200.60
C ARG O 809 -82.07 -46.65 -202.07
N TRP O 810 -83.36 -46.54 -202.38
CA TRP O 810 -83.77 -46.60 -203.74
C TRP O 810 -83.23 -45.45 -204.50
N LYS O 811 -83.25 -44.32 -203.82
CA LYS O 811 -82.78 -43.11 -204.44
C LYS O 811 -81.32 -43.23 -204.78
N ALA O 812 -80.61 -43.55 -203.74
CA ALA O 812 -79.19 -43.68 -203.84
C ALA O 812 -78.76 -44.69 -204.87
N ALA O 813 -79.62 -45.67 -205.09
CA ALA O 813 -79.30 -46.70 -206.04
C ALA O 813 -79.55 -46.26 -207.46
N GLY O 814 -80.34 -45.19 -207.61
CA GLY O 814 -80.64 -44.66 -208.92
C GLY O 814 -81.88 -45.29 -209.47
N HIS O 815 -82.61 -45.98 -208.62
CA HIS O 815 -83.80 -46.62 -209.09
C HIS O 815 -84.73 -45.64 -209.72
N TYR O 816 -84.76 -44.50 -209.09
CA TYR O 816 -85.66 -43.48 -209.56
C TYR O 816 -85.21 -42.81 -210.80
N GLN O 817 -83.94 -42.98 -211.14
CA GLN O 817 -83.50 -42.32 -212.34
C GLN O 817 -82.67 -43.16 -213.31
N ALA O 818 -82.95 -44.43 -213.32
CA ALA O 818 -82.20 -45.25 -214.21
C ALA O 818 -82.76 -45.09 -215.58
N GLU O 819 -81.84 -45.29 -216.49
CA GLU O 819 -82.02 -45.17 -217.90
C GLU O 819 -82.11 -46.50 -218.60
N ALA O 820 -83.21 -46.63 -219.32
CA ALA O 820 -83.36 -47.86 -220.09
C ALA O 820 -82.50 -47.85 -221.34
N ALA O 821 -82.04 -49.03 -221.72
CA ALA O 821 -81.21 -49.18 -222.91
C ALA O 821 -81.67 -50.38 -223.75
N LEU O 822 -81.98 -50.12 -225.00
CA LEU O 822 -82.40 -51.21 -225.83
C LEU O 822 -81.26 -52.11 -226.17
N LEU O 823 -81.42 -53.35 -225.85
CA LEU O 823 -80.43 -54.31 -226.16
C LEU O 823 -80.82 -54.98 -227.41
N GLN O 824 -82.13 -55.08 -227.60
CA GLN O 824 -82.61 -55.75 -228.77
C GLN O 824 -84.10 -55.68 -228.97
N CYS O 825 -84.47 -55.68 -230.25
CA CYS O 825 -85.87 -55.57 -230.65
C CYS O 825 -86.05 -56.23 -231.96
N THR O 826 -86.88 -57.26 -232.01
CA THR O 826 -87.06 -57.96 -233.26
C THR O 826 -88.47 -58.37 -233.53
N ALA O 827 -88.71 -58.51 -234.82
CA ALA O 827 -90.02 -58.88 -235.27
C ALA O 827 -89.97 -60.05 -236.19
N ASP O 828 -90.99 -60.88 -236.12
CA ASP O 828 -91.01 -62.10 -236.89
C ASP O 828 -92.42 -62.56 -237.15
N THR O 829 -92.59 -63.18 -238.31
CA THR O 829 -93.88 -63.67 -238.67
C THR O 829 -93.94 -65.15 -238.64
N LEU O 830 -94.89 -65.53 -237.85
CA LEU O 830 -95.17 -66.91 -237.66
C LEU O 830 -96.38 -67.25 -238.45
N ALA O 831 -96.65 -68.52 -238.44
CA ALA O 831 -97.78 -68.97 -239.17
C ALA O 831 -99.07 -68.41 -238.70
N ASP O 832 -99.18 -68.22 -237.39
CA ASP O 832 -100.46 -67.81 -236.84
C ASP O 832 -100.41 -66.51 -236.13
N ALA O 833 -99.24 -65.91 -236.16
CA ALA O 833 -99.11 -64.68 -235.47
C ALA O 833 -97.84 -63.95 -235.78
N VAL O 834 -97.79 -62.78 -235.18
CA VAL O 834 -96.63 -61.95 -235.25
C VAL O 834 -95.96 -61.94 -233.89
N LEU O 835 -94.64 -61.98 -233.93
CA LEU O 835 -93.86 -62.04 -232.75
C LEU O 835 -92.81 -60.98 -232.59
N ILE O 836 -92.93 -60.29 -231.47
CA ILE O 836 -92.00 -59.25 -231.14
C ILE O 836 -91.16 -59.57 -229.96
N THR O 837 -89.89 -59.26 -230.13
CA THR O 837 -88.97 -59.54 -229.08
C THR O 837 -88.07 -58.40 -228.67
N THR O 838 -88.07 -58.10 -227.39
CA THR O 838 -87.24 -57.03 -226.88
C THR O 838 -86.41 -57.39 -225.67
N ALA O 839 -85.42 -56.55 -225.46
CA ALA O 839 -84.59 -56.70 -224.30
C ALA O 839 -84.02 -55.37 -223.97
N HIS O 840 -84.22 -54.96 -222.74
CA HIS O 840 -83.69 -53.71 -222.29
C HIS O 840 -82.92 -53.88 -221.01
N ALA O 841 -82.05 -52.92 -220.80
CA ALA O 841 -81.28 -52.88 -219.58
C ALA O 841 -81.44 -51.53 -218.90
N TRP O 842 -81.59 -51.53 -217.57
CA TRP O 842 -81.62 -50.27 -216.91
C TRP O 842 -80.34 -50.10 -216.16
N GLN O 843 -79.72 -48.99 -216.44
CA GLN O 843 -78.46 -48.74 -215.79
C GLN O 843 -78.42 -47.43 -215.10
N HIS O 844 -77.38 -47.35 -214.31
CA HIS O 844 -77.13 -46.17 -213.57
C HIS O 844 -75.68 -46.08 -213.21
N GLN O 845 -75.03 -45.10 -213.80
CA GLN O 845 -73.63 -44.95 -213.54
C GLN O 845 -72.85 -46.22 -213.81
N GLY O 846 -73.19 -46.84 -214.93
CA GLY O 846 -72.47 -48.02 -215.34
C GLY O 846 -72.94 -49.30 -214.71
N LYS O 847 -73.84 -49.19 -213.75
CA LYS O 847 -74.31 -50.41 -213.20
C LYS O 847 -75.62 -50.78 -213.83
N THR O 848 -75.73 -52.06 -214.13
CA THR O 848 -76.97 -52.55 -214.68
C THR O 848 -77.79 -53.06 -213.52
N LEU O 849 -78.94 -52.44 -213.31
CA LEU O 849 -79.82 -52.79 -212.21
C LEU O 849 -80.77 -53.85 -212.62
N PHE O 850 -81.33 -53.67 -213.81
CA PHE O 850 -82.27 -54.65 -214.25
C PHE O 850 -82.21 -54.88 -215.70
N ILE O 851 -82.68 -56.07 -215.99
CA ILE O 851 -82.83 -56.50 -217.31
C ILE O 851 -84.22 -57.02 -217.53
N SER O 852 -84.81 -56.51 -218.58
CA SER O 852 -86.13 -56.89 -218.95
C SER O 852 -86.18 -57.48 -220.35
N ARG O 853 -86.71 -58.68 -220.40
CA ARG O 853 -86.85 -59.37 -221.66
C ARG O 853 -88.29 -59.73 -221.95
N LYS O 854 -88.76 -59.30 -223.10
CA LYS O 854 -90.15 -59.58 -223.43
C LYS O 854 -90.40 -60.19 -224.78
N THR O 855 -91.64 -60.62 -224.87
CA THR O 855 -92.22 -61.13 -226.10
C THR O 855 -93.65 -60.71 -226.16
N TYR O 856 -93.95 -60.30 -227.37
CA TYR O 856 -95.28 -59.90 -227.63
C TYR O 856 -95.74 -60.71 -228.77
N ARG O 857 -96.89 -61.30 -228.56
CA ARG O 857 -97.41 -62.10 -229.60
C ARG O 857 -98.85 -61.81 -229.91
N ILE O 858 -99.04 -61.41 -231.15
CA ILE O 858 -100.33 -61.05 -231.71
C ILE O 858 -100.83 -62.00 -232.72
N ASP O 859 -102.01 -62.48 -232.42
CA ASP O 859 -102.62 -63.47 -233.26
C ASP O 859 -103.81 -62.95 -234.00
N GLY O 860 -104.32 -63.90 -234.75
CA GLY O 860 -105.45 -63.68 -235.60
C GLY O 860 -106.69 -63.29 -234.84
N SER O 861 -106.69 -63.56 -233.56
CA SER O 861 -107.86 -63.20 -232.80
C SER O 861 -107.74 -61.79 -232.29
N GLY O 862 -106.58 -61.15 -232.53
CA GLY O 862 -106.37 -59.79 -232.10
C GLY O 862 -106.02 -59.66 -230.61
N GLN O 863 -105.40 -60.70 -230.11
CA GLN O 863 -105.00 -60.67 -228.75
C GLN O 863 -103.52 -60.54 -228.66
N MET O 864 -103.14 -59.77 -227.69
CA MET O 864 -101.77 -59.55 -227.48
C MET O 864 -101.29 -60.14 -226.19
N ALA O 865 -100.39 -61.06 -226.36
CA ALA O 865 -99.84 -61.74 -225.24
C ALA O 865 -98.43 -61.28 -224.95
N ILE O 866 -98.28 -60.96 -223.70
CA ILE O 866 -97.03 -60.47 -223.23
C ILE O 866 -96.38 -61.31 -222.22
N THR O 867 -95.11 -61.39 -222.44
CA THR O 867 -94.34 -62.16 -221.55
C THR O 867 -93.17 -61.39 -221.07
N VAL O 868 -93.05 -61.35 -219.75
CA VAL O 868 -91.98 -60.63 -219.14
C VAL O 868 -91.14 -61.45 -218.23
N ASP O 869 -89.84 -61.23 -218.42
CA ASP O 869 -88.85 -61.88 -217.60
C ASP O 869 -87.80 -60.89 -217.22
N VAL O 870 -87.71 -60.71 -215.90
CA VAL O 870 -86.79 -59.77 -215.32
C VAL O 870 -85.71 -60.36 -214.44
N GLU O 871 -84.56 -59.75 -214.58
CA GLU O 871 -83.42 -60.07 -213.79
C GLU O 871 -83.08 -58.83 -213.00
N VAL O 872 -82.82 -59.03 -211.70
CA VAL O 872 -82.43 -57.97 -210.80
C VAL O 872 -81.10 -58.23 -210.13
N ALA O 873 -80.23 -57.23 -210.18
CA ALA O 873 -78.92 -57.37 -209.58
C ALA O 873 -79.07 -57.64 -208.12
N SER O 874 -78.41 -58.68 -207.75
CA SER O 874 -78.44 -59.14 -206.39
C SER O 874 -78.00 -58.04 -205.43
N ASP O 875 -77.12 -57.19 -205.92
CA ASP O 875 -76.62 -56.15 -205.06
C ASP O 875 -77.33 -54.84 -205.13
N THR O 876 -78.47 -54.83 -205.75
CA THR O 876 -79.21 -53.62 -205.71
C THR O 876 -80.31 -53.81 -204.69
N PRO O 877 -80.82 -52.75 -204.13
CA PRO O 877 -81.90 -52.88 -203.18
C PRO O 877 -83.12 -53.41 -203.86
N HIS O 878 -83.85 -54.24 -203.15
CA HIS O 878 -85.03 -54.79 -203.73
C HIS O 878 -85.95 -53.67 -204.05
N PRO O 879 -86.40 -53.75 -205.24
CA PRO O 879 -87.31 -52.80 -205.84
C PRO O 879 -88.69 -52.95 -205.28
N ALA O 880 -89.36 -51.84 -205.36
CA ALA O 880 -90.70 -51.69 -204.86
C ALA O 880 -91.68 -52.52 -205.63
N ARG O 881 -91.40 -52.65 -206.91
CA ARG O 881 -92.33 -53.41 -207.69
C ARG O 881 -91.74 -53.81 -209.00
N ILE O 882 -92.48 -54.67 -209.69
CA ILE O 882 -92.09 -55.16 -211.00
C ILE O 882 -93.30 -55.30 -211.86
N GLY O 883 -93.39 -54.33 -212.77
CA GLY O 883 -94.52 -54.29 -213.65
C GLY O 883 -94.35 -53.32 -214.78
N LEU O 884 -95.48 -52.96 -215.29
CA LEU O 884 -95.49 -52.04 -216.39
C LEU O 884 -96.47 -50.97 -216.19
N ASN O 885 -96.34 -49.99 -217.04
CA ASN O 885 -97.27 -48.93 -216.98
C ASN O 885 -97.41 -48.12 -218.23
N CYS O 886 -98.49 -47.39 -218.24
CA CYS O 886 -98.76 -46.55 -219.35
C CYS O 886 -99.94 -45.64 -219.06
N GLN O 887 -100.04 -44.61 -219.89
CA GLN O 887 -101.12 -43.70 -219.74
C GLN O 887 -102.12 -43.92 -220.85
N LEU O 888 -103.30 -44.32 -220.47
CA LEU O 888 -104.30 -44.50 -221.51
C LEU O 888 -105.00 -43.21 -221.80
N ALA O 889 -105.31 -43.11 -223.07
CA ALA O 889 -106.01 -41.98 -223.60
C ALA O 889 -107.45 -41.86 -223.06
N GLN O 890 -108.06 -42.99 -222.94
CA GLN O 890 -109.42 -43.08 -222.50
C GLN O 890 -109.61 -42.86 -221.01
N VAL O 891 -110.84 -42.52 -220.69
CA VAL O 891 -111.28 -42.31 -219.34
C VAL O 891 -112.69 -42.84 -219.17
N ALA O 892 -112.90 -43.80 -218.27
CA ALA O 892 -114.22 -44.37 -218.08
C ALA O 892 -114.76 -44.22 -216.67
N GLU O 893 -115.99 -44.67 -216.50
CA GLU O 893 -116.68 -44.52 -215.24
C GLU O 893 -116.43 -45.61 -214.21
N ARG O 894 -116.50 -46.82 -214.72
CA ARG O 894 -116.34 -47.94 -213.89
C ARG O 894 -115.09 -48.73 -214.14
N VAL O 895 -114.87 -49.61 -213.19
CA VAL O 895 -113.75 -50.50 -213.16
C VAL O 895 -114.25 -51.82 -212.69
N ASN O 896 -113.90 -52.81 -213.46
CA ASN O 896 -114.41 -54.08 -213.12
C ASN O 896 -113.32 -55.10 -213.17
N TRP O 897 -113.30 -55.88 -212.11
CA TRP O 897 -112.28 -56.88 -212.08
C TRP O 897 -112.65 -58.08 -211.30
N LEU O 898 -111.87 -59.08 -211.59
CA LEU O 898 -111.97 -60.34 -210.95
C LEU O 898 -110.66 -60.59 -210.22
N GLY O 899 -110.77 -60.38 -208.92
CA GLY O 899 -109.64 -60.51 -208.05
C GLY O 899 -110.06 -60.13 -206.65
N LEU O 900 -109.07 -59.70 -205.89
CA LEU O 900 -109.29 -59.35 -204.51
C LEU O 900 -109.85 -58.00 -204.35
N GLY O 901 -110.89 -57.93 -203.55
CA GLY O 901 -111.48 -56.65 -203.34
C GLY O 901 -112.44 -56.71 -202.19
N PRO O 902 -113.15 -55.64 -202.10
CA PRO O 902 -113.06 -54.56 -203.03
C PRO O 902 -112.14 -53.44 -202.65
N GLN O 903 -111.70 -53.40 -201.42
CA GLN O 903 -110.80 -52.31 -201.11
C GLN O 903 -109.36 -52.47 -201.49
N GLU O 904 -108.69 -51.35 -201.40
CA GLU O 904 -107.25 -51.31 -201.63
C GLU O 904 -106.60 -52.41 -200.80
N ASN O 905 -105.69 -53.16 -201.42
CA ASN O 905 -105.02 -54.24 -200.71
C ASN O 905 -103.62 -54.47 -201.20
N TYR O 906 -102.77 -54.78 -200.26
CA TYR O 906 -101.39 -55.02 -200.56
C TYR O 906 -101.00 -56.40 -200.10
N PRO O 907 -99.90 -56.83 -200.62
CA PRO O 907 -99.39 -58.14 -200.36
C PRO O 907 -99.34 -58.50 -198.90
N ASP O 908 -98.86 -57.58 -198.08
CA ASP O 908 -98.82 -57.85 -196.65
C ASP O 908 -100.02 -57.26 -195.93
N ARG O 909 -101.03 -56.91 -196.71
CA ARG O 909 -102.26 -56.40 -196.12
C ARG O 909 -103.41 -56.75 -197.04
N LEU O 910 -103.79 -58.03 -197.04
CA LEU O 910 -104.87 -58.44 -197.93
C LEU O 910 -105.73 -59.57 -197.39
N THR O 911 -105.57 -59.84 -196.12
CA THR O 911 -106.37 -60.90 -195.57
C THR O 911 -107.83 -60.55 -195.51
N ALA O 912 -108.13 -59.28 -195.38
CA ALA O 912 -109.54 -58.96 -195.27
C ALA O 912 -110.23 -58.97 -196.61
N ALA O 913 -109.43 -58.93 -197.65
CA ALA O 913 -109.97 -58.90 -199.01
C ALA O 913 -110.55 -60.20 -199.51
N CME O 914 -111.52 -60.06 -200.42
CA CME O 914 -112.14 -61.17 -201.04
CB CME O 914 -113.54 -61.45 -200.61
SG CME O 914 -113.54 -61.92 -198.87
SD CME O 914 -115.32 -61.23 -198.43
CE CME O 914 -115.02 -59.47 -198.67
CZ CME O 914 -116.30 -58.70 -198.33
OH CME O 914 -117.36 -59.64 -198.10
C CME O 914 -111.99 -61.28 -202.51
O CME O 914 -111.97 -60.33 -203.30
N PHE O 915 -111.86 -62.51 -202.88
CA PHE O 915 -111.71 -62.80 -204.25
C PHE O 915 -113.05 -62.90 -204.88
N ASP O 916 -113.33 -61.97 -205.75
CA ASP O 916 -114.61 -62.02 -206.41
C ASP O 916 -114.58 -61.11 -207.61
N ARG O 917 -115.78 -60.83 -208.07
CA ARG O 917 -115.92 -59.91 -209.15
C ARG O 917 -116.38 -58.59 -208.63
N TRP O 918 -115.57 -57.57 -208.86
CA TRP O 918 -115.88 -56.27 -208.37
C TRP O 918 -116.06 -55.27 -209.47
N ASP O 919 -116.92 -54.31 -209.17
CA ASP O 919 -117.22 -53.22 -210.06
C ASP O 919 -117.41 -51.95 -209.28
N LEU O 920 -116.57 -50.99 -209.56
CA LEU O 920 -116.64 -49.72 -208.91
C LEU O 920 -116.35 -48.63 -209.89
N PRO O 921 -116.60 -47.47 -209.38
CA PRO O 921 -116.32 -46.26 -210.07
C PRO O 921 -114.88 -45.97 -209.83
N LEU O 922 -114.35 -45.49 -210.90
CA LEU O 922 -113.00 -45.12 -210.97
C LEU O 922 -112.53 -44.37 -209.75
N SER O 923 -113.39 -43.51 -209.27
CA SER O 923 -113.04 -42.71 -208.12
C SER O 923 -112.60 -43.57 -206.93
N ASP O 924 -113.34 -44.66 -206.77
CA ASP O 924 -113.08 -45.54 -205.69
C ASP O 924 -111.75 -46.28 -205.81
N MET O 925 -111.16 -46.20 -206.98
CA MET O 925 -109.91 -46.87 -207.14
C MET O 925 -108.77 -46.02 -206.66
N TYR O 926 -109.11 -44.94 -205.98
CA TYR O 926 -108.06 -44.09 -205.48
C TYR O 926 -108.22 -43.76 -204.01
N THR O 927 -107.09 -43.83 -203.30
CA THR O 927 -107.04 -43.57 -201.88
C THR O 927 -106.35 -42.25 -201.61
N PRO O 928 -107.18 -41.35 -201.19
CA PRO O 928 -106.89 -39.95 -200.86
C PRO O 928 -106.12 -39.77 -199.56
N TYR O 929 -105.02 -40.46 -199.45
CA TYR O 929 -104.22 -40.29 -198.27
C TYR O 929 -103.84 -38.81 -198.26
N VAL O 930 -104.01 -38.12 -197.13
CA VAL O 930 -103.66 -36.71 -197.08
C VAL O 930 -102.28 -36.42 -197.65
N PHE O 931 -101.35 -37.21 -197.18
CA PHE O 931 -100.03 -37.06 -197.74
C PHE O 931 -100.02 -38.13 -198.83
N PRO O 932 -99.90 -37.71 -200.06
CA PRO O 932 -100.01 -38.63 -201.15
C PRO O 932 -98.80 -39.50 -201.43
N SER O 933 -99.13 -40.73 -201.91
CA SER O 933 -98.18 -41.77 -202.32
C SER O 933 -98.88 -42.92 -203.09
N GLU O 934 -98.08 -43.95 -203.47
CA GLU O 934 -98.62 -45.13 -204.13
C GLU O 934 -99.85 -45.63 -203.34
N ASN O 935 -100.97 -45.87 -204.01
CA ASN O 935 -102.17 -46.35 -203.30
C ASN O 935 -103.13 -47.01 -204.27
N GLY O 936 -104.25 -47.49 -203.73
CA GLY O 936 -105.30 -48.10 -204.53
C GLY O 936 -105.03 -49.49 -205.09
N LEU O 937 -103.86 -50.03 -204.88
CA LEU O 937 -103.62 -51.35 -205.40
C LEU O 937 -104.63 -52.44 -205.02
N ARG O 938 -104.79 -53.33 -205.97
CA ARG O 938 -105.56 -54.56 -205.75
C ARG O 938 -104.75 -55.71 -206.30
N CYS O 939 -104.67 -56.75 -205.49
CA CYS O 939 -103.89 -57.91 -205.82
C CYS O 939 -104.74 -59.08 -206.24
N GLY O 940 -104.01 -60.10 -206.71
CA GLY O 940 -104.55 -61.37 -207.12
C GLY O 940 -105.65 -61.25 -208.13
N THR O 941 -105.34 -60.47 -209.13
CA THR O 941 -106.27 -60.19 -210.16
C THR O 941 -105.95 -60.99 -211.37
N ARG O 942 -107.04 -61.52 -211.87
CA ARG O 942 -106.97 -62.36 -213.03
C ARG O 942 -107.53 -61.77 -214.29
N GLU O 943 -108.45 -60.84 -214.09
CA GLU O 943 -109.12 -60.17 -215.17
C GLU O 943 -109.49 -58.78 -214.76
N LEU O 944 -109.15 -57.87 -215.64
CA LEU O 944 -109.39 -56.47 -215.44
C LEU O 944 -109.98 -55.85 -216.69
N ASN O 945 -111.02 -55.05 -216.46
CA ASN O 945 -111.78 -54.38 -217.51
C ASN O 945 -111.95 -52.92 -217.37
N TYR O 946 -111.54 -52.20 -218.41
CA TYR O 946 -111.67 -50.76 -218.41
C TYR O 946 -111.83 -50.28 -219.82
N GLY O 947 -112.99 -49.73 -220.07
CA GLY O 947 -113.31 -49.31 -221.39
C GLY O 947 -113.53 -50.56 -222.24
N PRO O 948 -112.98 -50.45 -223.42
CA PRO O 948 -112.97 -51.48 -224.44
C PRO O 948 -111.89 -52.50 -224.11
N HIS O 949 -111.07 -52.18 -223.11
CA HIS O 949 -109.99 -53.04 -222.73
C HIS O 949 -110.25 -54.08 -221.71
N GLN O 950 -109.41 -55.08 -221.90
CA GLN O 950 -109.40 -56.20 -221.03
C GLN O 950 -108.02 -56.80 -220.91
N TRP O 951 -107.71 -57.07 -219.66
CA TRP O 951 -106.45 -57.69 -219.37
C TRP O 951 -106.64 -58.93 -218.56
N ARG O 952 -105.83 -59.91 -218.91
CA ARG O 952 -105.90 -61.15 -218.19
C ARG O 952 -104.56 -61.68 -217.89
N GLY O 953 -104.55 -62.30 -216.72
CA GLY O 953 -103.37 -62.93 -216.17
C GLY O 953 -103.46 -63.12 -214.69
N ASP O 954 -102.35 -62.80 -214.07
CA ASP O 954 -102.33 -62.91 -212.63
C ASP O 954 -101.51 -61.76 -212.09
N PHE O 955 -102.19 -60.68 -211.79
CA PHE O 955 -101.40 -59.56 -211.37
C PHE O 955 -102.12 -58.75 -210.33
N GLN O 956 -101.45 -57.63 -210.09
CA GLN O 956 -101.93 -56.61 -209.20
C GLN O 956 -101.88 -55.37 -210.00
N PHE O 957 -102.78 -54.47 -209.65
CA PHE O 957 -102.81 -53.23 -210.37
C PHE O 957 -103.42 -52.12 -209.58
N ASN O 958 -103.26 -50.96 -210.17
CA ASN O 958 -103.89 -49.76 -209.71
C ASN O 958 -104.21 -48.91 -210.91
N ILE O 959 -105.17 -48.03 -210.71
CA ILE O 959 -105.59 -47.20 -211.79
C ILE O 959 -106.27 -45.92 -211.32
N SER O 960 -105.80 -44.83 -211.87
CA SER O 960 -106.28 -43.52 -211.47
C SER O 960 -105.83 -42.46 -212.46
N ARG O 961 -106.01 -41.18 -212.07
CA ARG O 961 -105.61 -40.07 -212.92
C ARG O 961 -104.34 -39.43 -212.49
N TYR O 962 -103.57 -40.13 -211.68
CA TYR O 962 -102.38 -39.47 -211.27
C TYR O 962 -101.19 -40.31 -211.53
N SER O 963 -100.17 -39.69 -212.06
CA SER O 963 -98.98 -40.42 -212.30
C SER O 963 -98.32 -40.63 -210.94
N GLN O 964 -97.46 -41.64 -210.91
CA GLN O 964 -96.69 -41.91 -209.72
C GLN O 964 -95.83 -40.69 -209.47
N GLN O 965 -95.37 -40.11 -210.55
CA GLN O 965 -94.56 -38.93 -210.40
C GLN O 965 -95.28 -37.79 -209.76
N GLN O 966 -96.51 -37.57 -210.20
CA GLN O 966 -97.27 -36.51 -209.61
C GLN O 966 -97.40 -36.73 -208.13
N LEU O 967 -97.80 -37.94 -207.80
CA LEU O 967 -97.99 -38.30 -206.39
C LEU O 967 -96.76 -38.09 -205.55
N MET O 968 -95.71 -38.51 -206.16
CA MET O 968 -94.50 -38.44 -205.49
C MET O 968 -94.07 -37.02 -205.28
N GLU O 969 -94.49 -36.15 -206.18
CA GLU O 969 -94.07 -34.78 -206.08
C GLU O 969 -94.99 -33.85 -205.35
N THR O 970 -96.21 -34.24 -205.09
CA THR O 970 -97.18 -33.43 -204.38
C THR O 970 -97.28 -33.78 -202.91
N SER O 971 -97.22 -32.77 -202.06
CA SER O 971 -97.28 -32.98 -200.61
C SER O 971 -98.68 -33.04 -200.02
N HIS O 972 -99.69 -32.56 -200.72
CA HIS O 972 -100.99 -32.64 -200.11
C HIS O 972 -101.98 -33.07 -201.11
N ARG O 973 -102.91 -33.85 -200.62
CA ARG O 973 -103.95 -34.33 -201.49
C ARG O 973 -104.66 -33.24 -202.30
N HIS O 974 -104.91 -32.12 -201.64
CA HIS O 974 -105.63 -31.04 -202.25
C HIS O 974 -104.94 -30.45 -203.47
N LEU O 975 -103.65 -30.62 -203.56
CA LEU O 975 -102.89 -30.15 -204.73
C LEU O 975 -102.83 -31.08 -205.94
N LEU O 976 -103.43 -32.25 -205.87
CA LEU O 976 -103.29 -33.02 -207.07
C LEU O 976 -104.40 -32.67 -207.98
N HIS O 977 -104.11 -32.87 -209.24
CA HIS O 977 -105.09 -32.63 -210.25
C HIS O 977 -105.05 -33.77 -211.23
N ALA O 978 -106.23 -34.13 -211.71
CA ALA O 978 -106.26 -35.21 -212.65
C ALA O 978 -105.39 -34.97 -213.87
N GLU O 979 -104.78 -36.04 -214.32
CA GLU O 979 -103.95 -35.93 -215.49
C GLU O 979 -104.82 -36.24 -216.69
N GLU O 980 -104.23 -36.07 -217.85
CA GLU O 980 -104.93 -36.27 -219.07
C GLU O 980 -105.79 -37.51 -219.31
N GLY O 981 -105.29 -38.70 -219.11
CA GLY O 981 -106.18 -39.83 -219.37
C GLY O 981 -106.30 -40.66 -218.14
N THR O 982 -105.97 -41.92 -218.28
CA THR O 982 -105.97 -42.82 -217.16
C THR O 982 -104.62 -43.49 -217.03
N TRP O 983 -104.09 -43.42 -215.83
CA TRP O 983 -102.83 -44.06 -215.54
C TRP O 983 -103.05 -45.46 -215.01
N LEU O 984 -102.31 -46.35 -215.64
CA LEU O 984 -102.42 -47.73 -215.29
C LEU O 984 -101.13 -48.40 -214.94
N ASN O 985 -101.17 -48.99 -213.76
CA ASN O 985 -100.04 -49.72 -213.28
C ASN O 985 -100.40 -51.17 -213.07
N ILE O 986 -99.66 -51.99 -213.83
CA ILE O 986 -99.80 -53.43 -213.78
C ILE O 986 -98.52 -54.09 -213.31
N ASP O 987 -98.70 -54.68 -212.15
CA ASP O 987 -97.63 -55.32 -211.48
C ASP O 987 -97.69 -56.80 -211.47
N GLY O 988 -96.53 -57.31 -211.85
CA GLY O 988 -96.35 -58.74 -211.78
C GLY O 988 -96.07 -59.04 -210.30
N PHE O 989 -95.37 -58.11 -209.68
CA PHE O 989 -95.01 -58.21 -208.30
C PHE O 989 -94.90 -56.87 -207.67
N HIS O 990 -95.18 -56.88 -206.38
CA HIS O 990 -95.12 -55.66 -205.62
C HIS O 990 -94.70 -55.89 -204.18
N MET O 991 -93.81 -55.05 -203.73
CA MET O 991 -93.30 -55.11 -202.38
C MET O 991 -94.37 -54.87 -201.32
N GLY O 992 -94.19 -55.45 -200.14
CA GLY O 992 -95.12 -55.24 -199.04
C GLY O 992 -95.04 -53.78 -198.59
N ILE O 993 -95.92 -53.38 -197.69
CA ILE O 993 -95.94 -51.99 -197.23
C ILE O 993 -95.43 -51.78 -195.83
N GLY O 994 -95.41 -52.83 -195.00
CA GLY O 994 -94.91 -52.69 -193.65
C GLY O 994 -95.83 -51.90 -192.74
N GLY O 995 -95.23 -51.43 -191.66
CA GLY O 995 -95.95 -50.66 -190.69
C GLY O 995 -95.69 -51.01 -189.23
N ASP O 996 -94.78 -51.97 -188.98
CA ASP O 996 -94.51 -52.37 -187.60
C ASP O 996 -94.16 -51.14 -186.80
N ASP O 997 -93.61 -50.19 -187.55
CA ASP O 997 -93.27 -48.85 -187.14
C ASP O 997 -93.01 -48.10 -188.39
N SER O 998 -93.05 -46.79 -188.27
CA SER O 998 -92.86 -46.02 -189.47
C SER O 998 -91.59 -45.25 -189.47
N TRP O 999 -90.58 -45.69 -188.78
CA TRP O 999 -89.37 -44.92 -188.81
C TRP O 999 -88.16 -45.80 -188.92
N SER O 1000 -88.45 -46.92 -189.52
CA SER O 1000 -87.52 -47.95 -189.83
C SER O 1000 -88.19 -48.87 -190.80
N PRO O 1001 -87.31 -49.64 -191.41
CA PRO O 1001 -87.65 -50.66 -192.40
C PRO O 1001 -88.43 -51.72 -191.64
N SER O 1002 -89.68 -51.86 -192.03
CA SER O 1002 -90.62 -52.68 -191.34
C SER O 1002 -91.34 -53.68 -192.22
N VAL O 1003 -90.77 -53.85 -193.42
CA VAL O 1003 -91.31 -54.80 -194.36
C VAL O 1003 -90.66 -56.16 -194.18
N SER O 1004 -91.44 -57.18 -193.83
CA SER O 1004 -90.83 -58.46 -193.68
C SER O 1004 -90.27 -59.08 -194.92
N ALA O 1005 -89.24 -59.84 -194.65
CA ALA O 1005 -88.52 -60.44 -195.72
C ALA O 1005 -89.34 -61.17 -196.74
N GLU O 1006 -90.39 -61.83 -196.26
CA GLU O 1006 -91.27 -62.57 -197.15
C GLU O 1006 -91.96 -61.64 -198.06
N PHE O 1007 -91.87 -60.35 -197.75
CA PHE O 1007 -92.52 -59.41 -198.60
C PHE O 1007 -91.64 -58.58 -199.47
N GLN O 1008 -90.34 -58.84 -199.44
CA GLN O 1008 -89.42 -58.14 -200.30
C GLN O 1008 -89.20 -58.89 -201.62
N LEU O 1009 -88.87 -58.13 -202.69
CA LEU O 1009 -88.68 -58.69 -204.02
C LEU O 1009 -87.24 -59.05 -204.14
N SER O 1010 -86.92 -60.14 -203.53
CA SER O 1010 -85.55 -60.56 -203.45
C SER O 1010 -85.13 -61.74 -204.31
N ALA O 1011 -86.06 -62.30 -205.06
CA ALA O 1011 -85.83 -63.48 -205.87
C ALA O 1011 -84.74 -63.39 -206.92
N GLY O 1012 -84.51 -62.21 -207.44
CA GLY O 1012 -83.50 -62.08 -208.45
C GLY O 1012 -84.07 -62.29 -209.84
N ARG O 1013 -85.06 -63.16 -209.93
CA ARG O 1013 -85.64 -63.40 -211.21
C ARG O 1013 -87.12 -63.47 -211.10
N TYR O 1014 -87.73 -62.75 -212.01
CA TYR O 1014 -89.15 -62.67 -212.05
C TYR O 1014 -89.72 -62.85 -213.43
N HIS O 1015 -90.84 -63.52 -213.43
CA HIS O 1015 -91.49 -63.81 -214.67
C HIS O 1015 -92.98 -63.54 -214.59
N TYR O 1016 -93.53 -62.94 -215.63
CA TYR O 1016 -94.96 -62.76 -215.65
C TYR O 1016 -95.52 -62.61 -217.02
N GLN O 1017 -96.83 -62.86 -217.09
CA GLN O 1017 -97.52 -62.78 -218.37
C GLN O 1017 -98.89 -62.22 -218.34
N LEU O 1018 -99.21 -61.71 -219.50
CA LEU O 1018 -100.40 -61.01 -219.69
C LEU O 1018 -101.03 -61.06 -221.04
N VAL O 1019 -102.33 -60.87 -220.99
CA VAL O 1019 -103.08 -60.79 -222.20
C VAL O 1019 -103.96 -59.60 -222.28
N TRP O 1020 -103.78 -58.93 -223.36
CA TRP O 1020 -104.51 -57.74 -223.62
C TRP O 1020 -105.37 -57.77 -224.87
N CME O 1021 -106.64 -57.41 -224.69
CA CME O 1021 -107.59 -57.33 -225.75
CB CME O 1021 -108.30 -58.61 -226.07
SG CME O 1021 -107.77 -59.80 -224.87
SD CME O 1021 -109.48 -60.22 -224.10
CE CME O 1021 -110.29 -58.72 -224.75
CZ CME O 1021 -111.26 -59.03 -225.91
OH CME O 1021 -112.55 -59.34 -225.37
C CME O 1021 -108.64 -56.29 -225.52
O CME O 1021 -108.72 -55.64 -224.48
N GLN O 1022 -109.43 -56.21 -226.58
CA GLN O 1022 -110.50 -55.28 -226.72
C GLN O 1022 -111.73 -55.94 -227.19
N LYS O 1023 -112.78 -55.20 -226.91
CA LYS O 1023 -114.12 -55.51 -227.28
C LYS O 1023 -114.61 -54.28 -228.05
N ILE P 3 -79.49 -131.53 -155.19
CA ILE P 3 -80.94 -131.82 -155.43
C ILE P 3 -81.90 -130.60 -155.48
N THR P 4 -81.60 -129.69 -154.58
CA THR P 4 -82.36 -128.49 -154.54
C THR P 4 -81.66 -127.60 -155.51
N ASP P 5 -80.53 -128.09 -156.03
CA ASP P 5 -79.79 -127.41 -157.06
C ASP P 5 -80.33 -127.88 -158.41
N SER P 6 -81.26 -128.78 -158.31
CA SER P 6 -81.86 -129.33 -159.47
C SER P 6 -82.73 -128.34 -160.22
N LEU P 7 -82.58 -128.40 -161.51
CA LEU P 7 -83.40 -127.61 -162.38
C LEU P 7 -84.84 -127.77 -161.99
N ALA P 8 -85.21 -128.99 -161.91
CA ALA P 8 -86.58 -129.31 -161.63
C ALA P 8 -87.15 -128.47 -160.53
N VAL P 9 -86.28 -128.30 -159.58
CA VAL P 9 -86.55 -127.58 -158.38
C VAL P 9 -86.45 -126.07 -158.62
N VAL P 10 -85.29 -125.63 -159.06
CA VAL P 10 -85.05 -124.24 -159.36
C VAL P 10 -86.13 -123.63 -160.25
N LEU P 11 -86.33 -124.19 -161.40
CA LEU P 11 -87.31 -123.64 -162.33
C LEU P 11 -88.72 -123.79 -161.85
N GLN P 12 -88.82 -124.35 -160.70
CA GLN P 12 -90.15 -124.57 -160.25
C GLN P 12 -90.82 -123.23 -159.97
N ARG P 13 -90.00 -122.42 -159.32
CA ARG P 13 -90.39 -121.12 -158.89
C ARG P 13 -90.81 -120.19 -160.06
N ARG P 14 -90.11 -120.27 -161.20
CA ARG P 14 -90.51 -119.42 -162.30
C ARG P 14 -90.39 -117.94 -161.93
N ASP P 15 -89.19 -117.64 -161.47
CA ASP P 15 -88.76 -116.33 -161.04
C ASP P 15 -88.88 -115.29 -162.12
N TRP P 16 -88.72 -115.77 -163.31
CA TRP P 16 -88.81 -114.98 -164.51
C TRP P 16 -90.26 -114.66 -164.87
N GLU P 17 -91.19 -115.03 -164.01
CA GLU P 17 -92.55 -114.62 -164.27
C GLU P 17 -93.07 -113.95 -163.01
N ASN P 18 -92.14 -113.29 -162.34
CA ASN P 18 -92.49 -112.61 -161.13
C ASN P 18 -91.68 -111.36 -160.85
N PRO P 19 -92.36 -110.25 -161.12
CA PRO P 19 -91.90 -108.88 -160.91
C PRO P 19 -91.42 -108.72 -159.48
N GLY P 20 -91.93 -109.59 -158.61
CA GLY P 20 -91.52 -109.56 -157.23
C GLY P 20 -90.10 -110.12 -157.11
N VAL P 21 -89.67 -110.92 -158.07
CA VAL P 21 -88.33 -111.40 -157.93
C VAL P 21 -87.47 -110.89 -159.02
N THR P 22 -86.54 -110.07 -158.64
CA THR P 22 -85.73 -109.53 -159.68
C THR P 22 -84.29 -109.94 -159.58
N GLN P 23 -83.98 -110.56 -158.47
CA GLN P 23 -82.66 -111.06 -158.22
C GLN P 23 -82.70 -112.04 -157.06
N LEU P 24 -81.61 -112.80 -156.90
CA LEU P 24 -81.43 -113.74 -155.78
C LEU P 24 -79.96 -113.82 -155.47
N ASN P 25 -79.64 -113.45 -154.27
CA ASN P 25 -78.22 -113.52 -153.89
C ASN P 25 -77.28 -112.67 -154.69
N ARG P 26 -77.81 -111.65 -155.31
CA ARG P 26 -76.98 -110.75 -156.07
C ARG P 26 -76.39 -109.74 -155.13
N LEU P 27 -75.11 -109.45 -155.28
CA LEU P 27 -74.52 -108.44 -154.42
C LEU P 27 -75.01 -107.03 -154.72
N ALA P 28 -74.53 -106.15 -153.88
CA ALA P 28 -74.89 -104.77 -154.03
C ALA P 28 -74.06 -104.07 -155.08
N ALA P 29 -74.69 -103.01 -155.61
CA ALA P 29 -74.12 -102.18 -156.64
C ALA P 29 -73.05 -101.18 -156.20
N HIS P 30 -72.22 -100.73 -157.11
CA HIS P 30 -71.19 -99.80 -156.69
C HIS P 30 -70.40 -99.46 -157.92
N PRO P 31 -69.62 -98.43 -157.71
CA PRO P 31 -68.78 -98.02 -158.77
C PRO P 31 -67.76 -99.11 -158.90
N PRO P 32 -67.17 -99.07 -160.01
CA PRO P 32 -66.16 -99.96 -160.47
C PRO P 32 -64.96 -100.12 -159.57
N PHE P 33 -64.70 -101.41 -159.30
CA PHE P 33 -63.56 -101.80 -158.50
C PHE P 33 -62.56 -102.64 -159.28
N ALA P 34 -61.29 -102.55 -158.85
CA ALA P 34 -60.15 -103.31 -159.40
C ALA P 34 -59.42 -104.07 -158.27
N SER P 35 -59.51 -103.55 -157.07
CA SER P 35 -58.84 -104.17 -155.98
C SER P 35 -57.35 -104.13 -156.14
N TRP P 36 -56.82 -103.05 -156.64
CA TRP P 36 -55.40 -102.99 -156.71
C TRP P 36 -54.83 -103.26 -155.35
N ARG P 37 -53.57 -103.69 -155.39
CA ARG P 37 -52.84 -103.94 -154.20
C ARG P 37 -51.59 -103.12 -154.16
N ASN P 38 -51.51 -102.22 -155.12
CA ASN P 38 -50.42 -101.29 -155.18
C ASN P 38 -50.93 -99.94 -155.64
N SER P 39 -50.69 -98.98 -154.77
CA SER P 39 -51.09 -97.63 -155.02
C SER P 39 -50.74 -97.13 -156.45
N GLU P 40 -49.46 -97.17 -156.76
CA GLU P 40 -49.03 -96.71 -158.06
C GLU P 40 -49.83 -97.26 -159.19
N GLU P 41 -50.04 -98.56 -159.14
CA GLU P 41 -50.76 -99.25 -160.17
C GLU P 41 -52.12 -98.63 -160.33
N ALA P 42 -52.77 -98.55 -159.20
CA ALA P 42 -54.07 -97.95 -159.18
C ALA P 42 -53.96 -96.53 -159.65
N ARG P 43 -53.00 -95.84 -159.12
CA ARG P 43 -52.84 -94.48 -159.50
C ARG P 43 -52.66 -94.30 -160.98
N THR P 44 -52.03 -95.25 -161.62
CA THR P 44 -51.78 -95.08 -163.05
C THR P 44 -52.68 -95.92 -163.85
N ASP P 45 -53.69 -96.41 -163.20
CA ASP P 45 -54.62 -97.22 -163.91
C ASP P 45 -53.98 -98.42 -164.57
N ARG P 46 -53.10 -99.11 -163.87
CA ARG P 46 -52.61 -100.30 -164.49
C ARG P 46 -53.63 -101.38 -164.36
N PRO P 47 -53.23 -102.58 -164.67
CA PRO P 47 -54.23 -103.61 -164.58
C PRO P 47 -54.08 -104.37 -163.33
N SER P 48 -55.23 -104.66 -162.76
CA SER P 48 -55.15 -105.36 -161.53
C SER P 48 -55.35 -106.82 -161.74
N GLN P 49 -54.50 -107.49 -161.01
CA GLN P 49 -54.47 -108.89 -161.04
C GLN P 49 -55.62 -109.50 -160.28
N GLN P 50 -56.33 -108.71 -159.41
CA GLN P 50 -57.45 -109.27 -158.64
C GLN P 50 -58.71 -109.28 -159.48
N LEU P 51 -58.43 -108.85 -160.69
CA LEU P 51 -59.43 -108.75 -161.66
C LEU P 51 -59.10 -109.53 -162.91
N ARG P 52 -59.98 -110.47 -163.16
CA ARG P 52 -59.76 -111.37 -164.24
C ARG P 52 -60.94 -111.57 -165.16
N SER P 53 -60.62 -111.50 -166.46
CA SER P 53 -61.65 -111.69 -167.46
C SER P 53 -61.90 -113.11 -167.83
N LEU P 54 -63.17 -113.43 -168.02
CA LEU P 54 -63.59 -114.76 -168.41
C LEU P 54 -64.11 -114.77 -169.83
N ASN P 55 -63.76 -113.69 -170.49
CA ASN P 55 -64.18 -113.56 -171.86
C ASN P 55 -63.38 -114.50 -172.68
N GLY P 56 -64.07 -115.14 -173.63
CA GLY P 56 -63.43 -116.04 -174.55
C GLY P 56 -64.33 -117.14 -175.05
N GLU P 57 -63.70 -118.29 -175.29
CA GLU P 57 -64.47 -119.40 -175.78
C GLU P 57 -65.21 -120.04 -174.68
N TRP P 58 -66.44 -120.35 -174.95
CA TRP P 58 -67.31 -120.91 -173.95
C TRP P 58 -68.17 -121.93 -174.63
N ARG P 59 -68.90 -122.68 -173.87
CA ARG P 59 -69.71 -123.64 -174.55
C ARG P 59 -71.15 -123.28 -174.48
N PHE P 60 -71.76 -123.43 -175.64
CA PHE P 60 -73.11 -123.01 -175.73
C PHE P 60 -74.09 -124.02 -176.27
N ALA P 61 -75.30 -123.96 -175.76
CA ALA P 61 -76.36 -124.78 -176.31
C ALA P 61 -77.70 -124.12 -176.15
N TRP P 62 -78.47 -124.20 -177.19
CA TRP P 62 -79.74 -123.54 -177.25
C TRP P 62 -80.96 -124.43 -177.11
N PHE P 63 -81.98 -123.95 -176.43
CA PHE P 63 -83.22 -124.69 -176.29
C PHE P 63 -84.38 -123.77 -176.39
N PRO P 64 -85.37 -124.32 -176.98
CA PRO P 64 -86.66 -123.72 -177.20
C PRO P 64 -87.35 -123.37 -175.90
N ALA P 65 -86.85 -123.96 -174.83
CA ALA P 65 -87.44 -123.73 -173.54
C ALA P 65 -86.57 -124.22 -172.43
N PRO P 66 -86.77 -123.60 -171.30
CA PRO P 66 -86.04 -123.90 -170.10
C PRO P 66 -86.24 -125.37 -169.67
N GLU P 67 -87.49 -125.80 -169.75
CA GLU P 67 -87.89 -127.15 -169.41
C GLU P 67 -87.07 -128.22 -170.14
N ALA P 68 -86.94 -128.03 -171.42
CA ALA P 68 -86.11 -128.86 -172.27
C ALA P 68 -84.67 -128.97 -171.75
N VAL P 69 -84.24 -128.12 -170.85
CA VAL P 69 -82.88 -128.35 -170.44
C VAL P 69 -82.77 -129.63 -169.62
N PRO P 70 -81.73 -130.38 -169.90
CA PRO P 70 -81.45 -131.66 -169.31
C PRO P 70 -80.56 -131.55 -168.08
N GLU P 71 -81.05 -132.27 -167.07
CA GLU P 71 -80.38 -132.27 -165.81
C GLU P 71 -78.84 -132.41 -165.79
N SER P 72 -78.35 -133.22 -166.71
CA SER P 72 -76.93 -133.48 -166.82
C SER P 72 -76.13 -132.23 -167.02
N TRP P 73 -76.81 -131.29 -167.70
CA TRP P 73 -76.19 -130.08 -168.07
C TRP P 73 -75.41 -129.51 -166.91
N LEU P 74 -76.00 -129.68 -165.73
CA LEU P 74 -75.45 -129.16 -164.50
C LEU P 74 -74.10 -129.70 -164.16
N GLU P 75 -74.08 -130.97 -164.49
CA GLU P 75 -72.96 -131.81 -164.24
C GLU P 75 -71.93 -131.80 -165.31
N CYS P 76 -72.41 -132.07 -166.51
CA CYS P 76 -71.51 -132.23 -167.60
C CYS P 76 -71.94 -131.44 -168.78
N ASP P 77 -70.88 -131.03 -169.50
CA ASP P 77 -71.05 -130.32 -170.75
C ASP P 77 -71.80 -131.18 -171.72
N LEU P 78 -72.42 -130.57 -172.68
CA LEU P 78 -73.12 -131.43 -173.60
C LEU P 78 -72.25 -131.86 -174.75
N PRO P 79 -72.73 -132.90 -175.34
CA PRO P 79 -72.06 -133.46 -176.47
C PRO P 79 -72.26 -132.51 -177.63
N GLU P 80 -73.55 -132.17 -177.77
CA GLU P 80 -74.08 -131.28 -178.79
C GLU P 80 -73.87 -129.79 -178.55
N ALA P 81 -73.00 -129.49 -177.60
CA ALA P 81 -72.69 -128.13 -177.31
C ALA P 81 -71.75 -127.60 -178.36
N ASP P 82 -71.77 -126.28 -178.54
CA ASP P 82 -70.89 -125.62 -179.48
C ASP P 82 -69.95 -124.76 -178.73
N THR P 83 -68.86 -124.45 -179.38
CA THR P 83 -67.94 -123.57 -178.77
C THR P 83 -68.24 -122.22 -179.34
N VAL P 84 -68.34 -121.23 -178.45
CA VAL P 84 -68.73 -119.89 -178.81
C VAL P 84 -67.92 -118.83 -178.11
N VAL P 85 -67.93 -117.67 -178.74
CA VAL P 85 -67.30 -116.54 -178.11
C VAL P 85 -68.23 -115.73 -177.26
N VAL P 86 -67.68 -115.38 -176.11
CA VAL P 86 -68.39 -114.58 -175.17
C VAL P 86 -67.54 -113.36 -174.87
N PRO P 87 -68.17 -112.17 -174.91
CA PRO P 87 -69.60 -112.04 -175.03
C PRO P 87 -70.13 -111.95 -176.43
N SER P 88 -71.44 -112.16 -176.48
CA SER P 88 -72.11 -112.13 -177.76
C SER P 88 -73.61 -112.31 -177.59
N ASN P 89 -74.29 -112.14 -178.72
CA ASN P 89 -75.73 -112.32 -178.84
C ASN P 89 -75.94 -113.53 -179.68
N TRP P 90 -76.68 -114.41 -179.14
CA TRP P 90 -76.88 -115.63 -179.83
C TRP P 90 -77.63 -115.53 -181.14
N GLN P 91 -78.48 -114.54 -181.32
CA GLN P 91 -79.17 -114.47 -182.59
C GLN P 91 -78.13 -114.23 -183.66
N MET P 92 -77.02 -113.65 -183.21
CA MET P 92 -75.90 -113.30 -184.09
C MET P 92 -75.15 -114.51 -184.57
N HIS P 93 -75.50 -115.66 -184.04
CA HIS P 93 -74.83 -116.89 -184.39
C HIS P 93 -75.75 -117.87 -185.00
N GLY P 94 -76.88 -117.39 -185.40
CA GLY P 94 -77.84 -118.23 -186.04
C GLY P 94 -78.76 -118.99 -185.13
N TYR P 95 -78.51 -118.91 -183.81
CA TYR P 95 -79.41 -119.67 -182.97
C TYR P 95 -80.91 -119.48 -183.12
N ASP P 96 -81.28 -118.23 -183.27
CA ASP P 96 -82.65 -117.82 -183.51
C ASP P 96 -82.58 -116.47 -184.11
N ALA P 97 -83.78 -115.96 -184.37
CA ALA P 97 -83.95 -114.66 -184.99
C ALA P 97 -83.94 -113.48 -184.05
N PRO P 98 -83.37 -112.41 -184.56
CA PRO P 98 -83.40 -111.17 -183.85
C PRO P 98 -84.69 -110.54 -184.33
N ILE P 99 -85.35 -109.82 -183.45
CA ILE P 99 -86.58 -109.17 -183.84
C ILE P 99 -86.46 -107.65 -183.79
N TYR P 100 -87.03 -107.09 -184.84
CA TYR P 100 -87.12 -105.68 -184.95
C TYR P 100 -88.57 -105.21 -184.93
N THR P 101 -89.00 -104.92 -183.70
CA THR P 101 -90.29 -104.33 -183.43
C THR P 101 -89.99 -103.05 -182.64
N ASN P 102 -90.85 -102.05 -182.82
CA ASN P 102 -90.72 -100.74 -182.17
C ASN P 102 -91.43 -100.59 -180.81
N VAL P 103 -92.75 -100.59 -180.93
CA VAL P 103 -93.65 -100.39 -179.82
C VAL P 103 -94.20 -101.67 -179.32
N THR P 104 -94.75 -102.35 -180.30
CA THR P 104 -95.36 -103.61 -180.02
C THR P 104 -94.38 -104.63 -179.47
N TYR P 105 -94.80 -105.17 -178.33
CA TYR P 105 -94.05 -106.18 -177.65
C TYR P 105 -93.96 -107.42 -178.51
N PRO P 106 -92.78 -108.02 -178.49
CA PRO P 106 -92.46 -109.22 -179.23
C PRO P 106 -93.27 -110.39 -178.71
N ILE P 107 -93.56 -110.36 -177.43
CA ILE P 107 -94.35 -111.41 -176.89
C ILE P 107 -95.73 -110.89 -176.58
N THR P 108 -96.57 -111.78 -176.16
CA THR P 108 -97.94 -111.43 -175.87
C THR P 108 -98.06 -110.68 -174.58
N VAL P 109 -98.95 -109.70 -174.63
CA VAL P 109 -99.12 -108.89 -173.47
C VAL P 109 -99.96 -109.45 -172.37
N ASN P 110 -99.26 -110.01 -171.41
CA ASN P 110 -99.94 -110.60 -170.29
C ASN P 110 -99.04 -110.71 -169.11
N PRO P 111 -98.63 -109.58 -168.69
CA PRO P 111 -97.78 -109.48 -167.56
C PRO P 111 -98.45 -110.15 -166.37
N PRO P 112 -97.60 -110.77 -165.58
CA PRO P 112 -96.15 -110.75 -165.77
C PRO P 112 -95.68 -111.99 -166.48
N PHE P 113 -96.55 -112.47 -167.33
CA PHE P 113 -96.24 -113.66 -168.04
C PHE P 113 -95.62 -113.52 -169.38
N VAL P 114 -94.60 -114.34 -169.45
CA VAL P 114 -93.77 -114.61 -170.59
C VAL P 114 -94.34 -115.86 -171.31
N PRO P 115 -94.07 -116.02 -172.59
CA PRO P 115 -94.55 -117.18 -173.34
C PRO P 115 -93.83 -118.47 -172.94
N THR P 116 -94.58 -119.55 -173.07
CA THR P 116 -94.11 -120.87 -172.68
C THR P 116 -92.83 -121.33 -173.39
N GLU P 117 -92.74 -120.97 -174.66
CA GLU P 117 -91.59 -121.25 -175.49
C GLU P 117 -90.65 -120.10 -175.35
N ASN P 118 -89.67 -120.31 -174.53
CA ASN P 118 -88.80 -119.24 -174.30
C ASN P 118 -87.35 -119.68 -174.43
N PRO P 119 -86.85 -119.20 -175.49
CA PRO P 119 -85.52 -119.48 -175.90
C PRO P 119 -84.52 -119.39 -174.82
N THR P 120 -84.04 -120.55 -174.44
CA THR P 120 -83.05 -120.66 -173.43
C THR P 120 -81.64 -120.91 -173.99
N GLY P 121 -80.66 -120.25 -173.40
CA GLY P 121 -79.29 -120.40 -173.85
C GLY P 121 -78.41 -120.85 -172.72
N CYS P 122 -77.88 -122.07 -172.83
CA CYS P 122 -77.04 -122.62 -171.79
C CYS P 122 -75.59 -122.43 -172.08
N TYR P 123 -75.00 -121.58 -171.26
CA TYR P 123 -73.60 -121.26 -171.39
C TYR P 123 -72.88 -121.93 -170.27
N SER P 124 -71.70 -122.40 -170.58
CA SER P 124 -70.93 -123.12 -169.59
C SER P 124 -69.49 -122.81 -169.78
N LEU P 125 -68.82 -122.87 -168.69
CA LEU P 125 -67.42 -122.60 -168.72
C LEU P 125 -66.65 -123.17 -167.56
N THR P 126 -65.60 -123.79 -168.01
CA THR P 126 -64.71 -124.49 -167.16
C THR P 126 -63.41 -123.74 -167.02
N PHE P 127 -63.00 -123.57 -165.79
CA PHE P 127 -61.81 -122.81 -165.59
C PHE P 127 -61.16 -123.11 -164.27
N ASN P 128 -59.96 -122.57 -164.26
CA ASN P 128 -59.05 -122.72 -163.18
C ASN P 128 -58.93 -121.51 -162.34
N VAL P 129 -58.62 -121.79 -161.07
CA VAL P 129 -58.49 -120.79 -160.05
C VAL P 129 -57.25 -120.93 -159.23
N ASP P 130 -56.46 -119.85 -159.13
CA ASP P 130 -55.32 -120.00 -158.26
C ASP P 130 -55.85 -120.21 -156.84
N GLU P 131 -55.28 -121.14 -156.10
CA GLU P 131 -55.81 -121.30 -154.78
C GLU P 131 -55.43 -120.17 -153.86
N SER P 132 -54.37 -119.47 -154.21
CA SER P 132 -54.02 -118.36 -153.37
C SER P 132 -55.33 -117.56 -153.06
N TRP P 133 -56.13 -117.41 -154.09
CA TRP P 133 -57.41 -116.74 -154.02
C TRP P 133 -58.39 -117.48 -153.14
N LEU P 134 -58.24 -118.76 -153.22
CA LEU P 134 -59.09 -119.65 -152.51
C LEU P 134 -58.79 -119.64 -151.03
N GLN P 135 -57.58 -119.23 -150.67
CA GLN P 135 -57.28 -119.22 -149.26
C GLN P 135 -57.97 -118.09 -148.58
N GLU P 136 -57.33 -116.95 -148.72
CA GLU P 136 -57.84 -115.73 -148.13
C GLU P 136 -58.72 -114.90 -149.09
N GLY P 137 -59.37 -113.87 -148.54
CA GLY P 137 -60.18 -112.95 -149.31
C GLY P 137 -61.49 -113.45 -149.88
N GLN P 138 -61.99 -112.64 -150.82
CA GLN P 138 -63.24 -112.93 -151.45
C GLN P 138 -63.28 -112.82 -152.94
N THR P 139 -63.97 -113.83 -153.45
CA THR P 139 -64.06 -113.95 -154.86
C THR P 139 -65.44 -113.95 -155.44
N ARG P 140 -65.59 -112.94 -156.28
CA ARG P 140 -66.84 -112.83 -156.92
C ARG P 140 -66.71 -112.69 -158.42
N ILE P 141 -67.84 -113.05 -158.97
CA ILE P 141 -68.02 -113.00 -160.37
C ILE P 141 -68.97 -111.88 -160.77
N ILE P 142 -68.69 -111.37 -161.96
CA ILE P 142 -69.46 -110.29 -162.49
C ILE P 142 -69.81 -110.34 -163.95
N PHE P 143 -71.10 -110.27 -164.15
CA PHE P 143 -71.67 -110.17 -165.47
C PHE P 143 -72.07 -108.76 -165.78
N ASP P 144 -71.32 -108.13 -166.65
CA ASP P 144 -71.65 -106.78 -167.04
C ASP P 144 -72.95 -106.62 -167.81
N GLY P 145 -73.44 -107.70 -168.39
CA GLY P 145 -74.67 -107.67 -169.12
C GLY P 145 -75.10 -109.03 -169.69
N VAL P 146 -76.33 -109.41 -169.33
CA VAL P 146 -77.04 -110.63 -169.69
C VAL P 146 -78.52 -110.36 -169.97
N ASN P 147 -78.92 -110.63 -171.17
CA ASN P 147 -80.28 -110.31 -171.54
C ASN P 147 -81.07 -111.54 -171.79
N SER P 148 -82.24 -111.67 -171.16
CA SER P 148 -82.85 -110.71 -170.27
C SER P 148 -82.78 -111.07 -168.81
N ALA P 149 -82.78 -112.37 -168.55
CA ALA P 149 -82.76 -112.93 -167.20
C ALA P 149 -81.88 -114.18 -167.09
N PHE P 150 -81.53 -114.59 -165.87
CA PHE P 150 -80.74 -115.79 -165.78
C PHE P 150 -80.46 -116.33 -164.40
N HIS P 151 -80.25 -117.66 -164.43
CA HIS P 151 -79.90 -118.49 -163.28
C HIS P 151 -78.46 -118.90 -163.33
N LEU P 152 -77.94 -119.14 -162.17
CA LEU P 152 -76.54 -119.46 -162.24
C LEU P 152 -76.04 -120.56 -161.29
N TRP P 153 -75.18 -121.43 -161.85
CA TRP P 153 -74.58 -122.48 -161.06
C TRP P 153 -73.08 -122.51 -161.11
N CYS P 154 -72.53 -122.97 -160.01
CA CYS P 154 -71.11 -123.08 -159.92
C CYS P 154 -70.80 -124.38 -159.29
N ASN P 155 -70.07 -125.15 -160.10
CA ASN P 155 -69.66 -126.47 -159.75
C ASN P 155 -70.90 -127.26 -159.29
N GLY P 156 -71.96 -127.22 -160.09
CA GLY P 156 -73.17 -128.00 -159.81
C GLY P 156 -74.10 -127.36 -158.83
N ARG P 157 -73.54 -126.36 -158.17
CA ARG P 157 -74.30 -125.67 -157.19
C ARG P 157 -75.00 -124.42 -157.66
N TRP P 158 -76.29 -124.36 -157.30
CA TRP P 158 -77.07 -123.21 -157.63
C TRP P 158 -76.59 -121.97 -156.89
N VAL P 159 -76.44 -120.89 -157.61
CA VAL P 159 -75.93 -119.69 -156.97
C VAL P 159 -76.92 -118.53 -156.86
N GLY P 160 -77.49 -118.12 -157.96
CA GLY P 160 -78.40 -117.03 -157.87
C GLY P 160 -79.11 -116.75 -159.16
N TYR P 161 -79.78 -115.63 -159.13
CA TYR P 161 -80.58 -115.19 -160.25
C TYR P 161 -80.52 -113.69 -160.37
N GLY P 162 -80.81 -113.21 -161.56
CA GLY P 162 -80.76 -111.78 -161.86
C GLY P 162 -81.62 -111.31 -163.04
N GLN P 163 -82.05 -110.02 -162.97
CA GLN P 163 -82.82 -109.36 -164.01
C GLN P 163 -82.20 -107.98 -164.35
N ASP P 164 -82.72 -107.35 -165.42
CA ASP P 164 -82.23 -106.08 -165.91
C ASP P 164 -81.00 -106.30 -166.77
N SER P 165 -81.28 -106.37 -168.07
CA SER P 165 -80.22 -106.60 -169.02
C SER P 165 -79.15 -105.58 -169.08
N ARG P 166 -79.34 -104.40 -168.51
CA ARG P 166 -78.30 -103.41 -168.70
C ARG P 166 -77.38 -103.13 -167.59
N LEU P 167 -77.62 -103.74 -166.45
CA LEU P 167 -76.68 -103.52 -165.39
C LEU P 167 -76.01 -104.81 -164.98
N PRO P 168 -74.89 -104.64 -164.34
CA PRO P 168 -74.05 -105.69 -163.83
C PRO P 168 -74.71 -106.49 -162.75
N SER P 169 -74.34 -107.78 -162.74
CA SER P 169 -74.78 -108.68 -161.71
C SER P 169 -73.59 -109.30 -161.03
N GLU P 170 -73.62 -109.26 -159.71
CA GLU P 170 -72.49 -109.81 -158.99
C GLU P 170 -72.86 -110.81 -157.98
N PHE P 171 -71.97 -111.80 -157.95
CA PHE P 171 -72.05 -112.86 -156.98
C PHE P 171 -70.74 -113.30 -156.42
N ASP P 172 -70.92 -113.68 -155.14
CA ASP P 172 -69.87 -114.21 -154.31
C ASP P 172 -69.65 -115.66 -154.62
N LEU P 173 -68.49 -115.96 -155.15
CA LEU P 173 -68.29 -117.33 -155.51
C LEU P 173 -67.59 -118.15 -154.46
N SER P 174 -66.96 -117.36 -153.61
CA SER P 174 -66.16 -117.75 -152.51
C SER P 174 -66.45 -119.14 -151.97
N ALA P 175 -67.71 -119.43 -151.74
CA ALA P 175 -68.02 -120.74 -151.20
C ALA P 175 -68.25 -121.85 -152.20
N PHE P 176 -68.03 -121.64 -153.50
CA PHE P 176 -68.32 -122.74 -154.39
C PHE P 176 -67.14 -123.15 -155.17
N LEU P 177 -66.15 -122.34 -155.02
CA LEU P 177 -64.97 -122.62 -155.73
C LEU P 177 -64.14 -123.67 -155.08
N ARG P 178 -63.47 -124.39 -155.97
CA ARG P 178 -62.55 -125.43 -155.62
C ARG P 178 -61.27 -125.07 -156.26
N ALA P 179 -60.18 -125.58 -155.72
CA ALA P 179 -58.95 -125.25 -156.41
C ALA P 179 -58.89 -126.01 -157.71
N GLY P 180 -58.25 -125.33 -158.63
CA GLY P 180 -58.13 -125.86 -159.95
C GLY P 180 -59.40 -125.67 -160.76
N GLU P 181 -59.88 -126.80 -161.19
CA GLU P 181 -60.97 -126.83 -162.10
C GLU P 181 -62.35 -126.50 -161.67
N ASN P 182 -62.91 -125.42 -162.21
CA ASN P 182 -64.26 -125.13 -161.89
C ASN P 182 -65.11 -124.99 -163.10
N ARG P 183 -66.39 -125.15 -162.85
CA ARG P 183 -67.32 -125.04 -163.94
C ARG P 183 -68.59 -124.26 -163.62
N LEU P 184 -68.79 -123.24 -164.49
CA LEU P 184 -69.98 -122.43 -164.45
C LEU P 184 -71.02 -122.85 -165.45
N ALA P 185 -72.24 -122.78 -164.99
CA ALA P 185 -73.36 -123.04 -165.85
C ALA P 185 -74.41 -121.98 -165.64
N VAL P 186 -74.55 -121.22 -166.72
CA VAL P 186 -75.45 -120.13 -166.80
C VAL P 186 -76.59 -120.36 -167.70
N MET P 187 -77.75 -120.31 -167.15
CA MET P 187 -78.89 -120.48 -168.00
C MET P 187 -79.53 -119.12 -168.21
N VAL P 188 -79.56 -118.68 -169.46
CA VAL P 188 -80.07 -117.38 -169.85
C VAL P 188 -81.41 -117.39 -170.55
N LEU P 189 -82.35 -116.49 -170.19
CA LEU P 189 -83.64 -116.50 -170.89
C LEU P 189 -84.00 -115.29 -171.72
N ARG P 190 -84.65 -115.58 -172.83
CA ARG P 190 -85.03 -114.51 -173.70
C ARG P 190 -86.00 -113.59 -173.02
N TRP P 191 -87.12 -114.16 -172.64
CA TRP P 191 -88.16 -113.43 -171.99
C TRP P 191 -88.18 -113.60 -170.50
N SER P 192 -88.57 -112.53 -169.80
CA SER P 192 -88.69 -112.52 -168.36
C SER P 192 -89.68 -111.46 -167.99
N ASP P 193 -90.02 -111.33 -166.71
CA ASP P 193 -90.95 -110.26 -166.39
C ASP P 193 -90.23 -108.92 -166.71
N GLY P 194 -88.86 -108.92 -166.65
CA GLY P 194 -88.01 -107.77 -166.96
C GLY P 194 -88.25 -107.22 -168.37
N SER P 195 -88.68 -108.14 -169.18
CA SER P 195 -88.96 -107.84 -170.55
C SER P 195 -90.03 -106.78 -170.65
N TYR P 196 -91.01 -106.85 -169.76
CA TYR P 196 -92.02 -105.84 -169.83
C TYR P 196 -91.46 -104.42 -169.64
N LEU P 197 -90.27 -104.30 -169.04
CA LEU P 197 -89.67 -103.02 -168.82
C LEU P 197 -88.61 -102.72 -169.82
N GLU P 198 -88.61 -103.53 -170.86
CA GLU P 198 -87.56 -103.31 -171.83
C GLU P 198 -88.09 -103.17 -173.26
N ASP P 199 -89.14 -102.35 -173.46
CA ASP P 199 -89.73 -102.24 -174.78
C ASP P 199 -89.11 -101.21 -175.73
N GLN P 200 -87.80 -101.01 -175.62
CA GLN P 200 -87.11 -100.06 -176.49
C GLN P 200 -87.21 -100.40 -177.97
N ASP P 201 -87.36 -99.35 -178.80
CA ASP P 201 -87.42 -99.47 -180.26
C ASP P 201 -86.06 -99.85 -180.81
N MET P 202 -85.77 -101.13 -180.79
CA MET P 202 -84.49 -101.66 -181.23
C MET P 202 -84.64 -103.13 -181.55
N TRP P 203 -83.53 -103.72 -181.96
CA TRP P 203 -83.54 -105.13 -182.26
C TRP P 203 -83.61 -105.85 -180.94
N ARG P 204 -84.44 -106.88 -180.90
CA ARG P 204 -84.58 -107.66 -179.71
C ARG P 204 -83.68 -108.89 -179.79
N MET P 205 -82.63 -108.86 -179.00
CA MET P 205 -81.66 -109.90 -178.98
C MET P 205 -81.53 -110.59 -177.62
N SER P 206 -80.43 -111.33 -177.40
CA SER P 206 -80.20 -112.05 -176.12
C SER P 206 -78.86 -112.68 -175.95
N GLY P 207 -78.55 -112.95 -174.68
CA GLY P 207 -77.30 -113.57 -174.31
C GLY P 207 -76.44 -112.81 -173.35
N ILE P 208 -75.17 -113.21 -173.36
CA ILE P 208 -74.15 -112.64 -172.50
C ILE P 208 -73.36 -111.75 -173.36
N PHE P 209 -73.89 -110.54 -173.43
CA PHE P 209 -73.38 -109.56 -174.33
C PHE P 209 -72.42 -108.57 -173.79
N ARG P 210 -72.15 -108.66 -172.51
CA ARG P 210 -71.13 -107.80 -171.94
C ARG P 210 -70.18 -108.70 -171.18
N ASP P 211 -69.05 -108.14 -170.85
CA ASP P 211 -68.00 -108.81 -170.13
C ASP P 211 -68.37 -109.65 -168.92
N VAL P 212 -67.51 -110.67 -168.73
CA VAL P 212 -67.55 -111.59 -167.60
C VAL P 212 -66.24 -111.57 -166.89
N SER P 213 -66.31 -111.44 -165.56
CA SER P 213 -65.08 -111.28 -164.84
C SER P 213 -65.09 -111.78 -163.42
N LEU P 214 -63.86 -111.80 -162.90
CA LEU P 214 -63.63 -112.24 -161.56
C LEU P 214 -62.86 -111.28 -160.78
N LEU P 215 -63.42 -111.17 -159.59
CA LEU P 215 -62.80 -110.28 -158.70
C LEU P 215 -62.54 -110.82 -157.32
N HIS P 216 -61.25 -110.63 -157.02
CA HIS P 216 -60.68 -111.05 -155.79
C HIS P 216 -60.48 -109.85 -154.92
N LYS P 217 -61.16 -109.89 -153.79
CA LYS P 217 -61.09 -108.83 -152.84
C LYS P 217 -60.81 -109.35 -151.44
N PRO P 218 -60.14 -108.49 -150.64
CA PRO P 218 -59.83 -108.81 -149.26
C PRO P 218 -61.12 -108.99 -148.50
N THR P 219 -61.07 -109.59 -147.34
CA THR P 219 -62.29 -109.82 -146.59
C THR P 219 -62.77 -108.55 -145.97
N THR P 220 -61.76 -107.77 -145.66
CA THR P 220 -62.00 -106.49 -145.11
C THR P 220 -61.62 -105.52 -146.22
N GLN P 221 -62.66 -104.96 -146.84
CA GLN P 221 -62.44 -104.12 -147.98
C GLN P 221 -63.28 -102.88 -148.06
N ILE P 222 -62.94 -102.12 -149.10
CA ILE P 222 -63.65 -100.92 -149.49
C ILE P 222 -64.91 -101.36 -150.20
N SER P 223 -66.07 -101.08 -149.65
CA SER P 223 -67.31 -101.52 -150.26
C SER P 223 -67.95 -100.52 -151.21
N ASP P 224 -67.55 -99.25 -151.04
CA ASP P 224 -68.15 -98.21 -151.82
C ASP P 224 -67.56 -96.87 -151.51
N PHE P 225 -67.64 -95.99 -152.50
CA PHE P 225 -67.18 -94.65 -152.30
C PHE P 225 -67.79 -93.63 -153.23
N HIS P 226 -67.91 -92.41 -152.74
CA HIS P 226 -68.45 -91.35 -153.55
C HIS P 226 -67.62 -90.15 -153.44
N VAL P 227 -67.64 -89.49 -154.55
CA VAL P 227 -66.93 -88.25 -154.68
C VAL P 227 -67.88 -87.13 -154.98
N ALA P 228 -67.48 -85.92 -154.51
CA ALA P 228 -68.22 -84.67 -154.71
C ALA P 228 -67.37 -83.42 -154.67
N THR P 229 -67.72 -82.47 -155.55
CA THR P 229 -67.00 -81.20 -155.61
C THR P 229 -67.85 -80.00 -155.31
N ARG P 230 -67.35 -79.15 -154.44
CA ARG P 230 -68.04 -77.94 -154.08
C ARG P 230 -67.15 -76.75 -154.39
N PHE P 231 -67.75 -75.61 -154.79
CA PHE P 231 -66.88 -74.46 -155.09
C PHE P 231 -67.30 -73.15 -154.46
N ASN P 232 -66.38 -72.19 -154.51
CA ASN P 232 -66.74 -70.85 -154.12
C ASN P 232 -67.48 -70.25 -155.29
N ASP P 233 -67.95 -69.04 -155.06
CA ASP P 233 -68.71 -68.34 -156.04
C ASP P 233 -67.98 -68.19 -157.37
N ASP P 234 -66.68 -68.25 -157.35
CA ASP P 234 -65.96 -68.02 -158.58
C ASP P 234 -65.10 -69.15 -159.02
N PHE P 235 -65.30 -70.31 -158.41
CA PHE P 235 -64.53 -71.48 -158.80
C PHE P 235 -63.04 -71.30 -158.60
N SER P 236 -62.71 -70.35 -157.76
CA SER P 236 -61.32 -70.12 -157.49
C SER P 236 -60.82 -71.15 -156.48
N ARG P 237 -61.79 -71.83 -155.91
CA ARG P 237 -61.46 -72.79 -154.92
C ARG P 237 -62.52 -73.85 -154.74
N ALA P 238 -62.04 -75.07 -154.54
CA ALA P 238 -62.91 -76.20 -154.39
C ALA P 238 -62.65 -77.13 -153.23
N VAL P 239 -63.69 -77.90 -152.98
CA VAL P 239 -63.58 -78.91 -152.00
C VAL P 239 -63.93 -80.25 -152.55
N LEU P 240 -62.99 -81.15 -152.41
CA LEU P 240 -63.29 -82.47 -152.81
C LEU P 240 -63.71 -83.24 -151.58
N GLU P 241 -64.84 -83.85 -151.66
CA GLU P 241 -65.30 -84.58 -150.54
C GLU P 241 -65.62 -86.00 -150.92
N ALA P 242 -64.94 -86.90 -150.21
CA ALA P 242 -65.08 -88.32 -150.46
C ALA P 242 -65.60 -89.11 -149.31
N GLU P 243 -66.55 -89.96 -149.64
CA GLU P 243 -67.13 -90.77 -148.64
C GLU P 243 -66.87 -92.19 -148.96
N VAL P 244 -66.30 -92.82 -147.96
CA VAL P 244 -65.92 -94.18 -148.11
C VAL P 244 -66.54 -95.12 -147.14
N GLN P 245 -66.93 -96.23 -147.68
CA GLN P 245 -67.49 -97.26 -146.86
C GLN P 245 -66.75 -98.54 -147.02
N MET P 246 -66.69 -99.23 -145.88
CA MET P 246 -66.01 -100.50 -145.80
C MET P 246 -66.91 -101.63 -145.40
N CYS P 247 -66.45 -102.81 -145.78
CA CYS P 247 -67.07 -104.06 -145.44
C CYS P 247 -66.03 -104.87 -144.69
N GLY P 248 -66.47 -105.75 -143.82
CA GLY P 248 -65.51 -106.58 -143.11
C GLY P 248 -65.41 -106.34 -141.61
N GLU P 249 -64.34 -106.84 -140.98
CA GLU P 249 -64.41 -106.41 -139.60
C GLU P 249 -63.42 -105.38 -139.23
N LEU P 250 -64.16 -104.51 -138.59
CA LEU P 250 -63.72 -103.26 -138.12
C LEU P 250 -62.73 -103.34 -136.99
N ARG P 251 -61.65 -102.57 -137.15
CA ARG P 251 -60.58 -102.50 -136.18
C ARG P 251 -59.98 -101.12 -136.16
N ASP P 252 -59.80 -100.63 -134.98
CA ASP P 252 -59.24 -99.32 -134.73
C ASP P 252 -57.92 -98.99 -135.42
N TYR P 253 -57.25 -99.96 -136.03
CA TYR P 253 -55.99 -99.56 -136.63
C TYR P 253 -56.15 -99.25 -138.09
N LEU P 254 -57.39 -99.35 -138.51
CA LEU P 254 -57.73 -99.08 -139.87
C LEU P 254 -57.75 -97.62 -140.16
N ARG P 255 -57.29 -97.39 -141.37
CA ARG P 255 -57.19 -96.06 -141.88
C ARG P 255 -57.56 -95.95 -143.33
N VAL P 256 -57.80 -94.70 -143.72
CA VAL P 256 -58.15 -94.43 -145.07
C VAL P 256 -57.45 -93.25 -145.57
N THR P 257 -56.92 -93.44 -146.76
CA THR P 257 -56.26 -92.34 -147.36
C THR P 257 -56.74 -92.05 -148.74
N VAL P 258 -56.87 -90.74 -148.93
CA VAL P 258 -57.34 -90.27 -150.18
C VAL P 258 -56.46 -89.19 -150.64
N SER P 259 -55.98 -89.44 -151.85
CA SER P 259 -55.04 -88.57 -152.47
C SER P 259 -55.47 -88.20 -153.87
N LEU P 260 -55.14 -86.96 -154.13
CA LEU P 260 -55.45 -86.38 -155.36
C LEU P 260 -54.23 -86.06 -156.13
N TRP P 261 -54.30 -86.51 -157.35
CA TRP P 261 -53.24 -86.36 -158.27
C TRP P 261 -53.58 -85.68 -159.56
N GLN P 262 -52.60 -84.90 -159.94
CA GLN P 262 -52.61 -84.18 -161.18
C GLN P 262 -51.44 -84.70 -161.98
N GLY P 263 -51.71 -85.83 -162.57
CA GLY P 263 -50.67 -86.45 -163.30
C GLY P 263 -49.65 -86.98 -162.32
N GLU P 264 -48.49 -86.35 -162.36
CA GLU P 264 -47.40 -86.79 -161.53
C GLU P 264 -47.44 -86.14 -160.19
N THR P 265 -48.21 -85.10 -160.16
CA THR P 265 -48.28 -84.36 -158.96
C THR P 265 -49.35 -84.74 -157.98
N GLN P 266 -48.90 -84.80 -156.76
CA GLN P 266 -49.86 -85.06 -155.76
C GLN P 266 -50.33 -83.74 -155.29
N VAL P 267 -51.61 -83.59 -155.43
CA VAL P 267 -52.25 -82.34 -155.19
C VAL P 267 -52.79 -82.17 -153.80
N ALA P 268 -53.27 -83.30 -153.29
CA ALA P 268 -53.80 -83.29 -151.95
C ALA P 268 -54.01 -84.67 -151.47
N SER P 269 -53.92 -84.75 -150.15
CA SER P 269 -54.12 -86.01 -149.49
C SER P 269 -54.73 -85.80 -148.15
N GLY P 270 -55.33 -86.88 -147.68
CA GLY P 270 -55.97 -86.90 -146.40
C GLY P 270 -56.10 -88.31 -145.88
N THR P 271 -55.94 -88.40 -144.58
CA THR P 271 -56.02 -89.70 -143.96
C THR P 271 -56.88 -89.70 -142.73
N ALA P 272 -57.56 -90.81 -142.53
CA ALA P 272 -58.39 -90.94 -141.37
C ALA P 272 -58.86 -92.34 -141.12
N PRO P 273 -59.42 -92.44 -139.96
CA PRO P 273 -59.95 -93.67 -139.42
C PRO P 273 -61.43 -93.63 -139.57
N PHE P 274 -62.00 -94.82 -139.64
CA PHE P 274 -63.44 -94.93 -139.81
C PHE P 274 -64.23 -94.30 -138.69
N GLY P 275 -65.47 -94.04 -139.01
CA GLY P 275 -66.36 -93.45 -138.06
C GLY P 275 -66.73 -92.05 -138.48
N GLY P 276 -68.04 -91.90 -138.69
CA GLY P 276 -68.68 -90.66 -139.11
C GLY P 276 -69.22 -89.79 -137.98
N GLU P 277 -69.82 -88.69 -138.40
CA GLU P 277 -70.41 -87.71 -137.54
C GLU P 277 -71.77 -88.20 -137.19
N ILE P 278 -72.28 -87.67 -136.10
CA ILE P 278 -73.57 -88.08 -135.70
C ILE P 278 -74.55 -87.73 -136.75
N ILE P 279 -75.43 -88.67 -136.98
CA ILE P 279 -76.41 -88.41 -137.96
C ILE P 279 -77.76 -88.37 -137.32
N ASP P 280 -77.93 -89.15 -136.27
CA ASP P 280 -79.22 -89.14 -135.66
C ASP P 280 -79.13 -89.55 -134.23
N GLU P 281 -80.29 -89.81 -133.67
CA GLU P 281 -80.33 -90.18 -132.26
C GLU P 281 -79.49 -91.39 -131.88
N ARG P 282 -79.28 -92.31 -132.84
CA ARG P 282 -78.49 -93.50 -132.60
C ARG P 282 -77.02 -93.33 -132.86
N GLY P 283 -76.61 -92.23 -133.46
CA GLY P 283 -75.20 -92.01 -133.71
C GLY P 283 -74.91 -91.83 -135.17
N GLY P 284 -73.73 -92.33 -135.58
CA GLY P 284 -73.27 -92.28 -136.95
C GLY P 284 -72.94 -93.65 -137.56
N TYR P 285 -72.18 -93.59 -138.66
CA TYR P 285 -71.71 -94.76 -139.37
C TYR P 285 -70.31 -95.05 -138.90
N ALA P 286 -70.20 -96.16 -138.24
CA ALA P 286 -68.91 -96.55 -137.72
C ALA P 286 -67.96 -96.98 -138.81
N ASP P 287 -68.58 -97.53 -139.82
CA ASP P 287 -67.93 -98.08 -140.95
C ASP P 287 -67.91 -97.20 -142.15
N ARG P 288 -67.91 -95.90 -141.91
CA ARG P 288 -67.77 -95.03 -143.06
C ARG P 288 -66.92 -93.92 -142.60
N VAL P 289 -66.43 -93.21 -143.55
CA VAL P 289 -65.65 -92.05 -143.24
C VAL P 289 -65.68 -91.10 -144.42
N THR P 290 -65.69 -89.81 -144.13
CA THR P 290 -65.73 -88.84 -145.19
C THR P 290 -64.56 -87.89 -145.13
N LEU P 291 -63.84 -87.74 -146.23
CA LEU P 291 -62.73 -86.80 -146.20
C LEU P 291 -63.02 -85.63 -147.08
N ARG P 292 -62.43 -84.54 -146.68
CA ARG P 292 -62.61 -83.32 -147.41
C ARG P 292 -61.29 -82.72 -147.78
N LEU P 293 -61.02 -82.62 -149.09
CA LEU P 293 -59.78 -82.06 -149.56
C LEU P 293 -59.99 -80.72 -150.19
N ASN P 294 -59.14 -79.81 -149.83
CA ASN P 294 -59.22 -78.48 -150.39
C ASN P 294 -58.37 -78.38 -151.60
N VAL P 295 -58.89 -77.67 -152.60
CA VAL P 295 -58.15 -77.47 -153.81
C VAL P 295 -58.18 -76.06 -154.32
N GLU P 296 -57.02 -75.48 -154.43
CA GLU P 296 -56.99 -74.13 -154.92
C GLU P 296 -56.91 -74.10 -156.42
N ASN P 297 -57.57 -73.12 -157.00
CA ASN P 297 -57.55 -72.98 -158.43
C ASN P 297 -57.59 -74.29 -159.17
N PRO P 298 -58.63 -75.05 -158.91
CA PRO P 298 -58.75 -76.31 -159.57
C PRO P 298 -58.94 -76.05 -161.05
N LYS P 299 -58.64 -77.08 -161.81
CA LYS P 299 -58.81 -77.07 -163.24
C LYS P 299 -60.12 -77.77 -163.54
N LEU P 300 -60.95 -77.03 -164.23
CA LEU P 300 -62.25 -77.55 -164.48
C LEU P 300 -62.48 -78.47 -165.63
N TRP P 301 -63.39 -79.36 -165.36
CA TRP P 301 -63.71 -80.26 -166.39
C TRP P 301 -64.87 -79.73 -167.22
N SER P 302 -64.83 -79.93 -168.55
CA SER P 302 -65.87 -79.47 -169.48
C SER P 302 -65.76 -80.33 -170.68
N ALA P 303 -66.79 -80.29 -171.50
CA ALA P 303 -66.70 -81.04 -172.72
C ALA P 303 -65.70 -80.28 -173.57
N GLU P 304 -65.56 -78.98 -173.33
CA GLU P 304 -64.59 -78.17 -174.05
C GLU P 304 -63.16 -78.57 -173.63
N ILE P 305 -62.95 -78.86 -172.34
CA ILE P 305 -61.63 -79.23 -171.85
C ILE P 305 -61.74 -80.12 -170.67
N PRO P 306 -61.67 -81.35 -170.97
CA PRO P 306 -61.83 -82.40 -170.01
C PRO P 306 -60.69 -82.52 -169.04
N ASN P 307 -60.49 -81.51 -168.24
CA ASN P 307 -59.45 -81.60 -167.27
C ASN P 307 -59.81 -82.65 -166.27
N LEU P 308 -58.89 -83.61 -166.09
CA LEU P 308 -59.08 -84.65 -165.10
C LEU P 308 -58.05 -84.75 -163.98
N TYR P 309 -58.50 -85.37 -162.90
CA TYR P 309 -57.63 -85.60 -161.78
C TYR P 309 -57.78 -87.04 -161.40
N ARG P 310 -56.78 -87.56 -160.70
CA ARG P 310 -56.89 -88.93 -160.28
C ARG P 310 -56.96 -89.04 -158.80
N ALA P 311 -57.92 -89.86 -158.42
CA ALA P 311 -58.13 -90.02 -157.01
C ALA P 311 -57.89 -91.43 -156.55
N VAL P 312 -57.12 -91.48 -155.45
CA VAL P 312 -56.80 -92.73 -154.82
C VAL P 312 -57.24 -92.94 -153.41
N VAL P 313 -57.90 -94.07 -153.33
CA VAL P 313 -58.46 -94.51 -152.10
C VAL P 313 -57.76 -95.75 -151.61
N GLU P 314 -57.03 -95.53 -150.53
CA GLU P 314 -56.31 -96.60 -149.92
C GLU P 314 -56.78 -96.88 -148.53
N LEU P 315 -57.10 -98.15 -148.40
CA LEU P 315 -57.53 -98.79 -147.20
C LEU P 315 -56.30 -99.45 -146.59
N HIS P 316 -55.87 -98.93 -145.48
CA HIS P 316 -54.69 -99.49 -144.89
C HIS P 316 -54.72 -99.47 -143.36
N THR P 317 -53.67 -100.02 -142.79
CA THR P 317 -53.56 -100.05 -141.36
C THR P 317 -52.74 -98.88 -140.95
N ALA P 318 -52.84 -98.60 -139.67
CA ALA P 318 -52.14 -97.48 -139.12
C ALA P 318 -50.66 -97.55 -139.29
N ASP P 319 -50.13 -98.78 -139.32
CA ASP P 319 -48.69 -98.96 -139.46
C ASP P 319 -48.22 -98.60 -140.85
N GLY P 320 -49.12 -98.69 -141.81
CA GLY P 320 -48.75 -98.34 -143.15
C GLY P 320 -49.04 -99.44 -144.15
N THR P 321 -49.31 -100.59 -143.62
CA THR P 321 -49.59 -101.70 -144.47
C THR P 321 -50.89 -101.52 -145.25
N LEU P 322 -50.78 -101.56 -146.57
CA LEU P 322 -51.94 -101.38 -147.39
C LEU P 322 -52.80 -102.61 -147.54
N ILE P 323 -54.11 -102.47 -147.35
CA ILE P 323 -55.00 -103.61 -147.53
C ILE P 323 -55.43 -103.72 -148.99
N GLU P 324 -55.77 -102.57 -149.56
CA GLU P 324 -56.18 -102.45 -150.95
C GLU P 324 -56.42 -101.03 -151.34
N ALA P 325 -56.60 -100.89 -152.64
CA ALA P 325 -56.84 -99.60 -153.26
C ALA P 325 -57.85 -99.61 -154.40
N GLU P 326 -58.49 -98.46 -154.51
CA GLU P 326 -59.41 -98.21 -155.57
C GLU P 326 -59.15 -96.79 -155.99
N ALA P 327 -59.54 -96.53 -157.21
CA ALA P 327 -59.32 -95.21 -157.73
C ALA P 327 -60.35 -94.82 -158.77
N CYS P 328 -60.25 -93.54 -159.15
CA CYS P 328 -61.10 -92.98 -160.17
C CYS P 328 -60.61 -91.67 -160.68
N ASP P 329 -61.14 -91.36 -161.87
CA ASP P 329 -60.81 -90.08 -162.44
C ASP P 329 -61.76 -89.05 -161.90
N VAL P 330 -61.27 -87.86 -161.69
CA VAL P 330 -62.15 -86.88 -161.13
C VAL P 330 -62.21 -85.60 -161.93
N GLY P 331 -63.44 -85.07 -162.05
CA GLY P 331 -63.64 -83.83 -162.76
C GLY P 331 -64.29 -82.77 -161.90
N PHE P 332 -63.66 -81.64 -161.89
CA PHE P 332 -64.21 -80.54 -161.16
C PHE P 332 -65.16 -79.75 -162.01
N ARG P 333 -66.43 -79.89 -161.68
CA ARG P 333 -67.48 -79.21 -162.40
C ARG P 333 -68.75 -79.19 -161.60
N GLU P 334 -69.49 -78.12 -161.82
CA GLU P 334 -70.75 -77.89 -161.16
C GLU P 334 -71.89 -77.77 -162.16
N VAL P 335 -72.90 -78.57 -161.94
CA VAL P 335 -74.02 -78.52 -162.85
C VAL P 335 -75.18 -78.01 -162.08
N ARG P 336 -75.81 -76.96 -162.54
CA ARG P 336 -76.95 -76.50 -161.83
C ARG P 336 -77.93 -75.73 -162.67
N ILE P 337 -79.14 -75.79 -162.17
CA ILE P 337 -80.18 -75.06 -162.80
C ILE P 337 -80.52 -73.85 -161.99
N GLU P 338 -80.35 -72.73 -162.63
CA GLU P 338 -80.65 -71.58 -161.88
C GLU P 338 -81.43 -70.58 -162.66
N ASN P 339 -82.53 -70.20 -162.07
CA ASN P 339 -83.33 -69.21 -162.73
C ASN P 339 -83.71 -69.57 -164.15
N GLY P 340 -84.20 -70.78 -164.34
CA GLY P 340 -84.63 -71.24 -165.64
C GLY P 340 -83.50 -71.72 -166.49
N LEU P 341 -82.27 -71.60 -165.99
CA LEU P 341 -81.20 -72.07 -166.85
C LEU P 341 -80.31 -73.11 -166.32
N LEU P 342 -79.90 -73.92 -167.25
CA LEU P 342 -78.98 -74.98 -166.95
C LEU P 342 -77.56 -74.50 -167.11
N LEU P 343 -76.85 -74.55 -166.00
CA LEU P 343 -75.50 -74.09 -166.02
C LEU P 343 -74.49 -75.11 -165.72
N LEU P 344 -73.38 -74.84 -166.31
CA LEU P 344 -72.27 -75.63 -166.08
C LEU P 344 -71.11 -74.74 -165.73
N ASN P 345 -70.59 -74.98 -164.55
CA ASN P 345 -69.50 -74.16 -164.09
C ASN P 345 -69.85 -72.71 -164.27
N GLY P 346 -71.10 -72.45 -163.96
CA GLY P 346 -71.56 -71.09 -164.02
C GLY P 346 -72.07 -70.61 -165.33
N LYS P 347 -71.81 -71.34 -166.39
CA LYS P 347 -72.31 -70.88 -167.64
C LYS P 347 -73.37 -71.80 -168.17
N PRO P 348 -74.22 -71.15 -168.89
CA PRO P 348 -75.40 -71.71 -169.52
C PRO P 348 -75.00 -72.50 -170.72
N LEU P 349 -75.42 -73.74 -170.72
CA LEU P 349 -75.05 -74.59 -171.81
C LEU P 349 -75.93 -74.50 -173.00
N LEU P 350 -75.35 -75.04 -174.06
CA LEU P 350 -76.01 -75.19 -175.31
C LEU P 350 -75.65 -76.57 -175.84
N ILE P 351 -76.59 -77.45 -175.68
CA ILE P 351 -76.42 -78.84 -175.99
C ILE P 351 -76.54 -79.16 -177.43
N ARG P 352 -75.42 -79.61 -177.97
CA ARG P 352 -75.35 -80.10 -179.33
C ARG P 352 -75.32 -81.62 -179.21
N GLY P 353 -76.50 -82.17 -178.92
CA GLY P 353 -76.61 -83.57 -178.62
C GLY P 353 -77.18 -84.51 -179.63
N VAL P 354 -76.92 -85.76 -179.29
CA VAL P 354 -77.41 -86.85 -180.10
C VAL P 354 -77.67 -88.03 -179.22
N ASN P 355 -78.69 -88.77 -179.60
CA ASN P 355 -79.02 -90.00 -178.91
C ASN P 355 -78.25 -91.09 -179.59
N ARG P 356 -77.79 -92.05 -178.82
CA ARG P 356 -77.03 -93.16 -179.35
C ARG P 356 -77.26 -94.51 -178.72
N HIS P 357 -77.52 -95.50 -179.56
CA HIS P 357 -77.65 -96.86 -179.07
C HIS P 357 -76.33 -97.63 -179.15
N GLU P 358 -76.27 -98.71 -178.37
CA GLU P 358 -75.11 -99.60 -178.40
C GLU P 358 -75.43 -100.67 -179.48
N HIS P 359 -74.92 -100.41 -180.69
CA HIS P 359 -75.19 -101.20 -181.90
C HIS P 359 -74.06 -101.32 -182.91
N HIS P 360 -73.86 -102.59 -183.28
CA HIS P 360 -72.88 -103.06 -184.19
C HIS P 360 -73.49 -103.96 -185.24
N PRO P 361 -73.29 -103.57 -186.48
CA PRO P 361 -73.81 -104.22 -187.68
C PRO P 361 -73.50 -105.71 -187.70
N LEU P 362 -72.31 -106.01 -187.17
CA LEU P 362 -71.77 -107.36 -187.04
C LEU P 362 -71.97 -108.02 -185.70
N HIS P 363 -71.60 -107.34 -184.63
CA HIS P 363 -71.73 -107.91 -183.33
C HIS P 363 -73.08 -107.77 -182.66
N GLY P 364 -74.04 -107.11 -183.29
CA GLY P 364 -75.34 -106.91 -182.66
C GLY P 364 -75.20 -105.90 -181.52
N GLN P 365 -75.60 -106.29 -180.31
CA GLN P 365 -75.49 -105.37 -179.19
C GLN P 365 -74.19 -105.43 -178.42
N VAL P 366 -73.20 -106.02 -178.99
CA VAL P 366 -71.93 -106.10 -178.29
C VAL P 366 -70.96 -104.96 -178.61
N MET P 367 -70.53 -104.28 -177.56
CA MET P 367 -69.65 -103.13 -177.71
C MET P 367 -68.17 -103.38 -177.50
N ASP P 368 -67.34 -102.49 -178.02
CA ASP P 368 -65.90 -102.54 -177.87
C ASP P 368 -65.23 -101.19 -178.00
N GLU P 369 -64.12 -101.14 -177.32
CA GLU P 369 -63.34 -99.93 -177.28
C GLU P 369 -63.23 -99.24 -178.61
N GLN P 370 -62.78 -100.03 -179.52
CA GLN P 370 -62.53 -99.51 -180.80
C GLN P 370 -63.68 -98.72 -181.43
N THR P 371 -64.84 -99.33 -181.39
CA THR P 371 -66.02 -98.69 -181.91
C THR P 371 -66.39 -97.42 -181.14
N MET P 372 -66.48 -97.63 -179.84
CA MET P 372 -66.80 -96.55 -178.97
C MET P 372 -66.00 -95.31 -179.35
N VAL P 373 -64.72 -95.51 -179.42
CA VAL P 373 -63.88 -94.39 -179.75
C VAL P 373 -64.21 -93.78 -181.10
N GLN P 374 -64.48 -94.67 -182.00
CA GLN P 374 -64.81 -94.18 -183.30
C GLN P 374 -65.96 -93.19 -183.23
N ASP P 375 -67.02 -93.65 -182.58
CA ASP P 375 -68.17 -92.83 -182.44
C ASP P 375 -67.82 -91.47 -181.84
N ILE P 376 -67.11 -91.58 -180.77
CA ILE P 376 -66.75 -90.37 -180.13
C ILE P 376 -66.03 -89.41 -181.02
N LEU P 377 -65.06 -89.94 -181.71
CA LEU P 377 -64.28 -89.09 -182.56
C LEU P 377 -65.12 -88.36 -183.54
N LEU P 378 -65.95 -89.14 -184.18
CA LEU P 378 -66.86 -88.58 -185.13
C LEU P 378 -67.72 -87.49 -184.57
N MET P 379 -68.36 -87.83 -183.46
CA MET P 379 -69.21 -86.85 -182.86
C MET P 379 -68.51 -85.56 -182.64
N LYS P 380 -67.39 -85.70 -181.96
CA LYS P 380 -66.59 -84.55 -181.66
C LYS P 380 -66.24 -83.82 -182.91
N GLN P 381 -65.91 -84.56 -183.91
CA GLN P 381 -65.56 -83.89 -185.14
C GLN P 381 -66.70 -83.21 -185.83
N ASN P 382 -67.91 -83.62 -185.52
CA ASN P 382 -69.06 -83.00 -186.10
C ASN P 382 -69.76 -81.99 -185.25
N ASN P 383 -69.07 -81.54 -184.23
CA ASN P 383 -69.61 -80.51 -183.41
C ASN P 383 -70.63 -80.92 -182.43
N PHE P 384 -70.63 -82.19 -182.11
CA PHE P 384 -71.53 -82.61 -181.06
C PHE P 384 -70.87 -82.46 -179.67
N ASN P 385 -71.64 -82.25 -178.59
CA ASN P 385 -70.95 -82.13 -177.31
C ASN P 385 -71.60 -82.96 -176.24
N ALA P 386 -72.66 -83.63 -176.66
CA ALA P 386 -73.35 -84.41 -175.67
C ALA P 386 -74.05 -85.56 -176.29
N VAL P 387 -74.26 -86.53 -175.43
CA VAL P 387 -74.96 -87.71 -175.86
C VAL P 387 -75.86 -88.26 -174.77
N ARG P 388 -76.94 -88.83 -175.24
CA ARG P 388 -77.91 -89.45 -174.41
C ARG P 388 -77.88 -90.95 -174.62
N CYS P 389 -77.76 -91.69 -173.52
CA CYS P 389 -77.75 -93.14 -173.55
C CYS P 389 -79.12 -93.75 -173.78
N SER P 390 -79.66 -93.55 -174.98
CA SER P 390 -80.97 -94.12 -175.25
C SER P 390 -80.85 -95.63 -175.33
N HIS P 391 -81.46 -96.36 -174.42
CA HIS P 391 -82.26 -95.91 -173.31
C HIS P 391 -81.98 -96.90 -172.17
N TYR P 392 -80.75 -96.91 -171.71
CA TYR P 392 -80.30 -97.82 -170.69
C TYR P 392 -78.86 -97.49 -170.47
N PRO P 393 -78.40 -97.96 -169.36
CA PRO P 393 -77.04 -97.70 -168.97
C PRO P 393 -76.16 -98.40 -169.97
N ASN P 394 -75.09 -97.74 -170.22
CA ASN P 394 -74.23 -98.28 -171.21
C ASN P 394 -73.09 -99.09 -170.63
N HIS P 395 -72.42 -99.73 -171.52
CA HIS P 395 -71.20 -100.36 -171.17
C HIS P 395 -70.29 -99.28 -170.54
N PRO P 396 -69.79 -99.68 -169.45
CA PRO P 396 -68.97 -98.94 -168.52
C PRO P 396 -67.84 -98.17 -169.09
N LEU P 397 -67.23 -98.74 -170.06
CA LEU P 397 -66.09 -98.05 -170.57
C LEU P 397 -66.43 -96.69 -171.19
N TRP P 398 -67.63 -96.73 -171.73
CA TRP P 398 -68.16 -95.58 -172.39
C TRP P 398 -67.94 -94.31 -171.59
N TYR P 399 -68.39 -94.42 -170.32
CA TYR P 399 -68.32 -93.30 -169.44
C TYR P 399 -66.93 -92.78 -169.26
N THR P 400 -66.04 -93.71 -169.22
CA THR P 400 -64.69 -93.29 -169.03
C THR P 400 -64.20 -92.51 -170.21
N LEU P 401 -64.51 -93.06 -171.35
CA LEU P 401 -64.11 -92.42 -172.57
C LEU P 401 -64.64 -91.04 -172.63
N CYS P 402 -65.93 -90.94 -172.31
CA CYS P 402 -66.52 -89.61 -172.36
C CYS P 402 -65.84 -88.71 -171.39
N ASP P 403 -65.48 -89.31 -170.25
CA ASP P 403 -64.85 -88.52 -169.24
C ASP P 403 -63.57 -87.95 -169.78
N ARG P 404 -62.89 -88.81 -170.49
CA ARG P 404 -61.58 -88.46 -171.00
C ARG P 404 -61.56 -87.60 -172.22
N TYR P 405 -62.45 -87.94 -173.15
CA TYR P 405 -62.54 -87.18 -174.39
C TYR P 405 -63.26 -85.88 -174.29
N GLY P 406 -64.24 -85.83 -173.39
CA GLY P 406 -65.01 -84.63 -173.17
C GLY P 406 -66.36 -84.62 -173.87
N LEU P 407 -67.37 -85.25 -173.28
CA LEU P 407 -68.72 -85.20 -173.85
C LEU P 407 -69.73 -85.20 -172.73
N TYR P 408 -70.73 -84.33 -172.79
CA TYR P 408 -71.71 -84.37 -171.73
C TYR P 408 -72.59 -85.60 -171.93
N VAL P 409 -72.90 -86.25 -170.83
CA VAL P 409 -73.76 -87.42 -170.92
C VAL P 409 -74.98 -87.43 -170.02
N VAL P 410 -76.01 -87.99 -170.62
CA VAL P 410 -77.25 -88.22 -169.93
C VAL P 410 -77.37 -89.72 -169.69
N ASP P 411 -77.29 -90.14 -168.43
CA ASP P 411 -77.41 -91.52 -168.08
C ASP P 411 -78.88 -91.90 -167.90
N GLU P 412 -79.29 -92.98 -168.53
CA GLU P 412 -80.68 -93.29 -168.48
C GLU P 412 -81.03 -94.66 -167.99
N ALA P 413 -82.01 -94.69 -167.12
CA ALA P 413 -82.41 -95.98 -166.60
C ALA P 413 -83.04 -96.86 -167.65
N ASN P 414 -82.80 -98.15 -167.50
CA ASN P 414 -83.31 -99.12 -168.40
C ASN P 414 -84.83 -99.40 -168.22
N ILE P 415 -85.68 -98.45 -168.60
CA ILE P 415 -87.11 -98.73 -168.48
C ILE P 415 -87.91 -98.15 -169.59
N GLU P 416 -88.59 -98.98 -170.39
CA GLU P 416 -89.46 -98.54 -171.48
C GLU P 416 -90.61 -99.50 -171.48
N THR P 417 -91.84 -98.99 -171.40
CA THR P 417 -93.04 -99.84 -171.40
C THR P 417 -93.96 -99.32 -172.45
N HIS P 418 -93.28 -98.85 -173.44
CA HIS P 418 -93.95 -98.25 -174.54
C HIS P 418 -95.22 -98.98 -175.04
N GLY P 419 -95.20 -100.31 -175.10
CA GLY P 419 -96.32 -101.08 -175.64
C GLY P 419 -97.51 -101.19 -174.72
N MET P 420 -97.34 -100.80 -173.47
CA MET P 420 -98.46 -100.92 -172.57
C MET P 420 -99.62 -100.05 -172.97
N VAL P 421 -100.74 -100.25 -172.32
CA VAL P 421 -101.88 -99.41 -172.64
C VAL P 421 -102.85 -99.18 -171.49
N PRO P 422 -103.00 -97.95 -171.06
CA PRO P 422 -102.22 -96.85 -171.58
C PRO P 422 -100.76 -97.03 -171.18
N MET P 423 -99.93 -96.25 -171.79
CA MET P 423 -98.52 -96.34 -171.57
C MET P 423 -98.09 -96.47 -170.12
N ASN P 424 -98.84 -95.92 -169.18
CA ASN P 424 -98.33 -96.00 -167.81
C ASN P 424 -98.94 -97.09 -166.90
N ARG P 425 -99.56 -98.07 -167.58
CA ARG P 425 -100.18 -99.18 -166.92
C ARG P 425 -99.33 -99.74 -165.78
N LEU P 426 -98.05 -99.96 -166.05
CA LEU P 426 -97.18 -100.46 -165.00
C LEU P 426 -96.59 -99.41 -164.09
N THR P 427 -96.15 -98.28 -164.69
CA THR P 427 -95.49 -97.19 -163.96
C THR P 427 -96.30 -96.57 -162.88
N ASP P 428 -97.59 -96.77 -163.05
CA ASP P 428 -98.44 -96.28 -162.04
C ASP P 428 -98.84 -97.39 -161.04
N ASP P 429 -98.14 -98.50 -161.07
CA ASP P 429 -98.47 -99.58 -160.20
C ASP P 429 -97.34 -99.98 -159.28
N PRO P 430 -97.73 -99.82 -158.04
CA PRO P 430 -96.93 -100.07 -156.88
C PRO P 430 -96.25 -101.38 -156.99
N ARG P 431 -97.04 -102.36 -157.45
CA ARG P 431 -96.46 -103.68 -157.60
C ARG P 431 -95.21 -103.68 -158.43
N TRP P 432 -95.08 -102.69 -159.30
CA TRP P 432 -93.91 -102.67 -160.13
C TRP P 432 -92.83 -101.74 -159.67
N LEU P 433 -93.18 -101.08 -158.63
CA LEU P 433 -92.28 -100.12 -158.10
C LEU P 433 -90.87 -100.64 -157.71
N PRO P 434 -90.87 -101.76 -157.11
CA PRO P 434 -89.60 -102.31 -156.67
C PRO P 434 -88.69 -102.63 -157.82
N ALA P 435 -89.32 -103.27 -158.78
CA ALA P 435 -88.59 -103.56 -160.01
C ALA P 435 -88.01 -102.29 -160.60
N MET P 436 -88.91 -101.32 -160.79
CA MET P 436 -88.45 -100.07 -161.34
C MET P 436 -87.34 -99.49 -160.50
N SER P 437 -87.59 -99.57 -159.23
CA SER P 437 -86.68 -98.96 -158.32
C SER P 437 -85.22 -99.37 -158.56
N GLU P 438 -85.08 -100.67 -158.72
CA GLU P 438 -83.79 -101.30 -158.85
C GLU P 438 -83.07 -100.80 -160.03
N ARG P 439 -83.89 -100.63 -161.04
CA ARG P 439 -83.38 -100.10 -162.26
C ARG P 439 -82.79 -98.69 -162.08
N VAL P 440 -83.34 -97.89 -161.18
CA VAL P 440 -82.72 -96.59 -161.07
C VAL P 440 -81.55 -96.55 -160.11
N THR P 441 -81.86 -97.09 -158.94
CA THR P 441 -80.93 -97.05 -157.86
C THR P 441 -79.57 -97.56 -158.23
N ARG P 442 -79.62 -98.69 -158.89
CA ARG P 442 -78.42 -99.36 -159.28
C ARG P 442 -77.56 -98.56 -160.22
N MET P 443 -78.25 -97.92 -161.16
CA MET P 443 -77.53 -97.09 -162.10
C MET P 443 -76.73 -96.02 -161.40
N VAL P 444 -77.47 -95.38 -160.53
CA VAL P 444 -76.91 -94.29 -159.83
C VAL P 444 -75.69 -94.71 -159.06
N GLN P 445 -75.89 -95.84 -158.41
CA GLN P 445 -74.87 -96.40 -157.59
C GLN P 445 -73.61 -96.70 -158.35
N ARG P 446 -73.85 -97.11 -159.57
CA ARG P 446 -72.74 -97.43 -160.36
C ARG P 446 -72.03 -96.26 -160.98
N ASP P 447 -72.78 -95.28 -161.48
CA ASP P 447 -72.17 -94.25 -162.27
C ASP P 447 -71.90 -92.90 -161.75
N ARG P 448 -72.36 -92.74 -160.56
CA ARG P 448 -72.30 -91.43 -160.00
C ARG P 448 -70.95 -90.75 -159.88
N ASN P 449 -69.88 -91.49 -160.02
CA ASN P 449 -68.66 -90.75 -159.89
C ASN P 449 -68.12 -90.15 -161.17
N HIS P 450 -68.75 -90.45 -162.31
CA HIS P 450 -68.24 -89.87 -163.54
C HIS P 450 -68.68 -88.45 -163.83
N PRO P 451 -67.71 -87.59 -164.01
CA PRO P 451 -67.98 -86.19 -164.32
C PRO P 451 -68.78 -85.99 -165.59
N SER P 452 -68.64 -86.86 -166.56
CA SER P 452 -69.39 -86.63 -167.79
C SER P 452 -70.89 -86.83 -167.62
N VAL P 453 -71.25 -87.56 -166.58
CA VAL P 453 -72.67 -87.71 -166.46
C VAL P 453 -73.15 -86.43 -165.85
N ILE P 454 -74.07 -85.76 -166.53
CA ILE P 454 -74.54 -84.52 -165.94
C ILE P 454 -76.03 -84.49 -165.71
N ILE P 455 -76.72 -85.46 -166.22
CA ILE P 455 -78.14 -85.53 -166.00
C ILE P 455 -78.55 -86.96 -165.89
N TRP P 456 -79.48 -87.20 -165.01
CA TRP P 456 -80.03 -88.50 -164.85
C TRP P 456 -81.38 -88.51 -165.51
N SER P 457 -81.67 -89.64 -166.12
CA SER P 457 -82.94 -89.84 -166.79
C SER P 457 -83.62 -91.09 -166.27
N LEU P 458 -84.91 -90.95 -165.98
CA LEU P 458 -85.68 -92.05 -165.45
C LEU P 458 -86.06 -93.10 -166.46
N GLY P 459 -85.68 -92.94 -167.71
CA GLY P 459 -86.18 -93.96 -168.59
C GLY P 459 -86.76 -93.36 -169.84
N ASN P 460 -87.68 -94.09 -170.48
CA ASN P 460 -88.26 -93.62 -171.71
C ASN P 460 -89.60 -94.23 -172.06
N GLU P 461 -90.42 -93.43 -172.69
CA GLU P 461 -91.74 -93.83 -173.14
C GLU P 461 -92.41 -94.85 -172.28
N SER P 462 -92.72 -94.46 -171.05
CA SER P 462 -93.40 -95.33 -170.10
C SER P 462 -94.52 -94.57 -169.42
N GLY P 463 -95.04 -93.59 -170.14
CA GLY P 463 -96.07 -92.72 -169.61
C GLY P 463 -95.55 -91.99 -168.38
N HIS P 464 -96.47 -91.64 -167.52
CA HIS P 464 -96.10 -91.01 -166.30
C HIS P 464 -96.88 -91.64 -165.17
N GLY P 465 -96.18 -92.21 -164.19
CA GLY P 465 -96.84 -92.81 -163.08
C GLY P 465 -96.17 -92.44 -161.78
N ALA P 466 -96.90 -92.73 -160.74
CA ALA P 466 -96.39 -92.41 -159.43
C ALA P 466 -95.02 -92.99 -159.16
N ASN P 467 -94.76 -94.14 -159.78
CA ASN P 467 -93.48 -94.73 -159.52
C ASN P 467 -92.38 -93.77 -159.92
N HIS P 468 -92.73 -93.01 -160.94
CA HIS P 468 -91.79 -92.02 -161.43
C HIS P 468 -91.48 -90.94 -160.43
N ASP P 469 -92.55 -90.40 -159.88
CA ASP P 469 -92.38 -89.34 -158.93
C ASP P 469 -91.53 -89.79 -157.78
N ALA P 470 -91.87 -90.96 -157.33
CA ALA P 470 -91.12 -91.49 -156.23
C ALA P 470 -89.64 -91.62 -156.54
N LEU P 471 -89.36 -92.04 -157.73
CA LEU P 471 -87.98 -92.26 -158.11
C LEU P 471 -87.19 -91.02 -158.34
N TYR P 472 -87.91 -90.08 -158.92
CA TYR P 472 -87.36 -88.80 -159.15
C TYR P 472 -86.86 -88.24 -157.81
N ARG P 473 -87.75 -88.29 -156.88
CA ARG P 473 -87.44 -87.81 -155.58
C ARG P 473 -86.22 -88.46 -154.96
N TRP P 474 -86.21 -89.76 -155.06
CA TRP P 474 -85.14 -90.54 -154.51
C TRP P 474 -83.79 -90.02 -154.99
N ILE P 475 -83.72 -89.86 -156.27
CA ILE P 475 -82.47 -89.40 -156.76
C ILE P 475 -82.12 -88.06 -156.23
N LYS P 476 -83.12 -87.20 -156.25
CA LYS P 476 -82.88 -85.86 -155.80
C LYS P 476 -82.24 -85.90 -154.47
N SER P 477 -82.69 -86.84 -153.70
CA SER P 477 -82.15 -86.89 -152.36
C SER P 477 -80.79 -87.45 -152.28
N VAL P 478 -80.59 -88.43 -153.07
CA VAL P 478 -79.32 -89.05 -153.02
C VAL P 478 -78.22 -88.31 -153.77
N ASP P 479 -78.60 -87.72 -154.90
CA ASP P 479 -77.66 -87.02 -155.74
C ASP P 479 -78.28 -85.77 -156.30
N PRO P 480 -77.97 -84.80 -155.55
CA PRO P 480 -78.43 -83.46 -155.74
C PRO P 480 -77.55 -82.73 -156.72
N SER P 481 -76.44 -83.33 -157.06
CA SER P 481 -75.45 -82.74 -157.96
C SER P 481 -75.92 -82.68 -159.41
N ARG P 482 -76.94 -83.46 -159.72
CA ARG P 482 -77.43 -83.48 -161.08
C ARG P 482 -78.92 -83.46 -161.10
N PRO P 483 -79.36 -82.84 -162.15
CA PRO P 483 -80.75 -82.68 -162.44
C PRO P 483 -81.24 -83.96 -163.02
N VAL P 484 -82.56 -84.11 -162.91
CA VAL P 484 -83.23 -85.26 -163.40
C VAL P 484 -84.24 -84.92 -164.46
N GLN P 485 -84.29 -85.74 -165.50
CA GLN P 485 -85.30 -85.49 -166.51
C GLN P 485 -86.04 -86.73 -166.93
N TYR P 486 -87.22 -86.51 -167.48
CA TYR P 486 -88.08 -87.59 -167.93
C TYR P 486 -89.19 -87.02 -168.80
N GLU P 487 -89.32 -87.55 -170.01
CA GLU P 487 -90.28 -87.02 -170.96
C GLU P 487 -91.71 -87.54 -170.84
N GLY P 488 -91.83 -88.78 -170.38
CA GLY P 488 -93.11 -89.41 -170.35
C GLY P 488 -94.21 -88.56 -169.76
N GLY P 489 -95.37 -88.80 -170.29
CA GLY P 489 -96.57 -88.16 -169.85
C GLY P 489 -96.68 -86.68 -170.12
N GLY P 490 -96.09 -86.18 -171.19
CA GLY P 490 -96.23 -84.77 -171.48
C GLY P 490 -94.97 -83.92 -171.46
N ALA P 491 -93.82 -84.49 -171.06
CA ALA P 491 -92.52 -83.79 -171.05
C ALA P 491 -92.39 -82.66 -170.07
N ASP P 492 -93.42 -82.43 -169.27
CA ASP P 492 -93.34 -81.33 -168.32
C ASP P 492 -93.89 -81.67 -166.95
N THR P 493 -93.92 -82.95 -166.64
CA THR P 493 -94.47 -83.37 -165.36
C THR P 493 -93.62 -82.99 -164.20
N THR P 494 -94.17 -83.37 -163.07
CA THR P 494 -93.56 -83.16 -161.76
C THR P 494 -92.28 -83.98 -161.65
N ALA P 495 -92.16 -84.95 -162.52
CA ALA P 495 -91.02 -85.80 -162.47
C ALA P 495 -89.88 -85.31 -163.35
N THR P 496 -89.91 -84.08 -163.83
CA THR P 496 -88.76 -83.72 -164.62
C THR P 496 -88.30 -82.36 -164.28
N ASP P 497 -87.01 -82.18 -164.30
CA ASP P 497 -86.47 -80.88 -163.99
C ASP P 497 -86.35 -80.03 -165.22
N ILE P 498 -86.50 -80.65 -166.36
CA ILE P 498 -86.36 -79.97 -167.61
C ILE P 498 -87.46 -80.33 -168.53
N ILE P 499 -87.91 -79.39 -169.32
CA ILE P 499 -88.92 -79.69 -170.29
C ILE P 499 -88.16 -80.35 -171.42
N CYS P 500 -88.47 -81.61 -171.64
CA CYS P 500 -87.72 -82.40 -172.60
C CYS P 500 -88.58 -83.18 -173.54
N PRO P 501 -89.28 -82.48 -174.34
CA PRO P 501 -90.13 -83.15 -175.28
C PRO P 501 -89.33 -83.80 -176.39
N MET P 502 -90.08 -84.60 -177.14
CA MET P 502 -89.56 -85.27 -178.29
C MET P 502 -90.35 -84.82 -179.52
N TYR P 503 -89.65 -84.29 -180.49
CA TYR P 503 -90.29 -83.89 -181.73
C TYR P 503 -91.24 -82.70 -181.74
N ALA P 504 -91.11 -81.82 -180.75
CA ALA P 504 -91.91 -80.61 -180.78
C ALA P 504 -91.38 -79.66 -181.86
N ARG P 505 -92.29 -79.00 -182.55
CA ARG P 505 -91.87 -78.14 -183.62
C ARG P 505 -91.43 -76.78 -183.15
N VAL P 506 -90.66 -76.12 -184.01
CA VAL P 506 -90.18 -74.82 -183.65
C VAL P 506 -91.34 -73.86 -183.49
N ASP P 507 -92.15 -73.77 -184.53
CA ASP P 507 -93.25 -72.86 -184.39
C ASP P 507 -94.62 -73.48 -184.41
N GLU P 508 -94.74 -74.74 -184.71
CA GLU P 508 -96.09 -75.24 -184.74
C GLU P 508 -96.46 -76.09 -183.58
N ASP P 509 -97.71 -75.94 -183.15
CA ASP P 509 -98.21 -76.72 -182.07
C ASP P 509 -98.85 -77.98 -182.61
N GLN P 510 -98.71 -79.06 -181.84
CA GLN P 510 -99.29 -80.36 -182.09
C GLN P 510 -99.98 -80.72 -180.78
N PRO P 511 -101.19 -80.34 -180.80
CA PRO P 511 -102.08 -80.39 -179.70
C PRO P 511 -102.81 -81.69 -179.47
N PHE P 512 -102.05 -82.71 -179.25
CA PHE P 512 -102.73 -83.91 -178.90
C PHE P 512 -103.28 -83.75 -177.51
N PRO P 513 -104.37 -84.45 -177.40
CA PRO P 513 -105.11 -84.56 -176.18
C PRO P 513 -104.22 -85.19 -175.16
N ALA P 514 -104.34 -84.63 -173.95
CA ALA P 514 -103.60 -85.10 -172.83
C ALA P 514 -102.11 -84.81 -172.90
N VAL P 515 -101.53 -84.90 -174.09
CA VAL P 515 -100.11 -84.76 -174.18
C VAL P 515 -99.74 -84.07 -175.46
N PRO P 516 -100.21 -82.85 -175.51
CA PRO P 516 -99.96 -81.98 -176.65
C PRO P 516 -98.49 -81.65 -176.65
N LYS P 517 -98.02 -81.28 -177.83
CA LYS P 517 -96.67 -80.83 -178.06
C LYS P 517 -96.73 -79.41 -178.61
N TRP P 518 -96.50 -78.45 -177.76
CA TRP P 518 -96.53 -77.08 -178.19
C TRP P 518 -95.32 -76.69 -178.97
N SER P 519 -95.43 -75.63 -179.78
CA SER P 519 -94.24 -75.13 -180.40
C SER P 519 -93.30 -74.88 -179.23
N ILE P 520 -92.05 -75.17 -179.47
CA ILE P 520 -91.19 -74.97 -178.33
C ILE P 520 -91.09 -73.53 -177.90
N LYS P 521 -91.23 -72.57 -178.81
CA LYS P 521 -91.15 -71.21 -178.29
C LYS P 521 -92.32 -70.90 -177.37
N LYS P 522 -93.46 -71.46 -177.73
CA LYS P 522 -94.62 -71.24 -176.92
C LYS P 522 -94.57 -71.97 -175.60
N TRP P 523 -94.03 -73.16 -175.65
CA TRP P 523 -94.00 -73.94 -174.48
C TRP P 523 -93.38 -73.21 -173.33
N LEU P 524 -92.30 -72.54 -173.59
CA LEU P 524 -91.64 -71.88 -172.47
C LEU P 524 -92.45 -70.85 -171.67
N SER P 525 -93.36 -70.17 -172.35
CA SER P 525 -94.16 -69.03 -171.90
C SER P 525 -95.44 -69.39 -171.21
N LEU P 526 -95.78 -70.65 -171.25
CA LEU P 526 -96.98 -71.04 -170.58
C LEU P 526 -96.92 -70.58 -169.15
N PRO P 527 -98.09 -70.16 -168.73
CA PRO P 527 -98.26 -69.61 -167.41
C PRO P 527 -97.75 -70.50 -166.37
N GLY P 528 -96.81 -69.93 -165.64
CA GLY P 528 -96.18 -70.64 -164.55
C GLY P 528 -94.96 -71.46 -164.99
N GLU P 529 -94.74 -71.63 -166.31
CA GLU P 529 -93.61 -72.44 -166.67
C GLU P 529 -92.28 -71.73 -166.44
N THR P 530 -91.29 -72.36 -165.84
CA THR P 530 -90.03 -71.64 -165.64
C THR P 530 -88.78 -72.39 -166.07
N ARG P 531 -88.97 -73.68 -166.35
CA ARG P 531 -87.88 -74.55 -166.66
C ARG P 531 -87.24 -74.30 -167.97
N PRO P 532 -86.07 -74.86 -168.11
CA PRO P 532 -85.36 -74.82 -169.34
C PRO P 532 -85.96 -75.93 -170.19
N LEU P 533 -85.73 -75.82 -171.48
CA LEU P 533 -86.23 -76.81 -172.38
C LEU P 533 -85.13 -77.32 -173.27
N ILE P 534 -85.03 -78.64 -173.29
CA ILE P 534 -84.06 -79.34 -174.11
C ILE P 534 -84.74 -80.54 -174.72
N LEU P 535 -84.73 -80.64 -176.03
CA LEU P 535 -85.45 -81.76 -176.56
C LEU P 535 -84.70 -83.05 -176.38
N CYS P 536 -85.43 -84.02 -175.90
CA CYS P 536 -84.82 -85.34 -175.70
C CYS P 536 -84.67 -86.03 -177.03
N GLU P 537 -85.55 -85.66 -177.96
CA GLU P 537 -85.44 -86.18 -179.30
C GLU P 537 -85.94 -85.13 -180.26
N TYR P 538 -85.16 -84.91 -181.31
CA TYR P 538 -85.57 -84.01 -182.36
C TYR P 538 -84.83 -84.32 -183.64
N ALA P 539 -85.43 -83.78 -184.71
CA ALA P 539 -84.93 -83.91 -186.07
C ALA P 539 -84.67 -85.36 -186.46
N HIS P 540 -85.74 -86.14 -186.58
CA HIS P 540 -85.66 -87.55 -186.94
C HIS P 540 -84.79 -87.77 -188.19
N ALA P 541 -83.61 -88.38 -187.98
CA ALA P 541 -82.68 -88.53 -189.10
C ALA P 541 -82.89 -89.73 -190.03
N MET P 542 -84.13 -90.12 -190.21
CA MET P 542 -84.40 -91.26 -191.03
C MET P 542 -84.34 -91.07 -192.54
N GLY P 543 -83.34 -91.70 -193.11
CA GLY P 543 -83.14 -91.63 -194.53
C GLY P 543 -82.75 -90.25 -195.00
N ASN P 544 -83.35 -89.82 -196.11
CA ASN P 544 -83.07 -88.50 -196.61
C ASN P 544 -83.84 -87.50 -195.73
N SER P 545 -83.18 -87.01 -194.71
CA SER P 545 -83.85 -86.18 -193.75
C SER P 545 -83.00 -85.04 -193.24
N LEU P 546 -83.43 -84.55 -192.09
CA LEU P 546 -82.83 -83.40 -191.44
C LEU P 546 -83.27 -82.07 -192.06
N GLY P 547 -84.34 -82.10 -192.84
CA GLY P 547 -84.83 -80.88 -193.39
C GLY P 547 -85.42 -80.03 -192.24
N GLY P 548 -84.95 -78.77 -192.16
CA GLY P 548 -85.46 -77.87 -191.14
C GLY P 548 -84.57 -77.72 -189.94
N PHE P 549 -83.48 -78.43 -189.99
CA PHE P 549 -82.54 -78.41 -188.90
C PHE P 549 -82.18 -77.00 -188.44
N ALA P 550 -81.90 -76.17 -189.41
CA ALA P 550 -81.52 -74.81 -189.11
C ALA P 550 -82.52 -73.97 -188.33
N LYS P 551 -83.83 -74.24 -188.57
CA LYS P 551 -84.85 -73.53 -187.82
C LYS P 551 -84.61 -73.69 -186.32
N TYR P 552 -84.35 -74.93 -185.92
CA TYR P 552 -84.06 -75.24 -184.55
C TYR P 552 -82.88 -74.44 -184.04
N TRP P 553 -81.79 -74.55 -184.79
CA TRP P 553 -80.60 -73.88 -184.35
C TRP P 553 -80.77 -72.42 -184.11
N GLN P 554 -81.51 -71.88 -185.01
CA GLN P 554 -81.74 -70.46 -184.86
C GLN P 554 -82.52 -70.14 -183.63
N ALA P 555 -83.53 -70.92 -183.40
CA ALA P 555 -84.31 -70.65 -182.23
C ALA P 555 -83.51 -70.85 -180.99
N PHE P 556 -82.77 -71.95 -181.01
CA PHE P 556 -81.99 -72.23 -179.84
C PHE P 556 -81.14 -71.04 -179.55
N ARG P 557 -80.57 -70.51 -180.61
CA ARG P 557 -79.70 -69.38 -180.44
C ARG P 557 -80.40 -68.13 -179.96
N GLN P 558 -81.66 -67.97 -180.30
CA GLN P 558 -82.30 -66.75 -179.88
C GLN P 558 -83.01 -66.82 -178.54
N TYR P 559 -83.37 -68.00 -178.07
CA TYR P 559 -84.05 -68.09 -176.83
C TYR P 559 -83.18 -68.77 -175.79
N PRO P 560 -82.90 -67.99 -174.83
CA PRO P 560 -82.08 -68.35 -173.70
C PRO P 560 -82.44 -69.68 -173.09
N ARG P 561 -83.72 -69.83 -172.77
CA ARG P 561 -84.24 -71.02 -172.15
C ARG P 561 -84.33 -72.21 -173.11
N LEU P 562 -84.08 -71.99 -174.40
CA LEU P 562 -84.05 -73.12 -175.30
C LEU P 562 -82.60 -73.55 -175.30
N GLN P 563 -82.27 -74.64 -174.61
CA GLN P 563 -80.87 -75.02 -174.52
C GLN P 563 -80.35 -76.14 -175.39
N GLY P 564 -81.05 -76.43 -176.48
CA GLY P 564 -80.61 -77.46 -177.42
C GLY P 564 -81.45 -78.72 -177.39
N GLY P 565 -80.83 -79.82 -177.79
CA GLY P 565 -81.51 -81.11 -177.84
C GLY P 565 -80.58 -82.19 -178.35
N PHE P 566 -81.16 -83.38 -178.45
CA PHE P 566 -80.50 -84.56 -178.90
C PHE P 566 -81.17 -85.08 -180.12
N VAL P 567 -80.36 -85.14 -181.14
CA VAL P 567 -80.89 -85.64 -182.36
C VAL P 567 -81.15 -87.13 -182.28
N TRP P 568 -82.17 -87.53 -182.97
CA TRP P 568 -82.50 -88.91 -183.04
C TRP P 568 -82.33 -89.42 -184.46
N ASP P 569 -81.31 -90.24 -184.71
CA ASP P 569 -80.30 -90.65 -183.74
C ASP P 569 -78.95 -90.87 -184.43
N TRP P 570 -77.94 -91.35 -183.70
CA TRP P 570 -76.61 -91.53 -184.28
C TRP P 570 -76.40 -92.46 -185.48
N VAL P 571 -76.59 -93.77 -185.30
CA VAL P 571 -76.38 -94.79 -186.37
C VAL P 571 -77.57 -95.62 -186.67
N ASP P 572 -77.66 -96.02 -187.94
CA ASP P 572 -78.73 -96.91 -188.35
C ASP P 572 -78.57 -98.24 -187.66
N GLN P 573 -79.71 -98.82 -187.30
CA GLN P 573 -79.66 -100.11 -186.64
C GLN P 573 -79.81 -101.20 -187.67
N SER P 574 -78.84 -101.27 -188.55
CA SER P 574 -78.89 -102.28 -189.59
C SER P 574 -77.88 -103.37 -189.31
N LEU P 575 -78.31 -104.53 -189.75
CA LEU P 575 -77.50 -105.71 -189.63
C LEU P 575 -77.05 -106.24 -190.98
N ILE P 576 -75.91 -106.91 -190.95
CA ILE P 576 -75.39 -107.52 -192.16
C ILE P 576 -75.94 -108.93 -192.44
N LYS P 577 -76.13 -109.23 -193.70
CA LYS P 577 -76.57 -110.52 -194.14
C LYS P 577 -75.77 -110.90 -195.37
N TYR P 578 -75.90 -112.16 -195.75
CA TYR P 578 -75.21 -112.54 -196.95
C TYR P 578 -76.04 -113.17 -197.99
N ASP P 579 -75.59 -112.92 -199.20
CA ASP P 579 -76.25 -113.53 -200.30
C ASP P 579 -75.48 -114.82 -200.53
N GLU P 580 -76.02 -115.63 -201.42
CA GLU P 580 -75.46 -116.90 -201.86
C GLU P 580 -74.01 -116.73 -202.28
N ASN P 581 -73.68 -115.59 -202.89
CA ASN P 581 -72.31 -115.34 -203.30
C ASN P 581 -71.47 -114.86 -202.15
N GLY P 582 -72.03 -115.04 -200.93
CA GLY P 582 -71.39 -114.65 -199.69
C GLY P 582 -71.15 -113.16 -199.67
N ASN P 583 -72.14 -112.50 -200.22
CA ASN P 583 -72.10 -111.08 -200.27
C ASN P 583 -72.95 -110.53 -199.17
N PRO P 584 -72.32 -109.61 -198.46
CA PRO P 584 -72.89 -108.96 -197.31
C PRO P 584 -73.86 -107.87 -197.73
N TRP P 585 -74.91 -107.74 -196.98
CA TRP P 585 -75.81 -106.68 -197.28
C TRP P 585 -76.58 -106.23 -196.06
N SER P 586 -76.95 -104.96 -196.07
CA SER P 586 -77.65 -104.38 -194.96
C SER P 586 -79.12 -104.74 -194.87
N ALA P 587 -79.43 -105.31 -193.72
CA ALA P 587 -80.73 -105.81 -193.42
C ALA P 587 -81.44 -105.01 -192.33
N TYR P 588 -82.75 -105.06 -192.45
CA TYR P 588 -83.58 -104.38 -191.50
C TYR P 588 -84.74 -105.24 -191.08
N GLY P 589 -85.68 -104.61 -190.39
CA GLY P 589 -86.84 -105.31 -189.89
C GLY P 589 -87.46 -106.22 -190.92
N GLY P 590 -87.73 -107.43 -190.46
CA GLY P 590 -88.35 -108.50 -191.25
C GLY P 590 -87.36 -109.29 -192.10
N ASP P 591 -86.13 -108.80 -192.21
CA ASP P 591 -85.11 -109.45 -193.01
C ASP P 591 -84.63 -110.78 -192.43
N PHE P 592 -85.14 -111.14 -191.26
CA PHE P 592 -84.77 -112.38 -190.61
C PHE P 592 -86.00 -113.22 -190.41
N GLY P 593 -87.04 -112.83 -191.12
CA GLY P 593 -88.30 -113.51 -191.02
C GLY P 593 -88.91 -113.22 -189.67
N ASP P 594 -88.30 -112.23 -188.99
CA ASP P 594 -88.76 -111.78 -187.68
C ASP P 594 -90.12 -111.17 -187.82
N THR P 595 -90.99 -111.61 -186.93
CA THR P 595 -92.35 -111.14 -186.82
C THR P 595 -92.77 -111.00 -185.35
N PRO P 596 -93.43 -109.87 -185.06
CA PRO P 596 -93.79 -108.89 -186.07
C PRO P 596 -92.62 -107.92 -186.29
N ASN P 597 -92.69 -107.06 -187.30
CA ASN P 597 -91.55 -106.15 -187.46
C ASN P 597 -91.97 -104.78 -187.98
N ASP P 598 -91.07 -103.79 -187.79
CA ASP P 598 -91.30 -102.40 -188.16
C ASP P 598 -90.41 -101.87 -189.29
N ARG P 599 -89.79 -102.83 -189.99
CA ARG P 599 -88.94 -102.63 -191.17
C ARG P 599 -87.81 -101.66 -191.01
N GLN P 600 -87.75 -100.63 -191.92
CA GLN P 600 -86.69 -99.57 -191.92
C GLN P 600 -86.65 -98.71 -190.66
N PHE P 601 -87.77 -98.71 -189.95
CA PHE P 601 -87.88 -97.92 -188.76
C PHE P 601 -86.69 -97.90 -187.83
N CYS P 602 -85.88 -98.95 -187.86
CA CYS P 602 -84.70 -99.04 -187.02
C CYS P 602 -83.54 -98.23 -187.62
N MET P 603 -83.75 -97.62 -188.81
CA MET P 603 -82.69 -96.84 -189.43
C MET P 603 -83.02 -95.36 -189.47
N ASN P 604 -82.42 -94.65 -188.51
CA ASN P 604 -82.67 -93.24 -188.30
C ASN P 604 -81.39 -92.49 -188.01
N GLY P 605 -80.27 -93.10 -188.36
CA GLY P 605 -79.01 -92.50 -188.01
C GLY P 605 -78.49 -91.48 -188.95
N LEU P 606 -77.54 -90.78 -188.40
CA LEU P 606 -76.80 -89.78 -189.13
C LEU P 606 -75.66 -90.47 -189.87
N VAL P 607 -75.38 -91.69 -189.43
CA VAL P 607 -74.37 -92.48 -190.06
C VAL P 607 -74.89 -93.85 -190.26
N PHE P 608 -74.26 -94.43 -191.24
CA PHE P 608 -74.50 -95.79 -191.61
C PHE P 608 -73.88 -96.67 -190.53
N ALA P 609 -74.46 -97.87 -190.39
CA ALA P 609 -73.93 -98.80 -189.37
C ALA P 609 -72.40 -98.96 -189.33
N ASP P 610 -71.76 -98.79 -190.46
CA ASP P 610 -70.32 -98.89 -190.56
C ASP P 610 -69.69 -97.60 -190.17
N ARG P 611 -70.55 -96.70 -189.70
CA ARG P 611 -70.06 -95.41 -189.33
C ARG P 611 -69.67 -94.60 -190.55
N THR P 612 -70.45 -94.76 -191.57
CA THR P 612 -70.23 -93.90 -192.67
C THR P 612 -71.42 -93.03 -192.72
N PRO P 613 -71.05 -91.81 -192.80
CA PRO P 613 -71.91 -90.67 -192.77
C PRO P 613 -72.92 -90.61 -193.83
N HIS P 614 -74.03 -90.07 -193.41
CA HIS P 614 -75.08 -89.70 -194.29
C HIS P 614 -74.74 -88.22 -194.58
N PRO P 615 -75.35 -87.71 -195.60
CA PRO P 615 -75.06 -86.34 -195.96
C PRO P 615 -75.52 -85.36 -194.89
N ALA P 616 -76.63 -85.74 -194.23
CA ALA P 616 -77.19 -84.89 -193.22
C ALA P 616 -76.19 -84.46 -192.15
N LEU P 617 -75.29 -85.37 -191.88
CA LEU P 617 -74.32 -85.10 -190.88
C LEU P 617 -73.64 -83.75 -191.01
N THR P 618 -73.49 -83.37 -192.22
CA THR P 618 -72.83 -82.13 -192.52
C THR P 618 -73.65 -80.93 -192.16
N GLU P 619 -74.93 -81.05 -192.47
CA GLU P 619 -75.81 -79.98 -192.15
C GLU P 619 -75.69 -79.78 -190.64
N ALA P 620 -75.67 -80.91 -189.96
CA ALA P 620 -75.53 -80.81 -188.51
C ALA P 620 -74.25 -80.16 -188.07
N LYS P 621 -73.18 -80.65 -188.67
CA LYS P 621 -71.90 -80.12 -188.30
C LYS P 621 -71.87 -78.61 -188.42
N HIS P 622 -72.40 -78.15 -189.52
CA HIS P 622 -72.41 -76.73 -189.79
C HIS P 622 -73.29 -75.95 -188.83
N GLN P 623 -74.53 -76.40 -188.63
CA GLN P 623 -75.39 -75.65 -187.72
C GLN P 623 -74.87 -75.66 -186.30
N GLN P 624 -74.08 -76.68 -185.96
CA GLN P 624 -73.59 -76.74 -184.61
C GLN P 624 -72.27 -76.09 -184.40
N GLN P 625 -71.71 -75.46 -185.42
CA GLN P 625 -70.41 -74.88 -185.24
C GLN P 625 -70.33 -73.91 -184.09
N PHE P 626 -69.15 -73.83 -183.51
CA PHE P 626 -68.89 -72.98 -182.37
C PHE P 626 -68.51 -71.57 -182.71
N PHE P 627 -68.36 -71.31 -183.99
CA PHE P 627 -68.02 -69.94 -184.33
C PHE P 627 -69.07 -69.38 -185.20
N GLN P 628 -69.43 -68.14 -184.94
CA GLN P 628 -70.42 -67.52 -185.76
C GLN P 628 -69.90 -66.29 -186.41
N PHE P 629 -70.32 -66.10 -187.65
CA PHE P 629 -69.86 -64.98 -188.44
C PHE P 629 -70.87 -64.01 -188.93
N ARG P 630 -70.41 -62.78 -188.99
CA ARG P 630 -71.17 -61.68 -189.47
C ARG P 630 -70.29 -60.90 -190.40
N LEU P 631 -70.89 -60.50 -191.49
CA LEU P 631 -70.08 -59.76 -192.41
C LEU P 631 -70.52 -58.33 -192.52
N SER P 632 -69.60 -57.41 -192.31
CA SER P 632 -70.01 -56.04 -192.45
C SER P 632 -69.06 -55.22 -193.26
N GLY P 633 -69.48 -54.93 -194.47
CA GLY P 633 -68.57 -54.21 -195.28
C GLY P 633 -67.36 -55.10 -195.60
N GLN P 634 -66.17 -54.69 -195.16
CA GLN P 634 -65.00 -55.48 -195.46
C GLN P 634 -64.57 -56.18 -194.23
N THR P 635 -65.46 -56.11 -193.26
CA THR P 635 -65.20 -56.67 -191.97
C THR P 635 -66.02 -57.85 -191.58
N ILE P 636 -65.28 -58.79 -191.07
CA ILE P 636 -65.90 -59.95 -190.53
C ILE P 636 -65.91 -59.96 -189.03
N GLU P 637 -67.08 -60.24 -188.51
CA GLU P 637 -67.24 -60.33 -187.10
C GLU P 637 -67.32 -61.77 -186.68
N VAL P 638 -66.43 -62.16 -185.78
CA VAL P 638 -66.47 -63.52 -185.35
C VAL P 638 -66.91 -63.62 -183.94
N THR P 639 -67.75 -64.61 -183.73
CA THR P 639 -68.26 -64.81 -182.42
C THR P 639 -68.03 -66.21 -181.96
N SER P 640 -67.56 -66.31 -180.72
CA SER P 640 -67.27 -67.58 -180.11
C SER P 640 -68.40 -68.08 -179.26
N GLU P 641 -68.73 -69.35 -179.49
CA GLU P 641 -69.74 -70.04 -178.71
C GLU P 641 -69.10 -70.98 -177.72
N TYR P 642 -67.80 -70.79 -177.51
CA TYR P 642 -67.13 -71.56 -176.50
C TYR P 642 -67.37 -70.83 -175.20
N LEU P 643 -67.62 -71.60 -174.17
CA LEU P 643 -67.88 -71.04 -172.86
C LEU P 643 -66.63 -70.95 -172.11
N PHE P 644 -65.75 -71.86 -172.40
CA PHE P 644 -64.55 -71.92 -171.62
C PHE P 644 -63.25 -71.80 -172.36
N ARG P 645 -63.17 -72.16 -173.62
CA ARG P 645 -61.87 -72.02 -174.19
C ARG P 645 -61.65 -70.85 -175.07
N HIS P 646 -60.38 -70.59 -175.26
CA HIS P 646 -59.97 -69.53 -176.11
C HIS P 646 -59.65 -70.13 -177.48
N SER P 647 -59.75 -69.37 -178.57
CA SER P 647 -59.51 -69.93 -179.90
C SER P 647 -58.05 -70.18 -180.12
N ASP P 648 -57.54 -71.08 -179.34
CA ASP P 648 -56.13 -71.38 -179.39
C ASP P 648 -55.65 -72.40 -180.41
N ASN P 649 -56.49 -72.84 -181.31
CA ASN P 649 -56.02 -73.76 -182.32
C ASN P 649 -56.84 -73.48 -183.54
N GLU P 650 -56.87 -72.18 -183.81
CA GLU P 650 -57.71 -71.74 -184.88
C GLU P 650 -57.15 -70.77 -185.84
N LEU P 651 -57.31 -71.23 -187.06
CA LEU P 651 -56.95 -70.52 -188.23
C LEU P 651 -58.12 -70.25 -189.13
N LEU P 652 -58.20 -69.00 -189.49
CA LEU P 652 -59.25 -68.61 -190.37
C LEU P 652 -58.78 -68.34 -191.80
N HIS P 653 -59.21 -69.18 -192.69
CA HIS P 653 -58.83 -68.98 -194.05
C HIS P 653 -59.95 -68.34 -194.83
N TRP P 654 -59.65 -67.33 -195.62
CA TRP P 654 -60.74 -66.81 -196.38
C TRP P 654 -60.41 -66.77 -197.84
N MET P 655 -61.44 -66.50 -198.62
CA MET P 655 -61.21 -66.48 -200.03
C MET P 655 -62.36 -66.03 -200.91
N VAL P 656 -61.95 -65.37 -201.99
CA VAL P 656 -62.85 -64.78 -202.93
C VAL P 656 -62.78 -65.33 -204.30
N ALA P 657 -63.95 -65.61 -204.83
CA ALA P 657 -64.03 -66.17 -206.15
C ALA P 657 -65.19 -65.65 -206.96
N LEU P 658 -64.94 -65.69 -208.25
CA LEU P 658 -65.91 -65.24 -209.17
C LEU P 658 -66.40 -66.42 -209.90
N ASP P 659 -67.65 -66.74 -209.70
CA ASP P 659 -68.15 -67.91 -210.37
C ASP P 659 -67.19 -69.08 -210.28
N GLY P 660 -66.50 -69.25 -209.15
CA GLY P 660 -65.61 -70.39 -209.05
C GLY P 660 -64.16 -69.99 -209.27
N LYS P 661 -63.97 -68.87 -209.91
CA LYS P 661 -62.62 -68.47 -210.10
C LYS P 661 -62.19 -67.65 -208.94
N PRO P 662 -61.19 -68.19 -208.31
CA PRO P 662 -60.56 -67.67 -207.12
C PRO P 662 -59.75 -66.50 -207.49
N LEU P 663 -59.97 -65.43 -206.81
CA LEU P 663 -59.27 -64.21 -207.07
C LEU P 663 -58.35 -63.79 -205.98
N ALA P 664 -58.65 -64.26 -204.77
CA ALA P 664 -57.87 -63.87 -203.62
C ALA P 664 -58.20 -64.74 -202.46
N SER P 665 -57.17 -64.96 -201.68
CA SER P 665 -57.32 -65.78 -200.52
C SER P 665 -56.47 -65.24 -199.40
N GLY P 666 -56.80 -65.60 -198.17
CA GLY P 666 -56.07 -65.11 -197.04
C GLY P 666 -56.13 -66.07 -195.90
N GLU P 667 -55.44 -65.69 -194.84
CA GLU P 667 -55.35 -66.49 -193.64
C GLU P 667 -55.18 -65.68 -192.41
N VAL P 668 -55.99 -65.98 -191.43
CA VAL P 668 -55.87 -65.25 -190.22
C VAL P 668 -56.18 -66.08 -189.04
N PRO P 669 -55.29 -65.93 -188.13
CA PRO P 669 -55.38 -66.63 -186.89
C PRO P 669 -56.39 -65.98 -186.00
N LEU P 670 -57.15 -66.86 -185.37
CA LEU P 670 -58.17 -66.45 -184.44
C LEU P 670 -57.65 -66.35 -183.05
N ASP P 671 -58.19 -65.34 -182.44
CA ASP P 671 -57.90 -65.01 -181.07
C ASP P 671 -59.16 -64.48 -180.44
N VAL P 672 -60.03 -65.41 -180.07
CA VAL P 672 -61.28 -65.01 -179.45
C VAL P 672 -61.49 -65.71 -178.18
N ALA P 673 -61.99 -64.93 -177.24
CA ALA P 673 -62.30 -65.53 -175.98
C ALA P 673 -63.65 -66.18 -176.02
N PRO P 674 -63.79 -67.17 -175.17
CA PRO P 674 -65.06 -67.82 -175.06
C PRO P 674 -66.06 -66.71 -174.99
N GLN P 675 -67.11 -66.87 -175.78
CA GLN P 675 -68.17 -65.88 -175.81
C GLN P 675 -67.79 -64.51 -176.27
N GLY P 676 -66.63 -64.38 -176.87
CA GLY P 676 -66.25 -63.09 -177.36
C GLY P 676 -66.37 -62.93 -178.87
N LYS P 677 -66.04 -61.71 -179.30
CA LYS P 677 -66.04 -61.30 -180.68
C LYS P 677 -64.64 -60.94 -181.14
N GLN P 678 -64.39 -61.12 -182.43
CA GLN P 678 -63.12 -60.75 -183.01
C GLN P 678 -63.45 -60.16 -184.36
N LEU P 679 -62.84 -58.99 -184.62
CA LEU P 679 -63.02 -58.29 -185.89
C LEU P 679 -61.94 -58.52 -186.88
N ILE P 680 -62.41 -58.77 -188.07
CA ILE P 680 -61.49 -59.02 -189.10
C ILE P 680 -61.65 -58.15 -190.26
N GLU P 681 -60.59 -57.43 -190.38
CA GLU P 681 -60.43 -56.44 -191.39
C GLU P 681 -59.93 -57.01 -192.69
N LEU P 682 -60.73 -56.74 -193.70
CA LEU P 682 -60.35 -57.22 -194.99
C LEU P 682 -59.61 -56.20 -195.83
N PRO P 683 -58.64 -56.77 -196.51
CA PRO P 683 -57.82 -56.05 -197.44
C PRO P 683 -58.70 -55.72 -198.59
N GLU P 684 -58.37 -54.62 -199.22
CA GLU P 684 -59.13 -54.25 -200.37
C GLU P 684 -59.41 -55.40 -201.29
N LEU P 685 -60.68 -55.54 -201.56
CA LEU P 685 -61.14 -56.59 -202.42
C LEU P 685 -61.22 -56.19 -203.84
N PRO P 686 -60.94 -57.19 -204.61
CA PRO P 686 -60.93 -57.18 -206.05
C PRO P 686 -62.29 -56.83 -206.62
N GLN P 687 -62.29 -55.98 -207.65
CA GLN P 687 -63.53 -55.55 -208.26
C GLN P 687 -63.67 -55.95 -209.70
N PRO P 688 -63.53 -57.24 -209.95
CA PRO P 688 -63.67 -57.85 -211.26
C PRO P 688 -64.67 -57.14 -212.16
N GLU P 689 -64.35 -57.16 -213.43
CA GLU P 689 -65.20 -56.51 -214.38
C GLU P 689 -66.21 -57.44 -214.97
N SER P 690 -65.64 -58.61 -215.25
CA SER P 690 -66.27 -59.76 -215.82
C SER P 690 -67.61 -60.01 -215.16
N ALA P 691 -68.45 -60.70 -215.85
CA ALA P 691 -69.75 -60.94 -215.29
C ALA P 691 -69.74 -62.19 -214.47
N GLY P 692 -70.62 -62.15 -213.46
CA GLY P 692 -70.78 -63.27 -212.56
C GLY P 692 -71.05 -62.87 -211.13
N GLN P 693 -70.99 -63.90 -210.29
CA GLN P 693 -71.23 -63.79 -208.88
C GLN P 693 -69.94 -63.89 -208.10
N LEU P 694 -69.83 -62.93 -207.24
CA LEU P 694 -68.70 -62.83 -206.40
C LEU P 694 -69.01 -63.34 -205.02
N TRP P 695 -68.22 -64.29 -204.61
CA TRP P 695 -68.47 -64.86 -203.32
C TRP P 695 -67.31 -64.96 -202.40
N LEU P 696 -67.63 -64.68 -201.17
CA LEU P 696 -66.68 -64.78 -200.14
C LEU P 696 -66.87 -66.01 -199.27
N THR P 697 -65.77 -66.71 -199.00
CA THR P 697 -65.86 -67.88 -198.17
C THR P 697 -64.80 -67.98 -197.10
N VAL P 698 -65.26 -68.34 -195.89
CA VAL P 698 -64.36 -68.55 -194.77
C VAL P 698 -64.47 -69.93 -194.16
N ARG P 699 -63.31 -70.38 -193.72
CA ARG P 699 -63.23 -71.66 -193.08
C ARG P 699 -62.37 -71.53 -191.86
N VAL P 700 -62.67 -72.40 -190.91
CA VAL P 700 -61.90 -72.47 -189.72
C VAL P 700 -61.16 -73.76 -189.63
N VAL P 701 -59.86 -73.56 -189.50
CA VAL P 701 -58.98 -74.68 -189.39
C VAL P 701 -58.14 -74.79 -188.18
N GLN P 702 -58.00 -76.06 -187.83
CA GLN P 702 -57.22 -76.51 -186.72
C GLN P 702 -55.92 -77.04 -187.21
N PRO P 703 -54.98 -76.15 -187.10
CA PRO P 703 -53.62 -76.35 -187.49
C PRO P 703 -53.04 -77.58 -186.85
N ASN P 704 -53.16 -77.66 -185.54
CA ASN P 704 -52.61 -78.80 -184.83
C ASN P 704 -53.63 -79.88 -184.55
N ALA P 705 -53.15 -81.11 -184.49
CA ALA P 705 -54.08 -82.16 -184.19
C ALA P 705 -54.49 -82.12 -182.74
N THR P 706 -55.58 -82.82 -182.47
CA THR P 706 -56.09 -82.91 -181.12
C THR P 706 -56.30 -84.34 -180.87
N ALA P 707 -56.78 -84.58 -179.70
CA ALA P 707 -57.02 -85.94 -179.38
C ALA P 707 -58.12 -86.55 -180.18
N TRP P 708 -58.94 -85.71 -180.80
CA TRP P 708 -60.06 -86.30 -181.50
C TRP P 708 -60.11 -85.77 -182.88
N SER P 709 -59.08 -85.01 -183.25
CA SER P 709 -59.01 -84.45 -184.56
C SER P 709 -57.58 -84.36 -185.06
N GLU P 710 -57.49 -84.46 -186.37
CA GLU P 710 -56.25 -84.36 -187.10
C GLU P 710 -55.84 -82.95 -187.34
N ALA P 711 -54.60 -82.79 -187.73
CA ALA P 711 -54.24 -81.43 -187.99
C ALA P 711 -54.91 -81.02 -189.28
N GLY P 712 -55.26 -79.74 -189.32
CA GLY P 712 -55.94 -79.18 -190.46
C GLY P 712 -57.42 -79.54 -190.51
N HIS P 713 -58.01 -79.80 -189.38
CA HIS P 713 -59.38 -80.13 -189.39
C HIS P 713 -60.22 -78.86 -189.56
N ILE P 714 -61.29 -79.00 -190.33
CA ILE P 714 -62.17 -77.85 -190.54
C ILE P 714 -63.29 -77.88 -189.57
N SER P 715 -63.43 -76.84 -188.83
CA SER P 715 -64.49 -76.92 -187.87
C SER P 715 -65.65 -76.00 -188.13
N ALA P 716 -65.46 -75.06 -189.04
CA ALA P 716 -66.55 -74.15 -189.26
C ALA P 716 -66.34 -73.45 -190.56
N TRP P 717 -67.45 -73.04 -191.14
CA TRP P 717 -67.37 -72.28 -192.35
C TRP P 717 -68.58 -71.45 -192.58
N GLN P 718 -68.43 -70.58 -193.56
CA GLN P 718 -69.51 -69.69 -193.89
C GLN P 718 -69.21 -68.94 -195.17
N GLN P 719 -70.26 -68.73 -195.96
CA GLN P 719 -70.00 -68.00 -197.17
C GLN P 719 -70.95 -66.83 -197.43
N TRP P 720 -70.55 -65.90 -198.26
CA TRP P 720 -71.43 -64.79 -198.57
C TRP P 720 -71.34 -64.35 -200.02
N ARG P 721 -72.46 -63.90 -200.59
CA ARG P 721 -72.34 -63.43 -201.95
C ARG P 721 -72.08 -61.96 -201.94
N LEU P 722 -70.92 -61.58 -202.41
CA LEU P 722 -70.55 -60.20 -202.40
C LEU P 722 -71.20 -59.38 -203.46
N ALA P 723 -71.10 -59.81 -204.68
CA ALA P 723 -71.69 -59.01 -205.70
C ALA P 723 -72.08 -59.82 -206.89
N GLU P 724 -72.76 -59.09 -207.74
CA GLU P 724 -73.24 -59.67 -208.97
C GLU P 724 -73.04 -58.75 -210.12
N ASN P 725 -72.48 -59.26 -211.18
CA ASN P 725 -72.30 -58.44 -212.36
C ASN P 725 -73.14 -59.09 -213.42
N LEU P 726 -74.29 -58.47 -213.72
CA LEU P 726 -75.15 -59.07 -214.74
C LEU P 726 -74.54 -59.00 -216.12
N SER P 727 -74.78 -60.05 -216.89
CA SER P 727 -74.28 -60.10 -218.26
C SER P 727 -75.22 -59.45 -219.22
N VAL P 728 -74.66 -58.47 -219.90
CA VAL P 728 -75.40 -57.70 -220.86
C VAL P 728 -74.94 -58.02 -222.23
N THR P 729 -74.18 -59.07 -222.33
CA THR P 729 -73.74 -59.29 -223.65
C THR P 729 -74.62 -60.18 -224.45
N LEU P 730 -74.38 -59.99 -225.72
CA LEU P 730 -75.04 -60.68 -226.76
C LEU P 730 -74.09 -61.56 -227.49
N PRO P 731 -74.75 -62.61 -227.92
CA PRO P 731 -74.18 -63.67 -228.73
C PRO P 731 -73.87 -63.10 -230.12
N ALA P 732 -72.72 -63.52 -230.60
CA ALA P 732 -72.33 -63.09 -231.93
C ALA P 732 -73.12 -63.89 -232.95
N ALA P 733 -73.19 -63.28 -234.15
CA ALA P 733 -73.88 -63.90 -235.26
C ALA P 733 -73.29 -65.26 -235.61
N SER P 734 -74.21 -66.07 -236.09
CA SER P 734 -73.93 -67.38 -236.56
C SER P 734 -73.92 -67.20 -238.06
N HIS P 735 -73.18 -68.03 -238.74
CA HIS P 735 -73.13 -67.85 -240.17
C HIS P 735 -74.17 -68.68 -240.83
N ALA P 736 -74.95 -69.31 -239.99
CA ALA P 736 -75.95 -70.15 -240.53
C ALA P 736 -77.04 -70.35 -239.56
N ILE P 737 -78.09 -70.93 -240.04
CA ILE P 737 -79.15 -71.21 -239.16
C ILE P 737 -79.70 -72.57 -239.40
N PRO P 738 -80.21 -73.13 -238.35
CA PRO P 738 -80.71 -74.47 -238.40
C PRO P 738 -81.73 -74.67 -239.48
N HIS P 739 -81.79 -75.91 -239.87
CA HIS P 739 -82.64 -76.27 -240.91
C HIS P 739 -83.73 -77.22 -240.47
N LEU P 740 -84.94 -76.72 -240.63
CA LEU P 740 -86.11 -77.48 -240.23
C LEU P 740 -86.67 -78.46 -241.22
N THR P 741 -87.06 -79.63 -240.80
CA THR P 741 -87.63 -80.54 -241.76
C THR P 741 -88.83 -81.17 -241.16
N THR P 742 -89.87 -81.18 -241.92
CA THR P 742 -91.07 -81.72 -241.37
C THR P 742 -91.57 -82.99 -241.92
N SER P 743 -91.45 -84.05 -241.13
CA SER P 743 -92.04 -85.30 -241.51
C SER P 743 -93.50 -85.24 -241.05
N GLU P 744 -94.17 -86.35 -241.01
CA GLU P 744 -95.54 -86.30 -240.59
C GLU P 744 -95.62 -86.68 -239.14
N MET P 745 -94.55 -87.38 -238.82
CA MET P 745 -94.24 -87.98 -237.55
C MET P 745 -93.45 -87.09 -236.69
N ASP P 746 -92.80 -86.15 -237.33
CA ASP P 746 -92.01 -85.31 -236.50
C ASP P 746 -91.40 -84.17 -237.21
N PHE P 747 -90.57 -83.51 -236.45
CA PHE P 747 -89.85 -82.38 -236.92
C PHE P 747 -88.38 -82.64 -236.70
N CME P 748 -87.58 -82.26 -237.71
CA CME P 748 -86.17 -82.43 -237.66
CB CME P 748 -85.69 -83.31 -238.78
SG CME P 748 -85.49 -84.94 -238.11
SD CME P 748 -83.62 -84.80 -237.57
CE CME P 748 -83.43 -86.52 -237.05
CZ CME P 748 -82.94 -87.42 -238.21
OH CME P 748 -84.05 -88.16 -238.70
C CME P 748 -85.36 -81.21 -237.74
O CME P 748 -85.39 -80.48 -238.72
N ILE P 749 -84.55 -81.02 -236.74
CA ILE P 749 -83.72 -79.86 -236.83
C ILE P 749 -82.30 -80.26 -237.03
N GLU P 750 -81.74 -79.64 -238.03
CA GLU P 750 -80.38 -79.96 -238.32
C GLU P 750 -79.51 -78.77 -238.32
N LEU P 751 -78.27 -79.02 -237.99
CA LEU P 751 -77.29 -77.97 -237.99
C LEU P 751 -75.93 -78.55 -237.80
N GLY P 752 -75.23 -78.72 -238.92
CA GLY P 752 -73.92 -79.34 -238.89
C GLY P 752 -74.15 -80.81 -238.63
N ASN P 753 -73.29 -81.36 -237.77
CA ASN P 753 -73.37 -82.75 -237.33
C ASN P 753 -74.55 -82.96 -236.38
N LYS P 754 -74.97 -81.84 -235.80
CA LYS P 754 -76.07 -81.84 -234.87
C LYS P 754 -77.46 -81.98 -235.47
N ARG P 755 -78.28 -82.72 -234.74
CA ARG P 755 -79.65 -83.00 -235.12
C ARG P 755 -80.56 -83.26 -233.93
N TRP P 756 -81.77 -82.74 -234.08
CA TRP P 756 -82.74 -82.88 -233.04
C TRP P 756 -84.05 -83.31 -233.57
N GLN P 757 -84.66 -84.24 -232.87
CA GLN P 757 -85.94 -84.63 -233.35
C GLN P 757 -87.07 -84.56 -232.35
N PHE P 758 -88.16 -83.96 -232.79
CA PHE P 758 -89.31 -83.90 -231.94
C PHE P 758 -90.41 -84.73 -232.46
N ASN P 759 -90.87 -85.63 -231.67
CA ASN P 759 -91.96 -86.46 -232.10
C ASN P 759 -93.25 -85.68 -232.10
N ARG P 760 -93.93 -85.77 -233.20
CA ARG P 760 -95.15 -85.04 -233.38
C ARG P 760 -96.33 -85.60 -232.65
N GLN P 761 -96.28 -86.83 -232.23
CA GLN P 761 -97.48 -87.24 -231.55
C GLN P 761 -97.33 -87.10 -230.07
N SER P 762 -96.08 -87.22 -229.61
CA SER P 762 -95.80 -87.13 -228.19
C SER P 762 -95.59 -85.70 -227.81
N GLY P 763 -95.10 -84.97 -228.78
CA GLY P 763 -94.82 -83.61 -228.46
C GLY P 763 -93.53 -83.48 -227.68
N PHE P 764 -92.66 -84.50 -227.67
CA PHE P 764 -91.43 -84.35 -226.95
C PHE P 764 -90.25 -84.46 -227.81
N LEU P 765 -89.18 -83.93 -227.27
CA LEU P 765 -87.91 -84.06 -227.92
C LEU P 765 -87.56 -85.52 -227.75
N SER P 766 -87.58 -86.25 -228.85
CA SER P 766 -87.36 -87.69 -228.83
C SER P 766 -85.95 -88.19 -229.00
N GLN P 767 -85.15 -87.47 -229.74
CA GLN P 767 -83.80 -87.95 -229.90
C GLN P 767 -82.98 -86.83 -230.41
N MET P 768 -81.71 -86.99 -230.22
CA MET P 768 -80.82 -86.03 -230.73
C MET P 768 -79.49 -86.70 -231.03
N TRP P 769 -78.84 -86.22 -232.07
CA TRP P 769 -77.59 -86.79 -232.46
C TRP P 769 -76.54 -85.78 -232.59
N ILE P 770 -75.39 -86.30 -232.30
CA ILE P 770 -74.18 -85.57 -232.53
C ILE P 770 -73.47 -86.48 -233.46
N GLY P 771 -73.16 -85.99 -234.64
CA GLY P 771 -72.60 -86.93 -235.57
C GLY P 771 -73.69 -87.96 -235.82
N ASP P 772 -73.31 -89.21 -235.76
CA ASP P 772 -74.21 -90.31 -236.00
C ASP P 772 -74.54 -90.99 -234.71
N LYS P 773 -74.21 -90.32 -233.62
CA LYS P 773 -74.48 -90.86 -232.33
C LYS P 773 -75.72 -90.30 -231.69
N LYS P 774 -76.58 -91.24 -231.33
CA LYS P 774 -77.80 -90.88 -230.66
C LYS P 774 -77.42 -90.47 -229.26
N GLN P 775 -78.19 -89.59 -228.64
CA GLN P 775 -77.76 -89.18 -227.33
C GLN P 775 -78.64 -89.59 -226.19
N LEU P 776 -79.86 -89.94 -226.52
CA LEU P 776 -80.80 -90.28 -225.49
C LEU P 776 -81.41 -91.63 -225.63
N LEU P 777 -81.61 -92.31 -224.51
CA LEU P 777 -82.34 -93.56 -224.55
C LEU P 777 -83.79 -93.29 -224.22
N THR P 778 -84.04 -92.13 -223.66
CA THR P 778 -85.38 -91.74 -223.32
C THR P 778 -85.59 -90.30 -223.67
N PRO P 779 -86.79 -90.01 -224.13
CA PRO P 779 -87.18 -88.66 -224.49
C PRO P 779 -87.22 -87.73 -223.27
N LEU P 780 -87.01 -86.47 -223.53
CA LEU P 780 -87.00 -85.49 -222.50
C LEU P 780 -88.41 -85.15 -222.09
N ARG P 781 -88.73 -85.29 -220.80
CA ARG P 781 -90.08 -84.93 -220.44
C ARG P 781 -90.27 -84.46 -219.04
N ASP P 782 -91.44 -83.84 -218.87
CA ASP P 782 -91.78 -83.27 -217.61
C ASP P 782 -91.89 -84.34 -216.59
N GLN P 783 -91.57 -83.92 -215.39
CA GLN P 783 -91.66 -84.79 -214.27
C GLN P 783 -92.16 -84.06 -213.05
N PHE P 784 -93.20 -84.61 -212.44
CA PHE P 784 -93.77 -83.98 -211.26
C PHE P 784 -93.67 -84.79 -209.96
N THR P 785 -93.02 -85.93 -210.00
CA THR P 785 -92.98 -86.73 -208.80
C THR P 785 -91.59 -87.14 -208.40
N ARG P 786 -91.53 -87.82 -207.26
CA ARG P 786 -90.29 -88.38 -206.78
C ARG P 786 -90.47 -89.74 -206.12
N ALA P 787 -89.38 -90.51 -206.09
CA ALA P 787 -89.33 -91.79 -205.40
C ALA P 787 -89.35 -91.37 -203.94
N PRO P 788 -90.47 -91.65 -203.30
CA PRO P 788 -90.76 -91.27 -201.93
C PRO P 788 -89.68 -91.47 -200.95
N LEU P 789 -89.57 -90.50 -200.09
CA LEU P 789 -88.61 -90.54 -199.04
C LEU P 789 -89.26 -91.18 -197.87
N ASP P 790 -88.41 -91.59 -196.97
CA ASP P 790 -88.98 -92.14 -195.77
C ASP P 790 -89.99 -91.17 -195.21
N ASN P 791 -89.56 -89.92 -195.12
CA ASN P 791 -90.43 -88.88 -194.64
C ASN P 791 -91.72 -88.78 -195.45
N ASP P 792 -91.68 -89.02 -196.77
CA ASP P 792 -92.89 -88.89 -197.57
C ASP P 792 -93.89 -89.97 -197.31
N ILE P 793 -93.31 -91.07 -196.90
CA ILE P 793 -94.09 -92.24 -196.65
C ILE P 793 -94.73 -92.18 -195.29
N GLY P 794 -93.93 -91.68 -194.39
CA GLY P 794 -94.28 -91.41 -193.04
C GLY P 794 -95.15 -92.39 -192.28
N VAL P 795 -94.50 -93.47 -191.89
CA VAL P 795 -95.15 -94.43 -191.02
C VAL P 795 -94.12 -94.79 -189.95
N SER P 796 -94.61 -94.98 -188.71
CA SER P 796 -93.74 -95.36 -187.58
C SER P 796 -93.94 -96.83 -187.16
N GLU P 797 -95.12 -97.34 -187.56
CA GLU P 797 -95.57 -98.68 -187.34
C GLU P 797 -96.05 -99.23 -188.65
N ALA P 798 -95.42 -100.32 -189.07
CA ALA P 798 -95.73 -101.02 -190.31
C ALA P 798 -97.25 -101.15 -190.61
N THR P 799 -97.97 -101.34 -189.50
CA THR P 799 -99.41 -101.53 -189.34
C THR P 799 -100.30 -100.35 -189.74
N ARG P 800 -99.90 -99.17 -189.24
CA ARG P 800 -100.65 -97.95 -189.44
C ARG P 800 -100.18 -97.04 -190.54
N ILE P 801 -101.06 -96.90 -191.56
CA ILE P 801 -100.87 -96.02 -192.73
C ILE P 801 -101.61 -94.67 -192.58
N ASP P 802 -100.94 -93.59 -193.00
CA ASP P 802 -101.48 -92.26 -192.89
C ASP P 802 -101.94 -91.72 -194.23
N PRO P 803 -103.23 -91.64 -194.36
CA PRO P 803 -103.84 -91.12 -195.54
C PRO P 803 -103.35 -89.70 -195.83
N ASN P 804 -102.76 -89.09 -194.81
CA ASN P 804 -102.22 -87.76 -194.92
C ASN P 804 -100.78 -87.71 -195.35
N ALA P 805 -100.17 -88.86 -195.40
CA ALA P 805 -98.82 -88.87 -195.84
C ALA P 805 -98.81 -88.39 -197.28
N TRP P 806 -97.77 -87.65 -197.57
CA TRP P 806 -97.56 -87.10 -198.88
C TRP P 806 -97.77 -88.13 -199.92
N VAL P 807 -97.07 -89.21 -199.70
CA VAL P 807 -97.15 -90.27 -200.67
C VAL P 807 -98.57 -90.74 -200.90
N GLU P 808 -99.27 -90.84 -199.80
CA GLU P 808 -100.63 -91.26 -199.85
C GLU P 808 -101.43 -90.34 -200.70
N ARG P 809 -101.23 -89.10 -200.43
CA ARG P 809 -101.95 -88.10 -201.16
C ARG P 809 -101.60 -88.06 -202.63
N TRP P 810 -100.32 -88.18 -202.90
CA TRP P 810 -99.86 -88.12 -204.26
C TRP P 810 -100.42 -89.24 -205.05
N LYS P 811 -100.43 -90.37 -204.40
CA LYS P 811 -100.91 -91.57 -205.04
C LYS P 811 -102.35 -91.41 -205.41
N ALA P 812 -103.09 -91.10 -204.39
CA ALA P 812 -104.50 -90.93 -204.52
C ALA P 812 -104.89 -89.89 -205.53
N ALA P 813 -104.00 -88.93 -205.71
CA ALA P 813 -104.28 -87.88 -206.65
C ALA P 813 -104.01 -88.30 -208.07
N GLY P 814 -103.23 -89.38 -208.22
CA GLY P 814 -102.92 -89.88 -209.54
C GLY P 814 -101.66 -89.27 -210.05
N HIS P 815 -100.94 -88.62 -209.17
CA HIS P 815 -99.72 -87.99 -209.60
C HIS P 815 -98.79 -88.98 -210.23
N TYR P 816 -98.79 -90.13 -209.63
CA TYR P 816 -97.91 -91.15 -210.09
C TYR P 816 -98.35 -91.79 -211.36
N GLN P 817 -99.60 -91.59 -211.72
CA GLN P 817 -100.04 -92.22 -212.94
C GLN P 817 -100.83 -91.34 -213.91
N ALA P 818 -100.52 -90.08 -213.89
CA ALA P 818 -101.24 -89.23 -214.79
C ALA P 818 -100.64 -89.38 -216.14
N GLU P 819 -101.54 -89.14 -217.08
CA GLU P 819 -101.33 -89.22 -218.48
C GLU P 819 -101.21 -87.89 -219.14
N ALA P 820 -100.08 -87.77 -219.84
CA ALA P 820 -99.89 -86.54 -220.58
C ALA P 820 -100.73 -86.49 -221.86
N ALA P 821 -101.15 -85.30 -222.23
CA ALA P 821 -101.95 -85.11 -223.42
C ALA P 821 -101.46 -83.91 -224.22
N LEU P 822 -101.13 -84.15 -225.49
CA LEU P 822 -100.65 -83.06 -226.28
C LEU P 822 -101.78 -82.12 -226.63
N LEU P 823 -101.60 -80.89 -226.27
CA LEU P 823 -102.58 -79.91 -226.58
C LEU P 823 -102.13 -79.22 -227.82
N GLN P 824 -100.82 -79.14 -227.97
CA GLN P 824 -100.30 -78.47 -229.11
C GLN P 824 -98.81 -78.56 -229.29
N CYS P 825 -98.40 -78.54 -230.57
CA CYS P 825 -97.01 -78.67 -230.93
C CYS P 825 -96.78 -77.99 -232.23
N THR P 826 -95.94 -76.97 -232.24
CA THR P 826 -95.71 -76.26 -233.47
C THR P 826 -94.28 -75.87 -233.69
N ALA P 827 -94.01 -75.71 -234.98
CA ALA P 827 -92.68 -75.35 -235.40
C ALA P 827 -92.70 -74.16 -236.30
N ASP P 828 -91.65 -73.36 -236.18
CA ASP P 828 -91.60 -72.13 -236.93
C ASP P 828 -90.17 -71.69 -237.16
N THR P 829 -89.97 -71.05 -238.29
CA THR P 829 -88.66 -70.58 -238.62
C THR P 829 -88.57 -69.10 -238.56
N LEU P 830 -87.63 -68.75 -237.74
CA LEU P 830 -87.33 -67.39 -237.51
C LEU P 830 -86.10 -67.05 -238.28
N ALA P 831 -85.80 -65.80 -238.24
CA ALA P 831 -84.65 -65.34 -238.93
C ALA P 831 -83.37 -65.95 -238.44
N ASP P 832 -83.29 -66.17 -237.14
CA ASP P 832 -82.04 -66.62 -236.57
C ASP P 832 -82.13 -67.91 -235.88
N ALA P 833 -83.32 -68.49 -235.95
CA ALA P 833 -83.48 -69.74 -235.29
C ALA P 833 -84.76 -70.43 -235.64
N VAL P 834 -84.84 -71.62 -235.06
CA VAL P 834 -86.02 -72.41 -235.17
C VAL P 834 -86.71 -72.44 -233.82
N LEU P 835 -88.04 -72.37 -233.91
CA LEU P 835 -88.83 -72.32 -232.73
C LEU P 835 -89.91 -73.35 -232.61
N ILE P 836 -89.83 -74.08 -231.51
CA ILE P 836 -90.79 -75.11 -231.22
C ILE P 836 -91.64 -74.78 -230.05
N THR P 837 -92.92 -75.08 -230.25
CA THR P 837 -93.86 -74.79 -229.22
C THR P 837 -94.79 -75.91 -228.85
N THR P 838 -94.81 -76.24 -227.58
CA THR P 838 -95.69 -77.31 -227.11
C THR P 838 -96.52 -76.96 -225.91
N ALA P 839 -97.54 -77.78 -225.73
CA ALA P 839 -98.40 -77.64 -224.59
C ALA P 839 -99.00 -78.96 -224.30
N HIS P 840 -98.84 -79.39 -223.08
CA HIS P 840 -99.40 -80.65 -222.66
C HIS P 840 -100.20 -80.48 -221.39
N ALA P 841 -101.09 -81.44 -221.21
CA ALA P 841 -101.88 -81.49 -220.02
C ALA P 841 -101.77 -82.84 -219.36
N TRP P 842 -101.65 -82.87 -218.04
CA TRP P 842 -101.65 -84.14 -217.40
C TRP P 842 -102.95 -84.30 -216.69
N GLN P 843 -103.59 -85.40 -216.98
CA GLN P 843 -104.86 -85.64 -216.37
C GLN P 843 -104.95 -86.95 -215.72
N HIS P 844 -106.01 -87.02 -214.95
CA HIS P 844 -106.30 -88.22 -214.24
C HIS P 844 -107.75 -88.29 -213.91
N GLN P 845 -108.41 -89.24 -214.53
CA GLN P 845 -109.82 -89.36 -214.30
C GLN P 845 -110.57 -88.08 -214.56
N GLY P 846 -110.19 -87.44 -215.67
CA GLY P 846 -110.88 -86.24 -216.07
C GLY P 846 -110.40 -84.99 -215.39
N LYS P 847 -109.52 -85.13 -214.43
CA LYS P 847 -109.04 -83.93 -213.84
C LYS P 847 -107.71 -83.57 -214.44
N THR P 848 -107.57 -82.28 -214.71
CA THR P 848 -106.31 -81.83 -215.22
C THR P 848 -105.50 -81.35 -214.02
N LEU P 849 -104.37 -82.01 -213.81
CA LEU P 849 -103.51 -81.68 -212.69
C LEU P 849 -102.53 -80.63 -213.06
N PHE P 850 -101.95 -80.80 -214.23
CA PHE P 850 -100.98 -79.83 -214.64
C PHE P 850 -101.00 -79.57 -216.08
N ILE P 851 -100.50 -78.39 -216.33
CA ILE P 851 -100.31 -77.93 -217.66
C ILE P 851 -98.91 -77.44 -217.83
N SER P 852 -98.31 -77.94 -218.87
CA SER P 852 -96.98 -77.58 -219.20
C SER P 852 -96.88 -76.97 -220.59
N ARG P 853 -96.33 -75.77 -220.61
CA ARG P 853 -96.15 -75.07 -221.85
C ARG P 853 -94.69 -74.73 -222.10
N LYS P 854 -94.21 -75.14 -223.25
CA LYS P 854 -92.81 -74.88 -223.54
C LYS P 854 -92.51 -74.27 -224.88
N THR P 855 -91.26 -73.84 -224.93
CA THR P 855 -90.65 -73.32 -226.13
C THR P 855 -89.22 -73.77 -226.17
N TYR P 856 -88.90 -74.17 -227.39
CA TYR P 856 -87.58 -74.59 -227.63
C TYR P 856 -87.08 -73.76 -228.74
N ARG P 857 -85.92 -73.21 -228.49
CA ARG P 857 -85.36 -72.40 -229.51
C ARG P 857 -83.91 -72.70 -229.79
N ILE P 858 -83.71 -73.09 -231.05
CA ILE P 858 -82.42 -73.46 -231.57
C ILE P 858 -81.88 -72.50 -232.56
N ASP P 859 -80.70 -72.04 -232.22
CA ASP P 859 -80.05 -71.07 -233.02
C ASP P 859 -78.85 -71.59 -233.74
N GLY P 860 -78.30 -70.63 -234.47
CA GLY P 860 -77.16 -70.86 -235.29
C GLY P 860 -75.94 -71.28 -234.52
N SER P 861 -75.96 -71.04 -233.24
CA SER P 861 -74.82 -71.44 -232.46
C SER P 861 -74.98 -72.87 -231.98
N GLY P 862 -76.14 -73.46 -232.25
CA GLY P 862 -76.40 -74.84 -231.86
C GLY P 862 -76.79 -74.98 -230.39
N GLN P 863 -77.38 -73.94 -229.88
CA GLN P 863 -77.83 -73.99 -228.52
C GLN P 863 -79.30 -74.10 -228.47
N MET P 864 -79.71 -74.88 -227.52
CA MET P 864 -81.10 -75.07 -227.34
C MET P 864 -81.60 -74.50 -226.05
N ALA P 865 -82.48 -73.56 -226.23
CA ALA P 865 -83.04 -72.89 -225.11
C ALA P 865 -84.45 -73.33 -224.85
N ILE P 866 -84.64 -73.67 -223.61
CA ILE P 866 -85.89 -74.14 -223.18
C ILE P 866 -86.57 -73.30 -222.17
N THR P 867 -87.83 -73.19 -222.41
CA THR P 867 -88.60 -72.43 -221.52
C THR P 867 -89.81 -73.19 -221.09
N VAL P 868 -89.95 -73.24 -219.77
CA VAL P 868 -91.05 -73.96 -219.19
C VAL P 868 -91.89 -73.14 -218.29
N ASP P 869 -93.19 -73.32 -218.51
CA ASP P 869 -94.18 -72.67 -217.70
C ASP P 869 -95.27 -73.64 -217.36
N VAL P 870 -95.38 -73.85 -216.05
CA VAL P 870 -96.33 -74.78 -215.51
C VAL P 870 -97.42 -74.19 -214.65
N GLU P 871 -98.58 -74.78 -214.81
CA GLU P 871 -99.73 -74.44 -214.04
C GLU P 871 -100.11 -75.69 -213.29
N VAL P 872 -100.41 -75.51 -211.99
CA VAL P 872 -100.83 -76.59 -211.11
C VAL P 872 -102.17 -76.31 -210.47
N ALA P 873 -103.05 -77.29 -210.56
CA ALA P 873 -104.37 -77.14 -209.99
C ALA P 873 -104.26 -76.91 -208.53
N SER P 874 -104.90 -75.85 -208.14
CA SER P 874 -104.90 -75.42 -206.77
C SER P 874 -105.38 -76.53 -205.85
N ASP P 875 -106.25 -77.35 -206.37
CA ASP P 875 -106.80 -78.39 -205.54
C ASP P 875 -106.10 -79.72 -205.62
N THR P 876 -104.96 -79.74 -206.22
CA THR P 876 -104.24 -80.97 -206.19
C THR P 876 -103.16 -80.81 -205.14
N PRO P 877 -102.69 -81.89 -204.59
CA PRO P 877 -101.63 -81.81 -203.61
C PRO P 877 -100.38 -81.29 -204.26
N HIS P 878 -99.66 -80.48 -203.52
CA HIS P 878 -98.44 -79.95 -204.06
C HIS P 878 -97.54 -81.08 -204.38
N PRO P 879 -97.05 -80.99 -205.56
CA PRO P 879 -96.16 -81.94 -206.16
C PRO P 879 -94.80 -81.83 -205.57
N ALA P 880 -94.13 -82.96 -205.64
CA ALA P 880 -92.81 -83.15 -205.12
C ALA P 880 -91.81 -82.32 -205.86
N ARG P 881 -92.06 -82.16 -207.14
CA ARG P 881 -91.09 -81.41 -207.88
C ARG P 881 -91.64 -80.97 -209.20
N ILE P 882 -90.88 -80.11 -209.86
CA ILE P 882 -91.22 -79.59 -211.15
C ILE P 882 -89.98 -79.46 -212.00
N GLY P 883 -89.90 -80.40 -212.92
CA GLY P 883 -88.75 -80.45 -213.78
C GLY P 883 -88.92 -81.39 -214.93
N LEU P 884 -87.77 -81.77 -215.43
CA LEU P 884 -87.76 -82.66 -216.54
C LEU P 884 -86.81 -83.77 -216.34
N ASN P 885 -86.95 -84.72 -217.21
CA ASN P 885 -86.04 -85.80 -217.15
C ASN P 885 -85.89 -86.58 -218.42
N CYS P 886 -84.82 -87.33 -218.41
CA CYS P 886 -84.54 -88.16 -219.55
C CYS P 886 -83.38 -89.10 -219.24
N GLN P 887 -83.29 -90.11 -220.08
CA GLN P 887 -82.23 -91.06 -219.94
C GLN P 887 -81.20 -90.84 -221.01
N LEU P 888 -80.03 -90.46 -220.60
CA LEU P 888 -78.99 -90.29 -221.61
C LEU P 888 -78.31 -91.57 -221.92
N ALA P 889 -77.98 -91.66 -223.18
CA ALA P 889 -77.28 -92.80 -223.71
C ALA P 889 -75.87 -92.95 -223.16
N GLN P 890 -75.23 -91.84 -223.00
CA GLN P 890 -73.88 -91.79 -222.53
C GLN P 890 -73.74 -92.04 -221.04
N VAL P 891 -72.52 -92.41 -220.70
CA VAL P 891 -72.11 -92.65 -219.34
C VAL P 891 -70.70 -92.15 -219.13
N ALA P 892 -70.49 -91.23 -218.21
CA ALA P 892 -69.16 -90.68 -217.97
C ALA P 892 -68.65 -90.86 -216.56
N GLU P 893 -67.42 -90.46 -216.35
CA GLU P 893 -66.75 -90.64 -215.08
C GLU P 893 -67.02 -89.56 -214.04
N ARG P 894 -66.90 -88.35 -214.52
CA ARG P 894 -67.06 -87.23 -213.67
C ARG P 894 -68.30 -86.42 -213.94
N VAL P 895 -68.51 -85.54 -212.97
CA VAL P 895 -69.61 -84.64 -212.95
C VAL P 895 -69.10 -83.33 -212.45
N ASN P 896 -69.41 -82.32 -213.21
CA ASN P 896 -68.88 -81.07 -212.84
C ASN P 896 -69.95 -80.03 -212.88
N TRP P 897 -69.99 -79.26 -211.80
CA TRP P 897 -70.99 -78.25 -211.77
C TRP P 897 -70.60 -77.08 -210.96
N LEU P 898 -71.36 -76.05 -211.26
CA LEU P 898 -71.24 -74.80 -210.58
C LEU P 898 -72.57 -74.54 -209.88
N GLY P 899 -72.50 -74.78 -208.59
CA GLY P 899 -73.64 -74.65 -207.73
C GLY P 899 -73.26 -75.06 -206.33
N LEU P 900 -74.27 -75.49 -205.60
CA LEU P 900 -74.09 -75.86 -204.22
C LEU P 900 -73.56 -77.23 -204.08
N GLY P 901 -72.55 -77.34 -203.26
CA GLY P 901 -71.98 -78.63 -203.06
C GLY P 901 -71.04 -78.61 -201.90
N PRO P 902 -70.36 -79.70 -201.80
CA PRO P 902 -70.44 -80.77 -202.77
C PRO P 902 -71.40 -81.87 -202.41
N GLN P 903 -71.87 -81.93 -201.20
CA GLN P 903 -72.80 -83.00 -200.93
C GLN P 903 -74.22 -82.80 -201.34
N GLU P 904 -74.92 -83.92 -201.29
CA GLU P 904 -76.35 -83.93 -201.54
C GLU P 904 -77.00 -82.82 -200.70
N ASN P 905 -77.87 -82.05 -201.33
CA ASN P 905 -78.54 -80.97 -200.62
C ASN P 905 -79.93 -80.70 -201.13
N TYR P 906 -80.79 -80.40 -200.21
CA TYR P 906 -82.16 -80.12 -200.54
C TYR P 906 -82.54 -78.74 -200.05
N PRO P 907 -83.61 -78.27 -200.59
CA PRO P 907 -84.10 -76.96 -200.31
C PRO P 907 -84.18 -76.62 -198.85
N ASP P 908 -84.69 -77.56 -198.05
CA ASP P 908 -84.76 -77.31 -196.62
C ASP P 908 -83.59 -77.93 -195.89
N ARG P 909 -82.57 -78.30 -196.65
CA ARG P 909 -81.36 -78.83 -196.05
C ARG P 909 -80.18 -78.49 -196.93
N LEU P 910 -79.79 -77.22 -196.91
CA LEU P 910 -78.67 -76.81 -197.76
C LEU P 910 -77.81 -75.71 -197.19
N THR P 911 -77.98 -75.45 -195.91
CA THR P 911 -77.17 -74.43 -195.32
C THR P 911 -75.73 -74.81 -195.23
N ALA P 912 -75.44 -76.09 -195.12
CA ALA P 912 -74.06 -76.44 -194.99
C ALA P 912 -73.32 -76.42 -196.32
N ALA P 913 -74.11 -76.42 -197.38
CA ALA P 913 -73.54 -76.43 -198.73
C ALA P 913 -72.92 -75.13 -199.18
N CME P 914 -71.94 -75.29 -200.07
CA CME P 914 -71.28 -74.17 -200.66
CB CME P 914 -69.89 -73.93 -200.19
SG CME P 914 -69.92 -73.50 -198.44
SD CME P 914 -68.17 -74.22 -197.99
CE CME P 914 -68.49 -75.98 -198.26
CZ CME P 914 -67.23 -76.77 -197.91
OH CME P 914 -66.16 -75.86 -197.63
C CME P 914 -71.39 -74.04 -202.13
O CME P 914 -71.42 -74.97 -202.93
N PHE P 915 -71.49 -72.80 -202.47
CA PHE P 915 -71.61 -72.48 -203.84
C PHE P 915 -70.25 -72.38 -204.44
N ASP P 916 -69.97 -73.31 -205.33
CA ASP P 916 -68.68 -73.27 -205.96
C ASP P 916 -68.70 -74.15 -207.17
N ARG P 917 -67.50 -74.46 -207.62
CA ARG P 917 -67.35 -75.35 -208.71
C ARG P 917 -66.93 -76.70 -208.20
N TRP P 918 -67.76 -77.69 -208.48
CA TRP P 918 -67.48 -79.01 -208.00
C TRP P 918 -67.30 -79.98 -209.12
N ASP P 919 -66.46 -80.97 -208.81
CA ASP P 919 -66.16 -82.05 -209.72
C ASP P 919 -66.02 -83.34 -208.97
N LEU P 920 -66.87 -84.27 -209.29
CA LEU P 920 -66.84 -85.56 -208.66
C LEU P 920 -67.13 -86.62 -209.66
N PRO P 921 -66.91 -87.80 -209.17
CA PRO P 921 -67.20 -88.98 -209.88
C PRO P 921 -68.65 -89.25 -209.68
N LEU P 922 -69.16 -89.70 -210.77
CA LEU P 922 -70.53 -90.04 -210.88
C LEU P 922 -71.03 -90.81 -209.68
N SER P 923 -70.19 -91.70 -209.21
CA SER P 923 -70.59 -92.51 -208.07
C SER P 923 -71.04 -91.66 -206.89
N ASP P 924 -70.29 -90.60 -206.69
CA ASP P 924 -70.55 -89.71 -205.59
C ASP P 924 -71.86 -88.95 -205.73
N MET P 925 -72.43 -89.00 -206.90
CA MET P 925 -73.66 -88.30 -207.08
C MET P 925 -74.83 -89.13 -206.65
N TYR P 926 -74.52 -90.24 -205.98
CA TYR P 926 -75.60 -91.08 -205.52
C TYR P 926 -75.48 -91.44 -204.05
N THR P 927 -76.62 -91.36 -203.37
CA THR P 927 -76.70 -91.65 -201.96
C THR P 927 -77.43 -92.96 -201.73
N PRO P 928 -76.63 -93.89 -201.31
CA PRO P 928 -76.97 -95.28 -201.01
C PRO P 928 -77.75 -95.47 -199.73
N TYR P 929 -78.84 -94.76 -199.63
CA TYR P 929 -79.68 -94.95 -198.48
C TYR P 929 -80.08 -96.42 -198.50
N VAL P 930 -79.95 -97.12 -197.38
CA VAL P 930 -80.32 -98.53 -197.37
C VAL P 930 -81.70 -98.78 -197.97
N PHE P 931 -82.62 -97.99 -197.52
CA PHE P 931 -83.93 -98.08 -198.10
C PHE P 931 -83.90 -97.00 -199.16
N PRO P 932 -84.00 -97.40 -200.41
CA PRO P 932 -83.84 -96.46 -201.48
C PRO P 932 -85.03 -95.56 -201.77
N SER P 933 -84.68 -94.33 -202.22
CA SER P 933 -85.58 -93.25 -202.62
C SER P 933 -84.85 -92.11 -203.36
N GLU P 934 -85.61 -91.05 -203.74
CA GLU P 934 -85.04 -89.87 -204.35
C GLU P 934 -83.82 -89.42 -203.54
N ASN P 935 -82.68 -89.17 -204.17
CA ASN P 935 -81.49 -88.75 -203.42
C ASN P 935 -80.49 -88.08 -204.36
N GLY P 936 -79.39 -87.64 -203.79
CA GLY P 936 -78.31 -87.03 -204.55
C GLY P 936 -78.53 -85.63 -205.09
N LEU P 937 -79.70 -85.07 -204.89
CA LEU P 937 -79.90 -83.74 -205.40
C LEU P 937 -78.88 -82.68 -204.97
N ARG P 938 -78.67 -81.77 -205.89
CA ARG P 938 -77.89 -80.56 -205.64
C ARG P 938 -78.65 -79.38 -206.18
N CYS P 939 -78.74 -78.36 -205.37
CA CYS P 939 -79.49 -77.17 -205.68
C CYS P 939 -78.60 -76.01 -206.06
N GLY P 940 -79.31 -74.98 -206.52
CA GLY P 940 -78.73 -73.71 -206.90
C GLY P 940 -77.61 -73.82 -207.89
N THR P 941 -77.92 -74.59 -208.90
CA THR P 941 -76.98 -74.85 -209.92
C THR P 941 -77.25 -74.03 -211.12
N ARG P 942 -76.13 -73.52 -211.59
CA ARG P 942 -76.17 -72.65 -212.73
C ARG P 942 -75.58 -73.22 -213.99
N GLU P 943 -74.69 -74.18 -213.78
CA GLU P 943 -74.01 -74.83 -214.88
C GLU P 943 -73.68 -76.23 -214.48
N LEU P 944 -74.02 -77.13 -215.38
CA LEU P 944 -73.80 -78.54 -215.20
C LEU P 944 -73.21 -79.15 -216.46
N ASN P 945 -72.18 -79.97 -216.22
CA ASN P 945 -71.42 -80.62 -217.27
C ASN P 945 -71.28 -82.11 -217.16
N TYR P 946 -71.67 -82.78 -218.21
CA TYR P 946 -71.57 -84.23 -218.24
C TYR P 946 -71.39 -84.68 -219.66
N GLY P 947 -70.24 -85.26 -219.88
CA GLY P 947 -69.90 -85.66 -221.22
C GLY P 947 -69.64 -84.41 -222.04
N PRO P 948 -70.17 -84.48 -223.22
CA PRO P 948 -70.12 -83.43 -224.22
C PRO P 948 -71.19 -82.39 -223.90
N HIS P 949 -72.05 -82.71 -222.92
CA HIS P 949 -73.11 -81.83 -222.54
C HIS P 949 -72.86 -80.82 -221.50
N GLN P 950 -73.68 -79.80 -221.69
CA GLN P 950 -73.68 -78.70 -220.80
C GLN P 950 -75.04 -78.08 -220.69
N TRP P 951 -75.39 -77.82 -219.45
CA TRP P 951 -76.63 -77.18 -219.17
C TRP P 951 -76.44 -75.97 -218.33
N ARG P 952 -77.22 -74.97 -218.68
CA ARG P 952 -77.14 -73.74 -217.94
C ARG P 952 -78.48 -73.19 -217.65
N GLY P 953 -78.50 -72.59 -216.47
CA GLY P 953 -79.68 -71.95 -215.95
C GLY P 953 -79.63 -71.79 -214.45
N ASP P 954 -80.75 -72.09 -213.86
CA ASP P 954 -80.80 -72.01 -212.42
C ASP P 954 -81.65 -73.15 -211.92
N PHE P 955 -81.00 -74.26 -211.63
CA PHE P 955 -81.82 -75.37 -211.24
C PHE P 955 -81.15 -76.21 -210.21
N GLN P 956 -81.84 -77.32 -210.00
CA GLN P 956 -81.40 -78.36 -209.13
C GLN P 956 -81.46 -79.59 -209.95
N PHE P 957 -80.58 -80.51 -209.60
CA PHE P 957 -80.56 -81.74 -210.34
C PHE P 957 -79.99 -82.88 -209.56
N ASN P 958 -80.15 -84.02 -210.18
CA ASN P 958 -79.57 -85.24 -209.73
C ASN P 958 -79.23 -86.08 -210.93
N ILE P 959 -78.29 -86.97 -210.72
CA ILE P 959 -77.87 -87.80 -211.82
C ILE P 959 -77.23 -89.09 -211.35
N SER P 960 -77.71 -90.17 -211.94
CA SER P 960 -77.26 -91.50 -211.57
C SER P 960 -77.70 -92.53 -212.58
N ARG P 961 -77.56 -93.82 -212.21
CA ARG P 961 -77.97 -94.90 -213.09
C ARG P 961 -79.26 -95.53 -212.70
N TYR P 962 -80.02 -94.83 -211.89
CA TYR P 962 -81.24 -95.47 -211.51
C TYR P 962 -82.42 -94.60 -211.79
N SER P 963 -83.42 -95.19 -212.37
CA SER P 963 -84.60 -94.42 -212.61
C SER P 963 -85.29 -94.23 -211.26
N GLN P 964 -86.13 -93.20 -211.23
CA GLN P 964 -86.91 -92.94 -210.05
C GLN P 964 -87.81 -94.15 -209.83
N GLN P 965 -88.25 -94.71 -210.94
CA GLN P 965 -89.09 -95.86 -210.83
C GLN P 965 -88.40 -97.04 -210.21
N GLN P 966 -87.17 -97.27 -210.61
CA GLN P 966 -86.44 -98.36 -210.04
C GLN P 966 -86.35 -98.16 -208.55
N LEU P 967 -85.93 -96.97 -208.18
CA LEU P 967 -85.76 -96.64 -206.76
C LEU P 967 -87.00 -96.84 -205.95
N MET P 968 -88.03 -96.39 -206.59
CA MET P 968 -89.27 -96.45 -205.93
C MET P 968 -89.73 -97.86 -205.77
N GLU P 969 -89.30 -98.71 -206.67
CA GLU P 969 -89.76 -100.08 -206.60
C GLU P 969 -88.88 -101.06 -205.87
N THR P 970 -87.66 -100.69 -205.58
CA THR P 970 -86.71 -101.53 -204.87
C THR P 970 -86.64 -101.22 -203.38
N SER P 971 -86.73 -102.23 -202.56
CA SER P 971 -86.70 -102.07 -201.11
C SER P 971 -85.31 -102.04 -200.49
N HIS P 972 -84.30 -102.53 -201.18
CA HIS P 972 -83.01 -102.48 -200.54
C HIS P 972 -82.00 -102.06 -201.50
N ARG P 973 -81.05 -101.31 -200.98
CA ARG P 973 -79.99 -100.83 -201.82
C ARG P 973 -79.28 -101.92 -202.63
N HIS P 974 -79.07 -103.05 -201.98
CA HIS P 974 -78.35 -104.13 -202.61
C HIS P 974 -79.02 -104.69 -203.85
N LEU P 975 -80.33 -104.49 -203.96
CA LEU P 975 -81.06 -104.92 -205.16
C LEU P 975 -81.08 -103.96 -206.36
N LEU P 976 -80.46 -102.81 -206.24
CA LEU P 976 -80.56 -102.01 -207.42
C LEU P 976 -79.43 -102.37 -208.32
N HIS P 977 -79.69 -102.13 -209.59
CA HIS P 977 -78.70 -102.38 -210.58
C HIS P 977 -78.69 -101.23 -211.54
N ALA P 978 -77.49 -100.88 -211.98
CA ALA P 978 -77.42 -99.78 -212.90
C ALA P 978 -78.27 -99.97 -214.14
N GLU P 979 -78.85 -98.88 -214.59
CA GLU P 979 -79.65 -98.95 -215.77
C GLU P 979 -78.75 -98.64 -216.95
N GLU P 980 -79.32 -98.77 -218.13
CA GLU P 980 -78.58 -98.57 -219.33
C GLU P 980 -77.68 -97.35 -219.52
N GLY P 981 -78.17 -96.14 -219.31
CA GLY P 981 -77.25 -95.04 -219.54
C GLY P 981 -77.15 -94.23 -218.29
N THR P 982 -77.45 -92.97 -218.40
CA THR P 982 -77.45 -92.08 -217.27
C THR P 982 -78.79 -91.39 -217.16
N TRP P 983 -79.35 -91.47 -215.96
CA TRP P 983 -80.60 -90.80 -215.69
C TRP P 983 -80.37 -89.42 -215.13
N LEU P 984 -81.08 -88.50 -215.76
CA LEU P 984 -80.95 -87.13 -215.37
C LEU P 984 -82.23 -86.45 -215.04
N ASN P 985 -82.21 -85.89 -213.85
CA ASN P 985 -83.33 -85.14 -213.37
C ASN P 985 -82.94 -83.70 -213.14
N ILE P 986 -83.65 -82.85 -213.89
CA ILE P 986 -83.50 -81.41 -213.80
C ILE P 986 -84.76 -80.75 -213.36
N ASP P 987 -84.60 -80.17 -212.19
CA ASP P 987 -85.67 -79.53 -211.52
C ASP P 987 -85.58 -78.05 -211.49
N GLY P 988 -86.72 -77.50 -211.88
CA GLY P 988 -86.88 -76.08 -211.79
C GLY P 988 -87.18 -75.80 -210.31
N PHE P 989 -87.91 -76.73 -209.72
CA PHE P 989 -88.30 -76.64 -208.35
C PHE P 989 -88.46 -78.00 -207.74
N HIS P 990 -88.20 -78.02 -206.45
CA HIS P 990 -88.29 -79.24 -205.71
C HIS P 990 -88.75 -79.04 -204.29
N MET P 991 -89.67 -79.87 -203.86
CA MET P 991 -90.20 -79.82 -202.53
C MET P 991 -89.17 -80.10 -201.45
N GLY P 992 -89.36 -79.55 -200.27
CA GLY P 992 -88.45 -79.79 -199.15
C GLY P 992 -88.58 -81.25 -198.72
N ILE P 993 -87.72 -81.70 -197.81
CA ILE P 993 -87.74 -83.09 -197.38
C ILE P 993 -88.29 -83.32 -196.00
N GLY P 994 -88.30 -82.29 -195.15
CA GLY P 994 -88.83 -82.44 -193.82
C GLY P 994 -87.95 -83.27 -192.90
N GLY P 995 -88.58 -83.74 -191.84
CA GLY P 995 -87.90 -84.56 -190.86
C GLY P 995 -88.18 -84.22 -189.41
N ASP P 996 -89.08 -83.26 -189.16
CA ASP P 996 -89.38 -82.88 -187.78
C ASP P 996 -89.76 -84.11 -187.01
N ASP P 997 -90.32 -85.03 -187.79
CA ASP P 997 -90.68 -86.37 -187.41
C ASP P 997 -90.93 -87.11 -188.69
N SER P 998 -90.92 -88.41 -188.59
CA SER P 998 -91.10 -89.14 -189.81
C SER P 998 -92.40 -89.90 -189.85
N TRP P 999 -93.41 -89.44 -189.16
CA TRP P 999 -94.63 -90.20 -189.24
C TRP P 999 -95.81 -89.29 -189.36
N SER P 1000 -95.49 -88.15 -189.93
CA SER P 1000 -96.40 -87.09 -190.25
C SER P 1000 -95.69 -86.18 -191.18
N PRO P 1001 -96.54 -85.38 -191.80
CA PRO P 1001 -96.16 -84.35 -192.76
C PRO P 1001 -95.38 -83.33 -191.96
N SER P 1002 -94.11 -83.21 -192.32
CA SER P 1002 -93.18 -82.41 -191.58
C SER P 1002 -92.41 -81.42 -192.43
N VAL P 1003 -92.95 -81.21 -193.64
CA VAL P 1003 -92.36 -80.24 -194.56
C VAL P 1003 -93.00 -78.88 -194.36
N SER P 1004 -92.21 -77.89 -193.98
CA SER P 1004 -92.81 -76.59 -193.82
C SER P 1004 -93.32 -75.93 -195.05
N ALA P 1005 -94.34 -75.16 -194.80
CA ALA P 1005 -95.02 -74.52 -195.87
C ALA P 1005 -94.17 -73.79 -196.86
N GLU P 1006 -93.11 -73.17 -196.34
CA GLU P 1006 -92.21 -72.42 -197.19
C GLU P 1006 -91.51 -73.36 -198.11
N PHE P 1007 -91.64 -74.64 -197.83
CA PHE P 1007 -90.99 -75.59 -198.68
C PHE P 1007 -91.86 -76.38 -199.59
N GLN P 1008 -93.15 -76.09 -199.57
CA GLN P 1008 -94.07 -76.76 -200.47
C GLN P 1008 -94.25 -75.98 -201.78
N LEU P 1009 -94.56 -76.71 -202.87
CA LEU P 1009 -94.72 -76.11 -204.19
C LEU P 1009 -96.16 -75.73 -204.34
N SER P 1010 -96.45 -74.65 -203.72
CA SER P 1010 -97.82 -74.20 -203.66
C SER P 1010 -98.20 -72.99 -204.50
N ALA P 1011 -97.24 -72.44 -205.22
CA ALA P 1011 -97.43 -71.24 -206.01
C ALA P 1011 -98.50 -71.28 -207.08
N GLY P 1012 -98.73 -72.45 -207.63
CA GLY P 1012 -99.73 -72.55 -208.66
C GLY P 1012 -99.12 -72.32 -210.04
N ARG P 1013 -98.12 -71.46 -210.09
CA ARG P 1013 -97.51 -71.21 -211.35
C ARG P 1013 -96.03 -71.18 -211.21
N TYR P 1014 -95.41 -71.89 -212.12
CA TYR P 1014 -93.98 -71.99 -212.13
C TYR P 1014 -93.39 -71.79 -213.49
N HIS P 1015 -92.26 -71.16 -213.45
CA HIS P 1015 -91.57 -70.86 -214.66
C HIS P 1015 -90.09 -71.16 -214.57
N TYR P 1016 -89.53 -71.75 -215.62
CA TYR P 1016 -88.10 -71.95 -215.59
C TYR P 1016 -87.52 -72.09 -216.97
N GLN P 1017 -86.21 -71.86 -217.00
CA GLN P 1017 -85.48 -71.93 -218.26
C GLN P 1017 -84.12 -72.52 -218.22
N LEU P 1018 -83.79 -73.01 -219.38
CA LEU P 1018 -82.60 -73.73 -219.57
C LEU P 1018 -81.95 -73.67 -220.89
N VAL P 1019 -80.65 -73.89 -220.82
CA VAL P 1019 -79.88 -73.96 -222.01
C VAL P 1019 -79.02 -75.17 -222.10
N TRP P 1020 -79.19 -75.82 -223.21
CA TRP P 1020 -78.49 -77.03 -223.46
C TRP P 1020 -77.60 -76.96 -224.69
N CME P 1021 -76.34 -77.36 -224.48
CA CME P 1021 -75.35 -77.45 -225.52
CB CME P 1021 -74.62 -76.16 -225.80
SG CME P 1021 -75.15 -75.00 -224.59
SD CME P 1021 -73.45 -74.62 -223.78
CE CME P 1021 -72.65 -76.12 -224.45
CZ CME P 1021 -71.65 -75.81 -225.58
OH CME P 1021 -70.37 -75.55 -225.00
C CME P 1021 -74.34 -78.51 -225.30
O CME P 1021 -74.29 -79.18 -224.28
N GLN P 1022 -73.53 -78.58 -226.35
CA GLN P 1022 -72.48 -79.53 -226.47
C GLN P 1022 -71.22 -78.90 -226.92
N LYS P 1023 -70.20 -79.65 -226.62
CA LYS P 1023 -68.83 -79.36 -226.95
C LYS P 1023 -68.35 -80.59 -227.73
C1 2FG Q . 113.60 47.42 179.71
C2 2FG Q . 114.68 46.75 178.94
F2 2FG Q . 114.24 46.55 177.66
C3 2FG Q . 114.99 45.38 179.55
O3 2FG Q . 115.99 44.64 178.77
C4 2FG Q . 115.46 45.63 181.00
O4 2FG Q . 116.75 46.31 180.95
C5 2FG Q . 114.38 46.44 181.78
O5 2FG Q . 113.94 47.64 181.07
C6 2FG Q . 114.88 47.05 183.06
O6 2FG Q . 114.93 46.07 184.09
MG MG R . 119.07 46.63 178.40
MG MG S . 131.72 38.06 161.83
NA NA T . 117.02 44.64 184.94
NA NA U . 91.60 51.12 176.12
C1 2FG V . 75.76 77.77 179.19
C2 2FG V . 74.69 78.43 178.39
F2 2FG V . 75.16 78.60 177.10
C3 2FG V . 74.36 79.81 178.96
O3 2FG V . 73.38 80.52 178.15
C4 2FG V . 73.87 79.58 180.40
O4 2FG V . 72.58 78.90 180.35
C5 2FG V . 74.93 78.79 181.22
O5 2FG V . 75.39 77.59 180.54
C6 2FG V . 74.40 78.20 182.51
O6 2FG V . 74.35 79.21 183.51
MG MG W . 70.32 78.51 177.76
MG MG X . 57.95 86.68 160.78
NA NA Y . 72.22 80.64 184.29
NA NA Z . 97.84 74.11 176.09
C1 2FG AA . 73.98 74.25 128.21
C2 2FG AA . 72.96 75.02 128.98
F2 2FG AA . 72.95 74.52 130.28
C3 2FG AA . 71.57 74.80 128.38
O3 2FG AA . 70.53 75.44 129.18
C4 2FG AA . 71.62 75.33 126.95
O4 2FG AA . 71.78 76.78 126.99
C5 2FG AA . 72.78 74.63 126.15
O5 2FG AA . 74.05 74.67 126.86
C6 2FG AA . 73.14 75.33 124.86
O6 2FG AA . 72.20 75.01 123.85
MG MG BA . 71.24 79.04 129.57
MG MG CA . 58.73 87.57 146.26
NA NA DA . 70.10 76.43 123.02
NA NA EA . 85.56 55.16 131.64
C1 2FG FA . 116.08 50.25 128.52
C2 2FG FA . 117.09 49.48 129.31
F2 2FG FA . 117.08 49.96 130.61
C3 2FG FA . 118.49 49.69 128.73
O3 2FG FA . 119.52 49.03 129.53
C4 2FG FA . 118.45 49.15 127.29
O4 2FG FA . 118.29 47.72 127.33
C5 2FG FA . 117.31 49.87 126.49
O5 2FG FA . 116.03 49.84 127.17
C6 2FG FA . 116.96 49.17 125.18
O6 2FG FA . 117.91 49.49 124.19
MG MG GA . 118.78 45.44 129.90
MG MG HA . 131.04 36.81 146.74
NA NA IA . 120.02 48.06 123.37
NA NA JA . 104.55 69.39 131.85
C1 2FG KA . -5.47 -36.45 -76.60
C2 2FG KA . -4.45 -37.13 -75.75
F2 2FG KA . -4.51 -36.59 -74.49
C3 2FG KA . -3.05 -36.87 -76.31
O3 2FG KA . -2.01 -37.44 -75.45
C4 2FG KA . -3.02 -37.46 -77.73
O4 2FG KA . -3.11 -38.91 -77.63
C5 2FG KA . -4.17 -36.85 -78.59
O5 2FG KA . -5.45 -36.91 -77.93
C6 2FG KA . -4.45 -37.62 -79.86
O6 2FG KA . -3.49 -37.30 -80.85
MG MG LA . -2.57 -41.05 -74.95
MG MG MA . 9.62 -48.30 -57.44
NA NA NA . -1.28 -38.65 -81.54
NA NA OA . -18.03 -17.80 -74.42
C1 2FG PA . -48.63 -14.52 -79.12
C2 2FG PA . -49.69 -13.77 -78.41
F2 2FG PA . -49.73 -14.20 -77.10
C3 2FG PA . -51.06 -14.08 -79.04
O3 2FG PA . -52.15 -13.44 -78.31
C4 2FG PA . -50.99 -13.61 -80.50
O4 2FG PA . -50.90 -12.16 -80.52
C5 2FG PA . -49.78 -14.29 -81.23
O5 2FG PA . -48.54 -14.17 -80.49
C6 2FG PA . -49.42 -13.64 -82.54
O6 2FG PA . -50.30 -14.05 -83.56
MG MG QA . -51.61 -9.81 -78.07
MG MG RA . -64.98 -1.07 -62.16
NA NA SA . -52.44 -12.77 -84.51
NA NA TA . -36.33 -32.89 -74.46
C1 2FG UA . -48.44 -8.99 -28.22
C2 2FG UA . -49.52 -8.41 -29.07
F2 2FG UA . -49.03 -8.26 -30.35
C3 2FG UA . -49.92 -7.03 -28.56
O3 2FG UA . -50.90 -6.38 -29.42
C4 2FG UA . -50.44 -7.23 -27.13
O4 2FG UA . -51.69 -7.97 -27.18
C5 2FG UA . -49.36 -7.95 -26.24
O5 2FG UA . -48.85 -9.15 -26.88
C6 2FG UA . -49.90 -8.51 -24.95
O6 2FG UA . -50.03 -7.48 -23.99
MG MG VA . -53.87 -8.53 -29.82
MG MG WA . -66.11 -1.44 -47.37
NA NA XA . -52.22 -6.11 -23.31
NA NA YA . -26.15 -11.81 -30.63
C1 2FG ZA . -9.28 -37.64 -25.54
C2 2FG ZA . -8.14 -38.28 -26.26
F2 2FG ZA . -8.54 -38.54 -27.56
C3 2FG ZA . -7.78 -39.61 -25.60
O3 2FG ZA . -6.74 -40.33 -26.33
C4 2FG ZA . -7.36 -39.30 -24.15
O4 2FG ZA . -6.11 -38.56 -24.18
C5 2FG ZA . -8.50 -38.51 -23.42
O5 2FG ZA . -8.97 -37.38 -24.19
C6 2FG ZA . -8.07 -37.85 -22.14
O6 2FG ZA . -8.01 -38.79 -21.09
MG MG AB . -3.74 -38.21 -26.68
MG MG BB . 9.75 -46.68 -42.63
NA NA CB . -5.88 -40.09 -20.14
NA NA DB . -31.31 -35.09 -29.83
C1 2FG EB . 25.09 3.53 75.84
C2 2FG EB . 25.16 2.33 74.94
F2 2FG EB . 24.70 2.70 73.70
C3 2FG EB . 24.25 1.22 75.47
O3 2FG EB . 24.21 0.07 74.58
C4 2FG EB . 24.77 0.86 76.87
O4 2FG EB . 26.08 0.23 76.72
C5 2FG EB . 24.83 2.13 77.78
O5 2FG EB . 25.51 3.25 77.15
C6 2FG EB . 25.66 1.95 79.04
O6 2FG EB . 24.91 1.25 80.02
MG MG FB . 27.61 -1.20 73.97
MG MG GB . 27.56 -14.80 55.99
NA NA HB . 25.02 -1.36 80.61
NA NA IB . 15.06 23.73 74.52
C1 2FG JB . 27.48 51.79 79.83
C2 2FG JB . 27.36 53.12 79.17
F2 2FG JB . 27.73 52.97 77.84
C3 2FG JB . 28.31 54.13 79.81
O3 2FG JB . 28.29 55.41 79.13
C4 2FG JB . 27.90 54.25 81.29
O4 2FG JB . 26.58 54.89 81.35
C5 2FG JB . 27.90 52.84 81.97
O5 2FG JB . 27.17 51.84 81.21
C6 2FG JB . 27.17 52.81 83.29
O6 2FG JB . 27.99 53.34 84.32
MG MG KB . 24.86 56.75 78.99
MG MG LB . 23.66 73.17 63.60
NA NA MB . 27.95 55.80 85.36
NA NA NB . 37.27 32.16 74.41
C1 2FG OB . 21.68 56.04 29.11
C2 2FG OB . 21.73 57.24 30.01
F2 2FG OB . 21.38 56.84 31.28
C3 2FG OB . 20.73 58.29 29.54
O3 2FG OB . 20.67 59.44 30.44
C4 2FG OB . 21.13 58.69 28.11
O4 2FG OB . 22.39 59.40 28.18
C5 2FG OB . 21.20 57.41 27.20
O5 2FG OB . 21.98 56.35 27.78
C6 2FG OB . 21.92 57.64 25.89
O6 2FG OB . 21.08 58.31 24.97
MG MG PB . 24.02 60.93 30.82
MG MG QB . 24.35 74.49 48.81
NA NA RB . 20.96 60.91 24.38
NA NA SB . 13.08 35.24 31.04
C1 2FG TB . 26.95 8.00 24.83
C2 2FG TB . 26.96 6.67 25.50
F2 2FG TB . 27.41 6.85 26.80
C3 2FG TB . 27.92 5.72 24.79
O3 2FG TB . 28.03 4.43 25.47
C4 2FG TB . 27.41 5.57 23.35
O4 2FG TB . 26.14 4.85 23.38
C5 2FG TB . 27.28 6.97 22.66
O5 2FG TB . 26.55 7.92 23.48
C6 2FG TB . 26.46 6.97 21.40
O6 2FG TB . 27.23 6.48 20.32
MG MG UB . 24.71 2.88 25.84
MG MG VB . 25.63 -13.55 41.24
NA NA WB . 27.27 4.02 19.28
NA NA XB . 35.85 28.21 29.61
C1 2FG YB . -91.97 -92.38 -128.63
C2 2FG YB . -91.81 -93.63 -129.43
F2 2FG YB . -92.24 -93.39 -130.72
C3 2FG YB . -92.68 -94.74 -128.84
O3 2FG YB . -92.62 -95.96 -129.64
C4 2FG YB . -92.19 -94.98 -127.41
O4 2FG YB . -90.85 -95.54 -127.46
C5 2FG YB . -92.23 -93.64 -126.59
O5 2FG YB . -91.59 -92.54 -127.29
C6 2FG YB . -91.45 -93.67 -125.30
O6 2FG YB . -92.18 -94.35 -124.29
MG MG ZB . -89.14 -97.10 -130.04
MG MG AC . -87.83 -111.99 -146.90
NA NA BC . -91.98 -96.89 -123.49
NA NA CC . -102.94 -72.89 -131.84
C1 2FG DC . -92.66 -43.82 -128.21
C2 2FG DC . -92.85 -42.55 -128.98
F2 2FG DC . -92.43 -42.77 -130.27
C3 2FG DC . -92.02 -41.43 -128.38
O3 2FG DC . -92.10 -40.20 -129.16
C4 2FG DC . -92.50 -41.22 -126.93
O4 2FG DC . -93.86 -40.69 -126.98
C5 2FG DC . -92.42 -42.57 -126.14
O5 2FG DC . -93.04 -43.68 -126.85
C6 2FG DC . -93.20 -42.58 -124.85
O6 2FG DC . -92.48 -41.90 -123.84
MG MG EC . -95.62 -39.15 -129.53
MG MG FC . -97.39 -24.03 -146.15
NA NA GC . -92.75 -39.38 -122.99
NA NA HC . -81.19 -62.96 -131.76
C1 2FG IC . -96.31 -43.87 -179.38
C2 2FG IC . -96.39 -42.60 -178.58
F2 2FG IC . -96.78 -42.93 -177.29
C3 2FG IC . -97.45 -41.67 -179.17
O3 2FG IC . -97.63 -40.46 -178.37
C4 2FG IC . -97.00 -41.34 -180.60
O4 2FG IC . -95.79 -40.53 -180.54
C5 2FG IC . -96.79 -42.67 -181.42
O5 2FG IC . -95.96 -43.63 -180.72
C6 2FG IC . -96.02 -42.48 -182.70
O6 2FG IC . -96.86 -41.95 -183.72
MG MG JC . -94.42 -38.70 -177.94
MG MG KC . -96.01 -23.86 -161.05
NA NA LC . -97.12 -39.41 -184.51
NA NA MC . -103.51 -65.05 -176.27
C1 2FG NC . -87.91 -91.57 -179.68
C2 2FG NC . -87.88 -92.85 -178.91
F2 2FG NC . -87.52 -92.56 -177.61
C3 2FG NC . -86.83 -93.79 -179.50
O3 2FG NC . -86.69 -95.01 -178.72
C4 2FG NC . -87.26 -94.08 -180.96
O4 2FG NC . -88.48 -94.87 -180.93
C5 2FG NC . -87.42 -92.74 -181.74
O5 2FG NC . -88.24 -91.77 -181.04
C6 2FG NC . -88.17 -92.89 -183.05
O6 2FG NC . -87.32 -93.41 -184.05
MG MG OC . -89.95 -96.72 -178.39
MG MG PC . -89.03 -111.91 -161.77
NA NA QC . -87.09 -95.93 -184.89
NA NA RC . -80.38 -70.60 -176.01
#